data_5EUJ
#
_entry.id   5EUJ
#
_cell.length_a   204.557
_cell.length_b   177.390
_cell.length_c   244.553
_cell.angle_alpha   90.000
_cell.angle_beta   112.940
_cell.angle_gamma   90.000
#
_symmetry.space_group_name_H-M   'P 1 21 1'
#
loop_
_entity.id
_entity.type
_entity.pdbx_description
1 polymer 'Pyruvate decarboxylase'
2 non-polymer 'MAGNESIUM ION'
3 non-polymer 'THIAMINE DIPHOSPHATE'
4 non-polymer 1,2-ETHANEDIOL
5 water water
#
_entity_poly.entity_id   1
_entity_poly.type   'polypeptide(L)'
_entity_poly.pdbx_seq_one_letter_code
;MYTVGMYLAERLAQIGLKHHFAVAGDYNLVLLDQLLLNKDMEQVYCCNELNCGFSAEGYARARGAAAAIVTFSVGAISAM
NAIGGAYAENLPVILISGSPNTNDYGTGHILHHTIGTTDYNYQLEMVKHVTCAAESIVSAEEAPAKIDHVIRTALRERKP
AYLEIACNVAGAECVRPGPINSLLRELEVDQTSVTAAVDAAVEWLQDRQNVVMLVGSKLRAAAAEKQAVALADRLGCAVT
IMAAAKGFFPEDHPNFRGLYWGEVSSEGAQELVENADAILCLAPVFNDYATVGWNSWPKGDNVMVMDTDRVTFAGQSFEG
LSLSTFAAALAEKAPSRPATTQGTQAPVLGIEAAEPNAPLTNDEMTRQIQSLITSDTTLTAETGDSWFNASRMPIPGGAR
VELEMQWGHIGWSVPSAFGNAVGSPERRHIMMVGDGSFQLTAQEVAQMIRYEIPVIIFLINNRGYVIEIAIHDGPYNYIK
NWNYAGLIDVFNDEDGHGLGLKASTGAELEGAIKKALDNRRGPTLIECNIAQDDCTETLIAWGKRVAATNSRKPQALVPR
GSGGGLEHHHHHH
;
_entity_poly.pdbx_strand_id   A,B,C,D,E,F,G,H,I,J,K,L,M,N,O,P,Q,R,S,T,U,V,W,X
#
# COMPACT_ATOMS: atom_id res chain seq x y z
N MET A 1 -22.85 11.27 -33.07
CA MET A 1 -22.35 11.39 -31.67
C MET A 1 -22.60 12.81 -31.14
N TYR A 2 -23.43 12.91 -30.11
CA TYR A 2 -23.66 14.17 -29.41
C TYR A 2 -23.07 14.06 -28.00
N THR A 3 -22.25 15.04 -27.64
CA THR A 3 -21.43 14.95 -26.44
C THR A 3 -21.81 15.98 -25.39
N VAL A 4 -21.25 15.77 -24.19
CA VAL A 4 -21.40 16.70 -23.07
C VAL A 4 -20.97 18.11 -23.45
N GLY A 5 -19.84 18.22 -24.14
CA GLY A 5 -19.31 19.50 -24.58
C GLY A 5 -20.20 20.23 -25.56
N MET A 6 -20.83 19.47 -26.45
CA MET A 6 -21.84 20.03 -27.37
C MET A 6 -23.11 20.50 -26.64
N TYR A 7 -23.54 19.75 -25.62
CA TYR A 7 -24.70 20.18 -24.79
C TYR A 7 -24.41 21.55 -24.21
N LEU A 8 -23.23 21.69 -23.60
CA LEU A 8 -22.78 22.96 -23.05
C LEU A 8 -22.78 24.06 -24.11
N ALA A 9 -22.21 23.75 -25.27
CA ALA A 9 -22.08 24.73 -26.37
C ALA A 9 -23.46 25.15 -26.91
N GLU A 10 -24.36 24.20 -27.07
CA GLU A 10 -25.72 24.50 -27.52
C GLU A 10 -26.45 25.39 -26.52
N ARG A 11 -26.37 25.08 -25.22
CA ARG A 11 -26.92 25.99 -24.19
C ARG A 11 -26.29 27.37 -24.17
N LEU A 12 -24.96 27.43 -24.34
CA LEU A 12 -24.29 28.74 -24.44
C LEU A 12 -24.80 29.53 -25.67
N ALA A 13 -24.98 28.86 -26.81
CA ALA A 13 -25.58 29.51 -27.99
C ALA A 13 -26.99 30.03 -27.68
N GLN A 14 -27.81 29.21 -27.02
CA GLN A 14 -29.17 29.63 -26.61
C GLN A 14 -29.20 30.82 -25.64
N ILE A 15 -28.15 31.03 -24.84
CA ILE A 15 -28.03 32.24 -23.99
C ILE A 15 -27.95 33.51 -24.83
N GLY A 16 -27.45 33.40 -26.07
CA GLY A 16 -27.19 34.54 -26.95
C GLY A 16 -25.71 34.81 -27.18
N LEU A 17 -24.84 33.89 -26.74
CA LEU A 17 -23.39 34.03 -26.94
C LEU A 17 -23.05 33.75 -28.40
N LYS A 18 -22.34 34.68 -29.02
CA LYS A 18 -21.71 34.47 -30.32
C LYS A 18 -20.21 34.11 -30.19
N HIS A 19 -19.65 34.30 -29.00
CA HIS A 19 -18.23 34.02 -28.73
C HIS A 19 -18.06 33.43 -27.32
N HIS A 20 -16.96 32.69 -27.14
CA HIS A 20 -16.46 32.39 -25.80
C HIS A 20 -14.94 32.47 -25.81
N PHE A 21 -14.38 32.71 -24.64
CA PHE A 21 -12.96 32.94 -24.46
C PHE A 21 -12.30 31.73 -23.85
N ALA A 22 -11.06 31.47 -24.26
CA ALA A 22 -10.38 30.25 -23.85
C ALA A 22 -8.87 30.44 -23.74
N VAL A 23 -8.27 29.67 -22.81
CA VAL A 23 -6.84 29.38 -22.84
C VAL A 23 -6.71 27.87 -22.73
N ALA A 24 -6.08 27.25 -23.72
CA ALA A 24 -5.98 25.80 -23.76
C ALA A 24 -5.01 25.23 -22.71
N GLY A 25 -5.31 24.01 -22.29
CA GLY A 25 -4.44 23.21 -21.42
C GLY A 25 -4.92 21.79 -21.55
N ASP A 26 -4.10 20.81 -21.19
CA ASP A 26 -4.44 19.41 -21.48
C ASP A 26 -5.72 18.88 -20.80
N TYR A 27 -6.15 19.49 -19.70
CA TYR A 27 -7.43 19.12 -19.07
C TYR A 27 -8.69 19.60 -19.84
N ASN A 28 -8.56 20.55 -20.78
CA ASN A 28 -9.72 21.11 -21.49
C ASN A 28 -9.71 21.00 -23.03
N LEU A 29 -8.78 20.23 -23.59
CA LEU A 29 -8.58 20.21 -25.05
C LEU A 29 -9.75 19.55 -25.75
N VAL A 30 -10.19 18.40 -25.23
CA VAL A 30 -11.35 17.69 -25.76
C VAL A 30 -12.60 18.57 -25.62
N LEU A 31 -12.72 19.28 -24.51
CA LEU A 31 -13.82 20.23 -24.29
C LEU A 31 -13.83 21.31 -25.35
N LEU A 32 -12.66 21.93 -25.56
CA LEU A 32 -12.52 22.96 -26.58
C LEU A 32 -12.86 22.47 -27.97
N ASP A 33 -12.48 21.23 -28.31
CA ASP A 33 -12.89 20.60 -29.57
C ASP A 33 -14.42 20.51 -29.71
N GLN A 34 -15.11 20.09 -28.67
CA GLN A 34 -16.57 20.01 -28.71
C GLN A 34 -17.21 21.37 -28.93
N LEU A 35 -16.70 22.40 -28.26
CA LEU A 35 -17.20 23.75 -28.46
C LEU A 35 -16.94 24.31 -29.88
N LEU A 36 -15.83 23.91 -30.51
CA LEU A 36 -15.51 24.31 -31.90
C LEU A 36 -16.46 23.73 -32.94
N LEU A 37 -17.08 22.59 -32.66
CA LEU A 37 -18.07 21.99 -33.56
C LEU A 37 -19.37 22.79 -33.64
N ASN A 38 -19.68 23.58 -32.62
CA ASN A 38 -20.85 24.44 -32.61
C ASN A 38 -20.70 25.63 -33.56
N LYS A 39 -21.61 25.71 -34.52
CA LYS A 39 -21.51 26.67 -35.62
C LYS A 39 -21.92 28.09 -35.24
N ASP A 40 -22.67 28.24 -34.14
CA ASP A 40 -23.18 29.54 -33.72
C ASP A 40 -22.16 30.36 -32.91
N MET A 41 -21.04 29.75 -32.52
CA MET A 41 -20.01 30.45 -31.72
C MET A 41 -18.61 30.43 -32.35
N GLU A 42 -17.89 31.54 -32.17
N GLU A 42 -17.87 31.51 -32.13
CA GLU A 42 -16.44 31.63 -32.44
CA GLU A 42 -16.45 31.57 -32.48
C GLU A 42 -15.70 31.40 -31.12
C GLU A 42 -15.66 31.46 -31.16
N GLN A 43 -14.60 30.65 -31.17
CA GLN A 43 -13.76 30.40 -29.98
C GLN A 43 -12.58 31.37 -29.99
N VAL A 44 -12.58 32.33 -29.07
CA VAL A 44 -11.56 33.38 -29.00
C VAL A 44 -10.47 33.05 -27.97
N TYR A 45 -9.19 33.17 -28.36
CA TYR A 45 -8.08 32.81 -27.46
C TYR A 45 -7.47 34.03 -26.80
N CYS A 46 -6.96 33.82 -25.59
CA CYS A 46 -6.39 34.89 -24.77
C CYS A 46 -4.98 34.52 -24.32
N CYS A 47 -4.20 35.53 -23.97
CA CYS A 47 -2.81 35.32 -23.56
C CYS A 47 -2.72 34.58 -22.23
N ASN A 48 -3.40 35.12 -21.21
CA ASN A 48 -3.48 34.49 -19.90
C ASN A 48 -4.91 34.48 -19.34
N GLU A 49 -5.10 33.72 -18.27
CA GLU A 49 -6.44 33.41 -17.76
C GLU A 49 -7.08 34.53 -16.99
N LEU A 50 -6.27 35.42 -16.40
CA LEU A 50 -6.81 36.64 -15.79
C LEU A 50 -7.47 37.53 -16.85
N ASN A 51 -6.81 37.66 -17.99
CA ASN A 51 -7.30 38.43 -19.13
C ASN A 51 -8.48 37.75 -19.83
N CYS A 52 -8.41 36.44 -19.98
CA CYS A 52 -9.51 35.63 -20.49
C CYS A 52 -10.78 35.88 -19.68
N GLY A 53 -10.63 35.81 -18.35
CA GLY A 53 -11.73 36.07 -17.46
C GLY A 53 -12.31 37.47 -17.60
N PHE A 54 -11.43 38.48 -17.65
CA PHE A 54 -11.89 39.86 -17.82
C PHE A 54 -12.44 40.16 -19.23
N SER A 55 -11.97 39.44 -20.24
CA SER A 55 -12.54 39.49 -21.58
C SER A 55 -14.00 39.02 -21.58
N ALA A 56 -14.26 37.88 -20.93
CA ALA A 56 -15.62 37.39 -20.74
C ALA A 56 -16.49 38.41 -19.99
N GLU A 57 -15.95 38.97 -18.93
CA GLU A 57 -16.64 40.01 -18.17
C GLU A 57 -17.08 41.18 -19.07
N GLY A 58 -16.18 41.63 -19.94
CA GLY A 58 -16.49 42.72 -20.86
C GLY A 58 -17.53 42.33 -21.88
N TYR A 59 -17.40 41.11 -22.41
CA TYR A 59 -18.40 40.54 -23.30
C TYR A 59 -19.80 40.51 -22.66
N ALA A 60 -19.87 40.19 -21.37
CA ALA A 60 -21.13 40.19 -20.61
C ALA A 60 -21.76 41.57 -20.49
N ARG A 61 -20.94 42.62 -20.41
CA ARG A 61 -21.44 43.98 -20.46
C ARG A 61 -22.05 44.34 -21.83
N ALA A 62 -21.63 43.67 -22.89
CA ALA A 62 -22.20 43.87 -24.23
C ALA A 62 -23.46 43.01 -24.48
N ARG A 63 -23.43 41.75 -24.04
CA ARG A 63 -24.41 40.74 -24.41
C ARG A 63 -25.28 40.18 -23.26
N GLY A 64 -25.03 40.60 -22.02
CA GLY A 64 -25.73 40.05 -20.85
C GLY A 64 -25.18 38.76 -20.24
N ALA A 65 -24.31 38.06 -20.95
CA ALA A 65 -23.65 36.86 -20.43
C ALA A 65 -22.37 36.60 -21.20
N ALA A 66 -21.58 35.64 -20.70
CA ALA A 66 -20.30 35.28 -21.28
C ALA A 66 -19.77 33.98 -20.70
N ALA A 67 -18.77 33.41 -21.38
CA ALA A 67 -18.18 32.14 -20.98
C ALA A 67 -16.67 32.15 -21.19
N ALA A 68 -15.95 31.66 -20.18
CA ALA A 68 -14.48 31.57 -20.20
C ALA A 68 -14.07 30.14 -19.87
N ILE A 69 -13.30 29.50 -20.75
CA ILE A 69 -12.89 28.10 -20.59
C ILE A 69 -11.38 28.07 -20.26
N VAL A 70 -11.05 27.41 -19.14
CA VAL A 70 -9.65 27.36 -18.63
C VAL A 70 -9.26 25.94 -18.24
N THR A 71 -7.99 25.78 -17.86
CA THR A 71 -7.49 24.48 -17.39
C THR A 71 -7.42 24.47 -15.87
N PHE A 72 -7.41 23.27 -15.30
CA PHE A 72 -7.46 23.06 -13.84
C PHE A 72 -6.33 23.78 -13.09
N SER A 73 -6.69 24.60 -12.10
CA SER A 73 -5.77 25.21 -11.12
C SER A 73 -4.90 26.32 -11.67
N VAL A 74 -3.92 25.94 -12.50
CA VAL A 74 -2.99 26.93 -13.06
C VAL A 74 -3.75 27.99 -13.86
N GLY A 75 -4.81 27.57 -14.56
CA GLY A 75 -5.69 28.51 -15.25
C GLY A 75 -6.74 29.09 -14.35
N ALA A 76 -7.49 28.22 -13.67
CA ALA A 76 -8.72 28.63 -12.99
C ALA A 76 -8.52 29.61 -11.84
N ILE A 77 -7.44 29.46 -11.06
CA ILE A 77 -7.27 30.33 -9.88
C ILE A 77 -7.08 31.80 -10.25
N SER A 78 -6.34 32.08 -11.33
CA SER A 78 -6.21 33.45 -11.85
C SER A 78 -7.55 33.98 -12.38
N ALA A 79 -8.28 33.13 -13.09
CA ALA A 79 -9.62 33.46 -13.56
C ALA A 79 -10.58 33.77 -12.42
N MET A 80 -10.42 33.10 -11.26
CA MET A 80 -11.25 33.39 -10.08
C MET A 80 -11.23 34.85 -9.65
N ASN A 81 -10.13 35.55 -9.92
CA ASN A 81 -10.04 36.99 -9.68
C ASN A 81 -11.06 37.75 -10.58
N ALA A 82 -11.06 37.42 -11.87
CA ALA A 82 -12.05 37.95 -12.82
C ALA A 82 -13.49 37.57 -12.48
N ILE A 83 -13.69 36.34 -12.03
CA ILE A 83 -15.01 35.87 -11.55
C ILE A 83 -15.48 36.66 -10.32
N GLY A 84 -14.60 36.86 -9.35
CA GLY A 84 -14.93 37.72 -8.23
C GLY A 84 -15.33 39.13 -8.68
N GLY A 85 -14.65 39.62 -9.72
CA GLY A 85 -15.02 40.88 -10.34
C GLY A 85 -16.38 40.87 -11.01
N ALA A 86 -16.70 39.79 -11.72
CA ALA A 86 -18.05 39.60 -12.28
C ALA A 86 -19.15 39.60 -11.21
N TYR A 87 -18.89 38.91 -10.08
CA TYR A 87 -19.79 38.92 -8.90
C TYR A 87 -20.01 40.31 -8.38
N ALA A 88 -18.91 41.03 -8.14
CA ALA A 88 -18.94 42.43 -7.69
C ALA A 88 -19.72 43.38 -8.62
N GLU A 89 -19.64 43.11 -9.92
CA GLU A 89 -20.21 43.96 -10.94
C GLU A 89 -21.50 43.36 -11.53
N ASN A 90 -21.98 42.26 -10.94
CA ASN A 90 -23.32 41.70 -11.19
C ASN A 90 -23.50 41.24 -12.62
N LEU A 91 -22.56 40.42 -13.09
CA LEU A 91 -22.53 39.93 -14.47
C LEU A 91 -22.51 38.39 -14.55
N PRO A 92 -23.42 37.79 -15.35
CA PRO A 92 -23.43 36.32 -15.56
C PRO A 92 -22.27 35.75 -16.43
N VAL A 93 -21.05 35.75 -15.89
CA VAL A 93 -19.93 35.08 -16.54
C VAL A 93 -19.92 33.62 -16.05
N ILE A 94 -19.79 32.67 -16.98
CA ILE A 94 -19.70 31.27 -16.66
C ILE A 94 -18.24 30.86 -16.85
N LEU A 95 -17.59 30.45 -15.76
CA LEU A 95 -16.23 29.93 -15.85
C LEU A 95 -16.32 28.42 -15.93
N ILE A 96 -15.86 27.84 -17.03
CA ILE A 96 -15.78 26.40 -17.17
C ILE A 96 -14.32 25.98 -17.12
N SER A 97 -14.00 25.01 -16.25
CA SER A 97 -12.63 24.50 -16.11
C SER A 97 -12.59 23.03 -16.50
N GLY A 98 -11.55 22.63 -17.24
CA GLY A 98 -11.23 21.20 -17.36
C GLY A 98 -10.80 20.66 -16.01
N SER A 99 -11.07 19.38 -15.75
CA SER A 99 -10.72 18.79 -14.46
C SER A 99 -10.19 17.37 -14.66
N PRO A 100 -9.64 16.76 -13.59
CA PRO A 100 -9.00 15.46 -13.74
C PRO A 100 -9.88 14.34 -14.26
N ASN A 101 -9.23 13.37 -14.87
CA ASN A 101 -9.86 12.16 -15.36
C ASN A 101 -10.64 11.46 -14.23
N THR A 102 -11.83 10.96 -14.55
CA THR A 102 -12.70 10.36 -13.53
C THR A 102 -12.04 9.17 -12.81
N ASN A 103 -11.19 8.45 -13.52
CA ASN A 103 -10.49 7.27 -12.95
C ASN A 103 -9.46 7.58 -11.84
N ASP A 104 -9.05 8.84 -11.74
CA ASP A 104 -8.14 9.26 -10.67
C ASP A 104 -8.83 9.51 -9.34
N TYR A 105 -10.16 9.70 -9.33
CA TYR A 105 -10.88 9.94 -8.06
C TYR A 105 -10.86 8.66 -7.24
N GLY A 106 -10.61 8.79 -5.94
CA GLY A 106 -10.56 7.64 -5.02
C GLY A 106 -9.39 6.69 -5.18
N THR A 107 -8.26 7.19 -5.68
CA THR A 107 -7.04 6.39 -5.88
C THR A 107 -5.84 6.79 -5.03
N GLY A 108 -5.71 8.09 -4.74
CA GLY A 108 -4.52 8.63 -4.13
C GLY A 108 -3.44 9.09 -5.10
N HIS A 109 -3.77 9.18 -6.39
CA HIS A 109 -2.85 9.70 -7.40
C HIS A 109 -2.56 11.20 -7.23
N ILE A 110 -1.30 11.56 -7.48
CA ILE A 110 -0.84 12.95 -7.46
C ILE A 110 -0.87 13.37 -8.91
N LEU A 111 -1.45 14.53 -9.19
CA LEU A 111 -1.68 14.96 -10.57
C LEU A 111 -1.02 16.29 -10.85
N HIS A 112 -0.58 16.44 -12.10
CA HIS A 112 -0.01 17.69 -12.60
C HIS A 112 -1.02 18.83 -12.51
N HIS A 113 -0.50 20.05 -12.34
CA HIS A 113 -1.29 21.26 -12.04
C HIS A 113 -2.05 21.23 -10.73
N THR A 114 -1.68 20.37 -9.79
CA THR A 114 -2.27 20.42 -8.47
C THR A 114 -1.22 20.79 -7.45
N ILE A 115 -1.68 21.08 -6.24
CA ILE A 115 -0.79 21.35 -5.13
C ILE A 115 -0.02 20.11 -4.63
N GLY A 116 -0.35 18.91 -5.11
CA GLY A 116 0.40 17.69 -4.78
C GLY A 116 -0.18 16.81 -3.67
N THR A 117 -1.41 17.09 -3.23
CA THR A 117 -2.14 16.20 -2.30
C THR A 117 -3.16 15.37 -3.09
N THR A 118 -3.88 14.50 -2.40
CA THR A 118 -4.95 13.69 -3.00
C THR A 118 -6.32 14.40 -3.14
N ASP A 119 -6.41 15.64 -2.65
CA ASP A 119 -7.62 16.45 -2.79
C ASP A 119 -7.61 17.07 -4.19
N TYR A 120 -8.59 16.72 -5.01
CA TYR A 120 -8.82 17.42 -6.27
C TYR A 120 -10.01 18.38 -6.18
N ASN A 121 -10.57 18.55 -4.98
CA ASN A 121 -11.79 19.30 -4.75
C ASN A 121 -11.54 20.74 -4.34
N TYR A 122 -10.28 21.09 -4.06
CA TYR A 122 -9.95 22.42 -3.52
C TYR A 122 -10.33 23.61 -4.41
N GLN A 123 -10.27 23.43 -5.72
CA GLN A 123 -10.61 24.49 -6.66
C GLN A 123 -12.12 24.80 -6.61
N LEU A 124 -12.93 23.74 -6.62
CA LEU A 124 -14.37 23.89 -6.40
C LEU A 124 -14.67 24.59 -5.09
N GLU A 125 -14.02 24.18 -4.01
CA GLU A 125 -14.24 24.80 -2.69
C GLU A 125 -13.81 26.26 -2.64
N MET A 126 -12.73 26.60 -3.33
CA MET A 126 -12.30 27.99 -3.41
C MET A 126 -13.32 28.83 -4.20
N VAL A 127 -13.71 28.36 -5.37
CA VAL A 127 -14.53 29.17 -6.28
C VAL A 127 -15.97 29.40 -5.78
N LYS A 128 -16.49 28.51 -4.93
CA LYS A 128 -17.81 28.71 -4.31
C LYS A 128 -17.96 30.06 -3.60
N HIS A 129 -16.87 30.60 -3.05
CA HIS A 129 -16.92 31.89 -2.38
C HIS A 129 -17.10 33.11 -3.30
N VAL A 130 -16.86 32.96 -4.60
CA VAL A 130 -17.02 34.07 -5.55
C VAL A 130 -18.03 33.77 -6.69
N THR A 131 -18.96 32.83 -6.47
CA THR A 131 -19.99 32.44 -7.45
C THR A 131 -21.35 32.21 -6.79
N CYS A 132 -22.42 32.28 -7.59
CA CYS A 132 -23.79 31.97 -7.12
C CYS A 132 -24.17 30.51 -7.30
N ALA A 133 -23.42 29.79 -8.11
CA ALA A 133 -23.58 28.35 -8.30
C ALA A 133 -22.27 27.78 -8.80
N ALA A 134 -22.03 26.51 -8.47
CA ALA A 134 -20.74 25.89 -8.70
C ALA A 134 -20.93 24.39 -8.69
N GLU A 135 -20.65 23.75 -9.81
CA GLU A 135 -20.93 22.33 -9.97
C GLU A 135 -19.78 21.64 -10.67
N SER A 136 -19.69 20.34 -10.45
CA SER A 136 -18.63 19.52 -11.02
C SER A 136 -19.28 18.36 -11.73
N ILE A 137 -18.87 18.10 -12.97
CA ILE A 137 -19.42 17.00 -13.77
C ILE A 137 -18.40 15.87 -13.90
N VAL A 138 -18.79 14.68 -13.42
CA VAL A 138 -17.98 13.47 -13.58
C VAL A 138 -18.67 12.35 -14.36
N SER A 139 -19.91 12.58 -14.81
CA SER A 139 -20.56 11.65 -15.74
C SER A 139 -21.44 12.40 -16.71
N ALA A 140 -21.65 11.80 -17.87
CA ALA A 140 -22.50 12.36 -18.92
C ALA A 140 -23.95 12.45 -18.44
N GLU A 141 -24.40 11.38 -17.81
CA GLU A 141 -25.71 11.29 -17.14
C GLU A 141 -26.09 12.56 -16.33
N GLU A 142 -25.19 13.02 -15.45
CA GLU A 142 -25.47 14.20 -14.60
C GLU A 142 -25.23 15.58 -15.27
N ALA A 143 -24.60 15.59 -16.44
CA ALA A 143 -24.14 16.86 -17.04
C ALA A 143 -25.26 17.84 -17.42
N PRO A 144 -26.35 17.36 -18.04
CA PRO A 144 -27.44 18.29 -18.39
C PRO A 144 -27.97 19.08 -17.21
N ALA A 145 -28.23 18.40 -16.11
CA ALA A 145 -28.78 19.03 -14.89
C ALA A 145 -27.83 20.07 -14.31
N LYS A 146 -26.54 19.73 -14.26
CA LYS A 146 -25.55 20.67 -13.73
C LYS A 146 -25.24 21.84 -14.66
N ILE A 147 -25.08 21.57 -15.96
CA ILE A 147 -24.87 22.64 -16.95
C ILE A 147 -26.00 23.67 -16.89
N ASP A 148 -27.24 23.18 -16.92
CA ASP A 148 -28.40 24.05 -16.91
C ASP A 148 -28.58 24.76 -15.60
N HIS A 149 -28.30 24.08 -14.49
CA HIS A 149 -28.42 24.71 -13.18
C HIS A 149 -27.51 25.94 -13.07
N VAL A 150 -26.24 25.80 -13.49
CA VAL A 150 -25.30 26.93 -13.37
C VAL A 150 -25.68 28.10 -14.28
N ILE A 151 -26.10 27.81 -15.50
CA ILE A 151 -26.48 28.86 -16.46
C ILE A 151 -27.74 29.61 -15.99
N ARG A 152 -28.79 28.86 -15.64
CA ARG A 152 -30.06 29.45 -15.19
C ARG A 152 -29.87 30.35 -13.97
N THR A 153 -29.11 29.83 -13.01
CA THR A 153 -28.88 30.55 -11.77
C THR A 153 -28.12 31.84 -12.03
N ALA A 154 -27.09 31.76 -12.88
CA ALA A 154 -26.28 32.92 -13.21
C ALA A 154 -27.12 34.03 -13.86
N LEU A 155 -27.88 33.65 -14.88
CA LEU A 155 -28.75 34.59 -15.58
C LEU A 155 -29.78 35.24 -14.66
N ARG A 156 -30.46 34.44 -13.84
CA ARG A 156 -31.46 34.98 -12.89
C ARG A 156 -30.84 35.85 -11.79
N GLU A 157 -29.78 35.36 -11.15
CA GLU A 157 -29.13 36.14 -10.09
C GLU A 157 -28.29 37.33 -10.57
N ARG A 158 -27.88 37.30 -11.84
CA ARG A 158 -26.91 38.25 -12.40
C ARG A 158 -25.63 38.18 -11.58
N LYS A 159 -25.10 36.97 -11.49
CA LYS A 159 -23.86 36.68 -10.80
C LYS A 159 -23.16 35.58 -11.60
N PRO A 160 -21.83 35.50 -11.50
CA PRO A 160 -21.12 34.46 -12.21
C PRO A 160 -21.30 33.08 -11.59
N ALA A 161 -20.95 32.05 -12.33
CA ALA A 161 -21.08 30.67 -11.91
C ALA A 161 -19.94 29.82 -12.47
N TYR A 162 -19.80 28.61 -11.94
CA TYR A 162 -18.66 27.75 -12.26
C TYR A 162 -19.08 26.34 -12.63
N LEU A 163 -18.41 25.78 -13.63
CA LEU A 163 -18.49 24.37 -13.95
C LEU A 163 -17.09 23.79 -14.04
N GLU A 164 -16.90 22.58 -13.53
CA GLU A 164 -15.76 21.80 -13.99
C GLU A 164 -16.24 20.54 -14.63
N ILE A 165 -15.58 20.15 -15.71
CA ILE A 165 -15.93 18.96 -16.48
C ILE A 165 -14.69 18.10 -16.59
N ALA A 166 -14.81 16.85 -16.13
CA ALA A 166 -13.73 15.88 -16.24
C ALA A 166 -13.27 15.76 -17.67
N CYS A 167 -11.96 15.84 -17.88
CA CYS A 167 -11.36 15.82 -19.22
C CYS A 167 -11.77 14.61 -20.06
N ASN A 168 -12.07 13.48 -19.42
CA ASN A 168 -12.56 12.29 -20.13
C ASN A 168 -14.09 12.13 -20.20
N VAL A 169 -14.84 13.17 -19.82
CA VAL A 169 -16.30 13.21 -19.94
C VAL A 169 -16.79 14.26 -20.96
N ALA A 170 -15.98 15.28 -21.23
CA ALA A 170 -16.33 16.32 -22.19
C ALA A 170 -16.70 15.78 -23.58
N GLY A 171 -16.13 14.65 -23.96
CA GLY A 171 -16.43 13.96 -25.23
C GLY A 171 -17.29 12.71 -25.14
N ALA A 172 -17.93 12.48 -23.98
CA ALA A 172 -18.76 11.32 -23.76
C ALA A 172 -20.17 11.59 -24.27
N GLU A 173 -20.85 10.54 -24.75
N GLU A 173 -20.85 10.53 -24.72
CA GLU A 173 -22.20 10.65 -25.29
CA GLU A 173 -22.21 10.61 -25.28
C GLU A 173 -23.18 11.18 -24.25
C GLU A 173 -23.21 11.16 -24.25
N CYS A 174 -23.95 12.19 -24.65
CA CYS A 174 -24.86 12.89 -23.76
C CYS A 174 -26.22 13.06 -24.47
N VAL A 175 -27.30 13.11 -23.70
CA VAL A 175 -28.63 13.45 -24.26
C VAL A 175 -28.64 14.88 -24.84
N ARG A 176 -29.53 15.13 -25.79
CA ARG A 176 -29.65 16.44 -26.45
C ARG A 176 -30.53 17.37 -25.66
N PRO A 177 -30.22 18.67 -25.65
CA PRO A 177 -31.08 19.61 -24.94
C PRO A 177 -32.35 19.92 -25.73
N GLY A 178 -33.48 19.99 -25.04
CA GLY A 178 -34.76 20.35 -25.65
C GLY A 178 -34.82 21.84 -25.97
N PRO A 179 -35.81 22.24 -26.79
CA PRO A 179 -35.94 23.63 -27.21
C PRO A 179 -36.49 24.53 -26.10
N ILE A 180 -36.18 25.82 -26.19
CA ILE A 180 -36.55 26.78 -25.14
C ILE A 180 -36.93 28.13 -25.74
N ASN A 181 -37.68 28.90 -24.97
CA ASN A 181 -37.98 30.29 -25.30
C ASN A 181 -36.85 31.20 -24.81
N SER A 182 -36.50 31.07 -23.54
CA SER A 182 -35.41 31.81 -22.90
C SER A 182 -34.84 30.99 -21.74
N LEU A 183 -33.53 31.08 -21.52
CA LEU A 183 -32.89 30.48 -20.34
C LEU A 183 -32.98 31.34 -19.07
N LEU A 184 -33.39 32.61 -19.23
CA LEU A 184 -33.70 33.50 -18.10
C LEU A 184 -35.19 33.37 -17.70
N ARG A 185 -35.47 32.68 -16.59
CA ARG A 185 -36.83 32.59 -16.03
C ARG A 185 -36.84 33.35 -14.71
N GLU A 186 -37.59 34.43 -14.65
CA GLU A 186 -37.71 35.24 -13.43
C GLU A 186 -38.63 34.54 -12.43
N LEU A 187 -38.54 34.95 -11.17
CA LEU A 187 -39.50 34.54 -10.15
C LEU A 187 -40.83 35.25 -10.40
N GLU A 188 -41.93 34.53 -10.17
CA GLU A 188 -43.27 35.09 -10.24
C GLU A 188 -43.42 36.18 -9.18
N VAL A 189 -44.01 37.31 -9.57
CA VAL A 189 -44.17 38.46 -8.69
C VAL A 189 -45.43 38.31 -7.81
N ASP A 190 -45.37 38.89 -6.61
CA ASP A 190 -46.46 38.91 -5.65
C ASP A 190 -47.20 40.24 -5.81
N GLN A 191 -48.41 40.17 -6.40
CA GLN A 191 -49.21 41.37 -6.68
C GLN A 191 -49.71 42.08 -5.42
N THR A 192 -49.99 41.33 -4.36
CA THR A 192 -50.37 41.94 -3.08
C THR A 192 -49.27 42.87 -2.57
N SER A 193 -48.02 42.43 -2.66
CA SER A 193 -46.89 43.24 -2.21
C SER A 193 -46.72 44.50 -3.06
N VAL A 194 -46.77 44.34 -4.38
CA VAL A 194 -46.61 45.48 -5.30
C VAL A 194 -47.69 46.53 -5.03
N THR A 195 -48.94 46.08 -4.93
CA THR A 195 -50.08 46.98 -4.65
C THR A 195 -49.90 47.71 -3.33
N ALA A 196 -49.61 46.98 -2.27
CA ALA A 196 -49.40 47.61 -0.96
C ALA A 196 -48.18 48.56 -0.99
N ALA A 197 -47.14 48.18 -1.71
CA ALA A 197 -45.95 49.03 -1.85
C ALA A 197 -46.26 50.33 -2.61
N VAL A 198 -46.92 50.21 -3.75
CA VAL A 198 -47.30 51.38 -4.55
C VAL A 198 -48.16 52.35 -3.74
N ASP A 199 -49.23 51.83 -3.15
CA ASP A 199 -50.14 52.66 -2.35
C ASP A 199 -49.42 53.34 -1.19
N ALA A 200 -48.55 52.61 -0.50
CA ALA A 200 -47.73 53.19 0.56
C ALA A 200 -46.79 54.28 -0.01
N ALA A 201 -46.18 54.03 -1.16
CA ALA A 201 -45.32 55.00 -1.83
C ALA A 201 -46.08 56.28 -2.22
N VAL A 202 -47.29 56.12 -2.75
CA VAL A 202 -48.12 57.28 -3.12
C VAL A 202 -48.45 58.12 -1.88
N GLU A 203 -48.88 57.48 -0.80
CA GLU A 203 -49.16 58.18 0.48
C GLU A 203 -47.93 58.89 1.07
N TRP A 204 -46.77 58.25 0.95
CA TRP A 204 -45.50 58.82 1.44
C TRP A 204 -45.07 60.08 0.68
N LEU A 205 -45.33 60.11 -0.62
CA LEU A 205 -45.03 61.29 -1.45
C LEU A 205 -45.97 62.50 -1.26
N GLN A 206 -47.08 62.34 -0.53
CA GLN A 206 -48.12 63.41 -0.39
C GLN A 206 -47.61 64.75 0.14
N ASP A 207 -46.86 64.71 1.24
CA ASP A 207 -46.33 65.93 1.87
C ASP A 207 -44.85 66.19 1.59
N ARG A 208 -44.34 65.60 0.50
CA ARG A 208 -42.95 65.75 0.10
C ARG A 208 -42.93 66.39 -1.29
N GLN A 209 -42.59 67.68 -1.35
CA GLN A 209 -42.62 68.45 -2.61
C GLN A 209 -41.32 68.34 -3.40
N ASN A 210 -40.19 68.46 -2.70
CA ASN A 210 -38.87 68.31 -3.31
C ASN A 210 -38.44 66.84 -3.41
N VAL A 211 -38.53 66.30 -4.62
CA VAL A 211 -38.29 64.90 -4.90
C VAL A 211 -37.13 64.77 -5.89
N VAL A 212 -36.21 63.85 -5.61
CA VAL A 212 -35.06 63.57 -6.47
C VAL A 212 -34.96 62.06 -6.66
N MET A 213 -34.75 61.61 -7.89
CA MET A 213 -34.35 60.24 -8.15
C MET A 213 -32.83 60.13 -8.20
N LEU A 214 -32.30 59.12 -7.52
CA LEU A 214 -30.87 58.82 -7.49
C LEU A 214 -30.69 57.44 -8.08
N VAL A 215 -30.09 57.37 -9.25
CA VAL A 215 -29.95 56.12 -9.98
C VAL A 215 -28.65 55.41 -9.55
N GLY A 216 -28.74 54.11 -9.33
CA GLY A 216 -27.65 53.31 -8.75
C GLY A 216 -27.07 52.30 -9.71
N SER A 217 -25.91 51.76 -9.34
CA SER A 217 -25.14 50.85 -10.21
C SER A 217 -25.71 49.46 -10.41
N LYS A 218 -26.78 49.10 -9.69
CA LYS A 218 -27.47 47.83 -9.97
C LYS A 218 -28.71 47.95 -10.90
N LEU A 219 -28.96 49.14 -11.46
CA LEU A 219 -30.14 49.32 -12.34
C LEU A 219 -30.11 48.43 -13.58
N ARG A 220 -28.96 48.34 -14.24
CA ARG A 220 -28.85 47.43 -15.38
C ARG A 220 -29.10 45.96 -14.97
N ALA A 221 -28.58 45.54 -13.82
CA ALA A 221 -28.79 44.16 -13.31
C ALA A 221 -30.26 43.87 -13.01
N ALA A 222 -30.97 44.88 -12.53
CA ALA A 222 -32.43 44.85 -12.37
C ALA A 222 -33.22 44.90 -13.70
N ALA A 223 -32.54 45.07 -14.84
CA ALA A 223 -33.15 45.27 -16.17
C ALA A 223 -34.34 46.24 -16.12
N ALA A 224 -34.12 47.39 -15.50
CA ALA A 224 -35.17 48.37 -15.21
C ALA A 224 -34.82 49.78 -15.66
N GLU A 225 -34.00 49.90 -16.71
CA GLU A 225 -33.62 51.21 -17.23
C GLU A 225 -34.81 51.96 -17.85
N LYS A 226 -35.60 51.25 -18.65
CA LYS A 226 -36.80 51.82 -19.27
C LYS A 226 -37.85 52.21 -18.21
N GLN A 227 -38.04 51.38 -17.19
CA GLN A 227 -39.01 51.66 -16.13
C GLN A 227 -38.56 52.84 -15.26
N ALA A 228 -37.25 53.02 -15.14
CA ALA A 228 -36.70 54.21 -14.47
C ALA A 228 -37.07 55.49 -15.21
N VAL A 229 -36.99 55.46 -16.55
CA VAL A 229 -37.40 56.60 -17.39
C VAL A 229 -38.91 56.87 -17.24
N ALA A 230 -39.72 55.82 -17.38
CA ALA A 230 -41.19 55.94 -17.24
C ALA A 230 -41.54 56.63 -15.94
N LEU A 231 -40.94 56.16 -14.84
CA LEU A 231 -41.17 56.73 -13.52
C LEU A 231 -40.76 58.19 -13.47
N ALA A 232 -39.60 58.51 -14.03
CA ALA A 232 -39.08 59.88 -14.05
C ALA A 232 -40.01 60.86 -14.82
N ASP A 233 -40.59 60.37 -15.91
CA ASP A 233 -41.51 61.19 -16.74
C ASP A 233 -42.82 61.54 -16.03
N ARG A 234 -43.39 60.59 -15.26
CA ARG A 234 -44.61 60.87 -14.47
C ARG A 234 -44.37 61.73 -13.24
N LEU A 235 -43.28 61.51 -12.51
CA LEU A 235 -42.90 62.41 -11.41
C LEU A 235 -42.53 63.80 -11.92
N GLY A 236 -41.87 63.85 -13.08
CA GLY A 236 -41.26 65.07 -13.58
C GLY A 236 -40.19 65.67 -12.68
N CYS A 237 -39.59 64.83 -11.81
CA CYS A 237 -38.65 65.30 -10.80
C CYS A 237 -37.21 65.29 -11.34
N ALA A 238 -36.29 65.88 -10.59
CA ALA A 238 -34.87 65.84 -10.91
C ALA A 238 -34.36 64.41 -10.83
N VAL A 239 -33.48 64.03 -11.77
CA VAL A 239 -32.84 62.73 -11.78
C VAL A 239 -31.34 62.98 -11.66
N THR A 240 -30.70 62.27 -10.72
CA THR A 240 -29.25 62.28 -10.56
C THR A 240 -28.72 60.84 -10.62
N ILE A 241 -27.42 60.68 -10.87
CA ILE A 241 -26.78 59.37 -10.87
C ILE A 241 -25.68 59.28 -9.81
N MET A 242 -25.45 58.06 -9.33
CA MET A 242 -24.28 57.75 -8.54
C MET A 242 -23.19 57.47 -9.54
N ALA A 243 -21.93 57.72 -9.16
CA ALA A 243 -20.81 57.62 -10.08
C ALA A 243 -20.77 56.32 -10.87
N ALA A 244 -21.02 55.20 -10.19
CA ALA A 244 -20.93 53.90 -10.85
C ALA A 244 -22.11 53.60 -11.79
N ALA A 245 -23.14 54.44 -11.76
CA ALA A 245 -24.33 54.24 -12.57
C ALA A 245 -24.33 55.01 -13.89
N LYS A 246 -23.17 55.53 -14.32
CA LYS A 246 -23.10 56.35 -15.52
C LYS A 246 -23.55 55.57 -16.75
N GLY A 247 -24.40 56.21 -17.56
CA GLY A 247 -24.98 55.58 -18.73
C GLY A 247 -26.23 54.74 -18.48
N PHE A 248 -26.64 54.57 -17.23
CA PHE A 248 -27.83 53.79 -16.90
C PHE A 248 -29.08 54.65 -16.90
N PHE A 249 -28.91 55.96 -16.98
CA PHE A 249 -29.99 56.90 -17.23
C PHE A 249 -29.51 57.89 -18.29
N PRO A 250 -30.37 58.23 -19.28
CA PRO A 250 -29.92 59.17 -20.32
C PRO A 250 -29.66 60.58 -19.78
N GLU A 251 -28.44 61.09 -20.01
CA GLU A 251 -28.07 62.45 -19.57
C GLU A 251 -28.64 63.52 -20.53
N ASP A 252 -29.06 63.07 -21.73
CA ASP A 252 -29.99 63.79 -22.62
C ASP A 252 -31.29 64.26 -21.97
N HIS A 253 -31.83 63.45 -21.06
CA HIS A 253 -33.15 63.66 -20.47
C HIS A 253 -33.30 65.09 -19.95
N PRO A 254 -34.43 65.76 -20.27
CA PRO A 254 -34.65 67.16 -19.84
C PRO A 254 -34.56 67.44 -18.33
N ASN A 255 -34.90 66.46 -17.50
CA ASN A 255 -34.82 66.59 -16.03
C ASN A 255 -33.51 66.09 -15.35
N PHE A 256 -32.53 65.63 -16.12
CA PHE A 256 -31.26 65.15 -15.56
C PHE A 256 -30.51 66.31 -14.93
N ARG A 257 -30.05 66.15 -13.68
CA ARG A 257 -29.31 67.21 -12.96
C ARG A 257 -27.94 66.78 -12.39
N GLY A 258 -27.37 65.71 -12.92
CA GLY A 258 -25.96 65.41 -12.73
C GLY A 258 -25.61 64.30 -11.76
N LEU A 259 -24.35 64.31 -11.36
CA LEU A 259 -23.72 63.28 -10.55
C LEU A 259 -23.81 63.63 -9.09
N TYR A 260 -24.40 62.74 -8.28
CA TYR A 260 -24.27 62.82 -6.82
C TYR A 260 -23.14 61.91 -6.38
N TRP A 261 -22.15 62.50 -5.74
CA TRP A 261 -21.01 61.78 -5.20
C TRP A 261 -20.43 62.61 -4.06
N GLY A 262 -21.30 62.95 -3.11
CA GLY A 262 -20.94 63.83 -1.99
C GLY A 262 -20.27 65.15 -2.39
N GLU A 263 -19.14 65.44 -1.74
CA GLU A 263 -18.37 66.65 -2.02
C GLU A 263 -17.68 66.68 -3.40
N VAL A 264 -17.68 65.57 -4.14
CA VAL A 264 -17.20 65.56 -5.53
C VAL A 264 -18.34 65.41 -6.56
N SER A 265 -19.52 65.87 -6.19
CA SER A 265 -20.69 65.89 -7.08
C SER A 265 -20.57 66.93 -8.20
N SER A 266 -21.43 66.83 -9.22
CA SER A 266 -21.68 67.91 -10.18
C SER A 266 -22.16 69.16 -9.44
N GLU A 267 -21.97 70.32 -10.04
CA GLU A 267 -22.40 71.61 -9.46
C GLU A 267 -23.90 71.56 -9.15
N GLY A 268 -24.28 71.88 -7.91
CA GLY A 268 -25.69 71.88 -7.50
C GLY A 268 -26.25 70.54 -7.03
N ALA A 269 -25.75 69.41 -7.54
CA ALA A 269 -26.33 68.09 -7.29
C ALA A 269 -26.21 67.59 -5.84
N GLN A 270 -25.19 68.05 -5.10
CA GLN A 270 -25.02 67.66 -3.70
C GLN A 270 -26.14 68.19 -2.82
N GLU A 271 -26.36 69.50 -2.88
CA GLU A 271 -27.43 70.14 -2.11
C GLU A 271 -28.82 69.75 -2.63
N LEU A 272 -28.91 69.45 -3.92
CA LEU A 272 -30.14 68.93 -4.52
C LEU A 272 -30.60 67.67 -3.76
N VAL A 273 -29.73 66.67 -3.76
CA VAL A 273 -30.04 65.39 -3.14
C VAL A 273 -30.16 65.54 -1.62
N GLU A 274 -29.16 66.14 -1.00
CA GLU A 274 -29.09 66.17 0.47
C GLU A 274 -30.18 67.02 1.17
N ASN A 275 -30.77 67.99 0.47
CA ASN A 275 -31.90 68.77 1.02
C ASN A 275 -33.31 68.30 0.61
N ALA A 276 -33.39 67.31 -0.29
CA ALA A 276 -34.68 66.79 -0.78
C ALA A 276 -35.57 66.23 0.34
N ASP A 277 -36.88 66.39 0.17
CA ASP A 277 -37.88 65.81 1.08
C ASP A 277 -38.07 64.32 0.82
N ALA A 278 -37.75 63.88 -0.40
CA ALA A 278 -37.86 62.48 -0.80
C ALA A 278 -36.74 62.16 -1.78
N ILE A 279 -35.95 61.14 -1.46
CA ILE A 279 -34.89 60.69 -2.33
C ILE A 279 -35.24 59.25 -2.71
N LEU A 280 -35.45 59.01 -4.00
CA LEU A 280 -35.80 57.70 -4.53
C LEU A 280 -34.54 57.04 -5.10
N CYS A 281 -33.91 56.17 -4.30
CA CYS A 281 -32.67 55.51 -4.72
C CYS A 281 -33.02 54.27 -5.52
N LEU A 282 -32.62 54.24 -6.79
CA LEU A 282 -32.89 53.10 -7.67
C LEU A 282 -31.69 52.17 -7.80
N ALA A 283 -31.73 51.08 -7.03
CA ALA A 283 -30.70 50.01 -7.03
C ALA A 283 -29.28 50.53 -6.70
N PRO A 284 -29.12 51.20 -5.54
CA PRO A 284 -27.84 51.77 -5.18
C PRO A 284 -26.88 50.74 -4.59
N VAL A 285 -25.59 51.04 -4.60
CA VAL A 285 -24.59 50.29 -3.83
C VAL A 285 -23.82 51.34 -3.05
N PHE A 286 -24.14 51.49 -1.77
CA PHE A 286 -23.49 52.48 -0.91
C PHE A 286 -22.26 51.89 -0.22
N ASN A 287 -21.20 51.69 -0.98
CA ASN A 287 -19.91 51.22 -0.42
C ASN A 287 -19.05 52.41 0.02
N ASP A 288 -17.88 52.11 0.59
CA ASP A 288 -17.01 53.17 1.16
C ASP A 288 -16.51 54.19 0.13
N TYR A 289 -16.30 53.75 -1.09
CA TYR A 289 -15.88 54.62 -2.19
C TYR A 289 -17.00 55.52 -2.70
N ALA A 290 -18.20 54.97 -2.87
CA ALA A 290 -19.36 55.73 -3.34
C ALA A 290 -19.84 56.78 -2.34
N THR A 291 -19.66 56.49 -1.06
CA THR A 291 -20.04 57.41 0.01
C THR A 291 -18.90 58.34 0.44
N VAL A 292 -17.79 58.34 -0.29
CA VAL A 292 -16.64 59.20 0.02
C VAL A 292 -16.19 58.98 1.48
N GLY A 293 -15.99 57.71 1.83
CA GLY A 293 -15.54 57.31 3.17
C GLY A 293 -16.61 57.47 4.24
N TRP A 294 -17.83 57.04 3.93
CA TRP A 294 -18.99 57.12 4.84
C TRP A 294 -19.43 58.56 5.20
N ASN A 295 -19.04 59.55 4.40
CA ASN A 295 -19.46 60.94 4.65
C ASN A 295 -20.79 61.33 3.98
N SER A 296 -21.08 60.71 2.82
CA SER A 296 -22.22 61.08 1.96
C SER A 296 -23.06 59.85 1.63
N TRP A 297 -23.93 59.51 2.57
CA TRP A 297 -24.74 58.30 2.53
C TRP A 297 -26.20 58.68 2.84
N PRO A 298 -27.03 58.84 1.78
CA PRO A 298 -28.45 59.13 2.00
C PRO A 298 -29.17 57.98 2.70
N LYS A 299 -29.75 58.29 3.86
CA LYS A 299 -30.59 57.38 4.61
C LYS A 299 -31.49 58.17 5.56
N GLY A 300 -32.44 57.50 6.19
CA GLY A 300 -33.37 58.14 7.13
C GLY A 300 -34.78 58.23 6.56
N ASP A 301 -35.60 59.06 7.20
CA ASP A 301 -37.02 59.17 6.88
C ASP A 301 -37.29 59.63 5.45
N ASN A 302 -36.37 60.41 4.87
CA ASN A 302 -36.55 60.98 3.53
C ASN A 302 -36.11 60.10 2.36
N VAL A 303 -35.71 58.86 2.64
CA VAL A 303 -35.12 58.01 1.61
C VAL A 303 -35.99 56.80 1.34
N MET A 304 -36.12 56.45 0.07
CA MET A 304 -36.74 55.21 -0.35
C MET A 304 -35.67 54.46 -1.10
N VAL A 305 -35.40 53.23 -0.66
CA VAL A 305 -34.38 52.41 -1.29
C VAL A 305 -35.10 51.34 -2.09
N MET A 306 -34.91 51.37 -3.41
CA MET A 306 -35.52 50.41 -4.33
C MET A 306 -34.45 49.43 -4.82
N ASP A 307 -34.29 48.31 -4.12
CA ASP A 307 -33.30 47.29 -4.52
C ASP A 307 -33.91 46.47 -5.64
N THR A 308 -33.17 45.49 -6.16
CA THR A 308 -33.64 44.69 -7.29
C THR A 308 -34.89 43.83 -7.00
N ASP A 309 -35.08 43.44 -5.73
CA ASP A 309 -36.19 42.56 -5.32
C ASP A 309 -36.95 43.04 -4.07
N ARG A 310 -36.83 44.32 -3.78
CA ARG A 310 -37.31 44.87 -2.52
C ARG A 310 -37.42 46.37 -2.61
N VAL A 311 -38.36 46.95 -1.87
CA VAL A 311 -38.41 48.41 -1.68
C VAL A 311 -38.64 48.71 -0.21
N THR A 312 -37.89 49.68 0.32
CA THR A 312 -37.91 49.99 1.76
C THR A 312 -38.04 51.50 1.96
N PHE A 313 -38.99 51.90 2.80
CA PHE A 313 -39.27 53.31 3.12
C PHE A 313 -40.34 53.38 4.20
N ALA A 314 -40.37 54.51 4.90
CA ALA A 314 -41.42 54.81 5.87
C ALA A 314 -41.67 53.68 6.89
N GLY A 315 -40.59 53.12 7.43
CA GLY A 315 -40.66 52.07 8.45
C GLY A 315 -41.14 50.71 7.95
N GLN A 316 -41.11 50.52 6.63
CA GLN A 316 -41.71 49.34 6.00
C GLN A 316 -40.82 48.81 4.90
N SER A 317 -40.92 47.52 4.61
CA SER A 317 -40.11 46.90 3.57
C SER A 317 -40.94 45.88 2.83
N PHE A 318 -41.06 46.06 1.50
CA PHE A 318 -41.94 45.26 0.66
C PHE A 318 -41.11 44.40 -0.27
N GLU A 319 -41.40 43.10 -0.28
CA GLU A 319 -40.54 42.10 -0.88
C GLU A 319 -41.42 41.24 -1.80
N GLY A 320 -40.82 40.35 -2.58
CA GLY A 320 -41.54 39.49 -3.53
C GLY A 320 -41.97 40.24 -4.78
N LEU A 321 -41.22 41.28 -5.12
CA LEU A 321 -41.46 42.08 -6.31
C LEU A 321 -40.11 42.30 -6.96
N SER A 322 -40.11 42.97 -8.10
CA SER A 322 -38.89 43.35 -8.79
C SER A 322 -38.87 44.87 -8.95
N LEU A 323 -37.69 45.44 -9.11
CA LEU A 323 -37.56 46.88 -9.37
C LEU A 323 -38.29 47.25 -10.65
N SER A 324 -38.12 46.42 -11.68
CA SER A 324 -38.86 46.51 -12.94
C SER A 324 -40.36 46.68 -12.70
N THR A 325 -40.94 45.73 -11.98
CA THR A 325 -42.37 45.71 -11.72
C THR A 325 -42.88 46.85 -10.82
N PHE A 326 -42.18 47.14 -9.73
CA PHE A 326 -42.58 48.21 -8.82
C PHE A 326 -42.47 49.60 -9.46
N ALA A 327 -41.39 49.83 -10.21
CA ALA A 327 -41.17 51.11 -10.87
C ALA A 327 -42.25 51.36 -11.92
N ALA A 328 -42.55 50.33 -12.72
CA ALA A 328 -43.61 50.38 -13.73
C ALA A 328 -45.00 50.68 -13.14
N ALA A 329 -45.30 50.03 -12.01
CA ALA A 329 -46.59 50.19 -11.33
C ALA A 329 -46.69 51.51 -10.58
N LEU A 330 -45.59 51.97 -10.00
CA LEU A 330 -45.59 53.27 -9.34
C LEU A 330 -45.70 54.40 -10.35
N ALA A 331 -45.18 54.19 -11.56
CA ALA A 331 -45.25 55.17 -12.65
C ALA A 331 -46.70 55.51 -12.99
N GLU A 332 -47.54 54.48 -13.10
CA GLU A 332 -49.01 54.62 -13.26
C GLU A 332 -49.70 55.57 -12.27
N LYS A 333 -49.25 55.58 -11.01
CA LYS A 333 -49.94 56.26 -9.90
C LYS A 333 -49.19 57.44 -9.27
N ALA A 334 -47.95 57.70 -9.70
CA ALA A 334 -47.12 58.71 -9.05
C ALA A 334 -47.61 60.12 -9.38
N PRO A 335 -47.72 61.00 -8.37
CA PRO A 335 -48.15 62.37 -8.60
C PRO A 335 -47.04 63.22 -9.21
N SER A 336 -47.39 64.41 -9.68
CA SER A 336 -46.42 65.31 -10.28
C SER A 336 -45.60 65.99 -9.20
N ARG A 337 -44.27 65.95 -9.34
CA ARG A 337 -43.37 66.60 -8.41
C ARG A 337 -42.25 67.30 -9.18
N PRO A 338 -42.58 68.41 -9.87
CA PRO A 338 -41.60 69.08 -10.69
C PRO A 338 -40.70 70.10 -9.98
N ALA A 339 -40.90 70.36 -8.69
CA ALA A 339 -40.20 71.47 -8.01
C ALA A 339 -38.67 71.45 -8.17
N THR A 340 -38.07 70.28 -8.06
CA THR A 340 -36.60 70.13 -8.14
C THR A 340 -35.99 70.37 -9.52
N THR A 341 -36.81 70.33 -10.58
CA THR A 341 -36.34 70.68 -11.93
C THR A 341 -36.35 72.19 -12.23
N GLN A 342 -37.03 72.98 -11.41
CA GLN A 342 -37.20 74.42 -11.64
C GLN A 342 -36.04 75.18 -10.98
N GLY A 343 -35.39 76.04 -11.75
CA GLY A 343 -34.22 76.79 -11.27
C GLY A 343 -32.95 75.97 -11.20
N THR A 344 -32.85 74.94 -12.05
CA THR A 344 -31.65 74.10 -12.19
C THR A 344 -31.52 73.62 -13.65
N GLN A 345 -30.35 73.10 -14.00
CA GLN A 345 -30.08 72.63 -15.37
C GLN A 345 -29.00 71.53 -15.37
N ALA A 346 -29.02 70.68 -16.40
CA ALA A 346 -28.03 69.61 -16.58
C ALA A 346 -26.61 70.17 -16.60
N PRO A 347 -25.66 69.49 -15.93
CA PRO A 347 -24.31 70.05 -15.86
C PRO A 347 -23.57 69.94 -17.20
N VAL A 348 -22.67 70.88 -17.43
CA VAL A 348 -21.89 70.95 -18.67
C VAL A 348 -20.41 70.64 -18.36
N LEU A 349 -19.65 70.34 -19.42
CA LEU A 349 -18.24 69.99 -19.29
C LEU A 349 -17.43 71.13 -18.64
N GLY A 350 -17.66 72.36 -19.10
CA GLY A 350 -17.02 73.55 -18.51
C GLY A 350 -15.53 73.68 -18.78
N ILE A 351 -15.09 73.15 -19.92
CA ILE A 351 -13.68 73.16 -20.32
C ILE A 351 -13.58 73.84 -21.69
N GLU A 352 -13.11 75.09 -21.69
CA GLU A 352 -12.81 75.80 -22.95
C GLU A 352 -11.49 75.28 -23.48
N ALA A 353 -11.38 75.17 -24.80
CA ALA A 353 -10.21 74.57 -25.46
C ALA A 353 -8.89 75.26 -25.11
N ALA A 354 -7.80 74.50 -25.17
CA ALA A 354 -6.45 75.00 -24.86
C ALA A 354 -5.77 75.55 -26.11
N GLU A 355 -4.75 76.38 -25.89
N GLU A 355 -4.74 76.38 -25.91
CA GLU A 355 -3.85 76.82 -26.97
CA GLU A 355 -3.86 76.83 -27.00
C GLU A 355 -3.24 75.56 -27.61
C GLU A 355 -3.21 75.59 -27.62
N PRO A 356 -3.48 75.33 -28.91
CA PRO A 356 -3.20 74.01 -29.54
C PRO A 356 -1.78 73.44 -29.47
N ASN A 357 -0.76 74.28 -29.27
CA ASN A 357 0.63 73.82 -29.12
C ASN A 357 1.15 73.76 -27.68
N ALA A 358 0.34 74.17 -26.69
CA ALA A 358 0.74 74.11 -25.28
C ALA A 358 0.86 72.66 -24.79
N PRO A 359 1.66 72.42 -23.74
CA PRO A 359 1.77 71.03 -23.24
C PRO A 359 0.40 70.47 -22.85
N LEU A 360 0.12 69.24 -23.25
CA LEU A 360 -1.20 68.64 -23.09
C LEU A 360 -1.57 68.63 -21.61
N THR A 361 -2.77 69.12 -21.30
CA THR A 361 -3.29 69.12 -19.94
C THR A 361 -4.34 68.03 -19.80
N ASN A 362 -4.73 67.76 -18.56
CA ASN A 362 -5.78 66.80 -18.26
C ASN A 362 -7.16 67.27 -18.74
N ASP A 363 -7.51 68.53 -18.45
CA ASP A 363 -8.74 69.16 -18.97
C ASP A 363 -8.86 69.06 -20.48
N GLU A 364 -7.78 69.38 -21.19
CA GLU A 364 -7.78 69.38 -22.65
C GLU A 364 -7.95 67.98 -23.22
N MET A 365 -7.23 67.02 -22.66
CA MET A 365 -7.42 65.60 -23.02
C MET A 365 -8.86 65.15 -22.77
N THR A 366 -9.41 65.52 -21.62
CA THR A 366 -10.77 65.16 -21.27
C THR A 366 -11.78 65.75 -22.28
N ARG A 367 -11.54 67.00 -22.70
CA ARG A 367 -12.39 67.70 -23.67
C ARG A 367 -12.48 66.98 -25.01
N GLN A 368 -11.34 66.60 -25.58
CA GLN A 368 -11.33 65.91 -26.88
C GLN A 368 -11.91 64.51 -26.81
N ILE A 369 -11.67 63.79 -25.71
CA ILE A 369 -12.29 62.47 -25.52
C ILE A 369 -13.82 62.61 -25.48
N GLN A 370 -14.31 63.60 -24.76
CA GLN A 370 -15.74 63.84 -24.60
C GLN A 370 -16.43 64.07 -25.95
N SER A 371 -15.77 64.80 -26.84
CA SER A 371 -16.27 65.07 -28.20
C SER A 371 -16.43 63.83 -29.08
N LEU A 372 -15.67 62.77 -28.76
CA LEU A 372 -15.78 61.48 -29.47
C LEU A 372 -16.97 60.62 -29.06
N ILE A 373 -17.66 60.97 -27.97
CA ILE A 373 -18.70 60.09 -27.44
C ILE A 373 -20.02 60.36 -28.18
N THR A 374 -20.38 59.45 -29.08
CA THR A 374 -21.66 59.46 -29.80
C THR A 374 -22.66 58.60 -29.06
N SER A 375 -23.87 58.52 -29.61
CA SER A 375 -24.92 57.67 -29.06
C SER A 375 -24.69 56.17 -29.34
N ASP A 376 -23.81 55.85 -30.30
CA ASP A 376 -23.39 54.47 -30.57
C ASP A 376 -21.97 54.20 -30.01
N THR A 377 -21.55 54.93 -28.97
CA THR A 377 -20.21 54.76 -28.37
C THR A 377 -20.24 54.04 -27.02
N THR A 378 -19.30 53.10 -26.84
CA THR A 378 -18.99 52.53 -25.52
C THR A 378 -17.63 53.02 -25.02
N LEU A 379 -17.63 53.69 -23.86
CA LEU A 379 -16.44 54.20 -23.20
C LEU A 379 -16.10 53.35 -21.95
N THR A 380 -15.01 52.59 -21.99
CA THR A 380 -14.52 51.84 -20.82
C THR A 380 -13.48 52.67 -20.03
N ALA A 381 -13.79 53.01 -18.78
CA ALA A 381 -12.94 53.87 -17.95
C ALA A 381 -12.29 53.09 -16.80
N GLU A 382 -10.97 53.06 -16.79
CA GLU A 382 -10.19 52.30 -15.81
C GLU A 382 -10.19 52.95 -14.44
N THR A 383 -10.06 52.13 -13.39
CA THR A 383 -9.72 52.61 -12.03
C THR A 383 -8.45 53.47 -12.08
N GLY A 384 -8.52 54.65 -11.47
CA GLY A 384 -7.50 55.69 -11.65
C GLY A 384 -8.17 57.04 -11.76
N ASP A 385 -7.43 58.05 -12.19
CA ASP A 385 -8.01 59.38 -12.42
C ASP A 385 -9.05 59.38 -13.56
N SER A 386 -8.99 58.36 -14.43
CA SER A 386 -10.04 58.10 -15.43
C SER A 386 -11.46 57.98 -14.87
N TRP A 387 -11.61 57.49 -13.64
CA TRP A 387 -12.91 57.52 -12.96
C TRP A 387 -13.44 58.94 -12.85
N PHE A 388 -12.55 59.87 -12.52
CA PHE A 388 -12.90 61.26 -12.24
C PHE A 388 -13.05 62.12 -13.49
N ASN A 389 -12.31 61.76 -14.55
CA ASN A 389 -12.51 62.37 -15.86
C ASN A 389 -13.80 61.92 -16.50
N ALA A 390 -14.02 60.61 -16.56
CA ALA A 390 -15.26 60.03 -17.07
C ALA A 390 -16.50 60.53 -16.33
N SER A 391 -16.37 60.69 -15.01
N SER A 391 -16.39 60.70 -15.02
CA SER A 391 -17.46 61.17 -14.15
CA SER A 391 -17.51 61.15 -14.18
C SER A 391 -17.92 62.61 -14.41
C SER A 391 -17.91 62.63 -14.37
N ARG A 392 -17.03 63.46 -14.93
CA ARG A 392 -17.37 64.86 -15.27
C ARG A 392 -17.62 65.11 -16.77
N MET A 393 -17.69 64.03 -17.57
CA MET A 393 -17.99 64.10 -19.00
C MET A 393 -19.49 63.93 -19.26
N PRO A 394 -20.18 64.98 -19.78
CA PRO A 394 -21.54 64.76 -20.30
C PRO A 394 -21.55 63.81 -21.49
N ILE A 395 -22.60 62.99 -21.59
CA ILE A 395 -22.72 62.03 -22.67
C ILE A 395 -24.11 62.09 -23.27
N PRO A 396 -24.25 61.72 -24.56
CA PRO A 396 -25.58 61.60 -25.17
C PRO A 396 -26.27 60.29 -24.83
N GLY A 397 -27.59 60.25 -25.07
CA GLY A 397 -28.43 59.10 -24.75
C GLY A 397 -28.12 57.97 -25.70
N GLY A 398 -28.08 56.74 -25.17
CA GLY A 398 -27.62 55.56 -25.92
C GLY A 398 -26.14 55.24 -25.71
N ALA A 399 -25.35 56.23 -25.32
CA ALA A 399 -23.93 56.03 -25.02
C ALA A 399 -23.81 55.18 -23.77
N ARG A 400 -22.85 54.25 -23.78
CA ARG A 400 -22.61 53.31 -22.69
C ARG A 400 -21.25 53.61 -22.06
N VAL A 401 -21.23 53.77 -20.73
CA VAL A 401 -19.98 53.88 -19.97
C VAL A 401 -19.78 52.63 -19.12
N GLU A 402 -18.58 52.06 -19.15
CA GLU A 402 -18.27 50.92 -18.32
C GLU A 402 -17.25 51.28 -17.26
N LEU A 403 -17.67 51.08 -16.01
CA LEU A 403 -16.88 51.29 -14.82
C LEU A 403 -16.89 50.02 -13.97
N GLU A 404 -15.83 49.83 -13.20
CA GLU A 404 -15.68 48.69 -12.30
C GLU A 404 -15.30 49.24 -10.93
N MET A 405 -16.24 49.97 -10.33
CA MET A 405 -16.01 50.69 -9.06
C MET A 405 -16.19 49.88 -7.77
N GLN A 406 -16.74 48.66 -7.85
CA GLN A 406 -16.90 47.80 -6.68
C GLN A 406 -15.65 46.91 -6.56
N TRP A 407 -15.28 46.25 -7.64
CA TRP A 407 -14.07 45.41 -7.66
C TRP A 407 -12.83 46.29 -7.72
N GLY A 408 -12.73 47.14 -8.75
CA GLY A 408 -11.64 48.09 -8.87
C GLY A 408 -10.27 47.49 -9.12
N HIS A 409 -10.21 46.47 -9.96
CA HIS A 409 -8.97 45.78 -10.29
C HIS A 409 -8.27 46.52 -11.43
N ILE A 410 -7.14 47.15 -11.15
CA ILE A 410 -6.44 47.90 -12.21
C ILE A 410 -5.95 46.94 -13.28
N GLY A 411 -6.08 47.37 -14.52
CA GLY A 411 -5.83 46.52 -15.67
C GLY A 411 -7.08 45.87 -16.26
N TRP A 412 -8.18 45.83 -15.51
CA TRP A 412 -9.48 45.34 -15.98
C TRP A 412 -9.84 45.86 -17.38
N SER A 413 -9.63 47.16 -17.59
CA SER A 413 -10.11 47.87 -18.80
C SER A 413 -9.62 47.34 -20.14
N VAL A 414 -8.38 46.85 -20.20
CA VAL A 414 -7.84 46.38 -21.48
C VAL A 414 -8.54 45.10 -21.97
N PRO A 415 -8.55 44.02 -21.15
CA PRO A 415 -9.30 42.84 -21.60
C PRO A 415 -10.82 43.04 -21.59
N SER A 416 -11.33 43.92 -20.72
CA SER A 416 -12.78 44.21 -20.69
C SER A 416 -13.24 44.89 -21.98
N ALA A 417 -12.54 45.96 -22.37
CA ALA A 417 -12.77 46.62 -23.66
C ALA A 417 -12.65 45.66 -24.85
N PHE A 418 -11.66 44.77 -24.82
CA PHE A 418 -11.53 43.73 -25.85
C PHE A 418 -12.80 42.89 -25.93
N GLY A 419 -13.23 42.33 -24.82
CA GLY A 419 -14.44 41.50 -24.77
C GLY A 419 -15.71 42.24 -25.15
N ASN A 420 -15.80 43.48 -24.68
CA ASN A 420 -16.94 44.32 -24.99
C ASN A 420 -17.03 44.60 -26.50
N ALA A 421 -15.92 44.99 -27.11
CA ALA A 421 -15.87 45.28 -28.55
C ALA A 421 -16.09 44.06 -29.44
N VAL A 422 -15.67 42.89 -28.98
CA VAL A 422 -15.95 41.62 -29.65
C VAL A 422 -17.46 41.32 -29.60
N GLY A 423 -18.10 41.71 -28.50
CA GLY A 423 -19.54 41.47 -28.29
C GLY A 423 -20.48 42.53 -28.85
N SER A 424 -19.97 43.73 -29.13
CA SER A 424 -20.77 44.81 -29.72
C SER A 424 -19.96 45.55 -30.80
N PRO A 425 -19.60 44.86 -31.90
CA PRO A 425 -18.70 45.44 -32.91
C PRO A 425 -19.30 46.61 -33.71
N GLU A 426 -20.63 46.71 -33.75
CA GLU A 426 -21.35 47.85 -34.37
C GLU A 426 -21.07 49.21 -33.70
N ARG A 427 -20.71 49.20 -32.42
CA ARG A 427 -20.45 50.43 -31.69
C ARG A 427 -19.00 50.92 -31.88
N ARG A 428 -18.79 52.19 -31.59
CA ARG A 428 -17.45 52.77 -31.46
C ARG A 428 -16.97 52.49 -30.05
N HIS A 429 -15.74 52.01 -29.92
CA HIS A 429 -15.21 51.58 -28.64
C HIS A 429 -14.01 52.41 -28.24
N ILE A 430 -14.16 53.11 -27.11
CA ILE A 430 -13.17 54.00 -26.54
C ILE A 430 -12.77 53.47 -25.18
N MET A 431 -11.50 53.60 -24.81
CA MET A 431 -11.10 53.33 -23.44
C MET A 431 -10.07 54.32 -22.92
N MET A 432 -10.16 54.61 -21.63
CA MET A 432 -9.21 55.43 -20.90
C MET A 432 -8.55 54.54 -19.88
N VAL A 433 -7.22 54.38 -19.99
CA VAL A 433 -6.47 53.52 -19.09
C VAL A 433 -5.17 54.22 -18.68
N GLY A 434 -4.86 54.17 -17.39
CA GLY A 434 -3.63 54.77 -16.89
C GLY A 434 -2.43 53.91 -17.22
N ASP A 435 -1.25 54.48 -17.03
CA ASP A 435 0.00 53.77 -17.29
C ASP A 435 0.19 52.57 -16.34
N GLY A 436 -0.12 52.76 -15.07
CA GLY A 436 0.00 51.70 -14.08
C GLY A 436 -0.89 50.51 -14.37
N SER A 437 -2.19 50.80 -14.53
CA SER A 437 -3.17 49.80 -14.93
C SER A 437 -2.77 49.03 -16.15
N PHE A 438 -2.37 49.77 -17.18
CA PHE A 438 -2.01 49.18 -18.47
C PHE A 438 -0.94 48.10 -18.34
N GLN A 439 0.04 48.30 -17.46
CA GLN A 439 1.12 47.34 -17.29
C GLN A 439 0.68 45.96 -16.76
N LEU A 440 -0.40 45.91 -15.98
CA LEU A 440 -0.91 44.61 -15.51
C LEU A 440 -1.40 43.70 -16.62
N THR A 441 -2.02 44.29 -17.65
CA THR A 441 -2.76 43.52 -18.67
C THR A 441 -2.46 43.87 -20.14
N ALA A 442 -1.38 44.64 -20.37
CA ALA A 442 -1.03 45.18 -21.69
C ALA A 442 -1.09 44.20 -22.86
N GLN A 443 -0.73 42.94 -22.63
CA GLN A 443 -0.65 41.93 -23.69
C GLN A 443 -1.95 41.58 -24.40
N GLU A 444 -3.10 41.89 -23.79
CA GLU A 444 -4.39 41.67 -24.48
C GLU A 444 -4.63 42.68 -25.63
N VAL A 445 -3.88 43.78 -25.69
CA VAL A 445 -3.82 44.64 -26.89
C VAL A 445 -3.38 43.83 -28.12
N ALA A 446 -2.52 42.83 -27.90
CA ALA A 446 -2.10 41.94 -28.97
C ALA A 446 -3.24 41.08 -29.53
N GLN A 447 -4.21 40.73 -28.68
CA GLN A 447 -5.38 39.97 -29.12
C GLN A 447 -6.35 40.89 -29.84
N MET A 448 -6.49 42.14 -29.38
CA MET A 448 -7.21 43.15 -30.17
C MET A 448 -6.65 43.24 -31.59
N ILE A 449 -5.32 43.22 -31.70
CA ILE A 449 -4.62 43.21 -32.99
C ILE A 449 -4.93 41.94 -33.78
N ARG A 450 -4.81 40.78 -33.15
CA ARG A 450 -5.04 39.49 -33.83
C ARG A 450 -6.43 39.38 -34.44
N TYR A 451 -7.45 39.84 -33.70
CA TYR A 451 -8.87 39.75 -34.11
C TYR A 451 -9.42 41.04 -34.77
N GLU A 452 -8.55 42.03 -35.01
CA GLU A 452 -8.87 43.27 -35.73
C GLU A 452 -9.98 44.09 -35.06
N ILE A 453 -9.79 44.36 -33.77
CA ILE A 453 -10.79 45.02 -32.95
C ILE A 453 -10.39 46.49 -32.81
N PRO A 454 -11.20 47.42 -33.33
CA PRO A 454 -10.78 48.82 -33.45
C PRO A 454 -10.99 49.67 -32.21
N VAL A 455 -10.46 49.22 -31.07
CA VAL A 455 -10.58 49.97 -29.82
C VAL A 455 -9.63 51.15 -29.88
N ILE A 456 -10.12 52.33 -29.50
CA ILE A 456 -9.30 53.53 -29.38
C ILE A 456 -8.90 53.72 -27.92
N ILE A 457 -7.61 53.54 -27.63
CA ILE A 457 -7.10 53.49 -26.27
C ILE A 457 -6.38 54.78 -25.92
N PHE A 458 -6.95 55.54 -25.01
CA PHE A 458 -6.30 56.71 -24.46
C PHE A 458 -5.47 56.29 -23.22
N LEU A 459 -4.16 56.12 -23.41
CA LEU A 459 -3.22 55.77 -22.34
C LEU A 459 -2.78 57.05 -21.67
N ILE A 460 -3.12 57.25 -20.39
CA ILE A 460 -2.67 58.43 -19.64
C ILE A 460 -1.31 58.11 -19.03
N ASN A 461 -0.24 58.62 -19.64
CA ASN A 461 1.09 58.44 -19.08
C ASN A 461 1.42 59.61 -18.19
N ASN A 462 1.12 59.44 -16.91
CA ASN A 462 1.47 60.41 -15.88
C ASN A 462 2.56 59.91 -14.92
N ARG A 463 3.29 58.87 -15.33
CA ARG A 463 4.50 58.41 -14.62
C ARG A 463 4.18 57.99 -13.18
N GLY A 464 3.19 57.11 -13.02
CA GLY A 464 2.86 56.56 -11.71
C GLY A 464 1.40 56.31 -11.40
N TYR A 465 1.20 55.80 -10.19
CA TYR A 465 -0.10 55.50 -9.65
C TYR A 465 -0.65 56.77 -8.98
N VAL A 466 -1.22 57.68 -9.78
CA VAL A 466 -1.59 59.03 -9.26
C VAL A 466 -2.71 59.02 -8.22
N ILE A 467 -3.72 58.19 -8.42
CA ILE A 467 -4.77 58.01 -7.42
C ILE A 467 -4.24 57.48 -6.06
N GLU A 468 -3.25 56.59 -6.10
CA GLU A 468 -2.59 56.14 -4.86
C GLU A 468 -1.76 57.25 -4.22
N ILE A 469 -1.15 58.10 -5.02
CA ILE A 469 -0.41 59.27 -4.51
C ILE A 469 -1.35 60.23 -3.78
N ALA A 470 -2.58 60.40 -4.27
CA ALA A 470 -3.59 61.24 -3.61
C ALA A 470 -4.16 60.63 -2.29
N ILE A 471 -4.11 59.31 -2.15
CA ILE A 471 -4.45 58.63 -0.89
C ILE A 471 -3.26 58.68 0.08
N HIS A 472 -2.12 58.11 -0.34
CA HIS A 472 -0.91 58.06 0.50
C HIS A 472 0.34 57.87 -0.35
N ASP A 473 1.22 58.86 -0.36
CA ASP A 473 2.40 58.83 -1.23
C ASP A 473 3.55 58.03 -0.62
N GLY A 474 4.25 57.28 -1.48
CA GLY A 474 5.48 56.58 -1.13
C GLY A 474 6.13 56.01 -2.39
N PRO A 475 7.33 55.41 -2.27
CA PRO A 475 8.11 54.89 -3.43
C PRO A 475 7.40 53.82 -4.28
N TYR A 476 6.47 53.10 -3.65
CA TYR A 476 5.65 52.07 -4.30
C TYR A 476 4.70 52.59 -5.40
N ASN A 477 4.48 53.90 -5.45
CA ASN A 477 3.64 54.51 -6.51
C ASN A 477 4.37 54.90 -7.81
N TYR A 478 5.66 54.64 -7.92
CA TYR A 478 6.46 55.12 -9.05
C TYR A 478 6.97 53.93 -9.84
N ILE A 479 6.57 53.87 -11.11
CA ILE A 479 6.75 52.68 -11.94
C ILE A 479 7.77 52.94 -13.04
N LYS A 480 8.30 51.85 -13.57
CA LYS A 480 9.17 51.89 -14.74
C LYS A 480 8.36 52.39 -15.93
N ASN A 481 8.82 53.47 -16.55
CA ASN A 481 8.18 54.01 -17.75
C ASN A 481 8.46 53.10 -18.95
N TRP A 482 7.45 52.90 -19.80
CA TRP A 482 7.62 52.22 -21.07
C TRP A 482 7.41 53.22 -22.19
N ASN A 483 7.81 52.83 -23.39
CA ASN A 483 7.36 53.51 -24.62
C ASN A 483 6.06 52.81 -25.08
N TYR A 484 4.94 53.28 -24.55
CA TYR A 484 3.66 52.58 -24.70
C TYR A 484 3.20 52.57 -26.16
N ALA A 485 3.42 53.69 -26.86
CA ALA A 485 3.13 53.79 -28.28
C ALA A 485 3.88 52.74 -29.10
N GLY A 486 5.17 52.57 -28.82
CA GLY A 486 6.01 51.60 -29.56
C GLY A 486 5.69 50.13 -29.29
N LEU A 487 4.95 49.86 -28.23
CA LEU A 487 4.49 48.49 -27.93
C LEU A 487 3.59 47.93 -29.02
N ILE A 488 2.81 48.81 -29.65
CA ILE A 488 1.85 48.38 -30.66
C ILE A 488 2.54 47.64 -31.82
N ASP A 489 3.60 48.23 -32.38
CA ASP A 489 4.29 47.61 -33.53
C ASP A 489 5.09 46.34 -33.18
N VAL A 490 5.47 46.16 -31.91
CA VAL A 490 5.98 44.88 -31.40
C VAL A 490 4.89 43.81 -31.49
N PHE A 491 3.68 44.15 -31.04
CA PHE A 491 2.56 43.21 -31.13
C PHE A 491 2.09 43.01 -32.57
N ASN A 492 2.18 44.04 -33.44
CA ASN A 492 1.91 43.84 -34.88
C ASN A 492 2.83 42.83 -35.54
N ASP A 493 4.14 43.02 -35.32
CA ASP A 493 5.18 42.28 -36.04
C ASP A 493 4.93 42.40 -37.57
N GLU A 494 4.68 41.29 -38.27
CA GLU A 494 4.46 41.29 -39.72
C GLU A 494 2.99 41.64 -40.07
N ASP A 495 2.04 41.03 -39.35
CA ASP A 495 0.62 40.99 -39.75
C ASP A 495 -0.20 42.23 -39.40
N GLY A 496 -0.19 42.60 -38.12
CA GLY A 496 -1.21 43.46 -37.52
C GLY A 496 -1.36 44.89 -38.01
N HIS A 497 -2.53 45.45 -37.71
CA HIS A 497 -2.88 46.81 -38.12
C HIS A 497 -3.20 47.69 -36.93
N GLY A 498 -2.55 47.42 -35.81
CA GLY A 498 -2.58 48.32 -34.68
C GLY A 498 -1.83 49.58 -35.01
N LEU A 499 -2.12 50.66 -34.28
CA LEU A 499 -1.44 51.92 -34.50
C LEU A 499 -1.02 52.52 -33.16
N GLY A 500 0.25 52.89 -33.04
CA GLY A 500 0.79 53.50 -31.83
C GLY A 500 1.19 54.93 -32.07
N LEU A 501 0.57 55.86 -31.34
CA LEU A 501 0.77 57.30 -31.52
C LEU A 501 1.07 58.01 -30.22
N LYS A 502 1.69 59.19 -30.32
CA LYS A 502 2.02 60.00 -29.16
C LYS A 502 1.32 61.34 -29.25
N ALA A 503 1.03 61.91 -28.08
CA ALA A 503 0.40 63.22 -28.00
C ALA A 503 0.89 63.94 -26.76
N SER A 504 1.64 65.03 -26.97
CA SER A 504 2.07 65.91 -25.89
C SER A 504 1.43 67.31 -25.98
N THR A 505 0.51 67.51 -26.93
CA THR A 505 -0.22 68.79 -27.10
C THR A 505 -1.65 68.56 -27.64
N GLY A 506 -2.52 69.55 -27.46
CA GLY A 506 -3.87 69.54 -28.05
C GLY A 506 -3.91 69.24 -29.55
N ALA A 507 -3.00 69.87 -30.30
CA ALA A 507 -2.91 69.65 -31.74
C ALA A 507 -2.45 68.24 -32.10
N GLU A 508 -1.49 67.69 -31.35
CA GLU A 508 -1.03 66.30 -31.54
C GLU A 508 -2.10 65.25 -31.18
N LEU A 509 -2.87 65.51 -30.13
CA LEU A 509 -3.99 64.65 -29.76
C LEU A 509 -5.07 64.63 -30.85
N GLU A 510 -5.45 65.83 -31.31
CA GLU A 510 -6.43 65.99 -32.39
C GLU A 510 -6.09 65.16 -33.63
N GLY A 511 -4.83 65.24 -34.06
CA GLY A 511 -4.35 64.50 -35.22
C GLY A 511 -4.32 63.00 -35.01
N ALA A 512 -3.88 62.57 -33.82
CA ALA A 512 -3.94 61.13 -33.45
C ALA A 512 -5.37 60.58 -33.48
N ILE A 513 -6.31 61.34 -32.93
CA ILE A 513 -7.73 60.96 -32.93
C ILE A 513 -8.28 60.76 -34.36
N LYS A 514 -7.89 61.62 -35.30
CA LYS A 514 -8.29 61.45 -36.71
C LYS A 514 -7.81 60.13 -37.28
N LYS A 515 -6.52 59.85 -37.08
CA LYS A 515 -5.92 58.59 -37.53
C LYS A 515 -6.53 57.38 -36.81
N ALA A 516 -6.87 57.54 -35.53
CA ALA A 516 -7.56 56.48 -34.77
C ALA A 516 -8.91 56.13 -35.39
N LEU A 517 -9.72 57.16 -35.67
CA LEU A 517 -11.04 56.96 -36.32
C LEU A 517 -10.94 56.27 -37.67
N ASP A 518 -9.90 56.60 -38.46
CA ASP A 518 -9.70 56.00 -39.80
C ASP A 518 -9.12 54.57 -39.76
N ASN A 519 -8.44 54.21 -38.66
CA ASN A 519 -7.91 52.85 -38.50
C ASN A 519 -9.03 51.90 -38.07
N ARG A 520 -9.45 51.03 -38.99
CA ARG A 520 -10.57 50.12 -38.77
C ARG A 520 -10.17 48.67 -38.60
N ARG A 521 -8.93 48.31 -38.89
CA ARG A 521 -8.50 46.91 -38.87
C ARG A 521 -7.68 46.53 -37.61
N GLY A 522 -7.63 47.43 -36.63
CA GLY A 522 -6.94 47.15 -35.37
C GLY A 522 -7.07 48.28 -34.37
N PRO A 523 -6.55 48.08 -33.15
CA PRO A 523 -6.63 49.11 -32.12
C PRO A 523 -5.68 50.26 -32.39
N THR A 524 -5.93 51.39 -31.72
CA THR A 524 -5.09 52.54 -31.83
C THR A 524 -4.83 53.07 -30.43
N LEU A 525 -3.55 53.11 -30.06
CA LEU A 525 -3.14 53.54 -28.73
C LEU A 525 -2.54 54.94 -28.79
N ILE A 526 -3.17 55.87 -28.10
CA ILE A 526 -2.70 57.24 -28.06
C ILE A 526 -2.11 57.47 -26.69
N GLU A 527 -0.77 57.48 -26.62
CA GLU A 527 -0.05 57.77 -25.39
C GLU A 527 -0.12 59.26 -25.09
N CYS A 528 -0.89 59.64 -24.09
CA CYS A 528 -1.03 61.04 -23.68
C CYS A 528 -0.08 61.40 -22.54
N ASN A 529 0.91 62.26 -22.84
CA ASN A 529 1.81 62.80 -21.84
C ASN A 529 1.08 63.85 -20.98
N ILE A 530 0.68 63.44 -19.78
CA ILE A 530 0.02 64.31 -18.82
C ILE A 530 0.95 64.41 -17.61
N ALA A 531 1.10 65.62 -17.07
CA ALA A 531 1.94 65.83 -15.89
C ALA A 531 1.38 65.06 -14.68
N GLN A 532 2.29 64.53 -13.88
CA GLN A 532 1.96 63.76 -12.68
C GLN A 532 1.19 64.61 -11.66
N ASP A 533 1.53 65.90 -11.61
CA ASP A 533 0.87 66.88 -10.77
C ASP A 533 -0.51 67.36 -11.28
N ASP A 534 -0.87 67.01 -12.53
CA ASP A 534 -2.04 67.55 -13.22
C ASP A 534 -3.20 66.52 -13.23
N CYS A 535 -3.86 66.39 -12.09
CA CYS A 535 -4.99 65.49 -11.94
C CYS A 535 -6.21 66.29 -11.53
N THR A 536 -7.38 65.65 -11.55
CA THR A 536 -8.61 66.33 -11.17
C THR A 536 -8.57 66.76 -9.71
N GLU A 537 -9.17 67.91 -9.44
CA GLU A 537 -9.36 68.37 -8.06
C GLU A 537 -10.34 67.46 -7.32
N THR A 538 -11.25 66.82 -8.04
CA THR A 538 -12.15 65.82 -7.45
C THR A 538 -11.37 64.63 -6.88
N LEU A 539 -10.38 64.12 -7.62
CA LEU A 539 -9.51 63.04 -7.12
C LEU A 539 -8.80 63.39 -5.80
N ILE A 540 -8.23 64.59 -5.73
CA ILE A 540 -7.51 65.03 -4.52
C ILE A 540 -8.42 65.13 -3.30
N ALA A 541 -9.65 65.60 -3.48
CA ALA A 541 -10.60 65.75 -2.36
C ALA A 541 -11.09 64.38 -1.87
N TRP A 542 -11.49 63.53 -2.82
CA TRP A 542 -11.94 62.16 -2.54
C TRP A 542 -10.83 61.35 -1.83
N GLY A 543 -9.63 61.38 -2.41
CA GLY A 543 -8.45 60.71 -1.89
C GLY A 543 -8.15 61.00 -0.43
N LYS A 544 -8.24 62.26 -0.03
CA LYS A 544 -8.06 62.65 1.37
C LYS A 544 -9.10 62.02 2.31
N ARG A 545 -10.36 62.02 1.88
CA ARG A 545 -11.45 61.42 2.66
C ARG A 545 -11.30 59.91 2.79
N VAL A 546 -10.92 59.25 1.69
CA VAL A 546 -10.65 57.80 1.67
C VAL A 546 -9.47 57.41 2.57
N ALA A 547 -8.39 58.19 2.54
CA ALA A 547 -7.22 57.93 3.38
C ALA A 547 -7.54 58.03 4.88
N ALA A 548 -8.32 59.04 5.25
CA ALA A 548 -8.74 59.24 6.65
C ALA A 548 -9.61 58.09 7.17
N THR A 549 -10.58 57.69 6.37
CA THR A 549 -11.47 56.58 6.67
C THR A 549 -10.73 55.23 6.82
N ASN A 550 -9.86 54.90 5.87
CA ASN A 550 -9.07 53.66 5.94
C ASN A 550 -8.14 53.59 7.15
N SER A 551 -7.61 54.75 7.54
CA SER A 551 -6.63 54.81 8.63
C SER A 551 -7.21 55.04 10.03
N ARG A 552 -8.52 55.22 10.16
N ARG A 552 -8.53 55.20 10.16
CA ARG A 552 -9.11 55.55 11.46
CA ARG A 552 -9.14 55.51 11.46
C ARG A 552 -8.85 54.41 12.46
C ARG A 552 -8.86 54.39 12.47
N LYS A 553 -8.48 54.80 13.68
CA LYS A 553 -7.92 53.88 14.68
C LYS A 553 -8.87 52.76 15.14
N PRO A 554 -8.32 51.63 15.64
CA PRO A 554 -9.17 50.61 16.27
C PRO A 554 -9.77 51.06 17.61
N GLN A 555 -10.72 50.27 18.12
CA GLN A 555 -11.34 50.52 19.43
C GLN A 555 -10.63 49.72 20.50
N MET B 1 8.36 54.36 18.94
CA MET B 1 7.21 53.77 18.18
C MET B 1 7.70 52.56 17.40
N TYR B 2 7.40 51.37 17.91
CA TYR B 2 7.60 50.09 17.20
C TYR B 2 6.24 49.53 16.79
N THR B 3 6.06 49.17 15.51
CA THR B 3 4.75 48.78 14.97
C THR B 3 4.64 47.32 14.54
N VAL B 4 3.41 46.90 14.24
CA VAL B 4 3.10 45.57 13.74
C VAL B 4 3.85 45.27 12.45
N GLY B 5 3.83 46.21 11.51
CA GLY B 5 4.56 46.03 10.25
C GLY B 5 6.06 45.92 10.49
N MET B 6 6.57 46.66 11.47
CA MET B 6 7.99 46.58 11.85
C MET B 6 8.32 45.22 12.47
N TYR B 7 7.42 44.70 13.30
CA TYR B 7 7.56 43.34 13.83
C TYR B 7 7.67 42.34 12.69
N LEU B 8 6.77 42.45 11.71
CA LEU B 8 6.81 41.57 10.54
C LEU B 8 8.15 41.69 9.80
N ALA B 9 8.55 42.93 9.49
CA ALA B 9 9.80 43.16 8.74
C ALA B 9 11.02 42.53 9.44
N GLU B 10 11.10 42.73 10.75
CA GLU B 10 12.21 42.22 11.55
C GLU B 10 12.29 40.68 11.49
N ARG B 11 11.15 40.01 11.62
CA ARG B 11 11.10 38.55 11.50
C ARG B 11 11.47 38.07 10.10
N LEU B 12 11.03 38.80 9.08
CA LEU B 12 11.37 38.48 7.71
C LEU B 12 12.87 38.60 7.48
N ALA B 13 13.48 39.66 8.00
CA ALA B 13 14.94 39.83 7.94
C ALA B 13 15.68 38.74 8.73
N GLN B 14 15.11 38.28 9.86
CA GLN B 14 15.66 37.15 10.62
C GLN B 14 15.62 35.80 9.91
N ILE B 15 14.67 35.61 8.98
CA ILE B 15 14.65 34.42 8.10
C ILE B 15 15.82 34.46 7.12
N GLY B 16 16.34 35.66 6.84
CA GLY B 16 17.43 35.85 5.88
C GLY B 16 17.00 36.49 4.57
N LEU B 17 15.81 37.09 4.54
CA LEU B 17 15.38 37.91 3.40
C LEU B 17 16.14 39.24 3.38
N LYS B 18 16.67 39.58 2.22
CA LYS B 18 17.22 40.92 1.97
C LYS B 18 16.31 41.71 1.00
N HIS B 19 15.23 41.08 0.54
CA HIS B 19 14.25 41.71 -0.33
C HIS B 19 12.86 41.17 -0.02
N HIS B 20 11.85 41.97 -0.29
CA HIS B 20 10.47 41.47 -0.40
C HIS B 20 9.78 42.18 -1.57
N PHE B 21 8.78 41.52 -2.12
CA PHE B 21 8.10 41.91 -3.34
C PHE B 21 6.71 42.44 -3.04
N ALA B 22 6.32 43.53 -3.69
CA ALA B 22 5.07 44.19 -3.37
C ALA B 22 4.36 44.75 -4.60
N VAL B 23 3.03 44.80 -4.52
CA VAL B 23 2.21 45.66 -5.39
C VAL B 23 1.33 46.50 -4.46
N ALA B 24 1.46 47.81 -4.55
CA ALA B 24 0.75 48.71 -3.64
C ALA B 24 -0.76 48.67 -3.88
N GLY B 25 -1.51 48.99 -2.83
CA GLY B 25 -2.94 49.22 -2.89
C GLY B 25 -3.34 49.84 -1.57
N ASP B 26 -4.43 50.58 -1.53
CA ASP B 26 -4.74 51.38 -0.33
C ASP B 26 -4.85 50.56 0.98
N TYR B 27 -5.20 49.28 0.87
CA TYR B 27 -5.24 48.37 2.03
C TYR B 27 -3.85 48.00 2.61
N ASN B 28 -2.78 48.14 1.83
CA ASN B 28 -1.43 47.81 2.31
C ASN B 28 -0.38 48.94 2.32
N LEU B 29 -0.78 50.20 2.10
CA LEU B 29 0.21 51.28 1.97
C LEU B 29 0.94 51.58 3.26
N VAL B 30 0.18 51.64 4.35
CA VAL B 30 0.76 51.86 5.67
C VAL B 30 1.69 50.69 6.06
N LEU B 31 1.31 49.47 5.68
CA LEU B 31 2.15 48.28 5.87
C LEU B 31 3.45 48.40 5.08
N LEU B 32 3.35 48.84 3.83
CA LEU B 32 4.54 49.02 3.00
C LEU B 32 5.48 50.07 3.60
N ASP B 33 4.94 51.13 4.20
CA ASP B 33 5.77 52.10 4.91
C ASP B 33 6.55 51.49 6.06
N GLN B 34 5.95 50.56 6.81
CA GLN B 34 6.61 49.98 7.97
C GLN B 34 7.73 49.06 7.53
N LEU B 35 7.48 48.29 6.47
CA LEU B 35 8.48 47.41 5.89
C LEU B 35 9.67 48.20 5.30
N LEU B 36 9.42 49.38 4.73
CA LEU B 36 10.47 50.28 4.22
C LEU B 36 11.41 50.82 5.31
N LEU B 37 10.93 50.93 6.55
CA LEU B 37 11.77 51.36 7.68
C LEU B 37 12.88 50.35 8.05
N ASN B 38 12.74 49.10 7.60
CA ASN B 38 13.72 48.07 7.92
C ASN B 38 15.00 48.20 7.07
N LYS B 39 16.12 48.44 7.76
CA LYS B 39 17.47 48.58 7.15
C LYS B 39 17.95 47.35 6.38
N ASP B 40 17.60 46.16 6.84
CA ASP B 40 18.12 44.92 6.27
C ASP B 40 17.43 44.45 4.99
N MET B 41 16.38 45.15 4.54
CA MET B 41 15.63 44.74 3.35
C MET B 41 15.37 45.86 2.35
N GLU B 42 15.31 45.49 1.08
CA GLU B 42 14.82 46.38 0.01
C GLU B 42 13.44 45.93 -0.45
N GLN B 43 12.60 46.89 -0.82
CA GLN B 43 11.24 46.63 -1.25
C GLN B 43 11.18 46.69 -2.77
N VAL B 44 10.93 45.55 -3.40
CA VAL B 44 10.94 45.38 -4.84
C VAL B 44 9.52 45.37 -5.39
N TYR B 45 9.23 46.26 -6.35
CA TYR B 45 7.87 46.42 -6.89
C TYR B 45 7.68 45.64 -8.17
N CYS B 46 6.47 45.09 -8.34
CA CYS B 46 6.12 44.27 -9.50
C CYS B 46 4.96 44.87 -10.28
N CYS B 47 4.80 44.44 -11.53
CA CYS B 47 3.75 44.94 -12.42
C CYS B 47 2.38 44.47 -11.98
N ASN B 48 2.22 43.15 -11.84
CA ASN B 48 0.99 42.55 -11.30
C ASN B 48 1.27 41.52 -10.20
N GLU B 49 0.19 41.09 -9.54
CA GLU B 49 0.30 40.27 -8.33
C GLU B 49 0.60 38.82 -8.64
N LEU B 50 0.13 38.31 -9.78
CA LEU B 50 0.55 36.97 -10.24
C LEU B 50 2.08 36.91 -10.35
N ASN B 51 2.65 37.90 -11.02
CA ASN B 51 4.09 37.98 -11.24
C ASN B 51 4.83 38.19 -9.93
N CYS B 52 4.28 39.04 -9.07
CA CYS B 52 4.80 39.30 -7.74
C CYS B 52 4.93 38.02 -6.91
N GLY B 53 3.91 37.16 -7.00
CA GLY B 53 3.93 35.88 -6.34
C GLY B 53 5.00 34.94 -6.90
N PHE B 54 5.10 34.84 -8.22
CA PHE B 54 6.15 34.01 -8.83
C PHE B 54 7.56 34.57 -8.65
N SER B 55 7.69 35.87 -8.45
CA SER B 55 8.98 36.49 -8.15
C SER B 55 9.42 36.10 -6.75
N ALA B 56 8.52 36.14 -5.78
CA ALA B 56 8.80 35.65 -4.45
C ALA B 56 9.20 34.17 -4.49
N GLU B 57 8.46 33.40 -5.27
CA GLU B 57 8.71 31.97 -5.44
C GLU B 57 10.14 31.72 -5.97
N GLY B 58 10.58 32.50 -6.95
CA GLY B 58 11.94 32.40 -7.48
C GLY B 58 13.00 32.80 -6.44
N TYR B 59 12.75 33.90 -5.75
CA TYR B 59 13.55 34.33 -4.61
C TYR B 59 13.73 33.21 -3.56
N ALA B 60 12.66 32.47 -3.28
CA ALA B 60 12.71 31.35 -2.32
C ALA B 60 13.55 30.20 -2.82
N ARG B 61 13.63 29.99 -4.13
CA ARG B 61 14.55 29.00 -4.69
C ARG B 61 16.03 29.38 -4.48
N ALA B 62 16.31 30.68 -4.33
CA ALA B 62 17.65 31.20 -4.08
C ALA B 62 18.00 31.27 -2.59
N ARG B 63 17.07 31.78 -1.78
CA ARG B 63 17.28 32.10 -0.36
C ARG B 63 16.60 31.17 0.64
N GLY B 64 15.79 30.23 0.16
CA GLY B 64 15.02 29.34 1.05
C GLY B 64 13.73 29.90 1.64
N ALA B 65 13.43 31.18 1.42
CA ALA B 65 12.15 31.78 1.82
C ALA B 65 11.92 33.07 1.06
N ALA B 66 10.69 33.58 1.10
CA ALA B 66 10.36 34.85 0.44
C ALA B 66 9.06 35.41 0.97
N ALA B 67 8.81 36.69 0.64
CA ALA B 67 7.59 37.38 1.01
C ALA B 67 7.07 38.22 -0.17
N ALA B 68 5.77 38.08 -0.43
CA ALA B 68 5.00 38.93 -1.35
C ALA B 68 3.90 39.67 -0.59
N ILE B 69 3.81 40.99 -0.77
CA ILE B 69 2.82 41.84 -0.11
C ILE B 69 1.85 42.40 -1.18
N VAL B 70 0.55 42.16 -0.98
CA VAL B 70 -0.51 42.52 -1.95
C VAL B 70 -1.69 43.21 -1.24
N THR B 71 -2.64 43.71 -2.04
CA THR B 71 -3.84 44.33 -1.50
C THR B 71 -4.99 43.33 -1.52
N PHE B 72 -6.04 43.66 -0.78
CA PHE B 72 -7.18 42.76 -0.55
C PHE B 72 -7.91 42.42 -1.84
N SER B 73 -8.13 41.12 -2.06
CA SER B 73 -8.92 40.53 -3.15
C SER B 73 -8.39 40.73 -4.54
N VAL B 74 -8.40 41.97 -5.01
CA VAL B 74 -7.93 42.26 -6.37
C VAL B 74 -6.48 41.83 -6.55
N GLY B 75 -5.67 41.98 -5.50
CA GLY B 75 -4.30 41.50 -5.51
C GLY B 75 -4.20 40.04 -5.13
N ALA B 76 -4.66 39.74 -3.93
CA ALA B 76 -4.47 38.43 -3.31
C ALA B 76 -4.90 37.23 -4.14
N ILE B 77 -6.04 37.32 -4.84
CA ILE B 77 -6.57 36.15 -5.54
C ILE B 77 -5.66 35.74 -6.71
N SER B 78 -5.12 36.71 -7.43
CA SER B 78 -4.10 36.42 -8.44
C SER B 78 -2.88 35.74 -7.82
N ALA B 79 -2.39 36.34 -6.74
CA ALA B 79 -1.25 35.77 -6.00
C ALA B 79 -1.50 34.35 -5.46
N MET B 80 -2.76 33.96 -5.22
CA MET B 80 -3.08 32.57 -4.78
C MET B 80 -2.63 31.50 -5.75
N ASN B 81 -2.66 31.84 -7.04
CA ASN B 81 -2.14 30.96 -8.08
C ASN B 81 -0.64 30.64 -7.85
N ALA B 82 0.15 31.68 -7.61
CA ALA B 82 1.58 31.53 -7.37
C ALA B 82 1.85 30.82 -6.04
N ILE B 83 1.00 31.09 -5.05
CA ILE B 83 1.04 30.41 -3.75
C ILE B 83 0.74 28.91 -3.87
N GLY B 84 -0.27 28.55 -4.66
CA GLY B 84 -0.51 27.17 -5.00
C GLY B 84 0.71 26.56 -5.69
N GLY B 85 1.36 27.37 -6.52
CA GLY B 85 2.65 27.02 -7.09
C GLY B 85 3.73 26.75 -6.05
N ALA B 86 3.85 27.65 -5.08
CA ALA B 86 4.79 27.49 -3.97
C ALA B 86 4.52 26.21 -3.14
N TYR B 87 3.24 25.86 -2.98
CA TYR B 87 2.85 24.63 -2.26
C TYR B 87 3.30 23.43 -3.07
N ALA B 88 2.95 23.45 -4.35
CA ALA B 88 3.30 22.39 -5.28
C ALA B 88 4.80 22.10 -5.37
N GLU B 89 5.61 23.14 -5.27
CA GLU B 89 7.07 23.05 -5.40
C GLU B 89 7.81 23.13 -4.06
N ASN B 90 7.07 23.12 -2.96
CA ASN B 90 7.60 22.98 -1.61
C ASN B 90 8.48 24.15 -1.17
N LEU B 91 7.97 25.37 -1.35
CA LEU B 91 8.71 26.60 -1.09
C LEU B 91 8.02 27.48 -0.06
N PRO B 92 8.73 27.87 1.03
CA PRO B 92 8.21 28.81 2.03
C PRO B 92 8.03 30.27 1.57
N VAL B 93 6.98 30.52 0.79
CA VAL B 93 6.64 31.90 0.42
C VAL B 93 5.57 32.41 1.39
N ILE B 94 5.78 33.55 2.01
CA ILE B 94 4.75 34.18 2.85
C ILE B 94 3.98 35.19 1.99
N LEU B 95 2.68 34.97 1.79
CA LEU B 95 1.79 36.00 1.20
C LEU B 95 1.15 36.84 2.28
N ILE B 96 1.43 38.14 2.28
CA ILE B 96 0.80 39.08 3.22
C ILE B 96 -0.18 40.00 2.46
N SER B 97 -1.46 39.96 2.83
CA SER B 97 -2.45 40.87 2.25
C SER B 97 -2.82 41.95 3.24
N GLY B 98 -2.93 43.18 2.76
CA GLY B 98 -3.66 44.21 3.48
C GLY B 98 -5.13 43.80 3.51
N SER B 99 -5.84 44.17 4.57
CA SER B 99 -7.25 43.81 4.68
C SER B 99 -8.05 44.95 5.32
N PRO B 100 -9.39 44.81 5.38
CA PRO B 100 -10.24 45.90 5.85
C PRO B 100 -9.95 46.48 7.22
N ASN B 101 -10.32 47.74 7.40
CA ASN B 101 -10.25 48.44 8.67
C ASN B 101 -11.02 47.66 9.72
N THR B 102 -10.49 47.60 10.92
CA THR B 102 -11.09 46.79 11.99
C THR B 102 -12.51 47.24 12.31
N ASN B 103 -12.77 48.54 12.17
CA ASN B 103 -14.07 49.12 12.51
C ASN B 103 -15.21 48.69 11.58
N ASP B 104 -14.92 48.20 10.38
CA ASP B 104 -15.96 47.68 9.50
C ASP B 104 -16.45 46.27 9.86
N TYR B 105 -15.73 45.53 10.69
CA TYR B 105 -16.19 44.19 11.09
C TYR B 105 -17.44 44.30 11.98
N GLY B 106 -18.43 43.46 11.70
CA GLY B 106 -19.70 43.48 12.44
C GLY B 106 -20.61 44.68 12.24
N THR B 107 -20.49 45.36 11.10
CA THR B 107 -21.30 46.56 10.78
C THR B 107 -22.28 46.40 9.63
N GLY B 108 -21.96 45.53 8.68
CA GLY B 108 -22.72 45.37 7.45
C GLY B 108 -22.24 46.21 6.28
N HIS B 109 -21.14 46.94 6.44
CA HIS B 109 -20.61 47.81 5.39
C HIS B 109 -20.13 47.04 4.15
N ILE B 110 -20.37 47.63 2.97
CA ILE B 110 -19.88 47.08 1.71
C ILE B 110 -18.57 47.80 1.41
N LEU B 111 -17.53 47.05 1.07
CA LEU B 111 -16.19 47.63 0.92
C LEU B 111 -15.67 47.43 -0.48
N HIS B 112 -14.89 48.41 -0.96
CA HIS B 112 -14.22 48.32 -2.25
C HIS B 112 -13.24 47.13 -2.30
N HIS B 113 -13.02 46.61 -3.51
CA HIS B 113 -12.28 45.37 -3.76
C HIS B 113 -12.90 44.14 -3.08
N THR B 114 -14.20 44.12 -2.85
CA THR B 114 -14.85 42.91 -2.39
C THR B 114 -15.92 42.54 -3.38
N ILE B 115 -16.43 41.33 -3.22
CA ILE B 115 -17.55 40.85 -4.06
C ILE B 115 -18.87 41.58 -3.80
N GLY B 116 -18.93 42.40 -2.75
CA GLY B 116 -20.05 43.29 -2.50
C GLY B 116 -21.03 42.79 -1.44
N THR B 117 -20.66 41.72 -0.73
CA THR B 117 -21.44 41.21 0.40
C THR B 117 -20.79 41.65 1.71
N THR B 118 -21.38 41.26 2.84
CA THR B 118 -20.80 41.57 4.15
C THR B 118 -19.72 40.59 4.61
N ASP B 119 -19.45 39.53 3.84
CA ASP B 119 -18.41 38.57 4.17
C ASP B 119 -17.04 39.14 3.75
N TYR B 120 -16.20 39.48 4.72
CA TYR B 120 -14.80 39.80 4.45
C TYR B 120 -13.86 38.61 4.64
N ASN B 121 -14.39 37.50 5.15
CA ASN B 121 -13.63 36.32 5.49
C ASN B 121 -13.34 35.42 4.27
N TYR B 122 -14.00 35.65 3.14
CA TYR B 122 -13.91 34.74 1.99
C TYR B 122 -12.50 34.54 1.42
N GLN B 123 -11.68 35.58 1.46
CA GLN B 123 -10.28 35.48 1.01
C GLN B 123 -9.45 34.54 1.88
N LEU B 124 -9.58 34.69 3.19
CA LEU B 124 -8.93 33.76 4.12
C LEU B 124 -9.39 32.33 3.86
N GLU B 125 -10.69 32.14 3.65
CA GLU B 125 -11.25 30.80 3.45
C GLU B 125 -10.74 30.15 2.15
N MET B 126 -10.57 30.96 1.11
CA MET B 126 -10.03 30.47 -0.16
C MET B 126 -8.56 30.06 -0.03
N VAL B 127 -7.77 30.93 0.59
CA VAL B 127 -6.32 30.75 0.62
C VAL B 127 -5.88 29.59 1.53
N LYS B 128 -6.72 29.18 2.49
CA LYS B 128 -6.45 28.00 3.33
C LYS B 128 -6.22 26.73 2.50
N HIS B 129 -6.87 26.64 1.34
CA HIS B 129 -6.76 25.46 0.47
C HIS B 129 -5.40 25.30 -0.22
N VAL B 130 -4.61 26.38 -0.28
CA VAL B 130 -3.29 26.39 -0.92
C VAL B 130 -2.16 26.81 0.03
N THR B 131 -2.38 26.73 1.36
CA THR B 131 -1.34 27.08 2.36
C THR B 131 -1.24 26.06 3.51
N CYS B 132 -0.12 26.10 4.25
CA CYS B 132 0.03 25.28 5.48
C CYS B 132 -0.41 26.05 6.73
N ALA B 133 -0.49 27.37 6.62
CA ALA B 133 -0.97 28.21 7.70
C ALA B 133 -1.54 29.49 7.09
N ALA B 134 -2.56 30.05 7.74
CA ALA B 134 -3.23 31.25 7.28
C ALA B 134 -3.87 31.92 8.49
N GLU B 135 -3.53 33.18 8.71
CA GLU B 135 -4.05 33.89 9.88
C GLU B 135 -4.42 35.30 9.49
N SER B 136 -5.29 35.88 10.31
CA SER B 136 -5.83 37.21 10.10
C SER B 136 -5.53 38.03 11.33
N ILE B 137 -4.94 39.21 11.16
CA ILE B 137 -4.55 40.06 12.29
C ILE B 137 -5.44 41.29 12.33
N VAL B 138 -6.16 41.44 13.44
CA VAL B 138 -7.05 42.59 13.67
C VAL B 138 -6.75 43.35 14.97
N SER B 139 -5.65 43.01 15.65
CA SER B 139 -5.21 43.72 16.84
C SER B 139 -3.70 43.58 16.97
N ALA B 140 -3.06 44.61 17.50
CA ALA B 140 -1.61 44.59 17.70
C ALA B 140 -1.20 43.56 18.75
N GLU B 141 -2.04 43.39 19.76
CA GLU B 141 -1.87 42.36 20.80
C GLU B 141 -1.68 40.93 20.25
N GLU B 142 -2.42 40.57 19.20
CA GLU B 142 -2.37 39.21 18.67
C GLU B 142 -1.37 39.05 17.54
N ALA B 143 -0.85 40.16 17.01
CA ALA B 143 0.02 40.13 15.82
C ALA B 143 1.29 39.26 15.95
N PRO B 144 2.02 39.37 17.08
CA PRO B 144 3.25 38.58 17.24
C PRO B 144 3.06 37.08 17.07
N ALA B 145 2.12 36.51 17.84
CA ALA B 145 1.81 35.09 17.78
C ALA B 145 1.40 34.63 16.38
N LYS B 146 0.63 35.45 15.66
CA LYS B 146 0.18 35.07 14.33
C LYS B 146 1.26 35.21 13.27
N ILE B 147 2.04 36.29 13.33
CA ILE B 147 3.20 36.43 12.44
C ILE B 147 4.15 35.24 12.59
N ASP B 148 4.50 34.90 13.83
CA ASP B 148 5.52 33.86 14.05
C ASP B 148 5.03 32.48 13.71
N HIS B 149 3.77 32.18 14.04
CA HIS B 149 3.15 30.91 13.65
C HIS B 149 3.15 30.68 12.14
N VAL B 150 2.85 31.73 11.40
CA VAL B 150 2.84 31.68 9.94
C VAL B 150 4.25 31.41 9.39
N ILE B 151 5.20 32.21 9.84
CA ILE B 151 6.60 32.08 9.40
C ILE B 151 7.21 30.72 9.81
N ARG B 152 7.04 30.33 11.07
CA ARG B 152 7.65 29.06 11.58
C ARG B 152 7.11 27.82 10.90
N THR B 153 5.79 27.81 10.67
CA THR B 153 5.14 26.66 10.05
C THR B 153 5.58 26.53 8.60
N ALA B 154 5.58 27.65 7.89
CA ALA B 154 6.09 27.69 6.50
C ALA B 154 7.49 27.08 6.37
N LEU B 155 8.40 27.58 7.21
CA LEU B 155 9.81 27.16 7.16
C LEU B 155 9.97 25.68 7.46
N ARG B 156 9.29 25.21 8.51
CA ARG B 156 9.36 23.80 8.90
C ARG B 156 8.70 22.86 7.90
N GLU B 157 7.49 23.21 7.44
CA GLU B 157 6.80 22.34 6.48
C GLU B 157 7.29 22.49 5.04
N ARG B 158 8.06 23.54 4.76
CA ARG B 158 8.48 23.88 3.39
C ARG B 158 7.24 24.06 2.50
N LYS B 159 6.34 24.93 2.96
CA LYS B 159 5.07 25.22 2.27
C LYS B 159 4.78 26.70 2.47
N PRO B 160 4.00 27.30 1.55
CA PRO B 160 3.66 28.71 1.74
C PRO B 160 2.62 28.91 2.82
N ALA B 161 2.53 30.15 3.30
CA ALA B 161 1.59 30.54 4.33
C ALA B 161 1.07 31.93 4.03
N TYR B 162 0.00 32.32 4.74
CA TYR B 162 -0.71 33.56 4.48
C TYR B 162 -0.96 34.34 5.74
N LEU B 163 -0.84 35.65 5.61
CA LEU B 163 -1.21 36.60 6.66
C LEU B 163 -2.06 37.69 6.04
N GLU B 164 -3.15 38.07 6.69
CA GLU B 164 -3.77 39.34 6.39
C GLU B 164 -3.63 40.24 7.59
N ILE B 165 -3.43 41.53 7.31
CA ILE B 165 -3.27 42.52 8.38
C ILE B 165 -4.21 43.66 8.06
N ALA B 166 -5.01 44.04 9.05
CA ALA B 166 -5.95 45.14 8.89
C ALA B 166 -5.16 46.42 8.64
N CYS B 167 -5.60 47.17 7.63
CA CYS B 167 -4.95 48.40 7.21
C CYS B 167 -4.72 49.41 8.33
N ASN B 168 -5.59 49.42 9.34
CA ASN B 168 -5.39 50.30 10.50
C ASN B 168 -4.67 49.64 11.71
N VAL B 169 -4.17 48.42 11.53
CA VAL B 169 -3.34 47.74 12.54
C VAL B 169 -1.85 47.70 12.14
N ALA B 170 -1.55 47.79 10.84
CA ALA B 170 -0.16 47.70 10.37
C ALA B 170 0.78 48.73 11.04
N GLY B 171 0.25 49.92 11.32
CA GLY B 171 0.99 50.97 12.02
C GLY B 171 0.65 51.15 13.49
N ALA B 172 -0.02 50.17 14.10
CA ALA B 172 -0.36 50.23 15.53
C ALA B 172 0.86 49.79 16.36
N GLU B 173 1.00 50.36 17.56
N GLU B 173 0.99 50.34 17.57
CA GLU B 173 2.08 50.02 18.52
CA GLU B 173 2.12 50.02 18.45
C GLU B 173 2.11 48.52 18.82
C GLU B 173 2.14 48.54 18.85
N CYS B 174 3.29 47.91 18.68
CA CYS B 174 3.46 46.48 18.89
C CYS B 174 4.69 46.23 19.77
N VAL B 175 4.66 45.14 20.51
CA VAL B 175 5.83 44.68 21.27
C VAL B 175 6.97 44.31 20.30
N ARG B 176 8.20 44.37 20.79
CA ARG B 176 9.40 44.04 19.98
C ARG B 176 9.66 42.53 20.00
N PRO B 177 10.16 41.97 18.88
CA PRO B 177 10.50 40.54 18.83
C PRO B 177 11.85 40.25 19.51
N GLY B 178 11.95 39.11 20.17
CA GLY B 178 13.18 38.70 20.83
C GLY B 178 14.21 38.16 19.86
N PRO B 179 15.49 38.07 20.31
CA PRO B 179 16.56 37.51 19.47
C PRO B 179 16.42 36.01 19.26
N ILE B 180 16.91 35.54 18.12
CA ILE B 180 16.75 34.14 17.72
C ILE B 180 18.02 33.61 17.05
N ASN B 181 18.22 32.31 17.17
CA ASN B 181 19.21 31.57 16.41
C ASN B 181 18.75 31.34 14.96
N SER B 182 17.51 30.88 14.83
CA SER B 182 16.91 30.52 13.54
C SER B 182 15.42 30.37 13.77
N LEU B 183 14.60 30.85 12.83
CA LEU B 183 13.16 30.57 12.89
C LEU B 183 12.78 29.19 12.36
N LEU B 184 13.72 28.47 11.73
CA LEU B 184 13.54 27.05 11.41
C LEU B 184 13.89 26.20 12.64
N ARG B 185 12.88 25.57 13.24
CA ARG B 185 13.05 24.62 14.35
C ARG B 185 12.43 23.32 13.91
N GLU B 186 13.22 22.25 13.81
CA GLU B 186 12.72 20.95 13.37
C GLU B 186 12.09 20.20 14.54
N LEU B 187 11.34 19.15 14.22
CA LEU B 187 10.81 18.23 15.22
C LEU B 187 11.95 17.37 15.76
N GLU B 188 11.85 16.98 17.02
CA GLU B 188 12.84 16.06 17.61
C GLU B 188 12.77 14.71 16.91
N VAL B 189 13.92 14.12 16.64
CA VAL B 189 13.99 12.82 15.98
C VAL B 189 13.92 11.68 17.00
N ASP B 190 13.19 10.62 16.61
CA ASP B 190 13.00 9.43 17.44
C ASP B 190 14.12 8.43 17.10
N GLN B 191 15.11 8.31 18.00
CA GLN B 191 16.28 7.44 17.77
C GLN B 191 15.97 5.96 17.74
N THR B 192 15.01 5.51 18.54
CA THR B 192 14.47 4.16 18.44
C THR B 192 14.01 3.82 17.01
N SER B 193 13.36 4.76 16.34
CA SER B 193 12.89 4.56 14.97
C SER B 193 14.04 4.54 13.96
N VAL B 194 14.97 5.48 14.08
CA VAL B 194 16.14 5.57 13.19
C VAL B 194 16.92 4.27 13.22
N THR B 195 17.25 3.82 14.43
CA THR B 195 18.00 2.58 14.63
C THR B 195 17.32 1.38 13.98
N ALA B 196 16.02 1.23 14.23
CA ALA B 196 15.28 0.10 13.67
C ALA B 196 15.20 0.18 12.15
N ALA B 197 15.00 1.38 11.63
CA ALA B 197 14.95 1.61 10.18
C ALA B 197 16.29 1.23 9.53
N VAL B 198 17.39 1.70 10.12
CA VAL B 198 18.73 1.38 9.62
C VAL B 198 18.98 -0.13 9.67
N ASP B 199 18.77 -0.75 10.83
CA ASP B 199 18.99 -2.20 10.97
C ASP B 199 18.15 -2.99 9.96
N ALA B 200 16.89 -2.59 9.77
CA ALA B 200 16.04 -3.24 8.77
C ALA B 200 16.55 -3.00 7.34
N ALA B 201 17.05 -1.79 7.06
CA ALA B 201 17.63 -1.49 5.74
C ALA B 201 18.88 -2.34 5.40
N VAL B 202 19.77 -2.50 6.38
CA VAL B 202 20.97 -3.34 6.21
C VAL B 202 20.59 -4.79 5.91
N GLU B 203 19.66 -5.35 6.69
CA GLU B 203 19.17 -6.71 6.46
C GLU B 203 18.50 -6.88 5.08
N TRP B 204 17.78 -5.86 4.65
CA TRP B 204 17.10 -5.87 3.35
C TRP B 204 18.09 -5.83 2.19
N LEU B 205 19.21 -5.13 2.38
CA LEU B 205 20.25 -5.04 1.35
C LEU B 205 21.18 -6.27 1.26
N GLN B 206 21.04 -7.27 2.16
CA GLN B 206 21.97 -8.41 2.21
C GLN B 206 22.03 -9.21 0.91
N ASP B 207 20.87 -9.57 0.36
CA ASP B 207 20.80 -10.36 -0.89
C ASP B 207 20.42 -9.54 -2.13
N ARG B 208 20.76 -8.24 -2.11
CA ARG B 208 20.47 -7.33 -3.21
C ARG B 208 21.77 -6.70 -3.67
N GLN B 209 22.34 -7.24 -4.75
CA GLN B 209 23.65 -6.80 -5.25
C GLN B 209 23.57 -5.57 -6.15
N ASN B 210 22.56 -5.52 -7.02
CA ASN B 210 22.33 -4.38 -7.91
C ASN B 210 21.47 -3.26 -7.28
N VAL B 211 22.13 -2.27 -6.69
CA VAL B 211 21.50 -1.18 -5.96
C VAL B 211 21.60 0.09 -6.79
N VAL B 212 20.51 0.85 -6.86
CA VAL B 212 20.49 2.15 -7.55
C VAL B 212 19.76 3.19 -6.69
N MET B 213 20.37 4.35 -6.50
CA MET B 213 19.71 5.49 -5.89
C MET B 213 18.98 6.31 -6.95
N LEU B 214 17.71 6.61 -6.69
CA LEU B 214 16.88 7.43 -7.55
C LEU B 214 16.55 8.70 -6.78
N VAL B 215 17.11 9.82 -7.20
CA VAL B 215 16.97 11.08 -6.48
C VAL B 215 15.72 11.82 -6.97
N GLY B 216 14.91 12.29 -6.03
CA GLY B 216 13.60 12.87 -6.31
C GLY B 216 13.53 14.34 -6.00
N SER B 217 12.40 14.95 -6.39
CA SER B 217 12.25 16.40 -6.40
C SER B 217 11.97 17.05 -5.05
N LYS B 218 11.71 16.25 -4.02
CA LYS B 218 11.61 16.79 -2.66
C LYS B 218 12.95 16.75 -1.88
N LEU B 219 14.07 16.43 -2.54
CA LEU B 219 15.34 16.31 -1.82
C LEU B 219 15.82 17.63 -1.24
N ARG B 220 15.65 18.75 -1.97
CA ARG B 220 15.98 20.08 -1.44
C ARG B 220 15.06 20.48 -0.29
N ALA B 221 13.78 20.15 -0.38
CA ALA B 221 12.82 20.40 0.71
C ALA B 221 13.24 19.66 1.99
N ALA B 222 13.71 18.42 1.85
CA ALA B 222 14.25 17.66 2.98
C ALA B 222 15.58 18.19 3.55
N ALA B 223 16.27 19.07 2.83
CA ALA B 223 17.58 19.61 3.20
C ALA B 223 18.61 18.48 3.37
N ALA B 224 18.56 17.52 2.43
CA ALA B 224 19.33 16.28 2.48
C ALA B 224 20.20 16.04 1.23
N GLU B 225 20.60 17.11 0.54
CA GLU B 225 21.50 16.99 -0.62
C GLU B 225 22.88 16.42 -0.21
N LYS B 226 23.46 16.94 0.87
CA LYS B 226 24.76 16.44 1.37
C LYS B 226 24.70 14.99 1.84
N GLN B 227 23.64 14.63 2.54
CA GLN B 227 23.48 13.28 3.07
C GLN B 227 23.26 12.25 1.96
N ALA B 228 22.61 12.69 0.88
CA ALA B 228 22.48 11.86 -0.31
C ALA B 228 23.86 11.51 -0.89
N VAL B 229 24.74 12.50 -0.96
CA VAL B 229 26.12 12.32 -1.46
C VAL B 229 26.90 11.34 -0.54
N ALA B 230 26.82 11.56 0.77
CA ALA B 230 27.45 10.65 1.74
C ALA B 230 26.97 9.20 1.61
N LEU B 231 25.67 9.03 1.35
CA LEU B 231 25.10 7.69 1.18
C LEU B 231 25.54 7.04 -0.12
N ALA B 232 25.56 7.82 -1.20
CA ALA B 232 26.02 7.31 -2.51
C ALA B 232 27.50 6.89 -2.43
N ASP B 233 28.31 7.74 -1.84
CA ASP B 233 29.74 7.47 -1.64
C ASP B 233 29.99 6.18 -0.86
N ARG B 234 29.22 5.94 0.21
CA ARG B 234 29.41 4.74 1.00
C ARG B 234 28.92 3.47 0.31
N LEU B 235 27.75 3.52 -0.33
CA LEU B 235 27.27 2.40 -1.15
C LEU B 235 28.13 2.16 -2.39
N GLY B 236 28.68 3.24 -2.96
CA GLY B 236 29.39 3.17 -4.23
C GLY B 236 28.53 2.71 -5.39
N CYS B 237 27.20 2.89 -5.28
CA CYS B 237 26.25 2.39 -6.26
C CYS B 237 25.93 3.46 -7.31
N ALA B 238 25.22 3.07 -8.35
CA ALA B 238 24.76 4.01 -9.38
C ALA B 238 23.75 5.00 -8.80
N VAL B 239 23.78 6.23 -9.29
CA VAL B 239 22.84 7.28 -8.86
C VAL B 239 22.16 7.91 -10.06
N THR B 240 20.84 7.89 -10.07
CA THR B 240 20.02 8.52 -11.10
C THR B 240 19.14 9.62 -10.50
N ILE B 241 18.68 10.53 -11.35
CA ILE B 241 17.72 11.56 -10.93
C ILE B 241 16.41 11.37 -11.69
N MET B 242 15.32 11.80 -11.05
CA MET B 242 14.04 12.00 -11.74
C MET B 242 14.12 13.36 -12.39
N ALA B 243 13.26 13.59 -13.38
CA ALA B 243 13.30 14.82 -14.19
C ALA B 243 13.26 16.09 -13.34
N ALA B 244 12.35 16.12 -12.37
CA ALA B 244 12.18 17.30 -11.53
C ALA B 244 13.30 17.52 -10.49
N ALA B 245 14.22 16.57 -10.37
CA ALA B 245 15.29 16.64 -9.36
C ALA B 245 16.63 17.13 -9.90
N LYS B 246 16.65 17.72 -11.09
CA LYS B 246 17.89 18.14 -11.74
C LYS B 246 18.62 19.20 -10.92
N GLY B 247 19.93 19.02 -10.76
CA GLY B 247 20.74 19.88 -9.90
C GLY B 247 20.73 19.54 -8.41
N PHE B 248 19.93 18.55 -7.98
CA PHE B 248 19.89 18.17 -6.56
C PHE B 248 20.94 17.12 -6.21
N PHE B 249 21.49 16.45 -7.21
CA PHE B 249 22.64 15.57 -7.05
C PHE B 249 23.68 15.99 -8.10
N PRO B 250 24.98 16.00 -7.75
CA PRO B 250 25.98 16.45 -8.72
C PRO B 250 26.16 15.49 -9.91
N GLU B 251 25.98 15.98 -11.12
CA GLU B 251 26.12 15.16 -12.33
C GLU B 251 27.61 14.88 -12.65
N ASP B 252 28.51 15.70 -12.07
CA ASP B 252 29.97 15.43 -11.95
C ASP B 252 30.34 14.09 -11.34
N HIS B 253 29.54 13.64 -10.37
CA HIS B 253 29.85 12.47 -9.54
C HIS B 253 30.21 11.25 -10.38
N PRO B 254 31.30 10.54 -10.03
CA PRO B 254 31.74 9.42 -10.86
C PRO B 254 30.72 8.27 -11.01
N ASN B 255 29.88 8.09 -9.99
CA ASN B 255 28.82 7.08 -10.02
C ASN B 255 27.45 7.54 -10.59
N PHE B 256 27.32 8.80 -11.03
CA PHE B 256 26.09 9.28 -11.68
C PHE B 256 25.85 8.58 -13.02
N ARG B 257 24.65 8.05 -13.23
CA ARG B 257 24.27 7.34 -14.46
C ARG B 257 23.01 7.89 -15.15
N GLY B 258 22.67 9.15 -14.88
CA GLY B 258 21.73 9.91 -15.72
C GLY B 258 20.31 10.07 -15.21
N LEU B 259 19.42 10.39 -16.16
CA LEU B 259 18.02 10.68 -15.90
C LEU B 259 17.16 9.42 -16.04
N TYR B 260 16.38 9.10 -15.00
CA TYR B 260 15.33 8.08 -15.09
C TYR B 260 14.00 8.80 -15.28
N TRP B 261 13.33 8.52 -16.40
CA TRP B 261 12.04 9.13 -16.74
C TRP B 261 11.32 8.26 -17.75
N GLY B 262 11.13 7.00 -17.36
CA GLY B 262 10.50 5.98 -18.18
C GLY B 262 11.17 5.77 -19.54
N GLU B 263 10.36 5.87 -20.60
CA GLU B 263 10.83 5.70 -21.96
C GLU B 263 11.65 6.88 -22.46
N VAL B 264 11.53 8.05 -21.81
CA VAL B 264 12.35 9.22 -22.16
C VAL B 264 13.55 9.42 -21.23
N SER B 265 14.06 8.33 -20.67
CA SER B 265 15.29 8.36 -19.85
C SER B 265 16.56 8.62 -20.68
N SER B 266 17.67 8.91 -20.01
CA SER B 266 19.01 8.90 -20.60
C SER B 266 19.36 7.47 -21.01
N GLU B 267 20.34 7.34 -21.90
CA GLU B 267 20.81 6.03 -22.36
C GLU B 267 21.21 5.15 -21.17
N GLY B 268 20.71 3.92 -21.14
CA GLY B 268 20.99 2.97 -20.08
C GLY B 268 20.15 3.09 -18.81
N ALA B 269 19.69 4.31 -18.49
CA ALA B 269 19.11 4.58 -17.17
C ALA B 269 17.80 3.84 -16.89
N GLN B 270 16.99 3.63 -17.92
CA GLN B 270 15.74 2.89 -17.77
C GLN B 270 16.00 1.46 -17.35
N GLU B 271 16.89 0.80 -18.09
CA GLU B 271 17.32 -0.58 -17.81
C GLU B 271 17.98 -0.71 -16.43
N LEU B 272 18.77 0.29 -16.07
CA LEU B 272 19.49 0.33 -14.78
C LEU B 272 18.51 0.28 -13.60
N VAL B 273 17.55 1.22 -13.60
CA VAL B 273 16.57 1.37 -12.54
C VAL B 273 15.60 0.20 -12.51
N GLU B 274 14.98 -0.10 -13.65
CA GLU B 274 13.94 -1.13 -13.72
C GLU B 274 14.41 -2.57 -13.47
N ASN B 275 15.69 -2.86 -13.67
CA ASN B 275 16.24 -4.20 -13.37
C ASN B 275 16.94 -4.34 -12.02
N ALA B 276 17.08 -3.25 -11.28
CA ALA B 276 17.76 -3.28 -9.98
C ALA B 276 17.07 -4.19 -8.97
N ASP B 277 17.85 -4.86 -8.12
CA ASP B 277 17.34 -5.64 -6.99
C ASP B 277 16.92 -4.71 -5.84
N ALA B 278 17.47 -3.49 -5.82
CA ALA B 278 17.12 -2.49 -4.82
C ALA B 278 17.12 -1.10 -5.44
N ILE B 279 16.00 -0.41 -5.35
CA ILE B 279 15.89 0.99 -5.77
C ILE B 279 15.64 1.84 -4.53
N LEU B 280 16.58 2.73 -4.22
CA LEU B 280 16.47 3.65 -3.10
C LEU B 280 15.97 4.99 -3.61
N CYS B 281 14.68 5.27 -3.43
CA CYS B 281 14.08 6.52 -3.89
C CYS B 281 14.18 7.58 -2.81
N LEU B 282 14.88 8.67 -3.09
CA LEU B 282 15.09 9.74 -2.12
C LEU B 282 14.17 10.92 -2.40
N ALA B 283 13.07 11.00 -1.66
CA ALA B 283 12.11 12.09 -1.71
C ALA B 283 11.45 12.25 -3.10
N PRO B 284 10.85 11.15 -3.61
CA PRO B 284 10.21 11.21 -4.92
C PRO B 284 8.82 11.86 -4.87
N VAL B 285 8.40 12.39 -6.01
CA VAL B 285 6.99 12.70 -6.27
C VAL B 285 6.64 11.96 -7.56
N PHE B 286 5.88 10.89 -7.42
CA PHE B 286 5.47 10.07 -8.54
C PHE B 286 4.11 10.53 -9.06
N ASN B 287 4.10 11.70 -9.71
CA ASN B 287 2.87 12.22 -10.32
C ASN B 287 2.68 11.65 -11.73
N ASP B 288 1.56 12.00 -12.38
CA ASP B 288 1.25 11.50 -13.72
C ASP B 288 2.24 11.92 -14.84
N TYR B 289 2.81 13.11 -14.72
CA TYR B 289 3.85 13.59 -15.66
C TYR B 289 5.21 12.90 -15.43
N ALA B 290 5.61 12.77 -14.17
CA ALA B 290 6.85 12.08 -13.80
C ALA B 290 6.86 10.58 -14.12
N THR B 291 5.69 9.93 -14.11
CA THR B 291 5.63 8.49 -14.39
C THR B 291 5.29 8.18 -15.86
N VAL B 292 5.23 9.21 -16.71
CA VAL B 292 4.83 9.09 -18.11
C VAL B 292 3.45 8.42 -18.23
N GLY B 293 2.48 8.96 -17.49
CA GLY B 293 1.10 8.45 -17.51
C GLY B 293 0.94 7.10 -16.85
N TRP B 294 1.54 6.95 -15.68
CA TRP B 294 1.51 5.71 -14.87
C TRP B 294 2.16 4.47 -15.51
N ASN B 295 3.02 4.65 -16.53
CA ASN B 295 3.72 3.52 -17.15
C ASN B 295 5.05 3.17 -16.45
N SER B 296 5.71 4.18 -15.90
CA SER B 296 7.03 4.05 -15.31
C SER B 296 7.04 4.55 -13.86
N TRP B 297 6.61 3.68 -12.95
CA TRP B 297 6.41 4.00 -11.53
C TRP B 297 7.02 2.86 -10.73
N PRO B 298 8.27 3.02 -10.26
CA PRO B 298 8.86 1.96 -9.42
C PRO B 298 8.16 1.78 -8.06
N LYS B 299 7.71 0.56 -7.78
CA LYS B 299 7.11 0.19 -6.49
C LYS B 299 7.27 -1.31 -6.23
N GLY B 300 6.87 -1.76 -5.05
CA GLY B 300 6.91 -3.19 -4.69
C GLY B 300 8.15 -3.59 -3.90
N ASP B 301 8.45 -4.90 -3.93
CA ASP B 301 9.48 -5.52 -3.07
C ASP B 301 10.89 -4.91 -3.20
N ASN B 302 11.25 -4.46 -4.41
CA ASN B 302 12.59 -3.96 -4.73
C ASN B 302 12.81 -2.49 -4.44
N VAL B 303 11.81 -1.81 -3.85
CA VAL B 303 11.80 -0.36 -3.75
C VAL B 303 11.79 0.10 -2.29
N MET B 304 12.65 1.06 -1.99
CA MET B 304 12.64 1.76 -0.72
C MET B 304 12.28 3.21 -1.00
N VAL B 305 11.21 3.68 -0.37
CA VAL B 305 10.78 5.07 -0.52
C VAL B 305 11.20 5.86 0.72
N MET B 306 12.12 6.80 0.53
CA MET B 306 12.55 7.69 1.60
C MET B 306 11.86 9.04 1.40
N ASP B 307 10.77 9.26 2.15
CA ASP B 307 10.09 10.55 2.16
C ASP B 307 10.85 11.49 3.08
N THR B 308 10.41 12.75 3.17
CA THR B 308 11.04 13.73 4.05
C THR B 308 11.03 13.34 5.53
N ASP B 309 10.05 12.52 5.95
CA ASP B 309 9.81 12.23 7.35
C ASP B 309 9.52 10.73 7.66
N ARG B 310 9.92 9.83 6.75
CA ARG B 310 9.46 8.46 6.80
C ARG B 310 10.28 7.62 5.85
N VAL B 311 10.45 6.33 6.17
CA VAL B 311 11.04 5.35 5.25
C VAL B 311 10.16 4.13 5.17
N THR B 312 9.95 3.65 3.96
CA THR B 312 9.08 2.52 3.72
C THR B 312 9.76 1.51 2.81
N PHE B 313 9.80 0.25 3.26
CA PHE B 313 10.40 -0.84 2.50
C PHE B 313 10.17 -2.14 3.25
N ALA B 314 10.19 -3.27 2.54
CA ALA B 314 10.08 -4.61 3.17
C ALA B 314 8.84 -4.77 4.07
N GLY B 315 7.70 -4.27 3.60
CA GLY B 315 6.45 -4.35 4.37
C GLY B 315 6.43 -3.61 5.70
N GLN B 316 7.29 -2.59 5.85
CA GLN B 316 7.39 -1.81 7.07
C GLN B 316 7.52 -0.33 6.79
N SER B 317 7.07 0.50 7.72
CA SER B 317 7.25 1.94 7.61
C SER B 317 7.72 2.54 8.93
N PHE B 318 8.74 3.39 8.85
CA PHE B 318 9.43 3.96 10.02
C PHE B 318 9.30 5.47 9.93
N GLU B 319 8.73 6.09 10.96
CA GLU B 319 8.50 7.54 10.96
C GLU B 319 9.10 8.12 12.22
N GLY B 320 8.91 9.41 12.44
CA GLY B 320 9.58 10.11 13.54
C GLY B 320 11.05 10.33 13.27
N LEU B 321 11.42 10.36 11.99
CA LEU B 321 12.79 10.58 11.57
C LEU B 321 12.74 11.58 10.44
N SER B 322 13.89 11.86 9.85
CA SER B 322 13.96 12.74 8.69
C SER B 322 14.87 12.11 7.66
N LEU B 323 14.69 12.48 6.40
CA LEU B 323 15.50 11.93 5.32
C LEU B 323 16.97 12.16 5.62
N SER B 324 17.29 13.37 6.08
CA SER B 324 18.66 13.76 6.45
C SER B 324 19.28 12.82 7.50
N THR B 325 18.56 12.59 8.61
N THR B 325 18.56 12.59 8.61
CA THR B 325 19.08 11.77 9.70
CA THR B 325 19.07 11.76 9.70
C THR B 325 19.11 10.27 9.37
C THR B 325 19.12 10.26 9.36
N PHE B 326 18.12 9.78 8.62
CA PHE B 326 18.12 8.39 8.17
C PHE B 326 19.23 8.12 7.14
N ALA B 327 19.42 9.03 6.19
CA ALA B 327 20.41 8.83 5.12
C ALA B 327 21.83 8.79 5.70
N ALA B 328 22.13 9.74 6.59
CA ALA B 328 23.38 9.79 7.36
C ALA B 328 23.61 8.51 8.16
N ALA B 329 22.61 8.13 8.96
CA ALA B 329 22.70 6.92 9.77
C ALA B 329 22.88 5.67 8.91
N LEU B 330 22.17 5.58 7.80
CA LEU B 330 22.33 4.47 6.88
C LEU B 330 23.71 4.48 6.21
N ALA B 331 24.24 5.65 5.88
CA ALA B 331 25.60 5.76 5.32
C ALA B 331 26.65 5.17 6.26
N GLU B 332 26.48 5.37 7.56
CA GLU B 332 27.35 4.78 8.59
C GLU B 332 27.45 3.25 8.51
N LYS B 333 26.32 2.56 8.26
CA LYS B 333 26.23 1.10 8.35
C LYS B 333 25.98 0.37 7.02
N ALA B 334 25.96 1.10 5.90
CA ALA B 334 25.56 0.54 4.61
C ALA B 334 26.66 -0.36 4.03
N PRO B 335 26.30 -1.52 3.45
CA PRO B 335 27.31 -2.34 2.78
C PRO B 335 27.77 -1.71 1.47
N SER B 336 28.98 -2.06 1.04
CA SER B 336 29.48 -1.68 -0.28
C SER B 336 28.66 -2.41 -1.33
N ARG B 337 28.10 -1.66 -2.27
CA ARG B 337 27.30 -2.24 -3.35
C ARG B 337 27.66 -1.59 -4.68
N PRO B 338 28.88 -1.86 -5.21
CA PRO B 338 29.39 -1.14 -6.38
C PRO B 338 29.03 -1.71 -7.77
N ALA B 339 28.30 -2.83 -7.82
CA ALA B 339 28.06 -3.56 -9.07
C ALA B 339 27.41 -2.75 -10.20
N THR B 340 26.56 -1.80 -9.86
CA THR B 340 25.85 -1.00 -10.84
C THR B 340 26.69 0.12 -11.47
N THR B 341 27.87 0.40 -10.92
CA THR B 341 28.80 1.39 -11.52
C THR B 341 29.85 0.79 -12.48
N GLN B 342 30.02 -0.53 -12.46
CA GLN B 342 31.07 -1.18 -13.23
C GLN B 342 30.68 -1.34 -14.71
N GLY B 343 31.48 -0.75 -15.59
CA GLY B 343 31.29 -0.88 -17.04
C GLY B 343 30.39 0.16 -17.70
N THR B 344 29.69 0.97 -16.91
CA THR B 344 28.80 2.03 -17.40
C THR B 344 29.43 3.43 -17.25
N GLN B 345 28.79 4.43 -17.85
CA GLN B 345 29.31 5.80 -17.90
C GLN B 345 28.17 6.82 -17.67
N ALA B 346 28.53 7.99 -17.14
CA ALA B 346 27.58 9.12 -17.06
C ALA B 346 27.19 9.56 -18.48
N PRO B 347 25.92 9.95 -18.69
CA PRO B 347 25.46 10.26 -20.04
C PRO B 347 26.09 11.54 -20.61
N VAL B 348 26.35 11.54 -21.91
CA VAL B 348 26.99 12.67 -22.59
C VAL B 348 25.95 13.44 -23.43
N LEU B 349 26.17 14.74 -23.61
CA LEU B 349 25.26 15.60 -24.39
C LEU B 349 25.06 15.03 -25.81
N GLY B 350 26.18 14.78 -26.49
CA GLY B 350 26.20 14.09 -27.77
C GLY B 350 25.58 14.86 -28.92
N ILE B 351 25.77 16.19 -28.92
CA ILE B 351 25.26 17.04 -30.00
C ILE B 351 26.48 17.65 -30.69
N GLU B 352 26.68 17.24 -31.95
CA GLU B 352 27.74 17.78 -32.81
C GLU B 352 27.38 19.21 -33.18
N ALA B 353 28.40 20.08 -33.23
CA ALA B 353 28.20 21.46 -33.69
C ALA B 353 27.65 21.48 -35.11
N ALA B 354 26.74 22.42 -35.36
CA ALA B 354 26.14 22.57 -36.68
C ALA B 354 27.03 23.47 -37.52
N GLU B 355 26.72 23.53 -38.83
N GLU B 355 26.74 23.52 -38.83
CA GLU B 355 27.36 24.46 -39.75
CA GLU B 355 27.43 24.45 -39.74
C GLU B 355 26.90 25.87 -39.37
C GLU B 355 26.92 25.86 -39.40
N PRO B 356 27.84 26.80 -39.07
CA PRO B 356 27.46 28.08 -38.42
C PRO B 356 26.41 28.99 -39.11
N ASN B 357 26.18 28.83 -40.42
CA ASN B 357 25.21 29.64 -41.15
C ASN B 357 23.92 28.90 -41.57
N ALA B 358 23.80 27.62 -41.22
CA ALA B 358 22.56 26.87 -41.43
C ALA B 358 21.46 27.38 -40.50
N PRO B 359 20.17 27.27 -40.92
CA PRO B 359 19.06 27.68 -40.04
C PRO B 359 19.10 26.99 -38.66
N LEU B 360 18.86 27.76 -37.62
CA LEU B 360 19.06 27.32 -36.24
C LEU B 360 18.20 26.13 -35.91
N THR B 361 18.81 25.08 -35.37
CA THR B 361 18.08 23.89 -34.91
C THR B 361 17.94 23.90 -33.39
N ASN B 362 17.02 23.07 -32.93
CA ASN B 362 16.78 22.87 -31.52
C ASN B 362 18.05 22.32 -30.84
N ASP B 363 18.66 21.31 -31.48
CA ASP B 363 19.94 20.73 -31.03
C ASP B 363 21.07 21.76 -30.92
N GLU B 364 21.23 22.57 -31.95
CA GLU B 364 22.28 23.60 -31.96
C GLU B 364 22.08 24.66 -30.86
N MET B 365 20.85 25.11 -30.71
CA MET B 365 20.50 26.02 -29.61
C MET B 365 20.77 25.38 -28.25
N THR B 366 20.35 24.14 -28.07
CA THR B 366 20.61 23.37 -26.85
C THR B 366 22.11 23.25 -26.58
N ARG B 367 22.91 23.03 -27.63
CA ARG B 367 24.37 22.91 -27.50
C ARG B 367 25.01 24.17 -26.95
N GLN B 368 24.62 25.34 -27.47
CA GLN B 368 25.21 26.60 -27.03
C GLN B 368 24.76 27.02 -25.63
N ILE B 369 23.50 26.75 -25.30
CA ILE B 369 23.00 27.04 -23.95
C ILE B 369 23.72 26.16 -22.93
N GLN B 370 23.91 24.88 -23.25
CA GLN B 370 24.60 23.96 -22.35
C GLN B 370 26.04 24.39 -22.03
N SER B 371 26.74 24.99 -23.00
CA SER B 371 28.10 25.53 -22.80
C SER B 371 28.18 26.72 -21.84
N LEU B 372 27.07 27.45 -21.69
CA LEU B 372 26.98 28.54 -20.73
C LEU B 372 26.83 28.14 -19.26
N ILE B 373 26.51 26.87 -18.99
CA ILE B 373 26.20 26.47 -17.63
C ILE B 373 27.49 26.14 -16.87
N THR B 374 27.89 27.04 -15.98
CA THR B 374 29.04 26.83 -15.08
C THR B 374 28.59 26.38 -13.70
N SER B 375 29.56 26.10 -12.83
CA SER B 375 29.28 25.73 -11.44
C SER B 375 28.60 26.84 -10.62
N ASP B 376 28.66 28.10 -11.08
CA ASP B 376 27.94 29.22 -10.47
C ASP B 376 26.74 29.72 -11.34
N THR B 377 26.11 28.80 -12.08
CA THR B 377 24.99 29.13 -12.97
C THR B 377 23.67 28.58 -12.43
N THR B 378 22.63 29.41 -12.52
CA THR B 378 21.25 28.97 -12.30
C THR B 378 20.47 28.99 -13.62
N LEU B 379 19.99 27.83 -14.04
CA LEU B 379 19.20 27.69 -15.26
C LEU B 379 17.71 27.47 -14.90
N THR B 380 16.86 28.45 -15.22
CA THR B 380 15.42 28.35 -15.03
C THR B 380 14.76 27.91 -16.34
N ALA B 381 14.15 26.73 -16.36
CA ALA B 381 13.57 26.13 -17.58
C ALA B 381 12.04 26.02 -17.51
N GLU B 382 11.38 26.66 -18.47
CA GLU B 382 9.93 26.78 -18.48
C GLU B 382 9.24 25.48 -18.92
N THR B 383 8.00 25.28 -18.46
CA THR B 383 7.12 24.24 -19.01
C THR B 383 6.94 24.49 -20.51
N GLY B 384 7.14 23.44 -21.30
CA GLY B 384 7.32 23.56 -22.75
C GLY B 384 8.34 22.54 -23.18
N ASP B 385 8.87 22.70 -24.40
CA ASP B 385 9.94 21.81 -24.88
C ASP B 385 11.25 22.11 -24.12
N SER B 386 11.36 23.28 -23.49
CA SER B 386 12.46 23.59 -22.56
C SER B 386 12.68 22.58 -21.42
N TRP B 387 11.61 21.93 -20.95
CA TRP B 387 11.70 20.80 -20.01
C TRP B 387 12.54 19.66 -20.56
N PHE B 388 12.35 19.37 -21.84
CA PHE B 388 13.02 18.24 -22.49
C PHE B 388 14.43 18.58 -22.97
N ASN B 389 14.66 19.84 -23.35
CA ASN B 389 16.01 20.31 -23.67
C ASN B 389 16.88 20.34 -22.42
N ALA B 390 16.39 21.00 -21.39
CA ALA B 390 17.08 21.06 -20.10
C ALA B 390 17.38 19.68 -19.51
N SER B 391 16.45 18.74 -19.64
N SER B 391 16.45 18.75 -19.65
CA SER B 391 16.63 17.40 -19.06
CA SER B 391 16.60 17.39 -19.10
C SER B 391 17.64 16.50 -19.80
C SER B 391 17.63 16.51 -19.79
N ARG B 392 18.14 16.93 -20.96
CA ARG B 392 19.19 16.19 -21.70
C ARG B 392 20.53 16.92 -21.73
N MET B 393 20.65 18.01 -20.97
CA MET B 393 21.89 18.76 -20.79
C MET B 393 22.64 18.27 -19.56
N PRO B 394 23.86 17.71 -19.74
CA PRO B 394 24.73 17.54 -18.56
C PRO B 394 25.10 18.87 -17.94
N ILE B 395 25.16 18.93 -16.61
CA ILE B 395 25.55 20.15 -15.90
C ILE B 395 26.72 19.88 -14.95
N PRO B 396 27.59 20.88 -14.74
CA PRO B 396 28.67 20.73 -13.75
C PRO B 396 28.14 20.78 -12.32
N GLY B 397 28.93 20.30 -11.37
CA GLY B 397 28.54 20.23 -9.97
C GLY B 397 28.48 21.65 -9.42
N GLY B 398 27.46 21.94 -8.62
CA GLY B 398 27.19 23.32 -8.17
C GLY B 398 26.18 24.08 -9.03
N ALA B 399 26.01 23.67 -10.29
CA ALA B 399 24.98 24.23 -11.17
C ALA B 399 23.60 23.96 -10.58
N ARG B 400 22.75 24.98 -10.63
CA ARG B 400 21.37 24.90 -10.17
C ARG B 400 20.43 24.94 -11.40
N VAL B 401 19.45 24.04 -11.42
CA VAL B 401 18.42 24.02 -12.45
C VAL B 401 17.05 24.11 -11.80
N GLU B 402 16.25 25.10 -12.21
CA GLU B 402 14.91 25.28 -11.66
C GLU B 402 13.82 24.87 -12.65
N LEU B 403 13.08 23.84 -12.27
CA LEU B 403 11.92 23.34 -12.99
C LEU B 403 10.70 23.42 -12.09
N GLU B 404 9.53 23.62 -12.70
CA GLU B 404 8.27 23.74 -11.99
C GLU B 404 7.36 22.66 -12.54
N MET B 405 7.73 21.41 -12.29
CA MET B 405 7.06 20.27 -12.88
C MET B 405 5.77 19.77 -12.20
N GLN B 406 5.53 20.15 -10.95
CA GLN B 406 4.28 19.78 -10.28
C GLN B 406 3.17 20.77 -10.62
N TRP B 407 3.43 22.06 -10.44
CA TRP B 407 2.43 23.10 -10.75
C TRP B 407 2.31 23.32 -12.25
N GLY B 408 3.43 23.60 -12.92
CA GLY B 408 3.49 23.68 -14.38
C GLY B 408 2.70 24.83 -14.98
N HIS B 409 2.79 26.01 -14.37
CA HIS B 409 2.10 27.21 -14.83
C HIS B 409 2.99 27.88 -15.87
N ILE B 410 2.57 27.85 -17.13
CA ILE B 410 3.35 28.54 -18.18
C ILE B 410 3.41 30.03 -17.87
N GLY B 411 4.59 30.62 -18.08
CA GLY B 411 4.86 32.00 -17.69
C GLY B 411 5.58 32.14 -16.35
N TRP B 412 5.53 31.10 -15.50
CA TRP B 412 6.27 31.07 -14.24
C TRP B 412 7.74 31.50 -14.36
N SER B 413 8.40 31.06 -15.42
CA SER B 413 9.85 31.25 -15.57
C SER B 413 10.32 32.70 -15.55
N VAL B 414 9.56 33.61 -16.15
CA VAL B 414 10.01 35.00 -16.26
C VAL B 414 10.09 35.68 -14.88
N PRO B 415 8.96 35.82 -14.16
CA PRO B 415 9.07 36.39 -12.82
C PRO B 415 9.89 35.52 -11.84
N SER B 416 9.94 34.20 -12.03
CA SER B 416 10.71 33.31 -11.14
C SER B 416 12.22 33.54 -11.32
N ALA B 417 12.69 33.53 -12.57
CA ALA B 417 14.06 33.94 -12.88
C ALA B 417 14.42 35.34 -12.33
N PHE B 418 13.48 36.28 -12.40
CA PHE B 418 13.68 37.62 -11.83
C PHE B 418 13.98 37.56 -10.33
N GLY B 419 13.10 36.91 -9.57
CA GLY B 419 13.25 36.83 -8.13
C GLY B 419 14.46 36.03 -7.72
N ASN B 420 14.69 34.93 -8.44
CA ASN B 420 15.85 34.09 -8.21
C ASN B 420 17.18 34.85 -8.43
N ALA B 421 17.26 35.62 -9.51
CA ALA B 421 18.42 36.48 -9.80
C ALA B 421 18.60 37.58 -8.77
N VAL B 422 17.50 38.17 -8.31
CA VAL B 422 17.56 39.18 -7.25
C VAL B 422 18.08 38.56 -5.94
N GLY B 423 17.74 37.29 -5.71
CA GLY B 423 18.10 36.59 -4.50
C GLY B 423 19.50 36.01 -4.50
N SER B 424 20.03 35.68 -5.69
CA SER B 424 21.40 35.15 -5.84
C SER B 424 22.16 35.89 -6.98
N PRO B 425 22.40 37.21 -6.82
CA PRO B 425 23.06 38.04 -7.85
C PRO B 425 24.54 37.69 -8.15
N GLU B 426 25.22 36.98 -7.23
CA GLU B 426 26.57 36.45 -7.45
C GLU B 426 26.68 35.39 -8.56
N ARG B 427 25.55 34.83 -8.97
CA ARG B 427 25.51 33.74 -9.94
C ARG B 427 25.18 34.25 -11.34
N ARG B 428 25.52 33.46 -12.34
CA ARG B 428 25.03 33.69 -13.69
C ARG B 428 23.62 33.07 -13.84
N HIS B 429 22.69 33.84 -14.38
CA HIS B 429 21.30 33.41 -14.53
C HIS B 429 20.88 33.29 -15.99
N ILE B 430 20.55 32.06 -16.39
CA ILE B 430 20.08 31.72 -17.72
C ILE B 430 18.62 31.30 -17.60
N MET B 431 17.85 31.61 -18.65
CA MET B 431 16.42 31.36 -18.72
C MET B 431 16.06 30.73 -20.06
N MET B 432 15.27 29.67 -20.03
CA MET B 432 14.72 29.08 -21.25
C MET B 432 13.20 29.16 -21.17
N VAL B 433 12.61 30.00 -22.02
CA VAL B 433 11.17 30.21 -22.04
C VAL B 433 10.64 30.15 -23.47
N GLY B 434 9.46 29.53 -23.63
CA GLY B 434 8.78 29.47 -24.92
C GLY B 434 8.00 30.75 -25.22
N ASP B 435 7.73 30.98 -26.50
CA ASP B 435 6.90 32.12 -26.95
C ASP B 435 5.52 32.15 -26.27
N GLY B 436 4.87 31.00 -26.19
CA GLY B 436 3.57 30.90 -25.55
C GLY B 436 3.59 31.30 -24.09
N SER B 437 4.57 30.74 -23.35
CA SER B 437 4.76 31.07 -21.94
C SER B 437 5.10 32.53 -21.74
N PHE B 438 5.95 33.05 -22.62
CA PHE B 438 6.44 34.41 -22.45
C PHE B 438 5.33 35.44 -22.44
N GLN B 439 4.32 35.24 -23.28
CA GLN B 439 3.20 36.16 -23.40
C GLN B 439 2.34 36.35 -22.15
N LEU B 440 2.23 35.32 -21.28
CA LEU B 440 1.47 35.44 -20.01
C LEU B 440 2.08 36.40 -19.01
N THR B 441 3.40 36.45 -18.95
CA THR B 441 4.14 37.19 -17.90
C THR B 441 5.19 38.14 -18.46
N ALA B 442 5.11 38.46 -19.75
CA ALA B 442 6.14 39.24 -20.46
C ALA B 442 6.58 40.49 -19.73
N GLN B 443 5.61 41.21 -19.17
CA GLN B 443 5.88 42.50 -18.53
C GLN B 443 6.90 42.53 -17.37
N GLU B 444 7.21 41.39 -16.76
CA GLU B 444 8.19 41.37 -15.66
C GLU B 444 9.65 41.47 -16.15
N VAL B 445 9.89 41.28 -17.44
CA VAL B 445 11.17 41.64 -18.04
C VAL B 445 11.43 43.14 -17.83
N ALA B 446 10.38 43.95 -17.85
CA ALA B 446 10.50 45.38 -17.54
C ALA B 446 11.02 45.65 -16.12
N GLN B 447 10.71 44.77 -15.17
CA GLN B 447 11.28 44.86 -13.81
C GLN B 447 12.73 44.37 -13.74
N MET B 448 13.09 43.37 -14.54
CA MET B 448 14.50 43.03 -14.71
C MET B 448 15.27 44.26 -15.19
N ILE B 449 14.68 44.98 -16.15
CA ILE B 449 15.30 46.21 -16.66
C ILE B 449 15.37 47.28 -15.58
N ARG B 450 14.26 47.53 -14.89
CA ARG B 450 14.27 48.52 -13.82
C ARG B 450 15.37 48.30 -12.75
N TYR B 451 15.53 47.06 -12.31
CA TYR B 451 16.44 46.73 -11.20
C TYR B 451 17.81 46.21 -11.69
N GLU B 452 18.02 46.24 -13.01
CA GLU B 452 19.30 45.94 -13.65
C GLU B 452 19.76 44.50 -13.39
N ILE B 453 18.92 43.56 -13.78
CA ILE B 453 19.10 42.15 -13.45
C ILE B 453 19.57 41.44 -14.71
N PRO B 454 20.86 41.05 -14.78
CA PRO B 454 21.41 40.51 -16.03
C PRO B 454 21.02 39.07 -16.38
N VAL B 455 19.72 38.77 -16.42
CA VAL B 455 19.27 37.45 -16.85
C VAL B 455 19.41 37.35 -18.36
N ILE B 456 19.92 36.22 -18.83
CA ILE B 456 20.02 35.93 -20.25
C ILE B 456 18.82 35.05 -20.57
N ILE B 457 17.88 35.60 -21.33
CA ILE B 457 16.63 34.92 -21.63
C ILE B 457 16.71 34.37 -23.05
N PHE B 458 16.71 33.05 -23.18
CA PHE B 458 16.59 32.39 -24.47
C PHE B 458 15.12 32.15 -24.75
N LEU B 459 14.55 32.96 -25.64
CA LEU B 459 13.13 32.91 -25.99
C LEU B 459 13.03 31.96 -27.19
N ILE B 460 12.36 30.81 -27.04
CA ILE B 460 12.20 29.86 -28.16
C ILE B 460 10.94 30.21 -28.97
N ASN B 461 11.11 30.90 -30.09
CA ASN B 461 9.99 31.27 -30.97
C ASN B 461 9.74 30.17 -32.00
N ASN B 462 8.85 29.25 -31.65
CA ASN B 462 8.40 28.19 -32.56
C ASN B 462 6.94 28.39 -32.99
N ARG B 463 6.41 29.59 -32.77
CA ARG B 463 5.11 30.03 -33.29
C ARG B 463 3.94 29.17 -32.78
N GLY B 464 3.92 28.92 -31.47
CA GLY B 464 2.81 28.24 -30.84
C GLY B 464 3.15 27.37 -29.65
N TYR B 465 2.12 26.72 -29.12
CA TYR B 465 2.22 25.85 -27.97
C TYR B 465 2.60 24.44 -28.45
N VAL B 466 3.89 24.22 -28.72
CA VAL B 466 4.34 22.95 -29.36
C VAL B 466 4.13 21.68 -28.51
N ILE B 467 4.34 21.78 -27.21
CA ILE B 467 4.02 20.68 -26.29
C ILE B 467 2.52 20.32 -26.32
N GLU B 468 1.64 21.32 -26.41
CA GLU B 468 0.21 21.06 -26.55
C GLU B 468 -0.11 20.42 -27.89
N ILE B 469 0.64 20.77 -28.94
CA ILE B 469 0.53 20.11 -30.24
C ILE B 469 0.89 18.61 -30.11
N ALA B 470 1.91 18.29 -29.32
CA ALA B 470 2.32 16.89 -29.09
C ALA B 470 1.33 16.02 -28.28
N ILE B 471 0.47 16.68 -27.51
CA ILE B 471 -0.61 16.02 -26.76
C ILE B 471 -1.86 15.85 -27.67
N HIS B 472 -2.43 16.98 -28.11
CA HIS B 472 -3.65 17.01 -28.94
C HIS B 472 -3.75 18.32 -29.73
N ASP B 473 -3.63 18.25 -31.05
CA ASP B 473 -3.57 19.49 -31.87
C ASP B 473 -4.95 20.10 -32.16
N GLY B 474 -4.95 21.43 -32.28
CA GLY B 474 -6.13 22.21 -32.67
C GLY B 474 -5.80 23.70 -32.68
N PRO B 475 -6.72 24.54 -33.20
CA PRO B 475 -6.49 25.98 -33.40
C PRO B 475 -6.05 26.77 -32.17
N TYR B 476 -6.47 26.30 -31.00
CA TYR B 476 -6.09 26.86 -29.69
C TYR B 476 -4.58 26.83 -29.36
N ASN B 477 -3.80 26.10 -30.15
CA ASN B 477 -2.34 26.06 -30.00
C ASN B 477 -1.54 27.14 -30.78
N TYR B 478 -2.22 27.93 -31.61
CA TYR B 478 -1.55 28.88 -32.49
C TYR B 478 -1.82 30.30 -32.03
N ILE B 479 -0.76 31.00 -31.67
CA ILE B 479 -0.85 32.31 -31.04
C ILE B 479 -0.40 33.43 -31.98
N LYS B 480 -0.72 34.66 -31.61
CA LYS B 480 -0.24 35.86 -32.29
C LYS B 480 1.24 36.02 -32.04
N ASN B 481 2.02 36.05 -33.12
CA ASN B 481 3.45 36.29 -33.03
C ASN B 481 3.73 37.74 -32.63
N TRP B 482 4.73 37.95 -31.77
CA TRP B 482 5.24 39.29 -31.44
C TRP B 482 6.66 39.44 -32.01
N ASN B 483 7.13 40.68 -32.08
CA ASN B 483 8.56 40.94 -32.24
C ASN B 483 9.21 40.95 -30.85
N TYR B 484 9.55 39.77 -30.35
CA TYR B 484 9.97 39.59 -28.95
C TYR B 484 11.25 40.37 -28.64
N ALA B 485 12.24 40.30 -29.52
CA ALA B 485 13.46 41.12 -29.41
C ALA B 485 13.17 42.62 -29.26
N GLY B 486 12.24 43.13 -30.07
CA GLY B 486 11.88 44.55 -30.07
C GLY B 486 11.18 45.04 -28.80
N LEU B 487 10.58 44.13 -28.06
CA LEU B 487 9.94 44.46 -26.78
C LEU B 487 10.91 45.08 -25.76
N ILE B 488 12.19 44.69 -25.85
CA ILE B 488 13.20 45.24 -24.94
C ILE B 488 13.35 46.77 -25.08
N ASP B 489 13.38 47.28 -26.31
CA ASP B 489 13.43 48.73 -26.59
C ASP B 489 12.26 49.51 -25.96
N VAL B 490 11.08 48.90 -26.02
CA VAL B 490 9.86 49.47 -25.43
C VAL B 490 9.97 49.56 -23.91
N PHE B 491 10.38 48.46 -23.28
CA PHE B 491 10.57 48.44 -21.82
C PHE B 491 11.76 49.31 -21.38
N ASN B 492 12.79 49.42 -22.22
CA ASN B 492 13.89 50.37 -21.91
C ASN B 492 13.42 51.81 -21.88
N ASP B 493 12.66 52.22 -22.89
CA ASP B 493 12.34 53.63 -23.11
C ASP B 493 13.65 54.46 -23.04
N GLU B 494 13.77 55.42 -22.13
CA GLU B 494 14.99 56.23 -21.95
C GLU B 494 15.90 55.65 -20.85
N ASP B 495 15.31 55.02 -19.83
CA ASP B 495 16.01 54.56 -18.61
C ASP B 495 16.94 53.39 -18.85
N GLY B 496 16.42 52.37 -19.52
CA GLY B 496 16.90 51.00 -19.34
C GLY B 496 18.05 50.55 -20.19
N HIS B 497 18.67 49.45 -19.77
CA HIS B 497 19.86 48.91 -20.39
C HIS B 497 19.71 47.43 -20.72
N GLY B 498 18.48 47.02 -21.02
CA GLY B 498 18.23 45.68 -21.52
C GLY B 498 18.58 45.62 -22.99
N LEU B 499 18.83 44.42 -23.49
CA LEU B 499 19.23 44.21 -24.86
C LEU B 499 18.33 43.14 -25.50
N GLY B 500 17.83 43.44 -26.71
CA GLY B 500 16.98 42.52 -27.45
C GLY B 500 17.63 42.13 -28.76
N LEU B 501 17.88 40.83 -28.94
CA LEU B 501 18.61 40.32 -30.10
C LEU B 501 17.86 39.15 -30.73
N LYS B 502 18.12 38.90 -32.02
CA LYS B 502 17.56 37.76 -32.74
C LYS B 502 18.65 36.78 -33.14
N ALA B 503 18.30 35.52 -33.24
CA ALA B 503 19.23 34.50 -33.71
C ALA B 503 18.49 33.48 -34.57
N SER B 504 18.84 33.42 -35.85
CA SER B 504 18.26 32.46 -36.80
C SER B 504 19.28 31.43 -37.29
N THR B 505 20.53 31.55 -36.84
CA THR B 505 21.60 30.62 -37.20
C THR B 505 22.52 30.37 -36.00
N GLY B 506 23.28 29.28 -36.07
CA GLY B 506 24.31 28.96 -35.07
C GLY B 506 25.30 30.08 -34.81
N ALA B 507 25.72 30.78 -35.87
CA ALA B 507 26.64 31.92 -35.76
C ALA B 507 25.99 33.15 -35.13
N GLU B 508 24.76 33.46 -35.54
CA GLU B 508 24.01 34.58 -34.92
C GLU B 508 23.76 34.35 -33.42
N LEU B 509 23.48 33.10 -33.03
CA LEU B 509 23.28 32.76 -31.62
C LEU B 509 24.58 32.97 -30.81
N GLU B 510 25.71 32.59 -31.41
CA GLU B 510 27.04 32.74 -30.79
C GLU B 510 27.36 34.20 -30.47
N GLY B 511 27.15 35.08 -31.44
CA GLY B 511 27.40 36.52 -31.23
C GLY B 511 26.45 37.15 -30.23
N ALA B 512 25.18 36.74 -30.27
CA ALA B 512 24.18 37.22 -29.32
C ALA B 512 24.51 36.77 -27.90
N ILE B 513 24.92 35.51 -27.72
CA ILE B 513 25.42 35.03 -26.43
C ILE B 513 26.61 35.88 -25.91
N LYS B 514 27.56 36.23 -26.78
CA LYS B 514 28.70 37.09 -26.39
C LYS B 514 28.28 38.49 -25.94
N LYS B 515 27.33 39.11 -26.65
CA LYS B 515 26.79 40.41 -26.22
C LYS B 515 25.99 40.28 -24.92
N ALA B 516 25.30 39.14 -24.76
CA ALA B 516 24.56 38.83 -23.53
C ALA B 516 25.47 38.81 -22.30
N LEU B 517 26.58 38.07 -22.38
CA LEU B 517 27.56 38.03 -21.27
C LEU B 517 28.14 39.38 -20.88
N ASP B 518 28.33 40.26 -21.87
CA ASP B 518 28.91 41.59 -21.63
C ASP B 518 27.87 42.65 -21.18
N ASN B 519 26.58 42.31 -21.20
CA ASN B 519 25.56 43.23 -20.72
C ASN B 519 25.24 42.97 -19.24
N ARG B 520 25.79 43.81 -18.36
CA ARG B 520 25.65 43.68 -16.92
C ARG B 520 24.59 44.60 -16.30
N ARG B 521 24.09 45.57 -17.07
CA ARG B 521 23.14 46.55 -16.55
C ARG B 521 21.67 46.19 -16.81
N GLY B 522 21.40 45.04 -17.42
CA GLY B 522 20.04 44.63 -17.69
C GLY B 522 19.97 43.27 -18.34
N PRO B 523 18.75 42.76 -18.55
CA PRO B 523 18.59 41.42 -19.12
C PRO B 523 18.87 41.41 -20.62
N THR B 524 19.18 40.24 -21.16
CA THR B 524 19.37 40.07 -22.58
C THR B 524 18.46 38.98 -23.11
N LEU B 525 17.49 39.39 -23.93
CA LEU B 525 16.56 38.47 -24.55
C LEU B 525 17.09 38.12 -25.93
N ILE B 526 17.24 36.82 -26.18
CA ILE B 526 17.68 36.29 -27.45
C ILE B 526 16.54 35.47 -28.04
N GLU B 527 15.88 36.03 -29.05
CA GLU B 527 14.79 35.36 -29.73
C GLU B 527 15.35 34.36 -30.73
N CYS B 528 15.17 33.08 -30.45
CA CYS B 528 15.67 32.00 -31.29
C CYS B 528 14.55 31.49 -32.19
N ASN B 529 14.76 31.63 -33.50
CA ASN B 529 13.83 31.14 -34.49
C ASN B 529 14.03 29.63 -34.70
N ILE B 530 13.22 28.84 -34.01
CA ILE B 530 13.22 27.38 -34.13
C ILE B 530 11.95 26.96 -34.87
N ALA B 531 12.08 26.00 -35.78
CA ALA B 531 10.92 25.49 -36.52
C ALA B 531 9.95 24.78 -35.58
N GLN B 532 8.66 24.92 -35.89
CA GLN B 532 7.58 24.28 -35.13
C GLN B 532 7.64 22.74 -35.17
N ASP B 533 8.16 22.19 -36.28
CA ASP B 533 8.35 20.73 -36.43
C ASP B 533 9.55 20.22 -35.63
N ASP B 534 10.49 21.12 -35.30
CA ASP B 534 11.79 20.77 -34.73
C ASP B 534 11.78 20.82 -33.19
N CYS B 535 11.12 19.83 -32.60
CA CYS B 535 11.10 19.63 -31.16
C CYS B 535 11.75 18.29 -30.85
N THR B 536 12.17 18.11 -29.60
CA THR B 536 12.85 16.88 -29.20
C THR B 536 11.97 15.66 -29.45
N GLU B 537 12.60 14.53 -29.76
CA GLU B 537 11.88 13.27 -29.96
C GLU B 537 11.27 12.74 -28.65
N THR B 538 11.87 13.10 -27.52
CA THR B 538 11.37 12.74 -26.19
C THR B 538 10.02 13.41 -25.89
N LEU B 539 9.87 14.69 -26.23
CA LEU B 539 8.58 15.39 -26.10
C LEU B 539 7.44 14.63 -26.78
N ILE B 540 7.68 14.20 -28.02
CA ILE B 540 6.67 13.50 -28.80
C ILE B 540 6.29 12.15 -28.17
N ALA B 541 7.28 11.39 -27.71
CA ALA B 541 7.01 10.10 -27.07
C ALA B 541 6.24 10.28 -25.75
N TRP B 542 6.69 11.23 -24.93
CA TRP B 542 6.06 11.55 -23.64
C TRP B 542 4.65 12.12 -23.82
N GLY B 543 4.50 13.00 -24.80
CA GLY B 543 3.20 13.60 -25.14
C GLY B 543 2.10 12.61 -25.51
N LYS B 544 2.45 11.56 -26.26
CA LYS B 544 1.49 10.53 -26.67
C LYS B 544 0.97 9.70 -25.48
N ARG B 545 1.87 9.37 -24.55
CA ARG B 545 1.51 8.63 -23.34
C ARG B 545 0.61 9.46 -22.42
N VAL B 546 0.93 10.75 -22.31
CA VAL B 546 0.10 11.68 -21.53
C VAL B 546 -1.31 11.86 -22.10
N ALA B 547 -1.43 12.03 -23.42
CA ALA B 547 -2.75 12.13 -24.07
C ALA B 547 -3.62 10.87 -23.85
N ALA B 548 -3.00 9.69 -23.95
CA ALA B 548 -3.70 8.41 -23.78
C ALA B 548 -4.19 8.17 -22.36
N THR B 549 -3.37 8.55 -21.39
CA THR B 549 -3.74 8.52 -19.97
C THR B 549 -4.83 9.55 -19.64
N ASN B 550 -4.69 10.80 -20.07
CA ASN B 550 -5.70 11.85 -19.82
C ASN B 550 -7.06 11.53 -20.42
N SER B 551 -7.07 10.90 -21.59
CA SER B 551 -8.32 10.62 -22.32
C SER B 551 -8.97 9.27 -21.98
N ARG B 552 -8.36 8.44 -21.13
CA ARG B 552 -8.91 7.10 -20.86
C ARG B 552 -10.35 7.17 -20.33
N LYS B 553 -11.18 6.26 -20.83
CA LYS B 553 -12.63 6.40 -20.72
C LYS B 553 -13.16 6.13 -19.29
N PRO B 554 -14.35 6.66 -18.95
CA PRO B 554 -14.91 6.36 -17.62
C PRO B 554 -15.24 4.88 -17.41
N GLN B 555 -15.54 4.52 -16.16
CA GLN B 555 -16.09 3.20 -15.83
C GLN B 555 -17.62 3.26 -15.80
N MET C 1 -1.96 -11.54 7.54
CA MET C 1 -2.69 -10.38 6.93
C MET C 1 -2.67 -9.23 7.92
N TYR C 2 -1.91 -8.18 7.59
CA TYR C 2 -1.86 -6.95 8.36
C TYR C 2 -2.60 -5.86 7.59
N THR C 3 -3.60 -5.24 8.22
CA THR C 3 -4.51 -4.30 7.57
C THR C 3 -4.34 -2.85 8.01
N VAL C 4 -4.97 -1.97 7.24
CA VAL C 4 -4.98 -0.53 7.52
C VAL C 4 -5.57 -0.23 8.90
N GLY C 5 -6.65 -0.92 9.24
CA GLY C 5 -7.25 -0.77 10.56
C GLY C 5 -6.37 -1.25 11.70
N MET C 6 -5.57 -2.29 11.45
CA MET C 6 -4.57 -2.76 12.43
C MET C 6 -3.45 -1.76 12.62
N TYR C 7 -3.01 -1.12 11.55
CA TYR C 7 -2.00 -0.05 11.64
C TYR C 7 -2.50 1.04 12.57
N LEU C 8 -3.72 1.49 12.31
CA LEU C 8 -4.39 2.46 13.15
C LEU C 8 -4.48 1.99 14.59
N ALA C 9 -4.95 0.76 14.82
CA ALA C 9 -5.09 0.25 16.21
C ALA C 9 -3.73 0.19 16.94
N GLU C 10 -2.70 -0.23 16.21
CA GLU C 10 -1.33 -0.28 16.76
C GLU C 10 -0.76 1.09 17.09
N ARG C 11 -1.03 2.10 16.28
CA ARG C 11 -0.61 3.48 16.60
C ARG C 11 -1.39 4.05 17.77
N LEU C 12 -2.68 3.76 17.86
CA LEU C 12 -3.49 4.17 19.01
C LEU C 12 -2.98 3.53 20.31
N ALA C 13 -2.66 2.24 20.27
CA ALA C 13 -2.03 1.56 21.40
C ALA C 13 -0.71 2.22 21.80
N GLN C 14 0.10 2.56 20.80
CA GLN C 14 1.39 3.22 21.03
C GLN C 14 1.28 4.59 21.72
N ILE C 15 0.18 5.32 21.50
CA ILE C 15 -0.10 6.58 22.23
C ILE C 15 -0.38 6.36 23.72
N GLY C 16 -0.84 5.17 24.10
CA GLY C 16 -1.23 4.89 25.49
C GLY C 16 -2.71 4.64 25.70
N LEU C 17 -3.49 4.56 24.61
CA LEU C 17 -4.90 4.19 24.71
C LEU C 17 -5.03 2.73 25.09
N LYS C 18 -5.83 2.46 26.11
CA LYS C 18 -6.27 1.12 26.44
C LYS C 18 -7.75 0.90 26.05
N HIS C 19 -8.39 1.94 25.54
CA HIS C 19 -9.78 1.89 25.09
C HIS C 19 -9.97 2.85 23.91
N HIS C 20 -10.96 2.55 23.08
CA HIS C 20 -11.52 3.51 22.14
C HIS C 20 -13.03 3.34 22.11
N PHE C 21 -13.71 4.40 21.68
CA PHE C 21 -15.15 4.48 21.82
C PHE C 21 -15.80 4.44 20.42
N ALA C 22 -16.94 3.76 20.31
CA ALA C 22 -17.54 3.57 18.99
C ALA C 22 -19.05 3.53 18.98
N VAL C 23 -19.60 3.95 17.84
CA VAL C 23 -20.98 3.61 17.48
C VAL C 23 -20.91 2.97 16.10
N ALA C 24 -21.34 1.71 15.99
CA ALA C 24 -21.33 0.99 14.71
C ALA C 24 -22.19 1.64 13.62
N GLY C 25 -21.74 1.49 12.38
CA GLY C 25 -22.52 1.87 11.19
C GLY C 25 -21.94 1.09 10.05
N ASP C 26 -22.71 0.84 8.99
CA ASP C 26 -22.20 -0.02 7.92
C ASP C 26 -20.88 0.46 7.28
N TYR C 27 -20.66 1.78 7.23
CA TYR C 27 -19.39 2.34 6.73
C TYR C 27 -18.16 2.04 7.62
N ASN C 28 -18.34 1.72 8.91
CA ASN C 28 -17.20 1.44 9.80
C ASN C 28 -17.13 0.03 10.39
N LEU C 29 -17.99 -0.89 9.98
CA LEU C 29 -18.04 -2.22 10.63
C LEU C 29 -16.76 -3.00 10.48
N VAL C 30 -16.22 -3.02 9.26
CA VAL C 30 -14.96 -3.70 8.96
C VAL C 30 -13.81 -3.04 9.74
N LEU C 31 -13.80 -1.72 9.83
CA LEU C 31 -12.80 -1.00 10.62
C LEU C 31 -12.86 -1.39 12.10
N LEU C 32 -14.07 -1.42 12.65
CA LEU C 32 -14.30 -1.87 14.02
C LEU C 32 -13.78 -3.30 14.28
N ASP C 33 -13.98 -4.20 13.32
CA ASP C 33 -13.36 -5.54 13.38
C ASP C 33 -11.83 -5.54 13.44
N GLN C 34 -11.20 -4.68 12.65
CA GLN C 34 -9.73 -4.57 12.68
C GLN C 34 -9.26 -4.08 14.03
N LEU C 35 -9.92 -3.05 14.54
CA LEU C 35 -9.62 -2.52 15.87
C LEU C 35 -9.75 -3.55 17.00
N LEU C 36 -10.76 -4.42 16.90
CA LEU C 36 -10.99 -5.50 17.89
C LEU C 36 -9.89 -6.57 17.95
N LEU C 37 -9.16 -6.76 16.84
CA LEU C 37 -8.06 -7.72 16.81
C LEU C 37 -6.86 -7.27 17.65
N ASN C 38 -6.79 -5.98 17.99
CA ASN C 38 -5.70 -5.45 18.80
C ASN C 38 -5.84 -5.86 20.27
N LYS C 39 -4.83 -6.58 20.77
CA LYS C 39 -4.84 -7.16 22.11
C LYS C 39 -4.69 -6.13 23.23
N ASP C 40 -4.21 -4.93 22.91
CA ASP C 40 -3.91 -3.91 23.93
C ASP C 40 -5.06 -2.95 24.26
N MET C 41 -6.21 -3.07 23.57
CA MET C 41 -7.32 -2.13 23.72
C MET C 41 -8.67 -2.85 23.79
N GLU C 42 -9.60 -2.28 24.55
CA GLU C 42 -10.99 -2.71 24.57
C GLU C 42 -11.82 -1.72 23.77
N GLN C 43 -12.86 -2.22 23.11
CA GLN C 43 -13.74 -1.39 22.30
C GLN C 43 -15.03 -1.14 23.09
N VAL C 44 -15.31 0.13 23.38
CA VAL C 44 -16.40 0.54 24.26
C VAL C 44 -17.49 1.20 23.42
N TYR C 45 -18.73 0.75 23.54
CA TYR C 45 -19.84 1.22 22.72
C TYR C 45 -20.66 2.27 23.45
N CYS C 46 -21.16 3.25 22.71
CA CYS C 46 -21.90 4.38 23.26
C CYS C 46 -23.28 4.42 22.61
N CYS C 47 -24.22 5.09 23.30
CA CYS C 47 -25.60 5.24 22.84
C CYS C 47 -25.74 6.09 21.58
N ASN C 48 -25.07 7.24 21.55
CA ASN C 48 -25.08 8.10 20.39
C ASN C 48 -23.73 8.78 20.21
N GLU C 49 -23.56 9.42 19.07
CA GLU C 49 -22.25 9.90 18.67
C GLU C 49 -21.81 11.18 19.38
N LEU C 50 -22.76 12.05 19.76
CA LEU C 50 -22.42 13.19 20.62
C LEU C 50 -21.80 12.68 21.92
N ASN C 51 -22.46 11.73 22.56
CA ASN C 51 -21.97 11.09 23.80
C ASN C 51 -20.67 10.33 23.58
N CYS C 52 -20.58 9.60 22.48
CA CYS C 52 -19.35 8.93 22.07
C CYS C 52 -18.19 9.92 22.00
N GLY C 53 -18.41 11.05 21.37
CA GLY C 53 -17.38 12.05 21.25
C GLY C 53 -16.95 12.61 22.60
N PHE C 54 -17.93 12.91 23.46
CA PHE C 54 -17.63 13.43 24.78
C PHE C 54 -17.02 12.40 25.71
N SER C 55 -17.35 11.14 25.51
CA SER C 55 -16.69 10.03 26.22
C SER C 55 -15.19 9.98 25.91
N ALA C 56 -14.85 10.08 24.63
CA ALA C 56 -13.44 10.22 24.21
C ALA C 56 -12.78 11.45 24.84
N GLU C 57 -13.49 12.58 24.83
CA GLU C 57 -12.97 13.79 25.44
C GLU C 57 -12.57 13.56 26.91
N GLY C 58 -13.45 12.89 27.68
CA GLY C 58 -13.20 12.63 29.08
C GLY C 58 -12.07 11.64 29.31
N TYR C 59 -11.99 10.62 28.45
CA TYR C 59 -10.84 9.71 28.41
C TYR C 59 -9.51 10.44 28.19
N ALA C 60 -9.50 11.44 27.31
CA ALA C 60 -8.30 12.21 27.03
C ALA C 60 -7.87 13.05 28.23
N ARG C 61 -8.82 13.52 29.04
CA ARG C 61 -8.50 14.18 30.30
C ARG C 61 -7.79 13.24 31.29
N ALA C 62 -8.09 11.94 31.22
CA ALA C 62 -7.42 10.96 32.05
C ALA C 62 -6.07 10.56 31.51
N ARG C 63 -6.00 10.26 30.22
CA ARG C 63 -4.83 9.60 29.65
C ARG C 63 -4.06 10.39 28.61
N GLY C 64 -4.48 11.62 28.33
CA GLY C 64 -3.75 12.48 27.40
C GLY C 64 -4.17 12.37 25.94
N ALA C 65 -4.91 11.34 25.57
CA ALA C 65 -5.43 11.21 24.22
C ALA C 65 -6.59 10.21 24.20
N ALA C 66 -7.29 10.16 23.08
CA ALA C 66 -8.47 9.31 22.94
C ALA C 66 -8.86 9.17 21.48
N ALA C 67 -9.75 8.21 21.23
CA ALA C 67 -10.27 7.96 19.90
C ALA C 67 -11.75 7.57 19.95
N ALA C 68 -12.52 8.16 19.03
CA ALA C 68 -13.95 7.87 18.85
C ALA C 68 -14.15 7.45 17.39
N ILE C 69 -14.82 6.33 17.16
CA ILE C 69 -15.03 5.79 15.82
C ILE C 69 -16.54 5.86 15.48
N VAL C 70 -16.86 6.50 14.36
CA VAL C 70 -18.25 6.77 13.97
C VAL C 70 -18.50 6.46 12.50
N THR C 71 -19.77 6.54 12.09
CA THR C 71 -20.13 6.33 10.68
C THR C 71 -20.30 7.66 9.95
N PHE C 72 -20.27 7.59 8.63
CA PHE C 72 -20.30 8.78 7.77
C PHE C 72 -21.54 9.64 8.03
N SER C 73 -21.32 10.94 8.22
CA SER C 73 -22.35 11.99 8.28
C SER C 73 -23.29 11.92 9.46
N VAL C 74 -24.18 10.94 9.46
CA VAL C 74 -25.15 10.78 10.55
C VAL C 74 -24.45 10.58 11.89
N GLY C 75 -23.30 9.91 11.86
CA GLY C 75 -22.46 9.78 13.06
C GLY C 75 -21.56 10.98 13.30
N ALA C 76 -20.79 11.33 12.27
CA ALA C 76 -19.69 12.28 12.40
C ALA C 76 -20.12 13.70 12.76
N ILE C 77 -21.24 14.18 12.22
CA ILE C 77 -21.64 15.58 12.42
C ILE C 77 -21.96 15.87 13.89
N SER C 78 -22.69 14.96 14.55
CA SER C 78 -22.91 15.09 16.00
C SER C 78 -21.58 15.07 16.76
N ALA C 79 -20.72 14.12 16.39
CA ALA C 79 -19.39 14.00 17.01
C ALA C 79 -18.56 15.27 16.87
N MET C 80 -18.73 16.01 15.76
CA MET C 80 -18.05 17.30 15.54
C MET C 80 -18.27 18.33 16.63
N ASN C 81 -19.43 18.25 17.29
CA ASN C 81 -19.70 19.09 18.45
C ASN C 81 -18.74 18.76 19.58
N ALA C 82 -18.57 17.47 19.84
CA ALA C 82 -17.60 17.03 20.83
C ALA C 82 -16.19 17.36 20.38
N ILE C 83 -15.88 17.20 19.09
CA ILE C 83 -14.57 17.59 18.56
C ILE C 83 -14.31 19.08 18.73
N GLY C 84 -15.28 19.92 18.35
CA GLY C 84 -15.21 21.34 18.69
C GLY C 84 -14.88 21.56 20.16
N GLY C 85 -15.56 20.83 21.04
CA GLY C 85 -15.27 20.86 22.46
C GLY C 85 -13.85 20.45 22.83
N ALA C 86 -13.35 19.39 22.20
CA ALA C 86 -11.95 18.96 22.41
C ALA C 86 -10.96 20.05 21.95
N TYR C 87 -11.26 20.75 20.88
CA TYR C 87 -10.40 21.86 20.42
C TYR C 87 -10.41 23.01 21.43
N ALA C 88 -11.59 23.36 21.87
CA ALA C 88 -11.77 24.36 22.91
C ALA C 88 -11.03 24.08 24.21
N GLU C 89 -10.91 22.79 24.56
CA GLU C 89 -10.38 22.38 25.85
C GLU C 89 -9.01 21.73 25.71
N ASN C 90 -8.42 21.85 24.52
CA ASN C 90 -7.04 21.47 24.22
C ASN C 90 -6.74 19.98 24.45
N LEU C 91 -7.64 19.14 23.98
CA LEU C 91 -7.53 17.68 24.15
C LEU C 91 -7.30 16.97 22.82
N PRO C 92 -6.28 16.09 22.74
CA PRO C 92 -6.08 15.32 21.51
C PRO C 92 -7.01 14.12 21.35
N VAL C 93 -8.25 14.39 20.94
CA VAL C 93 -9.19 13.33 20.56
C VAL C 93 -9.07 13.13 19.05
N ILE C 94 -8.92 11.88 18.61
CA ILE C 94 -8.94 11.56 17.18
C ILE C 94 -10.33 11.06 16.83
N LEU C 95 -11.04 11.77 15.96
CA LEU C 95 -12.33 11.30 15.43
C LEU C 95 -12.08 10.52 14.16
N ILE C 96 -12.43 9.25 14.16
CA ILE C 96 -12.26 8.42 12.99
C ILE C 96 -13.65 8.11 12.44
N SER C 97 -13.85 8.35 11.14
CA SER C 97 -15.13 8.08 10.50
C SER C 97 -14.96 7.07 9.38
N GLY C 98 -15.88 6.11 9.32
CA GLY C 98 -16.06 5.33 8.10
C GLY C 98 -16.51 6.29 7.01
N SER C 99 -16.14 5.97 5.77
CA SER C 99 -16.50 6.78 4.62
C SER C 99 -16.78 5.90 3.41
N PRO C 100 -17.30 6.48 2.31
CA PRO C 100 -17.73 5.69 1.17
C PRO C 100 -16.69 4.80 0.52
N ASN C 101 -17.18 3.75 -0.13
CA ASN C 101 -16.38 2.85 -0.94
C ASN C 101 -15.64 3.64 -2.03
N THR C 102 -14.38 3.27 -2.28
CA THR C 102 -13.53 4.02 -3.20
C THR C 102 -14.05 4.03 -4.65
N ASN C 103 -14.76 2.98 -5.05
CA ASN C 103 -15.32 2.86 -6.40
C ASN C 103 -16.47 3.83 -6.70
N ASP C 104 -17.05 4.45 -5.68
CA ASP C 104 -18.08 5.47 -5.86
C ASP C 104 -17.53 6.85 -6.19
N TYR C 105 -16.26 7.09 -5.89
CA TYR C 105 -15.66 8.40 -6.21
C TYR C 105 -15.59 8.55 -7.74
N GLY C 106 -15.84 9.77 -8.22
CA GLY C 106 -15.90 10.07 -9.65
C GLY C 106 -16.95 9.36 -10.49
N THR C 107 -18.07 8.94 -9.88
CA THR C 107 -19.17 8.26 -10.58
C THR C 107 -20.50 9.03 -10.68
N GLY C 108 -20.74 9.96 -9.77
CA GLY C 108 -22.08 10.55 -9.63
C GLY C 108 -23.11 9.72 -8.85
N HIS C 109 -22.68 8.67 -8.14
CA HIS C 109 -23.58 7.89 -7.29
C HIS C 109 -24.08 8.69 -6.09
N ILE C 110 -25.36 8.49 -5.75
CA ILE C 110 -25.95 9.04 -4.54
C ILE C 110 -25.85 7.96 -3.48
N LEU C 111 -25.35 8.32 -2.30
CA LEU C 111 -25.07 7.35 -1.25
C LEU C 111 -25.91 7.62 -0.01
N HIS C 112 -26.22 6.54 0.70
CA HIS C 112 -26.94 6.63 1.95
C HIS C 112 -26.09 7.35 3.02
N HIS C 113 -26.77 7.97 3.99
CA HIS C 113 -26.16 8.88 4.95
C HIS C 113 -25.46 10.05 4.30
N THR C 114 -25.98 10.55 3.19
CA THR C 114 -25.46 11.81 2.65
C THR C 114 -26.59 12.74 2.40
N ILE C 115 -26.25 14.00 2.15
CA ILE C 115 -27.23 15.00 1.80
C ILE C 115 -27.86 14.77 0.42
N GLY C 116 -27.30 13.84 -0.35
CA GLY C 116 -27.93 13.38 -1.58
C GLY C 116 -27.39 14.01 -2.84
N THR C 117 -26.22 14.66 -2.75
CA THR C 117 -25.52 15.18 -3.92
C THR C 117 -24.36 14.24 -4.26
N THR C 118 -23.59 14.57 -5.29
CA THR C 118 -22.38 13.78 -5.64
C THR C 118 -21.13 14.14 -4.82
N ASP C 119 -21.22 15.17 -3.98
CA ASP C 119 -20.14 15.58 -3.11
C ASP C 119 -20.08 14.63 -1.90
N TYR C 120 -18.98 13.90 -1.77
CA TYR C 120 -18.70 13.16 -0.55
C TYR C 120 -17.66 13.83 0.35
N ASN C 121 -17.12 14.96 -0.11
N ASN C 121 -17.09 14.95 -0.10
CA ASN C 121 -16.07 15.71 0.57
CA ASN C 121 -16.04 15.63 0.65
C ASN C 121 -16.57 16.68 1.64
C ASN C 121 -16.56 16.70 1.63
N TYR C 122 -17.88 16.89 1.72
CA TYR C 122 -18.44 17.92 2.61
C TYR C 122 -18.16 17.68 4.10
N GLN C 123 -18.11 16.42 4.51
CA GLN C 123 -17.80 16.11 5.91
C GLN C 123 -16.38 16.55 6.27
N LEU C 124 -15.41 16.19 5.46
CA LEU C 124 -14.04 16.64 5.62
C LEU C 124 -13.95 18.17 5.64
N GLU C 125 -14.62 18.86 4.73
CA GLU C 125 -14.59 20.32 4.70
C GLU C 125 -15.20 20.94 5.95
N MET C 126 -16.24 20.32 6.50
CA MET C 126 -16.82 20.79 7.74
C MET C 126 -15.86 20.63 8.91
N VAL C 127 -15.33 19.42 9.09
CA VAL C 127 -14.52 19.09 10.27
C VAL C 127 -13.17 19.83 10.34
N LYS C 128 -12.66 20.30 9.19
CA LYS C 128 -11.45 21.12 9.13
C LYS C 128 -11.51 22.34 10.03
N HIS C 129 -12.71 22.90 10.16
CA HIS C 129 -12.90 24.08 11.00
C HIS C 129 -12.79 23.83 12.51
N VAL C 130 -12.81 22.58 12.95
CA VAL C 130 -12.71 22.27 14.38
C VAL C 130 -11.60 21.26 14.72
N THR C 131 -10.62 21.13 13.84
CA THR C 131 -9.50 20.20 14.00
C THR C 131 -8.16 20.88 13.64
N CYS C 132 -7.03 20.32 14.13
CA CYS C 132 -5.67 20.76 13.75
C CYS C 132 -5.15 19.96 12.55
N ALA C 133 -5.79 18.83 12.25
CA ALA C 133 -5.45 17.99 11.10
C ALA C 133 -6.66 17.14 10.70
N ALA C 134 -6.80 16.93 9.40
CA ALA C 134 -7.96 16.24 8.82
C ALA C 134 -7.52 15.58 7.54
N GLU C 135 -7.62 14.27 7.47
CA GLU C 135 -7.14 13.51 6.32
C GLU C 135 -8.15 12.45 5.92
N SER C 136 -8.16 12.12 4.64
CA SER C 136 -9.03 11.09 4.08
C SER C 136 -8.20 9.98 3.45
N ILE C 137 -8.52 8.73 3.77
CA ILE C 137 -7.75 7.58 3.28
C ILE C 137 -8.57 6.78 2.27
N VAL C 138 -8.12 6.78 1.02
CA VAL C 138 -8.75 6.00 -0.05
C VAL C 138 -7.84 4.92 -0.66
N SER C 139 -6.65 4.71 -0.09
CA SER C 139 -5.78 3.59 -0.46
C SER C 139 -4.91 3.16 0.71
N ALA C 140 -4.56 1.89 0.70
CA ALA C 140 -3.72 1.32 1.72
C ALA C 140 -2.31 1.92 1.72
N GLU C 141 -1.80 2.23 0.53
CA GLU C 141 -0.46 2.80 0.35
C GLU C 141 -0.28 4.15 1.05
N GLU C 142 -1.29 5.01 0.96
CA GLU C 142 -1.25 6.34 1.61
C GLU C 142 -1.65 6.31 3.11
N ALA C 143 -2.21 5.21 3.58
CA ALA C 143 -2.77 5.15 4.94
C ALA C 143 -1.78 5.47 6.08
N PRO C 144 -0.56 4.88 6.07
CA PRO C 144 0.42 5.11 7.14
C PRO C 144 0.76 6.57 7.36
N ALA C 145 1.09 7.28 6.28
CA ALA C 145 1.44 8.70 6.34
C ALA C 145 0.31 9.52 6.94
N LYS C 146 -0.92 9.25 6.52
CA LYS C 146 -2.07 10.03 6.98
C LYS C 146 -2.44 9.70 8.41
N ILE C 147 -2.41 8.42 8.76
CA ILE C 147 -2.66 8.00 10.15
C ILE C 147 -1.68 8.71 11.09
N ASP C 148 -0.39 8.60 10.79
CA ASP C 148 0.64 9.15 11.65
C ASP C 148 0.60 10.68 11.69
N HIS C 149 0.32 11.33 10.56
CA HIS C 149 0.25 12.80 10.54
C HIS C 149 -0.83 13.35 11.49
N VAL C 150 -2.03 12.76 11.46
CA VAL C 150 -3.10 13.24 12.33
C VAL C 150 -2.80 12.97 13.79
N ILE C 151 -2.27 11.79 14.11
CA ILE C 151 -1.96 11.45 15.50
C ILE C 151 -0.84 12.33 16.05
N ARG C 152 0.28 12.43 15.31
CA ARG C 152 1.42 13.24 15.75
C ARG C 152 1.05 14.71 15.90
N THR C 153 0.22 15.24 14.99
CA THR C 153 -0.17 16.65 15.04
C THR C 153 -1.07 16.91 16.24
N ALA C 154 -2.07 16.05 16.43
CA ALA C 154 -2.93 16.13 17.59
C ALA C 154 -2.15 16.14 18.91
N LEU C 155 -1.23 15.19 19.08
CA LEU C 155 -0.44 15.13 20.34
C LEU C 155 0.42 16.35 20.55
N ARG C 156 1.10 16.84 19.52
CA ARG C 156 1.98 18.01 19.68
C ARG C 156 1.20 19.31 19.85
N GLU C 157 0.13 19.48 19.08
CA GLU C 157 -0.66 20.70 19.18
C GLU C 157 -1.61 20.70 20.39
N ARG C 158 -1.87 19.51 20.96
CA ARG C 158 -2.90 19.32 21.97
C ARG C 158 -4.27 19.79 21.44
N LYS C 159 -4.63 19.26 20.28
CA LYS C 159 -5.89 19.58 19.62
C LYS C 159 -6.40 18.31 18.99
N PRO C 160 -7.72 18.23 18.72
CA PRO C 160 -8.23 17.03 18.09
C PRO C 160 -7.94 17.00 16.60
N ALA C 161 -8.08 15.82 16.01
CA ALA C 161 -7.82 15.61 14.59
C ALA C 161 -8.80 14.58 14.02
N TYR C 162 -8.81 14.47 12.70
CA TYR C 162 -9.83 13.70 12.00
C TYR C 162 -9.20 12.80 10.97
N LEU C 163 -9.71 11.58 10.91
CA LEU C 163 -9.43 10.63 9.86
C LEU C 163 -10.74 10.11 9.30
N GLU C 164 -10.85 10.00 7.99
CA GLU C 164 -11.84 9.12 7.39
C GLU C 164 -11.14 8.04 6.59
N ILE C 165 -11.69 6.83 6.67
CA ILE C 165 -11.13 5.68 6.00
C ILE C 165 -12.26 5.04 5.17
N ALA C 166 -12.02 4.86 3.87
CA ALA C 166 -12.98 4.24 3.00
C ALA C 166 -13.32 2.84 3.52
N CYS C 167 -14.60 2.49 3.48
CA CYS C 167 -15.08 1.28 4.12
C CYS C 167 -14.49 0.02 3.50
N ASN C 168 -14.05 0.08 2.24
CA ASN C 168 -13.34 -1.04 1.60
C ASN C 168 -11.81 -0.98 1.66
N VAL C 169 -11.27 0.02 2.36
CA VAL C 169 -9.81 0.15 2.58
C VAL C 169 -9.40 -0.22 4.02
N ALA C 170 -10.33 -0.14 4.99
CA ALA C 170 -10.02 -0.48 6.38
C ALA C 170 -9.50 -1.92 6.57
N GLY C 171 -10.00 -2.84 5.76
CA GLY C 171 -9.55 -4.23 5.75
C GLY C 171 -8.47 -4.56 4.73
N ALA C 172 -7.93 -3.57 4.04
CA ALA C 172 -6.94 -3.79 2.98
C ALA C 172 -5.55 -4.00 3.57
N GLU C 173 -4.73 -4.79 2.87
N GLU C 173 -4.73 -4.76 2.84
CA GLU C 173 -3.37 -5.08 3.30
CA GLU C 173 -3.35 -5.08 3.21
C GLU C 173 -2.54 -3.80 3.41
C GLU C 173 -2.49 -3.82 3.37
N CYS C 174 -1.81 -3.68 4.52
CA CYS C 174 -1.02 -2.50 4.83
C CYS C 174 0.39 -2.91 5.31
N VAL C 175 1.36 -2.02 5.10
CA VAL C 175 2.68 -2.16 5.73
C VAL C 175 2.58 -1.98 7.24
N ARG C 176 3.55 -2.53 7.98
CA ARG C 176 3.52 -2.52 9.44
C ARG C 176 4.21 -1.29 9.99
N PRO C 177 3.75 -0.77 11.13
CA PRO C 177 4.37 0.39 11.76
C PRO C 177 5.66 0.00 12.48
N GLY C 178 6.67 0.84 12.36
CA GLY C 178 7.93 0.63 13.05
C GLY C 178 7.83 0.99 14.52
N PRO C 179 8.78 0.47 15.34
CA PRO C 179 8.75 0.73 16.76
C PRO C 179 9.11 2.17 17.08
N ILE C 180 8.59 2.67 18.19
CA ILE C 180 8.78 4.06 18.58
C ILE C 180 9.09 4.18 20.05
N ASN C 181 9.68 5.30 20.42
CA ASN C 181 9.82 5.68 21.81
C ASN C 181 8.54 6.37 22.30
N SER C 182 8.15 7.41 21.57
CA SER C 182 6.91 8.15 21.84
C SER C 182 6.40 8.79 20.54
N LEU C 183 5.08 8.83 20.36
CA LEU C 183 4.48 9.54 19.23
C LEU C 183 4.40 11.06 19.44
N LEU C 184 4.60 11.53 20.66
CA LEU C 184 4.76 12.96 20.97
C LEU C 184 6.20 13.40 20.76
N ARG C 185 6.46 14.14 19.68
CA ARG C 185 7.77 14.78 19.46
C ARG C 185 7.58 16.29 19.43
N GLU C 186 8.22 16.96 20.37
CA GLU C 186 8.11 18.41 20.49
C GLU C 186 9.01 19.07 19.45
N LEU C 187 8.86 20.37 19.29
CA LEU C 187 9.76 21.15 18.44
C LEU C 187 11.05 21.39 19.22
N GLU C 188 12.19 21.33 18.53
CA GLU C 188 13.46 21.75 19.12
C GLU C 188 13.33 23.18 19.61
N VAL C 189 13.90 23.44 20.79
CA VAL C 189 13.82 24.73 21.45
C VAL C 189 15.03 25.59 21.03
N ASP C 190 14.80 26.89 20.94
CA ASP C 190 15.82 27.87 20.55
C ASP C 190 16.52 28.39 21.82
N GLN C 191 17.77 27.97 22.01
CA GLN C 191 18.51 28.35 23.24
C GLN C 191 18.79 29.84 23.36
N THR C 192 19.16 30.47 22.25
CA THR C 192 19.31 31.94 22.21
C THR C 192 18.09 32.67 22.76
N SER C 193 16.89 32.21 22.39
CA SER C 193 15.65 32.86 22.84
C SER C 193 15.38 32.61 24.32
N VAL C 194 15.50 31.35 24.75
CA VAL C 194 15.32 31.00 26.17
C VAL C 194 16.22 31.86 27.07
N THR C 195 17.50 31.91 26.71
CA THR C 195 18.51 32.69 27.47
C THR C 195 18.12 34.16 27.61
N ALA C 196 17.78 34.81 26.50
CA ALA C 196 17.36 36.21 26.51
C ALA C 196 16.07 36.44 27.29
N ALA C 197 15.10 35.53 27.09
CA ALA C 197 13.81 35.59 27.79
C ALA C 197 13.98 35.47 29.30
N VAL C 198 14.72 34.45 29.73
CA VAL C 198 15.01 34.26 31.17
C VAL C 198 15.76 35.48 31.73
N ASP C 199 16.81 35.92 31.03
CA ASP C 199 17.61 37.07 31.49
C ASP C 199 16.80 38.39 31.57
N ALA C 200 15.93 38.65 30.59
CA ALA C 200 15.03 39.82 30.67
C ALA C 200 13.94 39.64 31.74
N ALA C 201 13.46 38.41 31.90
CA ALA C 201 12.46 38.10 32.93
C ALA C 201 13.01 38.32 34.33
N VAL C 202 14.24 37.84 34.56
CA VAL C 202 14.92 38.02 35.85
C VAL C 202 15.10 39.50 36.15
N GLU C 203 15.67 40.23 35.20
CA GLU C 203 15.80 41.70 35.29
C GLU C 203 14.49 42.41 35.62
N TRP C 204 13.40 41.97 34.98
CA TRP C 204 12.07 42.55 35.18
C TRP C 204 11.52 42.26 36.59
N LEU C 205 11.74 41.04 37.08
CA LEU C 205 11.37 40.68 38.46
C LEU C 205 12.21 41.37 39.53
N GLN C 206 13.51 41.61 39.26
CA GLN C 206 14.41 42.32 40.20
C GLN C 206 13.84 43.65 40.70
N ASP C 207 13.14 44.37 39.83
CA ASP C 207 12.60 45.69 40.18
C ASP C 207 11.17 45.69 40.74
N ARG C 208 10.57 44.51 40.96
CA ARG C 208 9.16 44.38 41.38
C ARG C 208 9.03 43.47 42.61
N GLN C 209 8.50 44.00 43.72
CA GLN C 209 8.54 43.29 45.02
C GLN C 209 7.33 42.37 45.27
N ASN C 210 6.12 42.85 44.97
CA ASN C 210 4.89 42.06 45.15
C ASN C 210 4.55 41.29 43.87
N VAL C 211 4.97 40.02 43.85
CA VAL C 211 4.80 39.14 42.70
C VAL C 211 3.68 38.17 43.01
N VAL C 212 2.84 37.86 42.02
CA VAL C 212 1.76 36.86 42.16
C VAL C 212 1.70 36.00 40.91
N MET C 213 1.76 34.68 41.09
CA MET C 213 1.50 33.76 39.98
C MET C 213 -0.01 33.57 39.82
N LEU C 214 -0.45 33.56 38.58
CA LEU C 214 -1.85 33.34 38.20
C LEU C 214 -1.86 32.15 37.25
N VAL C 215 -2.36 31.03 37.72
CA VAL C 215 -2.29 29.79 36.97
C VAL C 215 -3.50 29.68 36.06
N GLY C 216 -3.26 29.37 34.78
CA GLY C 216 -4.28 29.40 33.73
C GLY C 216 -4.64 28.04 33.17
N SER C 217 -5.73 27.99 32.40
CA SER C 217 -6.35 26.73 32.02
C SER C 217 -5.66 25.97 30.91
N LYS C 218 -4.64 26.55 30.28
CA LYS C 218 -3.81 25.79 29.33
C LYS C 218 -2.53 25.21 29.96
N LEU C 219 -2.42 25.17 31.29
CA LEU C 219 -1.20 24.66 31.93
C LEU C 219 -1.00 23.15 31.72
N ARG C 220 -2.08 22.38 31.74
CA ARG C 220 -1.98 20.95 31.42
C ARG C 220 -1.62 20.71 29.97
N ALA C 221 -2.24 21.48 29.07
CA ALA C 221 -1.87 21.47 27.64
C ALA C 221 -0.40 21.78 27.42
N ALA C 222 0.13 22.71 28.21
CA ALA C 222 1.57 23.00 28.21
C ALA C 222 2.44 21.85 28.77
N ALA C 223 1.85 20.92 29.53
CA ALA C 223 2.58 19.85 30.25
C ALA C 223 3.59 20.45 31.23
N ALA C 224 3.17 21.54 31.88
CA ALA C 224 4.06 22.38 32.66
C ALA C 224 3.60 22.50 34.12
N GLU C 225 2.84 21.52 34.62
CA GLU C 225 2.35 21.53 36.00
C GLU C 225 3.52 21.45 37.01
N LYS C 226 4.45 20.53 36.78
CA LYS C 226 5.61 20.37 37.66
C LYS C 226 6.55 21.58 37.59
N GLN C 227 6.79 22.11 36.40
CA GLN C 227 7.63 23.31 36.25
C GLN C 227 6.99 24.52 36.94
N ALA C 228 5.66 24.59 36.97
CA ALA C 228 4.97 25.66 37.70
C ALA C 228 5.24 25.63 39.20
N VAL C 229 5.30 24.41 39.75
CA VAL C 229 5.58 24.22 41.18
C VAL C 229 7.02 24.65 41.48
N ALA C 230 7.97 24.22 40.66
CA ALA C 230 9.38 24.62 40.79
C ALA C 230 9.54 26.14 40.73
N LEU C 231 8.86 26.78 39.77
CA LEU C 231 8.90 28.24 39.68
C LEU C 231 8.33 28.89 40.93
N ALA C 232 7.20 28.38 41.42
CA ALA C 232 6.60 28.90 42.64
C ALA C 232 7.50 28.68 43.87
N ASP C 233 8.25 27.58 43.89
CA ASP C 233 9.18 27.30 44.99
C ASP C 233 10.39 28.25 45.03
N ARG C 234 10.98 28.54 43.85
N ARG C 234 10.97 28.53 43.85
CA ARG C 234 12.08 29.50 43.76
CA ARG C 234 12.07 29.49 43.74
C ARG C 234 11.63 30.93 44.03
C ARG C 234 11.62 30.92 44.04
N LEU C 235 10.48 31.32 43.47
CA LEU C 235 9.90 32.66 43.74
C LEU C 235 9.39 32.81 45.16
N GLY C 236 8.77 31.77 45.69
CA GLY C 236 8.12 31.84 47.01
C GLY C 236 7.00 32.87 47.11
N CYS C 237 6.34 33.19 45.99
CA CYS C 237 5.30 34.22 45.97
C CYS C 237 3.92 33.58 46.15
N ALA C 238 2.89 34.41 46.27
CA ALA C 238 1.50 33.94 46.28
C ALA C 238 1.13 33.33 44.92
N VAL C 239 0.38 32.22 44.97
CA VAL C 239 -0.08 31.52 43.76
C VAL C 239 -1.61 31.50 43.78
N THR C 240 -2.22 31.94 42.69
CA THR C 240 -3.67 31.90 42.52
C THR C 240 -4.01 31.15 41.24
N ILE C 241 -5.25 30.68 41.14
CA ILE C 241 -5.71 30.03 39.91
C ILE C 241 -6.86 30.82 39.32
N MET C 242 -6.99 30.75 38.00
CA MET C 242 -8.22 31.16 37.31
C MET C 242 -9.18 29.99 37.44
N ALA C 243 -10.48 30.28 37.35
CA ALA C 243 -11.53 29.27 37.59
C ALA C 243 -11.32 27.99 36.83
N ALA C 244 -11.03 28.08 35.54
CA ALA C 244 -10.87 26.92 34.66
C ALA C 244 -9.59 26.09 34.92
N ALA C 245 -8.65 26.64 35.69
CA ALA C 245 -7.39 25.97 35.99
C ALA C 245 -7.40 25.14 37.27
N LYS C 246 -8.56 24.95 37.89
CA LYS C 246 -8.63 24.22 39.16
C LYS C 246 -8.03 22.82 39.06
N GLY C 247 -7.15 22.49 40.02
CA GLY C 247 -6.46 21.21 40.02
C GLY C 247 -5.12 21.22 39.30
N PHE C 248 -4.86 22.23 38.46
CA PHE C 248 -3.59 22.30 37.74
C PHE C 248 -2.45 22.81 38.61
N PHE C 249 -2.76 23.39 39.78
CA PHE C 249 -1.77 23.73 40.79
C PHE C 249 -2.22 23.23 42.17
N PRO C 250 -1.32 22.61 42.97
CA PRO C 250 -1.74 22.06 44.28
C PRO C 250 -2.22 23.15 45.24
N GLU C 251 -3.43 22.99 45.76
CA GLU C 251 -4.07 23.98 46.62
C GLU C 251 -3.64 23.89 48.10
N ASP C 252 -2.99 22.80 48.47
CA ASP C 252 -2.42 22.68 49.82
C ASP C 252 -0.93 23.02 49.84
N HIS C 253 -0.42 23.58 48.73
CA HIS C 253 0.86 24.27 48.71
C HIS C 253 0.77 25.42 49.73
N PRO C 254 1.81 25.61 50.56
CA PRO C 254 1.68 26.62 51.64
C PRO C 254 1.51 28.07 51.14
N ASN C 255 2.01 28.37 49.95
CA ASN C 255 1.80 29.67 49.28
C ASN C 255 0.60 29.82 48.33
N PHE C 256 -0.32 28.84 48.34
CA PHE C 256 -1.58 28.98 47.57
C PHE C 256 -2.49 30.00 48.24
N ARG C 257 -3.01 30.95 47.46
CA ARG C 257 -3.90 32.00 48.01
C ARG C 257 -5.26 32.13 47.32
N GLY C 258 -5.65 31.11 46.55
CA GLY C 258 -7.04 30.95 46.13
C GLY C 258 -7.34 31.24 44.68
N LEU C 259 -8.60 31.57 44.43
CA LEU C 259 -9.15 31.70 43.10
C LEU C 259 -9.23 33.18 42.72
N TYR C 260 -8.64 33.55 41.60
CA TYR C 260 -8.87 34.87 41.03
C TYR C 260 -9.91 34.77 39.92
N TRP C 261 -11.04 35.46 40.09
CA TRP C 261 -12.12 35.49 39.09
C TRP C 261 -12.90 36.81 39.22
N GLY C 262 -12.17 37.92 39.13
CA GLY C 262 -12.73 39.25 39.31
C GLY C 262 -13.49 39.42 40.62
N GLU C 263 -14.73 39.90 40.53
CA GLU C 263 -15.58 40.15 41.70
C GLU C 263 -16.12 38.87 42.37
N VAL C 264 -15.98 37.72 41.71
CA VAL C 264 -16.33 36.42 42.33
C VAL C 264 -15.09 35.61 42.73
N SER C 265 -13.97 36.31 42.98
CA SER C 265 -12.75 35.70 43.53
C SER C 265 -12.95 35.17 44.95
N SER C 266 -12.12 34.21 45.38
CA SER C 266 -12.12 33.81 46.80
C SER C 266 -11.57 34.98 47.67
N GLU C 267 -11.94 35.01 48.95
CA GLU C 267 -11.57 36.08 49.89
C GLU C 267 -10.10 36.56 49.76
N GLY C 268 -9.91 37.86 49.54
CA GLY C 268 -8.59 38.48 49.46
C GLY C 268 -7.84 38.34 48.15
N ALA C 269 -8.29 37.46 47.25
CA ALA C 269 -7.55 37.15 46.03
C ALA C 269 -7.66 38.22 44.93
N GLN C 270 -8.77 38.95 44.91
CA GLN C 270 -8.95 40.05 43.95
C GLN C 270 -7.92 41.17 44.17
N GLU C 271 -7.88 41.73 45.38
CA GLU C 271 -6.86 42.75 45.76
C GLU C 271 -5.42 42.23 45.54
N LEU C 272 -5.19 40.97 45.92
CA LEU C 272 -3.86 40.37 45.83
C LEU C 272 -3.30 40.44 44.41
N VAL C 273 -4.12 40.04 43.44
CA VAL C 273 -3.74 40.05 42.04
C VAL C 273 -3.71 41.47 41.47
N GLU C 274 -4.76 42.24 41.74
CA GLU C 274 -4.95 43.53 41.09
C GLU C 274 -4.05 44.67 41.61
N ASN C 275 -3.50 44.51 42.81
CA ASN C 275 -2.52 45.47 43.37
C ASN C 275 -1.05 45.04 43.23
N ALA C 276 -0.79 43.93 42.55
CA ALA C 276 0.56 43.39 42.42
C ALA C 276 1.45 44.21 41.48
N ASP C 277 2.76 44.24 41.77
CA ASP C 277 3.75 44.86 40.88
C ASP C 277 4.02 43.93 39.69
N ALA C 278 3.87 42.62 39.91
CA ALA C 278 4.05 41.64 38.85
C ALA C 278 3.03 40.50 38.94
N ILE C 279 2.36 40.24 37.81
CA ILE C 279 1.45 39.11 37.67
C ILE C 279 2.02 38.19 36.60
N LEU C 280 2.40 36.99 36.99
CA LEU C 280 2.90 35.96 36.09
C LEU C 280 1.74 35.05 35.67
N CYS C 281 1.21 35.25 34.47
CA CYS C 281 0.09 34.44 33.96
C CYS C 281 0.61 33.23 33.24
N LEU C 282 0.40 32.06 33.82
CA LEU C 282 0.88 30.80 33.23
C LEU C 282 -0.25 30.18 32.40
N ALA C 283 -0.10 30.28 31.08
CA ALA C 283 -1.02 29.71 30.10
C ALA C 283 -2.50 30.08 30.34
N PRO C 284 -2.81 31.39 30.41
CA PRO C 284 -4.19 31.84 30.61
C PRO C 284 -5.03 31.75 29.33
N VAL C 285 -6.35 31.66 29.50
CA VAL C 285 -7.33 31.92 28.45
C VAL C 285 -8.28 32.99 28.99
N PHE C 286 -8.16 34.21 28.46
CA PHE C 286 -8.93 35.35 28.97
C PHE C 286 -10.14 35.58 28.08
N ASN C 287 -11.10 34.66 28.15
CA ASN C 287 -12.36 34.81 27.42
C ASN C 287 -13.36 35.69 28.18
N ASP C 288 -14.54 35.91 27.59
CA ASP C 288 -15.57 36.75 28.20
C ASP C 288 -16.08 36.25 29.55
N TYR C 289 -16.18 34.94 29.72
CA TYR C 289 -16.64 34.36 31.00
C TYR C 289 -15.57 34.41 32.10
N ALA C 290 -14.32 34.19 31.72
CA ALA C 290 -13.18 34.22 32.66
C ALA C 290 -12.90 35.62 33.19
N THR C 291 -13.15 36.63 32.36
CA THR C 291 -12.93 38.02 32.70
C THR C 291 -14.16 38.69 33.33
N VAL C 292 -15.24 37.93 33.54
CA VAL C 292 -16.50 38.45 34.07
C VAL C 292 -17.03 39.59 33.19
N GLY C 293 -17.12 39.30 31.89
CA GLY C 293 -17.64 40.26 30.91
C GLY C 293 -16.68 41.39 30.62
N TRP C 294 -15.39 41.07 30.51
CA TRP C 294 -14.31 42.04 30.26
C TRP C 294 -14.00 43.01 31.41
N ASN C 295 -14.61 42.83 32.59
CA ASN C 295 -14.33 43.69 33.75
C ASN C 295 -13.04 43.37 34.51
N SER C 296 -12.49 42.15 34.36
CA SER C 296 -11.33 41.69 35.14
C SER C 296 -10.35 40.90 34.27
N TRP C 297 -9.52 41.65 33.56
CA TRP C 297 -8.61 41.11 32.57
C TRP C 297 -7.24 41.75 32.87
N PRO C 298 -6.38 41.05 33.63
CA PRO C 298 -5.05 41.64 33.89
C PRO C 298 -4.20 41.80 32.64
N LYS C 299 -3.77 43.03 32.37
CA LYS C 299 -2.92 43.33 31.23
C LYS C 299 -2.16 44.64 31.49
N GLY C 300 -1.22 44.97 30.61
CA GLY C 300 -0.41 46.17 30.78
C GLY C 300 0.91 45.89 31.46
N ASP C 301 1.52 46.93 32.00
CA ASP C 301 2.96 46.90 32.34
C ASP C 301 3.35 45.93 33.45
N ASN C 302 2.44 45.71 34.40
CA ASN C 302 2.67 44.77 35.51
C ASN C 302 2.39 43.29 35.19
N VAL C 303 2.23 42.91 33.92
CA VAL C 303 1.78 41.55 33.55
C VAL C 303 2.77 40.85 32.65
N MET C 304 3.07 39.60 32.96
CA MET C 304 3.87 38.73 32.10
C MET C 304 2.97 37.57 31.66
N VAL C 305 2.79 37.41 30.36
CA VAL C 305 1.92 36.36 29.83
C VAL C 305 2.81 35.28 29.32
N MET C 306 2.78 34.12 29.97
CA MET C 306 3.46 32.91 29.52
C MET C 306 2.43 32.03 28.80
N ASP C 307 2.51 31.97 27.48
CA ASP C 307 1.68 31.07 26.67
C ASP C 307 2.44 29.74 26.58
N THR C 308 1.84 28.75 25.92
CA THR C 308 2.50 27.46 25.73
C THR C 308 3.79 27.55 24.90
N ASP C 309 3.90 28.53 24.02
CA ASP C 309 5.05 28.64 23.11
C ASP C 309 5.69 30.04 23.05
N ARG C 310 5.39 30.88 24.03
CA ARG C 310 5.78 32.29 23.95
C ARG C 310 5.73 32.95 25.31
N VAL C 311 6.61 33.93 25.53
CA VAL C 311 6.51 34.78 26.72
C VAL C 311 6.54 36.24 26.33
N THR C 312 5.67 37.03 26.94
CA THR C 312 5.50 38.43 26.58
C THR C 312 5.44 39.32 27.82
N PHE C 313 6.31 40.31 27.89
CA PHE C 313 6.35 41.26 29.00
C PHE C 313 7.25 42.43 28.67
N ALA C 314 6.99 43.57 29.29
CA ALA C 314 7.83 44.78 29.15
C ALA C 314 8.17 45.16 27.70
N GLY C 315 7.16 45.11 26.82
CA GLY C 315 7.29 45.49 25.42
C GLY C 315 8.10 44.54 24.55
N GLN C 316 8.20 43.29 24.98
CA GLN C 316 8.98 42.28 24.24
C GLN C 316 8.26 40.93 24.20
N SER C 317 8.50 40.16 23.16
CA SER C 317 7.93 38.84 23.07
C SER C 317 8.98 37.89 22.58
N PHE C 318 9.16 36.79 23.31
CA PHE C 318 10.16 35.78 23.02
C PHE C 318 9.46 34.47 22.67
N GLU C 319 9.86 33.83 21.57
CA GLU C 319 9.24 32.57 21.14
C GLU C 319 10.32 31.56 20.81
N GLY C 320 9.97 30.45 20.17
CA GLY C 320 10.91 29.38 19.91
C GLY C 320 11.26 28.64 21.19
N LEU C 321 10.36 28.70 22.17
CA LEU C 321 10.54 28.07 23.45
C LEU C 321 9.22 27.42 23.83
N SER C 322 9.17 26.80 25.00
CA SER C 322 7.94 26.26 25.54
C SER C 322 7.77 26.73 26.97
N LEU C 323 6.55 26.71 27.46
CA LEU C 323 6.29 27.11 28.84
C LEU C 323 7.05 26.21 29.82
N SER C 324 7.11 24.93 29.50
CA SER C 324 7.86 23.92 30.23
C SER C 324 9.34 24.29 30.40
N THR C 325 10.00 24.54 29.28
CA THR C 325 11.43 24.86 29.24
C THR C 325 11.71 26.22 29.83
N PHE C 326 10.87 27.19 29.50
CA PHE C 326 11.04 28.55 30.03
C PHE C 326 10.85 28.63 31.54
N ALA C 327 9.80 28.01 32.06
CA ALA C 327 9.52 28.08 33.49
C ALA C 327 10.56 27.31 34.33
N ALA C 328 11.11 26.24 33.77
CA ALA C 328 12.18 25.47 34.42
C ALA C 328 13.46 26.31 34.51
N ALA C 329 13.85 26.92 33.39
CA ALA C 329 15.03 27.80 33.35
C ALA C 329 14.87 29.02 34.23
N LEU C 330 13.68 29.61 34.23
CA LEU C 330 13.39 30.74 35.14
C LEU C 330 13.40 30.32 36.62
N ALA C 331 13.00 29.07 36.90
CA ALA C 331 13.04 28.52 38.26
C ALA C 331 14.46 28.34 38.84
N GLU C 332 15.48 28.30 37.99
CA GLU C 332 16.89 28.25 38.43
C GLU C 332 17.53 29.63 38.63
N LYS C 333 16.95 30.68 38.06
CA LYS C 333 17.54 32.02 38.08
C LYS C 333 16.71 33.13 38.72
N ALA C 334 15.42 32.89 38.97
CA ALA C 334 14.55 33.99 39.40
C ALA C 334 14.86 34.38 40.83
N PRO C 335 14.64 35.66 41.18
CA PRO C 335 14.87 36.11 42.55
C PRO C 335 13.76 35.66 43.50
N SER C 336 14.08 35.64 44.80
CA SER C 336 13.10 35.28 45.83
C SER C 336 12.18 36.46 46.09
N ARG C 337 10.86 36.24 46.07
CA ARG C 337 9.88 37.32 46.20
C ARG C 337 8.72 36.91 47.11
N PRO C 338 8.98 36.77 48.42
CA PRO C 338 7.98 36.25 49.35
C PRO C 338 6.92 37.22 49.89
N ALA C 339 7.03 38.52 49.58
CA ALA C 339 6.15 39.54 50.22
C ALA C 339 4.62 39.28 50.14
N THR C 340 4.13 38.74 49.03
CA THR C 340 2.69 38.46 48.88
C THR C 340 2.19 37.25 49.69
N THR C 341 3.09 36.41 50.19
CA THR C 341 2.72 35.29 51.09
C THR C 341 2.58 35.69 52.56
N GLN C 342 3.04 36.88 52.93
CA GLN C 342 3.15 37.27 54.35
C GLN C 342 1.86 37.92 54.86
N GLY C 343 1.36 37.42 56.00
CA GLY C 343 0.07 37.85 56.56
C GLY C 343 -1.12 37.06 56.05
N THR C 344 -1.16 36.81 54.73
CA THR C 344 -2.28 36.19 54.03
C THR C 344 -2.38 34.66 54.26
N GLN C 345 -3.50 34.08 53.83
CA GLN C 345 -3.93 32.73 54.23
C GLN C 345 -4.56 31.97 53.03
N ALA C 346 -4.35 30.66 52.97
CA ALA C 346 -5.04 29.82 51.97
C ALA C 346 -6.53 29.72 52.33
N PRO C 347 -7.44 30.06 51.38
CA PRO C 347 -8.86 30.15 51.73
C PRO C 347 -9.52 28.80 52.09
N VAL C 348 -10.53 28.87 52.95
CA VAL C 348 -11.24 27.67 53.45
C VAL C 348 -12.65 27.65 52.89
N LEU C 349 -13.31 26.50 53.03
CA LEU C 349 -14.67 26.32 52.53
C LEU C 349 -15.63 27.28 53.25
N GLY C 350 -15.53 27.32 54.58
CA GLY C 350 -16.29 28.26 55.40
C GLY C 350 -17.77 27.98 55.45
N ILE C 351 -18.16 26.70 55.45
CA ILE C 351 -19.56 26.30 55.53
C ILE C 351 -19.72 25.42 56.75
N GLU C 352 -20.51 25.89 57.71
CA GLU C 352 -20.86 25.10 58.89
C GLU C 352 -21.85 24.01 58.51
N ALA C 353 -21.76 22.89 59.22
CA ALA C 353 -22.69 21.79 59.08
C ALA C 353 -24.11 22.25 59.41
N ALA C 354 -25.05 21.90 58.53
CA ALA C 354 -26.46 22.21 58.74
C ALA C 354 -27.08 21.25 59.76
N GLU C 355 -28.25 21.61 60.28
N GLU C 355 -28.26 21.60 60.27
CA GLU C 355 -29.03 20.70 61.12
CA GLU C 355 -29.06 20.70 61.10
C GLU C 355 -29.49 19.54 60.23
C GLU C 355 -29.51 19.53 60.22
N PRO C 356 -29.16 18.28 60.61
CA PRO C 356 -29.34 17.12 59.69
C PRO C 356 -30.73 16.92 59.06
N ASN C 357 -31.79 17.24 59.79
CA ASN C 357 -33.17 17.10 59.26
C ASN C 357 -33.78 18.32 58.55
N ALA C 358 -33.03 19.42 58.44
CA ALA C 358 -33.51 20.60 57.72
C ALA C 358 -33.50 20.34 56.19
N PRO C 359 -34.41 20.98 55.45
CA PRO C 359 -34.38 20.86 53.99
C PRO C 359 -32.98 21.12 53.43
N LEU C 360 -32.55 20.29 52.49
CA LEU C 360 -31.20 20.37 51.96
C LEU C 360 -30.96 21.72 51.32
N THR C 361 -29.83 22.35 51.65
CA THR C 361 -29.40 23.60 51.02
C THR C 361 -28.23 23.33 50.07
N ASN C 362 -28.03 24.29 49.19
CA ASN C 362 -26.89 24.31 48.28
C ASN C 362 -25.58 24.24 49.07
N ASP C 363 -25.51 24.96 50.19
CA ASP C 363 -24.33 24.98 51.07
C ASP C 363 -24.05 23.62 51.67
N GLU C 364 -25.09 22.98 52.21
CA GLU C 364 -24.92 21.69 52.89
C GLU C 364 -24.48 20.61 51.89
N MET C 365 -25.12 20.60 50.71
CA MET C 365 -24.71 19.72 49.62
C MET C 365 -23.24 19.93 49.26
N THR C 366 -22.86 21.18 49.07
CA THR C 366 -21.47 21.53 48.75
C THR C 366 -20.49 21.04 49.84
N ARG C 367 -20.87 21.20 51.11
CA ARG C 367 -20.03 20.76 52.23
C ARG C 367 -19.78 19.26 52.18
N GLN C 368 -20.82 18.48 52.00
CA GLN C 368 -20.70 17.03 51.94
C GLN C 368 -19.94 16.54 50.71
N ILE C 369 -20.13 17.17 49.55
CA ILE C 369 -19.37 16.78 48.37
C ILE C 369 -17.89 17.09 48.55
N GLN C 370 -17.58 18.27 49.07
CA GLN C 370 -16.18 18.68 49.33
C GLN C 370 -15.42 17.63 50.19
N SER C 371 -16.10 17.07 51.21
CA SER C 371 -15.54 16.00 52.07
C SER C 371 -15.13 14.71 51.36
N LEU C 372 -15.77 14.40 50.24
CA LEU C 372 -15.42 13.22 49.46
C LEU C 372 -14.16 13.36 48.63
N ILE C 373 -13.66 14.58 48.47
CA ILE C 373 -12.54 14.83 47.56
C ILE C 373 -11.24 14.45 48.24
N THR C 374 -10.67 13.33 47.80
CA THR C 374 -9.38 12.86 48.26
C THR C 374 -8.31 13.13 47.19
N SER C 375 -7.08 12.75 47.51
CA SER C 375 -5.95 12.96 46.63
C SER C 375 -5.97 12.14 45.35
N ASP C 376 -6.78 11.07 45.31
CA ASP C 376 -7.00 10.33 44.09
C ASP C 376 -8.48 10.37 43.65
N THR C 377 -9.11 11.52 43.84
CA THR C 377 -10.46 11.79 43.36
C THR C 377 -10.40 12.64 42.09
N THR C 378 -11.30 12.39 41.16
CA THR C 378 -11.53 13.27 40.02
C THR C 378 -12.97 13.77 40.11
N LEU C 379 -13.15 15.09 40.18
CA LEU C 379 -14.45 15.74 40.21
C LEU C 379 -14.76 16.37 38.83
N THR C 380 -15.82 15.91 38.18
CA THR C 380 -16.28 16.48 36.89
C THR C 380 -17.45 17.43 37.22
N ALA C 381 -17.29 18.72 36.95
CA ALA C 381 -18.28 19.72 37.33
C ALA C 381 -18.91 20.33 36.08
N GLU C 382 -20.22 20.17 35.94
CA GLU C 382 -20.96 20.61 34.75
C GLU C 382 -21.16 22.12 34.71
N THR C 383 -21.33 22.65 33.49
CA THR C 383 -21.82 24.03 33.26
C THR C 383 -23.17 24.26 33.97
N GLY C 384 -23.26 25.32 34.78
CA GLY C 384 -24.37 25.54 35.69
C GLY C 384 -23.85 26.08 37.01
N ASP C 385 -24.67 26.03 38.06
CA ASP C 385 -24.23 26.43 39.40
C ASP C 385 -23.10 25.55 39.93
N SER C 386 -23.00 24.32 39.42
CA SER C 386 -21.86 23.44 39.72
C SER C 386 -20.49 24.06 39.46
N TRP C 387 -20.37 24.92 38.44
CA TRP C 387 -19.16 25.71 38.22
C TRP C 387 -18.79 26.51 39.46
N PHE C 388 -19.79 27.14 40.06
CA PHE C 388 -19.60 28.03 41.18
C PHE C 388 -19.48 27.28 42.50
N ASN C 389 -20.09 26.10 42.62
CA ASN C 389 -19.85 25.24 43.80
C ASN C 389 -18.48 24.61 43.80
N ALA C 390 -18.08 24.05 42.65
CA ALA C 390 -16.75 23.47 42.52
C ALA C 390 -15.67 24.52 42.80
N SER C 391 -15.83 25.73 42.26
N SER C 391 -15.85 25.72 42.26
CA SER C 391 -14.81 26.77 42.38
CA SER C 391 -14.86 26.80 42.37
C SER C 391 -14.63 27.32 43.80
C SER C 391 -14.64 27.32 43.79
N ARG C 392 -15.58 27.06 44.70
CA ARG C 392 -15.42 27.41 46.13
C ARG C 392 -15.06 26.22 47.06
N MET C 393 -14.68 25.07 46.48
CA MET C 393 -14.24 23.91 47.26
C MET C 393 -12.73 23.84 47.30
N PRO C 394 -12.12 23.93 48.48
CA PRO C 394 -10.71 23.54 48.58
C PRO C 394 -10.52 22.04 48.29
N ILE C 395 -9.43 21.70 47.62
CA ILE C 395 -9.13 20.32 47.30
C ILE C 395 -7.69 19.98 47.74
N PRO C 396 -7.46 18.72 48.15
CA PRO C 396 -6.09 18.34 48.52
C PRO C 396 -5.24 18.10 47.28
N GLY C 397 -3.93 17.99 47.47
CA GLY C 397 -2.98 17.77 46.37
C GLY C 397 -3.21 16.40 45.75
N GLY C 398 -3.10 16.34 44.43
CA GLY C 398 -3.38 15.12 43.65
C GLY C 398 -4.80 15.05 43.09
N ALA C 399 -5.77 15.69 43.76
CA ALA C 399 -7.15 15.72 43.28
C ALA C 399 -7.24 16.42 41.95
N ARG C 400 -8.19 15.96 41.13
CA ARG C 400 -8.41 16.48 39.79
C ARG C 400 -9.84 17.04 39.67
N VAL C 401 -9.95 18.21 39.06
CA VAL C 401 -11.23 18.85 38.78
C VAL C 401 -11.31 19.04 37.28
N GLU C 402 -12.40 18.60 36.68
CA GLU C 402 -12.61 18.75 35.25
C GLU C 402 -13.75 19.72 35.02
N LEU C 403 -13.43 20.79 34.30
CA LEU C 403 -14.35 21.84 33.93
C LEU C 403 -14.24 22.05 32.43
N GLU C 404 -15.34 22.44 31.81
CA GLU C 404 -15.40 22.64 30.38
C GLU C 404 -15.89 24.07 30.14
N MET C 405 -15.06 25.04 30.55
CA MET C 405 -15.46 26.43 30.59
C MET C 405 -15.23 27.24 29.32
N GLN C 406 -14.49 26.71 28.34
CA GLN C 406 -14.40 27.37 27.03
C GLN C 406 -15.60 26.97 26.14
N TRP C 407 -15.86 25.68 26.03
CA TRP C 407 -16.94 25.16 25.18
C TRP C 407 -18.27 25.36 25.88
N GLY C 408 -18.38 24.85 27.11
CA GLY C 408 -19.56 25.06 27.92
C GLY C 408 -20.82 24.39 27.38
N HIS C 409 -20.69 23.15 26.90
CA HIS C 409 -21.81 22.38 26.38
C HIS C 409 -22.50 21.65 27.53
N ILE C 410 -23.70 22.08 27.92
CA ILE C 410 -24.42 21.37 28.97
C ILE C 410 -24.65 19.92 28.56
N GLY C 411 -24.53 19.02 29.53
CA GLY C 411 -24.59 17.59 29.29
C GLY C 411 -23.24 16.91 29.08
N TRP C 412 -22.21 17.69 28.75
CA TRP C 412 -20.84 17.19 28.61
C TRP C 412 -20.42 16.29 29.78
N SER C 413 -20.82 16.64 31.00
CA SER C 413 -20.33 15.99 32.20
C SER C 413 -20.65 14.51 32.30
N VAL C 414 -21.80 14.08 31.78
CA VAL C 414 -22.19 12.69 31.90
C VAL C 414 -21.26 11.76 31.08
N PRO C 415 -21.23 11.93 29.74
CA PRO C 415 -20.25 11.15 28.97
C PRO C 415 -18.78 11.44 29.30
N SER C 416 -18.45 12.67 29.67
CA SER C 416 -17.06 13.00 30.02
C SER C 416 -16.59 12.22 31.25
N ALA C 417 -17.40 12.23 32.31
CA ALA C 417 -17.12 11.47 33.52
C ALA C 417 -17.00 9.99 33.23
N PHE C 418 -17.87 9.47 32.37
CA PHE C 418 -17.84 8.09 31.95
C PHE C 418 -16.52 7.71 31.27
N GLY C 419 -16.13 8.46 30.25
CA GLY C 419 -14.83 8.27 29.60
C GLY C 419 -13.65 8.43 30.54
N ASN C 420 -13.71 9.45 31.38
CA ASN C 420 -12.68 9.69 32.38
C ASN C 420 -12.54 8.51 33.37
N ALA C 421 -13.66 8.02 33.90
CA ALA C 421 -13.64 6.87 34.78
C ALA C 421 -13.19 5.59 34.12
N VAL C 422 -13.49 5.41 32.84
CA VAL C 422 -12.95 4.28 32.09
C VAL C 422 -11.43 4.41 31.95
N GLY C 423 -10.95 5.63 31.76
CA GLY C 423 -9.54 5.88 31.54
C GLY C 423 -8.70 5.96 32.80
N SER C 424 -9.32 6.27 33.93
CA SER C 424 -8.63 6.35 35.22
C SER C 424 -9.42 5.63 36.31
N PRO C 425 -9.62 4.30 36.16
CA PRO C 425 -10.46 3.52 37.05
C PRO C 425 -9.92 3.34 38.49
N GLU C 426 -8.64 3.61 38.70
CA GLU C 426 -8.03 3.60 40.04
C GLU C 426 -8.50 4.76 40.94
N ARG C 427 -9.10 5.79 40.33
CA ARG C 427 -9.53 6.97 41.07
C ARG C 427 -10.97 6.88 41.50
N ARG C 428 -11.32 7.67 42.50
CA ARG C 428 -12.70 7.90 42.88
C ARG C 428 -13.25 8.95 41.90
N HIS C 429 -14.39 8.67 41.30
CA HIS C 429 -14.96 9.56 40.31
C HIS C 429 -16.30 10.08 40.81
N ILE C 430 -16.35 11.41 40.98
CA ILE C 430 -17.52 12.14 41.40
C ILE C 430 -17.94 13.10 40.29
N MET C 431 -19.24 13.33 40.19
CA MET C 431 -19.85 14.17 39.17
C MET C 431 -20.81 15.15 39.81
N MET C 432 -20.77 16.42 39.42
CA MET C 432 -21.83 17.37 39.76
C MET C 432 -22.51 17.83 38.47
N VAL C 433 -23.79 17.50 38.34
CA VAL C 433 -24.55 17.81 37.14
C VAL C 433 -25.96 18.31 37.47
N GLY C 434 -26.36 19.39 36.80
CA GLY C 434 -27.69 19.95 36.95
C GLY C 434 -28.75 19.12 36.26
N ASP C 435 -30.00 19.34 36.65
CA ASP C 435 -31.13 18.66 36.01
C ASP C 435 -31.22 18.94 34.50
N GLY C 436 -31.06 20.20 34.12
CA GLY C 436 -31.17 20.60 32.72
C GLY C 436 -30.13 19.96 31.84
N SER C 437 -28.88 20.02 32.31
CA SER C 437 -27.76 19.37 31.66
C SER C 437 -27.94 17.88 31.50
N PHE C 438 -28.32 17.22 32.58
CA PHE C 438 -28.46 15.78 32.61
C PHE C 438 -29.40 15.26 31.51
N GLN C 439 -30.48 15.99 31.27
CA GLN C 439 -31.44 15.62 30.22
C GLN C 439 -30.90 15.54 28.80
N LEU C 440 -29.86 16.32 28.47
CA LEU C 440 -29.26 16.24 27.13
C LEU C 440 -28.55 14.93 26.87
N THR C 441 -27.98 14.32 27.90
CA THR C 441 -27.09 13.15 27.73
C THR C 441 -27.32 12.00 28.71
N ALA C 442 -28.48 11.99 29.38
CA ALA C 442 -28.80 11.02 30.47
C ALA C 442 -28.54 9.54 30.13
N GLN C 443 -28.73 9.16 28.87
CA GLN C 443 -28.61 7.75 28.46
C GLN C 443 -27.22 7.16 28.61
N GLU C 444 -26.18 7.99 28.74
CA GLU C 444 -24.84 7.46 28.96
C GLU C 444 -24.60 6.91 30.38
N VAL C 445 -25.51 7.20 31.31
CA VAL C 445 -25.54 6.51 32.60
C VAL C 445 -25.78 5.02 32.37
N ALA C 446 -26.57 4.67 31.35
CA ALA C 446 -26.78 3.26 31.00
C ALA C 446 -25.50 2.56 30.56
N GLN C 447 -24.58 3.31 29.94
CA GLN C 447 -23.26 2.77 29.59
C GLN C 447 -22.36 2.66 30.82
N MET C 448 -22.46 3.60 31.77
CA MET C 448 -21.82 3.42 33.08
C MET C 448 -22.25 2.12 33.73
N ILE C 449 -23.54 1.79 33.60
CA ILE C 449 -24.13 0.60 34.21
C ILE C 449 -23.66 -0.62 33.45
N ARG C 450 -23.76 -0.59 32.13
CA ARG C 450 -23.22 -1.66 31.27
C ARG C 450 -21.78 -2.04 31.61
N TYR C 451 -20.91 -1.04 31.73
CA TYR C 451 -19.48 -1.29 31.95
C TYR C 451 -19.06 -1.25 33.42
N GLU C 452 -20.03 -1.20 34.34
CA GLU C 452 -19.78 -1.22 35.79
C GLU C 452 -18.79 -0.15 36.23
N ILE C 453 -19.10 1.11 35.90
CA ILE C 453 -18.24 2.23 36.19
C ILE C 453 -18.83 2.94 37.39
N PRO C 454 -18.14 2.90 38.55
CA PRO C 454 -18.75 3.41 39.79
C PRO C 454 -18.67 4.94 40.02
N VAL C 455 -19.17 5.73 39.07
CA VAL C 455 -19.18 7.20 39.23
C VAL C 455 -20.27 7.54 40.24
N ILE C 456 -19.97 8.46 41.15
CA ILE C 456 -20.97 8.98 42.07
C ILE C 456 -21.52 10.27 41.45
N ILE C 457 -22.80 10.25 41.06
CA ILE C 457 -23.44 11.38 40.37
C ILE C 457 -24.33 12.18 41.32
N PHE C 458 -23.94 13.43 41.60
CA PHE C 458 -24.78 14.35 42.35
C PHE C 458 -25.57 15.16 41.35
N LEU C 459 -26.86 14.85 41.26
CA LEU C 459 -27.78 15.50 40.31
C LEU C 459 -28.50 16.61 41.08
N ILE C 460 -28.26 17.86 40.71
CA ILE C 460 -28.90 19.00 41.39
C ILE C 460 -30.26 19.31 40.74
N ASN C 461 -31.34 18.81 41.35
CA ASN C 461 -32.67 19.07 40.85
C ASN C 461 -33.19 20.36 41.45
N ASN C 462 -32.84 21.46 40.78
CA ASN C 462 -33.40 22.78 41.08
C ASN C 462 -34.56 23.22 40.14
N ARG C 463 -35.09 22.28 39.37
N ARG C 463 -35.06 22.27 39.36
CA ARG C 463 -36.26 22.51 38.52
CA ARG C 463 -36.23 22.46 38.51
C ARG C 463 -36.05 23.63 37.52
C ARG C 463 -36.05 23.61 37.52
N GLY C 464 -35.06 23.46 36.64
CA GLY C 464 -34.81 24.42 35.54
C GLY C 464 -33.37 24.82 35.34
N TYR C 465 -33.19 25.79 34.45
CA TYR C 465 -31.89 26.30 34.06
C TYR C 465 -31.53 27.52 34.93
N VAL C 466 -31.07 27.28 36.15
CA VAL C 466 -30.91 28.36 37.15
C VAL C 466 -29.84 29.41 36.76
N ILE C 467 -28.72 28.96 36.22
CA ILE C 467 -27.72 29.89 35.65
C ILE C 467 -28.33 30.82 34.58
N GLU C 468 -29.18 30.28 33.70
CA GLU C 468 -29.85 31.09 32.65
C GLU C 468 -30.90 32.04 33.23
N ILE C 469 -31.59 31.63 34.29
CA ILE C 469 -32.50 32.51 35.04
C ILE C 469 -31.76 33.75 35.59
N ALA C 470 -30.58 33.56 36.17
CA ALA C 470 -29.73 34.67 36.65
C ALA C 470 -29.17 35.60 35.55
N ILE C 471 -29.02 35.08 34.33
CA ILE C 471 -28.62 35.89 33.16
C ILE C 471 -29.84 36.69 32.64
N HIS C 472 -30.94 35.97 32.38
CA HIS C 472 -32.14 36.55 31.76
C HIS C 472 -33.29 35.53 31.83
N ASP C 473 -34.31 35.83 32.63
CA ASP C 473 -35.40 34.88 32.88
C ASP C 473 -36.48 34.90 31.79
N GLY C 474 -37.14 33.76 31.61
CA GLY C 474 -38.24 33.58 30.67
C GLY C 474 -38.63 32.10 30.67
N PRO C 475 -39.75 31.75 30.00
CA PRO C 475 -40.34 30.41 30.06
C PRO C 475 -39.45 29.30 29.50
N TYR C 476 -38.53 29.65 28.61
CA TYR C 476 -37.52 28.73 28.08
C TYR C 476 -36.55 28.12 29.13
N ASN C 477 -36.51 28.68 30.34
CA ASN C 477 -35.68 28.16 31.42
C ASN C 477 -36.30 27.06 32.28
N TYR C 478 -37.58 26.74 32.07
CA TYR C 478 -38.32 25.81 32.93
C TYR C 478 -38.54 24.55 32.15
N ILE C 479 -38.13 23.42 32.73
CA ILE C 479 -38.09 22.14 32.05
C ILE C 479 -39.03 21.15 32.74
N LYS C 480 -39.31 20.06 32.03
CA LYS C 480 -40.10 18.95 32.55
C LYS C 480 -39.28 18.22 33.61
N ASN C 481 -39.86 18.05 34.79
CA ASN C 481 -39.23 17.30 35.86
C ASN C 481 -39.29 15.82 35.59
N TRP C 482 -38.21 15.11 35.89
CA TRP C 482 -38.18 13.65 35.82
C TRP C 482 -37.98 13.11 37.21
N ASN C 483 -38.30 11.84 37.40
CA ASN C 483 -37.87 11.10 38.59
C ASN C 483 -36.48 10.58 38.28
N TYR C 484 -35.48 11.44 38.49
CA TYR C 484 -34.11 11.16 38.06
C TYR C 484 -33.54 9.93 38.76
N ALA C 485 -33.82 9.77 40.05
CA ALA C 485 -33.39 8.59 40.80
C ALA C 485 -33.98 7.30 40.23
N GLY C 486 -35.23 7.36 39.76
CA GLY C 486 -35.93 6.19 39.20
C GLY C 486 -35.45 5.77 37.83
N LEU C 487 -34.72 6.65 37.15
CA LEU C 487 -34.08 6.33 35.88
C LEU C 487 -33.06 5.20 35.98
N ILE C 488 -32.39 5.09 37.13
CA ILE C 488 -31.35 4.06 37.31
C ILE C 488 -31.93 2.65 37.22
N ASP C 489 -33.09 2.41 37.85
CA ASP C 489 -33.80 1.13 37.70
C ASP C 489 -34.17 0.77 36.26
N VAL C 490 -34.60 1.77 35.50
CA VAL C 490 -34.92 1.58 34.08
C VAL C 490 -33.68 1.13 33.32
N PHE C 491 -32.58 1.85 33.48
CA PHE C 491 -31.33 1.44 32.83
C PHE C 491 -30.78 0.12 33.35
N ASN C 492 -30.97 -0.19 34.64
CA ASN C 492 -30.52 -1.48 35.19
C ASN C 492 -31.24 -2.65 34.52
N ASP C 493 -32.56 -2.52 34.42
CA ASP C 493 -33.43 -3.60 33.94
C ASP C 493 -33.22 -4.85 34.83
N GLU C 494 -32.79 -5.98 34.31
CA GLU C 494 -32.60 -7.19 35.13
C GLU C 494 -31.12 -7.49 35.36
N ASP C 495 -30.27 -6.52 35.10
CA ASP C 495 -28.89 -6.76 34.71
C ASP C 495 -27.84 -5.94 35.49
N GLY C 496 -28.06 -4.64 35.59
CA GLY C 496 -27.10 -3.71 36.15
C GLY C 496 -27.15 -3.46 37.64
N HIS C 497 -26.10 -2.80 38.13
CA HIS C 497 -25.93 -2.51 39.55
C HIS C 497 -25.78 -1.02 39.82
N GLY C 498 -26.47 -0.21 39.02
CA GLY C 498 -26.65 1.19 39.32
C GLY C 498 -27.54 1.33 40.55
N LEU C 499 -27.33 2.42 41.29
CA LEU C 499 -28.20 2.81 42.40
C LEU C 499 -28.74 4.22 42.19
N GLY C 500 -30.05 4.39 42.38
CA GLY C 500 -30.69 5.70 42.28
C GLY C 500 -31.28 6.09 43.60
N LEU C 501 -30.89 7.25 44.14
CA LEU C 501 -31.24 7.65 45.50
C LEU C 501 -31.69 9.11 45.54
N LYS C 502 -32.60 9.42 46.45
CA LYS C 502 -33.08 10.80 46.63
C LYS C 502 -32.55 11.36 47.93
N ALA C 503 -32.18 12.64 47.93
CA ALA C 503 -31.77 13.34 49.16
C ALA C 503 -32.45 14.70 49.26
N SER C 504 -33.25 14.87 50.30
CA SER C 504 -33.92 16.14 50.57
C SER C 504 -33.46 16.79 51.87
N THR C 505 -32.55 16.15 52.60
CA THR C 505 -32.00 16.68 53.86
C THR C 505 -30.53 16.29 53.96
N GLY C 506 -29.80 16.95 54.87
CA GLY C 506 -28.39 16.62 55.18
C GLY C 506 -28.18 15.16 55.61
N ALA C 507 -29.08 14.65 56.45
CA ALA C 507 -29.03 13.25 56.87
C ALA C 507 -29.27 12.29 55.70
N GLU C 508 -30.28 12.57 54.87
CA GLU C 508 -30.54 11.72 53.70
C GLU C 508 -29.36 11.73 52.71
N LEU C 509 -28.74 12.90 52.53
CA LEU C 509 -27.54 12.98 51.67
C LEU C 509 -26.37 12.16 52.23
N GLU C 510 -26.16 12.29 53.55
CA GLU C 510 -25.11 11.53 54.25
C GLU C 510 -25.29 10.02 54.07
N GLY C 511 -26.52 9.54 54.26
CA GLY C 511 -26.88 8.14 54.04
C GLY C 511 -26.70 7.67 52.59
N ALA C 512 -27.10 8.53 51.65
CA ALA C 512 -26.95 8.22 50.21
C ALA C 512 -25.46 8.11 49.81
N ILE C 513 -24.65 9.03 50.32
CA ILE C 513 -23.21 9.01 50.05
C ILE C 513 -22.55 7.73 50.57
N LYS C 514 -22.91 7.28 51.78
CA LYS C 514 -22.38 6.02 52.30
C LYS C 514 -22.74 4.81 51.41
N LYS C 515 -23.98 4.77 50.92
CA LYS C 515 -24.37 3.75 49.94
C LYS C 515 -23.61 3.87 48.61
N ALA C 516 -23.44 5.10 48.13
CA ALA C 516 -22.65 5.36 46.91
C ALA C 516 -21.24 4.81 47.04
N LEU C 517 -20.57 5.11 48.14
CA LEU C 517 -19.19 4.62 48.38
C LEU C 517 -19.10 3.07 48.41
N ASP C 518 -20.16 2.41 48.88
CA ASP C 518 -20.18 0.94 48.91
C ASP C 518 -20.60 0.28 47.60
N ASN C 519 -21.06 1.03 46.59
CA ASN C 519 -21.48 0.44 45.33
C ASN C 519 -20.35 0.45 44.30
N ARG C 520 -19.68 -0.68 44.14
CA ARG C 520 -18.55 -0.77 43.23
C ARG C 520 -18.89 -1.28 41.83
N ARG C 521 -20.07 -1.85 41.65
CA ARG C 521 -20.41 -2.51 40.40
C ARG C 521 -21.26 -1.64 39.47
N GLY C 522 -21.42 -0.36 39.79
CA GLY C 522 -22.18 0.56 38.95
C GLY C 522 -22.27 1.95 39.54
N PRO C 523 -22.79 2.92 38.75
CA PRO C 523 -22.88 4.28 39.25
C PRO C 523 -23.96 4.43 40.29
N THR C 524 -23.87 5.52 41.03
CA THR C 524 -24.86 5.87 42.01
C THR C 524 -25.31 7.30 41.74
N LEU C 525 -26.59 7.47 41.45
CA LEU C 525 -27.15 8.80 41.20
C LEU C 525 -27.88 9.25 42.44
N ILE C 526 -27.44 10.38 43.00
CA ILE C 526 -28.06 10.96 44.18
C ILE C 526 -28.79 12.22 43.73
N GLU C 527 -30.12 12.14 43.66
CA GLU C 527 -30.94 13.27 43.26
C GLU C 527 -31.14 14.18 44.46
N CYS C 528 -30.52 15.36 44.43
CA CYS C 528 -30.56 16.33 45.51
C CYS C 528 -31.61 17.41 45.23
N ASN C 529 -32.57 17.52 46.15
CA ASN C 529 -33.64 18.51 46.09
C ASN C 529 -33.10 19.85 46.60
N ILE C 530 -32.93 20.80 45.70
CA ILE C 530 -32.38 22.12 46.02
C ILE C 530 -33.39 23.15 45.50
N ALA C 531 -33.72 24.15 46.32
CA ALA C 531 -34.68 25.17 45.92
C ALA C 531 -34.13 25.97 44.74
N GLN C 532 -35.03 26.32 43.83
CA GLN C 532 -34.68 27.06 42.62
C GLN C 532 -33.93 28.38 42.92
N ASP C 533 -34.36 29.10 43.95
CA ASP C 533 -33.68 30.35 44.38
C ASP C 533 -32.44 30.18 45.30
N ASP C 534 -32.13 28.94 45.70
CA ASP C 534 -30.96 28.63 46.52
C ASP C 534 -29.77 28.30 45.62
N CYS C 535 -29.23 29.32 44.98
CA CYS C 535 -28.04 29.21 44.14
C CYS C 535 -26.98 30.09 44.79
N THR C 536 -25.71 29.92 44.40
CA THR C 536 -24.63 30.72 45.00
C THR C 536 -24.82 32.22 44.72
N GLU C 537 -24.39 33.06 45.66
CA GLU C 537 -24.34 34.51 45.43
C GLU C 537 -23.35 34.86 44.30
N THR C 538 -22.30 34.07 44.15
CA THR C 538 -21.32 34.30 43.10
C THR C 538 -21.94 34.17 41.70
N LEU C 539 -22.85 33.21 41.52
CA LEU C 539 -23.56 33.01 40.25
C LEU C 539 -24.39 34.23 39.87
N ILE C 540 -25.13 34.78 40.83
CA ILE C 540 -25.96 35.98 40.60
C ILE C 540 -25.10 37.17 40.15
N ALA C 541 -23.99 37.40 40.84
CA ALA C 541 -23.13 38.56 40.54
C ALA C 541 -22.49 38.42 39.15
N TRP C 542 -22.02 37.22 38.87
CA TRP C 542 -21.43 36.89 37.59
C TRP C 542 -22.47 36.96 36.47
N GLY C 543 -23.67 36.45 36.73
CA GLY C 543 -24.75 36.47 35.75
C GLY C 543 -25.16 37.86 35.26
N LYS C 544 -25.20 38.81 36.18
CA LYS C 544 -25.48 40.21 35.84
C LYS C 544 -24.42 40.84 34.93
N ARG C 545 -23.14 40.60 35.22
CA ARG C 545 -22.06 41.15 34.40
C ARG C 545 -22.04 40.59 32.98
N VAL C 546 -22.29 39.29 32.87
CA VAL C 546 -22.37 38.62 31.58
C VAL C 546 -23.55 39.12 30.75
N ALA C 547 -24.73 39.24 31.37
CA ALA C 547 -25.91 39.77 30.68
C ALA C 547 -25.67 41.17 30.09
N ALA C 548 -25.02 42.04 30.86
CA ALA C 548 -24.78 43.45 30.46
C ALA C 548 -23.79 43.50 29.30
N THR C 549 -22.74 42.69 29.38
CA THR C 549 -21.77 42.53 28.31
C THR C 549 -22.37 41.99 26.99
N ASN C 550 -23.17 40.93 27.05
CA ASN C 550 -23.80 40.34 25.84
C ASN C 550 -24.79 41.26 25.15
N SER C 551 -25.58 41.99 25.94
CA SER C 551 -26.61 42.90 25.41
C SER C 551 -26.08 44.27 24.97
N ARG C 552 -24.80 44.59 25.25
CA ARG C 552 -24.27 45.93 24.97
C ARG C 552 -24.55 46.30 23.50
N LYS C 553 -25.15 47.48 23.30
CA LYS C 553 -25.69 47.87 21.99
C LYS C 553 -24.64 47.97 20.87
N PRO C 554 -25.06 47.83 19.58
CA PRO C 554 -24.12 48.11 18.48
C PRO C 554 -23.70 49.59 18.42
N GLN C 555 -22.64 49.89 17.68
CA GLN C 555 -22.18 51.28 17.49
C GLN C 555 -22.87 51.95 16.31
N MET D 1 -42.11 49.94 19.30
CA MET D 1 -40.78 49.27 19.17
C MET D 1 -40.94 47.92 18.44
N TYR D 2 -40.70 47.94 17.13
CA TYR D 2 -40.66 46.74 16.31
C TYR D 2 -39.20 46.28 16.11
N THR D 3 -38.91 45.01 16.39
CA THR D 3 -37.53 44.51 16.41
C THR D 3 -37.20 43.56 15.27
N VAL D 4 -35.91 43.24 15.15
CA VAL D 4 -35.41 42.30 14.16
C VAL D 4 -35.99 40.89 14.42
N GLY D 5 -36.06 40.50 15.68
CA GLY D 5 -36.66 39.22 16.04
C GLY D 5 -38.14 39.14 15.72
N MET D 6 -38.84 40.27 15.90
CA MET D 6 -40.26 40.39 15.52
C MET D 6 -40.47 40.26 14.00
N TYR D 7 -39.59 40.87 13.23
CA TYR D 7 -39.60 40.66 11.77
C TYR D 7 -39.49 39.18 11.42
N LEU D 8 -38.49 38.51 11.99
CA LEU D 8 -38.31 37.08 11.78
C LEU D 8 -39.58 36.34 12.15
N ALA D 9 -40.09 36.62 13.34
CA ALA D 9 -41.30 35.97 13.85
C ALA D 9 -42.49 36.12 12.90
N GLU D 10 -42.69 37.33 12.40
CA GLU D 10 -43.79 37.65 11.51
C GLU D 10 -43.66 36.92 10.14
N ARG D 11 -42.46 36.85 9.58
CA ARG D 11 -42.21 36.05 8.35
C ARG D 11 -42.42 34.56 8.56
N LEU D 12 -41.97 34.02 9.69
CA LEU D 12 -42.23 32.61 10.00
C LEU D 12 -43.72 32.30 10.12
N ALA D 13 -44.46 33.15 10.83
CA ALA D 13 -45.94 33.09 10.84
C ALA D 13 -46.54 33.15 9.43
N GLN D 14 -46.03 34.05 8.59
CA GLN D 14 -46.49 34.15 7.19
C GLN D 14 -46.23 32.91 6.32
N ILE D 15 -45.26 32.06 6.70
CA ILE D 15 -45.02 30.78 6.02
C ILE D 15 -46.16 29.83 6.33
N GLY D 16 -46.78 29.99 7.51
CA GLY D 16 -47.81 29.08 8.01
C GLY D 16 -47.41 28.31 9.27
N LEU D 17 -46.25 28.65 9.85
CA LEU D 17 -45.82 28.03 11.11
C LEU D 17 -46.72 28.48 12.26
N LYS D 18 -47.21 27.53 13.04
CA LYS D 18 -47.91 27.82 14.30
C LYS D 18 -47.03 27.50 15.53
N HIS D 19 -45.85 26.94 15.29
CA HIS D 19 -44.89 26.61 16.33
C HIS D 19 -43.48 26.82 15.82
N HIS D 20 -42.55 27.04 16.73
CA HIS D 20 -41.13 26.91 16.42
C HIS D 20 -40.46 26.25 17.61
N PHE D 21 -39.32 25.61 17.34
CA PHE D 21 -38.65 24.76 18.33
C PHE D 21 -37.36 25.41 18.81
N ALA D 22 -37.09 25.32 20.11
CA ALA D 22 -35.98 26.06 20.69
C ALA D 22 -35.29 25.36 21.86
N VAL D 23 -34.00 25.67 21.99
CA VAL D 23 -33.23 25.41 23.22
C VAL D 23 -32.52 26.71 23.56
N ALA D 24 -32.76 27.19 24.77
CA ALA D 24 -32.23 28.46 25.20
C ALA D 24 -30.75 28.40 25.46
N GLY D 25 -30.13 29.55 25.31
CA GLY D 25 -28.72 29.78 25.63
C GLY D 25 -28.50 31.25 25.50
N ASP D 26 -27.48 31.78 26.19
CA ASP D 26 -27.36 33.22 26.34
C ASP D 26 -27.26 34.04 25.05
N TYR D 27 -26.77 33.43 23.97
CA TYR D 27 -26.71 34.10 22.69
C TYR D 27 -28.08 34.25 22.01
N ASN D 28 -29.10 33.48 22.41
CA ASN D 28 -30.42 33.55 21.78
C ASN D 28 -31.58 34.00 22.66
N LEU D 29 -31.32 34.36 23.91
CA LEU D 29 -32.41 34.64 24.85
C LEU D 29 -33.23 35.85 24.45
N VAL D 30 -32.56 36.92 24.02
CA VAL D 30 -33.30 38.12 23.56
C VAL D 30 -34.11 37.77 22.31
N LEU D 31 -33.51 37.02 21.39
CA LEU D 31 -34.23 36.51 20.21
C LEU D 31 -35.48 35.73 20.58
N LEU D 32 -35.35 34.81 21.54
CA LEU D 32 -36.49 34.02 22.00
C LEU D 32 -37.61 34.88 22.59
N ASP D 33 -37.24 35.94 23.32
CA ASP D 33 -38.21 36.93 23.81
C ASP D 33 -39.03 37.56 22.66
N GLN D 34 -38.35 37.97 21.60
CA GLN D 34 -39.00 38.61 20.46
C GLN D 34 -39.97 37.65 19.81
N LEU D 35 -39.55 36.40 19.64
CA LEU D 35 -40.40 35.35 19.08
C LEU D 35 -41.64 35.05 19.95
N LEU D 36 -41.47 35.08 21.27
CA LEU D 36 -42.60 34.90 22.20
C LEU D 36 -43.71 35.93 22.05
N LEU D 37 -43.36 37.14 21.61
CA LEU D 37 -44.35 38.21 21.42
C LEU D 37 -45.31 37.96 20.24
N ASN D 38 -44.95 37.06 19.32
CA ASN D 38 -45.78 36.79 18.16
C ASN D 38 -47.04 36.00 18.53
N LYS D 39 -48.18 36.58 18.16
CA LYS D 39 -49.49 36.05 18.53
C LYS D 39 -49.86 34.77 17.78
N ASP D 40 -49.20 34.51 16.65
CA ASP D 40 -49.55 33.37 15.79
C ASP D 40 -48.73 32.10 16.06
N MET D 41 -47.68 32.15 16.90
CA MET D 41 -46.83 30.98 17.14
C MET D 41 -46.69 30.65 18.61
N GLU D 42 -46.57 29.36 18.89
CA GLU D 42 -46.16 28.88 20.20
C GLU D 42 -44.67 28.48 20.13
N GLN D 43 -43.94 28.75 21.22
CA GLN D 43 -42.53 28.41 21.35
C GLN D 43 -42.44 27.10 22.12
N VAL D 44 -41.95 26.06 21.45
CA VAL D 44 -41.85 24.71 22.00
C VAL D 44 -40.40 24.39 22.37
N TYR D 45 -40.16 23.92 23.59
CA TYR D 45 -38.80 23.63 24.07
C TYR D 45 -38.39 22.16 23.95
N CYS D 46 -37.12 21.93 23.65
CA CYS D 46 -36.56 20.61 23.46
C CYS D 46 -35.44 20.33 24.46
N CYS D 47 -35.10 19.05 24.57
CA CYS D 47 -34.10 18.58 25.53
C CYS D 47 -32.69 18.93 25.09
N ASN D 48 -32.37 18.52 23.86
CA ASN D 48 -31.11 18.85 23.23
C ASN D 48 -31.36 19.33 21.82
N GLU D 49 -30.30 19.85 21.20
CA GLU D 49 -30.42 20.54 19.94
C GLU D 49 -30.52 19.62 18.77
N LEU D 50 -29.95 18.41 18.88
CA LEU D 50 -30.15 17.39 17.86
C LEU D 50 -31.64 17.00 17.72
N ASN D 51 -32.28 16.78 18.86
CA ASN D 51 -33.70 16.46 18.93
C ASN D 51 -34.60 17.62 18.49
N CYS D 52 -34.18 18.85 18.84
CA CYS D 52 -34.84 20.09 18.42
C CYS D 52 -34.85 20.23 16.90
N GLY D 53 -33.70 19.94 16.30
CA GLY D 53 -33.56 19.94 14.86
C GLY D 53 -34.45 18.90 14.19
N PHE D 54 -34.44 17.68 14.72
CA PHE D 54 -35.31 16.63 14.19
C PHE D 54 -36.81 16.83 14.47
N SER D 55 -37.16 17.51 15.56
CA SER D 55 -38.55 17.92 15.82
C SER D 55 -39.03 18.93 14.76
N ALA D 56 -38.16 19.87 14.42
CA ALA D 56 -38.45 20.83 13.37
C ALA D 56 -38.66 20.10 12.06
N GLU D 57 -37.76 19.17 11.76
CA GLU D 57 -37.88 18.34 10.57
C GLU D 57 -39.23 17.62 10.46
N GLY D 58 -39.71 17.05 11.57
CA GLY D 58 -41.03 16.42 11.61
C GLY D 58 -42.18 17.41 11.44
N TYR D 59 -42.08 18.56 12.11
CA TYR D 59 -43.05 19.63 11.94
C TYR D 59 -43.19 20.00 10.45
N ALA D 60 -42.07 20.07 9.74
CA ALA D 60 -42.07 20.40 8.32
C ALA D 60 -42.74 19.36 7.46
N ARG D 61 -42.64 18.08 7.85
CA ARG D 61 -43.37 17.01 7.16
C ARG D 61 -44.89 17.19 7.27
N ALA D 62 -45.34 17.86 8.34
CA ALA D 62 -46.75 18.15 8.58
C ALA D 62 -47.19 19.48 7.97
N ARG D 63 -46.43 20.54 8.19
CA ARG D 63 -46.84 21.90 7.83
C ARG D 63 -46.14 22.51 6.60
N GLY D 64 -45.20 21.79 6.00
CA GLY D 64 -44.49 22.26 4.82
C GLY D 64 -43.17 22.95 5.11
N ALA D 65 -42.97 23.45 6.33
CA ALA D 65 -41.73 24.09 6.75
C ALA D 65 -41.68 24.11 8.28
N ALA D 66 -40.55 24.56 8.81
CA ALA D 66 -40.36 24.61 10.26
C ALA D 66 -39.17 25.49 10.62
N ALA D 67 -39.08 25.81 11.90
CA ALA D 67 -37.99 26.63 12.43
C ALA D 67 -37.46 26.07 13.76
N ALA D 68 -36.14 26.08 13.89
CA ALA D 68 -35.44 25.63 15.12
C ALA D 68 -34.49 26.74 15.54
N ILE D 69 -34.51 27.11 16.83
CA ILE D 69 -33.68 28.20 17.33
C ILE D 69 -32.71 27.66 18.40
N VAL D 70 -31.41 27.87 18.18
CA VAL D 70 -30.35 27.28 19.00
C VAL D 70 -29.31 28.33 19.37
N THR D 71 -28.39 27.96 20.26
CA THR D 71 -27.31 28.85 20.64
C THR D 71 -26.05 28.56 19.82
N PHE D 72 -25.16 29.55 19.78
CA PHE D 72 -23.92 29.45 19.01
C PHE D 72 -23.06 28.22 19.39
N SER D 73 -22.63 27.49 18.35
CA SER D 73 -21.71 26.34 18.42
C SER D 73 -22.21 25.11 19.14
N VAL D 74 -22.29 25.20 20.46
CA VAL D 74 -22.68 24.06 21.27
C VAL D 74 -24.07 23.55 20.93
N GLY D 75 -24.93 24.45 20.50
CA GLY D 75 -26.23 24.07 19.98
C GLY D 75 -26.23 23.77 18.49
N ALA D 76 -25.75 24.73 17.73
CA ALA D 76 -25.87 24.71 16.27
C ALA D 76 -25.22 23.50 15.62
N ILE D 77 -24.07 23.06 16.12
CA ILE D 77 -23.32 21.96 15.48
C ILE D 77 -24.09 20.63 15.57
N SER D 78 -24.72 20.35 16.70
CA SER D 78 -25.61 19.18 16.80
C SER D 78 -26.81 19.28 15.85
N ALA D 79 -27.41 20.46 15.82
CA ALA D 79 -28.54 20.74 14.93
C ALA D 79 -28.18 20.59 13.47
N MET D 80 -26.91 20.85 13.08
CA MET D 80 -26.45 20.65 11.70
C MET D 80 -26.59 19.22 11.18
N ASN D 81 -26.55 18.26 12.09
CA ASN D 81 -26.87 16.89 11.74
C ASN D 81 -28.33 16.78 11.29
N ALA D 82 -29.24 17.34 12.07
CA ALA D 82 -30.65 17.39 11.70
C ALA D 82 -30.91 18.23 10.43
N ILE D 83 -30.12 19.28 10.23
CA ILE D 83 -30.22 20.10 9.04
C ILE D 83 -29.74 19.36 7.82
N GLY D 84 -28.69 18.57 7.97
CA GLY D 84 -28.24 17.67 6.92
C GLY D 84 -29.33 16.71 6.56
N GLY D 85 -30.00 16.18 7.58
CA GLY D 85 -31.16 15.34 7.38
C GLY D 85 -32.31 16.01 6.65
N ALA D 86 -32.60 17.26 6.97
CA ALA D 86 -33.60 18.02 6.24
C ALA D 86 -33.23 18.21 4.77
N TYR D 87 -31.94 18.47 4.49
CA TYR D 87 -31.43 18.56 3.11
C TYR D 87 -31.63 17.25 2.37
N ALA D 88 -31.21 16.16 3.00
CA ALA D 88 -31.39 14.83 2.44
C ALA D 88 -32.84 14.46 2.12
N GLU D 89 -33.77 14.91 2.95
CA GLU D 89 -35.18 14.55 2.86
C GLU D 89 -36.05 15.67 2.29
N ASN D 90 -35.40 16.74 1.82
CA ASN D 90 -36.02 17.80 1.02
C ASN D 90 -37.05 18.64 1.78
N LEU D 91 -36.66 19.09 2.96
CA LEU D 91 -37.57 19.79 3.87
C LEU D 91 -37.03 21.18 4.24
N PRO D 92 -37.84 22.25 4.04
CA PRO D 92 -37.40 23.59 4.44
C PRO D 92 -37.44 23.88 5.94
N VAL D 93 -36.41 23.43 6.63
CA VAL D 93 -36.20 23.76 8.02
C VAL D 93 -35.29 24.98 8.06
N ILE D 94 -35.69 26.00 8.81
CA ILE D 94 -34.83 27.14 9.03
C ILE D 94 -34.15 26.98 10.39
N LEU D 95 -32.83 26.88 10.40
CA LEU D 95 -32.07 26.86 11.64
C LEU D 95 -31.65 28.28 11.92
N ILE D 96 -32.10 28.83 13.05
CA ILE D 96 -31.68 30.15 13.48
C ILE D 96 -30.78 30.01 14.72
N SER D 97 -29.56 30.54 14.64
CA SER D 97 -28.64 30.56 15.76
C SER D 97 -28.43 31.97 16.30
N GLY D 98 -28.44 32.11 17.61
CA GLY D 98 -27.84 33.29 18.24
C GLY D 98 -26.34 33.28 17.95
N SER D 99 -25.73 34.46 17.94
CA SER D 99 -24.33 34.60 17.60
C SER D 99 -23.71 35.78 18.37
N PRO D 100 -22.37 35.93 18.32
CA PRO D 100 -21.70 36.90 19.19
C PRO D 100 -22.13 38.35 19.05
N ASN D 101 -21.93 39.12 20.10
CA ASN D 101 -22.21 40.55 20.12
C ASN D 101 -21.42 41.23 19.00
N THR D 102 -22.05 42.21 18.33
CA THR D 102 -21.44 42.84 17.17
C THR D 102 -20.12 43.53 17.51
N ASN D 103 -20.01 44.04 18.73
CA ASN D 103 -18.77 44.73 19.19
C ASN D 103 -17.54 43.84 19.36
N ASP D 104 -17.74 42.52 19.37
CA ASP D 104 -16.61 41.59 19.45
C ASP D 104 -15.94 41.35 18.11
N TYR D 105 -16.63 41.68 17.01
CA TYR D 105 -16.05 41.49 15.70
C TYR D 105 -14.86 42.45 15.47
N GLY D 106 -13.79 41.90 14.90
CA GLY D 106 -12.59 42.67 14.64
C GLY D 106 -11.81 43.14 15.86
N THR D 107 -11.91 42.41 16.97
CA THR D 107 -11.19 42.74 18.23
C THR D 107 -10.13 41.72 18.68
N GLY D 108 -10.22 40.48 18.20
CA GLY D 108 -9.45 39.39 18.75
C GLY D 108 -9.91 38.83 20.09
N HIS D 109 -11.13 39.14 20.52
CA HIS D 109 -11.69 38.59 21.76
C HIS D 109 -11.95 37.10 21.64
N ILE D 110 -11.65 36.36 22.71
CA ILE D 110 -12.00 34.94 22.79
C ILE D 110 -13.34 34.86 23.49
N LEU D 111 -14.28 34.13 22.91
CA LEU D 111 -15.64 34.06 23.40
C LEU D 111 -16.05 32.66 23.78
N HIS D 112 -16.91 32.58 24.78
CA HIS D 112 -17.47 31.32 25.23
C HIS D 112 -18.32 30.66 24.14
N HIS D 113 -18.43 29.34 24.23
CA HIS D 113 -18.97 28.49 23.18
C HIS D 113 -18.26 28.64 21.84
N THR D 114 -16.95 28.86 21.86
CA THR D 114 -16.18 28.80 20.63
C THR D 114 -15.01 27.88 20.81
N ILE D 115 -14.39 27.52 19.69
CA ILE D 115 -13.17 26.71 19.73
C ILE D 115 -11.96 27.44 20.33
N GLY D 116 -12.09 28.75 20.58
CA GLY D 116 -11.10 29.53 21.32
C GLY D 116 -10.14 30.32 20.45
N THR D 117 -10.47 30.53 19.18
CA THR D 117 -9.69 31.35 18.26
C THR D 117 -10.44 32.67 18.06
N THR D 118 -9.95 33.52 17.18
CA THR D 118 -10.65 34.77 16.83
C THR D 118 -11.60 34.60 15.65
N ASP D 119 -11.67 33.41 15.07
CA ASP D 119 -12.62 33.09 14.02
C ASP D 119 -14.00 32.86 14.66
N TYR D 120 -14.95 33.75 14.40
CA TYR D 120 -16.37 33.49 14.76
C TYR D 120 -17.18 33.00 13.56
N ASN D 121 -16.53 32.97 12.40
CA ASN D 121 -17.16 32.63 11.13
C ASN D 121 -17.23 31.12 10.81
N TYR D 122 -16.52 30.29 11.58
CA TYR D 122 -16.44 28.84 11.28
C TYR D 122 -17.79 28.10 11.22
N GLN D 123 -18.75 28.54 12.02
CA GLN D 123 -20.07 27.91 12.07
C GLN D 123 -20.85 28.14 10.78
N LEU D 124 -20.85 29.40 10.32
CA LEU D 124 -21.43 29.75 9.03
C LEU D 124 -20.76 28.94 7.91
N GLU D 125 -19.43 28.84 7.93
CA GLU D 125 -18.70 28.07 6.93
C GLU D 125 -19.00 26.57 6.97
N MET D 126 -19.18 26.01 8.17
CA MET D 126 -19.61 24.60 8.29
C MET D 126 -21.02 24.35 7.71
N VAL D 127 -21.98 25.17 8.14
CA VAL D 127 -23.41 24.95 7.82
C VAL D 127 -23.77 25.16 6.33
N LYS D 128 -22.93 25.92 5.59
CA LYS D 128 -23.13 26.09 4.15
C LYS D 128 -23.07 24.77 3.37
N HIS D 129 -22.32 23.80 3.88
CA HIS D 129 -22.25 22.49 3.23
C HIS D 129 -23.52 21.66 3.33
N VAL D 130 -24.43 22.01 4.23
CA VAL D 130 -25.68 21.27 4.41
C VAL D 130 -26.95 22.13 4.24
N THR D 131 -26.82 23.30 3.61
CA THR D 131 -27.94 24.23 3.40
C THR D 131 -27.94 24.81 1.97
N CYS D 132 -29.10 25.33 1.55
CA CYS D 132 -29.27 26.00 0.26
C CYS D 132 -29.06 27.50 0.38
N ALA D 133 -29.16 28.04 1.60
CA ALA D 133 -28.87 29.45 1.90
C ALA D 133 -28.40 29.58 3.34
N ALA D 134 -27.54 30.57 3.59
CA ALA D 134 -26.94 30.77 4.92
C ALA D 134 -26.44 32.17 5.04
N GLU D 135 -26.97 32.92 6.00
CA GLU D 135 -26.67 34.34 6.15
C GLU D 135 -26.45 34.68 7.60
N SER D 136 -25.62 35.68 7.83
CA SER D 136 -25.34 36.18 9.16
C SER D 136 -25.81 37.63 9.22
N ILE D 137 -26.54 37.96 10.28
CA ILE D 137 -27.05 39.30 10.50
C ILE D 137 -26.33 39.96 11.65
N VAL D 138 -25.66 41.08 11.36
CA VAL D 138 -24.98 41.92 12.35
C VAL D 138 -25.49 43.37 12.39
N SER D 139 -26.56 43.68 11.67
CA SER D 139 -27.24 44.99 11.81
C SER D 139 -28.71 44.90 11.51
N ALA D 140 -29.47 45.80 12.13
CA ALA D 140 -30.89 45.91 11.85
C ALA D 140 -31.19 46.22 10.39
N GLU D 141 -30.35 47.06 9.77
CA GLU D 141 -30.56 47.53 8.40
C GLU D 141 -30.52 46.38 7.37
N GLU D 142 -29.60 45.44 7.56
CA GLU D 142 -29.47 44.29 6.62
C GLU D 142 -30.41 43.10 6.92
N ALA D 143 -31.09 43.13 8.06
CA ALA D 143 -31.85 41.99 8.57
C ALA D 143 -33.05 41.55 7.69
N PRO D 144 -33.86 42.50 7.21
CA PRO D 144 -34.99 42.11 6.34
C PRO D 144 -34.57 41.30 5.13
N ALA D 145 -33.56 41.77 4.39
CA ALA D 145 -33.12 41.12 3.16
C ALA D 145 -32.58 39.72 3.40
N LYS D 146 -31.85 39.58 4.50
CA LYS D 146 -31.25 38.30 4.81
C LYS D 146 -32.29 37.31 5.29
N ILE D 147 -33.17 37.74 6.21
CA ILE D 147 -34.27 36.89 6.69
C ILE D 147 -35.13 36.36 5.53
N ASP D 148 -35.54 37.27 4.64
CA ASP D 148 -36.44 36.88 3.56
C ASP D 148 -35.76 36.01 2.54
N HIS D 149 -34.48 36.28 2.28
CA HIS D 149 -33.71 35.48 1.34
C HIS D 149 -33.61 34.02 1.75
N VAL D 150 -33.34 33.73 3.02
CA VAL D 150 -33.19 32.33 3.45
C VAL D 150 -34.54 31.60 3.46
N ILE D 151 -35.59 32.30 3.91
CA ILE D 151 -36.95 31.75 3.93
C ILE D 151 -37.42 31.46 2.51
N ARG D 152 -37.39 32.48 1.65
CA ARG D 152 -37.84 32.32 0.26
C ARG D 152 -37.08 31.21 -0.45
N THR D 153 -35.76 31.18 -0.27
CA THR D 153 -34.93 30.18 -0.94
C THR D 153 -35.23 28.77 -0.44
N ALA D 154 -35.36 28.62 0.87
CA ALA D 154 -35.71 27.32 1.44
C ALA D 154 -37.06 26.78 0.95
N LEU D 155 -38.08 27.62 0.91
CA LEU D 155 -39.40 27.19 0.41
C LEU D 155 -39.35 26.77 -1.07
N ARG D 156 -38.65 27.53 -1.88
CA ARG D 156 -38.58 27.25 -3.33
C ARG D 156 -37.76 25.98 -3.62
N GLU D 157 -36.59 25.86 -2.99
CA GLU D 157 -35.68 24.74 -3.25
C GLU D 157 -36.11 23.46 -2.55
N ARG D 158 -36.98 23.59 -1.53
CA ARG D 158 -37.34 22.49 -0.63
C ARG D 158 -36.07 21.93 0.02
N LYS D 159 -35.32 22.83 0.66
CA LYS D 159 -34.06 22.53 1.30
C LYS D 159 -33.96 23.41 2.53
N PRO D 160 -33.21 22.96 3.55
CA PRO D 160 -33.06 23.78 4.75
C PRO D 160 -32.14 24.97 4.51
N ALA D 161 -32.21 25.93 5.43
CA ALA D 161 -31.42 27.15 5.35
C ALA D 161 -31.04 27.60 6.77
N TYR D 162 -30.09 28.53 6.84
CA TYR D 162 -29.51 28.97 8.11
C TYR D 162 -29.48 30.48 8.20
N LEU D 163 -29.83 30.98 9.39
CA LEU D 163 -29.59 32.36 9.79
C LEU D 163 -28.83 32.40 11.10
N GLU D 164 -27.85 33.29 11.22
CA GLU D 164 -27.38 33.68 12.56
C GLU D 164 -27.70 35.15 12.79
N ILE D 165 -28.12 35.46 14.02
CA ILE D 165 -28.45 36.82 14.44
C ILE D 165 -27.63 37.17 15.67
N ALA D 166 -26.85 38.27 15.59
CA ALA D 166 -26.05 38.76 16.71
C ALA D 166 -26.95 39.02 17.91
N CYS D 167 -26.49 38.59 19.10
CA CYS D 167 -27.33 38.60 20.29
C CYS D 167 -27.81 40.00 20.66
N ASN D 168 -27.04 41.03 20.29
CA ASN D 168 -27.41 42.44 20.54
C ASN D 168 -28.11 43.12 19.36
N VAL D 169 -28.42 42.35 18.32
CA VAL D 169 -29.20 42.81 17.17
C VAL D 169 -30.62 42.23 17.15
N ALA D 170 -30.85 41.12 17.83
CA ALA D 170 -32.18 40.51 17.89
C ALA D 170 -33.26 41.46 18.39
N GLY D 171 -32.91 42.29 19.37
CA GLY D 171 -33.82 43.27 19.96
C GLY D 171 -33.70 44.66 19.39
N ALA D 172 -32.91 44.84 18.33
CA ALA D 172 -32.73 46.15 17.71
C ALA D 172 -33.94 46.54 16.87
N GLU D 173 -34.19 47.84 16.81
N GLU D 173 -34.17 47.85 16.79
CA GLU D 173 -35.30 48.41 16.02
CA GLU D 173 -35.24 48.45 15.99
C GLU D 173 -35.11 48.06 14.54
C GLU D 173 -35.11 48.10 14.51
N CYS D 174 -36.18 47.53 13.94
CA CYS D 174 -36.20 47.08 12.55
C CYS D 174 -37.42 47.68 11.84
N VAL D 175 -37.35 47.78 10.52
CA VAL D 175 -38.53 48.10 9.69
C VAL D 175 -39.56 46.95 9.73
N ARG D 176 -40.82 47.26 9.50
CA ARG D 176 -41.88 46.25 9.48
C ARG D 176 -42.01 45.59 8.12
N PRO D 177 -42.36 44.29 8.10
CA PRO D 177 -42.54 43.60 6.84
C PRO D 177 -43.89 43.94 6.20
N GLY D 178 -43.93 44.02 4.88
CA GLY D 178 -45.17 44.26 4.15
C GLY D 178 -45.99 42.99 3.98
N PRO D 179 -47.26 43.15 3.56
CA PRO D 179 -48.16 42.01 3.38
C PRO D 179 -47.82 41.17 2.15
N ILE D 180 -48.23 39.92 2.14
CA ILE D 180 -47.90 38.99 1.04
C ILE D 180 -49.04 38.01 0.77
N ASN D 181 -49.05 37.46 -0.44
CA ASN D 181 -49.97 36.39 -0.80
C ASN D 181 -49.40 35.08 -0.25
N SER D 182 -48.17 34.78 -0.64
CA SER D 182 -47.44 33.60 -0.18
C SER D 182 -45.94 33.86 -0.26
N LEU D 183 -45.19 33.27 0.67
CA LEU D 183 -43.73 33.35 0.65
C LEU D 183 -43.07 32.35 -0.31
N LEU D 184 -43.83 31.34 -0.75
CA LEU D 184 -43.40 30.44 -1.82
C LEU D 184 -43.71 31.09 -3.18
N ARG D 185 -42.67 31.47 -3.93
CA ARG D 185 -42.80 31.96 -5.31
C ARG D 185 -42.00 31.03 -6.22
N GLU D 186 -42.69 30.33 -7.12
CA GLU D 186 -42.04 29.40 -8.05
C GLU D 186 -41.42 30.16 -9.22
N LEU D 187 -40.53 29.48 -9.94
CA LEU D 187 -39.98 29.99 -11.20
C LEU D 187 -41.06 29.86 -12.29
N GLU D 188 -41.12 30.85 -13.17
CA GLU D 188 -41.98 30.81 -14.35
C GLU D 188 -41.60 29.63 -15.24
N VAL D 189 -42.61 28.94 -15.74
CA VAL D 189 -42.43 27.76 -16.58
C VAL D 189 -42.26 28.20 -18.05
N ASP D 190 -41.41 27.47 -18.77
CA ASP D 190 -41.19 27.69 -20.20
C ASP D 190 -42.20 26.83 -20.98
N GLN D 191 -43.20 27.49 -21.55
CA GLN D 191 -44.25 26.81 -22.29
C GLN D 191 -43.74 26.06 -23.53
N THR D 192 -42.77 26.65 -24.24
CA THR D 192 -42.12 25.99 -25.37
C THR D 192 -41.55 24.63 -24.98
N SER D 193 -40.88 24.56 -23.82
CA SER D 193 -40.32 23.30 -23.33
C SER D 193 -41.37 22.29 -22.91
N VAL D 194 -42.36 22.76 -22.15
CA VAL D 194 -43.51 21.95 -21.73
C VAL D 194 -44.18 21.28 -22.95
N THR D 195 -44.57 22.11 -23.93
CA THR D 195 -45.26 21.59 -25.13
C THR D 195 -44.39 20.58 -25.90
N ALA D 196 -43.12 20.89 -26.11
CA ALA D 196 -42.21 19.97 -26.81
C ALA D 196 -41.96 18.68 -26.02
N ALA D 197 -41.93 18.78 -24.69
CA ALA D 197 -41.73 17.59 -23.86
C ALA D 197 -42.96 16.65 -23.93
N VAL D 198 -44.14 17.24 -23.87
CA VAL D 198 -45.41 16.48 -23.96
C VAL D 198 -45.54 15.76 -25.32
N ASP D 199 -45.35 16.51 -26.41
CA ASP D 199 -45.40 15.95 -27.77
C ASP D 199 -44.40 14.82 -27.97
N ALA D 200 -43.16 15.02 -27.52
CA ALA D 200 -42.15 13.97 -27.55
C ALA D 200 -42.54 12.77 -26.70
N ALA D 201 -43.13 13.03 -25.54
CA ALA D 201 -43.61 11.95 -24.65
C ALA D 201 -44.77 11.14 -25.25
N VAL D 202 -45.72 11.83 -25.91
CA VAL D 202 -46.85 11.16 -26.57
C VAL D 202 -46.36 10.23 -27.68
N GLU D 203 -45.51 10.74 -28.56
CA GLU D 203 -44.88 9.92 -29.60
C GLU D 203 -44.08 8.74 -29.02
N TRP D 204 -43.37 8.99 -27.92
CA TRP D 204 -42.56 7.94 -27.26
C TRP D 204 -43.43 6.75 -26.77
N LEU D 205 -44.64 7.06 -26.28
CA LEU D 205 -45.58 6.02 -25.82
C LEU D 205 -46.32 5.24 -26.92
N GLN D 206 -46.19 5.60 -28.20
CA GLN D 206 -46.99 4.97 -29.28
C GLN D 206 -46.76 3.45 -29.45
N ASP D 207 -45.52 3.01 -29.56
CA ASP D 207 -45.19 1.57 -29.67
C ASP D 207 -44.94 0.89 -28.32
N ARG D 208 -45.35 1.52 -27.21
CA ARG D 208 -45.06 1.01 -25.87
C ARG D 208 -46.36 0.63 -25.16
N GLN D 209 -46.61 -0.67 -25.08
CA GLN D 209 -47.90 -1.22 -24.60
C GLN D 209 -47.93 -1.46 -23.11
N ASN D 210 -46.83 -2.00 -22.57
CA ASN D 210 -46.68 -2.21 -21.12
C ASN D 210 -46.01 -1.00 -20.46
N VAL D 211 -46.84 -0.15 -19.86
CA VAL D 211 -46.42 1.08 -19.22
C VAL D 211 -46.59 0.89 -17.71
N VAL D 212 -45.62 1.38 -16.94
CA VAL D 212 -45.67 1.39 -15.47
C VAL D 212 -45.18 2.75 -14.94
N MET D 213 -45.94 3.34 -14.02
CA MET D 213 -45.44 4.49 -13.26
C MET D 213 -44.73 4.02 -11.99
N LEU D 214 -43.51 4.53 -11.78
CA LEU D 214 -42.73 4.27 -10.58
C LEU D 214 -42.62 5.57 -9.81
N VAL D 215 -43.31 5.64 -8.68
CA VAL D 215 -43.36 6.84 -7.88
C VAL D 215 -42.15 6.88 -6.91
N GLY D 216 -41.48 8.04 -6.86
CA GLY D 216 -40.24 8.22 -6.08
C GLY D 216 -40.34 9.23 -4.95
N SER D 217 -39.27 9.29 -4.15
CA SER D 217 -39.30 9.98 -2.85
C SER D 217 -39.27 11.50 -2.92
N LYS D 218 -39.01 12.07 -4.09
CA LYS D 218 -39.08 13.53 -4.22
C LYS D 218 -40.45 14.03 -4.73
N LEU D 219 -41.47 13.16 -4.78
CA LEU D 219 -42.78 13.58 -5.29
C LEU D 219 -43.43 14.69 -4.44
N ARG D 220 -43.36 14.54 -3.11
CA ARG D 220 -43.89 15.58 -2.22
C ARG D 220 -43.09 16.88 -2.31
N ALA D 221 -41.76 16.80 -2.44
CA ALA D 221 -40.92 18.00 -2.67
C ALA D 221 -41.33 18.73 -3.96
N ALA D 222 -41.70 17.95 -4.98
CA ALA D 222 -42.24 18.52 -6.23
C ALA D 222 -43.65 19.14 -6.10
N ALA D 223 -44.35 18.87 -4.97
CA ALA D 223 -45.76 19.20 -4.79
C ALA D 223 -46.61 18.68 -5.97
N ALA D 224 -46.38 17.42 -6.34
CA ALA D 224 -47.01 16.83 -7.52
C ALA D 224 -47.75 15.53 -7.23
N GLU D 225 -48.23 15.36 -5.99
CA GLU D 225 -49.02 14.17 -5.60
C GLU D 225 -50.38 14.10 -6.35
N LYS D 226 -51.12 15.21 -6.34
CA LYS D 226 -52.40 15.30 -7.10
C LYS D 226 -52.21 15.09 -8.61
N GLN D 227 -51.18 15.70 -9.18
CA GLN D 227 -50.91 15.58 -10.60
C GLN D 227 -50.43 14.17 -10.99
N ALA D 228 -49.80 13.45 -10.06
CA ALA D 228 -49.44 12.05 -10.28
C ALA D 228 -50.68 11.14 -10.35
N VAL D 229 -51.68 11.44 -9.51
CA VAL D 229 -52.97 10.73 -9.54
C VAL D 229 -53.68 10.98 -10.88
N ALA D 230 -53.81 12.26 -11.25
CA ALA D 230 -54.43 12.66 -12.52
C ALA D 230 -53.73 12.01 -13.72
N LEU D 231 -52.41 11.94 -13.72
CA LEU D 231 -51.68 11.30 -14.82
C LEU D 231 -51.93 9.80 -14.86
N ALA D 232 -51.92 9.17 -13.69
CA ALA D 232 -52.21 7.73 -13.60
C ALA D 232 -53.63 7.38 -14.05
N ASP D 233 -54.59 8.26 -13.75
CA ASP D 233 -56.00 8.06 -14.16
C ASP D 233 -56.14 8.12 -15.71
N ARG D 234 -55.39 9.00 -16.37
CA ARG D 234 -55.41 9.08 -17.84
C ARG D 234 -54.64 7.97 -18.51
N LEU D 235 -53.49 7.59 -17.96
CA LEU D 235 -52.72 6.46 -18.50
C LEU D 235 -53.38 5.12 -18.24
N GLY D 236 -54.05 4.96 -17.09
CA GLY D 236 -54.64 3.67 -16.71
C GLY D 236 -53.66 2.53 -16.47
N CYS D 237 -52.37 2.83 -16.29
CA CYS D 237 -51.33 1.81 -16.15
C CYS D 237 -51.15 1.37 -14.70
N ALA D 238 -50.37 0.31 -14.50
CA ALA D 238 -49.94 -0.09 -13.16
C ALA D 238 -49.10 1.02 -12.51
N VAL D 239 -49.39 1.34 -11.25
CA VAL D 239 -48.58 2.28 -10.48
C VAL D 239 -47.85 1.49 -9.39
N THR D 240 -46.54 1.73 -9.27
CA THR D 240 -45.72 1.19 -8.18
C THR D 240 -45.01 2.32 -7.44
N ILE D 241 -44.60 2.03 -6.20
CA ILE D 241 -43.84 2.97 -5.39
C ILE D 241 -42.47 2.41 -5.08
N MET D 242 -41.49 3.30 -4.99
CA MET D 242 -40.18 2.97 -4.41
C MET D 242 -40.38 3.03 -2.91
N ALA D 243 -39.51 2.34 -2.18
CA ALA D 243 -39.65 2.20 -0.71
C ALA D 243 -39.82 3.53 0.02
N ALA D 244 -38.99 4.50 -0.34
CA ALA D 244 -39.02 5.79 0.32
C ALA D 244 -40.23 6.66 -0.04
N ALA D 245 -40.99 6.29 -1.07
CA ALA D 245 -42.14 7.08 -1.50
C ALA D 245 -43.46 6.63 -0.90
N LYS D 246 -43.44 5.75 0.09
CA LYS D 246 -44.68 5.25 0.67
C LYS D 246 -45.59 6.39 1.15
N GLY D 247 -46.87 6.30 0.78
CA GLY D 247 -47.86 7.32 1.12
C GLY D 247 -47.95 8.47 0.14
N PHE D 248 -47.01 8.56 -0.81
CA PHE D 248 -47.04 9.62 -1.82
C PHE D 248 -47.97 9.27 -2.97
N PHE D 249 -48.42 8.01 -3.05
CA PHE D 249 -49.47 7.60 -3.97
C PHE D 249 -50.48 6.75 -3.19
N PRO D 250 -51.80 6.99 -3.40
CA PRO D 250 -52.79 6.21 -2.62
C PRO D 250 -52.78 4.74 -3.01
N GLU D 251 -52.66 3.86 -2.01
CA GLU D 251 -52.48 2.43 -2.25
C GLU D 251 -53.80 1.66 -2.46
N ASP D 252 -54.93 2.32 -2.21
CA ASP D 252 -56.25 1.80 -2.54
C ASP D 252 -56.76 2.30 -3.91
N HIS D 253 -55.89 2.99 -4.66
CA HIS D 253 -56.14 3.25 -6.09
C HIS D 253 -56.23 1.89 -6.81
N PRO D 254 -57.22 1.71 -7.72
CA PRO D 254 -57.45 0.38 -8.34
C PRO D 254 -56.26 -0.17 -9.16
N ASN D 255 -55.44 0.71 -9.72
CA ASN D 255 -54.25 0.29 -10.50
C ASN D 255 -52.91 0.21 -9.72
N PHE D 256 -52.95 0.36 -8.40
CA PHE D 256 -51.74 0.26 -7.59
C PHE D 256 -51.29 -1.20 -7.56
N ARG D 257 -50.03 -1.46 -7.90
CA ARG D 257 -49.48 -2.82 -7.93
C ARG D 257 -48.22 -3.02 -7.03
N GLY D 258 -48.04 -2.13 -6.05
CA GLY D 258 -47.14 -2.40 -4.94
C GLY D 258 -45.77 -1.72 -4.98
N LEU D 259 -44.84 -2.35 -4.29
CA LEU D 259 -43.52 -1.80 -4.01
C LEU D 259 -42.53 -2.34 -5.01
N TYR D 260 -41.83 -1.46 -5.73
CA TYR D 260 -40.65 -1.88 -6.48
C TYR D 260 -39.41 -1.58 -5.64
N TRP D 261 -38.66 -2.61 -5.30
CA TRP D 261 -37.44 -2.48 -4.50
C TRP D 261 -36.57 -3.68 -4.78
N GLY D 262 -36.20 -3.80 -6.05
CA GLY D 262 -35.41 -4.91 -6.56
C GLY D 262 -35.95 -6.26 -6.12
N GLU D 263 -35.04 -7.11 -5.61
CA GLU D 263 -35.40 -8.44 -5.13
C GLU D 263 -36.24 -8.45 -3.85
N VAL D 264 -36.39 -7.30 -3.18
CA VAL D 264 -37.33 -7.18 -2.04
C VAL D 264 -38.64 -6.43 -2.40
N SER D 265 -39.02 -6.48 -3.67
CA SER D 265 -40.31 -5.92 -4.15
C SER D 265 -41.51 -6.73 -3.63
N SER D 266 -42.69 -6.10 -3.69
CA SER D 266 -43.97 -6.81 -3.51
C SER D 266 -44.10 -7.90 -4.57
N GLU D 267 -44.98 -8.86 -4.31
CA GLU D 267 -45.22 -9.95 -5.26
C GLU D 267 -45.61 -9.38 -6.63
N GLY D 268 -44.88 -9.79 -7.66
CA GLY D 268 -45.16 -9.40 -9.03
C GLY D 268 -44.64 -8.05 -9.49
N ALA D 269 -44.26 -7.17 -8.57
CA ALA D 269 -43.86 -5.80 -8.92
C ALA D 269 -42.49 -5.75 -9.57
N GLN D 270 -41.60 -6.67 -9.19
CA GLN D 270 -40.26 -6.73 -9.82
C GLN D 270 -40.35 -7.04 -11.32
N GLU D 271 -41.10 -8.09 -11.66
CA GLU D 271 -41.34 -8.45 -13.09
C GLU D 271 -42.10 -7.35 -13.82
N LEU D 272 -43.09 -6.76 -13.15
CA LEU D 272 -43.89 -5.68 -13.72
C LEU D 272 -43.00 -4.54 -14.21
N VAL D 273 -42.12 -4.04 -13.33
CA VAL D 273 -41.28 -2.88 -13.63
C VAL D 273 -40.13 -3.20 -14.61
N GLU D 274 -39.41 -4.30 -14.38
CA GLU D 274 -38.20 -4.60 -15.17
C GLU D 274 -38.45 -5.09 -16.60
N ASN D 275 -39.63 -5.67 -16.84
CA ASN D 275 -40.03 -6.08 -18.19
C ASN D 275 -40.93 -5.09 -18.94
N ALA D 276 -41.26 -3.94 -18.34
CA ALA D 276 -42.12 -2.94 -18.99
C ALA D 276 -41.48 -2.27 -20.23
N ASP D 277 -42.33 -1.89 -21.18
CA ASP D 277 -41.90 -1.18 -22.38
C ASP D 277 -41.61 0.29 -22.05
N ALA D 278 -42.24 0.79 -20.99
CA ALA D 278 -42.09 2.18 -20.57
C ALA D 278 -42.26 2.29 -19.06
N ILE D 279 -41.22 2.79 -18.39
CA ILE D 279 -41.23 3.03 -16.95
C ILE D 279 -41.18 4.53 -16.76
N LEU D 280 -42.23 5.08 -16.18
CA LEU D 280 -42.31 6.51 -15.92
C LEU D 280 -41.91 6.75 -14.47
N CYS D 281 -40.70 7.26 -14.25
CA CYS D 281 -40.21 7.52 -12.88
C CYS D 281 -40.53 8.95 -12.46
N LEU D 282 -41.38 9.07 -11.45
CA LEU D 282 -41.79 10.38 -10.92
C LEU D 282 -40.94 10.69 -9.69
N ALA D 283 -39.93 11.53 -9.92
CA ALA D 283 -39.08 12.10 -8.88
C ALA D 283 -38.33 11.04 -8.05
N PRO D 284 -37.59 10.14 -8.73
CA PRO D 284 -36.87 9.09 -8.02
C PRO D 284 -35.56 9.60 -7.40
N VAL D 285 -35.12 8.91 -6.35
CA VAL D 285 -33.77 9.02 -5.79
C VAL D 285 -33.20 7.61 -5.84
N PHE D 286 -32.35 7.35 -6.83
CA PHE D 286 -31.76 6.03 -7.02
C PHE D 286 -30.42 5.98 -6.29
N ASN D 287 -30.45 5.86 -4.97
CA ASN D 287 -29.24 5.70 -4.16
C ASN D 287 -28.89 4.22 -3.98
N ASP D 288 -27.78 3.95 -3.30
CA ASP D 288 -27.29 2.57 -3.12
C ASP D 288 -28.26 1.66 -2.36
N TYR D 289 -29.02 2.22 -1.42
CA TYR D 289 -30.01 1.47 -0.63
C TYR D 289 -31.29 1.18 -1.43
N ALA D 290 -31.77 2.20 -2.15
CA ALA D 290 -32.94 2.07 -3.02
C ALA D 290 -32.73 1.09 -4.17
N THR D 291 -31.51 1.03 -4.71
CA THR D 291 -31.14 0.11 -5.79
C THR D 291 -30.68 -1.26 -5.31
N VAL D 292 -30.74 -1.50 -3.98
CA VAL D 292 -30.28 -2.75 -3.37
C VAL D 292 -28.82 -3.00 -3.76
N GLY D 293 -28.00 -1.96 -3.59
CA GLY D 293 -26.58 -2.00 -3.90
C GLY D 293 -26.25 -2.02 -5.37
N TRP D 294 -26.93 -1.15 -6.12
CA TRP D 294 -26.74 -1.01 -7.58
C TRP D 294 -27.18 -2.21 -8.45
N ASN D 295 -27.92 -3.16 -7.89
CA ASN D 295 -28.46 -4.31 -8.65
C ASN D 295 -29.76 -4.00 -9.41
N SER D 296 -30.58 -3.12 -8.85
CA SER D 296 -31.93 -2.85 -9.36
C SER D 296 -32.17 -1.37 -9.56
N TRP D 297 -31.73 -0.89 -10.71
CA TRP D 297 -31.75 0.52 -11.08
C TRP D 297 -32.26 0.61 -12.53
N PRO D 298 -33.56 0.94 -12.72
CA PRO D 298 -34.08 1.08 -14.07
C PRO D 298 -33.45 2.25 -14.83
N LYS D 299 -32.88 1.95 -15.99
CA LYS D 299 -32.31 2.97 -16.87
C LYS D 299 -32.30 2.47 -18.32
N GLY D 300 -31.98 3.36 -19.27
CA GLY D 300 -31.90 3.02 -20.69
C GLY D 300 -33.11 3.50 -21.48
N ASP D 301 -33.25 2.94 -22.69
CA ASP D 301 -34.27 3.36 -23.67
C ASP D 301 -35.73 3.32 -23.14
N ASN D 302 -36.04 2.31 -22.31
CA ASN D 302 -37.40 2.13 -21.77
C ASN D 302 -37.75 2.97 -20.52
N VAL D 303 -36.96 3.99 -20.20
CA VAL D 303 -37.14 4.78 -18.98
C VAL D 303 -37.34 6.25 -19.29
N MET D 304 -38.32 6.85 -18.62
CA MET D 304 -38.46 8.29 -18.57
C MET D 304 -38.22 8.68 -17.12
N VAL D 305 -37.25 9.57 -16.89
CA VAL D 305 -37.02 10.10 -15.56
C VAL D 305 -37.64 11.49 -15.49
N MET D 306 -38.65 11.65 -14.64
CA MET D 306 -39.28 12.94 -14.40
C MET D 306 -38.76 13.53 -13.07
N ASP D 307 -37.76 14.41 -13.13
CA ASP D 307 -37.23 15.06 -11.93
C ASP D 307 -38.14 16.22 -11.56
N THR D 308 -37.82 16.94 -10.48
CA THR D 308 -38.66 18.06 -10.05
C THR D 308 -38.68 19.25 -11.01
N ASP D 309 -37.65 19.37 -11.85
CA ASP D 309 -37.49 20.51 -12.77
C ASP D 309 -37.04 20.13 -14.18
N ARG D 310 -37.24 18.86 -14.55
CA ARG D 310 -36.65 18.31 -15.76
C ARG D 310 -37.30 16.99 -16.11
N VAL D 311 -37.36 16.66 -17.40
CA VAL D 311 -37.74 15.33 -17.84
C VAL D 311 -36.79 14.87 -18.93
N THR D 312 -36.40 13.59 -18.86
CA THR D 312 -35.36 13.03 -19.69
C THR D 312 -35.80 11.66 -20.22
N PHE D 313 -35.81 11.52 -21.54
CA PHE D 313 -36.15 10.26 -22.20
C PHE D 313 -35.83 10.36 -23.69
N ALA D 314 -35.57 9.20 -24.32
CA ALA D 314 -35.38 9.11 -25.78
C ALA D 314 -34.25 10.03 -26.29
N GLY D 315 -33.13 10.03 -25.57
CA GLY D 315 -32.00 10.88 -25.93
C GLY D 315 -32.20 12.38 -25.86
N GLN D 316 -33.24 12.83 -25.15
CA GLN D 316 -33.53 14.25 -24.99
C GLN D 316 -33.81 14.57 -23.53
N SER D 317 -33.56 15.82 -23.15
CA SER D 317 -33.86 16.31 -21.83
C SER D 317 -34.49 17.68 -21.94
N PHE D 318 -35.62 17.89 -21.25
CA PHE D 318 -36.39 19.12 -21.33
C PHE D 318 -36.43 19.72 -19.93
N GLU D 319 -36.00 20.97 -19.81
CA GLU D 319 -35.96 21.69 -18.52
C GLU D 319 -36.76 22.99 -18.65
N GLY D 320 -36.71 23.84 -17.62
CA GLY D 320 -37.58 25.02 -17.56
C GLY D 320 -39.03 24.66 -17.31
N LEU D 321 -39.23 23.49 -16.69
CA LEU D 321 -40.55 23.01 -16.37
C LEU D 321 -40.53 22.50 -14.93
N SER D 322 -41.68 22.07 -14.45
CA SER D 322 -41.78 21.44 -13.15
C SER D 322 -42.48 20.10 -13.33
N LEU D 323 -42.25 19.17 -12.40
CA LEU D 323 -42.94 17.88 -12.45
C LEU D 323 -44.46 18.09 -12.43
N SER D 324 -44.91 18.99 -11.56
CA SER D 324 -46.31 19.41 -11.44
C SER D 324 -46.97 19.81 -12.76
N THR D 325 -46.30 20.72 -13.47
N THR D 325 -46.32 20.73 -13.48
CA THR D 325 -46.78 21.25 -14.75
CA THR D 325 -46.85 21.23 -14.76
C THR D 325 -46.69 20.22 -15.88
C THR D 325 -46.69 20.23 -15.91
N PHE D 326 -45.58 19.50 -15.96
CA PHE D 326 -45.38 18.51 -17.00
C PHE D 326 -46.35 17.32 -16.88
N ALA D 327 -46.57 16.83 -15.67
CA ALA D 327 -47.45 15.69 -15.45
C ALA D 327 -48.92 16.06 -15.76
N ALA D 328 -49.32 17.28 -15.40
CA ALA D 328 -50.64 17.82 -15.74
C ALA D 328 -50.81 17.99 -17.25
N ALA D 329 -49.81 18.59 -17.91
CA ALA D 329 -49.85 18.71 -19.37
C ALA D 329 -49.82 17.33 -20.05
N LEU D 330 -48.99 16.40 -19.56
CA LEU D 330 -48.96 15.06 -20.13
C LEU D 330 -50.29 14.31 -19.95
N ALA D 331 -50.91 14.47 -18.78
CA ALA D 331 -52.19 13.80 -18.47
C ALA D 331 -53.27 14.22 -19.49
N GLU D 332 -53.36 15.52 -19.75
CA GLU D 332 -54.18 16.10 -20.83
C GLU D 332 -54.21 15.27 -22.13
N LYS D 333 -53.04 14.81 -22.59
CA LYS D 333 -52.90 14.11 -23.87
C LYS D 333 -52.44 12.65 -23.78
N ALA D 334 -52.43 12.07 -22.59
CA ALA D 334 -51.87 10.72 -22.42
C ALA D 334 -52.83 9.65 -22.96
N PRO D 335 -52.33 8.72 -23.79
CA PRO D 335 -53.20 7.64 -24.25
C PRO D 335 -53.38 6.56 -23.18
N SER D 336 -54.49 5.86 -23.24
CA SER D 336 -54.76 4.77 -22.32
C SER D 336 -53.78 3.61 -22.58
N ARG D 337 -53.19 3.11 -21.50
CA ARG D 337 -52.22 2.02 -21.54
C ARG D 337 -52.49 1.07 -20.36
N PRO D 338 -53.63 0.33 -20.43
CA PRO D 338 -54.08 -0.47 -19.30
C PRO D 338 -53.55 -1.89 -19.21
N ALA D 339 -52.71 -2.34 -20.15
CA ALA D 339 -52.28 -3.75 -20.18
C ALA D 339 -51.64 -4.27 -18.88
N THR D 340 -50.86 -3.41 -18.22
CA THR D 340 -50.18 -3.79 -16.96
C THR D 340 -51.11 -3.93 -15.74
N THR D 341 -52.34 -3.41 -15.83
CA THR D 341 -53.37 -3.64 -14.80
C THR D 341 -54.19 -4.92 -15.00
N GLN D 342 -54.18 -5.50 -16.21
CA GLN D 342 -54.99 -6.69 -16.54
C GLN D 342 -54.38 -7.97 -15.97
N GLY D 343 -55.13 -8.67 -15.11
CA GLY D 343 -54.68 -9.92 -14.48
C GLY D 343 -54.10 -9.71 -13.09
N THR D 344 -53.23 -8.70 -12.96
CA THR D 344 -52.53 -8.40 -11.70
C THR D 344 -53.45 -7.82 -10.59
N GLN D 345 -52.97 -7.94 -9.36
CA GLN D 345 -53.71 -7.59 -8.14
C GLN D 345 -52.83 -6.70 -7.26
N ALA D 346 -53.45 -5.74 -6.56
CA ALA D 346 -52.75 -4.96 -5.51
C ALA D 346 -52.33 -5.89 -4.36
N PRO D 347 -51.12 -5.70 -3.80
CA PRO D 347 -50.60 -6.64 -2.82
C PRO D 347 -51.37 -6.59 -1.50
N VAL D 348 -51.48 -7.73 -0.82
CA VAL D 348 -52.08 -7.76 0.52
C VAL D 348 -51.00 -8.01 1.57
N LEU D 349 -51.36 -7.82 2.82
CA LEU D 349 -50.46 -8.05 3.95
C LEU D 349 -50.06 -9.52 3.99
N GLY D 350 -51.05 -10.40 3.84
CA GLY D 350 -50.84 -11.83 3.76
C GLY D 350 -50.42 -12.46 5.07
N ILE D 351 -50.84 -11.88 6.20
CA ILE D 351 -50.48 -12.36 7.53
C ILE D 351 -51.73 -12.81 8.27
N GLU D 352 -51.80 -14.10 8.57
CA GLU D 352 -52.90 -14.67 9.36
C GLU D 352 -52.69 -14.39 10.83
N ALA D 353 -53.77 -14.13 11.55
CA ALA D 353 -53.72 -13.89 13.00
C ALA D 353 -53.12 -15.08 13.75
N ALA D 354 -52.26 -14.79 14.73
CA ALA D 354 -51.62 -15.82 15.54
C ALA D 354 -52.52 -16.23 16.70
N GLU D 355 -52.12 -17.29 17.37
N GLU D 355 -52.13 -17.31 17.38
CA GLU D 355 -52.75 -17.74 18.60
CA GLU D 355 -52.80 -17.73 18.61
C GLU D 355 -52.51 -16.66 19.68
C GLU D 355 -52.53 -16.65 19.66
N PRO D 356 -53.59 -16.10 20.29
CA PRO D 356 -53.42 -14.95 21.22
C PRO D 356 -52.36 -15.03 22.35
N ASN D 357 -52.04 -16.24 22.82
CA ASN D 357 -51.06 -16.43 23.90
C ASN D 357 -49.71 -16.98 23.43
N ALA D 358 -49.53 -17.14 22.12
CA ALA D 358 -48.22 -17.54 21.58
C ALA D 358 -47.22 -16.39 21.77
N PRO D 359 -45.92 -16.69 21.89
CA PRO D 359 -44.93 -15.61 21.95
C PRO D 359 -45.04 -14.67 20.74
N LEU D 360 -45.01 -13.36 21.01
CA LEU D 360 -45.26 -12.36 19.98
C LEU D 360 -44.24 -12.52 18.87
N THR D 361 -44.71 -12.46 17.63
CA THR D 361 -43.84 -12.46 16.47
C THR D 361 -43.84 -11.10 15.78
N ASN D 362 -42.85 -10.92 14.91
CA ASN D 362 -42.74 -9.75 14.06
C ASN D 362 -43.97 -9.61 13.16
N ASP D 363 -44.38 -10.73 12.57
CA ASP D 363 -45.60 -10.80 11.74
C ASP D 363 -46.87 -10.38 12.50
N GLU D 364 -47.08 -10.97 13.68
CA GLU D 364 -48.25 -10.62 14.51
C GLU D 364 -48.25 -9.15 14.92
N MET D 365 -47.08 -8.65 15.31
CA MET D 365 -46.92 -7.24 15.62
C MET D 365 -47.28 -6.38 14.41
N THR D 366 -46.75 -6.75 13.25
CA THR D 366 -47.01 -6.02 12.01
C THR D 366 -48.51 -6.04 11.64
N ARG D 367 -49.17 -7.17 11.83
CA ARG D 367 -50.61 -7.27 11.58
C ARG D 367 -51.41 -6.29 12.44
N GLN D 368 -51.12 -6.22 13.74
CA GLN D 368 -51.92 -5.36 14.62
C GLN D 368 -51.65 -3.88 14.40
N ILE D 369 -50.41 -3.54 14.09
CA ILE D 369 -50.07 -2.16 13.76
C ILE D 369 -50.78 -1.74 12.45
N GLN D 370 -50.76 -2.61 11.45
CA GLN D 370 -51.42 -2.32 10.17
C GLN D 370 -52.90 -1.98 10.32
N SER D 371 -53.61 -2.70 11.20
CA SER D 371 -55.04 -2.45 11.46
C SER D 371 -55.35 -1.10 12.10
N LEU D 372 -54.33 -0.49 12.72
CA LEU D 372 -54.47 0.84 13.32
C LEU D 372 -54.39 1.97 12.32
N ILE D 373 -53.90 1.72 11.11
CA ILE D 373 -53.68 2.80 10.16
C ILE D 373 -55.01 3.13 9.46
N THR D 374 -55.54 4.32 9.76
CA THR D 374 -56.70 4.88 9.09
C THR D 374 -56.27 5.95 8.11
N SER D 375 -57.24 6.48 7.36
CA SER D 375 -57.00 7.56 6.40
C SER D 375 -56.54 8.90 6.99
N ASP D 376 -56.75 9.11 8.29
N ASP D 376 -56.75 9.13 8.29
CA ASP D 376 -56.24 10.29 8.98
CA ASP D 376 -56.18 10.30 8.98
C ASP D 376 -55.08 9.90 9.96
C ASP D 376 -55.09 9.90 9.97
N THR D 377 -54.35 8.83 9.64
CA THR D 377 -53.19 8.39 10.43
C THR D 377 -51.88 8.84 9.76
N THR D 378 -50.90 9.16 10.61
CA THR D 378 -49.52 9.40 10.21
C THR D 378 -48.67 8.35 10.93
N LEU D 379 -47.92 7.57 10.16
CA LEU D 379 -47.04 6.53 10.67
C LEU D 379 -45.57 6.95 10.42
N THR D 380 -44.80 7.09 11.50
CA THR D 380 -43.36 7.35 11.40
C THR D 380 -42.61 6.03 11.64
N ALA D 381 -41.82 5.59 10.66
CA ALA D 381 -41.11 4.32 10.72
C ALA D 381 -39.60 4.56 10.73
N GLU D 382 -38.96 4.10 11.79
CA GLU D 382 -37.53 4.32 12.04
C GLU D 382 -36.63 3.40 11.19
N THR D 383 -35.44 3.90 10.84
CA THR D 383 -34.38 3.08 10.23
C THR D 383 -34.11 1.85 11.08
N GLY D 384 -34.06 0.69 10.44
CA GLY D 384 -34.09 -0.61 11.11
C GLY D 384 -35.07 -1.53 10.43
N ASP D 385 -35.40 -2.66 11.07
CA ASP D 385 -36.39 -3.60 10.51
C ASP D 385 -37.78 -2.96 10.31
N SER D 386 -38.09 -1.91 11.07
CA SER D 386 -39.29 -1.10 10.82
C SER D 386 -39.45 -0.58 9.37
N TRP D 387 -38.36 -0.28 8.67
CA TRP D 387 -38.39 0.02 7.22
C TRP D 387 -39.09 -1.09 6.41
N PHE D 388 -38.72 -2.33 6.72
CA PHE D 388 -39.18 -3.50 5.99
C PHE D 388 -40.60 -3.90 6.39
N ASN D 389 -40.94 -3.73 7.67
CA ASN D 389 -42.31 -3.95 8.12
C ASN D 389 -43.25 -2.89 7.57
N ALA D 390 -42.87 -1.63 7.68
CA ALA D 390 -43.63 -0.54 7.06
C ALA D 390 -43.86 -0.75 5.56
N SER D 391 -42.82 -1.17 4.84
N SER D 391 -42.82 -1.18 4.85
CA SER D 391 -42.89 -1.32 3.39
CA SER D 391 -42.88 -1.32 3.40
C SER D 391 -43.74 -2.50 2.90
C SER D 391 -43.73 -2.51 2.91
N ARG D 392 -44.10 -3.43 3.80
CA ARG D 392 -45.01 -4.55 3.45
C ARG D 392 -46.43 -4.39 4.01
N MET D 393 -46.73 -3.24 4.61
CA MET D 393 -48.06 -2.93 5.12
C MET D 393 -48.88 -2.15 4.09
N PRO D 394 -50.04 -2.68 3.63
CA PRO D 394 -50.95 -1.83 2.85
C PRO D 394 -51.55 -0.73 3.73
N ILE D 395 -51.72 0.45 3.16
CA ILE D 395 -52.32 1.58 3.88
C ILE D 395 -53.47 2.18 3.08
N PRO D 396 -54.48 2.75 3.76
CA PRO D 396 -55.58 3.36 3.00
C PRO D 396 -55.21 4.75 2.46
N GLY D 397 -56.00 5.23 1.51
CA GLY D 397 -55.78 6.53 0.89
C GLY D 397 -55.96 7.59 1.95
N GLY D 398 -55.08 8.59 1.93
CA GLY D 398 -55.05 9.63 2.98
C GLY D 398 -54.02 9.37 4.06
N ALA D 399 -53.69 8.10 4.34
CA ALA D 399 -52.68 7.75 5.35
C ALA D 399 -51.30 8.23 4.94
N ARG D 400 -50.56 8.74 5.91
CA ARG D 400 -49.26 9.32 5.69
C ARG D 400 -48.21 8.42 6.33
N VAL D 401 -47.18 8.08 5.56
CA VAL D 401 -46.02 7.38 6.12
C VAL D 401 -44.81 8.30 6.05
N GLU D 402 -44.04 8.37 7.14
CA GLU D 402 -42.81 9.13 7.15
C GLU D 402 -41.61 8.21 7.34
N LEU D 403 -40.72 8.27 6.34
CA LEU D 403 -39.49 7.52 6.31
C LEU D 403 -38.34 8.49 6.07
N GLU D 404 -37.16 8.10 6.53
CA GLU D 404 -35.96 8.90 6.40
C GLU D 404 -34.87 8.02 5.80
N MET D 405 -35.11 7.60 4.57
CA MET D 405 -34.28 6.56 3.93
C MET D 405 -33.03 7.08 3.24
N GLN D 406 -32.93 8.40 3.07
CA GLN D 406 -31.74 9.00 2.47
C GLN D 406 -30.72 9.31 3.56
N TRP D 407 -31.15 10.01 4.61
CA TRP D 407 -30.25 10.34 5.72
C TRP D 407 -30.06 9.12 6.59
N GLY D 408 -31.15 8.53 7.06
CA GLY D 408 -31.09 7.28 7.80
C GLY D 408 -30.40 7.36 9.15
N HIS D 409 -30.68 8.44 9.87
CA HIS D 409 -30.12 8.69 11.19
C HIS D 409 -30.99 7.99 12.22
N ILE D 410 -30.49 6.94 12.85
CA ILE D 410 -31.30 6.24 13.88
C ILE D 410 -31.59 7.15 15.06
N GLY D 411 -32.80 7.02 15.61
CA GLY D 411 -33.29 7.94 16.62
C GLY D 411 -34.09 9.12 16.08
N TRP D 412 -34.00 9.39 14.77
CA TRP D 412 -34.79 10.43 14.10
C TRP D 412 -36.29 10.34 14.44
N SER D 413 -36.83 9.12 14.45
CA SER D 413 -38.26 8.90 14.58
C SER D 413 -38.89 9.49 15.84
N VAL D 414 -38.14 9.52 16.95
CA VAL D 414 -38.73 9.96 18.20
C VAL D 414 -39.02 11.47 18.14
N PRO D 415 -38.00 12.32 17.95
CA PRO D 415 -38.33 13.74 17.81
C PRO D 415 -39.09 14.11 16.52
N SER D 416 -38.87 13.40 15.42
CA SER D 416 -39.66 13.64 14.20
C SER D 416 -41.15 13.42 14.45
N ALA D 417 -41.52 12.30 15.05
CA ALA D 417 -42.91 12.02 15.40
C ALA D 417 -43.48 13.07 16.36
N PHE D 418 -42.68 13.52 17.33
CA PHE D 418 -43.07 14.59 18.23
C PHE D 418 -43.46 15.85 17.46
N GLY D 419 -42.54 16.31 16.61
CA GLY D 419 -42.76 17.51 15.81
C GLY D 419 -43.93 17.40 14.86
N ASN D 420 -44.06 16.22 14.26
CA ASN D 420 -45.08 15.97 13.27
C ASN D 420 -46.47 16.02 13.93
N ALA D 421 -46.57 15.40 15.10
CA ALA D 421 -47.79 15.43 15.92
C ALA D 421 -48.16 16.81 16.44
N VAL D 422 -47.15 17.61 16.81
CA VAL D 422 -47.38 19.00 17.19
C VAL D 422 -47.98 19.78 16.01
N GLY D 423 -47.58 19.43 14.79
CA GLY D 423 -47.96 20.16 13.59
C GLY D 423 -49.24 19.68 12.93
N SER D 424 -49.68 18.47 13.30
CA SER D 424 -50.92 17.89 12.77
C SER D 424 -51.65 17.12 13.87
N PRO D 425 -52.09 17.86 14.92
CA PRO D 425 -52.71 17.24 16.08
C PRO D 425 -54.07 16.58 15.81
N GLU D 426 -54.75 16.96 14.73
CA GLU D 426 -56.00 16.33 14.28
C GLU D 426 -55.87 14.87 13.82
N ARG D 427 -54.66 14.43 13.51
CA ARG D 427 -54.43 13.07 13.01
C ARG D 427 -54.12 12.09 14.15
N ARG D 428 -54.23 10.81 13.86
CA ARG D 428 -53.72 9.74 14.70
C ARG D 428 -52.25 9.57 14.38
N HIS D 429 -51.40 9.57 15.41
CA HIS D 429 -49.95 9.52 15.25
C HIS D 429 -49.40 8.24 15.86
N ILE D 430 -48.84 7.39 15.00
CA ILE D 430 -48.22 6.13 15.37
C ILE D 430 -46.74 6.20 15.00
N MET D 431 -45.90 5.49 15.75
CA MET D 431 -44.52 5.30 15.35
C MET D 431 -43.97 3.93 15.66
N MET D 432 -43.06 3.47 14.81
CA MET D 432 -42.35 2.22 15.00
C MET D 432 -40.88 2.57 15.15
N VAL D 433 -40.28 2.15 16.25
CA VAL D 433 -38.89 2.49 16.58
C VAL D 433 -38.19 1.29 17.23
N GLY D 434 -36.98 0.98 16.77
CA GLY D 434 -36.21 -0.09 17.39
C GLY D 434 -35.59 0.34 18.71
N ASP D 435 -35.21 -0.65 19.50
CA ASP D 435 -34.53 -0.40 20.78
C ASP D 435 -33.26 0.42 20.61
N GLY D 436 -32.43 0.05 19.63
CA GLY D 436 -31.19 0.75 19.34
C GLY D 436 -31.38 2.21 19.04
N SER D 437 -32.35 2.49 18.16
CA SER D 437 -32.69 3.86 17.75
C SER D 437 -33.20 4.69 18.90
N PHE D 438 -34.12 4.10 19.67
CA PHE D 438 -34.75 4.77 20.79
C PHE D 438 -33.73 5.34 21.79
N GLN D 439 -32.65 4.59 22.03
CA GLN D 439 -31.63 5.04 22.98
C GLN D 439 -30.90 6.34 22.59
N LEU D 440 -30.83 6.66 21.29
CA LEU D 440 -30.19 7.91 20.88
C LEU D 440 -30.95 9.14 21.28
N THR D 441 -32.29 9.05 21.30
CA THR D 441 -33.14 10.23 21.38
C THR D 441 -34.35 10.08 22.35
N ALA D 442 -34.30 9.09 23.24
CA ALA D 442 -35.42 8.70 24.12
C ALA D 442 -36.05 9.83 24.92
N GLN D 443 -35.21 10.76 25.40
CA GLN D 443 -35.66 11.89 26.21
C GLN D 443 -36.70 12.81 25.57
N GLU D 444 -36.85 12.76 24.25
CA GLU D 444 -37.91 13.56 23.60
C GLU D 444 -39.31 12.98 23.85
N VAL D 445 -39.41 11.75 24.38
CA VAL D 445 -40.70 11.22 24.89
C VAL D 445 -41.18 12.05 26.08
N ALA D 446 -40.24 12.56 26.86
CA ALA D 446 -40.56 13.46 27.96
C ALA D 446 -41.20 14.79 27.50
N GLN D 447 -40.82 15.28 26.31
CA GLN D 447 -41.45 16.47 25.72
C GLN D 447 -42.83 16.15 25.15
N MET D 448 -43.02 14.93 24.61
CA MET D 448 -44.38 14.46 24.27
C MET D 448 -45.29 14.50 25.51
N ILE D 449 -44.75 14.08 26.64
CA ILE D 449 -45.49 14.09 27.89
C ILE D 449 -45.80 15.51 28.33
N ARG D 450 -44.78 16.35 28.35
CA ARG D 450 -44.93 17.74 28.74
C ARG D 450 -46.04 18.46 27.96
N TYR D 451 -46.05 18.29 26.63
CA TYR D 451 -47.00 18.99 25.74
C TYR D 451 -48.28 18.17 25.45
N GLU D 452 -48.42 17.02 26.11
CA GLU D 452 -49.63 16.18 26.01
C GLU D 452 -49.91 15.70 24.58
N ILE D 453 -48.88 15.16 23.94
CA ILE D 453 -48.93 14.76 22.54
C ILE D 453 -49.16 13.26 22.51
N PRO D 454 -50.36 12.83 22.03
CA PRO D 454 -50.73 11.42 22.13
C PRO D 454 -50.16 10.51 21.02
N VAL D 455 -48.84 10.43 20.91
CA VAL D 455 -48.21 9.53 19.96
C VAL D 455 -48.26 8.12 20.52
N ILE D 456 -48.58 7.14 19.68
CA ILE D 456 -48.53 5.74 20.07
C ILE D 456 -47.22 5.17 19.55
N ILE D 457 -46.36 4.76 20.47
CA ILE D 457 -44.99 4.33 20.15
C ILE D 457 -44.88 2.81 20.29
N PHE D 458 -44.67 2.12 19.17
CA PHE D 458 -44.34 0.71 19.16
C PHE D 458 -42.82 0.60 19.19
N LEU D 459 -42.30 0.16 20.33
CA LEU D 459 -40.87 0.00 20.55
C LEU D 459 -40.57 -1.49 20.34
N ILE D 460 -39.81 -1.81 19.29
CA ILE D 460 -39.46 -3.19 19.00
C ILE D 460 -38.20 -3.55 19.79
N ASN D 461 -38.37 -4.27 20.89
CA ASN D 461 -37.22 -4.66 21.70
C ASN D 461 -36.70 -5.99 21.24
N ASN D 462 -35.77 -5.98 20.29
CA ASN D 462 -35.15 -7.24 19.81
C ASN D 462 -33.71 -7.42 20.28
N ARG D 463 -33.31 -6.67 21.32
CA ARG D 463 -32.03 -6.83 22.00
C ARG D 463 -30.84 -6.60 21.05
N GLY D 464 -30.91 -5.54 20.25
CA GLY D 464 -29.78 -5.16 19.42
C GLY D 464 -30.10 -4.48 18.11
N TYR D 465 -29.03 -4.23 17.36
CA TYR D 465 -29.08 -3.60 16.05
C TYR D 465 -29.26 -4.71 14.99
N VAL D 466 -30.49 -5.21 14.85
CA VAL D 466 -30.75 -6.37 13.97
C VAL D 466 -30.40 -6.12 12.50
N ILE D 467 -30.78 -4.98 11.99
CA ILE D 467 -30.41 -4.54 10.64
C ILE D 467 -28.89 -4.54 10.40
N GLU D 468 -28.10 -4.13 11.38
CA GLU D 468 -26.64 -4.20 11.30
C GLU D 468 -26.13 -5.63 11.39
N ILE D 469 -26.75 -6.45 12.22
CA ILE D 469 -26.42 -7.88 12.29
C ILE D 469 -26.61 -8.56 10.90
N ALA D 470 -27.66 -8.15 10.18
CA ALA D 470 -27.92 -8.65 8.82
C ALA D 470 -26.85 -8.25 7.79
N ILE D 471 -26.22 -7.08 7.99
CA ILE D 471 -25.11 -6.63 7.13
C ILE D 471 -23.78 -7.31 7.48
N HIS D 472 -23.39 -7.23 8.75
CA HIS D 472 -22.11 -7.79 9.21
C HIS D 472 -22.10 -7.84 10.75
N ASP D 473 -22.06 -9.04 11.31
CA ASP D 473 -22.22 -9.22 12.75
C ASP D 473 -20.92 -9.01 13.54
N GLY D 474 -21.07 -8.51 14.75
CA GLY D 474 -19.97 -8.30 15.67
C GLY D 474 -20.50 -7.72 16.97
N PRO D 475 -19.62 -7.64 18.00
CA PRO D 475 -20.05 -7.26 19.36
C PRO D 475 -20.67 -5.84 19.47
N TYR D 476 -20.26 -4.95 18.58
CA TYR D 476 -20.85 -3.59 18.40
C TYR D 476 -22.37 -3.53 18.12
N ASN D 477 -22.99 -4.66 17.78
CA ASN D 477 -24.43 -4.70 17.55
C ASN D 477 -25.29 -4.99 18.77
N TYR D 478 -24.67 -5.29 19.92
CA TYR D 478 -25.39 -5.75 21.11
C TYR D 478 -25.29 -4.69 22.16
N ILE D 479 -26.45 -4.26 22.66
CA ILE D 479 -26.58 -3.06 23.47
C ILE D 479 -27.18 -3.41 24.83
N LYS D 480 -27.02 -2.49 25.77
CA LYS D 480 -27.59 -2.63 27.09
C LYS D 480 -29.12 -2.55 26.99
N ASN D 481 -29.80 -3.55 27.56
CA ASN D 481 -31.26 -3.54 27.61
C ASN D 481 -31.74 -2.55 28.66
N TRP D 482 -32.82 -1.83 28.34
CA TRP D 482 -33.53 -1.01 29.30
C TRP D 482 -34.90 -1.60 29.57
N ASN D 483 -35.51 -1.21 30.68
CA ASN D 483 -36.95 -1.38 30.86
C ASN D 483 -37.67 -0.22 30.16
N TYR D 484 -37.87 -0.36 28.85
CA TYR D 484 -38.38 0.76 28.01
C TYR D 484 -39.74 1.24 28.49
N ALA D 485 -40.63 0.31 28.84
CA ALA D 485 -41.96 0.66 29.36
C ALA D 485 -41.87 1.50 30.65
N GLY D 486 -40.96 1.13 31.56
CA GLY D 486 -40.77 1.85 32.83
C GLY D 486 -40.26 3.29 32.71
N LEU D 487 -39.61 3.59 31.59
CA LEU D 487 -39.13 4.93 31.32
C LEU D 487 -40.25 5.98 31.31
N ILE D 488 -41.47 5.58 30.97
CA ILE D 488 -42.57 6.53 30.90
C ILE D 488 -42.92 7.09 32.29
N ASP D 489 -42.96 6.24 33.32
CA ASP D 489 -43.18 6.70 34.71
C ASP D 489 -42.10 7.67 35.21
N VAL D 490 -40.85 7.46 34.80
CA VAL D 490 -39.75 8.37 35.10
C VAL D 490 -40.01 9.76 34.50
N PHE D 491 -40.38 9.79 33.23
CA PHE D 491 -40.68 11.05 32.56
C PHE D 491 -41.98 11.71 33.05
N ASN D 492 -43.00 10.91 33.41
CA ASN D 492 -44.20 11.47 34.03
C ASN D 492 -43.92 12.19 35.34
N ASP D 493 -43.15 11.53 36.21
CA ASP D 493 -42.96 11.97 37.58
C ASP D 493 -44.37 12.20 38.22
N GLU D 494 -44.66 13.40 38.72
CA GLU D 494 -45.95 13.70 39.36
C GLU D 494 -47.05 14.18 38.37
N ASP D 495 -46.68 14.76 37.23
CA ASP D 495 -47.62 15.52 36.36
C ASP D 495 -48.16 14.74 35.16
N GLY D 496 -47.26 14.12 34.41
CA GLY D 496 -47.55 13.60 33.07
C GLY D 496 -48.54 12.47 32.95
N HIS D 497 -49.14 12.36 31.76
CA HIS D 497 -50.13 11.33 31.47
C HIS D 497 -49.62 10.36 30.40
N GLY D 498 -48.31 10.14 30.38
CA GLY D 498 -47.76 9.08 29.55
C GLY D 498 -48.14 7.72 30.09
N LEU D 499 -48.15 6.71 29.23
CA LEU D 499 -48.39 5.31 29.60
C LEU D 499 -47.32 4.41 29.01
N GLY D 500 -46.72 3.54 29.82
CA GLY D 500 -45.75 2.56 29.35
C GLY D 500 -46.24 1.13 29.55
N LEU D 501 -46.29 0.34 28.48
CA LEU D 501 -46.89 -0.99 28.50
C LEU D 501 -45.99 -2.01 27.82
N LYS D 502 -46.09 -3.27 28.26
CA LYS D 502 -45.33 -4.37 27.71
C LYS D 502 -46.26 -5.34 26.98
N ALA D 503 -45.76 -5.90 25.89
CA ALA D 503 -46.47 -6.88 25.10
C ALA D 503 -45.52 -7.99 24.66
N SER D 504 -45.73 -9.21 25.16
CA SER D 504 -45.01 -10.41 24.70
C SER D 504 -45.92 -11.46 24.04
N THR D 505 -47.21 -11.14 23.88
CA THR D 505 -48.14 -11.99 23.16
C THR D 505 -49.09 -11.16 22.32
N GLY D 506 -49.75 -11.81 21.36
CA GLY D 506 -50.78 -11.20 20.53
C GLY D 506 -51.89 -10.59 21.34
N ALA D 507 -52.30 -11.28 22.40
CA ALA D 507 -53.34 -10.81 23.31
C ALA D 507 -52.89 -9.59 24.10
N GLU D 508 -51.68 -9.65 24.65
CA GLU D 508 -51.13 -8.51 25.40
C GLU D 508 -50.99 -7.27 24.50
N LEU D 509 -50.51 -7.47 23.27
CA LEU D 509 -50.42 -6.38 22.30
C LEU D 509 -51.81 -5.78 22.00
N GLU D 510 -52.82 -6.64 21.82
CA GLU D 510 -54.19 -6.20 21.59
C GLU D 510 -54.73 -5.38 22.76
N GLY D 511 -54.53 -5.85 23.98
CA GLY D 511 -54.89 -5.08 25.18
C GLY D 511 -54.17 -3.73 25.28
N ALA D 512 -52.87 -3.71 24.98
CA ALA D 512 -52.08 -2.49 25.09
C ALA D 512 -52.54 -1.41 24.08
N ILE D 513 -52.81 -1.86 22.85
CA ILE D 513 -53.32 -0.96 21.80
C ILE D 513 -54.62 -0.28 22.21
N LYS D 514 -55.54 -1.03 22.85
CA LYS D 514 -56.80 -0.45 23.35
C LYS D 514 -56.53 0.66 24.35
N LYS D 515 -55.64 0.41 25.30
CA LYS D 515 -55.25 1.43 26.27
C LYS D 515 -54.59 2.66 25.62
N ALA D 516 -53.75 2.43 24.61
CA ALA D 516 -53.10 3.54 23.90
C ALA D 516 -54.11 4.45 23.18
N LEU D 517 -55.09 3.87 22.50
CA LEU D 517 -56.18 4.63 21.84
C LEU D 517 -56.98 5.52 22.80
N ASP D 518 -57.21 5.01 24.02
CA ASP D 518 -57.89 5.75 25.09
C ASP D 518 -57.03 6.83 25.76
N ASN D 519 -55.70 6.73 25.69
CA ASN D 519 -54.81 7.74 26.29
C ASN D 519 -54.68 8.93 25.35
N ARG D 520 -55.41 10.00 25.65
CA ARG D 520 -55.47 11.17 24.78
C ARG D 520 -54.69 12.38 25.33
N ARG D 521 -54.07 12.24 26.50
CA ARG D 521 -53.33 13.34 27.11
C ARG D 521 -51.82 13.08 27.22
N GLY D 522 -51.33 12.04 26.54
CA GLY D 522 -49.92 11.74 26.57
C GLY D 522 -49.57 10.59 25.67
N PRO D 523 -48.27 10.39 25.40
CA PRO D 523 -47.85 9.28 24.55
C PRO D 523 -48.02 7.94 25.25
N THR D 524 -48.15 6.88 24.48
CA THR D 524 -48.22 5.52 25.00
C THR D 524 -47.14 4.72 24.33
N LEU D 525 -46.22 4.19 25.14
CA LEU D 525 -45.14 3.40 24.64
C LEU D 525 -45.44 1.94 24.91
N ILE D 526 -45.46 1.15 23.85
CA ILE D 526 -45.74 -0.28 23.91
C ILE D 526 -44.45 -0.99 23.56
N GLU D 527 -43.84 -1.64 24.55
CA GLU D 527 -42.58 -2.33 24.36
C GLU D 527 -42.87 -3.75 23.92
N CYS D 528 -42.58 -4.04 22.66
CA CYS D 528 -42.84 -5.36 22.09
C CYS D 528 -41.59 -6.22 22.19
N ASN D 529 -41.74 -7.35 22.88
CA ASN D 529 -40.71 -8.37 22.97
C ASN D 529 -40.74 -9.22 21.70
N ILE D 530 -39.75 -9.01 20.82
CA ILE D 530 -39.60 -9.76 19.57
C ILE D 530 -38.23 -10.41 19.61
N ALA D 531 -38.12 -11.67 19.21
CA ALA D 531 -36.84 -12.37 19.23
C ALA D 531 -35.87 -11.78 18.19
N GLN D 532 -34.59 -11.88 18.51
CA GLN D 532 -33.51 -11.34 17.68
C GLN D 532 -33.48 -11.95 16.26
N ASP D 533 -33.69 -13.27 16.19
CA ASP D 533 -33.76 -14.03 14.93
C ASP D 533 -35.02 -13.79 14.09
N ASP D 534 -36.07 -13.26 14.72
CA ASP D 534 -37.38 -13.09 14.08
C ASP D 534 -37.47 -11.70 13.45
N CYS D 535 -36.73 -11.53 12.36
CA CYS D 535 -36.78 -10.31 11.56
C CYS D 535 -37.30 -10.68 10.18
N THR D 536 -37.70 -9.69 9.39
CA THR D 536 -38.25 -9.95 8.05
C THR D 536 -37.21 -10.66 7.17
N GLU D 537 -37.69 -11.54 6.30
CA GLU D 537 -36.84 -12.17 5.28
C GLU D 537 -36.30 -11.14 4.28
N THR D 538 -37.06 -10.05 4.06
CA THR D 538 -36.59 -9.00 3.15
C THR D 538 -35.35 -8.28 3.70
N LEU D 539 -35.31 -8.04 5.02
CA LEU D 539 -34.10 -7.48 5.64
C LEU D 539 -32.88 -8.35 5.37
N ILE D 540 -33.03 -9.66 5.51
CA ILE D 540 -31.91 -10.56 5.37
C ILE D 540 -31.31 -10.53 3.96
N ALA D 541 -32.16 -10.59 2.94
CA ALA D 541 -31.71 -10.55 1.53
C ALA D 541 -31.06 -9.20 1.15
N TRP D 542 -31.70 -8.11 1.55
CA TRP D 542 -31.22 -6.75 1.32
C TRP D 542 -29.90 -6.48 2.06
N GLY D 543 -29.79 -7.00 3.29
CA GLY D 543 -28.56 -6.89 4.09
C GLY D 543 -27.35 -7.50 3.41
N LYS D 544 -27.52 -8.68 2.80
CA LYS D 544 -26.41 -9.36 2.11
C LYS D 544 -25.91 -8.57 0.90
N ARG D 545 -26.83 -7.96 0.16
CA ARG D 545 -26.46 -7.15 -1.01
C ARG D 545 -25.72 -5.86 -0.64
N VAL D 546 -26.17 -5.21 0.42
CA VAL D 546 -25.51 -4.00 0.94
C VAL D 546 -24.09 -4.33 1.41
N ALA D 547 -23.96 -5.41 2.19
CA ALA D 547 -22.66 -5.85 2.68
C ALA D 547 -21.65 -6.08 1.54
N ALA D 548 -22.06 -6.86 0.54
CA ALA D 548 -21.22 -7.14 -0.64
C ALA D 548 -20.88 -5.86 -1.42
N THR D 549 -21.86 -4.97 -1.57
CA THR D 549 -21.64 -3.69 -2.26
C THR D 549 -20.65 -2.78 -1.52
N ASN D 550 -20.83 -2.65 -0.21
CA ASN D 550 -19.92 -1.82 0.61
C ASN D 550 -18.50 -2.34 0.69
N SER D 551 -18.35 -3.67 0.72
CA SER D 551 -17.06 -4.31 0.84
C SER D 551 -16.31 -4.47 -0.48
N ARG D 552 -16.94 -4.17 -1.63
CA ARG D 552 -16.32 -4.49 -2.94
C ARG D 552 -14.96 -3.80 -3.08
N LYS D 553 -13.95 -4.54 -3.54
CA LYS D 553 -12.57 -4.14 -3.36
C LYS D 553 -12.16 -2.95 -4.23
N PRO D 554 -11.09 -2.22 -3.85
CA PRO D 554 -10.63 -1.12 -4.70
C PRO D 554 -9.97 -1.58 -6.01
N GLN D 555 -9.64 -0.62 -6.87
CA GLN D 555 -8.85 -0.88 -8.10
C GLN D 555 -7.36 -0.96 -7.78
N MET E 1 74.29 -73.25 29.52
CA MET E 1 73.75 -72.02 28.87
C MET E 1 74.04 -70.80 29.76
N TYR E 2 74.51 -69.72 29.14
CA TYR E 2 74.72 -68.45 29.82
C TYR E 2 74.10 -67.34 28.99
N THR E 3 73.20 -66.58 29.60
CA THR E 3 72.35 -65.62 28.90
C THR E 3 72.60 -64.16 29.28
N VAL E 4 72.01 -63.27 28.50
CA VAL E 4 72.04 -61.83 28.74
C VAL E 4 71.54 -61.50 30.14
N GLY E 5 70.39 -62.06 30.51
CA GLY E 5 69.82 -61.82 31.82
C GLY E 5 70.71 -62.32 32.96
N MET E 6 71.42 -63.42 32.73
CA MET E 6 72.42 -63.91 33.70
C MET E 6 73.65 -62.99 33.80
N TYR E 7 74.13 -62.45 32.68
CA TYR E 7 75.20 -61.45 32.72
C TYR E 7 74.77 -60.26 33.59
N LEU E 8 73.58 -59.70 33.31
CA LEU E 8 73.01 -58.62 34.13
C LEU E 8 73.00 -58.99 35.60
N ALA E 9 72.47 -60.17 35.92
CA ALA E 9 72.32 -60.62 37.29
C ALA E 9 73.65 -60.77 38.04
N GLU E 10 74.68 -61.24 37.35
CA GLU E 10 76.01 -61.42 37.95
C GLU E 10 76.68 -60.07 38.25
N ARG E 11 76.57 -59.13 37.31
CA ARG E 11 77.01 -57.76 37.55
C ARG E 11 76.27 -57.09 38.70
N LEU E 12 74.96 -57.32 38.79
CA LEU E 12 74.18 -56.74 39.90
C LEU E 12 74.62 -57.33 41.24
N ALA E 13 74.90 -58.63 41.26
CA ALA E 13 75.45 -59.30 42.45
C ALA E 13 76.84 -58.78 42.83
N GLN E 14 77.69 -58.53 41.83
CA GLN E 14 79.00 -57.89 42.05
C GLN E 14 78.98 -56.44 42.59
N ILE E 15 77.90 -55.68 42.35
CA ILE E 15 77.71 -54.37 42.99
C ILE E 15 77.47 -54.53 44.50
N GLY E 16 76.98 -55.68 44.95
CA GLY E 16 76.60 -55.90 46.35
C GLY E 16 75.10 -55.97 46.61
N LEU E 17 74.30 -56.10 45.55
CA LEU E 17 72.86 -56.34 45.70
C LEU E 17 72.64 -57.78 46.17
N LYS E 18 71.83 -57.92 47.22
CA LYS E 18 71.32 -59.21 47.62
C LYS E 18 69.84 -59.34 47.25
N HIS E 19 69.25 -58.28 46.71
CA HIS E 19 67.84 -58.27 46.31
C HIS E 19 67.67 -57.40 45.09
N HIS E 20 66.61 -57.68 44.33
CA HIS E 20 66.12 -56.74 43.34
C HIS E 20 64.60 -56.80 43.32
N PHE E 21 63.99 -55.69 42.91
CA PHE E 21 62.56 -55.47 43.01
C PHE E 21 61.94 -55.54 41.64
N ALA E 22 60.73 -56.08 41.56
CA ALA E 22 60.10 -56.33 40.27
C ALA E 22 58.59 -56.39 40.30
N VAL E 23 58.00 -56.00 39.19
CA VAL E 23 56.59 -56.27 38.89
C VAL E 23 56.60 -56.94 37.52
N ALA E 24 56.04 -58.13 37.45
CA ALA E 24 56.06 -58.93 36.24
C ALA E 24 55.17 -58.33 35.15
N GLY E 25 55.54 -58.58 33.91
CA GLY E 25 54.73 -58.28 32.73
C GLY E 25 55.30 -59.09 31.58
N ASP E 26 54.53 -59.31 30.53
CA ASP E 26 54.94 -60.29 29.51
C ASP E 26 56.24 -59.91 28.79
N TYR E 27 56.55 -58.63 28.68
CA TYR E 27 57.84 -58.19 28.12
C TYR E 27 59.08 -58.48 29.00
N ASN E 28 58.90 -58.82 30.27
CA ASN E 28 60.02 -59.07 31.19
C ASN E 28 60.08 -60.43 31.86
N LEU E 29 59.20 -61.35 31.49
CA LEU E 29 59.08 -62.62 32.22
C LEU E 29 60.32 -63.50 32.03
N VAL E 30 60.83 -63.58 30.80
CA VAL E 30 62.04 -64.36 30.51
C VAL E 30 63.22 -63.72 31.24
N LEU E 31 63.31 -62.39 31.23
CA LEU E 31 64.32 -61.67 32.01
C LEU E 31 64.25 -62.00 33.51
N LEU E 32 63.05 -61.96 34.07
CA LEU E 32 62.87 -62.30 35.49
C LEU E 32 63.30 -63.75 35.81
N ASP E 33 63.03 -64.69 34.90
CA ASP E 33 63.54 -66.08 35.01
C ASP E 33 65.07 -66.16 35.09
N GLN E 34 65.74 -65.44 34.19
CA GLN E 34 67.20 -65.41 34.18
C GLN E 34 67.75 -64.86 35.49
N LEU E 35 67.15 -63.78 36.00
CA LEU E 35 67.53 -63.19 37.26
C LEU E 35 67.34 -64.15 38.44
N LEU E 36 66.26 -64.93 38.42
CA LEU E 36 66.00 -65.97 39.44
C LEU E 36 67.02 -67.12 39.47
N LEU E 37 67.71 -67.37 38.37
CA LEU E 37 68.78 -68.38 38.34
C LEU E 37 70.02 -67.96 39.12
N ASN E 38 70.18 -66.66 39.40
CA ASN E 38 71.27 -66.16 40.22
C ASN E 38 71.04 -66.41 41.71
N LYS E 39 71.98 -67.11 42.32
CA LYS E 39 71.84 -67.60 43.70
C LYS E 39 72.12 -66.53 44.77
N ASP E 40 72.84 -65.47 44.40
CA ASP E 40 73.25 -64.41 45.33
C ASP E 40 72.18 -63.33 45.58
N MET E 41 71.05 -63.37 44.84
CA MET E 41 69.97 -62.41 44.98
C MET E 41 68.61 -63.08 45.17
N GLU E 42 67.77 -62.44 45.99
N GLU E 42 67.74 -62.44 45.93
CA GLU E 42 66.33 -62.74 46.07
CA GLU E 42 66.35 -62.82 46.00
C GLU E 42 65.62 -61.79 45.08
C GLU E 42 65.54 -61.77 45.22
N GLN E 43 64.47 -62.23 44.57
CA GLN E 43 63.61 -61.40 43.72
C GLN E 43 62.40 -61.01 44.54
N VAL E 44 62.27 -59.71 44.84
CA VAL E 44 61.20 -59.17 45.69
C VAL E 44 60.11 -58.52 44.82
N TYR E 45 58.85 -58.89 45.03
CA TYR E 45 57.75 -58.42 44.21
C TYR E 45 57.03 -57.24 44.86
N CYS E 46 56.60 -56.27 44.05
CA CYS E 46 55.89 -55.08 44.54
C CYS E 46 54.47 -54.98 43.96
N CYS E 47 53.62 -54.20 44.62
CA CYS E 47 52.22 -54.00 44.21
C CYS E 47 52.13 -53.22 42.90
N ASN E 48 52.85 -52.12 42.80
CA ASN E 48 52.90 -51.31 41.57
C ASN E 48 54.29 -50.76 41.35
N GLU E 49 54.50 -50.19 40.16
CA GLU E 49 55.83 -49.85 39.72
C GLU E 49 56.38 -48.54 40.31
N LEU E 50 55.51 -47.59 40.70
CA LEU E 50 55.95 -46.43 41.51
C LEU E 50 56.53 -46.93 42.84
N ASN E 51 55.81 -47.82 43.50
CA ASN E 51 56.27 -48.39 44.75
C ASN E 51 57.55 -49.23 44.60
N CYS E 52 57.60 -49.98 43.50
CA CYS E 52 58.76 -50.78 43.14
C CYS E 52 60.00 -49.89 42.97
N GLY E 53 59.87 -48.79 42.25
CA GLY E 53 60.92 -47.82 42.10
C GLY E 53 61.39 -47.21 43.41
N PHE E 54 60.45 -46.84 44.29
CA PHE E 54 60.80 -46.25 45.56
C PHE E 54 61.35 -47.26 46.57
N SER E 55 60.93 -48.53 46.48
CA SER E 55 61.54 -49.64 47.21
C SER E 55 63.02 -49.79 46.84
N ALA E 56 63.31 -49.81 45.55
CA ALA E 56 64.70 -49.82 45.11
C ALA E 56 65.46 -48.59 45.63
N GLU E 57 64.84 -47.41 45.56
CA GLU E 57 65.46 -46.20 46.06
C GLU E 57 65.85 -46.33 47.55
N GLY E 58 64.97 -46.91 48.36
CA GLY E 58 65.25 -47.17 49.75
C GLY E 58 66.37 -48.20 49.97
N TYR E 59 66.32 -49.28 49.20
CA TYR E 59 67.40 -50.26 49.20
C TYR E 59 68.77 -49.64 48.90
N ALA E 60 68.82 -48.70 47.96
CA ALA E 60 70.06 -48.01 47.63
C ALA E 60 70.54 -47.11 48.80
N ARG E 61 69.62 -46.57 49.60
CA ARG E 61 70.01 -45.85 50.83
C ARG E 61 70.69 -46.77 51.84
N ALA E 62 70.32 -48.05 51.85
CA ALA E 62 70.97 -49.07 52.69
C ALA E 62 72.28 -49.60 52.13
N ARG E 63 72.31 -49.91 50.83
CA ARG E 63 73.38 -50.72 50.23
C ARG E 63 74.29 -49.99 49.23
N GLY E 64 73.96 -48.76 48.86
CA GLY E 64 74.74 -48.01 47.88
C GLY E 64 74.25 -48.13 46.44
N ALA E 65 73.42 -49.12 46.14
CA ALA E 65 72.79 -49.26 44.82
C ALA E 65 71.57 -50.16 44.90
N ALA E 66 70.84 -50.26 43.79
CA ALA E 66 69.64 -51.09 43.72
C ALA E 66 69.19 -51.30 42.28
N ALA E 67 68.27 -52.23 42.09
CA ALA E 67 67.71 -52.52 40.79
C ALA E 67 66.20 -52.78 40.87
N ALA E 68 65.47 -52.19 39.93
CA ALA E 68 64.03 -52.42 39.76
C ALA E 68 63.81 -52.93 38.34
N ILE E 69 62.99 -53.98 38.19
CA ILE E 69 62.67 -54.54 36.88
C ILE E 69 61.16 -54.42 36.59
N VAL E 70 60.84 -53.76 35.48
CA VAL E 70 59.45 -53.42 35.13
C VAL E 70 59.16 -53.80 33.69
N THR E 71 57.89 -53.74 33.31
CA THR E 71 57.51 -54.00 31.95
C THR E 71 57.35 -52.69 31.16
N PHE E 72 57.30 -52.82 29.85
CA PHE E 72 57.36 -51.70 28.91
C PHE E 72 56.17 -50.75 29.05
N SER E 73 56.45 -49.44 29.09
CA SER E 73 55.48 -48.34 29.16
C SER E 73 54.60 -48.30 30.40
N VAL E 74 53.68 -49.25 30.51
CA VAL E 74 52.73 -49.27 31.63
C VAL E 74 53.46 -49.42 32.97
N GLY E 75 54.58 -50.14 32.98
CA GLY E 75 55.39 -50.25 34.18
C GLY E 75 56.37 -49.13 34.30
N ALA E 76 57.16 -48.94 33.24
CA ALA E 76 58.31 -48.06 33.27
C ALA E 76 57.99 -46.60 33.51
N ILE E 77 56.89 -46.09 32.97
CA ILE E 77 56.58 -44.64 33.11
C ILE E 77 56.30 -44.24 34.57
N SER E 78 55.55 -45.04 35.33
CA SER E 78 55.38 -44.79 36.77
C SER E 78 56.72 -44.81 37.52
N ALA E 79 57.55 -45.81 37.20
CA ALA E 79 58.88 -45.92 37.78
C ALA E 79 59.79 -44.73 37.49
N MET E 80 59.59 -44.05 36.36
CA MET E 80 60.38 -42.85 36.03
C MET E 80 60.26 -41.76 37.08
N ASN E 81 59.11 -41.70 37.76
CA ASN E 81 58.91 -40.78 38.86
C ASN E 81 59.90 -41.10 40.00
N ALA E 82 59.94 -42.37 40.39
CA ALA E 82 60.89 -42.83 41.39
C ALA E 82 62.34 -42.68 40.93
N ILE E 83 62.60 -42.90 39.64
CA ILE E 83 63.93 -42.68 39.07
C ILE E 83 64.31 -41.19 39.10
N GLY E 84 63.37 -40.32 38.77
CA GLY E 84 63.55 -38.87 38.99
C GLY E 84 63.95 -38.57 40.42
N GLY E 85 63.26 -39.22 41.35
CA GLY E 85 63.59 -39.12 42.78
C GLY E 85 64.99 -39.60 43.12
N ALA E 86 65.37 -40.75 42.60
CA ALA E 86 66.72 -41.28 42.76
C ALA E 86 67.79 -40.31 42.23
N TYR E 87 67.52 -39.69 41.09
CA TYR E 87 68.41 -38.66 40.53
C TYR E 87 68.50 -37.46 41.47
N ALA E 88 67.36 -36.97 41.90
CA ALA E 88 67.26 -35.87 42.86
C ALA E 88 68.00 -36.14 44.19
N GLU E 89 67.95 -37.38 44.66
CA GLU E 89 68.53 -37.77 45.95
C GLU E 89 69.89 -38.49 45.83
N ASN E 90 70.45 -38.51 44.61
CA ASN E 90 71.82 -38.94 44.32
C ASN E 90 72.06 -40.41 44.63
N LEU E 91 71.18 -41.28 44.13
CA LEU E 91 71.23 -42.70 44.41
C LEU E 91 71.30 -43.52 43.11
N PRO E 92 72.25 -44.47 43.02
CA PRO E 92 72.32 -45.30 41.81
C PRO E 92 71.32 -46.45 41.77
N VAL E 93 70.10 -46.12 41.36
CA VAL E 93 69.07 -47.11 41.03
C VAL E 93 69.16 -47.43 39.54
N ILE E 94 69.23 -48.71 39.20
CA ILE E 94 69.19 -49.14 37.80
C ILE E 94 67.74 -49.57 37.54
N LEU E 95 67.06 -48.89 36.63
CA LEU E 95 65.74 -49.32 36.19
C LEU E 95 65.94 -50.15 34.95
N ILE E 96 65.48 -51.39 34.99
CA ILE E 96 65.53 -52.27 33.82
C ILE E 96 64.09 -52.52 33.33
N SER E 97 63.85 -52.25 32.06
CA SER E 97 62.54 -52.48 31.46
C SER E 97 62.65 -53.60 30.43
N GLY E 98 61.68 -54.50 30.44
CA GLY E 98 61.46 -55.34 29.27
C GLY E 98 61.02 -54.44 28.13
N SER E 99 61.37 -54.82 26.91
CA SER E 99 60.98 -54.05 25.74
C SER E 99 60.57 -55.00 24.60
N PRO E 100 60.07 -54.43 23.47
CA PRO E 100 59.55 -55.26 22.36
C PRO E 100 60.53 -56.26 21.73
N ASN E 101 59.96 -57.31 21.13
CA ASN E 101 60.69 -58.31 20.37
C ASN E 101 61.48 -57.66 19.23
N THR E 102 62.71 -58.13 19.02
CA THR E 102 63.59 -57.55 18.01
C THR E 102 63.01 -57.57 16.61
N ASN E 103 62.20 -58.59 16.28
CA ASN E 103 61.58 -58.72 14.95
C ASN E 103 60.52 -57.67 14.63
N ASP E 104 60.03 -56.97 15.64
CA ASP E 104 59.07 -55.88 15.45
C ASP E 104 59.69 -54.58 15.00
N TYR E 105 60.99 -54.38 15.22
CA TYR E 105 61.66 -53.14 14.79
C TYR E 105 61.68 -53.07 13.26
N GLY E 106 61.43 -51.88 12.71
CA GLY E 106 61.36 -51.69 11.26
C GLY E 106 60.23 -52.39 10.50
N THR E 107 59.08 -52.59 11.14
CA THR E 107 57.94 -53.27 10.48
C THR E 107 56.67 -52.42 10.34
N GLY E 108 56.47 -51.45 11.24
CA GLY E 108 55.21 -50.75 11.33
C GLY E 108 54.14 -51.42 12.21
N HIS E 109 54.51 -52.48 12.93
CA HIS E 109 53.61 -53.15 13.86
C HIS E 109 53.19 -52.26 15.03
N ILE E 110 51.92 -52.36 15.42
CA ILE E 110 51.40 -51.70 16.62
C ILE E 110 51.44 -52.73 17.75
N LEU E 111 52.06 -52.37 18.87
CA LEU E 111 52.26 -53.30 19.99
C LEU E 111 51.45 -52.91 21.21
N HIS E 112 51.06 -53.91 21.99
CA HIS E 112 50.39 -53.69 23.26
C HIS E 112 51.34 -52.99 24.25
N HIS E 113 50.73 -52.28 25.20
CA HIS E 113 51.40 -51.36 26.13
C HIS E 113 52.18 -50.28 25.42
N THR E 114 51.65 -49.78 24.31
CA THR E 114 52.26 -48.62 23.67
C THR E 114 51.18 -47.63 23.39
N ILE E 115 51.60 -46.44 23.01
CA ILE E 115 50.68 -45.36 22.68
C ILE E 115 49.96 -45.58 21.34
N GLY E 116 50.33 -46.63 20.60
CA GLY E 116 49.65 -47.02 19.37
C GLY E 116 50.30 -46.53 18.09
N THR E 117 51.51 -45.98 18.16
CA THR E 117 52.27 -45.60 16.95
C THR E 117 53.37 -46.65 16.68
N THR E 118 54.13 -46.44 15.61
CA THR E 118 55.25 -47.32 15.26
C THR E 118 56.56 -46.95 15.99
N ASP E 119 56.51 -45.91 16.82
CA ASP E 119 57.61 -45.48 17.64
C ASP E 119 57.66 -46.36 18.89
N TYR E 120 58.70 -47.17 19.02
CA TYR E 120 58.98 -47.88 20.27
C TYR E 120 60.09 -47.20 21.08
N ASN E 121 60.64 -46.11 20.56
CA ASN E 121 61.78 -45.40 21.15
C ASN E 121 61.41 -44.35 22.22
N TYR E 122 60.12 -44.01 22.33
CA TYR E 122 59.67 -42.90 23.19
C TYR E 122 59.99 -43.07 24.68
N GLN E 123 59.95 -44.30 25.17
CA GLN E 123 60.27 -44.57 26.56
C GLN E 123 61.74 -44.20 26.87
N LEU E 124 62.66 -44.65 26.02
CA LEU E 124 64.07 -44.30 26.14
C LEU E 124 64.27 -42.79 26.05
N GLU E 125 63.59 -42.14 25.12
CA GLU E 125 63.71 -40.70 24.98
C GLU E 125 63.22 -39.97 26.23
N MET E 126 62.12 -40.42 26.81
CA MET E 126 61.62 -39.89 28.08
C MET E 126 62.60 -40.08 29.24
N VAL E 127 63.09 -41.31 29.42
CA VAL E 127 63.87 -41.66 30.59
C VAL E 127 65.29 -41.01 30.61
N LYS E 128 65.81 -40.63 29.43
CA LYS E 128 67.07 -39.87 29.33
C LYS E 128 67.08 -38.57 30.16
N HIS E 129 65.93 -37.94 30.29
CA HIS E 129 65.79 -36.70 31.07
C HIS E 129 65.93 -36.85 32.59
N VAL E 130 65.87 -38.07 33.10
CA VAL E 130 65.98 -38.34 34.55
C VAL E 130 67.03 -39.43 34.87
N THR E 131 68.00 -39.64 33.96
CA THR E 131 69.09 -40.61 34.17
C THR E 131 70.44 -40.05 33.72
N CYS E 132 71.51 -40.66 34.22
CA CYS E 132 72.87 -40.33 33.81
C CYS E 132 73.35 -41.23 32.67
N ALA E 133 72.69 -42.36 32.48
CA ALA E 133 72.95 -43.23 31.33
C ALA E 133 71.66 -44.00 31.02
N ALA E 134 71.49 -44.37 29.75
CA ALA E 134 70.31 -45.06 29.28
C ALA E 134 70.64 -45.77 27.98
N GLU E 135 70.47 -47.10 27.96
CA GLU E 135 70.84 -47.90 26.80
C GLU E 135 69.76 -48.92 26.49
N SER E 136 69.63 -49.22 25.21
CA SER E 136 68.67 -50.18 24.70
C SER E 136 69.41 -51.39 24.12
N ILE E 137 69.08 -52.58 24.60
CA ILE E 137 69.74 -53.81 24.19
C ILE E 137 68.82 -54.63 23.27
N VAL E 138 69.22 -54.73 22.00
CA VAL E 138 68.52 -55.55 21.01
C VAL E 138 69.35 -56.73 20.47
N SER E 139 70.58 -56.93 20.93
CA SER E 139 71.35 -58.13 20.59
C SER E 139 72.20 -58.59 21.77
N ALA E 140 72.48 -59.89 21.80
CA ALA E 140 73.35 -60.47 22.81
C ALA E 140 74.79 -59.97 22.70
N GLU E 141 75.23 -59.69 21.47
CA GLU E 141 76.59 -59.21 21.21
C GLU E 141 76.83 -57.83 21.87
N GLU E 142 75.87 -56.92 21.78
CA GLU E 142 76.03 -55.59 22.37
C GLU E 142 75.75 -55.52 23.89
N ALA E 143 75.25 -56.62 24.49
CA ALA E 143 74.68 -56.56 25.83
C ALA E 143 75.68 -56.27 26.97
N PRO E 144 76.85 -56.95 26.98
CA PRO E 144 77.88 -56.66 27.98
C PRO E 144 78.30 -55.18 28.03
N ALA E 145 78.62 -54.60 26.87
CA ALA E 145 79.05 -53.20 26.81
C ALA E 145 78.01 -52.25 27.40
N LYS E 146 76.74 -52.48 27.06
CA LYS E 146 75.64 -51.64 27.53
C LYS E 146 75.30 -51.86 28.99
N ILE E 147 75.23 -53.12 29.43
CA ILE E 147 74.99 -53.44 30.84
C ILE E 147 76.06 -52.78 31.72
N ASP E 148 77.33 -52.93 31.33
CA ASP E 148 78.42 -52.41 32.15
C ASP E 148 78.49 -50.89 32.13
N HIS E 149 78.20 -50.27 30.98
CA HIS E 149 78.21 -48.82 30.89
C HIS E 149 77.20 -48.18 31.86
N VAL E 150 75.98 -48.70 31.93
CA VAL E 150 74.97 -48.10 32.81
C VAL E 150 75.31 -48.31 34.29
N ILE E 151 75.73 -49.52 34.65
CA ILE E 151 76.09 -49.81 36.03
C ILE E 151 77.29 -48.95 36.45
N ARG E 152 78.39 -49.02 35.69
CA ARG E 152 79.59 -48.22 36.01
C ARG E 152 79.30 -46.74 36.14
N THR E 153 78.48 -46.20 35.22
CA THR E 153 78.21 -44.77 35.19
C THR E 153 77.35 -44.38 36.36
N ALA E 154 76.36 -45.19 36.67
CA ALA E 154 75.48 -44.94 37.80
C ALA E 154 76.26 -44.90 39.13
N LEU E 155 77.11 -45.90 39.34
CA LEU E 155 77.90 -45.98 40.59
C LEU E 155 78.81 -44.77 40.76
N ARG E 156 79.54 -44.40 39.71
CA ARG E 156 80.48 -43.28 39.77
C ARG E 156 79.80 -41.90 39.86
N GLU E 157 78.72 -41.71 39.11
CA GLU E 157 78.01 -40.43 39.16
C GLU E 157 77.09 -40.30 40.39
N ARG E 158 76.78 -41.43 41.03
CA ARG E 158 75.75 -41.51 42.07
C ARG E 158 74.42 -40.98 41.52
N LYS E 159 74.03 -41.54 40.39
CA LYS E 159 72.78 -41.18 39.71
C LYS E 159 72.16 -42.46 39.18
N PRO E 160 70.83 -42.47 38.95
CA PRO E 160 70.21 -43.64 38.36
C PRO E 160 70.46 -43.73 36.88
N ALA E 161 70.26 -44.93 36.37
CA ALA E 161 70.46 -45.25 34.98
C ALA E 161 69.41 -46.26 34.52
N TYR E 162 69.31 -46.42 33.20
CA TYR E 162 68.23 -47.20 32.61
C TYR E 162 68.75 -48.19 31.58
N LEU E 163 68.19 -49.40 31.60
CA LEU E 163 68.40 -50.40 30.55
C LEU E 163 67.05 -50.87 30.04
N GLU E 164 66.91 -51.03 28.73
CA GLU E 164 65.81 -51.85 28.21
C GLU E 164 66.38 -53.05 27.50
N ILE E 165 65.79 -54.21 27.73
CA ILE E 165 66.24 -55.45 27.10
C ILE E 165 65.08 -56.04 26.33
N ALA E 166 65.28 -56.23 25.02
CA ALA E 166 64.26 -56.86 24.16
C ALA E 166 63.84 -58.20 24.76
N CYS E 167 62.55 -58.48 24.75
CA CYS E 167 62.02 -59.63 25.48
C CYS E 167 62.59 -60.97 24.97
N ASN E 168 62.93 -61.02 23.68
CA ASN E 168 63.53 -62.21 23.06
C ASN E 168 65.07 -62.24 23.03
N VAL E 169 65.70 -61.27 23.71
CA VAL E 169 67.16 -61.23 23.88
C VAL E 169 67.58 -61.54 25.33
N ALA E 170 66.69 -61.36 26.30
CA ALA E 170 66.99 -61.67 27.72
C ALA E 170 67.48 -63.09 27.92
N GLY E 171 66.93 -64.03 27.16
CA GLY E 171 67.35 -65.44 27.21
C GLY E 171 68.32 -65.88 26.13
N ALA E 172 68.87 -64.93 25.35
CA ALA E 172 69.85 -65.26 24.31
C ALA E 172 71.24 -65.49 24.92
N GLU E 173 71.98 -66.41 24.31
CA GLU E 173 73.34 -66.78 24.72
C GLU E 173 74.28 -65.58 24.73
N CYS E 174 75.04 -65.43 25.82
CA CYS E 174 75.87 -64.27 26.06
C CYS E 174 77.25 -64.69 26.58
N VAL E 175 78.29 -63.94 26.22
CA VAL E 175 79.63 -64.10 26.82
C VAL E 175 79.57 -63.84 28.32
N ARG E 176 80.44 -64.51 29.09
CA ARG E 176 80.49 -64.35 30.55
C ARG E 176 81.28 -63.10 30.96
N PRO E 177 80.92 -62.51 32.10
CA PRO E 177 81.67 -61.36 32.62
C PRO E 177 82.97 -61.78 33.32
N GLY E 178 84.06 -61.09 33.01
CA GLY E 178 85.33 -61.32 33.69
C GLY E 178 85.28 -60.91 35.15
N PRO E 179 86.23 -61.43 35.97
CA PRO E 179 86.23 -61.11 37.39
C PRO E 179 86.73 -59.69 37.65
N ILE E 180 86.28 -59.09 38.74
CA ILE E 180 86.58 -57.69 39.07
C ILE E 180 86.81 -57.50 40.57
N ASN E 181 87.56 -56.45 40.90
CA ASN E 181 87.71 -55.96 42.28
C ASN E 181 86.44 -55.23 42.73
N SER E 182 85.97 -54.31 41.89
CA SER E 182 84.81 -53.46 42.20
C SER E 182 84.32 -52.76 40.93
N LEU E 183 83.01 -52.59 40.79
CA LEU E 183 82.45 -51.86 39.64
C LEU E 183 82.51 -50.34 39.80
N LEU E 184 82.80 -49.86 41.01
CA LEU E 184 83.05 -48.43 41.25
C LEU E 184 84.51 -48.09 40.96
N ARG E 185 84.77 -47.24 39.98
CA ARG E 185 86.11 -46.75 39.68
C ARG E 185 86.07 -45.23 39.54
N GLU E 186 86.77 -44.54 40.42
CA GLU E 186 86.75 -43.08 40.45
C GLU E 186 87.70 -42.54 39.39
N LEU E 187 87.55 -41.26 39.05
CA LEU E 187 88.51 -40.58 38.19
C LEU E 187 89.81 -40.33 38.97
N GLU E 188 90.93 -40.31 38.25
CA GLU E 188 92.22 -39.97 38.85
C GLU E 188 92.18 -38.53 39.37
N VAL E 189 92.77 -38.33 40.55
CA VAL E 189 92.85 -37.01 41.19
C VAL E 189 94.05 -36.21 40.65
N ASP E 190 93.84 -34.92 40.39
CA ASP E 190 94.88 -34.00 39.95
C ASP E 190 95.61 -33.43 41.18
N GLN E 191 96.79 -34.00 41.49
CA GLN E 191 97.56 -33.59 42.68
C GLN E 191 98.02 -32.13 42.66
N THR E 192 98.30 -31.59 41.49
CA THR E 192 98.59 -30.17 41.33
C THR E 192 97.43 -29.31 41.83
N SER E 193 96.20 -29.71 41.51
CA SER E 193 95.02 -28.94 41.92
C SER E 193 94.78 -29.03 43.42
N VAL E 194 94.83 -30.25 43.95
CA VAL E 194 94.66 -30.50 45.38
C VAL E 194 95.64 -29.65 46.19
N THR E 195 96.92 -29.71 45.83
CA THR E 195 97.99 -28.94 46.50
C THR E 195 97.69 -27.44 46.50
N ALA E 196 97.34 -26.89 45.35
CA ALA E 196 97.05 -25.46 45.25
C ALA E 196 95.82 -25.08 46.04
N ALA E 197 94.79 -25.93 46.01
CA ALA E 197 93.56 -25.70 46.76
C ALA E 197 93.80 -25.69 48.28
N VAL E 198 94.50 -26.69 48.78
CA VAL E 198 94.84 -26.77 50.20
C VAL E 198 95.66 -25.57 50.65
N ASP E 199 96.70 -25.22 49.87
CA ASP E 199 97.56 -24.06 50.19
C ASP E 199 96.76 -22.74 50.25
N ALA E 200 95.91 -22.51 49.25
CA ALA E 200 95.03 -21.32 49.23
C ALA E 200 94.01 -21.34 50.38
N ALA E 201 93.51 -22.53 50.72
CA ALA E 201 92.54 -22.68 51.81
C ALA E 201 93.17 -22.38 53.19
N VAL E 202 94.37 -22.92 53.44
CA VAL E 202 95.17 -22.61 54.64
C VAL E 202 95.43 -21.10 54.75
N GLU E 203 95.86 -20.46 53.67
CA GLU E 203 96.05 -19.00 53.66
C GLU E 203 94.75 -18.20 53.91
N TRP E 204 93.63 -18.70 53.37
CA TRP E 204 92.32 -18.07 53.52
C TRP E 204 91.84 -18.09 54.97
N LEU E 205 92.09 -19.20 55.66
CA LEU E 205 91.77 -19.37 57.08
C LEU E 205 92.65 -18.60 58.09
N GLN E 206 93.81 -18.07 57.65
CA GLN E 206 94.77 -17.43 58.57
C GLN E 206 94.16 -16.30 59.35
N ASP E 207 93.45 -15.40 58.65
CA ASP E 207 92.82 -14.22 59.28
C ASP E 207 91.31 -14.41 59.59
N ARG E 208 90.89 -15.66 59.75
CA ARG E 208 89.48 -16.02 60.01
C ARG E 208 89.43 -16.95 61.21
N GLN E 209 89.09 -16.38 62.36
CA GLN E 209 89.13 -17.11 63.64
C GLN E 209 87.81 -17.82 63.94
N ASN E 210 86.68 -17.24 63.55
CA ASN E 210 85.36 -17.87 63.77
C ASN E 210 84.94 -18.71 62.58
N VAL E 211 85.13 -20.01 62.71
CA VAL E 211 84.95 -20.95 61.62
C VAL E 211 83.79 -21.88 61.97
N VAL E 212 82.94 -22.19 60.99
CA VAL E 212 81.83 -23.13 61.15
C VAL E 212 81.77 -24.08 59.96
N MET E 213 81.62 -25.36 60.23
CA MET E 213 81.37 -26.32 59.17
C MET E 213 79.85 -26.48 59.03
N LEU E 214 79.38 -26.39 57.79
CA LEU E 214 77.97 -26.59 57.44
C LEU E 214 77.90 -27.80 56.53
N VAL E 215 77.44 -28.93 57.06
CA VAL E 215 77.38 -30.20 56.33
C VAL E 215 76.11 -30.29 55.46
N GLY E 216 76.30 -30.61 54.18
CA GLY E 216 75.23 -30.64 53.17
C GLY E 216 74.78 -32.02 52.73
N SER E 217 73.68 -32.05 51.98
CA SER E 217 72.97 -33.28 51.66
C SER E 217 73.66 -34.15 50.62
N LYS E 218 74.66 -33.63 49.92
CA LYS E 218 75.45 -34.48 49.00
C LYS E 218 76.68 -35.13 49.65
N LEU E 219 76.81 -35.08 50.97
CA LEU E 219 78.02 -35.58 51.63
C LEU E 219 78.14 -37.10 51.48
N ARG E 220 77.02 -37.82 51.61
CA ARG E 220 77.01 -39.26 51.42
C ARG E 220 77.32 -39.64 49.96
N ALA E 221 76.77 -38.90 49.00
CA ALA E 221 77.07 -39.11 47.58
C ALA E 221 78.56 -38.87 47.27
N ALA E 222 79.17 -37.93 47.99
CA ALA E 222 80.61 -37.71 47.93
C ALA E 222 81.45 -38.81 48.60
N ALA E 223 80.82 -39.71 49.36
CA ALA E 223 81.50 -40.75 50.13
C ALA E 223 82.56 -40.14 51.06
N ALA E 224 82.20 -39.01 51.68
CA ALA E 224 83.15 -38.19 52.42
C ALA E 224 82.71 -37.93 53.87
N GLU E 225 81.86 -38.81 54.41
CA GLU E 225 81.44 -38.72 55.82
C GLU E 225 82.63 -38.81 56.80
N LYS E 226 83.54 -39.76 56.60
CA LYS E 226 84.71 -39.91 57.49
C LYS E 226 85.67 -38.72 57.42
N GLN E 227 85.89 -38.19 56.21
CA GLN E 227 86.80 -37.08 56.03
C GLN E 227 86.19 -35.76 56.56
N ALA E 228 84.87 -35.66 56.58
CA ALA E 228 84.19 -34.57 57.31
C ALA E 228 84.50 -34.60 58.80
N VAL E 229 84.43 -35.78 59.41
CA VAL E 229 84.78 -35.96 60.82
C VAL E 229 86.28 -35.65 61.07
N ALA E 230 87.15 -36.13 60.19
CA ALA E 230 88.58 -35.85 60.32
C ALA E 230 88.86 -34.36 60.20
N LEU E 231 88.18 -33.68 59.28
CA LEU E 231 88.35 -32.24 59.13
C LEU E 231 87.87 -31.49 60.37
N ALA E 232 86.71 -31.88 60.88
CA ALA E 232 86.14 -31.29 62.11
C ALA E 232 87.06 -31.47 63.33
N ASP E 233 87.64 -32.66 63.48
CA ASP E 233 88.58 -32.98 64.57
C ASP E 233 89.83 -32.09 64.54
N ARG E 234 90.40 -31.88 63.36
CA ARG E 234 91.62 -31.06 63.24
C ARG E 234 91.33 -29.57 63.43
N LEU E 235 90.24 -29.06 62.83
CA LEU E 235 89.83 -27.66 63.03
C LEU E 235 89.33 -27.35 64.44
N GLY E 236 88.59 -28.28 65.03
CA GLY E 236 87.94 -28.05 66.32
C GLY E 236 86.82 -27.01 66.31
N CYS E 237 86.35 -26.62 65.12
CA CYS E 237 85.33 -25.57 65.01
C CYS E 237 83.95 -26.16 65.24
N ALA E 238 82.93 -25.30 65.33
CA ALA E 238 81.54 -25.73 65.41
C ALA E 238 81.13 -26.43 64.12
N VAL E 239 80.34 -27.49 64.26
CA VAL E 239 79.76 -28.19 63.11
C VAL E 239 78.24 -28.10 63.18
N THR E 240 77.64 -27.59 62.10
CA THR E 240 76.19 -27.60 61.92
C THR E 240 75.82 -28.42 60.68
N ILE E 241 74.55 -28.83 60.60
CA ILE E 241 74.02 -29.50 59.42
C ILE E 241 72.92 -28.69 58.78
N MET E 242 72.78 -28.89 57.47
CA MET E 242 71.58 -28.47 56.76
C MET E 242 70.51 -29.53 57.03
N ALA E 243 69.24 -29.14 56.87
CA ALA E 243 68.10 -30.02 57.21
C ALA E 243 68.20 -31.38 56.53
N ALA E 244 68.51 -31.36 55.22
CA ALA E 244 68.57 -32.59 54.42
C ALA E 244 69.79 -33.48 54.68
N ALA E 245 70.76 -32.97 55.45
CA ALA E 245 71.98 -33.72 55.75
C ALA E 245 71.93 -34.48 57.08
N LYS E 246 70.75 -34.61 57.67
CA LYS E 246 70.63 -35.24 58.99
C LYS E 246 71.17 -36.65 59.00
N GLY E 247 72.03 -36.93 60.00
CA GLY E 247 72.68 -38.22 60.13
C GLY E 247 73.96 -38.39 59.32
N PHE E 248 74.32 -37.44 58.45
CA PHE E 248 75.58 -37.53 57.71
C PHE E 248 76.77 -37.02 58.52
N PHE E 249 76.51 -36.39 59.67
CA PHE E 249 77.53 -36.05 60.66
C PHE E 249 77.03 -36.47 62.03
N PRO E 250 77.92 -37.03 62.90
CA PRO E 250 77.44 -37.54 64.18
C PRO E 250 77.07 -36.40 65.15
N GLU E 251 75.84 -36.42 65.66
CA GLU E 251 75.31 -35.34 66.51
C GLU E 251 75.78 -35.39 67.97
N ASP E 252 76.40 -36.49 68.38
CA ASP E 252 77.06 -36.56 69.71
C ASP E 252 78.57 -36.18 69.67
N HIS E 253 79.07 -35.74 68.51
CA HIS E 253 80.39 -35.13 68.41
C HIS E 253 80.39 -33.89 69.31
N PRO E 254 81.47 -33.69 70.12
CA PRO E 254 81.47 -32.60 71.12
C PRO E 254 81.31 -31.19 70.54
N ASN E 255 81.74 -31.00 69.30
CA ASN E 255 81.62 -29.71 68.62
C ASN E 255 80.38 -29.52 67.72
N PHE E 256 79.42 -30.44 67.78
CA PHE E 256 78.16 -30.31 67.05
C PHE E 256 77.30 -29.21 67.68
N ARG E 257 76.86 -28.25 66.86
CA ARG E 257 76.03 -27.16 67.34
C ARG E 257 74.68 -27.00 66.63
N GLY E 258 74.23 -28.05 65.93
CA GLY E 258 72.82 -28.17 65.53
C GLY E 258 72.50 -27.94 64.06
N LEU E 259 71.28 -27.49 63.83
CA LEU E 259 70.68 -27.40 62.51
C LEU E 259 70.72 -25.97 62.04
N TYR E 260 71.36 -25.72 60.89
CA TYR E 260 71.22 -24.44 60.21
C TYR E 260 70.12 -24.56 59.14
N TRP E 261 69.05 -23.78 59.29
CA TRP E 261 67.94 -23.77 58.33
C TRP E 261 67.21 -22.42 58.47
N GLY E 262 67.98 -21.36 58.22
CA GLY E 262 67.55 -19.98 58.37
C GLY E 262 66.83 -19.70 59.68
N GLU E 263 65.63 -19.14 59.58
CA GLU E 263 64.82 -18.80 60.75
C GLU E 263 64.21 -20.01 61.45
N VAL E 264 64.31 -21.22 60.88
CA VAL E 264 63.92 -22.44 61.59
C VAL E 264 65.12 -23.30 62.02
N SER E 265 66.28 -22.66 62.21
CA SER E 265 67.47 -23.29 62.80
C SER E 265 67.27 -23.72 64.26
N SER E 266 68.09 -24.65 64.74
CA SER E 266 68.25 -24.92 66.20
C SER E 266 68.62 -23.65 66.97
N GLU E 267 68.44 -23.65 68.29
CA GLU E 267 68.84 -22.49 69.11
C GLU E 267 70.32 -22.16 68.90
N GLY E 268 70.58 -20.91 68.56
CA GLY E 268 71.93 -20.40 68.40
C GLY E 268 72.58 -20.60 67.04
N ALA E 269 72.10 -21.58 66.26
CA ALA E 269 72.81 -22.01 65.05
C ALA E 269 72.75 -20.99 63.91
N GLN E 270 71.67 -20.24 63.84
CA GLN E 270 71.53 -19.20 62.83
C GLN E 270 72.60 -18.10 62.98
N GLU E 271 72.67 -17.51 64.18
CA GLU E 271 73.67 -16.49 64.51
C GLU E 271 75.10 -17.03 64.34
N LEU E 272 75.34 -18.26 64.82
CA LEU E 272 76.62 -18.96 64.63
C LEU E 272 77.12 -18.92 63.18
N VAL E 273 76.27 -19.41 62.27
CA VAL E 273 76.62 -19.52 60.86
C VAL E 273 76.72 -18.13 60.21
N GLU E 274 75.70 -17.31 60.41
CA GLU E 274 75.59 -16.03 59.69
C GLU E 274 76.61 -14.96 60.13
N ASN E 275 77.21 -15.12 61.32
CA ASN E 275 78.26 -14.22 61.80
C ASN E 275 79.68 -14.74 61.66
N ALA E 276 79.85 -15.99 61.21
CA ALA E 276 81.19 -16.60 61.11
C ALA E 276 82.09 -15.88 60.11
N ASP E 277 83.40 -15.91 60.38
CA ASP E 277 84.40 -15.38 59.46
C ASP E 277 84.62 -16.36 58.31
N ALA E 278 84.36 -17.65 58.55
CA ALA E 278 84.53 -18.69 57.55
C ALA E 278 83.44 -19.75 57.72
N ILE E 279 82.69 -20.01 56.66
CA ILE E 279 81.70 -21.09 56.61
C ILE E 279 82.22 -22.09 55.59
N LEU E 280 82.48 -23.31 56.05
CA LEU E 280 82.94 -24.40 55.18
C LEU E 280 81.72 -25.27 54.85
N CYS E 281 81.19 -25.12 53.62
CA CYS E 281 79.99 -25.85 53.19
C CYS E 281 80.40 -27.14 52.52
N LEU E 282 80.11 -28.26 53.17
CA LEU E 282 80.47 -29.57 52.65
C LEU E 282 79.28 -30.15 51.88
N ALA E 283 79.38 -30.07 50.55
CA ALA E 283 78.43 -30.67 49.61
C ALA E 283 76.98 -30.18 49.82
N PRO E 284 76.77 -28.85 49.78
CA PRO E 284 75.45 -28.30 49.99
C PRO E 284 74.56 -28.39 48.75
N VAL E 285 73.24 -28.47 48.98
CA VAL E 285 72.24 -28.22 47.93
C VAL E 285 71.41 -27.04 48.42
N PHE E 286 71.68 -25.87 47.88
CA PHE E 286 70.93 -24.68 48.25
C PHE E 286 69.71 -24.48 47.35
N ASN E 287 68.67 -25.28 47.56
CA ASN E 287 67.39 -25.10 46.83
C ASN E 287 66.46 -24.11 47.56
N ASP E 288 65.27 -23.87 47.00
CA ASP E 288 64.31 -22.92 47.59
C ASP E 288 63.79 -23.32 48.96
N TYR E 289 63.71 -24.61 49.23
CA TYR E 289 63.26 -25.11 50.53
C TYR E 289 64.37 -25.02 51.58
N ALA E 290 65.58 -25.39 51.20
CA ALA E 290 66.74 -25.38 52.09
C ALA E 290 67.13 -23.95 52.50
N THR E 291 66.90 -22.97 51.61
CA THR E 291 67.18 -21.56 51.89
C THR E 291 65.97 -20.76 52.45
N VAL E 292 64.88 -21.46 52.76
CA VAL E 292 63.66 -20.87 53.30
C VAL E 292 63.13 -19.80 52.33
N GLY E 293 62.96 -20.20 51.07
CA GLY E 293 62.53 -19.28 50.03
C GLY E 293 63.54 -18.20 49.69
N TRP E 294 64.82 -18.60 49.59
CA TRP E 294 65.95 -17.71 49.25
C TRP E 294 66.30 -16.68 50.32
N ASN E 295 65.77 -16.84 51.54
CA ASN E 295 66.05 -15.87 52.62
C ASN E 295 67.37 -16.17 53.35
N SER E 296 67.80 -17.43 53.37
CA SER E 296 68.99 -17.87 54.12
C SER E 296 69.91 -18.73 53.28
N TRP E 297 70.77 -18.07 52.51
CA TRP E 297 71.65 -18.69 51.56
C TRP E 297 73.06 -18.11 51.79
N PRO E 298 73.92 -18.85 52.51
CA PRO E 298 75.31 -18.36 52.71
C PRO E 298 76.11 -18.29 51.40
N LYS E 299 76.61 -17.11 51.07
CA LYS E 299 77.51 -16.93 49.93
C LYS E 299 78.40 -15.68 50.12
N GLY E 300 79.36 -15.50 49.23
CA GLY E 300 80.25 -14.33 49.27
C GLY E 300 81.60 -14.63 49.91
N ASP E 301 82.28 -13.55 50.32
CA ASP E 301 83.70 -13.61 50.72
C ASP E 301 83.98 -14.60 51.87
N ASN E 302 83.03 -14.73 52.80
CA ASN E 302 83.18 -15.58 53.98
C ASN E 302 82.83 -17.06 53.76
N VAL E 303 82.48 -17.47 52.54
CA VAL E 303 82.00 -18.83 52.28
C VAL E 303 82.94 -19.63 51.39
N MET E 304 83.17 -20.89 51.78
CA MET E 304 83.87 -21.87 50.96
C MET E 304 82.88 -22.98 50.64
N VAL E 305 82.71 -23.28 49.35
CA VAL E 305 81.83 -24.36 48.91
C VAL E 305 82.66 -25.52 48.41
N MET E 306 82.58 -26.62 49.14
CA MET E 306 83.21 -27.85 48.77
C MET E 306 82.13 -28.75 48.14
N ASP E 307 82.11 -28.82 46.81
CA ASP E 307 81.20 -29.72 46.08
C ASP E 307 81.85 -31.11 45.99
N THR E 308 81.16 -32.09 45.41
CA THR E 308 81.73 -33.45 45.30
C THR E 308 83.04 -33.52 44.51
N ASP E 309 83.23 -32.60 43.55
CA ASP E 309 84.36 -32.63 42.61
C ASP E 309 85.06 -31.25 42.43
N ARG E 310 84.86 -30.35 43.38
CA ARG E 310 85.28 -28.96 43.21
C ARG E 310 85.30 -28.24 44.54
N VAL E 311 86.19 -27.25 44.68
CA VAL E 311 86.22 -26.38 45.86
C VAL E 311 86.32 -24.96 45.36
N THR E 312 85.46 -24.10 45.87
CA THR E 312 85.38 -22.73 45.40
C THR E 312 85.39 -21.78 46.59
N PHE E 313 86.33 -20.83 46.57
CA PHE E 313 86.46 -19.79 47.60
C PHE E 313 87.46 -18.72 47.17
N ALA E 314 87.36 -17.56 47.80
CA ALA E 314 88.36 -16.49 47.64
C ALA E 314 88.62 -16.11 46.17
N GLY E 315 87.56 -16.13 45.36
CA GLY E 315 87.64 -15.80 43.94
C GLY E 315 88.33 -16.84 43.07
N GLN E 316 88.41 -18.08 43.53
CA GLN E 316 89.09 -19.15 42.82
C GLN E 316 88.29 -20.45 42.90
N SER E 317 88.44 -21.30 41.91
CA SER E 317 87.78 -22.59 41.90
C SER E 317 88.79 -23.65 41.47
N PHE E 318 88.87 -24.72 42.24
CA PHE E 318 89.81 -25.80 42.00
C PHE E 318 89.01 -27.07 41.76
N GLU E 319 89.28 -27.75 40.65
CA GLU E 319 88.59 -28.98 40.28
C GLU E 319 89.63 -30.04 39.97
N GLY E 320 89.19 -31.18 39.43
CA GLY E 320 90.08 -32.33 39.25
C GLY E 320 90.42 -32.97 40.58
N LEU E 321 89.58 -32.77 41.58
CA LEU E 321 89.79 -33.32 42.90
C LEU E 321 88.48 -33.88 43.36
N SER E 322 88.44 -34.47 44.54
CA SER E 322 87.19 -34.92 45.16
C SER E 322 87.07 -34.30 46.54
N LEU E 323 85.85 -34.27 47.08
CA LEU E 323 85.61 -33.79 48.43
C LEU E 323 86.34 -34.66 49.45
N SER E 324 86.32 -35.97 49.22
CA SER E 324 87.03 -36.96 50.01
C SER E 324 88.53 -36.61 50.17
N THR E 325 89.19 -36.43 49.02
CA THR E 325 90.63 -36.14 48.95
C THR E 325 90.99 -34.74 49.45
N PHE E 326 90.20 -33.74 49.07
CA PHE E 326 90.46 -32.37 49.49
C PHE E 326 90.28 -32.21 51.00
N ALA E 327 89.21 -32.77 51.56
CA ALA E 327 88.93 -32.67 52.98
C ALA E 327 89.98 -33.39 53.84
N ALA E 328 90.46 -34.55 53.38
CA ALA E 328 91.51 -35.28 54.09
C ALA E 328 92.85 -34.52 54.08
N ALA E 329 93.19 -33.92 52.94
CA ALA E 329 94.42 -33.15 52.78
C ALA E 329 94.36 -31.79 53.51
N LEU E 330 93.19 -31.14 53.53
CA LEU E 330 93.02 -29.91 54.29
C LEU E 330 93.14 -30.19 55.79
N ALA E 331 92.51 -31.27 56.25
CA ALA E 331 92.60 -31.68 57.66
C ALA E 331 94.06 -31.73 58.13
N GLU E 332 94.93 -32.26 57.26
CA GLU E 332 96.36 -32.43 57.54
C GLU E 332 97.12 -31.10 57.79
N LYS E 333 96.72 -30.02 57.13
CA LYS E 333 97.39 -28.72 57.26
C LYS E 333 96.54 -27.61 57.91
N ALA E 334 95.34 -27.94 58.39
CA ALA E 334 94.42 -26.93 58.91
C ALA E 334 94.88 -26.38 60.27
N PRO E 335 94.68 -25.07 60.52
CA PRO E 335 94.96 -24.53 61.84
C PRO E 335 93.87 -24.90 62.85
N SER E 336 94.18 -24.70 64.13
CA SER E 336 93.20 -24.86 65.20
C SER E 336 92.28 -23.64 65.22
N ARG E 337 90.97 -23.90 65.17
CA ARG E 337 89.96 -22.85 65.11
C ARG E 337 88.79 -23.14 66.06
N PRO E 338 89.06 -23.13 67.38
CA PRO E 338 88.07 -23.59 68.36
C PRO E 338 87.09 -22.54 68.87
N ALA E 339 87.22 -21.28 68.43
CA ALA E 339 86.46 -20.20 69.03
C ALA E 339 84.93 -20.39 69.00
N THR E 340 84.41 -20.97 67.90
CA THR E 340 82.96 -21.17 67.74
C THR E 340 82.35 -22.29 68.60
N THR E 341 83.18 -23.09 69.27
CA THR E 341 82.71 -24.08 70.24
C THR E 341 82.60 -23.58 71.69
N GLN E 342 83.17 -22.42 71.99
CA GLN E 342 83.33 -21.97 73.38
C GLN E 342 82.10 -21.22 73.88
N GLY E 343 81.52 -21.73 74.97
CA GLY E 343 80.28 -21.19 75.54
C GLY E 343 79.02 -21.88 75.04
N THR E 344 78.97 -22.17 73.74
CA THR E 344 77.84 -22.85 73.10
C THR E 344 77.78 -24.34 73.45
N GLN E 345 76.66 -24.98 73.12
CA GLN E 345 76.41 -26.39 73.44
C GLN E 345 75.50 -27.05 72.39
N ALA E 346 75.57 -28.38 72.28
CA ALA E 346 74.71 -29.12 71.33
C ALA E 346 73.23 -28.96 71.73
N PRO E 347 72.33 -28.78 70.73
CA PRO E 347 70.92 -28.56 71.06
C PRO E 347 70.26 -29.78 71.70
N VAL E 348 69.29 -29.54 72.57
CA VAL E 348 68.51 -30.62 73.22
C VAL E 348 67.08 -30.63 72.70
N LEU E 349 66.43 -31.78 72.85
CA LEU E 349 65.03 -31.94 72.42
C LEU E 349 64.13 -30.91 73.08
N GLY E 350 64.26 -30.79 74.40
CA GLY E 350 63.60 -29.73 75.17
C GLY E 350 62.11 -29.93 75.33
N ILE E 351 61.67 -31.19 75.40
CA ILE E 351 60.26 -31.53 75.58
C ILE E 351 60.10 -32.35 76.87
N GLU E 352 59.38 -31.78 77.83
CA GLU E 352 59.03 -32.46 79.08
C GLU E 352 57.93 -33.48 78.80
N ALA E 353 57.97 -34.61 79.50
CA ALA E 353 56.92 -35.63 79.40
C ALA E 353 55.53 -35.04 79.70
N ALA E 354 54.54 -35.47 78.92
CA ALA E 354 53.14 -35.06 79.13
C ALA E 354 52.52 -35.96 80.19
N GLU E 355 51.41 -35.52 80.78
N GLU E 355 51.40 -35.52 80.77
CA GLU E 355 50.67 -36.35 81.71
CA GLU E 355 50.60 -36.36 81.66
C GLU E 355 50.02 -37.50 80.92
C GLU E 355 50.09 -37.53 80.82
N PRO E 356 50.33 -38.77 81.27
CA PRO E 356 50.05 -39.94 80.40
C PRO E 356 48.64 -40.08 79.77
N ASN E 357 47.60 -39.62 80.45
CA ASN E 357 46.21 -39.73 79.96
C ASN E 357 45.67 -38.51 79.20
N ALA E 358 46.47 -37.46 79.06
CA ALA E 358 46.05 -36.28 78.28
C ALA E 358 46.09 -36.58 76.78
N PRO E 359 45.22 -35.92 75.99
CA PRO E 359 45.23 -36.18 74.54
C PRO E 359 46.64 -35.99 73.93
N LEU E 360 47.04 -36.91 73.06
CA LEU E 360 48.40 -36.95 72.54
C LEU E 360 48.71 -35.64 71.80
N THR E 361 49.87 -35.06 72.09
CA THR E 361 50.32 -33.86 71.39
C THR E 361 51.42 -34.24 70.40
N ASN E 362 51.67 -33.35 69.46
CA ASN E 362 52.78 -33.48 68.54
C ASN E 362 54.10 -33.59 69.31
N ASP E 363 54.24 -32.76 70.33
CA ASP E 363 55.43 -32.78 71.20
C ASP E 363 55.61 -34.13 71.92
N GLU E 364 54.53 -34.71 72.45
CA GLU E 364 54.65 -35.98 73.18
C GLU E 364 55.02 -37.15 72.26
N MET E 365 54.39 -37.19 71.09
CA MET E 365 54.69 -38.19 70.09
C MET E 365 56.17 -38.10 69.69
N THR E 366 56.61 -36.88 69.41
CA THR E 366 57.99 -36.61 69.02
C THR E 366 58.99 -37.09 70.08
N ARG E 367 58.71 -36.78 71.35
CA ARG E 367 59.53 -37.22 72.49
C ARG E 367 59.63 -38.74 72.56
N GLN E 368 58.51 -39.44 72.50
CA GLN E 368 58.53 -40.91 72.54
C GLN E 368 59.25 -41.54 71.34
N ILE E 369 59.11 -40.95 70.16
CA ILE E 369 59.78 -41.47 68.96
C ILE E 369 61.29 -41.28 69.08
N GLN E 370 61.70 -40.11 69.55
CA GLN E 370 63.11 -39.80 69.74
C GLN E 370 63.81 -40.82 70.65
N SER E 371 63.14 -41.28 71.71
CA SER E 371 63.73 -42.28 72.63
C SER E 371 63.93 -43.68 72.03
N LEU E 372 63.30 -43.96 70.88
CA LEU E 372 63.51 -45.22 70.16
C LEU E 372 64.74 -45.24 69.28
N ILE E 373 65.31 -44.06 68.99
CA ILE E 373 66.41 -43.96 68.04
C ILE E 373 67.71 -44.34 68.74
N THR E 374 68.24 -45.53 68.40
CA THR E 374 69.54 -46.01 68.81
C THR E 374 70.59 -45.78 67.72
N SER E 375 71.84 -46.08 68.04
CA SER E 375 72.96 -46.09 67.09
C SER E 375 72.78 -47.07 65.92
N ASP E 376 71.94 -48.09 66.09
CA ASP E 376 71.60 -49.04 65.03
C ASP E 376 70.18 -48.83 64.45
N THR E 377 69.64 -47.62 64.58
CA THR E 377 68.31 -47.32 64.08
C THR E 377 68.41 -46.59 62.74
N THR E 378 67.50 -46.91 61.83
CA THR E 378 67.25 -46.09 60.62
C THR E 378 65.82 -45.53 60.70
N LEU E 379 65.74 -44.20 60.64
CA LEU E 379 64.48 -43.46 60.70
C LEU E 379 64.23 -42.81 59.32
N THR E 380 63.11 -43.17 58.69
CA THR E 380 62.66 -42.60 57.42
C THR E 380 61.55 -41.60 57.73
N ALA E 381 61.77 -40.33 57.42
CA ALA E 381 60.82 -39.26 57.74
C ALA E 381 60.22 -38.68 56.45
N GLU E 382 58.90 -38.78 56.32
CA GLU E 382 58.17 -38.36 55.13
C GLU E 382 58.06 -36.83 55.02
N THR E 383 57.99 -36.33 53.77
CA THR E 383 57.55 -34.97 53.48
C THR E 383 56.22 -34.66 54.18
N GLY E 384 56.21 -33.58 54.93
CA GLY E 384 55.10 -33.23 55.80
C GLY E 384 55.67 -32.61 57.06
N ASP E 385 54.85 -32.53 58.11
CA ASP E 385 55.34 -32.04 59.40
C ASP E 385 56.39 -32.98 60.03
N SER E 386 56.47 -34.24 59.58
CA SER E 386 57.54 -35.16 59.99
C SER E 386 58.97 -34.68 59.64
N TRP E 387 59.10 -33.85 58.59
CA TRP E 387 60.37 -33.19 58.25
C TRP E 387 60.85 -32.33 59.42
N PHE E 388 59.90 -31.55 59.98
CA PHE E 388 60.19 -30.60 61.04
C PHE E 388 60.33 -31.28 62.40
N ASN E 389 59.56 -32.34 62.63
CA ASN E 389 59.74 -33.15 63.84
C ASN E 389 61.06 -33.90 63.86
N ALA E 390 61.38 -34.58 62.77
CA ALA E 390 62.67 -35.26 62.64
C ALA E 390 63.86 -34.28 62.77
N SER E 391 63.74 -33.09 62.18
N SER E 391 63.73 -33.09 62.18
CA SER E 391 64.82 -32.10 62.25
CA SER E 391 64.78 -32.08 62.24
C SER E 391 65.05 -31.47 63.63
C SER E 391 65.07 -31.51 63.65
N ARG E 392 64.13 -31.65 64.58
CA ARG E 392 64.35 -31.20 65.97
C ARG E 392 64.68 -32.34 66.95
N MET E 393 64.90 -33.56 66.45
CA MET E 393 65.28 -34.70 67.27
C MET E 393 66.81 -34.85 67.30
N PRO E 394 67.43 -34.73 68.49
CA PRO E 394 68.82 -35.21 68.59
C PRO E 394 68.85 -36.71 68.34
N ILE E 395 69.87 -37.17 67.63
CA ILE E 395 70.06 -38.60 67.38
C ILE E 395 71.47 -39.01 67.81
N PRO E 396 71.63 -40.26 68.28
CA PRO E 396 72.97 -40.71 68.65
C PRO E 396 73.79 -41.03 67.41
N GLY E 397 75.11 -41.09 67.58
CA GLY E 397 76.04 -41.41 66.49
C GLY E 397 75.80 -42.82 66.00
N GLY E 398 75.90 -43.00 64.68
CA GLY E 398 75.56 -44.28 64.03
C GLY E 398 74.13 -44.35 63.51
N ALA E 399 73.21 -43.58 64.11
CA ALA E 399 71.82 -43.53 63.64
C ALA E 399 71.75 -42.95 62.23
N ARG E 400 70.84 -43.50 61.44
CA ARG E 400 70.60 -43.04 60.08
C ARG E 400 69.21 -42.40 60.01
N VAL E 401 69.14 -41.25 59.35
CA VAL E 401 67.89 -40.59 59.02
C VAL E 401 67.80 -40.49 57.50
N GLU E 402 66.67 -40.92 56.96
CA GLU E 402 66.42 -40.78 55.53
C GLU E 402 65.34 -39.74 55.26
N LEU E 403 65.75 -38.73 54.48
CA LEU E 403 64.89 -37.63 54.06
C LEU E 403 64.95 -37.53 52.54
N GLU E 404 63.86 -37.06 51.93
CA GLU E 404 63.78 -36.90 50.49
C GLU E 404 63.33 -35.45 50.24
N MET E 405 64.20 -34.51 50.61
CA MET E 405 63.85 -33.08 50.57
C MET E 405 64.05 -32.37 49.22
N GLN E 406 64.74 -33.00 48.27
CA GLN E 406 64.90 -32.40 46.95
C GLN E 406 63.70 -32.83 46.09
N TRP E 407 63.42 -34.12 46.04
CA TRP E 407 62.31 -34.64 45.25
C TRP E 407 60.98 -34.36 45.92
N GLY E 408 60.82 -34.83 47.15
CA GLY E 408 59.68 -34.45 47.97
C GLY E 408 58.34 -35.05 47.57
N HIS E 409 58.36 -36.31 47.16
CA HIS E 409 57.16 -37.00 46.67
C HIS E 409 56.46 -37.62 47.86
N ILE E 410 55.28 -37.13 48.21
CA ILE E 410 54.57 -37.70 49.36
C ILE E 410 54.21 -39.14 49.06
N GLY E 411 54.37 -39.99 50.05
CA GLY E 411 54.20 -41.43 49.90
C GLY E 411 55.48 -42.21 49.67
N TRP E 412 56.57 -41.53 49.28
CA TRP E 412 57.91 -42.12 49.19
C TRP E 412 58.29 -42.99 50.38
N SER E 413 57.99 -42.52 51.59
CA SER E 413 58.47 -43.09 52.82
C SER E 413 58.09 -44.54 53.04
N VAL E 414 56.90 -44.95 52.56
CA VAL E 414 56.42 -46.30 52.80
C VAL E 414 57.21 -47.35 52.00
N PRO E 415 57.26 -47.23 50.65
CA PRO E 415 58.11 -48.17 49.92
C PRO E 415 59.61 -47.93 50.14
N SER E 416 60.03 -46.69 50.39
CA SER E 416 61.43 -46.43 50.73
C SER E 416 61.85 -47.19 51.99
N ALA E 417 61.02 -47.13 53.03
CA ALA E 417 61.35 -47.81 54.28
C ALA E 417 61.30 -49.32 54.12
N PHE E 418 60.39 -49.81 53.28
CA PHE E 418 60.34 -51.23 52.93
C PHE E 418 61.66 -51.65 52.33
N GLY E 419 62.09 -50.96 51.29
CA GLY E 419 63.33 -51.28 50.62
C GLY E 419 64.57 -51.19 51.50
N ASN E 420 64.61 -50.13 52.32
CA ASN E 420 65.72 -49.85 53.22
C ASN E 420 65.86 -50.99 54.24
N ALA E 421 64.73 -51.36 54.83
CA ALA E 421 64.68 -52.48 55.77
C ALA E 421 65.02 -53.84 55.16
N VAL E 422 64.64 -54.05 53.91
CA VAL E 422 65.05 -55.25 53.18
C VAL E 422 66.57 -55.29 53.00
N GLY E 423 67.19 -54.14 52.74
CA GLY E 423 68.63 -54.03 52.55
C GLY E 423 69.50 -53.87 53.79
N SER E 424 68.90 -53.56 54.94
CA SER E 424 69.62 -53.43 56.20
C SER E 424 68.81 -54.02 57.35
N PRO E 425 68.54 -55.34 57.30
CA PRO E 425 67.67 -55.99 58.29
C PRO E 425 68.26 -56.07 59.71
N GLU E 426 69.57 -55.89 59.86
CA GLU E 426 70.23 -55.83 61.19
C GLU E 426 69.83 -54.61 62.04
N ARG E 427 69.29 -53.58 61.40
CA ARG E 427 68.94 -52.34 62.06
C ARG E 427 67.49 -52.32 62.54
N ARG E 428 67.21 -51.45 63.51
CA ARG E 428 65.84 -51.09 63.90
C ARG E 428 65.30 -50.06 62.89
N HIS E 429 64.17 -50.37 62.26
CA HIS E 429 63.59 -49.49 61.24
C HIS E 429 62.32 -48.82 61.72
N ILE E 430 62.39 -47.48 61.80
CA ILE E 430 61.29 -46.62 62.18
C ILE E 430 60.96 -45.74 60.98
N MET E 431 59.68 -45.43 60.82
CA MET E 431 59.27 -44.41 59.88
C MET E 431 58.15 -43.53 60.43
N MET E 432 58.16 -42.27 60.02
CA MET E 432 57.14 -41.28 60.38
C MET E 432 56.49 -40.87 59.08
N VAL E 433 55.19 -41.07 58.97
CA VAL E 433 54.46 -40.74 57.75
C VAL E 433 53.10 -40.15 58.08
N GLY E 434 52.73 -39.12 57.33
CA GLY E 434 51.45 -38.46 57.53
C GLY E 434 50.35 -39.23 56.83
N ASP E 435 49.12 -39.00 57.28
CA ASP E 435 47.92 -39.61 56.69
C ASP E 435 47.79 -39.39 55.19
N GLY E 436 48.02 -38.16 54.75
CA GLY E 436 47.94 -37.81 53.34
C GLY E 436 48.92 -38.58 52.49
N SER E 437 50.17 -38.64 52.95
CA SER E 437 51.25 -39.37 52.27
C SER E 437 50.98 -40.87 52.23
N PHE E 438 50.49 -41.42 53.33
CA PHE E 438 50.24 -42.85 53.43
C PHE E 438 49.24 -43.32 52.37
N GLN E 439 48.26 -42.49 52.04
CA GLN E 439 47.25 -42.85 51.06
C GLN E 439 47.77 -43.05 49.63
N LEU E 440 48.91 -42.45 49.25
CA LEU E 440 49.44 -42.65 47.88
C LEU E 440 50.03 -44.03 47.67
N THR E 441 50.60 -44.61 48.73
CA THR E 441 51.43 -45.80 48.60
C THR E 441 51.18 -46.87 49.67
N ALA E 442 50.01 -46.82 50.32
CA ALA E 442 49.69 -47.70 51.46
C ALA E 442 49.79 -49.19 51.16
N GLN E 443 49.49 -49.58 49.93
CA GLN E 443 49.54 -51.01 49.57
C GLN E 443 50.88 -51.67 49.84
N GLU E 444 51.98 -50.89 49.87
CA GLU E 444 53.29 -51.48 50.11
C GLU E 444 53.53 -51.97 51.55
N VAL E 445 52.68 -51.55 52.51
CA VAL E 445 52.64 -52.19 53.84
C VAL E 445 52.30 -53.69 53.70
N ALA E 446 51.48 -54.05 52.72
CA ALA E 446 51.19 -55.47 52.44
C ALA E 446 52.43 -56.26 52.05
N GLN E 447 53.37 -55.60 51.37
CA GLN E 447 54.66 -56.23 51.05
C GLN E 447 55.56 -56.37 52.26
N MET E 448 55.57 -55.39 53.16
CA MET E 448 56.27 -55.51 54.45
C MET E 448 55.74 -56.74 55.22
N ILE E 449 54.42 -56.95 55.18
CA ILE E 449 53.77 -58.10 55.79
C ILE E 449 54.15 -59.41 55.10
N ARG E 450 54.10 -59.44 53.76
CA ARG E 450 54.46 -60.63 52.99
C ARG E 450 55.88 -61.12 53.31
N TYR E 451 56.84 -60.18 53.32
CA TYR E 451 58.25 -60.48 53.55
C TYR E 451 58.71 -60.39 55.01
N GLU E 452 57.76 -60.24 55.93
CA GLU E 452 58.02 -60.22 57.38
C GLU E 452 59.04 -59.17 57.82
N ILE E 453 58.82 -57.94 57.36
CA ILE E 453 59.73 -56.82 57.59
C ILE E 453 59.22 -55.97 58.77
N PRO E 454 59.93 -56.00 59.92
CA PRO E 454 59.42 -55.34 61.13
C PRO E 454 59.62 -53.82 61.22
N VAL E 455 59.11 -53.06 60.26
CA VAL E 455 59.16 -51.60 60.33
C VAL E 455 58.12 -51.10 61.32
N ILE E 456 58.49 -50.14 62.16
CA ILE E 456 57.55 -49.50 63.09
C ILE E 456 57.10 -48.21 62.43
N ILE E 457 55.82 -48.16 62.05
CA ILE E 457 55.28 -47.04 61.31
C ILE E 457 54.49 -46.15 62.26
N PHE E 458 54.96 -44.93 62.43
CA PHE E 458 54.19 -43.89 63.13
C PHE E 458 53.40 -43.12 62.10
N LEU E 459 52.09 -43.34 62.06
CA LEU E 459 51.19 -42.68 61.13
C LEU E 459 50.57 -41.49 61.85
N ILE E 460 50.85 -40.27 61.39
CA ILE E 460 50.29 -39.07 62.01
C ILE E 460 48.96 -38.74 61.33
N ASN E 461 47.87 -39.10 62.00
CA ASN E 461 46.55 -38.79 61.51
C ASN E 461 46.12 -37.42 62.04
N ASN E 462 46.46 -36.38 61.29
CA ASN E 462 46.01 -35.02 61.57
C ASN E 462 44.89 -34.55 60.62
N ARG E 463 44.28 -35.50 59.89
CA ARG E 463 43.10 -35.25 59.06
C ARG E 463 43.36 -34.23 57.95
N GLY E 464 44.46 -34.44 57.21
CA GLY E 464 44.73 -33.63 56.04
C GLY E 464 46.20 -33.32 55.79
N TYR E 465 46.40 -32.47 54.80
CA TYR E 465 47.70 -32.03 54.34
C TYR E 465 48.13 -30.78 55.15
N VAL E 466 48.59 -30.98 56.38
CA VAL E 466 48.84 -29.84 57.29
C VAL E 466 49.95 -28.91 56.80
N ILE E 467 50.99 -29.45 56.20
CA ILE E 467 52.04 -28.63 55.57
C ILE E 467 51.51 -27.77 54.42
N GLU E 468 50.56 -28.30 53.64
CA GLU E 468 49.92 -27.53 52.55
C GLU E 468 49.02 -26.45 53.11
N ILE E 469 48.33 -26.75 54.21
CA ILE E 469 47.52 -25.76 54.93
C ILE E 469 48.40 -24.59 55.40
N ALA E 470 49.60 -24.90 55.87
CA ALA E 470 50.56 -23.88 56.31
C ALA E 470 51.06 -22.98 55.17
N ILE E 471 51.07 -23.51 53.95
CA ILE E 471 51.48 -22.76 52.76
C ILE E 471 50.30 -21.91 52.22
N HIS E 472 49.20 -22.57 51.87
CA HIS E 472 48.01 -21.92 51.32
C HIS E 472 46.78 -22.82 51.48
N ASP E 473 45.88 -22.44 52.39
CA ASP E 473 44.74 -23.29 52.76
C ASP E 473 43.64 -23.26 51.68
N GLY E 474 42.90 -24.37 51.60
CA GLY E 474 41.74 -24.52 50.71
C GLY E 474 41.23 -25.96 50.78
N PRO E 475 40.09 -26.27 50.13
CA PRO E 475 39.40 -27.57 50.26
C PRO E 475 40.21 -28.79 49.82
N TYR E 476 41.10 -28.57 48.86
CA TYR E 476 42.06 -29.57 48.37
C TYR E 476 43.01 -30.16 49.44
N ASN E 477 43.11 -29.52 50.61
CA ASN E 477 43.94 -30.04 51.72
C ASN E 477 43.26 -31.05 52.67
N TYR E 478 41.98 -31.30 52.47
CA TYR E 478 41.19 -32.13 53.39
C TYR E 478 40.84 -33.43 52.70
N ILE E 479 41.18 -34.53 53.36
CA ILE E 479 41.07 -35.85 52.77
C ILE E 479 40.08 -36.71 53.53
N LYS E 480 39.65 -37.78 52.87
CA LYS E 480 38.84 -38.83 53.46
C LYS E 480 39.69 -39.54 54.49
N ASN E 481 39.15 -39.61 55.72
CA ASN E 481 39.74 -40.40 56.79
C ASN E 481 39.57 -41.89 56.55
N TRP E 482 40.62 -42.66 56.87
CA TRP E 482 40.57 -44.11 56.90
C TRP E 482 40.81 -44.59 58.32
N ASN E 483 40.37 -45.80 58.61
CA ASN E 483 40.78 -46.50 59.81
C ASN E 483 42.14 -47.14 59.54
N TYR E 484 43.18 -46.34 59.71
CA TYR E 484 44.53 -46.72 59.27
C TYR E 484 45.06 -47.93 60.01
N ALA E 485 44.80 -47.98 61.32
CA ALA E 485 45.13 -49.15 62.12
C ALA E 485 44.44 -50.39 61.60
N GLY E 486 43.17 -50.26 61.21
CA GLY E 486 42.38 -51.39 60.68
C GLY E 486 42.89 -51.99 59.38
N LEU E 487 43.61 -51.20 58.59
CA LEU E 487 44.17 -51.67 57.33
C LEU E 487 45.09 -52.89 57.46
N ILE E 488 45.80 -52.98 58.59
CA ILE E 488 46.78 -54.05 58.80
C ILE E 488 46.11 -55.43 58.84
N ASP E 489 44.96 -55.56 59.52
CA ASP E 489 44.19 -56.81 59.51
C ASP E 489 43.71 -57.22 58.11
N VAL E 490 43.35 -56.23 57.28
CA VAL E 490 43.01 -56.47 55.88
C VAL E 490 44.23 -57.07 55.13
N PHE E 491 45.39 -56.44 55.27
CA PHE E 491 46.59 -56.92 54.58
C PHE E 491 47.10 -58.27 55.12
N ASN E 492 47.03 -58.48 56.43
CA ASN E 492 47.33 -59.78 57.04
C ASN E 492 46.50 -60.89 56.43
N ASP E 493 45.19 -60.65 56.37
CA ASP E 493 44.19 -61.65 56.03
C ASP E 493 44.38 -62.89 56.95
N GLU E 494 44.65 -64.08 56.42
CA GLU E 494 44.87 -65.28 57.25
C GLU E 494 46.34 -65.54 57.63
N ASP E 495 47.29 -64.97 56.88
CA ASP E 495 48.71 -65.37 56.92
C ASP E 495 49.68 -64.44 57.67
N GLY E 496 49.43 -63.14 57.65
CA GLY E 496 50.43 -62.14 58.02
C GLY E 496 50.53 -61.80 59.50
N HIS E 497 51.65 -61.20 59.89
CA HIS E 497 51.90 -60.85 61.29
C HIS E 497 52.17 -59.35 61.47
N GLY E 498 51.53 -58.54 60.63
CA GLY E 498 51.48 -57.11 60.87
C GLY E 498 50.62 -56.82 62.08
N LEU E 499 50.82 -55.66 62.69
CA LEU E 499 50.06 -55.23 63.85
C LEU E 499 49.59 -53.79 63.66
N GLY E 500 48.30 -53.54 63.87
CA GLY E 500 47.76 -52.18 63.73
C GLY E 500 47.19 -51.67 65.02
N LEU E 501 47.70 -50.54 65.51
CA LEU E 501 47.38 -50.00 66.83
C LEU E 501 46.97 -48.52 66.77
N LYS E 502 46.11 -48.10 67.68
CA LYS E 502 45.69 -46.71 67.83
C LYS E 502 46.33 -46.09 69.06
N ALA E 503 46.66 -44.80 68.99
CA ALA E 503 47.20 -44.06 70.13
C ALA E 503 46.66 -42.65 70.14
N SER E 504 45.89 -42.31 71.18
CA SER E 504 45.35 -40.97 71.38
C SER E 504 45.82 -40.28 72.68
N THR E 505 46.68 -40.97 73.44
CA THR E 505 47.31 -40.43 74.65
C THR E 505 48.76 -40.94 74.71
N GLY E 506 49.56 -40.34 75.58
CA GLY E 506 50.95 -40.75 75.80
C GLY E 506 51.11 -42.16 76.32
N ALA E 507 50.24 -42.56 77.25
CA ALA E 507 50.21 -43.92 77.77
C ALA E 507 49.84 -44.92 76.69
N GLU E 508 48.82 -44.62 75.89
CA GLU E 508 48.46 -45.50 74.77
C GLU E 508 49.62 -45.64 73.79
N LEU E 509 50.31 -44.53 73.51
CA LEU E 509 51.49 -44.55 72.63
C LEU E 509 52.63 -45.40 73.20
N GLU E 510 52.88 -45.26 74.51
CA GLU E 510 53.91 -46.04 75.20
C GLU E 510 53.64 -47.56 75.12
N GLY E 511 52.39 -47.94 75.41
CA GLY E 511 51.93 -49.33 75.23
C GLY E 511 52.07 -49.84 73.80
N ALA E 512 51.64 -49.03 72.82
CA ALA E 512 51.78 -49.41 71.40
C ALA E 512 53.25 -49.58 70.97
N ILE E 513 54.12 -48.71 71.48
CA ILE E 513 55.55 -48.78 71.19
C ILE E 513 56.16 -50.10 71.70
N LYS E 514 55.79 -50.51 72.92
CA LYS E 514 56.21 -51.81 73.50
C LYS E 514 55.84 -53.00 72.63
N LYS E 515 54.58 -53.04 72.20
CA LYS E 515 54.08 -54.09 71.32
C LYS E 515 54.80 -54.10 69.97
N ALA E 516 55.04 -52.91 69.41
CA ALA E 516 55.79 -52.79 68.16
C ALA E 516 57.18 -53.42 68.26
N LEU E 517 57.88 -53.11 69.35
CA LEU E 517 59.23 -53.67 69.60
C LEU E 517 59.23 -55.20 69.69
N ASP E 518 58.17 -55.77 70.26
CA ASP E 518 57.98 -57.23 70.31
C ASP E 518 57.61 -57.91 68.98
N ASN E 519 57.11 -57.17 68.01
CA ASN E 519 56.67 -57.77 66.75
C ASN E 519 57.84 -57.96 65.79
N ARG E 520 58.41 -59.16 65.79
CA ARG E 520 59.59 -59.49 64.98
C ARG E 520 59.26 -59.96 63.56
N ARG E 521 58.01 -60.30 63.30
CA ARG E 521 57.61 -60.97 62.06
C ARG E 521 56.73 -60.11 61.12
N GLY E 522 56.55 -58.84 61.44
CA GLY E 522 55.77 -57.96 60.58
C GLY E 522 55.85 -56.50 61.00
N PRO E 523 55.39 -55.59 60.14
CA PRO E 523 55.42 -54.18 60.51
C PRO E 523 54.42 -53.89 61.58
N THR E 524 54.61 -52.78 62.30
CA THR E 524 53.65 -52.31 63.27
C THR E 524 53.26 -50.87 62.95
N LEU E 525 51.97 -50.66 62.67
CA LEU E 525 51.46 -49.34 62.36
C LEU E 525 50.77 -48.79 63.59
N ILE E 526 51.25 -47.64 64.05
CA ILE E 526 50.69 -46.97 65.22
C ILE E 526 50.03 -45.68 64.69
N GLU E 527 48.70 -45.67 64.68
CA GLU E 527 47.94 -44.52 64.24
C GLU E 527 47.83 -43.51 65.37
N CYS E 528 48.53 -42.38 65.22
CA CYS E 528 48.60 -41.34 66.22
C CYS E 528 47.58 -40.26 65.93
N ASN E 529 46.67 -40.05 66.88
CA ASN E 529 45.63 -39.03 66.77
C ASN E 529 46.20 -37.68 67.17
N ILE E 530 46.47 -36.83 66.19
CA ILE E 530 47.08 -35.53 66.42
C ILE E 530 46.14 -34.46 65.84
N ALA E 531 45.78 -33.48 66.67
CA ALA E 531 44.93 -32.38 66.20
C ALA E 531 45.59 -31.65 65.02
N GLN E 532 44.76 -31.25 64.06
CA GLN E 532 45.20 -30.54 62.87
C GLN E 532 45.90 -29.21 63.20
N ASP E 533 45.39 -28.50 64.21
CA ASP E 533 46.01 -27.31 64.82
C ASP E 533 47.40 -27.53 65.43
N ASP E 534 47.69 -28.76 65.85
CA ASP E 534 48.87 -29.07 66.67
C ASP E 534 50.04 -29.49 65.78
N CYS E 535 50.54 -28.51 65.05
CA CYS E 535 51.69 -28.72 64.21
C CYS E 535 52.81 -27.88 64.79
N THR E 536 53.98 -28.11 64.24
CA THR E 536 55.20 -27.59 64.77
C THR E 536 55.24 -26.07 64.37
N GLU E 537 55.77 -25.24 65.26
N GLU E 537 55.76 -25.21 65.24
CA GLU E 537 55.91 -23.78 65.05
CA GLU E 537 55.81 -23.77 64.94
C GLU E 537 56.85 -23.46 63.87
C GLU E 537 56.87 -23.43 63.88
N THR E 538 57.91 -24.26 63.73
CA THR E 538 58.85 -24.12 62.62
C THR E 538 58.19 -24.31 61.22
N LEU E 539 57.19 -25.17 61.15
CA LEU E 539 56.45 -25.42 59.90
C LEU E 539 55.65 -24.19 59.51
N ILE E 540 54.98 -23.57 60.49
CA ILE E 540 54.21 -22.35 60.26
C ILE E 540 55.09 -21.21 59.72
N ALA E 541 56.28 -21.02 60.29
CA ALA E 541 57.18 -19.95 59.85
C ALA E 541 57.76 -20.22 58.45
N TRP E 542 58.26 -21.44 58.27
CA TRP E 542 58.76 -21.90 56.97
C TRP E 542 57.66 -21.83 55.88
N GLY E 543 56.49 -22.36 56.19
CA GLY E 543 55.35 -22.30 55.28
C GLY E 543 55.04 -20.89 54.75
N LYS E 544 55.04 -19.90 55.63
CA LYS E 544 54.82 -18.49 55.22
C LYS E 544 55.85 -17.98 54.22
N ARG E 545 57.12 -18.32 54.45
CA ARG E 545 58.20 -17.89 53.56
C ARG E 545 58.09 -18.54 52.18
N VAL E 546 57.74 -19.82 52.15
CA VAL E 546 57.57 -20.57 50.91
C VAL E 546 56.41 -20.03 50.08
N ALA E 547 55.28 -19.75 50.73
CA ALA E 547 54.13 -19.15 50.05
C ALA E 547 54.46 -17.80 49.39
N ALA E 548 55.19 -16.93 50.10
CA ALA E 548 55.54 -15.61 49.57
C ALA E 548 56.53 -15.72 48.42
N THR E 549 57.49 -16.65 48.53
CA THR E 549 58.47 -16.87 47.48
C THR E 549 57.83 -17.42 46.19
N ASN E 550 56.95 -18.42 46.34
CA ASN E 550 56.23 -19.00 45.19
C ASN E 550 55.31 -18.06 44.47
N SER E 551 54.67 -17.16 45.22
CA SER E 551 53.70 -16.23 44.66
C SER E 551 54.29 -14.91 44.16
N ARG E 552 55.59 -14.67 44.33
CA ARG E 552 56.16 -13.36 43.96
C ARG E 552 55.90 -13.09 42.48
N LYS E 553 55.48 -11.86 42.18
CA LYS E 553 54.82 -11.59 40.90
C LYS E 553 55.82 -11.57 39.74
N PRO E 554 55.34 -11.80 38.49
CA PRO E 554 56.24 -11.76 37.32
C PRO E 554 56.95 -10.41 37.17
N GLN E 555 58.17 -10.42 36.66
CA GLN E 555 58.86 -9.17 36.30
C GLN E 555 58.53 -8.81 34.86
N ALA E 556 56.75 -6.02 33.02
CA ALA E 556 57.28 -6.06 31.62
C ALA E 556 58.80 -6.14 31.60
N MET F 1 38.64 -8.81 38.84
CA MET F 1 39.80 -9.71 38.62
C MET F 1 39.35 -10.94 37.82
N TYR F 2 39.73 -10.98 36.54
CA TYR F 2 39.63 -12.19 35.72
C TYR F 2 41.03 -12.72 35.42
N THR F 3 41.29 -13.98 35.80
CA THR F 3 42.63 -14.54 35.79
C THR F 3 42.86 -15.63 34.76
N VAL F 4 44.12 -15.96 34.56
CA VAL F 4 44.53 -17.03 33.66
C VAL F 4 43.85 -18.35 34.05
N GLY F 5 43.78 -18.63 35.34
CA GLY F 5 43.10 -19.83 35.82
C GLY F 5 41.59 -19.85 35.57
N MET F 6 40.97 -18.68 35.65
CA MET F 6 39.55 -18.53 35.30
C MET F 6 39.33 -18.73 33.79
N TYR F 7 40.24 -18.25 32.97
CA TYR F 7 40.17 -18.47 31.53
C TYR F 7 40.16 -19.97 31.23
N LEU F 8 41.12 -20.69 31.82
CA LEU F 8 41.20 -22.16 31.68
C LEU F 8 39.91 -22.81 32.15
N ALA F 9 39.40 -22.40 33.31
CA ALA F 9 38.21 -23.03 33.86
C ALA F 9 36.99 -22.83 32.95
N GLU F 10 36.84 -21.63 32.42
CA GLU F 10 35.74 -21.30 31.53
C GLU F 10 35.80 -22.10 30.23
N ARG F 11 36.97 -22.22 29.63
CA ARG F 11 37.16 -23.10 28.49
C ARG F 11 36.83 -24.56 28.78
N LEU F 12 37.24 -25.05 29.95
CA LEU F 12 36.94 -26.43 30.33
C LEU F 12 35.43 -26.64 30.45
N ALA F 13 34.72 -25.64 30.99
CA ALA F 13 33.26 -25.69 31.12
C ALA F 13 32.55 -25.64 29.75
N GLN F 14 33.11 -24.85 28.83
CA GLN F 14 32.64 -24.80 27.45
C GLN F 14 32.83 -26.12 26.67
N ILE F 15 33.82 -26.94 27.04
CA ILE F 15 33.96 -28.28 26.46
C ILE F 15 32.80 -29.21 26.87
N GLY F 16 32.16 -28.92 28.01
CA GLY F 16 31.15 -29.81 28.59
C GLY F 16 31.61 -30.48 29.88
N LEU F 17 32.78 -30.12 30.40
CA LEU F 17 33.21 -30.64 31.71
C LEU F 17 32.35 -30.09 32.85
N LYS F 18 31.84 -30.99 33.68
CA LYS F 18 31.21 -30.64 34.95
C LYS F 18 32.12 -30.95 36.14
N HIS F 19 33.24 -31.62 35.90
CA HIS F 19 34.19 -31.94 36.95
C HIS F 19 35.62 -31.87 36.42
N HIS F 20 36.56 -31.64 37.32
CA HIS F 20 37.96 -31.85 37.02
C HIS F 20 38.59 -32.49 38.25
N PHE F 21 39.67 -33.22 38.00
CA PHE F 21 40.33 -34.03 39.02
C PHE F 21 41.65 -33.40 39.38
N ALA F 22 42.06 -33.51 40.64
CA ALA F 22 43.21 -32.77 41.13
C ALA F 22 43.88 -33.44 42.31
N VAL F 23 45.21 -33.28 42.37
CA VAL F 23 46.00 -33.55 43.57
C VAL F 23 46.79 -32.28 43.86
N ALA F 24 46.57 -31.69 45.02
CA ALA F 24 47.17 -30.41 45.38
C ALA F 24 48.67 -30.52 45.59
N GLY F 25 49.37 -29.43 45.29
CA GLY F 25 50.78 -29.24 45.63
C GLY F 25 51.10 -27.76 45.50
N ASP F 26 52.20 -27.30 46.09
CA ASP F 26 52.40 -25.84 46.21
C ASP F 26 52.51 -25.09 44.89
N TYR F 27 52.99 -25.76 43.85
CA TYR F 27 53.02 -25.18 42.51
C TYR F 27 51.63 -25.04 41.82
N ASN F 28 50.58 -25.67 42.34
CA ASN F 28 49.23 -25.54 41.73
C ASN F 28 48.12 -24.99 42.63
N LEU F 29 48.43 -24.57 43.85
CA LEU F 29 47.38 -24.19 44.81
C LEU F 29 46.59 -22.98 44.34
N VAL F 30 47.27 -21.96 43.84
CA VAL F 30 46.59 -20.74 43.34
C VAL F 30 45.77 -21.07 42.11
N LEU F 31 46.29 -21.91 41.20
CA LEU F 31 45.52 -22.43 40.07
C LEU F 31 44.25 -23.17 40.51
N LEU F 32 44.37 -24.05 41.50
CA LEU F 32 43.19 -24.74 42.02
C LEU F 32 42.17 -23.75 42.60
N ASP F 33 42.63 -22.68 43.24
CA ASP F 33 41.72 -21.62 43.69
C ASP F 33 40.92 -20.98 42.55
N GLN F 34 41.58 -20.72 41.43
CA GLN F 34 40.94 -20.09 40.28
C GLN F 34 39.89 -21.00 39.69
N LEU F 35 40.22 -22.27 39.60
CA LEU F 35 39.29 -23.29 39.11
C LEU F 35 38.05 -23.41 40.00
N LEU F 36 38.26 -23.41 41.31
CA LEU F 36 37.18 -23.46 42.30
C LEU F 36 36.17 -22.30 42.19
N LEU F 37 36.61 -21.14 41.68
CA LEU F 37 35.70 -20.01 41.44
C LEU F 37 34.67 -20.25 40.33
N ASN F 38 34.93 -21.17 39.40
CA ASN F 38 33.96 -21.50 38.36
C ASN F 38 32.79 -22.37 38.90
N LYS F 39 31.58 -21.81 38.86
CA LYS F 39 30.39 -22.51 39.36
C LYS F 39 29.85 -23.63 38.46
N ASP F 40 30.33 -23.73 37.23
CA ASP F 40 29.91 -24.81 36.35
C ASP F 40 30.64 -26.14 36.61
N MET F 41 31.72 -26.14 37.41
CA MET F 41 32.48 -27.36 37.67
C MET F 41 32.64 -27.65 39.17
N GLU F 42 32.79 -28.94 39.47
N GLU F 42 32.76 -28.92 39.50
CA GLU F 42 33.14 -29.42 40.80
CA GLU F 42 33.14 -29.32 40.85
C GLU F 42 34.61 -29.87 40.73
C GLU F 42 34.56 -29.91 40.78
N GLN F 43 35.38 -29.54 41.75
CA GLN F 43 36.78 -29.97 41.82
C GLN F 43 36.87 -31.22 42.69
N VAL F 44 37.26 -32.34 42.09
CA VAL F 44 37.29 -33.66 42.72
C VAL F 44 38.74 -34.06 43.05
N TYR F 45 38.98 -34.49 44.27
CA TYR F 45 40.34 -34.81 44.73
C TYR F 45 40.62 -36.31 44.70
N CYS F 46 41.84 -36.67 44.29
CA CYS F 46 42.31 -38.05 44.21
C CYS F 46 43.44 -38.34 45.20
N CYS F 47 43.68 -39.61 45.48
CA CYS F 47 44.75 -40.03 46.42
C CYS F 47 46.14 -39.80 45.86
N ASN F 48 46.37 -40.25 44.63
CA ASN F 48 47.65 -40.07 43.95
C ASN F 48 47.43 -39.70 42.49
N GLU F 49 48.50 -39.31 41.82
CA GLU F 49 48.40 -38.73 40.48
C GLU F 49 48.21 -39.73 39.36
N LEU F 50 48.67 -40.96 39.53
CA LEU F 50 48.35 -42.03 38.60
C LEU F 50 46.83 -42.24 38.58
N ASN F 51 46.24 -42.32 39.76
CA ASN F 51 44.81 -42.49 39.92
C ASN F 51 44.00 -41.30 39.45
N CYS F 52 44.54 -40.11 39.66
CA CYS F 52 43.96 -38.88 39.15
C CYS F 52 43.90 -38.88 37.62
N GLY F 53 45.01 -39.23 36.98
CA GLY F 53 45.05 -39.36 35.53
C GLY F 53 44.03 -40.35 34.98
N PHE F 54 43.95 -41.53 35.60
CA PHE F 54 43.03 -42.57 35.14
C PHE F 54 41.57 -42.25 35.45
N SER F 55 41.32 -41.51 36.54
CA SER F 55 39.99 -40.94 36.81
C SER F 55 39.55 -40.01 35.70
N ALA F 56 40.42 -39.10 35.30
CA ALA F 56 40.12 -38.22 34.19
C ALA F 56 39.86 -39.04 32.91
N GLU F 57 40.65 -40.08 32.71
CA GLU F 57 40.50 -40.93 31.53
C GLU F 57 39.09 -41.55 31.48
N GLY F 58 38.62 -42.09 32.60
CA GLY F 58 37.27 -42.59 32.73
C GLY F 58 36.19 -41.53 32.53
N TYR F 59 36.40 -40.34 33.06
CA TYR F 59 35.48 -39.22 32.85
C TYR F 59 35.34 -38.90 31.35
N ALA F 60 36.47 -38.90 30.62
CA ALA F 60 36.45 -38.69 29.16
C ALA F 60 35.66 -39.76 28.38
N ARG F 61 35.70 -41.00 28.84
CA ARG F 61 34.87 -42.08 28.27
C ARG F 61 33.38 -41.84 28.46
N ALA F 62 33.01 -41.09 29.49
CA ALA F 62 31.63 -40.70 29.78
C ALA F 62 31.21 -39.41 29.07
N ARG F 63 32.07 -38.39 29.09
CA ARG F 63 31.72 -37.06 28.61
C ARG F 63 32.43 -36.59 27.35
N GLY F 64 33.43 -37.30 26.87
CA GLY F 64 34.17 -36.90 25.67
C GLY F 64 35.46 -36.14 25.91
N ALA F 65 35.65 -35.59 27.10
CA ALA F 65 36.88 -34.91 27.48
C ALA F 65 36.98 -34.91 28.98
N ALA F 66 38.14 -34.51 29.49
CA ALA F 66 38.38 -34.45 30.93
C ALA F 66 39.63 -33.64 31.22
N ALA F 67 39.80 -33.29 32.48
CA ALA F 67 40.98 -32.57 32.92
C ALA F 67 41.49 -33.07 34.27
N ALA F 68 42.82 -33.16 34.36
CA ALA F 68 43.50 -33.52 35.59
C ALA F 68 44.53 -32.43 35.92
N ILE F 69 44.55 -32.01 37.19
CA ILE F 69 45.43 -30.94 37.61
C ILE F 69 46.40 -31.52 38.64
N VAL F 70 47.71 -31.38 38.37
CA VAL F 70 48.77 -31.96 39.22
C VAL F 70 49.90 -30.97 39.52
N THR F 71 50.80 -31.34 40.42
CA THR F 71 51.95 -30.48 40.75
C THR F 71 53.16 -30.92 39.92
N PHE F 72 54.15 -30.03 39.84
CA PHE F 72 55.34 -30.24 39.02
C PHE F 72 56.14 -31.47 39.41
N SER F 73 56.48 -32.28 38.41
CA SER F 73 57.39 -33.43 38.52
C SER F 73 56.87 -34.61 39.32
N VAL F 74 56.78 -34.42 40.64
CA VAL F 74 56.34 -35.50 41.53
C VAL F 74 54.89 -35.91 41.23
N GLY F 75 54.07 -34.95 40.84
CA GLY F 75 52.72 -35.25 40.39
C GLY F 75 52.69 -35.66 38.93
N ALA F 76 53.26 -34.83 38.07
CA ALA F 76 53.08 -34.96 36.64
C ALA F 76 53.65 -36.22 36.03
N ILE F 77 54.78 -36.73 36.54
CA ILE F 77 55.41 -37.89 35.91
C ILE F 77 54.56 -39.16 36.09
N SER F 78 53.96 -39.36 37.25
CA SER F 78 53.01 -40.48 37.41
C SER F 78 51.79 -40.29 36.49
N ALA F 79 51.27 -39.06 36.42
CA ALA F 79 50.14 -38.77 35.54
C ALA F 79 50.45 -39.07 34.06
N MET F 80 51.72 -38.94 33.65
CA MET F 80 52.14 -39.28 32.27
C MET F 80 51.82 -40.70 31.85
N ASN F 81 51.81 -41.63 32.79
CA ASN F 81 51.41 -43.02 32.52
C ASN F 81 49.93 -43.10 32.09
N ALA F 82 49.07 -42.40 32.82
CA ALA F 82 47.64 -42.30 32.43
C ALA F 82 47.43 -41.49 31.15
N ILE F 83 48.23 -40.45 30.93
CA ILE F 83 48.17 -39.68 29.69
C ILE F 83 48.60 -40.53 28.49
N GLY F 84 49.66 -41.33 28.66
CA GLY F 84 50.02 -42.37 27.72
C GLY F 84 48.83 -43.27 27.41
N GLY F 85 48.13 -43.70 28.47
CA GLY F 85 46.92 -44.49 28.34
C GLY F 85 45.82 -43.80 27.57
N ALA F 86 45.63 -42.51 27.83
CA ALA F 86 44.63 -41.74 27.12
C ALA F 86 44.97 -41.61 25.63
N TYR F 87 46.26 -41.48 25.32
CA TYR F 87 46.72 -41.46 23.93
C TYR F 87 46.43 -42.80 23.25
N ALA F 88 46.82 -43.88 23.90
CA ALA F 88 46.56 -45.23 23.42
C ALA F 88 45.09 -45.53 23.16
N GLU F 89 44.21 -44.96 23.99
CA GLU F 89 42.78 -45.22 23.93
C GLU F 89 41.98 -44.09 23.27
N ASN F 90 42.66 -43.12 22.66
CA ASN F 90 42.05 -42.04 21.88
C ASN F 90 41.09 -41.14 22.66
N LEU F 91 41.53 -40.66 23.82
CA LEU F 91 40.70 -39.84 24.71
C LEU F 91 41.32 -38.47 24.96
N PRO F 92 40.56 -37.39 24.78
CA PRO F 92 41.11 -36.05 25.06
C PRO F 92 41.13 -35.66 26.55
N VAL F 93 42.13 -36.15 27.26
CA VAL F 93 42.40 -35.73 28.62
C VAL F 93 43.41 -34.57 28.57
N ILE F 94 43.09 -33.46 29.23
CA ILE F 94 44.03 -32.35 29.40
C ILE F 94 44.76 -32.52 30.74
N LEU F 95 46.07 -32.67 30.71
CA LEU F 95 46.88 -32.71 31.92
C LEU F 95 47.40 -31.30 32.14
N ILE F 96 47.04 -30.69 33.28
CA ILE F 96 47.53 -29.37 33.62
C ILE F 96 48.46 -29.50 34.82
N SER F 97 49.70 -29.07 34.67
CA SER F 97 50.67 -29.04 35.78
C SER F 97 50.95 -27.62 36.21
N GLY F 98 51.01 -27.38 37.50
CA GLY F 98 51.65 -26.17 38.00
C GLY F 98 53.14 -26.32 37.71
N SER F 99 53.82 -25.19 37.56
CA SER F 99 55.24 -25.19 37.29
C SER F 99 55.92 -24.00 37.98
N PRO F 100 57.27 -23.89 37.89
CA PRO F 100 57.98 -22.88 38.69
C PRO F 100 57.61 -21.44 38.46
N ASN F 101 57.86 -20.64 39.48
CA ASN F 101 57.73 -19.20 39.43
C ASN F 101 58.53 -18.64 38.26
N THR F 102 57.95 -17.69 37.53
CA THR F 102 58.60 -17.16 36.32
C THR F 102 59.97 -16.53 36.60
N ASN F 103 60.14 -15.95 37.78
CA ASN F 103 61.41 -15.30 38.16
C ASN F 103 62.59 -16.28 38.36
N ASP F 104 62.33 -17.58 38.51
CA ASP F 104 63.41 -18.57 38.60
C ASP F 104 64.05 -18.93 37.25
N TYR F 105 63.38 -18.61 36.15
CA TYR F 105 63.93 -18.89 34.82
C TYR F 105 65.15 -18.01 34.53
N GLY F 106 66.16 -18.60 33.90
CA GLY F 106 67.42 -17.89 33.60
C GLY F 106 68.23 -17.42 34.79
N THR F 107 68.11 -18.11 35.93
CA THR F 107 68.83 -17.76 37.17
C THR F 107 69.87 -18.77 37.61
N GLY F 108 69.65 -20.04 37.28
CA GLY F 108 70.43 -21.13 37.86
C GLY F 108 69.96 -21.67 39.20
N HIS F 109 68.78 -21.24 39.67
CA HIS F 109 68.21 -21.73 40.94
C HIS F 109 67.84 -23.21 40.90
N ILE F 110 68.05 -23.90 42.02
CA ILE F 110 67.65 -25.29 42.18
C ILE F 110 66.31 -25.26 42.88
N LEU F 111 65.31 -25.95 42.34
CA LEU F 111 63.95 -25.95 42.89
C LEU F 111 63.51 -27.30 43.41
N HIS F 112 62.72 -27.30 44.47
CA HIS F 112 62.09 -28.50 45.00
C HIS F 112 61.16 -29.15 43.95
N HIS F 113 61.01 -30.46 44.08
CA HIS F 113 60.38 -31.32 43.08
C HIS F 113 61.07 -31.29 41.73
N THR F 114 62.37 -31.02 41.70
CA THR F 114 63.13 -31.18 40.47
C THR F 114 64.22 -32.21 40.71
N ILE F 115 64.79 -32.66 39.60
CA ILE F 115 65.92 -33.58 39.64
C ILE F 115 67.21 -32.90 40.15
N GLY F 116 67.17 -31.57 40.34
CA GLY F 116 68.23 -30.83 41.01
C GLY F 116 69.20 -30.14 40.08
N THR F 117 68.82 -29.96 38.81
CA THR F 117 69.61 -29.24 37.83
C THR F 117 68.94 -27.90 37.55
N THR F 118 69.55 -27.06 36.73
CA THR F 118 68.94 -25.77 36.33
C THR F 118 67.90 -25.93 35.23
N ASP F 119 67.72 -27.16 34.74
CA ASP F 119 66.75 -27.50 33.70
C ASP F 119 65.35 -27.68 34.35
N TYR F 120 64.41 -26.81 33.97
CA TYR F 120 63.00 -26.95 34.35
C TYR F 120 62.14 -27.41 33.17
N ASN F 121 62.76 -27.60 32.00
CA ASN F 121 62.06 -27.94 30.77
C ASN F 121 61.92 -29.43 30.53
N TYR F 122 62.57 -30.24 31.36
CA TYR F 122 62.58 -31.68 31.16
C TYR F 122 61.20 -32.35 31.19
N GLN F 123 60.30 -31.84 32.02
CA GLN F 123 58.96 -32.40 32.12
C GLN F 123 58.16 -32.18 30.82
N LEU F 124 58.20 -30.97 30.29
CA LEU F 124 57.62 -30.66 28.98
C LEU F 124 58.22 -31.53 27.86
N GLU F 125 59.53 -31.76 27.91
CA GLU F 125 60.19 -32.62 26.93
C GLU F 125 59.76 -34.07 27.05
N MET F 126 59.55 -34.55 28.27
CA MET F 126 59.06 -35.92 28.48
C MET F 126 57.61 -36.10 27.97
N VAL F 127 56.74 -35.16 28.30
CA VAL F 127 55.29 -35.33 28.07
C VAL F 127 54.88 -35.17 26.58
N LYS F 128 55.72 -34.49 25.80
CA LYS F 128 55.56 -34.39 24.34
C LYS F 128 55.46 -35.74 23.64
N HIS F 129 56.10 -36.76 24.19
CA HIS F 129 56.10 -38.09 23.59
C HIS F 129 54.78 -38.85 23.76
N VAL F 130 53.92 -38.41 24.69
CA VAL F 130 52.64 -39.07 24.93
C VAL F 130 51.43 -38.11 24.80
N THR F 131 51.60 -37.01 24.07
CA THR F 131 50.54 -36.01 23.83
C THR F 131 50.49 -35.55 22.37
N CYS F 132 49.39 -34.93 21.98
CA CYS F 132 49.26 -34.35 20.63
C CYS F 132 49.61 -32.88 20.65
N ALA F 133 49.56 -32.26 21.83
CA ALA F 133 49.95 -30.87 22.03
C ALA F 133 50.46 -30.68 23.47
N ALA F 134 51.41 -29.78 23.63
CA ALA F 134 52.01 -29.50 24.92
C ALA F 134 52.56 -28.08 24.92
N GLU F 135 52.12 -27.27 25.88
CA GLU F 135 52.49 -25.88 25.93
C GLU F 135 52.83 -25.47 27.36
N SER F 136 53.66 -24.44 27.47
CA SER F 136 54.10 -23.87 28.73
C SER F 136 53.69 -22.41 28.79
N ILE F 137 52.97 -22.02 29.84
CA ILE F 137 52.52 -20.64 30.00
C ILE F 137 53.32 -19.93 31.09
N VAL F 138 54.10 -18.93 30.69
CA VAL F 138 54.88 -18.08 31.63
C VAL F 138 54.45 -16.61 31.62
N SER F 139 53.38 -16.27 30.90
CA SER F 139 52.83 -14.92 30.93
C SER F 139 51.33 -14.97 30.67
N ALA F 140 50.63 -14.02 31.27
CA ALA F 140 49.20 -13.88 31.07
C ALA F 140 48.85 -13.54 29.63
N GLU F 141 49.68 -12.73 28.97
CA GLU F 141 49.53 -12.38 27.54
C GLU F 141 49.39 -13.60 26.63
N GLU F 142 50.26 -14.59 26.82
CA GLU F 142 50.25 -15.77 25.97
C GLU F 142 49.26 -16.86 26.41
N ALA F 143 48.69 -16.74 27.62
CA ALA F 143 47.87 -17.82 28.16
C ALA F 143 46.67 -18.22 27.27
N PRO F 144 45.90 -17.22 26.76
CA PRO F 144 44.72 -17.58 25.97
C PRO F 144 45.02 -18.44 24.76
N ALA F 145 46.04 -18.07 23.98
CA ALA F 145 46.41 -18.84 22.78
C ALA F 145 46.84 -20.26 23.10
N LYS F 146 47.61 -20.42 24.17
CA LYS F 146 48.12 -21.74 24.53
C LYS F 146 47.08 -22.64 25.16
N ILE F 147 46.24 -22.09 26.03
CA ILE F 147 45.11 -22.84 26.57
C ILE F 147 44.25 -23.38 25.42
N ASP F 148 43.81 -22.48 24.53
CA ASP F 148 42.89 -22.85 23.44
C ASP F 148 43.53 -23.80 22.44
N HIS F 149 44.83 -23.62 22.15
CA HIS F 149 45.54 -24.54 21.26
C HIS F 149 45.54 -25.97 21.77
N VAL F 150 45.83 -26.16 23.06
CA VAL F 150 45.87 -27.52 23.59
C VAL F 150 44.47 -28.12 23.64
N ILE F 151 43.48 -27.35 24.07
CA ILE F 151 42.10 -27.85 24.16
C ILE F 151 41.56 -28.23 22.79
N ARG F 152 41.64 -27.31 21.83
CA ARG F 152 41.13 -27.56 20.46
C ARG F 152 41.82 -28.73 19.79
N THR F 153 43.13 -28.81 19.90
CA THR F 153 43.89 -29.90 19.30
C THR F 153 43.49 -31.25 19.88
N ALA F 154 43.41 -31.33 21.19
CA ALA F 154 43.00 -32.58 21.87
C ALA F 154 41.61 -33.08 21.41
N LEU F 155 40.64 -32.19 21.39
CA LEU F 155 39.27 -32.54 20.96
C LEU F 155 39.25 -33.01 19.51
N ARG F 156 39.94 -32.31 18.62
CA ARG F 156 39.96 -32.71 17.21
C ARG F 156 40.71 -34.02 16.96
N GLU F 157 41.86 -34.18 17.58
CA GLU F 157 42.67 -35.37 17.33
C GLU F 157 42.21 -36.59 18.14
N ARG F 158 41.36 -36.34 19.15
CA ARG F 158 40.98 -37.35 20.13
C ARG F 158 42.24 -37.94 20.74
N LYS F 159 43.07 -37.05 21.28
CA LYS F 159 44.32 -37.42 21.94
C LYS F 159 44.49 -36.47 23.12
N PRO F 160 45.22 -36.91 24.15
CA PRO F 160 45.49 -36.03 25.29
C PRO F 160 46.49 -34.93 24.98
N ALA F 161 46.45 -33.88 25.79
CA ALA F 161 47.33 -32.74 25.64
C ALA F 161 47.78 -32.26 27.01
N TYR F 162 48.84 -31.45 27.03
CA TYR F 162 49.44 -30.96 28.27
C TYR F 162 49.56 -29.45 28.30
N LEU F 163 49.27 -28.87 29.46
CA LEU F 163 49.58 -27.48 29.79
C LEU F 163 50.42 -27.41 31.07
N GLU F 164 51.47 -26.59 31.10
CA GLU F 164 52.03 -26.16 32.39
C GLU F 164 51.84 -24.65 32.56
N ILE F 165 51.47 -24.24 33.76
CA ILE F 165 51.19 -22.84 34.07
C ILE F 165 52.06 -22.44 35.24
N ALA F 166 52.85 -21.38 35.07
CA ALA F 166 53.71 -20.92 36.15
C ALA F 166 52.86 -20.54 37.38
N CYS F 167 53.34 -20.93 38.57
CA CYS F 167 52.54 -20.79 39.78
C CYS F 167 52.21 -19.34 40.10
N ASN F 168 53.03 -18.39 39.64
CA ASN F 168 52.73 -16.96 39.80
C ASN F 168 52.03 -16.30 38.60
N VAL F 169 51.62 -17.11 37.62
CA VAL F 169 50.80 -16.65 36.46
C VAL F 169 49.34 -17.13 36.53
N ALA F 170 49.09 -18.23 37.24
CA ALA F 170 47.72 -18.75 37.44
C ALA F 170 46.73 -17.70 37.97
N GLY F 171 47.19 -16.83 38.86
CA GLY F 171 46.35 -15.75 39.41
C GLY F 171 46.53 -14.37 38.78
N ALA F 172 47.28 -14.29 37.67
CA ALA F 172 47.51 -13.02 36.98
C ALA F 172 46.31 -12.63 36.13
N GLU F 173 46.08 -11.34 35.99
N GLU F 173 46.10 -11.33 35.97
CA GLU F 173 44.97 -10.80 35.21
CA GLU F 173 45.01 -10.75 35.18
C GLU F 173 45.10 -11.23 33.74
C GLU F 173 45.09 -11.19 33.72
N CYS F 174 43.98 -11.65 33.15
CA CYS F 174 43.94 -12.21 31.80
C CYS F 174 42.71 -11.65 31.08
N VAL F 175 42.80 -11.51 29.77
CA VAL F 175 41.60 -11.21 28.97
C VAL F 175 40.53 -12.32 29.10
N ARG F 176 39.28 -11.97 28.78
CA ARG F 176 38.17 -12.91 28.89
C ARG F 176 38.01 -13.69 27.59
N PRO F 177 37.58 -14.97 27.67
CA PRO F 177 37.32 -15.74 26.48
C PRO F 177 35.99 -15.31 25.83
N GLY F 178 35.93 -15.30 24.51
CA GLY F 178 34.68 -14.96 23.79
C GLY F 178 33.72 -16.14 23.75
N PRO F 179 32.46 -15.90 23.32
CA PRO F 179 31.49 -16.99 23.28
C PRO F 179 31.76 -17.94 22.10
N ILE F 180 31.35 -19.19 22.22
CA ILE F 180 31.58 -20.18 21.16
C ILE F 180 30.37 -21.11 20.95
N ASN F 181 30.34 -21.76 19.79
CA ASN F 181 29.38 -22.82 19.52
C ASN F 181 29.91 -24.13 20.11
N SER F 182 31.10 -24.52 19.68
CA SER F 182 31.76 -25.74 20.13
C SER F 182 33.26 -25.53 20.05
N LEU F 183 34.01 -26.11 20.98
CA LEU F 183 35.48 -26.11 20.88
C LEU F 183 36.00 -27.22 19.96
N LEU F 184 35.13 -28.17 19.59
CA LEU F 184 35.46 -29.16 18.56
C LEU F 184 35.13 -28.59 17.18
N ARG F 185 36.15 -28.34 16.37
CA ARG F 185 36.01 -27.88 14.98
C ARG F 185 36.74 -28.89 14.12
N GLU F 186 36.03 -29.53 13.20
CA GLU F 186 36.61 -30.56 12.35
C GLU F 186 37.27 -29.91 11.12
N LEU F 187 38.14 -30.65 10.48
CA LEU F 187 38.67 -30.26 9.18
C LEU F 187 37.55 -30.34 8.14
N GLU F 188 37.54 -29.38 7.22
CA GLU F 188 36.63 -29.41 6.08
C GLU F 188 36.93 -30.62 5.20
N VAL F 189 35.88 -31.28 4.74
CA VAL F 189 35.95 -32.50 3.98
C VAL F 189 36.10 -32.17 2.49
N ASP F 190 36.89 -32.99 1.80
CA ASP F 190 37.10 -32.87 0.36
C ASP F 190 36.02 -33.70 -0.37
N GLN F 191 35.05 -33.02 -0.98
CA GLN F 191 33.93 -33.69 -1.65
C GLN F 191 34.34 -34.44 -2.92
N THR F 192 35.41 -34.00 -3.59
CA THR F 192 35.96 -34.77 -4.70
C THR F 192 36.44 -36.15 -4.23
N SER F 193 37.06 -36.20 -3.04
CA SER F 193 37.56 -37.46 -2.51
C SER F 193 36.45 -38.41 -2.06
N VAL F 194 35.47 -37.87 -1.34
CA VAL F 194 34.31 -38.64 -0.85
C VAL F 194 33.55 -39.29 -2.03
N THR F 195 33.23 -38.48 -3.04
CA THR F 195 32.55 -38.99 -4.26
C THR F 195 33.35 -40.10 -4.92
N ALA F 196 34.66 -39.88 -5.09
CA ALA F 196 35.50 -40.86 -5.76
C ALA F 196 35.64 -42.14 -4.94
N ALA F 197 35.72 -41.98 -3.62
CA ALA F 197 35.82 -43.12 -2.71
C ALA F 197 34.51 -43.92 -2.73
N VAL F 198 33.38 -43.22 -2.68
CA VAL F 198 32.07 -43.90 -2.69
C VAL F 198 31.89 -44.68 -4.00
N ASP F 199 32.14 -44.03 -5.13
CA ASP F 199 32.00 -44.66 -6.45
C ASP F 199 32.92 -45.88 -6.66
N ALA F 200 34.17 -45.80 -6.17
CA ALA F 200 35.04 -46.96 -6.21
C ALA F 200 34.56 -48.09 -5.27
N ALA F 201 34.05 -47.74 -4.10
CA ALA F 201 33.50 -48.76 -3.16
C ALA F 201 32.30 -49.50 -3.74
N VAL F 202 31.41 -48.76 -4.42
CA VAL F 202 30.25 -49.35 -5.10
C VAL F 202 30.69 -50.33 -6.21
N GLU F 203 31.65 -49.94 -7.03
CA GLU F 203 32.22 -50.83 -8.06
C GLU F 203 32.94 -52.04 -7.45
N TRP F 204 33.66 -51.80 -6.35
CA TRP F 204 34.39 -52.86 -5.65
C TRP F 204 33.46 -53.94 -5.12
N LEU F 205 32.28 -53.55 -4.63
CA LEU F 205 31.28 -54.50 -4.11
C LEU F 205 30.44 -55.24 -5.16
N GLN F 206 30.56 -54.84 -6.43
CA GLN F 206 29.72 -55.36 -7.51
C GLN F 206 29.79 -56.88 -7.66
N ASP F 207 30.99 -57.46 -7.58
CA ASP F 207 31.16 -58.93 -7.70
C ASP F 207 31.55 -59.61 -6.38
N ARG F 208 31.14 -59.02 -5.24
CA ARG F 208 31.44 -59.55 -3.91
C ARG F 208 30.14 -59.76 -3.14
N GLN F 209 29.71 -61.01 -3.04
CA GLN F 209 28.37 -61.32 -2.49
C GLN F 209 28.36 -61.52 -0.99
N ASN F 210 29.39 -62.15 -0.45
CA ASN F 210 29.52 -62.36 1.01
C ASN F 210 30.31 -61.22 1.64
N VAL F 211 29.58 -60.30 2.26
CA VAL F 211 30.13 -59.07 2.80
C VAL F 211 29.93 -59.08 4.31
N VAL F 212 30.96 -58.66 5.04
CA VAL F 212 30.92 -58.60 6.50
C VAL F 212 31.52 -57.30 6.97
N MET F 213 30.85 -56.63 7.89
CA MET F 213 31.39 -55.44 8.55
C MET F 213 32.09 -55.87 9.82
N LEU F 214 33.30 -55.36 10.03
CA LEU F 214 34.11 -55.64 11.22
C LEU F 214 34.36 -54.31 11.92
N VAL F 215 33.69 -54.13 13.06
CA VAL F 215 33.73 -52.88 13.80
C VAL F 215 34.96 -52.86 14.71
N GLY F 216 35.72 -51.77 14.63
CA GLY F 216 37.00 -51.62 15.33
C GLY F 216 36.96 -50.63 16.47
N SER F 217 38.02 -50.65 17.28
CA SER F 217 38.03 -49.87 18.53
C SER F 217 38.24 -48.35 18.38
N LYS F 218 38.47 -47.85 17.17
CA LYS F 218 38.52 -46.40 16.98
C LYS F 218 37.19 -45.79 16.51
N LEU F 219 36.10 -46.55 16.56
CA LEU F 219 34.83 -46.09 16.01
C LEU F 219 34.26 -44.95 16.84
N ARG F 220 34.39 -45.05 18.16
CA ARG F 220 33.99 -43.94 19.02
C ARG F 220 34.83 -42.69 18.80
N ALA F 221 36.14 -42.84 18.59
CA ALA F 221 37.04 -41.69 18.33
C ALA F 221 36.68 -41.00 17.01
N ALA F 222 36.34 -41.80 16.01
CA ALA F 222 35.77 -41.30 14.74
C ALA F 222 34.38 -40.68 14.88
N ALA F 223 33.75 -40.78 16.06
CA ALA F 223 32.38 -40.27 16.30
C ALA F 223 31.41 -40.71 15.20
N ALA F 224 31.49 -42.00 14.86
CA ALA F 224 30.80 -42.55 13.71
C ALA F 224 29.93 -43.76 14.05
N GLU F 225 29.53 -43.89 15.31
CA GLU F 225 28.67 -45.00 15.72
C GLU F 225 27.31 -44.98 14.96
N LYS F 226 26.71 -43.81 14.80
CA LYS F 226 25.42 -43.71 14.09
C LYS F 226 25.55 -43.98 12.60
N GLN F 227 26.66 -43.56 12.00
CA GLN F 227 26.89 -43.79 10.58
C GLN F 227 27.22 -45.25 10.32
N ALA F 228 27.81 -45.94 11.27
CA ALA F 228 28.05 -47.38 11.14
C ALA F 228 26.74 -48.18 11.08
N VAL F 229 25.76 -47.77 11.90
CA VAL F 229 24.45 -48.42 11.89
C VAL F 229 23.72 -48.12 10.56
N ALA F 230 23.80 -46.89 10.07
CA ALA F 230 23.20 -46.51 8.77
C ALA F 230 23.81 -47.35 7.63
N LEU F 231 25.14 -47.49 7.64
CA LEU F 231 25.83 -48.31 6.65
C LEU F 231 25.41 -49.77 6.75
N ALA F 232 25.26 -50.30 7.96
CA ALA F 232 24.83 -51.68 8.17
C ALA F 232 23.39 -51.92 7.69
N ASP F 233 22.49 -51.00 7.97
CA ASP F 233 21.09 -51.07 7.48
C ASP F 233 21.03 -51.06 5.95
N ARG F 234 21.88 -50.27 5.31
CA ARG F 234 21.97 -50.22 3.84
C ARG F 234 22.48 -51.52 3.20
N LEU F 235 23.64 -52.00 3.67
CA LEU F 235 24.24 -53.23 3.16
C LEU F 235 23.41 -54.46 3.53
N GLY F 236 22.80 -54.41 4.71
CA GLY F 236 22.09 -55.56 5.25
C GLY F 236 22.97 -56.78 5.50
N CYS F 237 24.29 -56.58 5.65
CA CYS F 237 25.24 -57.68 5.83
C CYS F 237 25.45 -58.01 7.30
N ALA F 238 26.12 -59.14 7.55
CA ALA F 238 26.55 -59.49 8.90
C ALA F 238 27.50 -58.44 9.47
N VAL F 239 27.30 -58.09 10.74
CA VAL F 239 28.20 -57.21 11.47
C VAL F 239 28.87 -57.99 12.60
N THR F 240 30.19 -57.86 12.70
CA THR F 240 30.96 -58.37 13.82
C THR F 240 31.76 -57.23 14.46
N ILE F 241 32.27 -57.51 15.65
CA ILE F 241 33.11 -56.58 16.40
C ILE F 241 34.45 -57.24 16.69
N MET F 242 35.49 -56.42 16.73
CA MET F 242 36.76 -56.79 17.32
C MET F 242 36.60 -56.64 18.84
N ALA F 243 37.40 -57.36 19.62
CA ALA F 243 37.24 -57.40 21.09
C ALA F 243 37.18 -56.01 21.73
N ALA F 244 38.08 -55.13 21.31
CA ALA F 244 38.21 -53.82 21.91
C ALA F 244 37.09 -52.88 21.48
N ALA F 245 36.24 -53.29 20.55
CA ALA F 245 35.14 -52.47 20.04
C ALA F 245 33.81 -52.77 20.71
N LYS F 246 33.81 -53.54 21.79
CA LYS F 246 32.57 -53.95 22.46
C LYS F 246 31.73 -52.75 22.91
N GLY F 247 30.47 -52.72 22.50
CA GLY F 247 29.57 -51.61 22.78
C GLY F 247 29.52 -50.52 21.73
N PHE F 248 30.42 -50.53 20.75
CA PHE F 248 30.42 -49.51 19.69
C PHE F 248 29.43 -49.82 18.56
N PHE F 249 28.87 -51.03 18.55
CA PHE F 249 27.79 -51.43 17.66
C PHE F 249 26.76 -52.22 18.49
N PRO F 250 25.45 -51.98 18.29
CA PRO F 250 24.45 -52.69 19.11
C PRO F 250 24.39 -54.20 18.82
N GLU F 251 24.56 -55.01 19.85
CA GLU F 251 24.52 -56.47 19.73
C GLU F 251 23.06 -56.94 19.59
N ASP F 252 22.14 -56.06 19.96
CA ASP F 252 20.70 -56.01 19.59
C ASP F 252 20.32 -56.09 18.11
N HIS F 253 21.18 -55.57 17.23
CA HIS F 253 20.89 -55.44 15.81
C HIS F 253 20.58 -56.81 15.19
N PRO F 254 19.53 -56.92 14.34
CA PRO F 254 19.20 -58.24 13.73
C PRO F 254 20.37 -58.91 12.99
N ASN F 255 21.21 -58.10 12.36
CA ASN F 255 22.38 -58.59 11.63
C ASN F 255 23.70 -58.75 12.42
N PHE F 256 23.68 -58.53 13.73
CA PHE F 256 24.86 -58.77 14.55
C PHE F 256 25.19 -60.28 14.60
N ARG F 257 26.45 -60.62 14.35
CA ARG F 257 26.90 -62.02 14.38
C ARG F 257 28.16 -62.25 15.21
N GLY F 258 28.45 -61.34 16.16
CA GLY F 258 29.37 -61.64 17.25
C GLY F 258 30.76 -61.05 17.17
N LEU F 259 31.68 -61.73 17.85
CA LEU F 259 33.04 -61.26 18.08
C LEU F 259 34.00 -61.95 17.13
N TYR F 260 34.75 -61.17 16.35
CA TYR F 260 35.88 -61.69 15.60
C TYR F 260 37.19 -61.40 16.37
N TRP F 261 37.84 -62.47 16.82
CA TRP F 261 39.11 -62.38 17.52
C TRP F 261 39.93 -63.65 17.24
N GLY F 262 40.17 -63.89 15.95
CA GLY F 262 40.85 -65.13 15.48
C GLY F 262 40.31 -66.42 16.06
N GLU F 263 41.19 -67.27 16.59
CA GLU F 263 40.76 -68.54 17.19
C GLU F 263 39.91 -68.42 18.46
N VAL F 264 39.88 -67.25 19.10
CA VAL F 264 38.99 -67.00 20.26
C VAL F 264 37.73 -66.17 19.89
N SER F 265 37.31 -66.26 18.62
CA SER F 265 36.06 -65.66 18.15
C SER F 265 34.84 -66.37 18.75
N SER F 266 33.71 -65.70 18.80
CA SER F 266 32.44 -66.37 19.10
C SER F 266 32.02 -67.30 17.96
N GLU F 267 31.06 -68.18 18.25
CA GLU F 267 30.63 -69.25 17.34
C GLU F 267 30.37 -68.75 15.91
N GLY F 268 31.06 -69.34 14.94
CA GLY F 268 30.87 -69.02 13.54
C GLY F 268 31.53 -67.75 13.03
N ALA F 269 31.93 -66.83 13.91
CA ALA F 269 32.42 -65.52 13.46
C ALA F 269 33.76 -65.62 12.72
N GLN F 270 34.62 -66.55 13.12
CA GLN F 270 35.92 -66.69 12.47
C GLN F 270 35.78 -67.04 10.99
N GLU F 271 35.01 -68.09 10.69
CA GLU F 271 34.66 -68.49 9.30
C GLU F 271 34.00 -67.35 8.52
N LEU F 272 33.02 -66.71 9.15
CA LEU F 272 32.27 -65.59 8.58
C LEU F 272 33.21 -64.55 7.99
N VAL F 273 34.12 -64.07 8.85
CA VAL F 273 35.04 -63.02 8.48
C VAL F 273 36.08 -63.53 7.50
N GLU F 274 36.74 -64.64 7.82
CA GLU F 274 37.88 -65.11 7.03
C GLU F 274 37.55 -65.66 5.64
N ASN F 275 36.31 -66.11 5.43
CA ASN F 275 35.87 -66.56 4.11
C ASN F 275 35.06 -65.53 3.32
N ALA F 276 34.94 -64.30 3.82
CA ALA F 276 34.13 -63.27 3.15
C ALA F 276 34.80 -62.75 1.89
N ASP F 277 33.98 -62.32 0.93
CA ASP F 277 34.46 -61.71 -0.31
C ASP F 277 34.86 -60.26 -0.07
N ALA F 278 34.22 -59.62 0.91
CA ALA F 278 34.52 -58.26 1.27
C ALA F 278 34.39 -58.12 2.79
N ILE F 279 35.44 -57.58 3.41
CA ILE F 279 35.45 -57.27 4.82
C ILE F 279 35.59 -55.77 4.94
N LEU F 280 34.58 -55.10 5.48
CA LEU F 280 34.62 -53.67 5.70
C LEU F 280 35.05 -53.38 7.16
N CYS F 281 36.31 -52.98 7.35
CA CYS F 281 36.86 -52.70 8.68
C CYS F 281 36.65 -51.24 9.04
N LEU F 282 35.82 -51.00 10.04
CA LEU F 282 35.51 -49.67 10.51
C LEU F 282 36.41 -49.31 11.70
N ALA F 283 37.44 -48.51 11.43
CA ALA F 283 38.38 -47.98 12.43
C ALA F 283 39.07 -49.05 13.30
N PRO F 284 39.71 -50.05 12.67
CA PRO F 284 40.38 -51.10 13.39
C PRO F 284 41.70 -50.67 14.00
N VAL F 285 42.11 -51.36 15.06
CA VAL F 285 43.49 -51.31 15.58
C VAL F 285 43.96 -52.75 15.61
N PHE F 286 44.82 -53.11 14.65
CA PHE F 286 45.32 -54.47 14.51
C PHE F 286 46.68 -54.55 15.21
N ASN F 287 46.68 -54.56 16.53
CA ASN F 287 47.89 -54.76 17.30
C ASN F 287 48.15 -56.25 17.53
N ASP F 288 49.23 -56.57 18.24
CA ASP F 288 49.60 -57.96 18.49
C ASP F 288 48.58 -58.76 19.33
N TYR F 289 47.87 -58.08 20.23
CA TYR F 289 46.89 -58.72 21.10
C TYR F 289 45.58 -58.97 20.34
N ALA F 290 45.15 -57.97 19.57
CA ALA F 290 43.96 -58.08 18.70
C ALA F 290 44.07 -59.12 17.57
N THR F 291 45.28 -59.34 17.05
CA THR F 291 45.52 -60.36 16.01
C THR F 291 45.92 -61.72 16.54
N VAL F 292 45.91 -61.88 17.87
CA VAL F 292 46.31 -63.14 18.52
C VAL F 292 47.73 -63.52 18.09
N GLY F 293 48.65 -62.56 18.22
CA GLY F 293 50.06 -62.79 17.89
C GLY F 293 50.35 -62.81 16.40
N TRP F 294 49.70 -61.92 15.66
CA TRP F 294 49.81 -61.83 14.19
C TRP F 294 49.23 -63.03 13.43
N ASN F 295 48.46 -63.90 14.08
CA ASN F 295 47.86 -65.06 13.43
C ASN F 295 46.56 -64.76 12.66
N SER F 296 45.81 -63.74 13.10
CA SER F 296 44.48 -63.42 12.56
C SER F 296 44.36 -61.91 12.26
N TRP F 297 44.83 -61.54 11.08
CA TRP F 297 44.95 -60.15 10.67
C TRP F 297 44.40 -60.06 9.24
N PRO F 298 43.10 -59.69 9.11
CA PRO F 298 42.52 -59.55 7.76
C PRO F 298 43.21 -58.47 6.94
N LYS F 299 43.76 -58.87 5.80
CA LYS F 299 44.37 -57.95 4.86
C LYS F 299 44.32 -58.54 3.44
N GLY F 300 44.64 -57.73 2.44
CA GLY F 300 44.67 -58.18 1.04
C GLY F 300 43.50 -57.66 0.23
N ASP F 301 43.27 -58.27 -0.94
CA ASP F 301 42.26 -57.83 -1.91
C ASP F 301 40.82 -57.77 -1.37
N ASN F 302 40.47 -58.64 -0.42
N ASN F 302 40.49 -58.65 -0.43
CA ASN F 302 39.10 -58.70 0.10
CA ASN F 302 39.15 -58.74 0.14
C ASN F 302 38.80 -57.74 1.27
C ASN F 302 38.85 -57.79 1.30
N VAL F 303 39.70 -56.79 1.54
CA VAL F 303 39.59 -55.94 2.74
C VAL F 303 39.55 -54.47 2.39
N MET F 304 38.57 -53.77 2.96
CA MET F 304 38.54 -52.32 2.96
C MET F 304 38.82 -51.84 4.39
N VAL F 305 39.79 -50.94 4.53
CA VAL F 305 40.12 -50.36 5.83
C VAL F 305 39.60 -48.93 5.83
N MET F 306 38.66 -48.66 6.72
CA MET F 306 38.14 -47.30 6.90
C MET F 306 38.73 -46.76 8.19
N ASP F 307 39.78 -45.95 8.09
CA ASP F 307 40.41 -45.31 9.25
C ASP F 307 39.58 -44.07 9.58
N THR F 308 39.93 -43.36 10.65
CA THR F 308 39.21 -42.14 11.04
C THR F 308 39.18 -41.05 9.95
N ASP F 309 40.21 -41.00 9.11
CA ASP F 309 40.34 -39.94 8.09
C ASP F 309 40.76 -40.44 6.70
N ARG F 310 40.59 -41.73 6.44
CA ARG F 310 41.11 -42.36 5.24
C ARG F 310 40.37 -43.65 4.97
N VAL F 311 40.26 -44.03 3.70
CA VAL F 311 39.74 -45.35 3.35
C VAL F 311 40.56 -45.94 2.24
N THR F 312 40.92 -47.21 2.40
CA THR F 312 41.90 -47.87 1.57
C THR F 312 41.36 -49.23 1.14
N PHE F 313 41.31 -49.46 -0.17
CA PHE F 313 40.83 -50.71 -0.76
C PHE F 313 41.09 -50.68 -2.26
N ALA F 314 41.17 -51.87 -2.87
CA ALA F 314 41.32 -52.01 -4.33
C ALA F 314 42.53 -51.22 -4.86
N GLY F 315 43.65 -51.33 -4.16
CA GLY F 315 44.89 -50.65 -4.55
C GLY F 315 44.83 -49.13 -4.57
N GLN F 316 43.90 -48.55 -3.82
CA GLN F 316 43.70 -47.10 -3.78
C GLN F 316 43.48 -46.65 -2.37
N SER F 317 43.74 -45.37 -2.12
CA SER F 317 43.57 -44.80 -0.81
C SER F 317 43.07 -43.37 -0.91
N PHE F 318 41.97 -43.08 -0.21
CA PHE F 318 41.25 -41.83 -0.35
C PHE F 318 41.29 -41.13 1.00
N GLU F 319 41.73 -39.88 1.03
CA GLU F 319 41.82 -39.12 2.28
C GLU F 319 41.17 -37.76 2.05
N GLY F 320 41.30 -36.84 3.01
CA GLY F 320 40.54 -35.59 2.98
C GLY F 320 39.06 -35.83 3.30
N LEU F 321 38.83 -36.89 4.08
CA LEU F 321 37.48 -37.27 4.47
C LEU F 321 37.52 -37.82 5.89
N SER F 322 36.37 -38.17 6.41
CA SER F 322 36.25 -38.80 7.71
C SER F 322 35.45 -40.08 7.54
N LEU F 323 35.64 -41.00 8.47
CA LEU F 323 34.87 -42.23 8.54
C LEU F 323 33.37 -41.89 8.58
N SER F 324 33.03 -40.93 9.43
CA SER F 324 31.70 -40.37 9.55
C SER F 324 31.05 -39.95 8.22
N THR F 325 31.72 -39.07 7.47
CA THR F 325 31.19 -38.58 6.19
C THR F 325 31.29 -39.65 5.08
N PHE F 326 32.33 -40.47 5.07
CA PHE F 326 32.42 -41.53 4.07
C PHE F 326 31.34 -42.59 4.27
N ALA F 327 31.18 -43.08 5.51
CA ALA F 327 30.20 -44.13 5.79
C ALA F 327 28.78 -43.62 5.54
N ALA F 328 28.50 -42.37 5.91
CA ALA F 328 27.20 -41.76 5.62
C ALA F 328 26.93 -41.69 4.11
N ALA F 329 27.95 -41.28 3.35
CA ALA F 329 27.81 -41.22 1.89
C ALA F 329 27.69 -42.62 1.30
N LEU F 330 28.49 -43.57 1.77
CA LEU F 330 28.37 -44.96 1.31
C LEU F 330 27.00 -45.59 1.68
N ALA F 331 26.43 -45.20 2.82
CA ALA F 331 25.08 -45.66 3.21
C ALA F 331 23.94 -45.16 2.30
N GLU F 332 24.25 -44.17 1.46
CA GLU F 332 23.29 -43.62 0.51
C GLU F 332 23.37 -44.33 -0.87
N LYS F 333 24.44 -45.08 -1.12
CA LYS F 333 24.77 -45.60 -2.46
C LYS F 333 25.13 -47.09 -2.55
N ALA F 334 25.40 -47.75 -1.44
CA ALA F 334 25.93 -49.10 -1.47
C ALA F 334 24.88 -50.13 -1.95
N PRO F 335 25.33 -51.22 -2.59
CA PRO F 335 24.39 -52.28 -2.96
C PRO F 335 23.98 -53.09 -1.76
N SER F 336 22.94 -53.91 -1.94
CA SER F 336 22.42 -54.74 -0.87
C SER F 336 23.15 -56.10 -0.91
N ARG F 337 23.62 -56.51 0.27
CA ARG F 337 24.42 -57.73 0.41
C ARG F 337 24.05 -58.52 1.68
N PRO F 338 22.83 -59.09 1.71
CA PRO F 338 22.34 -59.80 2.90
C PRO F 338 22.76 -61.26 3.06
N ALA F 339 23.52 -61.84 2.14
CA ALA F 339 23.80 -63.28 2.17
C ALA F 339 24.43 -63.81 3.48
N THR F 340 25.34 -63.04 4.08
CA THR F 340 25.98 -63.43 5.34
C THR F 340 25.09 -63.40 6.57
N THR F 341 23.87 -62.87 6.44
CA THR F 341 22.86 -62.96 7.50
C THR F 341 21.96 -64.20 7.41
N GLN F 342 21.98 -64.91 6.29
CA GLN F 342 21.03 -66.02 6.05
C GLN F 342 21.33 -67.26 6.89
N GLY F 343 20.36 -67.69 7.69
CA GLY F 343 20.45 -68.92 8.48
C GLY F 343 20.99 -68.79 9.91
N THR F 344 21.84 -67.78 10.15
CA THR F 344 22.55 -67.59 11.41
C THR F 344 21.87 -66.53 12.27
N GLN F 345 22.34 -66.43 13.51
CA GLN F 345 21.85 -65.43 14.47
C GLN F 345 22.98 -64.99 15.39
N ALA F 346 22.72 -63.98 16.21
CA ALA F 346 23.68 -63.49 17.18
C ALA F 346 24.04 -64.60 18.18
N PRO F 347 25.31 -64.64 18.64
CA PRO F 347 25.66 -65.64 19.66
C PRO F 347 24.98 -65.36 20.99
N VAL F 348 24.78 -66.43 21.77
CA VAL F 348 24.15 -66.37 23.08
C VAL F 348 25.22 -66.66 24.11
N LEU F 349 24.91 -66.34 25.37
CA LEU F 349 25.82 -66.59 26.47
C LEU F 349 26.15 -68.08 26.55
N GLY F 350 25.11 -68.92 26.57
CA GLY F 350 25.27 -70.36 26.59
C GLY F 350 25.76 -70.94 27.92
N ILE F 351 25.39 -70.31 29.03
CA ILE F 351 25.78 -70.78 30.35
C ILE F 351 24.54 -71.08 31.18
N GLU F 352 24.33 -72.36 31.50
CA GLU F 352 23.24 -72.78 32.38
C GLU F 352 23.49 -72.37 33.84
N ALA F 353 22.41 -72.08 34.58
CA ALA F 353 22.50 -71.75 36.01
C ALA F 353 23.08 -72.90 36.82
N ALA F 354 24.02 -72.59 37.69
CA ALA F 354 24.63 -73.59 38.58
C ALA F 354 23.70 -73.85 39.75
N GLU F 355 23.91 -74.99 40.41
N GLU F 355 23.94 -74.98 40.42
CA GLU F 355 23.21 -75.27 41.66
CA GLU F 355 23.30 -75.29 41.70
C GLU F 355 23.66 -74.21 42.69
C GLU F 355 23.68 -74.17 42.69
N PRO F 356 22.70 -73.53 43.36
CA PRO F 356 23.04 -72.33 44.16
C PRO F 356 24.11 -72.47 45.26
N ASN F 357 24.27 -73.67 45.83
CA ASN F 357 25.21 -73.88 46.92
C ASN F 357 26.57 -74.48 46.51
N ALA F 358 26.74 -74.80 45.23
CA ALA F 358 28.03 -75.25 44.72
C ALA F 358 29.10 -74.14 44.82
N PRO F 359 30.38 -74.52 44.96
CA PRO F 359 31.46 -73.52 44.86
C PRO F 359 31.36 -72.64 43.60
N LEU F 360 31.47 -71.32 43.78
CA LEU F 360 31.30 -70.37 42.69
C LEU F 360 32.26 -70.67 41.54
N THR F 361 31.74 -70.78 40.33
CA THR F 361 32.58 -70.96 39.13
C THR F 361 32.70 -69.65 38.36
N ASN F 362 33.68 -69.60 37.49
CA ASN F 362 33.91 -68.45 36.61
C ASN F 362 32.72 -68.24 35.70
N ASP F 363 32.14 -69.34 35.20
CA ASP F 363 30.92 -69.31 34.39
C ASP F 363 29.72 -68.74 35.16
N GLU F 364 29.50 -69.20 36.38
CA GLU F 364 28.36 -68.74 37.20
C GLU F 364 28.46 -67.26 37.56
N MET F 365 29.66 -66.82 37.91
CA MET F 365 29.90 -65.40 38.15
C MET F 365 29.57 -64.59 36.89
N THR F 366 30.09 -65.05 35.76
CA THR F 366 29.89 -64.40 34.46
C THR F 366 28.40 -64.33 34.11
N ARG F 367 27.67 -65.41 34.38
CA ARG F 367 26.24 -65.44 34.12
C ARG F 367 25.47 -64.39 34.91
N GLN F 368 25.76 -64.27 36.20
CA GLN F 368 25.07 -63.31 37.06
C GLN F 368 25.42 -61.85 36.74
N ILE F 369 26.67 -61.56 36.41
CA ILE F 369 27.07 -60.21 36.02
C ILE F 369 26.39 -59.85 34.70
N GLN F 370 26.32 -60.80 33.76
CA GLN F 370 25.66 -60.57 32.48
C GLN F 370 24.20 -60.12 32.64
N SER F 371 23.48 -60.73 33.59
CA SER F 371 22.07 -60.37 33.90
C SER F 371 21.85 -58.97 34.42
N LEU F 372 22.89 -58.39 35.01
CA LEU F 372 22.87 -57.01 35.51
C LEU F 372 23.02 -55.94 34.43
N ILE F 373 23.41 -56.32 33.21
CA ILE F 373 23.71 -55.33 32.19
C ILE F 373 22.43 -54.92 31.45
N THR F 374 21.95 -53.71 31.76
CA THR F 374 20.80 -53.11 31.08
C THR F 374 21.27 -52.12 30.02
N SER F 375 20.31 -51.55 29.29
CA SER F 375 20.57 -50.52 28.30
C SER F 375 21.22 -49.24 28.83
N ASP F 376 21.05 -48.95 30.11
N ASP F 376 21.06 -48.92 30.11
CA ASP F 376 21.68 -47.80 30.76
CA ASP F 376 21.74 -47.78 30.72
C ASP F 376 22.77 -48.23 31.76
C ASP F 376 22.78 -48.22 31.76
N THR F 377 23.49 -49.31 31.45
CA THR F 377 24.60 -49.80 32.26
C THR F 377 25.92 -49.50 31.55
N THR F 378 26.92 -49.11 32.33
CA THR F 378 28.31 -49.06 31.88
C THR F 378 29.13 -50.13 32.63
N LEU F 379 29.79 -51.01 31.88
CA LEU F 379 30.63 -52.08 32.42
C LEU F 379 32.10 -51.77 32.14
N THR F 380 32.89 -51.61 33.20
CA THR F 380 34.36 -51.44 33.09
C THR F 380 35.08 -52.78 33.36
N ALA F 381 35.79 -53.30 32.35
CA ALA F 381 36.43 -54.60 32.42
C ALA F 381 37.94 -54.47 32.38
N GLU F 382 38.59 -54.89 33.45
CA GLU F 382 40.03 -54.79 33.62
C GLU F 382 40.82 -55.78 32.74
N THR F 383 42.07 -55.43 32.43
CA THR F 383 43.05 -56.38 31.88
C THR F 383 43.20 -57.58 32.80
N GLY F 384 43.19 -58.77 32.23
CA GLY F 384 43.05 -60.00 32.98
C GLY F 384 42.01 -60.90 32.35
N ASP F 385 41.57 -61.92 33.09
CA ASP F 385 40.54 -62.82 32.57
C ASP F 385 39.20 -62.11 32.36
N SER F 386 38.98 -60.98 33.04
CA SER F 386 37.85 -60.10 32.80
C SER F 386 37.69 -59.63 31.33
N TRP F 387 38.80 -59.47 30.60
CA TRP F 387 38.74 -59.26 29.15
C TRP F 387 37.96 -60.36 28.44
N PHE F 388 38.20 -61.60 28.87
CA PHE F 388 37.61 -62.77 28.22
C PHE F 388 36.19 -63.07 28.68
N ASN F 389 35.88 -62.80 29.95
CA ASN F 389 34.51 -62.86 30.44
C ASN F 389 33.63 -61.77 29.82
N ALA F 390 34.10 -60.54 29.83
CA ALA F 390 33.38 -59.46 29.18
C ALA F 390 33.12 -59.74 27.70
N SER F 391 34.13 -60.23 26.98
N SER F 391 34.14 -60.24 26.99
CA SER F 391 34.01 -60.50 25.54
CA SER F 391 34.03 -60.51 25.55
C SER F 391 32.98 -61.58 25.16
C SER F 391 33.08 -61.66 25.13
N ARG F 392 32.68 -62.52 26.06
CA ARG F 392 31.66 -63.56 25.76
C ARG F 392 30.27 -63.26 26.29
N MET F 393 30.05 -62.05 26.81
CA MET F 393 28.75 -61.60 27.29
C MET F 393 27.98 -60.84 26.21
N PRO F 394 26.77 -61.31 25.82
CA PRO F 394 25.87 -60.45 25.04
C PRO F 394 25.40 -59.28 25.88
N ILE F 395 25.29 -58.10 25.30
CA ILE F 395 24.80 -56.93 26.03
C ILE F 395 23.70 -56.29 25.21
N PRO F 396 22.70 -55.69 25.87
CA PRO F 396 21.63 -55.06 25.12
C PRO F 396 22.09 -53.72 24.54
N GLY F 397 21.34 -53.22 23.55
CA GLY F 397 21.66 -51.97 22.87
C GLY F 397 21.59 -50.82 23.85
N GLY F 398 22.54 -49.90 23.76
CA GLY F 398 22.65 -48.80 24.72
C GLY F 398 23.68 -49.05 25.82
N ALA F 399 23.87 -50.30 26.22
CA ALA F 399 24.91 -50.68 27.21
C ALA F 399 26.31 -50.28 26.72
N ARG F 400 27.16 -49.86 27.66
CA ARG F 400 28.50 -49.43 27.38
C ARG F 400 29.49 -50.36 28.07
N VAL F 401 30.51 -50.78 27.33
CA VAL F 401 31.60 -51.56 27.88
C VAL F 401 32.88 -50.75 27.70
N GLU F 402 33.67 -50.66 28.76
CA GLU F 402 34.95 -49.98 28.66
C GLU F 402 36.08 -50.98 28.86
N LEU F 403 36.93 -51.05 27.84
CA LEU F 403 38.11 -51.88 27.84
C LEU F 403 39.30 -50.99 27.55
N GLU F 404 40.46 -51.43 28.01
CA GLU F 404 41.68 -50.66 27.83
C GLU F 404 42.72 -51.59 27.22
N MET F 405 42.42 -52.09 26.01
CA MET F 405 43.21 -53.17 25.37
C MET F 405 44.45 -52.76 24.58
N GLN F 406 44.62 -51.48 24.25
CA GLN F 406 45.87 -51.01 23.67
C GLN F 406 46.92 -50.74 24.78
N TRP F 407 46.54 -49.96 25.80
CA TRP F 407 47.45 -49.61 26.89
C TRP F 407 47.66 -50.78 27.84
N GLY F 408 46.56 -51.29 28.38
CA GLY F 408 46.56 -52.51 29.19
C GLY F 408 47.24 -52.41 30.54
N HIS F 409 47.10 -51.26 31.19
CA HIS F 409 47.68 -51.01 32.50
C HIS F 409 46.76 -51.61 33.59
N ILE F 410 47.20 -52.67 34.25
CA ILE F 410 46.40 -53.23 35.34
C ILE F 410 46.19 -52.21 36.45
N GLY F 411 45.00 -52.21 37.03
CA GLY F 411 44.58 -51.21 38.01
C GLY F 411 43.86 -50.02 37.41
N TRP F 412 43.96 -49.83 36.09
CA TRP F 412 43.21 -48.77 35.38
C TRP F 412 41.72 -48.75 35.75
N SER F 413 41.11 -49.93 35.88
CA SER F 413 39.67 -50.06 36.04
C SER F 413 39.09 -49.34 37.27
N VAL F 414 39.81 -49.30 38.38
CA VAL F 414 39.27 -48.71 39.61
C VAL F 414 39.11 -47.18 39.47
N PRO F 415 40.19 -46.43 39.21
CA PRO F 415 40.01 -45.00 38.97
C PRO F 415 39.18 -44.68 37.71
N SER F 416 39.29 -45.48 36.65
CA SER F 416 38.51 -45.20 35.43
C SER F 416 37.02 -45.35 35.69
N ALA F 417 36.64 -46.41 36.41
CA ALA F 417 35.23 -46.60 36.78
C ALA F 417 34.72 -45.45 37.65
N PHE F 418 35.55 -44.99 38.59
CA PHE F 418 35.24 -43.84 39.44
C PHE F 418 34.95 -42.57 38.60
N GLY F 419 35.87 -42.21 37.73
CA GLY F 419 35.69 -41.04 36.86
C GLY F 419 34.53 -41.17 35.90
N ASN F 420 34.35 -42.37 35.34
CA ASN F 420 33.24 -42.67 34.47
C ASN F 420 31.89 -42.52 35.18
N ALA F 421 31.78 -43.09 36.37
CA ALA F 421 30.59 -42.95 37.19
C ALA F 421 30.32 -41.49 37.66
N VAL F 422 31.38 -40.73 37.93
CA VAL F 422 31.22 -39.31 38.23
C VAL F 422 30.65 -38.56 37.02
N GLY F 423 31.09 -38.92 35.82
CA GLY F 423 30.69 -38.24 34.59
C GLY F 423 29.36 -38.68 34.00
N SER F 424 28.87 -39.84 34.42
CA SER F 424 27.59 -40.36 33.95
C SER F 424 26.81 -41.03 35.09
N PRO F 425 26.44 -40.24 36.12
CA PRO F 425 25.81 -40.80 37.33
C PRO F 425 24.39 -41.35 37.15
N GLU F 426 23.76 -41.02 36.03
CA GLU F 426 22.44 -41.57 35.67
C GLU F 426 22.49 -43.04 35.26
N ARG F 427 23.68 -43.56 34.94
CA ARG F 427 23.82 -44.96 34.53
C ARG F 427 24.06 -45.89 35.73
N ARG F 428 23.74 -47.17 35.55
CA ARG F 428 24.26 -48.22 36.42
C ARG F 428 25.75 -48.48 36.08
N HIS F 429 26.61 -48.44 37.09
CA HIS F 429 28.05 -48.67 36.89
C HIS F 429 28.54 -49.95 37.54
N ILE F 430 29.08 -50.84 36.70
N ILE F 430 29.01 -50.88 36.69
CA ILE F 430 29.55 -52.14 37.11
CA ILE F 430 29.54 -52.18 37.10
C ILE F 430 31.02 -52.25 36.73
C ILE F 430 31.02 -52.22 36.75
N MET F 431 31.78 -52.98 37.53
CA MET F 431 33.22 -53.16 37.35
C MET F 431 33.57 -54.62 37.50
N MET F 432 34.42 -55.15 36.61
CA MET F 432 35.11 -56.43 36.83
C MET F 432 36.61 -56.15 36.94
N VAL F 433 37.20 -56.51 38.07
CA VAL F 433 38.62 -56.24 38.34
C VAL F 433 39.24 -57.45 39.04
N GLY F 434 40.42 -57.86 38.60
CA GLY F 434 41.14 -58.94 39.26
C GLY F 434 41.82 -58.49 40.54
N ASP F 435 42.21 -59.47 41.36
CA ASP F 435 42.91 -59.20 42.63
C ASP F 435 44.25 -58.50 42.40
N GLY F 436 45.01 -58.96 41.42
CA GLY F 436 46.27 -58.34 41.06
C GLY F 436 46.14 -56.87 40.70
N SER F 437 45.21 -56.60 39.79
CA SER F 437 44.93 -55.24 39.31
C SER F 437 44.49 -54.33 40.41
N PHE F 438 43.61 -54.84 41.27
CA PHE F 438 43.05 -54.06 42.37
C PHE F 438 44.11 -53.48 43.29
N GLN F 439 45.15 -54.26 43.56
CA GLN F 439 46.20 -53.85 44.49
C GLN F 439 47.02 -52.63 44.04
N LEU F 440 47.09 -52.37 42.72
CA LEU F 440 47.81 -51.19 42.21
C LEU F 440 47.14 -49.87 42.51
N THR F 441 45.81 -49.88 42.57
CA THR F 441 45.00 -48.66 42.58
C THR F 441 43.85 -48.69 43.59
N ALA F 442 43.86 -49.65 44.51
CA ALA F 442 42.77 -49.90 45.47
C ALA F 442 42.27 -48.68 46.24
N GLN F 443 43.19 -47.77 46.57
CA GLN F 443 42.84 -46.60 47.39
C GLN F 443 41.80 -45.66 46.76
N GLU F 444 41.64 -45.70 45.43
CA GLU F 444 40.62 -44.86 44.80
C GLU F 444 39.16 -45.32 45.08
N VAL F 445 38.99 -46.54 45.59
CA VAL F 445 37.68 -46.94 46.14
C VAL F 445 37.27 -46.02 47.30
N ALA F 446 38.24 -45.55 48.08
CA ALA F 446 37.97 -44.60 49.15
C ALA F 446 37.40 -43.28 48.62
N GLN F 447 37.78 -42.89 47.41
CA GLN F 447 37.22 -41.70 46.76
C GLN F 447 35.81 -41.97 46.24
N MET F 448 35.52 -43.19 45.79
CA MET F 448 34.13 -43.60 45.49
C MET F 448 33.24 -43.43 46.73
N ILE F 449 33.79 -43.79 47.89
CA ILE F 449 33.08 -43.65 49.15
C ILE F 449 32.91 -42.19 49.51
N ARG F 450 34.00 -41.44 49.41
CA ARG F 450 33.96 -40.03 49.73
C ARG F 450 32.86 -39.27 48.94
N TYR F 451 32.81 -39.52 47.64
CA TYR F 451 31.92 -38.80 46.72
C TYR F 451 30.57 -39.51 46.50
N GLU F 452 30.34 -40.62 47.20
CA GLU F 452 29.09 -41.39 47.19
C GLU F 452 28.75 -41.92 45.80
N ILE F 453 29.71 -42.59 45.19
CA ILE F 453 29.62 -43.08 43.82
C ILE F 453 29.29 -44.59 43.85
N PRO F 454 28.07 -44.99 43.43
CA PRO F 454 27.64 -46.38 43.63
C PRO F 454 28.15 -47.41 42.61
N VAL F 455 29.46 -47.56 42.46
CA VAL F 455 29.99 -48.56 41.52
C VAL F 455 29.86 -49.95 42.16
N ILE F 456 29.33 -50.90 41.42
CA ILE F 456 29.31 -52.29 41.88
C ILE F 456 30.59 -52.97 41.36
N ILE F 457 31.48 -53.33 42.28
CA ILE F 457 32.80 -53.85 41.93
C ILE F 457 32.80 -55.36 42.16
N PHE F 458 32.95 -56.12 41.08
CA PHE F 458 33.16 -57.56 41.16
C PHE F 458 34.66 -57.79 41.14
N LEU F 459 35.21 -58.17 42.31
CA LEU F 459 36.63 -58.43 42.51
C LEU F 459 36.84 -59.92 42.34
N ILE F 460 37.59 -60.36 41.33
CA ILE F 460 37.81 -61.79 41.11
C ILE F 460 39.07 -62.17 41.89
N ASN F 461 38.88 -62.77 43.05
CA ASN F 461 40.01 -63.24 43.84
C ASN F 461 40.36 -64.65 43.40
N ASN F 462 41.24 -64.75 42.41
CA ASN F 462 41.83 -66.05 42.01
C ASN F 462 43.29 -66.29 42.49
N ARG F 463 43.73 -65.52 43.49
N ARG F 463 43.73 -65.51 43.48
CA ARG F 463 45.04 -65.68 44.14
CA ARG F 463 45.02 -65.68 44.15
C ARG F 463 46.24 -65.56 43.20
C ARG F 463 46.24 -65.54 43.22
N GLY F 464 46.26 -64.50 42.39
CA GLY F 464 47.39 -64.21 41.52
C GLY F 464 47.04 -63.66 40.16
N TYR F 465 48.09 -63.52 39.36
CA TYR F 465 48.02 -63.03 38.01
C TYR F 465 47.73 -64.21 37.03
N VAL F 466 46.46 -64.59 36.89
CA VAL F 466 46.08 -65.75 36.07
C VAL F 466 46.39 -65.60 34.56
N ILE F 467 46.10 -64.45 33.96
CA ILE F 467 46.47 -64.23 32.54
C ILE F 467 47.97 -64.37 32.30
N GLU F 468 48.78 -63.86 33.24
CA GLU F 468 50.23 -64.04 33.18
C GLU F 468 50.64 -65.50 33.39
N ILE F 469 49.96 -66.21 34.29
CA ILE F 469 50.19 -67.66 34.43
C ILE F 469 49.94 -68.40 33.11
N ALA F 470 48.92 -67.96 32.35
CA ALA F 470 48.61 -68.55 31.05
C ALA F 470 49.65 -68.24 29.96
N ILE F 471 50.38 -67.14 30.10
CA ILE F 471 51.46 -66.79 29.17
C ILE F 471 52.77 -67.52 29.53
N HIS F 472 53.18 -67.41 30.79
CA HIS F 472 54.46 -67.94 31.27
C HIS F 472 54.47 -67.95 32.80
N ASP F 473 54.34 -69.12 33.41
CA ASP F 473 54.23 -69.24 34.86
C ASP F 473 55.60 -69.08 35.57
N GLY F 474 55.54 -68.56 36.80
CA GLY F 474 56.71 -68.37 37.67
C GLY F 474 56.29 -67.70 38.97
N PRO F 475 57.22 -67.59 39.94
CA PRO F 475 56.86 -67.07 41.27
C PRO F 475 56.37 -65.60 41.29
N TYR F 476 56.78 -64.83 40.30
CA TYR F 476 56.29 -63.44 40.11
C TYR F 476 54.77 -63.27 39.90
N ASN F 477 54.07 -64.38 39.65
CA ASN F 477 52.63 -64.35 39.42
C ASN F 477 51.78 -64.55 40.65
N TYR F 478 52.41 -64.76 41.81
CA TYR F 478 51.68 -65.09 43.03
C TYR F 478 51.84 -63.92 43.99
N ILE F 479 50.71 -63.45 44.52
CA ILE F 479 50.67 -62.21 45.29
C ILE F 479 50.15 -62.48 46.69
N LYS F 480 50.42 -61.55 47.60
CA LYS F 480 49.83 -61.55 48.94
C LYS F 480 48.33 -61.38 48.84
N ASN F 481 47.60 -62.29 49.48
CA ASN F 481 46.16 -62.18 49.55
C ASN F 481 45.75 -61.14 50.60
N TRP F 482 44.73 -60.36 50.28
CA TRP F 482 44.12 -59.39 51.19
C TRP F 482 42.69 -59.83 51.51
N ASN F 483 42.14 -59.32 52.61
CA ASN F 483 40.70 -59.41 52.85
C ASN F 483 40.05 -58.26 52.08
N TYR F 484 39.87 -58.47 50.78
CA TYR F 484 39.40 -57.39 49.92
C TYR F 484 38.06 -56.82 50.41
N ALA F 485 37.12 -57.68 50.78
CA ALA F 485 35.82 -57.22 51.28
C ALA F 485 35.96 -56.30 52.50
N GLY F 486 36.85 -56.66 53.42
CA GLY F 486 37.09 -55.89 54.65
C GLY F 486 37.74 -54.53 54.48
N LEU F 487 38.41 -54.34 53.35
CA LEU F 487 39.00 -53.06 53.02
C LEU F 487 37.98 -51.93 52.97
N ILE F 488 36.74 -52.26 52.62
CA ILE F 488 35.69 -51.26 52.50
C ILE F 488 35.37 -50.60 53.84
N ASP F 489 35.27 -51.38 54.91
CA ASP F 489 35.03 -50.77 56.23
C ASP F 489 36.21 -49.92 56.73
N VAL F 490 37.44 -50.27 56.34
CA VAL F 490 38.62 -49.41 56.60
C VAL F 490 38.47 -48.02 55.94
N PHE F 491 38.13 -48.00 54.65
CA PHE F 491 37.91 -46.74 53.93
C PHE F 491 36.69 -45.96 54.41
N ASN F 492 35.62 -46.68 54.79
CA ASN F 492 34.42 -46.04 55.37
C ASN F 492 34.75 -45.24 56.62
N ASP F 493 35.48 -45.88 57.53
CA ASP F 493 35.72 -45.33 58.86
C ASP F 493 34.37 -45.05 59.56
N GLU F 494 34.16 -43.89 60.19
CA GLU F 494 32.84 -43.60 60.79
C GLU F 494 31.87 -43.02 59.76
N ASP F 495 32.38 -42.58 58.60
CA ASP F 495 31.69 -41.64 57.74
C ASP F 495 31.77 -42.11 56.27
N GLY F 496 30.94 -43.08 55.91
CA GLY F 496 31.03 -43.69 54.57
C GLY F 496 30.02 -44.81 54.34
N HIS F 497 29.52 -44.94 53.12
CA HIS F 497 28.46 -45.90 52.81
C HIS F 497 28.86 -46.99 51.82
N GLY F 498 30.14 -47.33 51.80
CA GLY F 498 30.61 -48.48 51.03
C GLY F 498 30.11 -49.76 51.66
N LEU F 499 30.04 -50.83 50.86
CA LEU F 499 29.73 -52.17 51.36
C LEU F 499 30.77 -53.15 50.82
N GLY F 500 31.26 -54.03 51.70
CA GLY F 500 32.19 -55.07 51.30
C GLY F 500 31.57 -56.42 51.60
N LEU F 501 31.48 -57.27 50.59
CA LEU F 501 30.77 -58.54 50.71
C LEU F 501 31.57 -59.66 50.06
N LYS F 502 31.43 -60.87 50.59
CA LYS F 502 32.12 -62.05 50.06
C LYS F 502 31.13 -62.98 49.33
N ALA F 503 31.58 -63.59 48.23
CA ALA F 503 30.73 -64.55 47.52
C ALA F 503 31.53 -65.78 47.14
N SER F 504 31.17 -66.91 47.72
CA SER F 504 31.81 -68.19 47.38
C SER F 504 30.85 -69.20 46.73
N THR F 505 29.58 -68.82 46.55
CA THR F 505 28.62 -69.65 45.83
C THR F 505 27.69 -68.78 45.01
N GLY F 506 26.96 -69.41 44.12
CA GLY F 506 25.92 -68.74 43.34
C GLY F 506 24.91 -67.99 44.19
N ALA F 507 24.44 -68.62 45.26
CA ALA F 507 23.44 -68.00 46.14
C ALA F 507 24.00 -66.80 46.90
N GLU F 508 25.23 -66.91 47.40
CA GLU F 508 25.86 -65.76 48.08
C GLU F 508 26.10 -64.61 47.09
N LEU F 509 26.49 -64.92 45.85
CA LEU F 509 26.64 -63.89 44.81
C LEU F 509 25.29 -63.22 44.49
N GLU F 510 24.24 -64.02 44.39
CA GLU F 510 22.91 -63.49 44.13
C GLU F 510 22.50 -62.54 45.28
N GLY F 511 22.65 -62.98 46.53
CA GLY F 511 22.37 -62.15 47.71
C GLY F 511 23.21 -60.87 47.76
N ALA F 512 24.51 -61.00 47.46
CA ALA F 512 25.37 -59.83 47.43
C ALA F 512 24.94 -58.83 46.33
N ILE F 513 24.52 -59.34 45.19
CA ILE F 513 24.11 -58.45 44.09
C ILE F 513 22.86 -57.63 44.48
N LYS F 514 21.88 -58.26 45.13
CA LYS F 514 20.71 -57.51 45.66
C LYS F 514 21.08 -56.38 46.62
N LYS F 515 22.00 -56.65 47.55
CA LYS F 515 22.48 -55.60 48.45
C LYS F 515 23.22 -54.48 47.74
N ALA F 516 23.98 -54.82 46.71
CA ALA F 516 24.73 -53.83 45.94
C ALA F 516 23.80 -52.86 45.21
N LEU F 517 22.76 -53.41 44.58
CA LEU F 517 21.76 -52.59 43.88
C LEU F 517 21.05 -51.63 44.83
N ASP F 518 20.78 -52.08 46.06
CA ASP F 518 20.14 -51.24 47.08
C ASP F 518 21.04 -50.17 47.71
N ASN F 519 22.35 -50.36 47.66
CA ASN F 519 23.30 -49.39 48.22
C ASN F 519 23.58 -48.29 47.19
N ARG F 520 22.85 -47.18 47.30
CA ARG F 520 22.92 -46.09 46.32
C ARG F 520 23.84 -44.94 46.74
N ARG F 521 24.44 -45.02 47.92
CA ARG F 521 25.30 -43.94 48.40
C ARG F 521 26.79 -44.30 48.49
N GLY F 522 27.15 -45.45 47.96
CA GLY F 522 28.56 -45.78 47.90
C GLY F 522 28.81 -47.03 47.08
N PRO F 523 30.09 -47.35 46.88
CA PRO F 523 30.43 -48.54 46.13
C PRO F 523 30.13 -49.79 46.92
N THR F 524 29.94 -50.88 46.20
CA THR F 524 29.82 -52.20 46.79
C THR F 524 30.86 -53.09 46.15
N LEU F 525 31.76 -53.63 46.97
CA LEU F 525 32.76 -54.55 46.51
C LEU F 525 32.29 -55.95 46.85
N ILE F 526 32.23 -56.82 45.84
CA ILE F 526 31.85 -58.20 46.00
C ILE F 526 33.06 -59.04 45.65
N GLU F 527 33.68 -59.60 46.69
CA GLU F 527 34.87 -60.42 46.54
C GLU F 527 34.42 -61.82 46.14
N CYS F 528 34.68 -62.19 44.89
CA CYS F 528 34.30 -63.50 44.37
C CYS F 528 35.47 -64.48 44.47
N ASN F 529 35.24 -65.58 45.18
CA ASN F 529 36.20 -66.67 45.33
C ASN F 529 36.15 -67.55 44.08
N ILE F 530 37.11 -67.37 43.19
CA ILE F 530 37.21 -68.16 41.96
C ILE F 530 38.51 -68.95 42.02
N ALA F 531 38.47 -70.25 41.70
CA ALA F 531 39.70 -71.06 41.73
C ALA F 531 40.68 -70.60 40.64
N GLN F 532 41.96 -70.69 40.97
CA GLN F 532 43.06 -70.30 40.09
C GLN F 532 43.04 -71.07 38.75
N ASP F 533 42.63 -72.34 38.81
CA ASP F 533 42.46 -73.21 37.63
C ASP F 533 41.25 -72.90 36.76
N ASP F 534 40.33 -72.09 37.27
CA ASP F 534 39.01 -71.93 36.66
C ASP F 534 38.97 -70.61 35.91
N CYS F 535 39.75 -70.56 34.83
CA CYS F 535 39.77 -69.41 33.95
C CYS F 535 39.19 -69.86 32.62
N THR F 536 38.86 -68.91 31.76
CA THR F 536 38.24 -69.21 30.48
C THR F 536 39.21 -70.00 29.58
N GLU F 537 38.65 -70.90 28.79
CA GLU F 537 39.42 -71.64 27.79
C GLU F 537 39.98 -70.71 26.72
N THR F 538 39.28 -69.62 26.43
CA THR F 538 39.73 -68.64 25.47
C THR F 538 41.00 -67.94 25.95
N LEU F 539 41.07 -67.57 27.23
CA LEU F 539 42.32 -67.04 27.81
C LEU F 539 43.51 -67.97 27.55
N ILE F 540 43.30 -69.26 27.81
CA ILE F 540 44.39 -70.24 27.69
C ILE F 540 44.89 -70.34 26.24
N ALA F 541 43.98 -70.42 25.27
CA ALA F 541 44.38 -70.51 23.87
C ALA F 541 45.11 -69.25 23.39
N TRP F 542 44.55 -68.09 23.73
CA TRP F 542 45.13 -66.79 23.39
C TRP F 542 46.52 -66.60 23.99
N GLY F 543 46.69 -67.00 25.25
CA GLY F 543 47.96 -66.91 25.95
C GLY F 543 49.11 -67.72 25.36
N LYS F 544 48.80 -68.88 24.79
CA LYS F 544 49.82 -69.68 24.09
C LYS F 544 50.33 -68.96 22.85
N ARG F 545 49.42 -68.32 22.12
CA ARG F 545 49.81 -67.61 20.90
C ARG F 545 50.65 -66.37 21.21
N VAL F 546 50.28 -65.66 22.27
CA VAL F 546 51.04 -64.50 22.74
C VAL F 546 52.43 -64.88 23.23
N ALA F 547 52.53 -65.91 24.06
CA ALA F 547 53.83 -66.42 24.51
C ALA F 547 54.77 -66.76 23.35
N ALA F 548 54.26 -67.51 22.37
CA ALA F 548 55.06 -67.93 21.21
C ALA F 548 55.52 -66.74 20.36
N THR F 549 54.61 -65.79 20.14
CA THR F 549 54.92 -64.59 19.36
C THR F 549 55.93 -63.67 20.07
N ASN F 550 55.71 -63.41 21.35
CA ASN F 550 56.65 -62.61 22.17
C ASN F 550 58.06 -63.16 22.24
N SER F 551 58.19 -64.48 22.24
CA SER F 551 59.48 -65.14 22.41
C SER F 551 60.19 -65.54 21.11
N ARG F 552 59.59 -65.31 19.95
N ARG F 552 59.58 -65.30 19.95
CA ARG F 552 60.18 -65.76 18.68
CA ARG F 552 60.18 -65.73 18.67
C ARG F 552 61.56 -65.14 18.51
C ARG F 552 61.58 -65.13 18.51
N LYS F 553 62.53 -65.97 18.15
CA LYS F 553 63.96 -65.64 18.31
C LYS F 553 64.45 -64.56 17.34
N PRO F 554 65.56 -63.86 17.68
CA PRO F 554 66.06 -62.82 16.76
C PRO F 554 66.49 -63.36 15.40
N GLN F 555 66.69 -62.44 14.44
CA GLN F 555 67.44 -62.73 13.21
C GLN F 555 68.93 -62.70 13.53
N MET G 1 53.57 -50.92 -12.05
CA MET G 1 54.25 -50.95 -10.73
C MET G 1 54.23 -49.53 -10.14
N TYR G 2 53.45 -49.35 -9.08
CA TYR G 2 53.32 -48.07 -8.40
C TYR G 2 53.99 -48.16 -7.03
N THR G 3 54.85 -47.20 -6.72
CA THR G 3 55.72 -47.28 -5.53
C THR G 3 55.45 -46.18 -4.53
N VAL G 4 56.07 -46.34 -3.36
CA VAL G 4 55.97 -45.34 -2.28
C VAL G 4 56.46 -43.97 -2.75
N GLY G 5 57.58 -43.93 -3.46
CA GLY G 5 58.13 -42.68 -3.98
C GLY G 5 57.22 -42.00 -5.00
N MET G 6 56.58 -42.80 -5.83
CA MET G 6 55.57 -42.29 -6.77
C MET G 6 54.37 -41.71 -6.03
N TYR G 7 53.96 -42.35 -4.92
CA TYR G 7 52.89 -41.82 -4.09
C TYR G 7 53.26 -40.43 -3.60
N LEU G 8 54.47 -40.30 -3.03
CA LEU G 8 54.99 -39.02 -2.58
C LEU G 8 54.98 -37.99 -3.68
N ALA G 9 55.58 -38.37 -4.81
CA ALA G 9 55.69 -37.46 -5.94
C ALA G 9 54.31 -36.99 -6.42
N GLU G 10 53.37 -37.91 -6.48
CA GLU G 10 52.02 -37.58 -6.92
C GLU G 10 51.34 -36.60 -5.95
N ARG G 11 51.51 -36.83 -4.65
CA ARG G 11 50.99 -35.89 -3.65
C ARG G 11 51.67 -34.53 -3.72
N LEU G 12 52.98 -34.51 -3.91
CA LEU G 12 53.72 -33.26 -4.09
C LEU G 12 53.21 -32.51 -5.32
N ALA G 13 52.97 -33.23 -6.41
CA ALA G 13 52.36 -32.63 -7.61
C ALA G 13 50.94 -32.08 -7.36
N GLN G 14 50.14 -32.76 -6.55
CA GLN G 14 48.81 -32.25 -6.18
C GLN G 14 48.82 -30.98 -5.34
N ILE G 15 49.91 -30.72 -4.61
CA ILE G 15 50.09 -29.46 -3.86
C ILE G 15 50.21 -28.27 -4.82
N GLY G 16 50.66 -28.51 -6.05
CA GLY G 16 50.97 -27.44 -6.98
C GLY G 16 52.46 -27.27 -7.25
N LEU G 17 53.29 -28.19 -6.77
CA LEU G 17 54.73 -28.12 -7.00
C LEU G 17 55.04 -28.54 -8.44
N LYS G 18 55.80 -27.71 -9.15
CA LYS G 18 56.35 -28.06 -10.45
C LYS G 18 57.83 -28.43 -10.36
N HIS G 19 58.44 -28.22 -9.21
CA HIS G 19 59.83 -28.57 -8.98
C HIS G 19 60.02 -29.11 -7.57
N HIS G 20 61.07 -29.91 -7.39
CA HIS G 20 61.59 -30.21 -6.06
C HIS G 20 63.13 -30.19 -6.12
N PHE G 21 63.75 -29.95 -4.97
CA PHE G 21 65.20 -29.73 -4.87
C PHE G 21 65.85 -30.91 -4.18
N ALA G 22 67.04 -31.28 -4.60
CA ALA G 22 67.65 -32.54 -4.15
C ALA G 22 69.17 -32.49 -4.09
N VAL G 23 69.72 -33.24 -3.16
CA VAL G 23 71.13 -33.59 -3.17
C VAL G 23 71.18 -35.08 -3.02
N ALA G 24 71.74 -35.74 -4.03
CA ALA G 24 71.82 -37.20 -4.07
C ALA G 24 72.69 -37.75 -2.94
N GLY G 25 72.31 -38.93 -2.46
CA GLY G 25 73.11 -39.74 -1.53
C GLY G 25 72.56 -41.15 -1.56
N ASP G 26 73.34 -42.15 -1.17
CA ASP G 26 72.92 -43.55 -1.38
C ASP G 26 71.61 -43.98 -0.69
N TYR G 27 71.27 -43.30 0.41
CA TYR G 27 70.01 -43.55 1.10
C TYR G 27 68.77 -42.97 0.39
N ASN G 28 68.96 -42.07 -0.58
CA ASN G 28 67.83 -41.51 -1.33
C ASN G 28 67.81 -41.76 -2.85
N LEU G 29 68.72 -42.59 -3.37
CA LEU G 29 68.85 -42.70 -4.81
C LEU G 29 67.59 -43.32 -5.44
N VAL G 30 67.12 -44.42 -4.86
CA VAL G 30 65.87 -45.07 -5.31
C VAL G 30 64.70 -44.10 -5.22
N LEU G 31 64.60 -43.40 -4.08
CA LEU G 31 63.59 -42.37 -3.91
C LEU G 31 63.63 -41.30 -5.02
N LEU G 32 64.81 -40.78 -5.33
CA LEU G 32 64.94 -39.76 -6.39
C LEU G 32 64.54 -40.30 -7.78
N ASP G 33 64.85 -41.58 -8.06
CA ASP G 33 64.35 -42.26 -9.27
C ASP G 33 62.83 -42.25 -9.36
N GLN G 34 62.15 -42.55 -8.26
CA GLN G 34 60.68 -42.58 -8.24
C GLN G 34 60.15 -41.19 -8.51
N LEU G 35 60.76 -40.19 -7.91
CA LEU G 35 60.39 -38.79 -8.15
C LEU G 35 60.60 -38.32 -9.61
N LEU G 36 61.65 -38.82 -10.25
CA LEU G 36 61.96 -38.48 -11.67
C LEU G 36 60.86 -38.94 -12.64
N LEU G 37 60.18 -40.03 -12.29
CA LEU G 37 59.07 -40.57 -13.09
C LEU G 37 57.82 -39.68 -13.12
N ASN G 38 57.69 -38.74 -12.18
CA ASN G 38 56.53 -37.88 -12.13
C ASN G 38 56.55 -36.80 -13.23
N LYS G 39 55.55 -36.86 -14.11
CA LYS G 39 55.43 -35.94 -15.25
C LYS G 39 55.10 -34.47 -14.89
N ASP G 40 54.68 -34.19 -13.67
CA ASP G 40 54.38 -32.81 -13.26
C ASP G 40 55.59 -32.03 -12.70
N MET G 41 56.66 -32.73 -12.30
CA MET G 41 57.78 -32.08 -11.58
C MET G 41 59.15 -32.24 -12.22
N GLU G 42 59.94 -31.16 -12.24
N GLU G 42 59.96 -31.17 -12.21
CA GLU G 42 61.38 -31.19 -12.55
CA GLU G 42 61.37 -31.25 -12.57
C GLU G 42 62.15 -31.44 -11.25
C GLU G 42 62.22 -31.36 -11.30
N GLN G 43 63.14 -32.31 -11.29
CA GLN G 43 64.03 -32.52 -10.15
C GLN G 43 65.28 -31.62 -10.28
N VAL G 44 65.40 -30.62 -9.42
CA VAL G 44 66.45 -29.60 -9.46
C VAL G 44 67.55 -29.90 -8.43
N TYR G 45 68.81 -29.92 -8.83
CA TYR G 45 69.92 -30.29 -7.93
C TYR G 45 70.65 -29.07 -7.35
N CYS G 46 71.17 -29.23 -6.13
CA CYS G 46 71.81 -28.17 -5.37
C CYS G 46 73.21 -28.61 -4.95
N CYS G 47 74.09 -27.64 -4.69
CA CYS G 47 75.49 -27.90 -4.32
C CYS G 47 75.62 -28.59 -2.96
N ASN G 48 74.98 -28.02 -1.93
CA ASN G 48 74.93 -28.59 -0.58
C ASN G 48 73.52 -28.51 0.04
N GLU G 49 73.32 -29.18 1.16
CA GLU G 49 71.98 -29.34 1.72
C GLU G 49 71.45 -28.09 2.39
N LEU G 50 72.32 -27.24 2.89
CA LEU G 50 71.89 -25.94 3.41
C LEU G 50 71.26 -25.11 2.30
N ASN G 51 71.94 -25.03 1.16
CA ASN G 51 71.42 -24.29 0.00
C ASN G 51 70.16 -24.94 -0.60
N CYS G 52 70.15 -26.27 -0.62
CA CYS G 52 68.98 -27.05 -1.03
C CYS G 52 67.75 -26.68 -0.19
N GLY G 53 67.91 -26.73 1.14
CA GLY G 53 66.88 -26.31 2.06
C GLY G 53 66.41 -24.89 1.85
N PHE G 54 67.33 -23.95 1.73
CA PHE G 54 66.93 -22.56 1.48
C PHE G 54 66.39 -22.29 0.08
N SER G 55 66.72 -23.14 -0.90
CA SER G 55 66.14 -23.06 -2.24
C SER G 55 64.66 -23.47 -2.20
N ALA G 56 64.36 -24.56 -1.50
CA ALA G 56 62.97 -24.95 -1.22
C ALA G 56 62.20 -23.82 -0.51
N GLU G 57 62.83 -23.24 0.51
CA GLU G 57 62.26 -22.11 1.23
C GLU G 57 61.85 -20.97 0.29
N GLY G 58 62.74 -20.60 -0.64
CA GLY G 58 62.44 -19.54 -1.60
C GLY G 58 61.36 -19.92 -2.62
N TYR G 59 61.39 -21.17 -3.08
CA TYR G 59 60.34 -21.76 -3.92
C TYR G 59 58.95 -21.65 -3.27
N ALA G 60 58.89 -21.95 -1.98
CA ALA G 60 57.66 -21.82 -1.20
C ALA G 60 57.16 -20.39 -1.11
N ARG G 61 58.06 -19.41 -1.14
CA ARG G 61 57.66 -18.00 -1.23
C ARG G 61 56.96 -17.68 -2.56
N ALA G 62 57.25 -18.46 -3.59
CA ALA G 62 56.65 -18.29 -4.92
C ALA G 62 55.36 -19.09 -5.06
N ARG G 63 55.42 -20.37 -4.69
CA ARG G 63 54.36 -21.34 -4.97
C ARG G 63 53.49 -21.73 -3.78
N GLY G 64 53.83 -21.24 -2.58
CA GLY G 64 53.11 -21.62 -1.36
C GLY G 64 53.59 -22.88 -0.65
N ALA G 65 54.44 -23.68 -1.29
CA ALA G 65 54.96 -24.89 -0.71
C ALA G 65 56.20 -25.35 -1.47
N ALA G 66 56.88 -26.36 -0.95
CA ALA G 66 58.12 -26.86 -1.54
C ALA G 66 58.59 -28.15 -0.91
N ALA G 67 59.52 -28.81 -1.58
CA ALA G 67 60.09 -30.06 -1.11
C ALA G 67 61.58 -30.13 -1.40
N ALA G 68 62.33 -30.65 -0.42
CA ALA G 68 63.76 -30.88 -0.55
C ALA G 68 64.06 -32.32 -0.15
N ILE G 69 64.81 -33.04 -0.96
CA ILE G 69 65.17 -34.43 -0.69
C ILE G 69 66.67 -34.50 -0.38
N VAL G 70 67.01 -35.12 0.74
CA VAL G 70 68.42 -35.19 1.21
C VAL G 70 68.73 -36.59 1.70
N THR G 71 70.00 -36.85 1.97
CA THR G 71 70.41 -38.16 2.50
C THR G 71 70.48 -38.09 4.02
N PHE G 72 70.53 -39.26 4.65
CA PHE G 72 70.48 -39.37 6.12
C PHE G 72 71.66 -38.65 6.77
N SER G 73 71.37 -37.90 7.84
CA SER G 73 72.38 -37.22 8.72
C SER G 73 73.28 -36.18 8.08
N VAL G 74 74.22 -36.64 7.26
CA VAL G 74 75.17 -35.73 6.63
C VAL G 74 74.44 -34.70 5.77
N GLY G 75 73.31 -35.11 5.19
CA GLY G 75 72.49 -34.21 4.43
C GLY G 75 71.50 -33.49 5.32
N ALA G 76 70.74 -34.25 6.09
CA ALA G 76 69.54 -33.73 6.74
C ALA G 76 69.80 -32.70 7.83
N ILE G 77 70.88 -32.85 8.58
CA ILE G 77 71.19 -31.96 9.70
C ILE G 77 71.44 -30.53 9.21
N SER G 78 72.25 -30.39 8.15
CA SER G 78 72.44 -29.09 7.54
C SER G 78 71.11 -28.51 7.06
N ALA G 79 70.28 -29.37 6.46
CA ALA G 79 68.95 -28.93 6.00
C ALA G 79 68.03 -28.46 7.16
N MET G 80 68.21 -29.00 8.35
CA MET G 80 67.41 -28.59 9.52
C MET G 80 67.55 -27.10 9.83
N ASN G 81 68.69 -26.51 9.46
CA ASN G 81 68.88 -25.09 9.64
C ASN G 81 67.91 -24.32 8.76
N ALA G 82 67.82 -24.72 7.49
CA ALA G 82 66.84 -24.13 6.56
C ALA G 82 65.39 -24.43 6.96
N ILE G 83 65.16 -25.61 7.49
CA ILE G 83 63.83 -25.98 8.01
C ILE G 83 63.45 -25.12 9.20
N GLY G 84 64.38 -24.88 10.11
CA GLY G 84 64.15 -23.93 11.20
C GLY G 84 63.77 -22.57 10.63
N GLY G 85 64.45 -22.17 9.56
CA GLY G 85 64.16 -20.94 8.85
C GLY G 85 62.76 -20.89 8.28
N ALA G 86 62.34 -21.98 7.65
CA ALA G 86 60.97 -22.08 7.11
C ALA G 86 59.92 -22.01 8.25
N TYR G 87 60.22 -22.63 9.39
CA TYR G 87 59.37 -22.53 10.58
C TYR G 87 59.28 -21.08 11.01
N ALA G 88 60.44 -20.43 11.15
CA ALA G 88 60.51 -19.03 11.52
C ALA G 88 59.74 -18.11 10.57
N GLU G 89 59.76 -18.44 9.28
CA GLU G 89 59.15 -17.59 8.25
C GLU G 89 57.78 -18.09 7.76
N ASN G 90 57.22 -19.10 8.42
CA ASN G 90 55.85 -19.60 8.20
C ASN G 90 55.61 -20.17 6.79
N LEU G 91 56.54 -21.01 6.35
CA LEU G 91 56.51 -21.56 5.02
C LEU G 91 56.45 -23.07 5.08
N PRO G 92 55.46 -23.71 4.39
CA PRO G 92 55.40 -25.17 4.31
C PRO G 92 56.44 -25.83 3.37
N VAL G 93 57.67 -26.00 3.88
CA VAL G 93 58.69 -26.78 3.19
C VAL G 93 58.64 -28.20 3.73
N ILE G 94 58.55 -29.19 2.84
CA ILE G 94 58.63 -30.60 3.24
C ILE G 94 60.06 -31.04 3.05
N LEU G 95 60.68 -31.53 4.12
CA LEU G 95 62.02 -32.09 4.05
C LEU G 95 61.88 -33.59 4.03
N ILE G 96 62.38 -34.24 2.99
CA ILE G 96 62.36 -35.69 2.91
C ILE G 96 63.80 -36.24 2.94
N SER G 97 64.05 -37.14 3.88
CA SER G 97 65.34 -37.76 4.03
C SER G 97 65.21 -39.23 3.71
N GLY G 98 66.17 -39.77 2.96
CA GLY G 98 66.40 -41.20 2.91
C GLY G 98 66.90 -41.62 4.29
N SER G 99 66.67 -42.87 4.65
CA SER G 99 67.03 -43.38 5.97
C SER G 99 67.39 -44.85 5.81
N PRO G 100 67.86 -45.51 6.90
CA PRO G 100 68.38 -46.86 6.75
C PRO G 100 67.43 -47.94 6.27
N ASN G 101 68.05 -48.99 5.73
CA ASN G 101 67.36 -50.22 5.38
C ASN G 101 66.60 -50.77 6.59
N THR G 102 65.38 -51.27 6.34
CA THR G 102 64.48 -51.75 7.37
C THR G 102 65.04 -52.94 8.17
N ASN G 103 65.82 -53.78 7.49
CA ASN G 103 66.43 -54.95 8.12
C ASN G 103 67.54 -54.64 9.13
N ASP G 104 68.07 -53.40 9.12
CA ASP G 104 69.07 -52.99 10.11
C ASP G 104 68.47 -52.60 11.47
N TYR G 105 67.18 -52.28 11.50
CA TYR G 105 66.50 -51.92 12.74
C TYR G 105 66.44 -53.14 13.65
N GLY G 106 66.68 -52.92 14.95
CA GLY G 106 66.69 -54.01 15.93
C GLY G 106 67.78 -55.05 15.77
N THR G 107 68.93 -54.68 15.17
CA THR G 107 70.07 -55.61 14.96
C THR G 107 71.34 -55.30 15.76
N GLY G 108 71.61 -54.03 15.99
CA GLY G 108 72.88 -53.57 16.57
C GLY G 108 73.89 -53.08 15.54
N HIS G 109 73.53 -53.10 14.26
CA HIS G 109 74.42 -52.70 13.20
C HIS G 109 74.79 -51.22 13.27
N ILE G 110 76.06 -50.92 13.00
CA ILE G 110 76.55 -49.56 12.90
C ILE G 110 76.53 -49.19 11.43
N LEU G 111 76.02 -48.01 11.11
CA LEU G 111 75.81 -47.63 9.72
C LEU G 111 76.50 -46.33 9.35
N HIS G 112 76.91 -46.24 8.10
CA HIS G 112 77.54 -45.03 7.57
C HIS G 112 76.57 -43.84 7.59
N HIS G 113 77.13 -42.64 7.58
CA HIS G 113 76.40 -41.40 7.89
C HIS G 113 75.62 -41.44 9.22
N THR G 114 76.10 -42.18 10.22
CA THR G 114 75.56 -42.05 11.57
C THR G 114 76.67 -41.72 12.55
N ILE G 115 76.28 -41.34 13.75
CA ILE G 115 77.23 -41.01 14.82
C ILE G 115 77.96 -42.24 15.38
N GLY G 116 77.57 -43.45 14.95
CA GLY G 116 78.29 -44.67 15.27
C GLY G 116 77.72 -45.49 16.40
N THR G 117 76.49 -45.17 16.81
CA THR G 117 75.75 -45.94 17.82
C THR G 117 74.59 -46.69 17.15
N THR G 118 73.87 -47.50 17.93
CA THR G 118 72.74 -48.29 17.42
C THR G 118 71.40 -47.54 17.40
N ASP G 119 71.41 -46.24 17.66
CA ASP G 119 70.24 -45.40 17.51
C ASP G 119 70.22 -44.83 16.08
N TYR G 120 69.18 -45.16 15.32
CA TYR G 120 68.92 -44.51 14.04
C TYR G 120 67.81 -43.47 14.17
N ASN G 121 67.27 -43.27 15.38
CA ASN G 121 66.14 -42.38 15.63
C ASN G 121 66.52 -40.92 15.97
N TYR G 122 67.81 -40.65 16.23
CA TYR G 122 68.25 -39.33 16.66
C TYR G 122 67.91 -38.22 15.70
N GLN G 123 67.93 -38.50 14.40
CA GLN G 123 67.63 -37.47 13.41
C GLN G 123 66.18 -37.04 13.47
N LEU G 124 65.29 -38.02 13.59
CA LEU G 124 63.88 -37.73 13.77
C LEU G 124 63.67 -36.93 15.06
N GLU G 125 64.34 -37.34 16.14
CA GLU G 125 64.16 -36.64 17.42
C GLU G 125 64.66 -35.21 17.37
N MET G 126 65.76 -34.97 16.66
CA MET G 126 66.26 -33.61 16.46
C MET G 126 65.26 -32.77 15.67
N VAL G 127 64.80 -33.32 14.54
CA VAL G 127 64.02 -32.51 13.59
C VAL G 127 62.63 -32.13 14.10
N LYS G 128 62.08 -32.89 15.05
CA LYS G 128 60.78 -32.53 15.65
C LYS G 128 60.77 -31.13 16.27
N HIS G 129 61.92 -30.66 16.75
CA HIS G 129 62.03 -29.34 17.38
C HIS G 129 61.85 -28.18 16.40
N VAL G 130 62.04 -28.44 15.10
CA VAL G 130 61.88 -27.38 14.10
C VAL G 130 60.82 -27.70 13.04
N THR G 131 59.88 -28.59 13.35
CA THR G 131 58.78 -28.96 12.44
C THR G 131 57.42 -29.02 13.15
N CYS G 132 56.35 -28.92 12.36
CA CYS G 132 54.99 -29.11 12.86
C CYS G 132 54.58 -30.56 12.76
N ALA G 133 55.29 -31.36 11.98
CA ALA G 133 54.98 -32.78 11.84
C ALA G 133 56.21 -33.48 11.34
N ALA G 134 56.38 -34.72 11.75
CA ALA G 134 57.59 -35.46 11.49
C ALA G 134 57.31 -36.95 11.61
N GLU G 135 57.58 -37.70 10.54
CA GLU G 135 57.23 -39.11 10.49
C GLU G 135 58.31 -39.93 9.82
N SER G 136 58.37 -41.20 10.19
CA SER G 136 59.30 -42.16 9.64
C SER G 136 58.51 -43.28 8.98
N ILE G 137 58.89 -43.63 7.74
CA ILE G 137 58.22 -44.68 6.97
C ILE G 137 59.14 -45.89 6.80
N VAL G 138 58.71 -47.03 7.37
CA VAL G 138 59.45 -48.30 7.27
C VAL G 138 58.65 -49.46 6.66
N SER G 139 57.49 -49.15 6.09
CA SER G 139 56.75 -50.11 5.27
C SER G 139 55.85 -49.38 4.29
N ALA G 140 55.55 -50.05 3.19
CA ALA G 140 54.64 -49.52 2.20
C ALA G 140 53.21 -49.38 2.72
N GLU G 141 52.77 -50.28 3.59
CA GLU G 141 51.40 -50.21 4.14
C GLU G 141 51.14 -48.89 4.88
N GLU G 142 52.10 -48.44 5.68
CA GLU G 142 51.94 -47.21 6.48
C GLU G 142 52.26 -45.91 5.74
N ALA G 143 52.84 -45.99 4.54
CA ALA G 143 53.42 -44.82 3.88
C ALA G 143 52.40 -43.76 3.46
N PRO G 144 51.24 -44.19 2.88
CA PRO G 144 50.24 -43.21 2.51
C PRO G 144 49.75 -42.33 3.67
N ALA G 145 49.45 -42.95 4.80
CA ALA G 145 49.00 -42.21 5.99
C ALA G 145 50.03 -41.18 6.46
N LYS G 146 51.29 -41.58 6.46
CA LYS G 146 52.38 -40.70 6.93
C LYS G 146 52.73 -39.57 5.98
N ILE G 147 52.81 -39.90 4.69
CA ILE G 147 53.00 -38.89 3.65
C ILE G 147 51.94 -37.82 3.70
N ASP G 148 50.68 -38.24 3.75
CA ASP G 148 49.56 -37.28 3.68
C ASP G 148 49.46 -36.47 4.94
N HIS G 149 49.73 -37.10 6.07
CA HIS G 149 49.73 -36.40 7.36
C HIS G 149 50.72 -35.24 7.37
N VAL G 150 51.97 -35.47 6.95
CA VAL G 150 52.98 -34.40 7.02
C VAL G 150 52.63 -33.26 6.05
N ILE G 151 52.20 -33.62 4.83
CA ILE G 151 51.84 -32.62 3.82
C ILE G 151 50.64 -31.79 4.23
N ARG G 152 49.57 -32.45 4.67
CA ARG G 152 48.35 -31.75 5.09
C ARG G 152 48.60 -30.82 6.27
N THR G 153 49.36 -31.30 7.26
CA THR G 153 49.65 -30.50 8.43
C THR G 153 50.47 -29.24 8.07
N ALA G 154 51.53 -29.42 7.30
CA ALA G 154 52.37 -28.31 6.84
C ALA G 154 51.57 -27.21 6.13
N LEU G 155 50.71 -27.61 5.20
CA LEU G 155 49.92 -26.65 4.43
C LEU G 155 48.93 -25.89 5.28
N ARG G 156 48.27 -26.61 6.20
CA ARG G 156 47.30 -25.99 7.10
C ARG G 156 47.99 -25.08 8.13
N GLU G 157 49.06 -25.58 8.74
CA GLU G 157 49.76 -24.79 9.77
C GLU G 157 50.69 -23.72 9.20
N ARG G 158 51.02 -23.81 7.91
CA ARG G 158 52.04 -22.95 7.28
C ARG G 158 53.37 -23.06 8.04
N LYS G 159 53.82 -24.30 8.17
CA LYS G 159 55.03 -24.63 8.88
C LYS G 159 55.63 -25.80 8.15
N PRO G 160 56.96 -25.98 8.24
CA PRO G 160 57.57 -27.11 7.56
C PRO G 160 57.36 -28.41 8.30
N ALA G 161 57.70 -29.50 7.64
CA ALA G 161 57.45 -30.83 8.14
C ALA G 161 58.48 -31.75 7.56
N TYR G 162 58.57 -32.95 8.12
CA TYR G 162 59.65 -33.87 7.83
C TYR G 162 59.12 -35.27 7.57
N LEU G 163 59.73 -35.95 6.59
CA LEU G 163 59.56 -37.37 6.37
C LEU G 163 60.90 -38.05 6.24
N GLU G 164 61.03 -39.26 6.78
CA GLU G 164 62.09 -40.14 6.34
C GLU G 164 61.51 -41.42 5.80
N ILE G 165 62.08 -41.89 4.69
CA ILE G 165 61.65 -43.11 4.02
C ILE G 165 62.85 -44.05 3.92
N ALA G 166 62.71 -45.24 4.49
CA ALA G 166 63.73 -46.28 4.40
C ALA G 166 64.15 -46.50 2.94
N CYS G 167 65.44 -46.65 2.72
CA CYS G 167 65.98 -46.70 1.35
C CYS G 167 65.48 -47.90 0.52
N ASN G 168 65.14 -48.99 1.20
CA ASN G 168 64.53 -50.17 0.59
C ASN G 168 62.99 -50.20 0.57
N VAL G 169 62.33 -49.11 0.98
CA VAL G 169 60.87 -48.97 0.91
C VAL G 169 60.44 -47.94 -0.14
N ALA G 170 61.33 -47.01 -0.52
CA ALA G 170 60.95 -45.98 -1.50
C ALA G 170 60.53 -46.58 -2.85
N GLY G 171 61.11 -47.73 -3.20
CA GLY G 171 60.76 -48.47 -4.40
C GLY G 171 59.80 -49.63 -4.21
N ALA G 172 59.17 -49.77 -3.04
CA ALA G 172 58.24 -50.88 -2.75
C ALA G 172 56.86 -50.56 -3.26
N GLU G 173 56.08 -51.60 -3.58
N GLU G 173 56.08 -51.61 -3.54
CA GLU G 173 54.74 -51.44 -4.14
CA GLU G 173 54.72 -51.48 -4.09
C GLU G 173 53.81 -50.75 -3.13
C GLU G 173 53.79 -50.77 -3.11
N CYS G 174 53.07 -49.75 -3.61
CA CYS G 174 52.20 -48.94 -2.76
C CYS G 174 50.84 -48.75 -3.43
N VAL G 175 49.79 -48.55 -2.63
CA VAL G 175 48.48 -48.15 -3.16
C VAL G 175 48.59 -46.77 -3.80
N ARG G 176 47.69 -46.50 -4.75
N ARG G 176 47.67 -46.49 -4.72
CA ARG G 176 47.64 -45.23 -5.46
CA ARG G 176 47.66 -45.24 -5.45
C ARG G 176 46.85 -44.21 -4.64
C ARG G 176 46.79 -44.20 -4.73
N PRO G 177 47.20 -42.91 -4.76
CA PRO G 177 46.44 -41.85 -4.11
C PRO G 177 45.19 -41.50 -4.88
N GLY G 178 44.11 -41.20 -4.16
CA GLY G 178 42.88 -40.80 -4.81
C GLY G 178 42.91 -39.36 -5.26
N PRO G 179 41.94 -38.95 -6.09
CA PRO G 179 41.86 -37.57 -6.55
C PRO G 179 41.35 -36.62 -5.49
N ILE G 180 41.71 -35.35 -5.63
CA ILE G 180 41.45 -34.31 -4.63
C ILE G 180 41.11 -32.98 -5.28
N ASN G 181 40.39 -32.13 -4.55
CA ASN G 181 40.20 -30.74 -4.94
C ASN G 181 41.44 -29.92 -4.55
N SER G 182 41.77 -29.95 -3.25
CA SER G 182 42.96 -29.29 -2.71
C SER G 182 43.46 -30.07 -1.50
N LEU G 183 44.78 -30.11 -1.33
CA LEU G 183 45.39 -30.72 -0.14
C LEU G 183 45.41 -29.77 1.07
N LEU G 184 45.08 -28.50 0.85
CA LEU G 184 44.85 -27.51 1.91
C LEU G 184 43.38 -27.54 2.38
N ARG G 185 43.12 -28.11 3.56
CA ARG G 185 41.77 -28.09 4.13
C ARG G 185 41.80 -27.34 5.46
N GLU G 186 41.08 -26.22 5.55
CA GLU G 186 41.09 -25.39 6.73
C GLU G 186 40.15 -25.99 7.77
N LEU G 187 40.26 -25.50 9.00
CA LEU G 187 39.34 -25.86 10.07
C LEU G 187 38.04 -25.11 9.85
N GLU G 188 36.94 -25.74 10.26
CA GLU G 188 35.62 -25.09 10.22
C GLU G 188 35.63 -23.85 11.12
N VAL G 189 35.11 -22.74 10.61
CA VAL G 189 35.05 -21.49 11.35
C VAL G 189 33.83 -21.52 12.27
N ASP G 190 33.98 -20.97 13.48
CA ASP G 190 32.89 -20.83 14.44
C ASP G 190 32.19 -19.48 14.24
N GLN G 191 30.95 -19.54 13.75
CA GLN G 191 30.19 -18.35 13.35
C GLN G 191 29.71 -17.50 14.52
N THR G 192 29.42 -18.14 15.65
CA THR G 192 29.10 -17.42 16.88
C THR G 192 30.27 -16.53 17.30
N SER G 193 31.48 -17.03 17.16
CA SER G 193 32.67 -16.28 17.51
C SER G 193 32.89 -15.11 16.56
N VAL G 194 32.78 -15.38 15.25
CA VAL G 194 32.98 -14.33 14.24
C VAL G 194 32.00 -13.17 14.45
N THR G 195 30.74 -13.49 14.70
CA THR G 195 29.69 -12.50 14.91
C THR G 195 29.91 -11.65 16.16
N ALA G 196 30.29 -12.30 17.26
CA ALA G 196 30.54 -11.60 18.51
C ALA G 196 31.81 -10.75 18.41
N ALA G 197 32.82 -11.26 17.70
CA ALA G 197 34.06 -10.51 17.51
C ALA G 197 33.78 -9.24 16.70
N VAL G 198 33.05 -9.38 15.60
CA VAL G 198 32.71 -8.24 14.73
C VAL G 198 31.85 -7.22 15.48
N ASP G 199 30.79 -7.68 16.15
CA ASP G 199 29.91 -6.80 16.95
C ASP G 199 30.70 -6.00 17.98
N ALA G 200 31.57 -6.68 18.73
CA ALA G 200 32.42 -6.03 19.73
C ALA G 200 33.42 -5.05 19.10
N ALA G 201 33.95 -5.38 17.92
CA ALA G 201 34.88 -4.50 17.21
C ALA G 201 34.20 -3.22 16.72
N VAL G 202 32.98 -3.33 16.22
CA VAL G 202 32.22 -2.15 15.79
C VAL G 202 31.90 -1.28 17.01
N GLU G 203 31.46 -1.88 18.12
CA GLU G 203 31.25 -1.13 19.37
C GLU G 203 32.54 -0.44 19.83
N TRP G 204 33.66 -1.17 19.82
CA TRP G 204 34.99 -0.67 20.19
C TRP G 204 35.43 0.57 19.39
N LEU G 205 35.05 0.61 18.11
CA LEU G 205 35.42 1.72 17.22
C LEU G 205 34.54 2.97 17.32
N GLN G 206 33.41 2.92 18.02
CA GLN G 206 32.45 4.05 18.06
C GLN G 206 33.03 5.36 18.58
N ASP G 207 33.92 5.30 19.57
CA ASP G 207 34.56 6.49 20.17
C ASP G 207 36.07 6.61 19.87
N ARG G 208 36.49 6.05 18.75
CA ARG G 208 37.90 6.08 18.32
C ARG G 208 37.95 6.65 16.92
N GLN G 209 38.35 7.92 16.78
CA GLN G 209 38.30 8.60 15.48
C GLN G 209 39.56 8.35 14.67
N ASN G 210 40.73 8.42 15.31
CA ASN G 210 42.01 8.17 14.62
C ASN G 210 42.37 6.68 14.66
N VAL G 211 42.13 6.01 13.54
CA VAL G 211 42.33 4.58 13.38
C VAL G 211 43.50 4.37 12.44
N VAL G 212 44.36 3.40 12.75
CA VAL G 212 45.47 3.03 11.87
C VAL G 212 45.52 1.53 11.74
N MET G 213 45.73 1.02 10.53
CA MET G 213 46.05 -0.39 10.36
C MET G 213 47.55 -0.53 10.33
N LEU G 214 48.05 -1.55 11.02
CA LEU G 214 49.47 -1.90 11.03
C LEU G 214 49.62 -3.35 10.54
N VAL G 215 50.16 -3.51 9.34
CA VAL G 215 50.20 -4.80 8.69
C VAL G 215 51.46 -5.53 9.12
N GLY G 216 51.29 -6.81 9.46
CA GLY G 216 52.35 -7.61 10.07
C GLY G 216 52.83 -8.71 9.16
N SER G 217 53.91 -9.38 9.57
CA SER G 217 54.62 -10.32 8.70
C SER G 217 54.00 -11.70 8.58
N LYS G 218 52.93 -11.98 9.32
CA LYS G 218 52.19 -13.23 9.13
C LYS G 218 50.96 -13.07 8.22
N LEU G 219 50.76 -11.90 7.60
CA LEU G 219 49.57 -11.69 6.78
C LEU G 219 49.49 -12.67 5.61
N ARG G 220 50.63 -12.95 4.98
CA ARG G 220 50.65 -13.93 3.88
C ARG G 220 50.31 -15.34 4.37
N ALA G 221 50.85 -15.72 5.53
CA ALA G 221 50.54 -17.00 6.17
C ALA G 221 49.05 -17.16 6.45
N ALA G 222 48.41 -16.07 6.86
CA ALA G 222 46.97 -16.01 7.03
C ALA G 222 46.17 -16.03 5.72
N ALA G 223 46.85 -15.89 4.57
CA ALA G 223 46.22 -15.77 3.25
C ALA G 223 45.17 -14.68 3.24
N ALA G 224 45.52 -13.54 3.84
CA ALA G 224 44.56 -12.48 4.16
C ALA G 224 44.88 -11.14 3.49
N GLU G 225 45.70 -11.16 2.43
CA GLU G 225 46.14 -9.94 1.78
C GLU G 225 44.95 -9.16 1.17
N LYS G 226 44.08 -9.86 0.43
CA LYS G 226 42.87 -9.26 -0.16
C LYS G 226 41.90 -8.68 0.87
N GLN G 227 41.75 -9.38 1.99
CA GLN G 227 40.83 -8.95 3.03
C GLN G 227 41.38 -7.76 3.83
N ALA G 228 42.70 -7.63 3.87
CA ALA G 228 43.34 -6.43 4.43
C ALA G 228 43.00 -5.19 3.60
N VAL G 229 43.14 -5.29 2.28
CA VAL G 229 42.74 -4.21 1.35
C VAL G 229 41.24 -3.88 1.48
N ALA G 230 40.39 -4.91 1.52
CA ALA G 230 38.94 -4.70 1.68
C ALA G 230 38.60 -3.98 2.98
N LEU G 231 39.27 -4.34 4.07
CA LEU G 231 39.09 -3.67 5.36
C LEU G 231 39.60 -2.23 5.33
N ALA G 232 40.72 -2.00 4.65
CA ALA G 232 41.29 -0.64 4.51
C ALA G 232 40.37 0.29 3.71
N ASP G 233 39.83 -0.23 2.60
CA ASP G 233 38.91 0.55 1.75
C ASP G 233 37.61 0.94 2.45
N ARG G 234 37.12 0.07 3.34
CA ARG G 234 35.91 0.35 4.06
C ARG G 234 36.12 1.28 5.26
N LEU G 235 37.19 1.07 6.03
CA LEU G 235 37.54 2.02 7.12
C LEU G 235 37.97 3.38 6.57
N GLY G 236 38.65 3.37 5.43
CA GLY G 236 39.21 4.58 4.83
C GLY G 236 40.36 5.19 5.63
N CYS G 237 40.95 4.40 6.53
CA CYS G 237 41.96 4.87 7.48
C CYS G 237 43.36 4.70 6.93
N ALA G 238 44.33 5.34 7.58
CA ALA G 238 45.75 5.18 7.23
C ALA G 238 46.18 3.73 7.44
N VAL G 239 47.04 3.25 6.54
CA VAL G 239 47.63 1.92 6.64
C VAL G 239 49.14 2.07 6.67
N THR G 240 49.78 1.38 7.63
CA THR G 240 51.24 1.29 7.74
C THR G 240 51.65 -0.18 7.71
N ILE G 241 52.94 -0.44 7.49
CA ILE G 241 53.48 -1.81 7.59
C ILE G 241 54.59 -1.90 8.62
N MET G 242 54.76 -3.10 9.18
CA MET G 242 55.98 -3.41 9.93
C MET G 242 57.03 -3.79 8.90
N ALA G 243 58.30 -3.67 9.27
CA ALA G 243 59.40 -3.90 8.33
C ALA G 243 59.31 -5.23 7.60
N ALA G 244 59.06 -6.30 8.34
CA ALA G 244 59.00 -7.64 7.76
C ALA G 244 57.75 -7.90 6.90
N ALA G 245 56.81 -6.94 6.85
CA ALA G 245 55.58 -7.11 6.08
C ALA G 245 55.61 -6.43 4.69
N LYS G 246 56.78 -5.94 4.27
CA LYS G 246 56.89 -5.26 2.97
C LYS G 246 56.35 -6.11 1.81
N GLY G 247 55.52 -5.49 0.97
CA GLY G 247 54.88 -6.16 -0.15
C GLY G 247 53.55 -6.84 0.14
N PHE G 248 53.21 -7.04 1.42
CA PHE G 248 51.97 -7.72 1.81
C PHE G 248 50.77 -6.79 1.78
N PHE G 249 51.00 -5.47 1.76
CA PHE G 249 49.96 -4.48 1.48
C PHE G 249 50.49 -3.55 0.37
N PRO G 250 49.62 -3.13 -0.58
CA PRO G 250 50.14 -2.32 -1.69
C PRO G 250 50.47 -0.89 -1.30
N GLU G 251 51.70 -0.46 -1.61
CA GLU G 251 52.20 0.88 -1.26
C GLU G 251 51.72 2.03 -2.17
N ASP G 252 51.21 1.71 -3.36
N ASP G 252 51.22 1.66 -3.36
CA ASP G 252 50.56 2.71 -4.22
CA ASP G 252 50.52 2.57 -4.27
C ASP G 252 49.10 2.98 -3.80
C ASP G 252 49.14 3.02 -3.75
N HIS G 253 48.62 2.31 -2.75
CA HIS G 253 47.30 2.57 -2.18
C HIS G 253 47.23 4.00 -1.62
N PRO G 254 46.18 4.77 -1.97
CA PRO G 254 46.16 6.21 -1.60
C PRO G 254 46.21 6.49 -0.08
N ASN G 255 45.63 5.60 0.72
CA ASN G 255 45.71 5.67 2.20
C ASN G 255 46.96 5.05 2.89
N PHE G 256 47.91 4.50 2.13
CA PHE G 256 49.18 4.00 2.70
C PHE G 256 50.04 5.15 3.25
N ARG G 257 50.61 4.95 4.43
CA ARG G 257 51.40 5.99 5.12
C ARG G 257 52.76 5.51 5.67
N GLY G 258 53.26 4.40 5.11
CA GLY G 258 54.66 4.04 5.26
C GLY G 258 54.96 3.03 6.36
N LEU G 259 56.23 2.97 6.71
CA LEU G 259 56.79 1.97 7.60
C LEU G 259 56.74 2.43 9.06
N TYR G 260 56.15 1.61 9.93
CA TYR G 260 56.33 1.74 11.37
C TYR G 260 57.39 0.75 11.82
N TRP G 261 58.50 1.29 12.33
CA TRP G 261 59.60 0.49 12.88
C TRP G 261 60.27 1.30 13.98
N GLY G 262 59.45 1.77 14.93
CA GLY G 262 59.91 2.62 16.03
C GLY G 262 60.60 3.90 15.59
N GLU G 263 61.80 4.13 16.13
CA GLU G 263 62.58 5.33 15.81
C GLU G 263 63.19 5.32 14.40
N VAL G 264 63.20 4.15 13.74
CA VAL G 264 63.57 4.05 12.33
C VAL G 264 62.37 3.92 11.36
N SER G 265 61.21 4.46 11.76
CA SER G 265 60.03 4.55 10.90
C SER G 265 60.21 5.52 9.70
N SER G 266 59.28 5.46 8.76
CA SER G 266 59.14 6.49 7.72
C SER G 266 58.66 7.78 8.33
N GLU G 267 58.83 8.88 7.59
CA GLU G 267 58.39 10.20 8.04
C GLU G 267 56.91 10.19 8.40
N GLY G 268 56.59 10.66 9.61
CA GLY G 268 55.21 10.76 10.06
C GLY G 268 54.65 9.50 10.73
N ALA G 269 55.14 8.31 10.35
CA ALA G 269 54.53 7.04 10.72
C ALA G 269 54.58 6.71 12.21
N GLN G 270 55.65 7.07 12.89
CA GLN G 270 55.77 6.81 14.32
C GLN G 270 54.74 7.59 15.13
N GLU G 271 54.66 8.89 14.90
CA GLU G 271 53.60 9.74 15.49
C GLU G 271 52.21 9.20 15.16
N LEU G 272 52.03 8.82 13.90
CA LEU G 272 50.75 8.29 13.38
C LEU G 272 50.25 7.08 14.20
N VAL G 273 51.12 6.09 14.37
CA VAL G 273 50.81 4.86 15.07
C VAL G 273 50.73 5.05 16.59
N GLU G 274 51.73 5.69 17.17
CA GLU G 274 51.82 5.79 18.63
C GLU G 274 50.79 6.75 19.27
N ASN G 275 50.18 7.64 18.48
CA ASN G 275 49.11 8.52 19.00
C ASN G 275 47.70 8.18 18.50
N ALA G 276 47.52 7.00 17.91
CA ALA G 276 46.23 6.59 17.36
C ALA G 276 45.24 6.20 18.45
N ASP G 277 43.95 6.42 18.19
CA ASP G 277 42.89 6.00 19.10
C ASP G 277 42.65 4.49 18.97
N ALA G 278 42.87 3.96 17.77
CA ALA G 278 42.78 2.52 17.52
C ALA G 278 43.88 2.09 16.58
N ILE G 279 44.63 1.06 16.97
CA ILE G 279 45.63 0.45 16.12
C ILE G 279 45.17 -0.96 15.85
N LEU G 280 44.90 -1.28 14.58
CA LEU G 280 44.47 -2.60 14.18
C LEU G 280 45.69 -3.32 13.62
N CYS G 281 46.29 -4.21 14.41
CA CYS G 281 47.47 -4.98 13.99
C CYS G 281 47.05 -6.26 13.29
N LEU G 282 47.38 -6.40 12.01
CA LEU G 282 47.07 -7.62 11.26
C LEU G 282 48.26 -8.57 11.21
N ALA G 283 48.18 -9.64 12.01
CA ALA G 283 49.16 -10.73 12.01
C ALA G 283 50.61 -10.29 12.31
N PRO G 284 50.79 -9.57 13.42
CA PRO G 284 52.12 -9.07 13.77
C PRO G 284 52.99 -10.13 14.42
N VAL G 285 54.31 -9.96 14.30
CA VAL G 285 55.30 -10.64 15.13
C VAL G 285 56.12 -9.53 15.79
N PHE G 286 55.92 -9.34 17.09
CA PHE G 286 56.63 -8.33 17.84
C PHE G 286 57.84 -8.94 18.52
N ASN G 287 58.87 -9.26 17.74
CA ASN G 287 60.13 -9.75 18.31
C ASN G 287 61.08 -8.59 18.73
N ASP G 288 62.22 -8.92 19.33
CA ASP G 288 63.20 -7.89 19.76
C ASP G 288 63.71 -6.99 18.61
N TYR G 289 63.92 -7.55 17.43
CA TYR G 289 64.35 -6.76 16.25
C TYR G 289 63.27 -5.82 15.71
N ALA G 290 62.03 -6.32 15.62
CA ALA G 290 60.90 -5.55 15.10
C ALA G 290 60.46 -4.44 16.05
N THR G 291 60.62 -4.67 17.34
CA THR G 291 60.31 -3.67 18.37
C THR G 291 61.50 -2.74 18.70
N VAL G 292 62.63 -2.90 17.99
CA VAL G 292 63.83 -2.09 18.19
C VAL G 292 64.31 -2.23 19.66
N GLY G 293 64.49 -3.47 20.08
CA GLY G 293 64.95 -3.78 21.42
C GLY G 293 63.91 -3.57 22.51
N TRP G 294 62.67 -3.94 22.22
CA TRP G 294 61.53 -3.75 23.13
C TRP G 294 61.18 -2.28 23.40
N ASN G 295 61.65 -1.35 22.57
CA ASN G 295 61.36 0.08 22.70
C ASN G 295 60.04 0.52 22.05
N SER G 296 59.68 -0.15 20.95
CA SER G 296 58.50 0.21 20.15
C SER G 296 57.58 -0.98 19.92
N TRP G 297 56.67 -1.18 20.88
CA TRP G 297 55.80 -2.35 20.91
C TRP G 297 54.39 -1.85 21.28
N PRO G 298 53.51 -1.66 20.28
CA PRO G 298 52.17 -1.17 20.62
C PRO G 298 51.34 -2.19 21.42
N LYS G 299 50.77 -1.76 22.53
CA LYS G 299 49.86 -2.58 23.34
C LYS G 299 48.96 -1.70 24.24
N GLY G 300 47.99 -2.34 24.91
CA GLY G 300 47.08 -1.67 25.82
C GLY G 300 45.71 -1.47 25.20
N ASP G 301 44.92 -0.56 25.79
CA ASP G 301 43.51 -0.36 25.44
C ASP G 301 43.26 0.01 23.98
N ASN G 302 44.22 0.70 23.35
CA ASN G 302 44.06 1.18 21.97
C ASN G 302 44.47 0.19 20.86
N VAL G 303 44.83 -1.04 21.23
CA VAL G 303 45.35 -2.03 20.29
C VAL G 303 44.40 -3.21 20.08
N MET G 304 44.22 -3.59 18.83
CA MET G 304 43.54 -4.83 18.46
C MET G 304 44.58 -5.69 17.77
N VAL G 305 44.82 -6.88 18.31
CA VAL G 305 45.73 -7.83 17.69
C VAL G 305 44.90 -8.89 16.97
N MET G 306 45.01 -8.90 15.65
CA MET G 306 44.38 -9.91 14.80
C MET G 306 45.45 -10.92 14.43
N ASP G 307 45.47 -12.06 15.13
CA ASP G 307 46.37 -13.17 14.80
C ASP G 307 45.77 -13.97 13.65
N THR G 308 46.48 -15.01 13.19
CA THR G 308 45.95 -15.87 12.11
C THR G 308 44.63 -16.56 12.48
N ASP G 309 44.44 -16.87 13.76
CA ASP G 309 43.31 -17.66 14.26
C ASP G 309 42.62 -17.05 15.49
N ARG G 310 42.74 -15.75 15.70
CA ARG G 310 42.31 -15.11 16.95
C ARG G 310 42.25 -13.60 16.78
N VAL G 311 41.31 -12.94 17.48
CA VAL G 311 41.32 -11.48 17.64
C VAL G 311 41.24 -11.13 19.11
N THR G 312 42.15 -10.27 19.54
CA THR G 312 42.19 -9.84 20.93
C THR G 312 42.12 -8.33 21.02
N PHE G 313 41.15 -7.83 21.80
CA PHE G 313 41.00 -6.40 22.07
C PHE G 313 39.95 -6.20 23.15
N ALA G 314 40.07 -5.07 23.85
CA ALA G 314 39.10 -4.63 24.87
C ALA G 314 38.84 -5.67 25.95
N GLY G 315 39.92 -6.30 26.42
CA GLY G 315 39.85 -7.31 27.47
C GLY G 315 39.16 -8.61 27.09
N GLN G 316 39.09 -8.89 25.79
CA GLN G 316 38.39 -10.07 25.27
C GLN G 316 39.19 -10.71 24.15
N SER G 317 39.14 -12.03 24.07
CA SER G 317 39.78 -12.76 22.96
C SER G 317 38.79 -13.73 22.31
N PHE G 318 38.67 -13.64 20.99
CA PHE G 318 37.73 -14.43 20.18
C PHE G 318 38.55 -15.36 19.30
N GLU G 319 38.31 -16.67 19.41
CA GLU G 319 39.03 -17.67 18.61
C GLU G 319 38.03 -18.57 17.86
N GLY G 320 38.53 -19.61 17.20
CA GLY G 320 37.72 -20.42 16.30
C GLY G 320 37.32 -19.67 15.03
N LEU G 321 38.16 -18.72 14.63
CA LEU G 321 37.94 -17.95 13.42
C LEU G 321 39.28 -17.82 12.71
N SER G 322 39.28 -17.15 11.58
CA SER G 322 40.52 -16.90 10.84
C SER G 322 40.62 -15.41 10.57
N LEU G 323 41.85 -14.91 10.41
CA LEU G 323 42.06 -13.50 10.07
C LEU G 323 41.32 -13.11 8.79
N SER G 324 41.39 -14.00 7.81
CA SER G 324 40.68 -13.85 6.55
C SER G 324 39.17 -13.61 6.74
N THR G 325 38.53 -14.55 7.42
CA THR G 325 37.10 -14.48 7.69
C THR G 325 36.70 -13.31 8.58
N PHE G 326 37.51 -13.00 9.59
CA PHE G 326 37.20 -11.87 10.49
C PHE G 326 37.35 -10.50 9.81
N ALA G 327 38.39 -10.35 9.00
CA ALA G 327 38.64 -9.09 8.29
C ALA G 327 37.54 -8.80 7.25
N ALA G 328 37.15 -9.83 6.49
CA ALA G 328 36.04 -9.71 5.51
C ALA G 328 34.71 -9.37 6.19
N ALA G 329 34.43 -10.02 7.32
CA ALA G 329 33.18 -9.75 8.07
C ALA G 329 33.21 -8.38 8.72
N LEU G 330 34.36 -7.98 9.25
CA LEU G 330 34.54 -6.63 9.77
C LEU G 330 34.43 -5.58 8.65
N ALA G 331 34.93 -5.90 7.46
CA ALA G 331 34.84 -4.99 6.31
C ALA G 331 33.38 -4.68 5.90
N GLU G 332 32.50 -5.68 5.98
CA GLU G 332 31.06 -5.48 5.72
C GLU G 332 30.44 -4.40 6.61
N LYS G 333 30.86 -4.38 7.88
CA LYS G 333 30.15 -3.66 8.95
C LYS G 333 30.86 -2.44 9.52
N ALA G 334 32.13 -2.24 9.20
CA ALA G 334 32.95 -1.23 9.89
C ALA G 334 32.58 0.19 9.47
N PRO G 335 32.68 1.15 10.41
CA PRO G 335 32.38 2.54 10.08
C PRO G 335 33.54 3.22 9.36
N SER G 336 33.23 4.30 8.66
CA SER G 336 34.24 5.13 8.01
C SER G 336 35.04 5.89 9.07
N ARG G 337 36.36 5.80 8.98
CA ARG G 337 37.27 6.47 9.90
C ARG G 337 38.43 7.02 9.06
N PRO G 338 38.18 8.09 8.28
CA PRO G 338 39.19 8.61 7.37
C PRO G 338 40.17 9.63 7.95
N ALA G 339 40.07 10.00 9.23
CA ALA G 339 40.80 11.14 9.78
C ALA G 339 42.34 11.08 9.66
N THR G 340 42.91 9.91 9.92
CA THR G 340 44.36 9.70 9.82
C THR G 340 44.93 9.75 8.40
N THR G 341 44.07 9.76 7.38
CA THR G 341 44.51 9.99 5.99
C THR G 341 44.55 11.47 5.58
N GLN G 342 43.83 12.33 6.31
CA GLN G 342 43.70 13.76 5.99
C GLN G 342 44.94 14.54 6.42
N GLY G 343 45.54 15.28 5.49
CA GLY G 343 46.72 16.11 5.78
C GLY G 343 48.02 15.33 5.97
N THR G 344 48.09 14.13 5.38
CA THR G 344 49.32 13.32 5.36
C THR G 344 49.47 12.69 3.97
N GLN G 345 50.70 12.23 3.69
CA GLN G 345 51.09 11.76 2.37
C GLN G 345 51.84 10.43 2.49
N ALA G 346 51.70 9.58 1.47
CA ALA G 346 52.52 8.37 1.35
C ALA G 346 53.99 8.78 1.19
N PRO G 347 54.92 8.10 1.89
CA PRO G 347 56.31 8.58 1.91
C PRO G 347 57.06 8.26 0.61
N VAL G 348 57.98 9.16 0.25
CA VAL G 348 58.78 9.06 -0.99
C VAL G 348 60.20 8.62 -0.68
N LEU G 349 60.94 8.22 -1.71
CA LEU G 349 62.32 7.77 -1.55
C LEU G 349 63.24 8.89 -1.05
N GLY G 350 63.07 10.09 -1.63
CA GLY G 350 63.75 11.31 -1.16
C GLY G 350 65.23 11.35 -1.45
N ILE G 351 65.66 10.71 -2.54
CA ILE G 351 67.07 10.65 -2.91
C ILE G 351 67.23 11.32 -4.29
N GLU G 352 68.01 12.40 -4.30
CA GLU G 352 68.32 13.11 -5.54
C GLU G 352 69.48 12.39 -6.25
N ALA G 353 69.44 12.40 -7.58
CA ALA G 353 70.44 11.69 -8.39
C ALA G 353 71.85 12.23 -8.15
N ALA G 354 72.79 11.32 -7.96
CA ALA G 354 74.20 11.68 -7.76
C ALA G 354 74.81 12.20 -9.04
N GLU G 355 76.02 12.75 -8.93
N GLU G 355 76.02 12.75 -8.95
CA GLU G 355 76.83 13.11 -10.08
CA GLU G 355 76.80 13.13 -10.12
C GLU G 355 77.32 11.80 -10.72
C GLU G 355 77.34 11.82 -10.73
N PRO G 356 77.14 11.61 -12.06
CA PRO G 356 77.46 10.30 -12.71
C PRO G 356 78.81 9.63 -12.40
N ASN G 357 79.88 10.43 -12.30
CA ASN G 357 81.24 9.92 -12.09
C ASN G 357 81.77 9.99 -10.65
N ALA G 358 80.95 10.51 -9.73
CA ALA G 358 81.29 10.50 -8.29
C ALA G 358 81.37 9.06 -7.77
N PRO G 359 82.24 8.78 -6.77
CA PRO G 359 82.25 7.43 -6.16
C PRO G 359 80.86 6.99 -5.71
N LEU G 360 80.54 5.73 -5.96
CA LEU G 360 79.18 5.20 -5.73
C LEU G 360 78.82 5.30 -4.25
N THR G 361 77.72 5.99 -3.96
CA THR G 361 77.18 6.06 -2.62
C THR G 361 76.11 4.99 -2.44
N ASN G 362 75.83 4.71 -1.17
CA ASN G 362 74.75 3.83 -0.77
C ASN G 362 73.39 4.38 -1.20
N ASP G 363 73.22 5.70 -1.12
CA ASP G 363 72.03 6.38 -1.63
C ASP G 363 71.83 6.24 -3.14
N GLU G 364 72.88 6.48 -3.93
CA GLU G 364 72.76 6.38 -5.40
C GLU G 364 72.40 4.96 -5.85
N MET G 365 73.07 3.97 -5.27
CA MET G 365 72.74 2.56 -5.54
C MET G 365 71.28 2.24 -5.21
N THR G 366 70.82 2.71 -4.06
CA THR G 366 69.45 2.47 -3.60
C THR G 366 68.44 3.14 -4.55
N ARG G 367 68.75 4.34 -5.02
CA ARG G 367 67.92 5.05 -6.02
C ARG G 367 67.76 4.20 -7.28
N GLN G 368 68.88 3.74 -7.82
CA GLN G 368 68.86 2.98 -9.08
C GLN G 368 68.19 1.62 -8.94
N ILE G 369 68.40 0.93 -7.82
CA ILE G 369 67.70 -0.33 -7.58
C ILE G 369 66.18 -0.10 -7.49
N GLN G 370 65.77 0.96 -6.81
CA GLN G 370 64.34 1.25 -6.65
C GLN G 370 63.60 1.49 -7.98
N SER G 371 64.27 2.10 -8.96
CA SER G 371 63.68 2.30 -10.31
C SER G 371 63.53 1.00 -11.12
N LEU G 372 64.31 -0.03 -10.79
CA LEU G 372 64.14 -1.36 -11.41
C LEU G 372 62.86 -2.12 -11.01
N ILE G 373 62.24 -1.76 -9.89
CA ILE G 373 61.17 -2.58 -9.33
C ILE G 373 59.85 -2.25 -10.03
N THR G 374 59.38 -3.20 -10.84
CA THR G 374 58.08 -3.17 -11.49
C THR G 374 57.01 -3.90 -10.65
N SER G 375 55.74 -3.74 -11.04
CA SER G 375 54.63 -4.52 -10.49
C SER G 375 54.79 -6.03 -10.67
N ASP G 376 55.62 -6.44 -11.63
CA ASP G 376 56.00 -7.86 -11.85
C ASP G 376 57.39 -8.21 -11.27
N THR G 377 57.88 -7.45 -10.28
CA THR G 377 59.21 -7.71 -9.70
C THR G 377 59.16 -8.39 -8.32
N THR G 378 60.11 -9.31 -8.10
CA THR G 378 60.40 -9.85 -6.78
C THR G 378 61.82 -9.46 -6.36
N LEU G 379 61.91 -8.67 -5.29
CA LEU G 379 63.16 -8.26 -4.66
C LEU G 379 63.40 -9.12 -3.42
N THR G 380 64.54 -9.81 -3.38
CA THR G 380 64.98 -10.55 -2.21
C THR G 380 66.12 -9.79 -1.50
N ALA G 381 65.88 -9.36 -0.26
CA ALA G 381 66.79 -8.49 0.47
C ALA G 381 67.40 -9.22 1.66
N GLU G 382 68.72 -9.34 1.65
CA GLU G 382 69.47 -10.10 2.66
C GLU G 382 69.59 -9.39 4.00
N THR G 383 69.75 -10.16 5.08
CA THR G 383 70.13 -9.66 6.40
C THR G 383 71.44 -8.87 6.34
N GLY G 384 71.40 -7.61 6.76
CA GLY G 384 72.51 -6.66 6.62
C GLY G 384 71.94 -5.28 6.39
N ASP G 385 72.74 -4.36 5.87
CA ASP G 385 72.24 -3.03 5.55
C ASP G 385 71.16 -3.06 4.47
N SER G 386 71.13 -4.14 3.66
CA SER G 386 70.06 -4.35 2.68
C SER G 386 68.63 -4.35 3.25
N TRP G 387 68.45 -4.81 4.50
CA TRP G 387 67.17 -4.66 5.21
C TRP G 387 66.71 -3.21 5.25
N PHE G 388 67.65 -2.31 5.55
CA PHE G 388 67.38 -0.89 5.74
C PHE G 388 67.24 -0.14 4.42
N ASN G 389 67.98 -0.58 3.40
CA ASN G 389 67.81 -0.01 2.06
C ASN G 389 66.50 -0.44 1.44
N ALA G 390 66.20 -1.74 1.50
CA ALA G 390 64.88 -2.26 1.12
C ALA G 390 63.74 -1.53 1.80
N SER G 391 63.85 -1.31 3.11
N SER G 391 63.86 -1.31 3.11
CA SER G 391 62.74 -0.72 3.90
CA SER G 391 62.78 -0.73 3.91
C SER G 391 62.44 0.74 3.57
C SER G 391 62.48 0.75 3.65
N ARG G 392 63.41 1.47 3.01
CA ARG G 392 63.16 2.88 2.60
C ARG G 392 62.76 3.06 1.12
N MET G 393 62.62 1.97 0.36
CA MET G 393 62.15 2.03 -1.04
C MET G 393 60.63 1.93 -1.19
N PRO G 394 59.98 2.97 -1.73
CA PRO G 394 58.59 2.74 -2.17
C PRO G 394 58.57 1.74 -3.32
N ILE G 395 57.58 0.86 -3.34
CA ILE G 395 57.43 -0.16 -4.41
C ILE G 395 56.03 -0.05 -5.03
N PRO G 396 55.91 -0.36 -6.34
CA PRO G 396 54.57 -0.36 -6.95
C PRO G 396 53.72 -1.53 -6.46
N GLY G 397 52.40 -1.41 -6.62
CA GLY G 397 51.46 -2.46 -6.25
C GLY G 397 51.70 -3.69 -7.11
N GLY G 398 51.73 -4.87 -6.49
CA GLY G 398 52.06 -6.11 -7.20
C GLY G 398 53.48 -6.59 -6.98
N ALA G 399 54.40 -5.65 -6.72
CA ALA G 399 55.78 -6.01 -6.41
C ALA G 399 55.85 -6.83 -5.13
N ARG G 400 56.78 -7.77 -5.11
CA ARG G 400 56.97 -8.65 -3.96
C ARG G 400 58.35 -8.39 -3.38
N VAL G 401 58.43 -8.27 -2.06
CA VAL G 401 59.70 -8.19 -1.35
C VAL G 401 59.83 -9.39 -0.42
N GLU G 402 60.99 -10.02 -0.44
CA GLU G 402 61.27 -11.18 0.39
C GLU G 402 62.37 -10.87 1.41
N LEU G 403 61.97 -10.89 2.68
CA LEU G 403 62.82 -10.67 3.83
C LEU G 403 62.78 -11.90 4.72
N GLU G 404 63.87 -12.13 5.44
CA GLU G 404 63.96 -13.26 6.37
C GLU G 404 64.31 -12.73 7.76
N MET G 405 63.42 -11.89 8.30
CA MET G 405 63.71 -11.09 9.50
C MET G 405 63.58 -11.81 10.85
N GLN G 406 62.89 -12.96 10.89
CA GLN G 406 62.77 -13.74 12.12
C GLN G 406 63.96 -14.67 12.29
N TRP G 407 64.32 -15.40 11.23
CA TRP G 407 65.44 -16.31 11.28
C TRP G 407 66.76 -15.54 11.13
N GLY G 408 66.86 -14.73 10.08
CA GLY G 408 68.03 -13.87 9.86
C GLY G 408 69.35 -14.59 9.63
N HIS G 409 69.32 -15.64 8.82
CA HIS G 409 70.50 -16.40 8.48
C HIS G 409 71.16 -15.73 7.28
N ILE G 410 72.34 -15.12 7.49
CA ILE G 410 73.08 -14.51 6.38
C ILE G 410 73.48 -15.59 5.37
N GLY G 411 73.36 -15.28 4.08
CA GLY G 411 73.54 -16.26 3.02
C GLY G 411 72.25 -16.88 2.51
N TRP G 412 71.17 -16.78 3.29
CA TRP G 412 69.83 -17.20 2.86
C TRP G 412 69.42 -16.66 1.47
N SER G 413 69.78 -15.42 1.18
CA SER G 413 69.26 -14.73 0.00
C SER G 413 69.65 -15.32 -1.35
N VAL G 414 70.79 -16.00 -1.43
CA VAL G 414 71.27 -16.57 -2.70
C VAL G 414 70.46 -17.82 -3.09
N PRO G 415 70.46 -18.87 -2.25
CA PRO G 415 69.58 -19.98 -2.60
C PRO G 415 68.09 -19.60 -2.62
N SER G 416 67.65 -18.71 -1.73
CA SER G 416 66.24 -18.32 -1.69
C SER G 416 65.76 -17.59 -2.96
N ALA G 417 66.58 -16.67 -3.47
CA ALA G 417 66.29 -16.01 -4.74
C ALA G 417 66.29 -16.98 -5.93
N PHE G 418 67.16 -17.99 -5.85
CA PHE G 418 67.24 -19.05 -6.85
C PHE G 418 65.91 -19.84 -6.90
N GLY G 419 65.45 -20.30 -5.74
CA GLY G 419 64.21 -21.07 -5.64
C GLY G 419 62.99 -20.24 -6.00
N ASN G 420 62.94 -19.02 -5.49
CA ASN G 420 61.85 -18.12 -5.82
C ASN G 420 61.76 -17.89 -7.35
N ALA G 421 62.92 -17.74 -8.01
CA ALA G 421 62.98 -17.55 -9.47
C ALA G 421 62.59 -18.80 -10.26
N VAL G 422 63.01 -19.96 -9.80
CA VAL G 422 62.58 -21.24 -10.39
C VAL G 422 61.05 -21.40 -10.29
N GLY G 423 60.44 -20.95 -9.19
CA GLY G 423 58.98 -21.04 -9.00
C GLY G 423 58.14 -19.90 -9.56
N SER G 424 58.78 -18.81 -9.96
CA SER G 424 58.04 -17.66 -10.53
C SER G 424 58.82 -17.01 -11.69
N PRO G 425 59.11 -17.80 -12.75
CA PRO G 425 59.98 -17.33 -13.84
C PRO G 425 59.40 -16.19 -14.71
N GLU G 426 58.09 -16.01 -14.69
CA GLU G 426 57.44 -14.87 -15.35
C GLU G 426 57.76 -13.48 -14.74
N ARG G 427 58.34 -13.45 -13.53
CA ARG G 427 58.66 -12.19 -12.85
C ARG G 427 60.11 -11.78 -13.10
N ARG G 428 60.38 -10.49 -12.95
CA ARG G 428 61.76 -9.98 -12.83
C ARG G 428 62.25 -10.31 -11.41
N HIS G 429 63.44 -10.91 -11.30
CA HIS G 429 64.03 -11.24 -9.99
C HIS G 429 65.29 -10.44 -9.67
N ILE G 430 65.19 -9.58 -8.65
N ILE G 430 65.18 -9.57 -8.66
CA ILE G 430 66.29 -8.78 -8.14
CA ILE G 430 66.30 -8.77 -8.15
C ILE G 430 66.66 -9.29 -6.75
C ILE G 430 66.66 -9.29 -6.76
N MET G 431 67.92 -9.18 -6.39
CA MET G 431 68.36 -9.43 -5.02
C MET G 431 69.46 -8.48 -4.58
N MET G 432 69.41 -8.12 -3.29
CA MET G 432 70.41 -7.29 -2.62
C MET G 432 71.04 -8.18 -1.58
N VAL G 433 72.34 -8.41 -1.74
CA VAL G 433 73.09 -9.27 -0.84
C VAL G 433 74.42 -8.59 -0.50
N GLY G 434 74.80 -8.69 0.77
CA GLY G 434 76.07 -8.16 1.24
C GLY G 434 77.20 -9.13 0.95
N ASP G 435 78.42 -8.61 0.95
CA ASP G 435 79.63 -9.40 0.73
C ASP G 435 79.81 -10.51 1.76
N GLY G 436 79.54 -10.21 3.03
CA GLY G 436 79.65 -11.21 4.09
C GLY G 436 78.65 -12.35 3.93
N SER G 437 77.39 -11.99 3.68
CA SER G 437 76.31 -12.97 3.42
C SER G 437 76.63 -13.85 2.22
N PHE G 438 77.07 -13.20 1.14
CA PHE G 438 77.35 -13.90 -0.11
C PHE G 438 78.36 -15.03 0.05
N GLN G 439 79.35 -14.88 0.94
CA GLN G 439 80.38 -15.92 1.11
C GLN G 439 79.88 -17.25 1.69
N LEU G 440 78.78 -17.24 2.44
CA LEU G 440 78.26 -18.49 3.03
C LEU G 440 77.67 -19.45 1.99
N THR G 441 76.99 -18.88 0.98
CA THR G 441 76.17 -19.64 0.04
C THR G 441 76.43 -19.30 -1.44
N ALA G 442 77.60 -18.73 -1.73
CA ALA G 442 77.97 -18.24 -3.08
C ALA G 442 77.82 -19.27 -4.19
N GLN G 443 78.18 -20.52 -3.91
CA GLN G 443 78.14 -21.60 -4.90
C GLN G 443 76.76 -21.83 -5.59
N GLU G 444 75.67 -21.41 -4.95
CA GLU G 444 74.35 -21.56 -5.57
C GLU G 444 74.12 -20.58 -6.76
N VAL G 445 75.00 -19.58 -6.92
CA VAL G 445 75.04 -18.80 -8.17
C VAL G 445 75.38 -19.72 -9.36
N ALA G 446 76.17 -20.77 -9.14
CA ALA G 446 76.45 -21.75 -10.18
C ALA G 446 75.21 -22.48 -10.66
N GLN G 447 74.29 -22.78 -9.74
CA GLN G 447 73.02 -23.43 -10.09
C GLN G 447 72.11 -22.45 -10.80
N MET G 448 72.13 -21.17 -10.42
CA MET G 448 71.47 -20.15 -11.22
C MET G 448 72.00 -20.17 -12.66
N ILE G 449 73.30 -20.34 -12.81
CA ILE G 449 73.93 -20.44 -14.14
C ILE G 449 73.50 -21.71 -14.86
N ARG G 450 73.62 -22.85 -14.18
CA ARG G 450 73.23 -24.15 -14.75
C ARG G 450 71.79 -24.22 -15.27
N TYR G 451 70.86 -23.66 -14.52
CA TYR G 451 69.44 -23.72 -14.88
C TYR G 451 68.96 -22.48 -15.64
N GLU G 452 69.87 -21.54 -15.91
CA GLU G 452 69.63 -20.36 -16.73
C GLU G 452 68.59 -19.42 -16.13
N ILE G 453 68.83 -19.07 -14.87
CA ILE G 453 67.91 -18.29 -14.06
C ILE G 453 68.44 -16.85 -14.03
N PRO G 454 67.72 -15.91 -14.66
CA PRO G 454 68.27 -14.56 -14.82
C PRO G 454 68.04 -13.64 -13.61
N VAL G 455 68.66 -13.99 -12.48
CA VAL G 455 68.61 -13.17 -11.26
C VAL G 455 69.60 -12.01 -11.40
N ILE G 456 69.16 -10.80 -11.11
CA ILE G 456 70.04 -9.64 -11.05
C ILE G 456 70.47 -9.47 -9.59
N ILE G 457 71.74 -9.78 -9.32
CA ILE G 457 72.32 -9.77 -7.99
C ILE G 457 73.12 -8.47 -7.77
N PHE G 458 72.59 -7.58 -6.94
CA PHE G 458 73.38 -6.46 -6.44
C PHE G 458 74.15 -6.90 -5.20
N LEU G 459 75.47 -7.04 -5.34
CA LEU G 459 76.38 -7.46 -4.27
C LEU G 459 77.00 -6.18 -3.69
N ILE G 460 76.68 -5.86 -2.43
CA ILE G 460 77.22 -4.67 -1.78
C ILE G 460 78.55 -5.02 -1.16
N ASN G 461 79.64 -4.63 -1.81
CA ASN G 461 80.96 -4.87 -1.26
C ASN G 461 81.40 -3.66 -0.42
N ASN G 462 81.13 -3.75 0.88
CA ASN G 462 81.56 -2.73 1.87
C ASN G 462 82.67 -3.24 2.81
N ARG G 463 83.31 -4.35 2.44
CA ARG G 463 84.50 -4.89 3.09
C ARG G 463 84.30 -5.38 4.53
N GLY G 464 83.17 -6.04 4.76
CA GLY G 464 82.90 -6.72 6.05
C GLY G 464 81.47 -6.69 6.52
N TYR G 465 81.29 -7.10 7.76
CA TYR G 465 79.99 -7.21 8.39
C TYR G 465 79.54 -5.87 8.99
N VAL G 466 79.03 -4.97 8.16
CA VAL G 466 78.77 -3.58 8.56
C VAL G 466 77.63 -3.42 9.58
N ILE G 467 76.57 -4.20 9.43
CA ILE G 467 75.52 -4.27 10.46
C ILE G 467 76.09 -4.72 11.83
N GLU G 468 77.04 -5.64 11.84
CA GLU G 468 77.70 -6.04 13.10
C GLU G 468 78.69 -5.02 13.64
N ILE G 469 79.30 -4.22 12.76
CA ILE G 469 80.12 -3.09 13.20
C ILE G 469 79.25 -2.05 13.93
N ALA G 470 78.01 -1.87 13.45
CA ALA G 470 77.05 -0.97 14.10
C ALA G 470 76.58 -1.47 15.49
N ILE G 471 76.51 -2.78 15.69
CA ILE G 471 76.12 -3.36 16.97
C ILE G 471 77.33 -3.31 17.93
N HIS G 472 78.43 -3.94 17.53
CA HIS G 472 79.63 -4.04 18.37
C HIS G 472 80.83 -4.47 17.51
N ASP G 473 81.80 -3.55 17.35
CA ASP G 473 82.95 -3.76 16.47
C ASP G 473 84.07 -4.59 17.11
N GLY G 474 84.76 -5.36 16.27
CA GLY G 474 85.92 -6.17 16.65
C GLY G 474 86.51 -6.83 15.40
N PRO G 475 87.67 -7.51 15.51
CA PRO G 475 88.33 -8.12 14.32
C PRO G 475 87.48 -9.16 13.56
N TYR G 476 86.54 -9.77 14.27
CA TYR G 476 85.59 -10.74 13.72
C TYR G 476 84.66 -10.22 12.61
N ASN G 477 84.53 -8.90 12.48
CA ASN G 477 83.71 -8.29 11.42
C ASN G 477 84.40 -8.05 10.08
N TYR G 478 85.69 -8.39 9.97
CA TYR G 478 86.49 -8.04 8.79
C TYR G 478 86.83 -9.31 8.06
N ILE G 479 86.42 -9.38 6.80
CA ILE G 479 86.48 -10.59 5.99
C ILE G 479 87.50 -10.43 4.85
N LYS G 480 88.01 -11.57 4.39
CA LYS G 480 88.79 -11.64 3.16
C LYS G 480 87.96 -11.13 1.97
N ASN G 481 88.53 -10.21 1.19
CA ASN G 481 87.86 -9.71 -0.01
C ASN G 481 88.01 -10.72 -1.13
N TRP G 482 86.97 -10.86 -1.95
CA TRP G 482 87.03 -11.65 -3.18
C TRP G 482 86.81 -10.72 -4.37
N ASN G 483 87.18 -11.19 -5.54
CA ASN G 483 86.78 -10.57 -6.78
C ASN G 483 85.41 -11.15 -7.13
N TYR G 484 84.35 -10.55 -6.59
CA TYR G 484 83.00 -11.16 -6.65
C TYR G 484 82.53 -11.24 -8.10
N ALA G 485 82.68 -10.12 -8.83
CA ALA G 485 82.40 -10.07 -10.27
C ALA G 485 83.07 -11.21 -11.03
N GLY G 486 84.34 -11.47 -10.71
CA GLY G 486 85.10 -12.52 -11.37
C GLY G 486 84.64 -13.95 -11.11
N LEU G 487 83.86 -14.14 -10.04
CA LEU G 487 83.36 -15.47 -9.70
C LEU G 487 82.44 -16.02 -10.79
N ILE G 488 81.73 -15.13 -11.48
CA ILE G 488 80.76 -15.53 -12.49
C ILE G 488 81.43 -16.31 -13.62
N ASP G 489 82.57 -15.82 -14.11
CA ASP G 489 83.37 -16.52 -15.15
C ASP G 489 83.88 -17.89 -14.70
N VAL G 490 84.17 -18.04 -13.42
CA VAL G 490 84.59 -19.33 -12.88
C VAL G 490 83.43 -20.35 -12.89
N PHE G 491 82.23 -19.91 -12.52
CA PHE G 491 81.07 -20.80 -12.55
C PHE G 491 80.58 -21.10 -13.97
N ASN G 492 80.64 -20.11 -14.86
CA ASN G 492 80.30 -20.31 -16.28
C ASN G 492 81.14 -21.43 -16.90
N ASP G 493 82.44 -21.40 -16.63
CA ASP G 493 83.41 -22.23 -17.34
C ASP G 493 83.19 -22.10 -18.88
N GLU G 494 82.80 -23.17 -19.57
CA GLU G 494 82.52 -23.11 -21.03
C GLU G 494 81.03 -22.89 -21.39
N ASP G 495 80.11 -23.30 -20.50
CA ASP G 495 78.67 -23.44 -20.83
C ASP G 495 77.79 -22.23 -20.47
N GLY G 496 78.10 -21.57 -19.36
CA GLY G 496 77.18 -20.65 -18.71
C GLY G 496 77.03 -19.28 -19.35
N HIS G 497 75.90 -18.63 -19.06
CA HIS G 497 75.61 -17.27 -19.53
C HIS G 497 75.42 -16.28 -18.38
N GLY G 498 76.12 -16.52 -17.27
CA GLY G 498 76.23 -15.54 -16.22
C GLY G 498 77.11 -14.37 -16.63
N LEU G 499 76.82 -13.19 -16.08
CA LEU G 499 77.61 -11.98 -16.36
C LEU G 499 78.06 -11.40 -15.02
N GLY G 500 79.35 -11.11 -14.90
CA GLY G 500 79.94 -10.49 -13.70
C GLY G 500 80.44 -9.08 -14.00
N LEU G 501 79.89 -8.09 -13.30
CA LEU G 501 80.16 -6.67 -13.55
C LEU G 501 80.55 -5.93 -12.26
N LYS G 502 81.45 -4.95 -12.39
CA LYS G 502 81.82 -4.04 -11.30
C LYS G 502 81.18 -2.66 -11.51
N ALA G 503 80.85 -1.99 -10.42
CA ALA G 503 80.29 -0.64 -10.46
C ALA G 503 80.76 0.16 -9.26
N SER G 504 81.63 1.14 -9.51
CA SER G 504 82.09 2.07 -8.48
C SER G 504 81.66 3.51 -8.71
N THR G 505 80.80 3.74 -9.72
CA THR G 505 80.20 5.06 -9.95
C THR G 505 78.74 4.91 -10.35
N GLY G 506 78.01 6.02 -10.30
CA GLY G 506 76.62 6.08 -10.76
C GLY G 506 76.43 5.78 -12.25
N ALA G 507 77.38 6.22 -13.07
CA ALA G 507 77.39 5.92 -14.51
C ALA G 507 77.69 4.45 -14.78
N GLU G 508 78.66 3.88 -14.09
CA GLU G 508 78.95 2.45 -14.23
C GLU G 508 77.80 1.57 -13.75
N LEU G 509 77.12 1.98 -12.67
CA LEU G 509 75.99 1.19 -12.15
C LEU G 509 74.86 1.17 -13.16
N GLU G 510 74.49 2.36 -13.64
CA GLU G 510 73.52 2.52 -14.72
C GLU G 510 73.85 1.65 -15.94
N GLY G 511 75.12 1.64 -16.35
CA GLY G 511 75.59 0.79 -17.46
C GLY G 511 75.45 -0.69 -17.14
N ALA G 512 75.83 -1.08 -15.93
CA ALA G 512 75.71 -2.49 -15.50
C ALA G 512 74.25 -2.97 -15.45
N ILE G 513 73.34 -2.10 -15.02
CA ILE G 513 71.92 -2.45 -14.94
C ILE G 513 71.32 -2.71 -16.34
N LYS G 514 71.64 -1.85 -17.31
CA LYS G 514 71.24 -2.06 -18.71
C LYS G 514 71.66 -3.44 -19.23
N LYS G 515 72.90 -3.83 -18.96
CA LYS G 515 73.41 -5.13 -19.40
C LYS G 515 72.72 -6.28 -18.68
N ALA G 516 72.44 -6.10 -17.38
CA ALA G 516 71.75 -7.09 -16.56
C ALA G 516 70.39 -7.44 -17.14
N LEU G 517 69.60 -6.40 -17.44
CA LEU G 517 68.30 -6.54 -18.10
C LEU G 517 68.36 -7.33 -19.42
N ASP G 518 69.40 -7.13 -20.20
CA ASP G 518 69.59 -7.81 -21.50
C ASP G 518 70.08 -9.26 -21.38
N ASN G 519 70.66 -9.64 -20.23
CA ASN G 519 71.09 -11.02 -20.03
C ASN G 519 69.93 -11.88 -19.52
N ARG G 520 69.23 -12.54 -20.44
CA ARG G 520 68.08 -13.40 -20.11
C ARG G 520 68.39 -14.90 -19.93
N ARG G 521 69.65 -15.31 -20.09
CA ARG G 521 70.02 -16.73 -20.00
C ARG G 521 70.88 -17.12 -18.79
N GLY G 522 71.10 -16.18 -17.87
CA GLY G 522 71.86 -16.47 -16.65
C GLY G 522 71.84 -15.30 -15.69
N PRO G 523 72.33 -15.50 -14.46
CA PRO G 523 72.32 -14.40 -13.49
C PRO G 523 73.36 -13.32 -13.83
N THR G 524 73.07 -12.08 -13.47
CA THR G 524 74.03 -10.99 -13.59
C THR G 524 74.40 -10.52 -12.20
N LEU G 525 75.67 -10.64 -11.83
CA LEU G 525 76.19 -10.10 -10.56
C LEU G 525 76.84 -8.73 -10.76
N ILE G 526 76.26 -7.70 -10.15
CA ILE G 526 76.78 -6.34 -10.17
C ILE G 526 77.45 -6.09 -8.82
N GLU G 527 78.78 -6.13 -8.78
CA GLU G 527 79.55 -5.90 -7.55
C GLU G 527 79.69 -4.41 -7.27
N CYS G 528 78.96 -3.91 -6.28
CA CYS G 528 78.89 -2.50 -5.97
C CYS G 528 79.92 -2.13 -4.91
N ASN G 529 80.81 -1.20 -5.26
CA ASN G 529 81.83 -0.68 -4.36
C ASN G 529 81.24 0.42 -3.49
N ILE G 530 80.94 0.08 -2.25
CA ILE G 530 80.33 1.02 -1.29
C ILE G 530 81.32 1.19 -0.15
N ALA G 531 81.53 2.44 0.28
CA ALA G 531 82.39 2.73 1.44
C ALA G 531 81.84 2.02 2.70
N GLN G 532 82.74 1.47 3.50
CA GLN G 532 82.38 0.82 4.77
C GLN G 532 81.65 1.74 5.77
N ASP G 533 82.03 3.02 5.78
CA ASP G 533 81.36 4.06 6.59
C ASP G 533 79.99 4.48 6.06
N ASP G 534 79.75 4.27 4.76
CA ASP G 534 78.55 4.78 4.08
C ASP G 534 77.42 3.74 4.19
N CYS G 535 76.80 3.70 5.36
CA CYS G 535 75.66 2.83 5.62
C CYS G 535 74.51 3.73 6.04
N THR G 536 73.30 3.16 6.11
CA THR G 536 72.12 3.96 6.42
C THR G 536 72.16 4.52 7.85
N GLU G 537 71.58 5.71 8.02
CA GLU G 537 71.48 6.33 9.34
C GLU G 537 70.50 5.56 10.23
N THR G 538 69.53 4.90 9.59
CA THR G 538 68.59 4.00 10.28
C THR G 538 69.29 2.78 10.89
N LEU G 539 70.22 2.16 10.16
CA LEU G 539 71.00 1.04 10.70
C LEU G 539 71.74 1.40 12.00
N ILE G 540 72.40 2.56 11.99
CA ILE G 540 73.20 2.99 13.15
C ILE G 540 72.31 3.15 14.40
N ALA G 541 71.19 3.84 14.24
CA ALA G 541 70.25 4.06 15.34
C ALA G 541 69.67 2.75 15.86
N TRP G 542 69.22 1.88 14.94
CA TRP G 542 68.69 0.56 15.28
C TRP G 542 69.74 -0.30 15.98
N GLY G 543 70.95 -0.30 15.43
CA GLY G 543 72.07 -1.07 15.96
C GLY G 543 72.48 -0.74 17.38
N LYS G 544 72.49 0.55 17.73
CA LYS G 544 72.77 0.96 19.12
C LYS G 544 71.74 0.38 20.10
N ARG G 545 70.45 0.46 19.73
CA ARG G 545 69.37 -0.03 20.58
C ARG G 545 69.42 -1.53 20.77
N VAL G 546 69.74 -2.26 19.71
CA VAL G 546 69.90 -3.71 19.77
C VAL G 546 71.03 -4.12 20.70
N ALA G 547 72.17 -3.43 20.56
CA ALA G 547 73.34 -3.69 21.41
C ALA G 547 73.02 -3.54 22.89
N ALA G 548 72.38 -2.43 23.23
CA ALA G 548 72.00 -2.13 24.62
C ALA G 548 71.05 -3.19 25.18
N THR G 549 70.07 -3.61 24.37
CA THR G 549 69.09 -4.64 24.77
C THR G 549 69.75 -6.01 25.00
N ASN G 550 70.56 -6.45 24.03
CA ASN G 550 71.34 -7.69 24.15
C ASN G 550 72.30 -7.75 25.34
N SER G 551 72.88 -6.62 25.71
CA SER G 551 73.88 -6.58 26.79
C SER G 551 73.30 -6.26 28.16
N ARG G 552 71.99 -6.00 28.27
CA ARG G 552 71.44 -5.62 29.58
C ARG G 552 71.72 -6.73 30.59
N LYS G 553 72.23 -6.34 31.75
CA LYS G 553 72.86 -7.29 32.67
C LYS G 553 71.82 -8.16 33.41
N PRO G 554 72.26 -9.32 33.96
CA PRO G 554 71.33 -10.19 34.71
C PRO G 554 70.76 -9.54 35.97
N GLN G 555 69.63 -10.05 36.46
CA GLN G 555 69.10 -9.66 37.78
C GLN G 555 69.84 -10.39 38.89
N MET H 1 89.10 -7.33 36.49
CA MET H 1 87.83 -7.94 36.00
C MET H 1 88.17 -9.23 35.24
N TYR H 2 87.88 -10.36 35.87
CA TYR H 2 87.99 -11.67 35.22
C TYR H 2 86.57 -12.16 34.91
N THR H 3 86.33 -12.56 33.66
CA THR H 3 85.00 -12.89 33.17
C THR H 3 84.76 -14.37 32.87
N VAL H 4 83.49 -14.72 32.66
CA VAL H 4 83.09 -16.09 32.30
C VAL H 4 83.81 -16.51 31.01
N GLY H 5 83.82 -15.62 30.02
CA GLY H 5 84.55 -15.84 28.78
C GLY H 5 86.05 -16.04 28.96
N MET H 6 86.65 -15.32 29.91
CA MET H 6 88.07 -15.55 30.23
C MET H 6 88.31 -16.91 30.88
N TYR H 7 87.40 -17.35 31.76
CA TYR H 7 87.48 -18.70 32.31
C TYR H 7 87.49 -19.74 31.19
N LEU H 8 86.53 -19.64 30.28
CA LEU H 8 86.47 -20.52 29.12
C LEU H 8 87.78 -20.48 28.35
N ALA H 9 88.24 -19.28 28.01
CA ALA H 9 89.49 -19.13 27.25
C ALA H 9 90.68 -19.78 27.94
N GLU H 10 90.79 -19.60 29.25
CA GLU H 10 91.91 -20.16 30.00
C GLU H 10 91.88 -21.69 30.03
N ARG H 11 90.71 -22.30 30.19
CA ARG H 11 90.61 -23.76 30.16
C ARG H 11 90.88 -24.31 28.78
N LEU H 12 90.43 -23.62 27.74
CA LEU H 12 90.75 -24.03 26.37
C LEU H 12 92.27 -23.98 26.11
N ALA H 13 92.93 -22.92 26.57
CA ALA H 13 94.42 -22.84 26.51
C ALA H 13 95.07 -24.00 27.27
N GLN H 14 94.55 -24.35 28.43
CA GLN H 14 95.04 -25.51 29.21
C GLN H 14 94.88 -26.91 28.55
N ILE H 15 93.96 -27.04 27.60
CA ILE H 15 93.81 -28.27 26.80
C ILE H 15 94.99 -28.44 25.84
N GLY H 16 95.58 -27.32 25.41
CA GLY H 16 96.62 -27.29 24.37
C GLY H 16 96.22 -26.57 23.09
N LEU H 17 95.04 -25.95 23.06
CA LEU H 17 94.60 -25.19 21.89
C LEU H 17 95.46 -23.93 21.75
N LYS H 18 96.05 -23.73 20.57
CA LYS H 18 96.64 -22.44 20.20
C LYS H 18 95.70 -21.62 19.34
N HIS H 19 94.61 -22.24 18.89
CA HIS H 19 93.62 -21.57 18.06
C HIS H 19 92.20 -22.01 18.43
N HIS H 20 91.23 -21.15 18.13
CA HIS H 20 89.83 -21.55 18.06
C HIS H 20 89.18 -20.86 16.87
N PHE H 21 88.07 -21.44 16.42
CA PHE H 21 87.42 -21.06 15.18
C PHE H 21 86.08 -20.42 15.44
N ALA H 22 85.75 -19.37 14.71
CA ALA H 22 84.56 -18.59 15.03
C ALA H 22 83.85 -18.02 13.83
N VAL H 23 82.53 -17.89 13.98
CA VAL H 23 81.72 -17.04 13.13
C VAL H 23 80.95 -16.11 14.06
N ALA H 24 81.10 -14.81 13.83
CA ALA H 24 80.53 -13.78 14.68
C ALA H 24 79.01 -13.71 14.54
N GLY H 25 78.33 -13.37 15.62
CA GLY H 25 76.91 -13.05 15.63
C GLY H 25 76.58 -12.29 16.88
N ASP H 26 75.51 -11.49 16.91
CA ASP H 26 75.28 -10.63 18.07
C ASP H 26 75.14 -11.34 19.44
N TYR H 27 74.70 -12.61 19.44
CA TYR H 27 74.66 -13.42 20.66
C TYR H 27 76.03 -13.85 21.19
N ASN H 28 77.08 -13.78 20.37
CA ASN H 28 78.42 -14.21 20.79
C ASN H 28 79.54 -13.15 20.74
N LEU H 29 79.22 -11.90 20.37
CA LEU H 29 80.26 -10.87 20.18
C LEU H 29 81.04 -10.57 21.46
N VAL H 30 80.34 -10.39 22.59
CA VAL H 30 81.01 -10.15 23.86
C VAL H 30 81.85 -11.36 24.27
N LEU H 31 81.35 -12.56 24.03
CA LEU H 31 82.14 -13.79 24.24
C LEU H 31 83.40 -13.81 23.39
N LEU H 32 83.29 -13.41 22.12
CA LEU H 32 84.45 -13.38 21.24
C LEU H 32 85.50 -12.37 21.76
N ASP H 33 85.06 -11.22 22.28
CA ASP H 33 85.98 -10.26 22.90
C ASP H 33 86.74 -10.84 24.08
N GLN H 34 86.07 -11.64 24.91
CA GLN H 34 86.72 -12.27 26.07
C GLN H 34 87.79 -13.25 25.63
N LEU H 35 87.47 -14.05 24.64
CA LEU H 35 88.41 -15.02 24.07
C LEU H 35 89.63 -14.35 23.39
N LEU H 36 89.43 -13.17 22.81
CA LEU H 36 90.52 -12.39 22.20
C LEU H 36 91.52 -11.84 23.21
N LEU H 37 91.10 -11.65 24.47
CA LEU H 37 92.02 -11.21 25.52
C LEU H 37 93.05 -12.28 25.92
N ASN H 38 92.75 -13.56 25.63
CA ASN H 38 93.70 -14.64 25.94
C ASN H 38 94.90 -14.62 24.99
N LYS H 39 96.08 -14.53 25.59
CA LYS H 39 97.35 -14.41 24.85
C LYS H 39 97.83 -15.72 24.22
N ASP H 40 97.40 -16.86 24.74
CA ASP H 40 97.86 -18.16 24.25
C ASP H 40 97.12 -18.70 23.00
N MET H 41 96.12 -17.98 22.51
CA MET H 41 95.31 -18.44 21.39
C MET H 41 95.08 -17.37 20.35
N GLU H 42 95.05 -17.77 19.08
N GLU H 42 94.96 -17.78 19.09
CA GLU H 42 94.58 -16.93 17.98
CA GLU H 42 94.56 -16.89 18.00
C GLU H 42 93.09 -17.27 17.72
C GLU H 42 93.16 -17.26 17.51
N GLN H 43 92.30 -16.26 17.36
CA GLN H 43 90.91 -16.46 16.97
C GLN H 43 90.81 -16.43 15.43
N VAL H 44 90.42 -17.57 14.86
CA VAL H 44 90.41 -17.80 13.41
C VAL H 44 88.97 -17.74 12.88
N TYR H 45 88.72 -16.88 11.90
CA TYR H 45 87.37 -16.71 11.36
C TYR H 45 87.08 -17.61 10.15
N CYS H 46 85.80 -17.96 9.97
CA CYS H 46 85.36 -18.89 8.92
C CYS H 46 84.22 -18.32 8.11
N CYS H 47 84.04 -18.85 6.90
CA CYS H 47 83.01 -18.34 5.96
C CYS H 47 81.60 -18.67 6.44
N ASN H 48 81.41 -19.92 6.88
CA ASN H 48 80.15 -20.35 7.45
C ASN H 48 80.35 -21.37 8.56
N GLU H 49 79.27 -21.70 9.27
CA GLU H 49 79.35 -22.45 10.50
C GLU H 49 79.52 -23.95 10.29
N LEU H 50 79.09 -24.46 9.13
CA LEU H 50 79.41 -25.85 8.78
C LEU H 50 80.92 -26.03 8.63
N ASN H 51 81.53 -25.12 7.86
CA ASN H 51 82.98 -25.11 7.65
C ASN H 51 83.74 -24.79 8.94
N CYS H 52 83.21 -23.87 9.73
CA CYS H 52 83.77 -23.59 11.04
C CYS H 52 83.88 -24.86 11.89
N GLY H 53 82.78 -25.60 11.95
CA GLY H 53 82.72 -26.86 12.69
C GLY H 53 83.68 -27.90 12.18
N PHE H 54 83.76 -28.04 10.85
CA PHE H 54 84.70 -28.99 10.24
C PHE H 54 86.18 -28.54 10.32
N SER H 55 86.41 -27.23 10.39
CA SER H 55 87.76 -26.67 10.61
C SER H 55 88.24 -27.04 12.01
N ALA H 56 87.36 -26.90 13.01
CA ALA H 56 87.65 -27.37 14.37
C ALA H 56 87.89 -28.88 14.39
N GLU H 57 87.10 -29.62 13.63
CA GLU H 57 87.26 -31.08 13.58
C GLU H 57 88.65 -31.47 13.04
N GLY H 58 89.10 -30.77 12.01
CA GLY H 58 90.47 -30.94 11.48
C GLY H 58 91.56 -30.57 12.50
N TYR H 59 91.38 -29.44 13.18
CA TYR H 59 92.28 -28.99 14.25
C TYR H 59 92.48 -30.04 15.36
N ALA H 60 91.41 -30.76 15.67
CA ALA H 60 91.42 -31.80 16.70
C ALA H 60 92.15 -33.06 16.25
N ARG H 61 92.20 -33.29 14.93
CA ARG H 61 93.04 -34.36 14.38
C ARG H 61 94.54 -34.04 14.58
N ALA H 62 94.90 -32.77 14.48
CA ALA H 62 96.27 -32.28 14.73
C ALA H 62 96.66 -32.25 16.22
N ARG H 63 95.83 -31.62 17.04
CA ARG H 63 96.15 -31.24 18.43
C ARG H 63 95.47 -32.05 19.55
N GLY H 64 94.51 -32.90 19.20
CA GLY H 64 93.76 -33.69 20.19
C GLY H 64 92.43 -33.09 20.65
N ALA H 65 92.21 -31.80 20.39
CA ALA H 65 90.97 -31.13 20.76
C ALA H 65 90.84 -29.85 19.99
N ALA H 66 89.66 -29.25 20.05
CA ALA H 66 89.37 -28.02 19.30
C ALA H 66 88.12 -27.34 19.81
N ALA H 67 87.91 -26.11 19.36
CA ALA H 67 86.78 -25.33 19.79
C ALA H 67 86.26 -24.48 18.63
N ALA H 68 84.93 -24.52 18.44
CA ALA H 68 84.25 -23.69 17.46
C ALA H 68 83.23 -22.81 18.20
N ILE H 69 83.15 -21.54 17.86
CA ILE H 69 82.25 -20.59 18.52
C ILE H 69 81.30 -20.01 17.47
N VAL H 70 79.99 -20.09 17.76
CA VAL H 70 78.92 -19.76 16.80
C VAL H 70 77.81 -18.96 17.47
N THR H 71 76.89 -18.40 16.67
CA THR H 71 75.73 -17.70 17.19
C THR H 71 74.53 -18.67 17.34
N PHE H 72 73.49 -18.20 18.02
CA PHE H 72 72.33 -19.03 18.34
C PHE H 72 71.51 -19.43 17.09
N SER H 73 71.21 -20.73 16.98
CA SER H 73 70.34 -21.33 15.94
C SER H 73 70.89 -21.30 14.53
N VAL H 74 70.87 -20.12 13.92
CA VAL H 74 71.31 -19.93 12.53
C VAL H 74 72.77 -20.32 12.37
N GLY H 75 73.57 -20.15 13.42
CA GLY H 75 74.93 -20.67 13.45
C GLY H 75 75.01 -22.12 13.88
N ALA H 76 74.47 -22.41 15.06
CA ALA H 76 74.72 -23.69 15.71
C ALA H 76 74.16 -24.92 15.00
N ILE H 77 72.98 -24.80 14.37
CA ILE H 77 72.34 -25.99 13.76
C ILE H 77 73.20 -26.54 12.60
N SER H 78 73.75 -25.65 11.76
CA SER H 78 74.71 -26.10 10.72
C SER H 78 75.94 -26.78 11.35
N ALA H 79 76.47 -26.16 12.39
CA ALA H 79 77.59 -26.71 13.14
C ALA H 79 77.31 -28.08 13.75
N MET H 80 76.05 -28.40 14.06
CA MET H 80 75.70 -29.73 14.59
C MET H 80 75.98 -30.87 13.63
N ASN H 81 75.97 -30.60 12.33
CA ASN H 81 76.39 -31.60 11.35
C ASN H 81 77.87 -31.95 11.56
N ALA H 82 78.71 -30.93 11.72
CA ALA H 82 80.13 -31.14 12.02
C ALA H 82 80.36 -31.80 13.37
N ILE H 83 79.55 -31.44 14.36
CA ILE H 83 79.59 -32.05 15.70
C ILE H 83 79.18 -33.53 15.66
N GLY H 84 78.13 -33.85 14.91
CA GLY H 84 77.82 -35.25 14.62
C GLY H 84 78.98 -35.96 13.93
N GLY H 85 79.60 -35.26 13.00
CA GLY H 85 80.87 -35.70 12.41
C GLY H 85 81.96 -36.00 13.42
N ALA H 86 82.19 -35.06 14.33
CA ALA H 86 83.19 -35.26 15.39
C ALA H 86 82.82 -36.43 16.31
N TYR H 87 81.52 -36.62 16.58
CA TYR H 87 81.07 -37.77 17.37
C TYR H 87 81.40 -39.06 16.64
N ALA H 88 81.03 -39.11 15.36
CA ALA H 88 81.31 -40.26 14.50
C ALA H 88 82.81 -40.61 14.42
N GLU H 89 83.65 -39.58 14.29
CA GLU H 89 85.11 -39.79 14.16
C GLU H 89 85.91 -39.67 15.49
N ASN H 90 85.20 -39.59 16.62
CA ASN H 90 85.79 -39.66 17.96
C ASN H 90 86.75 -38.52 18.30
N LEU H 91 86.36 -37.30 17.98
CA LEU H 91 87.20 -36.13 18.20
C LEU H 91 86.58 -35.21 19.25
N PRO H 92 87.36 -34.82 20.29
CA PRO H 92 86.86 -33.83 21.26
C PRO H 92 86.75 -32.40 20.73
N VAL H 93 85.70 -32.12 19.96
CA VAL H 93 85.42 -30.76 19.51
C VAL H 93 84.41 -30.11 20.46
N ILE H 94 84.71 -28.92 20.96
CA ILE H 94 83.82 -28.20 21.85
C ILE H 94 83.07 -27.17 21.03
N LEU H 95 81.75 -27.29 20.92
CA LEU H 95 80.94 -26.27 20.25
C LEU H 95 80.39 -25.33 21.29
N ILE H 96 80.70 -24.04 21.16
CA ILE H 96 80.17 -23.04 22.09
C ILE H 96 79.28 -22.08 21.33
N SER H 97 78.04 -21.93 21.78
CA SER H 97 77.10 -21.05 21.13
C SER H 97 76.76 -19.90 22.06
N GLY H 98 76.68 -18.70 21.50
CA GLY H 98 76.03 -17.62 22.21
C GLY H 98 74.55 -17.96 22.34
N SER H 99 73.89 -17.43 23.35
CA SER H 99 72.47 -17.74 23.54
C SER H 99 71.77 -16.52 24.10
N PRO H 100 70.42 -16.56 24.20
CA PRO H 100 69.71 -15.34 24.61
C PRO H 100 70.06 -14.75 25.97
N ASN H 101 69.73 -13.46 26.09
CA ASN H 101 69.90 -12.70 27.31
C ASN H 101 69.08 -13.35 28.42
N THR H 102 69.66 -13.47 29.62
CA THR H 102 69.00 -14.13 30.75
C THR H 102 67.63 -13.53 31.09
N ASN H 103 67.47 -12.22 30.90
CA ASN H 103 66.22 -11.54 31.22
C ASN H 103 65.03 -11.90 30.31
N ASP H 104 65.29 -12.56 29.19
CA ASP H 104 64.23 -13.02 28.30
C ASP H 104 63.61 -14.35 28.72
N TYR H 105 64.29 -15.12 29.58
CA TYR H 105 63.75 -16.40 30.04
C TYR H 105 62.54 -16.17 30.96
N GLY H 106 61.53 -17.00 30.82
CA GLY H 106 60.26 -16.83 31.56
C GLY H 106 59.48 -15.55 31.29
N THR H 107 59.61 -14.98 30.09
CA THR H 107 58.84 -13.79 29.69
C THR H 107 57.80 -14.03 28.57
N GLY H 108 58.06 -14.99 27.69
CA GLY H 108 57.28 -15.16 26.46
C GLY H 108 57.73 -14.32 25.28
N HIS H 109 58.89 -13.67 25.39
CA HIS H 109 59.46 -12.88 24.30
C HIS H 109 59.82 -13.74 23.10
N ILE H 110 59.54 -13.20 21.91
CA ILE H 110 59.96 -13.82 20.68
C ILE H 110 61.30 -13.18 20.34
N LEU H 111 62.31 -13.99 20.01
CA LEU H 111 63.66 -13.48 19.78
C LEU H 111 64.17 -13.81 18.38
N HIS H 112 64.98 -12.91 17.83
CA HIS H 112 65.60 -13.10 16.51
C HIS H 112 66.49 -14.34 16.54
N HIS H 113 66.67 -14.96 15.38
CA HIS H 113 67.34 -16.27 15.22
C HIS H 113 66.67 -17.40 16.03
N THR H 114 65.36 -17.37 16.18
CA THR H 114 64.68 -18.52 16.72
C THR H 114 63.54 -18.87 15.78
N ILE H 115 62.95 -20.02 16.02
CA ILE H 115 61.78 -20.47 15.23
C ILE H 115 60.50 -19.67 15.51
N GLY H 116 60.51 -18.77 16.49
CA GLY H 116 59.40 -17.85 16.71
C GLY H 116 58.43 -18.25 17.82
N THR H 117 58.80 -19.26 18.63
CA THR H 117 58.04 -19.67 19.80
C THR H 117 58.76 -19.16 21.04
N THR H 118 58.20 -19.43 22.21
CA THR H 118 58.83 -19.04 23.48
C THR H 118 59.85 -20.06 24.00
N ASP H 119 60.11 -21.09 23.20
CA ASP H 119 61.06 -22.14 23.55
C ASP H 119 62.47 -21.71 23.10
N TYR H 120 63.36 -21.46 24.07
CA TYR H 120 64.78 -21.27 23.77
C TYR H 120 65.62 -22.53 24.05
N ASN H 121 65.00 -23.60 24.54
N ASN H 121 64.99 -23.59 24.57
CA ASN H 121 65.71 -24.83 24.90
CA ASN H 121 65.67 -24.84 24.91
C ASN H 121 65.92 -25.80 23.73
C ASN H 121 65.93 -25.79 23.74
N TYR H 122 65.29 -25.54 22.58
CA TYR H 122 65.30 -26.51 21.48
C TYR H 122 66.68 -26.83 20.92
N GLN H 123 67.55 -25.83 20.87
CA GLN H 123 68.91 -26.04 20.38
C GLN H 123 69.66 -27.01 21.28
N LEU H 124 69.59 -26.76 22.58
CA LEU H 124 70.15 -27.69 23.57
C LEU H 124 69.55 -29.09 23.41
N GLU H 125 68.24 -29.21 23.24
CA GLU H 125 67.64 -30.55 23.10
C GLU H 125 68.09 -31.26 21.82
N MET H 126 68.21 -30.49 20.72
CA MET H 126 68.75 -31.04 19.48
C MET H 126 70.19 -31.54 19.62
N VAL H 127 71.06 -30.71 20.18
CA VAL H 127 72.50 -31.02 20.20
C VAL H 127 72.87 -32.19 21.11
N LYS H 128 72.07 -32.44 22.15
CA LYS H 128 72.29 -33.61 23.04
C LYS H 128 72.39 -34.95 22.30
N HIS H 129 71.74 -35.03 21.14
CA HIS H 129 71.72 -36.26 20.35
C HIS H 129 73.04 -36.53 19.62
N VAL H 130 73.88 -35.50 19.48
CA VAL H 130 75.19 -35.60 18.82
C VAL H 130 76.40 -35.21 19.70
N THR H 131 76.22 -35.21 21.02
CA THR H 131 77.31 -34.87 21.96
C THR H 131 77.35 -35.85 23.14
N CYS H 132 78.47 -35.85 23.88
CA CYS H 132 78.58 -36.60 25.14
C CYS H 132 78.24 -35.76 26.36
N ALA H 133 78.21 -34.43 26.19
CA ALA H 133 77.86 -33.52 27.27
C ALA H 133 77.36 -32.23 26.65
N ALA H 134 76.34 -31.65 27.25
CA ALA H 134 75.76 -30.40 26.76
C ALA H 134 75.20 -29.60 27.93
N GLU H 135 75.57 -28.34 28.03
CA GLU H 135 75.22 -27.53 29.19
C GLU H 135 74.93 -26.12 28.76
N SER H 136 74.06 -25.46 29.49
CA SER H 136 73.68 -24.10 29.24
C SER H 136 74.09 -23.28 30.45
N ILE H 137 74.64 -22.10 30.23
CA ILE H 137 75.15 -21.23 31.29
C ILE H 137 74.33 -19.96 31.28
N VAL H 138 73.60 -19.72 32.37
CA VAL H 138 72.82 -18.49 32.56
C VAL H 138 73.22 -17.66 33.79
N SER H 139 74.28 -18.04 34.49
CA SER H 139 74.82 -17.25 35.62
C SER H 139 76.33 -17.46 35.75
N ALA H 140 77.05 -16.42 36.19
CA ALA H 140 78.49 -16.55 36.41
C ALA H 140 78.84 -17.59 37.47
N GLU H 141 77.98 -17.76 38.48
CA GLU H 141 78.24 -18.72 39.55
C GLU H 141 78.30 -20.18 39.10
N GLU H 142 77.44 -20.58 38.16
CA GLU H 142 77.44 -21.96 37.62
C GLU H 142 78.44 -22.21 36.48
N ALA H 143 78.97 -21.14 35.89
CA ALA H 143 79.79 -21.26 34.67
C ALA H 143 81.03 -22.14 34.83
N PRO H 144 81.78 -21.99 35.95
CA PRO H 144 82.95 -22.86 36.09
C PRO H 144 82.63 -24.35 36.03
N ALA H 145 81.66 -24.80 36.81
CA ALA H 145 81.32 -26.22 36.87
C ALA H 145 80.84 -26.74 35.51
N LYS H 146 80.12 -25.93 34.75
CA LYS H 146 79.60 -26.38 33.47
C LYS H 146 80.67 -26.38 32.38
N ILE H 147 81.46 -25.31 32.32
CA ILE H 147 82.61 -25.26 31.41
C ILE H 147 83.49 -26.49 31.59
N ASP H 148 83.90 -26.76 32.82
CA ASP H 148 84.86 -27.84 33.09
C ASP H 148 84.25 -29.19 32.85
N HIS H 149 82.96 -29.36 33.16
CA HIS H 149 82.29 -30.62 32.90
C HIS H 149 82.27 -30.98 31.40
N VAL H 150 81.95 -30.02 30.54
CA VAL H 150 81.91 -30.31 29.09
C VAL H 150 83.30 -30.64 28.54
N ILE H 151 84.31 -29.86 28.93
CA ILE H 151 85.69 -30.07 28.47
C ILE H 151 86.25 -31.41 28.96
N ARG H 152 86.14 -31.68 30.25
CA ARG H 152 86.64 -32.95 30.83
C ARG H 152 85.99 -34.17 30.19
N THR H 153 84.67 -34.15 30.07
CA THR H 153 83.92 -35.26 29.50
C THR H 153 84.34 -35.49 28.02
N ALA H 154 84.39 -34.41 27.23
CA ALA H 154 84.82 -34.51 25.84
C ALA H 154 86.19 -35.19 25.72
N LEU H 155 87.18 -34.70 26.48
CA LEU H 155 88.55 -35.24 26.43
C LEU H 155 88.61 -36.71 26.86
N ARG H 156 87.91 -37.05 27.95
CA ARG H 156 87.91 -38.44 28.43
C ARG H 156 87.16 -39.38 27.50
N GLU H 157 85.99 -38.96 27.02
CA GLU H 157 85.18 -39.80 26.14
C GLU H 157 85.70 -39.84 24.70
N ARG H 158 86.50 -38.84 24.33
CA ARG H 158 86.87 -38.60 22.93
C ARG H 158 85.61 -38.39 22.08
N LYS H 159 84.78 -37.45 22.53
CA LYS H 159 83.51 -37.13 21.87
C LYS H 159 83.32 -35.65 21.97
N PRO H 160 82.52 -35.05 21.08
CA PRO H 160 82.33 -33.61 21.18
C PRO H 160 81.33 -33.28 22.28
N ALA H 161 81.29 -31.99 22.64
CA ALA H 161 80.41 -31.49 23.67
C ALA H 161 79.98 -30.10 23.31
N TYR H 162 79.03 -29.58 24.08
CA TYR H 162 78.37 -28.34 23.74
C TYR H 162 78.21 -27.46 24.96
N LEU H 163 78.41 -26.17 24.74
CA LEU H 163 78.08 -25.14 25.71
C LEU H 163 77.29 -24.04 25.06
N GLU H 164 76.28 -23.53 25.75
CA GLU H 164 75.75 -22.22 25.40
C GLU H 164 75.95 -21.29 26.57
N ILE H 165 76.19 -20.02 26.26
CA ILE H 165 76.48 -19.02 27.25
C ILE H 165 75.63 -17.82 26.90
N ALA H 166 74.77 -17.41 27.83
CA ALA H 166 73.94 -16.24 27.62
C ALA H 166 74.82 -15.06 27.22
N CYS H 167 74.34 -14.28 26.25
CA CYS H 167 75.15 -13.20 25.68
C CYS H 167 75.52 -12.12 26.72
N ASN H 168 74.71 -12.00 27.79
CA ASN H 168 74.96 -11.06 28.88
C ASN H 168 75.65 -11.66 30.11
N VAL H 169 76.11 -12.91 29.99
CA VAL H 169 76.86 -13.62 31.03
C VAL H 169 78.32 -13.84 30.60
N ALA H 170 78.61 -13.89 29.29
CA ALA H 170 79.99 -14.03 28.80
C ALA H 170 80.95 -12.97 29.37
N GLY H 171 80.48 -11.74 29.51
CA GLY H 171 81.26 -10.62 30.08
C GLY H 171 81.11 -10.38 31.58
N ALA H 172 80.41 -11.27 32.28
CA ALA H 172 80.13 -11.11 33.70
C ALA H 172 81.29 -11.62 34.54
N GLU H 173 81.46 -10.99 35.70
CA GLU H 173 82.51 -11.33 36.67
C GLU H 173 82.42 -12.79 37.11
N CYS H 174 83.54 -13.49 37.04
CA CYS H 174 83.62 -14.92 37.33
C CYS H 174 84.84 -15.23 38.19
N VAL H 175 84.77 -16.29 38.98
CA VAL H 175 85.94 -16.78 39.72
C VAL H 175 87.02 -17.28 38.75
N ARG H 176 88.28 -17.33 39.22
CA ARG H 176 89.40 -17.76 38.41
C ARG H 176 89.59 -19.28 38.49
N PRO H 177 89.99 -19.90 37.37
CA PRO H 177 90.30 -21.33 37.37
C PRO H 177 91.63 -21.60 38.07
N GLY H 178 91.69 -22.71 38.80
CA GLY H 178 92.90 -23.11 39.49
C GLY H 178 93.87 -23.84 38.56
N PRO H 179 95.13 -24.00 39.02
CA PRO H 179 96.14 -24.66 38.19
C PRO H 179 95.94 -26.18 38.12
N ILE H 180 96.34 -26.76 37.00
CA ILE H 180 96.14 -28.18 36.72
C ILE H 180 97.38 -28.78 36.06
N ASN H 181 97.58 -30.07 36.28
CA ASN H 181 98.50 -30.87 35.48
C ASN H 181 97.90 -31.10 34.09
N SER H 182 96.73 -31.73 34.04
CA SER H 182 96.07 -32.10 32.78
C SER H 182 94.56 -32.08 32.95
N LEU H 183 93.85 -31.54 31.97
CA LEU H 183 92.38 -31.62 31.95
C LEU H 183 91.85 -33.02 31.53
N LEU H 184 92.72 -33.88 30.98
CA LEU H 184 92.40 -35.28 30.70
C LEU H 184 92.71 -36.15 31.93
N ARG H 185 91.67 -36.59 32.63
CA ARG H 185 91.79 -37.55 33.74
C ARG H 185 91.08 -38.82 33.30
N GLU H 186 91.78 -39.95 33.35
CA GLU H 186 91.24 -41.25 32.98
C GLU H 186 90.68 -41.95 34.21
N LEU H 187 89.83 -42.95 33.96
CA LEU H 187 89.30 -43.77 35.04
C LEU H 187 90.42 -44.68 35.55
N GLU H 188 90.35 -45.06 36.83
CA GLU H 188 91.25 -46.07 37.37
C GLU H 188 91.01 -47.40 36.68
N VAL H 189 92.10 -48.12 36.41
CA VAL H 189 92.08 -49.43 35.79
C VAL H 189 92.00 -50.51 36.87
N ASP H 190 91.14 -51.50 36.64
CA ASP H 190 90.96 -52.62 37.57
C ASP H 190 92.04 -53.66 37.27
N GLN H 191 92.96 -53.84 38.23
CA GLN H 191 94.09 -54.75 38.06
C GLN H 191 93.71 -56.23 38.04
N THR H 192 92.71 -56.61 38.84
CA THR H 192 92.13 -57.95 38.75
C THR H 192 91.69 -58.26 37.31
N SER H 193 91.05 -57.31 36.64
CA SER H 193 90.54 -57.55 35.30
C SER H 193 91.67 -57.63 34.27
N VAL H 194 92.62 -56.70 34.36
CA VAL H 194 93.76 -56.69 33.43
C VAL H 194 94.52 -58.02 33.54
N THR H 195 94.80 -58.44 34.76
CA THR H 195 95.57 -59.65 35.02
C THR H 195 94.87 -60.88 34.43
N ALA H 196 93.59 -61.06 34.74
CA ALA H 196 92.82 -62.20 34.24
C ALA H 196 92.64 -62.18 32.70
N ALA H 197 92.50 -60.98 32.13
CA ALA H 197 92.38 -60.85 30.66
C ALA H 197 93.68 -61.26 29.96
N VAL H 198 94.83 -60.86 30.51
CA VAL H 198 96.15 -61.22 29.96
C VAL H 198 96.37 -62.72 30.06
N ASP H 199 96.18 -63.28 31.25
CA ASP H 199 96.36 -64.72 31.50
C ASP H 199 95.52 -65.56 30.56
N ALA H 200 94.24 -65.20 30.39
CA ALA H 200 93.36 -65.92 29.47
C ALA H 200 93.76 -65.72 28.02
N ALA H 201 94.24 -64.52 27.67
CA ALA H 201 94.73 -64.22 26.32
C ALA H 201 95.94 -65.08 25.95
N VAL H 202 96.88 -65.21 26.87
CA VAL H 202 98.09 -66.01 26.64
C VAL H 202 97.75 -67.49 26.48
N GLU H 203 96.84 -67.99 27.31
CA GLU H 203 96.30 -69.35 27.16
C GLU H 203 95.56 -69.55 25.82
N TRP H 204 94.77 -68.55 25.43
CA TRP H 204 94.04 -68.58 24.16
C TRP H 204 94.99 -68.67 22.95
N LEU H 205 96.17 -68.06 23.07
CA LEU H 205 97.16 -68.08 21.99
C LEU H 205 98.02 -69.35 21.91
N GLN H 206 97.95 -70.23 22.91
CA GLN H 206 98.80 -71.44 22.95
C GLN H 206 98.68 -72.30 21.70
N ASP H 207 97.45 -72.64 21.31
CA ASP H 207 97.19 -73.55 20.20
C ASP H 207 96.80 -72.83 18.90
N ARG H 208 97.34 -71.63 18.71
CA ARG H 208 97.03 -70.77 17.54
C ARG H 208 98.32 -70.21 16.97
N GLN H 209 98.77 -70.79 15.87
CA GLN H 209 100.05 -70.45 15.27
C GLN H 209 99.96 -69.26 14.31
N ASN H 210 98.90 -69.22 13.48
CA ASN H 210 98.71 -68.12 12.55
C ASN H 210 97.95 -66.96 13.20
N VAL H 211 98.69 -65.94 13.63
CA VAL H 211 98.14 -64.80 14.34
C VAL H 211 98.26 -63.57 13.45
N VAL H 212 97.20 -62.77 13.42
CA VAL H 212 97.18 -61.52 12.65
C VAL H 212 96.60 -60.42 13.53
N MET H 213 97.22 -59.25 13.49
CA MET H 213 96.68 -58.07 14.14
C MET H 213 95.95 -57.28 13.07
N LEU H 214 94.76 -56.82 13.42
CA LEU H 214 93.93 -56.01 12.55
C LEU H 214 93.71 -54.70 13.30
N VAL H 215 94.33 -53.62 12.82
CA VAL H 215 94.27 -52.33 13.48
C VAL H 215 93.04 -51.56 12.99
N GLY H 216 92.23 -51.13 13.96
CA GLY H 216 90.96 -50.45 13.70
C GLY H 216 91.02 -48.96 13.91
N SER H 217 89.95 -48.29 13.46
CA SER H 217 89.91 -46.83 13.37
C SER H 217 89.67 -46.09 14.68
N LYS H 218 89.47 -46.79 15.79
CA LYS H 218 89.42 -46.16 17.12
C LYS H 218 90.77 -46.22 17.88
N LEU H 219 91.84 -46.68 17.23
CA LEU H 219 93.15 -46.83 17.90
C LEU H 219 93.72 -45.51 18.40
N ARG H 220 93.60 -44.46 17.60
CA ARG H 220 94.01 -43.11 17.99
C ARG H 220 93.15 -42.57 19.13
N ALA H 221 91.83 -42.79 19.06
CA ALA H 221 90.91 -42.41 20.16
C ALA H 221 91.29 -43.09 21.48
N ALA H 222 91.77 -44.33 21.38
CA ALA H 222 92.23 -45.09 22.54
C ALA H 222 93.63 -44.68 23.05
N ALA H 223 94.32 -43.76 22.36
CA ALA H 223 95.73 -43.43 22.65
C ALA H 223 96.56 -44.70 22.88
N ALA H 224 96.47 -45.65 21.94
CA ALA H 224 97.15 -46.92 22.05
C ALA H 224 98.03 -47.24 20.84
N GLU H 225 98.48 -46.20 20.12
CA GLU H 225 99.32 -46.40 18.91
C GLU H 225 100.68 -47.05 19.23
N LYS H 226 101.35 -46.53 20.27
CA LYS H 226 102.66 -47.08 20.70
C LYS H 226 102.55 -48.48 21.27
N GLN H 227 101.48 -48.75 22.01
CA GLN H 227 101.28 -50.05 22.64
C GLN H 227 100.93 -51.12 21.61
N ALA H 228 100.31 -50.72 20.50
CA ALA H 228 100.05 -51.63 19.37
C ALA H 228 101.36 -52.05 18.67
N VAL H 229 102.24 -51.07 18.45
CA VAL H 229 103.60 -51.31 17.94
C VAL H 229 104.37 -52.25 18.90
N ALA H 230 104.26 -52.00 20.21
CA ALA H 230 104.94 -52.85 21.22
C ALA H 230 104.40 -54.27 21.26
N LEU H 231 103.09 -54.43 21.11
CA LEU H 231 102.46 -55.75 21.04
C LEU H 231 102.89 -56.50 19.79
N ALA H 232 102.92 -55.80 18.66
CA ALA H 232 103.35 -56.39 17.39
C ALA H 232 104.80 -56.85 17.43
N ASP H 233 105.68 -56.05 18.05
CA ASP H 233 107.10 -56.40 18.19
C ASP H 233 107.29 -57.75 18.87
N ARG H 234 106.58 -57.98 19.98
CA ARG H 234 106.70 -59.23 20.74
C ARG H 234 105.97 -60.42 20.14
N LEU H 235 104.79 -60.21 19.54
CA LEU H 235 104.13 -61.27 18.77
C LEU H 235 104.92 -61.64 17.52
N GLY H 236 105.47 -60.63 16.85
CA GLY H 236 106.21 -60.81 15.58
C GLY H 236 105.31 -61.23 14.44
N CYS H 237 104.00 -61.00 14.58
CA CYS H 237 102.98 -61.53 13.68
C CYS H 237 102.65 -60.53 12.58
N ALA H 238 101.85 -60.95 11.60
CA ALA H 238 101.42 -60.04 10.55
C ALA H 238 100.52 -58.95 11.14
N VAL H 239 100.59 -57.77 10.55
CA VAL H 239 99.78 -56.64 10.98
C VAL H 239 99.07 -56.06 9.77
N THR H 240 97.74 -55.95 9.87
CA THR H 240 96.92 -55.33 8.84
C THR H 240 96.17 -54.12 9.41
N ILE H 241 95.63 -53.32 8.51
CA ILE H 241 94.78 -52.20 8.88
C ILE H 241 93.43 -52.31 8.19
N MET H 242 92.41 -51.76 8.85
CA MET H 242 91.13 -51.52 8.20
C MET H 242 91.29 -50.19 7.50
N ALA H 243 90.45 -49.92 6.51
CA ALA H 243 90.64 -48.75 5.66
C ALA H 243 90.64 -47.43 6.41
N ALA H 244 89.79 -47.33 7.44
CA ALA H 244 89.71 -46.12 8.26
C ALA H 244 90.87 -45.96 9.23
N ALA H 245 91.69 -47.01 9.43
CA ALA H 245 92.85 -46.95 10.35
C ALA H 245 94.20 -46.55 9.69
N LYS H 246 94.18 -45.97 8.50
CA LYS H 246 95.43 -45.66 7.81
C LYS H 246 96.20 -44.55 8.53
N GLY H 247 97.48 -44.81 8.81
CA GLY H 247 98.32 -43.90 9.58
C GLY H 247 98.47 -44.29 11.04
N PHE H 248 97.53 -45.10 11.57
CA PHE H 248 97.53 -45.46 12.99
C PHE H 248 98.49 -46.60 13.33
N PHE H 249 99.07 -47.22 12.31
CA PHE H 249 100.14 -48.19 12.48
C PHE H 249 101.17 -47.96 11.35
N PRO H 250 102.48 -48.03 11.69
CA PRO H 250 103.50 -47.68 10.68
C PRO H 250 103.62 -48.71 9.55
N GLU H 251 103.44 -48.27 8.31
CA GLU H 251 103.52 -49.16 7.15
C GLU H 251 105.00 -49.47 6.78
N ASP H 252 105.92 -48.67 7.32
CA ASP H 252 107.37 -48.99 7.47
C ASP H 252 107.69 -50.34 8.09
N HIS H 253 106.87 -50.75 9.07
CA HIS H 253 107.15 -51.92 9.92
C HIS H 253 107.47 -53.17 9.09
N PRO H 254 108.49 -53.95 9.51
CA PRO H 254 108.82 -55.16 8.70
C PRO H 254 107.69 -56.19 8.56
N ASN H 255 106.83 -56.27 9.58
CA ASN H 255 105.68 -57.19 9.59
C ASN H 255 104.31 -56.67 9.07
N PHE H 256 104.28 -55.45 8.54
CA PHE H 256 103.07 -54.90 7.95
C PHE H 256 102.75 -55.62 6.66
N ARG H 257 101.52 -56.12 6.55
CA ARG H 257 101.04 -56.85 5.38
C ARG H 257 99.75 -56.28 4.77
N GLY H 258 99.52 -54.99 5.00
CA GLY H 258 98.60 -54.21 4.17
C GLY H 258 97.18 -54.02 4.70
N LEU H 259 96.28 -53.77 3.75
CA LEU H 259 94.92 -53.36 3.99
C LEU H 259 94.00 -54.57 3.95
N TYR H 260 93.30 -54.85 5.06
CA TYR H 260 92.16 -55.77 5.02
C TYR H 260 90.84 -55.00 4.84
N TRP H 261 90.17 -55.25 3.72
CA TRP H 261 88.90 -54.63 3.43
C TRP H 261 88.09 -55.56 2.54
N GLY H 262 87.91 -56.79 3.03
CA GLY H 262 87.26 -57.85 2.28
C GLY H 262 87.82 -58.08 0.89
N GLU H 263 86.94 -58.05 -0.10
CA GLU H 263 87.32 -58.28 -1.48
C GLU H 263 88.06 -57.10 -2.14
N VAL H 264 88.10 -55.93 -1.49
CA VAL H 264 88.96 -54.79 -1.95
C VAL H 264 90.25 -54.60 -1.11
N SER H 265 90.68 -55.66 -0.43
CA SER H 265 91.96 -55.69 0.30
C SER H 265 93.19 -55.54 -0.60
N SER H 266 94.33 -55.24 0.03
CA SER H 266 95.66 -55.38 -0.62
C SER H 266 95.87 -56.83 -1.00
N GLU H 267 96.76 -57.07 -1.96
CA GLU H 267 97.02 -58.43 -2.44
C GLU H 267 97.56 -59.31 -1.29
N GLY H 268 96.95 -60.48 -1.10
CA GLY H 268 97.30 -61.40 -0.02
C GLY H 268 96.56 -61.19 1.29
N ALA H 269 96.09 -59.98 1.56
CA ALA H 269 95.66 -59.61 2.91
C ALA H 269 94.30 -60.21 3.31
N GLN H 270 93.39 -60.36 2.35
CA GLN H 270 92.10 -61.01 2.60
C GLN H 270 92.30 -62.44 3.08
N GLU H 271 93.03 -63.21 2.28
CA GLU H 271 93.38 -64.60 2.62
C GLU H 271 94.06 -64.69 3.99
N LEU H 272 95.01 -63.79 4.22
CA LEU H 272 95.81 -63.75 5.45
C LEU H 272 94.93 -63.63 6.70
N VAL H 273 94.04 -62.64 6.69
CA VAL H 273 93.10 -62.40 7.81
C VAL H 273 92.08 -63.54 7.99
N GLU H 274 91.41 -63.93 6.90
CA GLU H 274 90.25 -64.85 6.99
C GLU H 274 90.62 -66.28 7.38
N ASN H 275 91.80 -66.76 6.97
CA ASN H 275 92.29 -68.10 7.32
C ASN H 275 93.14 -68.17 8.59
N ALA H 276 93.39 -67.03 9.24
CA ALA H 276 94.16 -67.00 10.48
C ALA H 276 93.48 -67.75 11.64
N ASP H 277 94.29 -68.24 12.57
CA ASP H 277 93.79 -68.93 13.77
C ASP H 277 93.44 -67.95 14.90
N ALA H 278 94.06 -66.77 14.88
CA ALA H 278 93.77 -65.73 15.85
C ALA H 278 93.81 -64.37 15.17
N ILE H 279 92.73 -63.61 15.31
CA ILE H 279 92.63 -62.28 14.73
C ILE H 279 92.45 -61.30 15.90
N LEU H 280 93.48 -60.48 16.16
CA LEU H 280 93.46 -59.52 17.25
C LEU H 280 93.01 -58.16 16.69
N CYS H 281 91.75 -57.84 16.91
CA CYS H 281 91.19 -56.60 16.43
C CYS H 281 91.45 -55.52 17.46
N LEU H 282 92.15 -54.46 17.05
CA LEU H 282 92.45 -53.34 17.94
C LEU H 282 91.54 -52.17 17.60
N ALA H 283 90.52 -51.95 18.43
CA ALA H 283 89.64 -50.79 18.34
C ALA H 283 88.92 -50.71 16.99
N PRO H 284 88.26 -51.82 16.58
CA PRO H 284 87.55 -51.85 15.29
C PRO H 284 86.21 -51.13 15.27
N VAL H 285 85.84 -50.62 14.08
CA VAL H 285 84.48 -50.15 13.79
C VAL H 285 84.00 -50.94 12.56
N PHE H 286 83.27 -52.02 12.81
CA PHE H 286 82.66 -52.82 11.74
C PHE H 286 81.30 -52.26 11.30
N ASN H 287 81.31 -51.17 10.55
CA ASN H 287 80.07 -50.64 9.97
C ASN H 287 79.78 -51.29 8.58
N ASP H 288 78.68 -50.89 7.94
CA ASP H 288 78.31 -51.46 6.62
C ASP H 288 79.38 -51.20 5.54
N TYR H 289 80.00 -50.01 5.54
CA TYR H 289 81.02 -49.64 4.57
C TYR H 289 82.35 -50.40 4.76
N ALA H 290 82.78 -50.55 6.01
CA ALA H 290 84.01 -51.29 6.35
C ALA H 290 83.92 -52.79 6.13
N THR H 291 82.73 -53.36 6.25
CA THR H 291 82.51 -54.79 6.04
C THR H 291 82.12 -55.13 4.59
N VAL H 292 82.13 -54.13 3.70
CA VAL H 292 81.71 -54.29 2.30
C VAL H 292 80.26 -54.82 2.23
N GLY H 293 79.36 -54.18 2.98
CA GLY H 293 77.95 -54.57 3.05
C GLY H 293 77.71 -55.88 3.81
N TRP H 294 78.32 -56.00 4.98
CA TRP H 294 78.23 -57.17 5.87
C TRP H 294 78.93 -58.46 5.38
N ASN H 295 79.58 -58.41 4.22
CA ASN H 295 80.20 -59.60 3.62
C ASN H 295 81.51 -60.03 4.30
N SER H 296 82.29 -59.06 4.76
CA SER H 296 83.65 -59.30 5.27
C SER H 296 83.79 -58.79 6.71
N TRP H 297 83.31 -59.60 7.66
CA TRP H 297 83.21 -59.21 9.07
C TRP H 297 83.74 -60.36 9.93
N PRO H 298 85.02 -60.25 10.38
CA PRO H 298 85.60 -61.30 11.23
C PRO H 298 84.94 -61.40 12.60
N LYS H 299 84.48 -62.60 12.96
CA LYS H 299 83.94 -62.88 14.29
C LYS H 299 83.96 -64.37 14.61
N GLY H 300 83.76 -64.71 15.89
CA GLY H 300 83.69 -66.10 16.35
C GLY H 300 84.90 -66.53 17.16
N ASP H 301 85.07 -67.85 17.27
CA ASP H 301 86.11 -68.50 18.08
C ASP H 301 87.53 -67.95 17.86
N ASN H 302 87.85 -67.63 16.61
CA ASN H 302 89.19 -67.19 16.22
C ASN H 302 89.45 -65.67 16.32
N VAL H 303 88.51 -64.92 16.89
CA VAL H 303 88.57 -63.46 16.92
C VAL H 303 88.63 -62.98 18.35
N MET H 304 89.48 -61.98 18.58
CA MET H 304 89.54 -61.24 19.83
C MET H 304 89.30 -59.78 19.50
N VAL H 305 88.27 -59.19 20.08
CA VAL H 305 87.96 -57.78 19.90
C VAL H 305 88.48 -57.02 21.12
N MET H 306 89.42 -56.12 20.88
CA MET H 306 89.97 -55.26 21.91
C MET H 306 89.38 -53.88 21.64
N ASP H 307 88.32 -53.53 22.36
CA ASP H 307 87.70 -52.20 22.28
C ASP H 307 88.49 -51.23 23.18
N THR H 308 88.12 -49.95 23.18
CA THR H 308 88.85 -48.93 23.92
C THR H 308 88.88 -49.18 25.43
N ASP H 309 87.84 -49.81 25.97
CA ASP H 309 87.74 -50.07 27.41
C ASP H 309 87.30 -51.52 27.73
N ARG H 310 87.57 -52.46 26.83
CA ARG H 310 87.07 -53.82 26.96
C ARG H 310 87.81 -54.79 26.05
N VAL H 311 87.89 -56.06 26.46
CA VAL H 311 88.45 -57.13 25.62
C VAL H 311 87.53 -58.33 25.66
N THR H 312 87.19 -58.87 24.49
CA THR H 312 86.25 -59.98 24.37
C THR H 312 86.83 -61.08 23.50
N PHE H 313 86.83 -62.30 24.02
CA PHE H 313 87.31 -63.50 23.30
C PHE H 313 87.03 -64.72 24.15
N ALA H 314 86.99 -65.89 23.51
CA ALA H 314 86.82 -67.18 24.23
C ALA H 314 85.60 -67.25 25.16
N GLY H 315 84.48 -66.66 24.71
CA GLY H 315 83.25 -66.59 25.51
C GLY H 315 83.34 -65.79 26.81
N GLN H 316 84.26 -64.83 26.86
CA GLN H 316 84.43 -63.97 28.03
C GLN H 316 84.67 -62.54 27.62
N SER H 317 84.29 -61.62 28.50
CA SER H 317 84.55 -60.21 28.30
C SER H 317 85.13 -59.62 29.58
N PHE H 318 86.20 -58.85 29.43
CA PHE H 318 86.93 -58.24 30.54
C PHE H 318 86.87 -56.73 30.36
N GLU H 319 86.34 -56.03 31.36
CA GLU H 319 86.25 -54.56 31.33
C GLU H 319 86.89 -53.96 32.57
N GLY H 320 86.77 -52.65 32.73
CA GLY H 320 87.52 -51.92 33.76
C GLY H 320 88.99 -51.76 33.38
N LEU H 321 89.28 -51.83 32.09
CA LEU H 321 90.64 -51.71 31.58
C LEU H 321 90.59 -50.75 30.39
N SER H 322 91.75 -50.54 29.76
CA SER H 322 91.82 -49.76 28.53
C SER H 322 92.64 -50.54 27.52
N LEU H 323 92.45 -50.23 26.23
CA LEU H 323 93.25 -50.86 25.17
C LEU H 323 94.75 -50.59 25.41
N SER H 324 95.06 -49.37 25.83
CA SER H 324 96.43 -48.96 26.14
C SER H 324 97.07 -49.86 27.21
N THR H 325 96.42 -49.96 28.37
N THR H 325 96.41 -49.97 28.36
CA THR H 325 96.91 -50.78 29.48
CA THR H 325 96.92 -50.78 29.48
C THR H 325 96.88 -52.29 29.19
C THR H 325 96.87 -52.29 29.22
N PHE H 326 95.84 -52.76 28.52
CA PHE H 326 95.77 -54.20 28.16
C PHE H 326 96.81 -54.62 27.11
N ALA H 327 97.01 -53.82 26.09
CA ALA H 327 97.99 -54.13 25.03
C ALA H 327 99.42 -54.10 25.55
N ALA H 328 99.73 -53.13 26.41
CA ALA H 328 101.06 -53.04 27.04
C ALA H 328 101.33 -54.26 27.94
N ALA H 329 100.36 -54.63 28.78
CA ALA H 329 100.48 -55.83 29.61
C ALA H 329 100.47 -57.15 28.82
N LEU H 330 99.76 -57.19 27.69
CA LEU H 330 99.77 -58.40 26.85
C LEU H 330 101.13 -58.53 26.15
N ALA H 331 101.67 -57.40 25.67
CA ALA H 331 103.00 -57.34 25.04
C ALA H 331 104.10 -57.91 25.94
N GLU H 332 103.96 -57.70 27.25
CA GLU H 332 104.86 -58.25 28.27
C GLU H 332 104.97 -59.77 28.23
N LYS H 333 103.83 -60.45 28.09
CA LYS H 333 103.73 -61.91 28.28
C LYS H 333 103.44 -62.70 27.01
N ALA H 334 103.32 -62.01 25.88
CA ALA H 334 102.88 -62.66 24.64
C ALA H 334 103.97 -63.57 24.09
N PRO H 335 103.60 -64.79 23.62
CA PRO H 335 104.57 -65.62 22.91
C PRO H 335 104.88 -65.10 21.51
N SER H 336 105.96 -65.62 20.92
CA SER H 336 106.30 -65.31 19.54
C SER H 336 105.39 -66.10 18.59
N ARG H 337 104.81 -65.42 17.62
CA ARG H 337 103.98 -66.05 16.59
C ARG H 337 104.32 -65.45 15.21
N PRO H 338 105.51 -65.82 14.66
CA PRO H 338 105.96 -65.17 13.41
C PRO H 338 105.43 -65.77 12.09
N ALA H 339 104.71 -66.89 12.13
CA ALA H 339 104.37 -67.66 10.91
C ALA H 339 103.67 -66.86 9.80
N THR H 340 102.83 -65.90 10.18
CA THR H 340 102.10 -65.07 9.22
C THR H 340 102.98 -64.04 8.46
N THR H 341 104.19 -63.77 8.98
CA THR H 341 105.16 -62.91 8.27
C THR H 341 106.08 -63.67 7.28
N GLN H 342 106.18 -64.99 7.42
CA GLN H 342 107.09 -65.81 6.60
C GLN H 342 106.55 -66.02 5.17
N GLY H 343 107.32 -65.58 4.18
CA GLY H 343 106.95 -65.70 2.76
C GLY H 343 106.31 -64.44 2.20
N THR H 344 105.35 -63.87 2.94
CA THR H 344 104.64 -62.66 2.53
C THR H 344 105.48 -61.39 2.68
N GLN H 345 105.07 -60.34 1.97
CA GLN H 345 105.74 -59.03 2.00
C GLN H 345 104.69 -57.90 2.03
N ALA H 346 105.10 -56.72 2.50
CA ALA H 346 104.25 -55.53 2.47
C ALA H 346 103.90 -55.14 1.03
N PRO H 347 102.66 -54.68 0.79
CA PRO H 347 102.26 -54.41 -0.58
C PRO H 347 102.90 -53.13 -1.13
N VAL H 348 103.14 -53.12 -2.44
CA VAL H 348 103.76 -51.99 -3.13
C VAL H 348 102.71 -51.28 -3.98
N LEU H 349 103.01 -50.05 -4.38
CA LEU H 349 102.08 -49.26 -5.19
C LEU H 349 101.75 -49.94 -6.52
N GLY H 350 102.78 -50.40 -7.24
CA GLY H 350 102.63 -51.20 -8.46
C GLY H 350 102.08 -50.45 -9.65
N ILE H 351 102.49 -49.19 -9.81
CA ILE H 351 102.08 -48.34 -10.94
C ILE H 351 103.33 -47.77 -11.65
N GLU H 352 103.60 -48.23 -12.87
CA GLU H 352 104.70 -47.67 -13.69
C GLU H 352 104.39 -46.23 -14.12
N ALA H 353 105.45 -45.44 -14.31
CA ALA H 353 105.31 -44.05 -14.72
C ALA H 353 104.78 -43.97 -16.16
N ALA H 354 103.77 -43.15 -16.37
CA ALA H 354 103.15 -42.98 -17.68
C ALA H 354 104.05 -42.17 -18.62
N GLU H 355 103.72 -42.22 -19.91
CA GLU H 355 104.36 -41.35 -20.90
C GLU H 355 103.99 -39.90 -20.51
N PRO H 356 104.99 -39.02 -20.28
CA PRO H 356 104.76 -37.65 -19.82
C PRO H 356 103.63 -36.86 -20.51
N ASN H 357 103.50 -36.97 -21.83
CA ASN H 357 102.48 -36.23 -22.59
C ASN H 357 101.14 -36.97 -22.83
N ALA H 358 101.03 -38.21 -22.35
CA ALA H 358 99.76 -38.95 -22.41
C ALA H 358 98.65 -38.22 -21.61
N PRO H 359 97.37 -38.39 -21.99
CA PRO H 359 96.30 -37.88 -21.11
C PRO H 359 96.36 -38.45 -19.70
N LEU H 360 96.19 -37.59 -18.70
CA LEU H 360 96.40 -37.97 -17.28
C LEU H 360 95.40 -39.04 -16.88
N THR H 361 95.90 -40.16 -16.37
CA THR H 361 95.06 -41.22 -15.82
C THR H 361 94.95 -41.06 -14.31
N ASN H 362 94.03 -41.82 -13.74
CA ASN H 362 93.89 -41.92 -12.29
C ASN H 362 95.14 -42.53 -11.64
N ASP H 363 95.72 -43.54 -12.29
CA ASP H 363 96.95 -44.20 -11.79
C ASP H 363 98.16 -43.27 -11.73
N GLU H 364 98.34 -42.46 -12.77
CA GLU H 364 99.48 -41.53 -12.86
C GLU H 364 99.42 -40.41 -11.81
N MET H 365 98.22 -39.86 -11.62
CA MET H 365 97.93 -38.93 -10.51
C MET H 365 98.19 -39.58 -9.15
N THR H 366 97.72 -40.82 -8.98
CA THR H 366 97.95 -41.57 -7.73
C THR H 366 99.44 -41.80 -7.46
N ARG H 367 100.20 -42.10 -8.50
CA ARG H 367 101.64 -42.33 -8.39
C ARG H 367 102.38 -41.07 -7.94
N GLN H 368 102.15 -39.96 -8.64
CA GLN H 368 102.83 -38.69 -8.29
C GLN H 368 102.40 -38.14 -6.93
N ILE H 369 101.12 -38.28 -6.55
CA ILE H 369 100.68 -37.89 -5.19
C ILE H 369 101.42 -38.71 -4.11
N GLN H 370 101.55 -40.02 -4.33
CA GLN H 370 102.19 -40.89 -3.34
C GLN H 370 103.69 -40.55 -3.10
N SER H 371 104.38 -40.07 -4.14
CA SER H 371 105.78 -39.61 -4.01
C SER H 371 105.94 -38.39 -3.08
N LEU H 372 104.90 -37.55 -3.01
CA LEU H 372 104.92 -36.39 -2.12
C LEU H 372 104.78 -36.70 -0.64
N ILE H 373 104.42 -37.95 -0.30
CA ILE H 373 104.12 -38.28 1.09
C ILE H 373 105.41 -38.63 1.82
N THR H 374 105.87 -37.70 2.65
CA THR H 374 107.03 -37.88 3.52
C THR H 374 106.58 -38.17 4.96
N SER H 375 107.55 -38.44 5.83
CA SER H 375 107.30 -38.72 7.26
C SER H 375 106.69 -37.55 8.04
N ASP H 376 106.80 -36.31 7.52
CA ASP H 376 106.17 -35.13 8.10
C ASP H 376 105.01 -34.62 7.24
N THR H 377 104.28 -35.53 6.61
CA THR H 377 103.15 -35.17 5.75
C THR H 377 101.85 -35.65 6.38
N THR H 378 100.82 -34.83 6.19
CA THR H 378 99.44 -35.17 6.52
C THR H 378 98.63 -35.13 5.23
N LEU H 379 98.05 -36.28 4.88
CA LEU H 379 97.17 -36.42 3.72
C LEU H 379 95.71 -36.48 4.18
N THR H 380 94.91 -35.52 3.73
CA THR H 380 93.47 -35.51 3.98
C THR H 380 92.73 -36.03 2.72
N ALA H 381 92.08 -37.18 2.81
CA ALA H 381 91.41 -37.84 1.66
C ALA H 381 89.87 -37.79 1.78
N GLU H 382 89.24 -37.13 0.81
CA GLU H 382 87.81 -36.90 0.79
C GLU H 382 87.03 -38.16 0.47
N THR H 383 85.79 -38.22 0.97
CA THR H 383 84.83 -39.26 0.60
C THR H 383 84.65 -39.23 -0.91
N GLY H 384 84.81 -40.37 -1.55
CA GLY H 384 84.84 -40.46 -3.01
C GLY H 384 85.84 -41.50 -3.46
N ASP H 385 86.23 -41.43 -4.73
CA ASP H 385 87.28 -42.33 -5.25
C ASP H 385 88.63 -42.08 -4.56
N SER H 386 88.83 -40.87 -4.02
CA SER H 386 90.01 -40.55 -3.20
C SER H 386 90.18 -41.47 -1.99
N TRP H 387 89.09 -42.02 -1.46
CA TRP H 387 89.19 -43.08 -0.42
C TRP H 387 89.97 -44.26 -0.96
N PHE H 388 89.65 -44.68 -2.18
CA PHE H 388 90.23 -45.90 -2.77
C PHE H 388 91.64 -45.65 -3.30
N ASN H 389 91.90 -44.47 -3.85
CA ASN H 389 93.28 -44.07 -4.22
C ASN H 389 94.20 -43.99 -3.00
N ALA H 390 93.75 -43.32 -1.95
CA ALA H 390 94.52 -43.23 -0.71
C ALA H 390 94.76 -44.60 -0.07
N SER H 391 93.76 -45.48 -0.12
N SER H 391 93.76 -45.48 -0.12
CA SER H 391 93.84 -46.82 0.49
CA SER H 391 93.83 -46.80 0.51
C SER H 391 94.87 -47.75 -0.14
C SER H 391 94.84 -47.77 -0.15
N ARG H 392 95.21 -47.50 -1.41
CA ARG H 392 96.23 -48.29 -2.12
C ARG H 392 97.61 -47.60 -2.20
N MET H 393 97.81 -46.47 -1.51
CA MET H 393 99.12 -45.82 -1.40
C MET H 393 99.89 -46.32 -0.19
N PRO H 394 101.07 -46.95 -0.38
CA PRO H 394 101.96 -47.14 0.78
C PRO H 394 102.48 -45.80 1.29
N ILE H 395 102.67 -45.69 2.59
CA ILE H 395 103.09 -44.44 3.20
C ILE H 395 104.25 -44.71 4.16
N PRO H 396 105.18 -43.75 4.30
CA PRO H 396 106.25 -43.93 5.28
C PRO H 396 105.76 -43.74 6.73
N GLY H 397 106.59 -44.17 7.68
CA GLY H 397 106.28 -44.06 9.12
C GLY H 397 106.29 -42.59 9.56
N GLY H 398 105.36 -42.24 10.45
CA GLY H 398 105.15 -40.85 10.84
C GLY H 398 104.18 -40.04 9.98
N ALA H 399 103.95 -40.49 8.74
CA ALA H 399 102.98 -39.83 7.87
C ALA H 399 101.58 -40.07 8.41
N ARG H 400 100.74 -39.05 8.27
CA ARG H 400 99.38 -39.06 8.80
C ARG H 400 98.38 -39.02 7.64
N VAL H 401 97.37 -39.88 7.70
CA VAL H 401 96.27 -39.86 6.76
C VAL H 401 94.98 -39.56 7.53
N GLU H 402 94.19 -38.63 7.01
CA GLU H 402 92.92 -38.31 7.60
C GLU H 402 91.76 -38.74 6.70
N LEU H 403 90.97 -39.67 7.24
CA LEU H 403 89.78 -40.22 6.59
C LEU H 403 88.55 -40.01 7.51
N GLU H 404 87.40 -39.77 6.88
CA GLU H 404 86.15 -39.56 7.60
C GLU H 404 85.15 -40.60 7.11
N MET H 405 85.45 -41.87 7.37
N MET H 405 85.47 -41.87 7.36
CA MET H 405 84.71 -43.00 6.82
CA MET H 405 84.70 -42.99 6.81
C MET H 405 83.59 -43.57 7.71
C MET H 405 83.42 -43.37 7.57
N GLN H 406 83.24 -42.88 8.80
CA GLN H 406 82.04 -43.17 9.58
C GLN H 406 80.96 -42.13 9.26
N TRP H 407 81.32 -40.85 9.32
CA TRP H 407 80.38 -39.78 9.01
C TRP H 407 80.17 -39.64 7.50
N GLY H 408 81.26 -39.40 6.76
CA GLY H 408 81.24 -39.49 5.30
C GLY H 408 80.59 -38.33 4.60
N HIS H 409 80.79 -37.13 5.15
CA HIS H 409 80.21 -35.89 4.64
C HIS H 409 81.08 -35.31 3.52
N ILE H 410 80.60 -35.34 2.28
CA ILE H 410 81.38 -34.76 1.18
C ILE H 410 81.55 -33.26 1.35
N GLY H 411 82.74 -32.77 1.04
CA GLY H 411 83.12 -31.39 1.30
C GLY H 411 83.87 -31.21 2.61
N TRP H 412 83.89 -32.23 3.48
CA TRP H 412 84.57 -32.22 4.78
C TRP H 412 86.06 -31.88 4.66
N SER H 413 86.70 -32.42 3.62
CA SER H 413 88.14 -32.34 3.42
C SER H 413 88.68 -30.91 3.34
N VAL H 414 87.95 -30.00 2.69
CA VAL H 414 88.47 -28.63 2.52
C VAL H 414 88.61 -27.90 3.87
N PRO H 415 87.51 -27.77 4.67
CA PRO H 415 87.67 -27.11 5.98
C PRO H 415 88.48 -27.93 6.97
N SER H 416 88.42 -29.26 6.88
CA SER H 416 89.20 -30.12 7.76
C SER H 416 90.70 -30.00 7.53
N ALA H 417 91.13 -29.94 6.27
CA ALA H 417 92.55 -29.76 5.95
C ALA H 417 93.04 -28.39 6.41
N PHE H 418 92.20 -27.37 6.23
CA PHE H 418 92.49 -26.02 6.72
C PHE H 418 92.76 -26.00 8.22
N GLY H 419 91.84 -26.59 8.98
CA GLY H 419 91.96 -26.68 10.43
C GLY H 419 93.16 -27.48 10.89
N ASN H 420 93.33 -28.64 10.25
CA ASN H 420 94.46 -29.51 10.53
C ASN H 420 95.79 -28.81 10.25
N ALA H 421 95.86 -28.09 9.12
CA ALA H 421 97.07 -27.33 8.75
C ALA H 421 97.37 -26.15 9.69
N VAL H 422 96.32 -25.48 10.17
CA VAL H 422 96.47 -24.44 11.20
C VAL H 422 97.06 -25.04 12.50
N GLY H 423 96.63 -26.24 12.87
CA GLY H 423 97.07 -26.88 14.10
C GLY H 423 98.37 -27.66 14.05
N SER H 424 98.88 -27.93 12.86
CA SER H 424 100.17 -28.62 12.68
C SER H 424 100.94 -28.01 11.48
N PRO H 425 101.23 -26.69 11.52
CA PRO H 425 101.79 -25.98 10.36
C PRO H 425 103.21 -26.40 9.98
N GLU H 426 103.89 -27.11 10.89
CA GLU H 426 105.19 -27.71 10.62
C GLU H 426 105.19 -28.80 9.55
N ARG H 427 104.03 -29.41 9.30
CA ARG H 427 103.95 -30.56 8.40
C ARG H 427 103.64 -30.12 6.99
N ARG H 428 103.88 -31.01 6.04
CA ARG H 428 103.42 -30.80 4.67
C ARG H 428 101.95 -31.25 4.58
N HIS H 429 101.08 -30.37 4.11
CA HIS H 429 99.64 -30.69 4.03
C HIS H 429 99.15 -30.91 2.58
N ILE H 430 98.85 -32.18 2.29
CA ILE H 430 98.29 -32.66 1.02
C ILE H 430 96.82 -33.03 1.21
N MET H 431 96.03 -32.80 0.18
CA MET H 431 94.59 -33.01 0.26
C MET H 431 94.04 -33.46 -1.10
N MET H 432 93.27 -34.55 -1.09
CA MET H 432 92.61 -35.07 -2.28
C MET H 432 91.11 -34.92 -2.13
N VAL H 433 90.49 -34.14 -3.00
CA VAL H 433 89.06 -33.85 -2.94
C VAL H 433 88.45 -33.95 -4.34
N GLY H 434 87.28 -34.58 -4.44
CA GLY H 434 86.55 -34.66 -5.71
C GLY H 434 85.88 -33.34 -6.04
N ASP H 435 85.58 -33.16 -7.33
CA ASP H 435 84.89 -31.95 -7.79
C ASP H 435 83.51 -31.76 -7.14
N GLY H 436 82.77 -32.84 -6.94
CA GLY H 436 81.46 -32.76 -6.28
C GLY H 436 81.54 -32.29 -4.83
N SER H 437 82.44 -32.90 -4.07
CA SER H 437 82.72 -32.51 -2.67
C SER H 437 83.20 -31.08 -2.52
N PHE H 438 84.11 -30.68 -3.41
CA PHE H 438 84.68 -29.35 -3.38
C PHE H 438 83.60 -28.28 -3.46
N GLN H 439 82.56 -28.51 -4.26
CA GLN H 439 81.47 -27.55 -4.43
C GLN H 439 80.66 -27.27 -3.15
N LEU H 440 80.63 -28.21 -2.20
CA LEU H 440 79.91 -28.02 -0.93
C LEU H 440 80.55 -26.98 -0.01
N THR H 441 81.90 -26.92 -0.02
CA THR H 441 82.67 -26.14 0.97
C THR H 441 83.83 -25.30 0.37
N ALA H 442 83.75 -25.02 -0.94
CA ALA H 442 84.84 -24.38 -1.69
C ALA H 442 85.39 -23.11 -1.02
N GLN H 443 84.49 -22.29 -0.50
CA GLN H 443 84.87 -20.98 0.05
C GLN H 443 85.87 -21.00 1.21
N GLU H 444 86.14 -22.16 1.82
CA GLU H 444 87.13 -22.23 2.88
C GLU H 444 88.58 -22.23 2.38
N VAL H 445 88.77 -22.44 1.07
CA VAL H 445 90.06 -22.18 0.43
C VAL H 445 90.41 -20.69 0.54
N ALA H 446 89.40 -19.81 0.49
CA ALA H 446 89.61 -18.38 0.73
C ALA H 446 90.17 -18.10 2.13
N GLN H 447 89.79 -18.91 3.13
CA GLN H 447 90.38 -18.81 4.47
C GLN H 447 91.81 -19.35 4.52
N MET H 448 92.10 -20.44 3.80
CA MET H 448 93.50 -20.87 3.59
C MET H 448 94.36 -19.71 3.03
N ILE H 449 93.82 -18.98 2.07
CA ILE H 449 94.50 -17.84 1.46
C ILE H 449 94.67 -16.68 2.46
N ARG H 450 93.59 -16.33 3.16
CA ARG H 450 93.64 -15.30 4.19
C ARG H 450 94.73 -15.52 5.24
N TYR H 451 94.85 -16.75 5.74
CA TYR H 451 95.78 -17.09 6.82
C TYR H 451 97.10 -17.68 6.34
N GLU H 452 97.32 -17.67 5.02
CA GLU H 452 98.56 -18.15 4.39
C GLU H 452 98.91 -19.59 4.73
N ILE H 453 97.93 -20.47 4.53
CA ILE H 453 98.06 -21.89 4.84
C ILE H 453 98.40 -22.67 3.55
N PRO H 454 99.61 -23.23 3.48
CA PRO H 454 100.06 -23.85 2.24
C PRO H 454 99.56 -25.29 2.02
N VAL H 455 98.24 -25.50 1.91
CA VAL H 455 97.72 -26.83 1.55
C VAL H 455 97.87 -27.04 0.04
N ILE H 456 98.39 -28.20 -0.34
CA ILE H 456 98.43 -28.61 -1.74
C ILE H 456 97.16 -29.44 -2.00
N ILE H 457 96.23 -28.84 -2.75
CA ILE H 457 94.91 -29.43 -3.03
C ILE H 457 94.91 -30.12 -4.41
N PHE H 458 94.82 -31.43 -4.42
CA PHE H 458 94.56 -32.18 -5.65
C PHE H 458 93.05 -32.32 -5.87
N LEU H 459 92.51 -31.50 -6.77
CA LEU H 459 91.09 -31.50 -7.14
C LEU H 459 90.89 -32.45 -8.35
N ILE H 460 90.25 -33.60 -8.12
CA ILE H 460 89.99 -34.56 -9.20
C ILE H 460 88.71 -34.15 -9.93
N ASN H 461 88.87 -33.48 -11.08
CA ASN H 461 87.74 -33.09 -11.92
C ASN H 461 87.36 -34.23 -12.87
N ASN H 462 86.51 -35.14 -12.39
CA ASN H 462 85.97 -36.24 -13.21
C ASN H 462 84.51 -36.02 -13.64
N ARG H 463 84.04 -34.77 -13.53
CA ARG H 463 82.76 -34.34 -14.08
C ARG H 463 81.56 -35.05 -13.42
N GLY H 464 81.57 -35.08 -12.09
CA GLY H 464 80.42 -35.54 -11.32
C GLY H 464 80.76 -36.43 -10.14
N TYR H 465 79.71 -37.03 -9.57
CA TYR H 465 79.82 -37.89 -8.41
C TYR H 465 80.09 -39.33 -8.87
N VAL H 466 81.35 -39.69 -9.10
CA VAL H 466 81.70 -41.00 -9.68
C VAL H 466 81.45 -42.19 -8.75
N ILE H 467 81.71 -42.02 -7.46
CA ILE H 467 81.38 -43.07 -6.45
C ILE H 467 79.88 -43.39 -6.39
N GLU H 468 79.05 -42.37 -6.59
CA GLU H 468 77.59 -42.55 -6.71
C GLU H 468 77.16 -43.21 -8.00
N ILE H 469 77.87 -42.93 -9.10
CA ILE H 469 77.67 -43.63 -10.38
C ILE H 469 77.99 -45.14 -10.24
N ALA H 470 78.96 -45.49 -9.41
CA ALA H 470 79.28 -46.89 -9.12
C ALA H 470 78.20 -47.61 -8.30
N ILE H 471 77.51 -46.87 -7.42
CA ILE H 471 76.43 -47.43 -6.60
C ILE H 471 75.13 -47.56 -7.44
N HIS H 472 74.73 -46.45 -8.08
CA HIS H 472 73.46 -46.36 -8.77
C HIS H 472 73.41 -45.06 -9.60
N ASP H 473 73.50 -45.17 -10.92
CA ASP H 473 73.59 -44.00 -11.80
C ASP H 473 72.23 -43.33 -12.07
N GLY H 474 72.26 -42.00 -12.18
CA GLY H 474 71.10 -41.20 -12.57
C GLY H 474 71.51 -39.75 -12.76
N PRO H 475 70.61 -38.90 -13.29
CA PRO H 475 70.94 -37.49 -13.60
C PRO H 475 71.40 -36.64 -12.38
N TYR H 476 70.95 -37.00 -11.19
CA TYR H 476 71.44 -36.43 -9.92
C TYR H 476 72.97 -36.53 -9.65
N ASN H 477 73.67 -37.38 -10.39
CA ASN H 477 75.13 -37.49 -10.30
C ASN H 477 75.96 -36.54 -11.18
N TYR H 478 75.31 -35.70 -11.97
CA TYR H 478 76.01 -34.84 -12.94
C TYR H 478 75.80 -33.38 -12.56
N ILE H 479 76.93 -32.69 -12.38
CA ILE H 479 76.98 -31.35 -11.77
C ILE H 479 77.55 -30.33 -12.76
N LYS H 480 77.23 -29.06 -12.52
CA LYS H 480 77.78 -27.94 -13.29
C LYS H 480 79.28 -27.91 -13.08
N ASN H 481 80.04 -27.95 -14.18
CA ASN H 481 81.49 -27.84 -14.12
C ASN H 481 81.89 -26.39 -13.86
N TRP H 482 82.92 -26.21 -13.01
CA TRP H 482 83.52 -24.90 -12.75
C TRP H 482 84.92 -24.91 -13.31
N ASN H 483 85.45 -23.72 -13.56
CA ASN H 483 86.90 -23.52 -13.76
C ASN H 483 87.56 -23.50 -12.38
N TYR H 484 87.83 -24.69 -11.84
CA TYR H 484 88.30 -24.81 -10.44
C TYR H 484 89.61 -24.05 -10.20
N ALA H 485 90.54 -24.20 -11.14
CA ALA H 485 91.82 -23.50 -11.12
C ALA H 485 91.64 -21.97 -11.03
N GLY H 486 90.72 -21.42 -11.82
CA GLY H 486 90.46 -19.97 -11.83
C GLY H 486 89.75 -19.41 -10.60
N LEU H 487 89.21 -20.29 -9.74
CA LEU H 487 88.62 -19.87 -8.47
C LEU H 487 89.68 -19.22 -7.53
N ILE H 488 90.91 -19.69 -7.59
CA ILE H 488 91.96 -19.19 -6.70
C ILE H 488 92.24 -17.70 -6.90
N ASP H 489 92.30 -17.23 -8.15
CA ASP H 489 92.50 -15.80 -8.41
C ASP H 489 91.32 -14.93 -7.98
N VAL H 490 90.12 -15.50 -8.00
CA VAL H 490 88.94 -14.83 -7.45
C VAL H 490 89.09 -14.65 -5.92
N PHE H 491 89.50 -15.70 -5.23
CA PHE H 491 89.74 -15.62 -3.78
C PHE H 491 90.95 -14.76 -3.40
N ASN H 492 92.00 -14.76 -4.23
CA ASN H 492 93.16 -13.87 -4.01
C ASN H 492 92.77 -12.41 -4.08
N ASP H 493 92.02 -12.04 -5.11
CA ASP H 493 91.71 -10.66 -5.43
C ASP H 493 93.04 -9.87 -5.50
N GLU H 494 93.30 -8.99 -4.53
CA GLU H 494 94.54 -8.18 -4.49
C GLU H 494 95.61 -8.68 -3.49
N ASP H 495 95.17 -9.32 -2.40
N ASP H 495 95.19 -9.32 -2.39
CA ASP H 495 96.03 -9.66 -1.24
CA ASP H 495 96.07 -9.64 -1.27
C ASP H 495 96.62 -11.07 -1.25
C ASP H 495 96.63 -11.07 -1.23
N GLY H 496 95.83 -12.04 -1.69
CA GLY H 496 96.19 -13.46 -1.55
C GLY H 496 97.32 -14.00 -2.37
N HIS H 497 97.88 -15.13 -1.92
CA HIS H 497 99.00 -15.81 -2.57
C HIS H 497 98.73 -17.30 -2.80
N GLY H 498 97.46 -17.62 -3.07
CA GLY H 498 97.10 -18.94 -3.56
C GLY H 498 97.49 -19.07 -5.02
N LEU H 499 97.77 -20.29 -5.46
CA LEU H 499 97.98 -20.63 -6.87
C LEU H 499 96.95 -21.67 -7.34
N GLY H 500 96.35 -21.41 -8.50
CA GLY H 500 95.46 -22.35 -9.17
C GLY H 500 96.08 -22.81 -10.47
N LEU H 501 96.17 -24.13 -10.66
CA LEU H 501 96.84 -24.73 -11.82
C LEU H 501 96.01 -25.88 -12.41
N LYS H 502 96.10 -26.05 -13.73
CA LYS H 502 95.46 -27.16 -14.44
C LYS H 502 96.51 -28.22 -14.80
N ALA H 503 96.09 -29.48 -14.81
CA ALA H 503 96.95 -30.61 -15.18
C ALA H 503 96.14 -31.67 -15.93
N SER H 504 96.40 -31.83 -17.24
CA SER H 504 95.78 -32.89 -18.04
C SER H 504 96.77 -33.93 -18.59
N THR H 505 98.03 -33.87 -18.14
CA THR H 505 99.06 -34.88 -18.47
C THR H 505 99.96 -35.08 -17.24
N GLY H 506 100.72 -36.16 -17.25
CA GLY H 506 101.74 -36.43 -16.21
C GLY H 506 102.78 -35.31 -16.10
N ALA H 507 103.26 -34.81 -17.22
CA ALA H 507 104.26 -33.72 -17.22
C ALA H 507 103.71 -32.41 -16.65
N GLU H 508 102.46 -32.06 -17.00
CA GLU H 508 101.80 -30.88 -16.43
C GLU H 508 101.55 -30.99 -14.91
N LEU H 509 101.24 -32.20 -14.44
CA LEU H 509 101.07 -32.47 -13.01
C LEU H 509 102.40 -32.35 -12.28
N GLU H 510 103.45 -32.93 -12.86
CA GLU H 510 104.82 -32.82 -12.32
C GLU H 510 105.24 -31.34 -12.18
N GLY H 511 105.01 -30.56 -13.23
CA GLY H 511 105.27 -29.11 -13.24
C GLY H 511 104.44 -28.32 -12.24
N ALA H 512 103.17 -28.70 -12.10
CA ALA H 512 102.27 -28.10 -11.12
C ALA H 512 102.70 -28.40 -9.68
N ILE H 513 103.12 -29.64 -9.43
CA ILE H 513 103.58 -30.04 -8.09
C ILE H 513 104.79 -29.24 -7.64
N LYS H 514 105.81 -29.12 -8.49
CA LYS H 514 106.99 -28.28 -8.20
C LYS H 514 106.60 -26.88 -7.75
N LYS H 515 105.71 -26.25 -8.51
CA LYS H 515 105.21 -24.91 -8.18
C LYS H 515 104.37 -24.86 -6.88
N ALA H 516 103.68 -25.94 -6.54
CA ALA H 516 102.92 -26.02 -5.30
C ALA H 516 103.87 -26.06 -4.09
N LEU H 517 104.87 -26.93 -4.16
CA LEU H 517 105.97 -26.99 -3.16
C LEU H 517 106.70 -25.67 -2.93
N ASP H 518 106.84 -24.87 -4.00
CA ASP H 518 107.54 -23.60 -3.90
C ASP H 518 106.66 -22.44 -3.35
N ASN H 519 105.33 -22.59 -3.39
CA ASN H 519 104.41 -21.58 -2.88
C ASN H 519 104.15 -21.83 -1.39
N ARG H 520 104.84 -21.08 -0.53
CA ARG H 520 104.75 -21.24 0.93
C ARG H 520 103.84 -20.20 1.61
N ARG H 521 103.23 -19.29 0.83
CA ARG H 521 102.39 -18.22 1.37
C ARG H 521 100.87 -18.44 1.16
N GLY H 522 100.48 -19.60 0.66
CA GLY H 522 99.07 -19.87 0.40
C GLY H 522 98.86 -21.24 -0.19
N PRO H 523 97.59 -21.64 -0.34
CA PRO H 523 97.30 -22.98 -0.85
C PRO H 523 97.55 -23.08 -2.36
N THR H 524 97.87 -24.28 -2.83
CA THR H 524 97.93 -24.51 -4.27
C THR H 524 96.91 -25.59 -4.69
N LEU H 525 95.98 -25.18 -5.56
CA LEU H 525 94.96 -26.07 -6.15
C LEU H 525 95.41 -26.54 -7.53
N ILE H 526 95.51 -27.85 -7.69
CA ILE H 526 95.88 -28.51 -8.94
C ILE H 526 94.66 -29.26 -9.46
N GLU H 527 93.97 -28.67 -10.43
CA GLU H 527 92.79 -29.29 -11.06
C GLU H 527 93.24 -30.38 -12.04
N CYS H 528 93.03 -31.64 -11.64
CA CYS H 528 93.43 -32.80 -12.45
C CYS H 528 92.26 -33.29 -13.32
N ASN H 529 92.44 -33.22 -14.63
CA ASN H 529 91.47 -33.73 -15.60
C ASN H 529 91.56 -35.25 -15.67
N ILE H 530 90.64 -35.93 -14.99
CA ILE H 530 90.50 -37.38 -15.03
C ILE H 530 89.16 -37.69 -15.69
N ALA H 531 89.10 -38.71 -16.54
CA ALA H 531 87.86 -39.11 -17.20
C ALA H 531 86.89 -39.75 -16.20
N GLN H 532 85.60 -39.58 -16.47
CA GLN H 532 84.52 -40.19 -15.68
C GLN H 532 84.63 -41.72 -15.63
N ASP H 533 85.00 -42.30 -16.76
CA ASP H 533 85.24 -43.75 -16.92
C ASP H 533 86.43 -44.29 -16.07
N ASP H 534 87.37 -43.41 -15.72
CA ASP H 534 88.70 -43.81 -15.20
C ASP H 534 88.78 -43.74 -13.66
N CYS H 535 88.04 -44.62 -13.01
CA CYS H 535 88.04 -44.73 -11.55
C CYS H 535 88.64 -46.08 -11.17
N THR H 536 89.00 -46.26 -9.89
CA THR H 536 89.62 -47.50 -9.45
C THR H 536 88.72 -48.71 -9.66
N GLU H 537 89.34 -49.85 -9.90
CA GLU H 537 88.63 -51.13 -9.98
C GLU H 537 88.02 -51.51 -8.62
N THR H 538 88.69 -51.11 -7.53
CA THR H 538 88.21 -51.38 -6.18
C THR H 538 86.90 -50.64 -5.84
N LEU H 539 86.76 -49.39 -6.28
CA LEU H 539 85.51 -48.61 -6.12
C LEU H 539 84.30 -49.27 -6.79
N ILE H 540 84.51 -49.80 -8.00
CA ILE H 540 83.46 -50.49 -8.74
C ILE H 540 82.99 -51.75 -7.99
N ALA H 541 83.94 -52.56 -7.52
CA ALA H 541 83.60 -53.78 -6.79
C ALA H 541 82.84 -53.50 -5.47
N TRP H 542 83.30 -52.48 -4.75
CA TRP H 542 82.72 -52.10 -3.45
C TRP H 542 81.32 -51.47 -3.60
N GLY H 543 81.14 -50.65 -4.65
CA GLY H 543 79.85 -50.00 -4.93
C GLY H 543 78.72 -50.92 -5.34
N LYS H 544 79.07 -52.05 -5.98
CA LYS H 544 78.09 -53.09 -6.30
C LYS H 544 77.58 -53.80 -5.05
N ARG H 545 78.48 -54.12 -4.11
CA ARG H 545 78.08 -54.74 -2.85
C ARG H 545 77.24 -53.81 -1.96
N VAL H 546 77.69 -52.57 -1.86
CA VAL H 546 76.96 -51.53 -1.11
C VAL H 546 75.56 -51.30 -1.67
N ALA H 547 75.44 -51.18 -2.99
CA ALA H 547 74.13 -51.01 -3.65
C ALA H 547 73.20 -52.20 -3.36
N ALA H 548 73.77 -53.41 -3.35
CA ALA H 548 72.99 -54.63 -3.13
C ALA H 548 72.51 -54.72 -1.67
N THR H 549 73.38 -54.35 -0.74
CA THR H 549 73.07 -54.34 0.70
C THR H 549 72.01 -53.27 1.04
N ASN H 550 72.19 -52.04 0.55
CA ASN H 550 71.19 -50.97 0.74
C ASN H 550 69.80 -51.27 0.21
N SER H 551 69.72 -52.02 -0.89
CA SER H 551 68.46 -52.26 -1.58
C SER H 551 67.77 -53.56 -1.15
N ARG H 552 68.38 -54.36 -0.28
CA ARG H 552 67.78 -55.64 0.09
C ARG H 552 66.38 -55.43 0.66
N LYS H 553 65.43 -56.23 0.15
CA LYS H 553 64.00 -55.99 0.35
C LYS H 553 63.57 -56.17 1.81
N PRO H 554 62.45 -55.55 2.21
CA PRO H 554 61.95 -55.75 3.59
C PRO H 554 61.39 -57.15 3.86
N GLN H 555 61.15 -57.45 5.13
CA GLN H 555 60.51 -58.70 5.55
C GLN H 555 58.99 -58.56 5.45
N MET I 1 -110.16 -4.18 38.37
CA MET I 1 -109.96 -2.75 38.74
C MET I 1 -108.91 -2.64 39.87
N TYR I 2 -107.73 -2.14 39.52
CA TYR I 2 -106.66 -1.89 40.47
C TYR I 2 -106.41 -0.39 40.61
N THR I 3 -106.53 0.13 41.82
CA THR I 3 -106.47 1.56 42.07
C THR I 3 -105.16 2.07 42.70
N VAL I 4 -105.02 3.39 42.72
CA VAL I 4 -103.91 4.09 43.36
C VAL I 4 -103.85 3.75 44.84
N GLY I 5 -105.00 3.77 45.49
CA GLY I 5 -105.07 3.39 46.91
C GLY I 5 -104.69 1.95 47.15
N MET I 6 -105.01 1.07 46.20
CA MET I 6 -104.61 -0.34 46.27
C MET I 6 -103.11 -0.51 46.10
N TYR I 7 -102.50 0.25 45.18
CA TYR I 7 -101.04 0.31 45.07
C TYR I 7 -100.39 0.69 46.40
N LEU I 8 -100.89 1.76 47.02
CA LEU I 8 -100.41 2.17 48.35
C LEU I 8 -100.57 1.05 49.38
N ALA I 9 -101.74 0.44 49.42
CA ALA I 9 -102.04 -0.61 50.39
C ALA I 9 -101.11 -1.81 50.19
N GLU I 10 -100.92 -2.20 48.94
CA GLU I 10 -100.02 -3.30 48.64
C GLU I 10 -98.57 -3.00 49.05
N ARG I 11 -98.09 -1.77 48.83
CA ARG I 11 -96.72 -1.41 49.27
C ARG I 11 -96.57 -1.39 50.77
N LEU I 12 -97.58 -0.91 51.47
CA LEU I 12 -97.56 -0.89 52.92
C LEU I 12 -97.59 -2.31 53.50
N ALA I 13 -98.37 -3.21 52.91
CA ALA I 13 -98.32 -4.63 53.29
C ALA I 13 -96.91 -5.24 53.08
N GLN I 14 -96.25 -4.90 51.98
CA GLN I 14 -94.90 -5.38 51.67
C GLN I 14 -93.79 -4.88 52.62
N ILE I 15 -94.02 -3.75 53.30
CA ILE I 15 -93.14 -3.27 54.39
C ILE I 15 -93.21 -4.20 55.59
N GLY I 16 -94.33 -4.92 55.73
CA GLY I 16 -94.60 -5.75 56.90
C GLY I 16 -95.66 -5.17 57.83
N LEU I 17 -96.38 -4.12 57.40
CA LEU I 17 -97.49 -3.60 58.19
C LEU I 17 -98.67 -4.57 58.16
N LYS I 18 -99.21 -4.88 59.34
CA LYS I 18 -100.48 -5.59 59.47
C LYS I 18 -101.62 -4.63 59.81
N HIS I 19 -101.29 -3.40 60.20
CA HIS I 19 -102.29 -2.41 60.57
C HIS I 19 -101.90 -1.05 60.01
N HIS I 20 -102.90 -0.19 59.82
CA HIS I 20 -102.67 1.24 59.64
C HIS I 20 -103.73 2.00 60.41
N PHE I 21 -103.42 3.24 60.77
CA PHE I 21 -104.28 4.07 61.62
C PHE I 21 -104.94 5.22 60.84
N ALA I 22 -106.19 5.51 61.15
CA ALA I 22 -106.95 6.44 60.34
C ALA I 22 -107.94 7.28 61.16
N VAL I 23 -108.18 8.49 60.67
CA VAL I 23 -109.36 9.27 61.05
C VAL I 23 -109.98 9.73 59.77
N ALA I 24 -111.26 9.38 59.59
CA ALA I 24 -111.99 9.62 58.36
C ALA I 24 -112.26 11.09 58.15
N GLY I 25 -112.31 11.49 56.89
CA GLY I 25 -112.71 12.84 56.48
C GLY I 25 -113.00 12.81 55.01
N ASP I 26 -113.82 13.75 54.52
CA ASP I 26 -114.35 13.60 53.17
C ASP I 26 -113.28 13.54 52.09
N TYR I 27 -112.16 14.22 52.32
CA TYR I 27 -111.01 14.14 51.41
C TYR I 27 -110.29 12.77 51.39
N ASN I 28 -110.52 11.91 52.38
CA ASN I 28 -109.84 10.60 52.39
C ASN I 28 -110.75 9.36 52.34
N LEU I 29 -112.06 9.54 52.21
CA LEU I 29 -112.99 8.39 52.34
C LEU I 29 -112.76 7.33 51.26
N VAL I 30 -112.64 7.76 50.01
CA VAL I 30 -112.41 6.86 48.90
C VAL I 30 -111.04 6.17 49.11
N LEU I 31 -110.02 6.91 49.54
CA LEU I 31 -108.74 6.31 49.90
C LEU I 31 -108.86 5.20 50.95
N LEU I 32 -109.58 5.48 52.03
CA LEU I 32 -109.77 4.49 53.09
C LEU I 32 -110.50 3.23 52.59
N ASP I 33 -111.45 3.39 51.67
CA ASP I 33 -112.09 2.23 51.03
C ASP I 33 -111.07 1.36 50.28
N GLN I 34 -110.16 1.98 49.52
CA GLN I 34 -109.13 1.23 48.81
C GLN I 34 -108.25 0.43 49.76
N LEU I 35 -107.86 1.04 50.87
CA LEU I 35 -107.01 0.39 51.87
C LEU I 35 -107.73 -0.77 52.55
N LEU I 36 -109.03 -0.62 52.78
CA LEU I 36 -109.86 -1.69 53.36
C LEU I 36 -109.94 -2.94 52.50
N LEU I 37 -109.80 -2.81 51.18
CA LEU I 37 -109.85 -3.97 50.27
C LEU I 37 -108.65 -4.92 50.43
N ASN I 38 -107.55 -4.41 51.00
CA ASN I 38 -106.35 -5.22 51.20
C ASN I 38 -106.50 -6.21 52.37
N LYS I 39 -106.33 -7.49 52.06
CA LYS I 39 -106.56 -8.60 53.01
C LYS I 39 -105.56 -8.62 54.15
N ASP I 40 -104.34 -8.17 53.88
CA ASP I 40 -103.24 -8.26 54.85
C ASP I 40 -103.23 -7.19 55.97
N MET I 41 -104.14 -6.21 55.92
CA MET I 41 -104.12 -5.11 56.91
C MET I 41 -105.50 -4.89 57.52
N GLU I 42 -105.53 -4.61 58.84
N GLU I 42 -105.52 -4.54 58.80
CA GLU I 42 -106.71 -4.07 59.51
CA GLU I 42 -106.70 -4.09 59.50
C GLU I 42 -106.58 -2.55 59.53
C GLU I 42 -106.60 -2.55 59.63
N GLN I 43 -107.72 -1.87 59.40
CA GLN I 43 -107.78 -0.41 59.47
C GLN I 43 -108.26 -0.02 60.86
N VAL I 44 -107.40 0.66 61.62
CA VAL I 44 -107.64 0.98 63.04
C VAL I 44 -108.02 2.47 63.17
N TYR I 45 -109.14 2.77 63.79
CA TYR I 45 -109.59 4.16 63.91
C TYR I 45 -109.19 4.80 65.23
N CYS I 46 -108.88 6.09 65.17
CA CYS I 46 -108.46 6.87 66.32
C CYS I 46 -109.41 8.04 66.59
N CYS I 47 -109.36 8.55 67.81
CA CYS I 47 -110.23 9.65 68.25
C CYS I 47 -109.89 10.97 67.57
N ASN I 48 -108.62 11.35 67.59
CA ASN I 48 -108.14 12.57 66.92
C ASN I 48 -106.82 12.31 66.23
N GLU I 49 -106.38 13.26 65.42
CA GLU I 49 -105.25 13.00 64.52
C GLU I 49 -103.88 13.06 65.20
N LEU I 50 -103.76 13.80 66.31
CA LEU I 50 -102.54 13.76 67.10
C LEU I 50 -102.29 12.34 67.66
N ASN I 51 -103.34 11.76 68.24
CA ASN I 51 -103.27 10.41 68.80
C ASN I 51 -103.06 9.36 67.71
N CYS I 52 -103.69 9.56 66.57
CA CYS I 52 -103.49 8.72 65.39
C CYS I 52 -102.01 8.66 64.98
N GLY I 53 -101.37 9.82 64.87
CA GLY I 53 -99.95 9.91 64.56
C GLY I 53 -99.05 9.22 65.59
N PHE I 54 -99.31 9.46 66.88
CA PHE I 54 -98.55 8.82 67.95
C PHE I 54 -98.83 7.30 68.08
N SER I 55 -100.02 6.85 67.70
CA SER I 55 -100.33 5.43 67.59
C SER I 55 -99.47 4.79 66.51
N ALA I 56 -99.38 5.42 65.35
CA ALA I 56 -98.48 4.96 64.29
C ALA I 56 -97.02 4.96 64.76
N GLU I 57 -96.63 5.99 65.49
CA GLU I 57 -95.26 6.08 66.01
C GLU I 57 -94.95 4.87 66.91
N GLY I 58 -95.88 4.54 67.80
CA GLY I 58 -95.75 3.35 68.64
C GLY I 58 -95.71 2.03 67.89
N TYR I 59 -96.52 1.93 66.83
CA TYR I 59 -96.57 0.76 65.97
C TYR I 59 -95.23 0.58 65.28
N ALA I 60 -94.60 1.68 64.88
CA ALA I 60 -93.27 1.64 64.27
C ALA I 60 -92.21 1.14 65.25
N ARG I 61 -92.35 1.43 66.53
CA ARG I 61 -91.44 0.85 67.56
C ARG I 61 -91.59 -0.67 67.73
N ALA I 62 -92.74 -1.22 67.34
CA ALA I 62 -92.98 -2.67 67.33
C ALA I 62 -92.58 -3.34 66.03
N ARG I 63 -92.92 -2.71 64.89
CA ARG I 63 -92.81 -3.35 63.56
C ARG I 63 -91.78 -2.71 62.64
N GLY I 64 -91.16 -1.61 63.06
CA GLY I 64 -90.15 -0.93 62.26
C GLY I 64 -90.66 0.09 61.25
N ALA I 65 -91.98 0.17 61.07
CA ALA I 65 -92.60 1.19 60.23
C ALA I 65 -94.10 1.26 60.54
N ALA I 66 -94.77 2.28 60.00
CA ALA I 66 -96.20 2.47 60.26
C ALA I 66 -96.80 3.48 59.30
N ALA I 67 -98.11 3.55 59.26
CA ALA I 67 -98.83 4.48 58.40
C ALA I 67 -100.05 5.04 59.12
N ALA I 68 -100.25 6.36 59.00
CA ALA I 68 -101.43 7.07 59.48
C ALA I 68 -102.10 7.81 58.32
N ILE I 69 -103.42 7.67 58.19
CA ILE I 69 -104.19 8.30 57.12
C ILE I 69 -105.14 9.36 57.74
N VAL I 70 -105.03 10.60 57.26
CA VAL I 70 -105.78 11.74 57.82
C VAL I 70 -106.39 12.58 56.69
N THR I 71 -107.23 13.54 57.07
CA THR I 71 -107.82 14.44 56.09
C THR I 71 -107.04 15.75 55.99
N PHE I 72 -107.32 16.53 54.95
CA PHE I 72 -106.55 17.72 54.60
C PHE I 72 -106.66 18.80 55.68
N SER I 73 -105.52 19.37 56.06
CA SER I 73 -105.36 20.45 57.05
C SER I 73 -105.80 20.17 58.48
N VAL I 74 -107.10 20.04 58.68
CA VAL I 74 -107.67 19.87 60.02
C VAL I 74 -107.16 18.57 60.63
N GLY I 75 -106.94 17.57 59.79
CA GLY I 75 -106.31 16.33 60.22
C GLY I 75 -104.80 16.45 60.23
N ALA I 76 -104.24 16.86 59.11
CA ALA I 76 -102.81 16.74 58.87
C ALA I 76 -101.96 17.56 59.83
N ILE I 77 -102.36 18.80 60.11
CA ILE I 77 -101.52 19.70 60.91
C ILE I 77 -101.28 19.13 62.34
N SER I 78 -102.29 18.53 62.96
CA SER I 78 -102.10 17.92 64.26
C SER I 78 -101.14 16.71 64.15
N ALA I 79 -101.33 15.93 63.10
CA ALA I 79 -100.46 14.79 62.82
C ALA I 79 -99.01 15.21 62.62
N MET I 80 -98.76 16.42 62.09
CA MET I 80 -97.37 16.91 61.95
C MET I 80 -96.59 16.98 63.25
N ASN I 81 -97.29 17.14 64.36
CA ASN I 81 -96.64 17.11 65.66
C ASN I 81 -96.07 15.71 65.94
N ALA I 82 -96.90 14.68 65.79
CA ALA I 82 -96.44 13.28 65.91
C ALA I 82 -95.38 12.90 64.86
N ILE I 83 -95.52 13.45 63.66
CA ILE I 83 -94.52 13.24 62.61
C ILE I 83 -93.17 13.85 62.96
N GLY I 84 -93.17 15.06 63.51
CA GLY I 84 -91.95 15.66 64.06
C GLY I 84 -91.37 14.79 65.16
N GLY I 85 -92.25 14.24 65.99
CA GLY I 85 -91.90 13.22 66.97
C GLY I 85 -91.21 12.01 66.38
N ALA I 86 -91.77 11.48 65.29
CA ALA I 86 -91.17 10.34 64.58
C ALA I 86 -89.80 10.67 64.00
N TYR I 87 -89.64 11.88 63.47
CA TYR I 87 -88.34 12.36 62.99
C TYR I 87 -87.33 12.39 64.14
N ALA I 88 -87.74 13.00 65.25
CA ALA I 88 -86.94 13.10 66.45
C ALA I 88 -86.51 11.75 67.02
N GLU I 89 -87.39 10.75 66.94
CA GLU I 89 -87.17 9.43 67.51
C GLU I 89 -86.75 8.38 66.46
N ASN I 90 -86.45 8.85 65.24
CA ASN I 90 -85.90 8.05 64.15
C ASN I 90 -86.78 6.88 63.73
N LEU I 91 -88.07 7.17 63.50
CA LEU I 91 -89.04 6.13 63.16
C LEU I 91 -89.68 6.39 61.80
N PRO I 92 -89.66 5.39 60.88
CA PRO I 92 -90.36 5.54 59.59
C PRO I 92 -91.90 5.48 59.65
N VAL I 93 -92.51 6.58 60.05
CA VAL I 93 -93.96 6.71 59.97
C VAL I 93 -94.30 7.39 58.64
N ILE I 94 -95.26 6.82 57.91
CA ILE I 94 -95.75 7.42 56.66
C ILE I 94 -97.06 8.13 56.98
N LEU I 95 -97.09 9.44 56.79
CA LEU I 95 -98.32 10.21 56.94
C LEU I 95 -98.93 10.35 55.55
N ILE I 96 -100.14 9.86 55.39
CA ILE I 96 -100.87 10.02 54.13
C ILE I 96 -102.08 10.91 54.39
N SER I 97 -102.12 12.04 53.68
CA SER I 97 -103.26 12.95 53.74
C SER I 97 -104.07 12.88 52.45
N GLY I 98 -105.39 12.90 52.59
CA GLY I 98 -106.28 13.18 51.46
C GLY I 98 -106.12 14.65 51.13
N SER I 99 -106.36 15.02 49.87
CA SER I 99 -106.12 16.39 49.44
C SER I 99 -107.15 16.77 48.40
N PRO I 100 -107.22 18.05 48.01
CA PRO I 100 -108.27 18.50 47.09
C PRO I 100 -108.39 17.81 45.74
N ASN I 101 -109.60 17.87 45.20
CA ASN I 101 -109.88 17.40 43.86
C ASN I 101 -108.95 18.09 42.87
N THR I 102 -108.45 17.31 41.93
CA THR I 102 -107.49 17.78 40.92
C THR I 102 -108.05 18.92 40.07
N ASN I 103 -109.36 18.93 39.86
CA ASN I 103 -110.02 19.95 39.05
C ASN I 103 -110.04 21.34 39.72
N ASP I 104 -109.79 21.41 41.02
CA ASP I 104 -109.73 22.70 41.70
C ASP I 104 -108.39 23.42 41.56
N TYR I 105 -107.34 22.72 41.13
CA TYR I 105 -106.03 23.36 40.94
C TYR I 105 -106.10 24.35 39.77
N GLY I 106 -105.48 25.52 39.93
CA GLY I 106 -105.48 26.57 38.92
C GLY I 106 -106.82 27.16 38.55
N THR I 107 -107.76 27.22 39.51
CA THR I 107 -109.09 27.80 39.31
C THR I 107 -109.41 29.02 40.16
N GLY I 108 -108.69 29.20 41.26
CA GLY I 108 -109.05 30.21 42.26
C GLY I 108 -110.13 29.82 43.27
N HIS I 109 -110.56 28.55 43.27
CA HIS I 109 -111.59 28.09 44.20
C HIS I 109 -111.11 28.08 45.66
N ILE I 110 -112.04 28.42 46.57
CA ILE I 110 -111.80 28.38 48.01
C ILE I 110 -112.41 27.08 48.48
N LEU I 111 -111.70 26.34 49.33
CA LEU I 111 -112.15 25.00 49.72
C LEU I 111 -112.24 24.84 51.20
N HIS I 112 -113.15 23.98 51.62
CA HIS I 112 -113.33 23.65 53.02
C HIS I 112 -112.08 22.96 53.57
N HIS I 113 -111.85 23.13 54.87
CA HIS I 113 -110.61 22.73 55.58
C HIS I 113 -109.36 23.42 55.03
N THR I 114 -109.49 24.64 54.57
CA THR I 114 -108.34 25.42 54.19
C THR I 114 -108.42 26.76 54.89
N ILE I 115 -107.29 27.45 54.86
CA ILE I 115 -107.19 28.77 55.47
C ILE I 115 -107.95 29.83 54.64
N GLY I 116 -108.42 29.46 53.44
CA GLY I 116 -109.35 30.29 52.66
C GLY I 116 -108.72 31.13 51.57
N THR I 117 -107.46 30.84 51.25
CA THR I 117 -106.76 31.43 50.11
C THR I 117 -106.76 30.41 48.95
N THR I 118 -106.21 30.79 47.81
CA THR I 118 -106.13 29.87 46.65
C THR I 118 -104.91 28.93 46.71
N ASP I 119 -104.09 29.08 47.73
CA ASP I 119 -102.96 28.22 48.01
C ASP I 119 -103.43 26.87 48.62
N TYR I 120 -103.29 25.78 47.87
CA TYR I 120 -103.48 24.44 48.43
C TYR I 120 -102.17 23.72 48.78
N ASN I 121 -101.02 24.33 48.48
N ASN I 121 -101.01 24.29 48.46
CA ASN I 121 -99.71 23.71 48.69
CA ASN I 121 -99.76 23.58 48.76
C ASN I 121 -99.14 23.91 50.09
C ASN I 121 -99.11 23.95 50.08
N TYR I 122 -99.76 24.77 50.91
CA TYR I 122 -99.21 25.15 52.23
C TYR I 122 -98.95 23.97 53.19
N GLN I 123 -99.80 22.96 53.13
CA GLN I 123 -99.62 21.78 53.96
C GLN I 123 -98.34 21.02 53.59
N LEU I 124 -98.15 20.77 52.30
CA LEU I 124 -96.93 20.13 51.80
C LEU I 124 -95.69 20.93 52.20
N GLU I 125 -95.73 22.26 52.04
CA GLU I 125 -94.60 23.11 52.41
C GLU I 125 -94.33 23.08 53.91
N MET I 126 -95.36 22.98 54.73
CA MET I 126 -95.18 22.85 56.18
C MET I 126 -94.54 21.51 56.55
N VAL I 127 -95.07 20.42 56.00
CA VAL I 127 -94.66 19.08 56.42
C VAL I 127 -93.24 18.71 55.96
N LYS I 128 -92.72 19.41 54.94
CA LYS I 128 -91.34 19.21 54.50
C LYS I 128 -90.30 19.42 55.61
N HIS I 129 -90.59 20.34 56.53
CA HIS I 129 -89.68 20.65 57.63
C HIS I 129 -89.63 19.55 58.68
N VAL I 130 -90.57 18.60 58.68
CA VAL I 130 -90.54 17.49 59.64
C VAL I 130 -90.49 16.08 59.01
N THR I 131 -90.04 16.00 57.75
CA THR I 131 -90.01 14.74 57.01
C THR I 131 -88.71 14.63 56.21
N CYS I 132 -88.32 13.39 55.84
CA CYS I 132 -87.19 13.15 54.91
C CYS I 132 -87.64 13.14 53.45
N ALA I 133 -88.93 12.94 53.23
CA ALA I 133 -89.48 13.02 51.87
C ALA I 133 -90.94 13.38 51.95
N ALA I 134 -91.44 14.03 50.91
CA ALA I 134 -92.79 14.58 50.90
C ALA I 134 -93.23 14.79 49.47
N GLU I 135 -94.35 14.18 49.08
CA GLU I 135 -94.81 14.18 47.70
C GLU I 135 -96.32 14.35 47.62
N SER I 136 -96.76 14.97 46.54
CA SER I 136 -98.17 15.17 46.28
C SER I 136 -98.52 14.41 45.01
N ILE I 137 -99.62 13.66 45.03
CA ILE I 137 -100.07 12.87 43.88
C ILE I 137 -101.35 13.49 43.34
N VAL I 138 -101.31 13.91 42.08
CA VAL I 138 -102.49 14.42 41.37
C VAL I 138 -102.86 13.62 40.11
N SER I 139 -102.14 12.53 39.87
CA SER I 139 -102.46 11.64 38.76
C SER I 139 -102.06 10.21 39.08
N ALA I 140 -102.82 9.27 38.53
CA ALA I 140 -102.53 7.84 38.68
C ALA I 140 -101.20 7.45 38.05
N GLU I 141 -100.87 8.10 36.93
N GLU I 141 -100.85 8.09 36.92
CA GLU I 141 -99.62 7.89 36.20
CA GLU I 141 -99.59 7.84 36.22
C GLU I 141 -98.37 8.12 37.08
C GLU I 141 -98.35 8.11 37.10
N GLU I 142 -98.36 9.22 37.83
CA GLU I 142 -97.21 9.57 38.73
C GLU I 142 -97.22 8.85 40.10
N ALA I 143 -98.34 8.24 40.47
CA ALA I 143 -98.54 7.71 41.81
C ALA I 143 -97.53 6.65 42.26
N PRO I 144 -97.24 5.64 41.40
CA PRO I 144 -96.27 4.61 41.78
C PRO I 144 -94.92 5.16 42.18
N ALA I 145 -94.35 6.03 41.35
CA ALA I 145 -93.05 6.64 41.62
C ALA I 145 -93.03 7.36 42.95
N LYS I 146 -94.09 8.13 43.22
CA LYS I 146 -94.16 8.93 44.45
C LYS I 146 -94.41 8.11 45.69
N ILE I 147 -95.33 7.15 45.60
CA ILE I 147 -95.55 6.21 46.70
C ILE I 147 -94.25 5.51 47.11
N ASP I 148 -93.53 4.95 46.13
CA ASP I 148 -92.38 4.13 46.44
C ASP I 148 -91.21 4.97 46.92
N HIS I 149 -91.10 6.18 46.39
CA HIS I 149 -90.04 7.10 46.82
C HIS I 149 -90.16 7.46 48.29
N VAL I 150 -91.37 7.82 48.74
CA VAL I 150 -91.54 8.18 50.15
C VAL I 150 -91.30 6.97 51.08
N ILE I 151 -91.86 5.81 50.72
CA ILE I 151 -91.69 4.57 51.51
C ILE I 151 -90.22 4.19 51.62
N ARG I 152 -89.53 4.06 50.48
CA ARG I 152 -88.12 3.64 50.45
C ARG I 152 -87.22 4.59 51.23
N THR I 153 -87.44 5.88 51.07
CA THR I 153 -86.62 6.89 51.72
C THR I 153 -86.87 6.82 53.22
N ALA I 154 -88.12 6.71 53.63
CA ALA I 154 -88.41 6.56 55.05
C ALA I 154 -87.64 5.38 55.67
N LEU I 155 -87.70 4.22 55.02
CA LEU I 155 -87.11 2.99 55.56
C LEU I 155 -85.60 3.07 55.66
N ARG I 156 -84.95 3.56 54.60
CA ARG I 156 -83.50 3.73 54.59
C ARG I 156 -83.04 4.76 55.64
N GLU I 157 -83.68 5.93 55.66
CA GLU I 157 -83.24 7.04 56.51
C GLU I 157 -83.65 6.86 57.96
N ARG I 158 -84.63 5.99 58.23
CA ARG I 158 -85.25 5.85 59.56
C ARG I 158 -85.82 7.20 59.99
N LYS I 159 -86.65 7.77 59.11
CA LYS I 159 -87.27 9.08 59.30
C LYS I 159 -88.67 9.01 58.71
N PRO I 160 -89.60 9.83 59.21
CA PRO I 160 -90.94 9.82 58.64
C PRO I 160 -90.99 10.51 57.27
N ALA I 161 -92.07 10.26 56.54
CA ALA I 161 -92.27 10.81 55.21
C ALA I 161 -93.75 11.08 54.98
N TYR I 162 -94.07 11.86 53.96
CA TYR I 162 -95.43 12.33 53.75
C TYR I 162 -95.93 12.09 52.33
N LEU I 163 -97.18 11.68 52.20
CA LEU I 163 -97.86 11.63 50.91
C LEU I 163 -99.19 12.36 51.01
N GLU I 164 -99.56 13.10 49.98
CA GLU I 164 -100.95 13.48 49.81
C GLU I 164 -101.46 12.92 48.50
N ILE I 165 -102.70 12.44 48.52
CA ILE I 165 -103.34 11.90 47.34
C ILE I 165 -104.64 12.66 47.10
N ALA I 166 -104.77 13.26 45.94
CA ALA I 166 -106.01 13.91 45.52
C ALA I 166 -107.21 12.97 45.73
N CYS I 167 -108.27 13.47 46.35
CA CYS I 167 -109.46 12.64 46.69
C CYS I 167 -110.11 11.95 45.50
N ASN I 168 -109.95 12.51 44.31
CA ASN I 168 -110.49 11.91 43.09
C ASN I 168 -109.47 11.10 42.31
N VAL I 169 -108.27 10.91 42.85
CA VAL I 169 -107.24 10.04 42.28
C VAL I 169 -107.06 8.73 43.10
N ALA I 170 -107.42 8.73 44.38
CA ALA I 170 -107.26 7.54 45.22
C ALA I 170 -108.01 6.31 44.68
N GLY I 171 -109.13 6.55 43.99
CA GLY I 171 -109.89 5.50 43.30
C GLY I 171 -109.67 5.34 41.80
N ALA I 172 -108.64 6.00 41.26
CA ALA I 172 -108.38 5.92 39.82
C ALA I 172 -107.55 4.67 39.49
N GLU I 173 -107.75 4.13 38.30
N GLU I 173 -107.73 4.17 38.28
CA GLU I 173 -107.03 2.93 37.85
CA GLU I 173 -107.02 3.00 37.75
C GLU I 173 -105.52 3.21 37.80
C GLU I 173 -105.50 3.22 37.76
N CYS I 174 -104.76 2.28 38.34
CA CYS I 174 -103.31 2.41 38.50
C CYS I 174 -102.64 1.10 38.06
N VAL I 175 -101.38 1.18 37.60
CA VAL I 175 -100.59 -0.01 37.32
C VAL I 175 -100.35 -0.76 38.64
N ARG I 176 -100.07 -2.06 38.52
CA ARG I 176 -99.80 -2.92 39.69
C ARG I 176 -98.34 -2.87 40.11
N PRO I 177 -98.08 -2.98 41.42
CA PRO I 177 -96.69 -3.03 41.88
C PRO I 177 -96.09 -4.42 41.66
N GLY I 178 -94.83 -4.45 41.23
CA GLY I 178 -94.14 -5.71 41.05
C GLY I 178 -93.67 -6.32 42.37
N PRO I 179 -93.29 -7.60 42.35
CA PRO I 179 -92.83 -8.29 43.56
C PRO I 179 -91.44 -7.82 44.00
N ILE I 180 -91.14 -8.02 45.28
CA ILE I 180 -89.92 -7.53 45.87
C ILE I 180 -89.39 -8.50 46.93
N ASN I 181 -88.08 -8.43 47.13
CA ASN I 181 -87.42 -9.10 48.26
C ASN I 181 -87.66 -8.31 49.56
N SER I 182 -87.35 -7.00 49.51
CA SER I 182 -87.52 -6.07 50.64
C SER I 182 -87.52 -4.62 50.15
N LEU I 183 -88.34 -3.79 50.78
CA LEU I 183 -88.40 -2.36 50.45
C LEU I 183 -87.32 -1.52 51.14
N LEU I 184 -86.61 -2.12 52.11
CA LEU I 184 -85.39 -1.55 52.68
C LEU I 184 -84.18 -1.98 51.83
N ARG I 185 -83.62 -1.05 51.07
CA ARG I 185 -82.34 -1.26 50.37
C ARG I 185 -81.31 -0.28 50.90
N GLU I 186 -80.30 -0.81 51.57
CA GLU I 186 -79.19 -0.02 52.14
C GLU I 186 -78.23 0.42 51.03
N LEU I 187 -77.43 1.45 51.31
CA LEU I 187 -76.33 1.86 50.43
C LEU I 187 -75.22 0.80 50.46
N GLU I 188 -74.53 0.61 49.33
CA GLU I 188 -73.37 -0.28 49.28
C GLU I 188 -72.22 0.29 50.12
N VAL I 189 -71.58 -0.56 50.92
CA VAL I 189 -70.54 -0.15 51.88
C VAL I 189 -69.16 -0.06 51.23
N ASP I 190 -68.36 0.91 51.68
CA ASP I 190 -67.01 1.15 51.18
C ASP I 190 -66.01 0.36 52.05
N GLN I 191 -65.48 -0.73 51.49
CA GLN I 191 -64.58 -1.62 52.26
C GLN I 191 -63.21 -1.00 52.52
N THR I 192 -62.73 -0.16 51.59
CA THR I 192 -61.54 0.68 51.83
C THR I 192 -61.67 1.50 53.14
N SER I 193 -62.81 2.16 53.30
CA SER I 193 -63.07 2.92 54.52
C SER I 193 -63.18 2.05 55.77
N VAL I 194 -63.91 0.94 55.66
CA VAL I 194 -64.09 0.03 56.79
C VAL I 194 -62.74 -0.52 57.29
N THR I 195 -61.88 -0.93 56.34
CA THR I 195 -60.55 -1.44 56.67
C THR I 195 -59.73 -0.38 57.39
N ALA I 196 -59.65 0.81 56.79
CA ALA I 196 -58.91 1.94 57.37
C ALA I 196 -59.41 2.33 58.76
N ALA I 197 -60.73 2.34 58.96
CA ALA I 197 -61.30 2.70 60.26
C ALA I 197 -60.98 1.64 61.31
N VAL I 198 -61.15 0.38 60.94
CA VAL I 198 -60.85 -0.74 61.85
C VAL I 198 -59.37 -0.72 62.26
N ASP I 199 -58.47 -0.53 61.30
CA ASP I 199 -57.02 -0.48 61.59
C ASP I 199 -56.63 0.69 62.49
N ALA I 200 -57.14 1.89 62.17
CA ALA I 200 -56.90 3.06 63.01
C ALA I 200 -57.54 2.90 64.40
N ALA I 201 -58.68 2.22 64.47
CA ALA I 201 -59.29 1.91 65.77
C ALA I 201 -58.46 0.94 66.65
N VAL I 202 -57.79 -0.02 66.00
CA VAL I 202 -56.95 -0.99 66.69
C VAL I 202 -55.68 -0.29 67.21
N GLU I 203 -55.01 0.46 66.33
CA GLU I 203 -53.89 1.33 66.70
C GLU I 203 -54.26 2.31 67.84
N TRP I 204 -55.41 2.96 67.74
CA TRP I 204 -55.89 3.91 68.77
C TRP I 204 -56.09 3.28 70.16
N LEU I 205 -56.48 2.00 70.19
CA LEU I 205 -56.80 1.30 71.45
C LEU I 205 -55.62 0.72 72.28
N GLN I 206 -54.42 0.65 71.72
CA GLN I 206 -53.32 -0.08 72.39
C GLN I 206 -52.79 0.58 73.69
N ASP I 207 -52.75 1.92 73.71
CA ASP I 207 -52.35 2.68 74.91
C ASP I 207 -53.43 2.74 76.01
N ARG I 208 -54.67 2.34 75.68
CA ARG I 208 -55.84 2.64 76.49
C ARG I 208 -56.38 1.37 77.17
N GLN I 209 -56.18 1.27 78.48
CA GLN I 209 -56.49 0.06 79.24
C GLN I 209 -57.91 0.07 79.79
N ASN I 210 -58.35 1.21 80.31
CA ASN I 210 -59.72 1.37 80.79
C ASN I 210 -60.65 1.80 79.66
N VAL I 211 -61.31 0.81 79.03
CA VAL I 211 -62.22 1.04 77.93
C VAL I 211 -63.66 0.87 78.42
N VAL I 212 -64.55 1.74 77.95
CA VAL I 212 -65.99 1.64 78.22
C VAL I 212 -66.76 1.76 76.90
N MET I 213 -67.82 0.98 76.74
CA MET I 213 -68.79 1.22 75.68
C MET I 213 -69.94 2.01 76.27
N LEU I 214 -70.38 3.02 75.51
CA LEU I 214 -71.51 3.85 75.90
C LEU I 214 -72.55 3.74 74.79
N VAL I 215 -73.67 3.11 75.11
CA VAL I 215 -74.70 2.80 74.12
C VAL I 215 -75.71 3.95 74.05
N GLY I 216 -75.94 4.44 72.83
CA GLY I 216 -76.82 5.59 72.61
C GLY I 216 -78.15 5.26 71.97
N SER I 217 -78.97 6.30 71.87
CA SER I 217 -80.38 6.21 71.49
C SER I 217 -80.64 5.94 70.02
N LYS I 218 -79.64 6.06 69.16
CA LYS I 218 -79.79 5.72 67.74
C LYS I 218 -79.34 4.29 67.37
N LEU I 219 -79.02 3.47 68.37
CA LEU I 219 -78.55 2.08 68.09
C LEU I 219 -79.57 1.23 67.33
N ARG I 220 -80.85 1.33 67.71
CA ARG I 220 -81.91 0.60 67.01
C ARG I 220 -82.10 1.10 65.58
N ALA I 221 -82.10 2.41 65.38
CA ALA I 221 -82.10 3.04 64.04
C ALA I 221 -80.98 2.53 63.15
N ALA I 222 -79.81 2.33 63.74
CA ALA I 222 -78.66 1.73 63.05
C ALA I 222 -78.82 0.22 62.78
N ALA I 223 -79.79 -0.43 63.43
CA ALA I 223 -79.99 -1.89 63.34
C ALA I 223 -78.71 -2.64 63.74
N ALA I 224 -78.11 -2.20 64.84
CA ALA I 224 -76.78 -2.68 65.25
C ALA I 224 -76.74 -3.25 66.67
N GLU I 225 -77.88 -3.68 67.17
CA GLU I 225 -77.95 -4.24 68.53
C GLU I 225 -77.11 -5.51 68.69
N LYS I 226 -77.13 -6.38 67.68
CA LYS I 226 -76.38 -7.65 67.76
C LYS I 226 -74.89 -7.45 67.58
N GLN I 227 -74.51 -6.55 66.68
CA GLN I 227 -73.10 -6.24 66.47
C GLN I 227 -72.48 -5.54 67.70
N ALA I 228 -73.29 -4.78 68.44
CA ALA I 228 -72.85 -4.14 69.67
C ALA I 228 -72.59 -5.16 70.77
N VAL I 229 -73.42 -6.20 70.84
CA VAL I 229 -73.19 -7.31 71.76
C VAL I 229 -71.91 -8.07 71.37
N ALA I 230 -71.70 -8.30 70.08
CA ALA I 230 -70.49 -9.00 69.59
C ALA I 230 -69.20 -8.21 69.88
N LEU I 231 -69.25 -6.89 69.72
CA LEU I 231 -68.12 -6.01 70.05
C LEU I 231 -67.82 -6.02 71.55
N ALA I 232 -68.86 -5.93 72.37
CA ALA I 232 -68.70 -6.01 73.82
C ALA I 232 -68.14 -7.37 74.27
N ASP I 233 -68.64 -8.46 73.67
CA ASP I 233 -68.18 -9.83 73.97
C ASP I 233 -66.69 -9.99 73.69
N ARG I 234 -66.25 -9.50 72.53
CA ARG I 234 -64.84 -9.53 72.15
C ARG I 234 -63.94 -8.65 73.04
N LEU I 235 -64.34 -7.40 73.29
CA LEU I 235 -63.55 -6.47 74.10
C LEU I 235 -63.47 -6.90 75.56
N GLY I 236 -64.54 -7.49 76.09
CA GLY I 236 -64.65 -7.78 77.52
C GLY I 236 -64.75 -6.54 78.42
N CYS I 237 -65.02 -5.36 77.83
CA CYS I 237 -65.01 -4.11 78.59
C CYS I 237 -66.36 -3.84 79.22
N ALA I 238 -66.40 -2.85 80.12
CA ALA I 238 -67.66 -2.42 80.70
C ALA I 238 -68.57 -1.84 79.63
N VAL I 239 -69.87 -2.04 79.78
CA VAL I 239 -70.87 -1.46 78.88
C VAL I 239 -71.83 -0.64 79.73
N THR I 240 -72.06 0.59 79.28
CA THR I 240 -73.03 1.50 79.90
C THR I 240 -74.03 1.99 78.85
N ILE I 241 -75.18 2.44 79.31
CA ILE I 241 -76.18 3.04 78.45
C ILE I 241 -76.40 4.51 78.81
N MET I 242 -76.64 5.31 77.78
CA MET I 242 -77.31 6.61 77.94
C MET I 242 -78.78 6.33 78.24
N ALA I 243 -79.44 7.28 78.91
CA ALA I 243 -80.81 7.07 79.43
C ALA I 243 -81.83 6.70 78.37
N ALA I 244 -81.73 7.36 77.22
CA ALA I 244 -82.63 7.11 76.09
C ALA I 244 -82.40 5.78 75.39
N ALA I 245 -81.26 5.13 75.65
CA ALA I 245 -80.94 3.82 75.04
C ALA I 245 -81.37 2.58 75.84
N LYS I 246 -82.18 2.77 76.88
CA LYS I 246 -82.63 1.66 77.70
C LYS I 246 -83.34 0.57 76.89
N GLY I 247 -82.86 -0.67 77.00
CA GLY I 247 -83.37 -1.80 76.20
C GLY I 247 -82.56 -2.11 74.95
N PHE I 248 -81.68 -1.21 74.53
CA PHE I 248 -80.88 -1.44 73.31
C PHE I 248 -79.60 -2.24 73.56
N PHE I 249 -79.30 -2.52 74.82
CA PHE I 249 -78.26 -3.46 75.19
C PHE I 249 -78.72 -4.26 76.40
N PRO I 250 -78.43 -5.59 76.44
CA PRO I 250 -78.93 -6.40 77.56
C PRO I 250 -78.32 -6.05 78.93
N GLU I 251 -79.17 -5.77 79.91
CA GLU I 251 -78.72 -5.37 81.25
C GLU I 251 -78.33 -6.52 82.18
N ASP I 252 -78.66 -7.76 81.79
CA ASP I 252 -78.16 -8.97 82.48
C ASP I 252 -76.97 -9.62 81.75
N HIS I 253 -76.36 -8.86 80.82
CA HIS I 253 -75.06 -9.17 80.27
C HIS I 253 -74.02 -8.98 81.39
N PRO I 254 -73.08 -9.93 81.56
CA PRO I 254 -72.18 -9.91 82.76
C PRO I 254 -71.33 -8.63 82.91
N ASN I 255 -70.96 -8.03 81.78
CA ASN I 255 -70.18 -6.79 81.76
C ASN I 255 -70.96 -5.45 81.74
N PHE I 256 -72.28 -5.50 81.83
CA PHE I 256 -73.10 -4.28 81.92
C PHE I 256 -72.87 -3.60 83.27
N ARG I 257 -72.53 -2.31 83.23
CA ARG I 257 -72.25 -1.53 84.45
C ARG I 257 -73.12 -0.29 84.65
N GLY I 258 -74.27 -0.22 83.97
CA GLY I 258 -75.33 0.70 84.36
C GLY I 258 -75.58 1.92 83.48
N LEU I 259 -76.37 2.84 84.02
CA LEU I 259 -76.77 4.07 83.33
C LEU I 259 -75.71 5.17 83.46
N TYR I 260 -75.15 5.64 82.34
CA TYR I 260 -74.41 6.91 82.33
C TYR I 260 -75.32 8.12 81.99
N TRP I 261 -75.50 9.01 82.95
CA TRP I 261 -76.32 10.22 82.77
C TRP I 261 -75.80 11.33 83.71
N GLY I 262 -74.52 11.65 83.58
CA GLY I 262 -73.85 12.64 84.42
C GLY I 262 -73.99 12.40 85.91
N GLU I 263 -74.38 13.46 86.65
CA GLU I 263 -74.57 13.38 88.10
C GLU I 263 -75.81 12.58 88.55
N VAL I 264 -76.68 12.17 87.62
CA VAL I 264 -77.78 11.24 87.95
C VAL I 264 -77.54 9.84 87.34
N SER I 265 -76.28 9.51 87.08
CA SER I 265 -75.88 8.15 86.67
C SER I 265 -76.19 7.07 87.73
N SER I 266 -76.12 5.81 87.31
CA SER I 266 -76.12 4.65 88.23
C SER I 266 -74.90 4.70 89.13
N GLU I 267 -74.98 4.02 90.27
CA GLU I 267 -73.87 3.94 91.22
C GLU I 267 -72.58 3.46 90.54
N GLY I 268 -71.53 4.28 90.61
CA GLY I 268 -70.24 3.96 89.99
C GLY I 268 -70.08 4.36 88.53
N ALA I 269 -71.17 4.48 87.78
CA ALA I 269 -71.11 4.64 86.32
C ALA I 269 -70.54 5.97 85.83
N GLN I 270 -70.84 7.06 86.55
CA GLN I 270 -70.29 8.37 86.19
C GLN I 270 -68.76 8.33 86.21
N GLU I 271 -68.22 7.90 87.35
CA GLU I 271 -66.77 7.81 87.56
C GLU I 271 -66.12 6.85 86.53
N LEU I 272 -66.82 5.74 86.26
CA LEU I 272 -66.38 4.73 85.29
C LEU I 272 -66.15 5.31 83.87
N VAL I 273 -67.11 6.09 83.38
CA VAL I 273 -67.05 6.67 82.03
C VAL I 273 -66.09 7.84 81.94
N GLU I 274 -66.23 8.82 82.84
CA GLU I 274 -65.46 10.07 82.76
C GLU I 274 -63.95 9.88 82.95
N ASN I 275 -63.54 8.88 83.73
CA ASN I 275 -62.10 8.58 83.95
C ASN I 275 -61.50 7.59 82.96
N ALA I 276 -62.32 7.02 82.08
CA ALA I 276 -61.86 6.01 81.13
C ALA I 276 -60.87 6.58 80.11
N ASP I 277 -59.96 5.72 79.65
CA ASP I 277 -58.95 6.09 78.65
C ASP I 277 -59.53 6.04 77.25
N ALA I 278 -60.60 5.26 77.06
CA ALA I 278 -61.31 5.15 75.79
C ALA I 278 -62.80 4.96 76.05
N ILE I 279 -63.63 5.85 75.50
CA ILE I 279 -65.08 5.75 75.57
C ILE I 279 -65.58 5.49 74.14
N LEU I 280 -66.15 4.32 73.91
CA LEU I 280 -66.74 3.96 72.60
C LEU I 280 -68.22 4.27 72.61
N CYS I 281 -68.61 5.34 71.90
CA CYS I 281 -70.01 5.80 71.87
C CYS I 281 -70.75 5.21 70.69
N LEU I 282 -71.74 4.37 70.96
CA LEU I 282 -72.51 3.70 69.89
C LEU I 282 -73.81 4.45 69.60
N ALA I 283 -73.77 5.27 68.55
CA ALA I 283 -74.93 6.00 68.04
C ALA I 283 -75.55 6.94 69.10
N PRO I 284 -74.73 7.85 69.65
CA PRO I 284 -75.21 8.75 70.69
C PRO I 284 -75.99 9.94 70.14
N VAL I 285 -76.93 10.43 70.94
CA VAL I 285 -77.56 11.76 70.75
C VAL I 285 -77.25 12.57 72.00
N PHE I 286 -76.26 13.44 71.92
CA PHE I 286 -75.88 14.29 73.04
C PHE I 286 -76.65 15.62 73.01
N ASN I 287 -77.90 15.59 73.46
CA ASN I 287 -78.70 16.80 73.56
C ASN I 287 -78.60 17.42 74.97
N ASP I 288 -79.22 18.59 75.15
CA ASP I 288 -79.16 19.31 76.44
C ASP I 288 -79.68 18.51 77.63
N TYR I 289 -80.72 17.71 77.41
CA TYR I 289 -81.28 16.85 78.45
C TYR I 289 -80.36 15.67 78.79
N ALA I 290 -79.82 15.03 77.76
CA ALA I 290 -78.96 13.87 77.93
C ALA I 290 -77.61 14.20 78.58
N THR I 291 -77.12 15.42 78.31
CA THR I 291 -75.89 15.93 78.92
C THR I 291 -76.09 16.67 80.26
N VAL I 292 -77.32 16.67 80.79
CA VAL I 292 -77.65 17.33 82.06
C VAL I 292 -77.25 18.83 82.03
N GLY I 293 -77.66 19.50 80.95
CA GLY I 293 -77.40 20.93 80.76
C GLY I 293 -75.98 21.24 80.33
N TRP I 294 -75.49 20.43 79.39
CA TRP I 294 -74.11 20.52 78.83
C TRP I 294 -72.97 20.23 79.84
N ASN I 295 -73.30 19.73 81.02
CA ASN I 295 -72.32 19.47 82.08
C ASN I 295 -71.58 18.15 81.88
N SER I 296 -72.28 17.12 81.40
CA SER I 296 -71.77 15.75 81.31
C SER I 296 -71.84 15.21 79.88
N TRP I 297 -70.86 15.61 79.08
CA TRP I 297 -70.84 15.38 77.64
C TRP I 297 -69.45 14.84 77.27
N PRO I 298 -69.31 13.51 77.14
CA PRO I 298 -68.01 12.92 76.71
C PRO I 298 -67.55 13.37 75.33
N LYS I 299 -66.36 13.95 75.27
CA LYS I 299 -65.73 14.38 74.02
C LYS I 299 -64.22 14.52 74.22
N GLY I 300 -63.48 14.72 73.13
CA GLY I 300 -62.03 14.89 73.17
C GLY I 300 -61.28 13.68 72.69
N ASP I 301 -59.99 13.61 73.04
CA ASP I 301 -59.06 12.60 72.51
C ASP I 301 -59.39 11.17 72.98
N ASN I 302 -60.05 11.05 74.14
CA ASN I 302 -60.44 9.76 74.69
C ASN I 302 -61.80 9.20 74.20
N VAL I 303 -62.40 9.82 73.17
CA VAL I 303 -63.76 9.49 72.76
C VAL I 303 -63.79 9.03 71.30
N MET I 304 -64.51 7.95 71.05
CA MET I 304 -64.81 7.51 69.69
C MET I 304 -66.31 7.61 69.52
N VAL I 305 -66.74 8.34 68.49
CA VAL I 305 -68.15 8.50 68.18
C VAL I 305 -68.47 7.66 66.94
N MET I 306 -69.26 6.61 67.15
CA MET I 306 -69.73 5.75 66.08
C MET I 306 -71.17 6.15 65.80
N ASP I 307 -71.38 6.91 64.72
CA ASP I 307 -72.73 7.27 64.26
C ASP I 307 -73.29 6.19 63.35
N THR I 308 -74.50 6.38 62.82
CA THR I 308 -75.10 5.37 61.93
C THR I 308 -74.30 5.13 60.65
N ASP I 309 -73.62 6.16 60.14
CA ASP I 309 -72.96 6.13 58.84
C ASP I 309 -71.52 6.66 58.88
N ARG I 310 -70.91 6.70 60.06
CA ARG I 310 -69.62 7.37 60.25
C ARG I 310 -69.00 6.98 61.55
N VAL I 311 -67.66 6.97 61.57
CA VAL I 311 -66.91 6.80 62.82
C VAL I 311 -65.87 7.90 62.91
N THR I 312 -65.76 8.50 64.08
CA THR I 312 -64.87 9.63 64.31
C THR I 312 -64.09 9.45 65.59
N PHE I 313 -62.77 9.62 65.51
CA PHE I 313 -61.85 9.46 66.64
C PHE I 313 -60.42 9.74 66.17
N ALA I 314 -59.56 10.17 67.11
CA ALA I 314 -58.12 10.35 66.82
C ALA I 314 -57.88 11.28 65.62
N GLY I 315 -58.55 12.43 65.61
CA GLY I 315 -58.41 13.42 64.54
C GLY I 315 -58.79 12.94 63.15
N GLN I 316 -59.66 11.93 63.07
CA GLN I 316 -60.00 11.27 61.81
C GLN I 316 -61.47 10.91 61.75
N SER I 317 -62.06 11.00 60.56
CA SER I 317 -63.44 10.61 60.36
C SER I 317 -63.58 9.69 59.17
N PHE I 318 -64.26 8.57 59.38
CA PHE I 318 -64.42 7.53 58.35
C PHE I 318 -65.90 7.34 58.03
N GLU I 319 -66.27 7.48 56.76
CA GLU I 319 -67.68 7.34 56.33
C GLU I 319 -67.79 6.38 55.15
N GLY I 320 -68.98 6.23 54.57
CA GLY I 320 -69.24 5.22 53.55
C GLY I 320 -69.32 3.85 54.19
N LEU I 321 -69.77 3.81 55.44
CA LEU I 321 -69.88 2.58 56.19
C LEU I 321 -71.11 2.71 57.06
N SER I 322 -71.41 1.66 57.82
CA SER I 322 -72.53 1.69 58.74
C SER I 322 -72.02 1.29 60.10
N LEU I 323 -72.73 1.69 61.15
CA LEU I 323 -72.39 1.26 62.50
C LEU I 323 -72.37 -0.26 62.58
N SER I 324 -73.35 -0.88 61.92
CA SER I 324 -73.49 -2.32 61.89
C SER I 324 -72.27 -3.02 61.27
N THR I 325 -71.86 -2.57 60.08
N THR I 325 -71.84 -2.58 60.09
CA THR I 325 -70.71 -3.11 59.39
CA THR I 325 -70.70 -3.17 59.42
C THR I 325 -69.39 -2.84 60.13
C THR I 325 -69.36 -2.83 60.10
N PHE I 326 -69.23 -1.62 60.61
CA PHE I 326 -68.02 -1.25 61.35
C PHE I 326 -67.90 -1.95 62.70
N ALA I 327 -69.00 -2.08 63.43
CA ALA I 327 -68.98 -2.75 64.75
C ALA I 327 -68.65 -4.25 64.65
N ALA I 328 -69.20 -4.93 63.64
CA ALA I 328 -68.90 -6.36 63.42
C ALA I 328 -67.44 -6.55 63.01
N ALA I 329 -66.98 -5.72 62.06
CA ALA I 329 -65.60 -5.77 61.58
C ALA I 329 -64.56 -5.34 62.62
N LEU I 330 -64.90 -4.44 63.54
CA LEU I 330 -64.02 -4.10 64.66
C LEU I 330 -63.98 -5.24 65.68
N ALA I 331 -65.12 -5.91 65.88
CA ALA I 331 -65.23 -7.05 66.78
C ALA I 331 -64.42 -8.26 66.32
N GLU I 332 -63.94 -8.24 65.07
CA GLU I 332 -63.03 -9.27 64.55
C GLU I 332 -61.57 -9.02 64.99
N LYS I 333 -61.13 -7.75 64.96
CA LYS I 333 -59.74 -7.38 65.29
C LYS I 333 -59.54 -6.68 66.65
N ALA I 334 -60.58 -6.60 67.47
CA ALA I 334 -60.49 -5.90 68.74
C ALA I 334 -59.55 -6.64 69.73
N PRO I 335 -58.84 -5.89 70.59
CA PRO I 335 -58.07 -6.48 71.68
C PRO I 335 -58.94 -6.73 72.91
N SER I 336 -58.32 -7.34 73.94
CA SER I 336 -58.98 -7.65 75.20
C SER I 336 -58.75 -6.51 76.19
N ARG I 337 -59.84 -6.01 76.78
CA ARG I 337 -59.78 -4.86 77.67
C ARG I 337 -60.73 -5.02 78.87
N PRO I 338 -60.43 -5.99 79.77
CA PRO I 338 -61.40 -6.33 80.81
C PRO I 338 -61.33 -5.48 82.09
N ALA I 339 -60.34 -4.59 82.21
CA ALA I 339 -60.07 -3.85 83.46
C ALA I 339 -61.31 -3.20 84.08
N THR I 340 -62.16 -2.61 83.24
CA THR I 340 -63.34 -1.87 83.70
C THR I 340 -64.48 -2.76 84.25
N THR I 341 -64.39 -4.07 84.06
CA THR I 341 -65.32 -5.03 84.69
C THR I 341 -64.84 -5.58 86.04
N GLN I 342 -63.52 -5.54 86.28
CA GLN I 342 -62.94 -6.14 87.49
C GLN I 342 -63.23 -5.27 88.73
N GLY I 343 -63.88 -5.88 89.73
CA GLY I 343 -64.21 -5.19 90.98
C GLY I 343 -65.66 -4.73 91.04
N THR I 344 -66.08 -4.00 90.01
CA THR I 344 -67.45 -3.47 89.90
C THR I 344 -68.49 -4.57 89.60
N GLN I 345 -69.76 -4.21 89.74
CA GLN I 345 -70.88 -5.14 89.51
C GLN I 345 -72.07 -4.35 88.95
N ALA I 346 -72.92 -5.03 88.20
CA ALA I 346 -74.09 -4.40 87.57
C ALA I 346 -75.00 -3.80 88.64
N PRO I 347 -75.55 -2.60 88.40
CA PRO I 347 -76.40 -1.98 89.42
C PRO I 347 -77.70 -2.74 89.67
N VAL I 348 -78.21 -2.65 90.90
CA VAL I 348 -79.47 -3.29 91.30
C VAL I 348 -80.47 -2.23 91.74
N LEU I 349 -81.74 -2.62 91.79
CA LEU I 349 -82.76 -1.82 92.42
C LEU I 349 -82.61 -1.99 93.93
N GLY I 350 -82.12 -0.94 94.60
CA GLY I 350 -81.89 -0.96 96.04
C GLY I 350 -83.10 -0.46 96.80
N ILE I 351 -84.20 -1.22 96.69
CA ILE I 351 -85.46 -0.85 97.33
C ILE I 351 -85.99 -2.05 98.11
N GLU I 352 -86.06 -1.90 99.43
CA GLU I 352 -86.73 -2.87 100.32
C GLU I 352 -88.23 -2.76 100.15
N ALA I 353 -88.93 -3.88 100.33
CA ALA I 353 -90.40 -3.87 100.34
C ALA I 353 -90.91 -3.00 101.49
N ALA I 354 -92.01 -2.30 101.25
CA ALA I 354 -92.61 -1.40 102.24
C ALA I 354 -93.64 -2.15 103.08
N GLU I 355 -93.99 -1.57 104.23
CA GLU I 355 -95.08 -2.09 105.05
C GLU I 355 -96.37 -1.97 104.22
N PRO I 356 -97.05 -3.10 103.93
CA PRO I 356 -98.15 -3.12 102.95
C PRO I 356 -99.28 -2.08 103.12
N ASN I 357 -99.64 -1.74 104.35
CA ASN I 357 -100.71 -0.78 104.60
C ASN I 357 -100.27 0.68 104.75
N ALA I 358 -98.97 0.96 104.58
CA ALA I 358 -98.45 2.34 104.65
C ALA I 358 -98.89 3.12 103.40
N PRO I 359 -99.10 4.46 103.51
CA PRO I 359 -99.33 5.27 102.30
C PRO I 359 -98.29 4.95 101.22
N LEU I 360 -98.76 4.72 99.99
CA LEU I 360 -97.89 4.26 98.89
C LEU I 360 -96.80 5.30 98.63
N THR I 361 -95.57 4.83 98.42
CA THR I 361 -94.46 5.68 98.05
C THR I 361 -94.07 5.46 96.60
N ASN I 362 -93.29 6.40 96.08
CA ASN I 362 -92.70 6.31 94.75
C ASN I 362 -91.76 5.11 94.61
N ASP I 363 -90.97 4.85 95.64
CA ASP I 363 -90.10 3.65 95.72
C ASP I 363 -90.88 2.34 95.71
N GLU I 364 -91.95 2.26 96.48
CA GLU I 364 -92.75 1.04 96.56
C GLU I 364 -93.49 0.75 95.25
N MET I 365 -93.97 1.80 94.59
CA MET I 365 -94.57 1.70 93.25
C MET I 365 -93.55 1.25 92.21
N THR I 366 -92.37 1.84 92.24
CA THR I 366 -91.27 1.48 91.34
C THR I 366 -90.84 0.02 91.51
N ARG I 367 -90.85 -0.47 92.75
CA ARG I 367 -90.47 -1.85 93.05
C ARG I 367 -91.45 -2.86 92.42
N GLN I 368 -92.74 -2.65 92.65
CA GLN I 368 -93.76 -3.55 92.09
C GLN I 368 -93.81 -3.50 90.57
N ILE I 369 -93.67 -2.31 89.96
CA ILE I 369 -93.64 -2.22 88.50
C ILE I 369 -92.44 -3.00 87.95
N GLN I 370 -91.29 -2.87 88.61
CA GLN I 370 -90.05 -3.50 88.14
C GLN I 370 -90.15 -5.04 88.10
N SER I 371 -90.84 -5.63 89.09
CA SER I 371 -91.07 -7.08 89.14
C SER I 371 -91.99 -7.63 88.05
N LEU I 372 -92.76 -6.75 87.39
CA LEU I 372 -93.60 -7.12 86.25
C LEU I 372 -92.85 -7.27 84.94
N ILE I 373 -91.62 -6.77 84.89
CA ILE I 373 -90.87 -6.74 83.65
C ILE I 373 -90.22 -8.09 83.39
N THR I 374 -90.80 -8.82 82.44
CA THR I 374 -90.22 -10.08 81.95
C THR I 374 -89.46 -9.81 80.66
N SER I 375 -88.84 -10.85 80.14
CA SER I 375 -88.14 -10.80 78.85
C SER I 375 -89.07 -10.58 77.65
N ASP I 376 -90.37 -10.82 77.81
CA ASP I 376 -91.36 -10.50 76.77
C ASP I 376 -92.18 -9.25 77.11
N THR I 377 -91.63 -8.34 77.91
CA THR I 377 -92.37 -7.15 78.32
C THR I 377 -91.89 -5.93 77.55
N THR I 378 -92.85 -5.09 77.15
CA THR I 378 -92.57 -3.74 76.66
C THR I 378 -93.12 -2.71 77.65
N LEU I 379 -92.22 -1.86 78.14
CA LEU I 379 -92.52 -0.79 79.09
C LEU I 379 -92.42 0.56 78.35
N THR I 380 -93.54 1.28 78.27
CA THR I 380 -93.61 2.63 77.71
C THR I 380 -93.60 3.64 78.86
N ALA I 381 -92.57 4.48 78.93
CA ALA I 381 -92.38 5.43 80.05
C ALA I 381 -92.46 6.88 79.58
N GLU I 382 -93.42 7.61 80.13
CA GLU I 382 -93.73 8.98 79.71
C GLU I 382 -92.75 10.02 80.26
N THR I 383 -92.57 11.10 79.50
CA THR I 383 -91.91 12.31 79.96
C THR I 383 -92.53 12.77 81.28
N GLY I 384 -91.69 12.87 82.30
CA GLY I 384 -92.13 13.11 83.66
C GLY I 384 -91.19 12.42 84.63
N ASP I 385 -91.62 12.26 85.86
CA ASP I 385 -90.84 11.50 86.84
C ASP I 385 -90.72 10.01 86.45
N SER I 386 -91.60 9.54 85.56
CA SER I 386 -91.48 8.19 84.97
C SER I 386 -90.18 7.94 84.21
N TRP I 387 -89.61 8.96 83.59
CA TRP I 387 -88.25 8.87 82.99
C TRP I 387 -87.22 8.40 84.00
N PHE I 388 -87.28 8.96 85.21
CA PHE I 388 -86.28 8.71 86.26
C PHE I 388 -86.52 7.41 87.01
N ASN I 389 -87.80 7.07 87.22
CA ASN I 389 -88.19 5.76 87.76
C ASN I 389 -87.83 4.62 86.81
N ALA I 390 -88.10 4.78 85.52
CA ALA I 390 -87.73 3.79 84.51
C ALA I 390 -86.22 3.60 84.42
N SER I 391 -85.48 4.70 84.42
N SER I 391 -85.49 4.71 84.42
CA SER I 391 -84.02 4.66 84.26
CA SER I 391 -84.03 4.68 84.24
C SER I 391 -83.26 4.03 85.42
C SER I 391 -83.25 4.06 85.42
N ARG I 392 -83.90 3.88 86.58
CA ARG I 392 -83.29 3.17 87.74
C ARG I 392 -83.83 1.74 87.94
N MET I 393 -84.58 1.20 86.97
CA MET I 393 -85.04 -0.20 87.01
C MET I 393 -84.13 -1.08 86.18
N PRO I 394 -83.49 -2.09 86.81
CA PRO I 394 -82.85 -3.12 85.99
C PRO I 394 -83.91 -3.96 85.26
N ILE I 395 -83.60 -4.40 84.05
CA ILE I 395 -84.53 -5.19 83.25
C ILE I 395 -83.83 -6.42 82.67
N PRO I 396 -84.55 -7.55 82.54
CA PRO I 396 -83.94 -8.74 81.91
C PRO I 396 -83.74 -8.56 80.40
N GLY I 397 -82.91 -9.42 79.83
CA GLY I 397 -82.65 -9.41 78.38
C GLY I 397 -83.92 -9.73 77.60
N GLY I 398 -84.09 -9.06 76.47
CA GLY I 398 -85.33 -9.14 75.68
C GLY I 398 -86.39 -8.10 75.99
N ALA I 399 -86.43 -7.61 77.23
CA ALA I 399 -87.42 -6.61 77.62
C ALA I 399 -87.14 -5.34 76.82
N ARG I 400 -88.20 -4.65 76.42
CA ARG I 400 -88.10 -3.43 75.63
C ARG I 400 -88.55 -2.27 76.51
N VAL I 401 -87.82 -1.15 76.45
CA VAL I 401 -88.28 0.09 77.05
C VAL I 401 -88.44 1.14 75.94
N GLU I 402 -89.56 1.85 75.98
CA GLU I 402 -89.81 2.92 75.03
C GLU I 402 -89.83 4.26 75.75
N LEU I 403 -88.93 5.12 75.28
CA LEU I 403 -88.79 6.47 75.77
C LEU I 403 -88.83 7.38 74.57
N GLU I 404 -89.23 8.61 74.82
CA GLU I 404 -89.34 9.62 73.79
C GLU I 404 -88.60 10.85 74.33
N MET I 405 -87.29 10.71 74.49
CA MET I 405 -86.47 11.73 75.18
C MET I 405 -85.98 12.87 74.31
N GLN I 406 -86.06 12.73 72.99
CA GLN I 406 -85.70 13.81 72.09
C GLN I 406 -86.88 14.76 71.87
N TRP I 407 -88.05 14.21 71.53
CA TRP I 407 -89.24 15.02 71.28
C TRP I 407 -89.86 15.48 72.59
N GLY I 408 -90.11 14.51 73.48
CA GLY I 408 -90.60 14.79 74.82
C GLY I 408 -91.97 15.42 74.91
N HIS I 409 -92.88 14.99 74.03
CA HIS I 409 -94.26 15.48 74.02
C HIS I 409 -95.06 14.74 75.09
N ILE I 410 -95.54 15.45 76.11
CA ILE I 410 -96.33 14.78 77.15
C ILE I 410 -97.65 14.27 76.56
N GLY I 411 -98.08 13.09 77.00
CA GLY I 411 -99.27 12.44 76.43
C GLY I 411 -98.96 11.43 75.34
N TRP I 412 -97.77 11.49 74.73
CA TRP I 412 -97.26 10.50 73.78
C TRP I 412 -97.45 9.02 74.22
N SER I 413 -97.24 8.74 75.50
CA SER I 413 -97.25 7.35 76.01
C SER I 413 -98.57 6.61 75.81
N VAL I 414 -99.70 7.29 75.93
CA VAL I 414 -101.02 6.65 75.78
C VAL I 414 -101.25 6.10 74.34
N PRO I 415 -101.32 6.97 73.31
CA PRO I 415 -101.41 6.43 71.95
C PRO I 415 -100.20 5.60 71.49
N SER I 416 -98.99 5.95 71.94
CA SER I 416 -97.82 5.17 71.60
C SER I 416 -97.90 3.75 72.15
N ALA I 417 -98.32 3.59 73.41
CA ALA I 417 -98.53 2.26 74.00
C ALA I 417 -99.61 1.48 73.25
N PHE I 418 -100.70 2.16 72.91
CA PHE I 418 -101.77 1.57 72.09
C PHE I 418 -101.23 0.99 70.78
N GLY I 419 -100.47 1.79 70.04
CA GLY I 419 -99.94 1.36 68.75
C GLY I 419 -98.94 0.24 68.87
N ASN I 420 -98.09 0.35 69.89
CA ASN I 420 -97.04 -0.62 70.13
C ASN I 420 -97.67 -1.98 70.47
N ALA I 421 -98.68 -1.97 71.34
CA ALA I 421 -99.42 -3.17 71.70
C ALA I 421 -100.21 -3.78 70.53
N VAL I 422 -100.79 -2.94 69.68
CA VAL I 422 -101.44 -3.42 68.43
C VAL I 422 -100.43 -4.13 67.53
N GLY I 423 -99.20 -3.62 67.49
CA GLY I 423 -98.17 -4.17 66.62
C GLY I 423 -97.34 -5.31 67.19
N SER I 424 -97.39 -5.52 68.52
CA SER I 424 -96.68 -6.62 69.18
C SER I 424 -97.57 -7.22 70.29
N PRO I 425 -98.73 -7.80 69.88
CA PRO I 425 -99.72 -8.30 70.86
C PRO I 425 -99.28 -9.52 71.69
N GLU I 426 -98.27 -10.25 71.23
CA GLU I 426 -97.68 -11.38 71.98
C GLU I 426 -96.96 -10.95 73.27
N ARG I 427 -96.49 -9.69 73.34
CA ARG I 427 -95.71 -9.20 74.48
C ARG I 427 -96.63 -8.73 75.61
N ARG I 428 -96.08 -8.59 76.80
CA ARG I 428 -96.79 -7.96 77.92
C ARG I 428 -96.54 -6.47 77.83
N HIS I 429 -97.60 -5.66 77.82
CA HIS I 429 -97.46 -4.20 77.67
C HIS I 429 -97.81 -3.42 78.93
N ILE I 430 -96.83 -2.67 79.43
CA ILE I 430 -96.92 -1.83 80.61
C ILE I 430 -96.68 -0.37 80.23
N MET I 431 -97.38 0.52 80.93
CA MET I 431 -97.32 1.96 80.72
C MET I 431 -97.10 2.68 82.05
N MET I 432 -96.15 3.60 82.07
CA MET I 432 -96.02 4.57 83.14
C MET I 432 -96.32 5.98 82.60
N VAL I 433 -97.40 6.58 83.07
CA VAL I 433 -97.83 7.90 82.62
C VAL I 433 -98.24 8.76 83.81
N GLY I 434 -97.82 10.02 83.78
CA GLY I 434 -98.22 10.98 84.81
C GLY I 434 -99.61 11.50 84.60
N ASP I 435 -100.17 12.11 85.63
CA ASP I 435 -101.52 12.64 85.59
C ASP I 435 -101.63 13.77 84.57
N GLY I 436 -100.63 14.66 84.57
CA GLY I 436 -100.56 15.77 83.61
C GLY I 436 -100.52 15.30 82.17
N SER I 437 -99.62 14.38 81.90
CA SER I 437 -99.46 13.77 80.59
C SER I 437 -100.72 13.12 80.08
N PHE I 438 -101.38 12.38 80.97
CA PHE I 438 -102.54 11.58 80.65
C PHE I 438 -103.69 12.42 80.14
N GLN I 439 -103.86 13.61 80.71
CA GLN I 439 -104.93 14.52 80.33
C GLN I 439 -104.88 15.01 78.86
N LEU I 440 -103.70 15.04 78.25
CA LEU I 440 -103.58 15.47 76.84
C LEU I 440 -104.17 14.49 75.83
N THR I 441 -104.07 13.20 76.14
CA THR I 441 -104.36 12.13 75.18
C THR I 441 -105.22 10.98 75.75
N ALA I 442 -105.93 11.25 76.86
CA ALA I 442 -106.69 10.24 77.62
C ALA I 442 -107.73 9.43 76.83
N GLN I 443 -108.38 10.07 75.85
CA GLN I 443 -109.41 9.42 75.02
C GLN I 443 -108.92 8.20 74.23
N GLU I 444 -107.62 8.09 73.96
CA GLU I 444 -107.11 6.92 73.26
C GLU I 444 -107.11 5.64 74.11
N VAL I 445 -107.33 5.74 75.42
CA VAL I 445 -107.62 4.56 76.24
C VAL I 445 -108.93 3.90 75.78
N ALA I 446 -109.87 4.69 75.26
CA ALA I 446 -111.11 4.17 74.67
C ALA I 446 -110.89 3.29 73.43
N GLN I 447 -109.86 3.61 72.65
CA GLN I 447 -109.48 2.79 71.53
C GLN I 447 -108.82 1.49 71.98
N MET I 448 -108.00 1.54 73.04
CA MET I 448 -107.51 0.31 73.66
C MET I 448 -108.67 -0.58 74.06
N ILE I 449 -109.70 0.02 74.63
CA ILE I 449 -110.90 -0.72 75.03
C ILE I 449 -111.61 -1.29 73.80
N ARG I 450 -111.88 -0.46 72.80
CA ARG I 450 -112.52 -0.90 71.55
C ARG I 450 -111.82 -2.10 70.92
N TYR I 451 -110.50 -2.03 70.80
CA TYR I 451 -109.72 -3.06 70.11
C TYR I 451 -109.18 -4.16 71.04
N GLU I 452 -109.56 -4.14 72.32
CA GLU I 452 -109.23 -5.19 73.32
C GLU I 452 -107.74 -5.35 73.47
N ILE I 453 -107.08 -4.22 73.77
CA ILE I 453 -105.64 -4.13 73.84
C ILE I 453 -105.30 -4.08 75.33
N PRO I 454 -104.67 -5.14 75.88
CA PRO I 454 -104.49 -5.20 77.35
C PRO I 454 -103.23 -4.51 77.91
N VAL I 455 -103.15 -3.20 77.78
CA VAL I 455 -102.02 -2.44 78.33
C VAL I 455 -102.27 -2.21 79.82
N ILE I 456 -101.26 -2.46 80.65
CA ILE I 456 -101.39 -2.14 82.07
C ILE I 456 -100.87 -0.72 82.26
N ILE I 457 -101.75 0.19 82.66
CA ILE I 457 -101.43 1.61 82.77
C ILE I 457 -101.26 1.98 84.23
N PHE I 458 -100.03 2.24 84.64
CA PHE I 458 -99.74 2.86 85.95
C PHE I 458 -99.78 4.38 85.83
N LEU I 459 -100.85 4.97 86.36
CA LEU I 459 -101.06 6.41 86.31
C LEU I 459 -100.57 7.03 87.63
N ILE I 460 -99.52 7.84 87.59
CA ILE I 460 -98.98 8.45 88.81
C ILE I 460 -99.73 9.75 89.06
N ASN I 461 -100.73 9.71 89.93
CA ASN I 461 -101.48 10.90 90.32
C ASN I 461 -100.78 11.58 91.48
N ASN I 462 -99.84 12.46 91.14
CA ASN I 462 -99.14 13.32 92.11
C ASN I 462 -99.64 14.78 92.13
N ARG I 463 -100.78 15.04 91.49
CA ARG I 463 -101.49 16.31 91.56
C ARG I 463 -100.70 17.46 90.93
N GLY I 464 -100.16 17.23 89.73
CA GLY I 464 -99.53 18.28 88.94
C GLY I 464 -98.36 17.85 88.11
N TYR I 465 -97.70 18.84 87.52
CA TYR I 465 -96.54 18.65 86.66
C TYR I 465 -95.27 18.66 87.52
N VAL I 466 -94.94 17.54 88.15
CA VAL I 466 -93.86 17.51 89.16
C VAL I 466 -92.47 17.77 88.60
N ILE I 467 -92.20 17.25 87.42
CA ILE I 467 -90.95 17.57 86.70
C ILE I 467 -90.82 19.07 86.41
N GLU I 468 -91.90 19.73 86.03
CA GLU I 468 -91.88 21.18 85.83
C GLU I 468 -91.67 21.92 87.15
N ILE I 469 -92.27 21.42 88.23
CA ILE I 469 -92.05 21.97 89.57
C ILE I 469 -90.55 21.95 89.94
N ALA I 470 -89.87 20.85 89.61
CA ALA I 470 -88.42 20.72 89.84
C ALA I 470 -87.53 21.62 88.97
N ILE I 471 -88.08 22.13 87.86
CA ILE I 471 -87.37 23.08 87.00
C ILE I 471 -87.67 24.49 87.53
N HIS I 472 -88.96 24.85 87.58
CA HIS I 472 -89.36 26.18 87.99
C HIS I 472 -90.86 26.16 88.37
N ASP I 473 -91.16 26.41 89.65
CA ASP I 473 -92.52 26.30 90.17
C ASP I 473 -93.37 27.57 89.92
N GLY I 474 -94.65 27.35 89.63
CA GLY I 474 -95.65 28.42 89.54
C GLY I 474 -97.04 27.80 89.37
N PRO I 475 -98.10 28.63 89.35
CA PRO I 475 -99.49 28.12 89.32
C PRO I 475 -99.86 27.30 88.08
N TYR I 476 -99.12 27.52 86.99
CA TYR I 476 -99.20 26.73 85.77
C TYR I 476 -98.83 25.24 85.88
N ASN I 477 -98.22 24.84 86.99
CA ASN I 477 -97.93 23.43 87.26
C ASN I 477 -99.02 22.62 87.96
N TYR I 478 -100.13 23.27 88.34
CA TYR I 478 -101.16 22.61 89.16
C TYR I 478 -102.41 22.47 88.33
N ILE I 479 -102.90 21.23 88.23
CA ILE I 479 -103.95 20.89 87.28
C ILE I 479 -105.21 20.39 87.99
N LYS I 480 -106.32 20.39 87.25
CA LYS I 480 -107.58 19.86 87.73
C LYS I 480 -107.46 18.36 87.91
N ASN I 481 -107.81 17.89 89.10
CA ASN I 481 -107.78 16.46 89.38
C ASN I 481 -109.02 15.78 88.80
N TRP I 482 -108.83 14.60 88.22
CA TRP I 482 -109.92 13.75 87.76
C TRP I 482 -109.94 12.49 88.59
N ASN I 483 -111.07 11.80 88.54
CA ASN I 483 -111.12 10.40 88.99
C ASN I 483 -110.68 9.50 87.83
N TYR I 484 -109.38 9.32 87.72
CA TYR I 484 -108.76 8.67 86.56
C TYR I 484 -109.23 7.21 86.46
N ALA I 485 -109.28 6.50 87.59
CA ALA I 485 -109.82 5.14 87.65
C ALA I 485 -111.25 5.05 87.10
N GLY I 486 -112.10 6.00 87.50
CA GLY I 486 -113.48 6.06 87.04
C GLY I 486 -113.68 6.35 85.56
N LEU I 487 -112.64 6.84 84.89
CA LEU I 487 -112.69 7.11 83.45
C LEU I 487 -112.95 5.85 82.63
N ILE I 488 -112.46 4.71 83.11
CA ILE I 488 -112.54 3.44 82.37
C ILE I 488 -113.99 2.99 82.18
N ASP I 489 -114.82 3.09 83.21
CA ASP I 489 -116.24 2.71 83.09
C ASP I 489 -117.01 3.61 82.13
N VAL I 490 -116.64 4.88 82.10
CA VAL I 490 -117.15 5.83 81.10
C VAL I 490 -116.81 5.36 79.67
N PHE I 491 -115.55 5.01 79.42
CA PHE I 491 -115.15 4.52 78.09
C PHE I 491 -115.69 3.12 77.76
N ASN I 492 -115.79 2.24 78.77
CA ASN I 492 -116.41 0.91 78.60
C ASN I 492 -117.86 1.01 78.15
N ASP I 493 -118.62 1.87 78.81
CA ASP I 493 -120.06 1.97 78.66
C ASP I 493 -120.72 0.56 78.84
N GLU I 494 -121.35 -0.01 77.81
CA GLU I 494 -121.99 -1.34 77.93
C GLU I 494 -121.07 -2.48 77.46
N ASP I 495 -120.30 -2.23 76.40
CA ASP I 495 -119.47 -3.23 75.74
C ASP I 495 -118.00 -2.78 75.83
N GLY I 496 -117.31 -3.23 76.87
CA GLY I 496 -115.93 -2.82 77.12
C GLY I 496 -115.37 -3.57 78.30
N HIS I 497 -114.11 -3.97 78.21
CA HIS I 497 -113.48 -4.84 79.21
C HIS I 497 -112.27 -4.22 79.88
N GLY I 498 -112.23 -2.89 79.90
CA GLY I 498 -111.21 -2.17 80.62
C GLY I 498 -111.53 -2.19 82.10
N LEU I 499 -110.49 -2.10 82.92
CA LEU I 499 -110.63 -1.99 84.38
C LEU I 499 -109.95 -0.74 84.92
N GLY I 500 -110.64 -0.05 85.84
CA GLY I 500 -110.10 1.12 86.54
C GLY I 500 -109.99 0.87 88.03
N LEU I 501 -108.77 1.02 88.57
CA LEU I 501 -108.46 0.63 89.94
C LEU I 501 -107.63 1.70 90.63
N LYS I 502 -107.82 1.83 91.94
CA LYS I 502 -107.06 2.78 92.77
C LYS I 502 -106.07 2.04 93.65
N ALA I 503 -104.96 2.69 93.96
CA ALA I 503 -103.86 2.12 94.73
C ALA I 503 -103.23 3.22 95.59
N SER I 504 -103.58 3.23 96.87
CA SER I 504 -103.02 4.19 97.82
C SER I 504 -102.09 3.54 98.87
N THR I 505 -101.83 2.23 98.74
CA THR I 505 -100.91 1.50 99.62
C THR I 505 -100.22 0.40 98.83
N GLY I 506 -99.21 -0.23 99.43
CA GLY I 506 -98.52 -1.38 98.83
C GLY I 506 -99.42 -2.59 98.57
N ALA I 507 -100.29 -2.89 99.53
CA ALA I 507 -101.23 -4.01 99.41
C ALA I 507 -102.32 -3.74 98.36
N GLU I 508 -102.82 -2.51 98.30
CA GLU I 508 -103.76 -2.12 97.24
C GLU I 508 -103.10 -2.24 95.84
N LEU I 509 -101.84 -1.85 95.73
CA LEU I 509 -101.14 -1.93 94.45
C LEU I 509 -100.96 -3.38 94.00
N GLU I 510 -100.53 -4.22 94.92
CA GLU I 510 -100.37 -5.67 94.69
C GLU I 510 -101.66 -6.33 94.19
N GLY I 511 -102.76 -6.06 94.88
CA GLY I 511 -104.08 -6.57 94.50
C GLY I 511 -104.55 -6.05 93.17
N ALA I 512 -104.30 -4.76 92.91
CA ALA I 512 -104.61 -4.16 91.60
C ALA I 512 -103.77 -4.77 90.46
N ILE I 513 -102.49 -5.08 90.72
CA ILE I 513 -101.61 -5.68 89.69
C ILE I 513 -102.08 -7.09 89.30
N LYS I 514 -102.50 -7.89 90.29
CA LYS I 514 -103.07 -9.22 90.05
C LYS I 514 -104.30 -9.16 89.15
N LYS I 515 -105.21 -8.24 89.43
CA LYS I 515 -106.39 -8.06 88.58
C LYS I 515 -106.02 -7.65 87.14
N ALA I 516 -104.96 -6.86 87.00
CA ALA I 516 -104.50 -6.39 85.69
C ALA I 516 -103.92 -7.51 84.84
N LEU I 517 -103.07 -8.33 85.44
CA LEU I 517 -102.51 -9.52 84.76
C LEU I 517 -103.58 -10.49 84.27
N ASP I 518 -104.70 -10.54 84.98
CA ASP I 518 -105.83 -11.41 84.66
C ASP I 518 -106.87 -10.78 83.70
N ASN I 519 -106.71 -9.50 83.36
CA ASN I 519 -107.62 -8.85 82.41
C ASN I 519 -106.96 -8.72 81.03
N ARG I 520 -107.21 -9.70 80.18
CA ARG I 520 -106.55 -9.81 78.87
C ARG I 520 -107.35 -9.24 77.69
N ARG I 521 -108.57 -8.75 77.93
CA ARG I 521 -109.43 -8.19 76.86
C ARG I 521 -109.62 -6.67 76.93
N GLY I 522 -108.82 -6.00 77.74
CA GLY I 522 -108.92 -4.55 77.84
C GLY I 522 -107.82 -3.99 78.71
N PRO I 523 -107.57 -2.68 78.62
CA PRO I 523 -106.50 -2.13 79.42
C PRO I 523 -106.89 -2.08 80.89
N THR I 524 -105.90 -2.07 81.76
CA THR I 524 -106.14 -1.89 83.18
C THR I 524 -105.42 -0.63 83.60
N LEU I 525 -106.16 0.36 84.08
CA LEU I 525 -105.59 1.61 84.56
C LEU I 525 -105.52 1.55 86.07
N ILE I 526 -104.32 1.65 86.62
CA ILE I 526 -104.14 1.68 88.08
C ILE I 526 -103.69 3.09 88.49
N GLU I 527 -104.58 3.80 89.18
CA GLU I 527 -104.32 5.16 89.65
C GLU I 527 -103.55 5.08 90.96
N CYS I 528 -102.26 5.37 90.91
CA CYS I 528 -101.38 5.39 92.06
C CYS I 528 -101.31 6.77 92.72
N ASN I 529 -101.81 6.85 93.96
CA ASN I 529 -101.72 8.04 94.78
C ASN I 529 -100.31 8.23 95.33
N ILE I 530 -99.53 9.09 94.67
CA ILE I 530 -98.17 9.43 95.10
C ILE I 530 -98.14 10.88 95.54
N ALA I 531 -97.50 11.16 96.67
CA ALA I 531 -97.42 12.53 97.18
C ALA I 531 -96.59 13.41 96.24
N GLN I 532 -96.96 14.68 96.17
CA GLN I 532 -96.33 15.67 95.29
C GLN I 532 -94.83 15.88 95.61
N ASP I 533 -94.51 15.87 96.91
CA ASP I 533 -93.12 15.92 97.39
C ASP I 533 -92.29 14.70 97.02
N ASP I 534 -92.96 13.56 96.84
CA ASP I 534 -92.31 12.25 96.77
C ASP I 534 -91.89 11.88 95.33
N CYS I 535 -90.90 12.60 94.82
CA CYS I 535 -90.30 12.31 93.52
C CYS I 535 -88.87 11.86 93.74
N THR I 536 -88.22 11.37 92.68
CA THR I 536 -86.86 10.87 92.80
C THR I 536 -85.91 12.02 93.12
N GLU I 537 -84.83 11.71 93.83
CA GLU I 537 -83.74 12.67 94.06
C GLU I 537 -83.04 13.02 92.75
N THR I 538 -82.97 12.07 91.83
CA THR I 538 -82.37 12.27 90.52
C THR I 538 -83.12 13.35 89.71
N LEU I 539 -84.46 13.31 89.72
CA LEU I 539 -85.27 14.39 89.13
C LEU I 539 -84.88 15.77 89.66
N ILE I 540 -84.90 15.93 90.98
CA ILE I 540 -84.63 17.22 91.63
C ILE I 540 -83.25 17.75 91.25
N ALA I 541 -82.25 16.87 91.23
CA ALA I 541 -80.89 17.25 90.83
C ALA I 541 -80.80 17.65 89.36
N TRP I 542 -81.44 16.85 88.49
CA TRP I 542 -81.49 17.09 87.05
C TRP I 542 -82.26 18.36 86.68
N GLY I 543 -83.33 18.65 87.40
CA GLY I 543 -84.13 19.86 87.17
C GLY I 543 -83.38 21.17 87.40
N LYS I 544 -82.65 21.26 88.52
CA LYS I 544 -81.81 22.41 88.83
C LYS I 544 -80.78 22.73 87.75
N ARG I 545 -80.13 21.70 87.20
CA ARG I 545 -79.15 21.89 86.13
C ARG I 545 -79.80 22.34 84.82
N VAL I 546 -81.01 21.86 84.55
CA VAL I 546 -81.76 22.22 83.36
C VAL I 546 -82.24 23.68 83.41
N ALA I 547 -82.78 24.08 84.56
CA ALA I 547 -83.27 25.44 84.78
C ALA I 547 -82.16 26.47 84.66
N ALA I 548 -80.98 26.13 85.21
CA ALA I 548 -79.81 27.02 85.15
C ALA I 548 -79.28 27.13 83.72
N THR I 549 -79.20 26.00 83.02
CA THR I 549 -78.80 26.00 81.61
C THR I 549 -79.78 26.79 80.71
N ASN I 550 -81.09 26.59 80.88
CA ASN I 550 -82.09 27.30 80.08
C ASN I 550 -82.15 28.81 80.32
N SER I 551 -81.97 29.23 81.58
CA SER I 551 -81.98 30.66 81.94
C SER I 551 -80.65 31.39 81.77
N ARG I 552 -79.56 30.70 81.39
CA ARG I 552 -78.24 31.35 81.22
C ARG I 552 -78.40 32.57 80.29
N LYS I 553 -77.83 33.71 80.71
CA LYS I 553 -78.23 34.99 80.13
C LYS I 553 -77.61 35.23 78.75
N PRO I 554 -78.20 36.14 77.95
CA PRO I 554 -77.61 36.42 76.62
C PRO I 554 -76.19 37.02 76.70
N GLN I 555 -75.41 36.82 75.66
CA GLN I 555 -73.99 37.23 75.63
C GLN I 555 -73.81 38.75 75.52
N ALA I 556 -74.60 43.76 77.23
CA ALA I 556 -74.75 45.00 78.05
C ALA I 556 -73.41 45.47 78.63
N MET J 1 -87.62 46.69 87.69
CA MET J 1 -87.26 45.72 86.61
C MET J 1 -88.47 45.46 85.72
N TYR J 2 -88.47 46.07 84.53
CA TYR J 2 -89.50 45.86 83.52
C TYR J 2 -88.92 44.99 82.40
N THR J 3 -89.63 43.92 82.06
CA THR J 3 -89.12 42.86 81.17
C THR J 3 -89.87 42.75 79.83
N VAL J 4 -89.29 41.98 78.92
CA VAL J 4 -89.88 41.70 77.62
C VAL J 4 -91.27 41.07 77.78
N GLY J 5 -91.36 40.13 78.70
CA GLY J 5 -92.62 39.50 79.03
C GLY J 5 -93.67 40.49 79.51
N MET J 6 -93.25 41.42 80.35
CA MET J 6 -94.15 42.48 80.85
C MET J 6 -94.60 43.42 79.72
N TYR J 7 -93.71 43.72 78.78
CA TYR J 7 -94.05 44.51 77.59
C TYR J 7 -95.16 43.82 76.80
N LEU J 8 -95.00 42.52 76.57
CA LEU J 8 -96.01 41.73 75.88
C LEU J 8 -97.33 41.72 76.63
N ALA J 9 -97.26 41.49 77.94
CA ALA J 9 -98.49 41.49 78.78
C ALA J 9 -99.25 42.83 78.70
N GLU J 10 -98.53 43.94 78.78
CA GLU J 10 -99.14 45.26 78.74
C GLU J 10 -99.81 45.53 77.39
N ARG J 11 -99.17 45.11 76.30
CA ARG J 11 -99.77 45.24 74.98
C ARG J 11 -101.00 44.37 74.82
N LEU J 12 -100.97 43.14 75.33
CA LEU J 12 -102.16 42.29 75.30
C LEU J 12 -103.29 42.92 76.12
N ALA J 13 -102.97 43.44 77.30
CA ALA J 13 -103.97 44.18 78.10
C ALA J 13 -104.56 45.39 77.34
N GLN J 14 -103.73 46.13 76.61
CA GLN J 14 -104.20 47.26 75.78
C GLN J 14 -105.10 46.90 74.58
N ILE J 15 -105.06 45.65 74.11
CA ILE J 15 -106.00 45.18 73.07
C ILE J 15 -107.41 45.01 73.67
N GLY J 16 -107.48 44.82 74.98
CA GLY J 16 -108.73 44.51 75.66
C GLY J 16 -108.83 43.07 76.15
N LEU J 17 -107.72 42.34 76.18
CA LEU J 17 -107.71 40.99 76.76
C LEU J 17 -107.73 41.05 78.30
N LYS J 18 -108.68 40.33 78.89
CA LYS J 18 -108.74 40.09 80.34
C LYS J 18 -108.19 38.71 80.71
N HIS J 19 -107.90 37.88 79.71
CA HIS J 19 -107.36 36.54 79.91
C HIS J 19 -106.39 36.20 78.78
N HIS J 20 -105.46 35.30 79.05
CA HIS J 20 -104.74 34.56 78.00
C HIS J 20 -104.66 33.09 78.40
N PHE J 21 -104.43 32.23 77.42
CA PHE J 21 -104.49 30.77 77.60
C PHE J 21 -103.10 30.20 77.46
N ALA J 22 -102.76 29.25 78.33
CA ALA J 22 -101.38 28.74 78.42
C ALA J 22 -101.32 27.23 78.66
N VAL J 23 -100.25 26.62 78.14
CA VAL J 23 -99.78 25.33 78.60
C VAL J 23 -98.29 25.45 78.86
N ALA J 24 -97.90 25.18 80.11
CA ALA J 24 -96.53 25.37 80.55
C ALA J 24 -95.57 24.38 79.90
N GLY J 25 -94.34 24.82 79.70
CA GLY J 25 -93.20 24.00 79.27
C GLY J 25 -91.91 24.76 79.60
N ASP J 26 -90.78 24.07 79.76
CA ASP J 26 -89.59 24.76 80.28
C ASP J 26 -89.12 25.97 79.44
N TYR J 27 -89.36 25.94 78.12
CA TYR J 27 -89.08 27.07 77.25
C TYR J 27 -89.97 28.33 77.47
N ASN J 28 -91.10 28.21 78.17
CA ASN J 28 -92.00 29.34 78.40
C ASN J 28 -92.26 29.72 79.86
N LEU J 29 -91.66 29.01 80.82
CA LEU J 29 -92.01 29.23 82.24
C LEU J 29 -91.72 30.67 82.71
N VAL J 30 -90.53 31.17 82.42
CA VAL J 30 -90.15 32.55 82.78
C VAL J 30 -91.11 33.53 82.09
N LEU J 31 -91.41 33.28 80.81
CA LEU J 31 -92.41 34.07 80.10
C LEU J 31 -93.74 34.11 80.84
N LEU J 32 -94.24 32.93 81.24
CA LEU J 32 -95.51 32.85 81.96
C LEU J 32 -95.52 33.62 83.30
N ASP J 33 -94.39 33.63 84.01
CA ASP J 33 -94.28 34.44 85.24
C ASP J 33 -94.40 35.93 84.97
N GLN J 34 -93.80 36.38 83.86
CA GLN J 34 -93.91 37.78 83.47
C GLN J 34 -95.34 38.15 83.16
N LEU J 35 -96.05 37.28 82.44
CA LEU J 35 -97.46 37.51 82.14
C LEU J 35 -98.31 37.56 83.43
N LEU J 36 -98.01 36.67 84.36
CA LEU J 36 -98.68 36.65 85.67
C LEU J 36 -98.51 37.92 86.50
N LEU J 37 -97.41 38.66 86.32
CA LEU J 37 -97.21 39.94 87.01
C LEU J 37 -98.15 41.07 86.54
N ASN J 38 -98.79 40.90 85.38
CA ASN J 38 -99.74 41.90 84.89
C ASN J 38 -101.08 41.82 85.63
N LYS J 39 -101.50 42.93 86.21
CA LYS J 39 -102.71 42.97 87.05
C LYS J 39 -104.02 42.94 86.27
N ASP J 40 -103.98 43.24 84.97
CA ASP J 40 -105.20 43.36 84.16
C ASP J 40 -105.66 42.05 83.53
N MET J 41 -104.88 40.98 83.67
CA MET J 41 -105.17 39.73 82.98
C MET J 41 -105.05 38.55 83.92
N GLU J 42 -105.81 37.50 83.59
CA GLU J 42 -105.72 36.22 84.25
C GLU J 42 -105.10 35.21 83.28
N GLN J 43 -104.37 34.26 83.82
CA GLN J 43 -103.73 33.22 83.05
C GLN J 43 -104.53 31.93 83.23
N VAL J 44 -105.15 31.47 82.14
CA VAL J 44 -106.02 30.30 82.15
C VAL J 44 -105.27 29.09 81.55
N TYR J 45 -105.30 27.94 82.22
CA TYR J 45 -104.54 26.76 81.78
C TYR J 45 -105.38 25.74 81.01
N CYS J 46 -104.80 25.13 79.99
CA CYS J 46 -105.51 24.17 79.14
C CYS J 46 -104.87 22.79 79.23
N CYS J 47 -105.64 21.77 78.88
CA CYS J 47 -105.18 20.36 78.97
C CYS J 47 -104.10 20.07 77.93
N ASN J 48 -104.35 20.48 76.69
CA ASN J 48 -103.37 20.38 75.62
C ASN J 48 -103.41 21.61 74.69
N GLU J 49 -102.44 21.68 73.79
CA GLU J 49 -102.19 22.88 73.01
C GLU J 49 -103.16 23.07 71.85
N LEU J 50 -103.68 21.98 71.30
CA LEU J 50 -104.78 22.08 70.33
C LEU J 50 -105.99 22.75 70.97
N ASN J 51 -106.39 22.27 72.15
CA ASN J 51 -107.49 22.87 72.91
C ASN J 51 -107.20 24.32 73.34
N CYS J 52 -105.96 24.59 73.74
CA CYS J 52 -105.49 25.92 74.08
C CYS J 52 -105.66 26.94 72.94
N GLY J 53 -105.27 26.53 71.74
CA GLY J 53 -105.46 27.34 70.55
C GLY J 53 -106.92 27.61 70.25
N PHE J 54 -107.75 26.56 70.30
CA PHE J 54 -109.17 26.74 70.07
C PHE J 54 -109.91 27.51 71.17
N SER J 55 -109.39 27.49 72.40
CA SER J 55 -109.95 28.31 73.47
C SER J 55 -109.67 29.79 73.22
N ALA J 56 -108.45 30.11 72.77
CA ALA J 56 -108.13 31.46 72.33
C ALA J 56 -109.03 31.87 71.16
N GLU J 57 -109.23 30.97 70.20
CA GLU J 57 -110.10 31.25 69.05
C GLU J 57 -111.51 31.67 69.53
N GLY J 58 -112.09 30.86 70.42
CA GLY J 58 -113.35 31.15 71.05
C GLY J 58 -113.39 32.47 71.79
N TYR J 59 -112.32 32.75 72.54
CA TYR J 59 -112.16 34.01 73.25
C TYR J 59 -112.16 35.22 72.30
N ALA J 60 -111.53 35.07 71.13
CA ALA J 60 -111.52 36.14 70.14
C ALA J 60 -112.90 36.37 69.52
N ARG J 61 -113.72 35.33 69.43
CA ARG J 61 -115.12 35.53 68.99
C ARG J 61 -115.94 36.40 69.97
N ALA J 62 -115.57 36.37 71.25
CA ALA J 62 -116.18 37.20 72.28
C ALA J 62 -115.59 38.62 72.36
N ARG J 63 -114.26 38.73 72.30
CA ARG J 63 -113.55 39.96 72.68
C ARG J 63 -112.84 40.68 71.54
N GLY J 64 -112.81 40.08 70.34
CA GLY J 64 -112.13 40.66 69.21
C GLY J 64 -110.73 40.12 68.98
N ALA J 65 -110.12 39.52 70.00
CA ALA J 65 -108.75 39.02 69.92
C ALA J 65 -108.46 38.09 71.08
N ALA J 66 -107.31 37.43 71.03
CA ALA J 66 -106.91 36.49 72.07
C ALA J 66 -105.43 36.14 71.98
N ALA J 67 -104.93 35.44 73.00
CA ALA J 67 -103.55 35.01 73.04
C ALA J 67 -103.41 33.61 73.66
N ALA J 68 -102.61 32.77 73.02
CA ALA J 68 -102.26 31.42 73.50
C ALA J 68 -100.74 31.36 73.65
N ILE J 69 -100.28 30.80 74.76
CA ILE J 69 -98.87 30.69 75.10
C ILE J 69 -98.55 29.20 75.19
N VAL J 70 -97.56 28.76 74.43
CA VAL J 70 -97.18 27.33 74.39
C VAL J 70 -95.66 27.19 74.39
N THR J 71 -95.20 25.94 74.48
CA THR J 71 -93.78 25.63 74.42
C THR J 71 -93.37 25.21 73.01
N PHE J 72 -92.07 25.21 72.80
CA PHE J 72 -91.46 25.00 71.49
C PHE J 72 -91.72 23.60 70.91
N SER J 73 -92.06 23.58 69.62
CA SER J 73 -92.40 22.38 68.83
C SER J 73 -93.55 21.55 69.33
N VAL J 74 -93.34 20.87 70.45
CA VAL J 74 -94.35 19.95 71.01
C VAL J 74 -95.64 20.64 71.38
N GLY J 75 -95.54 21.90 71.78
CA GLY J 75 -96.73 22.72 71.99
C GLY J 75 -97.22 23.36 70.72
N ALA J 76 -96.30 23.99 70.00
CA ALA J 76 -96.66 24.93 68.95
C ALA J 76 -97.29 24.26 67.75
N ILE J 77 -96.79 23.08 67.34
CA ILE J 77 -97.26 22.47 66.10
C ILE J 77 -98.74 22.07 66.20
N SER J 78 -99.16 21.55 67.36
CA SER J 78 -100.59 21.31 67.61
C SER J 78 -101.41 22.59 67.53
N ALA J 79 -100.89 23.65 68.16
CA ALA J 79 -101.57 24.95 68.15
C ALA J 79 -101.70 25.58 66.77
N MET J 80 -100.82 25.22 65.82
CA MET J 80 -100.89 25.70 64.43
C MET J 80 -102.15 25.25 63.71
N ASN J 81 -102.72 24.13 64.13
CA ASN J 81 -104.01 23.66 63.61
C ASN J 81 -105.10 24.68 63.99
N ALA J 82 -105.13 25.07 65.26
CA ALA J 82 -106.04 26.13 65.71
C ALA J 82 -105.73 27.50 65.10
N ILE J 83 -104.46 27.82 64.92
CA ILE J 83 -104.07 29.07 64.26
C ILE J 83 -104.55 29.09 62.81
N GLY J 84 -104.42 27.98 62.11
CA GLY J 84 -104.97 27.83 60.77
C GLY J 84 -106.47 28.09 60.78
N GLY J 85 -107.14 27.54 61.80
CA GLY J 85 -108.55 27.78 62.07
C GLY J 85 -108.89 29.24 62.29
N ALA J 86 -108.08 29.94 63.06
CA ALA J 86 -108.25 31.39 63.25
C ALA J 86 -108.04 32.18 61.95
N TYR J 87 -107.12 31.74 61.09
CA TYR J 87 -106.94 32.36 59.77
C TYR J 87 -108.17 32.13 58.90
N ALA J 88 -108.64 30.90 58.90
CA ALA J 88 -109.82 30.51 58.15
C ALA J 88 -111.07 31.29 58.54
N GLU J 89 -111.18 31.58 59.83
CA GLU J 89 -112.39 32.18 60.42
C GLU J 89 -112.19 33.69 60.74
N ASN J 90 -111.05 34.26 60.31
CA ASN J 90 -110.76 35.68 60.39
C ASN J 90 -110.67 36.26 61.80
N LEU J 91 -109.93 35.57 62.68
CA LEU J 91 -109.78 35.96 64.07
C LEU J 91 -108.33 36.30 64.43
N PRO J 92 -108.10 37.46 65.09
CA PRO J 92 -106.75 37.81 65.56
C PRO J 92 -106.33 37.11 66.84
N VAL J 93 -105.92 35.85 66.70
CA VAL J 93 -105.34 35.09 67.79
C VAL J 93 -103.82 35.25 67.68
N ILE J 94 -103.18 35.57 68.80
CA ILE J 94 -101.73 35.67 68.84
C ILE J 94 -101.21 34.40 69.49
N LEU J 95 -100.48 33.57 68.74
CA LEU J 95 -99.79 32.41 69.29
C LEU J 95 -98.39 32.80 69.70
N ILE J 96 -98.04 32.56 70.95
CA ILE J 96 -96.72 32.91 71.45
C ILE J 96 -96.06 31.64 71.94
N SER J 97 -94.86 31.34 71.43
CA SER J 97 -94.13 30.17 71.82
C SER J 97 -92.83 30.57 72.50
N GLY J 98 -92.47 29.85 73.56
CA GLY J 98 -91.12 29.90 74.09
C GLY J 98 -90.19 29.23 73.11
N SER J 99 -88.94 29.69 73.05
CA SER J 99 -88.02 29.20 72.07
C SER J 99 -86.63 29.11 72.69
N PRO J 100 -85.68 28.47 72.00
CA PRO J 100 -84.37 28.17 72.60
C PRO J 100 -83.59 29.36 73.15
N ASN J 101 -82.80 29.08 74.17
CA ASN J 101 -81.80 30.01 74.69
C ASN J 101 -80.93 30.60 73.56
N THR J 102 -80.71 31.92 73.60
CA THR J 102 -79.94 32.63 72.55
C THR J 102 -78.53 32.12 72.34
N ASN J 103 -77.91 31.60 73.40
CA ASN J 103 -76.55 31.07 73.34
C ASN J 103 -76.42 29.76 72.55
N ASP J 104 -77.53 29.06 72.33
CA ASP J 104 -77.55 27.86 71.49
C ASP J 104 -77.51 28.13 70.00
N TYR J 105 -77.85 29.35 69.58
CA TYR J 105 -77.85 29.72 68.16
C TYR J 105 -76.43 29.73 67.59
N GLY J 106 -76.24 29.20 66.39
CA GLY J 106 -74.89 29.12 65.78
C GLY J 106 -73.85 28.25 66.49
N THR J 107 -74.29 27.23 67.26
CA THR J 107 -73.39 26.29 67.95
C THR J 107 -73.38 24.87 67.41
N GLY J 108 -74.48 24.45 66.79
CA GLY J 108 -74.70 23.06 66.43
C GLY J 108 -75.19 22.19 67.57
N HIS J 109 -75.69 22.80 68.67
CA HIS J 109 -76.29 22.05 69.78
C HIS J 109 -77.61 21.41 69.36
N ILE J 110 -77.87 20.20 69.89
CA ILE J 110 -79.12 19.49 69.68
C ILE J 110 -79.97 19.77 70.91
N LEU J 111 -81.19 20.23 70.71
CA LEU J 111 -82.05 20.62 71.82
C LEU J 111 -83.28 19.75 71.96
N HIS J 112 -83.75 19.61 73.19
CA HIS J 112 -84.99 18.88 73.47
C HIS J 112 -86.17 19.61 72.87
N HIS J 113 -87.22 18.83 72.58
CA HIS J 113 -88.37 19.27 71.79
C HIS J 113 -87.99 19.81 70.42
N THR J 114 -87.01 19.20 69.77
CA THR J 114 -86.77 19.47 68.36
C THR J 114 -86.65 18.16 67.63
N ILE J 115 -86.57 18.27 66.30
CA ILE J 115 -86.42 17.12 65.45
C ILE J 115 -85.01 16.50 65.50
N GLY J 116 -84.08 17.16 66.18
CA GLY J 116 -82.75 16.60 66.41
C GLY J 116 -81.71 17.08 65.42
N THR J 117 -82.04 18.10 64.62
CA THR J 117 -81.08 18.74 63.70
C THR J 117 -80.61 20.04 64.34
N THR J 118 -79.71 20.77 63.69
CA THR J 118 -79.25 22.07 64.20
C THR J 118 -80.16 23.25 63.75
N ASP J 119 -81.23 22.94 63.02
CA ASP J 119 -82.24 23.89 62.59
C ASP J 119 -83.23 24.16 63.73
N TYR J 120 -83.20 25.37 64.29
CA TYR J 120 -84.24 25.82 65.23
C TYR J 120 -85.28 26.73 64.55
N ASN J 121 -85.11 27.01 63.26
CA ASN J 121 -85.95 27.93 62.49
C ASN J 121 -87.20 27.28 61.87
N TYR J 122 -87.27 25.95 61.89
CA TYR J 122 -88.34 25.22 61.21
C TYR J 122 -89.74 25.54 61.69
N GLN J 123 -89.91 25.82 62.98
CA GLN J 123 -91.21 26.19 63.54
C GLN J 123 -91.74 27.50 62.96
N LEU J 124 -90.88 28.52 62.95
CA LEU J 124 -91.17 29.79 62.31
C LEU J 124 -91.52 29.62 60.83
N GLU J 125 -90.73 28.84 60.10
CA GLU J 125 -91.02 28.60 58.69
C GLU J 125 -92.35 27.91 58.45
N MET J 126 -92.74 27.00 59.33
CA MET J 126 -94.03 26.32 59.20
C MET J 126 -95.20 27.27 59.47
N VAL J 127 -95.12 28.00 60.59
CA VAL J 127 -96.21 28.86 61.05
C VAL J 127 -96.44 30.07 60.14
N LYS J 128 -95.44 30.50 59.39
CA LYS J 128 -95.63 31.56 58.38
C LYS J 128 -96.78 31.24 57.42
N HIS J 129 -96.97 29.97 57.11
CA HIS J 129 -98.03 29.54 56.17
C HIS J 129 -99.47 29.72 56.69
N VAL J 130 -99.67 29.85 57.99
CA VAL J 130 -101.01 29.98 58.55
C VAL J 130 -101.20 31.26 59.37
N THR J 131 -100.34 32.26 59.17
CA THR J 131 -100.41 33.55 59.87
C THR J 131 -100.23 34.75 58.93
N CYS J 132 -100.66 35.93 59.37
CA CYS J 132 -100.43 37.18 58.62
C CYS J 132 -99.12 37.83 59.04
N ALA J 133 -98.59 37.46 60.20
CA ALA J 133 -97.28 37.93 60.66
C ALA J 133 -96.65 36.93 61.62
N ALA J 134 -95.33 36.91 61.61
CA ALA J 134 -94.56 35.91 62.35
C ALA J 134 -93.18 36.45 62.63
N GLU J 135 -92.80 36.51 63.91
CA GLU J 135 -91.51 37.07 64.31
C GLU J 135 -90.87 36.26 65.44
N SER J 136 -89.54 36.31 65.48
CA SER J 136 -88.76 35.64 66.50
C SER J 136 -87.93 36.66 67.25
N ILE J 137 -88.01 36.63 68.57
CA ILE J 137 -87.32 37.61 69.41
C ILE J 137 -86.14 36.95 70.09
N VAL J 138 -84.93 37.41 69.77
CA VAL J 138 -83.68 36.93 70.39
C VAL J 138 -82.90 38.00 71.19
N SER J 139 -83.44 39.21 71.29
CA SER J 139 -82.85 40.25 72.14
C SER J 139 -83.93 41.19 72.67
N ALA J 140 -83.69 41.75 73.85
CA ALA J 140 -84.58 42.76 74.43
C ALA J 140 -84.75 44.00 73.55
N GLU J 141 -83.68 44.43 72.87
CA GLU J 141 -83.73 45.63 72.00
C GLU J 141 -84.73 45.53 70.86
N GLU J 142 -84.82 44.36 70.22
CA GLU J 142 -85.74 44.16 69.10
C GLU J 142 -87.17 43.81 69.52
N ALA J 143 -87.36 43.40 70.78
CA ALA J 143 -88.64 42.86 71.25
C ALA J 143 -89.86 43.78 71.05
N PRO J 144 -89.75 45.08 71.41
CA PRO J 144 -90.89 45.99 71.24
C PRO J 144 -91.42 46.05 69.83
N ALA J 145 -90.52 46.21 68.86
CA ALA J 145 -90.89 46.33 67.44
C ALA J 145 -91.62 45.10 66.94
N LYS J 146 -91.10 43.93 67.32
CA LYS J 146 -91.65 42.66 66.85
C LYS J 146 -92.98 42.35 67.52
N ILE J 147 -93.06 42.57 68.83
CA ILE J 147 -94.33 42.40 69.55
C ILE J 147 -95.44 43.25 68.93
N ASP J 148 -95.14 44.53 68.72
CA ASP J 148 -96.15 45.48 68.21
C ASP J 148 -96.52 45.23 66.78
N HIS J 149 -95.54 44.82 65.95
CA HIS J 149 -95.84 44.47 64.56
C HIS J 149 -96.80 43.29 64.47
N VAL J 150 -96.61 42.23 65.26
CA VAL J 150 -97.51 41.08 65.12
C VAL J 150 -98.92 41.41 65.59
N ILE J 151 -99.02 42.08 66.74
CA ILE J 151 -100.31 42.49 67.32
C ILE J 151 -101.08 43.44 66.39
N ARG J 152 -100.42 44.52 65.97
CA ARG J 152 -101.05 45.52 65.07
C ARG J 152 -101.52 44.92 63.74
N THR J 153 -100.69 44.06 63.17
CA THR J 153 -101.00 43.43 61.90
C THR J 153 -102.19 42.48 62.08
N ALA J 154 -102.16 41.69 63.15
CA ALA J 154 -103.25 40.75 63.42
C ALA J 154 -104.62 41.44 63.53
N LEU J 155 -104.67 42.52 64.29
CA LEU J 155 -105.89 43.30 64.50
C LEU J 155 -106.44 43.93 63.22
N ARG J 156 -105.56 44.52 62.41
CA ARG J 156 -105.99 45.16 61.15
C ARG J 156 -106.40 44.14 60.08
N GLU J 157 -105.62 43.07 59.92
CA GLU J 157 -105.94 42.06 58.91
C GLU J 157 -107.10 41.16 59.37
N ARG J 158 -107.37 41.13 60.69
CA ARG J 158 -108.27 40.16 61.30
C ARG J 158 -107.81 38.74 60.93
N LYS J 159 -106.54 38.47 61.21
CA LYS J 159 -105.91 37.17 60.98
C LYS J 159 -104.99 36.91 62.16
N PRO J 160 -104.63 35.65 62.41
CA PRO J 160 -103.71 35.35 63.51
C PRO J 160 -102.28 35.68 63.18
N ALA J 161 -101.46 35.72 64.21
CA ALA J 161 -100.04 36.04 64.11
C ALA J 161 -99.27 35.25 65.15
N TYR J 162 -97.94 35.26 65.03
CA TYR J 162 -97.10 34.39 65.83
C TYR J 162 -95.90 35.13 66.32
N LEU J 163 -95.52 34.85 67.55
CA LEU J 163 -94.26 35.31 68.15
C LEU J 163 -93.56 34.15 68.78
N GLU J 164 -92.25 34.09 68.64
CA GLU J 164 -91.47 33.24 69.50
C GLU J 164 -90.51 34.13 70.26
N ILE J 165 -90.32 33.81 71.53
CA ILE J 165 -89.44 34.57 72.40
C ILE J 165 -88.45 33.62 73.06
N ALA J 166 -87.16 33.85 72.83
CA ALA J 166 -86.09 33.07 73.47
C ALA J 166 -86.30 33.00 74.99
N CYS J 167 -86.11 31.80 75.56
CA CYS J 167 -86.45 31.56 76.97
C CYS J 167 -85.62 32.37 77.96
N ASN J 168 -84.39 32.73 77.59
CA ASN J 168 -83.55 33.64 78.40
C ASN J 168 -83.70 35.13 78.07
N VAL J 169 -84.66 35.49 77.22
CA VAL J 169 -84.98 36.88 76.88
C VAL J 169 -86.32 37.34 77.48
N ALA J 170 -87.23 36.40 77.77
CA ALA J 170 -88.53 36.74 78.34
C ALA J 170 -88.44 37.56 79.64
N GLY J 171 -87.42 37.25 80.45
CA GLY J 171 -87.14 37.96 81.68
C GLY J 171 -86.09 39.05 81.58
N ALA J 172 -85.62 39.37 80.38
CA ALA J 172 -84.59 40.37 80.18
C ALA J 172 -85.20 41.76 80.24
N GLU J 173 -84.40 42.71 80.72
N GLU J 173 -84.40 42.72 80.71
CA GLU J 173 -84.85 44.09 80.88
CA GLU J 173 -84.79 44.12 80.86
C GLU J 173 -85.24 44.68 79.52
C GLU J 173 -85.22 44.71 79.51
N CYS J 174 -86.39 45.34 79.47
CA CYS J 174 -86.95 45.90 78.23
C CYS J 174 -87.43 47.33 78.47
N VAL J 175 -87.43 48.15 77.43
CA VAL J 175 -88.10 49.47 77.52
C VAL J 175 -89.60 49.29 77.75
N ARG J 176 -90.24 50.33 78.30
CA ARG J 176 -91.67 50.32 78.59
C ARG J 176 -92.46 50.85 77.42
N PRO J 177 -93.67 50.32 77.20
CA PRO J 177 -94.51 50.76 76.10
C PRO J 177 -95.25 52.06 76.41
N GLY J 178 -95.35 52.94 75.43
CA GLY J 178 -96.02 54.21 75.64
C GLY J 178 -97.53 54.04 75.60
N PRO J 179 -98.27 55.08 76.02
CA PRO J 179 -99.72 55.03 76.02
C PRO J 179 -100.30 55.07 74.61
N ILE J 180 -101.51 54.56 74.46
CA ILE J 180 -102.16 54.48 73.15
C ILE J 180 -103.66 54.72 73.27
N ASN J 181 -104.27 55.01 72.14
CA ASN J 181 -105.71 55.13 71.98
C ASN J 181 -106.31 53.74 71.67
N SER J 182 -105.80 53.13 70.61
CA SER J 182 -106.19 51.78 70.21
C SER J 182 -104.99 51.16 69.49
N LEU J 183 -104.88 49.84 69.55
CA LEU J 183 -103.90 49.11 68.74
C LEU J 183 -104.44 48.75 67.34
N LEU J 184 -105.75 48.90 67.14
CA LEU J 184 -106.36 48.80 65.81
C LEU J 184 -106.26 50.16 65.10
N ARG J 185 -105.36 50.27 64.12
CA ARG J 185 -105.28 51.45 63.26
C ARG J 185 -105.57 51.01 61.84
N GLU J 186 -106.63 51.56 61.27
CA GLU J 186 -107.06 51.21 59.91
C GLU J 186 -106.29 52.07 58.89
N LEU J 187 -106.36 51.65 57.64
CA LEU J 187 -105.83 52.43 56.51
C LEU J 187 -106.80 53.59 56.21
N GLU J 188 -106.25 54.71 55.77
CA GLU J 188 -107.05 55.86 55.32
C GLU J 188 -107.89 55.46 54.11
N VAL J 189 -109.15 55.89 54.10
CA VAL J 189 -110.05 55.62 52.99
C VAL J 189 -109.86 56.65 51.88
N ASP J 190 -109.94 56.18 50.64
CA ASP J 190 -109.80 57.00 49.44
C ASP J 190 -111.21 57.49 49.08
N GLN J 191 -111.44 58.79 49.27
CA GLN J 191 -112.78 59.40 49.08
C GLN J 191 -113.23 59.42 47.62
N THR J 192 -112.29 59.67 46.71
CA THR J 192 -112.55 59.53 45.27
C THR J 192 -113.12 58.16 44.89
N SER J 193 -112.60 57.10 45.51
CA SER J 193 -113.05 55.74 45.17
C SER J 193 -114.46 55.50 45.71
N VAL J 194 -114.67 55.85 46.97
CA VAL J 194 -116.00 55.75 47.59
C VAL J 194 -117.07 56.53 46.79
N THR J 195 -116.73 57.76 46.40
CA THR J 195 -117.66 58.63 45.65
C THR J 195 -118.01 58.00 44.31
N ALA J 196 -117.00 57.58 43.56
CA ALA J 196 -117.25 56.94 42.27
C ALA J 196 -117.97 55.60 42.43
N ALA J 197 -117.62 54.84 43.47
CA ALA J 197 -118.30 53.55 43.75
C ALA J 197 -119.78 53.74 44.07
N VAL J 198 -120.08 54.66 44.98
CA VAL J 198 -121.48 54.94 45.37
C VAL J 198 -122.31 55.43 44.17
N ASP J 199 -121.76 56.37 43.41
CA ASP J 199 -122.45 56.91 42.23
C ASP J 199 -122.73 55.84 41.18
N ALA J 200 -121.72 55.00 40.90
CA ALA J 200 -121.92 53.87 39.99
C ALA J 200 -122.99 52.88 40.52
N ALA J 201 -122.98 52.59 41.82
CA ALA J 201 -123.99 51.72 42.44
C ALA J 201 -125.42 52.25 42.33
N VAL J 202 -125.59 53.56 42.56
CA VAL J 202 -126.91 54.20 42.43
C VAL J 202 -127.39 54.11 40.98
N GLU J 203 -126.51 54.42 40.02
CA GLU J 203 -126.83 54.26 38.59
C GLU J 203 -127.21 52.81 38.26
N TRP J 204 -126.45 51.86 38.79
CA TRP J 204 -126.69 50.41 38.56
C TRP J 204 -128.04 49.91 39.09
N LEU J 205 -128.51 50.49 40.19
CA LEU J 205 -129.82 50.13 40.80
C LEU J 205 -131.07 50.70 40.11
N GLN J 206 -130.91 51.73 39.27
CA GLN J 206 -132.07 52.44 38.66
C GLN J 206 -133.03 51.54 37.89
N ASP J 207 -132.49 50.66 37.05
CA ASP J 207 -133.30 49.72 36.26
C ASP J 207 -133.55 48.34 36.95
N ARG J 208 -133.21 48.20 38.24
CA ARG J 208 -133.30 46.92 38.96
C ARG J 208 -134.32 46.98 40.10
N GLN J 209 -135.48 46.37 39.89
CA GLN J 209 -136.58 46.45 40.86
C GLN J 209 -136.44 45.48 42.03
N ASN J 210 -136.14 44.22 41.73
CA ASN J 210 -136.01 43.18 42.75
C ASN J 210 -134.59 43.10 43.30
N VAL J 211 -134.42 43.64 44.50
CA VAL J 211 -133.14 43.75 45.14
C VAL J 211 -133.17 42.85 46.38
N VAL J 212 -132.06 42.17 46.61
CA VAL J 212 -131.87 41.31 47.76
C VAL J 212 -130.46 41.50 48.31
N MET J 213 -130.34 41.66 49.62
CA MET J 213 -129.05 41.65 50.29
C MET J 213 -128.75 40.22 50.74
N LEU J 214 -127.54 39.75 50.43
CA LEU J 214 -127.07 38.45 50.90
C LEU J 214 -125.91 38.73 51.85
N VAL J 215 -126.13 38.48 53.14
CA VAL J 215 -125.11 38.70 54.16
C VAL J 215 -124.16 37.51 54.29
N GLY J 216 -122.86 37.80 54.30
CA GLY J 216 -121.82 36.77 54.27
C GLY J 216 -120.99 36.69 55.53
N SER J 217 -120.19 35.63 55.61
CA SER J 217 -119.47 35.26 56.82
C SER J 217 -118.28 36.14 57.20
N LYS J 218 -117.89 37.09 56.34
CA LYS J 218 -116.84 38.05 56.70
C LYS J 218 -117.39 39.41 57.17
N LEU J 219 -118.68 39.48 57.49
CA LEU J 219 -119.29 40.77 57.89
C LEU J 219 -118.73 41.30 59.20
N ARG J 220 -118.55 40.40 60.17
CA ARG J 220 -117.94 40.76 61.46
C ARG J 220 -116.49 41.17 61.34
N ALA J 221 -115.71 40.47 60.53
CA ALA J 221 -114.31 40.86 60.29
C ALA J 221 -114.21 42.24 59.64
N ALA J 222 -115.17 42.55 58.77
CA ALA J 222 -115.32 43.90 58.22
C ALA J 222 -115.75 44.97 59.24
N ALA J 223 -116.21 44.56 60.43
CA ALA J 223 -116.74 45.46 61.45
C ALA J 223 -117.85 46.32 60.86
N ALA J 224 -118.75 45.69 60.11
CA ALA J 224 -119.74 46.39 59.31
C ALA J 224 -121.16 45.92 59.59
N GLU J 225 -121.40 45.32 60.75
CA GLU J 225 -122.74 44.81 61.10
C GLU J 225 -123.78 45.95 61.18
N LYS J 226 -123.43 47.07 61.83
CA LYS J 226 -124.36 48.22 61.93
C LYS J 226 -124.63 48.90 60.58
N GLN J 227 -123.59 49.04 59.75
CA GLN J 227 -123.76 49.64 58.43
C GLN J 227 -124.62 48.77 57.51
N ALA J 228 -124.59 47.46 57.70
CA ALA J 228 -125.49 46.56 56.95
C ALA J 228 -126.97 46.78 57.28
N VAL J 229 -127.27 47.05 58.55
CA VAL J 229 -128.64 47.39 58.97
C VAL J 229 -129.05 48.76 58.40
N ALA J 230 -128.13 49.73 58.43
CA ALA J 230 -128.40 51.07 57.91
C ALA J 230 -128.70 51.02 56.40
N LEU J 231 -127.95 50.18 55.66
CA LEU J 231 -128.19 49.98 54.23
C LEU J 231 -129.50 49.24 53.97
N ALA J 232 -129.78 48.22 54.77
CA ALA J 232 -131.03 47.47 54.64
C ALA J 232 -132.26 48.36 54.85
N ASP J 233 -132.17 49.29 55.80
CA ASP J 233 -133.29 50.22 56.09
C ASP J 233 -133.56 51.27 55.01
N ARG J 234 -132.52 51.76 54.35
CA ARG J 234 -132.70 52.71 53.25
C ARG J 234 -133.14 52.03 51.97
N LEU J 235 -132.68 50.82 51.73
CA LEU J 235 -133.16 50.04 50.59
C LEU J 235 -134.57 49.53 50.82
N GLY J 236 -134.87 49.12 52.06
CA GLY J 236 -136.10 48.39 52.36
C GLY J 236 -136.26 47.06 51.62
N CYS J 237 -135.15 46.43 51.23
CA CYS J 237 -135.19 45.19 50.45
C CYS J 237 -135.19 43.96 51.33
N ALA J 238 -135.41 42.80 50.71
CA ALA J 238 -135.29 41.52 51.40
C ALA J 238 -133.82 41.28 51.77
N VAL J 239 -133.59 40.78 52.98
CA VAL J 239 -132.25 40.48 53.46
C VAL J 239 -132.21 39.00 53.75
N THR J 240 -131.23 38.31 53.16
CA THR J 240 -130.95 36.91 53.46
C THR J 240 -129.51 36.75 54.00
N ILE J 241 -129.25 35.60 54.61
CA ILE J 241 -127.91 35.24 55.09
C ILE J 241 -127.39 33.97 54.40
N MET J 242 -126.07 33.90 54.26
CA MET J 242 -125.39 32.65 53.95
C MET J 242 -125.29 31.87 55.26
N ALA J 243 -125.13 30.56 55.18
CA ALA J 243 -125.14 29.69 56.38
C ALA J 243 -124.14 30.14 57.44
N ALA J 244 -122.92 30.43 57.01
CA ALA J 244 -121.85 30.81 57.94
C ALA J 244 -122.03 32.20 58.56
N ALA J 245 -122.96 33.00 58.04
CA ALA J 245 -123.18 34.36 58.54
C ALA J 245 -124.28 34.46 59.59
N LYS J 246 -124.73 33.34 60.14
CA LYS J 246 -125.82 33.37 61.13
C LYS J 246 -125.48 34.24 62.34
N GLY J 247 -126.41 35.12 62.69
CA GLY J 247 -126.21 36.06 63.79
C GLY J 247 -125.58 37.39 63.41
N PHE J 248 -125.01 37.54 62.21
CA PHE J 248 -124.38 38.80 61.81
C PHE J 248 -125.39 39.85 61.31
N PHE J 249 -126.61 39.42 60.99
CA PHE J 249 -127.75 40.31 60.71
C PHE J 249 -128.94 39.87 61.57
N PRO J 250 -129.68 40.83 62.19
CA PRO J 250 -130.76 40.41 63.09
C PRO J 250 -131.91 39.73 62.37
N GLU J 251 -132.25 38.53 62.80
CA GLU J 251 -133.33 37.76 62.17
C GLU J 251 -134.70 38.30 62.58
N ASP J 252 -134.71 39.08 63.66
CA ASP J 252 -135.82 39.98 64.04
C ASP J 252 -136.26 40.99 62.97
N HIS J 253 -135.34 41.43 62.12
CA HIS J 253 -135.61 42.52 61.17
C HIS J 253 -136.89 42.27 60.38
N PRO J 254 -137.76 43.29 60.23
CA PRO J 254 -139.01 43.11 59.46
C PRO J 254 -138.82 42.54 58.04
N ASN J 255 -137.73 42.92 57.38
CA ASN J 255 -137.41 42.47 56.02
C ASN J 255 -136.47 41.24 55.91
N PHE J 256 -136.15 40.56 57.01
CA PHE J 256 -135.34 39.34 56.96
C PHE J 256 -136.12 38.22 56.31
N ARG J 257 -135.56 37.59 55.27
CA ARG J 257 -136.26 36.51 54.57
C ARG J 257 -135.52 35.16 54.53
N GLY J 258 -134.55 34.99 55.41
CA GLY J 258 -134.03 33.66 55.75
C GLY J 258 -132.66 33.29 55.19
N LEU J 259 -132.41 31.98 55.22
CA LEU J 259 -131.16 31.37 54.80
C LEU J 259 -131.13 31.09 53.29
N TYR J 260 -130.16 31.66 52.59
CA TYR J 260 -129.80 31.20 51.24
C TYR J 260 -128.62 30.22 51.31
N TRP J 261 -128.86 28.98 50.90
CA TRP J 261 -127.83 27.95 50.84
C TRP J 261 -128.23 26.95 49.77
N GLY J 262 -128.39 27.47 48.56
CA GLY J 262 -128.87 26.71 47.40
C GLY J 262 -130.16 25.93 47.63
N GLU J 263 -130.11 24.64 47.31
CA GLU J 263 -131.24 23.72 47.49
C GLU J 263 -131.57 23.40 48.96
N VAL J 264 -130.69 23.75 49.90
CA VAL J 264 -131.00 23.65 51.34
C VAL J 264 -131.25 25.01 52.00
N SER J 265 -131.74 25.97 51.21
CA SER J 265 -132.21 27.27 51.69
C SER J 265 -133.47 27.16 52.54
N SER J 266 -133.78 28.22 53.30
CA SER J 266 -135.12 28.44 53.91
C SER J 266 -136.18 28.49 52.84
N GLU J 267 -137.46 28.26 53.22
CA GLU J 267 -138.57 28.33 52.27
C GLU J 267 -138.64 29.69 51.57
N GLY J 268 -138.64 29.67 50.24
CA GLY J 268 -138.71 30.88 49.43
C GLY J 268 -137.38 31.54 49.10
N ALA J 269 -136.37 31.39 49.97
CA ALA J 269 -135.14 32.17 49.84
C ALA J 269 -134.34 31.88 48.58
N GLN J 270 -134.36 30.63 48.12
CA GLN J 270 -133.61 30.24 46.93
C GLN J 270 -134.11 30.99 45.69
N GLU J 271 -135.42 30.92 45.45
CA GLU J 271 -136.07 31.66 44.35
C GLU J 271 -135.90 33.19 44.50
N LEU J 272 -136.01 33.68 45.74
CA LEU J 272 -135.82 35.10 46.03
C LEU J 272 -134.45 35.61 45.56
N VAL J 273 -133.39 34.88 45.90
CA VAL J 273 -132.03 35.30 45.56
C VAL J 273 -131.76 35.09 44.07
N GLU J 274 -132.08 33.90 43.57
CA GLU J 274 -131.65 33.52 42.22
C GLU J 274 -132.45 34.19 41.09
N ASN J 275 -133.64 34.70 41.40
CA ASN J 275 -134.45 35.47 40.43
C ASN J 275 -134.35 36.99 40.58
N ALA J 276 -133.47 37.47 41.46
CA ALA J 276 -133.36 38.91 41.72
C ALA J 276 -132.67 39.66 40.58
N ASP J 277 -133.03 40.92 40.43
CA ASP J 277 -132.38 41.82 39.47
C ASP J 277 -131.08 42.36 40.05
N ALA J 278 -130.98 42.41 41.37
CA ALA J 278 -129.76 42.81 42.03
C ALA J 278 -129.55 42.01 43.30
N ILE J 279 -128.36 41.45 43.44
CA ILE J 279 -127.98 40.74 44.67
C ILE J 279 -126.77 41.48 45.22
N LEU J 280 -126.91 42.01 46.43
CA LEU J 280 -125.81 42.72 47.10
C LEU J 280 -125.20 41.75 48.10
N CYS J 281 -124.03 41.21 47.76
CA CYS J 281 -123.33 40.26 48.62
C CYS J 281 -122.41 41.01 49.56
N LEU J 282 -122.73 40.99 50.86
CA LEU J 282 -121.92 41.66 51.86
C LEU J 282 -120.93 40.69 52.50
N ALA J 283 -119.67 40.82 52.10
CA ALA J 283 -118.55 40.06 52.68
C ALA J 283 -118.71 38.52 52.59
N PRO J 284 -119.00 38.00 51.38
CA PRO J 284 -119.23 36.57 51.23
C PRO J 284 -117.95 35.73 51.16
N VAL J 285 -118.09 34.45 51.52
CA VAL J 285 -117.08 33.41 51.25
C VAL J 285 -117.78 32.33 50.45
N PHE J 286 -117.48 32.27 49.16
CA PHE J 286 -118.09 31.26 48.27
C PHE J 286 -117.22 30.02 48.10
N ASN J 287 -117.12 29.23 49.17
CA ASN J 287 -116.37 27.98 49.11
C ASN J 287 -117.24 26.82 48.62
N ASP J 288 -116.64 25.63 48.48
CA ASP J 288 -117.34 24.44 47.98
C ASP J 288 -118.52 24.00 48.85
N TYR J 289 -118.41 24.20 50.16
CA TYR J 289 -119.50 23.85 51.10
C TYR J 289 -120.66 24.86 51.05
N ALA J 290 -120.32 26.14 51.02
CA ALA J 290 -121.31 27.22 50.97
C ALA J 290 -122.09 27.26 49.65
N THR J 291 -121.44 26.89 48.54
CA THR J 291 -122.09 26.84 47.23
C THR J 291 -122.72 25.47 46.90
N VAL J 292 -122.74 24.55 47.87
CA VAL J 292 -123.30 23.19 47.72
C VAL J 292 -122.65 22.47 46.53
N GLY J 293 -121.32 22.38 46.57
CA GLY J 293 -120.55 21.74 45.50
C GLY J 293 -120.52 22.50 44.19
N TRP J 294 -120.46 23.83 44.29
CA TRP J 294 -120.46 24.73 43.13
C TRP J 294 -121.80 24.80 42.37
N ASN J 295 -122.88 24.29 42.95
CA ASN J 295 -124.21 24.36 42.31
C ASN J 295 -124.96 25.68 42.53
N SER J 296 -124.64 26.42 43.60
CA SER J 296 -125.38 27.63 43.99
C SER J 296 -124.43 28.76 44.37
N TRP J 297 -123.88 29.38 43.34
CA TRP J 297 -122.87 30.41 43.45
C TRP J 297 -123.39 31.61 42.64
N PRO J 298 -123.97 32.63 43.30
CA PRO J 298 -124.44 33.83 42.58
C PRO J 298 -123.31 34.65 41.97
N LYS J 299 -123.41 34.94 40.67
CA LYS J 299 -122.41 35.77 39.98
C LYS J 299 -122.94 36.34 38.69
N GLY J 300 -122.16 37.26 38.12
CA GLY J 300 -122.47 37.87 36.83
C GLY J 300 -123.11 39.26 36.92
N ASP J 301 -123.80 39.63 35.85
CA ASP J 301 -124.40 40.95 35.65
C ASP J 301 -125.23 41.46 36.84
N ASN J 302 -126.01 40.57 37.44
CA ASN J 302 -126.94 40.94 38.52
C ASN J 302 -126.36 40.95 39.93
N VAL J 303 -125.04 40.77 40.07
CA VAL J 303 -124.41 40.61 41.39
C VAL J 303 -123.44 41.74 41.69
N MET J 304 -123.57 42.30 42.89
CA MET J 304 -122.58 43.19 43.47
C MET J 304 -121.84 42.45 44.59
N VAL J 305 -120.52 42.44 44.55
CA VAL J 305 -119.72 41.79 45.61
C VAL J 305 -118.99 42.86 46.39
N MET J 306 -119.37 43.01 47.64
CA MET J 306 -118.76 43.95 48.56
C MET J 306 -117.83 43.14 49.45
N ASP J 307 -116.53 43.19 49.19
CA ASP J 307 -115.53 42.54 50.04
C ASP J 307 -115.20 43.47 51.19
N THR J 308 -114.30 43.07 52.09
CA THR J 308 -113.90 43.94 53.19
C THR J 308 -113.22 45.24 52.73
N ASP J 309 -112.54 45.22 51.59
CA ASP J 309 -111.74 46.35 51.13
C ASP J 309 -112.00 46.74 49.66
N ARG J 310 -113.14 46.34 49.12
CA ARG J 310 -113.36 46.41 47.69
C ARG J 310 -114.81 46.21 47.38
N VAL J 311 -115.30 46.84 46.31
CA VAL J 311 -116.62 46.53 45.77
C VAL J 311 -116.52 46.39 44.27
N THR J 312 -117.19 45.38 43.73
CA THR J 312 -117.09 44.96 42.35
C THR J 312 -118.48 44.71 41.78
N PHE J 313 -118.80 45.38 40.67
CA PHE J 313 -120.08 45.24 39.99
C PHE J 313 -120.02 46.00 38.66
N ALA J 314 -120.89 45.65 37.72
CA ALA J 314 -121.04 46.42 36.47
C ALA J 314 -119.71 46.58 35.72
N GLY J 315 -118.93 45.50 35.63
CA GLY J 315 -117.63 45.55 34.95
C GLY J 315 -116.54 46.43 35.57
N GLN J 316 -116.73 46.88 36.81
CA GLN J 316 -115.81 47.77 37.50
C GLN J 316 -115.48 47.26 38.89
N SER J 317 -114.31 47.63 39.41
CA SER J 317 -113.94 47.30 40.78
C SER J 317 -113.31 48.51 41.45
N PHE J 318 -113.79 48.85 42.64
CA PHE J 318 -113.39 50.04 43.36
C PHE J 318 -112.73 49.61 44.66
N GLU J 319 -111.50 50.06 44.91
CA GLU J 319 -110.77 49.66 46.13
C GLU J 319 -110.28 50.92 46.83
N GLY J 320 -109.44 50.77 47.85
CA GLY J 320 -109.08 51.89 48.70
C GLY J 320 -110.21 52.34 49.60
N LEU J 321 -111.14 51.44 49.87
CA LEU J 321 -112.29 51.72 50.71
C LEU J 321 -112.50 50.53 51.63
N SER J 322 -113.52 50.64 52.49
CA SER J 322 -113.91 49.54 53.36
C SER J 322 -115.40 49.28 53.17
N LEU J 323 -115.82 48.07 53.51
CA LEU J 323 -117.23 47.72 53.47
C LEU J 323 -118.01 48.63 54.43
N SER J 324 -117.41 48.94 55.57
CA SER J 324 -118.00 49.84 56.54
C SER J 324 -118.29 51.21 55.91
N THR J 325 -117.26 51.83 55.34
CA THR J 325 -117.36 53.16 54.75
C THR J 325 -118.27 53.17 53.51
N PHE J 326 -118.20 52.14 52.67
CA PHE J 326 -118.99 52.08 51.44
C PHE J 326 -120.48 51.78 51.68
N ALA J 327 -120.79 50.87 52.59
CA ALA J 327 -122.18 50.55 52.94
C ALA J 327 -122.91 51.79 53.46
N ALA J 328 -122.26 52.51 54.38
CA ALA J 328 -122.83 53.72 54.96
C ALA J 328 -123.01 54.83 53.91
N ALA J 329 -121.99 55.05 53.06
CA ALA J 329 -122.10 56.07 52.02
C ALA J 329 -123.16 55.68 50.99
N LEU J 330 -123.26 54.40 50.65
CA LEU J 330 -124.33 53.93 49.75
C LEU J 330 -125.72 54.10 50.39
N ALA J 331 -125.81 53.85 51.69
CA ALA J 331 -127.06 53.98 52.44
C ALA J 331 -127.65 55.39 52.29
N GLU J 332 -126.78 56.39 52.43
CA GLU J 332 -127.15 57.80 52.27
C GLU J 332 -127.81 58.19 50.93
N LYS J 333 -127.46 57.51 49.82
CA LYS J 333 -128.04 57.81 48.50
C LYS J 333 -128.90 56.71 47.89
N ALA J 334 -129.05 55.58 48.57
CA ALA J 334 -129.69 54.41 47.97
C ALA J 334 -131.19 54.64 47.86
N PRO J 335 -131.79 54.27 46.71
CA PRO J 335 -133.23 54.37 46.55
C PRO J 335 -133.98 53.23 47.24
N SER J 336 -135.25 53.48 47.51
CA SER J 336 -136.13 52.46 48.08
C SER J 336 -136.40 51.38 47.03
N ARG J 337 -136.26 50.13 47.46
CA ARG J 337 -136.49 48.97 46.61
C ARG J 337 -137.21 47.90 47.43
N PRO J 338 -138.50 48.15 47.75
CA PRO J 338 -139.22 47.29 48.68
C PRO J 338 -139.91 46.08 48.07
N ALA J 339 -139.78 45.86 46.76
CA ALA J 339 -140.56 44.84 46.06
C ALA J 339 -140.37 43.42 46.62
N THR J 340 -139.13 43.06 46.97
CA THR J 340 -138.82 41.70 47.47
C THR J 340 -139.35 41.39 48.89
N THR J 341 -139.84 42.39 49.62
CA THR J 341 -140.48 42.20 50.93
C THR J 341 -141.99 41.96 50.84
N GLN J 342 -142.60 42.32 49.72
CA GLN J 342 -144.07 42.32 49.59
C GLN J 342 -144.63 40.92 49.36
N GLY J 343 -145.38 40.41 50.32
CA GLY J 343 -146.03 39.10 50.20
C GLY J 343 -145.24 38.01 50.91
N THR J 344 -143.92 37.98 50.68
CA THR J 344 -143.01 37.08 51.39
C THR J 344 -143.00 37.35 52.91
N GLN J 345 -142.55 36.35 53.66
CA GLN J 345 -142.55 36.40 55.13
C GLN J 345 -141.30 35.70 55.67
N ALA J 346 -140.80 36.18 56.82
CA ALA J 346 -139.66 35.56 57.51
C ALA J 346 -139.98 34.11 57.89
N PRO J 347 -138.98 33.20 57.79
CA PRO J 347 -139.27 31.79 58.05
C PRO J 347 -139.44 31.47 59.54
N VAL J 348 -140.26 30.47 59.82
CA VAL J 348 -140.56 30.03 61.18
C VAL J 348 -139.93 28.65 61.36
N LEU J 349 -139.77 28.23 62.60
CA LEU J 349 -139.17 26.94 62.91
C LEU J 349 -139.99 25.83 62.29
N GLY J 350 -141.30 25.88 62.51
CA GLY J 350 -142.25 24.92 61.94
C GLY J 350 -142.16 23.53 62.52
N ILE J 351 -141.88 23.42 63.82
CA ILE J 351 -141.85 22.14 64.51
C ILE J 351 -142.87 22.15 65.66
N GLU J 352 -143.89 21.30 65.55
CA GLU J 352 -144.86 21.09 66.61
C GLU J 352 -144.27 20.22 67.72
N ALA J 353 -144.64 20.52 68.96
CA ALA J 353 -144.19 19.77 70.13
C ALA J 353 -144.54 18.29 70.00
N ALA J 354 -143.59 17.43 70.34
CA ALA J 354 -143.83 15.98 70.28
C ALA J 354 -144.50 15.52 71.56
N GLU J 355 -145.01 14.29 71.54
N GLU J 355 -145.01 14.29 71.55
CA GLU J 355 -145.58 13.65 72.72
CA GLU J 355 -145.60 13.67 72.73
C GLU J 355 -144.47 13.47 73.75
C GLU J 355 -144.48 13.47 73.75
N PRO J 356 -144.58 14.11 74.93
CA PRO J 356 -143.48 14.15 75.94
C PRO J 356 -142.72 12.86 76.24
N ASN J 357 -143.40 11.72 76.24
CA ASN J 357 -142.78 10.42 76.56
C ASN J 357 -142.30 9.59 75.35
N ALA J 358 -142.56 10.05 74.13
CA ALA J 358 -142.04 9.38 72.93
C ALA J 358 -140.50 9.44 72.85
N PRO J 359 -139.86 8.47 72.15
CA PRO J 359 -138.41 8.57 71.92
C PRO J 359 -138.03 9.91 71.30
N LEU J 360 -136.94 10.50 71.79
CA LEU J 360 -136.51 11.83 71.39
C LEU J 360 -136.12 11.88 69.92
N THR J 361 -136.68 12.85 69.20
CA THR J 361 -136.35 13.09 67.81
C THR J 361 -135.41 14.28 67.69
N ASN J 362 -134.76 14.35 66.55
CA ASN J 362 -133.90 15.47 66.18
C ASN J 362 -134.69 16.77 66.14
N ASP J 363 -135.89 16.72 65.55
CA ASP J 363 -136.87 17.82 65.55
C ASP J 363 -137.23 18.35 66.95
N GLU J 364 -137.52 17.43 67.87
CA GLU J 364 -137.91 17.80 69.24
C GLU J 364 -136.74 18.41 70.03
N MET J 365 -135.55 17.84 69.87
CA MET J 365 -134.34 18.43 70.46
C MET J 365 -134.09 19.84 69.92
N THR J 366 -134.20 19.98 68.60
CA THR J 366 -134.03 21.25 67.91
C THR J 366 -135.01 22.29 68.44
N ARG J 367 -136.28 21.92 68.55
CA ARG J 367 -137.33 22.80 69.10
C ARG J 367 -137.01 23.25 70.53
N GLN J 368 -136.58 22.35 71.40
CA GLN J 368 -136.28 22.76 72.78
C GLN J 368 -135.03 23.64 72.87
N ILE J 369 -133.98 23.31 72.11
CA ILE J 369 -132.79 24.15 72.11
C ILE J 369 -133.13 25.56 71.63
N GLN J 370 -133.98 25.65 70.61
CA GLN J 370 -134.35 26.95 70.03
C GLN J 370 -135.06 27.87 71.03
N SER J 371 -135.89 27.30 71.90
CA SER J 371 -136.52 28.06 73.00
C SER J 371 -135.56 28.68 74.02
N LEU J 372 -134.39 28.07 74.23
CA LEU J 372 -133.36 28.65 75.12
C LEU J 372 -132.64 29.88 74.59
N ILE J 373 -132.78 30.20 73.31
CA ILE J 373 -131.95 31.22 72.70
C ILE J 373 -132.59 32.59 72.90
N THR J 374 -131.97 33.38 73.78
CA THR J 374 -132.36 34.76 74.04
C THR J 374 -131.42 35.76 73.36
N SER J 375 -131.81 37.03 73.42
CA SER J 375 -130.98 38.12 72.95
C SER J 375 -129.59 38.24 73.61
N ASP J 376 -129.41 37.65 74.79
N ASP J 376 -129.42 37.66 74.80
CA ASP J 376 -128.09 37.58 75.44
CA ASP J 376 -128.10 37.58 75.45
C ASP J 376 -127.50 36.16 75.44
C ASP J 376 -127.52 36.15 75.45
N THR J 377 -127.86 35.35 74.42
CA THR J 377 -127.34 33.97 74.29
C THR J 377 -126.27 33.89 73.20
N THR J 378 -125.24 33.08 73.45
CA THR J 378 -124.28 32.66 72.43
C THR J 378 -124.42 31.16 72.22
N LEU J 379 -124.66 30.75 70.98
CA LEU J 379 -124.82 29.36 70.60
C LEU J 379 -123.60 28.93 69.76
N THR J 380 -122.81 27.97 70.26
CA THR J 380 -121.68 27.40 69.51
C THR J 380 -122.11 26.06 68.89
N ALA J 381 -122.06 25.97 67.57
CA ALA J 381 -122.61 24.83 66.83
C ALA J 381 -121.51 24.14 66.05
N GLU J 382 -121.26 22.88 66.42
CA GLU J 382 -120.20 22.06 65.84
C GLU J 382 -120.47 21.61 64.41
N THR J 383 -119.39 21.41 63.67
CA THR J 383 -119.43 20.69 62.39
C THR J 383 -120.06 19.31 62.60
N GLY J 384 -121.06 19.01 61.77
CA GLY J 384 -121.93 17.84 61.95
C GLY J 384 -123.34 18.23 61.59
N ASP J 385 -124.31 17.40 61.98
CA ASP J 385 -125.73 17.74 61.80
C ASP J 385 -126.16 18.98 62.58
N SER J 386 -125.39 19.36 63.61
CA SER J 386 -125.63 20.63 64.32
C SER J 386 -125.53 21.88 63.43
N TRP J 387 -124.67 21.86 62.41
CA TRP J 387 -124.69 22.89 61.34
C TRP J 387 -126.09 23.09 60.78
N PHE J 388 -126.75 21.98 60.44
CA PHE J 388 -128.07 22.01 59.79
C PHE J 388 -129.24 22.28 60.75
N ASN J 389 -129.11 21.83 61.99
CA ASN J 389 -130.07 22.16 63.03
C ASN J 389 -130.02 23.64 63.41
N ALA J 390 -128.81 24.16 63.63
CA ALA J 390 -128.63 25.59 63.90
C ALA J 390 -129.12 26.49 62.76
N SER J 391 -128.89 26.08 61.51
N SER J 391 -128.89 26.07 61.52
CA SER J 391 -129.25 26.93 60.35
CA SER J 391 -129.24 26.88 60.35
C SER J 391 -130.77 27.01 60.09
C SER J 391 -130.75 26.99 60.06
N ARG J 392 -131.55 26.09 60.66
CA ARG J 392 -133.02 26.15 60.55
C ARG J 392 -133.70 26.70 61.84
N MET J 393 -132.90 27.28 62.73
CA MET J 393 -133.38 27.87 63.98
C MET J 393 -133.49 29.37 63.85
N PRO J 394 -134.72 29.94 63.93
CA PRO J 394 -134.77 31.40 64.10
C PRO J 394 -134.14 31.82 65.42
N ILE J 395 -133.51 32.98 65.45
CA ILE J 395 -132.92 33.54 66.68
C ILE J 395 -133.36 34.99 66.86
N PRO J 396 -133.52 35.46 68.11
CA PRO J 396 -133.84 36.88 68.30
C PRO J 396 -132.63 37.77 68.05
N GLY J 397 -132.89 39.07 67.90
CA GLY J 397 -131.85 40.05 67.67
C GLY J 397 -131.00 40.15 68.91
N GLY J 398 -129.69 40.24 68.72
CA GLY J 398 -128.75 40.19 69.83
C GLY J 398 -128.13 38.80 70.07
N ALA J 399 -128.82 37.71 69.71
CA ALA J 399 -128.23 36.38 69.82
C ALA J 399 -127.00 36.22 68.93
N ARG J 400 -126.05 35.44 69.41
CA ARG J 400 -124.81 35.17 68.69
C ARG J 400 -124.77 33.68 68.38
N VAL J 401 -124.41 33.35 67.15
CA VAL J 401 -124.16 31.98 66.73
C VAL J 401 -122.71 31.88 66.25
N GLU J 402 -122.00 30.87 66.74
CA GLU J 402 -120.64 30.63 66.34
C GLU J 402 -120.58 29.33 65.53
N LEU J 403 -120.19 29.49 64.27
CA LEU J 403 -119.98 28.40 63.34
C LEU J 403 -118.54 28.48 62.83
N GLU J 404 -117.98 27.32 62.50
CA GLU J 404 -116.61 27.20 62.01
C GLU J 404 -116.67 26.46 60.68
N MET J 405 -117.32 27.09 59.71
CA MET J 405 -117.63 26.47 58.40
C MET J 405 -116.55 26.53 57.31
N GLN J 406 -115.51 27.34 57.51
CA GLN J 406 -114.39 27.35 56.58
C GLN J 406 -113.37 26.29 57.02
N TRP J 407 -112.97 26.30 58.29
CA TRP J 407 -111.97 25.34 58.78
C TRP J 407 -112.63 23.99 58.97
N GLY J 408 -113.70 23.95 59.77
CA GLY J 408 -114.49 22.72 59.93
C GLY J 408 -113.79 21.61 60.69
N HIS J 409 -113.05 21.96 61.72
CA HIS J 409 -112.32 21.00 62.55
C HIS J 409 -113.24 20.42 63.63
N ILE J 410 -113.65 19.15 63.51
CA ILE J 410 -114.53 18.57 64.52
C ILE J 410 -113.83 18.55 65.88
N GLY J 411 -114.60 18.83 66.93
CA GLY J 411 -114.06 19.04 68.27
C GLY J 411 -113.72 20.50 68.61
N TRP J 412 -113.67 21.39 67.60
CA TRP J 412 -113.51 22.83 67.81
C TRP J 412 -114.49 23.43 68.83
N SER J 413 -115.74 22.97 68.79
CA SER J 413 -116.82 23.53 69.60
C SER J 413 -116.58 23.53 71.13
N VAL J 414 -115.89 22.51 71.64
CA VAL J 414 -115.72 22.38 73.09
C VAL J 414 -114.76 23.44 73.67
N PRO J 415 -113.49 23.47 73.22
CA PRO J 415 -112.62 24.53 73.71
C PRO J 415 -113.06 25.91 73.23
N SER J 416 -113.69 26.00 72.06
CA SER J 416 -114.16 27.31 71.56
C SER J 416 -115.26 27.89 72.45
N ALA J 417 -116.24 27.05 72.83
CA ALA J 417 -117.29 27.46 73.76
C ALA J 417 -116.69 27.87 75.11
N PHE J 418 -115.71 27.10 75.58
CA PHE J 418 -114.98 27.44 76.80
C PHE J 418 -114.36 28.84 76.77
N GLY J 419 -113.56 29.11 75.74
CA GLY J 419 -112.95 30.42 75.57
C GLY J 419 -113.94 31.56 75.37
N ASN J 420 -114.99 31.30 74.60
CA ASN J 420 -116.04 32.27 74.38
C ASN J 420 -116.79 32.62 75.68
N ALA J 421 -117.09 31.60 76.48
CA ALA J 421 -117.76 31.81 77.78
C ALA J 421 -116.87 32.54 78.78
N VAL J 422 -115.59 32.21 78.82
CA VAL J 422 -114.61 32.93 79.63
C VAL J 422 -114.52 34.40 79.20
N GLY J 423 -114.59 34.65 77.89
CA GLY J 423 -114.58 36.00 77.35
C GLY J 423 -115.86 36.81 77.45
N SER J 424 -117.02 36.15 77.52
CA SER J 424 -118.31 36.85 77.64
C SER J 424 -119.20 36.19 78.70
N PRO J 425 -118.76 36.24 79.98
CA PRO J 425 -119.49 35.53 81.05
C PRO J 425 -120.91 36.04 81.34
N GLU J 426 -121.20 37.29 80.97
CA GLU J 426 -122.55 37.88 81.12
C GLU J 426 -123.65 37.23 80.25
N ARG J 427 -123.27 36.37 79.30
CA ARG J 427 -124.20 35.78 78.35
C ARG J 427 -124.55 34.35 78.74
N ARG J 428 -125.69 33.87 78.27
CA ARG J 428 -126.01 32.44 78.31
C ARG J 428 -125.22 31.73 77.21
N HIS J 429 -124.45 30.70 77.57
CA HIS J 429 -123.64 29.94 76.61
C HIS J 429 -124.19 28.55 76.40
N ILE J 430 -124.65 28.31 75.17
CA ILE J 430 -125.20 27.04 74.73
C ILE J 430 -124.27 26.48 73.66
N MET J 431 -124.23 25.15 73.59
CA MET J 431 -123.32 24.45 72.74
C MET J 431 -123.99 23.19 72.19
N MET J 432 -123.91 22.99 70.87
CA MET J 432 -124.37 21.77 70.22
C MET J 432 -123.20 21.04 69.60
N VAL J 433 -122.91 19.84 70.10
CA VAL J 433 -121.76 19.04 69.69
C VAL J 433 -122.16 17.59 69.46
N GLY J 434 -121.60 16.99 68.41
CA GLY J 434 -121.81 15.57 68.15
C GLY J 434 -120.92 14.69 69.00
N ASP J 435 -121.33 13.43 69.15
CA ASP J 435 -120.52 12.43 69.82
C ASP J 435 -119.12 12.28 69.19
N GLY J 436 -119.05 12.25 67.86
CA GLY J 436 -117.76 12.11 67.16
C GLY J 436 -116.80 13.24 67.45
N SER J 437 -117.31 14.46 67.32
CA SER J 437 -116.57 15.68 67.61
C SER J 437 -116.11 15.79 69.04
N PHE J 438 -117.01 15.45 69.96
CA PHE J 438 -116.73 15.52 71.39
C PHE J 438 -115.51 14.71 71.82
N GLN J 439 -115.29 13.55 71.20
CA GLN J 439 -114.19 12.67 71.57
C GLN J 439 -112.81 13.24 71.29
N LEU J 440 -112.68 14.14 70.30
CA LEU J 440 -111.38 14.76 69.99
C LEU J 440 -110.88 15.73 71.06
N THR J 441 -111.81 16.42 71.73
CA THR J 441 -111.46 17.52 72.65
C THR J 441 -112.21 17.48 74.00
N ALA J 442 -112.82 16.33 74.33
CA ALA J 442 -113.60 16.15 75.56
C ALA J 442 -112.95 16.69 76.83
N GLN J 443 -111.63 16.56 76.96
CA GLN J 443 -110.95 16.98 78.19
C GLN J 443 -111.10 18.46 78.57
N GLU J 444 -111.46 19.33 77.62
CA GLU J 444 -111.62 20.74 77.96
C GLU J 444 -112.88 21.03 78.77
N VAL J 445 -113.83 20.10 78.80
CA VAL J 445 -114.93 20.16 79.75
C VAL J 445 -114.38 20.20 81.19
N ALA J 446 -113.29 19.48 81.44
CA ALA J 446 -112.62 19.54 82.75
C ALA J 446 -112.14 20.95 83.12
N GLN J 447 -111.68 21.72 82.12
CA GLN J 447 -111.34 23.13 82.36
C GLN J 447 -112.58 24.02 82.59
N MET J 448 -113.70 23.72 81.93
CA MET J 448 -114.96 24.39 82.23
C MET J 448 -115.37 24.19 83.69
N ILE J 449 -115.17 22.97 84.18
CA ILE J 449 -115.46 22.63 85.58
C ILE J 449 -114.53 23.36 86.54
N ARG J 450 -113.24 23.29 86.25
CA ARG J 450 -112.20 23.97 87.04
C ARG J 450 -112.42 25.47 87.21
N TYR J 451 -112.80 26.17 86.14
CA TYR J 451 -113.04 27.61 86.16
C TYR J 451 -114.52 28.00 86.33
N GLU J 452 -115.38 27.01 86.58
CA GLU J 452 -116.80 27.21 86.90
C GLU J 452 -117.55 27.95 85.78
N ILE J 453 -117.32 27.50 84.56
CA ILE J 453 -117.89 28.12 83.38
C ILE J 453 -119.19 27.38 83.06
N PRO J 454 -120.36 28.06 83.16
CA PRO J 454 -121.65 27.39 83.01
C PRO J 454 -122.18 27.19 81.58
N VAL J 455 -121.41 26.48 80.75
CA VAL J 455 -121.87 26.17 79.39
C VAL J 455 -122.89 25.04 79.43
N ILE J 456 -123.99 25.21 78.70
CA ILE J 456 -124.97 24.13 78.54
C ILE J 456 -124.59 23.40 77.24
N ILE J 457 -124.18 22.14 77.38
CA ILE J 457 -123.68 21.34 76.27
C ILE J 457 -124.73 20.30 75.88
N PHE J 458 -125.25 20.43 74.67
CA PHE J 458 -126.12 19.41 74.10
C PHE J 458 -125.26 18.48 73.24
N LEU J 459 -125.00 17.28 73.76
CA LEU J 459 -124.21 16.25 73.09
C LEU J 459 -125.17 15.34 72.34
N ILE J 460 -125.11 15.35 71.01
CA ILE J 460 -125.99 14.51 70.20
C ILE J 460 -125.33 13.14 70.03
N ASN J 461 -125.77 12.16 70.82
CA ASN J 461 -125.27 10.79 70.69
C ASN J 461 -126.11 10.02 69.67
N ASN J 462 -125.67 10.08 68.43
CA ASN J 462 -126.24 9.31 67.34
C ASN J 462 -125.35 8.15 66.89
N ARG J 463 -124.34 7.81 67.70
CA ARG J 463 -123.51 6.62 67.50
C ARG J 463 -122.71 6.66 66.20
N GLY J 464 -122.04 7.78 65.96
CA GLY J 464 -121.08 7.89 64.85
C GLY J 464 -121.10 9.20 64.11
N TYR J 465 -120.38 9.20 62.99
CA TYR J 465 -120.15 10.38 62.16
C TYR J 465 -121.29 10.49 61.11
N VAL J 466 -122.43 11.02 61.52
CA VAL J 466 -123.63 11.02 60.66
C VAL J 466 -123.52 11.90 59.40
N ILE J 467 -122.82 13.02 59.49
CA ILE J 467 -122.57 13.85 58.31
C ILE J 467 -121.66 13.14 57.28
N GLU J 468 -120.70 12.34 57.75
CA GLU J 468 -119.83 11.53 56.87
C GLU J 468 -120.56 10.34 56.29
N ILE J 469 -121.48 9.75 57.06
CA ILE J 469 -122.38 8.71 56.53
C ILE J 469 -123.19 9.26 55.34
N ALA J 470 -123.64 10.51 55.41
CA ALA J 470 -124.38 11.18 54.32
C ALA J 470 -123.54 11.54 53.10
N ILE J 471 -122.21 11.58 53.24
CA ILE J 471 -121.29 11.80 52.12
C ILE J 471 -120.91 10.44 51.51
N HIS J 472 -120.35 9.56 52.33
CA HIS J 472 -119.90 8.25 51.87
C HIS J 472 -119.74 7.30 53.06
N ASP J 473 -120.61 6.30 53.17
CA ASP J 473 -120.63 5.39 54.32
C ASP J 473 -119.49 4.37 54.28
N GLY J 474 -119.04 3.96 55.46
CA GLY J 474 -118.03 2.90 55.63
C GLY J 474 -117.71 2.69 57.10
N PRO J 475 -116.96 1.63 57.43
CA PRO J 475 -116.69 1.30 58.85
C PRO J 475 -115.95 2.39 59.66
N TYR J 476 -115.20 3.23 58.96
CA TYR J 476 -114.53 4.44 59.54
C TYR J 476 -115.47 5.49 60.16
N ASN J 477 -116.76 5.41 59.88
CA ASN J 477 -117.74 6.30 60.46
C ASN J 477 -118.33 5.86 61.79
N TYR J 478 -118.01 4.67 62.28
CA TYR J 478 -118.66 4.12 63.49
C TYR J 478 -117.63 4.08 64.60
N ILE J 479 -117.97 4.74 65.70
CA ILE J 479 -117.04 4.98 66.80
C ILE J 479 -117.45 4.23 68.06
N LYS J 480 -116.49 4.06 68.95
CA LYS J 480 -116.75 3.52 70.28
C LYS J 480 -117.65 4.46 71.07
N ASN J 481 -118.76 3.93 71.59
CA ASN J 481 -119.66 4.69 72.45
C ASN J 481 -119.07 4.91 73.85
N TRP J 482 -119.25 6.11 74.40
CA TRP J 482 -118.90 6.42 75.78
C TRP J 482 -120.16 6.70 76.58
N ASN J 483 -120.04 6.59 77.90
CA ASN J 483 -121.07 7.12 78.79
C ASN J 483 -120.78 8.61 78.97
N TYR J 484 -121.30 9.42 78.05
CA TYR J 484 -120.91 10.84 77.97
C TYR J 484 -121.34 11.59 79.21
N ALA J 485 -122.58 11.39 79.65
CA ALA J 485 -123.10 11.98 80.89
C ALA J 485 -122.21 11.67 82.09
N GLY J 486 -121.82 10.40 82.22
CA GLY J 486 -120.94 9.96 83.30
C GLY J 486 -119.53 10.52 83.33
N LEU J 487 -119.06 11.07 82.21
CA LEU J 487 -117.75 11.76 82.16
C LEU J 487 -117.65 12.99 83.08
N ILE J 488 -118.77 13.65 83.33
CA ILE J 488 -118.80 14.86 84.14
C ILE J 488 -118.35 14.60 85.58
N ASP J 489 -118.89 13.56 86.20
CA ASP J 489 -118.51 13.20 87.58
C ASP J 489 -117.04 12.76 87.69
N VAL J 490 -116.52 12.14 86.63
CA VAL J 490 -115.11 11.83 86.54
C VAL J 490 -114.26 13.11 86.57
N PHE J 491 -114.64 14.11 85.78
CA PHE J 491 -113.93 15.40 85.80
C PHE J 491 -114.18 16.22 87.07
N ASN J 492 -115.39 16.13 87.63
CA ASN J 492 -115.68 16.77 88.93
C ASN J 492 -114.76 16.28 90.03
N ASP J 493 -114.60 14.95 90.10
CA ASP J 493 -113.95 14.29 91.22
C ASP J 493 -114.55 14.84 92.55
N GLU J 494 -113.74 15.37 93.46
CA GLU J 494 -114.24 15.92 94.74
C GLU J 494 -114.67 17.40 94.62
N ASP J 495 -114.06 18.13 93.68
CA ASP J 495 -114.11 19.62 93.63
C ASP J 495 -115.32 20.22 92.91
N GLY J 496 -115.66 19.65 91.76
CA GLY J 496 -116.40 20.36 90.72
C GLY J 496 -117.90 20.28 90.74
N HIS J 497 -118.53 21.20 90.01
CA HIS J 497 -119.98 21.34 89.97
C HIS J 497 -120.56 21.24 88.56
N GLY J 498 -119.88 20.48 87.70
CA GLY J 498 -120.47 20.07 86.44
C GLY J 498 -121.64 19.13 86.69
N LEU J 499 -122.61 19.14 85.77
CA LEU J 499 -123.74 18.21 85.79
C LEU J 499 -123.76 17.40 84.50
N GLY J 500 -123.99 16.09 84.63
CA GLY J 500 -124.12 15.16 83.50
C GLY J 500 -125.48 14.49 83.52
N LEU J 501 -126.26 14.69 82.48
CA LEU J 501 -127.64 14.21 82.39
C LEU J 501 -127.89 13.49 81.09
N LYS J 502 -128.88 12.60 81.08
CA LYS J 502 -129.31 11.87 79.90
C LYS J 502 -130.73 12.30 79.53
N ALA J 503 -131.04 12.26 78.24
CA ALA J 503 -132.36 12.57 77.74
C ALA J 503 -132.65 11.69 76.53
N SER J 504 -133.63 10.80 76.66
CA SER J 504 -134.10 9.97 75.56
C SER J 504 -135.59 10.22 75.20
N THR J 505 -136.22 11.21 75.84
CA THR J 505 -137.57 11.66 75.48
C THR J 505 -137.64 13.18 75.61
N GLY J 506 -138.68 13.78 75.03
CA GLY J 506 -138.93 15.22 75.15
C GLY J 506 -139.14 15.71 76.58
N ALA J 507 -139.78 14.88 77.40
CA ALA J 507 -139.98 15.18 78.83
C ALA J 507 -138.67 15.16 79.62
N GLU J 508 -137.82 14.17 79.37
CA GLU J 508 -136.50 14.12 80.04
C GLU J 508 -135.61 15.31 79.66
N LEU J 509 -135.61 15.66 78.36
CA LEU J 509 -134.87 16.81 77.88
C LEU J 509 -135.34 18.09 78.58
N GLU J 510 -136.66 18.27 78.71
CA GLU J 510 -137.21 19.43 79.41
C GLU J 510 -136.73 19.49 80.85
N GLY J 511 -136.75 18.35 81.54
CA GLY J 511 -136.26 18.26 82.91
C GLY J 511 -134.77 18.55 83.01
N ALA J 512 -134.02 18.05 82.04
CA ALA J 512 -132.57 18.27 82.00
C ALA J 512 -132.21 19.76 81.77
N ILE J 513 -132.91 20.39 80.85
CA ILE J 513 -132.75 21.82 80.54
C ILE J 513 -133.02 22.74 81.74
N LYS J 514 -134.08 22.46 82.51
CA LYS J 514 -134.37 23.18 83.77
C LYS J 514 -133.20 23.12 84.75
N LYS J 515 -132.65 21.91 84.92
CA LYS J 515 -131.47 21.71 85.79
C LYS J 515 -130.24 22.45 85.27
N ALA J 516 -130.01 22.39 83.96
CA ALA J 516 -128.87 23.07 83.31
C ALA J 516 -128.92 24.57 83.58
N LEU J 517 -130.08 25.18 83.33
CA LEU J 517 -130.31 26.61 83.62
C LEU J 517 -129.99 27.01 85.07
N ASP J 518 -130.32 26.14 86.03
CA ASP J 518 -130.07 26.44 87.44
C ASP J 518 -128.66 26.10 87.93
N ASN J 519 -127.88 25.36 87.13
CA ASN J 519 -126.49 25.09 87.49
C ASN J 519 -125.61 26.25 87.03
N ARG J 520 -125.19 27.06 87.99
CA ARG J 520 -124.48 28.30 87.75
C ARG J 520 -122.98 28.19 88.07
N ARG J 521 -122.55 27.07 88.66
CA ARG J 521 -121.16 26.86 89.09
C ARG J 521 -120.34 25.88 88.22
N GLY J 522 -120.93 25.34 87.15
CA GLY J 522 -120.20 24.48 86.24
C GLY J 522 -121.00 24.15 85.00
N PRO J 523 -120.38 23.46 84.02
CA PRO J 523 -121.10 23.13 82.79
C PRO J 523 -122.14 22.03 83.01
N THR J 524 -123.15 21.99 82.17
CA THR J 524 -124.13 20.92 82.18
C THR J 524 -124.12 20.21 80.83
N LEU J 525 -123.75 18.93 80.81
CA LEU J 525 -123.78 18.12 79.61
C LEU J 525 -125.05 17.29 79.57
N ILE J 526 -125.81 17.44 78.49
CA ILE J 526 -127.06 16.72 78.28
C ILE J 526 -126.83 15.79 77.10
N GLU J 527 -126.67 14.50 77.40
CA GLU J 527 -126.52 13.48 76.37
C GLU J 527 -127.90 13.15 75.77
N CYS J 528 -128.06 13.46 74.49
CA CYS J 528 -129.32 13.29 73.77
C CYS J 528 -129.24 12.05 72.89
N ASN J 529 -130.10 11.08 73.19
CA ASN J 529 -130.20 9.84 72.45
C ASN J 529 -131.00 10.14 71.19
N ILE J 530 -130.30 10.22 70.07
CA ILE J 530 -130.92 10.48 68.77
C ILE J 530 -130.54 9.33 67.86
N ALA J 531 -131.52 8.83 67.11
CA ALA J 531 -131.29 7.74 66.18
C ALA J 531 -130.31 8.17 65.09
N GLN J 532 -129.52 7.21 64.64
CA GLN J 532 -128.54 7.38 63.58
C GLN J 532 -129.22 7.74 62.25
N ASP J 533 -130.41 7.21 62.02
CA ASP J 533 -131.23 7.50 60.82
C ASP J 533 -132.00 8.82 60.91
N ASP J 534 -132.00 9.48 62.07
CA ASP J 534 -132.82 10.67 62.31
C ASP J 534 -131.99 11.96 62.21
N CYS J 535 -131.54 12.23 60.99
CA CYS J 535 -130.79 13.44 60.68
C CYS J 535 -131.64 14.32 59.78
N THR J 536 -131.26 15.58 59.65
CA THR J 536 -132.04 16.54 58.87
C THR J 536 -132.12 16.11 57.40
N GLU J 537 -133.25 16.42 56.77
CA GLU J 537 -133.40 16.21 55.33
C GLU J 537 -132.36 17.05 54.55
N THR J 538 -132.09 18.27 55.04
CA THR J 538 -131.12 19.17 54.43
C THR J 538 -129.70 18.59 54.39
N LEU J 539 -129.26 17.96 55.49
CA LEU J 539 -127.97 17.26 55.49
C LEU J 539 -127.86 16.21 54.37
N ILE J 540 -128.91 15.39 54.22
CA ILE J 540 -128.88 14.31 53.23
C ILE J 540 -128.73 14.85 51.80
N ALA J 541 -129.50 15.88 51.46
CA ALA J 541 -129.43 16.48 50.12
C ALA J 541 -128.06 17.12 49.86
N TRP J 542 -127.60 17.93 50.82
CA TRP J 542 -126.31 18.60 50.75
C TRP J 542 -125.13 17.63 50.64
N GLY J 543 -125.19 16.56 51.43
CA GLY J 543 -124.17 15.51 51.42
C GLY J 543 -124.01 14.83 50.06
N LYS J 544 -125.13 14.52 49.41
CA LYS J 544 -125.12 13.97 48.06
C LYS J 544 -124.40 14.88 47.06
N ARG J 545 -124.60 16.18 47.18
CA ARG J 545 -123.93 17.15 46.28
C ARG J 545 -122.44 17.27 46.57
N VAL J 546 -122.08 17.30 47.85
CA VAL J 546 -120.68 17.32 48.28
C VAL J 546 -119.92 16.08 47.78
N ALA J 547 -120.50 14.90 47.98
CA ALA J 547 -119.90 13.64 47.53
C ALA J 547 -119.62 13.62 46.02
N ALA J 548 -120.59 14.09 45.22
CA ALA J 548 -120.47 14.10 43.76
C ALA J 548 -119.41 15.10 43.29
N THR J 549 -119.33 16.26 43.96
CA THR J 549 -118.33 17.28 43.67
C THR J 549 -116.91 16.81 44.02
N ASN J 550 -116.74 16.26 45.21
CA ASN J 550 -115.44 15.69 45.64
C ASN J 550 -114.93 14.58 44.76
N SER J 551 -115.83 13.73 44.26
CA SER J 551 -115.44 12.57 43.47
C SER J 551 -115.31 12.82 41.96
N ARG J 552 -115.63 14.03 41.47
CA ARG J 552 -115.67 14.25 40.03
C ARG J 552 -114.29 13.93 39.41
N LYS J 553 -114.30 13.18 38.30
CA LYS J 553 -113.09 12.56 37.78
C LYS J 553 -112.10 13.59 37.22
N PRO J 554 -110.80 13.22 37.12
CA PRO J 554 -109.79 14.16 36.57
C PRO J 554 -109.91 14.44 35.06
N GLN J 555 -108.99 15.24 34.52
CA GLN J 555 -108.85 15.44 33.07
C GLN J 555 -107.88 14.43 32.45
N MET K 1 -112.54 45.01 24.75
CA MET K 1 -111.77 43.90 25.38
C MET K 1 -110.75 44.47 26.36
N TYR K 2 -111.16 44.63 27.61
CA TYR K 2 -110.27 45.01 28.70
C TYR K 2 -109.77 43.75 29.43
N THR K 3 -108.46 43.64 29.62
CA THR K 3 -107.82 42.41 30.09
C THR K 3 -107.05 42.57 31.41
N VAL K 4 -106.66 41.42 31.98
CA VAL K 4 -105.91 41.37 33.24
C VAL K 4 -104.61 42.15 33.10
N GLY K 5 -103.92 41.96 31.99
CA GLY K 5 -102.70 42.71 31.72
C GLY K 5 -102.91 44.22 31.67
N MET K 6 -104.03 44.66 31.08
CA MET K 6 -104.40 46.10 31.05
C MET K 6 -104.71 46.66 32.45
N TYR K 7 -105.39 45.87 33.29
CA TYR K 7 -105.63 46.23 34.69
C TYR K 7 -104.30 46.52 35.39
N LEU K 8 -103.35 45.59 35.27
CA LEU K 8 -102.01 45.81 35.82
C LEU K 8 -101.33 47.08 35.27
N ALA K 9 -101.41 47.28 33.96
CA ALA K 9 -100.76 48.42 33.30
C ALA K 9 -101.36 49.73 33.79
N GLU K 10 -102.68 49.77 33.90
CA GLU K 10 -103.40 50.97 34.39
C GLU K 10 -103.04 51.31 35.84
N ARG K 11 -102.95 50.31 36.71
CA ARG K 11 -102.53 50.54 38.10
C ARG K 11 -101.09 51.00 38.19
N LEU K 12 -100.21 50.40 37.39
CA LEU K 12 -98.80 50.83 37.36
C LEU K 12 -98.63 52.27 36.87
N ALA K 13 -99.45 52.68 35.90
CA ALA K 13 -99.51 54.09 35.47
C ALA K 13 -100.01 55.02 36.59
N GLN K 14 -101.00 54.58 37.37
CA GLN K 14 -101.51 55.33 38.53
C GLN K 14 -100.52 55.50 39.68
N ILE K 15 -99.49 54.65 39.76
CA ILE K 15 -98.38 54.84 40.72
C ILE K 15 -97.46 55.97 40.25
N GLY K 16 -97.54 56.35 38.98
CA GLY K 16 -96.68 57.37 38.41
C GLY K 16 -95.55 56.79 37.58
N LEU K 17 -95.59 55.49 37.26
CA LEU K 17 -94.63 54.89 36.34
C LEU K 17 -94.87 55.39 34.92
N LYS K 18 -93.82 55.96 34.32
CA LYS K 18 -93.81 56.23 32.89
C LYS K 18 -93.04 55.17 32.09
N HIS K 19 -92.40 54.23 32.78
CA HIS K 19 -91.67 53.13 32.15
C HIS K 19 -91.78 51.85 32.97
N HIS K 20 -91.67 50.70 32.30
CA HIS K 20 -91.42 49.43 32.98
C HIS K 20 -90.40 48.61 32.19
N PHE K 21 -89.66 47.77 32.92
CA PHE K 21 -88.52 47.04 32.38
C PHE K 21 -88.88 45.59 32.16
N ALA K 22 -88.37 45.00 31.08
CA ALA K 22 -88.80 43.67 30.65
C ALA K 22 -87.72 42.86 29.94
N VAL K 23 -87.78 41.55 30.15
CA VAL K 23 -87.10 40.58 29.29
C VAL K 23 -88.17 39.57 28.86
N ALA K 24 -88.32 39.42 27.55
CA ALA K 24 -89.33 38.55 26.98
C ALA K 24 -89.03 37.07 27.17
N GLY K 25 -90.09 36.29 27.30
CA GLY K 25 -90.04 34.83 27.39
C GLY K 25 -91.42 34.35 27.06
N ASP K 26 -91.56 33.10 26.62
CA ASP K 26 -92.86 32.66 26.10
C ASP K 26 -93.98 32.73 27.13
N TYR K 27 -93.65 32.60 28.41
CA TYR K 27 -94.65 32.72 29.47
C TYR K 27 -95.15 34.15 29.69
N ASN K 28 -94.40 35.17 29.24
CA ASN K 28 -94.83 36.57 29.42
C ASN K 28 -95.18 37.36 28.17
N LEU K 29 -95.19 36.72 27.00
CA LEU K 29 -95.33 37.49 25.75
C LEU K 29 -96.68 38.16 25.65
N VAL K 30 -97.74 37.42 25.92
CA VAL K 30 -99.10 37.97 25.88
C VAL K 30 -99.23 39.06 26.95
N LEU K 31 -98.65 38.84 28.14
CA LEU K 31 -98.60 39.88 29.17
C LEU K 31 -97.91 41.17 28.66
N LEU K 32 -96.76 41.04 28.01
CA LEU K 32 -96.04 42.19 27.46
C LEU K 32 -96.88 42.93 26.42
N ASP K 33 -97.60 42.20 25.57
CA ASP K 33 -98.58 42.82 24.67
C ASP K 33 -99.62 43.69 25.37
N GLN K 34 -100.18 43.21 26.48
CA GLN K 34 -101.21 43.97 27.18
C GLN K 34 -100.66 45.26 27.74
N LEU K 35 -99.47 45.18 28.34
CA LEU K 35 -98.76 46.35 28.85
C LEU K 35 -98.46 47.39 27.75
N LEU K 36 -98.13 46.90 26.54
CA LEU K 36 -97.86 47.77 25.39
C LEU K 36 -99.08 48.56 24.88
N LEU K 37 -100.29 48.06 25.16
CA LEU K 37 -101.53 48.77 24.83
C LEU K 37 -101.82 49.96 25.74
N ASN K 38 -101.09 50.10 26.84
CA ASN K 38 -101.20 51.28 27.68
C ASN K 38 -100.20 52.33 27.18
N LYS K 39 -100.71 53.48 26.75
CA LYS K 39 -99.88 54.51 26.10
C LYS K 39 -99.23 55.49 27.07
N ASP K 40 -99.60 55.41 28.34
CA ASP K 40 -98.96 56.22 29.38
C ASP K 40 -97.60 55.67 29.80
N MET K 41 -97.24 54.46 29.36
CA MET K 41 -95.94 53.86 29.69
C MET K 41 -95.17 53.40 28.46
N GLU K 42 -93.84 53.46 28.56
CA GLU K 42 -92.92 52.85 27.61
C GLU K 42 -92.36 51.54 28.20
N GLN K 43 -92.21 50.54 27.35
CA GLN K 43 -91.65 49.24 27.74
C GLN K 43 -90.18 49.23 27.36
N VAL K 44 -89.30 49.16 28.35
CA VAL K 44 -87.85 49.23 28.16
C VAL K 44 -87.28 47.81 28.27
N TYR K 45 -86.50 47.38 27.28
CA TYR K 45 -85.93 46.01 27.24
C TYR K 45 -84.50 45.98 27.78
N CYS K 46 -84.16 44.92 28.52
CA CYS K 46 -82.85 44.72 29.12
C CYS K 46 -82.13 43.45 28.62
N CYS K 47 -80.82 43.38 28.85
CA CYS K 47 -80.02 42.26 28.35
C CYS K 47 -80.30 40.99 29.13
N ASN K 48 -80.24 41.10 30.46
CA ASN K 48 -80.57 39.98 31.32
C ASN K 48 -81.43 40.41 32.50
N GLU K 49 -81.95 39.42 33.21
CA GLU K 49 -82.94 39.68 34.23
C GLU K 49 -82.35 40.24 35.51
N LEU K 50 -81.08 39.92 35.81
CA LEU K 50 -80.42 40.54 36.95
C LEU K 50 -80.36 42.06 36.72
N ASN K 51 -79.90 42.43 35.53
CA ASN K 51 -79.83 43.82 35.11
C ASN K 51 -81.20 44.49 35.03
N CYS K 52 -82.18 43.76 34.52
CA CYS K 52 -83.56 44.23 34.46
C CYS K 52 -84.14 44.62 35.83
N GLY K 53 -83.92 43.75 36.82
CA GLY K 53 -84.31 44.04 38.20
C GLY K 53 -83.58 45.23 38.83
N PHE K 54 -82.27 45.31 38.60
CA PHE K 54 -81.50 46.46 39.11
C PHE K 54 -81.81 47.78 38.38
N SER K 55 -82.26 47.69 37.13
CA SER K 55 -82.76 48.85 36.39
C SER K 55 -84.05 49.37 37.00
N ALA K 56 -84.97 48.47 37.35
CA ALA K 56 -86.18 48.85 38.09
C ALA K 56 -85.84 49.44 39.46
N GLU K 57 -84.90 48.82 40.14
CA GLU K 57 -84.43 49.33 41.42
C GLU K 57 -83.94 50.80 41.27
N GLY K 58 -83.13 51.07 40.27
CA GLY K 58 -82.68 52.43 39.97
C GLY K 58 -83.80 53.40 39.62
N TYR K 59 -84.77 52.92 38.86
CA TYR K 59 -85.93 53.71 38.48
C TYR K 59 -86.77 54.10 39.70
N ALA K 60 -86.85 53.19 40.68
CA ALA K 60 -87.55 53.43 41.92
C ALA K 60 -86.86 54.48 42.79
N ARG K 61 -85.54 54.57 42.69
CA ARG K 61 -84.81 55.65 43.37
C ARG K 61 -85.17 57.03 42.80
N ALA K 62 -85.55 57.09 41.53
CA ALA K 62 -85.96 58.34 40.88
C ALA K 62 -87.43 58.67 41.09
N ARG K 63 -88.30 57.69 40.86
CA ARG K 63 -89.76 57.91 40.79
C ARG K 63 -90.52 57.40 41.99
N GLY K 64 -89.86 56.71 42.92
CA GLY K 64 -90.53 56.11 44.07
C GLY K 64 -91.08 54.70 43.89
N ALA K 65 -91.27 54.23 42.66
CA ALA K 65 -91.69 52.84 42.41
C ALA K 65 -91.22 52.37 41.04
N ALA K 66 -91.38 51.09 40.76
CA ALA K 66 -90.94 50.52 39.48
C ALA K 66 -91.51 49.15 39.28
N ALA K 67 -91.46 48.69 38.03
CA ALA K 67 -91.89 47.35 37.65
C ALA K 67 -90.90 46.69 36.70
N ALA K 68 -90.68 45.39 36.92
CA ALA K 68 -89.85 44.53 36.09
C ALA K 68 -90.67 43.29 35.70
N ILE K 69 -90.69 42.94 34.41
CA ILE K 69 -91.46 41.80 33.91
C ILE K 69 -90.47 40.76 33.38
N VAL K 70 -90.61 39.53 33.86
CA VAL K 70 -89.70 38.43 33.49
C VAL K 70 -90.49 37.16 33.20
N THR K 71 -89.78 36.15 32.71
CA THR K 71 -90.34 34.85 32.46
C THR K 71 -90.04 33.92 33.62
N PHE K 72 -90.81 32.84 33.67
CA PHE K 72 -90.81 31.88 34.76
C PHE K 72 -89.44 31.19 34.93
N SER K 73 -89.03 31.10 36.21
CA SER K 73 -87.78 30.49 36.69
C SER K 73 -86.50 31.05 36.11
N VAL K 74 -86.23 30.78 34.84
CA VAL K 74 -84.96 31.20 34.22
C VAL K 74 -84.76 32.71 34.30
N GLY K 75 -85.85 33.46 34.25
CA GLY K 75 -85.81 34.90 34.43
C GLY K 75 -85.91 35.31 35.88
N ALA K 76 -86.93 34.79 36.55
CA ALA K 76 -87.32 35.28 37.85
C ALA K 76 -86.25 35.07 38.90
N ILE K 77 -85.55 33.94 38.87
CA ILE K 77 -84.58 33.63 39.92
C ILE K 77 -83.42 34.64 39.92
N SER K 78 -82.94 35.03 38.74
CA SER K 78 -81.91 36.08 38.65
C SER K 78 -82.45 37.40 39.21
N ALA K 79 -83.67 37.73 38.82
CA ALA K 79 -84.33 38.96 39.28
C ALA K 79 -84.53 38.98 40.79
N MET K 80 -84.68 37.81 41.43
CA MET K 80 -84.75 37.73 42.89
C MET K 80 -83.55 38.31 43.61
N ASN K 81 -82.37 38.28 42.99
CA ASN K 81 -81.19 38.93 43.55
C ASN K 81 -81.41 40.45 43.66
N ALA K 82 -81.92 41.03 42.58
CA ALA K 82 -82.26 42.45 42.55
C ALA K 82 -83.41 42.79 43.52
N ILE K 83 -84.40 41.91 43.61
CA ILE K 83 -85.54 42.11 44.50
C ILE K 83 -85.11 42.05 45.96
N GLY K 84 -84.25 41.09 46.30
CA GLY K 84 -83.54 41.11 47.56
C GLY K 84 -82.90 42.46 47.80
N GLY K 85 -82.19 42.95 46.81
CA GLY K 85 -81.60 44.30 46.82
C GLY K 85 -82.59 45.43 47.07
N ALA K 86 -83.72 45.39 46.37
CA ALA K 86 -84.80 46.38 46.56
C ALA K 86 -85.34 46.34 48.00
N TYR K 87 -85.43 45.13 48.59
CA TYR K 87 -85.88 44.96 49.97
C TYR K 87 -84.86 45.54 50.96
N ALA K 88 -83.59 45.20 50.75
CA ALA K 88 -82.49 45.72 51.53
C ALA K 88 -82.42 47.26 51.53
N GLU K 89 -82.74 47.86 50.38
CA GLU K 89 -82.61 49.29 50.17
C GLU K 89 -83.97 50.02 50.23
N ASN K 90 -85.03 49.32 50.63
CA ASN K 90 -86.35 49.91 50.93
C ASN K 90 -87.04 50.55 49.75
N LEU K 91 -87.04 49.85 48.61
CA LEU K 91 -87.65 50.34 47.38
C LEU K 91 -88.82 49.48 46.91
N PRO K 92 -89.99 50.11 46.59
CA PRO K 92 -91.14 49.38 46.00
C PRO K 92 -90.98 48.96 44.54
N VAL K 93 -90.22 47.90 44.31
CA VAL K 93 -90.13 47.32 42.97
C VAL K 93 -91.11 46.16 42.91
N ILE K 94 -91.95 46.14 41.88
CA ILE K 94 -92.89 45.06 41.63
C ILE K 94 -92.24 44.14 40.57
N LEU K 95 -91.96 42.89 40.96
CA LEU K 95 -91.49 41.86 40.03
C LEU K 95 -92.70 41.09 39.56
N ILE K 96 -92.99 41.15 38.26
CA ILE K 96 -94.06 40.38 37.66
C ILE K 96 -93.44 39.29 36.79
N SER K 97 -93.77 38.04 37.07
CA SER K 97 -93.30 36.91 36.28
C SER K 97 -94.47 36.30 35.53
N GLY K 98 -94.27 35.93 34.27
CA GLY K 98 -95.18 35.03 33.59
C GLY K 98 -95.10 33.67 34.26
N SER K 99 -96.17 32.89 34.15
CA SER K 99 -96.22 31.58 34.80
C SER K 99 -97.05 30.59 33.96
N PRO K 100 -97.04 29.29 34.35
CA PRO K 100 -97.66 28.26 33.51
C PRO K 100 -99.15 28.42 33.20
N ASN K 101 -99.55 27.80 32.11
CA ASN K 101 -100.94 27.75 31.70
C ASN K 101 -101.78 27.10 32.80
N THR K 102 -102.93 27.69 33.12
CA THR K 102 -103.82 27.19 34.18
C THR K 102 -104.18 25.71 34.01
N ASN K 103 -104.32 25.25 32.77
CA ASN K 103 -104.69 23.84 32.50
C ASN K 103 -103.62 22.81 32.88
N ASP K 104 -102.38 23.26 33.11
CA ASP K 104 -101.31 22.36 33.59
C ASP K 104 -101.35 22.09 35.09
N TYR K 105 -102.06 22.91 35.85
CA TYR K 105 -102.16 22.69 37.31
C TYR K 105 -102.98 21.43 37.60
N GLY K 106 -102.54 20.67 38.59
CA GLY K 106 -103.18 19.39 38.93
C GLY K 106 -103.20 18.28 37.88
N THR K 107 -102.23 18.28 36.97
CA THR K 107 -102.13 17.25 35.91
C THR K 107 -100.95 16.29 36.03
N GLY K 108 -99.85 16.74 36.62
CA GLY K 108 -98.59 16.00 36.59
C GLY K 108 -97.67 16.31 35.42
N HIS K 109 -98.01 17.30 34.61
CA HIS K 109 -97.21 17.71 33.45
C HIS K 109 -95.87 18.32 33.86
N ILE K 110 -94.81 17.99 33.11
CA ILE K 110 -93.51 18.60 33.31
C ILE K 110 -93.39 19.71 32.30
N LEU K 111 -92.90 20.86 32.74
CA LEU K 111 -92.91 22.07 31.91
C LEU K 111 -91.53 22.64 31.75
N HIS K 112 -91.33 23.27 30.60
CA HIS K 112 -90.06 23.96 30.29
C HIS K 112 -89.84 25.15 31.24
N HIS K 113 -88.57 25.46 31.48
CA HIS K 113 -88.15 26.43 32.50
C HIS K 113 -88.56 26.00 33.91
N THR K 114 -88.57 24.69 34.16
CA THR K 114 -88.75 24.21 35.51
C THR K 114 -87.65 23.24 35.85
N ILE K 115 -87.57 22.92 37.13
CA ILE K 115 -86.60 21.96 37.63
C ILE K 115 -86.95 20.51 37.25
N GLY K 116 -88.13 20.30 36.66
CA GLY K 116 -88.50 19.01 36.12
C GLY K 116 -89.38 18.20 37.04
N THR K 117 -89.94 18.81 38.08
CA THR K 117 -90.91 18.14 38.94
C THR K 117 -92.31 18.66 38.62
N THR K 118 -93.32 18.13 39.31
CA THR K 118 -94.69 18.64 39.19
C THR K 118 -94.97 19.88 40.06
N ASP K 119 -93.99 20.31 40.85
CA ASP K 119 -94.13 21.54 41.63
C ASP K 119 -93.94 22.76 40.71
N TYR K 120 -95.00 23.55 40.54
CA TYR K 120 -94.87 24.88 39.93
C TYR K 120 -94.88 26.04 40.93
N ASN K 121 -95.05 25.73 42.22
N ASN K 121 -95.04 25.74 42.22
CA ASN K 121 -95.17 26.76 43.24
CA ASN K 121 -95.17 26.79 43.23
C ASN K 121 -93.84 27.18 43.88
C ASN K 121 -93.85 27.16 43.90
N TYR K 122 -92.75 26.51 43.50
CA TYR K 122 -91.44 26.74 44.14
C TYR K 122 -90.89 28.15 43.96
N GLN K 123 -91.19 28.78 42.82
CA GLN K 123 -90.73 30.15 42.56
C GLN K 123 -91.41 31.13 43.51
N LEU K 124 -92.72 30.96 43.67
CA LEU K 124 -93.48 31.72 44.68
C LEU K 124 -92.92 31.48 46.09
N GLU K 125 -92.61 30.22 46.44
CA GLU K 125 -92.10 29.95 47.79
C GLU K 125 -90.74 30.57 48.00
N MET K 126 -89.90 30.58 46.98
CA MET K 126 -88.60 31.25 47.04
C MET K 126 -88.72 32.78 47.24
N VAL K 127 -89.51 33.42 46.38
CA VAL K 127 -89.61 34.88 46.35
C VAL K 127 -90.26 35.48 47.60
N LYS K 128 -91.10 34.69 48.30
CA LYS K 128 -91.65 35.11 49.58
C LYS K 128 -90.59 35.57 50.59
N HIS K 129 -89.39 34.99 50.53
CA HIS K 129 -88.32 35.32 51.50
C HIS K 129 -87.65 36.68 51.25
N VAL K 130 -87.90 37.31 50.11
CA VAL K 130 -87.33 38.61 49.77
C VAL K 130 -88.40 39.65 49.32
N THR K 131 -89.65 39.47 49.74
CA THR K 131 -90.73 40.38 49.39
C THR K 131 -91.65 40.60 50.59
N CYS K 132 -92.45 41.67 50.53
CA CYS K 132 -93.46 41.98 51.54
C CYS K 132 -94.82 41.40 51.16
N ALA K 133 -94.99 41.12 49.87
CA ALA K 133 -96.21 40.54 49.35
C ALA K 133 -95.87 39.74 48.09
N ALA K 134 -96.63 38.69 47.84
CA ALA K 134 -96.37 37.75 46.76
C ALA K 134 -97.64 36.99 46.44
N GLU K 135 -98.16 37.13 45.23
CA GLU K 135 -99.44 36.55 44.87
C GLU K 135 -99.37 35.92 43.49
N SER K 136 -100.22 34.91 43.30
CA SER K 136 -100.30 34.17 42.07
C SER K 136 -101.68 34.33 41.49
N ILE K 137 -101.77 34.67 40.21
CA ILE K 137 -103.05 34.90 39.54
C ILE K 137 -103.31 33.76 38.57
N VAL K 138 -104.35 32.97 38.86
CA VAL K 138 -104.78 31.89 37.97
C VAL K 138 -106.20 32.11 37.41
N SER K 139 -106.83 33.24 37.74
CA SER K 139 -108.12 33.58 37.17
C SER K 139 -108.24 35.09 36.99
N ALA K 140 -109.00 35.49 35.99
CA ALA K 140 -109.34 36.88 35.77
C ALA K 140 -110.11 37.46 36.95
N GLU K 141 -110.99 36.66 37.54
CA GLU K 141 -111.86 37.07 38.64
C GLU K 141 -111.10 37.53 39.89
N GLU K 142 -110.04 36.79 40.25
CA GLU K 142 -109.19 37.14 41.41
C GLU K 142 -108.12 38.21 41.11
N ALA K 143 -107.85 38.48 39.83
CA ALA K 143 -106.71 39.34 39.45
C ALA K 143 -106.70 40.73 40.07
N PRO K 144 -107.85 41.43 40.07
CA PRO K 144 -107.86 42.78 40.62
C PRO K 144 -107.40 42.85 42.07
N ALA K 145 -107.90 41.94 42.91
CA ALA K 145 -107.58 41.93 44.34
C ALA K 145 -106.11 41.68 44.60
N LYS K 146 -105.54 40.77 43.81
CA LYS K 146 -104.13 40.40 43.95
C LYS K 146 -103.20 41.46 43.38
N ILE K 147 -103.54 42.03 42.23
CA ILE K 147 -102.76 43.15 41.67
C ILE K 147 -102.68 44.31 42.67
N ASP K 148 -103.84 44.74 43.17
CA ASP K 148 -103.89 45.89 44.07
C ASP K 148 -103.25 45.58 45.44
N HIS K 149 -103.43 44.37 45.95
CA HIS K 149 -102.78 43.99 47.21
C HIS K 149 -101.27 44.13 47.13
N VAL K 150 -100.65 43.62 46.07
CA VAL K 150 -99.19 43.72 45.98
C VAL K 150 -98.70 45.16 45.75
N ILE K 151 -99.38 45.91 44.91
CA ILE K 151 -98.97 47.31 44.65
C ILE K 151 -99.13 48.14 45.93
N ARG K 152 -100.30 48.10 46.54
CA ARG K 152 -100.58 48.87 47.77
C ARG K 152 -99.64 48.54 48.92
N THR K 153 -99.34 47.25 49.12
CA THR K 153 -98.46 46.83 50.22
C THR K 153 -97.03 47.30 49.98
N ALA K 154 -96.55 47.14 48.75
CA ALA K 154 -95.20 47.55 48.40
C ALA K 154 -94.98 49.05 48.68
N LEU K 155 -95.91 49.88 48.20
CA LEU K 155 -95.84 51.33 48.40
C LEU K 155 -95.85 51.74 49.87
N ARG K 156 -96.77 51.16 50.65
CA ARG K 156 -96.86 51.47 52.07
C ARG K 156 -95.67 50.97 52.90
N GLU K 157 -95.18 49.76 52.61
CA GLU K 157 -94.05 49.21 53.36
C GLU K 157 -92.70 49.73 52.82
N ARG K 158 -92.70 50.33 51.64
CA ARG K 158 -91.45 50.67 50.91
C ARG K 158 -90.57 49.42 50.82
N LYS K 159 -91.16 48.38 50.23
CA LYS K 159 -90.51 47.08 50.03
C LYS K 159 -91.01 46.53 48.73
N PRO K 160 -90.22 45.61 48.13
CA PRO K 160 -90.67 45.03 46.87
C PRO K 160 -91.73 43.96 47.07
N ALA K 161 -92.46 43.69 45.99
CA ALA K 161 -93.48 42.66 45.96
C ALA K 161 -93.47 41.92 44.63
N TYR K 162 -94.20 40.81 44.59
CA TYR K 162 -94.16 39.87 43.48
C TYR K 162 -95.57 39.46 43.02
N LEU K 163 -95.74 39.33 41.71
CA LEU K 163 -96.96 38.77 41.10
C LEU K 163 -96.55 37.78 40.04
N GLU K 164 -97.21 36.64 40.00
CA GLU K 164 -97.15 35.79 38.83
C GLU K 164 -98.53 35.73 38.24
N ILE K 165 -98.58 35.72 36.91
CA ILE K 165 -99.81 35.69 36.16
C ILE K 165 -99.70 34.57 35.14
N ALA K 166 -100.64 33.63 35.19
CA ALA K 166 -100.66 32.52 34.25
C ALA K 166 -100.66 33.06 32.82
N CYS K 167 -99.89 32.43 31.94
CA CYS K 167 -99.70 32.94 30.59
C CYS K 167 -100.99 32.99 29.75
N ASN K 168 -101.97 32.16 30.07
CA ASN K 168 -103.30 32.20 29.43
C ASN K 168 -104.38 33.00 30.20
N VAL K 169 -103.98 33.73 31.23
CA VAL K 169 -104.89 34.63 31.96
C VAL K 169 -104.52 36.11 31.72
N ALA K 170 -103.28 36.40 31.30
CA ALA K 170 -102.85 37.77 31.02
C ALA K 170 -103.73 38.48 29.97
N GLY K 171 -104.16 37.74 28.95
CA GLY K 171 -105.08 38.28 27.93
C GLY K 171 -106.58 38.02 28.16
N ALA K 172 -106.95 37.58 29.35
CA ALA K 172 -108.34 37.25 29.65
C ALA K 172 -109.09 38.50 30.08
N GLU K 173 -110.37 38.57 29.74
N GLU K 173 -110.38 38.54 29.78
CA GLU K 173 -111.25 39.70 30.10
CA GLU K 173 -111.27 39.65 30.11
C GLU K 173 -111.30 39.89 31.61
C GLU K 173 -111.34 39.88 31.63
N CYS K 174 -111.20 41.14 32.04
CA CYS K 174 -111.14 41.52 33.46
C CYS K 174 -111.96 42.80 33.67
N VAL K 175 -112.54 42.96 34.86
CA VAL K 175 -113.19 44.22 35.23
C VAL K 175 -112.21 45.38 35.20
N ARG K 176 -112.73 46.59 34.98
CA ARG K 176 -111.90 47.80 34.94
C ARG K 176 -111.63 48.36 36.33
N PRO K 177 -110.46 48.94 36.55
CA PRO K 177 -110.14 49.57 37.82
C PRO K 177 -110.81 50.94 37.97
N GLY K 178 -111.28 51.24 39.17
CA GLY K 178 -111.96 52.50 39.45
C GLY K 178 -110.96 53.62 39.70
N PRO K 179 -111.44 54.88 39.68
CA PRO K 179 -110.56 56.03 39.87
C PRO K 179 -110.05 56.12 41.29
N ILE K 180 -108.87 56.69 41.46
CA ILE K 180 -108.23 56.80 42.76
C ILE K 180 -107.52 58.15 42.91
N ASN K 181 -107.15 58.49 44.14
CA ASN K 181 -106.31 59.66 44.43
C ASN K 181 -104.85 59.29 44.39
N SER K 182 -104.51 58.30 45.22
CA SER K 182 -103.18 57.72 45.31
C SER K 182 -103.37 56.24 45.63
N LEU K 183 -102.38 55.43 45.27
CA LEU K 183 -102.34 54.04 45.69
C LEU K 183 -101.54 53.89 46.99
N LEU K 184 -100.87 54.96 47.42
CA LEU K 184 -100.20 55.00 48.73
C LEU K 184 -101.18 55.49 49.79
N ARG K 185 -101.64 54.59 50.67
CA ARG K 185 -102.48 54.96 51.82
C ARG K 185 -101.76 54.56 53.11
N GLU K 186 -101.49 55.56 53.94
CA GLU K 186 -100.77 55.34 55.18
C GLU K 186 -101.73 54.85 56.28
N LEU K 187 -101.16 54.30 57.34
CA LEU K 187 -101.93 53.92 58.52
C LEU K 187 -102.31 55.21 59.27
N GLU K 188 -103.54 55.24 59.79
CA GLU K 188 -103.99 56.32 60.69
C GLU K 188 -103.02 56.42 61.87
N VAL K 189 -102.63 57.64 62.20
CA VAL K 189 -101.68 57.91 63.29
C VAL K 189 -102.44 58.06 64.63
N ASP K 190 -101.79 57.63 65.71
CA ASP K 190 -102.35 57.66 67.06
C ASP K 190 -101.83 58.94 67.74
N GLN K 191 -102.72 59.92 67.89
CA GLN K 191 -102.35 61.22 68.48
C GLN K 191 -101.98 61.14 69.96
N THR K 192 -102.64 60.26 70.72
CA THR K 192 -102.23 60.00 72.10
C THR K 192 -100.74 59.61 72.20
N SER K 193 -100.28 58.76 71.27
CA SER K 193 -98.91 58.33 71.24
C SER K 193 -97.95 59.46 70.85
N VAL K 194 -98.28 60.18 69.79
CA VAL K 194 -97.46 61.33 69.33
C VAL K 194 -97.29 62.37 70.45
N THR K 195 -98.39 62.77 71.06
CA THR K 195 -98.38 63.72 72.18
C THR K 195 -97.48 63.23 73.32
N ALA K 196 -97.65 61.98 73.74
CA ALA K 196 -96.81 61.41 74.79
C ALA K 196 -95.32 61.32 74.39
N ALA K 197 -95.05 60.96 73.14
CA ALA K 197 -93.64 60.87 72.70
C ALA K 197 -92.97 62.25 72.72
N VAL K 198 -93.67 63.25 72.18
CA VAL K 198 -93.15 64.63 72.12
C VAL K 198 -92.90 65.20 73.51
N ASP K 199 -93.87 65.05 74.42
CA ASP K 199 -93.71 65.53 75.80
C ASP K 199 -92.59 64.82 76.54
N ALA K 200 -92.40 63.53 76.28
CA ALA K 200 -91.29 62.80 76.89
C ALA K 200 -89.96 63.25 76.29
N ALA K 201 -89.95 63.52 74.99
CA ALA K 201 -88.76 63.98 74.28
C ALA K 201 -88.30 65.37 74.74
N VAL K 202 -89.25 66.30 74.83
CA VAL K 202 -88.98 67.64 75.36
C VAL K 202 -88.41 67.54 76.78
N GLU K 203 -89.03 66.72 77.62
CA GLU K 203 -88.55 66.47 78.99
C GLU K 203 -87.12 65.89 79.01
N TRP K 204 -86.85 64.94 78.12
CA TRP K 204 -85.54 64.29 78.03
C TRP K 204 -84.42 65.26 77.63
N LEU K 205 -84.72 66.19 76.71
CA LEU K 205 -83.74 67.20 76.27
C LEU K 205 -83.38 68.27 77.33
N GLN K 206 -84.19 68.44 78.37
CA GLN K 206 -84.05 69.57 79.32
C GLN K 206 -82.65 69.76 79.92
N ASP K 207 -82.03 68.67 80.40
CA ASP K 207 -80.67 68.72 80.97
C ASP K 207 -79.58 68.19 80.00
N ARG K 208 -79.83 68.31 78.69
CA ARG K 208 -78.91 67.84 77.65
C ARG K 208 -78.61 69.00 76.69
N GLN K 209 -77.40 69.54 76.79
CA GLN K 209 -77.04 70.76 76.07
C GLN K 209 -76.42 70.48 74.70
N ASN K 210 -75.52 69.50 74.65
CA ASN K 210 -74.87 69.12 73.39
C ASN K 210 -75.69 68.07 72.64
N VAL K 211 -76.45 68.56 71.66
CA VAL K 211 -77.41 67.78 70.90
C VAL K 211 -76.90 67.67 69.46
N VAL K 212 -76.99 66.46 68.90
CA VAL K 212 -76.59 66.19 67.52
C VAL K 212 -77.65 65.34 66.85
N MET K 213 -78.02 65.70 65.62
CA MET K 213 -78.86 64.83 64.77
C MET K 213 -77.96 63.93 63.91
N LEU K 214 -78.28 62.63 63.88
CA LEU K 214 -77.58 61.65 63.06
C LEU K 214 -78.57 61.06 62.06
N VAL K 215 -78.44 61.48 60.81
CA VAL K 215 -79.40 61.12 59.77
C VAL K 215 -79.05 59.74 59.19
N GLY K 216 -80.07 58.89 59.01
CA GLY K 216 -79.89 57.49 58.64
C GLY K 216 -80.47 57.18 57.28
N SER K 217 -80.13 55.98 56.79
CA SER K 217 -80.41 55.58 55.41
C SER K 217 -81.86 55.24 55.12
N LYS K 218 -82.72 55.16 56.15
CA LYS K 218 -84.15 54.95 55.93
C LYS K 218 -84.97 56.25 55.95
N LEU K 219 -84.31 57.42 55.97
CA LEU K 219 -85.03 58.71 56.01
C LEU K 219 -85.90 58.91 54.79
N ARG K 220 -85.37 58.58 53.60
CA ARG K 220 -86.18 58.68 52.38
C ARG K 220 -87.36 57.70 52.36
N ALA K 221 -87.16 56.47 52.86
CA ALA K 221 -88.26 55.48 52.94
C ALA K 221 -89.37 55.99 53.89
N ALA K 222 -88.95 56.65 54.97
CA ALA K 222 -89.88 57.32 55.88
C ALA K 222 -90.55 58.57 55.30
N ALA K 223 -90.11 59.02 54.12
CA ALA K 223 -90.61 60.24 53.48
C ALA K 223 -90.56 61.43 54.44
N ALA K 224 -89.47 61.52 55.21
CA ALA K 224 -89.31 62.52 56.26
C ALA K 224 -88.09 63.46 56.06
N GLU K 225 -87.70 63.68 54.80
CA GLU K 225 -86.57 64.57 54.49
C GLU K 225 -86.88 66.04 54.89
N LYS K 226 -88.07 66.53 54.53
CA LYS K 226 -88.49 67.90 54.89
C LYS K 226 -88.70 68.08 56.41
N GLN K 227 -89.29 67.10 57.05
CA GLN K 227 -89.52 67.16 58.49
C GLN K 227 -88.20 67.05 59.27
N ALA K 228 -87.18 66.41 58.68
CA ALA K 228 -85.84 66.39 59.29
C ALA K 228 -85.18 67.77 59.24
N VAL K 229 -85.38 68.51 58.15
CA VAL K 229 -84.86 69.88 58.03
C VAL K 229 -85.58 70.78 59.06
N ALA K 230 -86.90 70.62 59.18
CA ALA K 230 -87.71 71.38 60.14
C ALA K 230 -87.25 71.11 61.57
N LEU K 231 -86.94 69.86 61.89
CA LEU K 231 -86.46 69.49 63.23
C LEU K 231 -85.08 70.08 63.55
N ALA K 232 -84.18 70.03 62.57
CA ALA K 232 -82.85 70.65 62.70
C ALA K 232 -82.95 72.19 62.88
N ASP K 233 -83.84 72.84 62.13
CA ASP K 233 -84.03 74.29 62.24
C ASP K 233 -84.55 74.69 63.63
N ARG K 234 -85.54 73.95 64.12
CA ARG K 234 -86.09 74.17 65.46
C ARG K 234 -85.05 74.01 66.57
N LEU K 235 -84.27 72.93 66.50
CA LEU K 235 -83.21 72.67 67.49
C LEU K 235 -82.00 73.61 67.31
N GLY K 236 -81.68 73.95 66.06
CA GLY K 236 -80.44 74.66 65.73
C GLY K 236 -79.18 73.89 66.08
N CYS K 237 -79.27 72.55 66.16
CA CYS K 237 -78.14 71.71 66.59
C CYS K 237 -77.30 71.29 65.39
N ALA K 238 -76.12 70.73 65.65
CA ALA K 238 -75.32 70.14 64.58
C ALA K 238 -76.03 68.94 63.97
N VAL K 239 -75.87 68.76 62.65
CA VAL K 239 -76.48 67.66 61.93
C VAL K 239 -75.38 66.89 61.21
N THR K 240 -75.30 65.58 61.46
CA THR K 240 -74.38 64.69 60.76
C THR K 240 -75.16 63.60 60.01
N ILE K 241 -74.52 63.00 59.00
CA ILE K 241 -75.10 61.86 58.27
C ILE K 241 -74.30 60.57 58.51
N MET K 242 -75.00 59.45 58.44
CA MET K 242 -74.35 58.14 58.28
C MET K 242 -74.02 58.00 56.80
N ALA K 243 -73.01 57.19 56.50
CA ALA K 243 -72.51 57.03 55.12
C ALA K 243 -73.63 56.77 54.13
N ALA K 244 -74.46 55.78 54.46
CA ALA K 244 -75.54 55.35 53.58
C ALA K 244 -76.64 56.41 53.34
N ALA K 245 -76.67 57.46 54.16
CA ALA K 245 -77.71 58.49 54.10
C ALA K 245 -77.34 59.73 53.26
N LYS K 246 -76.24 59.67 52.51
CA LYS K 246 -75.75 60.85 51.81
C LYS K 246 -76.78 61.37 50.82
N GLY K 247 -77.02 62.68 50.87
CA GLY K 247 -78.05 63.33 50.06
C GLY K 247 -79.44 63.35 50.67
N PHE K 248 -79.63 62.71 51.82
CA PHE K 248 -80.93 62.74 52.50
C PHE K 248 -81.09 63.96 53.39
N PHE K 249 -79.98 64.63 53.71
CA PHE K 249 -79.98 65.93 54.37
C PHE K 249 -79.06 66.89 53.57
N PRO K 250 -79.47 68.17 53.37
CA PRO K 250 -78.62 69.10 52.58
C PRO K 250 -77.30 69.46 53.27
N GLU K 251 -76.18 69.22 52.58
CA GLU K 251 -74.86 69.43 53.18
C GLU K 251 -74.42 70.90 53.20
N ASP K 252 -75.11 71.75 52.45
CA ASP K 252 -74.90 73.21 52.50
C ASP K 252 -75.76 73.92 53.56
N HIS K 253 -76.50 73.14 54.36
CA HIS K 253 -77.20 73.64 55.55
C HIS K 253 -76.15 74.23 56.50
N PRO K 254 -76.40 75.43 57.07
CA PRO K 254 -75.39 76.08 57.95
C PRO K 254 -74.91 75.22 59.12
N ASN K 255 -75.80 74.38 59.65
CA ASN K 255 -75.48 73.48 60.76
C ASN K 255 -75.08 72.04 60.40
N PHE K 256 -74.82 71.76 59.13
CA PHE K 256 -74.24 70.46 58.73
C PHE K 256 -72.78 70.35 59.20
N ARG K 257 -72.47 69.26 59.90
CA ARG K 257 -71.12 69.00 60.39
C ARG K 257 -70.50 67.69 59.92
N GLY K 258 -71.02 67.10 58.85
CA GLY K 258 -70.31 66.03 58.15
C GLY K 258 -70.79 64.60 58.38
N LEU K 259 -69.91 63.67 58.00
CA LEU K 259 -70.18 62.24 58.01
C LEU K 259 -69.77 61.63 59.35
N TYR K 260 -70.69 60.93 60.01
CA TYR K 260 -70.33 60.04 61.13
C TYR K 260 -70.23 58.59 60.63
N TRP K 261 -69.05 58.01 60.75
CA TRP K 261 -68.77 56.64 60.33
C TRP K 261 -67.58 56.12 61.15
N GLY K 262 -67.77 56.12 62.48
CA GLY K 262 -66.72 55.79 63.44
C GLY K 262 -65.36 56.46 63.19
N GLU K 263 -64.32 55.65 63.13
CA GLU K 263 -62.96 56.14 62.88
C GLU K 263 -62.71 56.68 61.44
N VAL K 264 -63.65 56.45 60.51
CA VAL K 264 -63.57 57.06 59.16
C VAL K 264 -64.57 58.18 58.93
N SER K 265 -64.93 58.86 60.01
CA SER K 265 -65.77 60.06 59.96
C SER K 265 -65.02 61.24 59.34
N SER K 266 -65.78 62.22 58.85
CA SER K 266 -65.24 63.57 58.58
C SER K 266 -64.52 64.17 59.78
N GLU K 267 -63.63 65.14 59.52
CA GLU K 267 -62.89 65.82 60.60
C GLU K 267 -63.85 66.38 61.66
N GLY K 268 -63.61 66.01 62.92
CA GLY K 268 -64.40 66.49 64.04
C GLY K 268 -65.67 65.71 64.36
N ALA K 269 -66.28 65.08 63.35
CA ALA K 269 -67.60 64.47 63.50
C ALA K 269 -67.65 63.26 64.47
N GLN K 270 -66.58 62.49 64.55
CA GLN K 270 -66.52 61.35 65.49
C GLN K 270 -66.59 61.84 66.95
N GLU K 271 -65.72 62.78 67.30
CA GLU K 271 -65.73 63.49 68.60
C GLU K 271 -67.12 64.08 68.90
N LEU K 272 -67.67 64.76 67.89
CA LEU K 272 -68.95 65.47 67.97
C LEU K 272 -70.11 64.56 68.38
N VAL K 273 -70.20 63.39 67.73
CA VAL K 273 -71.28 62.45 67.99
C VAL K 273 -71.07 61.71 69.31
N GLU K 274 -69.87 61.18 69.52
CA GLU K 274 -69.59 60.31 70.66
C GLU K 274 -69.55 61.01 72.02
N ASN K 275 -69.35 62.33 72.04
CA ASN K 275 -69.39 63.13 73.29
C ASN K 275 -70.73 63.84 73.53
N ALA K 276 -71.69 63.73 72.61
CA ALA K 276 -72.98 64.41 72.73
C ALA K 276 -73.80 63.91 73.93
N ASP K 277 -74.60 64.83 74.49
CA ASP K 277 -75.50 64.53 75.62
C ASP K 277 -76.79 63.91 75.09
N ALA K 278 -77.16 64.26 73.86
CA ALA K 278 -78.28 63.65 73.17
C ALA K 278 -77.92 63.44 71.69
N ILE K 279 -78.04 62.20 71.23
CA ILE K 279 -77.93 61.87 69.80
C ILE K 279 -79.32 61.48 69.31
N LEU K 280 -79.82 62.21 68.32
CA LEU K 280 -81.13 61.93 67.74
C LEU K 280 -80.90 61.24 66.40
N CYS K 281 -81.14 59.94 66.33
CA CYS K 281 -80.88 59.16 65.12
C CYS K 281 -82.15 59.06 64.29
N LEU K 282 -82.12 59.63 63.09
CA LEU K 282 -83.29 59.63 62.24
C LEU K 282 -83.23 58.48 61.22
N ALA K 283 -83.92 57.40 61.55
CA ALA K 283 -84.06 56.21 60.67
C ALA K 283 -82.71 55.52 60.37
N PRO K 284 -81.97 55.16 61.43
CA PRO K 284 -80.67 54.51 61.23
C PRO K 284 -80.79 53.02 60.87
N VAL K 285 -79.82 52.54 60.09
CA VAL K 285 -79.57 51.10 59.92
C VAL K 285 -78.16 50.86 60.46
N PHE K 286 -78.07 50.31 61.67
CA PHE K 286 -76.79 50.04 62.28
C PHE K 286 -76.37 48.60 61.98
N ASN K 287 -75.91 48.36 60.76
CA ASN K 287 -75.30 47.07 60.37
C ASN K 287 -73.80 46.99 60.69
N ASP K 288 -73.17 45.87 60.38
CA ASP K 288 -71.73 45.69 60.64
C ASP K 288 -70.83 46.65 59.84
N TYR K 289 -71.25 47.03 58.63
CA TYR K 289 -70.46 47.95 57.78
C TYR K 289 -70.56 49.40 58.27
N ALA K 290 -71.78 49.85 58.55
CA ALA K 290 -72.04 51.19 59.07
C ALA K 290 -71.42 51.43 60.45
N THR K 291 -71.28 50.38 61.26
CA THR K 291 -70.69 50.47 62.60
C THR K 291 -69.17 50.19 62.62
N VAL K 292 -68.56 50.02 61.45
CA VAL K 292 -67.14 49.71 61.32
C VAL K 292 -66.79 48.46 62.14
N GLY K 293 -67.60 47.41 61.97
CA GLY K 293 -67.41 46.13 62.65
C GLY K 293 -67.81 46.13 64.10
N TRP K 294 -68.96 46.75 64.38
CA TRP K 294 -69.50 46.94 65.74
C TRP K 294 -68.65 47.83 66.68
N ASN K 295 -67.65 48.54 66.14
CA ASN K 295 -66.79 49.42 66.95
C ASN K 295 -67.41 50.82 67.23
N SER K 296 -68.32 51.29 66.37
CA SER K 296 -68.89 52.63 66.46
C SER K 296 -70.41 52.61 66.26
N TRP K 297 -71.11 52.33 67.35
CA TRP K 297 -72.54 52.05 67.35
C TRP K 297 -73.16 52.84 68.50
N PRO K 298 -73.73 54.03 68.23
CA PRO K 298 -74.31 54.83 69.32
C PRO K 298 -75.54 54.17 69.97
N LYS K 299 -75.50 54.02 71.28
CA LYS K 299 -76.63 53.47 72.05
C LYS K 299 -76.55 53.87 73.52
N GLY K 300 -77.63 53.60 74.25
CA GLY K 300 -77.71 53.85 75.69
C GLY K 300 -78.49 55.11 76.06
N ASP K 301 -78.21 55.62 77.26
CA ASP K 301 -78.90 56.75 77.88
C ASP K 301 -79.00 58.00 76.98
N ASN K 302 -77.94 58.28 76.22
CA ASN K 302 -77.85 59.50 75.42
C ASN K 302 -78.40 59.40 74.01
N VAL K 303 -79.05 58.29 73.65
CA VAL K 303 -79.49 58.06 72.27
C VAL K 303 -81.00 57.96 72.16
N MET K 304 -81.56 58.69 71.20
CA MET K 304 -82.94 58.54 70.77
C MET K 304 -82.94 57.94 69.38
N VAL K 305 -83.61 56.80 69.22
CA VAL K 305 -83.73 56.13 67.92
C VAL K 305 -85.12 56.37 67.35
N MET K 306 -85.19 57.11 66.26
CA MET K 306 -86.44 57.42 65.57
C MET K 306 -86.54 56.53 64.34
N ASP K 307 -87.26 55.42 64.44
CA ASP K 307 -87.47 54.50 63.31
C ASP K 307 -88.61 55.03 62.44
N THR K 308 -88.87 54.38 61.31
CA THR K 308 -89.95 54.81 60.42
C THR K 308 -91.32 54.87 61.10
N ASP K 309 -91.54 54.04 62.12
CA ASP K 309 -92.86 53.90 62.78
C ASP K 309 -92.80 53.83 64.32
N ARG K 310 -91.75 54.39 64.92
CA ARG K 310 -91.47 54.17 66.33
C ARG K 310 -90.43 55.15 66.79
N VAL K 311 -90.54 55.59 68.05
CA VAL K 311 -89.46 56.33 68.69
C VAL K 311 -89.14 55.67 70.00
N THR K 312 -87.85 55.58 70.31
CA THR K 312 -87.38 54.89 71.50
C THR K 312 -86.27 55.70 72.15
N PHE K 313 -86.46 56.03 73.43
CA PHE K 313 -85.49 56.80 74.22
C PHE K 313 -85.94 56.81 75.68
N ALA K 314 -84.98 56.88 76.60
CA ALA K 314 -85.28 57.08 78.03
C ALA K 314 -86.13 55.95 78.63
N GLY K 315 -85.79 54.71 78.28
CA GLY K 315 -86.53 53.53 78.77
C GLY K 315 -87.97 53.39 78.30
N GLN K 316 -88.31 54.05 77.19
CA GLN K 316 -89.67 54.04 76.68
C GLN K 316 -89.68 53.93 75.17
N SER K 317 -90.77 53.40 74.63
CA SER K 317 -90.93 53.27 73.19
C SER K 317 -92.37 53.63 72.80
N PHE K 318 -92.51 54.44 71.76
CA PHE K 318 -93.79 55.00 71.38
C PHE K 318 -94.01 54.59 69.95
N GLU K 319 -95.14 53.96 69.66
CA GLU K 319 -95.47 53.51 68.28
C GLU K 319 -96.87 53.97 67.87
N GLY K 320 -97.36 53.53 66.72
CA GLY K 320 -98.59 54.07 66.16
C GLY K 320 -98.40 55.49 65.64
N LEU K 321 -97.16 55.82 65.28
CA LEU K 321 -96.81 57.10 64.71
C LEU K 321 -95.93 56.83 63.51
N SER K 322 -95.43 57.89 62.88
CA SER K 322 -94.46 57.77 61.80
C SER K 322 -93.32 58.72 62.10
N LEU K 323 -92.19 58.54 61.42
CA LEU K 323 -91.07 59.47 61.57
C LEU K 323 -91.50 60.89 61.13
N SER K 324 -92.23 60.98 60.01
CA SER K 324 -92.70 62.28 59.51
C SER K 324 -93.60 63.01 60.51
N THR K 325 -94.63 62.35 61.04
CA THR K 325 -95.55 62.98 61.99
C THR K 325 -94.89 63.25 63.36
N PHE K 326 -94.00 62.38 63.79
CA PHE K 326 -93.28 62.63 65.05
C PHE K 326 -92.27 63.76 64.92
N ALA K 327 -91.51 63.76 63.82
CA ALA K 327 -90.48 64.78 63.63
C ALA K 327 -91.11 66.15 63.52
N ALA K 328 -92.21 66.25 62.76
CA ALA K 328 -92.95 67.53 62.64
C ALA K 328 -93.51 68.01 63.97
N ALA K 329 -94.07 67.09 64.78
CA ALA K 329 -94.60 67.44 66.10
C ALA K 329 -93.49 67.82 67.07
N LEU K 330 -92.34 67.14 67.02
CA LEU K 330 -91.20 67.54 67.84
C LEU K 330 -90.64 68.90 67.39
N ALA K 331 -90.69 69.19 66.09
CA ALA K 331 -90.27 70.51 65.57
C ALA K 331 -91.17 71.69 65.99
N GLU K 332 -92.34 71.43 66.57
CA GLU K 332 -93.19 72.48 67.17
C GLU K 332 -92.73 72.82 68.59
N LYS K 333 -92.28 71.84 69.36
CA LYS K 333 -92.11 71.99 70.81
C LYS K 333 -90.68 71.89 71.30
N ALA K 334 -89.74 71.57 70.44
CA ALA K 334 -88.36 71.31 70.88
C ALA K 334 -87.67 72.60 71.34
N PRO K 335 -86.82 72.50 72.38
CA PRO K 335 -86.04 73.64 72.83
C PRO K 335 -84.86 73.96 71.90
N SER K 336 -84.23 75.12 72.13
CA SER K 336 -83.06 75.57 71.36
C SER K 336 -81.81 74.95 71.93
N ARG K 337 -81.03 74.29 71.07
CA ARG K 337 -79.79 73.63 71.49
C ARG K 337 -78.70 73.87 70.42
N PRO K 338 -78.21 75.13 70.32
CA PRO K 338 -77.20 75.47 69.32
C PRO K 338 -75.74 75.19 69.68
N ALA K 339 -75.45 74.73 70.91
CA ALA K 339 -74.06 74.61 71.38
C ALA K 339 -73.12 73.79 70.48
N THR K 340 -73.62 72.71 69.87
CA THR K 340 -72.81 71.87 68.96
C THR K 340 -72.51 72.50 67.59
N THR K 341 -73.20 73.59 67.23
CA THR K 341 -72.84 74.38 66.04
C THR K 341 -71.74 75.43 66.28
N GLN K 342 -71.52 75.81 67.54
CA GLN K 342 -70.59 76.91 67.88
C GLN K 342 -69.15 76.42 67.83
N GLY K 343 -68.30 77.12 67.09
CA GLY K 343 -66.88 76.76 66.93
C GLY K 343 -66.61 75.84 65.73
N THR K 344 -67.33 74.72 65.68
CA THR K 344 -67.21 73.72 64.60
C THR K 344 -67.58 74.25 63.20
N GLN K 345 -67.19 73.50 62.17
CA GLN K 345 -67.20 73.94 60.78
C GLN K 345 -67.71 72.81 59.85
N ALA K 346 -68.45 73.16 58.78
CA ALA K 346 -68.85 72.18 57.74
C ALA K 346 -67.60 71.72 56.96
N PRO K 347 -67.41 70.40 56.79
CA PRO K 347 -66.15 69.91 56.19
C PRO K 347 -65.99 70.23 54.69
N VAL K 348 -64.72 70.39 54.29
CA VAL K 348 -64.34 70.71 52.92
C VAL K 348 -63.69 69.48 52.29
N LEU K 349 -63.63 69.46 50.96
CA LEU K 349 -62.99 68.35 50.23
C LEU K 349 -61.51 68.23 50.59
N GLY K 350 -60.81 69.37 50.60
CA GLY K 350 -59.42 69.45 51.07
C GLY K 350 -58.41 68.75 50.19
N ILE K 351 -58.58 68.87 48.87
CA ILE K 351 -57.66 68.28 47.88
C ILE K 351 -57.18 69.38 46.93
N GLU K 352 -55.88 69.69 46.99
CA GLU K 352 -55.27 70.63 46.03
C GLU K 352 -55.21 70.01 44.63
N ALA K 353 -55.43 70.85 43.61
CA ALA K 353 -55.33 70.41 42.22
C ALA K 353 -53.90 69.93 41.94
N ALA K 354 -53.80 68.79 41.24
CA ALA K 354 -52.51 68.20 40.90
C ALA K 354 -51.91 68.89 39.68
N GLU K 355 -50.61 68.62 39.46
N GLU K 355 -50.61 68.65 39.45
CA GLU K 355 -49.92 69.00 38.24
CA GLU K 355 -49.94 69.09 38.23
C GLU K 355 -50.65 68.28 37.08
C GLU K 355 -50.58 68.31 37.07
N PRO K 356 -51.12 69.02 36.06
CA PRO K 356 -52.00 68.38 35.04
C PRO K 356 -51.41 67.17 34.25
N ASN K 357 -50.09 67.13 34.05
CA ASN K 357 -49.44 66.01 33.35
C ASN K 357 -48.92 64.87 34.24
N ALA K 358 -49.00 65.00 35.56
CA ALA K 358 -48.59 63.92 36.47
C ALA K 358 -49.56 62.73 36.37
N PRO K 359 -49.06 61.50 36.64
CA PRO K 359 -49.96 60.33 36.61
C PRO K 359 -51.17 60.50 37.55
N LEU K 360 -52.35 60.09 37.07
CA LEU K 360 -53.62 60.38 37.73
C LEU K 360 -53.70 59.72 39.10
N THR K 361 -54.00 60.52 40.12
CA THR K 361 -54.19 60.03 41.47
C THR K 361 -55.68 59.87 41.75
N ASN K 362 -55.97 59.10 42.79
CA ASN K 362 -57.33 58.94 43.31
C ASN K 362 -57.90 60.27 43.82
N ASP K 363 -57.07 61.03 44.57
CA ASP K 363 -57.41 62.39 45.02
C ASP K 363 -57.80 63.31 43.86
N GLU K 364 -56.99 63.31 42.80
CA GLU K 364 -57.21 64.19 41.65
C GLU K 364 -58.50 63.83 40.92
N MET K 365 -58.70 62.55 40.65
CA MET K 365 -59.96 62.06 40.06
C MET K 365 -61.15 62.46 40.93
N THR K 366 -61.06 62.18 42.22
CA THR K 366 -62.09 62.58 43.20
C THR K 366 -62.37 64.08 43.15
N ARG K 367 -61.32 64.91 43.03
CA ARG K 367 -61.48 66.37 42.90
C ARG K 367 -62.32 66.76 41.67
N GLN K 368 -61.99 66.22 40.51
CA GLN K 368 -62.68 66.59 39.27
C GLN K 368 -64.11 66.10 39.18
N ILE K 369 -64.38 64.92 39.75
CA ILE K 369 -65.76 64.39 39.83
C ILE K 369 -66.62 65.27 40.74
N GLN K 370 -66.08 65.68 41.89
CA GLN K 370 -66.76 66.56 42.85
C GLN K 370 -67.25 67.89 42.21
N SER K 371 -66.43 68.47 41.32
CA SER K 371 -66.79 69.68 40.54
C SER K 371 -68.00 69.53 39.61
N LEU K 372 -68.22 68.33 39.08
CA LEU K 372 -69.40 68.04 38.26
C LEU K 372 -70.74 67.96 39.00
N ILE K 373 -70.72 67.86 40.34
CA ILE K 373 -71.97 67.64 41.08
C ILE K 373 -72.69 68.97 41.32
N THR K 374 -73.73 69.22 40.53
CA THR K 374 -74.60 70.39 40.69
C THR K 374 -75.82 70.03 41.52
N SER K 375 -76.64 71.05 41.81
CA SER K 375 -77.94 70.87 42.48
C SER K 375 -78.94 69.96 41.76
N ASP K 376 -78.82 69.78 40.45
N ASP K 376 -78.82 69.78 40.45
CA ASP K 376 -79.64 68.83 39.68
CA ASP K 376 -79.63 68.83 39.69
C ASP K 376 -78.84 67.61 39.18
C ASP K 376 -78.83 67.62 39.18
N THR K 377 -77.88 67.15 39.99
CA THR K 377 -77.04 65.99 39.64
C THR K 377 -77.41 64.79 40.52
N THR K 378 -77.43 63.60 39.91
CA THR K 378 -77.53 62.32 40.63
C THR K 378 -76.22 61.54 40.42
N LEU K 379 -75.54 61.22 41.52
CA LEU K 379 -74.30 60.45 41.54
C LEU K 379 -74.63 59.05 42.06
N THR K 380 -74.42 58.03 41.24
CA THR K 380 -74.56 56.63 41.65
C THR K 380 -73.17 56.07 41.96
N ALA K 381 -72.93 55.63 43.19
CA ALA K 381 -71.59 55.23 43.63
C ALA K 381 -71.56 53.76 44.05
N GLU K 382 -70.74 52.99 43.35
CA GLU K 382 -70.65 51.54 43.48
C GLU K 382 -69.90 51.08 44.71
N THR K 383 -70.27 49.89 45.20
CA THR K 383 -69.49 49.18 46.21
C THR K 383 -68.04 49.00 45.74
N GLY K 384 -67.11 49.38 46.59
CA GLY K 384 -65.69 49.50 46.25
C GLY K 384 -65.15 50.77 46.86
N ASP K 385 -63.96 51.19 46.45
CA ASP K 385 -63.37 52.44 46.94
C ASP K 385 -64.21 53.68 46.57
N SER K 386 -65.08 53.56 45.57
CA SER K 386 -66.08 54.59 45.28
C SER K 386 -66.99 54.95 46.46
N TRP K 387 -67.29 54.00 47.34
CA TRP K 387 -68.02 54.30 48.58
C TRP K 387 -67.29 55.36 49.38
N PHE K 388 -65.97 55.24 49.45
CA PHE K 388 -65.14 56.08 50.30
C PHE K 388 -64.76 57.39 49.62
N ASN K 389 -64.62 57.35 48.29
CA ASN K 389 -64.50 58.61 47.54
C ASN K 389 -65.76 59.44 47.61
N ALA K 390 -66.91 58.84 47.29
CA ALA K 390 -68.17 59.57 47.38
C ALA K 390 -68.45 60.10 48.81
N SER K 391 -68.14 59.28 49.82
N SER K 391 -68.13 59.31 49.83
CA SER K 391 -68.29 59.65 51.24
CA SER K 391 -68.36 59.71 51.22
C SER K 391 -67.48 60.87 51.71
C SER K 391 -67.46 60.86 51.74
N ARG K 392 -66.41 61.22 50.99
CA ARG K 392 -65.58 62.40 51.31
C ARG K 392 -65.80 63.62 50.40
N MET K 393 -66.74 63.54 49.46
CA MET K 393 -67.11 64.67 48.59
C MET K 393 -68.23 65.50 49.23
N PRO K 394 -67.99 66.79 49.47
CA PRO K 394 -69.12 67.69 49.75
C PRO K 394 -70.02 67.83 48.52
N ILE K 395 -71.32 67.89 48.73
CA ILE K 395 -72.29 68.03 47.62
C ILE K 395 -73.22 69.21 47.89
N PRO K 396 -73.70 69.87 46.81
CA PRO K 396 -74.67 70.96 47.02
C PRO K 396 -76.06 70.45 47.39
N GLY K 397 -76.90 71.36 47.90
CA GLY K 397 -78.30 71.05 48.19
C GLY K 397 -79.03 70.71 46.91
N GLY K 398 -79.99 69.79 46.99
CA GLY K 398 -80.69 69.29 45.81
C GLY K 398 -80.04 68.07 45.14
N ALA K 399 -78.73 67.92 45.25
CA ALA K 399 -78.01 66.82 44.60
C ALA K 399 -78.38 65.48 45.24
N ARG K 400 -78.41 64.44 44.42
CA ARG K 400 -78.78 63.10 44.87
C ARG K 400 -77.58 62.17 44.80
N VAL K 401 -77.44 61.32 45.82
CA VAL K 401 -76.42 60.30 45.79
C VAL K 401 -77.08 58.94 46.05
N GLU K 402 -76.84 57.97 45.16
CA GLU K 402 -77.30 56.61 45.34
C GLU K 402 -76.16 55.67 45.71
N LEU K 403 -76.28 55.13 46.93
CA LEU K 403 -75.43 54.08 47.47
C LEU K 403 -76.31 52.86 47.77
N GLU K 404 -75.72 51.68 47.63
CA GLU K 404 -76.39 50.41 47.91
C GLU K 404 -75.59 49.70 49.00
N MET K 405 -75.58 50.29 50.19
CA MET K 405 -74.69 49.84 51.27
C MET K 405 -75.20 48.69 52.16
N GLN K 406 -76.49 48.38 52.10
CA GLN K 406 -77.02 47.23 52.83
C GLN K 406 -76.82 45.94 51.99
N TRP K 407 -77.26 45.98 50.72
CA TRP K 407 -77.18 44.82 49.83
C TRP K 407 -75.75 44.64 49.31
N GLY K 408 -75.19 45.68 48.70
CA GLY K 408 -73.77 45.71 48.39
C GLY K 408 -73.36 44.76 47.28
N HIS K 409 -74.20 44.67 46.25
CA HIS K 409 -74.00 43.76 45.13
C HIS K 409 -73.17 44.50 44.10
N ILE K 410 -71.91 44.11 43.91
CA ILE K 410 -71.07 44.76 42.89
C ILE K 410 -71.69 44.54 41.51
N GLY K 411 -71.69 45.60 40.71
CA GLY K 411 -72.35 45.60 39.41
C GLY K 411 -73.69 46.29 39.39
N TRP K 412 -74.34 46.41 40.56
CA TRP K 412 -75.61 47.14 40.73
C TRP K 412 -75.63 48.51 40.05
N SER K 413 -74.51 49.24 40.17
CA SER K 413 -74.44 50.63 39.72
C SER K 413 -74.73 50.86 38.26
N VAL K 414 -74.31 49.94 37.39
CA VAL K 414 -74.51 50.14 35.93
C VAL K 414 -76.00 50.12 35.56
N PRO K 415 -76.72 48.99 35.80
CA PRO K 415 -78.15 49.01 35.52
C PRO K 415 -78.94 49.96 36.43
N SER K 416 -78.50 50.17 37.67
CA SER K 416 -79.17 51.17 38.54
C SER K 416 -79.10 52.59 37.98
N ALA K 417 -77.91 53.05 37.60
CA ALA K 417 -77.74 54.36 36.94
C ALA K 417 -78.56 54.51 35.66
N PHE K 418 -78.66 53.43 34.89
CA PHE K 418 -79.47 53.39 33.68
C PHE K 418 -80.94 53.62 34.00
N GLY K 419 -81.48 52.83 34.93
CA GLY K 419 -82.87 52.97 35.36
C GLY K 419 -83.20 54.33 35.96
N ASN K 420 -82.31 54.81 36.81
CA ASN K 420 -82.43 56.11 37.45
C ASN K 420 -82.46 57.24 36.43
N ALA K 421 -81.58 57.16 35.42
CA ALA K 421 -81.51 58.17 34.35
C ALA K 421 -82.73 58.11 33.43
N VAL K 422 -83.27 56.92 33.21
CA VAL K 422 -84.52 56.77 32.46
C VAL K 422 -85.66 57.44 33.22
N GLY K 423 -85.63 57.31 34.54
CA GLY K 423 -86.69 57.82 35.40
C GLY K 423 -86.59 59.29 35.77
N SER K 424 -85.40 59.87 35.72
CA SER K 424 -85.19 61.30 35.97
C SER K 424 -84.28 61.93 34.89
N PRO K 425 -84.79 62.00 33.63
CA PRO K 425 -83.95 62.45 32.50
C PRO K 425 -83.62 63.97 32.51
N GLU K 426 -84.34 64.75 33.31
CA GLU K 426 -84.03 66.18 33.51
C GLU K 426 -82.71 66.45 34.24
N ARG K 427 -82.17 65.46 34.95
CA ARG K 427 -80.98 65.62 35.78
C ARG K 427 -79.68 65.24 35.04
N ARG K 428 -78.55 65.66 35.60
CA ARG K 428 -77.23 65.19 35.19
C ARG K 428 -76.95 63.87 35.93
N HIS K 429 -76.64 62.81 35.18
CA HIS K 429 -76.35 61.50 35.77
C HIS K 429 -74.87 61.12 35.66
N ILE K 430 -74.25 61.01 36.83
CA ILE K 430 -72.85 60.65 36.99
C ILE K 430 -72.82 59.30 37.69
N MET K 431 -71.78 58.52 37.41
CA MET K 431 -71.67 57.20 37.92
C MET K 431 -70.21 56.90 38.24
N MET K 432 -69.95 56.28 39.39
CA MET K 432 -68.61 55.82 39.75
C MET K 432 -68.64 54.32 39.97
N VAL K 433 -67.88 53.59 39.14
CA VAL K 433 -67.84 52.12 39.17
C VAL K 433 -66.42 51.59 39.02
N GLY K 434 -66.09 50.57 39.81
CA GLY K 434 -64.79 49.93 39.75
C GLY K 434 -64.73 48.97 38.58
N ASP K 435 -63.52 48.63 38.17
CA ASP K 435 -63.31 47.65 37.09
C ASP K 435 -63.98 46.30 37.38
N GLY K 436 -63.82 45.80 38.61
CA GLY K 436 -64.38 44.51 39.02
C GLY K 436 -65.90 44.47 38.96
N SER K 437 -66.53 45.50 39.54
CA SER K 437 -67.99 45.69 39.50
C SER K 437 -68.55 45.75 38.08
N PHE K 438 -67.89 46.54 37.24
CA PHE K 438 -68.31 46.79 35.86
C PHE K 438 -68.45 45.50 35.06
N GLN K 439 -67.54 44.55 35.31
CA GLN K 439 -67.55 43.26 34.62
C GLN K 439 -68.77 42.38 34.91
N LEU K 440 -69.44 42.56 36.05
CA LEU K 440 -70.66 41.76 36.34
C LEU K 440 -71.84 42.12 35.46
N THR K 441 -71.96 43.39 35.11
CA THR K 441 -73.17 43.93 34.45
C THR K 441 -72.88 44.88 33.25
N ALA K 442 -71.65 44.83 32.72
CA ALA K 442 -71.20 45.75 31.66
C ALA K 442 -72.15 45.91 30.48
N GLN K 443 -72.81 44.83 30.08
CA GLN K 443 -73.71 44.85 28.90
C GLN K 443 -74.88 45.82 28.99
N GLU K 444 -75.26 46.26 30.19
CA GLU K 444 -76.33 47.25 30.29
C GLU K 444 -75.91 48.66 29.84
N VAL K 445 -74.60 48.89 29.65
CA VAL K 445 -74.12 50.08 28.96
C VAL K 445 -74.67 50.12 27.51
N ALA K 446 -74.85 48.96 26.88
CA ALA K 446 -75.40 48.91 25.53
C ALA K 446 -76.85 49.39 25.49
N GLN K 447 -77.58 49.19 26.59
CA GLN K 447 -78.95 49.69 26.72
C GLN K 447 -78.99 51.20 26.94
N MET K 448 -78.07 51.75 27.72
CA MET K 448 -77.87 53.23 27.78
C MET K 448 -77.66 53.81 26.38
N ILE K 449 -76.88 53.11 25.55
CA ILE K 449 -76.64 53.51 24.16
C ILE K 449 -77.90 53.33 23.32
N ARG K 450 -78.58 52.20 23.47
CA ARG K 450 -79.81 51.96 22.72
C ARG K 450 -80.85 53.06 22.92
N TYR K 451 -81.07 53.45 24.19
CA TYR K 451 -82.11 54.41 24.56
C TYR K 451 -81.61 55.87 24.73
N GLU K 452 -80.36 56.13 24.37
CA GLU K 452 -79.80 57.48 24.31
C GLU K 452 -79.79 58.15 25.66
N ILE K 453 -79.20 57.45 26.62
CA ILE K 453 -79.20 57.87 28.01
C ILE K 453 -77.80 58.38 28.37
N PRO K 454 -77.65 59.69 28.59
CA PRO K 454 -76.32 60.29 28.72
C PRO K 454 -75.67 60.19 30.10
N VAL K 455 -75.52 58.97 30.60
CA VAL K 455 -74.82 58.77 31.87
C VAL K 455 -73.33 58.99 31.64
N ILE K 456 -72.69 59.70 32.55
CA ILE K 456 -71.25 59.86 32.52
C ILE K 456 -70.69 58.84 33.51
N ILE K 457 -69.93 57.88 32.97
CA ILE K 457 -69.44 56.75 33.76
C ILE K 457 -67.95 56.90 34.02
N PHE K 458 -67.59 57.03 35.30
CA PHE K 458 -66.21 57.02 35.72
C PHE K 458 -65.83 55.60 36.17
N LEU K 459 -65.08 54.92 35.30
CA LEU K 459 -64.65 53.55 35.52
C LEU K 459 -63.25 53.59 36.13
N ILE K 460 -63.11 53.15 37.38
CA ILE K 460 -61.82 53.16 38.05
C ILE K 460 -61.13 51.83 37.77
N ASN K 461 -60.16 51.87 36.85
CA ASN K 461 -59.37 50.71 36.51
C ASN K 461 -58.12 50.67 37.39
N ASN K 462 -58.26 50.02 38.53
CA ASN K 462 -57.14 49.79 39.43
C ASN K 462 -56.67 48.34 39.44
N ARG K 463 -57.08 47.58 38.41
CA ARG K 463 -56.59 46.22 38.13
C ARG K 463 -56.92 45.20 39.22
N GLY K 464 -58.16 45.24 39.73
CA GLY K 464 -58.65 44.24 40.69
C GLY K 464 -59.66 44.74 41.70
N TYR K 465 -59.92 43.91 42.69
CA TYR K 465 -60.86 44.18 43.78
C TYR K 465 -60.14 44.85 44.95
N VAL K 466 -59.91 46.15 44.86
CA VAL K 466 -59.07 46.85 45.85
C VAL K 466 -59.66 46.82 47.25
N ILE K 467 -60.96 47.00 47.35
CA ILE K 467 -61.66 46.86 48.64
C ILE K 467 -61.43 45.46 49.26
N GLU K 468 -61.45 44.41 48.44
CA GLU K 468 -61.22 43.04 48.92
C GLU K 468 -59.78 42.81 49.33
N ILE K 469 -58.84 43.45 48.63
CA ILE K 469 -57.42 43.41 49.01
C ILE K 469 -57.23 43.97 50.42
N ALA K 470 -57.88 45.09 50.70
CA ALA K 470 -57.80 45.76 52.01
C ALA K 470 -58.40 44.95 53.18
N ILE K 471 -59.31 44.03 52.87
CA ILE K 471 -59.89 43.13 53.88
C ILE K 471 -58.98 41.90 54.06
N HIS K 472 -58.71 41.19 52.96
CA HIS K 472 -57.91 39.96 52.98
C HIS K 472 -57.42 39.70 51.55
N ASP K 473 -56.11 39.73 51.34
CA ASP K 473 -55.55 39.61 49.98
C ASP K 473 -55.33 38.14 49.58
N GLY K 474 -55.49 37.89 48.29
CA GLY K 474 -55.20 36.58 47.68
C GLY K 474 -55.48 36.65 46.18
N PRO K 475 -55.14 35.59 45.43
CA PRO K 475 -55.22 35.60 43.95
C PRO K 475 -56.64 35.81 43.38
N TYR K 476 -57.64 35.42 44.15
CA TYR K 476 -59.05 35.71 43.85
C TYR K 476 -59.40 37.20 43.63
N ASN K 477 -58.56 38.13 44.09
CA ASN K 477 -58.84 39.58 43.91
C ASN K 477 -58.33 40.20 42.60
N TYR K 478 -57.62 39.43 41.78
CA TYR K 478 -56.95 39.96 40.59
C TYR K 478 -57.67 39.42 39.38
N ILE K 479 -58.06 40.34 38.51
CA ILE K 479 -58.95 40.00 37.41
C ILE K 479 -58.30 40.28 36.07
N LYS K 480 -58.95 39.76 35.04
CA LYS K 480 -58.57 40.01 33.67
C LYS K 480 -58.87 41.45 33.36
N ASN K 481 -57.87 42.17 32.85
CA ASN K 481 -58.05 43.54 32.39
C ASN K 481 -58.78 43.54 31.04
N TRP K 482 -59.67 44.49 30.83
CA TRP K 482 -60.28 44.74 29.52
C TRP K 482 -59.90 46.13 29.07
N ASN K 483 -60.06 46.38 27.78
CA ASN K 483 -60.05 47.73 27.24
C ASN K 483 -61.45 48.31 27.41
N TYR K 484 -61.70 48.85 28.59
CA TYR K 484 -63.05 49.30 28.97
C TYR K 484 -63.52 50.43 28.08
N ALA K 485 -62.63 51.39 27.77
CA ALA K 485 -62.97 52.46 26.83
C ALA K 485 -63.41 51.90 25.49
N GLY K 486 -62.64 50.96 24.95
CA GLY K 486 -62.94 50.31 23.66
C GLY K 486 -64.23 49.50 23.63
N LEU K 487 -64.73 49.08 24.79
CA LEU K 487 -66.04 48.43 24.87
C LEU K 487 -67.16 49.25 24.22
N ILE K 488 -67.09 50.57 24.34
CA ILE K 488 -68.19 51.43 23.88
C ILE K 488 -68.41 51.35 22.38
N ASP K 489 -67.33 51.36 21.59
CA ASP K 489 -67.46 51.22 20.12
C ASP K 489 -68.05 49.87 19.71
N VAL K 490 -67.76 48.82 20.47
CA VAL K 490 -68.36 47.51 20.24
C VAL K 490 -69.89 47.58 20.42
N PHE K 491 -70.34 48.22 21.50
CA PHE K 491 -71.79 48.38 21.74
C PHE K 491 -72.44 49.37 20.80
N ASN K 492 -71.72 50.41 20.40
CA ASN K 492 -72.26 51.35 19.39
C ASN K 492 -72.61 50.67 18.07
N ASP K 493 -71.67 49.87 17.56
CA ASP K 493 -71.72 49.31 16.21
C ASP K 493 -71.91 50.48 15.20
N GLU K 494 -72.92 50.44 14.33
CA GLU K 494 -73.16 51.49 13.33
C GLU K 494 -74.14 52.59 13.78
N ASP K 495 -74.94 52.33 14.83
CA ASP K 495 -76.07 53.20 15.20
C ASP K 495 -75.89 54.07 16.48
N GLY K 496 -75.04 53.63 17.40
CA GLY K 496 -74.94 54.24 18.72
C GLY K 496 -74.08 55.49 18.87
N HIS K 497 -74.35 56.25 19.93
CA HIS K 497 -73.67 57.50 20.24
C HIS K 497 -72.96 57.50 21.61
N GLY K 498 -72.56 56.32 22.08
CA GLY K 498 -71.71 56.23 23.26
C GLY K 498 -70.33 56.78 22.94
N LEU K 499 -69.60 57.18 23.97
CA LEU K 499 -68.23 57.66 23.84
C LEU K 499 -67.39 56.92 24.87
N GLY K 500 -66.29 56.31 24.43
CA GLY K 500 -65.33 55.66 25.32
C GLY K 500 -64.03 56.42 25.31
N LEU K 501 -63.56 56.84 26.48
CA LEU K 501 -62.34 57.64 26.59
C LEU K 501 -61.43 57.11 27.68
N LYS K 502 -60.13 57.32 27.52
CA LYS K 502 -59.15 56.99 28.55
C LYS K 502 -58.62 58.25 29.21
N ALA K 503 -58.17 58.13 30.46
CA ALA K 503 -57.55 59.22 31.18
C ALA K 503 -56.52 58.67 32.16
N SER K 504 -55.25 58.99 31.93
CA SER K 504 -54.16 58.60 32.84
C SER K 504 -53.44 59.80 33.48
N THR K 505 -53.94 61.02 33.22
CA THR K 505 -53.48 62.24 33.89
C THR K 505 -54.66 63.20 34.18
N GLY K 506 -54.40 64.22 35.00
CA GLY K 506 -55.38 65.27 35.28
C GLY K 506 -55.92 66.00 34.06
N ALA K 507 -55.05 66.35 33.13
CA ALA K 507 -55.43 67.07 31.90
C ALA K 507 -56.26 66.20 30.94
N GLU K 508 -55.92 64.92 30.84
CA GLU K 508 -56.71 63.97 30.04
C GLU K 508 -58.10 63.78 30.66
N LEU K 509 -58.14 63.69 31.99
CA LEU K 509 -59.41 63.57 32.71
C LEU K 509 -60.28 64.81 32.49
N GLU K 510 -59.67 65.98 32.59
CA GLU K 510 -60.35 67.27 32.36
C GLU K 510 -60.93 67.38 30.97
N GLY K 511 -60.14 67.00 29.96
CA GLY K 511 -60.56 67.03 28.57
C GLY K 511 -61.64 65.98 28.28
N ALA K 512 -61.49 64.81 28.89
CA ALA K 512 -62.50 63.74 28.78
C ALA K 512 -63.84 64.19 29.37
N ILE K 513 -63.80 64.81 30.55
CA ILE K 513 -65.00 65.37 31.20
C ILE K 513 -65.66 66.43 30.29
N LYS K 514 -64.86 67.25 29.62
CA LYS K 514 -65.38 68.22 28.63
C LYS K 514 -66.20 67.54 27.54
N LYS K 515 -65.60 66.53 26.90
CA LYS K 515 -66.31 65.74 25.89
C LYS K 515 -67.55 65.02 26.44
N ALA K 516 -67.47 64.49 27.65
CA ALA K 516 -68.62 63.84 28.31
C ALA K 516 -69.86 64.75 28.38
N LEU K 517 -69.66 65.97 28.87
CA LEU K 517 -70.74 66.98 28.96
C LEU K 517 -71.40 67.32 27.61
N ASP K 518 -70.62 67.34 26.54
CA ASP K 518 -71.13 67.66 25.20
C ASP K 518 -71.91 66.51 24.54
N ASN K 519 -71.67 65.28 24.98
CA ASN K 519 -72.34 64.09 24.45
C ASN K 519 -73.73 63.87 25.09
N ARG K 520 -74.78 64.34 24.42
CA ARG K 520 -76.15 64.25 24.93
C ARG K 520 -76.97 63.07 24.38
N ARG K 521 -76.39 62.23 23.54
CA ARG K 521 -77.15 61.15 22.88
C ARG K 521 -76.67 59.74 23.24
N GLY K 522 -75.86 59.62 24.28
CA GLY K 522 -75.42 58.33 24.74
C GLY K 522 -74.53 58.47 25.94
N PRO K 523 -74.18 57.34 26.56
CA PRO K 523 -73.30 57.42 27.73
C PRO K 523 -71.88 57.76 27.34
N THR K 524 -71.10 58.23 28.31
CA THR K 524 -69.68 58.48 28.12
C THR K 524 -68.90 57.75 29.19
N LEU K 525 -68.08 56.79 28.79
CA LEU K 525 -67.24 56.04 29.71
C LEU K 525 -65.85 56.64 29.71
N ILE K 526 -65.37 57.01 30.89
CA ILE K 526 -64.04 57.56 31.06
C ILE K 526 -63.27 56.55 31.91
N GLU K 527 -62.37 55.80 31.25
CA GLU K 527 -61.58 54.80 31.94
C GLU K 527 -60.41 55.49 32.65
N CYS K 528 -60.49 55.56 33.97
CA CYS K 528 -59.49 56.25 34.78
C CYS K 528 -58.45 55.25 35.25
N ASN K 529 -57.20 55.52 34.89
CA ASN K 529 -56.09 54.66 35.26
C ASN K 529 -55.59 55.07 36.64
N ILE K 530 -55.95 54.28 37.65
CA ILE K 530 -55.56 54.50 39.04
C ILE K 530 -54.69 53.34 39.47
N ALA K 531 -53.59 53.63 40.16
CA ALA K 531 -52.72 52.58 40.70
C ALA K 531 -53.45 51.77 41.79
N GLN K 532 -53.23 50.46 41.77
CA GLN K 532 -53.77 49.51 42.76
C GLN K 532 -53.51 49.95 44.21
N ASP K 533 -52.32 50.50 44.42
CA ASP K 533 -51.85 50.99 45.72
C ASP K 533 -52.50 52.32 46.14
N ASP K 534 -53.05 53.08 45.19
CA ASP K 534 -53.59 54.42 45.45
C ASP K 534 -55.10 54.37 45.77
N CYS K 535 -55.41 53.84 46.95
CA CYS K 535 -56.77 53.87 47.49
C CYS K 535 -56.83 54.79 48.71
N THR K 536 -58.05 55.07 49.17
CA THR K 536 -58.27 56.01 50.29
C THR K 536 -57.72 55.39 51.57
N GLU K 537 -57.17 56.23 52.45
N GLU K 537 -57.18 56.22 52.44
CA GLU K 537 -56.69 55.79 53.75
CA GLU K 537 -56.69 55.77 53.74
C GLU K 537 -57.84 55.27 54.60
C GLU K 537 -57.84 55.26 54.60
N THR K 538 -59.04 55.82 54.39
CA THR K 538 -60.25 55.39 55.09
C THR K 538 -60.65 53.94 54.76
N LEU K 539 -60.54 53.56 53.47
CA LEU K 539 -60.74 52.18 53.04
C LEU K 539 -59.84 51.21 53.82
N ILE K 540 -58.56 51.54 53.93
CA ILE K 540 -57.58 50.67 54.61
C ILE K 540 -57.90 50.50 56.10
N ALA K 541 -58.30 51.57 56.77
CA ALA K 541 -58.63 51.52 58.20
C ALA K 541 -59.93 50.75 58.42
N TRP K 542 -60.93 51.05 57.60
CA TRP K 542 -62.21 50.34 57.64
C TRP K 542 -62.07 48.85 57.32
N GLY K 543 -61.27 48.55 56.30
CA GLY K 543 -61.00 47.17 55.90
C GLY K 543 -60.38 46.29 56.98
N LYS K 544 -59.41 46.83 57.71
CA LYS K 544 -58.80 46.09 58.83
C LYS K 544 -59.83 45.71 59.90
N ARG K 545 -60.75 46.63 60.23
CA ARG K 545 -61.77 46.39 61.26
C ARG K 545 -62.80 45.34 60.80
N VAL K 546 -63.19 45.40 59.53
CA VAL K 546 -64.08 44.41 58.91
C VAL K 546 -63.46 43.01 58.93
N ALA K 547 -62.18 42.91 58.58
CA ALA K 547 -61.48 41.63 58.57
C ALA K 547 -61.50 40.96 59.94
N ALA K 548 -61.12 41.71 60.97
CA ALA K 548 -61.08 41.21 62.37
C ALA K 548 -62.46 40.79 62.87
N THR K 549 -63.48 41.58 62.52
CA THR K 549 -64.87 41.30 62.89
C THR K 549 -65.37 40.00 62.22
N ASN K 550 -65.24 39.93 60.90
CA ASN K 550 -65.59 38.72 60.14
C ASN K 550 -64.90 37.45 60.66
N SER K 551 -63.61 37.57 60.99
CA SER K 551 -62.81 36.42 61.39
C SER K 551 -62.86 36.03 62.87
N ARG K 552 -63.55 36.80 63.71
N ARG K 552 -63.55 36.80 63.71
CA ARG K 552 -63.54 36.56 65.16
CA ARG K 552 -63.53 36.55 65.15
C ARG K 552 -64.03 35.14 65.49
C ARG K 552 -64.03 35.14 65.49
N LYS K 553 -63.28 34.46 66.35
CA LYS K 553 -63.43 33.01 66.56
C LYS K 553 -64.79 32.58 67.16
N PRO K 554 -65.19 31.31 66.92
CA PRO K 554 -66.43 30.82 67.55
C PRO K 554 -66.28 30.59 69.05
N GLN K 555 -67.39 30.23 69.69
CA GLN K 555 -67.44 29.93 71.13
C GLN K 555 -67.26 28.43 71.37
N MET L 1 -52.01 21.99 61.02
CA MET L 1 -53.18 22.92 60.80
C MET L 1 -54.06 22.40 59.66
N TYR L 2 -54.90 21.40 59.97
CA TYR L 2 -55.92 20.89 59.03
C TYR L 2 -57.29 21.49 59.34
N THR L 3 -57.90 22.13 58.35
CA THR L 3 -59.12 22.93 58.57
C THR L 3 -60.40 22.36 57.90
N VAL L 4 -61.52 22.97 58.23
CA VAL L 4 -62.83 22.64 57.65
C VAL L 4 -62.81 22.79 56.12
N GLY L 5 -62.24 23.89 55.64
CA GLY L 5 -62.14 24.16 54.22
C GLY L 5 -61.22 23.16 53.50
N MET L 6 -60.20 22.68 54.22
CA MET L 6 -59.34 21.61 53.70
C MET L 6 -60.06 20.28 53.61
N TYR L 7 -60.89 19.96 54.61
CA TYR L 7 -61.77 18.79 54.53
C TYR L 7 -62.61 18.86 53.26
N LEU L 8 -63.24 20.00 53.02
CA LEU L 8 -64.07 20.17 51.83
C LEU L 8 -63.25 19.96 50.60
N ALA L 9 -62.09 20.60 50.53
CA ALA L 9 -61.25 20.54 49.32
C ALA L 9 -60.80 19.09 49.02
N GLU L 10 -60.42 18.36 50.07
CA GLU L 10 -59.98 16.98 49.92
C GLU L 10 -61.13 16.09 49.44
N ARG L 11 -62.35 16.30 49.95
CA ARG L 11 -63.51 15.56 49.44
C ARG L 11 -63.82 15.86 47.99
N LEU L 12 -63.73 17.13 47.61
CA LEU L 12 -63.96 17.54 46.21
C LEU L 12 -62.91 16.94 45.27
N ALA L 13 -61.66 16.88 45.72
CA ALA L 13 -60.59 16.17 44.98
C ALA L 13 -60.89 14.68 44.81
N GLN L 14 -61.36 14.03 45.88
CA GLN L 14 -61.74 12.63 45.83
C GLN L 14 -62.92 12.31 44.91
N ILE L 15 -63.77 13.29 44.59
CA ILE L 15 -64.82 13.10 43.57
C ILE L 15 -64.22 12.97 42.17
N GLY L 16 -63.05 13.58 41.95
CA GLY L 16 -62.43 13.67 40.62
C GLY L 16 -62.35 15.06 40.03
N LEU L 17 -62.71 16.10 40.81
CA LEU L 17 -62.53 17.49 40.40
C LEU L 17 -61.05 17.87 40.39
N LYS L 18 -60.61 18.46 39.28
CA LYS L 18 -59.31 19.11 39.19
C LYS L 18 -59.46 20.64 39.20
N HIS L 19 -60.70 21.12 39.23
CA HIS L 19 -61.01 22.54 39.27
C HIS L 19 -62.25 22.80 40.12
N HIS L 20 -62.34 24.01 40.66
CA HIS L 20 -63.59 24.55 41.20
C HIS L 20 -63.67 26.02 40.82
N PHE L 21 -64.88 26.54 40.79
CA PHE L 21 -65.16 27.87 40.26
C PHE L 21 -65.59 28.78 41.40
N ALA L 22 -65.13 30.03 41.37
CA ALA L 22 -65.33 30.92 42.50
C ALA L 22 -65.49 32.38 42.12
N VAL L 23 -66.21 33.12 42.95
CA VAL L 23 -66.20 34.58 42.95
C VAL L 23 -66.01 35.00 44.38
N ALA L 24 -64.97 35.80 44.62
CA ALA L 24 -64.61 36.17 46.00
C ALA L 24 -65.62 37.14 46.62
N GLY L 25 -65.75 37.03 47.94
CA GLY L 25 -66.46 38.01 48.75
C GLY L 25 -66.08 37.78 50.19
N ASP L 26 -66.20 38.82 51.02
CA ASP L 26 -65.62 38.75 52.37
C ASP L 26 -66.09 37.54 53.20
N TYR L 27 -67.32 37.05 52.98
CA TYR L 27 -67.83 35.87 53.70
C TYR L 27 -67.16 34.54 53.29
N ASN L 28 -66.43 34.49 52.17
CA ASN L 28 -65.77 33.25 51.69
C ASN L 28 -64.25 33.31 51.49
N LEU L 29 -63.62 34.44 51.79
CA LEU L 29 -62.20 34.62 51.45
C LEU L 29 -61.31 33.64 52.20
N VAL L 30 -61.59 33.41 53.48
CA VAL L 30 -60.81 32.44 54.26
C VAL L 30 -61.05 31.04 53.71
N LEU L 31 -62.30 30.74 53.36
CA LEU L 31 -62.64 29.46 52.71
C LEU L 31 -61.86 29.25 51.41
N LEU L 32 -61.82 30.26 50.55
CA LEU L 32 -61.03 30.21 49.30
C LEU L 32 -59.54 29.96 49.56
N ASP L 33 -58.99 30.59 50.60
CA ASP L 33 -57.60 30.29 51.04
C ASP L 33 -57.39 28.80 51.37
N GLN L 34 -58.34 28.20 52.07
CA GLN L 34 -58.25 26.79 52.43
C GLN L 34 -58.29 25.91 51.20
N LEU L 35 -59.13 26.27 50.24
CA LEU L 35 -59.24 25.53 48.99
C LEU L 35 -57.97 25.61 48.15
N LEU L 36 -57.37 26.80 48.09
CA LEU L 36 -56.08 27.00 47.41
C LEU L 36 -54.91 26.18 47.93
N LEU L 37 -54.94 25.78 49.21
CA LEU L 37 -53.88 24.92 49.77
C LEU L 37 -53.85 23.51 49.16
N ASN L 38 -55.00 23.06 48.64
CA ASN L 38 -55.09 21.74 48.02
C ASN L 38 -54.43 21.70 46.62
N LYS L 39 -53.37 20.90 46.51
CA LYS L 39 -52.53 20.87 45.29
C LYS L 39 -53.15 20.12 44.11
N ASP L 40 -54.17 19.30 44.39
CA ASP L 40 -54.85 18.54 43.34
C ASP L 40 -55.86 19.34 42.52
N MET L 41 -56.23 20.55 42.97
CA MET L 41 -57.20 21.40 42.25
C MET L 41 -56.66 22.78 41.92
N GLU L 42 -57.10 23.32 40.78
N GLU L 42 -57.13 23.35 40.81
CA GLU L 42 -56.93 24.74 40.42
CA GLU L 42 -56.87 24.75 40.48
C GLU L 42 -58.18 25.48 40.93
C GLU L 42 -58.16 25.55 40.71
N GLN L 43 -58.02 26.75 41.27
CA GLN L 43 -59.16 27.63 41.61
C GLN L 43 -59.37 28.63 40.46
N VAL L 44 -60.50 28.52 39.75
CA VAL L 44 -60.82 29.35 38.58
C VAL L 44 -61.82 30.45 38.94
N TYR L 45 -61.54 31.69 38.55
CA TYR L 45 -62.39 32.85 38.87
C TYR L 45 -63.29 33.21 37.70
N CYS L 46 -64.50 33.68 38.04
CA CYS L 46 -65.54 34.03 37.09
C CYS L 46 -65.97 35.48 37.31
N CYS L 47 -66.55 36.10 36.29
CA CYS L 47 -66.96 37.50 36.34
C CYS L 47 -68.11 37.73 37.31
N ASN L 48 -69.15 36.89 37.19
CA ASN L 48 -70.31 36.99 38.06
C ASN L 48 -70.79 35.59 38.42
N GLU L 49 -71.70 35.54 39.39
CA GLU L 49 -72.08 34.29 40.02
C GLU L 49 -73.03 33.45 39.18
N LEU L 50 -73.84 34.09 38.34
CA LEU L 50 -74.66 33.33 37.38
C LEU L 50 -73.71 32.50 36.50
N ASN L 51 -72.73 33.18 35.92
CA ASN L 51 -71.73 32.55 35.08
C ASN L 51 -70.87 31.53 35.81
N CYS L 52 -70.53 31.84 37.06
CA CYS L 52 -69.81 30.91 37.92
C CYS L 52 -70.56 29.56 38.04
N GLY L 53 -71.86 29.64 38.28
CA GLY L 53 -72.71 28.46 38.41
C GLY L 53 -72.88 27.67 37.13
N PHE L 54 -73.12 28.37 36.02
CA PHE L 54 -73.22 27.70 34.72
C PHE L 54 -71.88 27.12 34.25
N SER L 55 -70.77 27.74 34.65
CA SER L 55 -69.44 27.21 34.34
C SER L 55 -69.21 25.90 35.10
N ALA L 56 -69.62 25.86 36.36
CA ALA L 56 -69.61 24.62 37.14
C ALA L 56 -70.51 23.55 36.51
N GLU L 57 -71.66 23.99 35.98
CA GLU L 57 -72.60 23.10 35.35
C GLU L 57 -72.00 22.44 34.11
N GLY L 58 -71.30 23.23 33.31
CA GLY L 58 -70.57 22.70 32.17
C GLY L 58 -69.47 21.72 32.55
N TYR L 59 -68.69 22.06 33.57
CA TYR L 59 -67.66 21.17 34.10
C TYR L 59 -68.21 19.80 34.51
N ALA L 60 -69.35 19.81 35.20
CA ALA L 60 -70.08 18.59 35.56
C ALA L 60 -70.47 17.74 34.35
N ARG L 61 -70.81 18.39 33.22
CA ARG L 61 -71.06 17.69 31.98
C ARG L 61 -69.80 16.94 31.47
N ALA L 62 -68.63 17.50 31.77
CA ALA L 62 -67.33 16.90 31.41
C ALA L 62 -66.86 15.86 32.43
N ARG L 63 -66.95 16.18 33.71
CA ARG L 63 -66.34 15.39 34.76
C ARG L 63 -67.31 14.60 35.65
N GLY L 64 -68.62 14.74 35.44
CA GLY L 64 -69.61 14.10 36.31
C GLY L 64 -70.03 14.86 37.56
N ALA L 65 -69.28 15.89 37.96
CA ALA L 65 -69.61 16.72 39.13
C ALA L 65 -68.80 18.02 39.05
N ALA L 66 -69.06 18.93 39.97
CA ALA L 66 -68.42 20.26 39.97
C ALA L 66 -68.76 21.01 41.24
N ALA L 67 -67.98 22.07 41.50
CA ALA L 67 -68.22 22.95 42.63
C ALA L 67 -68.09 24.42 42.26
N ALA L 68 -68.97 25.23 42.85
CA ALA L 68 -68.96 26.70 42.69
C ALA L 68 -68.99 27.32 44.08
N ILE L 69 -68.08 28.27 44.34
CA ILE L 69 -67.96 28.91 45.64
C ILE L 69 -68.34 30.41 45.52
N VAL L 70 -69.35 30.84 46.27
CA VAL L 70 -69.90 32.21 46.13
C VAL L 70 -70.04 32.90 47.49
N THR L 71 -70.36 34.19 47.48
CA THR L 71 -70.60 34.92 48.73
C THR L 71 -72.10 34.93 49.08
N PHE L 72 -72.37 35.13 50.36
CA PHE L 72 -73.74 35.14 50.90
C PHE L 72 -74.66 36.12 50.18
N SER L 73 -75.82 35.62 49.73
CA SER L 73 -76.93 36.39 49.13
C SER L 73 -76.65 37.01 47.80
N VAL L 74 -75.83 38.04 47.78
CA VAL L 74 -75.55 38.76 46.53
C VAL L 74 -74.90 37.83 45.51
N GLY L 75 -74.11 36.87 45.99
CA GLY L 75 -73.56 35.83 45.15
C GLY L 75 -74.55 34.70 44.93
N ALA L 76 -74.98 34.11 46.05
CA ALA L 76 -75.70 32.84 46.03
C ALA L 76 -77.04 32.88 45.28
N ILE L 77 -77.78 33.98 45.38
CA ILE L 77 -79.12 34.03 44.76
C ILE L 77 -79.05 33.98 43.24
N SER L 78 -78.10 34.67 42.63
CA SER L 78 -77.88 34.51 41.18
C SER L 78 -77.45 33.09 40.80
N ALA L 79 -76.55 32.52 41.59
CA ALA L 79 -76.11 31.14 41.43
C ALA L 79 -77.23 30.10 41.57
N MET L 80 -78.28 30.43 42.33
CA MET L 80 -79.47 29.54 42.44
C MET L 80 -80.17 29.31 41.11
N ASN L 81 -80.07 30.27 40.22
CA ASN L 81 -80.59 30.10 38.87
C ASN L 81 -79.83 29.00 38.13
N ALA L 82 -78.50 29.02 38.19
CA ALA L 82 -77.70 27.94 37.60
C ALA L 82 -77.90 26.58 38.32
N ILE L 83 -78.11 26.61 39.63
CA ILE L 83 -78.39 25.39 40.41
C ILE L 83 -79.72 24.77 40.03
N GLY L 84 -80.73 25.59 39.80
CA GLY L 84 -82.00 25.10 39.23
C GLY L 84 -81.75 24.47 37.87
N GLY L 85 -80.89 25.11 37.08
CA GLY L 85 -80.43 24.55 35.82
C GLY L 85 -79.77 23.19 35.98
N ALA L 86 -78.87 23.06 36.94
CA ALA L 86 -78.24 21.79 37.23
C ALA L 86 -79.27 20.72 37.67
N TYR L 87 -80.24 21.11 38.49
CA TYR L 87 -81.34 20.22 38.88
C TYR L 87 -82.13 19.73 37.66
N ALA L 88 -82.51 20.67 36.81
CA ALA L 88 -83.28 20.38 35.61
C ALA L 88 -82.58 19.44 34.64
N GLU L 89 -81.25 19.55 34.55
CA GLU L 89 -80.44 18.77 33.61
C GLU L 89 -79.66 17.64 34.30
N ASN L 90 -79.95 17.41 35.57
CA ASN L 90 -79.51 16.23 36.31
C ASN L 90 -78.00 16.15 36.51
N LEU L 91 -77.41 17.25 36.97
CA LEU L 91 -75.96 17.37 37.17
C LEU L 91 -75.62 17.67 38.64
N PRO L 92 -74.73 16.85 39.26
CA PRO L 92 -74.30 17.16 40.62
C PRO L 92 -73.33 18.35 40.75
N VAL L 93 -73.89 19.55 40.77
CA VAL L 93 -73.11 20.77 41.07
C VAL L 93 -73.26 21.05 42.56
N ILE L 94 -72.14 21.23 43.26
CA ILE L 94 -72.15 21.62 44.66
C ILE L 94 -71.97 23.14 44.74
N LEU L 95 -72.96 23.84 45.28
CA LEU L 95 -72.87 25.28 45.49
C LEU L 95 -72.46 25.50 46.95
N ILE L 96 -71.28 26.08 47.16
CA ILE L 96 -70.81 26.42 48.50
C ILE L 96 -70.82 27.94 48.65
N SER L 97 -71.59 28.42 49.63
CA SER L 97 -71.62 29.84 49.99
C SER L 97 -70.89 30.12 51.30
N GLY L 98 -70.13 31.19 51.35
CA GLY L 98 -69.74 31.76 52.64
C GLY L 98 -70.99 32.29 53.32
N SER L 99 -70.98 32.30 54.65
CA SER L 99 -72.14 32.78 55.40
C SER L 99 -71.67 33.49 56.68
N PRO L 100 -72.60 34.11 57.43
CA PRO L 100 -72.19 34.97 58.54
C PRO L 100 -71.38 34.30 59.64
N ASN L 101 -70.65 35.13 60.38
CA ASN L 101 -69.89 34.72 61.54
C ASN L 101 -70.84 34.11 62.58
N THR L 102 -70.42 33.00 63.20
CA THR L 102 -71.25 32.25 64.15
C THR L 102 -71.72 33.05 65.35
N ASN L 103 -70.91 34.02 65.78
CA ASN L 103 -71.26 34.93 66.91
C ASN L 103 -72.43 35.88 66.64
N ASP L 104 -72.77 36.08 65.36
CA ASP L 104 -73.94 36.87 64.97
C ASP L 104 -75.29 36.16 65.14
N TYR L 105 -75.29 34.82 65.24
CA TYR L 105 -76.54 34.07 65.39
C TYR L 105 -77.13 34.38 66.77
N GLY L 106 -78.44 34.65 66.80
CA GLY L 106 -79.14 34.91 68.07
C GLY L 106 -78.82 36.22 68.78
N THR L 107 -78.42 37.23 68.01
CA THR L 107 -78.07 38.56 68.54
C THR L 107 -78.99 39.69 68.10
N GLY L 108 -79.64 39.55 66.95
CA GLY L 108 -80.36 40.66 66.35
C GLY L 108 -79.52 41.56 65.45
N HIS L 109 -78.26 41.21 65.22
CA HIS L 109 -77.40 42.02 64.34
C HIS L 109 -77.91 42.03 62.90
N ILE L 110 -77.81 43.20 62.27
CA ILE L 110 -78.13 43.37 60.87
C ILE L 110 -76.80 43.27 60.13
N LEU L 111 -76.75 42.44 59.10
CA LEU L 111 -75.49 42.16 58.39
C LEU L 111 -75.53 42.62 56.96
N HIS L 112 -74.37 43.03 56.45
CA HIS L 112 -74.20 43.35 55.04
C HIS L 112 -74.47 42.12 54.16
N HIS L 113 -74.88 42.41 52.93
CA HIS L 113 -75.40 41.42 51.99
C HIS L 113 -76.59 40.65 52.55
N THR L 114 -77.46 41.31 53.30
CA THR L 114 -78.73 40.70 53.65
C THR L 114 -79.84 41.66 53.38
N ILE L 115 -81.05 41.14 53.33
CA ILE L 115 -82.22 41.98 53.11
C ILE L 115 -82.51 42.93 54.28
N GLY L 116 -81.83 42.74 55.41
CA GLY L 116 -81.78 43.70 56.49
C GLY L 116 -82.63 43.36 57.70
N THR L 117 -82.99 42.09 57.85
CA THR L 117 -83.73 41.59 59.01
C THR L 117 -82.80 40.68 59.79
N THR L 118 -83.30 40.10 60.88
CA THR L 118 -82.50 39.21 61.73
C THR L 118 -82.45 37.77 61.21
N ASP L 119 -83.20 37.49 60.15
CA ASP L 119 -83.19 36.20 59.48
C ASP L 119 -81.92 36.10 58.62
N TYR L 120 -81.02 35.18 58.95
CA TYR L 120 -79.94 34.80 58.03
C TYR L 120 -80.20 33.41 57.44
N ASN L 121 -81.37 32.84 57.72
CA ASN L 121 -81.76 31.51 57.25
C ASN L 121 -82.45 31.53 55.88
N TYR L 122 -82.85 32.70 55.37
CA TYR L 122 -83.65 32.77 54.14
C TYR L 122 -82.99 32.17 52.89
N GLN L 123 -81.67 32.27 52.79
CA GLN L 123 -80.94 31.74 51.64
C GLN L 123 -81.03 30.21 51.59
N LEU L 124 -80.76 29.56 52.71
CA LEU L 124 -80.95 28.14 52.86
C LEU L 124 -82.40 27.73 52.52
N GLU L 125 -83.39 28.49 53.01
CA GLU L 125 -84.79 28.16 52.74
C GLU L 125 -85.15 28.33 51.27
N MET L 126 -84.55 29.31 50.60
CA MET L 126 -84.75 29.47 49.15
C MET L 126 -84.12 28.32 48.38
N VAL L 127 -82.86 28.01 48.70
CA VAL L 127 -82.07 27.07 47.90
C VAL L 127 -82.54 25.61 48.01
N LYS L 128 -83.20 25.28 49.12
CA LYS L 128 -83.90 24.00 49.28
C LYS L 128 -84.81 23.61 48.13
N HIS L 129 -85.46 24.61 47.52
CA HIS L 129 -86.39 24.33 46.42
C HIS L 129 -85.74 23.92 45.11
N VAL L 130 -84.43 24.12 44.99
CA VAL L 130 -83.69 23.78 43.77
C VAL L 130 -82.54 22.80 44.00
N THR L 131 -82.55 22.06 45.10
CA THR L 131 -81.46 21.13 45.43
C THR L 131 -81.98 19.80 45.99
N CYS L 132 -81.14 18.76 45.97
CA CYS L 132 -81.49 17.49 46.63
C CYS L 132 -81.00 17.46 48.09
N ALA L 133 -80.12 18.38 48.45
CA ALA L 133 -79.58 18.48 49.80
C ALA L 133 -79.04 19.88 50.03
N ALA L 134 -79.11 20.32 51.27
CA ALA L 134 -78.80 21.70 51.63
C ALA L 134 -78.49 21.73 53.12
N GLU L 135 -77.28 22.15 53.45
CA GLU L 135 -76.83 22.15 54.83
C GLU L 135 -76.06 23.42 55.17
N SER L 136 -76.06 23.73 56.46
CA SER L 136 -75.41 24.90 57.01
C SER L 136 -74.41 24.47 58.05
N ILE L 137 -73.17 24.92 57.93
CA ILE L 137 -72.11 24.55 58.86
C ILE L 137 -71.79 25.76 59.74
N VAL L 138 -72.05 25.61 61.03
CA VAL L 138 -71.72 26.63 62.05
C VAL L 138 -70.73 26.10 63.12
N SER L 139 -70.21 24.88 62.95
CA SER L 139 -69.13 24.36 63.80
C SER L 139 -68.26 23.36 63.03
N ALA L 140 -66.98 23.32 63.39
CA ALA L 140 -66.02 22.37 62.84
C ALA L 140 -66.35 20.92 63.18
N GLU L 141 -66.97 20.69 64.34
CA GLU L 141 -67.37 19.36 64.79
C GLU L 141 -68.44 18.72 63.88
N GLU L 142 -69.42 19.52 63.43
CA GLU L 142 -70.48 19.05 62.50
C GLU L 142 -70.09 19.09 61.00
N ALA L 143 -68.98 19.76 60.65
CA ALA L 143 -68.66 19.99 59.24
C ALA L 143 -68.46 18.73 58.40
N PRO L 144 -67.72 17.72 58.94
CA PRO L 144 -67.52 16.48 58.16
C PRO L 144 -68.82 15.80 57.73
N ALA L 145 -69.76 15.61 58.64
CA ALA L 145 -71.04 14.94 58.33
C ALA L 145 -71.87 15.70 57.28
N LYS L 146 -71.87 17.03 57.37
CA LYS L 146 -72.62 17.85 56.41
C LYS L 146 -71.96 17.94 55.05
N ILE L 147 -70.64 18.10 55.02
CA ILE L 147 -69.90 18.08 53.76
C ILE L 147 -70.16 16.77 52.98
N ASP L 148 -69.98 15.64 53.65
CA ASP L 148 -70.09 14.34 52.99
C ASP L 148 -71.52 14.04 52.57
N HIS L 149 -72.48 14.40 53.43
CA HIS L 149 -73.91 14.23 53.11
C HIS L 149 -74.31 14.95 51.80
N VAL L 150 -73.89 16.20 51.62
CA VAL L 150 -74.27 16.93 50.39
C VAL L 150 -73.60 16.35 49.14
N ILE L 151 -72.33 15.96 49.26
CA ILE L 151 -71.58 15.43 48.12
C ILE L 151 -72.12 14.06 47.71
N ARG L 152 -72.28 13.16 48.67
CA ARG L 152 -72.78 11.81 48.41
C ARG L 152 -74.18 11.83 47.83
N THR L 153 -75.07 12.62 48.44
CA THR L 153 -76.46 12.75 47.96
C THR L 153 -76.52 13.27 46.54
N ALA L 154 -75.74 14.31 46.28
CA ALA L 154 -75.68 14.91 44.94
C ALA L 154 -75.23 13.89 43.91
N LEU L 155 -74.16 13.15 44.23
CA LEU L 155 -73.61 12.17 43.29
C LEU L 155 -74.61 11.04 43.00
N ARG L 156 -75.24 10.50 44.03
CA ARG L 156 -76.16 9.38 43.85
C ARG L 156 -77.44 9.78 43.13
N GLU L 157 -78.01 10.93 43.48
CA GLU L 157 -79.24 11.40 42.88
C GLU L 157 -79.02 12.10 41.55
N ARG L 158 -77.78 12.44 41.22
CA ARG L 158 -77.46 13.25 40.05
C ARG L 158 -78.27 14.56 40.07
N LYS L 159 -78.17 15.29 41.18
CA LYS L 159 -78.86 16.58 41.40
C LYS L 159 -77.89 17.47 42.15
N PRO L 160 -78.06 18.80 42.02
CA PRO L 160 -77.17 19.69 42.77
C PRO L 160 -77.54 19.76 44.26
N ALA L 161 -76.59 20.25 45.04
CA ALA L 161 -76.71 20.37 46.49
C ALA L 161 -76.04 21.66 46.93
N TYR L 162 -76.31 22.06 48.18
CA TYR L 162 -75.85 23.34 48.72
C TYR L 162 -75.19 23.17 50.09
N LEU L 163 -74.09 23.90 50.28
CA LEU L 163 -73.43 24.05 51.57
C LEU L 163 -73.21 25.51 51.86
N GLU L 164 -73.54 25.94 53.07
CA GLU L 164 -73.04 27.22 53.55
C GLU L 164 -72.10 26.97 54.71
N ILE L 165 -71.02 27.75 54.77
CA ILE L 165 -70.03 27.62 55.83
C ILE L 165 -69.77 28.99 56.43
N ALA L 166 -69.96 29.12 57.74
CA ALA L 166 -69.72 30.38 58.47
C ALA L 166 -68.29 30.82 58.22
N CYS L 167 -68.10 32.13 58.02
CA CYS L 167 -66.82 32.65 57.57
C CYS L 167 -65.70 32.45 58.61
N ASN L 168 -66.05 32.37 59.89
CA ASN L 168 -65.10 32.06 60.97
C ASN L 168 -64.97 30.57 61.35
N VAL L 169 -65.62 29.69 60.59
CA VAL L 169 -65.51 28.22 60.75
C VAL L 169 -64.70 27.59 59.61
N ALA L 170 -64.68 28.22 58.42
CA ALA L 170 -63.93 27.72 57.28
C ALA L 170 -62.45 27.42 57.56
N GLY L 171 -61.83 28.23 58.42
CA GLY L 171 -60.44 28.05 58.83
C GLY L 171 -60.25 27.42 60.19
N ALA L 172 -61.29 26.84 60.77
CA ALA L 172 -61.21 26.21 62.09
C ALA L 172 -60.63 24.81 61.95
N GLU L 173 -59.92 24.36 62.97
N GLU L 173 -59.94 24.36 63.00
CA GLU L 173 -59.31 23.03 62.98
CA GLU L 173 -59.35 23.01 63.06
C GLU L 173 -60.41 21.96 62.91
C GLU L 173 -60.43 21.95 62.92
N CYS L 174 -60.20 20.99 62.02
CA CYS L 174 -61.16 19.97 61.69
C CYS L 174 -60.47 18.61 61.64
N VAL L 175 -61.22 17.56 61.94
CA VAL L 175 -60.71 16.19 61.73
C VAL L 175 -60.39 15.95 60.25
N ARG L 176 -59.51 14.98 60.00
N ARG L 176 -59.48 15.01 60.00
CA ARG L 176 -59.08 14.63 58.66
CA ARG L 176 -59.08 14.64 58.64
C ARG L 176 -59.99 13.55 58.07
C ARG L 176 -60.02 13.58 58.07
N PRO L 177 -60.27 13.61 56.75
CA PRO L 177 -61.12 12.61 56.11
C PRO L 177 -60.38 11.28 55.89
N GLY L 178 -61.12 10.18 55.91
CA GLY L 178 -60.54 8.86 55.68
C GLY L 178 -60.44 8.54 54.20
N PRO L 179 -59.73 7.43 53.86
CA PRO L 179 -59.62 7.06 52.45
C PRO L 179 -60.89 6.40 51.92
N ILE L 180 -61.06 6.45 50.61
CA ILE L 180 -62.25 5.92 49.96
C ILE L 180 -61.94 5.30 48.60
N ASN L 181 -62.80 4.37 48.16
N ASN L 181 -62.81 4.39 48.16
CA ASN L 181 -62.81 3.90 46.76
CA ASN L 181 -62.83 3.90 46.78
C ASN L 181 -63.53 4.90 45.85
C ASN L 181 -63.53 4.90 45.87
N SER L 182 -64.74 5.28 46.26
CA SER L 182 -65.54 6.30 45.54
C SER L 182 -66.54 6.95 46.48
N LEU L 183 -66.91 8.20 46.20
CA LEU L 183 -67.99 8.87 46.92
C LEU L 183 -69.38 8.58 46.32
N LEU L 184 -69.42 8.01 45.12
CA LEU L 184 -70.65 7.46 44.53
C LEU L 184 -70.88 6.04 45.04
N ARG L 185 -71.87 5.88 45.93
CA ARG L 185 -72.35 4.57 46.41
C ARG L 185 -73.81 4.44 45.99
N GLU L 186 -74.12 3.44 45.14
CA GLU L 186 -75.49 3.20 44.67
C GLU L 186 -76.29 2.37 45.67
N LEU L 187 -77.62 2.38 45.52
CA LEU L 187 -78.50 1.52 46.31
C LEU L 187 -78.36 0.07 45.81
N GLU L 188 -78.40 -0.90 46.72
CA GLU L 188 -78.40 -2.32 46.33
C GLU L 188 -79.62 -2.63 45.47
N VAL L 189 -79.42 -3.41 44.42
CA VAL L 189 -80.49 -3.75 43.48
C VAL L 189 -81.26 -4.99 43.98
N ASP L 190 -82.58 -4.93 43.86
CA ASP L 190 -83.47 -6.04 44.22
C ASP L 190 -83.54 -7.03 43.03
N GLN L 191 -82.87 -8.18 43.17
CA GLN L 191 -82.80 -9.19 42.10
C GLN L 191 -84.15 -9.85 41.82
N THR L 192 -84.97 -10.01 42.86
CA THR L 192 -86.35 -10.49 42.67
C THR L 192 -87.14 -9.56 41.73
N SER L 193 -86.93 -8.25 41.85
CA SER L 193 -87.62 -7.29 40.98
C SER L 193 -87.08 -7.33 39.56
N VAL L 194 -85.77 -7.37 39.43
CA VAL L 194 -85.13 -7.44 38.11
C VAL L 194 -85.61 -8.66 37.33
N THR L 195 -85.65 -9.82 37.99
CA THR L 195 -86.06 -11.08 37.38
C THR L 195 -87.51 -11.03 36.91
N ALA L 196 -88.41 -10.59 37.80
CA ALA L 196 -89.83 -10.44 37.45
C ALA L 196 -90.03 -9.44 36.31
N ALA L 197 -89.25 -8.35 36.32
CA ALA L 197 -89.35 -7.31 35.28
C ALA L 197 -88.95 -7.85 33.90
N VAL L 198 -87.83 -8.55 33.87
CA VAL L 198 -87.32 -9.17 32.64
C VAL L 198 -88.29 -10.24 32.13
N ASP L 199 -88.82 -11.09 33.01
CA ASP L 199 -89.80 -12.11 32.60
C ASP L 199 -91.10 -11.53 32.05
N ALA L 200 -91.62 -10.46 32.69
CA ALA L 200 -92.79 -9.77 32.14
C ALA L 200 -92.48 -9.08 30.80
N ALA L 201 -91.27 -8.57 30.64
CA ALA L 201 -90.89 -7.88 29.39
C ALA L 201 -90.80 -8.83 28.17
N VAL L 202 -90.20 -10.00 28.40
CA VAL L 202 -90.12 -11.07 27.39
C VAL L 202 -91.53 -11.47 26.95
N GLU L 203 -92.40 -11.73 27.91
CA GLU L 203 -93.82 -12.03 27.67
C GLU L 203 -94.52 -10.92 26.89
N TRP L 204 -94.30 -9.67 27.30
CA TRP L 204 -94.91 -8.50 26.65
C TRP L 204 -94.46 -8.34 25.20
N LEU L 205 -93.20 -8.65 24.91
CA LEU L 205 -92.65 -8.56 23.54
C LEU L 205 -93.10 -9.67 22.55
N GLN L 206 -93.73 -10.74 23.05
CA GLN L 206 -94.04 -11.93 22.24
C GLN L 206 -94.72 -11.67 20.91
N ASP L 207 -95.85 -10.95 20.94
CA ASP L 207 -96.60 -10.66 19.71
C ASP L 207 -96.42 -9.22 19.22
N ARG L 208 -95.22 -8.67 19.41
CA ARG L 208 -94.90 -7.30 19.04
C ARG L 208 -93.67 -7.30 18.16
N GLN L 209 -93.90 -7.24 16.85
CA GLN L 209 -92.85 -7.45 15.84
C GLN L 209 -92.12 -6.17 15.47
N ASN L 210 -92.83 -5.05 15.39
CA ASN L 210 -92.20 -3.75 15.17
C ASN L 210 -91.85 -3.07 16.47
N VAL L 211 -90.54 -3.08 16.79
CA VAL L 211 -90.01 -2.60 18.03
C VAL L 211 -89.05 -1.43 17.74
N VAL L 212 -89.17 -0.36 18.53
CA VAL L 212 -88.31 0.80 18.41
C VAL L 212 -87.80 1.17 19.79
N MET L 213 -86.51 1.51 19.88
CA MET L 213 -85.97 2.11 21.10
C MET L 213 -85.99 3.62 20.94
N LEU L 214 -86.40 4.31 22.00
CA LEU L 214 -86.47 5.77 22.02
C LEU L 214 -85.61 6.23 23.18
N VAL L 215 -84.44 6.79 22.85
CA VAL L 215 -83.45 7.17 23.85
C VAL L 215 -83.80 8.57 24.38
N GLY L 216 -83.84 8.70 25.71
CA GLY L 216 -84.23 9.92 26.40
C GLY L 216 -83.09 10.65 27.07
N SER L 217 -83.38 11.86 27.58
CA SER L 217 -82.35 12.77 28.09
C SER L 217 -81.83 12.46 29.49
N LYS L 218 -82.44 11.52 30.20
CA LYS L 218 -81.88 11.05 31.49
C LYS L 218 -80.96 9.81 31.35
N LEU L 219 -80.62 9.40 30.12
CA LEU L 219 -79.79 8.19 29.93
C LEU L 219 -78.39 8.35 30.52
N ARG L 220 -77.77 9.52 30.33
CA ARG L 220 -76.48 9.80 30.97
C ARG L 220 -76.57 9.85 32.51
N ALA L 221 -77.60 10.48 33.06
CA ALA L 221 -77.83 10.45 34.52
C ALA L 221 -77.97 9.03 35.07
N ALA L 222 -78.59 8.16 34.27
CA ALA L 222 -78.69 6.74 34.60
C ALA L 222 -77.36 5.96 34.48
N ALA L 223 -76.31 6.56 33.91
CA ALA L 223 -75.04 5.88 33.60
C ALA L 223 -75.23 4.57 32.80
N ALA L 224 -76.14 4.63 31.82
CA ALA L 224 -76.64 3.44 31.16
C ALA L 224 -76.43 3.49 29.65
N GLU L 225 -75.49 4.32 29.19
CA GLU L 225 -75.22 4.48 27.76
C GLU L 225 -74.72 3.16 27.15
N LYS L 226 -73.81 2.47 27.83
CA LYS L 226 -73.27 1.19 27.33
C LYS L 226 -74.34 0.10 27.33
N GLN L 227 -75.21 0.10 28.33
CA GLN L 227 -76.24 -0.92 28.43
C GLN L 227 -77.31 -0.72 27.39
N ALA L 228 -77.56 0.53 26.97
CA ALA L 228 -78.54 0.80 25.90
C ALA L 228 -78.07 0.22 24.56
N VAL L 229 -76.78 0.42 24.27
CA VAL L 229 -76.12 -0.17 23.11
C VAL L 229 -76.20 -1.72 23.14
N ALA L 230 -75.93 -2.33 24.30
CA ALA L 230 -76.00 -3.79 24.44
C ALA L 230 -77.41 -4.33 24.20
N LEU L 231 -78.42 -3.62 24.69
CA LEU L 231 -79.82 -3.97 24.45
C LEU L 231 -80.21 -3.81 22.99
N ALA L 232 -79.78 -2.71 22.37
CA ALA L 232 -80.05 -2.47 20.95
C ALA L 232 -79.38 -3.54 20.05
N ASP L 233 -78.18 -3.95 20.42
CA ASP L 233 -77.47 -5.04 19.73
C ASP L 233 -78.27 -6.34 19.74
N ARG L 234 -78.77 -6.75 20.92
CA ARG L 234 -79.58 -7.97 21.03
C ARG L 234 -80.94 -7.90 20.36
N LEU L 235 -81.67 -6.82 20.57
CA LEU L 235 -82.97 -6.65 19.92
C LEU L 235 -82.83 -6.53 18.42
N GLY L 236 -81.78 -5.87 17.95
CA GLY L 236 -81.63 -5.57 16.52
C GLY L 236 -82.67 -4.61 15.93
N CYS L 237 -83.38 -3.86 16.77
CA CYS L 237 -84.45 -2.98 16.32
C CYS L 237 -83.93 -1.61 15.92
N ALA L 238 -84.81 -0.81 15.32
CA ALA L 238 -84.54 0.61 15.09
C ALA L 238 -84.31 1.35 16.42
N VAL L 239 -83.37 2.30 16.41
CA VAL L 239 -83.09 3.14 17.56
C VAL L 239 -83.27 4.59 17.13
N THR L 240 -84.04 5.33 17.91
CA THR L 240 -84.28 6.75 17.70
C THR L 240 -83.92 7.48 18.99
N ILE L 241 -83.65 8.79 18.86
CA ILE L 241 -83.36 9.62 20.02
C ILE L 241 -84.43 10.70 20.16
N MET L 242 -84.66 11.14 21.39
CA MET L 242 -85.38 12.39 21.64
C MET L 242 -84.37 13.51 21.47
N ALA L 243 -84.86 14.70 21.14
CA ALA L 243 -83.99 15.84 20.82
C ALA L 243 -82.95 16.14 21.88
N ALA L 244 -83.38 16.08 23.14
CA ALA L 244 -82.48 16.34 24.29
C ALA L 244 -81.47 15.21 24.58
N ALA L 245 -81.64 14.04 23.97
CA ALA L 245 -80.73 12.90 24.17
C ALA L 245 -79.60 12.78 23.14
N LYS L 246 -79.36 13.82 22.34
CA LYS L 246 -78.36 13.74 21.28
C LYS L 246 -76.97 13.45 21.84
N GLY L 247 -76.30 12.44 21.27
CA GLY L 247 -74.97 12.02 21.72
C GLY L 247 -74.99 10.96 22.81
N PHE L 248 -76.14 10.71 23.43
CA PHE L 248 -76.26 9.64 24.41
C PHE L 248 -76.36 8.25 23.75
N PHE L 249 -76.49 8.19 22.44
CA PHE L 249 -76.46 6.92 21.68
C PHE L 249 -75.71 7.18 20.37
N PRO L 250 -74.84 6.25 19.94
CA PRO L 250 -74.07 6.53 18.70
C PRO L 250 -74.95 6.58 17.45
N GLU L 251 -74.78 7.62 16.65
CA GLU L 251 -75.62 7.83 15.44
C GLU L 251 -75.08 7.13 14.20
N ASP L 252 -73.82 6.69 14.25
CA ASP L 252 -73.23 5.83 13.23
C ASP L 252 -73.47 4.32 13.48
N HIS L 253 -74.21 3.98 14.54
CA HIS L 253 -74.75 2.62 14.72
C HIS L 253 -75.60 2.24 13.51
N PRO L 254 -75.45 1.01 12.97
CA PRO L 254 -76.20 0.65 11.74
C PRO L 254 -77.73 0.66 11.88
N ASN L 255 -78.24 0.46 13.09
CA ASN L 255 -79.68 0.51 13.36
C ASN L 255 -80.26 1.86 13.85
N PHE L 256 -79.43 2.90 13.92
CA PHE L 256 -79.90 4.24 14.24
C PHE L 256 -80.81 4.75 13.13
N ARG L 257 -82.02 5.19 13.48
CA ARG L 257 -82.98 5.75 12.51
C ARG L 257 -83.45 7.17 12.83
N GLY L 258 -82.66 7.91 13.60
CA GLY L 258 -82.79 9.36 13.68
C GLY L 258 -83.48 9.93 14.90
N LEU L 259 -84.02 11.13 14.70
CA LEU L 259 -84.59 11.96 15.75
C LEU L 259 -86.12 11.83 15.75
N TYR L 260 -86.67 11.42 16.90
CA TYR L 260 -88.11 11.49 17.15
C TYR L 260 -88.41 12.76 17.94
N TRP L 261 -89.17 13.67 17.33
CA TRP L 261 -89.58 14.93 17.96
C TRP L 261 -90.89 15.36 17.28
N GLY L 262 -91.89 14.49 17.34
CA GLY L 262 -93.17 14.71 16.67
C GLY L 262 -93.08 15.09 15.21
N GLU L 263 -93.80 16.15 14.81
CA GLU L 263 -93.81 16.61 13.41
C GLU L 263 -92.51 17.24 12.94
N VAL L 264 -91.58 17.52 13.87
CA VAL L 264 -90.23 18.00 13.51
C VAL L 264 -89.16 16.89 13.67
N SER L 265 -89.58 15.63 13.50
CA SER L 265 -88.70 14.46 13.50
C SER L 265 -87.88 14.37 12.21
N SER L 266 -86.80 13.58 12.25
CA SER L 266 -86.06 13.18 11.04
C SER L 266 -86.97 12.42 10.07
N GLU L 267 -86.53 12.34 8.83
CA GLU L 267 -87.28 11.63 7.76
C GLU L 267 -87.62 10.20 8.19
N GLY L 268 -88.90 9.87 8.16
CA GLY L 268 -89.36 8.52 8.49
C GLY L 268 -89.48 8.18 9.98
N ALA L 269 -88.89 8.97 10.86
CA ALA L 269 -88.80 8.63 12.28
C ALA L 269 -90.13 8.80 13.00
N GLN L 270 -90.93 9.79 12.59
CA GLN L 270 -92.24 10.00 13.21
C GLN L 270 -93.14 8.78 13.05
N GLU L 271 -93.35 8.35 11.82
CA GLU L 271 -94.18 7.16 11.54
C GLU L 271 -93.55 5.87 12.08
N LEU L 272 -92.21 5.81 12.12
CA LEU L 272 -91.51 4.66 12.71
C LEU L 272 -91.94 4.43 14.16
N VAL L 273 -91.84 5.48 14.97
CA VAL L 273 -92.17 5.45 16.41
C VAL L 273 -93.68 5.31 16.66
N GLU L 274 -94.46 6.13 15.98
CA GLU L 274 -95.91 6.22 16.28
C GLU L 274 -96.69 4.98 15.82
N ASN L 275 -96.20 4.27 14.80
CA ASN L 275 -96.81 3.02 14.35
C ASN L 275 -96.22 1.74 14.98
N ALA L 276 -95.28 1.86 15.92
CA ALA L 276 -94.62 0.69 16.49
C ALA L 276 -95.54 -0.15 17.39
N ASP L 277 -95.29 -1.45 17.44
CA ASP L 277 -95.99 -2.37 18.34
C ASP L 277 -95.41 -2.31 19.76
N ALA L 278 -94.13 -1.98 19.86
CA ALA L 278 -93.47 -1.77 21.14
C ALA L 278 -92.49 -0.61 21.01
N ILE L 279 -92.60 0.36 21.92
CA ILE L 279 -91.71 1.50 21.99
C ILE L 279 -91.03 1.44 23.35
N LEU L 280 -89.72 1.23 23.35
CA LEU L 280 -88.94 1.11 24.58
C LEU L 280 -88.29 2.46 24.85
N CYS L 281 -88.83 3.21 25.80
CA CYS L 281 -88.33 4.55 26.15
C CYS L 281 -87.28 4.44 27.24
N LEU L 282 -86.06 4.84 26.91
CA LEU L 282 -84.93 4.77 27.82
C LEU L 282 -84.70 6.13 28.47
N ALA L 283 -85.23 6.28 29.68
CA ALA L 283 -85.09 7.47 30.51
C ALA L 283 -85.59 8.76 29.84
N PRO L 284 -86.86 8.78 29.37
CA PRO L 284 -87.40 9.97 28.71
C PRO L 284 -87.79 11.10 29.69
N VAL L 285 -87.85 12.32 29.17
CA VAL L 285 -88.48 13.46 29.84
C VAL L 285 -89.47 14.01 28.84
N PHE L 286 -90.75 13.71 29.04
CA PHE L 286 -91.81 14.15 28.14
C PHE L 286 -92.41 15.47 28.65
N ASN L 287 -91.68 16.56 28.46
CA ASN L 287 -92.19 17.87 28.78
C ASN L 287 -92.92 18.51 27.59
N ASP L 288 -93.47 19.71 27.80
CA ASP L 288 -94.24 20.40 26.76
C ASP L 288 -93.44 20.67 25.47
N TYR L 289 -92.15 20.92 25.60
CA TYR L 289 -91.28 21.19 24.46
C TYR L 289 -90.92 19.93 23.68
N ALA L 290 -90.56 18.88 24.43
CA ALA L 290 -90.24 17.58 23.86
C ALA L 290 -91.43 16.91 23.17
N THR L 291 -92.64 17.15 23.67
CA THR L 291 -93.87 16.59 23.06
C THR L 291 -94.53 17.51 22.02
N VAL L 292 -93.86 18.62 21.67
CA VAL L 292 -94.38 19.61 20.72
C VAL L 292 -95.77 20.11 21.15
N GLY L 293 -95.86 20.61 22.38
CA GLY L 293 -97.12 21.12 22.95
C GLY L 293 -98.15 20.05 23.25
N TRP L 294 -97.68 18.92 23.78
CA TRP L 294 -98.52 17.73 24.08
C TRP L 294 -99.13 17.04 22.85
N ASN L 295 -98.60 17.29 21.65
CA ASN L 295 -99.13 16.67 20.43
C ASN L 295 -98.55 15.29 20.12
N SER L 296 -97.33 15.03 20.60
CA SER L 296 -96.57 13.83 20.26
C SER L 296 -95.95 13.20 21.50
N TRP L 297 -96.79 12.48 22.24
CA TRP L 297 -96.45 11.91 23.53
C TRP L 297 -96.78 10.40 23.50
N PRO L 298 -95.76 9.54 23.28
CA PRO L 298 -96.02 8.10 23.29
C PRO L 298 -96.42 7.58 24.68
N LYS L 299 -97.56 6.90 24.75
CA LYS L 299 -98.06 6.32 25.99
C LYS L 299 -99.09 5.23 25.69
N GLY L 300 -99.45 4.46 26.72
CA GLY L 300 -100.48 3.42 26.59
C GLY L 300 -99.89 2.04 26.39
N ASP L 301 -100.70 1.14 25.81
CA ASP L 301 -100.41 -0.30 25.72
C ASP L 301 -99.07 -0.63 25.07
N ASN L 302 -98.73 0.10 24.01
CA ASN L 302 -97.52 -0.19 23.23
C ASN L 302 -96.21 0.43 23.75
N VAL L 303 -96.22 0.97 24.97
CA VAL L 303 -95.08 1.73 25.49
C VAL L 303 -94.51 1.11 26.76
N MET L 304 -93.18 1.02 26.80
CA MET L 304 -92.42 0.68 28.00
C MET L 304 -91.58 1.88 28.40
N VAL L 305 -91.72 2.33 29.65
CA VAL L 305 -90.97 3.46 30.15
C VAL L 305 -89.93 2.95 31.14
N MET L 306 -88.67 3.09 30.78
CA MET L 306 -87.56 2.70 31.63
C MET L 306 -86.99 3.97 32.24
N ASP L 307 -87.40 4.26 33.47
CA ASP L 307 -86.84 5.40 34.20
C ASP L 307 -85.52 4.94 34.82
N THR L 308 -84.83 5.85 35.52
CA THR L 308 -83.52 5.55 36.09
C THR L 308 -83.57 4.46 37.16
N ASP L 309 -84.72 4.32 37.84
CA ASP L 309 -84.87 3.40 38.97
C ASP L 309 -86.15 2.55 38.92
N ARG L 310 -86.77 2.45 37.76
CA ARG L 310 -88.09 1.83 37.64
C ARG L 310 -88.36 1.50 36.18
N VAL L 311 -89.18 0.49 35.96
CA VAL L 311 -89.65 0.19 34.61
C VAL L 311 -91.14 -0.12 34.68
N THR L 312 -91.89 0.45 33.73
CA THR L 312 -93.35 0.38 33.72
C THR L 312 -93.85 0.03 32.32
N PHE L 313 -94.75 -0.94 32.26
CA PHE L 313 -95.30 -1.46 31.01
C PHE L 313 -96.32 -2.56 31.31
N ALA L 314 -97.33 -2.70 30.45
CA ALA L 314 -98.32 -3.79 30.53
C ALA L 314 -99.03 -3.88 31.88
N GLY L 315 -99.48 -2.74 32.38
CA GLY L 315 -100.21 -2.67 33.64
C GLY L 315 -99.39 -2.94 34.90
N GLN L 316 -98.07 -2.85 34.82
CA GLN L 316 -97.19 -3.19 35.96
C GLN L 316 -96.02 -2.22 36.06
N SER L 317 -95.50 -2.08 37.27
CA SER L 317 -94.34 -1.24 37.51
C SER L 317 -93.40 -1.93 38.47
N PHE L 318 -92.12 -2.01 38.09
CA PHE L 318 -91.08 -2.73 38.83
C PHE L 318 -90.05 -1.70 39.27
N GLU L 319 -89.72 -1.70 40.56
CA GLU L 319 -88.71 -0.77 41.10
C GLU L 319 -87.68 -1.53 41.93
N GLY L 320 -86.83 -0.82 42.67
CA GLY L 320 -85.71 -1.45 43.37
C GLY L 320 -84.69 -1.96 42.38
N LEU L 321 -84.56 -1.26 41.26
CA LEU L 321 -83.67 -1.65 40.20
C LEU L 321 -83.13 -0.39 39.57
N SER L 322 -82.27 -0.55 38.57
CA SER L 322 -81.71 0.58 37.85
C SER L 322 -81.85 0.31 36.37
N LEU L 323 -81.86 1.37 35.56
CA LEU L 323 -81.95 1.22 34.12
C LEU L 323 -80.75 0.39 33.62
N SER L 324 -79.59 0.66 34.21
CA SER L 324 -78.36 -0.07 33.95
C SER L 324 -78.52 -1.60 34.12
N THR L 325 -78.98 -2.04 35.30
N THR L 325 -78.97 -2.03 35.30
CA THR L 325 -79.12 -3.46 35.60
CA THR L 325 -79.14 -3.44 35.62
C THR L 325 -80.34 -4.12 34.93
C THR L 325 -80.31 -4.09 34.86
N PHE L 326 -81.42 -3.37 34.71
CA PHE L 326 -82.56 -3.88 33.93
C PHE L 326 -82.23 -4.11 32.45
N ALA L 327 -81.57 -3.12 31.82
CA ALA L 327 -81.25 -3.18 30.39
C ALA L 327 -80.28 -4.31 30.08
N ALA L 328 -79.29 -4.49 30.95
CA ALA L 328 -78.32 -5.58 30.85
C ALA L 328 -79.00 -6.95 31.01
N ALA L 329 -79.86 -7.07 32.02
CA ALA L 329 -80.59 -8.31 32.27
C ALA L 329 -81.57 -8.63 31.15
N LEU L 330 -82.22 -7.60 30.59
CA LEU L 330 -83.08 -7.77 29.43
C LEU L 330 -82.31 -8.19 28.18
N ALA L 331 -81.11 -7.63 27.98
CA ALA L 331 -80.27 -7.98 26.82
C ALA L 331 -79.90 -9.48 26.79
N GLU L 332 -79.68 -10.08 27.97
CA GLU L 332 -79.38 -11.51 28.06
C GLU L 332 -80.53 -12.45 27.65
N LYS L 333 -81.78 -11.99 27.76
CA LYS L 333 -82.96 -12.81 27.49
C LYS L 333 -83.88 -12.33 26.37
N ALA L 334 -83.58 -11.18 25.76
CA ALA L 334 -84.53 -10.57 24.80
C ALA L 334 -84.55 -11.29 23.44
N PRO L 335 -85.71 -11.31 22.76
CA PRO L 335 -85.79 -11.83 21.40
C PRO L 335 -85.29 -10.82 20.36
N SER L 336 -84.95 -11.34 19.17
CA SER L 336 -84.51 -10.52 18.05
C SER L 336 -85.74 -9.94 17.37
N ARG L 337 -85.72 -8.63 17.13
CA ARG L 337 -86.83 -7.92 16.53
C ARG L 337 -86.28 -6.96 15.48
N PRO L 338 -85.77 -7.49 14.35
CA PRO L 338 -85.11 -6.65 13.35
C PRO L 338 -86.01 -5.89 12.35
N ALA L 339 -87.32 -6.08 12.38
CA ALA L 339 -88.20 -5.60 11.28
C ALA L 339 -88.16 -4.08 11.00
N THR L 340 -88.09 -3.27 12.05
CA THR L 340 -88.01 -1.82 11.90
C THR L 340 -86.69 -1.28 11.30
N THR L 341 -85.65 -2.12 11.21
CA THR L 341 -84.40 -1.75 10.52
C THR L 341 -84.41 -2.01 9.01
N GLN L 342 -85.40 -2.75 8.50
CA GLN L 342 -85.37 -3.27 7.12
C GLN L 342 -85.95 -2.31 6.09
N GLY L 343 -85.14 -1.95 5.09
CA GLY L 343 -85.52 -0.98 4.05
C GLY L 343 -85.54 0.49 4.47
N THR L 344 -85.13 0.77 5.71
CA THR L 344 -85.03 2.13 6.27
C THR L 344 -83.53 2.42 6.44
N GLN L 345 -83.17 3.70 6.61
CA GLN L 345 -81.77 4.08 6.80
C GLN L 345 -81.62 5.27 7.76
N ALA L 346 -80.44 5.38 8.39
CA ALA L 346 -80.11 6.56 9.21
C ALA L 346 -80.20 7.83 8.36
N PRO L 347 -80.66 8.95 8.95
CA PRO L 347 -80.83 10.16 8.13
C PRO L 347 -79.49 10.81 7.83
N VAL L 348 -79.47 11.60 6.75
CA VAL L 348 -78.29 12.36 6.33
C VAL L 348 -78.62 13.84 6.44
N LEU L 349 -77.58 14.68 6.49
CA LEU L 349 -77.73 16.13 6.59
C LEU L 349 -78.58 16.72 5.44
N GLY L 350 -78.37 16.20 4.23
CA GLY L 350 -79.13 16.61 3.04
C GLY L 350 -78.97 18.07 2.63
N ILE L 351 -77.79 18.65 2.89
CA ILE L 351 -77.50 20.03 2.50
C ILE L 351 -76.31 20.01 1.55
N GLU L 352 -76.50 20.56 0.36
CA GLU L 352 -75.43 20.69 -0.62
C GLU L 352 -74.74 22.06 -0.49
N ALA L 353 -73.46 22.08 -0.82
CA ALA L 353 -72.61 23.28 -0.62
C ALA L 353 -73.09 24.46 -1.46
N ALA L 354 -73.10 25.64 -0.86
CA ALA L 354 -73.52 26.87 -1.56
C ALA L 354 -72.36 27.42 -2.38
N GLU L 355 -72.67 28.36 -3.27
N GLU L 355 -72.65 28.36 -3.28
CA GLU L 355 -71.66 29.11 -4.02
CA GLU L 355 -71.62 29.06 -4.05
C GLU L 355 -70.79 29.87 -2.99
C GLU L 355 -70.80 29.89 -3.06
N PRO L 356 -69.46 29.69 -3.00
CA PRO L 356 -68.59 30.29 -1.96
C PRO L 356 -68.81 31.77 -1.59
N ASN L 357 -69.17 32.60 -2.58
CA ASN L 357 -69.35 34.04 -2.40
C ASN L 357 -70.81 34.54 -2.25
N ALA L 358 -71.76 33.62 -2.27
CA ALA L 358 -73.17 33.99 -1.99
C ALA L 358 -73.34 34.32 -0.50
N PRO L 359 -74.31 35.19 -0.16
CA PRO L 359 -74.58 35.49 1.27
C PRO L 359 -74.82 34.20 2.09
N LEU L 360 -74.22 34.13 3.26
CA LEU L 360 -74.25 32.94 4.08
C LEU L 360 -75.69 32.62 4.47
N THR L 361 -76.08 31.37 4.27
CA THR L 361 -77.39 30.88 4.64
C THR L 361 -77.26 30.08 5.93
N ASN L 362 -78.38 29.89 6.60
CA ASN L 362 -78.42 29.03 7.77
C ASN L 362 -77.97 27.60 7.44
N ASP L 363 -78.44 27.08 6.30
CA ASP L 363 -78.01 25.75 5.79
C ASP L 363 -76.49 25.62 5.59
N GLU L 364 -75.88 26.59 4.93
CA GLU L 364 -74.43 26.56 4.65
C GLU L 364 -73.61 26.57 5.94
N MET L 365 -74.04 27.39 6.90
CA MET L 365 -73.40 27.46 8.20
C MET L 365 -73.52 26.11 8.92
N THR L 366 -74.72 25.55 8.93
CA THR L 366 -74.96 24.23 9.51
C THR L 366 -74.06 23.17 8.86
N ARG L 367 -73.93 23.24 7.54
CA ARG L 367 -73.08 22.31 6.78
C ARG L 367 -71.59 22.37 7.19
N GLN L 368 -71.03 23.56 7.31
CA GLN L 368 -69.62 23.69 7.71
C GLN L 368 -69.40 23.32 9.18
N ILE L 369 -70.33 23.68 10.05
CA ILE L 369 -70.22 23.33 11.46
C ILE L 369 -70.28 21.82 11.59
N GLN L 370 -71.20 21.18 10.90
CA GLN L 370 -71.31 19.71 10.94
C GLN L 370 -69.97 19.01 10.58
N SER L 371 -69.26 19.52 9.58
CA SER L 371 -67.95 18.96 9.15
C SER L 371 -66.84 19.03 10.19
N LEU L 372 -66.96 19.98 11.12
CA LEU L 372 -66.03 20.13 12.22
C LEU L 372 -66.14 19.06 13.30
N ILE L 373 -67.27 18.35 13.35
CA ILE L 373 -67.52 17.47 14.48
C ILE L 373 -66.82 16.13 14.26
N THR L 374 -65.84 15.86 15.10
CA THR L 374 -65.11 14.58 15.17
C THR L 374 -65.57 13.76 16.38
N SER L 375 -65.07 12.53 16.46
CA SER L 375 -65.31 11.65 17.60
C SER L 375 -64.79 12.17 18.96
N ASP L 376 -63.85 13.12 18.93
N ASP L 376 -63.82 13.10 18.94
CA ASP L 376 -63.37 13.79 20.14
CA ASP L 376 -63.38 13.79 20.16
C ASP L 376 -63.87 15.25 20.25
C ASP L 376 -63.85 15.26 20.23
N THR L 377 -64.98 15.57 19.61
CA THR L 377 -65.58 16.91 19.69
C THR L 377 -66.69 16.92 20.76
N THR L 378 -66.77 18.03 21.51
CA THR L 378 -67.93 18.38 22.32
C THR L 378 -68.54 19.66 21.70
N LEU L 379 -69.82 19.61 21.36
CA LEU L 379 -70.56 20.71 20.75
C LEU L 379 -71.65 21.17 21.74
N THR L 380 -71.56 22.41 22.18
CA THR L 380 -72.58 23.01 23.07
C THR L 380 -73.53 23.85 22.21
N ALA L 381 -74.82 23.50 22.21
CA ALA L 381 -75.82 24.23 21.40
C ALA L 381 -76.85 24.97 22.26
N GLU L 382 -76.87 26.30 22.13
CA GLU L 382 -77.75 27.17 22.92
C GLU L 382 -79.23 27.08 22.52
N THR L 383 -80.11 27.40 23.48
CA THR L 383 -81.54 27.60 23.20
C THR L 383 -81.73 28.73 22.20
N GLY L 384 -82.55 28.48 21.20
CA GLY L 384 -82.65 29.33 20.01
C GLY L 384 -82.70 28.42 18.80
N ASP L 385 -82.48 28.97 17.61
CA ASP L 385 -82.50 28.12 16.41
C ASP L 385 -81.38 27.08 16.43
N SER L 386 -80.30 27.35 17.17
CA SER L 386 -79.25 26.36 17.41
C SER L 386 -79.74 24.99 17.87
N TRP L 387 -80.82 24.94 18.67
CA TRP L 387 -81.48 23.67 19.01
C TRP L 387 -81.84 22.89 17.76
N PHE L 388 -82.40 23.60 16.78
CA PHE L 388 -82.92 22.98 15.58
C PHE L 388 -81.82 22.64 14.58
N ASN L 389 -80.83 23.50 14.44
CA ASN L 389 -79.65 23.18 13.63
C ASN L 389 -78.88 21.99 14.17
N ALA L 390 -78.57 22.02 15.47
CA ALA L 390 -77.94 20.88 16.14
C ALA L 390 -78.72 19.58 15.91
N SER L 391 -80.04 19.62 16.04
N SER L 391 -80.04 19.63 16.05
CA SER L 391 -80.88 18.43 15.96
CA SER L 391 -80.89 18.45 15.96
C SER L 391 -80.97 17.80 14.55
C SER L 391 -81.01 17.82 14.55
N ARG L 392 -80.60 18.54 13.51
CA ARG L 392 -80.55 17.98 12.14
C ARG L 392 -79.12 17.59 11.66
N MET L 393 -78.12 17.74 12.53
CA MET L 393 -76.72 17.36 12.23
C MET L 393 -76.42 15.92 12.63
N PRO L 394 -76.11 15.04 11.66
CA PRO L 394 -75.54 13.74 12.06
C PRO L 394 -74.17 13.92 12.71
N ILE L 395 -73.85 13.09 13.69
CA ILE L 395 -72.57 13.18 14.40
C ILE L 395 -71.93 11.80 14.52
N PRO L 396 -70.59 11.72 14.48
CA PRO L 396 -69.93 10.43 14.62
C PRO L 396 -69.97 9.92 16.05
N GLY L 397 -69.72 8.62 16.20
CA GLY L 397 -69.69 7.97 17.50
C GLY L 397 -68.59 8.58 18.34
N GLY L 398 -68.89 8.77 19.63
CA GLY L 398 -67.97 9.42 20.56
C GLY L 398 -68.13 10.93 20.66
N ALA L 399 -68.73 11.57 19.65
CA ALA L 399 -69.03 13.01 19.71
C ALA L 399 -70.02 13.28 20.84
N ARG L 400 -69.87 14.45 21.46
CA ARG L 400 -70.71 14.84 22.59
C ARG L 400 -71.46 16.11 22.20
N VAL L 401 -72.78 16.10 22.43
CA VAL L 401 -73.61 17.30 22.29
C VAL L 401 -74.19 17.66 23.66
N GLU L 402 -74.10 18.94 24.02
CA GLU L 402 -74.70 19.45 25.24
C GLU L 402 -75.83 20.41 24.90
N LEU L 403 -77.03 20.01 25.32
CA LEU L 403 -78.23 20.81 25.20
C LEU L 403 -78.79 21.01 26.61
N GLU L 404 -79.47 22.14 26.79
CA GLU L 404 -80.06 22.51 28.07
C GLU L 404 -81.56 22.72 27.84
N MET L 405 -82.23 21.64 27.44
CA MET L 405 -83.63 21.72 26.94
C MET L 405 -84.72 21.69 28.00
N GLN L 406 -84.41 21.29 29.24
CA GLN L 406 -85.40 21.34 30.31
C GLN L 406 -85.39 22.75 30.91
N TRP L 407 -84.23 23.26 31.29
CA TRP L 407 -84.11 24.60 31.88
C TRP L 407 -84.29 25.69 30.83
N GLY L 408 -83.49 25.65 29.76
CA GLY L 408 -83.65 26.56 28.63
C GLY L 408 -83.35 28.02 28.94
N HIS L 409 -82.30 28.27 29.73
CA HIS L 409 -81.87 29.61 30.11
C HIS L 409 -80.89 30.12 29.06
N ILE L 410 -81.31 31.10 28.28
CA ILE L 410 -80.43 31.66 27.25
C ILE L 410 -79.20 32.28 27.90
N GLY L 411 -78.07 32.16 27.21
CA GLY L 411 -76.80 32.58 27.76
C GLY L 411 -76.08 31.46 28.50
N TRP L 412 -76.78 30.38 28.88
CA TRP L 412 -76.18 29.18 29.46
C TRP L 412 -74.90 28.72 28.73
N SER L 413 -74.93 28.77 27.40
CA SER L 413 -73.93 28.12 26.55
C SER L 413 -72.50 28.66 26.69
N VAL L 414 -72.36 29.96 26.93
CA VAL L 414 -71.05 30.61 26.99
C VAL L 414 -70.27 30.13 28.22
N PRO L 415 -70.81 30.33 29.44
CA PRO L 415 -70.09 29.79 30.58
C PRO L 415 -70.10 28.24 30.66
N SER L 416 -71.12 27.56 30.12
CA SER L 416 -71.14 26.09 30.15
C SER L 416 -70.04 25.51 29.26
N ALA L 417 -69.91 26.08 28.06
CA ALA L 417 -68.79 25.75 27.16
C ALA L 417 -67.42 26.00 27.81
N PHE L 418 -67.24 27.15 28.46
CA PHE L 418 -66.03 27.44 29.25
C PHE L 418 -65.71 26.34 30.27
N GLY L 419 -66.71 25.99 31.08
CA GLY L 419 -66.52 25.02 32.14
C GLY L 419 -66.25 23.63 31.60
N ASN L 420 -66.97 23.28 30.54
CA ASN L 420 -66.82 21.99 29.88
C ASN L 420 -65.42 21.84 29.26
N ALA L 421 -64.96 22.89 28.58
CA ALA L 421 -63.62 22.89 27.99
C ALA L 421 -62.50 22.85 29.06
N VAL L 422 -62.68 23.55 30.16
CA VAL L 422 -61.76 23.46 31.31
C VAL L 422 -61.68 22.03 31.85
N GLY L 423 -62.81 21.32 31.85
CA GLY L 423 -62.87 19.95 32.37
C GLY L 423 -62.47 18.83 31.42
N SER L 424 -62.52 19.10 30.11
CA SER L 424 -62.13 18.11 29.09
C SER L 424 -61.29 18.76 27.97
N PRO L 425 -60.06 19.23 28.32
CA PRO L 425 -59.23 19.98 27.38
C PRO L 425 -58.62 19.16 26.24
N GLU L 426 -58.59 17.84 26.39
CA GLU L 426 -58.19 16.92 25.31
C GLU L 426 -59.09 17.00 24.05
N ARG L 427 -60.33 17.46 24.24
CA ARG L 427 -61.34 17.46 23.18
C ARG L 427 -61.31 18.75 22.35
N ARG L 428 -61.97 18.71 21.20
CA ARG L 428 -62.28 19.90 20.41
C ARG L 428 -63.59 20.46 20.93
N HIS L 429 -63.65 21.75 21.22
CA HIS L 429 -64.84 22.38 21.80
C HIS L 429 -65.46 23.41 20.86
N ILE L 430 -66.65 23.10 20.39
CA ILE L 430 -67.45 23.96 19.52
C ILE L 430 -68.68 24.44 20.28
N MET L 431 -69.15 25.62 19.91
CA MET L 431 -70.29 26.27 20.57
C MET L 431 -71.14 26.97 19.51
N MET L 432 -72.44 26.74 19.52
CA MET L 432 -73.38 27.52 18.72
C MET L 432 -74.23 28.36 19.69
N VAL L 433 -74.21 29.67 19.50
CA VAL L 433 -74.88 30.61 20.41
C VAL L 433 -75.47 31.75 19.59
N GLY L 434 -76.75 32.07 19.83
CA GLY L 434 -77.41 33.18 19.16
C GLY L 434 -76.97 34.50 19.74
N ASP L 435 -77.27 35.59 19.03
CA ASP L 435 -76.92 36.95 19.48
C ASP L 435 -77.62 37.35 20.77
N GLY L 436 -78.91 37.05 20.86
CA GLY L 436 -79.68 37.35 22.06
C GLY L 436 -79.12 36.69 23.30
N SER L 437 -78.86 35.39 23.18
CA SER L 437 -78.30 34.59 24.25
C SER L 437 -76.94 35.11 24.70
N PHE L 438 -76.09 35.44 23.73
CA PHE L 438 -74.72 35.88 23.99
C PHE L 438 -74.65 37.10 24.92
N GLN L 439 -75.59 38.02 24.70
CA GLN L 439 -75.64 39.25 25.50
C GLN L 439 -75.90 39.06 27.01
N LEU L 440 -76.56 37.97 27.40
CA LEU L 440 -76.76 37.70 28.83
C LEU L 440 -75.46 37.39 29.56
N THR L 441 -74.54 36.69 28.87
CA THR L 441 -73.36 36.12 29.51
C THR L 441 -72.03 36.38 28.80
N ALA L 442 -72.00 37.31 27.83
CA ALA L 442 -70.82 37.58 26.98
C ALA L 442 -69.47 37.69 27.72
N GLN L 443 -69.45 38.35 28.87
CA GLN L 443 -68.19 38.58 29.63
C GLN L 443 -67.40 37.33 30.05
N GLU L 444 -68.05 36.17 30.09
CA GLU L 444 -67.31 34.94 30.40
C GLU L 444 -66.39 34.47 29.25
N VAL L 445 -66.54 35.02 28.04
CA VAL L 445 -65.55 34.90 26.97
C VAL L 445 -64.18 35.45 27.39
N ALA L 446 -64.16 36.49 28.22
CA ALA L 446 -62.92 37.02 28.76
C ALA L 446 -62.20 36.06 29.71
N GLN L 447 -62.96 35.17 30.36
CA GLN L 447 -62.38 34.12 31.18
C GLN L 447 -61.80 32.98 30.33
N MET L 448 -62.44 32.71 29.19
CA MET L 448 -61.88 31.77 28.22
C MET L 448 -60.51 32.30 27.77
N ILE L 449 -60.43 33.61 27.58
CA ILE L 449 -59.19 34.28 27.20
C ILE L 449 -58.17 34.23 28.34
N ARG L 450 -58.59 34.59 29.55
CA ARG L 450 -57.69 34.57 30.70
C ARG L 450 -57.02 33.20 30.88
N TYR L 451 -57.83 32.15 30.80
CA TYR L 451 -57.40 30.77 31.08
C TYR L 451 -56.95 30.00 29.83
N GLU L 452 -56.97 30.66 28.67
CA GLU L 452 -56.43 30.14 27.40
C GLU L 452 -57.17 28.86 26.96
N ILE L 453 -58.48 28.99 26.88
CA ILE L 453 -59.38 27.88 26.60
C ILE L 453 -59.85 28.05 25.16
N PRO L 454 -59.41 27.17 24.24
CA PRO L 454 -59.69 27.36 22.81
C PRO L 454 -61.08 26.90 22.36
N VAL L 455 -62.13 27.57 22.82
CA VAL L 455 -63.49 27.26 22.34
C VAL L 455 -63.72 27.96 21.00
N ILE L 456 -64.28 27.25 20.04
CA ILE L 456 -64.67 27.86 18.77
C ILE L 456 -66.13 28.21 18.89
N ILE L 457 -66.43 29.50 18.92
CA ILE L 457 -67.78 30.03 19.16
C ILE L 457 -68.38 30.50 17.85
N PHE L 458 -69.44 29.84 17.41
CA PHE L 458 -70.23 30.28 16.25
C PHE L 458 -71.38 31.10 16.78
N LEU L 459 -71.30 32.41 16.56
CA LEU L 459 -72.31 33.38 17.00
C LEU L 459 -73.24 33.65 15.84
N ILE L 460 -74.52 33.27 15.96
CA ILE L 460 -75.47 33.52 14.87
C ILE L 460 -76.07 34.88 15.09
N ASN L 461 -75.57 35.87 14.36
CA ASN L 461 -76.14 37.21 14.43
C ASN L 461 -77.29 37.30 13.44
N ASN L 462 -78.49 36.98 13.90
CA ASN L 462 -79.72 37.16 13.10
C ASN L 462 -80.59 38.37 13.51
N ARG L 463 -80.04 39.25 14.35
CA ARG L 463 -80.69 40.52 14.73
C ARG L 463 -81.98 40.30 15.52
N GLY L 464 -81.84 39.59 16.66
CA GLY L 464 -82.94 39.41 17.60
C GLY L 464 -83.23 37.99 17.99
N TYR L 465 -84.38 37.82 18.64
CA TYR L 465 -84.79 36.56 19.27
C TYR L 465 -85.67 35.79 18.29
N VAL L 466 -85.06 35.08 17.35
CA VAL L 466 -85.81 34.49 16.23
C VAL L 466 -86.79 33.38 16.65
N ILE L 467 -86.36 32.52 17.57
CA ILE L 467 -87.27 31.51 18.15
C ILE L 467 -88.51 32.16 18.82
N GLU L 468 -88.32 33.28 19.52
CA GLU L 468 -89.44 34.04 20.12
C GLU L 468 -90.35 34.64 19.06
N ILE L 469 -89.77 35.14 17.98
CA ILE L 469 -90.53 35.67 16.87
C ILE L 469 -91.43 34.57 16.26
N ALA L 470 -90.90 33.35 16.21
CA ALA L 470 -91.67 32.19 15.72
C ALA L 470 -92.84 31.80 16.62
N ILE L 471 -92.70 32.01 17.92
CA ILE L 471 -93.79 31.78 18.88
C ILE L 471 -94.85 32.92 18.80
N HIS L 472 -94.38 34.16 18.98
CA HIS L 472 -95.27 35.34 19.04
C HIS L 472 -94.40 36.60 18.88
N ASP L 473 -94.64 37.35 17.81
CA ASP L 473 -93.79 38.50 17.48
C ASP L 473 -94.27 39.79 18.15
N GLY L 474 -93.31 40.63 18.51
CA GLY L 474 -93.54 41.96 19.09
C GLY L 474 -92.22 42.66 19.32
N PRO L 475 -92.25 43.96 19.70
CA PRO L 475 -91.02 44.77 19.80
C PRO L 475 -89.97 44.23 20.78
N TYR L 476 -90.44 43.51 21.80
CA TYR L 476 -89.56 42.81 22.78
C TYR L 476 -88.56 41.79 22.19
N ASN L 477 -88.71 41.41 20.93
CA ASN L 477 -87.80 40.45 20.27
C ASN L 477 -86.61 41.04 19.51
N TYR L 478 -86.47 42.37 19.51
CA TYR L 478 -85.46 43.07 18.73
C TYR L 478 -84.50 43.74 19.67
N ILE L 479 -83.21 43.44 19.52
CA ILE L 479 -82.18 43.87 20.45
C ILE L 479 -81.16 44.80 19.78
N LYS L 480 -80.41 45.51 20.62
CA LYS L 480 -79.30 46.35 20.18
C LYS L 480 -78.22 45.44 19.58
N ASN L 481 -77.78 45.77 18.36
CA ASN L 481 -76.70 45.03 17.71
C ASN L 481 -75.37 45.46 18.29
N TRP L 482 -74.46 44.51 18.47
CA TRP L 482 -73.10 44.79 18.87
C TRP L 482 -72.18 44.39 17.72
N ASN L 483 -70.94 44.89 17.77
CA ASN L 483 -69.85 44.33 16.98
C ASN L 483 -69.30 43.13 17.75
N TYR L 484 -69.93 41.97 17.56
CA TYR L 484 -69.62 40.77 18.36
C TYR L 484 -68.16 40.31 18.17
N ALA L 485 -67.67 40.31 16.94
CA ALA L 485 -66.27 39.99 16.64
C ALA L 485 -65.27 40.99 17.26
N GLY L 486 -65.63 42.26 17.32
CA GLY L 486 -64.78 43.30 17.94
C GLY L 486 -64.65 43.22 19.45
N LEU L 487 -65.61 42.54 20.10
CA LEU L 487 -65.59 42.34 21.54
C LEU L 487 -64.35 41.56 22.02
N ILE L 488 -63.84 40.69 21.16
CA ILE L 488 -62.69 39.86 21.49
C ILE L 488 -61.43 40.69 21.78
N ASP L 489 -61.15 41.69 20.94
CA ASP L 489 -59.99 42.57 21.17
C ASP L 489 -60.11 43.37 22.49
N VAL L 490 -61.33 43.79 22.82
CA VAL L 490 -61.60 44.46 24.10
C VAL L 490 -61.21 43.55 25.28
N PHE L 491 -61.65 42.30 25.24
CA PHE L 491 -61.33 41.33 26.30
C PHE L 491 -59.86 40.91 26.29
N ASN L 492 -59.25 40.81 25.10
CA ASN L 492 -57.81 40.55 24.99
C ASN L 492 -56.99 41.64 25.67
N ASP L 493 -57.28 42.88 25.30
CA ASP L 493 -56.51 44.06 25.72
C ASP L 493 -55.04 43.91 25.26
N GLU L 494 -54.05 43.97 26.17
CA GLU L 494 -52.64 43.81 25.78
C GLU L 494 -52.22 42.33 25.70
N ASP L 495 -52.97 41.45 26.36
CA ASP L 495 -52.46 40.18 26.87
C ASP L 495 -53.00 38.88 26.24
N GLY L 496 -54.24 38.88 25.74
CA GLY L 496 -54.95 37.64 25.39
C GLY L 496 -54.79 37.15 23.97
N HIS L 497 -55.07 35.87 23.76
CA HIS L 497 -54.99 35.25 22.42
C HIS L 497 -56.36 34.86 21.86
N GLY L 498 -57.41 35.59 22.25
CA GLY L 498 -58.71 35.47 21.61
C GLY L 498 -58.65 35.95 20.16
N LEU L 499 -59.52 35.40 19.31
CA LEU L 499 -59.62 35.82 17.92
C LEU L 499 -61.07 36.07 17.54
N GLY L 500 -61.35 37.22 16.93
CA GLY L 500 -62.69 37.59 16.54
C GLY L 500 -62.76 37.78 15.06
N LEU L 501 -63.68 37.08 14.39
CA LEU L 501 -63.79 37.06 12.94
C LEU L 501 -65.23 37.23 12.48
N LYS L 502 -65.42 37.78 11.29
CA LYS L 502 -66.73 37.94 10.68
C LYS L 502 -66.87 37.02 9.47
N ALA L 503 -68.06 36.48 9.27
CA ALA L 503 -68.36 35.64 8.11
C ALA L 503 -69.75 35.97 7.57
N SER L 504 -69.80 36.50 6.36
CA SER L 504 -71.05 36.78 5.65
C SER L 504 -71.19 35.96 4.35
N THR L 505 -70.24 35.06 4.07
CA THR L 505 -70.33 34.13 2.95
C THR L 505 -69.78 32.75 3.34
N GLY L 506 -70.09 31.74 2.54
CA GLY L 506 -69.55 30.40 2.72
C GLY L 506 -68.03 30.33 2.74
N ALA L 507 -67.39 31.12 1.87
CA ALA L 507 -65.91 31.16 1.79
C ALA L 507 -65.26 31.79 3.02
N GLU L 508 -65.79 32.95 3.45
CA GLU L 508 -65.32 33.61 4.67
C GLU L 508 -65.45 32.69 5.90
N LEU L 509 -66.54 31.93 5.96
CA LEU L 509 -66.75 30.98 7.06
C LEU L 509 -65.68 29.89 7.04
N GLU L 510 -65.41 29.37 5.84
CA GLU L 510 -64.38 28.34 5.65
C GLU L 510 -63.00 28.84 6.11
N GLY L 511 -62.65 30.06 5.73
CA GLY L 511 -61.38 30.67 6.15
C GLY L 511 -61.33 30.92 7.65
N ALA L 512 -62.44 31.43 8.19
CA ALA L 512 -62.56 31.65 9.63
C ALA L 512 -62.34 30.36 10.45
N ILE L 513 -62.97 29.27 10.00
CA ILE L 513 -62.84 27.98 10.67
C ILE L 513 -61.38 27.48 10.69
N LYS L 514 -60.67 27.60 9.56
CA LYS L 514 -59.25 27.20 9.53
C LYS L 514 -58.40 27.99 10.56
N LYS L 515 -58.61 29.30 10.62
CA LYS L 515 -57.96 30.11 11.66
C LYS L 515 -58.37 29.66 13.06
N ALA L 516 -59.67 29.39 13.25
CA ALA L 516 -60.19 28.93 14.54
C ALA L 516 -59.47 27.69 15.04
N LEU L 517 -59.36 26.68 14.16
CA LEU L 517 -58.68 25.42 14.48
C LEU L 517 -57.22 25.60 14.94
N ASP L 518 -56.53 26.56 14.33
CA ASP L 518 -55.12 26.87 14.66
C ASP L 518 -54.90 27.86 15.80
N ASN L 519 -55.97 28.41 16.38
CA ASN L 519 -55.86 29.24 17.58
C ASN L 519 -56.00 28.34 18.83
N ARG L 520 -54.87 27.95 19.41
CA ARG L 520 -54.86 27.02 20.53
C ARG L 520 -54.73 27.66 21.90
N ARG L 521 -54.46 28.97 21.94
CA ARG L 521 -54.26 29.68 23.20
C ARG L 521 -55.44 30.58 23.60
N GLY L 522 -56.54 30.51 22.87
CA GLY L 522 -57.69 31.33 23.20
C GLY L 522 -58.92 30.93 22.43
N PRO L 523 -60.07 31.52 22.80
CA PRO L 523 -61.30 31.25 22.07
C PRO L 523 -61.29 31.96 20.74
N THR L 524 -62.06 31.46 19.78
CA THR L 524 -62.24 32.10 18.50
C THR L 524 -63.74 32.31 18.31
N LEU L 525 -64.17 33.56 18.27
CA LEU L 525 -65.55 33.90 18.00
C LEU L 525 -65.68 34.20 16.52
N ILE L 526 -66.60 33.49 15.87
CA ILE L 526 -66.93 33.69 14.47
C ILE L 526 -68.33 34.24 14.40
N GLU L 527 -68.44 35.51 14.06
CA GLU L 527 -69.75 36.17 13.93
C GLU L 527 -70.33 35.88 12.57
N CYS L 528 -71.36 35.03 12.51
CA CYS L 528 -72.02 34.66 11.26
C CYS L 528 -73.22 35.55 11.01
N ASN L 529 -73.27 36.15 9.83
CA ASN L 529 -74.37 37.00 9.43
C ASN L 529 -75.46 36.14 8.79
N ILE L 530 -76.53 35.89 9.55
CA ILE L 530 -77.66 35.12 9.05
C ILE L 530 -78.88 36.02 9.01
N ALA L 531 -79.61 36.02 7.88
CA ALA L 531 -80.84 36.81 7.77
C ALA L 531 -81.88 36.37 8.80
N GLN L 532 -82.67 37.33 9.26
CA GLN L 532 -83.70 37.09 10.28
C GLN L 532 -84.80 36.12 9.79
N ASP L 533 -85.21 36.24 8.52
CA ASP L 533 -86.15 35.29 7.89
C ASP L 533 -85.57 33.89 7.64
N ASP L 534 -84.24 33.77 7.63
CA ASP L 534 -83.58 32.51 7.29
C ASP L 534 -83.34 31.62 8.52
N CYS L 535 -84.41 30.98 9.00
CA CYS L 535 -84.32 30.02 10.10
C CYS L 535 -84.96 28.70 9.67
N THR L 536 -84.70 27.64 10.44
CA THR L 536 -85.19 26.31 10.08
C THR L 536 -86.72 26.30 9.99
N GLU L 537 -87.22 25.51 9.04
CA GLU L 537 -88.67 25.28 8.94
C GLU L 537 -89.18 24.48 10.14
N THR L 538 -88.34 23.60 10.70
CA THR L 538 -88.69 22.87 11.92
C THR L 538 -88.97 23.81 13.12
N LEU L 539 -88.20 24.89 13.25
CA LEU L 539 -88.48 25.92 14.25
C LEU L 539 -89.88 26.52 14.10
N ILE L 540 -90.22 26.89 12.87
CA ILE L 540 -91.50 27.58 12.60
C ILE L 540 -92.68 26.67 12.93
N ALA L 541 -92.60 25.41 12.50
CA ALA L 541 -93.63 24.43 12.79
C ALA L 541 -93.80 24.16 14.29
N TRP L 542 -92.68 23.92 14.97
CA TRP L 542 -92.65 23.73 16.43
C TRP L 542 -93.17 24.96 17.19
N GLY L 543 -92.67 26.14 16.81
CA GLY L 543 -93.10 27.42 17.38
C GLY L 543 -94.60 27.71 17.39
N LYS L 544 -95.31 27.33 16.32
CA LYS L 544 -96.78 27.50 16.26
C LYS L 544 -97.52 26.57 17.21
N ARG L 545 -97.03 25.35 17.36
CA ARG L 545 -97.59 24.40 18.33
C ARG L 545 -97.39 24.87 19.78
N VAL L 546 -96.18 25.34 20.09
CA VAL L 546 -95.89 25.92 21.40
C VAL L 546 -96.77 27.12 21.73
N ALA L 547 -96.96 28.02 20.76
CA ALA L 547 -97.80 29.19 20.98
C ALA L 547 -99.23 28.81 21.35
N ALA L 548 -99.85 27.92 20.57
CA ALA L 548 -101.24 27.48 20.78
C ALA L 548 -101.44 26.70 22.08
N THR L 549 -100.44 25.90 22.46
CA THR L 549 -100.45 25.19 23.74
C THR L 549 -100.37 26.18 24.91
N ASN L 550 -99.42 27.09 24.88
CA ASN L 550 -99.27 28.12 25.93
C ASN L 550 -100.51 28.97 26.14
N SER L 551 -101.17 29.33 25.04
CA SER L 551 -102.31 30.24 25.09
C SER L 551 -103.70 29.59 25.18
N ARG L 552 -103.77 28.26 25.29
N ARG L 552 -103.76 28.26 25.29
CA ARG L 552 -105.05 27.57 25.33
CA ARG L 552 -105.06 27.56 25.36
C ARG L 552 -105.81 28.01 26.60
C ARG L 552 -105.81 28.01 26.61
N LYS L 553 -107.09 28.34 26.43
CA LYS L 553 -107.84 29.11 27.40
C LYS L 553 -108.20 28.34 28.70
N PRO L 554 -108.44 29.06 29.81
CA PRO L 554 -108.88 28.42 31.07
C PRO L 554 -110.25 27.74 30.97
N GLN L 555 -110.56 26.87 31.92
CA GLN L 555 -111.90 26.26 32.02
C GLN L 555 -112.80 27.12 32.92
N MET M 1 -39.76 -21.97 46.29
CA MET M 1 -38.92 -22.90 47.13
C MET M 1 -37.81 -22.08 47.80
N TYR M 2 -37.74 -22.18 49.13
CA TYR M 2 -36.68 -21.52 49.89
C TYR M 2 -35.94 -22.59 50.71
N THR M 3 -34.62 -22.64 50.56
CA THR M 3 -33.80 -23.75 51.08
C THR M 3 -32.87 -23.33 52.20
N VAL M 4 -32.33 -24.33 52.91
CA VAL M 4 -31.34 -24.13 53.98
C VAL M 4 -30.16 -23.33 53.48
N GLY M 5 -29.68 -23.65 52.29
CA GLY M 5 -28.56 -22.93 51.70
C GLY M 5 -28.88 -21.48 51.36
N MET M 6 -30.11 -21.20 50.96
CA MET M 6 -30.55 -19.82 50.73
C MET M 6 -30.66 -19.03 52.03
N TYR M 7 -31.11 -19.68 53.11
CA TYR M 7 -31.08 -19.08 54.44
C TYR M 7 -29.66 -18.63 54.82
N LEU M 8 -28.70 -19.54 54.61
CA LEU M 8 -27.30 -19.22 54.84
C LEU M 8 -26.85 -18.05 53.98
N ALA M 9 -27.20 -18.07 52.70
CA ALA M 9 -26.76 -17.02 51.79
C ALA M 9 -27.36 -15.66 52.17
N GLU M 10 -28.61 -15.65 52.59
CA GLU M 10 -29.28 -14.39 52.98
C GLU M 10 -28.64 -13.77 54.23
N ARG M 11 -28.34 -14.61 55.22
CA ARG M 11 -27.64 -14.14 56.41
C ARG M 11 -26.24 -13.64 56.12
N LEU M 12 -25.52 -14.33 55.23
CA LEU M 12 -24.19 -13.91 54.82
C LEU M 12 -24.23 -12.53 54.16
N ALA M 13 -25.19 -12.35 53.26
CA ALA M 13 -25.44 -11.06 52.62
C ALA M 13 -25.78 -9.95 53.67
N GLN M 14 -26.53 -10.30 54.70
CA GLN M 14 -26.86 -9.36 55.78
C GLN M 14 -25.67 -8.95 56.67
N ILE M 15 -24.64 -9.79 56.75
CA ILE M 15 -23.38 -9.43 57.44
C ILE M 15 -22.63 -8.31 56.69
N GLY M 16 -22.90 -8.16 55.39
CA GLY M 16 -22.18 -7.22 54.53
C GLY M 16 -21.23 -7.88 53.55
N LEU M 17 -21.28 -9.21 53.44
CA LEU M 17 -20.49 -9.92 52.44
C LEU M 17 -21.05 -9.67 51.05
N LYS M 18 -20.16 -9.34 50.13
CA LYS M 18 -20.50 -9.31 48.71
C LYS M 18 -19.83 -10.44 47.93
N HIS M 19 -19.05 -11.26 48.65
CA HIS M 19 -18.38 -12.41 48.07
C HIS M 19 -18.26 -13.51 49.11
N HIS M 20 -18.18 -14.74 48.62
CA HIS M 20 -17.74 -15.86 49.44
C HIS M 20 -16.85 -16.77 48.59
N PHE M 21 -15.96 -17.49 49.25
CA PHE M 21 -14.89 -18.23 48.59
C PHE M 21 -15.18 -19.71 48.71
N ALA M 22 -14.83 -20.49 47.70
CA ALA M 22 -15.23 -21.90 47.64
C ALA M 22 -14.27 -22.78 46.87
N VAL M 23 -14.20 -24.03 47.28
CA VAL M 23 -13.65 -25.11 46.46
C VAL M 23 -14.72 -26.19 46.42
N ALA M 24 -15.19 -26.51 45.23
CA ALA M 24 -16.19 -27.56 45.02
C ALA M 24 -15.72 -28.95 45.42
N GLY M 25 -16.66 -29.73 45.92
CA GLY M 25 -16.52 -31.18 46.23
C GLY M 25 -17.91 -31.77 46.31
N ASP M 26 -18.08 -33.08 46.12
CA ASP M 26 -19.45 -33.61 45.97
C ASP M 26 -20.34 -33.38 47.19
N TYR M 27 -19.75 -33.26 48.38
CA TYR M 27 -20.51 -32.95 49.59
C TYR M 27 -21.06 -31.50 49.68
N ASN M 28 -20.57 -30.58 48.85
CA ASN M 28 -21.03 -29.19 48.90
C ASN M 28 -21.63 -28.63 47.61
N LEU M 29 -21.76 -29.46 46.58
CA LEU M 29 -22.19 -28.97 45.27
C LEU M 29 -23.57 -28.35 45.33
N VAL M 30 -24.53 -29.04 45.94
CA VAL M 30 -25.90 -28.53 46.07
C VAL M 30 -25.90 -27.24 46.90
N LEU M 31 -25.12 -27.21 47.97
CA LEU M 31 -24.98 -26.02 48.80
C LEU M 31 -24.46 -24.83 47.98
N LEU M 32 -23.43 -25.07 47.16
CA LEU M 32 -22.89 -24.02 46.31
C LEU M 32 -23.92 -23.51 45.31
N ASP M 33 -24.83 -24.36 44.81
CA ASP M 33 -25.94 -23.93 43.97
C ASP M 33 -26.90 -22.97 44.69
N GLN M 34 -27.24 -23.30 45.94
CA GLN M 34 -28.10 -22.44 46.74
C GLN M 34 -27.48 -21.08 46.95
N LEU M 35 -26.17 -21.06 47.19
CA LEU M 35 -25.45 -19.83 47.40
C LEU M 35 -25.42 -18.99 46.11
N LEU M 36 -25.30 -19.65 44.97
CA LEU M 36 -25.33 -18.98 43.66
C LEU M 36 -26.63 -18.27 43.32
N LEU M 37 -27.75 -18.74 43.86
CA LEU M 37 -29.04 -18.10 43.67
C LEU M 37 -29.15 -16.72 44.33
N ASN M 38 -28.31 -16.43 45.32
CA ASN M 38 -28.33 -15.13 45.98
C ASN M 38 -27.70 -14.01 45.15
N LYS M 39 -28.49 -13.01 44.77
CA LYS M 39 -28.00 -11.94 43.88
C LYS M 39 -27.11 -10.89 44.55
N ASP M 40 -27.02 -10.91 45.88
CA ASP M 40 -26.16 -9.96 46.58
C ASP M 40 -24.67 -10.37 46.70
N MET M 41 -24.31 -11.56 46.19
CA MET M 41 -22.95 -12.10 46.37
C MET M 41 -22.42 -12.80 45.12
N GLU M 42 -21.13 -12.60 44.84
N GLU M 42 -21.12 -12.66 44.87
CA GLU M 42 -20.38 -13.38 43.83
CA GLU M 42 -20.45 -13.41 43.83
C GLU M 42 -19.79 -14.59 44.55
C GLU M 42 -19.71 -14.56 44.51
N GLN M 43 -19.63 -15.71 43.83
CA GLN M 43 -18.98 -16.91 44.36
C GLN M 43 -17.62 -17.04 43.71
N VAL M 44 -16.57 -16.91 44.51
CA VAL M 44 -15.19 -16.85 44.02
C VAL M 44 -14.50 -18.18 44.28
N TYR M 45 -13.93 -18.79 43.25
CA TYR M 45 -13.29 -20.11 43.36
C TYR M 45 -11.78 -19.98 43.63
N CYS M 46 -11.26 -20.88 44.45
CA CYS M 46 -9.86 -20.90 44.85
C CYS M 46 -9.22 -22.19 44.39
N CYS M 47 -7.88 -22.19 44.27
CA CYS M 47 -7.10 -23.36 43.83
C CYS M 47 -7.11 -24.52 44.83
N ASN M 48 -6.90 -24.20 46.12
CA ASN M 48 -6.93 -25.19 47.20
C ASN M 48 -7.51 -24.58 48.46
N GLU M 49 -7.78 -25.44 49.45
CA GLU M 49 -8.57 -25.02 50.61
C GLU M 49 -7.78 -24.21 51.63
N LEU M 50 -6.46 -24.37 51.67
CA LEU M 50 -5.65 -23.50 52.51
C LEU M 50 -5.72 -22.07 51.98
N ASN M 51 -5.59 -21.94 50.67
CA ASN M 51 -5.69 -20.65 49.99
C ASN M 51 -7.09 -20.07 50.11
N CYS M 52 -8.11 -20.90 49.93
CA CYS M 52 -9.50 -20.50 50.13
C CYS M 52 -9.70 -19.87 51.51
N GLY M 53 -9.24 -20.56 52.55
CA GLY M 53 -9.34 -20.06 53.92
C GLY M 53 -8.58 -18.76 54.12
N PHE M 54 -7.37 -18.67 53.58
CA PHE M 54 -6.61 -17.43 53.72
C PHE M 54 -7.15 -16.23 52.89
N SER M 55 -7.82 -16.53 51.79
CA SER M 55 -8.52 -15.53 50.99
C SER M 55 -9.69 -14.93 51.77
N ALA M 56 -10.44 -15.79 52.46
CA ALA M 56 -11.51 -15.33 53.33
C ALA M 56 -10.96 -14.50 54.48
N GLU M 57 -9.85 -14.94 55.07
CA GLU M 57 -9.22 -14.16 56.12
C GLU M 57 -8.92 -12.73 55.62
N GLY M 58 -8.34 -12.62 54.44
CA GLY M 58 -8.04 -11.33 53.83
C GLY M 58 -9.27 -10.48 53.53
N TYR M 59 -10.33 -11.13 53.05
CA TYR M 59 -11.62 -10.46 52.84
C TYR M 59 -12.19 -9.90 54.15
N ALA M 60 -12.07 -10.65 55.24
CA ALA M 60 -12.47 -10.20 56.57
C ALA M 60 -11.67 -9.00 57.07
N ARG M 61 -10.41 -8.87 56.66
CA ARG M 61 -9.65 -7.65 56.95
C ARG M 61 -10.17 -6.41 56.20
N ALA M 62 -10.85 -6.62 55.09
CA ALA M 62 -11.45 -5.56 54.29
C ALA M 62 -12.84 -5.19 54.78
N ARG M 63 -13.69 -6.19 54.97
CA ARG M 63 -15.11 -5.98 55.22
C ARG M 63 -15.61 -6.39 56.61
N GLY M 64 -14.73 -6.90 57.47
CA GLY M 64 -15.15 -7.24 58.84
C GLY M 64 -15.63 -8.67 59.03
N ALA M 65 -16.02 -9.36 57.97
CA ALA M 65 -16.30 -10.79 58.03
C ALA M 65 -16.10 -11.43 56.67
N ALA M 66 -16.23 -12.77 56.62
CA ALA M 66 -16.03 -13.51 55.39
C ALA M 66 -16.49 -14.95 55.53
N ALA M 67 -16.57 -15.62 54.40
CA ALA M 67 -17.00 -17.01 54.36
C ALA M 67 -16.25 -17.83 53.32
N ALA M 68 -15.88 -19.05 53.71
CA ALA M 68 -15.24 -20.03 52.84
C ALA M 68 -16.03 -21.33 52.91
N ILE M 69 -16.29 -21.93 51.75
CA ILE M 69 -17.11 -23.14 51.66
C ILE M 69 -16.22 -24.23 51.10
N VAL M 70 -16.19 -25.38 51.78
CA VAL M 70 -15.27 -26.48 51.42
C VAL M 70 -15.96 -27.83 51.55
N THR M 71 -15.32 -28.88 51.03
CA THR M 71 -15.84 -30.24 51.18
C THR M 71 -15.28 -30.93 52.44
N PHE M 72 -15.99 -31.95 52.89
CA PHE M 72 -15.67 -32.68 54.10
C PHE M 72 -14.25 -33.29 54.12
N SER M 73 -13.57 -33.13 55.25
CA SER M 73 -12.21 -33.64 55.52
C SER M 73 -11.11 -33.13 54.61
N VAL M 74 -11.05 -33.63 53.38
CA VAL M 74 -9.96 -33.30 52.47
C VAL M 74 -9.90 -31.79 52.19
N GLY M 75 -11.06 -31.14 52.26
CA GLY M 75 -11.12 -29.68 52.20
C GLY M 75 -10.91 -29.03 53.54
N ALA M 76 -11.74 -29.43 54.50
CA ALA M 76 -11.87 -28.73 55.76
C ALA M 76 -10.59 -28.71 56.60
N ILE M 77 -9.84 -29.83 56.62
CA ILE M 77 -8.67 -29.89 57.50
C ILE M 77 -7.58 -28.89 57.12
N SER M 78 -7.31 -28.74 55.83
CA SER M 78 -6.42 -27.67 55.37
C SER M 78 -6.96 -26.30 55.74
N ALA M 79 -8.27 -26.11 55.58
CA ALA M 79 -8.89 -24.83 55.92
C ALA M 79 -8.82 -24.50 57.42
N MET M 80 -8.71 -25.53 58.27
CA MET M 80 -8.55 -25.33 59.70
C MET M 80 -7.29 -24.56 60.05
N ASN M 81 -6.26 -24.69 59.22
CA ASN M 81 -5.02 -23.92 59.39
C ASN M 81 -5.32 -22.43 59.23
N ALA M 82 -6.03 -22.06 58.16
CA ALA M 82 -6.43 -20.66 57.98
C ALA M 82 -7.43 -20.19 59.02
N ILE M 83 -8.30 -21.06 59.49
CA ILE M 83 -9.22 -20.74 60.57
C ILE M 83 -8.50 -20.49 61.90
N GLY M 84 -7.54 -21.34 62.26
CA GLY M 84 -6.64 -21.05 63.37
C GLY M 84 -5.97 -19.70 63.19
N GLY M 85 -5.58 -19.38 61.96
CA GLY M 85 -5.06 -18.07 61.63
C GLY M 85 -6.01 -16.92 61.90
N ALA M 86 -7.28 -17.10 61.56
CA ALA M 86 -8.30 -16.07 61.78
C ALA M 86 -8.59 -15.92 63.28
N TYR M 87 -8.57 -17.03 64.03
CA TYR M 87 -8.69 -16.98 65.49
C TYR M 87 -7.53 -16.16 66.06
N ALA M 88 -6.33 -16.53 65.69
CA ALA M 88 -5.12 -15.81 66.10
C ALA M 88 -5.16 -14.32 65.81
N GLU M 89 -5.72 -13.95 64.65
CA GLU M 89 -5.72 -12.58 64.18
C GLU M 89 -7.07 -11.85 64.39
N ASN M 90 -7.97 -12.49 65.13
CA ASN M 90 -9.22 -11.89 65.60
C ASN M 90 -10.18 -11.48 64.49
N LEU M 91 -10.42 -12.40 63.56
CA LEU M 91 -11.22 -12.15 62.38
C LEU M 91 -12.40 -13.13 62.29
N PRO M 92 -13.64 -12.63 62.15
CA PRO M 92 -14.77 -13.54 61.97
C PRO M 92 -14.89 -14.14 60.55
N VAL M 93 -14.18 -15.24 60.34
CA VAL M 93 -14.29 -16.04 59.13
C VAL M 93 -15.23 -17.20 59.45
N ILE M 94 -16.28 -17.39 58.65
CA ILE M 94 -17.16 -18.54 58.78
C ILE M 94 -16.70 -19.62 57.79
N LEU M 95 -16.32 -20.77 58.32
CA LEU M 95 -15.96 -21.92 57.52
C LEU M 95 -17.17 -22.82 57.46
N ILE M 96 -17.69 -23.04 56.27
CA ILE M 96 -18.82 -23.93 56.06
C ILE M 96 -18.31 -25.16 55.31
N SER M 97 -18.56 -26.33 55.87
CA SER M 97 -18.22 -27.59 55.19
C SER M 97 -19.49 -28.35 54.82
N GLY M 98 -19.52 -28.92 53.62
CA GLY M 98 -20.51 -29.96 53.32
C GLY M 98 -20.13 -31.19 54.14
N SER M 99 -21.12 -31.99 54.50
CA SER M 99 -20.91 -33.17 55.32
C SER M 99 -21.80 -34.31 54.80
N PRO M 100 -21.63 -35.53 55.36
CA PRO M 100 -22.36 -36.68 54.81
C PRO M 100 -23.88 -36.63 54.85
N ASN M 101 -24.47 -37.41 53.95
CA ASN M 101 -25.89 -37.63 53.89
C ASN M 101 -26.43 -38.10 55.25
N THR M 102 -27.55 -37.51 55.67
CA THR M 102 -28.16 -37.79 56.97
C THR M 102 -28.46 -39.28 57.18
N ASN M 103 -28.81 -39.98 56.10
CA ASN M 103 -29.13 -41.41 56.15
C ASN M 103 -27.94 -42.31 56.49
N ASP M 104 -26.72 -41.79 56.40
CA ASP M 104 -25.51 -42.55 56.76
C ASP M 104 -25.23 -42.59 58.25
N TYR M 105 -25.76 -41.64 59.02
CA TYR M 105 -25.54 -41.61 60.48
C TYR M 105 -26.19 -42.82 61.13
N GLY M 106 -25.51 -43.41 62.10
CA GLY M 106 -26.04 -44.59 62.79
C GLY M 106 -26.21 -45.85 61.95
N THR M 107 -25.42 -46.00 60.88
CA THR M 107 -25.46 -47.20 60.01
C THR M 107 -24.20 -48.07 60.04
N GLY M 108 -23.05 -47.48 60.35
CA GLY M 108 -21.77 -48.15 60.16
C GLY M 108 -21.16 -48.03 58.77
N HIS M 109 -21.76 -47.26 57.86
CA HIS M 109 -21.21 -47.06 56.52
C HIS M 109 -19.85 -46.36 56.55
N ILE M 110 -18.94 -46.83 55.71
CA ILE M 110 -17.67 -46.20 55.47
C ILE M 110 -17.85 -45.25 54.29
N LEU M 111 -17.42 -44.01 54.46
CA LEU M 111 -17.64 -42.99 53.43
C LEU M 111 -16.34 -42.45 52.86
N HIS M 112 -16.42 -42.06 51.60
CA HIS M 112 -15.32 -41.38 50.92
C HIS M 112 -14.99 -40.03 51.59
N HIS M 113 -13.71 -39.63 51.47
CA HIS M 113 -13.13 -38.50 52.20
C HIS M 113 -13.23 -38.63 53.72
N THR M 114 -13.11 -39.83 54.26
CA THR M 114 -13.00 -39.97 55.70
C THR M 114 -11.86 -40.87 56.01
N ILE M 115 -11.49 -40.89 57.28
CA ILE M 115 -10.42 -41.77 57.73
C ILE M 115 -10.76 -43.27 57.67
N GLY M 116 -12.00 -43.64 57.35
CA GLY M 116 -12.38 -45.03 57.08
C GLY M 116 -12.93 -45.76 58.29
N THR M 117 -13.36 -45.03 59.31
CA THR M 117 -14.09 -45.56 60.46
C THR M 117 -15.54 -45.10 60.36
N THR M 118 -16.37 -45.50 61.32
CA THR M 118 -17.78 -45.08 61.37
C THR M 118 -18.01 -43.74 62.09
N ASP M 119 -16.93 -43.09 62.49
CA ASP M 119 -16.98 -41.79 63.13
C ASP M 119 -16.97 -40.72 62.01
N TYR M 120 -18.06 -39.97 61.90
CA TYR M 120 -18.08 -38.78 61.05
C TYR M 120 -17.98 -37.47 61.84
N ASN M 121 -17.92 -37.58 63.17
N ASN M 121 -17.94 -37.54 63.17
CA ASN M 121 -17.88 -36.45 64.08
CA ASN M 121 -17.88 -36.33 63.99
C ASN M 121 -16.49 -35.84 64.27
C ASN M 121 -16.47 -35.83 64.29
N TYR M 122 -15.46 -36.53 63.79
CA TYR M 122 -14.06 -36.14 64.08
C TYR M 122 -13.67 -34.76 63.53
N GLN M 123 -14.26 -34.35 62.41
CA GLN M 123 -13.97 -33.04 61.85
C GLN M 123 -14.51 -31.93 62.76
N LEU M 124 -15.74 -32.10 63.23
CA LEU M 124 -16.32 -31.17 64.21
C LEU M 124 -15.49 -31.11 65.51
N GLU M 125 -15.06 -32.27 66.01
CA GLU M 125 -14.23 -32.30 67.24
C GLU M 125 -12.89 -31.58 67.05
N MET M 126 -12.27 -31.75 65.88
CA MET M 126 -11.01 -31.06 65.57
C MET M 126 -11.18 -29.53 65.51
N VAL M 127 -12.19 -29.08 64.76
CA VAL M 127 -12.39 -27.65 64.49
C VAL M 127 -12.84 -26.85 65.71
N LYS M 128 -13.47 -27.50 66.68
CA LYS M 128 -13.80 -26.83 67.96
C LYS M 128 -12.57 -26.17 68.63
N HIS M 129 -11.39 -26.76 68.45
CA HIS M 129 -10.16 -26.20 69.02
C HIS M 129 -9.67 -24.91 68.40
N VAL M 130 -10.19 -24.52 67.23
CA VAL M 130 -9.74 -23.30 66.57
C VAL M 130 -10.88 -22.34 66.23
N THR M 131 -12.02 -22.49 66.91
CA THR M 131 -13.22 -21.69 66.68
C THR M 131 -13.94 -21.29 67.97
N CYS M 132 -14.74 -20.24 67.89
CA CYS M 132 -15.56 -19.79 69.04
C CYS M 132 -16.94 -20.44 69.02
N ALA M 133 -17.33 -21.06 67.89
CA ALA M 133 -18.61 -21.74 67.77
C ALA M 133 -18.53 -22.74 66.63
N ALA M 134 -19.20 -23.87 66.79
CA ALA M 134 -19.12 -24.92 65.78
C ALA M 134 -20.37 -25.79 65.85
N GLU M 135 -21.09 -25.90 64.74
CA GLU M 135 -22.38 -26.58 64.74
C GLU M 135 -22.53 -27.42 63.51
N SER M 136 -23.33 -28.47 63.65
CA SER M 136 -23.57 -29.41 62.57
C SER M 136 -25.05 -29.41 62.31
N ILE M 137 -25.42 -29.34 61.03
CA ILE M 137 -26.81 -29.27 60.62
C ILE M 137 -27.18 -30.55 59.90
N VAL M 138 -28.08 -31.34 60.50
CA VAL M 138 -28.62 -32.55 59.87
C VAL M 138 -30.12 -32.51 59.61
N SER M 139 -30.75 -31.33 59.81
CA SER M 139 -32.15 -31.16 59.45
C SER M 139 -32.46 -29.70 59.16
N ALA M 140 -33.45 -29.48 58.30
CA ALA M 140 -33.89 -28.15 57.93
C ALA M 140 -34.48 -27.39 59.12
N GLU M 141 -35.23 -28.07 59.99
CA GLU M 141 -35.79 -27.45 61.19
C GLU M 141 -34.76 -26.78 62.09
N GLU M 142 -33.63 -27.44 62.30
CA GLU M 142 -32.60 -26.89 63.18
C GLU M 142 -31.64 -25.91 62.50
N ALA M 143 -31.64 -25.85 61.17
CA ALA M 143 -30.63 -25.04 60.46
C ALA M 143 -30.60 -23.54 60.82
N PRO M 144 -31.78 -22.90 60.95
CA PRO M 144 -31.81 -21.47 61.26
C PRO M 144 -31.12 -21.07 62.55
N ALA M 145 -31.41 -21.81 63.63
CA ALA M 145 -30.82 -21.56 64.94
C ALA M 145 -29.29 -21.73 64.93
N LYS M 146 -28.82 -22.75 64.22
CA LYS M 146 -27.39 -23.03 64.14
C LYS M 146 -26.65 -22.06 63.23
N ILE M 147 -27.24 -21.74 62.09
CA ILE M 147 -26.67 -20.72 61.22
C ILE M 147 -26.51 -19.39 61.94
N ASP M 148 -27.57 -18.93 62.59
CA ASP M 148 -27.54 -17.62 63.26
C ASP M 148 -26.58 -17.62 64.46
N HIS M 149 -26.58 -18.70 65.24
CA HIS M 149 -25.65 -18.84 66.37
C HIS M 149 -24.18 -18.71 65.97
N VAL M 150 -23.74 -19.40 64.92
CA VAL M 150 -22.31 -19.32 64.55
C VAL M 150 -21.95 -17.93 64.02
N ILE M 151 -22.81 -17.37 63.18
CA ILE M 151 -22.60 -16.03 62.63
C ILE M 151 -22.57 -14.97 63.73
N ARG M 152 -23.58 -14.95 64.60
CA ARG M 152 -23.64 -13.92 65.65
C ARG M 152 -22.50 -14.03 66.64
N THR M 153 -22.10 -15.26 66.98
CA THR M 153 -21.01 -15.43 67.94
C THR M 153 -19.71 -14.96 67.31
N ALA M 154 -19.44 -15.40 66.08
CA ALA M 154 -18.27 -14.96 65.36
C ALA M 154 -18.15 -13.42 65.30
N LEU M 155 -19.24 -12.75 64.95
CA LEU M 155 -19.22 -11.29 64.82
C LEU M 155 -18.95 -10.58 66.14
N ARG M 156 -19.60 -11.01 67.21
CA ARG M 156 -19.42 -10.40 68.52
C ARG M 156 -18.05 -10.71 69.14
N GLU M 157 -17.62 -11.96 69.04
CA GLU M 157 -16.32 -12.35 69.58
C GLU M 157 -15.13 -11.94 68.73
N ARG M 158 -15.38 -11.58 67.47
CA ARG M 158 -14.33 -11.37 66.46
C ARG M 158 -13.41 -12.61 66.39
N LYS M 159 -14.04 -13.78 66.25
CA LYS M 159 -13.35 -15.06 66.11
C LYS M 159 -14.02 -15.84 65.01
N PRO M 160 -13.31 -16.79 64.38
CA PRO M 160 -13.97 -17.59 63.36
C PRO M 160 -14.89 -18.64 63.96
N ALA M 161 -15.78 -19.16 63.11
CA ALA M 161 -16.70 -20.20 63.53
C ALA M 161 -16.93 -21.20 62.39
N TYR M 162 -17.59 -22.30 62.73
CA TYR M 162 -17.72 -23.42 61.83
C TYR M 162 -19.16 -23.89 61.72
N LEU M 163 -19.54 -24.27 60.52
CA LEU M 163 -20.82 -24.85 60.23
C LEU M 163 -20.57 -26.05 59.32
N GLU M 164 -21.13 -27.21 59.64
CA GLU M 164 -21.26 -28.25 58.62
C GLU M 164 -22.73 -28.49 58.29
N ILE M 165 -23.02 -28.72 57.02
CA ILE M 165 -24.39 -28.95 56.56
C ILE M 165 -24.40 -30.20 55.71
N ALA M 166 -25.22 -31.17 56.11
CA ALA M 166 -25.35 -32.41 55.37
C ALA M 166 -25.70 -32.11 53.91
N CYS M 167 -25.13 -32.89 53.00
CA CYS M 167 -25.25 -32.63 51.56
C CYS M 167 -26.69 -32.78 51.05
N ASN M 168 -27.49 -33.61 51.72
CA ASN M 168 -28.93 -33.73 51.42
C ASN M 168 -29.85 -32.82 52.24
N VAL M 169 -29.29 -31.87 52.99
CA VAL M 169 -30.06 -30.87 53.73
C VAL M 169 -29.88 -29.46 53.16
N ALA M 170 -28.75 -29.18 52.50
CA ALA M 170 -28.51 -27.89 51.87
C ALA M 170 -29.65 -27.45 50.93
N GLY M 171 -30.20 -28.41 50.18
CA GLY M 171 -31.30 -28.16 49.23
C GLY M 171 -32.68 -28.36 49.81
N ALA M 172 -32.79 -28.61 51.12
CA ALA M 172 -34.07 -28.92 51.76
C ALA M 172 -34.82 -27.64 52.10
N GLU M 173 -36.16 -27.72 52.08
N GLU M 173 -36.15 -27.72 52.11
CA GLU M 173 -37.03 -26.56 52.35
CA GLU M 173 -37.05 -26.60 52.36
C GLU M 173 -36.83 -26.04 53.77
C GLU M 173 -36.87 -26.04 53.78
N CYS M 174 -36.65 -24.73 53.88
CA CYS M 174 -36.34 -24.07 55.15
C CYS M 174 -37.26 -22.86 55.34
N VAL M 175 -37.54 -22.52 56.58
CA VAL M 175 -38.20 -21.23 56.88
C VAL M 175 -37.30 -20.05 56.45
N ARG M 176 -37.93 -18.91 56.14
CA ARG M 176 -37.23 -17.69 55.74
C ARG M 176 -36.73 -16.85 56.92
N PRO M 177 -35.61 -16.16 56.75
CA PRO M 177 -35.08 -15.30 57.79
C PRO M 177 -35.81 -13.96 57.86
N GLY M 178 -36.09 -13.49 59.07
CA GLY M 178 -36.73 -12.19 59.27
C GLY M 178 -35.75 -11.04 59.10
N PRO M 179 -36.27 -9.81 58.98
CA PRO M 179 -35.37 -8.68 58.74
C PRO M 179 -34.63 -8.26 60.00
N ILE M 180 -33.53 -7.56 59.81
CA ILE M 180 -32.66 -7.17 60.93
C ILE M 180 -32.04 -5.80 60.69
N ASN M 181 -31.60 -5.18 61.78
CA ASN M 181 -30.80 -3.96 61.75
C ASN M 181 -29.33 -4.35 61.52
N SER M 182 -28.83 -5.29 62.32
CA SER M 182 -27.45 -5.78 62.23
C SER M 182 -27.35 -7.15 62.88
N LEU M 183 -26.46 -8.01 62.37
CA LEU M 183 -26.18 -9.29 63.04
C LEU M 183 -25.13 -9.15 64.16
N LEU M 184 -24.41 -8.04 64.20
CA LEU M 184 -23.53 -7.70 65.32
C LEU M 184 -24.35 -7.06 66.44
N ARG M 185 -24.53 -7.78 67.55
CA ARG M 185 -25.15 -7.23 68.76
C ARG M 185 -24.17 -7.36 69.93
N GLU M 186 -23.74 -6.23 70.49
CA GLU M 186 -22.79 -6.20 71.61
C GLU M 186 -23.48 -6.51 72.93
N LEU M 187 -22.69 -6.85 73.96
CA LEU M 187 -23.22 -6.96 75.32
C LEU M 187 -23.52 -5.57 75.88
N GLU M 188 -24.58 -5.46 76.68
CA GLU M 188 -24.90 -4.22 77.41
C GLU M 188 -23.74 -3.87 78.33
N VAL M 189 -23.38 -2.59 78.37
CA VAL M 189 -22.24 -2.10 79.16
C VAL M 189 -22.71 -1.69 80.57
N ASP M 190 -21.88 -2.00 81.57
CA ASP M 190 -22.17 -1.74 82.98
C ASP M 190 -21.67 -0.32 83.30
N GLN M 191 -22.60 0.63 83.46
CA GLN M 191 -22.26 2.04 83.69
C GLN M 191 -21.60 2.27 85.03
N THR M 192 -22.04 1.54 86.05
CA THR M 192 -21.35 1.54 87.35
C THR M 192 -19.87 1.19 87.20
N SER M 193 -19.56 0.18 86.38
CA SER M 193 -18.17 -0.19 86.15
C SER M 193 -17.40 0.87 85.39
N VAL M 194 -17.98 1.40 84.30
CA VAL M 194 -17.31 2.43 83.47
C VAL M 194 -16.93 3.64 84.32
N THR M 195 -17.89 4.13 85.11
CA THR M 195 -17.66 5.31 85.97
C THR M 195 -16.56 5.04 87.01
N ALA M 196 -16.63 3.90 87.68
CA ALA M 196 -15.58 3.54 88.63
C ALA M 196 -14.22 3.43 87.94
N ALA M 197 -14.17 2.81 86.76
CA ALA M 197 -12.90 2.66 86.01
C ALA M 197 -12.33 4.00 85.58
N VAL M 198 -13.19 4.86 85.01
CA VAL M 198 -12.77 6.21 84.60
C VAL M 198 -12.27 7.04 85.78
N ASP M 199 -12.96 7.01 86.92
CA ASP M 199 -12.51 7.77 88.12
C ASP M 199 -11.17 7.29 88.67
N ALA M 200 -11.00 5.98 88.78
CA ALA M 200 -9.73 5.42 89.21
C ALA M 200 -8.61 5.73 88.20
N ALA M 201 -8.92 5.71 86.89
CA ALA M 201 -7.93 6.03 85.86
C ALA M 201 -7.42 7.48 85.93
N VAL M 202 -8.34 8.41 86.10
CA VAL M 202 -8.00 9.84 86.26
C VAL M 202 -7.09 10.03 87.49
N GLU M 203 -7.53 9.51 88.63
CA GLU M 203 -6.73 9.55 89.86
C GLU M 203 -5.30 9.01 89.68
N TRP M 204 -5.18 7.89 88.97
CA TRP M 204 -3.90 7.28 88.64
C TRP M 204 -3.05 8.21 87.75
N LEU M 205 -3.69 8.84 86.76
CA LEU M 205 -3.03 9.78 85.86
C LEU M 205 -2.65 11.10 86.50
N GLN M 206 -3.41 11.53 87.52
CA GLN M 206 -3.17 12.81 88.21
C GLN M 206 -1.75 12.91 88.78
N ASP M 207 -1.21 11.78 89.23
CA ASP M 207 0.13 11.74 89.83
C ASP M 207 1.26 11.45 88.83
N ARG M 208 0.96 11.36 87.53
CA ARG M 208 1.92 10.86 86.51
C ARG M 208 2.06 11.85 85.38
N GLN M 209 3.24 12.43 85.24
CA GLN M 209 3.47 13.53 84.30
C GLN M 209 3.80 13.06 82.89
N ASN M 210 4.71 12.09 82.79
CA ASN M 210 5.11 11.52 81.50
C ASN M 210 4.25 10.32 81.10
N VAL M 211 3.28 10.57 80.22
CA VAL M 211 2.30 9.57 79.79
C VAL M 211 2.57 9.22 78.33
N VAL M 212 2.53 7.92 78.00
CA VAL M 212 2.61 7.47 76.62
C VAL M 212 1.49 6.46 76.32
N MET M 213 0.82 6.60 75.19
CA MET M 213 -0.11 5.59 74.71
C MET M 213 0.65 4.58 73.86
N LEU M 214 0.31 3.30 74.02
CA LEU M 214 0.95 2.21 73.28
C LEU M 214 -0.20 1.42 72.65
N VAL M 215 -0.37 1.59 71.35
CA VAL M 215 -1.50 1.03 70.64
C VAL M 215 -1.19 -0.42 70.24
N GLY M 216 -2.09 -1.34 70.56
CA GLY M 216 -1.89 -2.78 70.35
C GLY M 216 -2.68 -3.37 69.19
N SER M 217 -2.41 -4.62 68.88
CA SER M 217 -2.93 -5.26 67.66
C SER M 217 -4.38 -5.73 67.76
N LYS M 218 -5.00 -5.65 68.94
CA LYS M 218 -6.42 -5.96 69.05
C LYS M 218 -7.32 -4.70 68.96
N LEU M 219 -6.76 -3.54 68.62
CA LEU M 219 -7.54 -2.29 68.58
C LEU M 219 -8.62 -2.33 67.51
N ARG M 220 -8.34 -2.92 66.36
CA ARG M 220 -9.35 -3.09 65.32
C ARG M 220 -10.46 -4.06 65.73
N ALA M 221 -10.10 -5.15 66.41
CA ALA M 221 -11.10 -6.09 66.97
C ALA M 221 -11.99 -5.43 68.01
N ALA M 222 -11.41 -4.54 68.82
CA ALA M 222 -12.17 -3.72 69.76
C ALA M 222 -13.05 -2.65 69.09
N ALA M 223 -12.84 -2.38 67.80
CA ALA M 223 -13.56 -1.31 67.06
C ALA M 223 -13.43 0.06 67.77
N ALA M 224 -12.23 0.34 68.27
CA ALA M 224 -11.98 1.48 69.13
C ALA M 224 -10.92 2.41 68.54
N GLU M 225 -10.76 2.37 67.21
CA GLU M 225 -9.78 3.21 66.52
C GLU M 225 -10.06 4.71 66.66
N LYS M 226 -11.30 5.13 66.41
CA LYS M 226 -11.72 6.52 66.63
C LYS M 226 -11.58 6.97 68.09
N GLN M 227 -11.93 6.09 69.03
CA GLN M 227 -11.89 6.42 70.45
C GLN M 227 -10.46 6.52 70.96
N ALA M 228 -9.54 5.79 70.33
CA ALA M 228 -8.11 5.97 70.62
C ALA M 228 -7.61 7.36 70.21
N VAL M 229 -8.07 7.86 69.07
CA VAL M 229 -7.71 9.21 68.60
C VAL M 229 -8.31 10.28 69.54
N ALA M 230 -9.55 10.07 69.99
CA ALA M 230 -10.20 10.99 70.93
C ALA M 230 -9.48 11.05 72.27
N LEU M 231 -9.06 9.88 72.78
CA LEU M 231 -8.29 9.81 74.03
C LEU M 231 -6.95 10.52 73.88
N ALA M 232 -6.26 10.24 72.77
CA ALA M 232 -4.96 10.84 72.49
C ALA M 232 -5.02 12.37 72.38
N ASP M 233 -6.09 12.88 71.76
CA ASP M 233 -6.33 14.32 71.65
C ASP M 233 -6.59 15.00 73.02
N ARG M 234 -7.33 14.34 73.91
CA ARG M 234 -7.55 14.85 75.28
C ARG M 234 -6.25 14.84 76.09
N LEU M 235 -5.53 13.73 76.06
CA LEU M 235 -4.28 13.62 76.82
C LEU M 235 -3.18 14.52 76.23
N GLY M 236 -3.08 14.60 74.92
CA GLY M 236 -1.99 15.33 74.26
C GLY M 236 -0.63 14.68 74.43
N CYS M 237 -0.58 13.39 74.78
CA CYS M 237 0.67 12.69 75.06
C CYS M 237 1.22 12.05 73.78
N ALA M 238 2.47 11.56 73.86
CA ALA M 238 3.07 10.76 72.80
C ALA M 238 2.29 9.46 72.59
N VAL M 239 2.11 9.07 71.34
CA VAL M 239 1.44 7.83 70.96
C VAL M 239 2.44 6.99 70.18
N THR M 240 2.62 5.76 70.61
CA THR M 240 3.44 4.77 69.92
C THR M 240 2.59 3.57 69.56
N ILE M 241 3.09 2.76 68.62
CA ILE M 241 2.44 1.51 68.23
C ILE M 241 3.34 0.31 68.50
N MET M 242 2.73 -0.81 68.80
CA MET M 242 3.39 -2.11 68.70
C MET M 242 3.44 -2.49 67.22
N ALA M 243 4.37 -3.38 66.88
CA ALA M 243 4.62 -3.76 65.48
C ALA M 243 3.37 -4.24 64.77
N ALA M 244 2.64 -5.13 65.43
CA ALA M 244 1.45 -5.72 64.83
C ALA M 244 0.25 -4.75 64.69
N ALA M 245 0.31 -3.58 65.31
CA ALA M 245 -0.77 -2.58 65.27
C ALA M 245 -0.61 -1.52 64.21
N LYS M 246 0.37 -1.66 63.32
CA LYS M 246 0.59 -0.69 62.26
C LYS M 246 -0.68 -0.41 61.47
N GLY M 247 -0.98 0.88 61.30
CA GLY M 247 -2.20 1.33 60.65
C GLY M 247 -3.42 1.46 61.57
N PHE M 248 -3.35 0.94 62.79
CA PHE M 248 -4.47 1.12 63.72
C PHE M 248 -4.48 2.49 64.40
N PHE M 249 -3.41 3.26 64.28
CA PHE M 249 -3.39 4.66 64.71
C PHE M 249 -2.73 5.49 63.62
N PRO M 250 -3.21 6.74 63.38
CA PRO M 250 -2.64 7.53 62.28
C PRO M 250 -1.24 8.02 62.55
N GLU M 251 -0.30 7.67 61.67
CA GLU M 251 1.10 8.01 61.87
C GLU M 251 1.47 9.47 61.54
N ASP M 252 0.56 10.20 60.89
CA ASP M 252 0.76 11.66 60.67
C ASP M 252 -0.03 12.52 61.67
N HIS M 253 -0.56 11.90 62.72
CA HIS M 253 -1.00 12.62 63.93
C HIS M 253 0.22 13.36 64.53
N PRO M 254 0.07 14.65 64.92
CA PRO M 254 1.23 15.45 65.41
C PRO M 254 2.00 14.85 66.60
N ASN M 255 1.27 14.18 67.49
CA ASN M 255 1.83 13.48 68.65
C ASN M 255 2.29 12.01 68.46
N PHE M 256 2.27 11.48 67.23
CA PHE M 256 2.81 10.13 66.99
C PHE M 256 4.32 10.13 67.13
N ARG M 257 4.84 9.16 67.91
CA ARG M 257 6.27 9.07 68.14
C ARG M 257 6.86 7.70 67.81
N GLY M 258 6.15 6.89 67.03
CA GLY M 258 6.76 5.72 66.40
C GLY M 258 6.45 4.35 66.97
N LEU M 259 7.34 3.43 66.66
CA LEU M 259 7.18 2.01 66.92
C LEU M 259 7.89 1.65 68.20
N TYR M 260 7.15 1.11 69.17
CA TYR M 260 7.78 0.44 70.31
C TYR M 260 7.85 -1.06 70.06
N TRP M 261 9.07 -1.58 69.98
CA TRP M 261 9.34 -3.01 69.80
C TRP M 261 10.72 -3.31 70.40
N GLY M 262 10.84 -2.97 71.69
CA GLY M 262 12.07 -3.19 72.46
C GLY M 262 13.31 -2.61 71.80
N GLU M 263 14.34 -3.44 71.65
CA GLU M 263 15.58 -2.98 71.04
C GLU M 263 15.49 -2.71 69.53
N VAL M 264 14.40 -3.12 68.88
CA VAL M 264 14.17 -2.81 67.46
C VAL M 264 13.05 -1.77 67.25
N SER M 265 12.92 -0.87 68.23
CA SER M 265 11.98 0.25 68.18
C SER M 265 12.50 1.33 67.22
N SER M 266 11.60 2.19 66.76
CA SER M 266 12.00 3.45 66.07
C SER M 266 12.89 4.29 66.95
N GLU M 267 13.64 5.20 66.31
CA GLU M 267 14.49 6.19 66.98
C GLU M 267 13.78 6.86 68.17
N GLY M 268 14.32 6.63 69.36
CA GLY M 268 13.85 7.31 70.58
C GLY M 268 12.64 6.69 71.27
N ALA M 269 11.95 5.75 70.62
CA ALA M 269 10.69 5.23 71.14
C ALA M 269 10.89 4.23 72.28
N GLN M 270 12.02 3.53 72.29
CA GLN M 270 12.31 2.60 73.39
C GLN M 270 12.42 3.35 74.73
N GLU M 271 13.24 4.39 74.75
CA GLU M 271 13.41 5.24 75.94
C GLU M 271 12.12 5.94 76.35
N LEU M 272 11.39 6.44 75.37
CA LEU M 272 10.09 7.05 75.59
C LEU M 272 9.15 6.16 76.42
N VAL M 273 8.96 4.92 75.98
CA VAL M 273 8.02 4.00 76.62
C VAL M 273 8.56 3.49 77.97
N GLU M 274 9.80 3.05 77.98
CA GLU M 274 10.39 2.43 79.18
C GLU M 274 10.70 3.40 80.35
N ASN M 275 10.86 4.69 80.08
CA ASN M 275 11.06 5.69 81.14
C ASN M 275 9.81 6.51 81.47
N ALA M 276 8.64 6.14 80.92
CA ALA M 276 7.40 6.87 81.17
C ALA M 276 6.84 6.60 82.57
N ASP M 277 6.08 7.56 83.10
CA ASP M 277 5.40 7.40 84.37
C ASP M 277 4.12 6.58 84.23
N ALA M 278 3.53 6.58 83.02
CA ALA M 278 2.28 5.88 82.75
C ALA M 278 2.30 5.41 81.32
N ILE M 279 2.11 4.10 81.11
CA ILE M 279 2.01 3.53 79.78
C ILE M 279 0.59 3.00 79.64
N LEU M 280 -0.18 3.63 78.76
CA LEU M 280 -1.56 3.22 78.46
C LEU M 280 -1.55 2.24 77.28
N CYS M 281 -1.71 0.94 77.57
CA CYS M 281 -1.68 -0.10 76.53
C CYS M 281 -3.09 -0.37 76.02
N LEU M 282 -3.35 0.04 74.78
CA LEU M 282 -4.64 -0.19 74.14
C LEU M 282 -4.65 -1.51 73.35
N ALA M 283 -5.31 -2.51 73.93
CA ALA M 283 -5.53 -3.82 73.32
C ALA M 283 -4.25 -4.52 72.83
N PRO M 284 -3.26 -4.69 73.74
CA PRO M 284 -2.00 -5.31 73.33
C PRO M 284 -2.10 -6.83 73.27
N VAL M 285 -1.16 -7.43 72.53
CA VAL M 285 -0.85 -8.87 72.59
C VAL M 285 0.65 -8.97 72.86
N PHE M 286 0.99 -9.33 74.08
CA PHE M 286 2.39 -9.45 74.47
C PHE M 286 2.85 -10.90 74.32
N ASN M 287 3.05 -11.33 73.09
CA ASN M 287 3.59 -12.66 72.83
C ASN M 287 5.11 -12.63 72.80
N ASP M 288 5.75 -13.78 72.56
CA ASP M 288 7.22 -13.87 72.60
C ASP M 288 7.92 -13.06 71.49
N TYR M 289 7.25 -12.91 70.36
CA TYR M 289 7.79 -12.15 69.25
C TYR M 289 7.67 -10.65 69.46
N ALA M 290 6.54 -10.21 70.01
CA ALA M 290 6.28 -8.79 70.27
C ALA M 290 7.14 -8.24 71.40
N THR M 291 7.55 -9.10 72.34
CA THR M 291 8.38 -8.75 73.48
C THR M 291 9.87 -8.99 73.23
N VAL M 292 10.22 -9.42 72.02
CA VAL M 292 11.59 -9.71 71.64
C VAL M 292 12.19 -10.78 72.57
N GLY M 293 11.46 -11.89 72.67
CA GLY M 293 11.85 -13.03 73.50
C GLY M 293 11.73 -12.73 74.98
N TRP M 294 10.61 -12.13 75.38
CA TRP M 294 10.35 -11.73 76.77
C TRP M 294 11.32 -10.67 77.34
N ASN M 295 12.04 -9.96 76.47
CA ASN M 295 12.99 -8.92 76.92
C ASN M 295 12.35 -7.53 77.10
N SER M 296 11.25 -7.24 76.39
CA SER M 296 10.65 -5.89 76.36
C SER M 296 9.13 -5.99 76.54
N TRP M 297 8.73 -6.26 77.77
CA TRP M 297 7.35 -6.53 78.13
C TRP M 297 6.99 -5.50 79.22
N PRO M 298 6.36 -4.37 78.84
CA PRO M 298 5.91 -3.36 79.81
C PRO M 298 4.85 -3.91 80.78
N LYS M 299 5.16 -3.86 82.08
CA LYS M 299 4.28 -4.34 83.13
C LYS M 299 4.59 -3.67 84.49
N GLY M 300 3.75 -3.92 85.48
CA GLY M 300 3.96 -3.37 86.82
C GLY M 300 3.23 -2.06 87.02
N ASP M 301 3.71 -1.28 87.99
CA ASP M 301 2.99 -0.15 88.57
C ASP M 301 2.64 0.96 87.57
N ASN M 302 3.52 1.19 86.61
CA ASN M 302 3.37 2.28 85.65
C ASN M 302 2.60 1.91 84.37
N VAL M 303 1.85 0.80 84.38
CA VAL M 303 1.20 0.28 83.18
C VAL M 303 -0.30 0.05 83.39
N MET M 304 -1.09 0.57 82.47
CA MET M 304 -2.52 0.32 82.40
C MET M 304 -2.76 -0.55 81.17
N VAL M 305 -3.45 -1.68 81.34
CA VAL M 305 -3.76 -2.57 80.24
C VAL M 305 -5.24 -2.42 79.94
N MET M 306 -5.55 -1.92 78.75
CA MET M 306 -6.93 -1.80 78.28
C MET M 306 -7.17 -2.93 77.28
N ASP M 307 -7.83 -3.99 77.72
CA ASP M 307 -8.24 -5.12 76.86
C ASP M 307 -9.55 -4.78 76.17
N THR M 308 -10.01 -5.62 75.25
CA THR M 308 -11.27 -5.32 74.55
C THR M 308 -12.46 -5.22 75.51
N ASP M 309 -12.43 -5.94 76.63
CA ASP M 309 -13.56 -6.00 77.57
C ASP M 309 -13.20 -5.75 79.04
N ARG M 310 -12.05 -5.13 79.29
CA ARG M 310 -11.50 -5.04 80.64
C ARG M 310 -10.44 -3.94 80.74
N VAL M 311 -10.33 -3.31 81.90
CA VAL M 311 -9.21 -2.42 82.18
C VAL M 311 -8.57 -2.80 83.47
N THR M 312 -7.25 -2.84 83.49
CA THR M 312 -6.51 -3.29 84.67
C THR M 312 -5.34 -2.37 84.94
N PHE M 313 -5.27 -1.87 86.18
CA PHE M 313 -4.19 -0.97 86.62
C PHE M 313 -4.27 -0.74 88.13
N ALA M 314 -3.12 -0.47 88.74
CA ALA M 314 -3.03 -0.02 90.14
C ALA M 314 -3.80 -0.95 91.08
N GLY M 315 -3.53 -2.25 90.93
CA GLY M 315 -4.14 -3.28 91.75
C GLY M 315 -5.64 -3.47 91.61
N GLN M 316 -6.22 -3.00 90.50
CA GLN M 316 -7.69 -3.07 90.29
C GLN M 316 -8.04 -3.51 88.86
N SER M 317 -9.18 -4.17 88.70
CA SER M 317 -9.63 -4.59 87.38
C SER M 317 -11.13 -4.39 87.24
N PHE M 318 -11.51 -3.77 86.13
CA PHE M 318 -12.86 -3.32 85.86
C PHE M 318 -13.33 -4.00 84.58
N GLU M 319 -14.47 -4.69 84.64
CA GLU M 319 -15.00 -5.39 83.48
C GLU M 319 -16.45 -4.97 83.24
N GLY M 320 -17.17 -5.67 82.36
CA GLY M 320 -18.52 -5.26 81.98
C GLY M 320 -18.50 -3.98 81.17
N LEU M 321 -17.40 -3.75 80.48
CA LEU M 321 -17.21 -2.56 79.67
C LEU M 321 -16.52 -3.00 78.40
N SER M 322 -16.37 -2.07 77.48
CA SER M 322 -15.64 -2.33 76.26
C SER M 322 -14.54 -1.28 76.18
N LEU M 323 -13.48 -1.60 75.43
CA LEU M 323 -12.39 -0.64 75.22
C LEU M 323 -12.99 0.62 74.60
N SER M 324 -13.88 0.43 73.63
CA SER M 324 -14.58 1.52 72.95
C SER M 324 -15.28 2.49 73.93
N THR M 325 -16.07 1.93 74.84
N THR M 325 -16.08 1.95 74.84
CA THR M 325 -16.85 2.70 75.80
CA THR M 325 -16.85 2.77 75.78
C THR M 325 -15.97 3.31 76.90
C THR M 325 -15.97 3.34 76.90
N PHE M 326 -15.00 2.56 77.38
CA PHE M 326 -14.03 3.07 78.36
C PHE M 326 -13.13 4.19 77.81
N ALA M 327 -12.55 3.98 76.63
CA ALA M 327 -11.69 5.00 76.01
C ALA M 327 -12.46 6.31 75.73
N ALA M 328 -13.69 6.19 75.24
CA ALA M 328 -14.54 7.36 74.97
C ALA M 328 -14.88 8.13 76.25
N ALA M 329 -15.25 7.41 77.33
CA ALA M 329 -15.51 8.07 78.62
C ALA M 329 -14.27 8.69 79.25
N LEU M 330 -13.13 8.00 79.15
CA LEU M 330 -11.86 8.53 79.63
C LEU M 330 -11.38 9.75 78.85
N ALA M 331 -11.70 9.82 77.55
CA ALA M 331 -11.35 10.99 76.72
C ALA M 331 -12.14 12.25 77.12
N GLU M 332 -13.26 12.05 77.80
CA GLU M 332 -14.05 13.13 78.39
C GLU M 332 -13.38 13.81 79.61
N LYS M 333 -12.50 13.09 80.32
CA LYS M 333 -12.00 13.52 81.65
C LYS M 333 -10.49 13.42 81.91
N ALA M 334 -9.71 12.76 81.05
CA ALA M 334 -8.31 12.55 81.33
C ALA M 334 -7.62 13.91 81.40
N PRO M 335 -6.64 14.09 82.31
CA PRO M 335 -5.92 15.36 82.37
C PRO M 335 -5.04 15.56 81.15
N SER M 336 -4.69 16.82 80.89
CA SER M 336 -3.75 17.15 79.82
C SER M 336 -2.39 16.67 80.26
N ARG M 337 -1.74 15.88 79.42
CA ARG M 337 -0.41 15.35 79.75
C ARG M 337 0.53 15.47 78.54
N PRO M 338 0.90 16.72 78.17
CA PRO M 338 1.64 16.92 76.91
C PRO M 338 3.18 16.72 76.98
N ALA M 339 3.75 16.42 78.15
CA ALA M 339 5.22 16.45 78.33
C ALA M 339 6.04 15.52 77.42
N THR M 340 5.51 14.34 77.11
CA THR M 340 6.21 13.40 76.23
C THR M 340 6.26 13.84 74.74
N THR M 341 5.42 14.79 74.36
CA THR M 341 5.46 15.35 73.00
C THR M 341 6.46 16.50 72.80
N GLN M 342 6.94 17.13 73.87
CA GLN M 342 7.75 18.35 73.78
C GLN M 342 9.21 18.05 73.44
N GLY M 343 9.70 18.60 72.33
CA GLY M 343 11.08 18.35 71.86
C GLY M 343 11.23 17.14 70.95
N THR M 344 10.54 16.03 71.29
CA THR M 344 10.51 14.80 70.49
C THR M 344 9.81 15.01 69.13
N GLN M 345 9.96 14.05 68.22
CA GLN M 345 9.46 14.17 66.84
C GLN M 345 9.07 12.81 66.24
N ALA M 346 8.08 12.79 65.33
CA ALA M 346 7.72 11.55 64.61
C ALA M 346 8.89 11.07 63.72
N PRO M 347 9.19 9.76 63.72
CA PRO M 347 10.35 9.25 62.98
C PRO M 347 10.13 9.30 61.46
N VAL M 348 11.22 9.43 60.71
CA VAL M 348 11.18 9.45 59.24
C VAL M 348 11.80 8.17 58.72
N LEU M 349 11.62 7.91 57.43
CA LEU M 349 12.18 6.72 56.79
C LEU M 349 13.71 6.68 56.90
N GLY M 350 14.33 7.83 56.61
CA GLY M 350 15.78 7.99 56.76
C GLY M 350 16.62 7.21 55.76
N ILE M 351 16.11 7.02 54.54
CA ILE M 351 16.85 6.35 53.46
C ILE M 351 17.00 7.30 52.29
N GLU M 352 18.25 7.66 51.96
CA GLU M 352 18.53 8.47 50.78
C GLU M 352 18.52 7.60 49.52
N ALA M 353 18.11 8.20 48.40
CA ALA M 353 18.03 7.51 47.10
C ALA M 353 19.38 6.97 46.63
N ALA M 354 19.39 5.72 46.14
CA ALA M 354 20.59 5.07 45.60
C ALA M 354 20.93 5.63 44.22
N GLU M 355 22.17 5.37 43.78
N GLU M 355 22.16 5.34 43.77
CA GLU M 355 22.55 5.62 42.39
CA GLU M 355 22.55 5.58 42.37
C GLU M 355 21.69 4.67 41.54
C GLU M 355 21.65 4.66 41.54
N PRO M 356 20.91 5.22 40.56
CA PRO M 356 19.92 4.37 39.83
C PRO M 356 20.41 3.06 39.19
N ASN M 357 21.67 2.99 38.76
CA ASN M 357 22.20 1.76 38.14
C ASN M 357 22.96 0.83 39.09
N ALA M 358 23.04 1.16 40.38
CA ALA M 358 23.73 0.28 41.34
C ALA M 358 22.87 -0.96 41.62
N PRO M 359 23.49 -2.12 41.91
CA PRO M 359 22.71 -3.30 42.31
C PRO M 359 21.69 -2.97 43.41
N LEU M 360 20.46 -3.45 43.28
CA LEU M 360 19.37 -3.04 44.17
C LEU M 360 19.65 -3.47 45.61
N THR M 361 19.50 -2.52 46.54
CA THR M 361 19.61 -2.81 47.96
C THR M 361 18.22 -2.93 48.59
N ASN M 362 18.18 -3.61 49.73
CA ASN M 362 16.99 -3.71 50.56
C ASN M 362 16.44 -2.33 50.94
N ASP M 363 17.34 -1.41 51.27
CA ASP M 363 17.02 -0.01 51.56
C ASP M 363 16.37 0.70 50.37
N GLU M 364 16.95 0.56 49.17
CA GLU M 364 16.40 1.22 47.98
C GLU M 364 15.01 0.69 47.63
N MET M 365 14.82 -0.62 47.78
CA MET M 365 13.52 -1.25 47.54
C MET M 365 12.49 -0.74 48.53
N THR M 366 12.87 -0.72 49.80
CA THR M 366 12.01 -0.19 50.86
C THR M 366 11.60 1.27 50.60
N ARG M 367 12.57 2.08 50.18
CA ARG M 367 12.30 3.49 49.83
C ARG M 367 11.24 3.64 48.75
N GLN M 368 11.40 2.90 47.65
CA GLN M 368 10.44 2.99 46.55
C GLN M 368 9.06 2.45 46.92
N ILE M 369 8.99 1.37 47.70
CA ILE M 369 7.68 0.84 48.15
C ILE M 369 6.96 1.84 49.07
N GLN M 370 7.71 2.49 49.95
CA GLN M 370 7.14 3.48 50.86
C GLN M 370 6.50 4.65 50.10
N SER M 371 7.15 5.07 49.01
CA SER M 371 6.63 6.14 48.14
C SER M 371 5.26 5.87 47.53
N LEU M 372 4.90 4.59 47.36
CA LEU M 372 3.60 4.14 46.83
C LEU M 372 2.44 4.15 47.80
N ILE M 373 2.71 4.26 49.10
CA ILE M 373 1.65 4.13 50.09
C ILE M 373 0.92 5.47 50.18
N THR M 374 -0.31 5.48 49.71
CA THR M 374 -1.22 6.62 49.80
C THR M 374 -2.28 6.36 50.89
N SER M 375 -3.14 7.35 51.09
CA SER M 375 -4.20 7.29 52.08
C SER M 375 -5.26 6.22 51.78
N ASP M 376 -5.31 5.71 50.56
CA ASP M 376 -6.17 4.57 50.24
C ASP M 376 -5.37 3.36 49.72
N THR M 377 -4.18 3.15 50.29
CA THR M 377 -3.37 1.99 50.00
C THR M 377 -3.54 0.96 51.13
N THR M 378 -3.57 -0.31 50.75
CA THR M 378 -3.49 -1.41 51.70
C THR M 378 -2.20 -2.17 51.38
N LEU M 379 -1.30 -2.24 52.36
CA LEU M 379 -0.03 -2.95 52.25
C LEU M 379 -0.15 -4.25 53.03
N THR M 380 0.05 -5.39 52.37
CA THR M 380 0.00 -6.70 53.03
C THR M 380 1.46 -7.16 53.14
N ALA M 381 1.97 -7.31 54.36
CA ALA M 381 3.39 -7.63 54.59
C ALA M 381 3.56 -9.02 55.19
N GLU M 382 4.22 -9.90 54.43
CA GLU M 382 4.45 -11.29 54.81
C GLU M 382 5.46 -11.44 55.95
N THR M 383 5.30 -12.51 56.70
CA THR M 383 6.30 -13.00 57.65
C THR M 383 7.63 -13.21 56.94
N GLY M 384 8.69 -12.66 57.51
CA GLY M 384 10.00 -12.61 56.88
C GLY M 384 10.64 -11.27 57.15
N ASP M 385 11.63 -10.91 56.35
CA ASP M 385 12.24 -9.59 56.50
C ASP M 385 11.26 -8.46 56.10
N SER M 386 10.19 -8.80 55.37
CA SER M 386 9.12 -7.85 55.08
C SER M 386 8.45 -7.27 56.33
N TRP M 387 8.35 -8.06 57.40
CA TRP M 387 7.91 -7.54 58.70
C TRP M 387 8.72 -6.31 59.10
N PHE M 388 10.03 -6.43 58.95
CA PHE M 388 10.97 -5.40 59.43
C PHE M 388 11.04 -4.19 58.52
N ASN M 389 10.94 -4.41 57.22
CA ASN M 389 10.85 -3.33 56.26
C ASN M 389 9.56 -2.56 56.38
N ALA M 390 8.45 -3.27 56.47
CA ALA M 390 7.16 -2.64 56.66
C ALA M 390 7.15 -1.79 57.93
N SER M 391 7.71 -2.31 59.02
N SER M 391 7.72 -2.32 59.02
CA SER M 391 7.66 -1.63 60.32
CA SER M 391 7.69 -1.66 60.32
C SER M 391 8.57 -0.39 60.43
C SER M 391 8.55 -0.38 60.42
N ARG M 392 9.44 -0.15 59.44
CA ARG M 392 10.22 1.10 59.39
C ARG M 392 9.72 2.08 58.31
N MET M 393 8.56 1.82 57.71
CA MET M 393 7.95 2.73 56.74
C MET M 393 6.94 3.65 57.41
N PRO M 394 7.19 4.98 57.37
CA PRO M 394 6.10 5.90 57.69
C PRO M 394 4.96 5.77 56.68
N ILE M 395 3.72 5.79 57.15
CA ILE M 395 2.56 5.70 56.28
C ILE M 395 1.64 6.89 56.54
N PRO M 396 0.91 7.35 55.52
CA PRO M 396 -0.03 8.45 55.76
C PRO M 396 -1.33 7.96 56.40
N GLY M 397 -2.14 8.89 56.92
CA GLY M 397 -3.41 8.59 57.55
C GLY M 397 -4.38 8.04 56.53
N GLY M 398 -5.17 7.05 56.92
CA GLY M 398 -6.04 6.30 56.01
C GLY M 398 -5.44 4.99 55.51
N ALA M 399 -4.11 4.95 55.32
CA ALA M 399 -3.45 3.76 54.80
C ALA M 399 -3.62 2.58 55.74
N ARG M 400 -3.69 1.39 55.16
CA ARG M 400 -3.85 0.16 55.90
C ARG M 400 -2.64 -0.74 55.68
N VAL M 401 -2.10 -1.31 56.77
CA VAL M 401 -1.02 -2.29 56.72
C VAL M 401 -1.56 -3.56 57.35
N GLU M 402 -1.35 -4.70 56.68
CA GLU M 402 -1.85 -5.97 57.17
C GLU M 402 -0.67 -6.88 57.48
N LEU M 403 -0.62 -7.30 58.74
CA LEU M 403 0.43 -8.15 59.27
C LEU M 403 -0.23 -9.33 59.97
N GLU M 404 0.40 -10.49 59.88
CA GLU M 404 -0.11 -11.70 60.50
C GLU M 404 0.93 -12.20 61.52
N MET M 405 1.15 -11.38 62.54
CA MET M 405 2.24 -11.58 63.51
C MET M 405 1.95 -12.49 64.71
N GLN M 406 0.71 -12.93 64.91
CA GLN M 406 0.41 -13.94 65.93
C GLN M 406 0.51 -15.33 65.30
N TRP M 407 -0.19 -15.55 64.19
CA TRP M 407 -0.17 -16.85 63.52
C TRP M 407 1.16 -17.03 62.78
N GLY M 408 1.50 -16.10 61.91
CA GLY M 408 2.78 -16.11 61.22
C GLY M 408 2.99 -17.27 60.26
N HIS M 409 1.98 -17.57 59.46
CA HIS M 409 2.02 -18.68 58.51
C HIS M 409 2.60 -18.12 57.22
N ILE M 410 3.78 -18.58 56.82
CA ILE M 410 4.36 -18.08 55.57
C ILE M 410 3.51 -18.52 54.38
N GLY M 411 3.41 -17.64 53.40
CA GLY M 411 2.50 -17.81 52.26
C GLY M 411 1.11 -17.19 52.44
N TRP M 412 0.71 -16.94 53.69
CA TRP M 412 -0.51 -16.18 54.02
C TRP M 412 -0.78 -14.97 53.11
N SER M 413 0.27 -14.20 52.83
CA SER M 413 0.15 -12.90 52.20
C SER M 413 -0.47 -12.95 50.82
N VAL M 414 -0.19 -13.99 50.04
CA VAL M 414 -0.66 -14.07 48.66
C VAL M 414 -2.18 -14.21 48.59
N PRO M 415 -2.75 -15.25 49.21
CA PRO M 415 -4.22 -15.32 49.19
C PRO M 415 -4.89 -14.27 50.07
N SER M 416 -4.24 -13.81 51.13
CA SER M 416 -4.80 -12.77 51.98
C SER M 416 -4.96 -11.44 51.19
N ALA M 417 -3.92 -11.08 50.44
CA ALA M 417 -3.97 -9.93 49.56
C ALA M 417 -5.04 -10.07 48.47
N PHE M 418 -5.21 -11.28 47.96
CA PHE M 418 -6.26 -11.57 46.96
C PHE M 418 -7.63 -11.29 47.53
N GLY M 419 -7.94 -11.88 48.68
CA GLY M 419 -9.21 -11.69 49.33
C GLY M 419 -9.45 -10.25 49.76
N ASN M 420 -8.41 -9.61 50.27
CA ASN M 420 -8.48 -8.22 50.69
C ASN M 420 -8.78 -7.29 49.50
N ALA M 421 -8.08 -7.47 48.40
CA ALA M 421 -8.35 -6.70 47.18
C ALA M 421 -9.72 -6.95 46.58
N VAL M 422 -10.21 -8.19 46.68
CA VAL M 422 -11.59 -8.51 46.26
C VAL M 422 -12.60 -7.77 47.11
N GLY M 423 -12.30 -7.64 48.42
CA GLY M 423 -13.18 -6.98 49.36
C GLY M 423 -13.06 -5.46 49.47
N SER M 424 -11.94 -4.89 49.03
CA SER M 424 -11.73 -3.43 49.06
C SER M 424 -11.12 -3.00 47.72
N PRO M 425 -11.89 -3.19 46.62
CA PRO M 425 -11.35 -2.93 45.29
C PRO M 425 -11.07 -1.45 44.95
N GLU M 426 -11.65 -0.54 45.71
CA GLU M 426 -11.38 0.90 45.60
C GLU M 426 -9.98 1.33 46.00
N ARG M 427 -9.26 0.47 46.72
CA ARG M 427 -7.95 0.80 47.25
C ARG M 427 -6.85 0.33 46.32
N ARG M 428 -5.68 0.95 46.41
CA ARG M 428 -4.45 0.44 45.83
C ARG M 428 -3.95 -0.70 46.71
N HIS M 429 -3.72 -1.87 46.12
CA HIS M 429 -3.29 -3.02 46.89
C HIS M 429 -1.87 -3.39 46.54
N ILE M 430 -1.00 -3.35 47.56
N ILE M 430 -0.97 -3.30 47.53
CA ILE M 430 0.42 -3.64 47.45
CA ILE M 430 0.41 -3.71 47.34
C ILE M 430 0.76 -4.79 48.38
C ILE M 430 0.80 -4.76 48.38
N MET M 431 1.75 -5.59 48.00
CA MET M 431 2.09 -6.81 48.71
C MET M 431 3.61 -6.95 48.78
N MET M 432 4.13 -7.29 49.95
CA MET M 432 5.55 -7.63 50.12
C MET M 432 5.63 -9.06 50.57
N VAL M 433 6.20 -9.91 49.73
CA VAL M 433 6.30 -11.34 50.00
C VAL M 433 7.69 -11.86 49.65
N GLY M 434 8.23 -12.73 50.52
CA GLY M 434 9.53 -13.33 50.29
C GLY M 434 9.43 -14.52 49.37
N ASP M 435 10.55 -14.87 48.76
CA ASP M 435 10.64 -16.04 47.89
C ASP M 435 10.18 -17.34 48.56
N GLY M 436 10.61 -17.56 49.80
CA GLY M 436 10.23 -18.75 50.55
C GLY M 436 8.73 -18.85 50.78
N SER M 437 8.15 -17.72 51.23
CA SER M 437 6.72 -17.63 51.45
C SER M 437 5.88 -17.84 50.19
N PHE M 438 6.33 -17.25 49.11
CA PHE M 438 5.61 -17.28 47.84
C PHE M 438 5.44 -18.70 47.32
N GLN M 439 6.43 -19.56 47.55
CA GLN M 439 6.36 -20.94 47.07
C GLN M 439 5.25 -21.77 47.73
N LEU M 440 4.79 -21.44 48.93
CA LEU M 440 3.72 -22.22 49.58
C LEU M 440 2.37 -22.04 48.94
N THR M 441 2.11 -20.84 48.41
CA THR M 441 0.79 -20.44 47.95
C THR M 441 0.80 -19.71 46.60
N ALA M 442 1.87 -19.85 45.84
CA ALA M 442 2.06 -19.16 44.55
C ALA M 442 0.84 -19.22 43.62
N GLN M 443 0.18 -20.38 43.56
CA GLN M 443 -0.94 -20.57 42.61
C GLN M 443 -2.14 -19.64 42.81
N GLU M 444 -2.28 -19.00 43.98
CA GLU M 444 -3.36 -18.04 44.13
C GLU M 444 -3.13 -16.73 43.34
N VAL M 445 -1.94 -16.52 42.80
CA VAL M 445 -1.72 -15.45 41.81
C VAL M 445 -2.55 -15.71 40.54
N ALA M 446 -2.78 -16.98 40.18
CA ALA M 446 -3.62 -17.33 39.03
C ALA M 446 -5.08 -16.93 39.24
N GLN M 447 -5.54 -16.91 40.48
CA GLN M 447 -6.88 -16.44 40.79
C GLN M 447 -6.96 -14.91 40.74
N MET M 448 -5.91 -14.22 41.18
CA MET M 448 -5.78 -12.77 40.94
C MET M 448 -5.87 -12.47 39.44
N ILE M 449 -5.26 -13.32 38.62
CA ILE M 449 -5.30 -13.13 37.17
C ILE M 449 -6.69 -13.42 36.64
N ARG M 450 -7.28 -14.55 37.04
CA ARG M 450 -8.67 -14.91 36.68
C ARG M 450 -9.68 -13.79 36.97
N TYR M 451 -9.63 -13.24 38.18
CA TYR M 451 -10.59 -12.24 38.62
C TYR M 451 -10.17 -10.78 38.37
N GLU M 452 -9.04 -10.58 37.66
CA GLU M 452 -8.54 -9.26 37.28
C GLU M 452 -8.34 -8.36 38.49
N ILE M 453 -7.55 -8.87 39.44
CA ILE M 453 -7.31 -8.19 40.69
C ILE M 453 -5.91 -7.54 40.62
N PRO M 454 -5.85 -6.19 40.58
CA PRO M 454 -4.59 -5.54 40.32
C PRO M 454 -3.66 -5.33 41.55
N VAL M 455 -3.30 -6.41 42.23
CA VAL M 455 -2.31 -6.35 43.31
C VAL M 455 -0.91 -6.18 42.75
N ILE M 456 -0.15 -5.23 43.30
CA ILE M 456 1.26 -5.08 42.96
C ILE M 456 2.07 -5.91 43.98
N ILE M 457 2.70 -6.97 43.50
CA ILE M 457 3.40 -7.92 44.34
C ILE M 457 4.89 -7.64 44.24
N PHE M 458 5.50 -7.21 45.33
CA PHE M 458 6.95 -7.14 45.41
C PHE M 458 7.47 -8.43 46.03
N LEU M 459 8.12 -9.24 45.20
CA LEU M 459 8.66 -10.52 45.58
C LEU M 459 10.13 -10.29 45.89
N ILE M 460 10.54 -10.52 47.14
CA ILE M 460 11.95 -10.33 47.53
C ILE M 460 12.67 -11.65 47.32
N ASN M 461 13.40 -11.77 46.22
CA ASN M 461 14.20 -12.96 45.97
C ASN M 461 15.61 -12.78 46.57
N ASN M 462 15.77 -13.22 47.81
CA ASN M 462 17.05 -13.25 48.50
C ASN M 462 17.62 -14.67 48.62
N ARG M 463 17.06 -15.61 47.85
CA ARG M 463 17.58 -16.97 47.76
C ARG M 463 17.51 -17.75 49.07
N GLY M 464 16.38 -17.66 49.76
CA GLY M 464 16.11 -18.51 50.90
C GLY M 464 15.30 -17.88 52.01
N TYR M 465 15.25 -18.60 53.12
CA TYR M 465 14.54 -18.19 54.33
C TYR M 465 15.46 -17.31 55.22
N VAL M 466 15.58 -16.03 54.91
CA VAL M 466 16.55 -15.15 55.57
C VAL M 466 16.26 -14.93 57.06
N ILE M 467 14.99 -14.69 57.40
CA ILE M 467 14.60 -14.60 58.82
C ILE M 467 14.98 -15.85 59.64
N GLU M 468 14.87 -17.03 59.04
CA GLU M 468 15.29 -18.30 59.69
C GLU M 468 16.79 -18.41 59.77
N ILE M 469 17.50 -17.92 58.74
CA ILE M 469 18.96 -17.82 58.79
C ILE M 469 19.42 -16.95 59.98
N ALA M 470 18.71 -15.85 60.23
CA ALA M 470 19.01 -14.97 61.39
C ALA M 470 18.75 -15.62 62.76
N ILE M 471 17.81 -16.57 62.82
CA ILE M 471 17.50 -17.30 64.04
C ILE M 471 18.52 -18.43 64.26
N HIS M 472 18.71 -19.29 63.25
CA HIS M 472 19.56 -20.48 63.34
C HIS M 472 19.81 -21.10 61.94
N ASP M 473 21.04 -20.97 61.43
CA ASP M 473 21.35 -21.36 60.06
C ASP M 473 21.58 -22.87 59.89
N GLY M 474 21.18 -23.37 58.73
CA GLY M 474 21.37 -24.76 58.33
C GLY M 474 20.81 -24.95 56.92
N PRO M 475 21.03 -26.13 56.33
CA PRO M 475 20.67 -26.38 54.94
C PRO M 475 19.15 -26.31 54.64
N TYR M 476 18.32 -26.52 55.66
CA TYR M 476 16.86 -26.35 55.57
C TYR M 476 16.38 -24.94 55.19
N ASN M 477 17.28 -23.95 55.20
CA ASN M 477 16.93 -22.58 54.83
C ASN M 477 17.11 -22.19 53.36
N TYR M 478 17.63 -23.09 52.53
CA TYR M 478 18.00 -22.77 51.15
C TYR M 478 17.07 -23.55 50.25
N ILE M 479 16.41 -22.83 49.34
CA ILE M 479 15.33 -23.37 48.53
C ILE M 479 15.73 -23.32 47.07
N LYS M 480 14.96 -24.03 46.26
CA LYS M 480 15.10 -24.04 44.82
C LYS M 480 14.69 -22.68 44.31
N ASN M 481 15.54 -22.07 43.48
CA ASN M 481 15.18 -20.83 42.86
C ASN M 481 14.19 -21.09 41.74
N TRP M 482 13.20 -20.22 41.61
CA TRP M 482 12.29 -20.20 40.46
C TRP M 482 12.52 -18.91 39.69
N ASN M 483 12.12 -18.91 38.42
CA ASN M 483 11.96 -17.67 37.66
C ASN M 483 10.60 -17.08 38.02
N TYR M 484 10.55 -16.33 39.11
CA TYR M 484 9.28 -15.89 39.70
C TYR M 484 8.51 -14.98 38.75
N ALA M 485 9.22 -14.11 38.04
CA ALA M 485 8.63 -13.22 37.04
C ALA M 485 7.94 -14.00 35.91
N GLY M 486 8.61 -15.04 35.42
CA GLY M 486 8.09 -15.91 34.36
C GLY M 486 6.83 -16.69 34.72
N LEU M 487 6.57 -16.87 36.02
CA LEU M 487 5.37 -17.57 36.45
C LEU M 487 4.07 -16.90 36.02
N ILE M 488 4.09 -15.58 35.90
CA ILE M 488 2.90 -14.80 35.50
C ILE M 488 2.46 -15.18 34.09
N ASP M 489 3.42 -15.37 33.19
CA ASP M 489 3.11 -15.80 31.82
C ASP M 489 2.41 -17.16 31.79
N VAL M 490 2.92 -18.10 32.59
CA VAL M 490 2.36 -19.45 32.69
C VAL M 490 0.92 -19.38 33.19
N PHE M 491 0.66 -18.58 34.21
CA PHE M 491 -0.71 -18.39 34.72
C PHE M 491 -1.60 -17.59 33.77
N ASN M 492 -1.05 -16.62 33.03
CA ASN M 492 -1.86 -15.90 32.03
C ASN M 492 -2.40 -16.85 30.98
N ASP M 493 -1.51 -17.72 30.49
CA ASP M 493 -1.76 -18.55 29.31
C ASP M 493 -2.26 -17.64 28.15
N GLU M 494 -3.46 -17.86 27.61
CA GLU M 494 -3.97 -17.05 26.49
C GLU M 494 -4.94 -15.95 26.93
N ASP M 495 -5.38 -15.98 28.19
CA ASP M 495 -6.50 -15.18 28.71
C ASP M 495 -6.14 -14.03 29.65
N GLY M 496 -5.04 -14.16 30.39
CA GLY M 496 -4.77 -13.29 31.53
C GLY M 496 -4.01 -12.03 31.22
N HIS M 497 -4.09 -11.06 32.14
CA HIS M 497 -3.42 -9.76 32.01
C HIS M 497 -2.52 -9.42 33.19
N GLY M 498 -1.98 -10.46 33.84
CA GLY M 498 -0.91 -10.26 34.78
C GLY M 498 0.37 -9.82 34.08
N LEU M 499 1.23 -9.12 34.79
CA LEU M 499 2.58 -8.79 34.32
C LEU M 499 3.60 -9.37 35.28
N GLY M 500 4.69 -9.93 34.73
CA GLY M 500 5.82 -10.41 35.53
C GLY M 500 7.09 -9.70 35.12
N LEU M 501 7.67 -8.92 36.03
CA LEU M 501 8.81 -8.04 35.75
C LEU M 501 9.94 -8.30 36.73
N LYS M 502 11.18 -8.13 36.27
CA LYS M 502 12.39 -8.27 37.10
C LYS M 502 12.98 -6.90 37.44
N ALA M 503 13.55 -6.75 38.63
CA ALA M 503 14.25 -5.52 39.02
C ALA M 503 15.53 -5.84 39.78
N SER M 504 16.65 -5.45 39.19
CA SER M 504 17.98 -5.60 39.80
C SER M 504 18.68 -4.29 40.15
N THR M 505 18.07 -3.16 39.80
CA THR M 505 18.60 -1.83 40.10
C THR M 505 17.47 -0.92 40.56
N GLY M 506 17.81 0.25 41.09
CA GLY M 506 16.84 1.28 41.43
C GLY M 506 16.03 1.75 40.23
N ALA M 507 16.70 1.95 39.09
CA ALA M 507 16.05 2.34 37.84
C ALA M 507 15.13 1.26 37.28
N GLU M 508 15.56 0.00 37.31
CA GLU M 508 14.67 -1.10 36.88
C GLU M 508 13.44 -1.21 37.77
N LEU M 509 13.62 -1.07 39.08
CA LEU M 509 12.50 -1.08 40.01
C LEU M 509 11.54 0.07 39.72
N GLU M 510 12.10 1.26 39.48
CA GLU M 510 11.31 2.45 39.17
C GLU M 510 10.47 2.24 37.90
N GLY M 511 11.09 1.68 36.86
CA GLY M 511 10.40 1.37 35.61
C GLY M 511 9.32 0.31 35.81
N ALA M 512 9.60 -0.70 36.61
CA ALA M 512 8.64 -1.77 36.86
C ALA M 512 7.42 -1.27 37.63
N ILE M 513 7.64 -0.35 38.57
CA ILE M 513 6.57 0.24 39.38
C ILE M 513 5.61 1.06 38.50
N LYS M 514 6.14 1.85 37.57
CA LYS M 514 5.28 2.58 36.61
C LYS M 514 4.40 1.64 35.79
N LYS M 515 4.98 0.56 35.31
CA LYS M 515 4.20 -0.44 34.59
C LYS M 515 3.13 -1.07 35.49
N ALA M 516 3.50 -1.43 36.71
CA ALA M 516 2.56 -2.03 37.66
C ALA M 516 1.37 -1.10 37.93
N LEU M 517 1.67 0.18 38.14
CA LEU M 517 0.62 1.20 38.36
C LEU M 517 -0.35 1.35 37.19
N ASP M 518 0.12 1.14 35.96
CA ASP M 518 -0.73 1.27 34.78
C ASP M 518 -1.42 -0.03 34.39
N ASN M 519 -1.21 -1.12 35.12
CA ASN M 519 -1.80 -2.41 34.74
C ASN M 519 -3.04 -2.72 35.56
N ARG M 520 -4.22 -2.37 35.02
CA ARG M 520 -5.46 -2.48 35.77
C ARG M 520 -6.16 -3.83 35.73
N ARG M 521 -5.84 -4.66 34.74
CA ARG M 521 -6.60 -5.88 34.49
C ARG M 521 -5.99 -7.13 35.09
N GLY M 522 -4.93 -6.98 35.87
CA GLY M 522 -4.38 -8.09 36.60
C GLY M 522 -3.22 -7.70 37.50
N PRO M 523 -2.71 -8.66 38.27
CA PRO M 523 -1.64 -8.37 39.20
C PRO M 523 -0.33 -8.15 38.49
N THR M 524 0.58 -7.47 39.16
CA THR M 524 1.91 -7.26 38.65
C THR M 524 2.90 -7.76 39.69
N LEU M 525 3.66 -8.79 39.35
CA LEU M 525 4.73 -9.30 40.18
C LEU M 525 6.06 -8.67 39.77
N ILE M 526 6.71 -8.02 40.73
CA ILE M 526 8.03 -7.43 40.54
C ILE M 526 8.99 -8.26 41.38
N GLU M 527 9.81 -9.05 40.70
CA GLU M 527 10.84 -9.85 41.36
C GLU M 527 12.07 -9.00 41.62
N CYS M 528 12.30 -8.67 42.89
CA CYS M 528 13.45 -7.88 43.28
C CYS M 528 14.62 -8.75 43.70
N ASN M 529 15.73 -8.60 42.99
CA ASN M 529 16.96 -9.28 43.31
C ASN M 529 17.62 -8.57 44.50
N ILE M 530 17.60 -9.20 45.66
CA ILE M 530 18.22 -8.65 46.88
C ILE M 530 19.24 -9.67 47.40
N ALA M 531 20.42 -9.19 47.78
CA ALA M 531 21.46 -10.10 48.28
C ALA M 531 21.03 -10.79 49.57
N GLN M 532 21.42 -12.05 49.72
CA GLN M 532 21.04 -12.86 50.89
C GLN M 532 21.44 -12.23 52.23
N ASP M 533 22.60 -11.57 52.26
CA ASP M 533 23.12 -10.89 53.45
C ASP M 533 22.66 -9.43 53.63
N ASP M 534 21.83 -8.92 52.71
CA ASP M 534 21.32 -7.54 52.76
C ASP M 534 19.91 -7.53 53.36
N CYS M 535 19.84 -7.84 54.64
CA CYS M 535 18.57 -7.80 55.38
C CYS M 535 18.69 -6.69 56.41
N THR M 536 17.60 -6.40 57.09
CA THR M 536 17.60 -5.31 58.05
C THR M 536 18.47 -5.67 59.25
N GLU M 537 19.06 -4.64 59.83
CA GLU M 537 19.84 -4.77 61.06
C GLU M 537 18.92 -5.15 62.23
N THR M 538 17.67 -4.69 62.17
CA THR M 538 16.67 -5.00 63.17
C THR M 538 16.34 -6.51 63.17
N LEU M 539 16.25 -7.12 61.99
CA LEU M 539 16.01 -8.56 61.88
C LEU M 539 17.12 -9.35 62.60
N ILE M 540 18.36 -8.96 62.36
CA ILE M 540 19.50 -9.68 62.94
C ILE M 540 19.47 -9.58 64.47
N ALA M 541 19.19 -8.39 65.00
CA ALA M 541 19.14 -8.19 66.45
C ALA M 541 17.98 -8.98 67.08
N TRP M 542 16.81 -8.86 66.47
CA TRP M 542 15.61 -9.60 66.89
C TRP M 542 15.78 -11.13 66.85
N GLY M 543 16.41 -11.63 65.79
CA GLY M 543 16.58 -13.07 65.60
C GLY M 543 17.46 -13.71 66.65
N LYS M 544 18.50 -12.99 67.08
CA LYS M 544 19.37 -13.44 68.17
C LYS M 544 18.61 -13.62 69.50
N ARG M 545 17.76 -12.65 69.84
CA ARG M 545 16.97 -12.73 71.08
C ARG M 545 15.96 -13.87 71.05
N VAL M 546 15.27 -14.02 69.92
CA VAL M 546 14.30 -15.09 69.71
C VAL M 546 14.96 -16.47 69.81
N ALA M 547 16.12 -16.61 69.17
CA ALA M 547 16.88 -17.85 69.21
C ALA M 547 17.25 -18.27 70.64
N ALA M 548 17.71 -17.30 71.43
CA ALA M 548 18.16 -17.55 72.80
C ALA M 548 16.99 -17.93 73.70
N THR M 549 15.87 -17.25 73.51
CA THR M 549 14.65 -17.54 74.25
C THR M 549 14.10 -18.93 73.94
N ASN M 550 14.08 -19.30 72.66
CA ASN M 550 13.58 -20.62 72.24
C ASN M 550 14.44 -21.77 72.75
N SER M 551 15.75 -21.56 72.80
CA SER M 551 16.69 -22.62 73.21
C SER M 551 16.90 -22.71 74.72
N ARG M 552 16.35 -21.79 75.51
CA ARG M 552 16.67 -21.76 76.94
C ARG M 552 16.35 -23.11 77.59
N LYS M 553 17.30 -23.59 78.39
CA LYS M 553 17.31 -24.98 78.85
C LYS M 553 16.14 -25.33 79.80
N PRO M 554 15.75 -26.62 79.86
CA PRO M 554 14.67 -27.00 80.78
C PRO M 554 15.04 -26.80 82.25
N GLN M 555 14.03 -26.84 83.10
CA GLN M 555 14.24 -26.97 84.55
C GLN M 555 14.27 -28.46 84.91
N MET N 1 28.03 -35.96 72.65
CA MET N 1 26.71 -36.05 73.34
C MET N 1 25.68 -36.72 72.43
N TYR N 2 24.86 -37.59 73.02
CA TYR N 2 23.77 -38.23 72.30
C TYR N 2 22.49 -37.57 72.76
N THR N 3 21.65 -37.14 71.80
CA THR N 3 20.49 -36.30 72.07
C THR N 3 19.16 -36.98 71.73
N VAL N 4 18.07 -36.37 72.19
CA VAL N 4 16.71 -36.85 71.89
C VAL N 4 16.50 -36.95 70.38
N GLY N 5 16.89 -35.91 69.65
CA GLY N 5 16.78 -35.90 68.20
C GLY N 5 17.55 -37.05 67.55
N MET N 6 18.75 -37.33 68.07
CA MET N 6 19.56 -38.48 67.60
C MET N 6 18.90 -39.83 67.89
N TYR N 7 18.25 -39.95 69.05
CA TYR N 7 17.47 -41.15 69.38
C TYR N 7 16.35 -41.37 68.35
N LEU N 8 15.57 -40.33 68.08
CA LEU N 8 14.54 -40.39 67.05
C LEU N 8 15.15 -40.78 65.69
N ALA N 9 16.24 -40.13 65.31
CA ALA N 9 16.85 -40.36 63.98
C ALA N 9 17.29 -41.81 63.80
N GLU N 10 17.91 -42.35 64.86
CA GLU N 10 18.39 -43.72 64.88
C GLU N 10 17.26 -44.72 64.77
N ARG N 11 16.14 -44.48 65.45
CA ARG N 11 14.96 -45.33 65.32
C ARG N 11 14.33 -45.29 63.93
N LEU N 12 14.27 -44.10 63.32
CA LEU N 12 13.72 -43.98 61.98
C LEU N 12 14.58 -44.74 60.96
N ALA N 13 15.90 -44.62 61.09
CA ALA N 13 16.86 -45.45 60.36
C ALA N 13 16.62 -46.97 60.53
N GLN N 14 16.34 -47.41 61.75
CA GLN N 14 16.06 -48.83 62.03
C GLN N 14 14.74 -49.35 61.42
N ILE N 15 13.79 -48.47 61.14
CA ILE N 15 12.55 -48.85 60.46
C ILE N 15 12.85 -49.25 59.01
N GLY N 16 13.90 -48.67 58.44
CA GLY N 16 14.24 -48.80 57.01
C GLY N 16 14.22 -47.48 56.24
N LEU N 17 13.96 -46.37 56.91
CA LEU N 17 13.94 -45.06 56.24
C LEU N 17 15.36 -44.63 55.83
N LYS N 18 15.51 -44.24 54.56
CA LYS N 18 16.73 -43.61 54.05
C LYS N 18 16.56 -42.10 53.82
N HIS N 19 15.34 -41.61 54.03
CA HIS N 19 15.00 -40.20 53.91
C HIS N 19 13.92 -39.82 54.89
N HIS N 20 13.85 -38.53 55.18
CA HIS N 20 12.71 -37.96 55.88
C HIS N 20 12.46 -36.57 55.30
N PHE N 21 11.24 -36.10 55.44
CA PHE N 21 10.76 -34.88 54.80
C PHE N 21 10.53 -33.77 55.80
N ALA N 22 10.86 -32.54 55.44
CA ALA N 22 10.77 -31.48 56.41
C ALA N 22 10.50 -30.12 55.82
N VAL N 23 9.89 -29.27 56.65
CA VAL N 23 9.82 -27.85 56.41
C VAL N 23 10.26 -27.16 57.71
N ALA N 24 11.29 -26.35 57.62
CA ALA N 24 11.87 -25.71 58.78
C ALA N 24 10.95 -24.66 59.38
N GLY N 25 11.05 -24.53 60.70
CA GLY N 25 10.45 -23.42 61.46
C GLY N 25 11.20 -23.34 62.77
N ASP N 26 11.17 -22.18 63.42
CA ASP N 26 12.02 -22.01 64.61
C ASP N 26 11.80 -23.06 65.70
N TYR N 27 10.58 -23.61 65.83
CA TYR N 27 10.33 -24.68 66.82
C TYR N 27 10.95 -26.05 66.49
N ASN N 28 11.39 -26.26 65.24
CA ASN N 28 12.02 -27.55 64.87
C ASN N 28 13.45 -27.47 64.36
N LEU N 29 14.09 -26.30 64.40
CA LEU N 29 15.41 -26.16 63.79
C LEU N 29 16.46 -27.01 64.49
N VAL N 30 16.46 -27.04 65.83
CA VAL N 30 17.45 -27.83 66.57
C VAL N 30 17.19 -29.31 66.32
N LEU N 31 15.93 -29.72 66.32
CA LEU N 31 15.56 -31.08 65.95
C LEU N 31 16.05 -31.48 64.57
N LEU N 32 15.95 -30.58 63.59
CA LEU N 32 16.43 -30.84 62.24
C LEU N 32 17.94 -31.00 62.19
N ASP N 33 18.69 -30.20 62.97
CA ASP N 33 20.13 -30.41 63.14
C ASP N 33 20.47 -31.79 63.68
N GLN N 34 19.71 -32.26 64.66
CA GLN N 34 19.94 -33.57 65.26
C GLN N 34 19.72 -34.68 64.25
N LEU N 35 18.62 -34.58 63.49
CA LEU N 35 18.34 -35.53 62.42
C LEU N 35 19.45 -35.53 61.36
N LEU N 36 19.99 -34.35 61.07
CA LEU N 36 21.08 -34.21 60.09
C LEU N 36 22.39 -34.89 60.46
N LEU N 37 22.64 -35.10 61.76
CA LEU N 37 23.84 -35.84 62.22
C LEU N 37 23.81 -37.36 61.98
N ASN N 38 22.63 -37.89 61.68
CA ASN N 38 22.50 -39.30 61.36
C ASN N 38 22.87 -39.52 59.89
N LYS N 39 23.92 -40.29 59.66
CA LYS N 39 24.49 -40.45 58.31
C LYS N 39 23.66 -41.42 57.42
N ASP N 40 22.84 -42.25 58.05
CA ASP N 40 21.99 -43.19 57.33
C ASP N 40 20.74 -42.60 56.65
N MET N 41 20.41 -41.32 56.90
CA MET N 41 19.26 -40.67 56.25
C MET N 41 19.68 -39.36 55.61
N GLU N 42 18.95 -39.00 54.56
CA GLU N 42 19.03 -37.67 53.98
C GLU N 42 17.76 -36.89 54.34
N GLN N 43 17.92 -35.59 54.55
CA GLN N 43 16.82 -34.71 54.88
C GLN N 43 16.34 -34.00 53.59
N VAL N 44 15.07 -34.19 53.23
CA VAL N 44 14.49 -33.69 51.97
C VAL N 44 13.51 -32.55 52.30
N TYR N 45 13.64 -31.41 51.64
CA TYR N 45 12.83 -30.22 51.95
C TYR N 45 11.66 -30.10 50.99
N CYS N 46 10.51 -29.69 51.52
CA CYS N 46 9.27 -29.50 50.75
C CYS N 46 8.86 -28.05 50.76
N CYS N 47 8.07 -27.62 49.77
CA CYS N 47 7.60 -26.25 49.67
C CYS N 47 6.66 -25.88 50.82
N ASN N 48 5.70 -26.77 51.09
CA ASN N 48 4.72 -26.52 52.13
C ASN N 48 4.38 -27.82 52.85
N GLU N 49 3.65 -27.72 53.94
CA GLU N 49 3.47 -28.86 54.85
C GLU N 49 2.44 -29.89 54.41
N LEU N 50 1.40 -29.45 53.68
CA LEU N 50 0.48 -30.38 53.03
C LEU N 50 1.26 -31.29 52.08
N ASN N 51 2.10 -30.67 51.25
CA ASN N 51 2.91 -31.44 50.29
C ASN N 51 3.97 -32.29 50.99
N CYS N 52 4.53 -31.77 52.08
CA CYS N 52 5.48 -32.52 52.90
C CYS N 52 4.86 -33.81 53.46
N GLY N 53 3.65 -33.68 54.00
CA GLY N 53 2.90 -34.82 54.50
C GLY N 53 2.60 -35.86 53.44
N PHE N 54 2.14 -35.39 52.28
CA PHE N 54 1.82 -36.29 51.17
C PHE N 54 3.06 -36.91 50.52
N SER N 55 4.18 -36.19 50.54
CA SER N 55 5.44 -36.75 50.10
C SER N 55 5.85 -37.93 50.98
N ALA N 56 5.66 -37.80 52.30
CA ALA N 56 5.94 -38.88 53.24
C ALA N 56 4.98 -40.04 53.00
N GLU N 57 3.72 -39.73 52.72
CA GLU N 57 2.71 -40.76 52.43
C GLU N 57 3.15 -41.59 51.22
N GLY N 58 3.64 -40.91 50.18
CA GLY N 58 4.19 -41.59 49.00
C GLY N 58 5.44 -42.43 49.26
N TYR N 59 6.34 -41.90 50.07
CA TYR N 59 7.52 -42.65 50.53
C TYR N 59 7.15 -43.93 51.27
N ALA N 60 6.11 -43.85 52.11
CA ALA N 60 5.60 -45.00 52.84
C ALA N 60 4.99 -46.07 51.93
N ARG N 61 4.38 -45.65 50.81
CA ARG N 61 3.95 -46.60 49.79
C ARG N 61 5.10 -47.38 49.18
N ALA N 62 6.27 -46.75 49.10
CA ALA N 62 7.47 -47.37 48.56
C ALA N 62 8.19 -48.26 49.57
N ARG N 63 8.37 -47.77 50.79
CA ARG N 63 9.22 -48.40 51.81
C ARG N 63 8.50 -48.96 53.05
N GLY N 64 7.20 -48.74 53.17
CA GLY N 64 6.46 -49.24 54.33
C GLY N 64 6.29 -48.24 55.47
N ALA N 65 7.08 -47.18 55.50
CA ALA N 65 6.93 -46.16 56.53
C ALA N 65 7.60 -44.88 56.05
N ALA N 66 7.43 -43.81 56.80
CA ALA N 66 7.98 -42.51 56.43
C ALA N 66 7.91 -41.56 57.60
N ALA N 67 8.58 -40.41 57.46
CA ALA N 67 8.53 -39.38 58.48
C ALA N 67 8.52 -37.99 57.87
N ALA N 68 7.73 -37.10 58.48
CA ALA N 68 7.65 -35.70 58.10
C ALA N 68 7.85 -34.83 59.35
N ILE N 69 8.72 -33.83 59.25
CA ILE N 69 9.04 -32.95 60.37
C ILE N 69 8.52 -31.55 60.03
N VAL N 70 7.71 -30.98 60.93
CA VAL N 70 7.06 -29.68 60.71
C VAL N 70 7.15 -28.81 61.97
N THR N 71 6.74 -27.54 61.83
CA THR N 71 6.70 -26.62 62.95
C THR N 71 5.30 -26.58 63.57
N PHE N 72 5.24 -26.17 64.81
CA PHE N 72 3.99 -26.09 65.58
C PHE N 72 2.89 -25.26 64.90
N SER N 73 1.69 -25.82 64.82
CA SER N 73 0.45 -25.19 64.33
C SER N 73 0.37 -24.82 62.86
N VAL N 74 1.17 -23.82 62.46
CA VAL N 74 1.16 -23.33 61.10
C VAL N 74 1.67 -24.41 60.15
N GLY N 75 2.56 -25.27 60.65
CA GLY N 75 3.03 -26.42 59.89
C GLY N 75 2.12 -27.62 60.06
N ALA N 76 1.92 -28.02 61.30
CA ALA N 76 1.26 -29.27 61.62
C ALA N 76 -0.18 -29.39 61.18
N ILE N 77 -0.96 -28.31 61.24
CA ILE N 77 -2.40 -28.42 60.92
C ILE N 77 -2.60 -28.77 59.45
N SER N 78 -1.83 -28.15 58.55
CA SER N 78 -1.84 -28.55 57.14
C SER N 78 -1.43 -30.02 56.95
N ALA N 79 -0.37 -30.41 57.65
CA ALA N 79 0.10 -31.79 57.61
C ALA N 79 -0.94 -32.78 58.09
N MET N 80 -1.85 -32.38 58.98
CA MET N 80 -2.93 -33.26 59.48
C MET N 80 -3.90 -33.74 58.41
N ASN N 81 -4.07 -32.97 57.35
CA ASN N 81 -4.79 -33.43 56.17
C ASN N 81 -4.11 -34.65 55.56
N ALA N 82 -2.81 -34.57 55.34
CA ALA N 82 -2.03 -35.71 54.80
C ALA N 82 -2.02 -36.90 55.76
N ILE N 83 -2.00 -36.61 57.07
CA ILE N 83 -2.02 -37.65 58.08
C ILE N 83 -3.36 -38.38 58.12
N GLY N 84 -4.45 -37.64 58.04
CA GLY N 84 -5.78 -38.24 57.83
C GLY N 84 -5.78 -39.14 56.62
N GLY N 85 -5.18 -38.66 55.53
CA GLY N 85 -4.98 -39.44 54.32
C GLY N 85 -4.18 -40.73 54.54
N ALA N 86 -3.10 -40.65 55.30
CA ALA N 86 -2.31 -41.83 55.66
C ALA N 86 -3.14 -42.80 56.48
N TYR N 87 -3.94 -42.29 57.39
CA TYR N 87 -4.87 -43.13 58.15
C TYR N 87 -5.86 -43.81 57.23
N ALA N 88 -6.46 -43.03 56.34
CA ALA N 88 -7.41 -43.55 55.37
C ALA N 88 -6.80 -44.62 54.45
N GLU N 89 -5.52 -44.46 54.10
CA GLU N 89 -4.87 -45.36 53.17
C GLU N 89 -3.95 -46.40 53.86
N ASN N 90 -4.02 -46.50 55.19
CA ASN N 90 -3.33 -47.51 55.98
C ASN N 90 -1.81 -47.50 55.87
N LEU N 91 -1.22 -46.32 56.04
CA LEU N 91 0.22 -46.12 55.89
C LEU N 91 0.82 -45.54 57.17
N PRO N 92 1.88 -46.19 57.71
CA PRO N 92 2.51 -45.63 58.91
C PRO N 92 3.43 -44.47 58.61
N VAL N 93 2.85 -43.29 58.51
CA VAL N 93 3.60 -42.05 58.42
C VAL N 93 3.71 -41.49 59.85
N ILE N 94 4.91 -41.07 60.23
CA ILE N 94 5.14 -40.45 61.52
C ILE N 94 5.23 -38.95 61.29
N LEU N 95 4.32 -38.20 61.88
CA LEU N 95 4.38 -36.73 61.86
C LEU N 95 5.04 -36.27 63.13
N ILE N 96 6.18 -35.61 63.01
CA ILE N 96 6.88 -35.04 64.14
C ILE N 96 6.82 -33.52 64.03
N SER N 97 6.27 -32.87 65.07
CA SER N 97 6.22 -31.44 65.17
C SER N 97 7.15 -30.93 66.27
N GLY N 98 7.86 -29.85 65.99
CA GLY N 98 8.46 -29.05 67.05
C GLY N 98 7.31 -28.43 67.85
N SER N 99 7.55 -28.19 69.13
CA SER N 99 6.56 -27.57 69.99
C SER N 99 7.25 -26.61 70.98
N PRO N 100 6.46 -25.89 71.80
CA PRO N 100 7.02 -24.84 72.64
C PRO N 100 8.05 -25.26 73.68
N ASN N 101 8.86 -24.28 74.07
CA ASN N 101 9.84 -24.42 75.13
C ASN N 101 9.14 -24.90 76.40
N THR N 102 9.76 -25.86 77.09
CA THR N 102 9.19 -26.43 78.30
C THR N 102 8.93 -25.37 79.37
N ASN N 103 9.76 -24.34 79.42
CA ASN N 103 9.61 -23.25 80.40
C ASN N 103 8.36 -22.37 80.24
N ASP N 104 7.67 -22.47 79.10
CA ASP N 104 6.44 -21.71 78.90
C ASP N 104 5.21 -22.44 79.45
N TYR N 105 5.32 -23.75 79.71
CA TYR N 105 4.19 -24.50 80.25
C TYR N 105 3.88 -24.01 81.69
N GLY N 106 2.61 -23.90 82.00
CA GLY N 106 2.17 -23.40 83.30
C GLY N 106 2.49 -21.94 83.65
N THR N 107 2.64 -21.07 82.66
CA THR N 107 2.96 -19.65 82.88
C THR N 107 1.92 -18.65 82.38
N GLY N 108 1.04 -19.05 81.47
CA GLY N 108 0.14 -18.13 80.79
C GLY N 108 0.73 -17.31 79.65
N HIS N 109 1.95 -17.65 79.20
CA HIS N 109 2.57 -16.97 78.07
C HIS N 109 1.79 -17.19 76.77
N ILE N 110 1.71 -16.14 75.96
CA ILE N 110 1.14 -16.24 74.63
C ILE N 110 2.29 -16.42 73.65
N LEU N 111 2.20 -17.41 72.77
CA LEU N 111 3.32 -17.78 71.88
C LEU N 111 2.97 -17.62 70.41
N HIS N 112 3.98 -17.31 69.62
CA HIS N 112 3.83 -17.28 68.17
C HIS N 112 3.45 -18.66 67.60
N HIS N 113 2.75 -18.63 66.48
CA HIS N 113 2.16 -19.82 65.84
C HIS N 113 1.16 -20.51 66.74
N THR N 114 0.44 -19.74 67.55
CA THR N 114 -0.67 -20.28 68.30
C THR N 114 -1.87 -19.39 68.10
N ILE N 115 -3.02 -19.91 68.49
CA ILE N 115 -4.28 -19.17 68.39
C ILE N 115 -4.37 -18.01 69.40
N GLY N 116 -3.38 -17.89 70.28
CA GLY N 116 -3.22 -16.75 71.16
C GLY N 116 -3.84 -16.96 72.51
N THR N 117 -4.10 -18.21 72.88
CA THR N 117 -4.57 -18.56 74.21
C THR N 117 -3.43 -19.22 74.97
N THR N 118 -3.66 -19.52 76.24
CA THR N 118 -2.66 -20.21 77.06
C THR N 118 -2.63 -21.72 76.84
N ASP N 119 -3.54 -22.24 76.02
CA ASP N 119 -3.58 -23.64 75.69
C ASP N 119 -2.54 -23.92 74.58
N TYR N 120 -1.54 -24.74 74.88
CA TYR N 120 -0.64 -25.27 73.85
C TYR N 120 -0.96 -26.72 73.50
N ASN N 121 -1.99 -27.29 74.11
N ASN N 121 -2.00 -27.27 74.11
CA ASN N 121 -2.37 -28.68 73.95
CA ASN N 121 -2.38 -28.66 73.97
C ASN N 121 -3.33 -28.96 72.80
C ASN N 121 -3.34 -28.95 72.82
N TYR N 122 -3.89 -27.90 72.19
CA TYR N 122 -4.93 -28.07 71.16
C TYR N 122 -4.49 -28.85 69.93
N GLN N 123 -3.23 -28.69 69.52
CA GLN N 123 -2.70 -29.43 68.36
C GLN N 123 -2.67 -30.96 68.60
N LEU N 124 -2.16 -31.36 69.75
CA LEU N 124 -2.21 -32.77 70.16
C LEU N 124 -3.65 -33.28 70.19
N GLU N 125 -4.58 -32.50 70.74
CA GLU N 125 -5.97 -32.92 70.81
C GLU N 125 -6.62 -33.04 69.43
N MET N 126 -6.26 -32.17 68.50
CA MET N 126 -6.75 -32.29 67.12
C MET N 126 -6.22 -33.55 66.41
N VAL N 127 -4.93 -33.82 66.55
CA VAL N 127 -4.27 -34.86 65.75
C VAL N 127 -4.58 -36.28 66.22
N LYS N 128 -5.01 -36.42 67.48
CA LYS N 128 -5.49 -37.71 68.03
C LYS N 128 -6.62 -38.29 67.21
N HIS N 129 -7.40 -37.42 66.57
CA HIS N 129 -8.52 -37.85 65.76
C HIS N 129 -8.10 -38.50 64.45
N VAL N 130 -6.88 -38.27 63.97
CA VAL N 130 -6.43 -38.83 62.69
C VAL N 130 -5.17 -39.71 62.83
N THR N 131 -4.89 -40.19 64.05
CA THR N 131 -3.71 -41.00 64.34
C THR N 131 -4.03 -42.19 65.22
N CYS N 132 -3.14 -43.20 65.24
CA CYS N 132 -3.29 -44.36 66.12
C CYS N 132 -2.54 -44.15 67.43
N ALA N 133 -1.60 -43.23 67.45
CA ALA N 133 -0.86 -42.89 68.66
C ALA N 133 -0.37 -41.46 68.53
N ALA N 134 -0.23 -40.79 69.67
CA ALA N 134 0.10 -39.37 69.70
C ALA N 134 0.67 -38.98 71.05
N GLU N 135 1.92 -38.54 71.06
CA GLU N 135 2.62 -38.29 72.31
C GLU N 135 3.35 -36.99 72.22
N SER N 136 3.55 -36.40 73.39
CA SER N 136 4.22 -35.13 73.55
C SER N 136 5.43 -35.37 74.44
N ILE N 137 6.58 -34.81 74.05
CA ILE N 137 7.82 -34.99 74.79
C ILE N 137 8.30 -33.66 75.35
N VAL N 138 8.31 -33.56 76.68
CA VAL N 138 8.79 -32.38 77.40
C VAL N 138 10.05 -32.65 78.26
N SER N 139 10.56 -33.88 78.27
CA SER N 139 11.81 -34.21 78.94
C SER N 139 12.57 -35.30 78.19
N ALA N 140 13.89 -35.27 78.33
CA ALA N 140 14.76 -36.30 77.79
C ALA N 140 14.52 -37.69 78.43
N GLU N 141 14.18 -37.69 79.72
N GLU N 141 14.17 -37.71 79.71
CA GLU N 141 13.86 -38.90 80.49
CA GLU N 141 13.90 -38.96 80.45
C GLU N 141 12.77 -39.74 79.85
C GLU N 141 12.75 -39.76 79.84
N GLU N 142 11.69 -39.08 79.42
CA GLU N 142 10.49 -39.74 78.86
C GLU N 142 10.56 -39.99 77.35
N ALA N 143 11.54 -39.40 76.66
CA ALA N 143 11.56 -39.42 75.19
C ALA N 143 11.67 -40.83 74.59
N PRO N 144 12.58 -41.67 75.10
CA PRO N 144 12.67 -43.03 74.53
C PRO N 144 11.34 -43.79 74.49
N ALA N 145 10.61 -43.80 75.61
CA ALA N 145 9.36 -44.55 75.69
C ALA N 145 8.33 -44.02 74.70
N LYS N 146 8.27 -42.71 74.55
CA LYS N 146 7.29 -42.08 73.67
C LYS N 146 7.64 -42.24 72.20
N ILE N 147 8.90 -41.99 71.85
CA ILE N 147 9.39 -42.22 70.49
C ILE N 147 9.08 -43.62 70.01
N ASP N 148 9.48 -44.60 70.80
CA ASP N 148 9.32 -46.02 70.42
C ASP N 148 7.87 -46.45 70.42
N HIS N 149 7.06 -45.90 71.33
CA HIS N 149 5.65 -46.25 71.39
C HIS N 149 4.94 -45.84 70.10
N VAL N 150 5.20 -44.61 69.63
CA VAL N 150 4.52 -44.16 68.41
C VAL N 150 4.98 -44.90 67.16
N ILE N 151 6.27 -45.23 67.07
CA ILE N 151 6.80 -45.94 65.90
C ILE N 151 6.28 -47.37 65.86
N ARG N 152 6.34 -48.06 67.00
CA ARG N 152 5.90 -49.45 67.09
C ARG N 152 4.41 -49.59 66.82
N THR N 153 3.61 -48.71 67.40
CA THR N 153 2.16 -48.76 67.18
C THR N 153 1.83 -48.47 65.70
N ALA N 154 2.47 -47.47 65.13
CA ALA N 154 2.22 -47.14 63.71
C ALA N 154 2.50 -48.33 62.79
N LEU N 155 3.68 -48.94 62.95
CA LEU N 155 4.09 -50.08 62.13
C LEU N 155 3.15 -51.26 62.26
N ARG N 156 2.67 -51.52 63.47
CA ARG N 156 1.85 -52.68 63.75
C ARG N 156 0.43 -52.50 63.24
N GLU N 157 -0.15 -51.33 63.51
CA GLU N 157 -1.51 -51.02 63.09
C GLU N 157 -1.60 -50.60 61.63
N ARG N 158 -0.48 -50.25 61.00
CA ARG N 158 -0.45 -49.68 59.65
C ARG N 158 -1.30 -48.41 59.61
N LYS N 159 -0.99 -47.51 60.53
CA LYS N 159 -1.68 -46.24 60.69
C LYS N 159 -0.64 -45.19 61.03
N PRO N 160 -0.93 -43.91 60.77
CA PRO N 160 0.03 -42.88 61.12
C PRO N 160 0.00 -42.54 62.59
N ALA N 161 1.06 -41.88 63.05
CA ALA N 161 1.23 -41.54 64.44
C ALA N 161 1.89 -40.18 64.55
N TYR N 162 1.78 -39.58 65.73
CA TYR N 162 2.25 -38.20 65.97
C TYR N 162 3.17 -38.08 67.19
N LEU N 163 4.27 -37.33 67.04
CA LEU N 163 5.11 -36.87 68.15
C LEU N 163 5.29 -35.36 68.12
N GLU N 164 5.26 -34.73 69.29
CA GLU N 164 5.77 -33.38 69.40
C GLU N 164 6.90 -33.38 70.39
N ILE N 165 7.91 -32.59 70.09
CA ILE N 165 9.13 -32.51 70.87
C ILE N 165 9.36 -31.04 71.16
N ALA N 166 9.40 -30.69 72.43
CA ALA N 166 9.72 -29.32 72.83
C ALA N 166 11.02 -28.88 72.20
N CYS N 167 11.06 -27.64 71.70
CA CYS N 167 12.20 -27.14 70.94
C CYS N 167 13.52 -27.16 71.75
N ASN N 168 13.42 -26.96 73.06
CA ASN N 168 14.58 -27.04 73.98
C ASN N 168 14.87 -28.44 74.56
N VAL N 169 14.21 -29.48 74.06
CA VAL N 169 14.44 -30.88 74.46
C VAL N 169 15.04 -31.73 73.32
N ALA N 170 14.78 -31.34 72.06
CA ALA N 170 15.37 -32.01 70.89
C ALA N 170 16.89 -32.18 70.96
N GLY N 171 17.57 -31.15 71.48
CA GLY N 171 19.01 -31.15 71.66
C GLY N 171 19.50 -31.61 73.03
N ALA N 172 18.59 -32.05 73.90
CA ALA N 172 18.93 -32.48 75.25
C ALA N 172 19.52 -33.88 75.24
N GLU N 173 20.46 -34.11 76.15
CA GLU N 173 21.14 -35.41 76.30
C GLU N 173 20.15 -36.53 76.65
N CYS N 174 20.29 -37.65 75.95
CA CYS N 174 19.34 -38.75 76.01
C CYS N 174 20.11 -40.06 76.11
N VAL N 175 19.54 -41.07 76.75
CA VAL N 175 20.10 -42.43 76.67
C VAL N 175 20.07 -42.92 75.20
N ARG N 176 20.93 -43.90 74.89
CA ARG N 176 21.03 -44.46 73.54
C ARG N 176 20.11 -45.65 73.38
N PRO N 177 19.56 -45.84 72.17
CA PRO N 177 18.68 -46.96 71.90
C PRO N 177 19.47 -48.25 71.76
N GLY N 178 18.92 -49.37 72.20
CA GLY N 178 19.57 -50.67 72.09
C GLY N 178 19.33 -51.28 70.72
N PRO N 179 20.07 -52.35 70.39
CA PRO N 179 19.92 -52.99 69.09
C PRO N 179 18.63 -53.79 68.99
N ILE N 180 18.14 -53.96 67.77
CA ILE N 180 16.87 -54.64 67.53
C ILE N 180 16.93 -55.49 66.26
N ASN N 181 16.09 -56.51 66.18
CA ASN N 181 15.87 -57.26 64.96
C ASN N 181 14.95 -56.47 64.01
N SER N 182 13.79 -56.05 64.54
CA SER N 182 12.84 -55.21 63.80
C SER N 182 11.96 -54.41 64.76
N LEU N 183 11.50 -53.24 64.34
CA LEU N 183 10.54 -52.44 65.11
C LEU N 183 9.07 -52.83 64.83
N LEU N 184 8.85 -53.64 63.81
CA LEU N 184 7.55 -54.28 63.59
C LEU N 184 7.47 -55.60 64.35
N ARG N 185 6.68 -55.64 65.42
CA ARG N 185 6.37 -56.91 66.11
C ARG N 185 4.88 -57.13 66.09
N GLU N 186 4.46 -58.28 65.54
CA GLU N 186 3.05 -58.65 65.45
C GLU N 186 2.56 -59.26 66.77
N LEU N 187 1.23 -59.29 66.92
CA LEU N 187 0.59 -60.05 67.99
C LEU N 187 0.76 -61.54 67.71
N GLU N 188 0.82 -62.35 68.77
CA GLU N 188 0.90 -63.81 68.64
C GLU N 188 -0.44 -64.32 68.14
N VAL N 189 -0.39 -65.25 67.20
CA VAL N 189 -1.60 -65.81 66.60
C VAL N 189 -2.15 -66.92 67.50
N ASP N 190 -3.48 -67.02 67.54
CA ASP N 190 -4.17 -68.07 68.28
C ASP N 190 -4.36 -69.26 67.33
N GLN N 191 -3.55 -70.30 67.53
CA GLN N 191 -3.59 -71.50 66.67
C GLN N 191 -4.94 -72.22 66.78
N THR N 192 -5.51 -72.25 67.98
CA THR N 192 -6.88 -72.78 68.16
C THR N 192 -7.89 -72.09 67.21
N SER N 193 -7.80 -70.78 67.07
CA SER N 193 -8.69 -70.03 66.16
C SER N 193 -8.40 -70.33 64.67
N VAL N 194 -7.13 -70.26 64.26
CA VAL N 194 -6.72 -70.54 62.87
C VAL N 194 -7.20 -71.92 62.42
N THR N 195 -6.90 -72.94 63.23
CA THR N 195 -7.33 -74.32 62.97
C THR N 195 -8.83 -74.44 62.82
N ALA N 196 -9.58 -73.90 63.77
CA ALA N 196 -11.05 -73.93 63.67
C ALA N 196 -11.57 -73.13 62.47
N ALA N 197 -10.91 -72.01 62.13
CA ALA N 197 -11.35 -71.20 60.99
C ALA N 197 -11.13 -71.95 59.68
N VAL N 198 -9.95 -72.55 59.53
CA VAL N 198 -9.61 -73.32 58.32
C VAL N 198 -10.58 -74.49 58.13
N ASP N 199 -10.78 -75.30 59.17
CA ASP N 199 -11.73 -76.42 59.16
C ASP N 199 -13.11 -75.98 58.71
N ALA N 200 -13.61 -74.89 59.29
CA ALA N 200 -14.92 -74.34 58.93
C ALA N 200 -14.95 -73.83 57.47
N ALA N 201 -13.85 -73.24 57.01
CA ALA N 201 -13.75 -72.80 55.61
C ALA N 201 -13.80 -73.98 54.63
N VAL N 202 -13.00 -75.01 54.90
CA VAL N 202 -12.96 -76.21 54.05
C VAL N 202 -14.35 -76.82 53.95
N GLU N 203 -15.00 -76.97 55.10
CA GLU N 203 -16.38 -77.41 55.18
C GLU N 203 -17.36 -76.51 54.41
N TRP N 204 -17.26 -75.20 54.62
CA TRP N 204 -18.12 -74.23 53.92
C TRP N 204 -17.99 -74.33 52.39
N LEU N 205 -16.80 -74.62 51.90
CA LEU N 205 -16.53 -74.78 50.46
C LEU N 205 -16.99 -76.11 49.82
N GLN N 206 -17.33 -77.11 50.64
CA GLN N 206 -17.73 -78.45 50.11
C GLN N 206 -18.75 -78.43 48.98
N ASP N 207 -19.88 -77.76 49.21
CA ASP N 207 -20.98 -77.75 48.23
C ASP N 207 -21.05 -76.43 47.44
N ARG N 208 -19.91 -75.77 47.25
CA ARG N 208 -19.82 -74.50 46.54
C ARG N 208 -18.83 -74.61 45.40
N GLN N 209 -19.33 -74.83 44.19
CA GLN N 209 -18.45 -75.13 43.04
C GLN N 209 -17.83 -73.87 42.40
N ASN N 210 -18.63 -72.81 42.24
CA ASN N 210 -18.16 -71.55 41.65
C ASN N 210 -17.61 -70.60 42.72
N VAL N 211 -16.29 -70.53 42.78
CA VAL N 211 -15.57 -69.79 43.81
C VAL N 211 -14.83 -68.66 43.11
N VAL N 212 -14.89 -67.46 43.70
CA VAL N 212 -14.19 -66.29 43.17
C VAL N 212 -13.49 -65.57 44.33
N MET N 213 -12.20 -65.31 44.20
CA MET N 213 -11.47 -64.45 45.13
C MET N 213 -11.64 -62.98 44.71
N LEU N 214 -11.90 -62.11 45.68
CA LEU N 214 -12.08 -60.65 45.45
C LEU N 214 -11.06 -59.92 46.31
N VAL N 215 -10.03 -59.40 45.67
CA VAL N 215 -8.92 -58.80 46.37
C VAL N 215 -9.24 -57.33 46.69
N GLY N 216 -9.01 -56.95 47.93
CA GLY N 216 -9.39 -55.64 48.46
C GLY N 216 -8.20 -54.77 48.77
N SER N 217 -8.48 -53.49 49.04
CA SER N 217 -7.43 -52.49 49.15
C SER N 217 -6.65 -52.48 50.47
N LYS N 218 -7.02 -53.31 51.44
CA LYS N 218 -6.17 -53.50 52.63
C LYS N 218 -5.21 -54.72 52.56
N LEU N 219 -5.10 -55.38 51.40
CA LEU N 219 -4.22 -56.54 51.29
C LEU N 219 -2.76 -56.20 51.60
N ARG N 220 -2.27 -55.07 51.09
CA ARG N 220 -0.92 -54.61 51.40
C ARG N 220 -0.71 -54.29 52.87
N ALA N 221 -1.71 -53.68 53.50
CA ALA N 221 -1.66 -53.38 54.95
C ALA N 221 -1.65 -54.66 55.80
N ALA N 222 -2.28 -55.71 55.30
CA ALA N 222 -2.21 -57.03 55.92
C ALA N 222 -0.88 -57.77 55.70
N ALA N 223 -0.01 -57.23 54.84
CA ALA N 223 1.25 -57.88 54.43
C ALA N 223 0.99 -59.29 53.90
N ALA N 224 -0.04 -59.44 53.09
CA ALA N 224 -0.53 -60.75 52.69
C ALA N 224 -0.65 -60.94 51.18
N GLU N 225 0.15 -60.19 50.40
CA GLU N 225 0.19 -60.33 48.94
C GLU N 225 0.68 -61.72 48.51
N LYS N 226 1.79 -62.17 49.08
CA LYS N 226 2.32 -63.53 48.81
C LYS N 226 1.30 -64.63 49.15
N GLN N 227 0.60 -64.47 50.27
CA GLN N 227 -0.32 -65.49 50.76
C GLN N 227 -1.61 -65.54 49.96
N ALA N 228 -2.00 -64.39 49.40
CA ALA N 228 -3.13 -64.33 48.47
C ALA N 228 -2.85 -65.14 47.20
N VAL N 229 -1.64 -64.99 46.65
CA VAL N 229 -1.19 -65.80 45.50
C VAL N 229 -1.20 -67.29 45.87
N ALA N 230 -0.62 -67.65 47.03
CA ALA N 230 -0.61 -69.05 47.50
C ALA N 230 -2.01 -69.62 47.59
N LEU N 231 -2.92 -68.84 48.18
CA LEU N 231 -4.31 -69.27 48.31
C LEU N 231 -4.98 -69.39 46.95
N ALA N 232 -4.71 -68.43 46.06
CA ALA N 232 -5.23 -68.49 44.69
C ALA N 232 -4.71 -69.73 43.94
N ASP N 233 -3.43 -70.03 44.10
CA ASP N 233 -2.82 -71.22 43.46
C ASP N 233 -3.39 -72.55 43.95
N ARG N 234 -3.75 -72.62 45.24
CA ARG N 234 -4.38 -73.80 45.83
C ARG N 234 -5.80 -74.01 45.34
N LEU N 235 -6.61 -72.96 45.37
CA LEU N 235 -8.01 -73.04 44.93
C LEU N 235 -8.15 -73.19 43.41
N GLY N 236 -7.27 -72.54 42.65
CA GLY N 236 -7.35 -72.52 41.19
C GLY N 236 -8.55 -71.79 40.63
N CYS N 237 -9.16 -70.90 41.42
CA CYS N 237 -10.39 -70.21 41.05
C CYS N 237 -10.09 -68.90 40.35
N ALA N 238 -11.13 -68.29 39.79
CA ALA N 238 -11.03 -66.93 39.25
C ALA N 238 -10.67 -65.93 40.37
N VAL N 239 -9.75 -65.02 40.06
CA VAL N 239 -9.41 -63.92 40.95
C VAL N 239 -9.82 -62.59 40.30
N THR N 240 -10.46 -61.73 41.09
CA THR N 240 -10.80 -60.37 40.70
C THR N 240 -10.28 -59.36 41.73
N ILE N 241 -10.13 -58.10 41.31
CA ILE N 241 -9.73 -57.01 42.20
C ILE N 241 -10.82 -55.97 42.36
N MET N 242 -10.89 -55.36 43.54
CA MET N 242 -11.63 -54.11 43.71
C MET N 242 -10.76 -53.03 43.13
N ALA N 243 -11.39 -51.94 42.69
CA ALA N 243 -10.67 -50.85 42.03
C ALA N 243 -9.44 -50.38 42.80
N ALA N 244 -9.60 -50.21 44.11
CA ALA N 244 -8.54 -49.65 44.94
C ALA N 244 -7.39 -50.65 45.23
N ALA N 245 -7.56 -51.89 44.83
CA ALA N 245 -6.59 -52.93 45.08
C ALA N 245 -5.72 -53.21 43.86
N LYS N 246 -5.73 -52.32 42.87
CA LYS N 246 -4.93 -52.53 41.68
C LYS N 246 -3.46 -52.67 42.04
N GLY N 247 -2.82 -53.70 41.46
CA GLY N 247 -1.43 -54.01 41.75
C GLY N 247 -1.17 -54.90 42.95
N PHE N 248 -2.20 -55.19 43.75
CA PHE N 248 -2.02 -56.01 44.94
C PHE N 248 -2.12 -57.50 44.61
N PHE N 249 -2.60 -57.83 43.40
CA PHE N 249 -2.59 -59.18 42.87
C PHE N 249 -2.05 -59.16 41.44
N PRO N 250 -1.17 -60.12 41.07
CA PRO N 250 -0.62 -60.10 39.69
C PRO N 250 -1.68 -60.29 38.59
N GLU N 251 -1.73 -59.33 37.70
CA GLU N 251 -2.78 -59.24 36.68
C GLU N 251 -2.46 -60.19 35.49
N ASP N 252 -1.20 -60.60 35.35
CA ASP N 252 -0.81 -61.63 34.37
C ASP N 252 -0.94 -63.08 34.89
N HIS N 253 -1.48 -63.25 36.10
CA HIS N 253 -1.72 -64.57 36.68
C HIS N 253 -2.75 -65.29 35.81
N PRO N 254 -2.54 -66.58 35.48
CA PRO N 254 -3.46 -67.30 34.58
C PRO N 254 -4.93 -67.20 34.92
N ASN N 255 -5.25 -67.20 36.22
CA ASN N 255 -6.63 -67.13 36.72
C ASN N 255 -7.23 -65.71 37.04
N PHE N 256 -6.48 -64.65 36.79
CA PHE N 256 -7.01 -63.28 36.91
C PHE N 256 -8.14 -63.02 35.91
N ARG N 257 -9.30 -62.58 36.40
CA ARG N 257 -10.48 -62.30 35.53
C ARG N 257 -11.05 -60.88 35.66
N GLY N 258 -10.27 -59.96 36.20
CA GLY N 258 -10.50 -58.55 36.02
C GLY N 258 -10.96 -57.78 37.24
N LEU N 259 -11.54 -56.62 36.97
CA LEU N 259 -11.98 -55.65 37.96
C LEU N 259 -13.45 -55.86 38.27
N TYR N 260 -13.77 -56.07 39.55
CA TYR N 260 -15.14 -55.98 40.05
C TYR N 260 -15.35 -54.59 40.67
N TRP N 261 -16.26 -53.82 40.06
CA TRP N 261 -16.63 -52.49 40.54
C TRP N 261 -18.08 -52.22 40.09
N GLY N 262 -18.97 -53.10 40.52
CA GLY N 262 -20.39 -53.01 40.19
C GLY N 262 -20.66 -52.96 38.70
N GLU N 263 -21.41 -51.94 38.27
CA GLU N 263 -21.73 -51.76 36.86
C GLU N 263 -20.56 -51.22 36.03
N VAL N 264 -19.50 -50.74 36.68
CA VAL N 264 -18.31 -50.31 35.94
C VAL N 264 -17.16 -51.34 36.02
N SER N 265 -17.51 -52.61 36.22
CA SER N 265 -16.57 -53.75 36.18
C SER N 265 -15.97 -54.00 34.78
N SER N 266 -14.86 -54.73 34.74
CA SER N 266 -14.35 -55.33 33.50
C SER N 266 -15.40 -56.23 32.87
N GLU N 267 -15.25 -56.47 31.56
CA GLU N 267 -16.07 -57.44 30.81
C GLU N 267 -16.18 -58.77 31.54
N GLY N 268 -17.39 -59.18 31.89
CA GLY N 268 -17.61 -60.48 32.52
C GLY N 268 -17.49 -60.56 34.03
N ALA N 269 -16.72 -59.66 34.65
CA ALA N 269 -16.39 -59.76 36.09
C ALA N 269 -17.56 -59.56 37.03
N GLN N 270 -18.53 -58.74 36.65
CA GLN N 270 -19.70 -58.49 37.49
C GLN N 270 -20.56 -59.75 37.71
N GLU N 271 -20.90 -60.42 36.62
CA GLU N 271 -21.68 -61.66 36.69
C GLU N 271 -20.88 -62.76 37.42
N LEU N 272 -19.62 -62.92 37.02
CA LEU N 272 -18.67 -63.83 37.69
C LEU N 272 -18.77 -63.75 39.22
N VAL N 273 -18.68 -62.53 39.75
CA VAL N 273 -18.71 -62.31 41.20
C VAL N 273 -20.12 -62.45 41.76
N GLU N 274 -21.09 -61.79 41.14
CA GLU N 274 -22.44 -61.72 41.72
C GLU N 274 -23.22 -63.04 41.67
N ASN N 275 -22.88 -63.93 40.74
CA ASN N 275 -23.45 -65.29 40.68
C ASN N 275 -22.59 -66.40 41.30
N ALA N 276 -21.48 -66.06 41.98
CA ALA N 276 -20.61 -67.08 42.57
C ALA N 276 -21.26 -67.76 43.77
N ASP N 277 -20.95 -69.05 43.98
CA ASP N 277 -21.38 -69.79 45.17
C ASP N 277 -20.56 -69.38 46.40
N ALA N 278 -19.34 -68.91 46.18
CA ALA N 278 -18.47 -68.46 47.25
C ALA N 278 -17.64 -67.28 46.77
N ILE N 279 -17.75 -66.17 47.46
CA ILE N 279 -16.95 -65.00 47.18
C ILE N 279 -16.00 -64.84 48.36
N LEU N 280 -14.71 -64.96 48.11
CA LEU N 280 -13.69 -64.79 49.15
C LEU N 280 -13.09 -63.39 49.07
N CYS N 281 -13.54 -62.50 49.95
CA CYS N 281 -13.07 -61.10 49.98
C CYS N 281 -11.82 -60.96 50.82
N LEU N 282 -10.73 -60.56 50.19
CA LEU N 282 -9.46 -60.42 50.90
C LEU N 282 -9.18 -58.96 51.25
N ALA N 283 -9.45 -58.60 52.52
CA ALA N 283 -9.23 -57.26 53.06
C ALA N 283 -9.92 -56.12 52.27
N PRO N 284 -11.25 -56.22 52.12
CA PRO N 284 -12.01 -55.24 51.35
C PRO N 284 -12.30 -53.99 52.17
N VAL N 285 -12.47 -52.86 51.47
CA VAL N 285 -13.08 -51.64 52.03
C VAL N 285 -14.31 -51.33 51.18
N PHE N 286 -15.50 -51.63 51.71
CA PHE N 286 -16.73 -51.39 50.96
C PHE N 286 -17.30 -50.02 51.33
N ASN N 287 -16.68 -48.97 50.83
CA ASN N 287 -17.19 -47.61 51.04
C ASN N 287 -18.24 -47.27 49.98
N ASP N 288 -18.81 -46.08 50.07
CA ASP N 288 -19.83 -45.66 49.10
C ASP N 288 -19.32 -45.57 47.66
N TYR N 289 -18.05 -45.27 47.46
CA TYR N 289 -17.48 -45.19 46.10
C TYR N 289 -17.19 -46.57 45.51
N ALA N 290 -16.66 -47.47 46.34
CA ALA N 290 -16.31 -48.81 45.90
C ALA N 290 -17.57 -49.62 45.56
N THR N 291 -18.67 -49.35 46.28
CA THR N 291 -19.95 -50.03 46.03
C THR N 291 -20.83 -49.34 44.98
N VAL N 292 -20.32 -48.29 44.35
CA VAL N 292 -21.07 -47.51 43.35
C VAL N 292 -22.36 -46.97 43.96
N GLY N 293 -22.24 -46.38 45.16
CA GLY N 293 -23.39 -45.81 45.87
C GLY N 293 -24.29 -46.82 46.54
N TRP N 294 -23.70 -47.85 47.13
CA TRP N 294 -24.41 -48.94 47.81
C TRP N 294 -25.21 -49.90 46.89
N ASN N 295 -25.02 -49.81 45.57
CA ASN N 295 -25.69 -50.71 44.62
C ASN N 295 -25.00 -52.10 44.47
N SER N 296 -23.69 -52.16 44.69
CA SER N 296 -22.86 -53.36 44.44
C SER N 296 -21.97 -53.73 45.63
N TRP N 297 -22.55 -54.47 46.56
CA TRP N 297 -21.93 -54.77 47.83
C TRP N 297 -22.18 -56.25 48.14
N PRO N 298 -21.22 -57.13 47.76
CA PRO N 298 -21.37 -58.56 48.08
C PRO N 298 -21.45 -58.79 49.59
N LYS N 299 -22.52 -59.44 50.02
CA LYS N 299 -22.66 -59.89 51.41
C LYS N 299 -23.66 -61.04 51.47
N GLY N 300 -23.79 -61.64 52.65
CA GLY N 300 -24.75 -62.71 52.87
C GLY N 300 -24.08 -64.06 52.89
N ASP N 301 -24.90 -65.11 52.75
CA ASP N 301 -24.47 -66.49 52.97
C ASP N 301 -23.31 -66.94 52.09
N ASN N 302 -23.25 -66.43 50.85
CA ASN N 302 -22.18 -66.79 49.91
C ASN N 302 -20.86 -66.02 50.05
N VAL N 303 -20.69 -65.22 51.10
CA VAL N 303 -19.51 -64.35 51.24
C VAL N 303 -18.67 -64.69 52.46
N MET N 304 -17.36 -64.73 52.25
CA MET N 304 -16.39 -64.82 53.33
C MET N 304 -15.60 -63.51 53.33
N VAL N 305 -15.62 -62.79 54.43
CA VAL N 305 -14.84 -61.57 54.57
C VAL N 305 -13.60 -61.86 55.40
N MET N 306 -12.43 -61.71 54.78
CA MET N 306 -11.15 -61.89 55.45
C MET N 306 -10.59 -60.50 55.70
N ASP N 307 -10.78 -60.00 56.92
CA ASP N 307 -10.20 -58.72 57.34
C ASP N 307 -8.77 -58.99 57.77
N THR N 308 -8.02 -57.94 58.11
CA THR N 308 -6.61 -58.10 58.49
C THR N 308 -6.37 -58.97 59.73
N ASP N 309 -7.39 -59.09 60.60
CA ASP N 309 -7.26 -59.85 61.86
C ASP N 309 -8.51 -60.67 62.20
N ARG N 310 -9.29 -61.03 61.20
CA ARG N 310 -10.56 -61.68 61.41
C ARG N 310 -11.05 -62.31 60.11
N VAL N 311 -11.78 -63.44 60.23
CA VAL N 311 -12.50 -64.02 59.11
C VAL N 311 -13.92 -64.28 59.51
N THR N 312 -14.87 -63.90 58.67
CA THR N 312 -16.29 -64.01 58.99
C THR N 312 -17.00 -64.69 57.86
N PHE N 313 -17.69 -65.78 58.17
CA PHE N 313 -18.46 -66.56 57.18
C PHE N 313 -19.30 -67.63 57.89
N ALA N 314 -20.44 -67.99 57.29
CA ALA N 314 -21.29 -69.08 57.77
C ALA N 314 -21.77 -68.87 59.21
N GLY N 315 -22.29 -67.68 59.50
CA GLY N 315 -22.74 -67.31 60.84
C GLY N 315 -21.70 -67.33 61.96
N GLN N 316 -20.42 -67.29 61.61
CA GLN N 316 -19.33 -67.38 62.60
C GLN N 316 -18.23 -66.37 62.29
N SER N 317 -17.50 -65.97 63.32
CA SER N 317 -16.38 -65.03 63.17
C SER N 317 -15.20 -65.50 63.99
N PHE N 318 -14.03 -65.57 63.35
CA PHE N 318 -12.82 -66.09 63.95
C PHE N 318 -11.81 -64.98 64.01
N GLU N 319 -11.25 -64.71 65.19
CA GLU N 319 -10.26 -63.66 65.41
C GLU N 319 -9.09 -64.25 66.16
N GLY N 320 -8.15 -63.42 66.59
CA GLY N 320 -6.89 -63.90 67.12
C GLY N 320 -5.98 -64.44 66.03
N LEU N 321 -6.21 -64.03 64.79
CA LEU N 321 -5.38 -64.48 63.68
C LEU N 321 -5.07 -63.28 62.80
N SER N 322 -4.35 -63.53 61.72
CA SER N 322 -4.10 -62.50 60.72
C SER N 322 -4.48 -63.07 59.37
N LEU N 323 -4.75 -62.17 58.42
CA LEU N 323 -5.04 -62.57 57.05
C LEU N 323 -3.88 -63.37 56.47
N SER N 324 -2.67 -62.91 56.74
CA SER N 324 -1.43 -63.60 56.38
C SER N 324 -1.43 -65.09 56.81
N THR N 325 -1.64 -65.35 58.10
CA THR N 325 -1.59 -66.72 58.63
C THR N 325 -2.78 -67.56 58.23
N PHE N 326 -3.96 -66.95 58.16
CA PHE N 326 -5.15 -67.67 57.76
C PHE N 326 -5.13 -68.09 56.30
N ALA N 327 -4.75 -67.18 55.40
CA ALA N 327 -4.68 -67.47 53.99
C ALA N 327 -3.60 -68.55 53.74
N ALA N 328 -2.45 -68.45 54.42
CA ALA N 328 -1.39 -69.47 54.36
C ALA N 328 -1.82 -70.83 54.84
N ALA N 329 -2.60 -70.87 55.93
CA ALA N 329 -3.10 -72.13 56.45
C ALA N 329 -4.21 -72.70 55.57
N LEU N 330 -5.10 -71.84 55.05
CA LEU N 330 -6.13 -72.30 54.14
C LEU N 330 -5.54 -72.79 52.80
N ALA N 331 -4.40 -72.25 52.39
CA ALA N 331 -3.73 -72.68 51.15
C ALA N 331 -3.06 -74.07 51.24
N GLU N 332 -3.00 -74.63 52.45
CA GLU N 332 -2.56 -76.02 52.67
C GLU N 332 -3.72 -77.02 52.67
N LYS N 333 -4.96 -76.53 52.72
CA LYS N 333 -6.13 -77.41 52.91
C LYS N 333 -7.32 -77.20 51.97
N ALA N 334 -7.38 -76.10 51.23
CA ALA N 334 -8.59 -75.79 50.48
C ALA N 334 -8.76 -76.78 49.32
N PRO N 335 -10.00 -77.12 48.97
CA PRO N 335 -10.20 -77.99 47.83
C PRO N 335 -9.92 -77.26 46.51
N SER N 336 -9.83 -78.01 45.41
CA SER N 336 -9.64 -77.41 44.10
C SER N 336 -10.98 -76.92 43.59
N ARG N 337 -11.05 -75.66 43.17
CA ARG N 337 -12.28 -75.09 42.63
C ARG N 337 -12.01 -74.27 41.37
N PRO N 338 -11.64 -74.94 40.26
CA PRO N 338 -11.27 -74.24 39.04
C PRO N 338 -12.39 -73.83 38.08
N ALA N 339 -13.66 -74.14 38.40
CA ALA N 339 -14.75 -73.92 37.46
C ALA N 339 -14.86 -72.49 36.91
N THR N 340 -14.64 -71.48 37.76
CA THR N 340 -14.78 -70.08 37.34
C THR N 340 -13.67 -69.61 36.40
N THR N 341 -12.61 -70.40 36.21
CA THR N 341 -11.58 -70.12 35.20
C THR N 341 -11.90 -70.65 33.80
N GLN N 342 -12.95 -71.47 33.65
CA GLN N 342 -13.16 -72.24 32.43
C GLN N 342 -13.79 -71.44 31.30
N GLY N 343 -13.07 -71.33 30.17
CA GLY N 343 -13.52 -70.60 28.98
C GLY N 343 -13.11 -69.14 28.92
N THR N 344 -13.14 -68.46 30.08
CA THR N 344 -12.83 -67.04 30.19
C THR N 344 -11.32 -66.79 30.23
N GLN N 345 -10.95 -65.51 30.10
CA GLN N 345 -9.56 -65.08 30.32
C GLN N 345 -9.50 -63.63 30.81
N ALA N 346 -8.29 -63.19 31.16
CA ALA N 346 -8.06 -61.82 31.64
C ALA N 346 -8.57 -60.78 30.63
N PRO N 347 -9.13 -59.65 31.11
CA PRO N 347 -9.54 -58.61 30.18
C PRO N 347 -8.34 -57.95 29.48
N VAL N 348 -8.58 -57.40 28.31
CA VAL N 348 -7.57 -56.68 27.53
C VAL N 348 -7.98 -55.21 27.49
N LEU N 349 -7.04 -54.36 27.06
CA LEU N 349 -7.27 -52.93 26.97
C LEU N 349 -8.35 -52.62 25.94
N GLY N 350 -8.23 -53.26 24.77
CA GLY N 350 -9.27 -53.19 23.72
C GLY N 350 -9.36 -51.86 23.01
N ILE N 351 -8.23 -51.18 22.82
CA ILE N 351 -8.20 -49.86 22.20
C ILE N 351 -7.28 -49.93 20.97
N GLU N 352 -7.85 -49.70 19.79
CA GLU N 352 -7.09 -49.70 18.54
C GLU N 352 -6.33 -48.38 18.43
N ALA N 353 -5.13 -48.41 17.85
CA ALA N 353 -4.32 -47.21 17.68
C ALA N 353 -5.04 -46.19 16.79
N ALA N 354 -5.06 -44.94 17.23
CA ALA N 354 -5.70 -43.86 16.48
C ALA N 354 -4.79 -43.45 15.33
N GLU N 355 -5.35 -42.69 14.39
N GLU N 355 -5.35 -42.69 14.39
CA GLU N 355 -4.57 -42.11 13.32
CA GLU N 355 -4.57 -42.09 13.31
C GLU N 355 -3.62 -41.10 13.97
C GLU N 355 -3.61 -41.11 14.00
N PRO N 356 -2.30 -41.19 13.69
CA PRO N 356 -1.32 -40.37 14.43
C PRO N 356 -1.53 -38.86 14.47
N ASN N 357 -2.16 -38.28 13.46
CA ASN N 357 -2.36 -36.83 13.41
C ASN N 357 -3.75 -36.34 13.76
N ALA N 358 -4.64 -37.27 14.17
CA ALA N 358 -5.96 -36.89 14.67
C ALA N 358 -5.82 -36.21 16.05
N PRO N 359 -6.74 -35.29 16.39
CA PRO N 359 -6.74 -34.73 17.76
C PRO N 359 -6.75 -35.84 18.81
N LEU N 360 -5.94 -35.65 19.85
CA LEU N 360 -5.69 -36.71 20.83
C LEU N 360 -6.97 -37.03 21.57
N THR N 361 -7.25 -38.32 21.73
CA THR N 361 -8.38 -38.79 22.51
C THR N 361 -7.93 -39.37 23.84
N ASN N 362 -8.87 -39.46 24.76
CA ASN N 362 -8.63 -40.12 26.03
C ASN N 362 -8.17 -41.59 25.85
N ASP N 363 -8.81 -42.30 24.91
CA ASP N 363 -8.45 -43.68 24.55
C ASP N 363 -7.01 -43.81 24.07
N GLU N 364 -6.61 -42.93 23.17
CA GLU N 364 -5.25 -42.94 22.63
C GLU N 364 -4.21 -42.64 23.69
N MET N 365 -4.48 -41.64 24.55
CA MET N 365 -3.59 -41.30 25.65
C MET N 365 -3.45 -42.52 26.56
N THR N 366 -4.58 -43.15 26.88
CA THR N 366 -4.61 -44.33 27.72
C THR N 366 -3.82 -45.49 27.10
N ARG N 367 -3.95 -45.70 25.80
CA ARG N 367 -3.20 -46.77 25.09
C ARG N 367 -1.69 -46.57 25.22
N GLN N 368 -1.23 -45.35 24.96
CA GLN N 368 0.19 -45.04 25.04
C GLN N 368 0.73 -45.11 26.46
N ILE N 369 -0.02 -44.62 27.45
CA ILE N 369 0.41 -44.71 28.84
C ILE N 369 0.51 -46.19 29.26
N GLN N 370 -0.46 -46.98 28.85
CA GLN N 370 -0.47 -48.39 29.22
C GLN N 370 0.76 -49.14 28.69
N SER N 371 1.23 -48.77 27.50
CA SER N 371 2.45 -49.34 26.92
C SER N 371 3.75 -49.03 27.66
N LEU N 372 3.76 -47.98 28.48
CA LEU N 372 4.94 -47.61 29.27
C LEU N 372 5.11 -48.41 30.57
N ILE N 373 4.10 -49.19 30.93
CA ILE N 373 4.09 -49.85 32.22
C ILE N 373 4.84 -51.17 32.14
N THR N 374 6.01 -51.23 32.78
CA THR N 374 6.79 -52.44 32.89
C THR N 374 6.62 -53.06 34.27
N SER N 375 7.23 -54.21 34.45
CA SER N 375 7.26 -54.90 35.75
C SER N 375 7.99 -54.14 36.86
N ASP N 376 8.85 -53.19 36.49
N ASP N 376 8.87 -53.19 36.51
CA ASP N 376 9.54 -52.32 37.45
CA ASP N 376 9.50 -52.30 37.50
C ASP N 376 9.01 -50.86 37.38
C ASP N 376 9.00 -50.85 37.39
N THR N 377 7.74 -50.69 37.02
CA THR N 377 7.11 -49.39 36.95
C THR N 377 6.14 -49.18 38.11
N THR N 378 6.11 -47.94 38.62
CA THR N 378 5.10 -47.46 39.58
C THR N 378 4.24 -46.35 38.92
N LEU N 379 2.93 -46.58 38.86
CA LEU N 379 1.95 -45.66 38.28
C LEU N 379 1.14 -45.03 39.42
N THR N 380 1.21 -43.72 39.56
CA THR N 380 0.42 -42.99 40.54
C THR N 380 -0.75 -42.34 39.80
N ALA N 381 -1.98 -42.75 40.11
CA ALA N 381 -3.18 -42.22 39.42
C ALA N 381 -4.04 -41.36 40.35
N GLU N 382 -4.21 -40.11 39.97
CA GLU N 382 -4.94 -39.11 40.77
C GLU N 382 -6.44 -39.30 40.71
N THR N 383 -7.13 -38.88 41.78
CA THR N 383 -8.59 -38.72 41.80
C THR N 383 -9.07 -37.85 40.63
N GLY N 384 -10.08 -38.36 39.92
CA GLY N 384 -10.51 -37.80 38.63
C GLY N 384 -10.72 -38.92 37.63
N ASP N 385 -10.77 -38.58 36.35
CA ASP N 385 -10.94 -39.60 35.33
C ASP N 385 -9.73 -40.53 35.21
N SER N 386 -8.57 -40.10 35.69
CA SER N 386 -7.43 -41.00 35.84
C SER N 386 -7.74 -42.27 36.66
N TRP N 387 -8.62 -42.20 37.67
CA TRP N 387 -9.10 -43.41 38.35
C TRP N 387 -9.64 -44.43 37.37
N PHE N 388 -10.44 -43.95 36.43
CA PHE N 388 -11.15 -44.79 35.49
C PHE N 388 -10.25 -45.22 34.34
N ASN N 389 -9.33 -44.38 33.91
CA ASN N 389 -8.31 -44.79 32.94
C ASN N 389 -7.36 -45.84 33.52
N ALA N 390 -6.83 -45.58 34.70
CA ALA N 390 -5.98 -46.55 35.37
C ALA N 390 -6.70 -47.90 35.54
N SER N 391 -7.96 -47.88 35.97
N SER N 391 -7.96 -47.87 35.96
CA SER N 391 -8.69 -49.10 36.28
CA SER N 391 -8.70 -49.09 36.28
C SER N 391 -9.02 -49.99 35.07
C SER N 391 -9.07 -49.96 35.07
N ARG N 392 -8.87 -49.46 33.85
CA ARG N 392 -9.10 -50.27 32.63
C ARG N 392 -7.80 -50.69 31.93
N MET N 393 -6.64 -50.33 32.50
CA MET N 393 -5.32 -50.72 31.98
C MET N 393 -4.86 -52.04 32.59
N PRO N 394 -4.59 -53.07 31.75
CA PRO N 394 -3.88 -54.25 32.25
C PRO N 394 -2.43 -53.92 32.53
N ILE N 395 -1.88 -54.50 33.59
CA ILE N 395 -0.51 -54.21 34.00
C ILE N 395 0.26 -55.52 34.08
N PRO N 396 1.55 -55.51 33.74
CA PRO N 396 2.34 -56.73 33.92
C PRO N 396 2.61 -56.99 35.40
N GLY N 397 2.96 -58.23 35.73
CA GLY N 397 3.22 -58.63 37.11
C GLY N 397 4.46 -57.92 37.64
N GLY N 398 4.40 -57.50 38.90
CA GLY N 398 5.44 -56.67 39.46
C GLY N 398 5.16 -55.17 39.38
N ALA N 399 4.34 -54.72 38.41
CA ALA N 399 3.98 -53.31 38.31
C ALA N 399 3.19 -52.87 39.54
N ARG N 400 3.37 -51.64 39.95
CA ARG N 400 2.71 -51.07 41.13
C ARG N 400 1.81 -49.92 40.70
N VAL N 401 0.61 -49.88 41.25
CA VAL N 401 -0.32 -48.80 41.00
C VAL N 401 -0.66 -48.18 42.34
N GLU N 402 -0.61 -46.85 42.41
CA GLU N 402 -0.95 -46.16 43.64
C GLU N 402 -2.18 -45.31 43.40
N LEU N 403 -3.21 -45.61 44.19
CA LEU N 403 -4.50 -44.96 44.17
C LEU N 403 -4.83 -44.51 45.59
N GLU N 404 -5.59 -43.45 45.69
CA GLU N 404 -5.94 -42.88 46.97
C GLU N 404 -7.47 -42.74 47.01
N MET N 405 -8.15 -43.87 46.97
CA MET N 405 -9.62 -43.89 46.79
C MET N 405 -10.45 -43.81 48.07
N GLN N 406 -9.82 -43.90 49.24
CA GLN N 406 -10.55 -43.71 50.48
C GLN N 406 -10.55 -42.24 50.85
N TRP N 407 -9.35 -41.64 50.90
CA TRP N 407 -9.21 -40.21 51.20
C TRP N 407 -9.64 -39.35 50.02
N GLY N 408 -9.07 -39.61 48.84
CA GLY N 408 -9.42 -38.90 47.62
C GLY N 408 -9.18 -37.40 47.60
N HIS N 409 -8.00 -36.97 48.04
CA HIS N 409 -7.62 -35.57 48.12
C HIS N 409 -6.97 -35.19 46.80
N ILE N 410 -7.64 -34.37 45.98
CA ILE N 410 -7.05 -33.99 44.68
C ILE N 410 -5.78 -33.21 44.91
N GLY N 411 -4.77 -33.48 44.08
CA GLY N 411 -3.44 -32.96 44.29
C GLY N 411 -2.50 -33.89 45.05
N TRP N 412 -3.03 -34.91 45.72
CA TRP N 412 -2.21 -35.92 46.40
C TRP N 412 -1.10 -36.50 45.50
N SER N 413 -1.44 -36.77 44.24
CA SER N 413 -0.57 -37.49 43.29
C SER N 413 0.80 -36.86 43.06
N VAL N 414 0.88 -35.53 43.07
CA VAL N 414 2.14 -34.85 42.78
C VAL N 414 3.17 -35.07 43.91
N PRO N 415 2.89 -34.65 45.15
CA PRO N 415 3.84 -34.95 46.22
C PRO N 415 3.98 -36.45 46.54
N SER N 416 2.90 -37.22 46.40
CA SER N 416 2.98 -38.68 46.60
C SER N 416 3.94 -39.35 45.63
N ALA N 417 3.82 -39.02 44.34
CA ALA N 417 4.75 -39.51 43.33
C ALA N 417 6.20 -39.09 43.63
N PHE N 418 6.40 -37.85 44.06
CA PHE N 418 7.73 -37.36 44.48
C PHE N 418 8.31 -38.28 45.54
N GLY N 419 7.56 -38.45 46.63
CA GLY N 419 7.99 -39.25 47.76
C GLY N 419 8.26 -40.69 47.39
N ASN N 420 7.33 -41.28 46.61
CA ASN N 420 7.41 -42.67 46.18
C ASN N 420 8.68 -42.89 45.33
N ALA N 421 8.93 -41.98 44.39
CA ALA N 421 10.14 -42.02 43.55
C ALA N 421 11.44 -41.82 44.35
N VAL N 422 11.41 -40.93 45.34
CA VAL N 422 12.54 -40.81 46.27
C VAL N 422 12.78 -42.12 47.01
N GLY N 423 11.72 -42.82 47.39
CA GLY N 423 11.81 -44.06 48.13
C GLY N 423 12.05 -45.31 47.30
N SER N 424 11.71 -45.28 46.01
CA SER N 424 11.97 -46.41 45.11
C SER N 424 12.60 -45.91 43.80
N PRO N 425 13.81 -45.33 43.87
CA PRO N 425 14.46 -44.74 42.69
C PRO N 425 14.84 -45.74 41.60
N GLU N 426 14.94 -47.02 41.94
CA GLU N 426 15.23 -48.08 40.97
C GLU N 426 14.10 -48.35 39.97
N ARG N 427 12.89 -47.86 40.25
CA ARG N 427 11.73 -48.11 39.38
C ARG N 427 11.54 -46.99 38.38
N ARG N 428 10.76 -47.24 37.33
CA ARG N 428 10.22 -46.20 36.46
C ARG N 428 8.99 -45.59 37.16
N HIS N 429 8.91 -44.26 37.22
CA HIS N 429 7.79 -43.58 37.89
C HIS N 429 6.96 -42.76 36.92
N ILE N 430 5.70 -43.17 36.77
CA ILE N 430 4.72 -42.51 35.92
C ILE N 430 3.60 -41.97 36.79
N MET N 431 3.02 -40.85 36.36
CA MET N 431 2.01 -40.10 37.07
C MET N 431 0.87 -39.73 36.12
N MET N 432 -0.38 -39.95 36.53
CA MET N 432 -1.52 -39.43 35.81
C MET N 432 -2.24 -38.46 36.75
N VAL N 433 -2.26 -37.19 36.35
CA VAL N 433 -2.86 -36.14 37.16
C VAL N 433 -3.70 -35.21 36.26
N GLY N 434 -4.88 -34.82 36.74
CA GLY N 434 -5.72 -33.87 36.02
C GLY N 434 -5.26 -32.44 36.26
N ASP N 435 -5.74 -31.54 35.40
CA ASP N 435 -5.48 -30.11 35.53
C ASP N 435 -5.95 -29.51 36.86
N GLY N 436 -7.15 -29.87 37.30
CA GLY N 436 -7.67 -29.37 38.57
C GLY N 436 -6.82 -29.77 39.75
N SER N 437 -6.50 -31.06 39.81
CA SER N 437 -5.66 -31.63 40.88
C SER N 437 -4.30 -30.99 40.93
N PHE N 438 -3.69 -30.85 39.75
CA PHE N 438 -2.34 -30.32 39.63
C PHE N 438 -2.21 -28.92 40.25
N GLN N 439 -3.22 -28.09 40.07
CA GLN N 439 -3.19 -26.75 40.64
C GLN N 439 -3.10 -26.69 42.19
N LEU N 440 -3.62 -27.67 42.94
CA LEU N 440 -3.52 -27.62 44.41
C LEU N 440 -2.09 -27.78 44.94
N THR N 441 -1.27 -28.57 44.23
CA THR N 441 0.03 -29.03 44.72
C THR N 441 1.19 -28.89 43.72
N ALA N 442 0.98 -28.09 42.66
CA ALA N 442 1.93 -27.95 41.55
C ALA N 442 3.39 -27.67 41.94
N GLN N 443 3.61 -26.88 42.98
CA GLN N 443 4.98 -26.48 43.39
C GLN N 443 5.92 -27.61 43.77
N GLU N 444 5.39 -28.77 44.16
CA GLU N 444 6.24 -29.93 44.43
C GLU N 444 6.97 -30.50 43.19
N VAL N 445 6.50 -30.19 41.97
CA VAL N 445 7.28 -30.51 40.76
C VAL N 445 8.65 -29.81 40.79
N ALA N 446 8.69 -28.61 41.36
CA ALA N 446 9.97 -27.93 41.59
C ALA N 446 10.91 -28.73 42.50
N GLN N 447 10.35 -29.46 43.46
CA GLN N 447 11.17 -30.34 44.30
C GLN N 447 11.65 -31.57 43.54
N MET N 448 10.84 -32.09 42.62
CA MET N 448 11.29 -33.16 41.73
C MET N 448 12.50 -32.68 40.91
N ILE N 449 12.48 -31.42 40.50
CA ILE N 449 13.56 -30.84 39.70
C ILE N 449 14.80 -30.68 40.56
N ARG N 450 14.62 -30.08 41.73
CA ARG N 450 15.70 -29.90 42.70
C ARG N 450 16.47 -31.17 43.00
N TYR N 451 15.74 -32.24 43.31
CA TYR N 451 16.35 -33.52 43.67
C TYR N 451 16.55 -34.50 42.50
N GLU N 452 16.25 -34.05 41.28
CA GLU N 452 16.55 -34.76 40.04
C GLU N 452 15.84 -36.08 39.97
N ILE N 453 14.52 -36.01 40.20
CA ILE N 453 13.65 -37.16 40.28
C ILE N 453 12.94 -37.29 38.93
N PRO N 454 13.22 -38.38 38.17
CA PRO N 454 12.70 -38.50 36.81
C PRO N 454 11.27 -39.05 36.70
N VAL N 455 10.30 -38.40 37.34
CA VAL N 455 8.89 -38.78 37.20
C VAL N 455 8.36 -38.32 35.83
N ILE N 456 7.70 -39.22 35.11
CA ILE N 456 6.99 -38.86 33.89
C ILE N 456 5.54 -38.51 34.27
N ILE N 457 5.17 -37.24 34.07
CA ILE N 457 3.87 -36.72 34.49
C ILE N 457 2.98 -36.50 33.27
N PHE N 458 1.92 -37.30 33.15
CA PHE N 458 0.86 -37.04 32.18
C PHE N 458 -0.22 -36.16 32.84
N LEU N 459 -0.29 -34.91 32.37
CA LEU N 459 -1.24 -33.91 32.86
C LEU N 459 -2.40 -33.90 31.87
N ILE N 460 -3.58 -34.27 32.32
CA ILE N 460 -4.74 -34.30 31.44
C ILE N 460 -5.39 -32.94 31.52
N ASN N 461 -5.09 -32.08 30.55
CA ASN N 461 -5.74 -30.79 30.48
C ASN N 461 -7.06 -30.90 29.75
N ASN N 462 -8.10 -31.24 30.51
CA ASN N 462 -9.47 -31.22 29.97
C ASN N 462 -10.30 -29.97 30.36
N ARG N 463 -9.62 -28.95 30.88
CA ARG N 463 -10.21 -27.64 31.17
C ARG N 463 -11.31 -27.72 32.24
N GLY N 464 -11.00 -28.36 33.37
CA GLY N 464 -11.90 -28.38 34.51
C GLY N 464 -11.98 -29.65 35.31
N TYR N 465 -12.93 -29.67 36.24
CA TYR N 465 -13.18 -30.79 37.11
C TYR N 465 -14.19 -31.75 36.48
N VAL N 466 -13.75 -32.55 35.52
CA VAL N 466 -14.66 -33.40 34.72
C VAL N 466 -15.40 -34.47 35.53
N ILE N 467 -14.72 -35.10 36.47
CA ILE N 467 -15.40 -36.02 37.41
C ILE N 467 -16.54 -35.33 38.18
N GLU N 468 -16.33 -34.08 38.60
CA GLU N 468 -17.37 -33.29 39.27
C GLU N 468 -18.47 -32.85 38.33
N ILE N 469 -18.11 -32.55 37.08
CA ILE N 469 -19.12 -32.29 36.04
C ILE N 469 -20.06 -33.50 35.87
N ALA N 470 -19.48 -34.71 35.91
CA ALA N 470 -20.25 -35.94 35.81
C ALA N 470 -21.17 -36.22 37.00
N ILE N 471 -20.86 -35.67 38.17
CA ILE N 471 -21.70 -35.82 39.37
C ILE N 471 -22.81 -34.76 39.37
N HIS N 472 -22.44 -33.50 39.16
CA HIS N 472 -23.38 -32.36 39.19
C HIS N 472 -22.68 -31.09 38.65
N ASP N 473 -23.12 -30.57 37.53
CA ASP N 473 -22.42 -29.47 36.86
C ASP N 473 -22.81 -28.09 37.40
N GLY N 474 -21.84 -27.19 37.37
CA GLY N 474 -22.03 -25.78 37.71
C GLY N 474 -20.73 -25.02 37.54
N PRO N 475 -20.77 -23.68 37.70
CA PRO N 475 -19.61 -22.82 37.39
C PRO N 475 -18.34 -23.10 38.22
N TYR N 476 -18.54 -23.64 39.42
CA TYR N 476 -17.45 -24.14 40.30
C TYR N 476 -16.55 -25.22 39.68
N ASN N 477 -17.00 -25.86 38.61
CA ASN N 477 -16.20 -26.88 37.92
C ASN N 477 -15.22 -26.38 36.86
N TYR N 478 -15.21 -25.07 36.61
CA TYR N 478 -14.44 -24.48 35.51
C TYR N 478 -13.33 -23.62 36.14
N ILE N 479 -12.09 -23.89 35.74
CA ILE N 479 -10.92 -23.31 36.37
C ILE N 479 -10.12 -22.49 35.36
N LYS N 480 -9.29 -21.59 35.88
CA LYS N 480 -8.28 -20.88 35.10
C LYS N 480 -7.31 -21.87 34.45
N ASN N 481 -7.19 -21.79 33.13
CA ASN N 481 -6.20 -22.58 32.42
C ASN N 481 -4.82 -21.97 32.62
N TRP N 482 -3.81 -22.84 32.77
CA TRP N 482 -2.42 -22.46 32.81
C TRP N 482 -1.73 -23.08 31.60
N ASN N 483 -0.53 -22.58 31.30
CA ASN N 483 0.38 -23.24 30.37
C ASN N 483 1.20 -24.23 31.20
N TYR N 484 0.63 -25.41 31.42
CA TYR N 484 1.19 -26.39 32.35
C TYR N 484 2.61 -26.79 31.93
N ALA N 485 2.83 -26.99 30.64
CA ALA N 485 4.16 -27.31 30.13
C ALA N 485 5.19 -26.22 30.39
N GLY N 486 4.80 -24.96 30.25
CA GLY N 486 5.68 -23.82 30.52
C GLY N 486 6.09 -23.61 31.96
N LEU N 487 5.33 -24.20 32.88
CA LEU N 487 5.66 -24.16 34.29
C LEU N 487 7.01 -24.79 34.59
N ILE N 488 7.39 -25.81 33.83
CA ILE N 488 8.63 -26.53 34.06
C ILE N 488 9.85 -25.65 33.90
N ASP N 489 9.86 -24.83 32.84
N ASP N 489 9.87 -24.81 32.86
CA ASP N 489 10.94 -23.87 32.61
CA ASP N 489 10.98 -23.90 32.65
C ASP N 489 11.06 -22.83 33.75
C ASP N 489 11.06 -22.82 33.75
N VAL N 490 9.92 -22.45 34.33
CA VAL N 490 9.90 -21.53 35.49
C VAL N 490 10.58 -22.16 36.72
N PHE N 491 10.23 -23.41 37.02
CA PHE N 491 10.85 -24.11 38.14
C PHE N 491 12.32 -24.43 37.87
N ASN N 492 12.66 -24.74 36.62
CA ASN N 492 14.06 -24.97 36.26
C ASN N 492 14.93 -23.75 36.58
N ASP N 493 14.47 -22.59 36.13
CA ASP N 493 15.26 -21.36 36.13
C ASP N 493 16.62 -21.64 35.46
N GLU N 494 17.75 -21.39 36.12
CA GLU N 494 19.06 -21.58 35.49
C GLU N 494 19.64 -23.01 35.66
N ASP N 495 19.20 -23.74 36.69
CA ASP N 495 19.86 -24.98 37.14
C ASP N 495 19.08 -26.31 36.97
N GLY N 496 17.77 -26.26 36.84
CA GLY N 496 16.96 -27.48 36.73
C GLY N 496 16.97 -28.20 35.39
N HIS N 497 16.66 -29.50 35.43
CA HIS N 497 16.60 -30.35 34.24
C HIS N 497 15.23 -31.01 34.03
N GLY N 498 14.18 -30.32 34.45
CA GLY N 498 12.82 -30.69 34.05
C GLY N 498 12.58 -30.43 32.57
N LEU N 499 11.62 -31.17 32.01
CA LEU N 499 11.13 -30.98 30.63
C LEU N 499 9.62 -30.78 30.66
N GLY N 500 9.13 -29.75 29.98
CA GLY N 500 7.70 -29.52 29.79
C GLY N 500 7.33 -29.63 28.33
N LEU N 501 6.39 -30.52 28.01
CA LEU N 501 6.00 -30.81 26.64
C LEU N 501 4.48 -30.82 26.48
N LYS N 502 4.02 -30.48 25.27
CA LYS N 502 2.59 -30.47 24.89
C LYS N 502 2.32 -31.61 23.91
N ALA N 503 1.14 -32.23 24.01
CA ALA N 503 0.72 -33.27 23.09
C ALA N 503 -0.74 -33.04 22.75
N SER N 504 -1.01 -32.79 21.47
CA SER N 504 -2.36 -32.61 20.97
C SER N 504 -2.78 -33.71 19.96
N THR N 505 -1.85 -34.59 19.59
CA THR N 505 -2.13 -35.71 18.70
C THR N 505 -1.42 -36.94 19.22
N GLY N 506 -1.79 -38.10 18.69
CA GLY N 506 -1.09 -39.35 18.98
C GLY N 506 0.40 -39.33 18.66
N ALA N 507 0.77 -38.70 17.54
CA ALA N 507 2.18 -38.60 17.14
C ALA N 507 2.99 -37.69 18.06
N GLU N 508 2.43 -36.55 18.45
CA GLU N 508 3.08 -35.66 19.42
C GLU N 508 3.29 -36.34 20.78
N LEU N 509 2.32 -37.14 21.21
CA LEU N 509 2.41 -37.86 22.47
C LEU N 509 3.49 -38.93 22.39
N GLU N 510 3.49 -39.68 21.29
CA GLU N 510 4.55 -40.65 21.02
C GLU N 510 5.94 -39.98 21.08
N GLY N 511 6.07 -38.81 20.43
CA GLY N 511 7.30 -38.03 20.47
C GLY N 511 7.68 -37.55 21.86
N ALA N 512 6.71 -37.02 22.60
CA ALA N 512 6.94 -36.55 23.96
C ALA N 512 7.37 -37.69 24.89
N ILE N 513 6.76 -38.84 24.74
CA ILE N 513 7.11 -40.00 25.56
C ILE N 513 8.58 -40.42 25.38
N LYS N 514 9.09 -40.39 24.14
CA LYS N 514 10.50 -40.71 23.89
C LYS N 514 11.44 -39.74 24.59
N LYS N 515 11.15 -38.44 24.51
CA LYS N 515 11.96 -37.45 25.23
C LYS N 515 11.91 -37.66 26.74
N ALA N 516 10.73 -37.95 27.27
CA ALA N 516 10.56 -38.19 28.72
C ALA N 516 11.40 -39.37 29.22
N LEU N 517 11.34 -40.49 28.49
CA LEU N 517 12.16 -41.69 28.76
C LEU N 517 13.68 -41.42 28.78
N ASP N 518 14.16 -40.53 27.90
CA ASP N 518 15.56 -40.12 27.89
C ASP N 518 15.95 -39.07 28.93
N ASN N 519 14.97 -38.40 29.55
CA ASN N 519 15.27 -37.41 30.58
C ASN N 519 15.44 -38.08 31.95
N ARG N 520 16.69 -38.37 32.30
CA ARG N 520 17.02 -39.06 33.54
C ARG N 520 17.36 -38.16 34.73
N ARG N 521 17.46 -36.86 34.47
N ARG N 521 17.53 -36.87 34.53
CA ARG N 521 17.92 -35.85 35.43
CA ARG N 521 17.91 -35.96 35.63
C ARG N 521 16.81 -35.01 36.07
C ARG N 521 16.82 -34.98 36.04
N GLY N 522 15.56 -35.28 35.74
CA GLY N 522 14.45 -34.42 36.17
C GLY N 522 13.12 -34.92 35.68
N PRO N 523 12.02 -34.40 36.24
CA PRO N 523 10.72 -34.83 35.78
C PRO N 523 10.41 -34.37 34.36
N THR N 524 9.53 -35.09 33.68
CA THR N 524 8.99 -34.66 32.40
C THR N 524 7.48 -34.55 32.51
N LEU N 525 6.96 -33.33 32.31
CA LEU N 525 5.54 -33.10 32.28
C LEU N 525 5.06 -33.03 30.83
N ILE N 526 4.12 -33.91 30.50
CA ILE N 526 3.48 -33.97 29.19
C ILE N 526 2.03 -33.50 29.31
N GLU N 527 1.76 -32.29 28.84
CA GLU N 527 0.43 -31.70 28.91
C GLU N 527 -0.39 -32.23 27.77
N CYS N 528 -1.38 -33.07 28.09
CA CYS N 528 -2.25 -33.71 27.11
C CYS N 528 -3.56 -32.95 26.97
N ASN N 529 -3.80 -32.49 25.75
CA ASN N 529 -4.99 -31.77 25.37
C ASN N 529 -6.11 -32.77 25.10
N ILE N 530 -7.02 -32.95 26.06
CA ILE N 530 -8.18 -33.85 25.92
C ILE N 530 -9.44 -32.99 25.98
N ALA N 531 -10.43 -33.31 25.17
CA ALA N 531 -11.69 -32.57 25.19
C ALA N 531 -12.46 -32.85 26.46
N GLN N 532 -13.17 -31.84 26.95
CA GLN N 532 -13.94 -31.91 28.19
C GLN N 532 -14.98 -33.04 28.23
N ASP N 533 -15.62 -33.31 27.09
CA ASP N 533 -16.62 -34.39 26.99
C ASP N 533 -16.04 -35.75 26.55
N ASP N 534 -14.73 -35.81 26.28
CA ASP N 534 -14.05 -37.07 25.97
C ASP N 534 -13.53 -37.71 27.26
N CYS N 535 -14.46 -38.12 28.13
CA CYS N 535 -14.12 -38.82 29.35
C CYS N 535 -14.66 -40.24 29.24
N THR N 536 -14.20 -41.14 30.11
CA THR N 536 -14.62 -42.54 30.04
C THR N 536 -16.13 -42.66 30.23
N GLU N 537 -16.71 -43.66 29.59
CA GLU N 537 -18.12 -44.04 29.82
C GLU N 537 -18.35 -44.51 31.27
N THR N 538 -17.37 -45.21 31.83
CA THR N 538 -17.47 -45.68 33.21
C THR N 538 -17.62 -44.53 34.23
N LEU N 539 -16.86 -43.44 34.04
CA LEU N 539 -17.02 -42.24 34.86
C LEU N 539 -18.47 -41.74 34.84
N ILE N 540 -19.04 -41.61 33.65
CA ILE N 540 -20.40 -41.10 33.50
C ILE N 540 -21.42 -41.98 34.25
N ALA N 541 -21.34 -43.29 34.06
CA ALA N 541 -22.24 -44.23 34.76
C ALA N 541 -22.05 -44.20 36.29
N TRP N 542 -20.81 -44.26 36.75
CA TRP N 542 -20.48 -44.19 38.17
C TRP N 542 -20.97 -42.88 38.80
N GLY N 543 -20.69 -41.76 38.13
CA GLY N 543 -21.08 -40.45 38.59
C GLY N 543 -22.56 -40.22 38.86
N LYS N 544 -23.42 -40.82 38.04
CA LYS N 544 -24.88 -40.74 38.23
C LYS N 544 -25.33 -41.49 39.47
N ARG N 545 -24.74 -42.65 39.72
CA ARG N 545 -25.05 -43.44 40.89
C ARG N 545 -24.64 -42.71 42.17
N VAL N 546 -23.47 -42.10 42.14
CA VAL N 546 -22.96 -41.30 43.26
C VAL N 546 -23.80 -40.06 43.51
N ALA N 547 -24.12 -39.32 42.46
CA ALA N 547 -25.00 -38.16 42.57
C ALA N 547 -26.32 -38.52 43.25
N ALA N 548 -26.90 -39.66 42.86
CA ALA N 548 -28.21 -40.09 43.36
C ALA N 548 -28.12 -40.53 44.83
N THR N 549 -27.06 -41.26 45.17
CA THR N 549 -26.82 -41.71 46.55
C THR N 549 -26.62 -40.52 47.52
N ASN N 550 -25.77 -39.58 47.14
CA ASN N 550 -25.48 -38.40 47.98
C ASN N 550 -26.68 -37.49 48.22
N SER N 551 -27.56 -37.37 47.23
CA SER N 551 -28.73 -36.51 47.32
C SER N 551 -29.96 -37.19 47.88
N ARG N 552 -29.90 -38.48 48.21
CA ARG N 552 -31.11 -39.17 48.66
C ARG N 552 -31.65 -38.45 49.91
N LYS N 553 -32.96 -38.20 49.92
CA LYS N 553 -33.54 -37.25 50.86
C LYS N 553 -33.55 -37.74 52.32
N PRO N 554 -33.66 -36.81 53.29
CA PRO N 554 -33.69 -37.26 54.70
C PRO N 554 -34.91 -38.11 55.05
N GLN N 555 -34.83 -38.86 56.14
CA GLN N 555 -35.99 -39.52 56.75
C GLN N 555 -36.70 -38.60 57.74
N MET O 1 -31.90 -67.91 67.78
CA MET O 1 -31.44 -66.49 67.76
C MET O 1 -30.15 -66.33 68.59
N TYR O 2 -29.15 -65.72 67.98
CA TYR O 2 -27.92 -65.35 68.66
C TYR O 2 -27.71 -63.85 68.42
N THR O 3 -27.60 -63.09 69.51
CA THR O 3 -27.60 -61.62 69.47
C THR O 3 -26.23 -61.00 69.76
N VAL O 4 -26.16 -59.69 69.53
CA VAL O 4 -24.97 -58.88 69.84
C VAL O 4 -24.60 -58.98 71.32
N GLY O 5 -25.60 -58.88 72.20
CA GLY O 5 -25.37 -59.02 73.63
C GLY O 5 -24.85 -60.41 74.02
N MET O 6 -25.36 -61.44 73.37
CA MET O 6 -24.87 -62.79 73.63
C MET O 6 -23.42 -62.92 73.22
N TYR O 7 -23.05 -62.30 72.10
CA TYR O 7 -21.65 -62.28 71.65
C TYR O 7 -20.76 -61.63 72.71
N LEU O 8 -21.18 -60.46 73.16
CA LEU O 8 -20.50 -59.76 74.25
C LEU O 8 -20.35 -60.67 75.47
N ALA O 9 -21.46 -61.30 75.88
CA ALA O 9 -21.50 -62.15 77.06
C ALA O 9 -20.56 -63.35 76.91
N GLU O 10 -20.63 -64.01 75.76
CA GLU O 10 -19.74 -65.15 75.49
C GLU O 10 -18.25 -64.77 75.59
N ARG O 11 -17.89 -63.64 75.01
CA ARG O 11 -16.51 -63.13 75.10
C ARG O 11 -16.08 -62.80 76.53
N LEU O 12 -16.97 -62.17 77.29
CA LEU O 12 -16.67 -61.86 78.70
C LEU O 12 -16.44 -63.13 79.53
N ALA O 13 -17.26 -64.15 79.29
CA ALA O 13 -17.07 -65.47 79.90
C ALA O 13 -15.73 -66.11 79.51
N GLN O 14 -15.33 -65.94 78.25
CA GLN O 14 -14.02 -66.44 77.76
C GLN O 14 -12.83 -65.75 78.42
N ILE O 15 -13.01 -64.50 78.89
CA ILE O 15 -11.97 -63.81 79.67
C ILE O 15 -11.73 -64.51 81.01
N GLY O 16 -12.73 -65.26 81.50
CA GLY O 16 -12.70 -65.86 82.84
C GLY O 16 -13.59 -65.13 83.84
N LEU O 17 -14.48 -64.27 83.36
CA LEU O 17 -15.46 -63.60 84.23
C LEU O 17 -16.58 -64.57 84.62
N LYS O 18 -16.82 -64.69 85.92
CA LYS O 18 -17.98 -65.43 86.45
C LYS O 18 -19.10 -64.46 86.84
N HIS O 19 -18.80 -63.16 86.83
CA HIS O 19 -19.76 -62.11 87.15
C HIS O 19 -19.56 -60.85 86.31
N HIS O 20 -20.62 -60.08 86.19
CA HIS O 20 -20.51 -58.70 85.73
C HIS O 20 -21.46 -57.84 86.56
N PHE O 21 -21.13 -56.55 86.65
CA PHE O 21 -21.85 -55.61 87.52
C PHE O 21 -22.71 -54.67 86.68
N ALA O 22 -23.91 -54.34 87.15
CA ALA O 22 -24.85 -53.56 86.35
C ALA O 22 -25.73 -52.64 87.16
N VAL O 23 -26.13 -51.52 86.55
CA VAL O 23 -27.26 -50.72 87.02
C VAL O 23 -28.17 -50.51 85.82
N ALA O 24 -29.43 -50.90 85.95
CA ALA O 24 -30.36 -50.88 84.85
C ALA O 24 -30.77 -49.47 84.49
N GLY O 25 -31.26 -49.34 83.26
CA GLY O 25 -31.78 -48.09 82.72
C GLY O 25 -32.29 -48.42 81.33
N ASP O 26 -33.25 -47.65 80.83
CA ASP O 26 -33.95 -48.07 79.62
C ASP O 26 -33.05 -48.29 78.39
N TYR O 27 -31.93 -47.56 78.31
CA TYR O 27 -30.96 -47.79 77.24
C TYR O 27 -30.17 -49.11 77.33
N ASN O 28 -30.17 -49.82 78.47
CA ASN O 28 -29.46 -51.10 78.58
C ASN O 28 -30.27 -52.34 78.96
N LEU O 29 -31.60 -52.24 79.05
CA LEU O 29 -32.44 -53.35 79.54
C LEU O 29 -32.38 -54.58 78.63
N VAL O 30 -32.52 -54.37 77.32
CA VAL O 30 -32.39 -55.45 76.34
C VAL O 30 -30.99 -56.07 76.43
N LEU O 31 -29.96 -55.22 76.52
CA LEU O 31 -28.60 -55.70 76.69
C LEU O 31 -28.43 -56.57 77.93
N LEU O 32 -28.99 -56.12 79.05
CA LEU O 32 -28.94 -56.88 80.29
C LEU O 32 -29.66 -58.23 80.17
N ASP O 33 -30.77 -58.27 79.44
CA ASP O 33 -31.46 -59.55 79.13
C ASP O 33 -30.56 -60.53 78.40
N GLN O 34 -29.81 -60.04 77.42
CA GLN O 34 -28.94 -60.91 76.63
C GLN O 34 -27.82 -61.48 77.48
N LEU O 35 -27.24 -60.63 78.32
CA LEU O 35 -26.21 -61.03 79.26
C LEU O 35 -26.71 -62.13 80.24
N LEU O 36 -27.96 -62.01 80.68
CA LEU O 36 -28.59 -63.01 81.56
C LEU O 36 -28.78 -64.37 80.93
N LEU O 37 -28.93 -64.44 79.60
CA LEU O 37 -29.03 -65.73 78.91
C LEU O 37 -27.72 -66.56 78.97
N ASN O 38 -26.59 -65.94 79.28
CA ASN O 38 -25.33 -66.66 79.44
C ASN O 38 -25.22 -67.29 80.83
N LYS O 39 -25.10 -68.62 80.86
CA LYS O 39 -25.11 -69.39 82.11
C LYS O 39 -23.78 -69.43 82.85
N ASP O 40 -22.70 -68.97 82.20
CA ASP O 40 -21.40 -68.91 82.87
C ASP O 40 -21.22 -67.69 83.77
N MET O 41 -22.13 -66.71 83.71
CA MET O 41 -22.02 -65.50 84.52
C MET O 41 -23.27 -65.20 85.34
N GLU O 42 -23.07 -64.62 86.52
N GLU O 42 -23.07 -64.58 86.49
CA GLU O 42 -24.15 -64.02 87.32
CA GLU O 42 -24.16 -64.03 87.29
C GLU O 42 -24.13 -62.52 87.07
C GLU O 42 -24.12 -62.50 87.16
N GLN O 43 -25.30 -61.89 87.04
CA GLN O 43 -25.43 -60.44 86.86
C GLN O 43 -25.66 -59.81 88.25
N VAL O 44 -24.67 -59.05 88.75
CA VAL O 44 -24.70 -58.47 90.09
C VAL O 44 -25.14 -57.00 90.02
N TYR O 45 -26.11 -56.61 90.84
CA TYR O 45 -26.63 -55.25 90.79
C TYR O 45 -26.05 -54.37 91.88
N CYS O 46 -25.82 -53.11 91.52
CA CYS O 46 -25.23 -52.11 92.39
C CYS O 46 -26.18 -50.93 92.61
N CYS O 47 -25.96 -50.21 93.71
CA CYS O 47 -26.79 -49.06 94.10
C CYS O 47 -26.64 -47.91 93.12
N ASN O 48 -25.41 -47.48 92.89
CA ASN O 48 -25.11 -46.41 91.93
C ASN O 48 -23.91 -46.76 91.03
N GLU O 49 -23.69 -45.95 90.00
CA GLU O 49 -22.76 -46.30 88.93
C GLU O 49 -21.28 -46.05 89.26
N LEU O 50 -21.02 -45.14 90.19
CA LEU O 50 -19.67 -44.98 90.75
C LEU O 50 -19.25 -46.26 91.46
N ASN O 51 -20.14 -46.77 92.33
CA ASN O 51 -19.90 -48.00 93.09
C ASN O 51 -19.83 -49.23 92.18
N CYS O 52 -20.69 -49.27 91.17
CA CYS O 52 -20.69 -50.31 90.16
C CYS O 52 -19.32 -50.42 89.49
N GLY O 53 -18.78 -49.28 89.07
CA GLY O 53 -17.47 -49.20 88.47
C GLY O 53 -16.36 -49.63 89.40
N PHE O 54 -16.38 -49.17 90.64
CA PHE O 54 -15.36 -49.58 91.62
C PHE O 54 -15.48 -51.04 92.06
N SER O 55 -16.69 -51.59 92.01
CA SER O 55 -16.90 -53.02 92.22
C SER O 55 -16.26 -53.85 91.11
N ALA O 56 -16.42 -53.40 89.87
CA ALA O 56 -15.75 -54.03 88.75
C ALA O 56 -14.23 -53.95 88.94
N GLU O 57 -13.73 -52.78 89.37
CA GLU O 57 -12.31 -52.58 89.63
C GLU O 57 -11.79 -53.60 90.66
N GLY O 58 -12.58 -53.85 91.70
CA GLY O 58 -12.23 -54.85 92.73
C GLY O 58 -12.22 -56.27 92.20
N TYR O 59 -13.23 -56.58 91.41
CA TYR O 59 -13.33 -57.86 90.73
C TYR O 59 -12.11 -58.10 89.86
N ALA O 60 -11.70 -57.06 89.12
CA ALA O 60 -10.51 -57.13 88.27
C ALA O 60 -9.26 -57.43 89.08
N ARG O 61 -9.19 -56.93 90.32
CA ARG O 61 -8.05 -57.24 91.20
C ARG O 61 -7.96 -58.73 91.56
N ALA O 62 -9.11 -59.41 91.61
CA ALA O 62 -9.19 -60.84 91.95
C ALA O 62 -9.07 -61.77 90.75
N ARG O 63 -9.69 -61.38 89.64
CA ARG O 63 -9.84 -62.22 88.45
C ARG O 63 -9.03 -61.77 87.22
N GLY O 64 -8.38 -60.61 87.29
CA GLY O 64 -7.65 -60.06 86.14
C GLY O 64 -8.46 -59.22 85.15
N ALA O 65 -9.78 -59.27 85.19
CA ALA O 65 -10.61 -58.39 84.37
C ALA O 65 -12.00 -58.25 84.96
N ALA O 66 -12.81 -57.33 84.42
CA ALA O 66 -14.20 -57.18 84.87
C ALA O 66 -15.03 -56.39 83.89
N ALA O 67 -16.34 -56.40 84.09
CA ALA O 67 -17.29 -55.67 83.26
C ALA O 67 -18.33 -54.96 84.12
N ALA O 68 -18.58 -53.69 83.80
CA ALA O 68 -19.66 -52.90 84.37
C ALA O 68 -20.55 -52.40 83.24
N ILE O 69 -21.86 -52.56 83.39
CA ILE O 69 -22.86 -52.19 82.40
C ILE O 69 -23.71 -51.05 82.98
N VAL O 70 -23.79 -49.94 82.25
CA VAL O 70 -24.51 -48.73 82.71
C VAL O 70 -25.40 -48.18 81.61
N THR O 71 -26.20 -47.17 81.98
CA THR O 71 -27.04 -46.47 81.02
C THR O 71 -26.34 -45.20 80.56
N PHE O 72 -26.82 -44.66 79.44
CA PHE O 72 -26.22 -43.50 78.78
C PHE O 72 -26.17 -42.26 79.69
N SER O 73 -25.04 -41.57 79.69
CA SER O 73 -24.80 -40.33 80.43
C SER O 73 -24.97 -40.36 81.94
N VAL O 74 -26.23 -40.44 82.39
CA VAL O 74 -26.51 -40.40 83.81
C VAL O 74 -25.81 -41.53 84.57
N GLY O 75 -25.63 -42.67 83.92
CA GLY O 75 -24.84 -43.76 84.49
C GLY O 75 -23.36 -43.61 84.17
N ALA O 76 -23.05 -43.44 82.90
CA ALA O 76 -21.69 -43.60 82.41
C ALA O 76 -20.72 -42.56 82.92
N ILE O 77 -21.17 -41.33 83.12
CA ILE O 77 -20.27 -40.27 83.58
C ILE O 77 -19.75 -40.55 84.99
N SER O 78 -20.60 -41.04 85.89
CA SER O 78 -20.12 -41.45 87.23
C SER O 78 -19.16 -42.66 87.11
N ALA O 79 -19.51 -43.63 86.28
CA ALA O 79 -18.64 -44.77 86.01
C ALA O 79 -17.26 -44.38 85.47
N MET O 80 -17.19 -43.30 84.69
CA MET O 80 -15.91 -42.75 84.18
C MET O 80 -14.87 -42.41 85.26
N ASN O 81 -15.34 -42.03 86.46
CA ASN O 81 -14.45 -41.81 87.59
C ASN O 81 -13.73 -43.12 87.98
N ALA O 82 -14.52 -44.19 88.14
CA ALA O 82 -13.99 -45.53 88.42
C ALA O 82 -13.10 -46.05 87.30
N ILE O 83 -13.46 -45.77 86.05
CA ILE O 83 -12.67 -46.13 84.88
C ILE O 83 -11.33 -45.39 84.86
N GLY O 84 -11.34 -44.10 85.14
CA GLY O 84 -10.12 -43.35 85.35
C GLY O 84 -9.26 -44.02 86.41
N GLY O 85 -9.90 -44.49 87.48
CA GLY O 85 -9.22 -45.22 88.55
C GLY O 85 -8.62 -46.55 88.10
N ALA O 86 -9.33 -47.28 87.25
CA ALA O 86 -8.80 -48.52 86.67
C ALA O 86 -7.61 -48.25 85.76
N TYR O 87 -7.68 -47.17 84.99
CA TYR O 87 -6.54 -46.72 84.19
C TYR O 87 -5.30 -46.44 85.05
N ALA O 88 -5.49 -45.66 86.09
CA ALA O 88 -4.45 -45.36 87.08
C ALA O 88 -3.87 -46.59 87.78
N GLU O 89 -4.70 -47.60 88.04
CA GLU O 89 -4.29 -48.78 88.79
C GLU O 89 -4.01 -49.99 87.87
N ASN O 90 -4.04 -49.77 86.56
CA ASN O 90 -3.63 -50.75 85.55
C ASN O 90 -4.51 -52.00 85.52
N LEU O 91 -5.83 -51.81 85.50
CA LEU O 91 -6.79 -52.88 85.57
C LEU O 91 -7.70 -52.88 84.33
N PRO O 92 -7.81 -54.04 83.64
CA PRO O 92 -8.74 -54.17 82.52
C PRO O 92 -10.23 -54.28 82.89
N VAL O 93 -10.84 -53.16 83.22
CA VAL O 93 -12.28 -53.09 83.43
C VAL O 93 -12.90 -52.63 82.11
N ILE O 94 -13.94 -53.34 81.67
CA ILE O 94 -14.66 -52.97 80.46
C ILE O 94 -15.94 -52.27 80.92
N LEU O 95 -16.10 -51.01 80.53
CA LEU O 95 -17.34 -50.29 80.74
C LEU O 95 -18.18 -50.38 79.50
N ILE O 96 -19.36 -50.97 79.62
CA ILE O 96 -20.32 -51.05 78.54
C ILE O 96 -21.50 -50.16 78.87
N SER O 97 -21.79 -49.19 78.01
CA SER O 97 -22.95 -48.33 78.16
C SER O 97 -24.01 -48.66 77.11
N GLY O 98 -25.27 -48.65 77.51
CA GLY O 98 -26.38 -48.54 76.57
C GLY O 98 -26.33 -47.17 75.92
N SER O 99 -26.83 -47.06 74.69
CA SER O 99 -26.81 -45.80 73.96
C SER O 99 -28.05 -45.65 73.08
N PRO O 100 -28.28 -44.45 72.49
CA PRO O 100 -29.51 -44.18 71.75
C PRO O 100 -29.85 -45.14 70.61
N ASN O 101 -31.15 -45.22 70.32
CA ASN O 101 -31.64 -45.92 69.17
C ASN O 101 -30.97 -45.41 67.88
N THR O 102 -30.60 -46.34 67.00
CA THR O 102 -29.88 -46.02 65.76
C THR O 102 -30.63 -45.04 64.87
N ASN O 103 -31.96 -45.11 64.89
CA ASN O 103 -32.81 -44.21 64.10
C ASN O 103 -32.79 -42.73 64.53
N ASP O 104 -32.32 -42.44 65.74
CA ASP O 104 -32.17 -41.04 66.20
C ASP O 104 -30.94 -40.31 65.63
N TYR O 105 -29.96 -41.06 65.12
CA TYR O 105 -28.75 -40.45 64.55
C TYR O 105 -29.10 -39.75 63.26
N GLY O 106 -28.57 -38.54 63.09
CA GLY O 106 -28.84 -37.71 61.92
C GLY O 106 -30.26 -37.19 61.75
N THR O 107 -30.96 -36.96 62.85
CA THR O 107 -32.35 -36.43 62.85
C THR O 107 -32.54 -35.06 63.49
N GLY O 108 -31.71 -34.74 64.47
CA GLY O 108 -31.91 -33.56 65.30
C GLY O 108 -32.77 -33.81 66.54
N HIS O 109 -33.14 -35.07 66.81
CA HIS O 109 -33.92 -35.42 68.01
C HIS O 109 -33.17 -35.12 69.31
N ILE O 110 -33.91 -34.57 70.28
CA ILE O 110 -33.41 -34.34 71.62
C ILE O 110 -33.83 -35.54 72.44
N LEU O 111 -32.92 -36.10 73.22
CA LEU O 111 -33.13 -37.39 73.88
C LEU O 111 -32.93 -37.27 75.37
N HIS O 112 -33.71 -38.05 76.12
CA HIS O 112 -33.59 -38.12 77.57
C HIS O 112 -32.23 -38.67 77.97
N HIS O 113 -31.79 -38.31 79.17
CA HIS O 113 -30.42 -38.55 79.64
C HIS O 113 -29.35 -37.93 78.74
N THR O 114 -29.64 -36.83 78.06
CA THR O 114 -28.59 -36.12 77.37
C THR O 114 -28.57 -34.68 77.85
N ILE O 115 -27.51 -33.98 77.48
CA ILE O 115 -27.39 -32.56 77.78
C ILE O 115 -28.36 -31.67 76.97
N GLY O 116 -29.07 -32.24 76.00
CA GLY O 116 -30.17 -31.55 75.33
C GLY O 116 -29.80 -30.92 74.00
N THR O 117 -28.65 -31.30 73.44
CA THR O 117 -28.21 -30.94 72.10
C THR O 117 -28.45 -32.14 71.18
N THR O 118 -28.12 -31.98 69.90
CA THR O 118 -28.18 -33.07 68.91
C THR O 118 -26.90 -33.93 68.88
N ASP O 119 -25.94 -33.63 69.75
CA ASP O 119 -24.73 -34.40 69.90
C ASP O 119 -24.98 -35.59 70.85
N TYR O 120 -24.89 -36.80 70.33
CA TYR O 120 -24.88 -38.00 71.15
C TYR O 120 -23.48 -38.58 71.31
N ASN O 121 -22.48 -37.94 70.68
CA ASN O 121 -21.11 -38.45 70.64
C ASN O 121 -20.27 -38.01 71.86
N TYR O 122 -20.77 -37.05 72.65
CA TYR O 122 -19.96 -36.45 73.72
C TYR O 122 -19.47 -37.46 74.78
N GLN O 123 -20.29 -38.45 75.08
CA GLN O 123 -19.91 -39.45 76.05
C GLN O 123 -18.68 -40.25 75.59
N LEU O 124 -18.71 -40.70 74.34
CA LEU O 124 -17.54 -41.36 73.76
C LEU O 124 -16.30 -40.43 73.77
N GLU O 125 -16.48 -39.17 73.42
CA GLU O 125 -15.36 -38.22 73.40
C GLU O 125 -14.76 -37.99 74.77
N MET O 126 -15.60 -37.98 75.80
CA MET O 126 -15.14 -37.85 77.20
C MET O 126 -14.36 -39.08 77.65
N VAL O 127 -14.94 -40.25 77.40
CA VAL O 127 -14.38 -41.51 77.93
C VAL O 127 -13.06 -41.91 77.27
N LYS O 128 -12.79 -41.42 76.05
CA LYS O 128 -11.49 -41.68 75.41
C LYS O 128 -10.31 -41.21 76.23
N HIS O 129 -10.51 -40.15 77.02
CA HIS O 129 -9.44 -39.61 77.87
C HIS O 129 -9.04 -40.51 79.03
N VAL O 130 -9.89 -41.47 79.42
CA VAL O 130 -9.58 -42.36 80.53
C VAL O 130 -9.58 -43.86 80.16
N THR O 131 -9.43 -44.17 78.87
CA THR O 131 -9.42 -45.55 78.35
C THR O 131 -8.32 -45.78 77.31
N CYS O 132 -8.01 -47.05 77.06
CA CYS O 132 -7.04 -47.42 76.02
C CYS O 132 -7.73 -47.75 74.71
N ALA O 133 -9.04 -47.99 74.77
CA ALA O 133 -9.85 -48.22 73.59
C ALA O 133 -11.28 -47.86 73.93
N ALA O 134 -11.99 -47.33 72.93
CA ALA O 134 -13.36 -46.87 73.12
C ALA O 134 -14.08 -46.97 71.79
N GLU O 135 -15.14 -47.77 71.72
CA GLU O 135 -15.86 -48.00 70.49
C GLU O 135 -17.35 -47.88 70.68
N SER O 136 -18.04 -47.61 69.57
CA SER O 136 -19.47 -47.41 69.55
C SER O 136 -20.07 -48.36 68.52
N ILE O 137 -21.11 -49.07 68.91
CA ILE O 137 -21.71 -50.07 68.05
C ILE O 137 -23.11 -49.65 67.66
N VAL O 138 -23.32 -49.45 66.36
CA VAL O 138 -24.63 -49.09 65.82
C VAL O 138 -25.14 -50.10 64.79
N SER O 139 -24.47 -51.23 64.63
CA SER O 139 -24.97 -52.32 63.79
C SER O 139 -24.42 -53.65 64.24
N ALA O 140 -25.18 -54.70 63.99
CA ALA O 140 -24.77 -56.07 64.32
C ALA O 140 -23.59 -56.55 63.50
N GLU O 141 -23.50 -56.10 62.24
CA GLU O 141 -22.37 -56.44 61.37
C GLU O 141 -21.01 -56.00 61.96
N GLU O 142 -20.94 -54.81 62.56
CA GLU O 142 -19.66 -54.31 63.13
C GLU O 142 -19.42 -54.73 64.58
N ALA O 143 -20.44 -55.22 65.27
CA ALA O 143 -20.33 -55.53 66.69
C ALA O 143 -19.18 -56.49 67.05
N PRO O 144 -18.99 -57.58 66.28
CA PRO O 144 -17.90 -58.51 66.61
C PRO O 144 -16.53 -57.86 66.64
N ALA O 145 -16.20 -57.08 65.63
CA ALA O 145 -14.88 -56.41 65.55
C ALA O 145 -14.65 -55.47 66.74
N LYS O 146 -15.68 -54.68 67.06
CA LYS O 146 -15.56 -53.67 68.10
C LYS O 146 -15.54 -54.26 69.50
N ILE O 147 -16.39 -55.25 69.74
CA ILE O 147 -16.36 -56.00 71.01
C ILE O 147 -14.97 -56.58 71.28
N ASP O 148 -14.46 -57.32 70.31
CA ASP O 148 -13.17 -58.00 70.45
C ASP O 148 -12.01 -57.05 70.51
N HIS O 149 -12.07 -55.94 69.77
CA HIS O 149 -11.00 -54.95 69.80
C HIS O 149 -10.85 -54.33 71.20
N VAL O 150 -11.97 -53.98 71.84
CA VAL O 150 -11.87 -53.37 73.17
C VAL O 150 -11.37 -54.36 74.23
N ILE O 151 -11.87 -55.59 74.19
CA ILE O 151 -11.50 -56.62 75.19
C ILE O 151 -10.02 -56.97 75.08
N ARG O 152 -9.57 -57.31 73.86
CA ARG O 152 -8.15 -57.60 73.60
C ARG O 152 -7.19 -56.49 74.01
N THR O 153 -7.52 -55.25 73.63
CA THR O 153 -6.62 -54.12 73.91
C THR O 153 -6.49 -53.95 75.42
N ALA O 154 -7.62 -53.99 76.11
CA ALA O 154 -7.65 -53.85 77.57
C ALA O 154 -6.78 -54.91 78.27
N LEU O 155 -6.96 -56.17 77.88
CA LEU O 155 -6.17 -57.26 78.47
C LEU O 155 -4.66 -57.09 78.22
N ARG O 156 -4.28 -56.78 76.98
CA ARG O 156 -2.87 -56.60 76.63
C ARG O 156 -2.24 -55.37 77.28
N GLU O 157 -2.94 -54.25 77.27
CA GLU O 157 -2.39 -53.02 77.85
C GLU O 157 -2.55 -52.94 79.37
N ARG O 158 -3.38 -53.78 79.95
CA ARG O 158 -3.74 -53.71 81.38
C ARG O 158 -4.30 -52.31 81.68
N LYS O 159 -5.32 -51.93 80.91
CA LYS O 159 -5.98 -50.64 81.01
C LYS O 159 -7.46 -50.89 80.72
N PRO O 160 -8.34 -50.00 81.21
CA PRO O 160 -9.74 -50.18 80.90
C PRO O 160 -10.08 -49.70 79.50
N ALA O 161 -11.27 -50.10 79.05
CA ALA O 161 -11.79 -49.77 77.76
C ALA O 161 -13.30 -49.62 77.86
N TYR O 162 -13.89 -49.10 76.79
CA TYR O 162 -15.29 -48.71 76.78
C TYR O 162 -15.99 -49.19 75.53
N LEU O 163 -17.20 -49.67 75.69
CA LEU O 163 -18.10 -49.95 74.58
C LEU O 163 -19.40 -49.24 74.80
N GLU O 164 -19.99 -48.69 73.74
CA GLU O 164 -21.41 -48.38 73.78
C GLU O 164 -22.12 -49.17 72.71
N ILE O 165 -23.32 -49.64 73.03
CA ILE O 165 -24.14 -50.44 72.13
C ILE O 165 -25.52 -49.81 72.06
N ALA O 166 -25.95 -49.48 70.84
CA ALA O 166 -27.28 -48.89 70.65
C ALA O 166 -28.35 -49.81 71.20
N CYS O 167 -29.33 -49.23 71.88
CA CYS O 167 -30.32 -50.02 72.63
C CYS O 167 -31.14 -50.94 71.75
N ASN O 168 -31.31 -50.57 70.47
CA ASN O 168 -31.99 -51.41 69.50
C ASN O 168 -31.08 -52.33 68.68
N VAL O 169 -29.79 -52.43 69.05
CA VAL O 169 -28.83 -53.33 68.43
C VAL O 169 -28.40 -54.47 69.38
N ALA O 170 -28.50 -54.28 70.69
CA ALA O 170 -28.14 -55.31 71.65
C ALA O 170 -28.88 -56.63 71.45
N GLY O 171 -30.15 -56.57 71.04
CA GLY O 171 -30.96 -57.77 70.72
C GLY O 171 -31.08 -58.11 69.24
N ALA O 172 -30.19 -57.56 68.41
CA ALA O 172 -30.19 -57.84 66.98
C ALA O 172 -29.34 -59.08 66.69
N GLU O 173 -29.73 -59.83 65.66
CA GLU O 173 -29.04 -61.07 65.25
C GLU O 173 -27.58 -60.77 64.88
N CYS O 174 -26.68 -61.61 65.36
CA CYS O 174 -25.24 -61.41 65.22
C CYS O 174 -24.57 -62.75 64.95
N VAL O 175 -23.44 -62.73 64.25
CA VAL O 175 -22.65 -63.95 64.04
C VAL O 175 -22.08 -64.47 65.37
N ARG O 176 -21.75 -65.76 65.44
CA ARG O 176 -21.22 -66.38 66.67
C ARG O 176 -19.71 -66.24 66.77
N PRO O 177 -19.17 -66.13 68.01
CA PRO O 177 -17.72 -66.06 68.17
C PRO O 177 -17.09 -67.42 68.02
N GLY O 178 -15.91 -67.47 67.42
CA GLY O 178 -15.19 -68.71 67.24
C GLY O 178 -14.48 -69.06 68.53
N PRO O 179 -14.02 -70.32 68.66
CA PRO O 179 -13.30 -70.75 69.86
C PRO O 179 -11.90 -70.18 69.94
N ILE O 180 -11.38 -70.10 71.16
CA ILE O 180 -10.09 -69.44 71.42
C ILE O 180 -9.35 -70.12 72.56
N ASN O 181 -8.03 -70.06 72.50
CA ASN O 181 -7.17 -70.47 73.60
C ASN O 181 -7.24 -69.44 74.74
N SER O 182 -6.88 -68.20 74.44
CA SER O 182 -6.91 -67.09 75.40
C SER O 182 -7.12 -65.79 74.65
N LEU O 183 -7.82 -64.85 75.27
CA LEU O 183 -8.08 -63.53 74.67
C LEU O 183 -6.94 -62.56 74.94
N LEU O 184 -6.06 -62.90 75.87
CA LEU O 184 -4.81 -62.17 76.08
C LEU O 184 -3.76 -62.72 75.11
N ARG O 185 -3.27 -61.88 74.21
CA ARG O 185 -2.13 -62.21 73.33
C ARG O 185 -1.08 -61.10 73.43
N GLU O 186 0.13 -61.48 73.82
CA GLU O 186 1.23 -60.54 74.00
C GLU O 186 1.91 -60.24 72.66
N LEU O 187 2.70 -59.17 72.61
CA LEU O 187 3.54 -58.89 71.45
C LEU O 187 4.71 -59.88 71.46
N GLU O 188 5.15 -60.28 70.27
CA GLU O 188 6.34 -61.13 70.16
C GLU O 188 7.55 -60.36 70.69
N VAL O 189 8.39 -61.07 71.42
CA VAL O 189 9.57 -60.49 72.07
C VAL O 189 10.73 -60.46 71.08
N ASP O 190 11.58 -59.43 71.18
CA ASP O 190 12.74 -59.27 70.33
C ASP O 190 13.94 -59.88 71.07
N GLN O 191 14.38 -61.04 70.59
CA GLN O 191 15.46 -61.79 71.25
C GLN O 191 16.82 -61.09 71.18
N THR O 192 17.09 -60.39 70.09
CA THR O 192 18.28 -59.56 69.98
C THR O 192 18.33 -58.50 71.08
N SER O 193 17.19 -57.93 71.45
CA SER O 193 17.14 -56.91 72.49
C SER O 193 17.36 -57.53 73.86
N VAL O 194 16.66 -58.63 74.15
CA VAL O 194 16.79 -59.32 75.43
C VAL O 194 18.25 -59.73 75.68
N THR O 195 18.89 -60.30 74.67
CA THR O 195 20.30 -60.73 74.77
C THR O 195 21.23 -59.57 75.07
N ALA O 196 21.12 -58.49 74.30
CA ALA O 196 21.95 -57.30 74.57
C ALA O 196 21.64 -56.68 75.93
N ALA O 197 20.38 -56.72 76.34
CA ALA O 197 19.96 -56.18 77.63
C ALA O 197 20.60 -56.96 78.78
N VAL O 198 20.42 -58.28 78.76
CA VAL O 198 20.99 -59.14 79.80
C VAL O 198 22.51 -59.01 79.86
N ASP O 199 23.18 -59.03 78.71
CA ASP O 199 24.64 -58.92 78.67
C ASP O 199 25.14 -57.60 79.25
N ALA O 200 24.54 -56.49 78.83
CA ALA O 200 24.90 -55.18 79.42
C ALA O 200 24.60 -55.09 80.92
N ALA O 201 23.54 -55.76 81.37
CA ALA O 201 23.15 -55.80 82.79
C ALA O 201 24.16 -56.56 83.64
N VAL O 202 24.53 -57.75 83.15
CA VAL O 202 25.58 -58.56 83.79
C VAL O 202 26.89 -57.79 83.86
N GLU O 203 27.29 -57.11 82.78
CA GLU O 203 28.51 -56.29 82.79
C GLU O 203 28.41 -55.16 83.82
N TRP O 204 27.25 -54.51 83.85
CA TRP O 204 26.97 -53.37 84.74
C TRP O 204 27.06 -53.77 86.23
N LEU O 205 26.67 -55.00 86.55
CA LEU O 205 26.73 -55.50 87.92
C LEU O 205 28.13 -55.93 88.42
N GLN O 206 29.15 -55.96 87.55
CA GLN O 206 30.47 -56.50 87.92
C GLN O 206 31.17 -55.76 89.05
N ASP O 207 31.27 -54.43 88.95
CA ASP O 207 31.88 -53.61 90.00
C ASP O 207 30.87 -53.00 91.00
N ARG O 208 29.74 -53.70 91.21
CA ARG O 208 28.66 -53.21 92.07
C ARG O 208 28.27 -54.27 93.08
N GLN O 209 28.85 -54.16 94.28
CA GLN O 209 28.70 -55.18 95.33
C GLN O 209 27.38 -55.07 96.08
N ASN O 210 27.00 -53.86 96.47
CA ASN O 210 25.75 -53.63 97.18
C ASN O 210 24.57 -53.41 96.24
N VAL O 211 23.75 -54.45 96.10
CA VAL O 211 22.66 -54.51 95.15
C VAL O 211 21.34 -54.66 95.91
N VAL O 212 20.36 -53.86 95.52
CA VAL O 212 19.04 -53.88 96.14
C VAL O 212 17.97 -53.95 95.05
N MET O 213 17.00 -54.84 95.19
CA MET O 213 15.81 -54.80 94.34
C MET O 213 14.71 -53.98 95.01
N LEU O 214 14.09 -53.10 94.23
CA LEU O 214 13.00 -52.25 94.68
C LEU O 214 11.78 -52.60 93.85
N VAL O 215 10.82 -53.30 94.46
CA VAL O 215 9.65 -53.80 93.74
C VAL O 215 8.57 -52.70 93.68
N GLY O 216 8.04 -52.46 92.48
CA GLY O 216 7.14 -51.35 92.20
C GLY O 216 5.72 -51.79 91.92
N SER O 217 4.81 -50.81 91.86
CA SER O 217 3.37 -51.09 91.83
C SER O 217 2.80 -51.60 90.51
N LYS O 218 3.59 -51.56 89.44
CA LYS O 218 3.20 -52.15 88.16
C LYS O 218 3.65 -53.63 87.94
N LEU O 219 4.12 -54.31 88.98
CA LEU O 219 4.63 -55.69 88.83
C LEU O 219 3.53 -56.67 88.50
N ARG O 220 2.39 -56.55 89.16
CA ARG O 220 1.23 -57.37 88.79
C ARG O 220 0.75 -57.12 87.36
N ALA O 221 0.74 -55.86 86.90
CA ALA O 221 0.35 -55.52 85.52
C ALA O 221 1.31 -56.16 84.50
N ALA O 222 2.58 -56.16 84.85
CA ALA O 222 3.63 -56.83 84.07
C ALA O 222 3.54 -58.37 84.10
N ALA O 223 2.71 -58.94 84.96
CA ALA O 223 2.57 -60.38 85.15
C ALA O 223 3.91 -61.06 85.48
N ALA O 224 4.72 -60.38 86.30
CA ALA O 224 6.12 -60.77 86.54
C ALA O 224 6.45 -61.03 88.02
N GLU O 225 5.46 -61.48 88.80
CA GLU O 225 5.67 -61.75 90.23
C GLU O 225 6.62 -62.95 90.43
N LYS O 226 6.33 -64.07 89.78
CA LYS O 226 7.19 -65.26 89.83
C LYS O 226 8.63 -65.00 89.35
N GLN O 227 8.77 -64.20 88.29
CA GLN O 227 10.09 -63.92 87.71
C GLN O 227 10.94 -62.99 88.57
N ALA O 228 10.30 -62.09 89.32
CA ALA O 228 11.01 -61.26 90.30
C ALA O 228 11.58 -62.09 91.45
N VAL O 229 10.84 -63.10 91.91
CA VAL O 229 11.32 -64.06 92.91
C VAL O 229 12.52 -64.81 92.34
N ALA O 230 12.38 -65.34 91.11
CA ALA O 230 13.48 -66.01 90.41
C ALA O 230 14.72 -65.12 90.36
N LEU O 231 14.55 -63.83 90.01
CA LEU O 231 15.68 -62.90 89.97
C LEU O 231 16.28 -62.63 91.34
N ALA O 232 15.44 -62.50 92.37
CA ALA O 232 15.93 -62.30 93.74
C ALA O 232 16.75 -63.49 94.24
N ASP O 233 16.22 -64.69 94.02
CA ASP O 233 16.90 -65.96 94.38
C ASP O 233 18.28 -66.06 93.73
N ARG O 234 18.34 -65.79 92.43
CA ARG O 234 19.59 -65.81 91.68
C ARG O 234 20.61 -64.81 92.20
N LEU O 235 20.17 -63.58 92.46
CA LEU O 235 21.08 -62.55 92.98
C LEU O 235 21.43 -62.74 94.46
N GLY O 236 20.46 -63.22 95.24
CA GLY O 236 20.62 -63.27 96.70
C GLY O 236 20.75 -61.90 97.36
N CYS O 237 20.25 -60.85 96.71
CA CYS O 237 20.39 -59.48 97.22
C CYS O 237 19.21 -59.12 98.13
N ALA O 238 19.30 -57.98 98.82
CA ALA O 238 18.15 -57.42 99.55
C ALA O 238 17.00 -57.06 98.60
N VAL O 239 15.77 -57.35 99.03
CA VAL O 239 14.56 -56.98 98.28
C VAL O 239 13.70 -56.06 99.15
N THR O 240 13.41 -54.88 98.62
CA THR O 240 12.47 -53.93 99.23
C THR O 240 11.27 -53.70 98.30
N ILE O 241 10.20 -53.13 98.86
CA ILE O 241 9.00 -52.78 98.10
C ILE O 241 8.75 -51.27 98.22
N MET O 242 8.16 -50.71 97.19
CA MET O 242 7.55 -49.39 97.29
C MET O 242 6.18 -49.59 97.94
N ALA O 243 5.66 -48.54 98.57
CA ALA O 243 4.41 -48.64 99.33
C ALA O 243 3.29 -49.28 98.54
N ALA O 244 3.09 -48.80 97.32
CA ALA O 244 1.99 -49.28 96.50
C ALA O 244 2.18 -50.72 95.97
N ALA O 245 3.37 -51.30 96.14
CA ALA O 245 3.65 -52.67 95.67
C ALA O 245 3.38 -53.77 96.70
N LYS O 246 2.82 -53.42 97.86
CA LYS O 246 2.64 -54.38 98.95
C LYS O 246 1.87 -55.63 98.50
N GLY O 247 2.42 -56.79 98.82
CA GLY O 247 1.87 -58.07 98.40
C GLY O 247 2.39 -58.61 97.05
N PHE O 248 3.08 -57.78 96.27
CA PHE O 248 3.58 -58.20 94.97
C PHE O 248 4.88 -58.97 95.09
N PHE O 249 5.55 -58.87 96.24
CA PHE O 249 6.69 -59.72 96.59
C PHE O 249 6.48 -60.29 98.00
N PRO O 250 6.70 -61.62 98.19
CA PRO O 250 6.45 -62.23 99.52
C PRO O 250 7.37 -61.66 100.61
N GLU O 251 6.78 -61.15 101.70
CA GLU O 251 7.53 -60.46 102.77
C GLU O 251 8.21 -61.41 103.75
N ASP O 252 7.80 -62.68 103.72
CA ASP O 252 8.49 -63.75 104.47
C ASP O 252 9.62 -64.45 103.67
N HIS O 253 9.95 -63.92 102.48
CA HIS O 253 11.15 -64.33 101.76
C HIS O 253 12.35 -63.97 102.64
N PRO O 254 13.35 -64.88 102.77
CA PRO O 254 14.49 -64.63 103.69
C PRO O 254 15.26 -63.33 103.46
N ASN O 255 15.38 -62.92 102.20
CA ASN O 255 16.08 -61.70 101.83
C ASN O 255 15.24 -60.40 101.77
N PHE O 256 13.96 -60.48 102.13
CA PHE O 256 13.09 -59.29 102.22
C PHE O 256 13.59 -58.36 103.33
N ARG O 257 13.77 -57.08 103.01
CA ARG O 257 14.24 -56.08 103.97
C ARG O 257 13.34 -54.84 104.09
N GLY O 258 12.09 -54.97 103.66
CA GLY O 258 11.04 -54.03 104.06
C GLY O 258 10.61 -53.02 103.01
N LEU O 259 10.09 -51.89 103.50
CA LEU O 259 9.43 -50.88 102.69
C LEU O 259 10.37 -49.71 102.50
N TYR O 260 10.59 -49.34 101.25
CA TYR O 260 11.24 -48.08 100.93
C TYR O 260 10.18 -47.05 100.52
N TRP O 261 10.11 -45.97 101.30
CA TRP O 261 9.19 -44.86 101.06
C TRP O 261 9.83 -43.62 101.67
N GLY O 262 11.05 -43.33 101.26
CA GLY O 262 11.80 -42.17 101.75
C GLY O 262 11.98 -42.13 103.25
N GLU O 263 11.77 -40.95 103.84
CA GLU O 263 11.85 -40.77 105.30
C GLU O 263 10.79 -41.55 106.10
N VAL O 264 9.78 -42.13 105.45
CA VAL O 264 8.81 -43.01 106.12
C VAL O 264 9.00 -44.49 105.75
N SER O 265 10.26 -44.86 105.45
CA SER O 265 10.63 -46.25 105.19
C SER O 265 10.57 -47.08 106.47
N SER O 266 10.60 -48.41 106.33
CA SER O 266 10.86 -49.32 107.45
C SER O 266 12.24 -49.09 108.03
N GLU O 267 12.48 -49.63 109.21
CA GLU O 267 13.80 -49.50 109.86
C GLU O 267 14.85 -50.09 108.93
N GLY O 268 15.89 -49.30 108.63
CA GLY O 268 17.00 -49.75 107.80
C GLY O 268 16.86 -49.58 106.29
N ALA O 269 15.63 -49.61 105.78
CA ALA O 269 15.39 -49.67 104.33
C ALA O 269 15.81 -48.40 103.58
N GLN O 270 15.67 -47.24 104.20
CA GLN O 270 16.05 -45.99 103.54
C GLN O 270 17.55 -45.97 103.21
N GLU O 271 18.38 -46.22 104.23
CA GLU O 271 19.84 -46.27 104.05
C GLU O 271 20.27 -47.39 103.10
N LEU O 272 19.61 -48.55 103.22
CA LEU O 272 19.83 -49.72 102.36
C LEU O 272 19.71 -49.35 100.86
N VAL O 273 18.55 -48.80 100.50
CA VAL O 273 18.27 -48.42 99.11
C VAL O 273 19.14 -47.25 98.64
N GLU O 274 19.24 -46.21 99.46
CA GLU O 274 19.87 -44.94 99.01
C GLU O 274 21.40 -44.99 98.92
N ASN O 275 22.05 -45.88 99.66
CA ASN O 275 23.51 -46.03 99.60
C ASN O 275 23.99 -47.20 98.70
N ALA O 276 23.07 -47.88 98.01
CA ALA O 276 23.38 -49.04 97.19
C ALA O 276 24.21 -48.68 95.95
N ASP O 277 25.00 -49.65 95.50
CA ASP O 277 25.78 -49.53 94.27
C ASP O 277 24.89 -49.75 93.05
N ALA O 278 23.85 -50.55 93.23
CA ALA O 278 22.89 -50.84 92.17
C ALA O 278 21.50 -50.95 92.76
N ILE O 279 20.55 -50.19 92.22
CA ILE O 279 19.14 -50.33 92.58
C ILE O 279 18.38 -50.81 91.34
N LEU O 280 17.84 -52.03 91.42
CA LEU O 280 17.05 -52.62 90.37
C LEU O 280 15.57 -52.36 90.67
N CYS O 281 14.96 -51.37 89.99
CA CYS O 281 13.54 -51.06 90.15
C CYS O 281 12.69 -51.88 89.21
N LEU O 282 11.80 -52.70 89.76
CA LEU O 282 10.89 -53.51 88.94
C LEU O 282 9.49 -52.90 88.83
N ALA O 283 9.25 -52.24 87.71
CA ALA O 283 7.95 -51.65 87.37
C ALA O 283 7.50 -50.59 88.38
N PRO O 284 8.35 -49.58 88.62
CA PRO O 284 8.00 -48.54 89.59
C PRO O 284 7.06 -47.47 89.02
N VAL O 285 6.36 -46.78 89.92
CA VAL O 285 5.61 -45.55 89.59
C VAL O 285 6.07 -44.52 90.59
N PHE O 286 6.97 -43.64 90.16
CA PHE O 286 7.52 -42.61 91.00
C PHE O 286 6.69 -41.32 90.86
N ASN O 287 5.51 -41.32 91.46
CA ASN O 287 4.70 -40.11 91.51
C ASN O 287 5.06 -39.24 92.73
N ASP O 288 4.38 -38.10 92.90
CA ASP O 288 4.67 -37.16 94.01
C ASP O 288 4.43 -37.75 95.41
N TYR O 289 3.45 -38.62 95.54
CA TYR O 289 3.16 -39.30 96.82
C TYR O 289 4.19 -40.39 97.15
N ALA O 290 4.59 -41.17 96.16
CA ALA O 290 5.57 -42.25 96.35
C ALA O 290 6.99 -41.74 96.62
N THR O 291 7.31 -40.56 96.10
CA THR O 291 8.61 -39.91 96.33
C THR O 291 8.61 -38.91 97.50
N VAL O 292 7.51 -38.87 98.27
CA VAL O 292 7.40 -37.98 99.45
C VAL O 292 7.66 -36.53 99.03
N GLY O 293 6.90 -36.08 98.03
CA GLY O 293 7.05 -34.73 97.47
C GLY O 293 8.35 -34.47 96.73
N TRP O 294 8.79 -35.44 95.92
CA TRP O 294 10.04 -35.38 95.13
C TRP O 294 11.34 -35.38 95.97
N ASN O 295 11.27 -35.84 97.23
CA ASN O 295 12.46 -35.90 98.10
C ASN O 295 13.23 -37.23 98.04
N SER O 296 12.55 -38.31 97.65
CA SER O 296 13.12 -39.66 97.68
C SER O 296 12.77 -40.41 96.40
N TRP O 297 13.58 -40.13 95.38
CA TRP O 297 13.37 -40.59 94.03
C TRP O 297 14.71 -41.12 93.53
N PRO O 298 14.92 -42.45 93.67
CA PRO O 298 16.21 -42.99 93.20
C PRO O 298 16.35 -42.90 91.68
N LYS O 299 17.41 -42.23 91.25
CA LYS O 299 17.74 -42.14 89.83
C LYS O 299 19.23 -41.88 89.66
N GLY O 300 19.71 -42.00 88.42
CA GLY O 300 21.11 -41.74 88.09
C GLY O 300 21.89 -43.02 87.81
N ASP O 301 23.21 -42.91 87.82
CA ASP O 301 24.12 -43.98 87.38
C ASP O 301 23.92 -45.33 88.09
N ASN O 302 23.49 -45.30 89.36
CA ASN O 302 23.30 -46.51 90.16
C ASN O 302 21.93 -47.20 90.03
N VAL O 303 21.09 -46.74 89.10
CA VAL O 303 19.71 -47.20 89.03
C VAL O 303 19.43 -47.92 87.70
N MET O 304 18.78 -49.06 87.78
CA MET O 304 18.21 -49.73 86.62
C MET O 304 16.71 -49.66 86.79
N VAL O 305 16.03 -49.12 85.78
CA VAL O 305 14.57 -49.05 85.79
C VAL O 305 14.07 -50.10 84.81
N MET O 306 13.40 -51.11 85.35
CA MET O 306 12.82 -52.17 84.55
C MET O 306 11.34 -51.88 84.43
N ASP O 307 10.95 -51.24 83.33
CA ASP O 307 9.53 -50.94 83.07
C ASP O 307 8.85 -52.20 82.56
N THR O 308 7.55 -52.14 82.28
CA THR O 308 6.84 -53.29 81.77
C THR O 308 7.31 -53.78 80.38
N ASP O 309 7.86 -52.87 79.58
CA ASP O 309 8.25 -53.18 78.19
C ASP O 309 9.63 -52.66 77.81
N ARG O 310 10.45 -52.34 78.81
CA ARG O 310 11.68 -51.61 78.57
C ARG O 310 12.60 -51.78 79.78
N VAL O 311 13.91 -51.72 79.53
CA VAL O 311 14.91 -51.66 80.60
C VAL O 311 15.85 -50.55 80.26
N THR O 312 16.15 -49.71 81.24
CA THR O 312 17.00 -48.55 81.04
C THR O 312 18.07 -48.49 82.13
N PHE O 313 19.33 -48.45 81.73
CA PHE O 313 20.45 -48.30 82.66
C PHE O 313 21.75 -48.01 81.90
N ALA O 314 22.65 -47.29 82.56
CA ALA O 314 24.00 -47.04 82.06
C ALA O 314 23.97 -46.42 80.67
N GLY O 315 23.15 -45.39 80.52
CA GLY O 315 23.04 -44.65 79.27
C GLY O 315 22.44 -45.38 78.08
N GLN O 316 21.69 -46.44 78.33
CA GLN O 316 21.12 -47.26 77.26
C GLN O 316 19.69 -47.66 77.61
N SER O 317 18.83 -47.81 76.61
CA SER O 317 17.48 -48.34 76.84
C SER O 317 17.15 -49.42 75.84
N PHE O 318 16.69 -50.55 76.35
CA PHE O 318 16.42 -51.74 75.58
C PHE O 318 14.92 -51.99 75.61
N GLU O 319 14.28 -52.06 74.44
CA GLU O 319 12.83 -52.27 74.36
C GLU O 319 12.54 -53.46 73.43
N GLY O 320 11.26 -53.67 73.12
CA GLY O 320 10.83 -54.85 72.40
C GLY O 320 10.98 -56.10 73.26
N LEU O 321 10.84 -55.94 74.57
CA LEU O 321 10.90 -57.06 75.49
C LEU O 321 9.86 -56.79 76.57
N SER O 322 9.70 -57.72 77.49
CA SER O 322 8.82 -57.51 78.62
C SER O 322 9.65 -57.66 79.89
N LEU O 323 9.08 -57.22 81.01
CA LEU O 323 9.71 -57.38 82.32
C LEU O 323 9.85 -58.87 82.67
N SER O 324 8.82 -59.63 82.35
CA SER O 324 8.77 -61.08 82.56
C SER O 324 9.93 -61.81 81.86
N THR O 325 10.15 -61.51 80.58
CA THR O 325 11.21 -62.15 79.80
C THR O 325 12.60 -61.67 80.15
N PHE O 326 12.75 -60.37 80.41
CA PHE O 326 14.04 -59.84 80.81
C PHE O 326 14.46 -60.32 82.21
N ALA O 327 13.50 -60.36 83.14
CA ALA O 327 13.81 -60.79 84.50
C ALA O 327 14.19 -62.27 84.54
N ALA O 328 13.42 -63.10 83.82
CA ALA O 328 13.72 -64.53 83.67
C ALA O 328 15.10 -64.77 83.04
N ALA O 329 15.40 -64.08 81.94
CA ALA O 329 16.70 -64.21 81.27
C ALA O 329 17.87 -63.68 82.12
N LEU O 330 17.62 -62.62 82.90
CA LEU O 330 18.64 -62.10 83.81
C LEU O 330 18.86 -63.04 85.00
N ALA O 331 17.82 -63.77 85.40
CA ALA O 331 17.92 -64.78 86.47
C ALA O 331 18.68 -66.06 86.07
N GLU O 332 18.96 -66.23 84.78
CA GLU O 332 19.85 -67.28 84.29
C GLU O 332 21.35 -66.93 84.42
N LYS O 333 21.69 -65.64 84.34
CA LYS O 333 23.07 -65.18 84.19
C LYS O 333 23.62 -64.23 85.25
N ALA O 334 22.77 -63.70 86.13
CA ALA O 334 23.22 -62.68 87.07
C ALA O 334 24.24 -63.26 88.07
N PRO O 335 25.23 -62.44 88.51
CA PRO O 335 26.12 -62.89 89.58
C PRO O 335 25.42 -62.96 90.95
N SER O 336 26.12 -63.52 91.94
CA SER O 336 25.67 -63.54 93.32
C SER O 336 26.08 -62.23 93.93
N ARG O 337 25.15 -61.57 94.60
CA ARG O 337 25.39 -60.26 95.19
C ARG O 337 24.71 -60.19 96.57
N PRO O 338 25.20 -61.00 97.53
CA PRO O 338 24.49 -61.12 98.80
C PRO O 338 24.83 -60.09 99.87
N ALA O 339 25.75 -59.16 99.63
CA ALA O 339 26.25 -58.30 100.70
C ALA O 339 25.15 -57.57 101.48
N THR O 340 24.11 -57.13 100.77
CA THR O 340 23.01 -56.38 101.37
C THR O 340 22.05 -57.20 102.25
N THR O 341 22.14 -58.53 102.21
CA THR O 341 21.39 -59.40 103.13
C THR O 341 22.12 -59.70 104.45
N GLN O 342 23.39 -59.29 104.57
CA GLN O 342 24.25 -59.76 105.67
C GLN O 342 24.26 -58.79 106.85
N GLY O 343 23.71 -59.23 107.99
CA GLY O 343 23.62 -58.40 109.20
C GLY O 343 22.24 -57.80 109.43
N THR O 344 21.52 -57.51 108.34
CA THR O 344 20.17 -56.96 108.41
C THR O 344 19.12 -58.07 108.54
N GLN O 345 17.92 -57.65 108.93
CA GLN O 345 16.79 -58.55 109.18
C GLN O 345 15.53 -57.91 108.58
N ALA O 346 14.54 -58.74 108.26
CA ALA O 346 13.22 -58.23 107.84
C ALA O 346 12.57 -57.46 108.98
N PRO O 347 11.78 -56.41 108.66
CA PRO O 347 11.20 -55.60 109.72
C PRO O 347 10.06 -56.32 110.45
N VAL O 348 9.89 -56.02 111.73
CA VAL O 348 8.81 -56.60 112.56
C VAL O 348 7.79 -55.52 112.86
N LEU O 349 6.58 -55.95 113.25
CA LEU O 349 5.49 -55.05 113.59
C LEU O 349 5.88 -54.06 114.70
N GLY O 350 6.45 -54.58 115.79
CA GLY O 350 7.00 -53.77 116.89
C GLY O 350 5.99 -53.14 117.85
N ILE O 351 4.81 -53.75 117.96
CA ILE O 351 3.74 -53.26 118.81
C ILE O 351 3.45 -54.34 119.82
N GLU O 352 3.79 -54.06 121.08
CA GLU O 352 3.47 -54.97 122.17
C GLU O 352 2.03 -54.69 122.60
N ALA O 353 1.33 -55.75 123.04
CA ALA O 353 -0.10 -55.68 123.32
C ALA O 353 -0.45 -54.65 124.40
N ALA O 354 -1.56 -53.94 124.21
CA ALA O 354 -2.04 -52.95 125.18
C ALA O 354 -2.75 -53.64 126.35
N GLU O 355 -3.02 -52.87 127.40
CA GLU O 355 -3.88 -53.34 128.51
C GLU O 355 -5.29 -53.40 127.94
N PRO O 356 -5.96 -54.58 127.99
CA PRO O 356 -7.18 -54.80 127.22
C PRO O 356 -8.37 -53.85 127.45
N ASN O 357 -8.49 -53.29 128.66
CA ASN O 357 -9.57 -52.33 128.98
C ASN O 357 -9.21 -50.84 128.78
N ALA O 358 -7.97 -50.55 128.37
CA ALA O 358 -7.56 -49.17 128.05
C ALA O 358 -8.25 -48.67 126.76
N PRO O 359 -8.51 -47.35 126.65
CA PRO O 359 -9.07 -46.80 125.39
C PRO O 359 -8.30 -47.26 124.15
N LEU O 360 -9.02 -47.68 123.11
CA LEU O 360 -8.37 -48.26 121.91
C LEU O 360 -7.43 -47.26 121.26
N THR O 361 -6.21 -47.69 120.99
CA THR O 361 -5.24 -46.90 120.26
C THR O 361 -5.16 -47.38 118.82
N ASN O 362 -4.54 -46.56 118.00
CA ASN O 362 -4.29 -46.93 116.61
C ASN O 362 -3.36 -48.15 116.52
N ASP O 363 -2.31 -48.17 117.34
CA ASP O 363 -1.37 -49.30 117.45
C ASP O 363 -2.03 -50.63 117.82
N GLU O 364 -2.90 -50.60 118.82
CA GLU O 364 -3.60 -51.80 119.26
C GLU O 364 -4.53 -52.34 118.20
N MET O 365 -5.24 -51.44 117.51
CA MET O 365 -6.10 -51.83 116.38
C MET O 365 -5.28 -52.48 115.27
N THR O 366 -4.17 -51.82 114.90
CA THR O 366 -3.25 -52.33 113.89
C THR O 366 -2.70 -53.71 114.28
N ARG O 367 -2.27 -53.86 115.53
CA ARG O 367 -1.80 -55.13 116.06
C ARG O 367 -2.81 -56.25 115.82
N GLN O 368 -4.06 -56.01 116.19
CA GLN O 368 -5.08 -57.05 116.05
C GLN O 368 -5.51 -57.35 114.61
N ILE O 369 -5.56 -56.32 113.76
CA ILE O 369 -5.83 -56.54 112.32
C ILE O 369 -4.71 -57.38 111.69
N GLN O 370 -3.46 -57.01 111.99
CA GLN O 370 -2.30 -57.71 111.45
C GLN O 370 -2.37 -59.23 111.69
N SER O 371 -2.73 -59.65 112.92
CA SER O 371 -2.91 -61.07 113.27
C SER O 371 -3.97 -61.84 112.46
N LEU O 372 -4.96 -61.14 111.92
CA LEU O 372 -5.94 -61.76 111.04
C LEU O 372 -5.44 -62.14 109.66
N ILE O 373 -4.27 -61.63 109.25
CA ILE O 373 -3.84 -61.78 107.86
C ILE O 373 -3.16 -63.15 107.66
N THR O 374 -3.88 -64.05 107.01
CA THR O 374 -3.35 -65.36 106.63
C THR O 374 -2.86 -65.32 105.19
N SER O 375 -2.24 -66.43 104.79
CA SER O 375 -1.79 -66.64 103.41
C SER O 375 -2.93 -66.66 102.37
N ASP O 376 -4.16 -66.90 102.79
N ASP O 376 -4.17 -66.91 102.80
CA ASP O 376 -5.34 -66.79 101.92
CA ASP O 376 -5.34 -66.79 101.93
C ASP O 376 -6.23 -65.59 102.29
C ASP O 376 -6.23 -65.59 102.30
N THR O 377 -5.60 -64.48 102.70
CA THR O 377 -6.31 -63.24 103.07
C THR O 377 -6.05 -62.15 102.04
N THR O 378 -7.11 -61.42 101.72
CA THR O 378 -7.04 -60.17 100.96
C THR O 378 -7.42 -59.00 101.85
N LEU O 379 -6.50 -58.06 102.04
CA LEU O 379 -6.71 -56.85 102.82
C LEU O 379 -6.86 -55.65 101.88
N THR O 380 -8.00 -54.97 101.92
CA THR O 380 -8.22 -53.76 101.12
C THR O 380 -8.05 -52.52 102.02
N ALA O 381 -7.06 -51.69 101.72
CA ALA O 381 -6.69 -50.58 102.58
C ALA O 381 -6.99 -49.24 101.89
N GLU O 382 -7.88 -48.46 102.53
CA GLU O 382 -8.37 -47.19 101.98
C GLU O 382 -7.37 -46.06 102.12
N THR O 383 -7.41 -45.12 101.15
CA THR O 383 -6.72 -43.83 101.28
C THR O 383 -7.12 -43.17 102.59
N GLY O 384 -6.13 -42.70 103.33
CA GLY O 384 -6.30 -42.35 104.73
C GLY O 384 -5.10 -42.82 105.53
N ASP O 385 -5.25 -42.87 106.85
CA ASP O 385 -4.19 -43.38 107.71
C ASP O 385 -4.04 -44.89 107.56
N SER O 386 -5.09 -45.57 107.10
CA SER O 386 -5.03 -46.98 106.72
C SER O 386 -3.91 -47.32 105.71
N TRP O 387 -3.55 -46.36 104.85
CA TRP O 387 -2.33 -46.48 104.02
C TRP O 387 -1.10 -46.71 104.88
N PHE O 388 -0.96 -45.92 105.92
CA PHE O 388 0.20 -45.95 106.80
C PHE O 388 0.17 -47.11 107.79
N ASN O 389 -1.02 -47.53 108.21
CA ASN O 389 -1.14 -48.72 109.05
C ASN O 389 -0.87 -49.99 108.26
N ALA O 390 -1.56 -50.17 107.13
CA ALA O 390 -1.28 -51.30 106.22
C ALA O 390 0.20 -51.41 105.86
N SER O 391 0.81 -50.26 105.59
N SER O 391 0.84 -50.28 105.58
CA SER O 391 2.21 -50.15 105.19
CA SER O 391 2.24 -50.26 105.14
C SER O 391 3.25 -50.63 106.22
C SER O 391 3.28 -50.62 106.23
N ARG O 392 2.85 -50.73 107.49
CA ARG O 392 3.76 -51.21 108.56
C ARG O 392 3.38 -52.57 109.11
N MET O 393 2.45 -53.28 108.46
CA MET O 393 2.09 -54.65 108.82
C MET O 393 2.90 -55.65 108.00
N PRO O 394 3.70 -56.50 108.65
CA PRO O 394 4.22 -57.65 107.93
C PRO O 394 3.07 -58.58 107.59
N ILE O 395 3.16 -59.23 106.43
CA ILE O 395 2.13 -60.16 105.97
C ILE O 395 2.80 -61.46 105.50
N PRO O 396 2.12 -62.61 105.64
CA PRO O 396 2.69 -63.87 105.15
C PRO O 396 2.59 -64.00 103.63
N GLY O 397 3.44 -64.83 103.04
CA GLY O 397 3.45 -65.06 101.60
C GLY O 397 2.12 -65.66 101.20
N GLY O 398 1.58 -65.21 100.08
CA GLY O 398 0.21 -65.55 99.64
C GLY O 398 -0.81 -64.46 99.92
N ALA O 399 -0.59 -63.68 100.98
CA ALA O 399 -1.50 -62.59 101.37
C ALA O 399 -1.56 -61.53 100.29
N ARG O 400 -2.76 -61.00 100.05
CA ARG O 400 -2.96 -59.91 99.10
C ARG O 400 -3.33 -58.62 99.84
N VAL O 401 -2.68 -57.53 99.45
CA VAL O 401 -3.04 -56.19 99.93
C VAL O 401 -3.40 -55.30 98.74
N GLU O 402 -4.62 -54.76 98.76
CA GLU O 402 -5.10 -53.87 97.71
C GLU O 402 -5.07 -52.42 98.17
N LEU O 403 -4.24 -51.65 97.47
CA LEU O 403 -4.08 -50.21 97.63
C LEU O 403 -4.44 -49.51 96.30
N GLU O 404 -4.91 -48.27 96.40
CA GLU O 404 -5.26 -47.46 95.24
C GLU O 404 -4.51 -46.14 95.38
N MET O 405 -3.18 -46.21 95.36
CA MET O 405 -2.34 -45.05 95.64
C MET O 405 -2.09 -44.08 94.47
N GLN O 406 -2.38 -44.47 93.24
CA GLN O 406 -2.24 -43.56 92.11
C GLN O 406 -3.50 -42.69 92.00
N TRP O 407 -4.67 -43.32 92.03
CA TRP O 407 -5.95 -42.64 91.86
C TRP O 407 -6.36 -41.96 93.15
N GLY O 408 -6.42 -42.73 94.24
CA GLY O 408 -6.60 -42.18 95.59
C GLY O 408 -7.99 -41.62 95.86
N HIS O 409 -9.02 -42.26 95.34
CA HIS O 409 -10.39 -41.82 95.49
C HIS O 409 -10.94 -42.37 96.80
N ILE O 410 -11.20 -41.50 97.79
CA ILE O 410 -11.75 -41.97 99.07
C ILE O 410 -13.15 -42.56 98.84
N GLY O 411 -13.42 -43.66 99.53
CA GLY O 411 -14.63 -44.44 99.30
C GLY O 411 -14.47 -45.64 98.39
N TRP O 412 -13.45 -45.64 97.54
CA TRP O 412 -13.09 -46.78 96.69
C TRP O 412 -13.16 -48.15 97.39
N SER O 413 -12.62 -48.22 98.60
CA SER O 413 -12.45 -49.48 99.31
C SER O 413 -13.73 -50.28 99.53
N VAL O 414 -14.86 -49.61 99.72
CA VAL O 414 -16.11 -50.33 100.02
C VAL O 414 -16.58 -51.15 98.80
N PRO O 415 -16.86 -50.48 97.66
CA PRO O 415 -17.26 -51.29 96.50
C PRO O 415 -16.12 -52.12 95.93
N SER O 416 -14.87 -51.70 96.08
CA SER O 416 -13.73 -52.51 95.65
C SER O 416 -13.62 -53.83 96.41
N ALA O 417 -13.67 -53.77 97.74
CA ALA O 417 -13.70 -54.99 98.57
C ALA O 417 -14.90 -55.89 98.25
N PHE O 418 -16.05 -55.29 97.99
CA PHE O 418 -17.21 -56.06 97.56
C PHE O 418 -16.94 -56.87 96.28
N GLY O 419 -16.43 -56.18 95.25
CA GLY O 419 -16.12 -56.79 93.97
C GLY O 419 -15.02 -57.83 94.07
N ASN O 420 -14.01 -57.52 94.87
CA ASN O 420 -12.91 -58.42 95.11
C ASN O 420 -13.38 -59.74 95.73
N ALA O 421 -14.24 -59.63 96.74
CA ALA O 421 -14.80 -60.77 97.45
C ALA O 421 -15.76 -61.59 96.62
N VAL O 422 -16.55 -60.94 95.77
CA VAL O 422 -17.40 -61.64 94.82
C VAL O 422 -16.56 -62.49 93.85
N GLY O 423 -15.38 -62.00 93.47
CA GLY O 423 -14.50 -62.69 92.53
C GLY O 423 -13.49 -63.68 93.11
N SER O 424 -13.26 -63.63 94.42
CA SER O 424 -12.41 -64.61 95.11
C SER O 424 -13.02 -65.01 96.46
N PRO O 425 -14.18 -65.69 96.42
CA PRO O 425 -14.90 -66.05 97.64
C PRO O 425 -14.20 -67.08 98.54
N GLU O 426 -13.17 -67.76 98.01
CA GLU O 426 -12.33 -68.69 98.81
C GLU O 426 -11.49 -68.04 99.88
N ARG O 427 -11.22 -66.73 99.73
CA ARG O 427 -10.28 -66.03 100.59
C ARG O 427 -11.01 -65.38 101.74
N ARG O 428 -10.26 -65.06 102.79
CA ARG O 428 -10.73 -64.18 103.86
C ARG O 428 -10.55 -62.73 103.40
N HIS O 429 -11.61 -61.94 103.47
CA HIS O 429 -11.56 -60.53 103.04
C HIS O 429 -11.71 -59.58 104.21
N ILE O 430 -10.62 -58.84 104.45
CA ILE O 430 -10.53 -57.77 105.43
C ILE O 430 -10.51 -56.43 104.70
N MET O 431 -11.02 -55.41 105.37
CA MET O 431 -11.03 -54.06 104.85
C MET O 431 -10.73 -53.06 105.96
N MET O 432 -9.90 -52.07 105.68
CA MET O 432 -9.70 -50.91 106.57
C MET O 432 -10.13 -49.65 105.83
N VAL O 433 -11.13 -48.96 106.39
CA VAL O 433 -11.73 -47.78 105.77
C VAL O 433 -11.96 -46.70 106.83
N GLY O 434 -11.66 -45.46 106.50
CA GLY O 434 -11.92 -44.34 107.39
C GLY O 434 -13.38 -43.90 107.36
N ASP O 435 -13.75 -43.13 108.39
CA ASP O 435 -15.10 -42.60 108.49
C ASP O 435 -15.44 -41.68 107.31
N GLY O 436 -14.56 -40.76 106.98
CA GLY O 436 -14.74 -39.88 105.84
C GLY O 436 -14.96 -40.64 104.55
N SER O 437 -14.08 -41.62 104.30
CA SER O 437 -14.15 -42.46 103.11
C SER O 437 -15.44 -43.23 103.06
N PHE O 438 -15.80 -43.88 104.17
CA PHE O 438 -16.98 -44.72 104.22
C PHE O 438 -18.26 -43.98 103.80
N GLN O 439 -18.32 -42.69 104.12
CA GLN O 439 -19.49 -41.88 103.78
C GLN O 439 -19.73 -41.66 102.28
N LEU O 440 -18.70 -41.73 101.43
CA LEU O 440 -18.91 -41.58 99.98
C LEU O 440 -19.66 -42.76 99.35
N THR O 441 -19.38 -43.96 99.84
CA THR O 441 -19.81 -45.20 99.18
C THR O 441 -20.51 -46.23 100.11
N ALA O 442 -20.95 -45.76 101.28
CA ALA O 442 -21.51 -46.60 102.35
C ALA O 442 -22.58 -47.60 101.91
N GLN O 443 -23.44 -47.19 100.99
CA GLN O 443 -24.57 -48.01 100.55
C GLN O 443 -24.22 -49.33 99.88
N GLU O 444 -22.97 -49.51 99.44
CA GLU O 444 -22.56 -50.79 98.85
C GLU O 444 -22.36 -51.90 99.89
N VAL O 445 -22.33 -51.55 101.18
CA VAL O 445 -22.44 -52.54 102.26
C VAL O 445 -23.81 -53.24 102.18
N ALA O 446 -24.84 -52.54 101.73
CA ALA O 446 -26.14 -53.16 101.50
C ALA O 446 -26.09 -54.23 100.41
N GLN O 447 -25.19 -54.09 99.44
CA GLN O 447 -24.98 -55.11 98.42
C GLN O 447 -24.16 -56.26 98.97
N MET O 448 -23.17 -55.98 99.82
CA MET O 448 -22.48 -57.04 100.55
C MET O 448 -23.49 -57.90 101.32
N ILE O 449 -24.47 -57.25 101.95
CA ILE O 449 -25.52 -57.97 102.68
C ILE O 449 -26.42 -58.75 101.72
N ARG O 450 -26.89 -58.10 100.66
CA ARG O 450 -27.76 -58.76 99.68
C ARG O 450 -27.19 -60.07 99.15
N TYR O 451 -25.90 -60.07 98.80
CA TYR O 451 -25.25 -61.21 98.16
C TYR O 451 -24.50 -62.12 99.14
N GLU O 452 -24.62 -61.79 100.44
CA GLU O 452 -24.07 -62.59 101.54
C GLU O 452 -22.56 -62.72 101.50
N ILE O 453 -21.90 -61.59 101.25
CA ILE O 453 -20.45 -61.49 101.14
C ILE O 453 -19.87 -61.16 102.52
N PRO O 454 -19.01 -62.03 103.09
CA PRO O 454 -18.54 -61.83 104.46
C PRO O 454 -17.25 -61.02 104.61
N VAL O 455 -17.26 -59.79 104.10
CA VAL O 455 -16.15 -58.85 104.30
C VAL O 455 -16.16 -58.37 105.75
N ILE O 456 -15.00 -58.35 106.39
CA ILE O 456 -14.83 -57.83 107.73
C ILE O 456 -14.31 -56.43 107.54
N ILE O 457 -15.11 -55.45 107.99
CA ILE O 457 -14.82 -54.03 107.78
C ILE O 457 -14.37 -53.38 109.10
N PHE O 458 -13.12 -52.93 109.15
CA PHE O 458 -12.63 -52.14 110.26
C PHE O 458 -12.80 -50.68 109.88
N LEU O 459 -13.78 -50.02 110.50
CA LEU O 459 -14.10 -48.61 110.27
C LEU O 459 -13.35 -47.80 111.31
N ILE O 460 -12.43 -46.95 110.89
CA ILE O 460 -11.68 -46.12 111.82
C ILE O 460 -12.42 -44.79 112.00
N ASN O 461 -13.21 -44.69 113.07
CA ASN O 461 -13.94 -43.48 113.38
C ASN O 461 -13.07 -42.55 114.21
N ASN O 462 -12.29 -41.72 113.52
CA ASN O 462 -11.48 -40.69 114.16
C ASN O 462 -12.05 -39.28 114.03
N ARG O 463 -13.34 -39.20 113.71
CA ARG O 463 -14.08 -37.92 113.68
C ARG O 463 -13.49 -36.92 112.70
N GLY O 464 -13.22 -37.38 111.47
CA GLY O 464 -12.80 -36.48 110.40
C GLY O 464 -11.80 -37.02 109.41
N TYR O 465 -11.35 -36.12 108.55
CA TYR O 465 -10.37 -36.39 107.51
C TYR O 465 -8.96 -36.20 108.09
N VAL O 466 -8.46 -37.18 108.84
CA VAL O 466 -7.19 -37.03 109.58
C VAL O 466 -5.94 -36.84 108.69
N ILE O 467 -5.84 -37.59 107.59
CA ILE O 467 -4.77 -37.37 106.61
C ILE O 467 -4.76 -35.93 106.04
N GLU O 468 -5.95 -35.37 105.78
CA GLU O 468 -6.06 -33.98 105.32
C GLU O 468 -5.68 -32.98 106.41
N ILE O 469 -6.04 -33.28 107.67
CA ILE O 469 -5.62 -32.46 108.82
C ILE O 469 -4.09 -32.39 108.95
N ALA O 470 -3.42 -33.49 108.61
CA ALA O 470 -1.95 -33.56 108.58
C ALA O 470 -1.32 -32.80 107.41
N ILE O 471 -2.03 -32.69 106.29
CA ILE O 471 -1.63 -31.85 105.17
C ILE O 471 -1.82 -30.36 105.51
N HIS O 472 -3.07 -29.98 105.83
CA HIS O 472 -3.44 -28.57 106.01
C HIS O 472 -4.84 -28.51 106.68
N ASP O 473 -4.88 -28.04 107.92
CA ASP O 473 -6.12 -28.08 108.72
C ASP O 473 -7.05 -26.90 108.43
N GLY O 474 -8.35 -27.18 108.50
CA GLY O 474 -9.42 -26.21 108.31
C GLY O 474 -10.75 -26.91 108.55
N PRO O 475 -11.86 -26.16 108.61
CA PRO O 475 -13.17 -26.72 108.99
C PRO O 475 -13.75 -27.75 108.00
N TYR O 476 -13.34 -27.66 106.73
CA TYR O 476 -13.65 -28.67 105.70
C TYR O 476 -13.24 -30.13 106.04
N ASN O 477 -12.38 -30.31 107.05
CA ASN O 477 -11.96 -31.64 107.48
C ASN O 477 -12.84 -32.33 108.53
N TYR O 478 -13.90 -31.66 109.00
CA TYR O 478 -14.71 -32.17 110.13
C TYR O 478 -16.09 -32.50 109.61
N ILE O 479 -16.50 -33.74 109.85
CA ILE O 479 -17.66 -34.33 109.22
C ILE O 479 -18.69 -34.70 110.27
N LYS O 480 -19.94 -34.81 109.83
CA LYS O 480 -21.03 -35.31 110.66
C LYS O 480 -20.76 -36.76 111.00
N ASN O 481 -20.78 -37.06 112.31
CA ASN O 481 -20.65 -38.41 112.79
C ASN O 481 -21.93 -39.20 112.58
N TRP O 482 -21.77 -40.48 112.21
CA TRP O 482 -22.88 -41.40 112.12
C TRP O 482 -22.71 -42.48 113.18
N ASN O 483 -23.78 -43.18 113.47
CA ASN O 483 -23.70 -44.46 114.18
C ASN O 483 -23.42 -45.54 113.12
N TYR O 484 -22.13 -45.74 112.83
CA TYR O 484 -21.72 -46.58 111.71
C TYR O 484 -22.15 -48.03 111.94
N ALA O 485 -21.95 -48.53 113.16
CA ALA O 485 -22.39 -49.89 113.55
C ALA O 485 -23.88 -50.06 113.32
N GLY O 486 -24.67 -49.06 113.73
CA GLY O 486 -26.11 -49.09 113.58
C GLY O 486 -26.62 -49.09 112.16
N LEU O 487 -25.77 -48.67 111.21
CA LEU O 487 -26.11 -48.72 109.78
C LEU O 487 -26.41 -50.13 109.26
N ILE O 488 -25.71 -51.12 109.81
CA ILE O 488 -25.85 -52.51 109.36
C ILE O 488 -27.27 -53.03 109.53
N ASP O 489 -27.90 -52.76 110.68
CA ASP O 489 -29.29 -53.19 110.90
C ASP O 489 -30.30 -52.49 109.99
N VAL O 490 -30.03 -51.25 109.61
CA VAL O 490 -30.85 -50.53 108.62
C VAL O 490 -30.82 -51.26 107.27
N PHE O 491 -29.61 -51.61 106.82
CA PHE O 491 -29.44 -52.32 105.55
C PHE O 491 -29.97 -53.75 105.61
N ASN O 492 -29.80 -54.44 106.75
CA ASN O 492 -30.41 -55.77 106.93
C ASN O 492 -31.91 -55.79 106.73
N ASP O 493 -32.61 -54.84 107.36
CA ASP O 493 -34.07 -54.89 107.49
C ASP O 493 -34.49 -56.31 107.97
N GLU O 494 -35.32 -57.05 107.22
CA GLU O 494 -35.75 -58.39 107.64
C GLU O 494 -34.75 -59.48 107.21
N ASP O 495 -34.31 -59.42 105.94
CA ASP O 495 -33.55 -60.51 105.31
C ASP O 495 -32.07 -60.66 105.67
N GLY O 496 -31.37 -59.54 105.85
CA GLY O 496 -29.91 -59.54 105.90
C GLY O 496 -29.25 -60.18 107.10
N HIS O 497 -27.96 -60.52 106.94
CA HIS O 497 -27.15 -61.20 107.95
C HIS O 497 -25.82 -60.50 108.25
N GLY O 498 -25.79 -59.18 108.02
CA GLY O 498 -24.69 -58.36 108.46
C GLY O 498 -24.71 -58.18 109.96
N LEU O 499 -23.54 -57.92 110.53
CA LEU O 499 -23.39 -57.58 111.94
C LEU O 499 -22.72 -56.22 112.04
N GLY O 500 -23.22 -55.37 112.91
CA GLY O 500 -22.57 -54.09 113.24
C GLY O 500 -22.13 -54.05 114.69
N LEU O 501 -20.86 -53.75 114.93
CA LEU O 501 -20.27 -53.81 116.27
C LEU O 501 -19.38 -52.61 116.55
N LYS O 502 -19.34 -52.20 117.82
CA LYS O 502 -18.45 -51.13 118.29
C LYS O 502 -17.28 -51.71 119.09
N ALA O 503 -16.13 -51.04 119.00
CA ALA O 503 -14.97 -51.37 119.82
C ALA O 503 -14.27 -50.09 120.23
N SER O 504 -14.32 -49.78 121.53
CA SER O 504 -13.59 -48.65 122.11
C SER O 504 -12.42 -49.11 123.01
N THR O 505 -12.18 -50.43 123.08
CA THR O 505 -11.07 -51.01 123.86
C THR O 505 -10.46 -52.25 123.15
N GLY O 506 -9.24 -52.61 123.55
CA GLY O 506 -8.58 -53.84 123.10
C GLY O 506 -9.41 -55.12 123.24
N ALA O 507 -10.06 -55.27 124.39
CA ALA O 507 -10.90 -56.46 124.63
C ALA O 507 -12.17 -56.45 123.78
N GLU O 508 -12.81 -55.30 123.62
CA GLU O 508 -14.02 -55.18 122.77
C GLU O 508 -13.71 -55.49 121.30
N LEU O 509 -12.57 -54.99 120.82
CA LEU O 509 -12.09 -55.31 119.48
C LEU O 509 -11.87 -56.80 119.31
N GLU O 510 -11.22 -57.42 120.30
CA GLU O 510 -10.94 -58.86 120.28
C GLU O 510 -12.21 -59.70 120.17
N GLY O 511 -13.25 -59.31 120.93
CA GLY O 511 -14.55 -60.01 120.88
C GLY O 511 -15.32 -59.77 119.59
N ALA O 512 -15.25 -58.53 119.08
CA ALA O 512 -15.88 -58.19 117.80
C ALA O 512 -15.26 -59.01 116.67
N ILE O 513 -13.93 -59.13 116.66
CA ILE O 513 -13.23 -59.93 115.65
C ILE O 513 -13.69 -61.39 115.67
N LYS O 514 -13.81 -61.98 116.87
CA LYS O 514 -14.34 -63.34 117.01
C LYS O 514 -15.73 -63.50 116.43
N LYS O 515 -16.60 -62.53 116.69
CA LYS O 515 -17.97 -62.53 116.14
C LYS O 515 -17.98 -62.32 114.60
N ALA O 516 -17.04 -61.53 114.10
CA ALA O 516 -16.90 -61.28 112.66
C ALA O 516 -16.49 -62.55 111.91
N LEU O 517 -15.47 -63.24 112.43
CA LEU O 517 -15.00 -64.53 111.86
C LEU O 517 -16.10 -65.59 111.76
N ASP O 518 -16.94 -65.70 112.79
CA ASP O 518 -18.06 -66.66 112.78
C ASP O 518 -19.24 -66.29 111.88
N ASN O 519 -19.39 -64.99 111.57
CA ASN O 519 -20.38 -64.52 110.61
C ASN O 519 -19.93 -64.84 109.18
N ARG O 520 -20.58 -65.82 108.56
CA ARG O 520 -20.25 -66.27 107.21
C ARG O 520 -21.31 -65.92 106.15
N ARG O 521 -22.44 -65.35 106.57
CA ARG O 521 -23.52 -65.01 105.63
C ARG O 521 -23.69 -63.50 105.37
N GLY O 522 -22.74 -62.68 105.82
CA GLY O 522 -22.81 -61.24 105.53
C GLY O 522 -21.62 -60.51 106.08
N PRO O 523 -21.49 -59.22 105.74
CA PRO O 523 -20.34 -58.45 106.21
C PRO O 523 -20.44 -58.16 107.70
N THR O 524 -19.31 -57.85 108.30
CA THR O 524 -19.28 -57.45 109.70
C THR O 524 -18.50 -56.15 109.79
N LEU O 525 -19.18 -55.09 110.18
CA LEU O 525 -18.57 -53.79 110.36
C LEU O 525 -18.24 -53.58 111.83
N ILE O 526 -16.97 -53.28 112.09
CA ILE O 526 -16.46 -53.05 113.42
C ILE O 526 -16.04 -51.60 113.48
N GLU O 527 -16.84 -50.80 114.15
CA GLU O 527 -16.58 -49.39 114.32
C GLU O 527 -15.57 -49.18 115.45
N CYS O 528 -14.32 -48.87 115.09
CA CYS O 528 -13.25 -48.63 116.06
C CYS O 528 -13.16 -47.15 116.42
N ASN O 529 -13.38 -46.84 117.70
CA ASN O 529 -13.20 -45.49 118.22
C ASN O 529 -11.72 -45.19 118.41
N ILE O 530 -11.16 -44.40 117.49
CA ILE O 530 -9.76 -43.98 117.56
C ILE O 530 -9.75 -42.46 117.72
N ALA O 531 -8.85 -41.96 118.57
CA ALA O 531 -8.74 -40.53 118.81
C ALA O 531 -8.15 -39.82 117.58
N GLN O 532 -8.64 -38.60 117.35
CA GLN O 532 -8.27 -37.78 116.20
C GLN O 532 -6.77 -37.52 116.09
N ASP O 533 -6.12 -37.21 117.20
CA ASP O 533 -4.65 -36.99 117.24
C ASP O 533 -3.81 -38.27 117.47
N ASP O 534 -4.44 -39.45 117.37
CA ASP O 534 -3.75 -40.74 117.48
C ASP O 534 -3.64 -41.38 116.09
N CYS O 535 -2.85 -40.76 115.25
CA CYS O 535 -2.54 -41.28 113.92
C CYS O 535 -1.07 -41.61 113.92
N THR O 536 -0.62 -42.29 112.87
CA THR O 536 0.77 -42.70 112.76
C THR O 536 1.70 -41.49 112.66
N GLU O 537 2.90 -41.62 113.18
CA GLU O 537 3.92 -40.58 113.03
C GLU O 537 4.44 -40.49 111.58
N THR O 538 4.32 -41.57 110.82
CA THR O 538 4.68 -41.57 109.41
C THR O 538 3.75 -40.68 108.57
N LEU O 539 2.45 -40.71 108.83
CA LEU O 539 1.50 -39.77 108.22
C LEU O 539 1.90 -38.31 108.46
N ILE O 540 2.31 -37.99 109.69
CA ILE O 540 2.62 -36.60 110.03
C ILE O 540 3.86 -36.09 109.27
N ALA O 541 4.90 -36.92 109.23
CA ALA O 541 6.11 -36.60 108.48
C ALA O 541 5.78 -36.50 106.96
N TRP O 542 5.04 -37.47 106.43
CA TRP O 542 4.66 -37.48 105.01
C TRP O 542 3.77 -36.30 104.65
N GLY O 543 2.78 -36.04 105.49
CA GLY O 543 1.84 -34.93 105.33
C GLY O 543 2.48 -33.56 105.24
N LYS O 544 3.48 -33.31 106.07
CA LYS O 544 4.26 -32.05 106.02
C LYS O 544 5.00 -31.86 104.70
N ARG O 545 5.60 -32.93 104.18
CA ARG O 545 6.33 -32.87 102.91
C ARG O 545 5.38 -32.63 101.73
N VAL O 546 4.26 -33.33 101.71
CA VAL O 546 3.24 -33.18 100.69
C VAL O 546 2.65 -31.76 100.64
N ALA O 547 2.36 -31.18 101.80
CA ALA O 547 1.90 -29.78 101.86
C ALA O 547 2.94 -28.78 101.30
N ALA O 548 4.20 -28.97 101.65
CA ALA O 548 5.29 -28.09 101.18
C ALA O 548 5.51 -28.19 99.66
N THR O 549 5.37 -29.39 99.10
CA THR O 549 5.49 -29.61 97.66
C THR O 549 4.30 -29.04 96.87
N ASN O 550 3.08 -29.33 97.31
CA ASN O 550 1.87 -28.79 96.68
C ASN O 550 1.80 -27.27 96.64
N SER O 551 2.31 -26.61 97.68
CA SER O 551 2.22 -25.16 97.79
C SER O 551 3.44 -24.40 97.29
N ARG O 552 4.45 -25.09 96.77
CA ARG O 552 5.64 -24.38 96.30
C ARG O 552 5.27 -23.35 95.22
N LYS O 553 5.89 -22.18 95.32
CA LYS O 553 5.40 -20.99 94.64
C LYS O 553 5.65 -21.05 93.13
N PRO O 554 4.83 -20.31 92.34
CA PRO O 554 5.08 -20.28 90.89
C PRO O 554 6.44 -19.66 90.54
N GLN O 555 6.98 -20.05 89.38
CA GLN O 555 8.14 -19.34 88.80
C GLN O 555 7.68 -18.04 88.13
N MET P 1 -3.13 -8.01 101.51
CA MET P 1 -2.98 -9.29 100.75
C MET P 1 -4.35 -9.73 100.21
N TYR P 2 -4.58 -9.45 98.94
CA TYR P 2 -5.77 -9.91 98.23
C TYR P 2 -5.38 -11.02 97.23
N THR P 3 -6.06 -12.17 97.29
CA THR P 3 -5.69 -13.33 96.50
C THR P 3 -6.65 -13.70 95.36
N VAL P 4 -6.17 -14.57 94.47
CA VAL P 4 -6.98 -15.14 93.39
C VAL P 4 -8.26 -15.78 93.93
N GLY P 5 -8.15 -16.54 95.01
CA GLY P 5 -9.29 -17.18 95.63
C GLY P 5 -10.28 -16.18 96.21
N MET P 6 -9.78 -15.06 96.74
CA MET P 6 -10.64 -13.97 97.21
C MET P 6 -11.36 -13.30 96.04
N TYR P 7 -10.66 -13.08 94.92
CA TYR P 7 -11.29 -12.54 93.71
C TYR P 7 -12.50 -13.39 93.32
N LEU P 8 -12.29 -14.69 93.23
CA LEU P 8 -13.37 -15.64 92.98
C LEU P 8 -14.52 -15.52 93.97
N ALA P 9 -14.22 -15.52 95.27
CA ALA P 9 -15.26 -15.43 96.31
C ALA P 9 -16.08 -14.14 96.18
N GLU P 10 -15.39 -13.03 95.89
CA GLU P 10 -16.05 -11.74 95.74
C GLU P 10 -17.03 -11.75 94.56
N ARG P 11 -16.62 -12.27 93.42
CA ARG P 11 -17.51 -12.41 92.28
C ARG P 11 -18.69 -13.34 92.53
N LEU P 12 -18.46 -14.44 93.25
CA LEU P 12 -19.56 -15.35 93.58
C LEU P 12 -20.57 -14.65 94.48
N ALA P 13 -20.09 -13.90 95.48
CA ALA P 13 -20.96 -13.05 96.30
C ALA P 13 -21.77 -12.04 95.47
N GLN P 14 -21.12 -11.38 94.50
CA GLN P 14 -21.80 -10.45 93.59
C GLN P 14 -22.87 -11.08 92.68
N ILE P 15 -22.79 -12.40 92.44
CA ILE P 15 -23.85 -13.13 91.70
C ILE P 15 -25.12 -13.22 92.53
N GLY P 16 -24.99 -13.16 93.86
CA GLY P 16 -26.11 -13.39 94.77
C GLY P 16 -25.99 -14.67 95.58
N LEU P 17 -24.85 -15.37 95.45
CA LEU P 17 -24.63 -16.58 96.26
C LEU P 17 -24.40 -16.21 97.71
N LYS P 18 -25.18 -16.86 98.59
N LYS P 18 -25.17 -16.86 98.58
CA LYS P 18 -24.96 -16.82 100.03
CA LYS P 18 -24.95 -16.81 100.01
C LYS P 18 -24.22 -18.07 100.53
C LYS P 18 -24.26 -18.07 100.54
N HIS P 19 -24.11 -19.09 99.68
CA HIS P 19 -23.45 -20.35 100.03
C HIS P 19 -22.69 -20.91 98.84
N HIS P 20 -21.71 -21.78 99.12
CA HIS P 20 -21.13 -22.64 98.08
C HIS P 20 -20.83 -24.02 98.68
N PHE P 21 -20.76 -25.01 97.82
CA PHE P 21 -20.69 -26.41 98.23
C PHE P 21 -19.30 -26.94 97.91
N ALA P 22 -18.73 -27.72 98.82
CA ALA P 22 -17.35 -28.14 98.69
C ALA P 22 -17.12 -29.56 99.23
N VAL P 23 -16.14 -30.24 98.63
CA VAL P 23 -15.54 -31.45 99.20
C VAL P 23 -14.04 -31.21 99.19
N ALA P 24 -13.41 -31.28 100.37
CA ALA P 24 -11.98 -31.01 100.52
C ALA P 24 -11.11 -32.05 99.80
N GLY P 25 -9.95 -31.59 99.35
CA GLY P 25 -8.88 -32.46 98.83
C GLY P 25 -7.63 -31.60 98.74
N ASP P 26 -6.44 -32.20 98.74
CA ASP P 26 -5.22 -31.39 98.88
C ASP P 26 -4.99 -30.33 97.79
N TYR P 27 -5.48 -30.59 96.58
CA TYR P 27 -5.38 -29.63 95.48
C TYR P 27 -6.28 -28.39 95.64
N ASN P 28 -7.27 -28.41 96.54
CA ASN P 28 -8.18 -27.26 96.76
C ASN P 28 -8.20 -26.64 98.16
N LEU P 29 -7.34 -27.08 99.06
CA LEU P 29 -7.43 -26.63 100.47
C LEU P 29 -7.11 -25.14 100.63
N VAL P 30 -6.05 -24.67 99.99
CA VAL P 30 -5.70 -23.25 100.03
C VAL P 30 -6.83 -22.41 99.40
N LEU P 31 -7.40 -22.86 98.30
CA LEU P 31 -8.59 -22.23 97.71
C LEU P 31 -9.80 -22.16 98.67
N LEU P 32 -10.07 -23.26 99.37
CA LEU P 32 -11.14 -23.29 100.36
C LEU P 32 -10.90 -22.26 101.48
N ASP P 33 -9.64 -22.08 101.89
CA ASP P 33 -9.31 -21.05 102.87
C ASP P 33 -9.58 -19.64 102.38
N GLN P 34 -9.32 -19.38 101.11
CA GLN P 34 -9.62 -18.06 100.55
C GLN P 34 -11.12 -17.81 100.52
N LEU P 35 -11.90 -18.80 100.11
CA LEU P 35 -13.36 -18.69 100.09
C LEU P 35 -13.95 -18.48 101.49
N LEU P 36 -13.39 -19.16 102.49
CA LEU P 36 -13.79 -18.97 103.91
C LEU P 36 -13.59 -17.56 104.43
N LEU P 37 -12.60 -16.84 103.91
CA LEU P 37 -12.36 -15.44 104.31
C LEU P 37 -13.50 -14.49 103.90
N ASN P 38 -14.29 -14.86 102.89
CA ASN P 38 -15.40 -14.02 102.45
C ASN P 38 -16.57 -14.04 103.43
N LYS P 39 -16.90 -12.85 103.95
CA LYS P 39 -17.98 -12.63 104.93
C LYS P 39 -19.37 -13.04 104.43
N ASP P 40 -19.62 -12.87 103.14
CA ASP P 40 -20.97 -12.99 102.58
C ASP P 40 -21.42 -14.40 102.26
N MET P 41 -20.55 -15.39 102.43
CA MET P 41 -20.90 -16.78 102.08
C MET P 41 -20.55 -17.75 103.20
N GLU P 42 -21.42 -18.76 103.37
N GLU P 42 -21.38 -18.78 103.33
CA GLU P 42 -21.15 -19.96 104.16
CA GLU P 42 -21.09 -19.93 104.17
C GLU P 42 -20.55 -21.01 103.22
C GLU P 42 -20.61 -21.08 103.26
N GLN P 43 -19.63 -21.83 103.74
CA GLN P 43 -19.05 -22.94 102.98
C GLN P 43 -19.69 -24.22 103.49
N VAL P 44 -20.46 -24.89 102.62
CA VAL P 44 -21.25 -26.07 102.99
C VAL P 44 -20.54 -27.33 102.47
N TYR P 45 -20.34 -28.31 103.34
CA TYR P 45 -19.61 -29.55 102.96
C TYR P 45 -20.59 -30.68 102.60
N CYS P 46 -20.16 -31.54 101.68
CA CYS P 46 -20.95 -32.66 101.18
C CYS P 46 -20.20 -33.97 101.39
N CYS P 47 -20.94 -35.08 101.41
CA CYS P 47 -20.34 -36.42 101.60
C CYS P 47 -19.50 -36.86 100.41
N ASN P 48 -20.01 -36.62 99.20
CA ASN P 48 -19.30 -36.92 97.94
C ASN P 48 -19.59 -35.89 96.84
N GLU P 49 -18.87 -36.00 95.73
CA GLU P 49 -18.82 -34.94 94.74
C GLU P 49 -20.01 -34.97 93.79
N LEU P 50 -20.59 -36.13 93.54
CA LEU P 50 -21.86 -36.21 92.80
C LEU P 50 -22.92 -35.40 93.53
N ASN P 51 -23.06 -35.66 94.83
CA ASN P 51 -24.05 -34.97 95.63
C ASN P 51 -23.74 -33.49 95.79
N CYS P 52 -22.47 -33.15 95.94
CA CYS P 52 -22.01 -31.77 95.94
C CYS P 52 -22.49 -31.01 94.70
N GLY P 53 -22.28 -31.62 93.54
CA GLY P 53 -22.72 -31.08 92.27
C GLY P 53 -24.22 -30.88 92.23
N PHE P 54 -24.96 -31.92 92.62
CA PHE P 54 -26.42 -31.87 92.64
C PHE P 54 -27.00 -30.94 93.73
N SER P 55 -26.27 -30.74 94.83
CA SER P 55 -26.63 -29.71 95.80
C SER P 55 -26.53 -28.30 95.22
N ALA P 56 -25.44 -28.02 94.51
CA ALA P 56 -25.29 -26.74 93.81
C ALA P 56 -26.42 -26.55 92.78
N GLU P 57 -26.76 -27.64 92.09
CA GLU P 57 -27.81 -27.61 91.08
C GLU P 57 -29.13 -27.16 91.69
N GLY P 58 -29.48 -27.77 92.83
CA GLY P 58 -30.66 -27.41 93.60
C GLY P 58 -30.65 -25.98 94.10
N TYR P 59 -29.49 -25.55 94.62
CA TYR P 59 -29.29 -24.19 95.05
C TYR P 59 -29.49 -23.17 93.89
N ALA P 60 -29.09 -23.54 92.68
CA ALA P 60 -29.31 -22.70 91.50
C ALA P 60 -30.79 -22.57 91.14
N ARG P 61 -31.59 -23.58 91.45
CA ARG P 61 -33.04 -23.50 91.28
C ARG P 61 -33.71 -22.51 92.24
N ALA P 62 -33.09 -22.25 93.39
CA ALA P 62 -33.55 -21.22 94.34
C ALA P 62 -33.03 -19.82 94.04
N ARG P 63 -31.73 -19.73 93.77
CA ARG P 63 -31.03 -18.45 93.74
C ARG P 63 -30.58 -18.01 92.35
N GLY P 64 -30.78 -18.83 91.33
CA GLY P 64 -30.34 -18.47 89.97
C GLY P 64 -28.93 -18.91 89.56
N ALA P 65 -28.05 -19.18 90.52
CA ALA P 65 -26.71 -19.65 90.26
C ALA P 65 -26.21 -20.40 91.46
N ALA P 66 -25.08 -21.06 91.30
CA ALA P 66 -24.46 -21.84 92.38
C ALA P 66 -23.01 -22.15 92.07
N ALA P 67 -22.30 -22.63 93.08
CA ALA P 67 -20.91 -23.02 92.91
C ALA P 67 -20.56 -24.25 93.76
N ALA P 68 -19.80 -25.17 93.15
CA ALA P 68 -19.31 -26.40 93.75
C ALA P 68 -17.79 -26.45 93.61
N ILE P 69 -17.06 -26.69 94.71
CA ILE P 69 -15.60 -26.70 94.72
C ILE P 69 -15.14 -28.14 95.01
N VAL P 70 -14.37 -28.72 94.09
CA VAL P 70 -13.93 -30.13 94.20
C VAL P 70 -12.42 -30.26 93.98
N THR P 71 -11.89 -31.46 94.21
CA THR P 71 -10.48 -31.72 93.94
C THR P 71 -10.28 -32.37 92.56
N PHE P 72 -9.04 -32.33 92.10
CA PHE P 72 -8.68 -32.76 90.74
C PHE P 72 -9.00 -34.25 90.48
N SER P 73 -9.70 -34.51 89.37
CA SER P 73 -10.03 -35.85 88.86
C SER P 73 -10.97 -36.68 89.71
N VAL P 74 -10.49 -37.15 90.86
CA VAL P 74 -11.29 -38.01 91.74
C VAL P 74 -12.57 -37.32 92.21
N GLY P 75 -12.50 -36.02 92.41
CA GLY P 75 -13.69 -35.22 92.70
C GLY P 75 -14.43 -34.74 91.46
N ALA P 76 -13.69 -34.16 90.52
CA ALA P 76 -14.30 -33.47 89.39
C ALA P 76 -15.03 -34.37 88.42
N ILE P 77 -14.57 -35.60 88.21
CA ILE P 77 -15.25 -36.46 87.25
C ILE P 77 -16.66 -36.85 87.74
N SER P 78 -16.81 -37.21 89.00
CA SER P 78 -18.16 -37.43 89.53
C SER P 78 -19.04 -36.18 89.39
N ALA P 79 -18.48 -35.03 89.74
CA ALA P 79 -19.18 -33.75 89.62
C ALA P 79 -19.67 -33.46 88.19
N MET P 80 -18.91 -33.92 87.18
CA MET P 80 -19.31 -33.72 85.77
C MET P 80 -20.66 -34.32 85.43
N ASN P 81 -21.05 -35.38 86.13
CA ASN P 81 -22.38 -35.94 85.97
C ASN P 81 -23.45 -34.89 86.37
N ALA P 82 -23.29 -34.29 87.54
CA ALA P 82 -24.17 -33.21 87.99
C ALA P 82 -24.10 -31.97 87.09
N ILE P 83 -22.90 -31.65 86.58
CA ILE P 83 -22.72 -30.51 85.68
C ILE P 83 -23.43 -30.74 84.35
N GLY P 84 -23.38 -31.96 83.82
CA GLY P 84 -24.18 -32.34 82.66
C GLY P 84 -25.66 -32.18 82.94
N GLY P 85 -26.06 -32.54 84.16
CA GLY P 85 -27.41 -32.30 84.63
C GLY P 85 -27.81 -30.84 84.63
N ALA P 86 -26.93 -29.98 85.11
CA ALA P 86 -27.17 -28.53 85.07
C ALA P 86 -27.29 -28.00 83.64
N TYR P 87 -26.52 -28.56 82.71
CA TYR P 87 -26.59 -28.19 81.31
C TYR P 87 -27.95 -28.55 80.75
N ALA P 88 -28.32 -29.80 80.95
CA ALA P 88 -29.64 -30.32 80.57
C ALA P 88 -30.83 -29.52 81.12
N GLU P 89 -30.67 -29.02 82.35
CA GLU P 89 -31.75 -28.31 83.04
C GLU P 89 -31.56 -26.79 83.09
N ASN P 90 -30.62 -26.28 82.31
CA ASN P 90 -30.43 -24.85 82.09
C ASN P 90 -30.13 -24.02 83.34
N LEU P 91 -29.23 -24.53 84.17
CA LEU P 91 -28.85 -23.87 85.42
C LEU P 91 -27.38 -23.47 85.41
N PRO P 92 -27.05 -22.20 85.79
CA PRO P 92 -25.65 -21.78 85.91
C PRO P 92 -24.95 -22.23 87.20
N VAL P 93 -24.50 -23.46 87.21
CA VAL P 93 -23.61 -23.95 88.24
C VAL P 93 -22.17 -23.72 87.79
N ILE P 94 -21.36 -23.11 88.64
CA ILE P 94 -19.92 -22.99 88.41
C ILE P 94 -19.19 -24.13 89.14
N LEU P 95 -18.57 -25.02 88.38
CA LEU P 95 -17.74 -26.08 88.97
C LEU P 95 -16.31 -25.57 89.02
N ILE P 96 -15.76 -25.43 90.22
CA ILE P 96 -14.37 -25.05 90.38
C ILE P 96 -13.59 -26.25 90.89
N SER P 97 -12.55 -26.66 90.16
CA SER P 97 -11.68 -27.72 90.61
C SER P 97 -10.34 -27.17 90.99
N GLY P 98 -9.76 -27.67 92.08
CA GLY P 98 -8.33 -27.53 92.30
C GLY P 98 -7.56 -28.33 91.26
N SER P 99 -6.33 -27.92 90.96
CA SER P 99 -5.53 -28.58 89.93
C SER P 99 -4.04 -28.50 90.29
N PRO P 100 -3.17 -29.20 89.53
CA PRO P 100 -1.76 -29.34 89.90
C PRO P 100 -0.97 -28.07 90.04
N ASN P 101 0.10 -28.15 90.82
CA ASN P 101 1.05 -27.07 90.99
C ASN P 101 1.60 -26.63 89.62
N THR P 102 1.76 -25.32 89.41
CA THR P 102 2.25 -24.81 88.13
C THR P 102 3.63 -25.35 87.72
N ASN P 103 4.49 -25.64 88.71
CA ASN P 103 5.85 -26.14 88.46
C ASN P 103 5.91 -27.55 87.85
N ASP P 104 4.82 -28.30 87.96
CA ASP P 104 4.72 -29.62 87.37
C ASP P 104 4.41 -29.62 85.87
N TYR P 105 3.91 -28.51 85.33
CA TYR P 105 3.62 -28.40 83.90
C TYR P 105 4.93 -28.38 83.11
N GLY P 106 4.97 -29.13 82.03
CA GLY P 106 6.16 -29.24 81.19
C GLY P 106 7.35 -29.99 81.78
N THR P 107 7.12 -30.92 82.71
CA THR P 107 8.23 -31.66 83.39
C THR P 107 8.26 -33.17 83.15
N GLY P 108 7.11 -33.78 82.92
CA GLY P 108 6.98 -35.23 82.93
C GLY P 108 6.58 -35.85 84.25
N HIS P 109 6.36 -35.04 85.29
CA HIS P 109 6.01 -35.60 86.60
C HIS P 109 4.69 -36.32 86.55
N ILE P 110 4.62 -37.48 87.22
CA ILE P 110 3.38 -38.25 87.40
C ILE P 110 2.81 -37.79 88.74
N LEU P 111 1.52 -37.49 88.78
CA LEU P 111 0.90 -36.88 89.96
C LEU P 111 -0.26 -37.68 90.50
N HIS P 112 -0.44 -37.63 91.82
CA HIS P 112 -1.56 -38.31 92.48
C HIS P 112 -2.90 -37.78 92.00
N HIS P 113 -3.93 -38.62 92.06
CA HIS P 113 -5.25 -38.33 91.49
C HIS P 113 -5.23 -38.06 89.99
N THR P 114 -4.33 -38.70 89.25
CA THR P 114 -4.38 -38.67 87.80
C THR P 114 -4.33 -40.09 87.29
N ILE P 115 -4.57 -40.24 85.99
CA ILE P 115 -4.51 -41.55 85.35
C ILE P 115 -3.08 -42.09 85.21
N GLY P 116 -2.06 -41.30 85.54
CA GLY P 116 -0.70 -41.78 85.61
C GLY P 116 0.16 -41.45 84.40
N THR P 117 -0.35 -40.62 83.49
CA THR P 117 0.43 -40.10 82.34
C THR P 117 0.86 -38.65 82.60
N THR P 118 1.61 -38.06 81.67
CA THR P 118 2.07 -36.67 81.79
C THR P 118 1.02 -35.66 81.33
N ASP P 119 -0.14 -36.13 80.89
CA ASP P 119 -1.22 -35.24 80.53
C ASP P 119 -2.02 -34.84 81.77
N TYR P 120 -2.02 -33.55 82.09
CA TYR P 120 -2.91 -32.98 83.09
C TYR P 120 -4.12 -32.27 82.49
N ASN P 121 -4.15 -32.15 81.15
N ASN P 121 -4.17 -32.12 81.16
CA ASN P 121 -5.20 -31.45 80.43
CA ASN P 121 -5.26 -31.42 80.48
C ASN P 121 -6.50 -32.24 80.22
C ASN P 121 -6.52 -32.24 80.25
N TYR P 122 -6.51 -33.53 80.55
CA TYR P 122 -7.65 -34.42 80.22
C TYR P 122 -8.98 -34.03 80.89
N GLN P 123 -8.92 -33.53 82.11
CA GLN P 123 -10.13 -33.13 82.82
C GLN P 123 -10.80 -31.94 82.13
N LEU P 124 -10.01 -30.92 81.80
CA LEU P 124 -10.50 -29.78 81.04
C LEU P 124 -11.12 -30.21 79.72
N GLU P 125 -10.47 -31.14 79.00
CA GLU P 125 -11.03 -31.63 77.72
C GLU P 125 -12.35 -32.38 77.92
N MET P 126 -12.43 -33.21 78.96
CA MET P 126 -13.68 -33.89 79.30
C MET P 126 -14.83 -32.92 79.59
N VAL P 127 -14.55 -31.91 80.42
CA VAL P 127 -15.60 -31.07 80.95
C VAL P 127 -16.14 -30.04 79.92
N LYS P 128 -15.35 -29.69 78.92
CA LYS P 128 -15.82 -28.87 77.78
C LYS P 128 -17.07 -29.44 77.08
N HIS P 129 -17.23 -30.76 77.13
CA HIS P 129 -18.42 -31.39 76.53
C HIS P 129 -19.73 -31.14 77.28
N VAL P 130 -19.68 -30.79 78.56
CA VAL P 130 -20.88 -30.56 79.36
C VAL P 130 -20.95 -29.11 79.97
N THR P 131 -20.23 -28.17 79.37
CA THR P 131 -20.19 -26.78 79.84
C THR P 131 -20.29 -25.78 78.68
N CYS P 132 -20.69 -24.54 78.99
CA CYS P 132 -20.67 -23.43 78.01
C CYS P 132 -19.36 -22.68 78.00
N ALA P 133 -18.58 -22.79 79.08
CA ALA P 133 -17.25 -22.18 79.21
C ALA P 133 -16.42 -23.04 80.15
N ALA P 134 -15.12 -23.08 79.92
CA ALA P 134 -14.21 -23.91 80.71
C ALA P 134 -12.83 -23.31 80.62
N GLU P 135 -12.26 -22.90 81.75
CA GLU P 135 -10.94 -22.25 81.76
C GLU P 135 -10.05 -22.84 82.85
N SER P 136 -8.75 -22.72 82.63
CA SER P 136 -7.73 -23.17 83.56
C SER P 136 -6.90 -21.97 83.95
N ILE P 137 -6.64 -21.81 85.23
CA ILE P 137 -5.85 -20.71 85.74
C ILE P 137 -4.52 -21.23 86.27
N VAL P 138 -3.43 -20.75 85.68
CA VAL P 138 -2.05 -21.06 86.11
C VAL P 138 -1.23 -19.82 86.50
N SER P 139 -1.82 -18.63 86.47
CA SER P 139 -1.17 -17.40 86.95
C SER P 139 -2.19 -16.44 87.55
N ALA P 140 -1.76 -15.69 88.55
CA ALA P 140 -2.55 -14.61 89.12
C ALA P 140 -2.96 -13.57 88.07
N GLU P 141 -2.03 -13.21 87.18
CA GLU P 141 -2.27 -12.24 86.10
C GLU P 141 -3.49 -12.54 85.26
N GLU P 142 -3.69 -13.81 84.90
CA GLU P 142 -4.79 -14.21 84.01
C GLU P 142 -6.08 -14.56 84.74
N ALA P 143 -6.00 -14.76 86.05
CA ALA P 143 -7.16 -15.22 86.84
C ALA P 143 -8.43 -14.37 86.70
N PRO P 144 -8.31 -13.03 86.78
CA PRO P 144 -9.52 -12.18 86.73
C PRO P 144 -10.34 -12.37 85.47
N ALA P 145 -9.66 -12.30 84.32
CA ALA P 145 -10.31 -12.48 83.01
C ALA P 145 -11.01 -13.82 82.89
N LYS P 146 -10.37 -14.88 83.37
CA LYS P 146 -10.94 -16.23 83.26
C LYS P 146 -12.06 -16.48 84.25
N ILE P 147 -11.90 -16.01 85.48
CA ILE P 147 -13.00 -16.08 86.46
C ILE P 147 -14.24 -15.36 85.94
N ASP P 148 -14.05 -14.15 85.46
CA ASP P 148 -15.19 -13.35 85.01
C ASP P 148 -15.83 -13.89 83.73
N HIS P 149 -15.02 -14.40 82.81
CA HIS P 149 -15.54 -15.01 81.58
C HIS P 149 -16.45 -16.23 81.85
N VAL P 150 -16.03 -17.06 82.77
CA VAL P 150 -16.77 -18.27 83.15
C VAL P 150 -18.10 -17.90 83.81
N ILE P 151 -18.06 -17.00 84.79
CA ILE P 151 -19.28 -16.59 85.52
C ILE P 151 -20.28 -15.89 84.58
N ARG P 152 -19.83 -14.88 83.83
CA ARG P 152 -20.72 -14.11 82.95
C ARG P 152 -21.33 -14.93 81.83
N THR P 153 -20.53 -15.80 81.21
CA THR P 153 -21.05 -16.71 80.19
C THR P 153 -22.11 -17.65 80.80
N ALA P 154 -21.83 -18.22 81.96
CA ALA P 154 -22.83 -19.10 82.61
C ALA P 154 -24.19 -18.40 82.88
N LEU P 155 -24.12 -17.18 83.40
CA LEU P 155 -25.33 -16.46 83.78
C LEU P 155 -26.15 -16.11 82.55
N ARG P 156 -25.49 -15.60 81.52
CA ARG P 156 -26.16 -15.22 80.29
C ARG P 156 -26.69 -16.42 79.52
N GLU P 157 -25.91 -17.50 79.40
CA GLU P 157 -26.38 -18.68 78.67
C GLU P 157 -27.33 -19.55 79.47
N ARG P 158 -27.38 -19.40 80.79
CA ARG P 158 -28.11 -20.32 81.68
C ARG P 158 -27.60 -21.75 81.47
N LYS P 159 -26.29 -21.90 81.55
CA LYS P 159 -25.62 -23.18 81.41
C LYS P 159 -24.49 -23.22 82.41
N PRO P 160 -24.07 -24.42 82.83
CA PRO P 160 -22.94 -24.48 83.74
C PRO P 160 -21.61 -24.17 83.08
N ALA P 161 -20.61 -23.90 83.89
CA ALA P 161 -19.27 -23.64 83.41
C ALA P 161 -18.25 -24.15 84.41
N TYR P 162 -16.99 -24.16 83.99
CA TYR P 162 -15.92 -24.78 84.74
C TYR P 162 -14.70 -23.90 84.86
N LEU P 163 -14.06 -23.98 86.02
CA LEU P 163 -12.78 -23.37 86.28
C LEU P 163 -11.88 -24.36 86.97
N GLU P 164 -10.62 -24.41 86.59
CA GLU P 164 -9.64 -25.06 87.43
C GLU P 164 -8.61 -24.04 87.83
N ILE P 165 -8.11 -24.17 89.04
CA ILE P 165 -7.14 -23.22 89.58
C ILE P 165 -5.98 -24.00 90.18
N ALA P 166 -4.78 -23.73 89.69
CA ALA P 166 -3.58 -24.40 90.22
C ALA P 166 -3.50 -24.20 91.74
N CYS P 167 -3.19 -25.27 92.47
CA CYS P 167 -3.19 -25.26 93.93
C CYS P 167 -2.24 -24.23 94.56
N ASN P 168 -1.17 -23.88 93.85
CA ASN P 168 -0.24 -22.81 94.29
C ASN P 168 -0.53 -21.42 93.73
N VAL P 169 -1.65 -21.26 93.02
CA VAL P 169 -2.12 -19.95 92.53
C VAL P 169 -3.38 -19.47 93.29
N ALA P 170 -4.09 -20.35 93.97
CA ALA P 170 -5.29 -19.97 94.72
C ALA P 170 -5.00 -18.90 95.79
N GLY P 171 -3.85 -18.99 96.44
CA GLY P 171 -3.41 -18.00 97.42
C GLY P 171 -2.39 -16.96 96.94
N ALA P 172 -2.19 -16.86 95.63
CA ALA P 172 -1.27 -15.87 95.08
C ALA P 172 -1.95 -14.53 95.06
N GLU P 173 -1.16 -13.47 95.22
N GLU P 173 -1.15 -13.47 95.18
CA GLU P 173 -1.64 -12.08 95.16
CA GLU P 173 -1.65 -12.09 95.16
C GLU P 173 -2.30 -11.77 93.81
C GLU P 173 -2.30 -11.74 93.81
N CYS P 174 -3.49 -11.16 93.87
CA CYS P 174 -4.29 -10.83 92.68
C CYS P 174 -4.80 -9.38 92.78
N VAL P 175 -5.00 -8.71 91.64
CA VAL P 175 -5.76 -7.44 91.61
C VAL P 175 -7.20 -7.62 92.14
N ARG P 176 -7.79 -6.52 92.63
CA ARG P 176 -9.14 -6.53 93.19
C ARG P 176 -10.17 -6.28 92.08
N PRO P 177 -11.37 -6.86 92.23
CA PRO P 177 -12.43 -6.67 91.25
C PRO P 177 -13.19 -5.36 91.47
N GLY P 178 -13.48 -4.63 90.40
CA GLY P 178 -14.18 -3.36 90.52
C GLY P 178 -15.67 -3.57 90.79
N PRO P 179 -16.38 -2.47 91.14
CA PRO P 179 -17.80 -2.54 91.45
C PRO P 179 -18.65 -2.75 90.21
N ILE P 180 -19.78 -3.43 90.40
CA ILE P 180 -20.69 -3.77 89.32
C ILE P 180 -22.14 -3.60 89.72
N ASN P 181 -22.99 -3.48 88.71
CA ASN P 181 -24.43 -3.47 88.85
C ASN P 181 -24.96 -4.91 88.95
N SER P 182 -24.54 -5.72 87.99
CA SER P 182 -24.94 -7.12 87.88
C SER P 182 -23.93 -7.84 86.99
N LEU P 183 -23.70 -9.12 87.26
CA LEU P 183 -22.87 -9.94 86.38
C LEU P 183 -23.66 -10.53 85.21
N LEU P 184 -25.00 -10.48 85.27
CA LEU P 184 -25.85 -10.80 84.12
C LEU P 184 -25.93 -9.58 83.19
N ARG P 185 -25.27 -9.64 82.03
CA ARG P 185 -25.40 -8.63 80.97
C ARG P 185 -26.02 -9.33 79.75
N GLU P 186 -27.24 -8.95 79.40
CA GLU P 186 -27.92 -9.53 78.23
C GLU P 186 -27.43 -8.90 76.91
N LEU P 187 -27.75 -9.55 75.81
CA LEU P 187 -27.48 -9.02 74.47
C LEU P 187 -28.52 -7.97 74.13
N GLU P 188 -28.12 -7.03 73.29
CA GLU P 188 -29.01 -5.96 72.80
C GLU P 188 -30.10 -6.62 71.94
N VAL P 189 -31.34 -6.19 72.11
CA VAL P 189 -32.48 -6.70 71.33
C VAL P 189 -32.62 -5.88 70.04
N ASP P 190 -32.83 -6.59 68.92
CA ASP P 190 -32.99 -5.97 67.61
C ASP P 190 -34.45 -5.54 67.46
N GLN P 191 -34.68 -4.23 67.48
CA GLN P 191 -36.03 -3.68 67.40
C GLN P 191 -36.68 -3.87 66.03
N THR P 192 -35.90 -3.83 64.94
CA THR P 192 -36.43 -4.19 63.61
C THR P 192 -37.02 -5.59 63.64
N SER P 193 -36.32 -6.53 64.29
CA SER P 193 -36.79 -7.91 64.36
C SER P 193 -38.04 -8.11 65.20
N VAL P 194 -38.07 -7.49 66.39
CA VAL P 194 -39.26 -7.59 67.28
C VAL P 194 -40.51 -7.06 66.57
N THR P 195 -40.42 -5.89 65.96
CA THR P 195 -41.57 -5.28 65.27
C THR P 195 -42.08 -6.19 64.15
N ALA P 196 -41.16 -6.69 63.31
CA ALA P 196 -41.53 -7.59 62.22
C ALA P 196 -42.19 -8.87 62.70
N ALA P 197 -41.66 -9.44 63.79
CA ALA P 197 -42.21 -10.69 64.35
C ALA P 197 -43.61 -10.49 64.93
N VAL P 198 -43.81 -9.39 65.67
CA VAL P 198 -45.11 -9.06 66.26
C VAL P 198 -46.13 -8.81 65.15
N ASP P 199 -45.78 -8.03 64.15
CA ASP P 199 -46.69 -7.77 63.02
C ASP P 199 -47.03 -9.03 62.22
N ALA P 200 -46.04 -9.90 62.01
CA ALA P 200 -46.31 -11.20 61.38
C ALA P 200 -47.18 -12.10 62.25
N ALA P 201 -46.94 -12.09 63.58
CA ALA P 201 -47.73 -12.92 64.51
C ALA P 201 -49.20 -12.46 64.62
N VAL P 202 -49.43 -11.16 64.66
CA VAL P 202 -50.81 -10.61 64.68
C VAL P 202 -51.54 -11.00 63.39
N GLU P 203 -50.88 -10.82 62.25
CA GLU P 203 -51.42 -11.27 60.97
C GLU P 203 -51.74 -12.76 60.94
N TRP P 204 -50.82 -13.57 61.46
CA TRP P 204 -50.97 -15.04 61.55
C TRP P 204 -52.20 -15.46 62.38
N LEU P 205 -52.47 -14.73 63.46
CA LEU P 205 -53.62 -15.03 64.34
C LEU P 205 -54.99 -14.55 63.82
N GLN P 206 -55.02 -13.71 62.78
CA GLN P 206 -56.28 -13.09 62.29
C GLN P 206 -57.40 -14.09 62.04
N ASP P 207 -57.11 -15.19 61.34
CA ASP P 207 -58.13 -16.19 61.01
C ASP P 207 -58.02 -17.46 61.86
N ARG P 208 -57.50 -17.33 63.09
CA ARG P 208 -57.30 -18.47 64.00
C ARG P 208 -57.99 -18.19 65.33
N GLN P 209 -59.17 -18.79 65.52
CA GLN P 209 -60.03 -18.49 66.68
C GLN P 209 -59.66 -19.30 67.90
N ASN P 210 -59.47 -20.60 67.74
CA ASN P 210 -59.05 -21.45 68.85
C ASN P 210 -57.53 -21.40 69.09
N VAL P 211 -57.13 -20.50 70.00
CA VAL P 211 -55.74 -20.30 70.40
C VAL P 211 -55.47 -20.96 71.75
N VAL P 212 -54.32 -21.62 71.87
CA VAL P 212 -53.86 -22.26 73.12
C VAL P 212 -52.37 -21.94 73.35
N MET P 213 -52.03 -21.52 74.57
CA MET P 213 -50.63 -21.39 74.98
C MET P 213 -50.15 -22.70 75.62
N LEU P 214 -48.98 -23.18 75.19
CA LEU P 214 -48.35 -24.36 75.76
C LEU P 214 -47.05 -23.92 76.39
N VAL P 215 -46.99 -23.96 77.71
CA VAL P 215 -45.83 -23.45 78.46
C VAL P 215 -44.79 -24.58 78.58
N GLY P 216 -43.55 -24.25 78.19
CA GLY P 216 -42.45 -25.21 78.14
C GLY P 216 -41.40 -25.05 79.24
N SER P 217 -40.55 -26.06 79.34
CA SER P 217 -39.60 -26.18 80.44
C SER P 217 -38.38 -25.24 80.38
N LYS P 218 -38.19 -24.50 79.29
CA LYS P 218 -37.16 -23.46 79.25
C LYS P 218 -37.69 -22.04 79.60
N LEU P 219 -38.93 -21.95 80.09
CA LEU P 219 -39.52 -20.63 80.41
C LEU P 219 -38.79 -19.89 81.52
N ARG P 220 -38.38 -20.62 82.56
CA ARG P 220 -37.58 -19.99 83.62
C ARG P 220 -36.21 -19.54 83.14
N ALA P 221 -35.54 -20.37 82.33
CA ALA P 221 -34.25 -20.00 81.71
C ALA P 221 -34.34 -18.73 80.86
N ALA P 222 -35.47 -18.59 80.16
CA ALA P 222 -35.79 -17.36 79.43
C ALA P 222 -36.11 -16.13 80.32
N ALA P 223 -36.24 -16.32 81.63
CA ALA P 223 -36.66 -15.28 82.58
C ALA P 223 -37.93 -14.57 82.07
N ALA P 224 -38.90 -15.37 81.65
CA ALA P 224 -40.09 -14.90 80.96
C ALA P 224 -41.40 -15.35 81.61
N GLU P 225 -41.38 -15.74 82.89
CA GLU P 225 -42.58 -16.19 83.59
C GLU P 225 -43.68 -15.09 83.68
N LYS P 226 -43.27 -13.86 83.99
CA LYS P 226 -44.21 -12.74 84.10
C LYS P 226 -44.77 -12.29 82.75
N GLN P 227 -43.95 -12.37 81.69
CA GLN P 227 -44.39 -12.01 80.34
C GLN P 227 -45.37 -13.04 79.76
N ALA P 228 -45.27 -14.30 80.21
CA ALA P 228 -46.20 -15.36 79.81
C ALA P 228 -47.60 -15.11 80.38
N VAL P 229 -47.64 -14.74 81.67
CA VAL P 229 -48.89 -14.34 82.31
C VAL P 229 -49.49 -13.12 81.60
N ALA P 230 -48.68 -12.09 81.39
CA ALA P 230 -49.13 -10.88 80.69
C ALA P 230 -49.72 -11.19 79.31
N LEU P 231 -49.03 -12.04 78.55
CA LEU P 231 -49.51 -12.45 77.22
C LEU P 231 -50.82 -13.22 77.33
N ALA P 232 -50.89 -14.14 78.29
CA ALA P 232 -52.11 -14.91 78.51
C ALA P 232 -53.31 -14.02 78.86
N ASP P 233 -53.09 -12.97 79.65
CA ASP P 233 -54.16 -12.01 80.02
C ASP P 233 -54.66 -11.21 78.81
N ARG P 234 -53.72 -10.68 78.01
CA ARG P 234 -54.09 -9.93 76.81
C ARG P 234 -54.70 -10.79 75.70
N LEU P 235 -54.24 -12.04 75.55
CA LEU P 235 -54.87 -12.98 74.60
C LEU P 235 -56.22 -13.46 75.14
N GLY P 236 -56.24 -13.76 76.43
CA GLY P 236 -57.43 -14.30 77.09
C GLY P 236 -57.73 -15.75 76.74
N CYS P 237 -56.74 -16.46 76.19
CA CYS P 237 -56.89 -17.85 75.72
C CYS P 237 -56.58 -18.90 76.79
N ALA P 238 -56.89 -20.17 76.50
CA ALA P 238 -56.51 -21.30 77.36
C ALA P 238 -55.00 -21.47 77.43
N VAL P 239 -54.52 -21.87 78.62
CA VAL P 239 -53.09 -22.06 78.88
C VAL P 239 -52.89 -23.45 79.46
N THR P 240 -51.95 -24.19 78.88
CA THR P 240 -51.56 -25.51 79.34
C THR P 240 -50.05 -25.56 79.56
N ILE P 241 -49.61 -26.54 80.33
CA ILE P 241 -48.18 -26.76 80.58
C ILE P 241 -47.74 -28.10 80.01
N MET P 242 -46.49 -28.16 79.53
CA MET P 242 -45.81 -29.43 79.35
C MET P 242 -45.44 -29.91 80.74
N ALA P 243 -45.27 -31.21 80.89
CA ALA P 243 -45.00 -31.85 82.19
C ALA P 243 -43.82 -31.27 82.93
N ALA P 244 -42.73 -31.00 82.21
CA ALA P 244 -41.52 -30.44 82.81
C ALA P 244 -41.63 -28.95 83.17
N ALA P 245 -42.70 -28.29 82.73
CA ALA P 245 -42.90 -26.86 83.00
C ALA P 245 -43.75 -26.56 84.26
N LYS P 246 -44.05 -27.57 85.05
CA LYS P 246 -44.92 -27.40 86.22
C LYS P 246 -44.39 -26.32 87.20
N GLY P 247 -45.27 -25.39 87.57
CA GLY P 247 -44.90 -24.25 88.41
C GLY P 247 -44.40 -23.01 87.67
N PHE P 248 -44.13 -23.11 86.36
CA PHE P 248 -43.67 -21.94 85.60
C PHE P 248 -44.84 -21.11 85.08
N PHE P 249 -46.07 -21.60 85.25
CA PHE P 249 -47.28 -20.81 85.02
C PHE P 249 -48.26 -21.13 86.16
N PRO P 250 -48.93 -20.09 86.72
CA PRO P 250 -49.83 -20.34 87.87
C PRO P 250 -51.09 -21.15 87.50
N GLU P 251 -51.28 -22.28 88.16
CA GLU P 251 -52.37 -23.20 87.83
C GLU P 251 -53.73 -22.77 88.39
N ASP P 252 -53.76 -21.74 89.23
CA ASP P 252 -55.01 -21.14 89.70
C ASP P 252 -55.42 -19.92 88.85
N HIS P 253 -54.70 -19.64 87.75
CA HIS P 253 -55.12 -18.65 86.76
C HIS P 253 -56.47 -19.13 86.18
N PRO P 254 -57.45 -18.23 86.00
CA PRO P 254 -58.78 -18.68 85.51
C PRO P 254 -58.77 -19.39 84.14
N ASN P 255 -57.88 -18.96 83.26
CA ASN P 255 -57.68 -19.60 81.94
C ASN P 255 -56.70 -20.81 81.85
N PHE P 256 -56.21 -21.31 82.98
CA PHE P 256 -55.38 -22.52 82.99
C PHE P 256 -56.28 -23.73 82.74
N ARG P 257 -55.88 -24.59 81.81
CA ARG P 257 -56.66 -25.78 81.45
C ARG P 257 -55.88 -27.09 81.51
N GLY P 258 -54.77 -27.11 82.24
CA GLY P 258 -54.11 -28.35 82.63
C GLY P 258 -52.81 -28.73 81.94
N LEU P 259 -52.46 -30.00 82.10
CA LEU P 259 -51.27 -30.61 81.55
C LEU P 259 -51.50 -31.17 80.14
N TYR P 260 -50.69 -30.76 79.16
CA TYR P 260 -50.58 -31.44 77.87
C TYR P 260 -49.35 -32.34 77.88
N TRP P 261 -49.59 -33.64 77.77
CA TRP P 261 -48.54 -34.64 77.71
C TRP P 261 -49.07 -35.84 76.92
N GLY P 262 -49.48 -35.56 75.68
CA GLY P 262 -50.04 -36.57 74.79
C GLY P 262 -51.21 -37.34 75.40
N GLU P 263 -51.14 -38.67 75.35
CA GLU P 263 -52.21 -39.53 75.89
C GLU P 263 -52.27 -39.58 77.42
N VAL P 264 -51.27 -39.00 78.11
CA VAL P 264 -51.29 -38.87 79.57
C VAL P 264 -51.52 -37.41 80.01
N SER P 265 -52.21 -36.64 79.17
CA SER P 265 -52.63 -35.29 79.50
C SER P 265 -53.72 -35.26 80.59
N SER P 266 -53.94 -34.09 81.17
CA SER P 266 -55.15 -33.77 81.95
C SER P 266 -56.42 -33.94 81.11
N GLU P 267 -57.55 -34.14 81.81
CA GLU P 267 -58.88 -34.19 81.20
C GLU P 267 -59.08 -33.03 80.22
N GLY P 268 -59.33 -33.35 78.96
CA GLY P 268 -59.66 -32.37 77.94
C GLY P 268 -58.51 -31.61 77.29
N ALA P 269 -57.30 -31.74 77.82
CA ALA P 269 -56.16 -30.95 77.33
C ALA P 269 -55.58 -31.49 76.03
N GLN P 270 -55.52 -32.82 75.88
CA GLN P 270 -55.04 -33.41 74.63
C GLN P 270 -55.83 -32.87 73.45
N GLU P 271 -57.16 -32.94 73.54
CA GLU P 271 -58.05 -32.45 72.47
C GLU P 271 -57.95 -30.94 72.28
N LEU P 272 -57.86 -30.21 73.40
CA LEU P 272 -57.72 -28.75 73.40
C LEU P 272 -56.51 -28.31 72.56
N VAL P 273 -55.37 -28.95 72.80
CA VAL P 273 -54.11 -28.62 72.15
C VAL P 273 -54.12 -29.07 70.69
N GLU P 274 -54.39 -30.36 70.46
CA GLU P 274 -54.26 -30.96 69.13
C GLU P 274 -55.25 -30.45 68.07
N ASN P 275 -56.43 -29.98 68.51
CA ASN P 275 -57.43 -29.38 67.61
C ASN P 275 -57.41 -27.84 67.56
N ALA P 276 -56.41 -27.22 68.17
CA ALA P 276 -56.31 -25.76 68.18
C ALA P 276 -55.93 -25.21 66.81
N ASP P 277 -56.41 -24.00 66.52
CA ASP P 277 -56.03 -23.29 65.28
C ASP P 277 -54.65 -22.65 65.40
N ALA P 278 -54.27 -22.26 66.62
CA ALA P 278 -52.95 -21.72 66.93
C ALA P 278 -52.47 -22.28 68.26
N ILE P 279 -51.27 -22.85 68.27
CA ILE P 279 -50.61 -23.29 69.50
C ILE P 279 -49.37 -22.43 69.66
N LEU P 280 -49.28 -21.70 70.76
CA LEU P 280 -48.14 -20.85 71.06
C LEU P 280 -47.24 -21.57 72.07
N CYS P 281 -46.13 -22.14 71.59
CA CYS P 281 -45.20 -22.89 72.45
C CYS P 281 -44.19 -21.93 73.06
N LEU P 282 -44.28 -21.73 74.37
CA LEU P 282 -43.35 -20.86 75.07
C LEU P 282 -42.19 -21.69 75.62
N ALA P 283 -41.07 -21.64 74.91
CA ALA P 283 -39.80 -22.26 75.32
C ALA P 283 -39.89 -23.78 75.54
N PRO P 284 -40.42 -24.52 74.55
CA PRO P 284 -40.59 -25.96 74.71
C PRO P 284 -39.28 -26.76 74.60
N VAL P 285 -39.25 -27.94 75.22
CA VAL P 285 -38.27 -28.99 74.90
C VAL P 285 -39.04 -30.25 74.52
N PHE P 286 -39.03 -30.56 73.23
CA PHE P 286 -39.78 -31.69 72.69
C PHE P 286 -38.85 -32.89 72.56
N ASN P 287 -38.49 -33.49 73.69
CA ASN P 287 -37.63 -34.68 73.68
C ASN P 287 -38.48 -35.97 73.55
N ASP P 288 -37.83 -37.13 73.54
CA ASP P 288 -38.56 -38.41 73.40
C ASP P 288 -39.53 -38.69 74.56
N TYR P 289 -39.15 -38.30 75.77
CA TYR P 289 -40.01 -38.48 76.96
C TYR P 289 -41.19 -37.50 76.98
N ALA P 290 -40.93 -36.24 76.62
CA ALA P 290 -41.98 -35.21 76.61
C ALA P 290 -43.02 -35.41 75.50
N THR P 291 -42.63 -36.05 74.39
CA THR P 291 -43.52 -36.36 73.28
C THR P 291 -44.11 -37.78 73.34
N VAL P 292 -43.85 -38.49 74.44
CA VAL P 292 -44.34 -39.85 74.63
C VAL P 292 -43.92 -40.70 73.42
N GLY P 293 -42.61 -40.75 73.19
CA GLY P 293 -42.02 -41.55 72.10
C GLY P 293 -42.26 -41.01 70.70
N TRP P 294 -42.23 -39.69 70.55
CA TRP P 294 -42.51 -39.00 69.27
C TRP P 294 -43.98 -39.13 68.79
N ASN P 295 -44.89 -39.56 69.67
CA ASN P 295 -46.32 -39.69 69.33
C ASN P 295 -47.10 -38.38 69.45
N SER P 296 -46.61 -37.45 70.29
CA SER P 296 -47.36 -36.23 70.64
C SER P 296 -46.46 -35.00 70.62
N TRP P 297 -46.25 -34.49 69.41
CA TRP P 297 -45.27 -33.47 69.13
C TRP P 297 -45.97 -32.44 68.25
N PRO P 298 -46.50 -31.36 68.86
CA PRO P 298 -47.13 -30.32 68.04
C PRO P 298 -46.15 -29.68 67.04
N LYS P 299 -46.54 -29.68 65.77
CA LYS P 299 -45.77 -29.02 64.72
C LYS P 299 -46.65 -28.75 63.50
N GLY P 300 -46.15 -27.92 62.59
CA GLY P 300 -46.86 -27.59 61.36
C GLY P 300 -47.36 -26.16 61.36
N ASP P 301 -48.24 -25.85 60.41
CA ASP P 301 -48.69 -24.47 60.18
C ASP P 301 -49.48 -23.88 61.37
N ASN P 302 -50.05 -24.74 62.20
CA ASN P 302 -50.78 -24.34 63.40
C ASN P 302 -49.92 -24.03 64.64
N VAL P 303 -48.59 -24.09 64.53
CA VAL P 303 -47.70 -23.96 65.70
C VAL P 303 -46.74 -22.78 65.60
N MET P 304 -46.66 -22.03 66.69
CA MET P 304 -45.66 -20.99 66.87
C MET P 304 -44.69 -21.46 67.95
N VAL P 305 -43.40 -21.45 67.65
CA VAL P 305 -42.37 -21.90 68.61
C VAL P 305 -41.60 -20.67 69.03
N MET P 306 -41.81 -20.27 70.28
CA MET P 306 -41.07 -19.15 70.87
C MET P 306 -39.96 -19.77 71.72
N ASP P 307 -38.74 -19.74 71.18
CA ASP P 307 -37.55 -20.21 71.90
C ASP P 307 -37.02 -19.05 72.77
N THR P 308 -35.97 -19.26 73.54
CA THR P 308 -35.44 -18.19 74.40
C THR P 308 -34.94 -16.97 73.59
N ASP P 309 -34.51 -17.19 72.35
CA ASP P 309 -33.90 -16.13 71.52
C ASP P 309 -34.43 -16.05 70.08
N ARG P 310 -35.59 -16.65 69.81
CA ARG P 310 -36.07 -16.79 68.45
C ARG P 310 -37.54 -17.11 68.47
N VAL P 311 -38.24 -16.69 67.42
CA VAL P 311 -39.62 -17.08 67.22
C VAL P 311 -39.79 -17.57 65.81
N THR P 312 -40.51 -18.67 65.65
CA THR P 312 -40.65 -19.31 64.36
C THR P 312 -42.09 -19.71 64.15
N PHE P 313 -42.65 -19.31 63.02
CA PHE P 313 -44.02 -19.63 62.63
C PHE P 313 -44.29 -19.13 61.22
N ALA P 314 -45.28 -19.71 60.56
CA ALA P 314 -45.75 -19.22 59.25
C ALA P 314 -44.63 -19.09 58.22
N GLY P 315 -43.72 -20.08 58.22
CA GLY P 315 -42.61 -20.11 57.27
C GLY P 315 -41.55 -19.05 57.50
N GLN P 316 -41.50 -18.51 58.70
CA GLN P 316 -40.58 -17.41 59.02
C GLN P 316 -39.92 -17.60 60.38
N SER P 317 -38.68 -17.15 60.50
CA SER P 317 -37.99 -17.16 61.78
C SER P 317 -37.36 -15.82 62.07
N PHE P 318 -37.60 -15.32 63.28
CA PHE P 318 -37.17 -14.01 63.72
C PHE P 318 -36.25 -14.19 64.91
N GLU P 319 -35.03 -13.64 64.83
CA GLU P 319 -34.03 -13.78 65.91
C GLU P 319 -33.49 -12.42 66.31
N GLY P 320 -32.50 -12.38 67.21
CA GLY P 320 -31.99 -11.13 67.78
C GLY P 320 -33.00 -10.50 68.73
N LEU P 321 -33.81 -11.34 69.36
CA LEU P 321 -34.82 -10.92 70.31
C LEU P 321 -34.78 -11.92 71.45
N SER P 322 -35.59 -11.70 72.47
CA SER P 322 -35.73 -12.63 73.58
C SER P 322 -37.20 -12.98 73.74
N LEU P 323 -37.49 -14.13 74.33
CA LEU P 323 -38.85 -14.52 74.60
C LEU P 323 -39.55 -13.49 75.48
N SER P 324 -38.79 -12.92 76.41
CA SER P 324 -39.24 -11.84 77.29
C SER P 324 -39.77 -10.65 76.49
N THR P 325 -38.92 -10.10 75.63
CA THR P 325 -39.25 -8.93 74.84
C THR P 325 -40.32 -9.23 73.79
N PHE P 326 -40.26 -10.40 73.17
CA PHE P 326 -41.27 -10.77 72.18
C PHE P 326 -42.64 -11.01 72.80
N ALA P 327 -42.69 -11.74 73.91
CA ALA P 327 -43.95 -12.00 74.60
C ALA P 327 -44.62 -10.72 75.07
N ALA P 328 -43.83 -9.80 75.61
CA ALA P 328 -44.33 -8.48 76.05
C ALA P 328 -44.82 -7.62 74.89
N ALA P 329 -44.04 -7.56 73.81
CA ALA P 329 -44.46 -6.81 72.63
C ALA P 329 -45.71 -7.41 71.99
N LEU P 330 -45.80 -8.73 71.91
CA LEU P 330 -46.98 -9.38 71.37
C LEU P 330 -48.20 -9.17 72.26
N ALA P 331 -48.02 -9.18 73.58
CA ALA P 331 -49.09 -8.87 74.52
C ALA P 331 -49.71 -7.49 74.26
N GLU P 332 -48.87 -6.49 73.98
CA GLU P 332 -49.31 -5.11 73.75
C GLU P 332 -50.15 -4.93 72.47
N LYS P 333 -50.00 -5.83 71.49
CA LYS P 333 -50.73 -5.79 70.23
C LYS P 333 -51.66 -6.99 70.03
N ALA P 334 -51.84 -7.81 71.06
CA ALA P 334 -52.52 -9.09 70.90
C ALA P 334 -53.99 -8.86 70.62
N PRO P 335 -54.60 -9.69 69.76
CA PRO P 335 -56.05 -9.71 69.66
C PRO P 335 -56.65 -10.55 70.77
N SER P 336 -57.94 -10.35 71.04
CA SER P 336 -58.68 -11.16 72.01
C SER P 336 -59.06 -12.48 71.38
N ARG P 337 -58.71 -13.59 72.01
CA ARG P 337 -59.04 -14.93 71.52
C ARG P 337 -59.52 -15.85 72.65
N PRO P 338 -60.70 -15.55 73.23
CA PRO P 338 -61.17 -16.28 74.42
C PRO P 338 -61.91 -17.61 74.17
N ALA P 339 -62.08 -18.03 72.90
CA ALA P 339 -62.93 -19.19 72.59
C ALA P 339 -62.59 -20.50 73.33
N THR P 340 -61.31 -20.77 73.56
CA THR P 340 -60.88 -22.01 74.26
C THR P 340 -61.11 -21.99 75.78
N THR P 341 -61.40 -20.81 76.34
CA THR P 341 -61.71 -20.68 77.78
C THR P 341 -63.19 -20.89 78.11
N GLN P 342 -64.05 -20.88 77.08
CA GLN P 342 -65.52 -20.93 77.26
C GLN P 342 -66.03 -22.38 77.41
N GLY P 343 -66.76 -22.66 78.49
CA GLY P 343 -67.30 -24.00 78.77
C GLY P 343 -66.38 -24.89 79.59
N THR P 344 -65.09 -24.89 79.25
CA THR P 344 -64.08 -25.72 79.93
C THR P 344 -63.70 -25.17 81.31
N GLN P 345 -63.22 -26.06 82.18
CA GLN P 345 -62.79 -25.72 83.54
C GLN P 345 -61.35 -26.18 83.77
N ALA P 346 -60.70 -25.65 84.81
CA ALA P 346 -59.38 -26.14 85.22
C ALA P 346 -59.51 -27.54 85.81
N PRO P 347 -58.50 -28.41 85.60
CA PRO P 347 -58.61 -29.78 86.14
C PRO P 347 -58.48 -29.79 87.66
N VAL P 348 -59.05 -30.82 88.28
CA VAL P 348 -59.00 -31.02 89.72
C VAL P 348 -58.25 -32.32 89.99
N LEU P 349 -57.79 -32.50 91.23
CA LEU P 349 -57.12 -33.73 91.64
C LEU P 349 -58.06 -34.91 91.41
N GLY P 350 -59.27 -34.77 91.95
CA GLY P 350 -60.32 -35.76 91.76
C GLY P 350 -60.10 -37.08 92.47
N ILE P 351 -59.47 -37.04 93.65
CA ILE P 351 -59.27 -38.22 94.50
C ILE P 351 -60.05 -38.01 95.80
N GLU P 352 -60.97 -38.93 96.09
CA GLU P 352 -61.71 -38.94 97.36
C GLU P 352 -60.86 -39.53 98.46
N ALA P 353 -61.05 -39.02 99.67
CA ALA P 353 -60.34 -39.51 100.86
C ALA P 353 -60.58 -41.00 101.06
N ALA P 354 -59.54 -41.72 101.46
CA ALA P 354 -59.66 -43.15 101.70
C ALA P 354 -60.16 -43.41 103.12
N GLU P 355 -60.48 -44.67 103.38
N GLU P 355 -60.51 -44.66 103.39
CA GLU P 355 -60.82 -45.14 104.72
CA GLU P 355 -60.85 -45.10 104.74
C GLU P 355 -59.55 -45.10 105.57
C GLU P 355 -59.58 -45.09 105.59
N PRO P 356 -59.50 -44.22 106.61
CA PRO P 356 -58.27 -43.99 107.40
C PRO P 356 -57.34 -45.18 107.67
N ASN P 357 -57.90 -46.34 108.01
CA ASN P 357 -57.13 -47.54 108.37
C ASN P 357 -56.95 -48.61 107.28
N ALA P 358 -57.43 -48.34 106.07
CA ALA P 358 -57.16 -49.23 104.92
C ALA P 358 -55.67 -49.10 104.54
N PRO P 359 -55.07 -50.16 103.95
CA PRO P 359 -53.65 -50.04 103.54
C PRO P 359 -53.41 -48.85 102.58
N LEU P 360 -52.29 -48.15 102.77
CA LEU P 360 -52.04 -46.89 102.07
C LEU P 360 -51.99 -47.12 100.56
N THR P 361 -52.70 -46.29 99.81
CA THR P 361 -52.66 -46.34 98.35
C THR P 361 -51.89 -45.16 97.81
N ASN P 362 -51.48 -45.30 96.55
CA ASN P 362 -50.76 -44.27 95.84
C ASN P 362 -51.61 -43.03 95.73
N ASP P 363 -52.90 -43.23 95.43
CA ASP P 363 -53.89 -42.15 95.39
C ASP P 363 -54.03 -41.41 96.72
N GLU P 364 -54.17 -42.16 97.81
CA GLU P 364 -54.32 -41.56 99.16
C GLU P 364 -53.07 -40.78 99.58
N MET P 365 -51.89 -41.34 99.30
CA MET P 365 -50.61 -40.64 99.50
C MET P 365 -50.55 -39.37 98.65
N THR P 366 -50.92 -39.48 97.39
CA THR P 366 -50.94 -38.33 96.48
C THR P 366 -51.90 -37.25 96.98
N ARG P 367 -53.05 -37.67 97.49
CA ARG P 367 -54.06 -36.73 97.99
C ARG P 367 -53.53 -35.90 99.15
N GLN P 368 -52.87 -36.54 100.12
CA GLN P 368 -52.36 -35.83 101.30
C GLN P 368 -51.15 -34.93 101.02
N ILE P 369 -50.27 -35.33 100.09
CA ILE P 369 -49.13 -34.49 99.70
C ILE P 369 -49.62 -33.23 99.00
N GLN P 370 -50.64 -33.36 98.14
CA GLN P 370 -51.27 -32.21 97.47
C GLN P 370 -51.80 -31.18 98.48
N SER P 371 -52.38 -31.65 99.59
CA SER P 371 -52.83 -30.76 100.69
C SER P 371 -51.72 -29.96 101.36
N LEU P 372 -50.50 -30.50 101.37
CA LEU P 372 -49.33 -29.82 101.95
C LEU P 372 -48.76 -28.67 101.14
N ILE P 373 -49.20 -28.48 99.89
CA ILE P 373 -48.58 -27.52 99.00
C ILE P 373 -49.28 -26.16 99.12
N THR P 374 -48.54 -25.19 99.64
CA THR P 374 -48.99 -23.81 99.79
C THR P 374 -48.34 -22.97 98.72
N SER P 375 -48.67 -21.68 98.71
CA SER P 375 -48.02 -20.73 97.80
C SER P 375 -46.53 -20.44 98.08
N ASP P 376 -46.04 -20.78 99.29
N ASP P 376 -46.04 -20.79 99.28
CA ASP P 376 -44.60 -20.68 99.58
CA ASP P 376 -44.61 -20.70 99.59
C ASP P 376 -43.95 -22.06 99.76
C ASP P 376 -43.98 -22.07 99.79
N THR P 377 -44.44 -23.07 99.03
CA THR P 377 -43.90 -24.44 99.08
C THR P 377 -43.03 -24.71 97.85
N THR P 378 -41.96 -25.47 98.03
CA THR P 378 -41.19 -26.01 96.88
C THR P 378 -41.26 -27.52 96.98
N LEU P 379 -41.73 -28.15 95.91
CA LEU P 379 -41.86 -29.59 95.82
C LEU P 379 -40.81 -30.08 94.82
N THR P 380 -39.89 -30.92 95.29
CA THR P 380 -38.88 -31.57 94.45
C THR P 380 -39.38 -33.00 94.16
N ALA P 381 -39.55 -33.35 92.87
CA ALA P 381 -40.11 -34.65 92.47
C ALA P 381 -39.13 -35.44 91.62
N GLU P 382 -38.75 -36.60 92.12
CA GLU P 382 -37.74 -37.48 91.53
C GLU P 382 -38.25 -38.24 90.31
N THR P 383 -37.32 -38.58 89.42
CA THR P 383 -37.59 -39.52 88.33
C THR P 383 -38.08 -40.84 88.90
N GLY P 384 -39.22 -41.30 88.42
CA GLY P 384 -39.92 -42.43 89.00
C GLY P 384 -41.42 -42.19 88.84
N ASP P 385 -42.24 -42.95 89.56
CA ASP P 385 -43.69 -42.71 89.52
C ASP P 385 -44.05 -41.34 90.11
N SER P 386 -43.19 -40.80 90.97
CA SER P 386 -43.31 -39.43 91.47
C SER P 386 -43.46 -38.35 90.39
N TRP P 387 -42.84 -38.55 89.21
CA TRP P 387 -43.11 -37.70 88.04
C TRP P 387 -44.60 -37.63 87.74
N PHE P 388 -45.23 -38.81 87.72
CA PHE P 388 -46.64 -38.93 87.36
C PHE P 388 -47.58 -38.49 88.48
N ASN P 389 -47.20 -38.76 89.73
CA ASN P 389 -47.95 -38.26 90.89
C ASN P 389 -47.92 -36.73 90.96
N ALA P 390 -46.72 -36.15 90.87
CA ALA P 390 -46.58 -34.69 90.79
C ALA P 390 -47.37 -34.07 89.64
N SER P 391 -47.33 -34.71 88.47
N SER P 391 -47.36 -34.70 88.46
CA SER P 391 -48.03 -34.28 87.25
CA SER P 391 -48.01 -34.12 87.28
C SER P 391 -49.54 -34.06 87.38
C SER P 391 -49.56 -34.09 87.31
N ARG P 392 -50.18 -34.85 88.22
CA ARG P 392 -51.65 -34.78 88.44
C ARG P 392 -52.05 -34.02 89.73
N MET P 393 -51.12 -33.32 90.38
CA MET P 393 -51.45 -32.46 91.53
C MET P 393 -51.68 -31.03 91.07
N PRO P 394 -52.88 -30.46 91.29
CA PRO P 394 -52.99 -29.00 91.20
C PRO P 394 -52.15 -28.32 92.30
N ILE P 395 -51.63 -27.14 92.01
CA ILE P 395 -50.85 -26.39 92.97
C ILE P 395 -51.29 -24.93 92.92
N PRO P 396 -51.32 -24.26 94.08
CA PRO P 396 -51.67 -22.85 94.09
C PRO P 396 -50.56 -22.00 93.47
N GLY P 397 -50.93 -20.79 93.07
CA GLY P 397 -49.99 -19.85 92.47
C GLY P 397 -48.90 -19.47 93.46
N GLY P 398 -47.66 -19.36 92.96
CA GLY P 398 -46.49 -19.14 93.81
C GLY P 398 -45.76 -20.40 94.21
N ALA P 399 -46.46 -21.54 94.29
CA ALA P 399 -45.82 -22.84 94.54
C ALA P 399 -44.81 -23.17 93.45
N ARG P 400 -43.75 -23.87 93.84
CA ARG P 400 -42.65 -24.22 92.96
C ARG P 400 -42.50 -25.75 92.90
N VAL P 401 -42.34 -26.27 91.69
CA VAL P 401 -42.09 -27.69 91.48
C VAL P 401 -40.78 -27.82 90.74
N GLU P 402 -39.91 -28.68 91.26
CA GLU P 402 -38.65 -28.96 90.63
C GLU P 402 -38.65 -30.39 90.07
N LEU P 403 -38.40 -30.46 88.77
CA LEU P 403 -38.32 -31.71 88.02
C LEU P 403 -37.03 -31.67 87.21
N GLU P 404 -36.47 -32.86 86.97
CA GLU P 404 -35.22 -33.02 86.22
C GLU P 404 -35.53 -34.03 85.11
N MET P 405 -36.46 -33.65 84.23
CA MET P 405 -36.99 -34.54 83.18
C MET P 405 -36.16 -34.65 81.90
N GLN P 406 -35.16 -33.79 81.71
CA GLN P 406 -34.24 -33.92 80.58
C GLN P 406 -33.04 -34.83 80.95
N TRP P 407 -32.38 -34.55 82.07
CA TRP P 407 -31.26 -35.38 82.54
C TRP P 407 -31.79 -36.70 83.12
N GLY P 408 -32.67 -36.62 84.10
CA GLY P 408 -33.32 -37.81 84.66
C GLY P 408 -32.42 -38.75 85.42
N HIS P 409 -31.48 -38.21 86.19
CA HIS P 409 -30.56 -38.98 87.02
C HIS P 409 -31.26 -39.36 88.31
N ILE P 410 -31.48 -40.65 88.55
CA ILE P 410 -32.17 -41.04 89.78
C ILE P 410 -31.24 -40.76 90.96
N GLY P 411 -31.83 -40.32 92.06
CA GLY P 411 -31.07 -39.85 93.22
C GLY P 411 -30.79 -38.36 93.26
N TRP P 412 -31.04 -37.67 92.14
CA TRP P 412 -30.88 -36.22 92.03
C TRP P 412 -31.64 -35.48 93.12
N SER P 413 -32.85 -35.95 93.43
CA SER P 413 -33.78 -35.25 94.30
C SER P 413 -33.29 -35.01 95.72
N VAL P 414 -32.53 -35.94 96.29
CA VAL P 414 -32.07 -35.78 97.68
C VAL P 414 -31.09 -34.60 97.84
N PRO P 415 -29.93 -34.63 97.15
CA PRO P 415 -29.03 -33.48 97.23
C PRO P 415 -29.60 -32.20 96.60
N SER P 416 -30.39 -32.32 95.54
CA SER P 416 -31.03 -31.15 94.92
C SER P 416 -31.98 -30.45 95.93
N ALA P 417 -32.83 -31.22 96.61
CA ALA P 417 -33.70 -30.65 97.65
C ALA P 417 -32.89 -30.01 98.78
N PHE P 418 -31.80 -30.67 99.17
CA PHE P 418 -30.89 -30.13 100.19
C PHE P 418 -30.39 -28.73 99.81
N GLY P 419 -29.85 -28.60 98.61
CA GLY P 419 -29.32 -27.33 98.14
C GLY P 419 -30.39 -26.28 97.90
N ASN P 420 -31.53 -26.72 97.42
CA ASN P 420 -32.66 -25.83 97.21
C ASN P 420 -33.16 -25.24 98.55
N ALA P 421 -33.27 -26.11 99.56
CA ALA P 421 -33.68 -25.67 100.91
C ALA P 421 -32.65 -24.77 101.60
N VAL P 422 -31.36 -25.03 101.37
CA VAL P 422 -30.30 -24.13 101.86
C VAL P 422 -30.40 -22.75 101.22
N GLY P 423 -30.77 -22.70 99.94
CA GLY P 423 -30.89 -21.47 99.18
C GLY P 423 -32.20 -20.69 99.31
N SER P 424 -33.27 -21.36 99.76
CA SER P 424 -34.57 -20.72 99.97
C SER P 424 -35.21 -21.20 101.31
N PRO P 425 -34.54 -20.92 102.46
CA PRO P 425 -34.97 -21.44 103.78
C PRO P 425 -36.31 -20.90 104.33
N GLU P 426 -36.79 -19.80 103.78
CA GLU P 426 -38.10 -19.23 104.09
C GLU P 426 -39.29 -20.08 103.55
N ARG P 427 -39.03 -21.01 102.64
CA ARG P 427 -40.09 -21.79 102.01
C ARG P 427 -40.27 -23.11 102.72
N ARG P 428 -41.45 -23.69 102.57
CA ARG P 428 -41.71 -25.06 102.96
C ARG P 428 -41.18 -25.99 101.87
N HIS P 429 -40.31 -26.92 102.25
CA HIS P 429 -39.65 -27.82 101.30
C HIS P 429 -40.10 -29.26 101.46
N ILE P 430 -40.70 -29.78 100.38
CA ILE P 430 -41.24 -31.13 100.27
C ILE P 430 -40.49 -31.87 99.17
N MET P 431 -40.31 -33.18 99.39
CA MET P 431 -39.58 -34.09 98.52
C MET P 431 -40.38 -35.36 98.26
N MET P 432 -40.50 -35.80 97.01
CA MET P 432 -41.01 -37.15 96.72
C MET P 432 -39.93 -37.92 96.00
N VAL P 433 -39.52 -39.05 96.56
CA VAL P 433 -38.43 -39.85 96.02
C VAL P 433 -38.72 -41.31 96.20
N GLY P 434 -38.49 -42.11 95.15
CA GLY P 434 -38.64 -43.55 95.23
C GLY P 434 -37.52 -44.20 96.02
N ASP P 435 -37.74 -45.46 96.39
CA ASP P 435 -36.75 -46.27 97.12
C ASP P 435 -35.46 -46.51 96.33
N GLY P 436 -35.59 -46.81 95.05
CA GLY P 436 -34.43 -46.99 94.16
C GLY P 436 -33.54 -45.76 94.11
N SER P 437 -34.16 -44.61 93.83
CA SER P 437 -33.47 -43.34 93.73
C SER P 437 -32.74 -42.97 95.00
N PHE P 438 -33.42 -43.16 96.11
CA PHE P 438 -32.89 -42.79 97.42
C PHE P 438 -31.57 -43.48 97.71
N GLN P 439 -31.42 -44.73 97.28
CA GLN P 439 -30.20 -45.50 97.53
C GLN P 439 -28.94 -44.99 96.82
N LEU P 440 -29.07 -44.23 95.73
CA LEU P 440 -27.88 -43.65 95.07
C LEU P 440 -27.25 -42.52 95.87
N THR P 441 -28.06 -41.74 96.58
CA THR P 441 -27.62 -40.50 97.22
C THR P 441 -28.11 -40.30 98.67
N ALA P 442 -28.44 -41.39 99.36
CA ALA P 442 -29.06 -41.33 100.71
C ALA P 442 -28.24 -40.55 101.74
N GLN P 443 -26.91 -40.63 101.64
CA GLN P 443 -26.03 -39.96 102.62
C GLN P 443 -26.18 -38.44 102.73
N GLU P 444 -26.75 -37.79 101.73
CA GLU P 444 -26.95 -36.35 101.81
C GLU P 444 -28.09 -35.94 102.77
N VAL P 445 -28.92 -36.90 103.19
CA VAL P 445 -29.86 -36.68 104.29
C VAL P 445 -29.07 -36.36 105.58
N ALA P 446 -27.92 -37.02 105.77
CA ALA P 446 -27.03 -36.68 106.88
C ALA P 446 -26.58 -35.21 106.86
N GLN P 447 -26.34 -34.66 105.67
CA GLN P 447 -26.04 -33.22 105.54
C GLN P 447 -27.24 -32.32 105.85
N MET P 448 -28.45 -32.73 105.46
CA MET P 448 -29.68 -32.04 105.89
C MET P 448 -29.75 -31.97 107.41
N ILE P 449 -29.37 -33.06 108.07
CA ILE P 449 -29.32 -33.14 109.52
C ILE P 449 -28.23 -32.22 110.10
N ARG P 450 -27.02 -32.29 109.55
CA ARG P 450 -25.91 -31.43 110.01
C ARG P 450 -26.26 -29.94 109.97
N TYR P 451 -26.88 -29.49 108.89
CA TYR P 451 -27.17 -28.07 108.67
C TYR P 451 -28.58 -27.65 109.11
N GLU P 452 -29.34 -28.61 109.65
CA GLU P 452 -30.66 -28.39 110.23
C GLU P 452 -31.65 -27.93 109.18
N ILE P 453 -31.76 -28.70 108.11
CA ILE P 453 -32.58 -28.32 106.97
C ILE P 453 -33.87 -29.13 107.02
N PRO P 454 -35.01 -28.47 107.26
CA PRO P 454 -36.25 -29.21 107.49
C PRO P 454 -37.01 -29.59 106.21
N VAL P 455 -36.40 -30.43 105.38
CA VAL P 455 -37.09 -31.00 104.21
C VAL P 455 -37.97 -32.15 104.66
N ILE P 456 -39.20 -32.18 104.18
CA ILE P 456 -40.09 -33.32 104.42
C ILE P 456 -39.96 -34.27 103.24
N ILE P 457 -39.49 -35.49 103.51
CA ILE P 457 -39.17 -36.47 102.49
C ILE P 457 -40.21 -37.59 102.51
N PHE P 458 -41.02 -37.65 101.46
CA PHE P 458 -41.87 -38.80 101.23
C PHE P 458 -41.08 -39.81 100.40
N LEU P 459 -40.64 -40.87 101.08
CA LEU P 459 -39.96 -42.00 100.49
C LEU P 459 -41.01 -43.03 100.10
N ILE P 460 -41.22 -43.25 98.80
CA ILE P 460 -42.19 -44.23 98.32
C ILE P 460 -41.51 -45.59 98.23
N ASN P 461 -41.72 -46.44 99.23
CA ASN P 461 -41.17 -47.79 99.24
C ASN P 461 -42.12 -48.77 98.55
N ASN P 462 -41.94 -48.94 97.24
CA ASN P 462 -42.67 -49.92 96.45
C ASN P 462 -41.84 -51.16 96.07
N ARG P 463 -40.67 -51.31 96.71
CA ARG P 463 -39.82 -52.49 96.58
C ARG P 463 -39.25 -52.68 95.16
N GLY P 464 -38.71 -51.60 94.59
CA GLY P 464 -38.01 -51.70 93.30
C GLY P 464 -38.19 -50.50 92.38
N TYR P 465 -37.69 -50.68 91.16
CA TYR P 465 -37.73 -49.69 90.11
C TYR P 465 -39.04 -49.84 89.30
N VAL P 466 -40.12 -49.30 89.82
CA VAL P 466 -41.46 -49.52 89.23
C VAL P 466 -41.66 -48.86 87.85
N ILE P 467 -41.08 -47.69 87.67
CA ILE P 467 -41.05 -47.07 86.34
C ILE P 467 -40.33 -47.97 85.29
N GLU P 468 -39.23 -48.61 85.70
CA GLU P 468 -38.49 -49.53 84.81
C GLU P 468 -39.24 -50.84 84.57
N ILE P 469 -39.97 -51.31 85.58
CA ILE P 469 -40.88 -52.46 85.42
C ILE P 469 -41.96 -52.17 84.35
N ALA P 470 -42.46 -50.94 84.35
CA ALA P 470 -43.46 -50.51 83.37
C ALA P 470 -42.90 -50.40 81.93
N ILE P 471 -41.59 -50.22 81.79
CA ILE P 471 -40.92 -50.20 80.48
C ILE P 471 -40.61 -51.64 80.02
N HIS P 472 -39.75 -52.33 80.76
CA HIS P 472 -39.33 -53.71 80.46
C HIS P 472 -38.89 -54.42 81.76
N ASP P 473 -39.63 -55.44 82.17
CA ASP P 473 -39.36 -56.15 83.44
C ASP P 473 -38.20 -57.15 83.36
N GLY P 474 -37.50 -57.29 84.48
CA GLY P 474 -36.46 -58.30 84.63
C GLY P 474 -35.85 -58.18 86.01
N PRO P 475 -34.96 -59.12 86.40
CA PRO P 475 -34.38 -59.14 87.75
C PRO P 475 -33.61 -57.88 88.19
N TYR P 476 -33.06 -57.17 87.21
CA TYR P 476 -32.36 -55.89 87.44
C TYR P 476 -33.22 -54.78 88.09
N ASN P 477 -34.54 -54.95 88.09
CA ASN P 477 -35.49 -54.00 88.69
C ASN P 477 -35.80 -54.15 90.19
N TYR P 478 -35.25 -55.17 90.85
CA TYR P 478 -35.57 -55.47 92.23
C TYR P 478 -34.33 -55.28 93.06
N ILE P 479 -34.50 -54.59 94.19
CA ILE P 479 -33.41 -54.11 95.01
C ILE P 479 -33.53 -54.66 96.42
N LYS P 480 -32.43 -54.60 97.15
CA LYS P 480 -32.42 -54.86 98.59
C LYS P 480 -33.25 -53.78 99.30
N ASN P 481 -34.21 -54.20 100.11
CA ASN P 481 -34.97 -53.30 100.97
C ASN P 481 -34.13 -52.84 102.16
N TRP P 482 -34.25 -51.55 102.50
CA TRP P 482 -33.68 -50.99 103.73
C TRP P 482 -34.81 -50.61 104.68
N ASN P 483 -34.49 -50.48 105.96
CA ASN P 483 -35.33 -49.79 106.91
C ASN P 483 -35.06 -48.29 106.76
N TYR P 484 -35.74 -47.68 105.80
CA TYR P 484 -35.46 -46.31 105.40
C TYR P 484 -35.70 -45.32 106.56
N ALA P 485 -36.81 -45.47 107.27
CA ALA P 485 -37.09 -44.67 108.47
C ALA P 485 -35.97 -44.75 109.52
N GLY P 486 -35.42 -45.96 109.73
CA GLY P 486 -34.33 -46.19 110.69
C GLY P 486 -33.01 -45.50 110.39
N LEU P 487 -32.78 -45.19 109.12
CA LEU P 487 -31.57 -44.53 108.68
C LEU P 487 -31.40 -43.16 109.33
N ILE P 488 -32.51 -42.49 109.64
CA ILE P 488 -32.46 -41.16 110.24
C ILE P 488 -31.75 -41.16 111.59
N ASP P 489 -32.06 -42.14 112.45
CA ASP P 489 -31.36 -42.29 113.75
C ASP P 489 -29.87 -42.56 113.61
N VAL P 490 -29.49 -43.37 112.63
CA VAL P 490 -28.07 -43.63 112.33
C VAL P 490 -27.33 -42.32 111.99
N PHE P 491 -27.92 -41.51 111.12
CA PHE P 491 -27.37 -40.20 110.77
C PHE P 491 -27.42 -39.17 111.89
N ASN P 492 -28.48 -39.21 112.71
CA ASN P 492 -28.54 -38.33 113.90
C ASN P 492 -27.37 -38.54 114.84
N ASP P 493 -27.09 -39.81 115.13
CA ASP P 493 -26.12 -40.21 116.16
C ASP P 493 -26.53 -39.56 117.50
N GLU P 494 -25.71 -38.70 118.10
CA GLU P 494 -26.04 -38.11 119.41
C GLU P 494 -26.74 -36.75 119.33
N ASP P 495 -26.46 -35.94 118.30
CA ASP P 495 -26.90 -34.52 118.27
C ASP P 495 -27.92 -34.07 117.18
N GLY P 496 -28.15 -34.88 116.14
CA GLY P 496 -29.08 -34.53 115.07
C GLY P 496 -30.55 -34.52 115.45
N HIS P 497 -31.34 -33.73 114.71
CA HIS P 497 -32.78 -33.59 114.95
C HIS P 497 -33.63 -34.06 113.77
N GLY P 498 -33.08 -35.01 113.00
CA GLY P 498 -33.84 -35.69 111.98
C GLY P 498 -34.90 -36.60 112.58
N LEU P 499 -35.99 -36.80 111.85
CA LEU P 499 -37.09 -37.66 112.26
C LEU P 499 -37.37 -38.70 111.17
N GLY P 500 -37.48 -39.96 111.54
CA GLY P 500 -37.82 -41.04 110.61
C GLY P 500 -39.13 -41.71 111.03
N LEU P 501 -40.09 -41.77 110.10
CA LEU P 501 -41.45 -42.26 110.38
C LEU P 501 -41.92 -43.24 109.31
N LYS P 502 -42.67 -44.26 109.73
CA LYS P 502 -43.33 -45.18 108.78
C LYS P 502 -44.81 -44.82 108.61
N ALA P 503 -45.34 -45.04 107.41
CA ALA P 503 -46.76 -44.84 107.10
C ALA P 503 -47.28 -45.93 106.17
N SER P 504 -48.13 -46.80 106.68
CA SER P 504 -48.79 -47.83 105.86
C SER P 504 -50.33 -47.68 105.81
N THR P 505 -50.85 -46.58 106.36
CA THR P 505 -52.28 -46.25 106.23
C THR P 505 -52.44 -44.75 106.09
N GLY P 506 -53.60 -44.33 105.61
CA GLY P 506 -53.96 -42.92 105.51
C GLY P 506 -53.89 -42.16 106.82
N ALA P 507 -54.28 -42.82 107.91
CA ALA P 507 -54.22 -42.23 109.27
C ALA P 507 -52.78 -42.08 109.76
N GLU P 508 -51.96 -43.11 109.55
CA GLU P 508 -50.53 -43.05 109.89
C GLU P 508 -49.81 -41.96 109.08
N LEU P 509 -50.19 -41.80 107.81
CA LEU P 509 -49.63 -40.75 106.96
C LEU P 509 -50.03 -39.37 107.47
N GLU P 510 -51.30 -39.23 107.85
CA GLU P 510 -51.80 -37.97 108.41
C GLU P 510 -51.02 -37.54 109.66
N GLY P 511 -50.87 -38.46 110.60
CA GLY P 511 -50.09 -38.23 111.82
C GLY P 511 -48.63 -37.91 111.53
N ALA P 512 -48.03 -38.65 110.60
CA ALA P 512 -46.63 -38.44 110.22
C ALA P 512 -46.42 -37.05 109.62
N ILE P 513 -47.32 -36.65 108.73
CA ILE P 513 -47.27 -35.32 108.13
C ILE P 513 -47.29 -34.21 109.20
N LYS P 514 -48.19 -34.32 110.18
CA LYS P 514 -48.25 -33.33 111.29
C LYS P 514 -46.93 -33.22 112.08
N LYS P 515 -46.34 -34.36 112.42
CA LYS P 515 -45.02 -34.39 113.09
C LYS P 515 -43.92 -33.74 112.24
N ALA P 516 -43.96 -33.98 110.93
CA ALA P 516 -42.99 -33.40 109.99
C ALA P 516 -43.04 -31.89 109.95
N LEU P 517 -44.25 -31.34 109.81
CA LEU P 517 -44.47 -29.89 109.86
C LEU P 517 -43.88 -29.23 111.12
N ASP P 518 -43.98 -29.91 112.26
CA ASP P 518 -43.47 -29.38 113.53
C ASP P 518 -41.99 -29.71 113.80
N ASN P 519 -41.36 -30.54 112.97
CA ASN P 519 -39.93 -30.76 113.06
C ASN P 519 -39.23 -29.68 112.24
N ARG P 520 -38.71 -28.65 112.91
CA ARG P 520 -38.13 -27.49 112.25
C ARG P 520 -36.60 -27.44 112.27
N ARG P 521 -35.96 -28.37 112.97
CA ARG P 521 -34.50 -28.40 113.12
C ARG P 521 -33.81 -29.56 112.35
N GLY P 522 -34.56 -30.28 111.52
CA GLY P 522 -34.00 -31.39 110.78
C GLY P 522 -34.99 -31.92 109.79
N PRO P 523 -34.53 -32.78 108.87
CA PRO P 523 -35.43 -33.35 107.89
C PRO P 523 -36.33 -34.40 108.53
N THR P 524 -37.48 -34.65 107.92
CA THR P 524 -38.36 -35.71 108.31
C THR P 524 -38.53 -36.65 107.14
N LEU P 525 -38.16 -37.91 107.31
CA LEU P 525 -38.35 -38.93 106.31
C LEU P 525 -39.56 -39.79 106.65
N ILE P 526 -40.58 -39.77 105.79
CA ILE P 526 -41.78 -40.57 105.94
C ILE P 526 -41.77 -41.72 104.93
N GLU P 527 -41.51 -42.94 105.39
CA GLU P 527 -41.45 -44.12 104.52
C GLU P 527 -42.87 -44.61 104.27
N CYS P 528 -43.38 -44.36 103.07
CA CYS P 528 -44.71 -44.80 102.67
C CYS P 528 -44.66 -46.20 102.04
N ASN P 529 -45.42 -47.12 102.63
CA ASN P 529 -45.56 -48.49 102.13
C ASN P 529 -46.62 -48.49 101.03
N ILE P 530 -46.17 -48.48 99.78
CA ILE P 530 -47.05 -48.54 98.62
C ILE P 530 -46.76 -49.85 97.92
N ALA P 531 -47.82 -50.54 97.48
CA ALA P 531 -47.65 -51.81 96.79
C ALA P 531 -46.98 -51.58 95.44
N GLN P 532 -46.14 -52.53 95.05
CA GLN P 532 -45.43 -52.50 93.77
C GLN P 532 -46.38 -52.42 92.59
N ASP P 533 -47.54 -53.08 92.74
CA ASP P 533 -48.60 -53.15 91.73
C ASP P 533 -49.44 -51.85 91.61
N ASP P 534 -49.33 -50.95 92.59
CA ASP P 534 -50.19 -49.78 92.71
C ASP P 534 -49.43 -48.52 92.27
N CYS P 535 -49.26 -48.40 90.96
CA CYS P 535 -48.66 -47.21 90.34
C CYS P 535 -49.71 -46.52 89.47
N THR P 536 -49.43 -45.30 89.04
CA THR P 536 -50.37 -44.55 88.21
C THR P 536 -50.66 -45.28 86.89
N GLU P 537 -51.89 -45.14 86.40
CA GLU P 537 -52.27 -45.68 85.10
C GLU P 537 -51.60 -44.88 83.96
N THR P 538 -51.34 -43.60 84.18
CA THR P 538 -50.58 -42.78 83.22
C THR P 538 -49.14 -43.30 83.01
N LEU P 539 -48.49 -43.79 84.06
CA LEU P 539 -47.15 -44.39 83.94
C LEU P 539 -47.15 -45.64 83.07
N ILE P 540 -48.13 -46.51 83.28
CA ILE P 540 -48.24 -47.74 82.51
C ILE P 540 -48.44 -47.41 81.02
N ALA P 541 -49.29 -46.44 80.72
CA ALA P 541 -49.53 -46.03 79.31
C ALA P 541 -48.27 -45.41 78.69
N TRP P 542 -47.66 -44.47 79.42
CA TRP P 542 -46.43 -43.81 78.98
C TRP P 542 -45.28 -44.80 78.75
N GLY P 543 -45.06 -45.69 79.72
CA GLY P 543 -44.00 -46.68 79.68
C GLY P 543 -44.04 -47.67 78.51
N LYS P 544 -45.24 -48.04 78.07
CA LYS P 544 -45.41 -48.85 76.86
C LYS P 544 -44.98 -48.10 75.60
N ARG P 545 -45.35 -46.83 75.50
CA ARG P 545 -44.93 -46.00 74.37
C ARG P 545 -43.42 -45.76 74.35
N VAL P 546 -42.81 -45.59 75.51
CA VAL P 546 -41.36 -45.48 75.64
C VAL P 546 -40.65 -46.77 75.23
N ALA P 547 -41.10 -47.92 75.74
CA ALA P 547 -40.50 -49.22 75.40
C ALA P 547 -40.53 -49.53 73.90
N ALA P 548 -41.62 -49.15 73.22
CA ALA P 548 -41.79 -49.39 71.78
C ALA P 548 -40.89 -48.48 70.92
N THR P 549 -40.74 -47.23 71.35
CA THR P 549 -39.87 -46.26 70.67
C THR P 549 -38.37 -46.62 70.80
N ASN P 550 -37.95 -46.98 72.01
CA ASN P 550 -36.56 -47.38 72.26
C ASN P 550 -36.13 -48.65 71.53
N SER P 551 -37.02 -49.63 71.41
CA SER P 551 -36.69 -50.89 70.74
C SER P 551 -36.94 -50.89 69.22
N ARG P 552 -37.47 -49.81 68.65
CA ARG P 552 -37.79 -49.80 67.22
C ARG P 552 -36.55 -50.16 66.40
N LYS P 553 -36.73 -51.04 65.43
CA LYS P 553 -35.62 -51.75 64.81
C LYS P 553 -34.80 -50.86 63.87
N PRO P 554 -33.52 -51.20 63.65
CA PRO P 554 -32.72 -50.41 62.69
C PRO P 554 -33.25 -50.44 61.26
N GLN P 555 -32.90 -49.42 60.47
CA GLN P 555 -33.19 -49.39 59.02
C GLN P 555 -32.43 -50.48 58.27
N MET Q 1 61.67 14.87 -70.50
CA MET Q 1 61.48 13.42 -70.79
C MET Q 1 62.79 12.65 -70.52
N TYR Q 2 62.92 12.11 -69.32
CA TYR Q 2 64.03 11.22 -68.96
C TYR Q 2 63.54 9.76 -68.98
N THR Q 3 64.24 8.89 -69.71
CA THR Q 3 63.77 7.54 -69.97
C THR Q 3 64.62 6.45 -69.35
N VAL Q 4 64.09 5.23 -69.39
CA VAL Q 4 64.79 4.02 -68.96
C VAL Q 4 66.12 3.87 -69.70
N GLY Q 5 66.13 4.06 -71.02
CA GLY Q 5 67.35 3.97 -71.80
C GLY Q 5 68.39 5.00 -71.39
N MET Q 6 67.93 6.22 -71.09
CA MET Q 6 68.80 7.29 -70.60
C MET Q 6 69.36 6.97 -69.21
N TYR Q 7 68.54 6.37 -68.34
CA TYR Q 7 69.04 5.88 -67.06
C TYR Q 7 70.22 4.94 -67.28
N LEU Q 8 70.01 3.94 -68.14
CA LEU Q 8 71.06 2.97 -68.49
C LEU Q 8 72.29 3.66 -69.03
N ALA Q 9 72.07 4.57 -69.97
CA ALA Q 9 73.17 5.34 -70.58
C ALA Q 9 73.98 6.13 -69.56
N GLU Q 10 73.31 6.78 -68.61
CA GLU Q 10 74.02 7.58 -67.61
C GLU Q 10 74.83 6.69 -66.65
N ARG Q 11 74.27 5.57 -66.22
CA ARG Q 11 75.04 4.63 -65.40
C ARG Q 11 76.25 4.08 -66.13
N LEU Q 12 76.09 3.79 -67.42
CA LEU Q 12 77.22 3.29 -68.21
C LEU Q 12 78.35 4.33 -68.30
N ALA Q 13 77.98 5.60 -68.50
CA ALA Q 13 78.92 6.72 -68.47
C ALA Q 13 79.63 6.87 -67.11
N GLN Q 14 78.91 6.65 -66.02
CA GLN Q 14 79.49 6.70 -64.67
C GLN Q 14 80.49 5.57 -64.38
N ILE Q 15 80.42 4.46 -65.12
CA ILE Q 15 81.43 3.39 -65.04
C ILE Q 15 82.73 3.84 -65.69
N GLY Q 16 82.66 4.85 -66.57
CA GLY Q 16 83.79 5.33 -67.34
C GLY Q 16 83.80 4.83 -68.77
N LEU Q 17 82.64 4.37 -69.28
CA LEU Q 17 82.51 4.01 -70.69
C LEU Q 17 82.41 5.26 -71.54
N LYS Q 18 83.26 5.35 -72.56
CA LYS Q 18 83.21 6.40 -73.56
C LYS Q 18 82.53 5.91 -74.84
N HIS Q 19 82.39 4.58 -74.97
CA HIS Q 19 81.73 3.96 -76.11
C HIS Q 19 80.91 2.76 -75.65
N HIS Q 20 79.92 2.40 -76.46
CA HIS Q 20 79.26 1.10 -76.39
C HIS Q 20 79.03 0.56 -77.80
N PHE Q 21 78.86 -0.75 -77.91
CA PHE Q 21 78.85 -1.42 -79.20
C PHE Q 21 77.48 -1.99 -79.47
N ALA Q 22 77.01 -1.91 -80.71
CA ALA Q 22 75.66 -2.33 -81.03
C ALA Q 22 75.49 -2.88 -82.44
N VAL Q 23 74.48 -3.75 -82.58
CA VAL Q 23 73.91 -4.13 -83.86
C VAL Q 23 72.42 -3.89 -83.73
N ALA Q 24 71.87 -3.10 -84.64
CA ALA Q 24 70.47 -2.72 -84.60
C ALA Q 24 69.53 -3.88 -84.88
N GLY Q 25 68.34 -3.82 -84.29
CA GLY Q 25 67.22 -4.70 -84.58
C GLY Q 25 65.97 -4.04 -84.07
N ASP Q 26 64.80 -4.37 -84.63
CA ASP Q 26 63.56 -3.65 -84.24
C ASP Q 26 63.26 -3.70 -82.75
N TYR Q 27 63.66 -4.78 -82.06
CA TYR Q 27 63.48 -4.87 -80.60
C TYR Q 27 64.36 -3.90 -79.78
N ASN Q 28 65.43 -3.36 -80.37
CA ASN Q 28 66.33 -2.45 -79.65
C ASN Q 28 66.50 -1.02 -80.23
N LEU Q 29 65.69 -0.64 -81.22
CA LEU Q 29 65.89 0.65 -81.91
C LEU Q 29 65.59 1.85 -81.04
N VAL Q 30 64.49 1.78 -80.29
CA VAL Q 30 64.14 2.83 -79.34
C VAL Q 30 65.23 2.92 -78.26
N LEU Q 31 65.70 1.77 -77.78
CA LEU Q 31 66.78 1.75 -76.80
C LEU Q 31 68.03 2.42 -77.34
N LEU Q 32 68.40 2.08 -78.59
CA LEU Q 32 69.57 2.69 -79.20
C LEU Q 32 69.43 4.23 -79.33
N ASP Q 33 68.24 4.71 -79.66
CA ASP Q 33 67.94 6.14 -79.66
C ASP Q 33 68.21 6.81 -78.32
N GLN Q 34 67.80 6.17 -77.23
CA GLN Q 34 67.98 6.71 -75.88
C GLN Q 34 69.45 6.77 -75.52
N LEU Q 35 70.20 5.72 -75.85
CA LEU Q 35 71.64 5.71 -75.64
C LEU Q 35 72.37 6.81 -76.43
N LEU Q 36 71.90 7.08 -77.65
CA LEU Q 36 72.44 8.18 -78.46
C LEU Q 36 72.24 9.58 -77.87
N LEU Q 37 71.16 9.78 -77.11
CA LEU Q 37 70.92 11.03 -76.37
C LEU Q 37 71.88 11.31 -75.20
N ASN Q 38 72.67 10.32 -74.79
CA ASN Q 38 73.73 10.56 -73.80
C ASN Q 38 74.92 11.27 -74.45
N LYS Q 39 75.46 12.26 -73.74
CA LYS Q 39 76.53 13.13 -74.27
C LYS Q 39 77.88 12.44 -74.19
N ASP Q 40 78.05 11.60 -73.18
CA ASP Q 40 79.38 11.10 -72.79
C ASP Q 40 79.85 9.85 -73.55
N MET Q 41 78.98 9.24 -74.35
CA MET Q 41 79.30 8.01 -75.08
C MET Q 41 79.04 8.13 -76.58
N GLU Q 42 79.87 7.45 -77.38
N GLU Q 42 79.84 7.43 -77.37
CA GLU Q 42 79.64 7.27 -78.82
CA GLU Q 42 79.59 7.28 -78.80
C GLU Q 42 79.05 5.87 -79.00
C GLU Q 42 79.09 5.86 -79.04
N GLN Q 43 78.17 5.72 -79.99
CA GLN Q 43 77.59 4.42 -80.31
C GLN Q 43 78.32 3.84 -81.53
N VAL Q 44 79.08 2.77 -81.32
CA VAL Q 44 79.91 2.12 -82.35
C VAL Q 44 79.19 0.89 -82.92
N TYR Q 45 79.01 0.80 -84.24
CA TYR Q 45 78.26 -0.32 -84.86
C TYR Q 45 79.15 -1.43 -85.33
N CYS Q 46 78.64 -2.66 -85.27
CA CYS Q 46 79.42 -3.86 -85.63
C CYS Q 46 78.71 -4.66 -86.72
N CYS Q 47 79.47 -5.52 -87.41
CA CYS Q 47 78.94 -6.28 -88.54
C CYS Q 47 77.98 -7.37 -88.05
N ASN Q 48 78.40 -8.13 -87.05
CA ASN Q 48 77.59 -9.18 -86.44
C ASN Q 48 77.74 -9.22 -84.92
N GLU Q 49 76.88 -9.99 -84.25
CA GLU Q 49 76.75 -9.89 -82.79
C GLU Q 49 77.83 -10.66 -82.04
N LEU Q 50 78.39 -11.72 -82.66
CA LEU Q 50 79.54 -12.40 -82.08
C LEU Q 50 80.72 -11.41 -81.99
N ASN Q 51 80.98 -10.73 -83.10
CA ASN Q 51 82.01 -9.69 -83.17
C ASN Q 51 81.75 -8.50 -82.25
N CYS Q 52 80.49 -8.10 -82.16
CA CYS Q 52 80.05 -7.03 -81.25
C CYS Q 52 80.41 -7.34 -79.80
N GLY Q 53 80.16 -8.58 -79.38
CA GLY Q 53 80.51 -9.02 -78.05
C GLY Q 53 82.00 -9.05 -77.80
N PHE Q 54 82.76 -9.54 -78.77
CA PHE Q 54 84.23 -9.58 -78.65
C PHE Q 54 84.88 -8.19 -78.75
N SER Q 55 84.27 -7.26 -79.45
CA SER Q 55 84.67 -5.84 -79.40
C SER Q 55 84.53 -5.28 -78.00
N ALA Q 56 83.36 -5.50 -77.39
CA ALA Q 56 83.13 -5.05 -76.01
C ALA Q 56 84.12 -5.71 -75.07
N GLU Q 57 84.40 -7.00 -75.28
CA GLU Q 57 85.38 -7.70 -74.47
C GLU Q 57 86.76 -7.01 -74.56
N GLY Q 58 87.18 -6.64 -75.77
CA GLY Q 58 88.42 -5.88 -75.96
C GLY Q 58 88.42 -4.50 -75.32
N TYR Q 59 87.30 -3.80 -75.46
CA TYR Q 59 87.12 -2.51 -74.80
C TYR Q 59 87.27 -2.61 -73.28
N ALA Q 60 86.74 -3.69 -72.69
CA ALA Q 60 86.88 -3.96 -71.26
C ALA Q 60 88.32 -4.22 -70.82
N ARG Q 61 89.12 -4.80 -71.70
CA ARG Q 61 90.56 -4.95 -71.43
C ARG Q 61 91.30 -3.60 -71.39
N ALA Q 62 90.76 -2.59 -72.07
CA ALA Q 62 91.31 -1.22 -72.04
C ALA Q 62 90.77 -0.37 -70.88
N ARG Q 63 89.44 -0.36 -70.71
CA ARG Q 63 88.75 0.55 -69.80
C ARG Q 63 88.22 -0.07 -68.52
N GLY Q 64 88.33 -1.39 -68.38
CA GLY Q 64 87.80 -2.09 -67.19
C GLY Q 64 86.37 -2.59 -67.29
N ALA Q 65 85.60 -2.10 -68.28
CA ALA Q 65 84.24 -2.54 -68.48
C ALA Q 65 83.77 -2.17 -69.89
N ALA Q 66 82.64 -2.72 -70.30
CA ALA Q 66 82.08 -2.45 -71.63
C ALA Q 66 80.64 -2.85 -71.71
N ALA Q 67 79.99 -2.42 -72.76
CA ALA Q 67 78.59 -2.72 -73.04
C ALA Q 67 78.34 -3.03 -74.53
N ALA Q 68 77.55 -4.08 -74.78
CA ALA Q 68 77.16 -4.50 -76.12
C ALA Q 68 75.65 -4.58 -76.17
N ILE Q 69 75.03 -3.92 -77.14
CA ILE Q 69 73.58 -3.92 -77.30
C ILE Q 69 73.18 -4.71 -78.56
N VAL Q 70 72.25 -5.64 -78.40
CA VAL Q 70 71.84 -6.56 -79.48
C VAL Q 70 70.33 -6.73 -79.48
N THR Q 71 69.81 -7.39 -80.52
CA THR Q 71 68.38 -7.67 -80.61
C THR Q 71 68.05 -9.08 -80.10
N PHE Q 72 66.77 -9.28 -79.78
CA PHE Q 72 66.28 -10.50 -79.14
C PHE Q 72 66.61 -11.75 -79.98
N SER Q 73 67.27 -12.72 -79.34
CA SER Q 73 67.46 -14.09 -79.87
C SER Q 73 68.45 -14.21 -81.02
N VAL Q 74 68.08 -13.68 -82.18
CA VAL Q 74 68.96 -13.71 -83.36
C VAL Q 74 70.27 -12.96 -83.11
N GLY Q 75 70.22 -11.91 -82.29
CA GLY Q 75 71.43 -11.23 -81.83
C GLY Q 75 72.08 -11.81 -80.57
N ALA Q 76 71.29 -11.94 -79.53
CA ALA Q 76 71.78 -12.30 -78.21
C ALA Q 76 72.48 -13.65 -78.15
N ILE Q 77 71.97 -14.66 -78.85
CA ILE Q 77 72.56 -16.01 -78.73
C ILE Q 77 74.00 -16.06 -79.22
N SER Q 78 74.29 -15.44 -80.37
CA SER Q 78 75.69 -15.33 -80.84
C SER Q 78 76.55 -14.58 -79.82
N ALA Q 79 76.04 -13.44 -79.35
CA ALA Q 79 76.72 -12.66 -78.31
C ALA Q 79 77.01 -13.42 -77.02
N MET Q 80 76.21 -14.44 -76.69
CA MET Q 80 76.44 -15.29 -75.51
C MET Q 80 77.76 -16.03 -75.56
N ASN Q 81 78.25 -16.33 -76.76
CA ASN Q 81 79.58 -16.93 -76.93
C ASN Q 81 80.65 -15.97 -76.40
N ALA Q 82 80.53 -14.70 -76.80
CA ALA Q 82 81.43 -13.65 -76.36
C ALA Q 82 81.33 -13.35 -74.86
N ILE Q 83 80.12 -13.43 -74.32
CA ILE Q 83 79.87 -13.28 -72.89
C ILE Q 83 80.50 -14.43 -72.11
N GLY Q 84 80.39 -15.65 -72.63
CA GLY Q 84 81.06 -16.79 -72.03
C GLY Q 84 82.56 -16.56 -71.97
N GLY Q 85 83.09 -16.01 -73.06
CA GLY Q 85 84.48 -15.54 -73.11
C GLY Q 85 84.83 -14.51 -72.06
N ALA Q 86 83.98 -13.50 -71.90
CA ALA Q 86 84.18 -12.48 -70.86
C ALA Q 86 84.20 -13.10 -69.45
N TYR Q 87 83.32 -14.06 -69.20
CA TYR Q 87 83.27 -14.78 -67.94
C TYR Q 87 84.57 -15.52 -67.73
N ALA Q 88 84.98 -16.28 -68.75
CA ALA Q 88 86.24 -17.01 -68.77
C ALA Q 88 87.46 -16.14 -68.50
N GLU Q 89 87.47 -14.93 -69.08
CA GLU Q 89 88.60 -14.02 -68.99
C GLU Q 89 88.42 -12.90 -67.94
N ASN Q 90 87.35 -12.97 -67.15
CA ASN Q 90 87.13 -12.13 -65.95
C ASN Q 90 86.93 -10.65 -66.26
N LEU Q 91 86.02 -10.36 -67.18
CA LEU Q 91 85.80 -9.04 -67.69
C LEU Q 91 84.34 -8.65 -67.54
N PRO Q 92 84.06 -7.44 -66.96
CA PRO Q 92 82.68 -6.97 -66.84
C PRO Q 92 82.11 -6.40 -68.13
N VAL Q 93 81.61 -7.28 -69.00
CA VAL Q 93 80.90 -6.87 -70.19
C VAL Q 93 79.42 -6.93 -69.86
N ILE Q 94 78.68 -5.84 -70.08
CA ILE Q 94 77.23 -5.85 -69.94
C ILE Q 94 76.62 -6.12 -71.30
N LEU Q 95 75.85 -7.19 -71.43
CA LEU Q 95 75.12 -7.46 -72.66
C LEU Q 95 73.72 -7.00 -72.41
N ILE Q 96 73.24 -6.05 -73.21
CA ILE Q 96 71.88 -5.60 -73.11
C ILE Q 96 71.14 -6.05 -74.37
N SER Q 97 69.98 -6.66 -74.19
CA SER Q 97 69.20 -7.10 -75.31
C SER Q 97 67.85 -6.42 -75.29
N GLY Q 98 67.39 -6.00 -76.44
CA GLY Q 98 65.99 -5.65 -76.62
C GLY Q 98 65.17 -6.91 -76.51
N SER Q 99 63.92 -6.76 -76.10
CA SER Q 99 63.05 -7.90 -75.87
C SER Q 99 61.59 -7.53 -76.19
N PRO Q 100 60.70 -8.53 -76.26
CA PRO Q 100 59.32 -8.30 -76.65
C PRO Q 100 58.55 -7.21 -75.92
N ASN Q 101 57.53 -6.71 -76.59
CA ASN Q 101 56.57 -5.77 -76.04
C ASN Q 101 55.88 -6.36 -74.83
N THR Q 102 55.69 -5.55 -73.79
CA THR Q 102 55.12 -6.02 -72.52
C THR Q 102 53.69 -6.56 -72.69
N ASN Q 103 52.96 -6.00 -73.65
CA ASN Q 103 51.59 -6.44 -73.94
C ASN Q 103 51.47 -7.87 -74.49
N ASP Q 104 52.57 -8.45 -74.97
CA ASP Q 104 52.60 -9.84 -75.47
C ASP Q 104 52.75 -10.91 -74.38
N TYR Q 105 53.27 -10.54 -73.21
CA TYR Q 105 53.40 -11.50 -72.11
C TYR Q 105 52.01 -11.90 -71.64
N GLY Q 106 51.85 -13.18 -71.35
CA GLY Q 106 50.56 -13.72 -70.92
C GLY Q 106 49.45 -13.76 -71.96
N THR Q 107 49.82 -13.77 -73.24
CA THR Q 107 48.84 -13.82 -74.34
C THR Q 107 48.86 -15.10 -75.17
N GLY Q 108 50.03 -15.73 -75.32
CA GLY Q 108 50.20 -16.85 -76.25
C GLY Q 108 50.57 -16.43 -77.67
N HIS Q 109 50.92 -15.16 -77.88
CA HIS Q 109 51.37 -14.69 -79.19
C HIS Q 109 52.69 -15.34 -79.58
N ILE Q 110 52.81 -15.67 -80.86
CA ILE Q 110 54.06 -16.15 -81.44
C ILE Q 110 54.75 -14.91 -82.01
N LEU Q 111 56.00 -14.69 -81.64
CA LEU Q 111 56.74 -13.49 -82.02
C LEU Q 111 57.93 -13.79 -82.92
N HIS Q 112 58.25 -12.83 -83.77
CA HIS Q 112 59.41 -12.92 -84.65
C HIS Q 112 60.69 -12.92 -83.84
N HIS Q 113 61.73 -13.50 -84.43
CA HIS Q 113 62.98 -13.83 -83.76
C HIS Q 113 62.79 -14.69 -82.52
N THR Q 114 61.86 -15.64 -82.55
CA THR Q 114 61.82 -16.63 -81.49
C THR Q 114 61.71 -17.99 -82.11
N ILE Q 115 61.95 -19.01 -81.29
CA ILE Q 115 61.80 -20.40 -81.73
C ILE Q 115 60.36 -20.81 -82.03
N GLY Q 116 59.38 -19.92 -81.77
CA GLY Q 116 58.01 -20.12 -82.22
C GLY Q 116 57.09 -20.73 -81.17
N THR Q 117 57.51 -20.68 -79.91
CA THR Q 117 56.66 -21.10 -78.79
C THR Q 117 56.18 -19.85 -78.06
N THR Q 118 55.33 -20.03 -77.05
CA THR Q 118 54.85 -18.90 -76.24
C THR Q 118 55.79 -18.54 -75.07
N ASP Q 119 56.94 -19.22 -75.01
CA ASP Q 119 57.98 -18.93 -74.05
C ASP Q 119 58.90 -17.83 -74.61
N TYR Q 120 58.99 -16.69 -73.92
CA TYR Q 120 59.97 -15.66 -74.23
C TYR Q 120 61.11 -15.60 -73.21
N ASN Q 121 61.06 -16.45 -72.19
CA ASN Q 121 62.03 -16.45 -71.12
C ASN Q 121 63.25 -17.32 -71.41
N TYR Q 122 63.22 -18.09 -72.51
CA TYR Q 122 64.33 -19.00 -72.82
C TYR Q 122 65.69 -18.31 -72.94
N GLN Q 123 65.72 -17.09 -73.47
CA GLN Q 123 66.98 -16.37 -73.65
C GLN Q 123 67.59 -16.01 -72.30
N LEU Q 124 66.76 -15.46 -71.41
CA LEU Q 124 67.17 -15.20 -70.04
C LEU Q 124 67.67 -16.48 -69.36
N GLU Q 125 66.97 -17.59 -69.51
CA GLU Q 125 67.41 -18.85 -68.91
C GLU Q 125 68.73 -19.38 -69.48
N MET Q 126 68.96 -19.18 -70.78
CA MET Q 126 70.23 -19.57 -71.39
C MET Q 126 71.40 -18.73 -70.88
N VAL Q 127 71.20 -17.41 -70.81
CA VAL Q 127 72.29 -16.50 -70.50
C VAL Q 127 72.74 -16.55 -69.04
N LYS Q 128 71.88 -17.00 -68.13
CA LYS Q 128 72.26 -17.14 -66.71
C LYS Q 128 73.46 -18.06 -66.49
N HIS Q 129 73.64 -19.03 -67.37
CA HIS Q 129 74.74 -19.99 -67.29
C HIS Q 129 76.11 -19.40 -67.62
N VAL Q 130 76.15 -18.23 -68.24
CA VAL Q 130 77.43 -17.55 -68.57
C VAL Q 130 77.49 -16.12 -68.05
N THR Q 131 76.68 -15.77 -67.04
CA THR Q 131 76.72 -14.45 -66.40
C THR Q 131 76.74 -14.56 -64.88
N CYS Q 132 77.13 -13.47 -64.21
CA CYS Q 132 77.05 -13.38 -62.74
C CYS Q 132 75.73 -12.77 -62.29
N ALA Q 133 75.03 -12.12 -63.20
CA ALA Q 133 73.76 -11.48 -62.91
C ALA Q 133 73.00 -11.31 -64.22
N ALA Q 134 71.68 -11.48 -64.16
CA ALA Q 134 70.83 -11.46 -65.34
C ALA Q 134 69.44 -11.02 -64.95
N GLU Q 135 68.96 -9.94 -65.56
CA GLU Q 135 67.67 -9.36 -65.19
C GLU Q 135 66.87 -8.93 -66.40
N SER Q 136 65.55 -8.91 -66.23
CA SER Q 136 64.62 -8.58 -67.30
C SER Q 136 63.76 -7.39 -66.85
N ILE Q 137 63.67 -6.36 -67.69
CA ILE Q 137 62.95 -5.14 -67.34
C ILE Q 137 61.69 -5.03 -68.17
N VAL Q 138 60.55 -5.09 -67.49
CA VAL Q 138 59.24 -4.96 -68.11
C VAL Q 138 58.44 -3.73 -67.66
N SER Q 139 59.01 -2.91 -66.77
CA SER Q 139 58.40 -1.63 -66.35
C SER Q 139 59.45 -0.59 -66.01
N ALA Q 140 59.09 0.67 -66.19
CA ALA Q 140 59.97 1.78 -65.82
C ALA Q 140 60.24 1.84 -64.32
N GLU Q 141 59.25 1.46 -63.53
N GLU Q 141 59.23 1.49 -63.52
CA GLU Q 141 59.35 1.50 -62.09
CA GLU Q 141 59.33 1.43 -62.05
C GLU Q 141 60.44 0.56 -61.51
C GLU Q 141 60.50 0.59 -61.57
N GLU Q 142 60.61 -0.63 -62.11
CA GLU Q 142 61.65 -1.59 -61.69
C GLU Q 142 63.00 -1.40 -62.38
N ALA Q 143 63.08 -0.57 -63.42
CA ALA Q 143 64.31 -0.45 -64.23
C ALA Q 143 65.57 -0.01 -63.46
N PRO Q 144 65.47 1.01 -62.58
CA PRO Q 144 66.66 1.42 -61.83
C PRO Q 144 67.34 0.32 -61.03
N ALA Q 145 66.57 -0.42 -60.23
CA ALA Q 145 67.13 -1.47 -59.37
C ALA Q 145 67.82 -2.58 -60.18
N LYS Q 146 67.25 -2.93 -61.32
CA LYS Q 146 67.77 -4.02 -62.13
C LYS Q 146 69.00 -3.59 -62.92
N ILE Q 147 68.95 -2.40 -63.53
CA ILE Q 147 70.11 -1.80 -64.21
C ILE Q 147 71.31 -1.74 -63.27
N ASP Q 148 71.12 -1.21 -62.06
CA ASP Q 148 72.25 -1.04 -61.13
C ASP Q 148 72.68 -2.34 -60.52
N HIS Q 149 71.75 -3.27 -60.31
CA HIS Q 149 72.14 -4.58 -59.83
C HIS Q 149 73.14 -5.25 -60.78
N VAL Q 150 72.84 -5.26 -62.07
CA VAL Q 150 73.70 -5.99 -63.02
C VAL Q 150 75.04 -5.28 -63.19
N ILE Q 151 75.03 -3.95 -63.22
CA ILE Q 151 76.27 -3.17 -63.36
C ILE Q 151 77.18 -3.37 -62.15
N ARG Q 152 76.64 -3.19 -60.94
CA ARG Q 152 77.43 -3.26 -59.71
C ARG Q 152 77.99 -4.65 -59.48
N THR Q 153 77.16 -5.67 -59.71
CA THR Q 153 77.58 -7.05 -59.56
C THR Q 153 78.69 -7.39 -60.55
N ALA Q 154 78.51 -7.00 -61.80
CA ALA Q 154 79.54 -7.23 -62.83
C ALA Q 154 80.90 -6.62 -62.48
N LEU Q 155 80.91 -5.37 -62.03
CA LEU Q 155 82.16 -4.68 -61.64
C LEU Q 155 82.84 -5.31 -60.43
N ARG Q 156 82.07 -5.65 -59.40
CA ARG Q 156 82.65 -6.24 -58.19
C ARG Q 156 83.17 -7.65 -58.44
N GLU Q 157 82.40 -8.47 -59.14
CA GLU Q 157 82.81 -9.87 -59.38
C GLU Q 157 83.80 -10.01 -60.55
N ARG Q 158 83.91 -8.96 -61.36
CA ARG Q 158 84.68 -8.97 -62.62
C ARG Q 158 84.21 -10.11 -63.52
N LYS Q 159 82.92 -10.07 -63.81
CA LYS Q 159 82.22 -11.06 -64.61
C LYS Q 159 81.16 -10.32 -65.42
N PRO Q 160 80.77 -10.88 -66.57
CA PRO Q 160 79.74 -10.21 -67.35
C PRO Q 160 78.36 -10.41 -66.79
N ALA Q 161 77.44 -9.60 -67.25
CA ALA Q 161 76.08 -9.64 -66.78
C ALA Q 161 75.18 -9.25 -67.94
N TYR Q 162 73.90 -9.54 -67.78
CA TYR Q 162 72.94 -9.42 -68.86
C TYR Q 162 71.76 -8.61 -68.43
N LEU Q 163 71.20 -7.86 -69.35
CA LEU Q 163 69.99 -7.09 -69.10
C LEU Q 163 69.10 -7.22 -70.33
N GLU Q 164 67.81 -7.49 -70.15
CA GLU Q 164 66.88 -7.34 -71.26
C GLU Q 164 65.86 -6.26 -70.94
N ILE Q 165 65.52 -5.45 -71.93
CA ILE Q 165 64.59 -4.33 -71.77
C ILE Q 165 63.55 -4.44 -72.88
N ALA Q 166 62.28 -4.55 -72.47
CA ALA Q 166 61.16 -4.58 -73.40
C ALA Q 166 61.20 -3.37 -74.30
N CYS Q 167 60.96 -3.59 -75.59
CA CYS Q 167 61.08 -2.55 -76.61
C CYS Q 167 60.19 -1.33 -76.36
N ASN Q 168 59.04 -1.53 -75.72
CA ASN Q 168 58.13 -0.44 -75.38
C ASN Q 168 58.31 0.13 -73.97
N VAL Q 169 59.40 -0.24 -73.29
CA VAL Q 169 59.79 0.30 -71.99
C VAL Q 169 61.10 1.10 -72.09
N ALA Q 170 61.92 0.84 -73.11
CA ALA Q 170 63.17 1.57 -73.31
C ALA Q 170 63.00 3.10 -73.32
N GLY Q 171 61.95 3.58 -73.98
CA GLY Q 171 61.64 5.01 -74.05
C GLY Q 171 60.56 5.49 -73.11
N ALA Q 172 60.27 4.73 -72.04
CA ALA Q 172 59.27 5.13 -71.04
C ALA Q 172 59.91 5.99 -69.97
N GLU Q 173 59.11 6.88 -69.39
CA GLU Q 173 59.56 7.83 -68.37
C GLU Q 173 60.12 7.10 -67.15
N CYS Q 174 61.32 7.52 -66.73
CA CYS Q 174 62.04 6.89 -65.64
C CYS Q 174 62.57 7.96 -64.69
N VAL Q 175 62.70 7.61 -63.40
CA VAL Q 175 63.40 8.47 -62.43
C VAL Q 175 64.87 8.64 -62.80
N ARG Q 176 65.48 9.75 -62.40
CA ARG Q 176 66.88 10.04 -62.73
C ARG Q 176 67.84 9.39 -61.71
N PRO Q 177 69.03 8.92 -62.18
CA PRO Q 177 70.03 8.36 -61.27
C PRO Q 177 70.71 9.44 -60.46
N GLY Q 178 71.00 9.17 -59.20
CA GLY Q 178 71.69 10.13 -58.34
C GLY Q 178 73.19 10.06 -58.54
N PRO Q 179 73.93 11.06 -58.02
CA PRO Q 179 75.37 11.14 -58.18
C PRO Q 179 76.15 10.10 -57.37
N ILE Q 180 77.31 9.73 -57.89
CA ILE Q 180 78.15 8.71 -57.26
C ILE Q 180 79.62 9.11 -57.30
N ASN Q 181 80.40 8.43 -56.45
CA ASN Q 181 81.85 8.50 -56.49
C ASN Q 181 82.38 7.40 -57.43
N SER Q 182 82.00 6.15 -57.14
CA SER Q 182 82.33 5.00 -57.98
C SER Q 182 81.24 3.92 -57.89
N LEU Q 183 80.91 3.31 -59.02
CA LEU Q 183 79.96 2.19 -59.07
C LEU Q 183 80.61 0.86 -58.63
N LEU Q 184 81.94 0.87 -58.50
CA LEU Q 184 82.68 -0.25 -57.91
C LEU Q 184 82.80 -0.02 -56.39
N ARG Q 185 82.01 -0.79 -55.64
CA ARG Q 185 82.11 -0.85 -54.18
C ARG Q 185 82.52 -2.26 -53.78
N GLU Q 186 83.68 -2.37 -53.12
CA GLU Q 186 84.20 -3.67 -52.67
C GLU Q 186 83.53 -4.10 -51.37
N LEU Q 187 83.74 -5.37 -51.00
CA LEU Q 187 83.40 -5.88 -49.69
C LEU Q 187 84.42 -5.42 -48.65
N GLU Q 188 83.94 -5.13 -47.44
CA GLU Q 188 84.79 -4.75 -46.33
C GLU Q 188 85.70 -5.92 -45.94
N VAL Q 189 86.99 -5.65 -45.87
CA VAL Q 189 87.97 -6.67 -45.52
C VAL Q 189 87.88 -6.97 -44.01
N ASP Q 190 88.19 -8.22 -43.66
CA ASP Q 190 88.29 -8.67 -42.28
C ASP Q 190 89.74 -8.57 -41.83
N GLN Q 191 90.01 -7.68 -40.87
CA GLN Q 191 91.37 -7.42 -40.40
C GLN Q 191 91.92 -8.56 -39.54
N THR Q 192 91.07 -9.19 -38.74
CA THR Q 192 91.47 -10.40 -37.99
C THR Q 192 92.05 -11.46 -38.94
N SER Q 193 91.40 -11.64 -40.09
CA SER Q 193 91.83 -12.63 -41.08
C SER Q 193 93.12 -12.21 -41.78
N VAL Q 194 93.22 -10.95 -42.19
CA VAL Q 194 94.46 -10.43 -42.80
C VAL Q 194 95.64 -10.64 -41.85
N THR Q 195 95.48 -10.14 -40.63
CA THR Q 195 96.52 -10.21 -39.59
C THR Q 195 96.97 -11.64 -39.31
N ALA Q 196 96.03 -12.56 -39.13
CA ALA Q 196 96.37 -13.97 -38.90
C ALA Q 196 97.07 -14.63 -40.10
N ALA Q 197 96.61 -14.29 -41.31
CA ALA Q 197 97.20 -14.84 -42.54
C ALA Q 197 98.64 -14.38 -42.75
N VAL Q 198 98.89 -13.09 -42.52
CA VAL Q 198 100.24 -12.52 -42.63
C VAL Q 198 101.18 -13.15 -41.61
N ASP Q 199 100.74 -13.21 -40.35
CA ASP Q 199 101.54 -13.82 -39.28
C ASP Q 199 101.87 -15.28 -39.61
N ALA Q 200 100.86 -16.02 -40.08
CA ALA Q 200 101.05 -17.41 -40.49
C ALA Q 200 102.00 -17.54 -41.68
N ALA Q 201 101.94 -16.59 -42.62
CA ALA Q 201 102.84 -16.57 -43.77
C ALA Q 201 104.31 -16.30 -43.40
N VAL Q 202 104.53 -15.38 -42.45
CA VAL Q 202 105.89 -15.05 -42.01
C VAL Q 202 106.53 -16.29 -41.37
N GLU Q 203 105.80 -16.95 -40.47
CA GLU Q 203 106.27 -18.22 -39.89
C GLU Q 203 106.54 -19.28 -40.94
N TRP Q 204 105.65 -19.38 -41.94
CA TRP Q 204 105.78 -20.36 -43.02
C TRP Q 204 107.09 -20.17 -43.81
N LEU Q 205 107.44 -18.91 -44.10
CA LEU Q 205 108.70 -18.57 -44.79
C LEU Q 205 110.02 -18.76 -43.99
N GLN Q 206 109.96 -18.90 -42.66
CA GLN Q 206 111.17 -18.95 -41.80
C GLN Q 206 112.26 -19.94 -42.24
N ASP Q 207 111.88 -21.20 -42.49
CA ASP Q 207 112.84 -22.25 -42.91
C ASP Q 207 112.80 -22.52 -44.42
N ARG Q 208 112.51 -21.50 -45.23
CA ARG Q 208 112.40 -21.63 -46.69
C ARG Q 208 113.22 -20.52 -47.34
N GLN Q 209 114.40 -20.89 -47.86
CA GLN Q 209 115.34 -19.91 -48.40
C GLN Q 209 115.01 -19.57 -49.85
N ASN Q 210 114.83 -20.61 -50.67
CA ASN Q 210 114.57 -20.42 -52.10
C ASN Q 210 113.08 -20.21 -52.39
N VAL Q 211 112.71 -18.93 -52.55
CA VAL Q 211 111.35 -18.48 -52.73
C VAL Q 211 111.18 -17.99 -54.17
N VAL Q 212 110.03 -18.30 -54.76
CA VAL Q 212 109.70 -17.85 -56.12
C VAL Q 212 108.25 -17.37 -56.15
N MET Q 213 108.03 -16.19 -56.72
CA MET Q 213 106.68 -15.72 -57.02
C MET Q 213 106.25 -16.21 -58.41
N LEU Q 214 105.02 -16.71 -58.52
CA LEU Q 214 104.45 -17.17 -59.79
C LEU Q 214 103.19 -16.34 -60.04
N VAL Q 215 103.25 -15.43 -61.00
CA VAL Q 215 102.13 -14.54 -61.25
C VAL Q 215 101.15 -15.26 -62.18
N GLY Q 216 99.87 -15.23 -61.81
CA GLY Q 216 98.79 -15.91 -62.52
C GLY Q 216 97.88 -14.93 -63.23
N SER Q 217 97.00 -15.45 -64.07
CA SER Q 217 96.22 -14.62 -64.99
C SER Q 217 94.96 -13.96 -64.42
N LYS Q 218 94.64 -14.19 -63.14
CA LYS Q 218 93.59 -13.41 -62.45
C LYS Q 218 94.16 -12.18 -61.67
N LEU Q 219 95.43 -11.83 -61.89
CA LEU Q 219 96.04 -10.72 -61.14
C LEU Q 219 95.42 -9.37 -61.47
N ARG Q 220 95.09 -9.11 -62.73
CA ARG Q 220 94.40 -7.87 -63.13
C ARG Q 220 92.96 -7.80 -62.59
N ALA Q 221 92.25 -8.92 -62.58
CA ALA Q 221 90.91 -9.00 -61.98
C ALA Q 221 90.94 -8.71 -60.47
N ALA Q 222 92.02 -9.10 -59.81
CA ALA Q 222 92.26 -8.77 -58.42
C ALA Q 222 92.65 -7.29 -58.18
N ALA Q 223 92.89 -6.53 -59.25
CA ALA Q 223 93.44 -5.17 -59.18
C ALA Q 223 94.67 -5.11 -58.25
N ALA Q 224 95.61 -6.04 -58.46
CA ALA Q 224 96.70 -6.27 -57.53
C ALA Q 224 98.08 -6.23 -58.18
N GLU Q 225 98.20 -5.56 -59.32
CA GLU Q 225 99.49 -5.51 -60.06
C GLU Q 225 100.56 -4.74 -59.27
N LYS Q 226 100.18 -3.57 -58.74
CA LYS Q 226 101.08 -2.74 -57.91
C LYS Q 226 101.53 -3.42 -56.64
N GLN Q 227 100.62 -4.13 -55.99
CA GLN Q 227 100.91 -4.82 -54.73
C GLN Q 227 101.78 -6.07 -54.96
N ALA Q 228 101.67 -6.68 -56.15
CA ALA Q 228 102.60 -7.75 -56.56
C ALA Q 228 104.04 -7.24 -56.75
N VAL Q 229 104.19 -6.05 -57.31
CA VAL Q 229 105.49 -5.39 -57.44
C VAL Q 229 106.06 -5.08 -56.05
N ALA Q 230 105.24 -4.51 -55.16
CA ALA Q 230 105.64 -4.21 -53.77
C ALA Q 230 106.17 -5.46 -53.05
N LEU Q 231 105.44 -6.57 -53.18
CA LEU Q 231 105.81 -7.82 -52.52
C LEU Q 231 107.11 -8.40 -53.06
N ALA Q 232 107.28 -8.35 -54.38
CA ALA Q 232 108.53 -8.76 -55.03
C ALA Q 232 109.73 -7.92 -54.56
N ASP Q 233 109.55 -6.60 -54.49
CA ASP Q 233 110.60 -5.68 -54.01
C ASP Q 233 111.06 -5.99 -52.57
N ARG Q 234 110.12 -6.37 -51.70
CA ARG Q 234 110.43 -6.65 -50.29
C ARG Q 234 111.05 -8.02 -50.06
N LEU Q 235 110.55 -9.04 -50.77
CA LEU Q 235 111.18 -10.37 -50.74
C LEU Q 235 112.53 -10.41 -51.49
N GLY Q 236 112.66 -9.61 -52.54
CA GLY Q 236 113.81 -9.69 -53.44
C GLY Q 236 113.96 -11.06 -54.11
N CYS Q 237 112.84 -11.79 -54.26
CA CYS Q 237 112.88 -13.17 -54.75
C CYS Q 237 112.75 -13.16 -56.26
N ALA Q 238 113.04 -14.30 -56.88
CA ALA Q 238 112.75 -14.46 -58.32
C ALA Q 238 111.25 -14.35 -58.55
N VAL Q 239 110.88 -13.72 -59.66
CA VAL Q 239 109.50 -13.62 -60.10
C VAL Q 239 109.36 -14.29 -61.46
N THR Q 240 108.35 -15.16 -61.59
CA THR Q 240 108.00 -15.76 -62.86
C THR Q 240 106.52 -15.52 -63.18
N ILE Q 241 106.18 -15.63 -64.46
CA ILE Q 241 104.80 -15.56 -64.90
C ILE Q 241 104.32 -16.90 -65.49
N MET Q 242 103.04 -17.18 -65.31
CA MET Q 242 102.34 -18.18 -66.11
C MET Q 242 102.00 -17.55 -67.46
N ALA Q 243 101.87 -18.38 -68.49
CA ALA Q 243 101.71 -17.91 -69.88
C ALA Q 243 100.62 -16.86 -70.06
N ALA Q 244 99.47 -17.10 -69.43
CA ALA Q 244 98.33 -16.21 -69.57
C ALA Q 244 98.46 -14.88 -68.80
N ALA Q 245 99.43 -14.80 -67.89
CA ALA Q 245 99.68 -13.58 -67.10
C ALA Q 245 100.66 -12.58 -67.72
N LYS Q 246 101.03 -12.76 -68.98
CA LYS Q 246 102.05 -11.89 -69.60
C LYS Q 246 101.60 -10.43 -69.62
N GLY Q 247 102.51 -9.53 -69.24
CA GLY Q 247 102.21 -8.11 -69.07
C GLY Q 247 101.60 -7.69 -67.72
N PHE Q 248 101.18 -8.64 -66.89
CA PHE Q 248 100.66 -8.33 -65.56
C PHE Q 248 101.78 -8.09 -64.54
N PHE Q 249 103.00 -8.55 -64.83
CA PHE Q 249 104.20 -8.19 -64.07
C PHE Q 249 105.28 -7.64 -65.02
N PRO Q 250 106.03 -6.58 -64.61
CA PRO Q 250 107.05 -6.04 -65.53
C PRO Q 250 108.25 -6.97 -65.76
N GLU Q 251 108.53 -7.26 -67.03
CA GLU Q 251 109.68 -8.13 -67.41
C GLU Q 251 111.02 -7.35 -67.35
N ASP Q 252 110.95 -6.02 -67.37
CA ASP Q 252 112.08 -5.11 -67.01
C ASP Q 252 112.71 -5.42 -65.65
N HIS Q 253 111.85 -5.60 -64.65
CA HIS Q 253 112.23 -5.78 -63.25
C HIS Q 253 113.46 -6.66 -63.03
N PRO Q 254 114.44 -6.21 -62.20
CA PRO Q 254 115.72 -6.93 -62.04
C PRO Q 254 115.60 -8.39 -61.63
N ASN Q 255 114.60 -8.70 -60.82
CA ASN Q 255 114.33 -10.05 -60.33
C ASN Q 255 113.42 -10.96 -61.18
N PHE Q 256 112.96 -10.47 -62.34
CA PHE Q 256 112.18 -11.30 -63.26
C PHE Q 256 113.04 -12.41 -63.87
N ARG Q 257 112.58 -13.65 -63.73
CA ARG Q 257 113.30 -14.84 -64.24
C ARG Q 257 112.47 -15.69 -65.22
N GLY Q 258 111.47 -15.07 -65.87
CA GLY Q 258 110.86 -15.64 -67.06
C GLY Q 258 109.48 -16.26 -66.92
N LEU Q 259 109.18 -17.16 -67.87
CA LEU Q 259 107.90 -17.82 -68.01
C LEU Q 259 107.99 -19.25 -67.47
N TYR Q 260 107.12 -19.58 -66.52
CA TYR Q 260 106.92 -20.96 -66.10
C TYR Q 260 105.69 -21.54 -66.81
N TRP Q 261 105.92 -22.58 -67.61
CA TRP Q 261 104.87 -23.29 -68.33
C TRP Q 261 105.36 -24.74 -68.55
N GLY Q 262 105.67 -25.41 -67.44
CA GLY Q 262 106.22 -26.77 -67.45
C GLY Q 262 107.42 -26.95 -68.35
N GLU Q 263 107.32 -27.90 -69.29
CA GLU Q 263 108.40 -28.20 -70.21
C GLU Q 263 108.56 -27.18 -71.35
N VAL Q 264 107.59 -26.28 -71.53
CA VAL Q 264 107.74 -25.15 -72.47
C VAL Q 264 108.05 -23.81 -71.78
N SER Q 265 108.67 -23.90 -70.60
CA SER Q 265 109.17 -22.72 -69.88
C SER Q 265 110.33 -22.02 -70.59
N SER Q 266 110.60 -20.78 -70.21
CA SER Q 266 111.87 -20.10 -70.50
C SER Q 266 113.02 -20.84 -69.87
N GLU Q 267 114.22 -20.56 -70.38
CA GLU Q 267 115.47 -21.16 -69.88
C GLU Q 267 115.58 -21.00 -68.37
N GLY Q 268 115.73 -22.12 -67.67
CA GLY Q 268 115.92 -22.12 -66.21
C GLY Q 268 114.70 -21.93 -65.34
N ALA Q 269 113.59 -21.45 -65.91
CA ALA Q 269 112.40 -21.12 -65.11
C ALA Q 269 111.69 -22.36 -64.56
N GLN Q 270 111.72 -23.46 -65.30
CA GLN Q 270 111.13 -24.72 -64.84
C GLN Q 270 111.84 -25.18 -63.57
N GLU Q 271 113.18 -25.25 -63.65
CA GLU Q 271 114.04 -25.68 -62.54
C GLU Q 271 113.83 -24.79 -61.30
N LEU Q 272 113.84 -23.46 -61.51
CA LEU Q 272 113.54 -22.46 -60.46
C LEU Q 272 112.29 -22.76 -59.65
N VAL Q 273 111.17 -22.89 -60.35
CA VAL Q 273 109.86 -23.03 -59.72
C VAL Q 273 109.76 -24.39 -59.02
N GLU Q 274 110.10 -25.45 -59.73
CA GLU Q 274 109.87 -26.83 -59.25
C GLU Q 274 110.78 -27.31 -58.10
N ASN Q 275 111.95 -26.68 -57.93
CA ASN Q 275 112.84 -26.99 -56.80
C ASN Q 275 112.76 -25.99 -55.64
N ALA Q 276 111.88 -25.00 -55.74
CA ALA Q 276 111.76 -23.96 -54.74
C ALA Q 276 111.21 -24.50 -53.43
N ASP Q 277 111.71 -23.96 -52.32
CA ASP Q 277 111.18 -24.25 -50.98
C ASP Q 277 109.79 -23.62 -50.78
N ALA Q 278 109.55 -22.46 -51.41
CA ALA Q 278 108.27 -21.74 -51.31
C ALA Q 278 107.88 -21.16 -52.66
N ILE Q 279 106.66 -21.46 -53.12
CA ILE Q 279 106.13 -20.89 -54.36
C ILE Q 279 104.92 -20.05 -53.97
N LEU Q 280 104.96 -18.76 -54.25
CA LEU Q 280 103.84 -17.85 -54.01
C LEU Q 280 103.11 -17.63 -55.31
N CYS Q 281 101.98 -18.31 -55.49
CA CYS Q 281 101.18 -18.19 -56.71
C CYS Q 281 100.19 -17.06 -56.54
N LEU Q 282 100.32 -16.02 -57.35
CA LEU Q 282 99.42 -14.87 -57.27
C LEU Q 282 98.31 -14.97 -58.30
N ALA Q 283 97.13 -15.40 -57.85
CA ALA Q 283 95.91 -15.47 -58.65
C ALA Q 283 96.03 -16.40 -59.86
N PRO Q 284 96.44 -17.67 -59.64
CA PRO Q 284 96.62 -18.61 -60.75
C PRO Q 284 95.31 -19.20 -61.28
N VAL Q 285 95.33 -19.64 -62.55
CA VAL Q 285 94.31 -20.51 -63.13
C VAL Q 285 95.05 -21.73 -63.68
N PHE Q 286 95.02 -22.82 -62.93
CA PHE Q 286 95.70 -24.06 -63.34
C PHE Q 286 94.76 -24.96 -64.14
N ASN Q 287 94.48 -24.56 -65.39
CA ASN Q 287 93.67 -25.40 -66.27
C ASN Q 287 94.54 -26.44 -67.02
N ASP Q 288 93.92 -27.26 -67.86
CA ASP Q 288 94.65 -28.32 -68.61
C ASP Q 288 95.72 -27.78 -69.59
N TYR Q 289 95.46 -26.63 -70.20
CA TYR Q 289 96.44 -25.95 -71.07
C TYR Q 289 97.60 -25.32 -70.31
N ALA Q 290 97.30 -24.65 -69.20
CA ALA Q 290 98.30 -24.00 -68.35
C ALA Q 290 99.21 -25.01 -67.65
N THR Q 291 98.65 -26.14 -67.23
CA THR Q 291 99.43 -27.22 -66.61
C THR Q 291 100.08 -28.18 -67.61
N VAL Q 292 99.93 -27.91 -68.91
CA VAL Q 292 100.51 -28.77 -69.97
C VAL Q 292 99.97 -30.20 -69.84
N GLY Q 293 98.64 -30.31 -69.77
CA GLY Q 293 97.96 -31.60 -69.61
C GLY Q 293 98.11 -32.22 -68.24
N TRP Q 294 97.95 -31.42 -67.19
CA TRP Q 294 98.13 -31.83 -65.79
C TRP Q 294 99.55 -32.32 -65.41
N ASN Q 295 100.56 -32.03 -66.24
CA ASN Q 295 101.95 -32.49 -65.98
C ASN Q 295 102.77 -31.53 -65.10
N SER Q 296 102.32 -30.27 -65.02
CA SER Q 296 103.10 -29.19 -64.42
C SER Q 296 102.18 -28.27 -63.64
N TRP Q 297 101.87 -28.70 -62.43
CA TRP Q 297 100.86 -28.08 -61.56
C TRP Q 297 101.51 -28.03 -60.18
N PRO Q 298 102.09 -26.86 -59.82
CA PRO Q 298 102.61 -26.65 -58.46
C PRO Q 298 101.53 -26.80 -57.38
N LYS Q 299 101.76 -27.74 -56.45
CA LYS Q 299 100.89 -27.92 -55.29
C LYS Q 299 101.60 -28.71 -54.18
N GLY Q 300 101.04 -28.64 -52.98
CA GLY Q 300 101.59 -29.32 -51.80
C GLY Q 300 102.16 -28.36 -50.77
N ASP Q 301 102.99 -28.91 -49.88
CA ASP Q 301 103.57 -28.19 -48.74
C ASP Q 301 104.37 -26.92 -49.10
N ASN Q 302 104.98 -26.90 -50.29
CA ASN Q 302 105.78 -25.76 -50.75
C ASN Q 302 105.01 -24.62 -51.44
N VAL Q 303 103.70 -24.75 -51.62
CA VAL Q 303 102.94 -23.79 -52.43
C VAL Q 303 101.98 -22.96 -51.57
N MET Q 304 101.96 -21.66 -51.82
CA MET Q 304 100.94 -20.76 -51.28
C MET Q 304 100.11 -20.26 -52.45
N VAL Q 305 98.79 -20.43 -52.38
CA VAL Q 305 97.88 -19.99 -53.43
C VAL Q 305 97.13 -18.75 -52.94
N MET Q 306 97.41 -17.62 -53.55
CA MET Q 306 96.76 -16.38 -53.23
C MET Q 306 95.69 -16.15 -54.31
N ASP Q 307 94.44 -16.52 -54.01
CA ASP Q 307 93.31 -16.24 -54.89
C ASP Q 307 92.90 -14.77 -54.71
N THR Q 308 91.91 -14.32 -55.48
CA THR Q 308 91.49 -12.92 -55.39
C THR Q 308 90.85 -12.54 -54.03
N ASP Q 309 90.31 -13.52 -53.32
CA ASP Q 309 89.60 -13.31 -52.04
C ASP Q 309 90.03 -14.29 -50.93
N ARG Q 310 91.21 -14.90 -51.09
CA ARG Q 310 91.61 -16.01 -50.24
C ARG Q 310 93.09 -16.31 -50.39
N VAL Q 311 93.69 -16.81 -49.31
CA VAL Q 311 95.05 -17.32 -49.34
C VAL Q 311 95.07 -18.66 -48.63
N THR Q 312 95.79 -19.63 -49.21
CA THR Q 312 95.81 -21.00 -48.72
C THR Q 312 97.22 -21.55 -48.71
N PHE Q 313 97.67 -22.01 -47.55
CA PHE Q 313 99.03 -22.59 -47.38
C PHE Q 313 99.15 -23.21 -46.00
N ALA Q 314 100.09 -24.16 -45.86
CA ALA Q 314 100.40 -24.77 -44.57
C ALA Q 314 99.16 -25.35 -43.86
N GLY Q 315 98.29 -26.03 -44.62
CA GLY Q 315 97.06 -26.61 -44.09
C GLY Q 315 96.02 -25.64 -43.57
N GLN Q 316 96.06 -24.40 -44.03
CA GLN Q 316 95.13 -23.36 -43.56
C GLN Q 316 94.65 -22.51 -44.71
N SER Q 317 93.45 -21.96 -44.58
CA SER Q 317 92.93 -21.05 -45.60
C SER Q 317 92.25 -19.86 -44.93
N PHE Q 318 92.55 -18.68 -45.47
CA PHE Q 318 92.19 -17.40 -44.86
C PHE Q 318 91.37 -16.62 -45.87
N GLU Q 319 90.15 -16.23 -45.51
CA GLU Q 319 89.26 -15.50 -46.43
C GLU Q 319 88.75 -14.23 -45.75
N GLY Q 320 87.85 -13.52 -46.43
CA GLY Q 320 87.40 -12.22 -45.97
C GLY Q 320 88.51 -11.21 -46.17
N LEU Q 321 89.31 -11.42 -47.20
CA LEU Q 321 90.42 -10.56 -47.51
C LEU Q 321 90.49 -10.42 -49.02
N SER Q 322 91.47 -9.67 -49.51
CA SER Q 322 91.70 -9.53 -50.93
C SER Q 322 93.18 -9.73 -51.21
N LEU Q 323 93.48 -10.15 -52.43
CA LEU Q 323 94.87 -10.31 -52.88
C LEU Q 323 95.63 -9.00 -52.73
N SER Q 324 94.96 -7.90 -53.04
CA SER Q 324 95.49 -6.55 -52.87
C SER Q 324 95.89 -6.25 -51.41
N THR Q 325 94.95 -6.39 -50.48
N THR Q 325 94.94 -6.39 -50.49
CA THR Q 325 95.21 -6.11 -49.07
CA THR Q 325 95.19 -6.13 -49.07
C THR Q 325 96.17 -7.12 -48.44
C THR Q 325 96.18 -7.12 -48.46
N PHE Q 326 96.05 -8.40 -48.80
CA PHE Q 326 96.98 -9.41 -48.29
C PHE Q 326 98.41 -9.24 -48.83
N ALA Q 327 98.55 -8.94 -50.13
CA ALA Q 327 99.89 -8.77 -50.72
C ALA Q 327 100.61 -7.57 -50.12
N ALA Q 328 99.91 -6.43 -50.03
CA ALA Q 328 100.45 -5.22 -49.38
C ALA Q 328 100.88 -5.44 -47.93
N ALA Q 329 100.03 -6.12 -47.16
CA ALA Q 329 100.30 -6.36 -45.73
C ALA Q 329 101.40 -7.40 -45.51
N LEU Q 330 101.47 -8.42 -46.36
CA LEU Q 330 102.61 -9.36 -46.31
C LEU Q 330 103.94 -8.65 -46.67
N ALA Q 331 103.90 -7.69 -47.58
CA ALA Q 331 105.11 -6.95 -47.98
C ALA Q 331 105.77 -6.20 -46.82
N GLU Q 332 104.95 -5.74 -45.86
CA GLU Q 332 105.42 -5.13 -44.60
C GLU Q 332 106.27 -6.06 -43.75
N LYS Q 333 105.75 -7.26 -43.48
CA LYS Q 333 106.34 -8.15 -42.48
C LYS Q 333 107.21 -9.25 -43.11
N ALA Q 334 107.31 -9.30 -44.44
CA ALA Q 334 107.97 -10.41 -45.13
C ALA Q 334 109.49 -10.33 -44.98
N PRO Q 335 110.15 -11.45 -44.65
CA PRO Q 335 111.61 -11.44 -44.58
C PRO Q 335 112.21 -11.43 -45.98
N SER Q 336 113.45 -10.93 -46.08
CA SER Q 336 114.19 -10.91 -47.34
C SER Q 336 114.57 -12.33 -47.77
N ARG Q 337 114.38 -12.64 -49.06
CA ARG Q 337 114.65 -13.96 -49.60
C ARG Q 337 115.25 -13.85 -51.02
N PRO Q 338 116.52 -13.38 -51.11
CA PRO Q 338 117.11 -13.11 -52.42
C PRO Q 338 117.84 -14.26 -53.10
N ALA Q 339 117.90 -15.44 -52.45
CA ALA Q 339 118.69 -16.57 -52.97
C ALA Q 339 118.40 -16.97 -54.42
N THR Q 340 117.13 -16.95 -54.82
CA THR Q 340 116.73 -17.36 -56.19
C THR Q 340 117.08 -16.37 -57.30
N THR Q 341 117.43 -15.13 -56.95
CA THR Q 341 117.95 -14.14 -57.92
C THR Q 341 119.49 -14.21 -58.14
N GLN Q 342 120.19 -14.99 -57.33
CA GLN Q 342 121.67 -15.03 -57.35
C GLN Q 342 122.19 -16.01 -58.41
N GLY Q 343 122.92 -15.47 -59.40
CA GLY Q 343 123.51 -16.25 -60.49
C GLY Q 343 122.67 -16.22 -61.75
N THR Q 344 121.36 -16.45 -61.60
CA THR Q 344 120.41 -16.48 -62.71
C THR Q 344 120.19 -15.10 -63.36
N GLN Q 345 119.60 -15.11 -64.55
CA GLN Q 345 119.39 -13.90 -65.36
C GLN Q 345 118.04 -13.97 -66.07
N ALA Q 346 117.43 -12.80 -66.31
CA ALA Q 346 116.16 -12.72 -67.05
C ALA Q 346 116.36 -13.24 -68.49
N PRO Q 347 115.38 -14.00 -69.03
CA PRO Q 347 115.57 -14.56 -70.37
C PRO Q 347 115.56 -13.51 -71.48
N VAL Q 348 116.22 -13.84 -72.59
CA VAL Q 348 116.29 -12.99 -73.78
C VAL Q 348 115.70 -13.75 -74.96
N LEU Q 349 115.32 -13.00 -75.99
CA LEU Q 349 114.90 -13.58 -77.26
C LEU Q 349 116.16 -14.08 -77.96
N GLY Q 350 116.29 -15.39 -78.11
CA GLY Q 350 117.53 -15.99 -78.64
C GLY Q 350 117.57 -16.06 -80.16
N ILE Q 351 117.27 -14.95 -80.83
CA ILE Q 351 117.07 -14.91 -82.28
C ILE Q 351 117.97 -13.84 -82.91
N GLU Q 352 119.02 -14.27 -83.59
CA GLU Q 352 119.86 -13.36 -84.37
C GLU Q 352 119.19 -13.09 -85.72
N ALA Q 353 119.42 -11.90 -86.27
CA ALA Q 353 118.75 -11.47 -87.50
C ALA Q 353 119.09 -12.37 -88.70
N ALA Q 354 118.08 -12.64 -89.53
CA ALA Q 354 118.27 -13.49 -90.70
C ALA Q 354 118.70 -12.65 -91.91
N GLU Q 355 119.13 -13.32 -92.96
N GLU Q 355 119.10 -13.33 -92.98
CA GLU Q 355 119.55 -12.63 -94.18
CA GLU Q 355 119.50 -12.68 -94.23
C GLU Q 355 118.33 -11.97 -94.84
C GLU Q 355 118.29 -11.97 -94.84
N PRO Q 356 118.38 -10.63 -95.05
CA PRO Q 356 117.24 -9.84 -95.58
C PRO Q 356 116.35 -10.43 -96.68
N ASN Q 357 116.95 -11.12 -97.65
CA ASN Q 357 116.24 -11.61 -98.83
C ASN Q 357 115.88 -13.10 -98.81
N ALA Q 358 116.23 -13.80 -97.74
CA ALA Q 358 115.82 -15.21 -97.56
C ALA Q 358 114.28 -15.33 -97.37
N PRO Q 359 113.74 -16.57 -97.56
CA PRO Q 359 112.32 -16.77 -97.22
C PRO Q 359 112.05 -16.50 -95.73
N LEU Q 360 111.00 -15.74 -95.45
CA LEU Q 360 110.67 -15.31 -94.08
C LEU Q 360 110.43 -16.52 -93.18
N THR Q 361 111.18 -16.60 -92.10
CA THR Q 361 111.01 -17.66 -91.11
C THR Q 361 110.07 -17.16 -90.01
N ASN Q 362 109.71 -18.09 -89.12
CA ASN Q 362 108.87 -17.79 -87.97
C ASN Q 362 109.67 -16.97 -86.97
N ASP Q 363 110.90 -17.41 -86.71
CA ASP Q 363 111.86 -16.68 -85.87
C ASP Q 363 112.08 -15.22 -86.29
N GLU Q 364 112.26 -15.01 -87.59
CA GLU Q 364 112.53 -13.67 -88.12
C GLU Q 364 111.33 -12.73 -87.97
N MET Q 365 110.13 -13.24 -88.23
CA MET Q 365 108.89 -12.47 -88.03
C MET Q 365 108.68 -12.14 -86.54
N THR Q 366 108.93 -13.10 -85.66
CA THR Q 366 108.87 -12.89 -84.22
C THR Q 366 109.85 -11.80 -83.76
N ARG Q 367 111.11 -11.91 -84.21
CA ARG Q 367 112.17 -10.92 -83.92
C ARG Q 367 111.75 -9.50 -84.27
N GLN Q 368 111.20 -9.30 -85.46
CA GLN Q 368 110.79 -7.95 -85.89
C GLN Q 368 109.54 -7.43 -85.20
N ILE Q 369 108.58 -8.31 -84.91
CA ILE Q 369 107.42 -7.94 -84.10
C ILE Q 369 107.85 -7.52 -82.68
N GLN Q 370 108.78 -8.27 -82.09
CA GLN Q 370 109.28 -7.98 -80.74
C GLN Q 370 109.87 -6.55 -80.63
N SER Q 371 110.63 -6.13 -81.65
CA SER Q 371 111.17 -4.75 -81.72
C SER Q 371 110.12 -3.63 -81.79
N LEU Q 372 108.92 -3.94 -82.27
CA LEU Q 372 107.81 -2.96 -82.28
C LEU Q 372 107.17 -2.70 -80.92
N ILE Q 373 107.38 -3.58 -79.94
CA ILE Q 373 106.67 -3.47 -78.66
C ILE Q 373 107.39 -2.46 -77.75
N THR Q 374 106.78 -1.28 -77.61
CA THR Q 374 107.20 -0.25 -76.66
C THR Q 374 106.42 -0.35 -75.34
N SER Q 375 106.78 0.51 -74.38
CA SER Q 375 106.06 0.68 -73.12
C SER Q 375 104.60 1.14 -73.28
N ASP Q 376 104.27 1.81 -74.40
CA ASP Q 376 102.91 2.22 -74.72
C ASP Q 376 102.27 1.35 -75.82
N THR Q 377 102.67 0.08 -75.91
CA THR Q 377 102.13 -0.85 -76.90
C THR Q 377 101.15 -1.83 -76.24
N THR Q 378 100.08 -2.16 -76.96
CA THR Q 378 99.22 -3.29 -76.61
C THR Q 378 99.27 -4.30 -77.76
N LEU Q 379 99.70 -5.52 -77.41
CA LEU Q 379 99.77 -6.64 -78.34
C LEU Q 379 98.64 -7.63 -78.03
N THR Q 380 97.75 -7.85 -78.99
CA THR Q 380 96.72 -8.90 -78.90
C THR Q 380 97.20 -10.16 -79.67
N ALA Q 381 97.48 -11.25 -78.95
CA ALA Q 381 97.97 -12.52 -79.54
C ALA Q 381 96.90 -13.62 -79.57
N GLU Q 382 96.56 -14.07 -80.77
CA GLU Q 382 95.46 -15.02 -81.02
C GLU Q 382 95.81 -16.45 -80.60
N THR Q 383 94.77 -17.25 -80.37
CA THR Q 383 94.92 -18.68 -80.19
C THR Q 383 95.49 -19.29 -81.47
N GLY Q 384 96.57 -20.05 -81.32
CA GLY Q 384 97.36 -20.53 -82.42
C GLY Q 384 98.82 -20.56 -82.00
N ASP Q 385 99.71 -20.59 -82.98
CA ASP Q 385 101.14 -20.52 -82.71
C ASP Q 385 101.55 -19.14 -82.20
N SER Q 386 100.74 -18.11 -82.49
CA SER Q 386 100.89 -16.78 -81.87
C SER Q 386 100.95 -16.77 -80.33
N TRP Q 387 100.29 -17.73 -79.66
CA TRP Q 387 100.46 -17.94 -78.22
C TRP Q 387 101.90 -18.20 -77.85
N PHE Q 388 102.54 -19.08 -78.61
CA PHE Q 388 103.90 -19.53 -78.33
C PHE Q 388 104.96 -18.51 -78.76
N ASN Q 389 104.67 -17.75 -79.82
CA ASN Q 389 105.53 -16.63 -80.24
C ASN Q 389 105.44 -15.48 -79.25
N ALA Q 390 104.24 -15.02 -78.93
CA ALA Q 390 104.05 -14.04 -77.85
C ALA Q 390 104.77 -14.47 -76.55
N SER Q 391 104.62 -15.75 -76.20
N SER Q 391 104.64 -15.74 -76.19
CA SER Q 391 105.18 -16.32 -74.97
CA SER Q 391 105.18 -16.25 -74.92
C SER Q 391 106.70 -16.30 -74.82
C SER Q 391 106.70 -16.37 -74.82
N ARG Q 392 107.43 -16.15 -75.93
CA ARG Q 392 108.90 -16.12 -75.91
C ARG Q 392 109.49 -14.73 -76.19
N MET Q 393 108.63 -13.71 -76.34
CA MET Q 393 109.05 -12.32 -76.54
C MET Q 393 109.19 -11.58 -75.20
N PRO Q 394 110.42 -11.14 -74.84
CA PRO Q 394 110.52 -10.17 -73.73
C PRO Q 394 109.81 -8.87 -74.11
N ILE Q 395 109.20 -8.22 -73.13
CA ILE Q 395 108.51 -6.95 -73.38
C ILE Q 395 108.94 -5.92 -72.34
N PRO Q 396 108.96 -4.64 -72.73
CA PRO Q 396 109.28 -3.58 -71.77
C PRO Q 396 108.17 -3.35 -70.75
N GLY Q 397 108.49 -2.62 -69.68
CA GLY Q 397 107.54 -2.29 -68.62
C GLY Q 397 106.52 -1.34 -69.18
N GLY Q 398 105.26 -1.51 -68.80
CA GLY Q 398 104.15 -0.73 -69.36
C GLY Q 398 103.44 -1.36 -70.55
N ALA Q 399 104.16 -2.19 -71.31
CA ALA Q 399 103.58 -2.94 -72.43
C ALA Q 399 102.46 -3.87 -71.95
N ARG Q 400 101.42 -3.98 -72.78
CA ARG Q 400 100.27 -4.81 -72.50
C ARG Q 400 100.22 -5.94 -73.52
N VAL Q 401 100.01 -7.17 -73.05
CA VAL Q 401 99.76 -8.31 -73.93
C VAL Q 401 98.42 -8.92 -73.57
N GLU Q 402 97.53 -9.00 -74.56
CA GLU Q 402 96.22 -9.61 -74.37
C GLU Q 402 96.14 -11.03 -74.98
N LEU Q 403 95.89 -11.99 -74.09
CA LEU Q 403 95.72 -13.39 -74.40
C LEU Q 403 94.35 -13.85 -73.93
N GLU Q 404 93.80 -14.85 -74.60
CA GLU Q 404 92.49 -15.39 -74.28
C GLU Q 404 92.63 -16.91 -74.09
N MET Q 405 93.44 -17.29 -73.10
CA MET Q 405 93.83 -18.70 -72.94
C MET Q 405 92.85 -19.60 -72.18
N GLN Q 406 91.83 -19.02 -71.55
CA GLN Q 406 90.80 -19.83 -70.88
C GLN Q 406 89.67 -20.18 -71.86
N TRP Q 407 89.19 -19.18 -72.59
CA TRP Q 407 88.13 -19.40 -73.56
C TRP Q 407 88.71 -19.97 -74.86
N GLY Q 408 89.74 -19.32 -75.39
CA GLY Q 408 90.46 -19.79 -76.58
C GLY Q 408 89.63 -19.90 -77.85
N HIS Q 409 88.80 -18.90 -78.11
CA HIS Q 409 87.93 -18.86 -79.28
C HIS Q 409 88.72 -18.23 -80.43
N ILE Q 410 89.06 -19.02 -81.45
CA ILE Q 410 89.79 -18.48 -82.59
C ILE Q 410 88.95 -17.44 -83.32
N GLY Q 411 89.58 -16.34 -83.71
CA GLY Q 411 88.87 -15.20 -84.27
C GLY Q 411 88.56 -14.10 -83.28
N TRP Q 412 88.57 -14.41 -81.97
CA TRP Q 412 88.49 -13.41 -80.89
C TRP Q 412 89.35 -12.16 -81.16
N SER Q 413 90.59 -12.38 -81.55
CA SER Q 413 91.62 -11.32 -81.66
C SER Q 413 91.27 -10.10 -82.52
N VAL Q 414 90.50 -10.32 -83.59
CA VAL Q 414 90.21 -9.23 -84.52
C VAL Q 414 89.25 -8.21 -83.95
N PRO Q 415 88.03 -8.63 -83.54
CA PRO Q 415 87.16 -7.68 -82.85
C PRO Q 415 87.70 -7.27 -81.48
N SER Q 416 88.40 -8.15 -80.77
CA SER Q 416 88.99 -7.76 -79.49
C SER Q 416 90.02 -6.61 -79.62
N ALA Q 417 90.92 -6.71 -80.59
CA ALA Q 417 91.89 -5.65 -80.83
C ALA Q 417 91.20 -4.37 -81.27
N PHE Q 418 90.14 -4.49 -82.07
CA PHE Q 418 89.31 -3.37 -82.44
C PHE Q 418 88.75 -2.61 -81.24
N GLY Q 419 88.06 -3.30 -80.36
CA GLY Q 419 87.43 -2.66 -79.21
C GLY Q 419 88.45 -2.09 -78.24
N ASN Q 420 89.54 -2.84 -78.04
CA ASN Q 420 90.66 -2.40 -77.21
C ASN Q 420 91.28 -1.09 -77.77
N ALA Q 421 91.56 -1.06 -79.07
CA ALA Q 421 92.07 0.14 -79.73
C ALA Q 421 91.09 1.32 -79.72
N VAL Q 422 89.79 1.05 -79.78
CA VAL Q 422 88.78 2.10 -79.57
C VAL Q 422 88.82 2.65 -78.12
N GLY Q 423 89.12 1.78 -77.15
CA GLY Q 423 89.16 2.14 -75.74
C GLY Q 423 90.46 2.75 -75.22
N SER Q 424 91.57 2.49 -75.92
CA SER Q 424 92.89 3.02 -75.57
C SER Q 424 93.63 3.51 -76.84
N PRO Q 425 93.08 4.55 -77.50
CA PRO Q 425 93.62 5.05 -78.78
C PRO Q 425 95.00 5.70 -78.69
N GLU Q 426 95.38 6.14 -77.50
CA GLU Q 426 96.73 6.66 -77.23
C GLU Q 426 97.88 5.64 -77.31
N ARG Q 427 97.57 4.34 -77.31
CA ARG Q 427 98.60 3.30 -77.41
C ARG Q 427 98.88 2.89 -78.85
N ARG Q 428 100.01 2.24 -79.05
CA ARG Q 428 100.29 1.51 -80.29
C ARG Q 428 99.61 0.15 -80.19
N HIS Q 429 98.70 -0.15 -81.12
CA HIS Q 429 98.01 -1.44 -81.16
C HIS Q 429 98.52 -2.39 -82.25
N ILE Q 430 99.12 -3.49 -81.80
CA ILE Q 430 99.63 -4.58 -82.63
C ILE Q 430 98.78 -5.84 -82.40
N MET Q 431 98.64 -6.63 -83.47
CA MET Q 431 97.83 -7.84 -83.52
C MET Q 431 98.59 -8.98 -84.20
N MET Q 432 98.66 -10.13 -83.56
CA MET Q 432 99.16 -11.35 -84.18
C MET Q 432 98.00 -12.35 -84.30
N VAL Q 433 97.61 -12.66 -85.53
CA VAL Q 433 96.49 -13.56 -85.80
C VAL Q 433 96.86 -14.53 -86.91
N GLY Q 434 96.40 -15.76 -86.78
CA GLY Q 434 96.60 -16.79 -87.78
C GLY Q 434 95.55 -16.67 -88.88
N ASP Q 435 95.84 -17.32 -90.00
CA ASP Q 435 94.95 -17.37 -91.15
C ASP Q 435 93.61 -18.06 -90.82
N GLY Q 436 93.67 -19.16 -90.09
CA GLY Q 436 92.46 -19.86 -89.65
C GLY Q 436 91.52 -18.99 -88.82
N SER Q 437 92.09 -18.35 -87.80
CA SER Q 437 91.33 -17.48 -86.91
C SER Q 437 90.73 -16.30 -87.63
N PHE Q 438 91.54 -15.65 -88.46
CA PHE Q 438 91.11 -14.49 -89.23
C PHE Q 438 89.81 -14.70 -90.00
N GLN Q 439 89.64 -15.89 -90.58
CA GLN Q 439 88.46 -16.21 -91.38
C GLN Q 439 87.12 -16.22 -90.61
N LEU Q 440 87.14 -16.49 -89.30
CA LEU Q 440 85.90 -16.43 -88.50
C LEU Q 440 85.35 -15.01 -88.34
N THR Q 441 86.24 -14.03 -88.23
CA THR Q 441 85.84 -12.67 -87.83
C THR Q 441 86.40 -11.55 -88.70
N ALA Q 442 86.93 -11.89 -89.88
CA ALA Q 442 87.61 -10.94 -90.78
C ALA Q 442 86.87 -9.63 -91.02
N GLN Q 443 85.55 -9.69 -91.15
CA GLN Q 443 84.75 -8.50 -91.47
C GLN Q 443 84.87 -7.33 -90.49
N GLU Q 444 85.35 -7.58 -89.28
CA GLU Q 444 85.53 -6.50 -88.30
C GLU Q 444 86.71 -5.59 -88.62
N VAL Q 445 87.62 -6.04 -89.49
CA VAL Q 445 88.63 -5.14 -90.06
C VAL Q 445 87.96 -3.98 -90.81
N ALA Q 446 86.79 -4.20 -91.39
CA ALA Q 446 86.04 -3.12 -92.03
C ALA Q 446 85.55 -2.05 -91.05
N GLN Q 447 85.29 -2.45 -89.81
CA GLN Q 447 84.94 -1.52 -88.75
C GLN Q 447 86.17 -0.75 -88.30
N MET Q 448 87.34 -1.41 -88.25
CA MET Q 448 88.60 -0.70 -88.00
C MET Q 448 88.82 0.39 -89.05
N ILE Q 449 88.50 0.08 -90.30
CA ILE Q 449 88.58 1.06 -91.40
C ILE Q 449 87.53 2.17 -91.23
N ARG Q 450 86.27 1.79 -91.02
CA ARG Q 450 85.20 2.77 -90.84
C ARG Q 450 85.51 3.81 -89.75
N TYR Q 451 86.03 3.35 -88.62
CA TYR Q 451 86.28 4.20 -87.46
C TYR Q 451 87.73 4.68 -87.34
N GLU Q 452 88.56 4.33 -88.33
CA GLU Q 452 89.92 4.85 -88.49
C GLU Q 452 90.84 4.44 -87.34
N ILE Q 453 90.82 3.14 -87.05
CA ILE Q 453 91.57 2.58 -85.93
C ILE Q 453 92.86 1.99 -86.47
N PRO Q 454 94.01 2.58 -86.11
CA PRO Q 454 95.27 2.13 -86.70
C PRO Q 454 95.89 0.85 -86.10
N VAL Q 455 95.15 -0.27 -86.12
CA VAL Q 455 95.71 -1.54 -85.66
C VAL Q 455 96.64 -2.11 -86.74
N ILE Q 456 97.80 -2.60 -86.32
CA ILE Q 456 98.75 -3.23 -87.21
C ILE Q 456 98.59 -4.73 -87.02
N ILE Q 457 98.11 -5.39 -88.07
CA ILE Q 457 97.75 -6.80 -88.01
C ILE Q 457 98.80 -7.63 -88.73
N PHE Q 458 99.51 -8.44 -87.97
CA PHE Q 458 100.37 -9.49 -88.55
C PHE Q 458 99.54 -10.76 -88.74
N LEU Q 459 99.19 -11.02 -89.99
CA LEU Q 459 98.43 -12.20 -90.36
C LEU Q 459 99.44 -13.27 -90.75
N ILE Q 460 99.52 -14.35 -89.95
CA ILE Q 460 100.43 -15.47 -90.26
C ILE Q 460 99.72 -16.44 -91.21
N ASN Q 461 100.11 -16.42 -92.49
CA ASN Q 461 99.58 -17.35 -93.47
C ASN Q 461 100.44 -18.59 -93.57
N ASN Q 462 100.11 -19.57 -92.74
CA ASN Q 462 100.78 -20.88 -92.78
C ASN Q 462 99.94 -21.99 -93.42
N ARG Q 463 98.85 -21.60 -94.09
CA ARG Q 463 98.02 -22.50 -94.90
C ARG Q 463 97.33 -23.60 -94.07
N GLY Q 464 96.64 -23.19 -93.01
CA GLY Q 464 95.84 -24.11 -92.18
C GLY Q 464 95.93 -23.88 -90.68
N TYR Q 465 95.41 -24.86 -89.95
CA TYR Q 465 95.33 -24.86 -88.50
C TYR Q 465 96.55 -25.57 -87.92
N VAL Q 466 97.68 -24.86 -87.81
CA VAL Q 466 98.95 -25.50 -87.42
C VAL Q 466 99.00 -26.00 -85.97
N ILE Q 467 98.44 -25.25 -85.04
CA ILE Q 467 98.30 -25.75 -83.66
C ILE Q 467 97.49 -27.05 -83.60
N GLU Q 468 96.42 -27.14 -84.39
CA GLU Q 468 95.59 -28.36 -84.46
C GLU Q 468 96.34 -29.51 -85.09
N ILE Q 469 97.14 -29.23 -86.11
CA ILE Q 469 98.01 -30.23 -86.76
C ILE Q 469 98.97 -30.87 -85.74
N ALA Q 470 99.56 -30.04 -84.87
CA ALA Q 470 100.45 -30.52 -83.80
C ALA Q 470 99.75 -31.41 -82.73
N ILE Q 471 98.44 -31.24 -82.58
CA ILE Q 471 97.62 -32.08 -81.68
C ILE Q 471 97.25 -33.40 -82.38
N HIS Q 472 96.53 -33.30 -83.50
CA HIS Q 472 96.06 -34.47 -84.24
C HIS Q 472 95.74 -34.04 -85.68
N ASP Q 473 96.54 -34.50 -86.63
CA ASP Q 473 96.41 -34.05 -88.02
C ASP Q 473 95.29 -34.78 -88.80
N GLY Q 474 94.66 -34.06 -89.72
CA GLY Q 474 93.60 -34.60 -90.56
C GLY Q 474 93.12 -33.52 -91.52
N PRO Q 475 92.28 -33.89 -92.50
CA PRO Q 475 91.89 -32.95 -93.56
C PRO Q 475 91.12 -31.70 -93.08
N TYR Q 476 90.44 -31.84 -91.95
CA TYR Q 476 89.83 -30.70 -91.25
C TYR Q 476 90.76 -29.51 -90.86
N ASN Q 477 92.08 -29.72 -90.90
CA ASN Q 477 93.05 -28.65 -90.62
C ASN Q 477 93.43 -27.74 -91.80
N TYR Q 478 93.01 -28.07 -93.02
CA TYR Q 478 93.43 -27.36 -94.21
C TYR Q 478 92.26 -26.56 -94.76
N ILE Q 479 92.51 -25.27 -95.00
CA ILE Q 479 91.48 -24.30 -95.31
C ILE Q 479 91.71 -23.64 -96.66
N LYS Q 480 90.67 -23.00 -97.17
CA LYS Q 480 90.76 -22.23 -98.39
C LYS Q 480 91.67 -21.04 -98.13
N ASN Q 481 92.70 -20.88 -98.96
CA ASN Q 481 93.55 -19.71 -98.91
C ASN Q 481 92.83 -18.49 -99.47
N TRP Q 482 93.00 -17.33 -98.82
CA TRP Q 482 92.54 -16.06 -99.38
C TRP Q 482 93.72 -15.19 -99.71
N ASN Q 483 93.49 -14.19 -100.54
CA ASN Q 483 94.42 -13.07 -100.72
C ASN Q 483 94.18 -12.09 -99.56
N TYR Q 484 94.76 -12.38 -98.41
CA TYR Q 484 94.40 -11.64 -97.19
C TYR Q 484 94.71 -10.14 -97.33
N ALA Q 485 95.88 -9.82 -97.89
CA ALA Q 485 96.26 -8.42 -98.16
C ALA Q 485 95.25 -7.70 -99.06
N GLY Q 486 94.74 -8.40 -100.07
CA GLY Q 486 93.76 -7.83 -100.99
C GLY Q 486 92.41 -7.51 -100.37
N LEU Q 487 92.08 -8.19 -99.27
CA LEU Q 487 90.86 -7.91 -98.54
C LEU Q 487 90.74 -6.44 -98.13
N ILE Q 488 91.86 -5.82 -97.75
CA ILE Q 488 91.82 -4.44 -97.24
C ILE Q 488 91.23 -3.45 -98.25
N ASP Q 489 91.60 -3.60 -99.52
CA ASP Q 489 91.05 -2.72 -100.58
C ASP Q 489 89.56 -2.92 -100.81
N VAL Q 490 89.09 -4.15 -100.63
CA VAL Q 490 87.67 -4.48 -100.72
C VAL Q 490 86.85 -3.74 -99.65
N PHE Q 491 87.35 -3.77 -98.41
CA PHE Q 491 86.68 -3.04 -97.32
C PHE Q 491 86.86 -1.53 -97.44
N ASN Q 492 88.03 -1.07 -97.91
CA ASN Q 492 88.24 0.36 -98.17
C ASN Q 492 87.22 0.91 -99.14
N ASP Q 493 87.07 0.23 -100.27
CA ASP Q 493 86.22 0.69 -101.37
C ASP Q 493 86.66 2.12 -101.79
N GLU Q 494 85.85 3.16 -101.58
CA GLU Q 494 86.25 4.53 -101.90
C GLU Q 494 86.89 5.28 -100.72
N ASP Q 495 86.21 5.25 -99.56
CA ASP Q 495 86.51 6.15 -98.43
C ASP Q 495 87.58 5.68 -97.42
N GLY Q 496 87.91 4.40 -97.39
CA GLY Q 496 88.77 3.85 -96.35
C GLY Q 496 90.24 4.08 -96.54
N HIS Q 497 91.00 4.07 -95.44
CA HIS Q 497 92.45 4.27 -95.43
C HIS Q 497 93.21 3.09 -94.80
N GLY Q 498 92.67 1.88 -94.89
CA GLY Q 498 93.43 0.67 -94.57
C GLY Q 498 94.51 0.39 -95.60
N LEU Q 499 95.56 -0.33 -95.18
CA LEU Q 499 96.63 -0.77 -96.07
C LEU Q 499 96.81 -2.29 -96.00
N GLY Q 500 96.91 -2.94 -97.15
CA GLY Q 500 97.13 -4.38 -97.21
C GLY Q 500 98.45 -4.68 -97.88
N LEU Q 501 99.32 -5.42 -97.20
CA LEU Q 501 100.70 -5.63 -97.66
C LEU Q 501 101.11 -7.09 -97.48
N LYS Q 502 101.95 -7.57 -98.39
CA LYS Q 502 102.50 -8.93 -98.33
C LYS Q 502 103.95 -8.87 -97.87
N ALA Q 503 104.38 -9.93 -97.18
CA ALA Q 503 105.76 -10.03 -96.73
C ALA Q 503 106.20 -11.48 -96.81
N SER Q 504 107.15 -11.76 -97.70
CA SER Q 504 107.72 -13.10 -97.87
C SER Q 504 109.20 -13.19 -97.48
N THR Q 505 109.80 -12.06 -97.11
CA THR Q 505 111.21 -12.00 -96.70
C THR Q 505 111.35 -11.04 -95.52
N GLY Q 506 112.49 -11.13 -94.82
CA GLY Q 506 112.86 -10.18 -93.76
C GLY Q 506 112.82 -8.73 -94.21
N ALA Q 507 113.38 -8.46 -95.39
CA ALA Q 507 113.36 -7.12 -96.00
C ALA Q 507 111.95 -6.61 -96.27
N GLU Q 508 111.13 -7.44 -96.91
CA GLU Q 508 109.74 -7.07 -97.21
C GLU Q 508 108.93 -6.81 -95.94
N LEU Q 509 109.17 -7.60 -94.90
CA LEU Q 509 108.53 -7.38 -93.60
C LEU Q 509 108.94 -6.05 -93.00
N GLU Q 510 110.26 -5.80 -92.97
CA GLU Q 510 110.84 -4.53 -92.48
C GLU Q 510 110.22 -3.32 -93.19
N GLY Q 511 110.14 -3.39 -94.51
CA GLY Q 511 109.48 -2.35 -95.32
C GLY Q 511 108.00 -2.20 -95.03
N ALA Q 512 107.30 -3.33 -94.91
CA ALA Q 512 105.87 -3.32 -94.57
C ALA Q 512 105.57 -2.72 -93.18
N ILE Q 513 106.40 -3.06 -92.18
CA ILE Q 513 106.32 -2.46 -90.83
C ILE Q 513 106.47 -0.92 -90.83
N LYS Q 514 107.35 -0.39 -91.68
CA LYS Q 514 107.51 1.08 -91.81
C LYS Q 514 106.26 1.77 -92.36
N LYS Q 515 105.68 1.22 -93.42
CA LYS Q 515 104.42 1.75 -93.97
C LYS Q 515 103.26 1.69 -92.98
N ALA Q 516 103.23 0.62 -92.17
CA ALA Q 516 102.21 0.43 -91.12
C ALA Q 516 102.28 1.53 -90.06
N LEU Q 517 103.48 1.77 -89.53
CA LEU Q 517 103.71 2.86 -88.56
C LEU Q 517 103.23 4.22 -89.03
N ASP Q 518 103.44 4.53 -90.31
CA ASP Q 518 103.01 5.82 -90.87
C ASP Q 518 101.52 5.90 -91.25
N ASN Q 519 100.83 4.76 -91.32
CA ASN Q 519 99.39 4.76 -91.60
C ASN Q 519 98.62 5.01 -90.31
N ARG Q 520 98.12 6.24 -90.16
CA ARG Q 520 97.51 6.71 -88.93
C ARG Q 520 95.98 6.67 -88.93
N ARG Q 521 95.36 6.65 -90.12
CA ARG Q 521 93.88 6.69 -90.24
C ARG Q 521 93.23 5.35 -90.65
N GLY Q 522 93.95 4.25 -90.52
CA GLY Q 522 93.38 2.95 -90.79
C GLY Q 522 94.28 1.80 -90.40
N PRO Q 523 93.72 0.58 -90.31
CA PRO Q 523 94.53 -0.56 -89.95
C PRO Q 523 95.46 -0.95 -91.10
N THR Q 524 96.55 -1.61 -90.77
CA THR Q 524 97.45 -2.15 -91.75
C THR Q 524 97.53 -3.65 -91.52
N LEU Q 525 97.18 -4.42 -92.55
CA LEU Q 525 97.30 -5.88 -92.50
C LEU Q 525 98.55 -6.32 -93.25
N ILE Q 526 99.47 -6.96 -92.55
CA ILE Q 526 100.70 -7.48 -93.13
C ILE Q 526 100.55 -9.00 -93.17
N GLU Q 527 100.30 -9.52 -94.38
CA GLU Q 527 100.20 -10.96 -94.59
C GLU Q 527 101.59 -11.56 -94.71
N CYS Q 528 102.00 -12.34 -93.72
CA CYS Q 528 103.31 -12.97 -93.69
C CYS Q 528 103.24 -14.41 -94.17
N ASN Q 529 103.98 -14.72 -95.22
CA ASN Q 529 104.14 -16.08 -95.75
C ASN Q 529 105.11 -16.88 -94.86
N ILE Q 530 104.55 -17.78 -94.05
CA ILE Q 530 105.33 -18.66 -93.15
C ILE Q 530 105.05 -20.10 -93.56
N ALA Q 531 106.09 -20.91 -93.71
CA ALA Q 531 105.91 -22.32 -94.08
C ALA Q 531 105.17 -23.07 -92.98
N GLN Q 532 104.36 -24.04 -93.40
CA GLN Q 532 103.54 -24.84 -92.49
C GLN Q 532 104.38 -25.71 -91.53
N ASP Q 533 105.54 -26.15 -91.98
CA ASP Q 533 106.53 -26.85 -91.13
C ASP Q 533 107.16 -25.98 -90.06
N ASP Q 534 107.20 -24.65 -90.31
CA ASP Q 534 107.94 -23.69 -89.50
C ASP Q 534 107.07 -23.06 -88.39
N CYS Q 535 106.81 -23.87 -87.37
CA CYS Q 535 106.16 -23.42 -86.15
C CYS Q 535 107.14 -23.64 -85.01
N THR Q 536 106.81 -23.10 -83.84
CA THR Q 536 107.71 -23.16 -82.68
C THR Q 536 107.90 -24.61 -82.22
N GLU Q 537 109.10 -24.90 -81.74
CA GLU Q 537 109.38 -26.19 -81.09
C GLU Q 537 108.52 -26.39 -79.84
N THR Q 538 108.21 -25.29 -79.14
CA THR Q 538 107.35 -25.33 -77.95
C THR Q 538 105.90 -25.76 -78.28
N LEU Q 539 105.36 -25.32 -79.42
CA LEU Q 539 104.03 -25.78 -79.86
C LEU Q 539 103.96 -27.29 -79.99
N ILE Q 540 104.99 -27.87 -80.62
CA ILE Q 540 105.04 -29.31 -80.89
C ILE Q 540 105.09 -30.11 -79.57
N ALA Q 541 106.00 -29.75 -78.67
CA ALA Q 541 106.10 -30.42 -77.37
C ALA Q 541 104.78 -30.32 -76.60
N TRP Q 542 104.24 -29.11 -76.50
CA TRP Q 542 103.00 -28.85 -75.78
C TRP Q 542 101.81 -29.61 -76.38
N GLY Q 543 101.72 -29.60 -77.70
CA GLY Q 543 100.67 -30.30 -78.45
C GLY Q 543 100.62 -31.81 -78.23
N LYS Q 544 101.79 -32.45 -78.14
CA LYS Q 544 101.87 -33.89 -77.84
C LYS Q 544 101.26 -34.24 -76.47
N ARG Q 545 101.56 -33.43 -75.46
CA ARG Q 545 101.05 -33.63 -74.10
C ARG Q 545 99.53 -33.40 -74.03
N VAL Q 546 99.05 -32.37 -74.73
CA VAL Q 546 97.61 -32.07 -74.80
C VAL Q 546 96.84 -33.20 -75.51
N ALA Q 547 97.36 -33.67 -76.63
CA ALA Q 547 96.76 -34.78 -77.37
C ALA Q 547 96.63 -36.04 -76.51
N ALA Q 548 97.67 -36.36 -75.75
CA ALA Q 548 97.67 -37.55 -74.87
C ALA Q 548 96.70 -37.42 -73.68
N THR Q 549 96.59 -36.21 -73.13
CA THR Q 549 95.66 -35.93 -72.03
C THR Q 549 94.19 -35.96 -72.48
N ASN Q 550 93.89 -35.35 -73.62
CA ASN Q 550 92.54 -35.39 -74.19
C ASN Q 550 92.06 -36.78 -74.58
N SER Q 551 92.97 -37.65 -75.01
CA SER Q 551 92.60 -38.99 -75.47
C SER Q 551 92.66 -40.06 -74.36
N ARG Q 552 93.08 -39.73 -73.15
CA ARG Q 552 93.27 -40.78 -72.13
C ARG Q 552 91.95 -41.54 -71.92
N LYS Q 553 92.07 -42.87 -71.92
CA LYS Q 553 90.93 -43.79 -71.96
C LYS Q 553 89.99 -43.65 -70.74
N PRO Q 554 88.68 -43.94 -70.93
CA PRO Q 554 87.76 -43.98 -69.79
C PRO Q 554 88.03 -45.13 -68.81
N GLN Q 555 87.45 -45.06 -67.62
CA GLN Q 555 87.55 -46.13 -66.62
C GLN Q 555 86.41 -47.13 -66.78
N MET R 1 87.49 -53.03 -85.63
CA MET R 1 87.17 -51.96 -84.66
C MET R 1 85.96 -51.17 -85.15
N TYR R 2 84.86 -51.24 -84.40
CA TYR R 2 83.68 -50.40 -84.66
C TYR R 2 83.48 -49.48 -83.45
N THR R 3 83.34 -48.18 -83.73
CA THR R 3 83.34 -47.13 -82.69
C THR R 3 82.04 -46.35 -82.60
N VAL R 4 81.91 -45.57 -81.53
CA VAL R 4 80.74 -44.73 -81.28
C VAL R 4 80.51 -43.74 -82.43
N GLY R 5 81.58 -43.12 -82.90
CA GLY R 5 81.51 -42.19 -84.01
C GLY R 5 81.12 -42.84 -85.31
N MET R 6 81.54 -44.08 -85.53
CA MET R 6 81.08 -44.86 -86.69
C MET R 6 79.59 -45.18 -86.57
N TYR R 7 79.14 -45.54 -85.37
CA TYR R 7 77.70 -45.73 -85.11
C TYR R 7 76.93 -44.49 -85.50
N LEU R 8 77.38 -43.34 -85.01
CA LEU R 8 76.76 -42.05 -85.36
C LEU R 8 76.80 -41.85 -86.87
N ALA R 9 77.94 -42.12 -87.49
CA ALA R 9 78.09 -41.91 -88.94
C ALA R 9 77.13 -42.79 -89.73
N GLU R 10 76.98 -44.04 -89.30
CA GLU R 10 76.10 -44.99 -89.96
C GLU R 10 74.62 -44.62 -89.86
N ARG R 11 74.19 -44.14 -88.69
CA ARG R 11 72.81 -43.66 -88.56
C ARG R 11 72.56 -42.42 -89.39
N LEU R 12 73.54 -41.52 -89.44
CA LEU R 12 73.40 -40.33 -90.26
C LEU R 12 73.24 -40.67 -91.77
N ALA R 13 74.04 -41.61 -92.24
CA ALA R 13 73.89 -42.14 -93.60
C ALA R 13 72.50 -42.77 -93.83
N GLN R 14 71.96 -43.47 -92.84
CA GLN R 14 70.59 -44.04 -92.93
C GLN R 14 69.45 -43.01 -93.04
N ILE R 15 69.65 -41.80 -92.50
CA ILE R 15 68.70 -40.71 -92.66
C ILE R 15 68.68 -40.21 -94.12
N GLY R 16 69.74 -40.51 -94.88
CA GLY R 16 69.89 -40.00 -96.24
C GLY R 16 70.84 -38.81 -96.36
N LEU R 17 71.63 -38.54 -95.33
CA LEU R 17 72.71 -37.53 -95.41
C LEU R 17 73.83 -38.04 -96.31
N LYS R 18 74.20 -37.24 -97.30
CA LYS R 18 75.39 -37.47 -98.09
C LYS R 18 76.55 -36.57 -97.66
N HIS R 19 76.23 -35.58 -96.82
CA HIS R 19 77.23 -34.65 -96.28
C HIS R 19 76.91 -34.33 -94.84
N HIS R 20 77.95 -34.02 -94.06
CA HIS R 20 77.82 -33.31 -92.79
C HIS R 20 78.84 -32.19 -92.74
N PHE R 21 78.57 -31.21 -91.90
CA PHE R 21 79.33 -29.97 -91.85
C PHE R 21 80.07 -29.88 -90.53
N ALA R 22 81.31 -29.40 -90.54
CA ALA R 22 82.12 -29.42 -89.33
C ALA R 22 83.07 -28.23 -89.20
N VAL R 23 83.42 -27.93 -87.95
CA VAL R 23 84.57 -27.08 -87.64
C VAL R 23 85.40 -27.83 -86.62
N ALA R 24 86.66 -28.05 -86.94
CA ALA R 24 87.56 -28.83 -86.08
C ALA R 24 87.89 -28.10 -84.78
N GLY R 25 88.10 -28.88 -83.73
CA GLY R 25 88.61 -28.41 -82.45
C GLY R 25 89.06 -29.64 -81.71
N ASP R 26 89.96 -29.49 -80.73
CA ASP R 26 90.58 -30.66 -80.12
C ASP R 26 89.60 -31.63 -79.45
N TYR R 27 88.47 -31.13 -78.95
CA TYR R 27 87.42 -31.98 -78.38
C TYR R 27 86.65 -32.83 -79.41
N ASN R 28 86.73 -32.52 -80.71
CA ASN R 28 86.04 -33.30 -81.73
C ASN R 28 86.91 -33.98 -82.80
N LEU R 29 88.24 -33.94 -82.66
CA LEU R 29 89.13 -34.43 -83.73
C LEU R 29 89.00 -35.94 -83.96
N VAL R 30 88.99 -36.70 -82.87
CA VAL R 30 88.83 -38.15 -82.97
C VAL R 30 87.44 -38.45 -83.57
N LEU R 31 86.41 -37.74 -83.12
CA LEU R 31 85.05 -37.87 -83.68
C LEU R 31 85.01 -37.62 -85.19
N LEU R 32 85.68 -36.58 -85.66
CA LEU R 32 85.74 -36.28 -87.09
C LEU R 32 86.46 -37.38 -87.87
N ASP R 33 87.52 -37.95 -87.30
CA ASP R 33 88.19 -39.14 -87.87
C ASP R 33 87.26 -40.33 -88.06
N GLN R 34 86.40 -40.59 -87.07
CA GLN R 34 85.44 -41.69 -87.16
C GLN R 34 84.42 -41.44 -88.25
N LEU R 35 83.92 -40.21 -88.33
CA LEU R 35 82.94 -39.85 -89.35
C LEU R 35 83.55 -39.95 -90.76
N LEU R 36 84.84 -39.63 -90.90
CA LEU R 36 85.57 -39.74 -92.18
C LEU R 36 85.73 -41.19 -92.66
N LEU R 37 85.72 -42.15 -91.74
CA LEU R 37 85.75 -43.58 -92.11
C LEU R 37 84.46 -44.09 -92.79
N ASN R 38 83.39 -43.29 -92.76
CA ASN R 38 82.14 -43.66 -93.40
C ASN R 38 82.12 -43.29 -94.89
N LYS R 39 82.12 -44.32 -95.74
CA LYS R 39 82.28 -44.18 -97.18
C LYS R 39 81.11 -43.42 -97.82
N ASP R 40 79.93 -43.44 -97.18
CA ASP R 40 78.73 -42.85 -97.76
C ASP R 40 78.59 -41.32 -97.61
N MET R 41 79.42 -40.69 -96.80
CA MET R 41 79.30 -39.24 -96.54
C MET R 41 80.59 -38.49 -96.80
N GLU R 42 80.46 -37.23 -97.22
N GLU R 42 80.46 -37.21 -97.16
CA GLU R 42 81.58 -36.28 -97.30
CA GLU R 42 81.60 -36.31 -97.27
C GLU R 42 81.53 -35.35 -96.08
C GLU R 42 81.54 -35.29 -96.13
N GLN R 43 82.70 -34.95 -95.60
CA GLN R 43 82.81 -34.00 -94.48
C GLN R 43 83.15 -32.62 -95.06
N VAL R 44 82.25 -31.66 -94.89
CA VAL R 44 82.40 -30.31 -95.44
C VAL R 44 82.79 -29.35 -94.30
N TYR R 45 83.81 -28.52 -94.53
CA TYR R 45 84.32 -27.63 -93.48
C TYR R 45 83.82 -26.21 -93.68
N CYS R 46 83.60 -25.53 -92.57
CA CYS R 46 83.07 -24.18 -92.57
C CYS R 46 84.03 -23.22 -91.88
N CYS R 47 83.84 -21.93 -92.16
CA CYS R 47 84.69 -20.87 -91.62
C CYS R 47 84.51 -20.74 -90.12
N ASN R 48 83.26 -20.56 -89.71
CA ASN R 48 82.90 -20.50 -88.31
C ASN R 48 81.63 -21.29 -88.03
N GLU R 49 81.30 -21.41 -86.74
CA GLU R 49 80.27 -22.34 -86.30
C GLU R 49 78.86 -21.83 -86.51
N LEU R 50 78.69 -20.51 -86.55
CA LEU R 50 77.40 -19.94 -86.89
C LEU R 50 77.05 -20.33 -88.32
N ASN R 51 78.00 -20.13 -89.21
CA ASN R 51 77.83 -20.47 -90.63
C ASN R 51 77.66 -21.98 -90.84
N CYS R 52 78.41 -22.76 -90.05
CA CYS R 52 78.30 -24.21 -90.06
C CYS R 52 76.90 -24.69 -89.75
N GLY R 53 76.30 -24.11 -88.70
CA GLY R 53 74.93 -24.42 -88.33
C GLY R 53 73.91 -24.00 -89.37
N PHE R 54 74.08 -22.81 -89.93
CA PHE R 54 73.17 -22.36 -90.98
C PHE R 54 73.35 -23.13 -92.29
N SER R 55 74.56 -23.60 -92.57
CA SER R 55 74.80 -24.50 -93.71
C SER R 55 74.05 -25.82 -93.55
N ALA R 56 74.15 -26.44 -92.37
CA ALA R 56 73.36 -27.62 -92.02
C ALA R 56 71.87 -27.37 -92.18
N GLU R 57 71.42 -26.19 -91.74
CA GLU R 57 70.03 -25.81 -91.87
C GLU R 57 69.60 -25.79 -93.35
N GLY R 58 70.44 -25.20 -94.19
CA GLY R 58 70.19 -25.18 -95.63
C GLY R 58 70.16 -26.56 -96.25
N TYR R 59 71.12 -27.40 -95.87
CA TYR R 59 71.13 -28.82 -96.25
C TYR R 59 69.82 -29.53 -95.90
N ALA R 60 69.30 -29.27 -94.70
CA ALA R 60 68.04 -29.88 -94.26
C ALA R 60 66.84 -29.42 -95.10
N ARG R 61 66.84 -28.18 -95.57
CA ARG R 61 65.83 -27.73 -96.53
C ARG R 61 65.83 -28.52 -97.86
N ALA R 62 67.00 -29.01 -98.27
CA ALA R 62 67.15 -29.84 -99.46
C ALA R 62 66.81 -31.31 -99.22
N ARG R 63 67.31 -31.89 -98.12
CA ARG R 63 67.21 -33.36 -97.89
C ARG R 63 66.35 -33.81 -96.70
N GLY R 64 65.80 -32.87 -95.94
CA GLY R 64 64.96 -33.21 -94.78
C GLY R 64 65.70 -33.39 -93.46
N ALA R 65 67.02 -33.48 -93.48
CA ALA R 65 67.82 -33.54 -92.25
C ALA R 65 69.26 -33.15 -92.52
N ALA R 66 70.02 -32.93 -91.44
CA ALA R 66 71.42 -32.52 -91.57
C ALA R 66 72.14 -32.66 -90.25
N ALA R 67 73.46 -32.58 -90.30
CA ALA R 67 74.29 -32.63 -89.10
C ALA R 67 75.43 -31.63 -89.18
N ALA R 68 75.67 -30.95 -88.05
CA ALA R 68 76.79 -30.05 -87.84
C ALA R 68 77.60 -30.55 -86.65
N ILE R 69 78.92 -30.63 -86.80
CA ILE R 69 79.83 -31.07 -85.73
C ILE R 69 80.71 -29.88 -85.31
N VAL R 70 80.75 -29.59 -84.00
CA VAL R 70 81.47 -28.45 -83.44
C VAL R 70 82.24 -28.84 -82.19
N THR R 71 83.11 -27.95 -81.72
CA THR R 71 83.84 -28.17 -80.48
C THR R 71 83.10 -27.56 -79.28
N PHE R 72 83.49 -27.98 -78.09
CA PHE R 72 82.82 -27.59 -76.86
C PHE R 72 82.88 -26.07 -76.60
N SER R 73 81.71 -25.47 -76.36
CA SER R 73 81.54 -24.07 -75.91
C SER R 73 81.84 -23.02 -76.95
N VAL R 74 83.11 -22.85 -77.25
CA VAL R 74 83.52 -21.86 -78.25
C VAL R 74 82.87 -22.11 -79.61
N GLY R 75 82.65 -23.37 -79.97
CA GLY R 75 81.91 -23.71 -81.20
C GLY R 75 80.40 -23.80 -81.03
N ALA R 76 79.98 -24.59 -80.04
CA ALA R 76 78.58 -24.91 -79.83
C ALA R 76 77.69 -23.69 -79.58
N ILE R 77 78.17 -22.71 -78.82
CA ILE R 77 77.29 -21.60 -78.43
C ILE R 77 76.88 -20.76 -79.66
N SER R 78 77.82 -20.47 -80.56
CA SER R 78 77.48 -19.80 -81.83
C SER R 78 76.50 -20.64 -82.66
N ALA R 79 76.75 -21.95 -82.70
CA ALA R 79 75.89 -22.89 -83.41
C ALA R 79 74.46 -22.94 -82.85
N MET R 80 74.29 -22.70 -81.54
CA MET R 80 72.93 -22.64 -80.94
C MET R 80 72.03 -21.59 -81.56
N ASN R 81 72.60 -20.51 -82.07
CA ASN R 81 71.82 -19.52 -82.80
C ASN R 81 71.21 -20.16 -84.06
N ALA R 82 72.01 -20.89 -84.82
CA ALA R 82 71.51 -21.63 -85.98
C ALA R 82 70.53 -22.74 -85.59
N ILE R 83 70.77 -23.40 -84.46
CA ILE R 83 69.83 -24.42 -83.96
C ILE R 83 68.48 -23.84 -83.54
N GLY R 84 68.47 -22.70 -82.87
CA GLY R 84 67.22 -21.98 -82.60
C GLY R 84 66.49 -21.64 -83.90
N GLY R 85 67.26 -21.26 -84.92
CA GLY R 85 66.73 -21.07 -86.26
C GLY R 85 66.14 -22.34 -86.86
N ALA R 86 66.81 -23.47 -86.70
CA ALA R 86 66.26 -24.76 -87.13
C ALA R 86 64.93 -25.04 -86.42
N TYR R 87 64.86 -24.81 -85.11
CA TYR R 87 63.62 -25.01 -84.34
C TYR R 87 62.53 -24.06 -84.84
N ALA R 88 62.86 -22.78 -85.01
CA ALA R 88 61.90 -21.81 -85.57
C ALA R 88 61.33 -22.21 -86.93
N GLU R 89 62.17 -22.79 -87.79
CA GLU R 89 61.81 -23.14 -89.17
C GLU R 89 61.52 -24.64 -89.39
N ASN R 90 61.43 -25.40 -88.30
CA ASN R 90 60.94 -26.78 -88.30
C ASN R 90 61.80 -27.74 -89.10
N LEU R 91 63.11 -27.69 -88.86
CA LEU R 91 64.08 -28.48 -89.59
C LEU R 91 64.85 -29.43 -88.67
N PRO R 92 64.94 -30.73 -89.01
CA PRO R 92 65.76 -31.65 -88.20
C PRO R 92 67.28 -31.53 -88.38
N VAL R 93 67.88 -30.53 -87.74
CA VAL R 93 69.36 -30.42 -87.71
C VAL R 93 69.86 -31.10 -86.44
N ILE R 94 70.87 -31.95 -86.56
CA ILE R 94 71.50 -32.56 -85.38
C ILE R 94 72.80 -31.81 -85.14
N LEU R 95 72.89 -31.12 -84.00
CA LEU R 95 74.14 -30.47 -83.58
C LEU R 95 74.88 -31.46 -82.71
N ILE R 96 76.10 -31.83 -83.11
CA ILE R 96 76.93 -32.73 -82.33
C ILE R 96 78.15 -31.96 -81.85
N SER R 97 78.37 -31.93 -80.56
CA SER R 97 79.50 -31.22 -79.98
C SER R 97 80.42 -32.23 -79.36
N GLY R 98 81.72 -32.06 -79.55
CA GLY R 98 82.70 -32.74 -78.71
C GLY R 98 82.58 -32.17 -77.31
N SER R 99 83.01 -32.94 -76.32
CA SER R 99 82.89 -32.53 -74.92
C SER R 99 84.08 -33.11 -74.13
N PRO R 100 84.22 -32.72 -72.85
CA PRO R 100 85.43 -33.12 -72.12
C PRO R 100 85.66 -34.59 -71.93
N ASN R 101 86.92 -34.95 -71.70
CA ASN R 101 87.32 -36.29 -71.29
C ASN R 101 86.49 -36.77 -70.09
N THR R 102 86.07 -38.03 -70.09
CA THR R 102 85.25 -38.60 -69.01
C THR R 102 85.95 -38.58 -67.65
N ASN R 103 87.27 -38.74 -67.65
CA ASN R 103 88.05 -38.72 -66.41
C ASN R 103 88.07 -37.36 -65.68
N ASP R 104 87.66 -36.28 -66.36
CA ASP R 104 87.58 -34.95 -65.74
C ASP R 104 86.30 -34.71 -64.94
N TYR R 105 85.27 -35.52 -65.18
CA TYR R 105 84.01 -35.37 -64.45
C TYR R 105 84.26 -35.78 -63.00
N GLY R 106 83.77 -34.98 -62.07
CA GLY R 106 83.88 -35.27 -60.64
C GLY R 106 85.26 -35.09 -60.00
N THR R 107 86.09 -34.25 -60.62
CA THR R 107 87.45 -33.98 -60.12
C THR R 107 87.67 -32.55 -59.63
N GLY R 108 86.89 -31.61 -60.14
CA GLY R 108 87.12 -30.19 -59.91
C GLY R 108 88.12 -29.54 -60.86
N HIS R 109 88.53 -30.24 -61.92
CA HIS R 109 89.48 -29.71 -62.91
C HIS R 109 88.86 -28.57 -63.73
N ILE R 110 89.67 -27.53 -64.02
CA ILE R 110 89.27 -26.42 -64.88
C ILE R 110 89.76 -26.76 -66.29
N LEU R 111 88.87 -26.64 -67.29
CA LEU R 111 89.21 -27.04 -68.66
C LEU R 111 89.16 -25.88 -69.64
N HIS R 112 90.00 -25.98 -70.67
CA HIS R 112 90.05 -24.98 -71.73
C HIS R 112 88.72 -24.97 -72.51
N HIS R 113 88.40 -23.84 -73.10
CA HIS R 113 87.08 -23.58 -73.70
C HIS R 113 85.92 -23.68 -72.73
N THR R 114 86.11 -23.36 -71.46
CA THR R 114 84.98 -23.26 -70.55
C THR R 114 85.00 -21.90 -69.87
N ILE R 115 83.90 -21.58 -69.19
CA ILE R 115 83.83 -20.37 -68.38
C ILE R 115 84.75 -20.40 -67.14
N GLY R 116 85.33 -21.57 -66.84
CA GLY R 116 86.39 -21.67 -65.83
C GLY R 116 85.87 -22.05 -64.46
N THR R 117 84.65 -22.57 -64.38
CA THR R 117 84.16 -23.23 -63.17
C THR R 117 84.31 -24.75 -63.35
N THR R 118 83.83 -25.51 -62.38
CA THR R 118 83.82 -26.98 -62.46
C THR R 118 82.52 -27.54 -63.05
N ASP R 119 81.65 -26.64 -63.52
CA ASP R 119 80.43 -26.99 -64.22
C ASP R 119 80.78 -27.26 -65.69
N TYR R 120 80.60 -28.51 -66.13
CA TYR R 120 80.69 -28.84 -67.56
C TYR R 120 79.35 -29.03 -68.26
N ASN R 121 78.26 -29.02 -67.49
N ASN R 121 78.23 -29.09 -67.54
CA ASN R 121 76.93 -29.30 -68.00
CA ASN R 121 76.95 -29.32 -68.20
C ASN R 121 76.17 -28.09 -68.52
C ASN R 121 76.15 -28.07 -68.55
N TYR R 122 76.74 -26.87 -68.39
CA TYR R 122 76.04 -25.63 -68.78
C TYR R 122 75.66 -25.55 -70.26
N GLN R 123 76.48 -26.15 -71.12
CA GLN R 123 76.20 -26.16 -72.54
C GLN R 123 74.96 -26.99 -72.83
N LEU R 124 74.89 -28.18 -72.25
CA LEU R 124 73.68 -29.00 -72.34
C LEU R 124 72.46 -28.25 -71.79
N GLU R 125 72.60 -27.63 -70.62
CA GLU R 125 71.50 -26.88 -70.03
C GLU R 125 71.04 -25.74 -70.95
N MET R 126 71.97 -25.08 -71.62
CA MET R 126 71.62 -24.00 -72.54
C MET R 126 70.84 -24.53 -73.76
N VAL R 127 71.35 -25.58 -74.40
CA VAL R 127 70.84 -26.03 -75.70
C VAL R 127 69.46 -26.71 -75.61
N LYS R 128 69.10 -27.20 -74.43
CA LYS R 128 67.76 -27.75 -74.18
C LYS R 128 66.66 -26.74 -74.47
N HIS R 129 66.94 -25.45 -74.30
CA HIS R 129 65.93 -24.42 -74.60
C HIS R 129 65.63 -24.23 -76.10
N VAL R 130 66.50 -24.73 -76.99
CA VAL R 130 66.33 -24.58 -78.43
C VAL R 130 66.32 -25.92 -79.20
N THR R 131 66.13 -27.04 -78.49
CA THR R 131 66.10 -28.38 -79.09
C THR R 131 64.88 -29.19 -78.59
N CYS R 132 64.53 -30.22 -79.36
CA CYS R 132 63.48 -31.15 -78.98
C CYS R 132 64.05 -32.35 -78.21
N ALA R 133 65.34 -32.61 -78.38
CA ALA R 133 66.04 -33.61 -77.58
C ALA R 133 67.51 -33.23 -77.41
N ALA R 134 68.09 -33.60 -76.28
CA ALA R 134 69.48 -33.26 -75.98
C ALA R 134 70.04 -34.31 -75.04
N GLU R 135 71.13 -34.95 -75.45
CA GLU R 135 71.75 -36.01 -74.67
C GLU R 135 73.27 -35.86 -74.66
N SER R 136 73.87 -36.41 -73.61
CA SER R 136 75.31 -36.40 -73.40
C SER R 136 75.80 -37.84 -73.35
N ILE R 137 76.85 -38.15 -74.11
CA ILE R 137 77.40 -39.51 -74.14
C ILE R 137 78.75 -39.52 -73.41
N VAL R 138 78.80 -40.25 -72.30
CA VAL R 138 80.03 -40.42 -71.53
C VAL R 138 80.50 -41.88 -71.49
N SER R 139 79.79 -42.76 -72.20
CA SER R 139 80.24 -44.14 -72.39
C SER R 139 79.76 -44.75 -73.69
N ALA R 140 80.53 -45.71 -74.19
CA ALA R 140 80.14 -46.49 -75.36
C ALA R 140 78.86 -47.30 -75.15
N GLU R 141 78.67 -47.86 -73.95
N GLU R 141 78.68 -47.84 -73.96
CA GLU R 141 77.47 -48.66 -73.63
CA GLU R 141 77.51 -48.64 -73.60
C GLU R 141 76.18 -47.89 -73.86
C GLU R 141 76.18 -47.91 -73.81
N GLU R 142 76.13 -46.64 -73.41
CA GLU R 142 74.93 -45.79 -73.55
C GLU R 142 74.78 -45.10 -74.92
N ALA R 143 75.84 -45.08 -75.74
CA ALA R 143 75.85 -44.30 -76.97
C ALA R 143 74.74 -44.62 -77.98
N PRO R 144 74.48 -45.92 -78.25
CA PRO R 144 73.41 -46.26 -79.21
C PRO R 144 72.02 -45.70 -78.87
N ALA R 145 71.59 -45.88 -77.63
CA ALA R 145 70.29 -45.39 -77.18
C ALA R 145 70.18 -43.87 -77.36
N LYS R 146 71.24 -43.14 -77.02
CA LYS R 146 71.21 -41.67 -77.04
C LYS R 146 71.35 -41.09 -78.44
N ILE R 147 72.21 -41.68 -79.26
CA ILE R 147 72.30 -41.36 -80.69
C ILE R 147 70.93 -41.51 -81.35
N ASP R 148 70.33 -42.70 -81.21
CA ASP R 148 69.09 -43.00 -81.92
C ASP R 148 67.91 -42.19 -81.41
N HIS R 149 67.80 -42.05 -80.09
CA HIS R 149 66.76 -41.19 -79.50
C HIS R 149 66.78 -39.80 -80.09
N VAL R 150 67.96 -39.19 -80.11
CA VAL R 150 68.16 -37.84 -80.65
C VAL R 150 67.73 -37.74 -82.14
N ILE R 151 68.21 -38.68 -82.96
CA ILE R 151 67.88 -38.70 -84.41
C ILE R 151 66.40 -38.96 -84.66
N ARG R 152 65.85 -39.99 -84.01
CA ARG R 152 64.42 -40.34 -84.16
C ARG R 152 63.48 -39.19 -83.79
N THR R 153 63.74 -38.56 -82.65
CA THR R 153 62.88 -37.49 -82.13
C THR R 153 62.93 -36.28 -83.06
N ALA R 154 64.14 -35.91 -83.48
CA ALA R 154 64.30 -34.80 -84.43
C ALA R 154 63.51 -34.99 -85.73
N LEU R 155 63.59 -36.18 -86.33
CA LEU R 155 62.87 -36.46 -87.57
C LEU R 155 61.36 -36.48 -87.41
N ARG R 156 60.87 -37.10 -86.35
CA ARG R 156 59.43 -37.16 -86.09
C ARG R 156 58.87 -35.77 -85.77
N GLU R 157 59.55 -35.03 -84.91
CA GLU R 157 59.06 -33.70 -84.50
C GLU R 157 59.35 -32.60 -85.52
N ARG R 158 60.28 -32.84 -86.44
CA ARG R 158 60.74 -31.82 -87.38
C ARG R 158 61.29 -30.65 -86.57
N LYS R 159 62.18 -30.99 -85.64
CA LYS R 159 62.85 -30.04 -84.78
C LYS R 159 64.29 -30.49 -84.64
N PRO R 160 65.19 -29.55 -84.33
CA PRO R 160 66.58 -29.92 -84.11
C PRO R 160 66.81 -30.58 -82.77
N ALA R 161 67.97 -31.23 -82.65
CA ALA R 161 68.33 -31.96 -81.45
C ALA R 161 69.83 -31.93 -81.28
N TYR R 162 70.31 -32.31 -80.10
CA TYR R 162 71.68 -32.09 -79.70
C TYR R 162 72.32 -33.36 -79.16
N LEU R 163 73.59 -33.57 -79.48
CA LEU R 163 74.39 -34.63 -78.88
C LEU R 163 75.71 -34.06 -78.46
N GLU R 164 76.20 -34.43 -77.28
CA GLU R 164 77.61 -34.24 -76.99
C GLU R 164 78.23 -35.61 -76.72
N ILE R 165 79.46 -35.77 -77.19
CA ILE R 165 80.20 -37.01 -77.06
C ILE R 165 81.55 -36.65 -76.47
N ALA R 166 81.85 -37.24 -75.32
CA ALA R 166 83.14 -37.06 -74.68
C ALA R 166 84.27 -37.39 -75.67
N CYS R 167 85.32 -36.58 -75.68
CA CYS R 167 86.37 -36.72 -76.67
C CYS R 167 87.10 -38.07 -76.62
N ASN R 168 87.14 -38.72 -75.46
CA ASN R 168 87.73 -40.06 -75.29
C ASN R 168 86.74 -41.24 -75.41
N VAL R 169 85.50 -40.96 -75.80
CA VAL R 169 84.50 -41.98 -76.11
C VAL R 169 84.18 -42.04 -77.61
N ALA R 170 84.40 -40.96 -78.35
CA ALA R 170 84.16 -40.97 -79.80
C ALA R 170 84.85 -42.14 -80.54
N GLY R 171 86.05 -42.48 -80.08
CA GLY R 171 86.83 -43.58 -80.66
C GLY R 171 86.74 -44.91 -79.95
N ALA R 172 85.88 -45.03 -78.93
CA ALA R 172 85.74 -46.25 -78.15
C ALA R 172 84.87 -47.27 -78.88
N GLU R 173 85.15 -48.55 -78.59
CA GLU R 173 84.44 -49.67 -79.18
C GLU R 173 82.94 -49.65 -78.83
N CYS R 174 82.10 -49.86 -79.84
CA CYS R 174 80.67 -49.74 -79.74
C CYS R 174 80.00 -50.91 -80.48
N VAL R 175 78.82 -51.32 -80.04
CA VAL R 175 77.99 -52.28 -80.79
C VAL R 175 77.58 -51.67 -82.13
N ARG R 176 77.23 -52.53 -83.09
CA ARG R 176 76.85 -52.07 -84.42
C ARG R 176 75.35 -51.83 -84.49
N PRO R 177 74.93 -50.88 -85.33
CA PRO R 177 73.52 -50.64 -85.52
C PRO R 177 72.88 -51.67 -86.43
N GLY R 178 71.67 -52.09 -86.09
CA GLY R 178 70.92 -53.05 -86.89
C GLY R 178 70.30 -52.39 -88.11
N PRO R 179 69.86 -53.21 -89.09
CA PRO R 179 69.21 -52.69 -90.29
C PRO R 179 67.84 -52.10 -90.01
N ILE R 180 67.42 -51.18 -90.86
CA ILE R 180 66.15 -50.47 -90.67
C ILE R 180 65.48 -50.16 -91.99
N ASN R 181 64.17 -49.95 -91.95
CA ASN R 181 63.42 -49.44 -93.08
C ASN R 181 63.54 -47.90 -93.13
N SER R 182 63.24 -47.26 -92.01
CA SER R 182 63.34 -45.80 -91.88
C SER R 182 63.49 -45.39 -90.41
N LEU R 183 64.32 -44.38 -90.16
CA LEU R 183 64.44 -43.77 -88.82
C LEU R 183 63.29 -42.79 -88.54
N LEU R 184 62.53 -42.40 -89.57
CA LEU R 184 61.26 -41.69 -89.39
C LEU R 184 60.12 -42.67 -89.15
N ARG R 185 59.61 -42.73 -87.91
CA ARG R 185 58.40 -43.49 -87.56
C ARG R 185 57.37 -42.54 -86.98
N GLU R 186 56.22 -42.43 -87.66
CA GLU R 186 55.12 -41.58 -87.19
C GLU R 186 54.36 -42.28 -86.05
N LEU R 187 53.52 -41.49 -85.37
CA LEU R 187 52.55 -42.03 -84.42
C LEU R 187 51.42 -42.68 -85.19
N GLU R 188 50.87 -43.75 -84.64
CA GLU R 188 49.66 -44.37 -85.20
C GLU R 188 48.49 -43.40 -85.08
N VAL R 189 47.75 -43.25 -86.18
CA VAL R 189 46.61 -42.34 -86.26
C VAL R 189 45.35 -42.96 -85.62
N ASP R 190 44.57 -42.12 -84.94
CA ASP R 190 43.29 -42.52 -84.36
C ASP R 190 42.19 -42.39 -85.43
N GLN R 191 41.68 -43.52 -85.90
CA GLN R 191 40.65 -43.54 -86.95
C GLN R 191 39.31 -42.95 -86.53
N THR R 192 38.91 -43.21 -85.28
CA THR R 192 37.73 -42.57 -84.69
C THR R 192 37.83 -41.04 -84.82
N SER R 193 39.01 -40.48 -84.54
CA SER R 193 39.19 -39.03 -84.64
C SER R 193 39.12 -38.53 -86.08
N VAL R 194 39.78 -39.22 -87.01
CA VAL R 194 39.77 -38.80 -88.44
C VAL R 194 38.34 -38.80 -89.00
N THR R 195 37.64 -39.92 -88.80
CA THR R 195 36.25 -40.08 -89.24
C THR R 195 35.35 -38.99 -88.67
N ALA R 196 35.44 -38.79 -87.36
CA ALA R 196 34.68 -37.72 -86.69
C ALA R 196 35.02 -36.34 -87.24
N ALA R 197 36.31 -36.07 -87.41
CA ALA R 197 36.77 -34.78 -87.96
C ALA R 197 36.25 -34.52 -89.37
N VAL R 198 36.35 -35.54 -90.22
CA VAL R 198 35.95 -35.44 -91.63
C VAL R 198 34.44 -35.24 -91.76
N ASP R 199 33.64 -36.02 -91.02
CA ASP R 199 32.17 -35.87 -91.03
C ASP R 199 31.73 -34.49 -90.55
N ALA R 200 32.36 -33.98 -89.50
CA ALA R 200 32.08 -32.63 -89.03
C ALA R 200 32.50 -31.59 -90.07
N ALA R 201 33.62 -31.82 -90.74
CA ALA R 201 34.10 -30.90 -91.78
C ALA R 201 33.15 -30.83 -92.99
N VAL R 202 32.61 -31.97 -93.40
CA VAL R 202 31.67 -32.03 -94.51
C VAL R 202 30.37 -31.29 -94.13
N GLU R 203 29.84 -31.57 -92.95
CA GLU R 203 28.65 -30.86 -92.45
C GLU R 203 28.88 -29.35 -92.31
N TRP R 204 30.05 -28.97 -91.80
CA TRP R 204 30.41 -27.56 -91.63
C TRP R 204 30.46 -26.80 -92.97
N LEU R 205 30.89 -27.48 -94.03
CA LEU R 205 30.94 -26.87 -95.37
C LEU R 205 29.59 -26.74 -96.11
N GLN R 206 28.54 -27.44 -95.66
CA GLN R 206 27.25 -27.48 -96.38
C GLN R 206 26.69 -26.09 -96.67
N ASP R 207 26.63 -25.24 -95.64
CA ASP R 207 26.05 -23.89 -95.76
C ASP R 207 27.06 -22.79 -96.14
N ARG R 208 28.23 -23.17 -96.66
CA ARG R 208 29.34 -22.24 -96.92
C ARG R 208 29.82 -22.36 -98.37
N GLN R 209 29.38 -21.44 -99.22
CA GLN R 209 29.59 -21.53 -100.66
C GLN R 209 30.96 -20.99 -101.11
N ASN R 210 31.37 -19.85 -100.55
CA ASN R 210 32.70 -19.31 -100.81
C ASN R 210 33.73 -19.91 -99.85
N VAL R 211 34.61 -20.75 -100.40
CA VAL R 211 35.62 -21.48 -99.65
C VAL R 211 36.99 -21.10 -100.20
N VAL R 212 37.96 -20.89 -99.30
CA VAL R 212 39.33 -20.56 -99.67
C VAL R 212 40.30 -21.39 -98.84
N MET R 213 41.30 -21.99 -99.47
CA MET R 213 42.41 -22.60 -98.76
C MET R 213 43.50 -21.55 -98.57
N LEU R 214 44.07 -21.48 -97.37
CA LEU R 214 45.21 -20.61 -97.08
C LEU R 214 46.34 -21.52 -96.65
N VAL R 215 47.36 -21.65 -97.48
CA VAL R 215 48.47 -22.55 -97.20
C VAL R 215 49.49 -21.86 -96.29
N GLY R 216 49.95 -22.60 -95.28
CA GLY R 216 50.86 -22.07 -94.25
C GLY R 216 52.26 -22.67 -94.26
N SER R 217 53.14 -22.04 -93.48
CA SER R 217 54.59 -22.31 -93.55
C SER R 217 55.03 -23.61 -92.87
N LYS R 218 54.11 -24.28 -92.18
CA LYS R 218 54.38 -25.61 -91.59
C LYS R 218 53.89 -26.77 -92.47
N LEU R 219 53.49 -26.50 -93.71
CA LEU R 219 53.00 -27.55 -94.61
C LEU R 219 54.07 -28.58 -94.96
N ARG R 220 55.30 -28.15 -95.19
CA ARG R 220 56.40 -29.07 -95.50
C ARG R 220 56.76 -29.90 -94.28
N ALA R 221 56.79 -29.27 -93.12
CA ALA R 221 56.98 -29.98 -91.85
C ALA R 221 55.93 -31.07 -91.63
N ALA R 222 54.69 -30.80 -92.04
CA ALA R 222 53.63 -31.80 -92.03
C ALA R 222 53.75 -32.90 -93.10
N ALA R 223 54.67 -32.76 -94.07
CA ALA R 223 54.83 -33.70 -95.20
C ALA R 223 53.49 -33.89 -95.92
N ALA R 224 52.81 -32.77 -96.16
CA ALA R 224 51.43 -32.78 -96.63
C ALA R 224 51.22 -31.96 -97.90
N GLU R 225 52.29 -31.71 -98.65
CA GLU R 225 52.22 -30.90 -99.85
C GLU R 225 51.32 -31.56 -100.93
N LYS R 226 51.53 -32.84 -101.18
CA LYS R 226 50.69 -33.57 -102.14
C LYS R 226 49.23 -33.69 -101.71
N GLN R 227 48.99 -33.84 -100.41
CA GLN R 227 47.62 -33.96 -99.91
C GLN R 227 46.88 -32.64 -99.96
N ALA R 228 47.61 -31.51 -99.93
CA ALA R 228 47.01 -30.18 -100.08
C ALA R 228 46.52 -29.96 -101.49
N VAL R 229 47.32 -30.40 -102.46
CA VAL R 229 46.94 -30.38 -103.88
C VAL R 229 45.70 -31.26 -104.10
N ALA R 230 45.68 -32.46 -103.53
CA ALA R 230 44.54 -33.37 -103.66
C ALA R 230 43.26 -32.79 -103.06
N LEU R 231 43.37 -32.17 -101.87
CA LEU R 231 42.22 -31.48 -101.27
C LEU R 231 41.77 -30.31 -102.14
N ALA R 232 42.71 -29.53 -102.65
CA ALA R 232 42.39 -28.41 -103.54
C ALA R 232 41.69 -28.88 -104.83
N ASP R 233 42.20 -29.95 -105.44
CA ASP R 233 41.61 -30.53 -106.65
C ASP R 233 40.18 -31.02 -106.41
N ARG R 234 39.94 -31.62 -105.24
CA ARG R 234 38.61 -32.07 -104.83
C ARG R 234 37.61 -30.94 -104.56
N LEU R 235 38.03 -29.94 -103.79
CA LEU R 235 37.17 -28.78 -103.48
C LEU R 235 36.95 -27.89 -104.69
N GLY R 236 37.97 -27.79 -105.54
CA GLY R 236 37.95 -26.89 -106.68
C GLY R 236 37.90 -25.42 -106.31
N CYS R 237 38.31 -25.08 -105.08
CA CYS R 237 38.19 -23.73 -104.52
C CYS R 237 39.46 -22.90 -104.78
N ALA R 238 39.39 -21.60 -104.48
CA ALA R 238 40.57 -20.73 -104.60
C ALA R 238 41.62 -21.12 -103.56
N VAL R 239 42.88 -21.13 -103.97
CA VAL R 239 44.00 -21.43 -103.07
C VAL R 239 44.90 -20.20 -102.98
N THR R 240 45.23 -19.80 -101.75
CA THR R 240 46.16 -18.71 -101.47
C THR R 240 47.26 -19.19 -100.51
N ILE R 241 48.38 -18.48 -100.48
CA ILE R 241 49.50 -18.79 -99.57
C ILE R 241 49.76 -17.63 -98.61
N MET R 242 50.35 -17.96 -97.47
CA MET R 242 50.92 -16.95 -96.59
C MET R 242 52.34 -16.76 -97.10
N ALA R 243 52.95 -15.61 -96.83
CA ALA R 243 54.27 -15.27 -97.38
C ALA R 243 55.34 -16.33 -97.13
N ALA R 244 55.38 -16.84 -95.89
CA ALA R 244 56.37 -17.84 -95.50
C ALA R 244 56.17 -19.22 -96.14
N ALA R 245 54.99 -19.44 -96.75
CA ALA R 245 54.65 -20.71 -97.42
C ALA R 245 54.92 -20.75 -98.93
N LYS R 246 55.59 -19.73 -99.48
CA LYS R 246 55.89 -19.70 -100.91
C LYS R 246 56.58 -20.98 -101.37
N GLY R 247 56.04 -21.60 -102.43
CA GLY R 247 56.59 -22.84 -103.01
C GLY R 247 56.05 -24.15 -102.43
N PHE R 248 55.31 -24.08 -101.32
CA PHE R 248 54.68 -25.26 -100.72
C PHE R 248 53.38 -25.65 -101.43
N PHE R 249 52.89 -24.77 -102.31
CA PHE R 249 51.76 -25.06 -103.20
C PHE R 249 52.09 -24.50 -104.59
N PRO R 250 51.81 -25.27 -105.67
CA PRO R 250 52.23 -24.79 -107.01
C PRO R 250 51.41 -23.59 -107.50
N GLU R 251 52.11 -22.53 -107.91
CA GLU R 251 51.47 -21.28 -108.34
C GLU R 251 51.01 -21.39 -109.81
N ASP R 252 51.50 -22.42 -110.50
CA ASP R 252 50.95 -22.95 -111.77
C ASP R 252 49.48 -23.36 -111.71
N HIS R 253 49.08 -23.95 -110.59
CA HIS R 253 47.74 -24.52 -110.40
C HIS R 253 46.66 -23.53 -110.83
N PRO R 254 45.64 -24.01 -111.61
CA PRO R 254 44.67 -23.08 -112.20
C PRO R 254 43.82 -22.30 -111.19
N ASN R 255 43.64 -22.87 -110.01
CA ASN R 255 42.89 -22.23 -108.93
C ASN R 255 43.72 -21.45 -107.88
N PHE R 256 45.04 -21.30 -108.09
CA PHE R 256 45.88 -20.42 -107.27
C PHE R 256 45.49 -18.95 -107.48
N ARG R 257 45.32 -18.23 -106.38
CA ARG R 257 44.88 -16.83 -106.43
C ARG R 257 45.74 -15.87 -105.61
N GLY R 258 46.94 -16.30 -105.21
CA GLY R 258 47.98 -15.39 -104.73
C GLY R 258 48.35 -15.42 -103.25
N LEU R 259 49.05 -14.37 -102.86
CA LEU R 259 49.54 -14.18 -101.51
C LEU R 259 48.50 -13.49 -100.66
N TYR R 260 48.12 -14.10 -99.54
CA TYR R 260 47.41 -13.39 -98.47
C TYR R 260 48.43 -12.97 -97.41
N TRP R 261 48.52 -11.66 -97.19
CA TRP R 261 49.42 -11.08 -96.20
C TRP R 261 48.87 -9.71 -95.83
N GLY R 262 47.63 -9.71 -95.36
CA GLY R 262 46.92 -8.50 -95.00
C GLY R 262 46.87 -7.45 -96.10
N GLU R 263 47.24 -6.21 -95.74
CA GLU R 263 47.25 -5.09 -96.67
C GLU R 263 48.41 -5.11 -97.69
N VAL R 264 49.37 -6.03 -97.53
CA VAL R 264 50.42 -6.24 -98.54
C VAL R 264 50.22 -7.55 -99.33
N SER R 265 48.96 -7.95 -99.48
CA SER R 265 48.58 -9.12 -100.28
C SER R 265 48.74 -8.87 -101.80
N SER R 266 48.68 -9.94 -102.58
CA SER R 266 48.46 -9.86 -104.03
C SER R 266 47.16 -9.14 -104.31
N GLU R 267 47.00 -8.62 -105.53
CA GLU R 267 45.76 -7.96 -105.93
C GLU R 267 44.58 -8.93 -105.77
N GLY R 268 43.56 -8.51 -105.02
CA GLY R 268 42.34 -9.31 -104.82
C GLY R 268 42.36 -10.37 -103.72
N ALA R 269 43.54 -10.81 -103.29
CA ALA R 269 43.67 -11.93 -102.33
C ALA R 269 43.16 -11.58 -100.93
N GLN R 270 43.41 -10.35 -100.48
CA GLN R 270 42.89 -9.88 -99.19
C GLN R 270 41.37 -10.01 -99.07
N GLU R 271 40.66 -9.45 -100.05
CA GLU R 271 39.19 -9.51 -100.08
C GLU R 271 38.70 -10.95 -100.19
N LEU R 272 39.34 -11.72 -101.07
CA LEU R 272 39.07 -13.16 -101.23
C LEU R 272 39.01 -13.90 -99.88
N VAL R 273 40.08 -13.77 -99.09
CA VAL R 273 40.23 -14.51 -97.84
C VAL R 273 39.31 -13.95 -96.75
N GLU R 274 39.37 -12.63 -96.54
CA GLU R 274 38.65 -11.98 -95.46
C GLU R 274 37.13 -12.08 -95.57
N ASN R 275 36.59 -12.09 -96.80
CA ASN R 275 35.14 -12.22 -97.02
C ASN R 275 34.63 -13.63 -97.31
N ALA R 276 35.49 -14.65 -97.23
CA ALA R 276 35.06 -16.03 -97.49
C ALA R 276 34.16 -16.60 -96.39
N ASP R 277 33.32 -17.55 -96.76
CA ASP R 277 32.43 -18.22 -95.81
C ASP R 277 33.19 -19.34 -95.06
N ALA R 278 34.23 -19.88 -95.69
CA ALA R 278 35.13 -20.86 -95.05
C ALA R 278 36.59 -20.63 -95.46
N ILE R 279 37.47 -20.52 -94.47
CA ILE R 279 38.91 -20.38 -94.69
C ILE R 279 39.55 -21.62 -94.08
N LEU R 280 40.14 -22.45 -94.94
CA LEU R 280 40.84 -23.66 -94.53
C LEU R 280 42.34 -23.36 -94.45
N CYS R 281 42.85 -23.11 -93.25
CA CYS R 281 44.27 -22.80 -93.05
C CYS R 281 45.05 -24.09 -92.89
N LEU R 282 45.97 -24.34 -93.82
CA LEU R 282 46.78 -25.55 -93.79
C LEU R 282 48.15 -25.28 -93.17
N ALA R 283 48.30 -25.70 -91.92
CA ALA R 283 49.53 -25.56 -91.15
C ALA R 283 50.06 -24.12 -91.07
N PRO R 284 49.23 -23.18 -90.55
CA PRO R 284 49.65 -21.78 -90.46
C PRO R 284 50.52 -21.48 -89.24
N VAL R 285 51.26 -20.38 -89.34
CA VAL R 285 51.98 -19.77 -88.22
C VAL R 285 51.59 -18.29 -88.23
N PHE R 286 50.68 -17.91 -87.36
CA PHE R 286 50.22 -16.52 -87.29
C PHE R 286 51.04 -15.74 -86.28
N ASN R 287 52.25 -15.38 -86.66
CA ASN R 287 53.08 -14.52 -85.81
C ASN R 287 52.81 -13.03 -86.06
N ASP R 288 53.52 -12.17 -85.35
CA ASP R 288 53.34 -10.70 -85.49
C ASP R 288 53.69 -10.16 -86.88
N TYR R 289 54.69 -10.75 -87.52
CA TYR R 289 55.09 -10.35 -88.87
C TYR R 289 54.13 -10.83 -89.96
N ALA R 290 53.62 -12.06 -89.81
CA ALA R 290 52.69 -12.64 -90.78
C ALA R 290 51.34 -11.98 -90.76
N THR R 291 50.93 -11.50 -89.60
CA THR R 291 49.66 -10.81 -89.40
C THR R 291 49.74 -9.29 -89.55
N VAL R 292 50.91 -8.78 -89.97
CA VAL R 292 51.15 -7.33 -90.14
C VAL R 292 50.77 -6.58 -88.86
N GLY R 293 51.37 -7.00 -87.75
CA GLY R 293 51.15 -6.38 -86.45
C GLY R 293 49.80 -6.70 -85.85
N TRP R 294 49.38 -7.96 -85.96
CA TRP R 294 48.09 -8.45 -85.44
C TRP R 294 46.85 -7.84 -86.13
N ASN R 295 47.02 -7.25 -87.30
CA ASN R 295 45.93 -6.61 -88.04
C ASN R 295 45.15 -7.59 -88.94
N SER R 296 45.84 -8.61 -89.46
CA SER R 296 45.28 -9.52 -90.45
C SER R 296 45.49 -10.96 -90.03
N TRP R 297 44.55 -11.45 -89.22
CA TRP R 297 44.66 -12.75 -88.57
C TRP R 297 43.28 -13.41 -88.63
N PRO R 298 43.09 -14.34 -89.59
CA PRO R 298 41.80 -15.03 -89.68
C PRO R 298 41.51 -15.89 -88.45
N LYS R 299 40.35 -15.65 -87.84
CA LYS R 299 39.85 -16.45 -86.73
C LYS R 299 38.32 -16.29 -86.60
N GLY R 300 37.70 -17.15 -85.81
CA GLY R 300 36.26 -17.11 -85.55
C GLY R 300 35.48 -18.21 -86.24
N ASP R 301 34.17 -17.98 -86.39
CA ASP R 301 33.21 -18.96 -86.92
C ASP R 301 33.61 -19.48 -88.30
N ASN R 302 34.15 -18.60 -89.14
CA ASN R 302 34.46 -18.94 -90.54
C ASN R 302 35.80 -19.65 -90.81
N VAL R 303 36.56 -20.01 -89.78
CA VAL R 303 37.93 -20.49 -89.96
C VAL R 303 38.12 -21.92 -89.49
N MET R 304 38.86 -22.70 -90.27
CA MET R 304 39.29 -24.04 -89.89
C MET R 304 40.81 -24.03 -89.87
N VAL R 305 41.39 -24.34 -88.71
CA VAL R 305 42.85 -24.42 -88.56
C VAL R 305 43.25 -25.88 -88.60
N MET R 306 44.09 -26.24 -89.57
CA MET R 306 44.64 -27.58 -89.68
C MET R 306 46.11 -27.53 -89.29
N ASP R 307 46.39 -27.81 -88.01
CA ASP R 307 47.77 -27.93 -87.53
C ASP R 307 48.32 -29.28 -87.98
N THR R 308 49.60 -29.53 -87.72
CA THR R 308 50.24 -30.77 -88.18
C THR R 308 49.63 -32.01 -87.54
N ASP R 309 49.00 -31.87 -86.37
CA ASP R 309 48.46 -33.01 -85.61
C ASP R 309 47.06 -32.74 -84.99
N ARG R 310 46.33 -31.79 -85.55
CA ARG R 310 45.07 -31.35 -84.96
C ARG R 310 44.26 -30.57 -85.96
N VAL R 311 42.93 -30.69 -85.91
CA VAL R 311 42.04 -29.81 -86.67
C VAL R 311 41.04 -29.18 -85.74
N THR R 312 40.86 -27.87 -85.87
CA THR R 312 39.96 -27.10 -85.01
C THR R 312 39.01 -26.24 -85.86
N PHE R 313 37.71 -26.40 -85.61
CA PHE R 313 36.65 -25.62 -86.28
C PHE R 313 35.31 -25.88 -85.61
N ALA R 314 34.40 -24.91 -85.73
CA ALA R 314 33.04 -25.00 -85.21
C ALA R 314 33.00 -25.45 -83.75
N GLY R 315 33.75 -24.76 -82.90
CA GLY R 315 33.81 -25.06 -81.46
C GLY R 315 34.25 -26.46 -81.08
N GLN R 316 35.01 -27.13 -81.95
CA GLN R 316 35.51 -28.48 -81.68
C GLN R 316 36.95 -28.61 -82.12
N SER R 317 37.67 -29.55 -81.52
CA SER R 317 39.05 -29.83 -81.89
C SER R 317 39.31 -31.33 -81.90
N PHE R 318 39.89 -31.82 -83.00
CA PHE R 318 40.13 -33.24 -83.24
C PHE R 318 41.63 -33.48 -83.32
N GLU R 319 42.14 -34.40 -82.51
CA GLU R 319 43.57 -34.72 -82.50
C GLU R 319 43.78 -36.24 -82.64
N GLY R 320 45.00 -36.70 -82.48
CA GLY R 320 45.34 -38.08 -82.75
C GLY R 320 45.39 -38.36 -84.25
N LEU R 321 45.58 -37.31 -85.03
CA LEU R 321 45.61 -37.42 -86.48
C LEU R 321 46.76 -36.57 -86.98
N SER R 322 46.96 -36.55 -88.29
CA SER R 322 47.95 -35.69 -88.91
C SER R 322 47.27 -34.91 -90.03
N LEU R 323 47.87 -33.80 -90.42
CA LEU R 323 47.39 -32.99 -91.54
C LEU R 323 47.38 -33.80 -92.85
N SER R 324 48.42 -34.60 -93.03
CA SER R 324 48.52 -35.54 -94.14
C SER R 324 47.30 -36.48 -94.25
N THR R 325 47.05 -37.26 -93.20
N THR R 325 47.05 -37.26 -93.21
CA THR R 325 45.95 -38.22 -93.17
CA THR R 325 45.94 -38.22 -93.20
C THR R 325 44.56 -37.55 -93.20
C THR R 325 44.55 -37.56 -93.19
N PHE R 326 44.41 -36.44 -92.49
CA PHE R 326 43.15 -35.70 -92.45
C PHE R 326 42.80 -35.06 -93.79
N ALA R 327 43.77 -34.39 -94.42
CA ALA R 327 43.55 -33.76 -95.72
C ALA R 327 43.23 -34.77 -96.83
N ALA R 328 43.88 -35.93 -96.81
CA ALA R 328 43.57 -37.02 -97.75
C ALA R 328 42.13 -37.54 -97.54
N ALA R 329 41.77 -37.84 -96.28
CA ALA R 329 40.42 -38.34 -95.95
C ALA R 329 39.32 -37.34 -96.27
N LEU R 330 39.59 -36.05 -96.05
CA LEU R 330 38.67 -34.99 -96.43
C LEU R 330 38.57 -34.81 -97.94
N ALA R 331 39.67 -35.05 -98.67
CA ALA R 331 39.66 -35.03 -100.15
C ALA R 331 38.88 -36.19 -100.78
N GLU R 332 38.59 -37.23 -99.98
CA GLU R 332 37.70 -38.31 -100.38
C GLU R 332 36.23 -37.87 -100.40
N LYS R 333 35.81 -37.09 -99.39
CA LYS R 333 34.39 -36.83 -99.12
C LYS R 333 33.93 -35.37 -99.22
N ALA R 334 34.84 -34.44 -99.51
CA ALA R 334 34.48 -33.01 -99.51
C ALA R 334 33.64 -32.66 -100.73
N PRO R 335 32.64 -31.78 -100.56
CA PRO R 335 31.83 -31.35 -101.69
C PRO R 335 32.59 -30.41 -102.64
N SER R 336 31.97 -30.10 -103.78
CA SER R 336 32.53 -29.17 -104.75
C SER R 336 32.19 -27.74 -104.33
N ARG R 337 33.20 -26.87 -104.28
CA ARG R 337 32.99 -25.48 -103.89
C ARG R 337 33.82 -24.54 -104.77
N PRO R 338 33.41 -24.38 -106.04
CA PRO R 338 34.22 -23.61 -106.99
C PRO R 338 33.97 -22.11 -107.08
N ALA R 339 33.02 -21.56 -106.33
CA ALA R 339 32.59 -20.15 -106.52
C ALA R 339 33.72 -19.10 -106.45
N THR R 340 34.70 -19.32 -105.59
CA THR R 340 35.82 -18.38 -105.42
C THR R 340 36.86 -18.40 -106.56
N THR R 341 36.81 -19.43 -107.41
CA THR R 341 37.64 -19.50 -108.62
C THR R 341 37.02 -18.79 -109.84
N GLN R 342 35.72 -18.50 -109.81
CA GLN R 342 35.02 -17.98 -111.00
C GLN R 342 35.12 -16.46 -111.11
N GLY R 343 35.62 -15.98 -112.25
CA GLY R 343 35.85 -14.55 -112.50
C GLY R 343 37.30 -14.15 -112.25
N THR R 344 37.80 -14.50 -111.06
CA THR R 344 39.16 -14.13 -110.63
C THR R 344 40.28 -14.84 -111.43
N GLN R 345 41.50 -14.34 -111.27
CA GLN R 345 42.67 -14.76 -112.05
C GLN R 345 43.90 -14.81 -111.13
N ALA R 346 44.83 -15.72 -111.40
CA ALA R 346 46.12 -15.76 -110.69
C ALA R 346 46.92 -14.47 -110.91
N PRO R 347 47.58 -13.93 -109.86
CA PRO R 347 48.30 -12.66 -110.03
C PRO R 347 49.57 -12.79 -110.88
N VAL R 348 49.93 -11.68 -111.54
CA VAL R 348 51.09 -11.64 -112.43
C VAL R 348 52.12 -10.65 -111.90
N LEU R 349 53.36 -10.79 -112.37
CA LEU R 349 54.39 -9.77 -112.16
C LEU R 349 54.10 -8.64 -113.16
N GLY R 350 53.51 -7.55 -112.66
CA GLY R 350 53.17 -6.40 -113.50
C GLY R 350 54.31 -5.41 -113.60
N ILE R 351 55.43 -5.86 -114.18
CA ILE R 351 56.63 -5.04 -114.31
C ILE R 351 57.11 -5.15 -115.76
N GLU R 352 56.92 -4.06 -116.51
CA GLU R 352 57.42 -3.97 -117.88
C GLU R 352 58.90 -3.64 -117.84
N ALA R 353 59.62 -4.03 -118.90
CA ALA R 353 61.07 -3.87 -118.98
C ALA R 353 61.43 -2.38 -119.01
N ALA R 354 62.45 -2.02 -118.22
CA ALA R 354 62.94 -0.65 -118.19
C ALA R 354 63.77 -0.39 -119.45
N GLU R 355 64.12 0.89 -119.66
N GLU R 355 64.13 0.88 -119.66
CA GLU R 355 65.07 1.27 -120.68
CA GLU R 355 65.09 1.27 -120.69
C GLU R 355 66.44 0.72 -120.26
C GLU R 355 66.44 0.70 -120.25
N PRO R 356 67.07 -0.15 -121.08
CA PRO R 356 68.26 -0.91 -120.65
C PRO R 356 69.46 -0.11 -120.11
N ASN R 357 69.61 1.15 -120.52
CA ASN R 357 70.71 2.01 -120.01
C ASN R 357 70.35 2.92 -118.83
N ALA R 358 69.09 2.97 -118.43
CA ALA R 358 68.67 3.73 -117.24
C ALA R 358 69.31 3.14 -115.96
N PRO R 359 69.40 3.96 -114.89
CA PRO R 359 69.94 3.38 -113.63
C PRO R 359 69.05 2.23 -113.15
N LEU R 360 69.69 1.15 -112.70
CA LEU R 360 68.98 -0.07 -112.28
C LEU R 360 68.00 0.24 -111.17
N THR R 361 66.75 -0.16 -111.35
CA THR R 361 65.73 -0.05 -110.31
C THR R 361 65.49 -1.41 -109.63
N ASN R 362 64.78 -1.36 -108.50
CA ASN R 362 64.38 -2.54 -107.76
C ASN R 362 63.39 -3.41 -108.57
N ASP R 363 62.47 -2.74 -109.27
CA ASP R 363 61.52 -3.39 -110.17
C ASP R 363 62.20 -4.15 -111.32
N GLU R 364 63.17 -3.50 -111.95
CA GLU R 364 63.89 -4.09 -113.10
C GLU R 364 64.75 -5.28 -112.69
N MET R 365 65.41 -5.18 -111.54
CA MET R 365 66.16 -6.29 -110.97
C MET R 365 65.24 -7.46 -110.65
N THR R 366 64.16 -7.20 -109.92
CA THR R 366 63.14 -8.21 -109.61
C THR R 366 62.61 -8.92 -110.86
N ARG R 367 62.42 -8.16 -111.95
CA ARG R 367 61.93 -8.71 -113.22
C ARG R 367 62.90 -9.74 -113.80
N GLN R 368 64.18 -9.39 -113.88
CA GLN R 368 65.18 -10.27 -114.47
C GLN R 368 65.48 -11.49 -113.60
N ILE R 369 65.46 -11.30 -112.27
CA ILE R 369 65.62 -12.43 -111.35
C ILE R 369 64.49 -13.45 -111.54
N GLN R 370 63.26 -12.97 -111.64
CA GLN R 370 62.09 -13.83 -111.82
C GLN R 370 62.15 -14.72 -113.09
N SER R 371 62.75 -14.20 -114.16
CA SER R 371 62.96 -14.95 -115.41
C SER R 371 63.89 -16.14 -115.28
N LEU R 372 64.82 -16.08 -114.32
CA LEU R 372 65.73 -17.18 -114.04
C LEU R 372 65.10 -18.37 -113.31
N ILE R 373 63.92 -18.18 -112.73
CA ILE R 373 63.32 -19.19 -111.87
C ILE R 373 62.60 -20.22 -112.75
N THR R 374 63.20 -21.41 -112.85
CA THR R 374 62.64 -22.56 -113.55
C THR R 374 62.03 -23.55 -112.56
N SER R 375 61.44 -24.60 -113.11
CA SER R 375 60.88 -25.71 -112.33
C SER R 375 61.90 -26.50 -111.47
N ASP R 376 63.19 -26.45 -111.81
N ASP R 376 63.18 -26.43 -111.82
CA ASP R 376 64.24 -27.02 -110.94
CA ASP R 376 64.25 -27.02 -111.01
C ASP R 376 65.18 -25.95 -110.37
C ASP R 376 65.18 -25.96 -110.38
N THR R 377 64.60 -24.83 -109.95
CA THR R 377 65.34 -23.72 -109.33
C THR R 377 64.98 -23.64 -107.83
N THR R 378 65.99 -23.39 -107.00
CA THR R 378 65.79 -23.00 -105.61
C THR R 378 66.26 -21.55 -105.42
N LEU R 379 65.34 -20.71 -104.92
CA LEU R 379 65.59 -19.30 -104.62
C LEU R 379 65.66 -19.15 -103.10
N THR R 380 66.81 -18.71 -102.58
CA THR R 380 66.96 -18.36 -101.16
C THR R 380 66.86 -16.84 -100.99
N ALA R 381 65.86 -16.39 -100.23
CA ALA R 381 65.55 -14.96 -100.11
C ALA R 381 65.74 -14.48 -98.66
N GLU R 382 66.74 -13.64 -98.48
CA GLU R 382 67.16 -13.12 -97.17
C GLU R 382 66.13 -12.18 -96.54
N THR R 383 66.14 -12.13 -95.20
CA THR R 383 65.44 -11.08 -94.46
C THR R 383 65.93 -9.71 -94.90
N GLY R 384 64.99 -8.83 -95.20
CA GLY R 384 65.27 -7.56 -95.87
C GLY R 384 64.20 -7.32 -96.92
N ASP R 385 64.44 -6.34 -97.79
CA ASP R 385 63.51 -6.05 -98.89
C ASP R 385 63.37 -7.24 -99.87
N SER R 386 64.37 -8.14 -99.90
CA SER R 386 64.26 -9.41 -100.64
C SER R 386 63.04 -10.27 -100.24
N TRP R 387 62.58 -10.16 -98.99
CA TRP R 387 61.31 -10.77 -98.60
C TRP R 387 60.16 -10.28 -99.46
N PHE R 388 60.11 -8.98 -99.70
CA PHE R 388 59.00 -8.37 -100.42
C PHE R 388 59.13 -8.54 -101.93
N ASN R 389 60.36 -8.60 -102.44
CA ASN R 389 60.58 -8.91 -103.85
C ASN R 389 60.23 -10.36 -104.16
N ALA R 390 60.77 -11.28 -103.38
CA ALA R 390 60.43 -12.71 -103.53
C ALA R 390 58.91 -12.95 -103.49
N SER R 391 58.23 -12.31 -102.54
N SER R 391 58.23 -12.31 -102.54
CA SER R 391 56.79 -12.50 -102.34
CA SER R 391 56.80 -12.52 -102.33
C SER R 391 55.90 -12.01 -103.49
C SER R 391 55.88 -11.94 -103.44
N ARG R 392 56.40 -11.06 -104.29
CA ARG R 392 55.65 -10.57 -105.48
C ARG R 392 56.06 -11.25 -106.81
N MET R 393 56.97 -12.23 -106.78
CA MET R 393 57.40 -12.99 -107.97
C MET R 393 56.56 -14.26 -108.16
N PRO R 394 55.79 -14.36 -109.28
CA PRO R 394 55.23 -15.69 -109.58
C PRO R 394 56.32 -16.68 -109.99
N ILE R 395 56.17 -17.94 -109.58
CA ILE R 395 57.16 -18.99 -109.85
C ILE R 395 56.45 -20.20 -110.47
N PRO R 396 57.14 -20.93 -111.36
CA PRO R 396 56.54 -22.15 -111.91
C PRO R 396 56.49 -23.31 -110.89
N GLY R 397 55.63 -24.28 -111.15
CA GLY R 397 55.52 -25.46 -110.30
C GLY R 397 56.82 -26.26 -110.31
N GLY R 398 57.16 -26.81 -109.14
CA GLY R 398 58.46 -27.43 -108.89
C GLY R 398 59.52 -26.49 -108.30
N ALA R 399 59.37 -25.18 -108.51
CA ALA R 399 60.33 -24.21 -107.98
C ALA R 399 60.24 -24.17 -106.46
N ARG R 400 61.38 -24.00 -105.82
CA ARG R 400 61.51 -23.95 -104.37
C ARG R 400 61.97 -22.56 -103.93
N VAL R 401 61.27 -22.00 -102.95
CA VAL R 401 61.69 -20.75 -102.32
C VAL R 401 62.00 -21.05 -100.85
N GLU R 402 63.15 -20.59 -100.39
CA GLU R 402 63.49 -20.71 -98.98
C GLU R 402 63.46 -19.34 -98.35
N LEU R 403 62.61 -19.21 -97.34
CA LEU R 403 62.45 -18.00 -96.52
C LEU R 403 62.62 -18.40 -95.06
N GLU R 404 63.16 -17.47 -94.27
CA GLU R 404 63.41 -17.70 -92.84
C GLU R 404 62.62 -16.62 -92.10
N MET R 405 61.31 -16.69 -92.18
CA MET R 405 60.47 -15.61 -91.70
C MET R 405 60.11 -15.66 -90.21
N GLN R 406 60.44 -16.77 -89.53
CA GLN R 406 60.18 -16.93 -88.10
C GLN R 406 61.42 -16.56 -87.28
N TRP R 407 62.57 -17.08 -87.66
CA TRP R 407 63.82 -16.72 -87.01
C TRP R 407 64.29 -15.35 -87.47
N GLY R 408 64.44 -15.17 -88.78
CA GLY R 408 64.77 -13.87 -89.36
C GLY R 408 66.15 -13.35 -88.98
N HIS R 409 67.15 -14.23 -89.04
CA HIS R 409 68.52 -13.88 -88.67
C HIS R 409 69.22 -13.42 -89.94
N ILE R 410 69.50 -12.12 -90.06
CA ILE R 410 70.17 -11.61 -91.26
C ILE R 410 71.55 -12.23 -91.40
N GLY R 411 71.91 -12.57 -92.63
CA GLY R 411 73.11 -13.35 -92.90
C GLY R 411 72.87 -14.85 -93.10
N TRP R 412 71.72 -15.35 -92.65
CA TRP R 412 71.32 -16.75 -92.85
C TRP R 412 71.43 -17.24 -94.29
N SER R 413 71.07 -16.37 -95.23
CA SER R 413 70.93 -16.74 -96.64
C SER R 413 72.21 -17.27 -97.27
N VAL R 414 73.37 -16.72 -96.89
CA VAL R 414 74.64 -17.13 -97.51
C VAL R 414 75.01 -18.58 -97.18
N PRO R 415 75.19 -18.93 -95.89
CA PRO R 415 75.48 -20.34 -95.58
C PRO R 415 74.30 -21.30 -95.82
N SER R 416 73.07 -20.83 -95.67
CA SER R 416 71.89 -21.66 -96.00
C SER R 416 71.85 -22.04 -97.49
N ALA R 417 72.09 -21.07 -98.36
CA ALA R 417 72.19 -21.33 -99.80
C ALA R 417 73.34 -22.29 -100.11
N PHE R 418 74.47 -22.12 -99.43
CA PHE R 418 75.61 -23.02 -99.53
C PHE R 418 75.23 -24.46 -99.24
N GLY R 419 74.66 -24.70 -98.05
CA GLY R 419 74.22 -26.04 -97.64
C GLY R 419 73.10 -26.62 -98.49
N ASN R 420 72.16 -25.78 -98.90
CA ASN R 420 71.08 -26.20 -99.80
C ASN R 420 71.60 -26.66 -101.16
N ALA R 421 72.50 -25.89 -101.76
CA ALA R 421 73.17 -26.25 -103.02
C ALA R 421 74.02 -27.51 -102.93
N VAL R 422 74.68 -27.71 -101.79
CA VAL R 422 75.42 -28.94 -101.52
C VAL R 422 74.48 -30.15 -101.45
N GLY R 423 73.28 -29.97 -100.92
CA GLY R 423 72.32 -31.06 -100.76
C GLY R 423 71.41 -31.33 -101.94
N SER R 424 71.17 -30.31 -102.77
CA SER R 424 70.42 -30.45 -104.02
C SER R 424 71.21 -29.90 -105.23
N PRO R 425 72.42 -30.45 -105.50
CA PRO R 425 73.27 -29.94 -106.61
C PRO R 425 72.66 -30.03 -108.02
N GLU R 426 71.70 -30.93 -108.23
CA GLU R 426 70.98 -31.05 -109.48
C GLU R 426 70.15 -29.83 -109.87
N ARG R 427 69.87 -28.94 -108.91
CA ARG R 427 69.03 -27.78 -109.13
C ARG R 427 69.85 -26.53 -109.46
N ARG R 428 69.18 -25.55 -110.03
CA ARG R 428 69.73 -24.22 -110.17
C ARG R 428 69.53 -23.45 -108.85
N HIS R 429 70.58 -22.82 -108.36
CA HIS R 429 70.53 -22.12 -107.06
C HIS R 429 70.76 -20.62 -107.20
N ILE R 430 69.71 -19.87 -106.89
CA ILE R 430 69.67 -18.42 -106.91
C ILE R 430 69.51 -17.91 -105.49
N MET R 431 70.10 -16.76 -105.21
CA MET R 431 70.09 -16.19 -103.88
C MET R 431 69.92 -14.67 -103.95
N MET R 432 69.02 -14.14 -103.13
CA MET R 432 68.85 -12.70 -102.97
C MET R 432 69.24 -12.33 -101.54
N VAL R 433 70.18 -11.40 -101.42
CA VAL R 433 70.74 -11.01 -100.14
C VAL R 433 71.12 -9.53 -100.14
N GLY R 434 70.75 -8.83 -99.08
CA GLY R 434 71.08 -7.43 -98.93
C GLY R 434 72.52 -7.26 -98.51
N ASP R 435 73.02 -6.04 -98.68
CA ASP R 435 74.38 -5.68 -98.27
C ASP R 435 74.63 -5.84 -96.77
N GLY R 436 73.66 -5.42 -95.95
CA GLY R 436 73.75 -5.57 -94.51
C GLY R 436 73.88 -7.01 -94.07
N SER R 437 72.94 -7.84 -94.55
CA SER R 437 72.95 -9.27 -94.30
C SER R 437 74.24 -9.95 -94.69
N PHE R 438 74.73 -9.61 -95.86
CA PHE R 438 75.89 -10.26 -96.44
C PHE R 438 77.12 -10.09 -95.54
N GLN R 439 77.26 -8.92 -94.90
CA GLN R 439 78.42 -8.68 -94.02
C GLN R 439 78.51 -9.57 -92.77
N LEU R 440 77.39 -10.12 -92.31
CA LEU R 440 77.43 -11.04 -91.14
C LEU R 440 78.10 -12.37 -91.47
N THR R 441 77.91 -12.85 -92.70
CA THR R 441 78.26 -14.22 -93.09
C THR R 441 79.05 -14.36 -94.41
N ALA R 442 79.54 -13.24 -94.94
CA ALA R 442 80.22 -13.18 -96.25
C ALA R 442 81.28 -14.27 -96.51
N GLN R 443 82.03 -14.65 -95.47
CA GLN R 443 83.15 -15.59 -95.62
C GLN R 443 82.76 -17.00 -96.07
N GLU R 444 81.48 -17.37 -95.94
CA GLU R 444 81.04 -18.67 -96.46
C GLU R 444 80.94 -18.71 -97.99
N VAL R 445 80.98 -17.55 -98.66
CA VAL R 445 81.18 -17.52 -100.12
C VAL R 445 82.53 -18.15 -100.51
N ALA R 446 83.52 -18.07 -99.63
CA ALA R 446 84.80 -18.75 -99.85
C ALA R 446 84.67 -20.27 -99.85
N GLN R 447 83.73 -20.80 -99.05
CA GLN R 447 83.45 -22.24 -99.05
C GLN R 447 82.66 -22.66 -100.29
N MET R 448 81.74 -21.83 -100.77
CA MET R 448 81.09 -22.04 -102.07
C MET R 448 82.16 -22.13 -103.18
N ILE R 449 83.19 -21.29 -103.09
CA ILE R 449 84.30 -21.29 -104.05
C ILE R 449 85.15 -22.56 -103.92
N ARG R 450 85.55 -22.86 -102.69
CA ARG R 450 86.35 -24.06 -102.38
C ARG R 450 85.72 -25.35 -102.91
N TYR R 451 84.42 -25.52 -102.68
CA TYR R 451 83.71 -26.74 -103.07
C TYR R 451 83.02 -26.65 -104.44
N GLU R 452 83.24 -25.56 -105.15
CA GLU R 452 82.78 -25.38 -106.54
C GLU R 452 81.26 -25.42 -106.67
N ILE R 453 80.61 -24.62 -105.82
CA ILE R 453 79.17 -24.62 -105.68
C ILE R 453 78.63 -23.42 -106.45
N PRO R 454 77.91 -23.66 -107.56
CA PRO R 454 77.55 -22.54 -108.46
C PRO R 454 76.30 -21.72 -108.09
N VAL R 455 76.30 -21.10 -106.91
CA VAL R 455 75.19 -20.26 -106.50
C VAL R 455 75.29 -18.91 -107.22
N ILE R 456 74.17 -18.45 -107.76
CA ILE R 456 74.08 -17.11 -108.33
C ILE R 456 73.58 -16.17 -107.24
N ILE R 457 74.46 -15.30 -106.75
CA ILE R 457 74.17 -14.39 -105.63
C ILE R 457 73.85 -13.00 -106.16
N PHE R 458 72.59 -12.56 -106.01
CA PHE R 458 72.22 -11.18 -106.24
C PHE R 458 72.35 -10.37 -104.94
N LEU R 459 73.42 -9.58 -104.86
CA LEU R 459 73.69 -8.70 -103.72
C LEU R 459 73.00 -7.36 -103.96
N ILE R 460 71.98 -7.04 -103.17
CA ILE R 460 71.35 -5.71 -103.31
C ILE R 460 72.13 -4.69 -102.48
N ASN R 461 72.97 -3.90 -103.15
CA ASN R 461 73.70 -2.83 -102.49
C ASN R 461 72.87 -1.55 -102.49
N ASN R 462 72.05 -1.40 -101.44
CA ASN R 462 71.28 -0.18 -101.23
C ASN R 462 71.85 0.72 -100.10
N ARG R 463 73.08 0.45 -99.69
CA ARG R 463 73.83 1.29 -98.74
C ARG R 463 73.20 1.37 -97.35
N GLY R 464 72.82 0.21 -96.80
CA GLY R 464 72.38 0.09 -95.41
C GLY R 464 71.18 -0.81 -95.19
N TYR R 465 70.64 -0.73 -93.97
CA TYR R 465 69.53 -1.57 -93.53
C TYR R 465 68.20 -0.91 -93.92
N VAL R 466 67.77 -1.09 -95.17
CA VAL R 466 66.56 -0.40 -95.67
C VAL R 466 65.25 -0.81 -94.99
N ILE R 467 65.09 -2.10 -94.70
CA ILE R 467 63.92 -2.58 -93.95
C ILE R 467 63.83 -1.93 -92.55
N GLU R 468 64.97 -1.75 -91.89
CA GLU R 468 65.01 -1.09 -90.58
C GLU R 468 64.71 0.41 -90.70
N ILE R 469 65.16 1.03 -91.79
CA ILE R 469 64.83 2.43 -92.09
C ILE R 469 63.30 2.64 -92.19
N ALA R 470 62.60 1.70 -92.82
CA ALA R 470 61.13 1.73 -92.91
C ALA R 470 60.40 1.50 -91.58
N ILE R 471 61.04 0.82 -90.63
CA ILE R 471 60.53 0.64 -89.27
C ILE R 471 60.85 1.86 -88.39
N HIS R 472 62.12 2.25 -88.31
CA HIS R 472 62.57 3.37 -87.47
C HIS R 472 64.00 3.81 -87.84
N ASP R 473 64.14 5.01 -88.40
CA ASP R 473 65.43 5.47 -88.92
C ASP R 473 66.36 6.01 -87.82
N GLY R 474 67.65 5.77 -87.98
CA GLY R 474 68.69 6.28 -87.08
C GLY R 474 70.07 5.92 -87.64
N PRO R 475 71.15 6.45 -87.04
CA PRO R 475 72.51 6.22 -87.57
C PRO R 475 72.96 4.76 -87.61
N TYR R 476 72.43 3.95 -86.67
CA TYR R 476 72.62 2.47 -86.63
C TYR R 476 72.25 1.69 -87.89
N ASN R 477 71.39 2.26 -88.73
CA ASN R 477 71.00 1.68 -90.04
C ASN R 477 71.98 1.85 -91.20
N TYR R 478 73.05 2.63 -91.02
CA TYR R 478 73.98 2.95 -92.11
C TYR R 478 75.32 2.30 -91.83
N ILE R 479 75.81 1.55 -92.83
CA ILE R 479 76.96 0.67 -92.69
C ILE R 479 78.09 1.07 -93.63
N LYS R 480 79.29 0.57 -93.34
CA LYS R 480 80.45 0.72 -94.22
C LYS R 480 80.21 -0.01 -95.55
N ASN R 481 80.32 0.73 -96.67
CA ASN R 481 80.23 0.12 -98.00
C ASN R 481 81.49 -0.67 -98.31
N TRP R 482 81.33 -1.86 -98.90
CA TRP R 482 82.47 -2.65 -99.41
C TRP R 482 82.38 -2.72 -100.93
N ASN R 483 83.50 -3.08 -101.55
CA ASN R 483 83.50 -3.49 -102.94
C ASN R 483 83.11 -4.98 -102.97
N TYR R 484 81.80 -5.24 -103.01
CA TYR R 484 81.27 -6.60 -102.83
C TYR R 484 81.71 -7.52 -103.96
N ALA R 485 81.66 -7.01 -105.19
CA ALA R 485 82.14 -7.74 -106.37
C ALA R 485 83.59 -8.18 -106.23
N GLY R 486 84.44 -7.24 -105.84
CA GLY R 486 85.87 -7.51 -105.62
C GLY R 486 86.18 -8.53 -104.56
N LEU R 487 85.28 -8.74 -103.61
CA LEU R 487 85.50 -9.74 -102.56
C LEU R 487 85.74 -11.14 -103.16
N ILE R 488 85.13 -11.42 -104.31
CA ILE R 488 85.20 -12.76 -104.91
C ILE R 488 86.62 -13.17 -105.28
N ASP R 489 87.38 -12.29 -105.93
N ASP R 489 87.37 -12.29 -105.94
CA ASP R 489 88.77 -12.61 -106.31
CA ASP R 489 88.77 -12.56 -106.29
C ASP R 489 89.73 -12.68 -105.11
C ASP R 489 89.71 -12.71 -105.10
N VAL R 490 89.40 -12.03 -104.01
CA VAL R 490 90.16 -12.19 -102.75
C VAL R 490 89.99 -13.61 -102.22
N PHE R 491 88.74 -14.09 -102.21
CA PHE R 491 88.46 -15.49 -101.83
C PHE R 491 88.99 -16.50 -102.84
N ASN R 492 88.92 -16.20 -104.15
CA ASN R 492 89.54 -17.09 -105.15
C ASN R 492 91.01 -17.29 -104.88
N ASP R 493 91.74 -16.18 -104.72
CA ASP R 493 93.20 -16.19 -104.72
C ASP R 493 93.66 -16.80 -106.08
N GLU R 494 94.59 -17.77 -106.08
CA GLU R 494 95.09 -18.38 -107.31
C GLU R 494 94.29 -19.62 -107.75
N ASP R 495 93.34 -20.07 -106.90
CA ASP R 495 92.77 -21.42 -106.94
C ASP R 495 91.28 -21.52 -107.35
N GLY R 496 90.45 -20.55 -106.97
CA GLY R 496 89.01 -20.63 -107.14
C GLY R 496 88.46 -20.09 -108.45
N HIS R 497 87.18 -20.38 -108.71
CA HIS R 497 86.51 -19.98 -109.97
C HIS R 497 85.18 -19.29 -109.70
N GLY R 498 85.16 -18.51 -108.63
CA GLY R 498 84.04 -17.61 -108.37
C GLY R 498 84.18 -16.40 -109.26
N LEU R 499 83.04 -15.77 -109.57
CA LEU R 499 83.02 -14.58 -110.41
C LEU R 499 82.29 -13.44 -109.67
N GLY R 500 82.88 -12.24 -109.69
CA GLY R 500 82.29 -11.08 -109.04
C GLY R 500 82.04 -10.01 -110.08
N LEU R 501 80.78 -9.60 -110.20
CA LEU R 501 80.35 -8.68 -111.25
C LEU R 501 79.56 -7.53 -110.63
N LYS R 502 79.56 -6.38 -111.31
CA LYS R 502 78.71 -5.24 -110.94
C LYS R 502 77.59 -5.03 -111.95
N ALA R 503 76.51 -4.41 -111.50
CA ALA R 503 75.40 -4.06 -112.38
C ALA R 503 74.72 -2.83 -111.84
N SER R 504 74.77 -1.73 -112.61
CA SER R 504 74.09 -0.48 -112.28
C SER R 504 73.03 -0.06 -113.33
N THR R 505 72.80 -0.92 -114.33
CA THR R 505 71.75 -0.72 -115.32
C THR R 505 71.13 -2.07 -115.68
N GLY R 506 69.97 -2.02 -116.33
CA GLY R 506 69.29 -3.21 -116.83
C GLY R 506 70.15 -4.04 -117.78
N ALA R 507 70.87 -3.34 -118.67
CA ALA R 507 71.75 -3.99 -119.66
C ALA R 507 72.95 -4.64 -119.00
N GLU R 508 73.54 -3.97 -118.02
CA GLU R 508 74.65 -4.55 -117.25
C GLU R 508 74.23 -5.80 -116.47
N LEU R 509 73.02 -5.80 -115.90
CA LEU R 509 72.51 -6.95 -115.15
C LEU R 509 72.29 -8.16 -116.08
N GLU R 510 71.64 -7.91 -117.21
CA GLU R 510 71.38 -8.91 -118.25
C GLU R 510 72.65 -9.65 -118.68
N GLY R 511 73.71 -8.90 -118.96
CA GLY R 511 75.01 -9.45 -119.33
C GLY R 511 75.72 -10.16 -118.19
N ALA R 512 75.54 -9.67 -116.97
CA ALA R 512 76.09 -10.32 -115.79
C ALA R 512 75.39 -11.67 -115.53
N ILE R 513 74.07 -11.70 -115.71
CA ILE R 513 73.30 -12.92 -115.57
C ILE R 513 73.76 -14.00 -116.56
N LYS R 514 74.03 -13.62 -117.81
CA LYS R 514 74.54 -14.55 -118.84
C LYS R 514 75.83 -15.22 -118.41
N LYS R 515 76.76 -14.41 -117.91
CA LYS R 515 78.02 -14.91 -117.37
C LYS R 515 77.82 -15.83 -116.14
N ALA R 516 76.88 -15.48 -115.27
CA ALA R 516 76.57 -16.29 -114.09
C ALA R 516 76.12 -17.72 -114.44
N LEU R 517 75.17 -17.81 -115.37
CA LEU R 517 74.69 -19.11 -115.91
C LEU R 517 75.79 -19.98 -116.52
N ASP R 518 76.79 -19.35 -117.15
CA ASP R 518 77.94 -20.07 -117.74
C ASP R 518 79.11 -20.37 -116.78
N ASN R 519 79.13 -19.76 -115.59
CA ASN R 519 80.10 -20.11 -114.55
C ASN R 519 79.53 -21.27 -113.73
N ARG R 520 80.01 -22.47 -114.00
CA ARG R 520 79.49 -23.70 -113.38
C ARG R 520 80.47 -24.28 -112.37
N ARG R 521 81.63 -23.65 -112.21
CA ARG R 521 82.69 -24.13 -111.31
C ARG R 521 82.79 -23.33 -110.01
N GLY R 522 81.91 -22.35 -109.83
CA GLY R 522 81.90 -21.55 -108.61
C GLY R 522 80.76 -20.55 -108.58
N PRO R 523 80.61 -19.82 -107.46
CA PRO R 523 79.52 -18.87 -107.34
C PRO R 523 79.74 -17.62 -108.16
N THR R 524 78.66 -16.94 -108.51
CA THR R 524 78.73 -15.65 -109.17
C THR R 524 77.97 -14.65 -108.30
N LEU R 525 78.68 -13.62 -107.83
CA LEU R 525 78.04 -12.53 -107.10
C LEU R 525 77.83 -11.35 -108.06
N ILE R 526 76.58 -10.92 -108.17
CA ILE R 526 76.22 -9.76 -108.96
C ILE R 526 75.81 -8.63 -108.01
N GLU R 527 76.72 -7.67 -107.83
CA GLU R 527 76.47 -6.51 -106.98
C GLU R 527 75.56 -5.51 -107.69
N CYS R 528 74.29 -5.55 -107.35
CA CYS R 528 73.29 -4.63 -107.90
C CYS R 528 73.25 -3.31 -107.14
N ASN R 529 73.48 -2.21 -107.85
CA ASN R 529 73.40 -0.88 -107.27
C ASN R 529 71.97 -0.33 -107.30
N ILE R 530 71.27 -0.42 -106.18
CA ILE R 530 69.88 0.06 -106.04
C ILE R 530 69.89 1.28 -105.12
N ALA R 531 69.13 2.31 -105.47
CA ALA R 531 69.02 3.49 -104.63
C ALA R 531 68.29 3.13 -103.34
N GLN R 532 68.69 3.77 -102.25
CA GLN R 532 68.13 3.54 -100.92
C GLN R 532 66.65 3.90 -100.82
N ASP R 533 66.22 4.91 -101.58
CA ASP R 533 64.80 5.32 -101.67
C ASP R 533 63.93 4.27 -102.37
N ASP R 534 64.55 3.48 -103.24
CA ASP R 534 63.86 2.59 -104.17
C ASP R 534 63.67 1.19 -103.57
N CYS R 535 62.74 1.10 -102.62
CA CYS R 535 62.33 -0.17 -102.02
C CYS R 535 60.85 -0.37 -102.33
N THR R 536 60.37 -1.59 -102.12
CA THR R 536 58.98 -1.91 -102.44
C THR R 536 58.02 -1.05 -101.65
N GLU R 537 56.84 -0.88 -102.21
CA GLU R 537 55.77 -0.14 -101.56
C GLU R 537 55.16 -0.99 -100.44
N THR R 538 55.18 -2.31 -100.62
CA THR R 538 54.76 -3.24 -99.57
C THR R 538 55.63 -3.14 -98.30
N LEU R 539 56.95 -2.99 -98.46
CA LEU R 539 57.86 -2.81 -97.31
C LEU R 539 57.46 -1.62 -96.44
N ILE R 540 57.26 -0.47 -97.07
CA ILE R 540 56.91 0.76 -96.36
C ILE R 540 55.59 0.59 -95.58
N ALA R 541 54.58 -0.02 -96.21
CA ALA R 541 53.28 -0.23 -95.57
C ALA R 541 53.38 -1.19 -94.37
N TRP R 542 53.99 -2.35 -94.60
CA TRP R 542 54.23 -3.35 -93.57
C TRP R 542 55.07 -2.80 -92.42
N GLY R 543 56.16 -2.13 -92.76
CA GLY R 543 57.08 -1.53 -91.79
C GLY R 543 56.47 -0.53 -90.82
N LYS R 544 55.45 0.20 -91.26
CA LYS R 544 54.74 1.15 -90.40
C LYS R 544 53.81 0.46 -89.41
N ARG R 545 53.19 -0.63 -89.85
CA ARG R 545 52.32 -1.43 -88.98
C ARG R 545 53.13 -2.14 -87.89
N VAL R 546 54.31 -2.63 -88.25
CA VAL R 546 55.22 -3.30 -87.31
C VAL R 546 55.80 -2.33 -86.27
N ALA R 547 56.21 -1.14 -86.71
CA ALA R 547 56.72 -0.12 -85.77
C ALA R 547 55.66 0.30 -84.75
N ALA R 548 54.42 0.44 -85.22
CA ALA R 548 53.31 0.83 -84.36
C ALA R 548 52.98 -0.27 -83.34
N THR R 549 53.01 -1.52 -83.79
CA THR R 549 52.74 -2.67 -82.94
C THR R 549 53.84 -2.88 -81.88
N ASN R 550 55.11 -2.81 -82.28
CA ASN R 550 56.23 -2.99 -81.35
C ASN R 550 56.36 -1.87 -80.32
N SER R 551 56.00 -0.65 -80.70
CA SER R 551 56.05 0.51 -79.81
C SER R 551 54.78 0.75 -79.01
N ARG R 552 53.76 -0.08 -79.15
CA ARG R 552 52.49 0.16 -78.47
C ARG R 552 52.72 0.12 -76.94
N LYS R 553 52.15 1.10 -76.24
CA LYS R 553 52.54 1.44 -74.88
C LYS R 553 52.10 0.39 -73.84
N PRO R 554 52.77 0.34 -72.67
CA PRO R 554 52.37 -0.64 -71.63
C PRO R 554 51.02 -0.31 -70.96
N GLN R 555 50.40 -1.30 -70.33
CA GLN R 555 49.23 -1.06 -69.47
C GLN R 555 49.72 -1.02 -68.02
N MET S 1 28.13 -23.19 -71.60
CA MET S 1 29.51 -22.71 -71.35
C MET S 1 30.44 -23.91 -71.18
N TYR S 2 31.31 -24.14 -72.16
CA TYR S 2 32.32 -25.19 -72.05
C TYR S 2 33.69 -24.53 -71.86
N THR S 3 34.39 -24.93 -70.79
CA THR S 3 35.61 -24.26 -70.34
C THR S 3 36.90 -25.07 -70.49
N VAL S 4 38.03 -24.37 -70.34
CA VAL S 4 39.35 -24.98 -70.38
C VAL S 4 39.45 -26.13 -69.36
N GLY S 5 38.99 -25.89 -68.14
CA GLY S 5 39.01 -26.89 -67.09
C GLY S 5 38.13 -28.10 -67.39
N MET S 6 37.01 -27.88 -68.09
CA MET S 6 36.17 -28.98 -68.53
C MET S 6 36.84 -29.77 -69.65
N TYR S 7 37.56 -29.10 -70.55
CA TYR S 7 38.37 -29.81 -71.56
C TYR S 7 39.36 -30.74 -70.86
N LEU S 8 40.10 -30.21 -69.90
CA LEU S 8 41.03 -31.01 -69.10
C LEU S 8 40.35 -32.18 -68.44
N ALA S 9 39.20 -31.91 -67.83
CA ALA S 9 38.44 -32.95 -67.13
C ALA S 9 38.03 -34.09 -68.07
N GLU S 10 37.50 -33.73 -69.24
CA GLU S 10 37.07 -34.71 -70.23
C GLU S 10 38.21 -35.58 -70.75
N ARG S 11 39.37 -34.96 -71.02
CA ARG S 11 40.56 -35.72 -71.44
C ARG S 11 41.06 -36.66 -70.37
N LEU S 12 41.08 -36.17 -69.14
CA LEU S 12 41.43 -37.00 -68.00
C LEU S 12 40.47 -38.19 -67.86
N ALA S 13 39.17 -37.94 -68.06
CA ALA S 13 38.17 -39.02 -68.07
C ALA S 13 38.45 -40.04 -69.19
N GLN S 14 38.84 -39.55 -70.37
CA GLN S 14 39.18 -40.39 -71.53
C GLN S 14 40.42 -41.25 -71.34
N ILE S 15 41.36 -40.83 -70.48
CA ILE S 15 42.53 -41.67 -70.10
C ILE S 15 42.09 -42.92 -69.34
N GLY S 16 40.95 -42.85 -68.65
CA GLY S 16 40.52 -43.90 -67.74
C GLY S 16 40.58 -43.54 -66.27
N LEU S 17 40.77 -42.25 -65.95
CA LEU S 17 40.71 -41.77 -64.55
C LEU S 17 39.27 -41.73 -64.06
N LYS S 18 39.03 -42.30 -62.89
CA LYS S 18 37.75 -42.16 -62.19
C LYS S 18 37.90 -41.23 -60.98
N HIS S 19 39.13 -40.88 -60.65
CA HIS S 19 39.45 -39.97 -59.56
C HIS S 19 40.62 -39.09 -59.95
N HIS S 20 40.68 -37.93 -59.31
CA HIS S 20 41.90 -37.13 -59.29
C HIS S 20 42.10 -36.57 -57.89
N PHE S 21 43.33 -36.23 -57.57
CA PHE S 21 43.71 -35.78 -56.23
C PHE S 21 44.00 -34.30 -56.21
N ALA S 22 43.69 -33.63 -55.11
CA ALA S 22 43.81 -32.18 -55.07
C ALA S 22 44.04 -31.62 -53.67
N VAL S 23 44.72 -30.48 -53.63
CA VAL S 23 44.80 -29.63 -52.44
C VAL S 23 44.43 -28.25 -52.92
N ALA S 24 43.38 -27.66 -52.33
CA ALA S 24 42.87 -26.38 -52.80
C ALA S 24 43.85 -25.25 -52.50
N GLY S 25 43.76 -24.18 -53.29
CA GLY S 25 44.46 -22.93 -53.04
C GLY S 25 43.90 -21.93 -54.01
N ASP S 26 44.05 -20.64 -53.73
CA ASP S 26 43.36 -19.62 -54.55
C ASP S 26 43.70 -19.61 -56.05
N TYR S 27 44.91 -20.04 -56.42
CA TYR S 27 45.27 -20.12 -57.84
C TYR S 27 44.59 -21.29 -58.60
N ASN S 28 44.09 -22.30 -57.89
CA ASN S 28 43.44 -23.45 -58.52
C ASN S 28 41.94 -23.67 -58.21
N LEU S 29 41.31 -22.77 -57.45
CA LEU S 29 39.92 -23.00 -57.02
C LEU S 29 38.92 -23.07 -58.18
N VAL S 30 39.03 -22.15 -59.14
CA VAL S 30 38.13 -22.14 -60.29
C VAL S 30 38.38 -23.40 -61.14
N LEU S 31 39.63 -23.80 -61.27
CA LEU S 31 39.98 -25.06 -61.92
C LEU S 31 39.32 -26.27 -61.24
N LEU S 32 39.38 -26.34 -59.91
CA LEU S 32 38.73 -27.45 -59.18
C LEU S 32 37.21 -27.49 -59.41
N ASP S 33 36.56 -26.33 -59.50
CA ASP S 33 35.13 -26.25 -59.83
C ASP S 33 34.81 -26.85 -61.19
N GLN S 34 35.61 -26.50 -62.21
CA GLN S 34 35.47 -27.05 -63.55
C GLN S 34 35.60 -28.57 -63.53
N LEU S 35 36.60 -29.05 -62.82
CA LEU S 35 36.84 -30.48 -62.69
C LEU S 35 35.68 -31.19 -61.99
N LEU S 36 35.08 -30.54 -60.98
CA LEU S 36 33.90 -31.09 -60.28
C LEU S 36 32.63 -31.21 -61.14
N LEU S 37 32.50 -30.37 -62.18
CA LEU S 37 31.39 -30.48 -63.14
C LEU S 37 31.41 -31.76 -64.01
N ASN S 38 32.52 -32.49 -64.02
CA ASN S 38 32.62 -33.75 -64.76
C ASN S 38 32.00 -34.94 -64.00
N LYS S 39 31.03 -35.60 -64.65
CA LYS S 39 30.29 -36.74 -64.06
C LYS S 39 31.16 -37.97 -63.81
N ASP S 40 32.21 -38.14 -64.63
CA ASP S 40 32.98 -39.38 -64.66
C ASP S 40 34.11 -39.45 -63.63
N MET S 41 34.36 -38.38 -62.89
CA MET S 41 35.43 -38.37 -61.88
C MET S 41 34.98 -37.86 -60.54
N GLU S 42 35.56 -38.42 -59.48
CA GLU S 42 35.43 -37.89 -58.13
C GLU S 42 36.73 -37.13 -57.82
N GLN S 43 36.60 -36.01 -57.13
CA GLN S 43 37.73 -35.19 -56.69
C GLN S 43 38.07 -35.57 -55.24
N VAL S 44 39.24 -36.17 -55.03
CA VAL S 44 39.73 -36.63 -53.73
C VAL S 44 40.74 -35.64 -53.11
N TYR S 45 40.51 -35.23 -51.86
CA TYR S 45 41.35 -34.22 -51.20
C TYR S 45 42.43 -34.85 -50.33
N CYS S 46 43.62 -34.25 -50.35
CA CYS S 46 44.75 -34.70 -49.51
C CYS S 46 45.15 -33.65 -48.47
N CYS S 47 45.88 -34.09 -47.44
CA CYS S 47 46.35 -33.21 -46.36
C CYS S 47 47.39 -32.23 -46.85
N ASN S 48 48.45 -32.76 -47.46
CA ASN S 48 49.50 -31.94 -48.07
C ASN S 48 49.83 -32.40 -49.47
N GLU S 49 50.62 -31.58 -50.16
CA GLU S 49 50.89 -31.77 -51.59
C GLU S 49 51.92 -32.86 -51.89
N LEU S 50 52.80 -33.15 -50.95
CA LEU S 50 53.70 -34.30 -51.08
C LEU S 50 52.86 -35.58 -51.12
N ASN S 51 51.89 -35.67 -50.20
CA ASN S 51 51.01 -36.84 -50.12
C ASN S 51 50.03 -36.92 -51.29
N CYS S 52 49.55 -35.77 -51.72
CA CYS S 52 48.71 -35.65 -52.90
C CYS S 52 49.39 -36.23 -54.14
N GLY S 53 50.66 -35.88 -54.33
CA GLY S 53 51.47 -36.38 -55.42
C GLY S 53 51.68 -37.86 -55.35
N PHE S 54 52.04 -38.37 -54.17
CA PHE S 54 52.27 -39.81 -54.00
C PHE S 54 50.98 -40.63 -54.07
N SER S 55 49.85 -40.03 -53.73
CA SER S 55 48.57 -40.69 -53.89
C SER S 55 48.25 -40.89 -55.38
N ALA S 56 48.48 -39.85 -56.19
CA ALA S 56 48.33 -39.96 -57.64
C ALA S 56 49.27 -41.05 -58.19
N GLU S 57 50.49 -41.11 -57.66
CA GLU S 57 51.43 -42.14 -58.05
C GLU S 57 50.88 -43.54 -57.80
N GLY S 58 50.28 -43.76 -56.62
CA GLY S 58 49.66 -45.05 -56.30
C GLY S 58 48.46 -45.37 -57.20
N TYR S 59 47.65 -44.35 -57.47
CA TYR S 59 46.51 -44.48 -58.37
C TYR S 59 46.95 -44.92 -59.78
N ALA S 60 48.10 -44.44 -60.22
CA ALA S 60 48.69 -44.83 -61.52
C ALA S 60 49.15 -46.27 -61.57
N ARG S 61 49.66 -46.78 -60.45
CA ARG S 61 50.00 -48.20 -60.36
C ARG S 61 48.78 -49.13 -60.54
N ALA S 62 47.57 -48.63 -60.25
CA ALA S 62 46.32 -49.37 -60.41
C ALA S 62 45.60 -49.09 -61.73
N ARG S 63 45.52 -47.83 -62.13
CA ARG S 63 44.74 -47.43 -63.29
C ARG S 63 45.56 -47.07 -64.54
N GLY S 64 46.89 -47.11 -64.46
CA GLY S 64 47.74 -46.75 -65.61
C GLY S 64 48.15 -45.29 -65.72
N ALA S 65 47.38 -44.38 -65.13
CA ALA S 65 47.70 -42.95 -65.11
C ALA S 65 46.99 -42.28 -63.94
N ALA S 66 47.31 -41.02 -63.68
CA ALA S 66 46.69 -40.27 -62.59
C ALA S 66 46.88 -38.79 -62.75
N ALA S 67 46.15 -38.03 -61.95
CA ALA S 67 46.22 -36.58 -61.94
C ALA S 67 46.15 -35.99 -60.52
N ALA S 68 47.02 -35.01 -60.27
CA ALA S 68 47.07 -34.29 -59.00
C ALA S 68 47.03 -32.79 -59.28
N ILE S 69 46.20 -32.06 -58.55
CA ILE S 69 46.00 -30.62 -58.77
C ILE S 69 46.41 -29.85 -57.52
N VAL S 70 47.32 -28.89 -57.72
CA VAL S 70 47.91 -28.15 -56.63
C VAL S 70 47.95 -26.66 -56.95
N THR S 71 48.28 -25.86 -55.95
CA THR S 71 48.40 -24.41 -56.15
C THR S 71 49.86 -24.04 -56.45
N PHE S 72 50.04 -22.84 -56.99
CA PHE S 72 51.36 -22.35 -57.41
C PHE S 72 52.40 -22.34 -56.27
N SER S 73 53.58 -22.89 -56.55
CA SER S 73 54.79 -22.83 -55.68
C SER S 73 54.70 -23.59 -54.38
N VAL S 74 53.91 -23.06 -53.45
CA VAL S 74 53.79 -23.67 -52.13
C VAL S 74 53.25 -25.09 -52.21
N GLY S 75 52.32 -25.34 -53.11
CA GLY S 75 51.88 -26.69 -53.39
C GLY S 75 52.82 -27.44 -54.31
N ALA S 76 53.07 -26.84 -55.47
CA ALA S 76 53.74 -27.51 -56.57
C ALA S 76 55.15 -28.02 -56.28
N ILE S 77 55.95 -27.30 -55.49
CA ILE S 77 57.34 -27.70 -55.25
C ILE S 77 57.44 -29.02 -54.44
N SER S 78 56.62 -29.17 -53.40
CA SER S 78 56.54 -30.46 -52.68
C SER S 78 56.08 -31.60 -53.58
N ALA S 79 55.10 -31.31 -54.42
CA ALA S 79 54.57 -32.26 -55.38
C ALA S 79 55.63 -32.71 -56.38
N MET S 80 56.61 -31.85 -56.69
CA MET S 80 57.71 -32.20 -57.60
C MET S 80 58.56 -33.35 -57.11
N ASN S 81 58.63 -33.55 -55.78
CA ASN S 81 59.28 -34.72 -55.21
C ASN S 81 58.55 -36.00 -55.63
N ALA S 82 57.22 -35.99 -55.50
CA ALA S 82 56.41 -37.12 -55.95
C ALA S 82 56.46 -37.31 -57.47
N ILE S 83 56.50 -36.21 -58.23
CA ILE S 83 56.66 -36.26 -59.69
C ILE S 83 58.00 -36.84 -60.14
N GLY S 84 59.09 -36.41 -59.50
CA GLY S 84 60.39 -37.09 -59.64
C GLY S 84 60.31 -38.58 -59.34
N GLY S 85 59.50 -38.96 -58.35
CA GLY S 85 59.22 -40.35 -58.06
C GLY S 85 58.46 -41.02 -59.18
N ALA S 86 57.43 -40.38 -59.70
CA ALA S 86 56.70 -40.91 -60.85
C ALA S 86 57.63 -41.13 -62.07
N TYR S 87 58.56 -40.20 -62.29
CA TYR S 87 59.56 -40.36 -63.35
C TYR S 87 60.42 -41.60 -63.11
N ALA S 88 60.95 -41.71 -61.90
CA ALA S 88 61.85 -42.81 -61.51
C ALA S 88 61.22 -44.17 -61.62
N GLU S 89 59.92 -44.25 -61.34
CA GLU S 89 59.16 -45.49 -61.33
C GLU S 89 58.29 -45.68 -62.60
N ASN S 90 58.48 -44.80 -63.59
CA ASN S 90 57.88 -44.90 -64.91
C ASN S 90 56.34 -44.89 -64.91
N LEU S 91 55.75 -43.89 -64.25
CA LEU S 91 54.30 -43.75 -64.13
C LEU S 91 53.84 -42.42 -64.70
N PRO S 92 52.82 -42.44 -65.58
CA PRO S 92 52.29 -41.18 -66.13
C PRO S 92 51.32 -40.44 -65.19
N VAL S 93 51.90 -39.76 -64.23
CA VAL S 93 51.17 -38.84 -63.37
C VAL S 93 51.20 -37.45 -64.01
N ILE S 94 50.03 -36.83 -64.14
CA ILE S 94 49.92 -35.46 -64.61
C ILE S 94 49.80 -34.54 -63.38
N LEU S 95 50.79 -33.65 -63.19
CA LEU S 95 50.72 -32.62 -62.16
C LEU S 95 50.15 -31.36 -62.81
N ILE S 96 49.00 -30.90 -62.32
CA ILE S 96 48.44 -29.65 -62.78
C ILE S 96 48.55 -28.63 -61.66
N SER S 97 49.12 -27.47 -61.97
CA SER S 97 49.22 -26.36 -61.02
C SER S 97 48.40 -25.19 -61.49
N GLY S 98 47.69 -24.58 -60.56
CA GLY S 98 47.14 -23.24 -60.78
C GLY S 98 48.31 -22.27 -60.88
N SER S 99 48.16 -21.21 -61.65
CA SER S 99 49.23 -20.23 -61.82
C SER S 99 48.66 -18.80 -61.89
N PRO S 100 49.53 -17.77 -61.90
CA PRO S 100 49.03 -16.39 -61.82
C PRO S 100 48.09 -15.93 -62.92
N ASN S 101 47.31 -14.91 -62.59
CA ASN S 101 46.44 -14.23 -63.51
C ASN S 101 47.26 -13.72 -64.70
N THR S 102 46.72 -13.87 -65.90
CA THR S 102 47.41 -13.51 -67.13
C THR S 102 47.79 -12.02 -67.18
N ASN S 103 46.96 -11.17 -66.55
CA ASN S 103 47.20 -9.72 -66.50
C ASN S 103 48.41 -9.30 -65.69
N ASP S 104 48.94 -10.19 -64.85
CA ASP S 104 50.18 -9.91 -64.12
C ASP S 104 51.46 -10.17 -64.90
N TYR S 105 51.40 -10.91 -66.01
CA TYR S 105 52.60 -11.14 -66.81
C TYR S 105 52.97 -9.83 -67.49
N GLY S 106 54.25 -9.50 -67.52
CA GLY S 106 54.74 -8.26 -68.13
C GLY S 106 54.45 -6.95 -67.40
N THR S 107 54.18 -7.04 -66.10
CA THR S 107 53.86 -5.85 -65.28
C THR S 107 54.91 -5.51 -64.21
N GLY S 108 55.67 -6.50 -63.75
CA GLY S 108 56.55 -6.33 -62.60
C GLY S 108 55.88 -6.51 -61.24
N HIS S 109 54.64 -7.00 -61.23
CA HIS S 109 53.93 -7.25 -59.96
C HIS S 109 54.56 -8.40 -59.17
N ILE S 110 54.58 -8.24 -57.84
CA ILE S 110 55.06 -9.25 -56.92
C ILE S 110 53.83 -9.98 -56.40
N LEU S 111 53.84 -11.30 -56.49
CA LEU S 111 52.66 -12.12 -56.18
C LEU S 111 52.90 -13.04 -55.00
N HIS S 112 51.82 -13.31 -54.28
CA HIS S 112 51.83 -14.23 -53.16
C HIS S 112 52.09 -15.67 -53.65
N HIS S 113 52.67 -16.47 -52.77
CA HIS S 113 53.23 -17.80 -53.10
C HIS S 113 54.36 -17.74 -54.12
N THR S 114 55.10 -16.64 -54.17
CA THR S 114 56.30 -16.61 -54.99
C THR S 114 57.45 -16.18 -54.15
N ILE S 115 58.63 -16.31 -54.71
CA ILE S 115 59.86 -15.92 -54.04
C ILE S 115 60.07 -14.39 -53.98
N GLY S 116 59.16 -13.61 -54.55
CA GLY S 116 59.18 -12.14 -54.41
C GLY S 116 59.91 -11.39 -55.52
N THR S 117 60.25 -12.09 -56.61
CA THR S 117 60.77 -11.46 -57.82
C THR S 117 59.66 -11.36 -58.88
N THR S 118 59.97 -10.79 -60.04
CA THR S 118 59.03 -10.70 -61.17
C THR S 118 59.04 -11.95 -62.08
N ASP S 119 59.86 -12.94 -61.76
CA ASP S 119 59.91 -14.18 -62.49
C ASP S 119 58.80 -15.10 -61.97
N TYR S 120 57.79 -15.35 -62.78
CA TYR S 120 56.77 -16.36 -62.45
C TYR S 120 57.06 -17.69 -63.14
N ASN S 121 58.12 -17.75 -63.93
CA ASN S 121 58.42 -18.93 -64.75
C ASN S 121 59.34 -19.94 -64.08
N TYR S 122 59.82 -19.64 -62.89
CA TYR S 122 60.76 -20.53 -62.21
C TYR S 122 60.19 -21.93 -61.91
N GLN S 123 58.90 -22.02 -61.61
CA GLN S 123 58.26 -23.29 -61.32
C GLN S 123 58.26 -24.23 -62.53
N LEU S 124 57.88 -23.71 -63.70
CA LEU S 124 58.00 -24.45 -64.96
C LEU S 124 59.44 -24.88 -65.21
N GLU S 125 60.38 -23.95 -65.03
CA GLU S 125 61.79 -24.26 -65.25
C GLU S 125 62.31 -25.36 -64.31
N MET S 126 61.86 -25.38 -63.07
CA MET S 126 62.25 -26.44 -62.13
C MET S 126 61.66 -27.78 -62.51
N VAL S 127 60.37 -27.80 -62.87
CA VAL S 127 59.65 -29.06 -63.10
C VAL S 127 60.05 -29.77 -64.40
N LYS S 128 60.63 -29.04 -65.36
CA LYS S 128 61.17 -29.65 -66.58
C LYS S 128 62.23 -30.71 -66.32
N HIS S 129 62.94 -30.59 -65.21
CA HIS S 129 63.98 -31.54 -64.89
C HIS S 129 63.47 -32.90 -64.40
N VAL S 130 62.18 -33.01 -64.05
CA VAL S 130 61.60 -34.26 -63.56
C VAL S 130 60.33 -34.68 -64.33
N THR S 131 60.14 -34.14 -65.54
CA THR S 131 58.99 -34.43 -66.40
C THR S 131 59.43 -34.72 -67.83
N CYS S 132 58.56 -35.42 -68.59
CA CYS S 132 58.76 -35.64 -70.04
C CYS S 132 58.10 -34.56 -70.89
N ALA S 133 57.16 -33.81 -70.30
CA ALA S 133 56.54 -32.67 -70.96
C ALA S 133 56.06 -31.71 -69.90
N ALA S 134 56.02 -30.43 -70.24
CA ALA S 134 55.66 -29.38 -69.29
C ALA S 134 55.23 -28.16 -70.08
N GLU S 135 54.01 -27.71 -69.85
CA GLU S 135 53.43 -26.61 -70.63
C GLU S 135 52.71 -25.63 -69.71
N SER S 136 52.62 -24.38 -70.15
CA SER S 136 51.91 -23.32 -69.41
C SER S 136 50.78 -22.79 -70.29
N ILE S 137 49.59 -22.68 -69.73
CA ILE S 137 48.42 -22.23 -70.46
C ILE S 137 48.03 -20.86 -69.95
N VAL S 138 48.14 -19.86 -70.83
CA VAL S 138 47.72 -18.49 -70.53
C VAL S 138 46.59 -18.00 -71.44
N SER S 139 46.05 -18.88 -72.29
CA SER S 139 44.90 -18.53 -73.12
C SER S 139 44.07 -19.75 -73.44
N ALA S 140 42.76 -19.52 -73.58
CA ALA S 140 41.83 -20.57 -73.97
C ALA S 140 42.17 -21.18 -75.33
N GLU S 141 42.62 -20.35 -76.26
CA GLU S 141 42.94 -20.81 -77.62
C GLU S 141 44.03 -21.89 -77.67
N GLU S 142 45.10 -21.69 -76.91
CA GLU S 142 46.22 -22.65 -76.88
C GLU S 142 46.01 -23.84 -75.93
N ALA S 143 44.99 -23.81 -75.09
CA ALA S 143 44.82 -24.84 -74.07
C ALA S 143 44.65 -26.27 -74.61
N PRO S 144 43.79 -26.48 -75.64
CA PRO S 144 43.63 -27.85 -76.15
C PRO S 144 44.93 -28.51 -76.58
N ALA S 145 45.76 -27.80 -77.36
CA ALA S 145 47.06 -28.35 -77.82
C ALA S 145 48.00 -28.69 -76.67
N LYS S 146 48.05 -27.85 -75.66
CA LYS S 146 48.96 -28.10 -74.53
C LYS S 146 48.49 -29.22 -73.61
N ILE S 147 47.19 -29.25 -73.31
CA ILE S 147 46.61 -30.32 -72.49
C ILE S 147 46.86 -31.70 -73.12
N ASP S 148 46.48 -31.82 -74.38
CA ASP S 148 46.64 -33.08 -75.12
C ASP S 148 48.10 -33.47 -75.30
N HIS S 149 48.98 -32.51 -75.61
CA HIS S 149 50.40 -32.80 -75.73
C HIS S 149 51.00 -33.40 -74.43
N VAL S 150 50.68 -32.83 -73.27
CA VAL S 150 51.22 -33.37 -72.02
C VAL S 150 50.68 -34.77 -71.69
N ILE S 151 49.39 -34.98 -71.90
CA ILE S 151 48.75 -36.27 -71.60
C ILE S 151 49.27 -37.37 -72.53
N ARG S 152 49.19 -37.12 -73.83
CA ARG S 152 49.68 -38.07 -74.84
C ARG S 152 51.14 -38.45 -74.63
N THR S 153 52.00 -37.46 -74.39
CA THR S 153 53.43 -37.74 -74.16
C THR S 153 53.66 -38.57 -72.91
N ALA S 154 52.98 -38.22 -71.83
CA ALA S 154 53.07 -38.97 -70.58
C ALA S 154 52.65 -40.44 -70.77
N LEU S 155 51.53 -40.67 -71.45
CA LEU S 155 51.05 -42.04 -71.68
C LEU S 155 52.05 -42.88 -72.50
N ARG S 156 52.55 -42.32 -73.59
CA ARG S 156 53.50 -43.03 -74.47
C ARG S 156 54.87 -43.27 -73.81
N GLU S 157 55.40 -42.25 -73.15
CA GLU S 157 56.73 -42.34 -72.55
C GLU S 157 56.72 -43.08 -71.22
N ARG S 158 55.54 -43.23 -70.61
CA ARG S 158 55.39 -43.76 -69.24
C ARG S 158 56.24 -42.93 -68.27
N LYS S 159 56.02 -41.63 -68.32
CA LYS S 159 56.70 -40.66 -67.47
C LYS S 159 55.68 -39.58 -67.14
N PRO S 160 55.90 -38.87 -66.02
CA PRO S 160 54.98 -37.82 -65.65
C PRO S 160 55.17 -36.54 -66.48
N ALA S 161 54.16 -35.68 -66.42
CA ALA S 161 54.13 -34.42 -67.15
C ALA S 161 53.42 -33.36 -66.34
N TYR S 162 53.60 -32.11 -66.73
CA TYR S 162 53.18 -30.96 -65.94
C TYR S 162 52.37 -29.99 -66.79
N LEU S 163 51.33 -29.42 -66.20
CA LEU S 163 50.54 -28.36 -66.80
C LEU S 163 50.34 -27.25 -65.78
N GLU S 164 50.53 -25.99 -66.17
CA GLU S 164 49.99 -24.89 -65.37
C GLU S 164 48.94 -24.15 -66.17
N ILE S 165 47.87 -23.76 -65.47
CA ILE S 165 46.73 -23.06 -66.07
C ILE S 165 46.50 -21.79 -65.26
N ALA S 166 46.58 -20.63 -65.93
CA ALA S 166 46.36 -19.35 -65.29
C ALA S 166 45.02 -19.36 -64.61
N CYS S 167 44.95 -18.76 -63.42
CA CYS S 167 43.72 -18.88 -62.61
C CYS S 167 42.51 -18.26 -63.30
N ASN S 168 42.73 -17.22 -64.09
CA ASN S 168 41.64 -16.59 -64.86
C ASN S 168 41.38 -17.20 -66.25
N VAL S 169 42.03 -18.33 -66.57
CA VAL S 169 41.81 -19.06 -67.82
C VAL S 169 41.11 -20.41 -67.60
N ALA S 170 41.15 -20.95 -66.38
CA ALA S 170 40.52 -22.23 -66.10
C ALA S 170 39.01 -22.26 -66.42
N GLY S 171 38.34 -21.13 -66.16
CA GLY S 171 36.91 -20.98 -66.44
C GLY S 171 36.55 -20.23 -67.70
N ALA S 172 37.52 -19.99 -68.57
CA ALA S 172 37.28 -19.30 -69.83
C ALA S 172 36.77 -20.28 -70.87
N GLU S 173 35.93 -19.78 -71.78
CA GLU S 173 35.31 -20.56 -72.83
C GLU S 173 36.36 -21.25 -73.71
N CYS S 174 36.13 -22.51 -74.03
CA CYS S 174 37.09 -23.33 -74.77
C CYS S 174 36.34 -24.25 -75.74
N VAL S 175 36.98 -24.58 -76.86
CA VAL S 175 36.46 -25.60 -77.79
C VAL S 175 36.31 -26.96 -77.11
N ARG S 176 35.43 -27.81 -77.64
CA ARG S 176 35.19 -29.14 -77.09
C ARG S 176 36.14 -30.16 -77.71
N PRO S 177 36.59 -31.13 -76.91
CA PRO S 177 37.43 -32.20 -77.44
C PRO S 177 36.62 -33.16 -78.31
N GLY S 178 37.25 -33.68 -79.35
CA GLY S 178 36.63 -34.67 -80.22
C GLY S 178 36.71 -36.07 -79.63
N PRO S 179 35.88 -37.01 -80.15
CA PRO S 179 35.88 -38.38 -79.66
C PRO S 179 37.17 -39.13 -80.03
N ILE S 180 37.51 -40.12 -79.22
CA ILE S 180 38.75 -40.85 -79.37
C ILE S 180 38.55 -42.33 -79.11
N ASN S 181 39.40 -43.14 -79.72
CA ASN S 181 39.54 -44.55 -79.40
C ASN S 181 40.34 -44.68 -78.10
N SER S 182 41.55 -44.10 -78.10
CA SER S 182 42.46 -44.16 -76.97
C SER S 182 43.42 -42.97 -77.04
N LEU S 183 43.88 -42.48 -75.88
CA LEU S 183 44.87 -41.40 -75.83
C LEU S 183 46.30 -41.92 -75.85
N LEU S 184 46.48 -43.24 -75.73
CA LEU S 184 47.76 -43.90 -75.93
C LEU S 184 47.89 -44.32 -77.39
N ARG S 185 48.80 -43.67 -78.12
CA ARG S 185 49.17 -44.08 -79.47
C ARG S 185 50.67 -44.36 -79.49
N GLU S 186 51.04 -45.59 -79.86
CA GLU S 186 52.44 -46.01 -79.90
C GLU S 186 53.06 -45.60 -81.23
N LEU S 187 54.39 -45.67 -81.29
CA LEU S 187 55.14 -45.48 -82.53
C LEU S 187 54.98 -46.74 -83.37
N GLU S 188 54.95 -46.56 -84.69
CA GLU S 188 54.86 -47.70 -85.60
C GLU S 188 56.17 -48.49 -85.54
N VAL S 189 56.05 -49.81 -85.49
CA VAL S 189 57.18 -50.72 -85.36
C VAL S 189 57.84 -50.96 -86.73
N ASP S 190 59.17 -51.10 -86.72
CA ASP S 190 59.96 -51.34 -87.92
C ASP S 190 60.16 -52.86 -88.06
N GLN S 191 59.46 -53.45 -89.04
CA GLN S 191 59.48 -54.91 -89.24
C GLN S 191 60.81 -55.45 -89.74
N THR S 192 61.54 -54.65 -90.54
CA THR S 192 62.92 -55.01 -90.92
C THR S 192 63.75 -55.23 -89.66
N SER S 193 63.59 -54.35 -88.66
CA SER S 193 64.35 -54.46 -87.41
C SER S 193 63.97 -55.67 -86.55
N VAL S 194 62.68 -55.88 -86.36
CA VAL S 194 62.17 -57.01 -85.56
C VAL S 194 62.65 -58.33 -86.16
N THR S 195 62.49 -58.49 -87.48
CA THR S 195 62.90 -59.73 -88.18
C THR S 195 64.40 -59.99 -88.05
N ALA S 196 65.22 -58.98 -88.29
CA ALA S 196 66.67 -59.10 -88.11
C ALA S 196 67.08 -59.40 -86.66
N ALA S 197 66.40 -58.79 -85.69
CA ALA S 197 66.71 -59.03 -84.27
C ALA S 197 66.36 -60.46 -83.83
N VAL S 198 65.19 -60.93 -84.25
CA VAL S 198 64.73 -62.31 -83.98
C VAL S 198 65.69 -63.33 -84.60
N ASP S 199 65.99 -63.18 -85.89
CA ASP S 199 66.95 -64.04 -86.59
C ASP S 199 68.32 -64.09 -85.91
N ALA S 200 68.85 -62.92 -85.54
CA ALA S 200 70.13 -62.86 -84.82
C ALA S 200 70.06 -63.51 -83.43
N ALA S 201 68.96 -63.32 -82.73
CA ALA S 201 68.74 -63.94 -81.42
C ALA S 201 68.68 -65.47 -81.48
N VAL S 202 68.03 -65.99 -82.51
CA VAL S 202 67.94 -67.44 -82.74
C VAL S 202 69.34 -68.03 -83.00
N GLU S 203 70.10 -67.41 -83.91
CA GLU S 203 71.49 -67.84 -84.16
C GLU S 203 72.34 -67.78 -82.88
N TRP S 204 72.22 -66.69 -82.14
CA TRP S 204 72.93 -66.50 -80.86
C TRP S 204 72.64 -67.61 -79.84
N LEU S 205 71.38 -68.07 -79.77
CA LEU S 205 71.01 -69.16 -78.86
C LEU S 205 71.42 -70.58 -79.29
N GLN S 206 71.92 -70.76 -80.51
CA GLN S 206 72.21 -72.11 -81.05
C GLN S 206 73.14 -72.95 -80.18
N ASP S 207 74.27 -72.37 -79.76
CA ASP S 207 75.25 -73.05 -78.91
C ASP S 207 75.23 -72.57 -77.45
N ARG S 208 74.05 -72.20 -76.95
CA ARG S 208 73.91 -71.74 -75.57
C ARG S 208 72.83 -72.56 -74.91
N GLN S 209 73.24 -73.52 -74.07
CA GLN S 209 72.31 -74.51 -73.50
C GLN S 209 71.62 -74.04 -72.22
N ASN S 210 72.37 -73.45 -71.30
CA ASN S 210 71.81 -72.96 -70.05
C ASN S 210 71.33 -71.51 -70.18
N VAL S 211 70.02 -71.35 -70.38
CA VAL S 211 69.38 -70.08 -70.66
C VAL S 211 68.54 -69.66 -69.47
N VAL S 212 68.60 -68.38 -69.10
CA VAL S 212 67.81 -67.86 -67.97
C VAL S 212 67.19 -66.52 -68.34
N MET S 213 65.89 -66.38 -68.12
CA MET S 213 65.21 -65.10 -68.24
C MET S 213 65.34 -64.35 -66.92
N LEU S 214 65.72 -63.06 -66.99
CA LEU S 214 65.81 -62.19 -65.81
C LEU S 214 64.84 -61.02 -66.01
N VAL S 215 63.76 -61.03 -65.26
CA VAL S 215 62.68 -60.05 -65.46
C VAL S 215 62.98 -58.78 -64.67
N GLY S 216 62.84 -57.63 -65.33
CA GLY S 216 63.24 -56.33 -64.78
C GLY S 216 62.10 -55.39 -64.47
N SER S 217 62.40 -54.33 -63.72
CA SER S 217 61.37 -53.42 -63.18
C SER S 217 60.70 -52.50 -64.20
N LYS S 218 61.20 -52.45 -65.43
CA LYS S 218 60.51 -51.72 -66.51
C LYS S 218 59.55 -52.60 -67.34
N LEU S 219 59.31 -53.85 -66.93
CA LEU S 219 58.46 -54.77 -67.71
C LEU S 219 57.01 -54.30 -67.79
N ARG S 220 56.48 -53.76 -66.69
CA ARG S 220 55.13 -53.17 -66.71
C ARG S 220 55.05 -51.93 -67.61
N ALA S 221 56.05 -51.05 -67.54
CA ALA S 221 56.11 -49.86 -68.39
C ALA S 221 56.13 -50.22 -69.88
N ALA S 222 56.84 -51.31 -70.18
CA ALA S 222 56.89 -51.86 -71.54
C ALA S 222 55.58 -52.54 -71.98
N ALA S 223 54.61 -52.70 -71.08
CA ALA S 223 53.34 -53.39 -71.34
C ALA S 223 53.56 -54.78 -71.92
N ALA S 224 54.51 -55.50 -71.32
CA ALA S 224 55.09 -56.70 -71.91
C ALA S 224 55.03 -57.94 -71.00
N GLU S 225 54.13 -57.94 -70.03
CA GLU S 225 54.01 -59.03 -69.07
C GLU S 225 53.53 -60.36 -69.72
N LYS S 226 52.54 -60.27 -70.61
CA LYS S 226 51.99 -61.44 -71.32
C LYS S 226 53.00 -62.02 -72.31
N GLN S 227 53.73 -61.14 -72.98
CA GLN S 227 54.73 -61.55 -73.95
C GLN S 227 55.92 -62.20 -73.25
N ALA S 228 56.19 -61.82 -72.01
CA ALA S 228 57.23 -62.47 -71.21
C ALA S 228 56.86 -63.91 -70.86
N VAL S 229 55.61 -64.12 -70.46
CA VAL S 229 55.04 -65.46 -70.21
C VAL S 229 55.10 -66.31 -71.49
N ALA S 230 54.70 -65.73 -72.62
CA ALA S 230 54.74 -66.41 -73.91
C ALA S 230 56.16 -66.86 -74.29
N LEU S 231 57.13 -65.96 -74.08
CA LEU S 231 58.54 -66.26 -74.35
C LEU S 231 59.07 -67.35 -73.42
N ALA S 232 58.71 -67.26 -72.14
CA ALA S 232 59.12 -68.28 -71.15
C ALA S 232 58.56 -69.69 -71.45
N ASP S 233 57.29 -69.76 -71.86
CA ASP S 233 56.66 -71.04 -72.22
C ASP S 233 57.32 -71.67 -73.44
N ARG S 234 57.62 -70.84 -74.43
CA ARG S 234 58.33 -71.27 -75.62
C ARG S 234 59.73 -71.81 -75.34
N LEU S 235 60.54 -71.03 -74.61
CA LEU S 235 61.90 -71.43 -74.27
C LEU S 235 61.95 -72.58 -73.26
N GLY S 236 60.96 -72.66 -72.39
CA GLY S 236 60.98 -73.63 -71.29
C GLY S 236 62.09 -73.47 -70.29
N CYS S 237 62.73 -72.29 -70.23
CA CYS S 237 63.93 -72.07 -69.42
C CYS S 237 63.57 -71.54 -68.02
N ALA S 238 64.54 -71.50 -67.10
CA ALA S 238 64.34 -70.88 -65.77
C ALA S 238 64.03 -69.39 -65.92
N VAL S 239 63.09 -68.91 -65.12
CA VAL S 239 62.72 -67.49 -65.10
C VAL S 239 62.95 -66.96 -63.68
N THR S 240 63.78 -65.92 -63.58
CA THR S 240 64.03 -65.21 -62.32
C THR S 240 63.62 -63.76 -62.43
N ILE S 241 63.47 -63.12 -61.27
CA ILE S 241 63.16 -61.69 -61.19
C ILE S 241 64.26 -60.91 -60.47
N MET S 242 64.41 -59.65 -60.86
CA MET S 242 65.16 -58.66 -60.06
C MET S 242 64.23 -58.22 -58.93
N ALA S 243 64.79 -57.71 -57.83
CA ALA S 243 63.98 -57.31 -56.67
C ALA S 243 62.81 -56.39 -57.03
N ALA S 244 63.10 -55.35 -57.82
CA ALA S 244 62.10 -54.33 -58.15
C ALA S 244 61.02 -54.82 -59.12
N ALA S 245 61.19 -56.02 -59.70
CA ALA S 245 60.22 -56.58 -60.65
C ALA S 245 59.19 -57.54 -60.02
N LYS S 246 59.09 -57.59 -58.70
CA LYS S 246 58.21 -58.55 -58.05
C LYS S 246 56.75 -58.36 -58.48
N GLY S 247 56.11 -59.46 -58.88
CA GLY S 247 54.74 -59.43 -59.38
C GLY S 247 54.56 -59.22 -60.88
N PHE S 248 55.63 -58.82 -61.59
CA PHE S 248 55.56 -58.61 -63.05
C PHE S 248 55.74 -59.93 -63.81
N PHE S 249 56.08 -61.02 -63.12
CA PHE S 249 56.01 -62.36 -63.67
C PHE S 249 55.38 -63.30 -62.63
N PRO S 250 54.46 -64.21 -63.05
CA PRO S 250 53.78 -65.07 -62.06
C PRO S 250 54.74 -66.07 -61.38
N GLU S 251 54.78 -66.02 -60.05
CA GLU S 251 55.74 -66.81 -59.28
C GLU S 251 55.32 -68.28 -59.08
N ASP S 252 54.04 -68.59 -59.37
CA ASP S 252 53.55 -69.98 -59.41
C ASP S 252 53.69 -70.65 -60.78
N HIS S 253 54.35 -69.98 -61.73
CA HIS S 253 54.70 -70.56 -63.03
C HIS S 253 55.71 -71.71 -62.80
N PRO S 254 55.51 -72.87 -63.45
CA PRO S 254 56.35 -74.08 -63.17
C PRO S 254 57.86 -73.85 -63.20
N ASN S 255 58.30 -73.02 -64.14
CA ASN S 255 59.71 -72.68 -64.36
C ASN S 255 60.28 -71.45 -63.60
N PHE S 256 59.51 -70.84 -62.71
CA PHE S 256 60.03 -69.77 -61.84
C PHE S 256 61.04 -70.33 -60.85
N ARG S 257 62.22 -69.71 -60.79
CA ARG S 257 63.30 -70.12 -59.90
C ARG S 257 63.86 -68.98 -59.02
N GLY S 258 63.05 -67.95 -58.79
CA GLY S 258 63.28 -67.03 -57.67
C GLY S 258 63.85 -65.66 -57.99
N LEU S 259 64.38 -65.04 -56.95
CA LEU S 259 64.91 -63.68 -56.98
C LEU S 259 66.40 -63.69 -57.27
N TYR S 260 66.84 -62.98 -58.30
CA TYR S 260 68.26 -62.68 -58.48
C TYR S 260 68.54 -61.27 -57.96
N TRP S 261 69.40 -61.20 -56.94
CA TRP S 261 69.80 -59.95 -56.30
C TRP S 261 71.19 -60.17 -55.72
N GLY S 262 72.14 -60.48 -56.61
CA GLY S 262 73.51 -60.85 -56.22
C GLY S 262 73.57 -61.83 -55.05
N GLU S 263 74.38 -61.49 -54.05
CA GLU S 263 74.57 -62.34 -52.86
C GLU S 263 73.33 -62.44 -51.93
N VAL S 264 72.30 -61.63 -52.18
CA VAL S 264 71.04 -61.77 -51.45
C VAL S 264 69.92 -62.32 -52.35
N SER S 265 70.29 -63.18 -53.29
CA SER S 265 69.34 -63.93 -54.11
C SER S 265 68.59 -65.01 -53.30
N SER S 266 67.51 -65.52 -53.87
CA SER S 266 66.91 -66.78 -53.41
C SER S 266 67.91 -67.93 -53.52
N GLU S 267 67.64 -69.03 -52.82
CA GLU S 267 68.51 -70.21 -52.85
C GLU S 267 68.71 -70.69 -54.30
N GLY S 268 69.97 -70.77 -54.73
CA GLY S 268 70.32 -71.28 -56.05
C GLY S 268 70.32 -70.27 -57.20
N ALA S 269 69.57 -69.18 -57.04
CA ALA S 269 69.35 -68.22 -58.12
C ALA S 269 70.60 -67.45 -58.56
N GLN S 270 71.52 -67.21 -57.63
CA GLN S 270 72.76 -66.49 -57.94
C GLN S 270 73.62 -67.26 -58.93
N GLU S 271 73.92 -68.52 -58.58
CA GLU S 271 74.69 -69.41 -59.45
C GLU S 271 73.93 -69.76 -60.75
N LEU S 272 72.61 -69.87 -60.66
CA LEU S 272 71.74 -70.07 -61.85
C LEU S 272 72.01 -69.00 -62.90
N VAL S 273 71.90 -67.73 -62.49
CA VAL S 273 72.06 -66.58 -63.39
C VAL S 273 73.50 -66.41 -63.82
N GLU S 274 74.42 -66.40 -62.86
CA GLU S 274 75.83 -66.07 -63.15
C GLU S 274 76.60 -67.13 -63.95
N ASN S 275 76.16 -68.39 -63.91
CA ASN S 275 76.74 -69.47 -64.72
C ASN S 275 76.07 -69.69 -66.09
N ALA S 276 74.93 -69.04 -66.33
CA ALA S 276 74.17 -69.23 -67.57
C ALA S 276 74.98 -68.91 -68.84
N ASP S 277 74.69 -69.65 -69.90
CA ASP S 277 75.29 -69.40 -71.22
C ASP S 277 74.59 -68.23 -71.90
N ALA S 278 73.30 -68.04 -71.59
CA ALA S 278 72.51 -66.92 -72.09
C ALA S 278 71.65 -66.36 -70.97
N ILE S 279 71.73 -65.06 -70.74
CA ILE S 279 70.85 -64.37 -69.80
C ILE S 279 70.00 -63.41 -70.61
N LEU S 280 68.69 -63.60 -70.59
CA LEU S 280 67.76 -62.72 -71.30
C LEU S 280 67.16 -61.71 -70.31
N CYS S 281 67.65 -60.47 -70.35
CA CYS S 281 67.21 -59.42 -69.42
C CYS S 281 66.04 -58.64 -69.97
N LEU S 282 64.88 -58.76 -69.34
CA LEU S 282 63.67 -58.11 -69.82
C LEU S 282 63.42 -56.81 -69.07
N ALA S 283 63.78 -55.71 -69.69
CA ALA S 283 63.53 -54.36 -69.18
C ALA S 283 64.17 -54.12 -67.81
N PRO S 284 65.49 -54.33 -67.72
CA PRO S 284 66.17 -54.15 -66.43
C PRO S 284 66.53 -52.69 -66.12
N VAL S 285 66.66 -52.40 -64.82
CA VAL S 285 67.30 -51.18 -64.32
C VAL S 285 68.41 -51.63 -63.38
N PHE S 286 69.63 -51.62 -63.89
CA PHE S 286 70.80 -52.00 -63.10
C PHE S 286 71.38 -50.78 -62.38
N ASN S 287 70.69 -50.32 -61.33
CA ASN S 287 71.21 -49.22 -60.50
C ASN S 287 72.12 -49.77 -59.41
N ASP S 288 72.69 -48.87 -58.61
CA ASP S 288 73.64 -49.27 -57.57
C ASP S 288 73.05 -50.16 -56.47
N TYR S 289 71.76 -50.03 -56.20
CA TYR S 289 71.08 -50.86 -55.20
C TYR S 289 70.71 -52.24 -55.75
N ALA S 290 70.24 -52.30 -56.99
CA ALA S 290 69.88 -53.58 -57.63
C ALA S 290 71.10 -54.46 -57.90
N THR S 291 72.26 -53.84 -58.11
CA THR S 291 73.51 -54.59 -58.34
C THR S 291 74.33 -54.81 -57.07
N VAL S 292 73.76 -54.51 -55.90
CA VAL S 292 74.41 -54.70 -54.61
C VAL S 292 75.74 -53.93 -54.60
N GLY S 293 75.66 -52.64 -54.90
CA GLY S 293 76.84 -51.78 -54.97
C GLY S 293 77.83 -52.09 -56.08
N TRP S 294 77.32 -52.38 -57.29
CA TRP S 294 78.12 -52.72 -58.48
C TRP S 294 78.85 -54.06 -58.40
N ASN S 295 78.41 -54.94 -57.50
CA ASN S 295 79.08 -56.23 -57.31
C ASN S 295 78.49 -57.32 -58.22
N SER S 296 77.19 -57.19 -58.54
CA SER S 296 76.44 -58.23 -59.25
C SER S 296 75.66 -57.61 -60.41
N TRP S 297 76.34 -57.49 -61.56
CA TRP S 297 75.84 -56.79 -62.73
C TRP S 297 76.10 -57.66 -63.97
N PRO S 298 75.09 -58.41 -64.41
CA PRO S 298 75.25 -59.18 -65.65
C PRO S 298 75.50 -58.28 -66.88
N LYS S 299 76.63 -58.53 -67.53
CA LYS S 299 76.93 -57.92 -68.82
C LYS S 299 77.98 -58.79 -69.54
N GLY S 300 78.31 -58.43 -70.78
CA GLY S 300 79.30 -59.16 -71.57
C GLY S 300 78.66 -60.09 -72.58
N ASP S 301 79.41 -61.11 -72.98
CA ASP S 301 79.03 -61.97 -74.12
C ASP S 301 77.73 -62.77 -73.91
N ASN S 302 77.47 -63.19 -72.68
CA ASN S 302 76.35 -64.08 -72.36
C ASN S 302 75.00 -63.39 -72.11
N VAL S 303 74.89 -62.10 -72.43
CA VAL S 303 73.80 -61.25 -71.96
C VAL S 303 73.10 -60.58 -73.11
N MET S 304 71.77 -60.68 -73.11
CA MET S 304 70.90 -59.93 -74.01
C MET S 304 70.12 -58.95 -73.15
N VAL S 305 70.17 -57.67 -73.52
CA VAL S 305 69.43 -56.64 -72.80
C VAL S 305 68.29 -56.22 -73.69
N MET S 306 67.07 -56.57 -73.28
CA MET S 306 65.86 -56.17 -73.96
C MET S 306 65.32 -54.94 -73.24
N ASP S 307 65.62 -53.75 -73.75
CA ASP S 307 65.05 -52.51 -73.20
C ASP S 307 63.64 -52.37 -73.77
N THR S 308 62.93 -51.32 -73.36
CA THR S 308 61.54 -51.13 -73.80
C THR S 308 61.41 -50.86 -75.29
N ASP S 309 62.47 -50.32 -75.91
CA ASP S 309 62.45 -49.95 -77.33
C ASP S 309 63.67 -50.45 -78.12
N ARG S 310 64.38 -51.44 -77.59
CA ARG S 310 65.69 -51.81 -78.13
C ARG S 310 66.09 -53.19 -77.60
N VAL S 311 66.76 -53.99 -78.43
CA VAL S 311 67.45 -55.20 -77.98
C VAL S 311 68.92 -55.14 -78.36
N THR S 312 69.78 -55.55 -77.43
CA THR S 312 71.23 -55.47 -77.62
C THR S 312 71.91 -56.77 -77.18
N PHE S 313 72.69 -57.38 -78.08
CA PHE S 313 73.41 -58.61 -77.79
C PHE S 313 74.34 -58.92 -78.95
N ALA S 314 75.41 -59.66 -78.66
CA ALA S 314 76.33 -60.15 -79.70
C ALA S 314 76.88 -59.02 -80.59
N GLY S 315 77.28 -57.92 -79.97
CA GLY S 315 77.89 -56.79 -80.68
C GLY S 315 76.96 -56.02 -81.60
N GLN S 316 75.64 -56.16 -81.40
CA GLN S 316 74.64 -55.49 -82.26
C GLN S 316 73.49 -54.91 -81.44
N SER S 317 72.87 -53.85 -81.93
CA SER S 317 71.70 -53.26 -81.30
C SER S 317 70.62 -52.96 -82.32
N PHE S 318 69.41 -53.42 -82.01
CA PHE S 318 68.25 -53.33 -82.89
C PHE S 318 67.22 -52.44 -82.21
N GLU S 319 66.85 -51.36 -82.87
CA GLU S 319 65.88 -50.41 -82.32
C GLU S 319 64.73 -50.29 -83.31
N GLY S 320 63.82 -49.35 -83.06
CA GLY S 320 62.60 -49.20 -83.85
C GLY S 320 61.62 -50.33 -83.60
N LEU S 321 61.75 -50.97 -82.44
CA LEU S 321 60.88 -52.07 -82.06
C LEU S 321 60.44 -51.85 -80.62
N SER S 322 59.61 -52.74 -80.11
CA SER S 322 59.18 -52.68 -78.73
C SER S 322 59.47 -54.02 -78.10
N LEU S 323 59.65 -54.03 -76.79
CA LEU S 323 59.85 -55.27 -76.06
C LEU S 323 58.66 -56.20 -76.26
N SER S 324 57.46 -55.63 -76.23
CA SER S 324 56.23 -56.37 -76.54
C SER S 324 56.29 -57.16 -77.86
N THR S 325 56.53 -56.47 -78.97
CA THR S 325 56.56 -57.09 -80.30
C THR S 325 57.79 -57.98 -80.51
N PHE S 326 58.94 -57.58 -79.96
CA PHE S 326 60.14 -58.41 -80.03
C PHE S 326 60.00 -59.73 -79.27
N ALA S 327 59.54 -59.67 -78.02
CA ALA S 327 59.34 -60.89 -77.22
C ALA S 327 58.28 -61.83 -77.86
N ALA S 328 57.20 -61.26 -78.40
CA ALA S 328 56.18 -62.03 -79.12
C ALA S 328 56.69 -62.69 -80.41
N ALA S 329 57.53 -62.00 -81.17
CA ALA S 329 58.13 -62.55 -82.41
C ALA S 329 59.20 -63.60 -82.09
N LEU S 330 59.99 -63.37 -81.04
CA LEU S 330 60.99 -64.36 -80.59
C LEU S 330 60.32 -65.60 -79.99
N ALA S 331 59.20 -65.41 -79.30
CA ALA S 331 58.37 -66.52 -78.82
C ALA S 331 57.80 -67.44 -79.95
N GLU S 332 57.71 -66.92 -81.17
CA GLU S 332 57.31 -67.75 -82.32
C GLU S 332 58.46 -68.66 -82.81
N LYS S 333 59.70 -68.20 -82.68
CA LYS S 333 60.86 -68.83 -83.34
C LYS S 333 61.91 -69.45 -82.41
N ALA S 334 61.82 -69.23 -81.10
CA ALA S 334 62.94 -69.59 -80.21
C ALA S 334 63.04 -71.10 -80.00
N PRO S 335 64.26 -71.61 -79.82
CA PRO S 335 64.44 -73.02 -79.56
C PRO S 335 64.09 -73.39 -78.13
N SER S 336 63.87 -74.68 -77.88
CA SER S 336 63.61 -75.20 -76.54
C SER S 336 64.92 -75.25 -75.77
N ARG S 337 64.93 -74.70 -74.56
CA ARG S 337 66.13 -74.68 -73.70
C ARG S 337 65.74 -74.96 -72.26
N PRO S 338 65.38 -76.23 -71.97
CA PRO S 338 64.87 -76.55 -70.62
C PRO S 338 65.92 -76.92 -69.56
N ALA S 339 67.20 -76.93 -69.91
CA ALA S 339 68.25 -77.43 -69.00
C ALA S 339 68.24 -76.79 -67.60
N THR S 340 68.01 -75.48 -67.54
CA THR S 340 68.03 -74.71 -66.28
C THR S 340 66.83 -74.96 -65.36
N THR S 341 65.74 -75.54 -65.89
CA THR S 341 64.62 -75.99 -65.07
C THR S 341 64.81 -77.39 -64.46
N GLN S 342 65.71 -78.20 -65.03
CA GLN S 342 65.88 -79.60 -64.61
C GLN S 342 66.72 -79.73 -63.32
N GLY S 343 66.13 -80.31 -62.28
CA GLY S 343 66.81 -80.54 -60.99
C GLY S 343 66.41 -79.49 -59.96
N THR S 344 66.45 -78.23 -60.36
CA THR S 344 66.05 -77.11 -59.53
C THR S 344 64.52 -77.06 -59.31
N GLN S 345 64.11 -76.21 -58.37
CA GLN S 345 62.70 -76.06 -57.99
C GLN S 345 62.43 -74.63 -57.52
N ALA S 346 61.17 -74.20 -57.59
CA ALA S 346 60.76 -72.86 -57.17
C ALA S 346 60.96 -72.64 -55.66
N PRO S 347 61.52 -71.49 -55.24
CA PRO S 347 61.85 -71.28 -53.83
C PRO S 347 60.62 -71.11 -52.96
N VAL S 348 60.70 -71.60 -51.72
CA VAL S 348 59.60 -71.52 -50.77
C VAL S 348 59.94 -70.54 -49.65
N LEU S 349 58.93 -70.13 -48.90
CA LEU S 349 59.14 -69.44 -47.64
C LEU S 349 59.71 -70.48 -46.68
N GLY S 350 60.89 -70.21 -46.11
CA GLY S 350 61.57 -71.20 -45.27
C GLY S 350 61.35 -70.96 -43.79
N ILE S 351 60.10 -70.71 -43.40
CA ILE S 351 59.79 -70.22 -42.04
C ILE S 351 58.75 -71.11 -41.36
N GLU S 352 59.18 -71.79 -40.29
CA GLU S 352 58.29 -72.59 -39.46
C GLU S 352 57.48 -71.68 -38.54
N ALA S 353 56.25 -72.08 -38.24
CA ALA S 353 55.36 -71.29 -37.40
C ALA S 353 55.90 -71.24 -35.98
N ALA S 354 55.88 -70.05 -35.37
CA ALA S 354 56.46 -69.83 -34.06
C ALA S 354 55.48 -70.19 -32.96
N GLU S 355 56.01 -70.33 -31.74
N GLU S 355 55.99 -70.33 -31.74
CA GLU S 355 55.20 -70.54 -30.54
CA GLU S 355 55.17 -70.60 -30.56
C GLU S 355 54.30 -69.32 -30.29
C GLU S 355 54.30 -69.37 -30.24
N PRO S 356 52.96 -69.50 -30.35
CA PRO S 356 52.01 -68.36 -30.27
C PRO S 356 52.18 -67.25 -29.20
N ASN S 357 52.78 -67.56 -28.05
CA ASN S 357 53.02 -66.56 -27.00
C ASN S 357 54.45 -66.02 -26.89
N ALA S 358 55.39 -66.54 -27.69
CA ALA S 358 56.75 -65.98 -27.73
C ALA S 358 56.75 -64.53 -28.26
N PRO S 359 57.78 -63.73 -27.90
CA PRO S 359 57.85 -62.36 -28.48
C PRO S 359 57.87 -62.41 -30.01
N LEU S 360 57.12 -61.51 -30.65
CA LEU S 360 56.95 -61.52 -32.12
C LEU S 360 58.29 -61.29 -32.83
N THR S 361 58.62 -62.17 -33.75
CA THR S 361 59.81 -62.05 -34.56
C THR S 361 59.46 -61.54 -35.94
N ASN S 362 60.48 -61.02 -36.61
CA ASN S 362 60.35 -60.56 -38.00
C ASN S 362 59.93 -61.71 -38.92
N ASP S 363 60.54 -62.89 -38.72
CA ASP S 363 60.16 -64.14 -39.42
C ASP S 363 58.70 -64.50 -39.24
N GLU S 364 58.22 -64.46 -38.00
CA GLU S 364 56.81 -64.78 -37.68
C GLU S 364 55.82 -63.81 -38.32
N MET S 365 56.14 -62.53 -38.26
CA MET S 365 55.33 -61.47 -38.86
C MET S 365 55.24 -61.64 -40.37
N THR S 366 56.39 -61.89 -40.99
CA THR S 366 56.50 -62.18 -42.41
C THR S 366 55.64 -63.38 -42.83
N ARG S 367 55.66 -64.47 -42.04
CA ARG S 367 54.88 -65.68 -42.34
C ARG S 367 53.38 -65.38 -42.38
N GLN S 368 52.89 -64.62 -41.40
CA GLN S 368 51.47 -64.29 -41.35
C GLN S 368 51.02 -63.29 -42.40
N ILE S 369 51.87 -62.31 -42.74
CA ILE S 369 51.56 -61.39 -43.84
C ILE S 369 51.51 -62.16 -45.15
N GLN S 370 52.48 -63.04 -45.36
CA GLN S 370 52.54 -63.87 -46.57
C GLN S 370 51.27 -64.70 -46.83
N SER S 371 50.68 -65.24 -45.75
CA SER S 371 49.41 -66.00 -45.84
C SER S 371 48.20 -65.19 -46.29
N LEU S 372 48.25 -63.87 -46.07
CA LEU S 372 47.18 -62.97 -46.50
C LEU S 372 47.21 -62.63 -47.99
N ILE S 373 48.28 -62.96 -48.70
CA ILE S 373 48.41 -62.52 -50.09
C ILE S 373 47.65 -63.49 -50.99
N THR S 374 46.49 -63.05 -51.47
CA THR S 374 45.70 -63.78 -52.46
C THR S 374 45.99 -63.27 -53.88
N SER S 375 45.39 -63.93 -54.87
CA SER S 375 45.50 -63.52 -56.27
C SER S 375 44.78 -62.18 -56.60
N ASP S 376 43.90 -61.71 -55.71
CA ASP S 376 43.27 -60.38 -55.80
C ASP S 376 43.84 -59.40 -54.76
N THR S 377 45.11 -59.56 -54.40
CA THR S 377 45.75 -58.73 -53.37
C THR S 377 46.78 -57.80 -54.01
N THR S 378 46.88 -56.59 -53.45
CA THR S 378 47.99 -55.68 -53.72
C THR S 378 48.79 -55.40 -52.44
N LEU S 379 50.08 -55.73 -52.45
CA LEU S 379 51.00 -55.50 -51.34
C LEU S 379 51.92 -54.31 -51.67
N THR S 380 51.80 -53.23 -50.88
CA THR S 380 52.69 -52.07 -51.00
C THR S 380 53.77 -52.20 -49.91
N ALA S 381 55.04 -52.26 -50.33
CA ALA S 381 56.15 -52.49 -49.40
C ALA S 381 57.10 -51.30 -49.37
N GLU S 382 57.29 -50.72 -48.19
CA GLU S 382 58.06 -49.49 -48.05
C GLU S 382 59.56 -49.74 -48.10
N THR S 383 60.30 -48.71 -48.50
CA THR S 383 61.75 -48.68 -48.36
C THR S 383 62.11 -48.88 -46.90
N GLY S 384 62.98 -49.85 -46.64
CA GLY S 384 63.29 -50.32 -45.30
C GLY S 384 63.48 -51.82 -45.33
N ASP S 385 63.45 -52.46 -44.16
CA ASP S 385 63.53 -53.91 -44.09
C ASP S 385 62.30 -54.60 -44.74
N SER S 386 61.19 -53.87 -44.88
CA SER S 386 60.05 -54.31 -45.72
C SER S 386 60.42 -54.69 -47.16
N TRP S 387 61.44 -54.06 -47.74
CA TRP S 387 61.98 -54.52 -49.03
C TRP S 387 62.49 -55.96 -48.99
N PHE S 388 63.18 -56.30 -47.91
CA PHE S 388 63.84 -57.59 -47.78
C PHE S 388 62.89 -58.68 -47.27
N ASN S 389 61.86 -58.31 -46.51
CA ASN S 389 60.78 -59.23 -46.17
C ASN S 389 59.89 -59.52 -47.38
N ALA S 390 59.42 -58.46 -48.04
CA ALA S 390 58.65 -58.62 -49.27
C ALA S 390 59.39 -59.46 -50.33
N SER S 391 60.69 -59.23 -50.44
N SER S 391 60.70 -59.27 -50.45
CA SER S 391 61.58 -59.96 -51.35
CA SER S 391 61.48 -59.97 -51.46
C SER S 391 61.59 -61.48 -51.21
C SER S 391 61.74 -61.47 -51.18
N ARG S 392 61.37 -61.98 -49.99
CA ARG S 392 61.46 -63.43 -49.69
C ARG S 392 60.10 -64.10 -49.47
N MET S 393 59.02 -63.43 -49.89
CA MET S 393 57.65 -63.98 -49.84
C MET S 393 57.24 -64.50 -51.21
N PRO S 394 56.99 -65.82 -51.35
CA PRO S 394 56.28 -66.29 -52.54
C PRO S 394 54.88 -65.68 -52.63
N ILE S 395 54.43 -65.42 -53.85
CA ILE S 395 53.10 -64.87 -54.07
C ILE S 395 52.37 -65.68 -55.15
N PRO S 396 51.04 -65.78 -55.06
CA PRO S 396 50.31 -66.47 -56.13
C PRO S 396 50.11 -65.57 -57.35
N GLY S 397 49.79 -66.18 -58.49
CA GLY S 397 49.65 -65.49 -59.76
C GLY S 397 48.49 -64.53 -59.67
N GLY S 398 48.63 -63.35 -60.28
CA GLY S 398 47.63 -62.29 -60.15
C GLY S 398 47.90 -61.28 -59.04
N ALA S 399 48.56 -61.70 -57.97
CA ALA S 399 48.95 -60.79 -56.90
C ALA S 399 49.87 -59.70 -57.42
N ARG S 400 49.69 -58.50 -56.89
CA ARG S 400 50.45 -57.33 -57.28
C ARG S 400 51.30 -56.86 -56.11
N VAL S 401 52.57 -56.59 -56.39
CA VAL S 401 53.47 -56.03 -55.40
C VAL S 401 53.99 -54.68 -55.89
N GLU S 402 53.83 -53.65 -55.05
CA GLU S 402 54.30 -52.30 -55.34
C GLU S 402 55.53 -51.95 -54.50
N LEU S 403 56.65 -51.75 -55.21
CA LEU S 403 57.92 -51.33 -54.67
C LEU S 403 58.33 -50.01 -55.36
N GLU S 404 59.14 -49.23 -54.64
CA GLU S 404 59.64 -47.95 -55.12
C GLU S 404 61.16 -47.93 -54.92
N MET S 405 61.85 -48.85 -55.58
CA MET S 405 63.29 -49.06 -55.38
C MET S 405 64.25 -48.14 -56.14
N GLN S 406 63.75 -47.39 -57.13
CA GLN S 406 64.59 -46.44 -57.85
C GLN S 406 64.59 -45.07 -57.11
N TRP S 407 63.41 -44.59 -56.72
CA TRP S 407 63.30 -43.32 -56.00
C TRP S 407 63.62 -43.52 -54.53
N GLY S 408 62.89 -44.41 -53.87
CA GLY S 408 63.21 -44.83 -52.51
C GLY S 408 62.96 -43.78 -51.45
N HIS S 409 61.84 -43.07 -51.60
CA HIS S 409 61.42 -42.03 -50.70
C HIS S 409 60.65 -42.65 -49.56
N ILE S 410 61.23 -42.69 -48.37
CA ILE S 410 60.52 -43.26 -47.21
C ILE S 410 59.28 -42.44 -46.94
N GLY S 411 58.19 -43.12 -46.60
CA GLY S 411 56.90 -42.48 -46.44
C GLY S 411 56.02 -42.57 -47.66
N TRP S 412 56.59 -42.81 -48.84
CA TRP S 412 55.84 -43.07 -50.08
C TRP S 412 54.68 -44.08 -49.89
N SER S 413 54.93 -45.11 -49.09
CA SER S 413 54.03 -46.26 -49.00
C SER S 413 52.63 -45.92 -48.53
N VAL S 414 52.49 -44.96 -47.60
CA VAL S 414 51.19 -44.63 -47.01
C VAL S 414 50.27 -43.94 -48.03
N PRO S 415 50.71 -42.80 -48.62
CA PRO S 415 49.86 -42.20 -49.67
C PRO S 415 49.75 -43.04 -50.94
N SER S 416 50.79 -43.80 -51.29
CA SER S 416 50.72 -44.67 -52.47
C SER S 416 49.68 -45.77 -52.30
N ALA S 417 49.70 -46.43 -51.15
CA ALA S 417 48.68 -47.43 -50.81
C ALA S 417 47.28 -46.82 -50.87
N PHE S 418 47.13 -45.62 -50.31
CA PHE S 418 45.86 -44.88 -50.37
C PHE S 418 45.36 -44.74 -51.80
N GLY S 419 46.15 -44.14 -52.66
CA GLY S 419 45.75 -43.95 -54.05
C GLY S 419 45.52 -45.24 -54.82
N ASN S 420 46.39 -46.22 -54.60
CA ASN S 420 46.23 -47.53 -55.19
C ASN S 420 44.89 -48.17 -54.81
N ALA S 421 44.59 -48.15 -53.52
CA ALA S 421 43.32 -48.67 -53.02
C ALA S 421 42.12 -47.94 -53.57
N VAL S 422 42.22 -46.61 -53.73
CA VAL S 422 41.14 -45.83 -54.34
C VAL S 422 40.92 -46.27 -55.77
N GLY S 423 42.00 -46.56 -56.49
CA GLY S 423 41.91 -46.98 -57.91
C GLY S 423 41.56 -48.44 -58.20
N SER S 424 41.73 -49.31 -57.20
CA SER S 424 41.40 -50.71 -57.35
C SER S 424 40.70 -51.23 -56.07
N PRO S 425 39.49 -50.71 -55.78
CA PRO S 425 38.76 -51.09 -54.57
C PRO S 425 38.32 -52.58 -54.50
N GLU S 426 38.25 -53.23 -55.65
CA GLU S 426 37.93 -54.66 -55.76
C GLU S 426 38.98 -55.60 -55.15
N ARG S 427 40.19 -55.10 -54.92
CA ARG S 427 41.30 -55.90 -54.42
C ARG S 427 41.45 -55.76 -52.92
N ARG S 428 42.20 -56.69 -52.33
CA ARG S 428 42.63 -56.61 -50.94
C ARG S 428 43.93 -55.81 -50.92
N HIS S 429 43.98 -54.77 -50.08
CA HIS S 429 45.13 -53.88 -50.02
C HIS S 429 45.86 -54.02 -48.68
N ILE S 430 47.08 -54.56 -48.76
CA ILE S 430 48.02 -54.71 -47.66
C ILE S 430 49.20 -53.78 -47.86
N MET S 431 49.74 -53.23 -46.78
CA MET S 431 51.01 -52.50 -46.84
C MET S 431 51.93 -52.80 -45.66
N MET S 432 53.23 -52.75 -45.93
CA MET S 432 54.25 -52.90 -44.91
C MET S 432 55.03 -51.61 -44.90
N VAL S 433 55.06 -50.96 -43.75
CA VAL S 433 55.72 -49.68 -43.58
C VAL S 433 56.43 -49.65 -42.23
N GLY S 434 57.70 -49.26 -42.24
CA GLY S 434 58.43 -49.05 -41.00
C GLY S 434 58.00 -47.80 -40.24
N ASP S 435 58.40 -47.74 -38.98
CA ASP S 435 58.08 -46.63 -38.09
C ASP S 435 58.66 -45.28 -38.54
N GLY S 436 59.90 -45.31 -39.02
CA GLY S 436 60.55 -44.13 -39.57
C GLY S 436 59.83 -43.53 -40.77
N SER S 437 59.57 -44.39 -41.75
CA SER S 437 58.81 -44.02 -42.95
C SER S 437 57.46 -43.44 -42.62
N PHE S 438 56.76 -44.14 -41.73
CA PHE S 438 55.40 -43.80 -41.38
C PHE S 438 55.25 -42.37 -40.88
N GLN S 439 56.25 -41.89 -40.13
CA GLN S 439 56.23 -40.53 -39.57
C GLN S 439 56.29 -39.40 -40.63
N LEU S 440 56.87 -39.66 -41.81
CA LEU S 440 56.91 -38.62 -42.85
C LEU S 440 55.53 -38.29 -43.41
N THR S 441 54.69 -39.31 -43.54
CA THR S 441 53.45 -39.19 -44.29
C THR S 441 52.18 -39.63 -43.53
N ALA S 442 52.30 -39.84 -42.21
CA ALA S 442 51.25 -40.44 -41.36
C ALA S 442 49.84 -39.89 -41.56
N GLN S 443 49.74 -38.58 -41.71
CA GLN S 443 48.43 -37.92 -41.83
C GLN S 443 47.52 -38.44 -42.96
N GLU S 444 48.10 -39.11 -43.96
CA GLU S 444 47.29 -39.64 -45.06
C GLU S 444 46.45 -40.88 -44.65
N VAL S 445 46.78 -41.52 -43.53
CA VAL S 445 45.89 -42.51 -42.90
C VAL S 445 44.52 -41.88 -42.56
N ALA S 446 44.49 -40.59 -42.24
CA ALA S 446 43.23 -39.88 -42.01
C ALA S 446 42.34 -39.77 -43.25
N GLN S 447 42.96 -39.67 -44.44
CA GLN S 447 42.21 -39.67 -45.70
C GLN S 447 41.65 -41.06 -46.03
N MET S 448 42.44 -42.11 -45.79
CA MET S 448 41.94 -43.49 -45.83
C MET S 448 40.69 -43.64 -44.95
N ILE S 449 40.75 -43.07 -43.74
CA ILE S 449 39.61 -43.09 -42.82
C ILE S 449 38.42 -42.30 -43.40
N ARG S 450 38.67 -41.07 -43.81
CA ARG S 450 37.63 -40.21 -44.41
C ARG S 450 36.90 -40.85 -45.60
N TYR S 451 37.65 -41.52 -46.48
CA TYR S 451 37.08 -42.07 -47.72
C TYR S 451 36.72 -43.57 -47.58
N GLU S 452 36.89 -44.13 -46.39
CA GLU S 452 36.53 -45.53 -46.05
C GLU S 452 37.29 -46.57 -46.86
N ILE S 453 38.61 -46.40 -46.89
CA ILE S 453 39.48 -47.23 -47.69
C ILE S 453 40.10 -48.28 -46.77
N PRO S 454 39.72 -49.57 -46.94
CA PRO S 454 40.19 -50.64 -46.04
C PRO S 454 41.58 -51.20 -46.32
N VAL S 455 42.62 -50.36 -46.18
CA VAL S 455 44.00 -50.84 -46.30
C VAL S 455 44.39 -51.48 -44.99
N ILE S 456 45.07 -52.63 -45.04
CA ILE S 456 45.59 -53.26 -43.82
C ILE S 456 47.07 -52.89 -43.72
N ILE S 457 47.41 -52.11 -42.68
CA ILE S 457 48.73 -51.51 -42.53
C ILE S 457 49.54 -52.25 -41.48
N PHE S 458 50.58 -52.95 -41.91
CA PHE S 458 51.55 -53.55 -40.98
C PHE S 458 52.68 -52.56 -40.71
N LEU S 459 52.65 -51.98 -39.52
CA LEU S 459 53.60 -50.96 -39.09
C LEU S 459 54.68 -51.67 -38.28
N ILE S 460 55.88 -51.78 -38.83
CA ILE S 460 56.97 -52.45 -38.11
C ILE S 460 57.65 -51.44 -37.19
N ASN S 461 57.35 -51.52 -35.90
CA ASN S 461 58.00 -50.67 -34.92
C ASN S 461 59.28 -51.31 -34.37
N ASN S 462 60.38 -51.06 -35.06
CA ASN S 462 61.69 -51.49 -34.59
C ASN S 462 62.53 -50.37 -33.96
N ARG S 463 61.88 -49.24 -33.65
CA ARG S 463 62.47 -48.14 -32.88
C ARG S 463 63.65 -47.49 -33.58
N GLY S 464 63.44 -47.13 -34.85
CA GLY S 464 64.45 -46.40 -35.63
C GLY S 464 64.58 -46.81 -37.08
N TYR S 465 65.62 -46.28 -37.71
CA TYR S 465 65.95 -46.49 -39.11
C TYR S 465 66.88 -47.71 -39.28
N VAL S 466 66.34 -48.92 -39.18
CA VAL S 466 67.17 -50.13 -39.12
C VAL S 466 67.98 -50.39 -40.38
N ILE S 467 67.40 -50.16 -41.56
CA ILE S 467 68.20 -50.20 -42.81
C ILE S 467 69.39 -49.22 -42.77
N GLU S 468 69.20 -48.00 -42.25
CA GLU S 468 70.32 -47.02 -42.14
C GLU S 468 71.38 -47.42 -41.12
N ILE S 469 70.96 -48.11 -40.04
CA ILE S 469 71.90 -48.67 -39.07
C ILE S 469 72.81 -49.73 -39.74
N ALA S 470 72.22 -50.57 -40.57
CA ALA S 470 72.95 -51.58 -41.34
C ALA S 470 73.95 -50.98 -42.34
N ILE S 471 73.69 -49.76 -42.81
CA ILE S 471 74.63 -49.05 -43.70
C ILE S 471 75.71 -48.37 -42.86
N HIS S 472 75.29 -47.47 -41.97
CA HIS S 472 76.22 -46.72 -41.11
C HIS S 472 75.47 -46.16 -39.86
N ASP S 473 75.78 -46.71 -38.70
CA ASP S 473 75.06 -46.36 -37.47
C ASP S 473 75.52 -45.02 -36.87
N GLY S 474 74.56 -44.32 -36.26
CA GLY S 474 74.79 -43.05 -35.57
C GLY S 474 73.50 -42.53 -34.94
N PRO S 475 73.57 -41.45 -34.13
CA PRO S 475 72.39 -40.92 -33.41
C PRO S 475 71.23 -40.48 -34.33
N TYR S 476 71.56 -40.11 -35.55
CA TYR S 476 70.58 -39.78 -36.60
C TYR S 476 69.61 -40.92 -36.98
N ASN S 477 69.90 -42.17 -36.58
CA ASN S 477 69.01 -43.31 -36.87
C ASN S 477 67.95 -43.64 -35.81
N TYR S 478 67.89 -42.85 -34.73
CA TYR S 478 67.01 -43.13 -33.60
C TYR S 478 66.00 -42.02 -33.50
N ILE S 479 64.73 -42.41 -33.56
CA ILE S 479 63.62 -41.49 -33.65
C ILE S 479 62.76 -41.56 -32.38
N LYS S 480 61.91 -40.55 -32.22
CA LYS S 480 60.93 -40.49 -31.16
C LYS S 480 59.88 -41.54 -31.44
N ASN S 481 59.66 -42.43 -30.49
CA ASN S 481 58.59 -43.41 -30.58
C ASN S 481 57.21 -42.76 -30.43
N TRP S 482 56.23 -43.27 -31.19
CA TRP S 482 54.83 -42.87 -31.04
C TRP S 482 54.00 -44.07 -30.59
N ASN S 483 52.82 -43.79 -30.05
CA ASN S 483 51.77 -44.81 -29.94
C ASN S 483 51.04 -44.91 -31.28
N TYR S 484 51.65 -45.67 -32.20
CA TYR S 484 51.18 -45.73 -33.59
C TYR S 484 49.74 -46.24 -33.67
N ALA S 485 49.44 -47.29 -32.90
CA ALA S 485 48.06 -47.82 -32.81
C ALA S 485 47.03 -46.78 -32.39
N GLY S 486 47.36 -45.98 -31.38
CA GLY S 486 46.48 -44.93 -30.87
C GLY S 486 46.25 -43.73 -31.80
N LEU S 487 47.10 -43.59 -32.82
CA LEU S 487 46.91 -42.55 -33.83
C LEU S 487 45.57 -42.69 -34.56
N ILE S 488 45.09 -43.93 -34.73
CA ILE S 488 43.86 -44.18 -35.49
C ILE S 488 42.64 -43.52 -34.85
N ASP S 489 42.49 -43.64 -33.53
CA ASP S 489 41.35 -42.99 -32.84
C ASP S 489 41.41 -41.47 -32.83
N VAL S 490 42.62 -40.92 -32.86
CA VAL S 490 42.80 -39.48 -33.07
C VAL S 490 42.22 -39.06 -34.42
N PHE S 491 42.56 -39.79 -35.48
CA PHE S 491 42.04 -39.47 -36.82
C PHE S 491 40.57 -39.81 -37.00
N ASN S 492 40.09 -40.87 -36.35
CA ASN S 492 38.66 -41.19 -36.37
C ASN S 492 37.83 -40.06 -35.81
N ASP S 493 38.20 -39.59 -34.62
CA ASP S 493 37.40 -38.62 -33.87
C ASP S 493 35.97 -39.19 -33.69
N GLU S 494 34.93 -38.48 -34.14
CA GLU S 494 33.56 -38.95 -33.99
C GLU S 494 33.15 -39.90 -35.15
N ASP S 495 33.56 -39.59 -36.38
CA ASP S 495 33.03 -40.22 -37.61
C ASP S 495 33.68 -41.55 -38.05
N GLY S 496 35.00 -41.61 -38.06
CA GLY S 496 35.74 -42.65 -38.77
C GLY S 496 35.60 -44.07 -38.24
N HIS S 497 35.94 -45.05 -39.09
CA HIS S 497 35.94 -46.47 -38.73
C HIS S 497 37.30 -47.13 -38.95
N GLY S 498 38.37 -46.36 -38.74
CA GLY S 498 39.71 -46.95 -38.65
C GLY S 498 39.82 -47.79 -37.40
N LEU S 499 40.70 -48.79 -37.43
CA LEU S 499 41.06 -49.59 -36.27
C LEU S 499 42.56 -49.54 -36.03
N GLY S 500 42.96 -49.39 -34.76
CA GLY S 500 44.37 -49.41 -34.37
C GLY S 500 44.61 -50.52 -33.38
N LEU S 501 45.55 -51.42 -33.69
CA LEU S 501 45.77 -52.62 -32.90
C LEU S 501 47.26 -52.79 -32.66
N LYS S 502 47.61 -53.43 -31.54
CA LYS S 502 48.99 -53.74 -31.20
C LYS S 502 49.21 -55.25 -31.32
N ALA S 503 50.43 -55.64 -31.67
CA ALA S 503 50.81 -57.05 -31.72
C ALA S 503 52.26 -57.26 -31.26
N SER S 504 52.40 -57.90 -30.10
CA SER S 504 53.72 -58.31 -29.56
C SER S 504 53.99 -59.82 -29.62
N THR S 505 53.00 -60.62 -30.04
CA THR S 505 53.15 -62.07 -30.19
C THR S 505 52.47 -62.59 -31.45
N GLY S 506 52.86 -63.79 -31.87
CA GLY S 506 52.20 -64.52 -32.96
C GLY S 506 50.69 -64.56 -32.83
N ALA S 507 50.20 -64.86 -31.63
CA ALA S 507 48.77 -64.98 -31.33
C ALA S 507 48.04 -63.63 -31.41
N GLU S 508 48.65 -62.58 -30.88
CA GLU S 508 48.06 -61.22 -30.96
C GLU S 508 47.98 -60.74 -32.42
N LEU S 509 49.02 -61.03 -33.19
CA LEU S 509 49.05 -60.70 -34.62
C LEU S 509 47.91 -61.39 -35.37
N GLU S 510 47.83 -62.71 -35.19
CA GLU S 510 46.77 -63.56 -35.77
C GLU S 510 45.39 -62.99 -35.44
N GLY S 511 45.17 -62.67 -34.18
CA GLY S 511 43.94 -62.02 -33.75
C GLY S 511 43.73 -60.67 -34.42
N ALA S 512 44.77 -59.85 -34.45
CA ALA S 512 44.69 -58.53 -35.06
C ALA S 512 44.37 -58.60 -36.57
N ILE S 513 44.96 -59.57 -37.26
CA ILE S 513 44.70 -59.82 -38.69
C ILE S 513 43.22 -60.18 -38.98
N LYS S 514 42.63 -61.06 -38.17
CA LYS S 514 41.21 -61.40 -38.29
C LYS S 514 40.33 -60.15 -38.21
N LYS S 515 40.59 -59.31 -37.21
CA LYS S 515 39.85 -58.05 -37.07
C LYS S 515 40.10 -57.10 -38.26
N ALA S 516 41.34 -57.04 -38.75
CA ALA S 516 41.66 -56.22 -39.93
C ALA S 516 40.85 -56.64 -41.17
N LEU S 517 40.85 -57.93 -41.45
CA LEU S 517 40.03 -58.53 -42.52
C LEU S 517 38.55 -58.19 -42.39
N ASP S 518 38.01 -58.21 -41.17
CA ASP S 518 36.59 -57.92 -40.92
C ASP S 518 36.21 -56.44 -41.03
N ASN S 519 37.20 -55.53 -41.01
CA ASN S 519 36.93 -54.09 -41.09
C ASN S 519 36.89 -53.62 -42.55
N ARG S 520 35.69 -53.33 -43.05
CA ARG S 520 35.48 -52.96 -44.46
C ARG S 520 35.20 -51.48 -44.64
N ARG S 521 35.17 -50.72 -43.55
CA ARG S 521 34.77 -49.31 -43.56
C ARG S 521 35.93 -48.32 -43.31
N GLY S 522 37.13 -48.84 -43.10
CA GLY S 522 38.29 -47.97 -42.93
C GLY S 522 39.54 -48.79 -42.80
N PRO S 523 40.70 -48.13 -42.68
CA PRO S 523 41.97 -48.85 -42.60
C PRO S 523 42.19 -49.51 -41.25
N THR S 524 43.05 -50.52 -41.22
CA THR S 524 43.42 -51.18 -39.97
C THR S 524 44.93 -51.19 -39.82
N LEU S 525 45.40 -50.48 -38.80
CA LEU S 525 46.82 -50.38 -38.50
C LEU S 525 47.18 -51.35 -37.40
N ILE S 526 48.10 -52.27 -37.69
CA ILE S 526 48.61 -53.25 -36.73
C ILE S 526 50.08 -52.88 -36.44
N GLU S 527 50.32 -52.34 -35.26
CA GLU S 527 51.66 -51.97 -34.81
C GLU S 527 52.37 -53.21 -34.30
N CYS S 528 53.35 -53.69 -35.05
CA CYS S 528 54.11 -54.90 -34.71
C CYS S 528 55.39 -54.54 -33.97
N ASN S 529 55.47 -54.95 -32.71
CA ASN S 529 56.67 -54.76 -31.90
C ASN S 529 57.72 -55.76 -32.35
N ILE S 530 58.71 -55.28 -33.10
CA ILE S 530 59.82 -56.11 -33.56
C ILE S 530 61.10 -55.56 -32.92
N ALA S 531 61.97 -56.45 -32.46
CA ALA S 531 63.25 -56.05 -31.88
C ALA S 531 64.13 -55.36 -32.93
N GLN S 532 64.85 -54.33 -32.50
CA GLN S 532 65.73 -53.55 -33.36
C GLN S 532 66.88 -54.38 -33.96
N ASP S 533 67.35 -55.40 -33.22
CA ASP S 533 68.35 -56.37 -33.71
C ASP S 533 67.78 -57.45 -34.64
N ASP S 534 66.45 -57.57 -34.71
CA ASP S 534 65.80 -58.64 -35.46
C ASP S 534 65.36 -58.18 -36.85
N CYS S 535 66.35 -57.90 -37.69
CA CYS S 535 66.13 -57.64 -39.11
C CYS S 535 66.60 -58.85 -39.93
N THR S 536 66.31 -58.85 -41.23
CA THR S 536 66.74 -59.94 -42.09
C THR S 536 68.26 -59.95 -42.22
N GLU S 537 68.82 -61.14 -42.37
CA GLU S 537 70.23 -61.35 -42.68
C GLU S 537 70.59 -60.73 -44.05
N THR S 538 69.62 -60.76 -44.98
CA THR S 538 69.83 -60.19 -46.31
C THR S 538 70.11 -58.68 -46.25
N LEU S 539 69.38 -57.96 -45.39
CA LEU S 539 69.64 -56.53 -45.15
C LEU S 539 71.07 -56.25 -44.67
N ILE S 540 71.55 -57.06 -43.72
CA ILE S 540 72.88 -56.87 -43.16
C ILE S 540 73.95 -57.03 -44.24
N ALA S 541 73.86 -58.09 -45.03
CA ALA S 541 74.81 -58.33 -46.12
C ALA S 541 74.77 -57.22 -47.17
N TRP S 542 73.58 -56.88 -47.63
CA TRP S 542 73.39 -55.82 -48.61
C TRP S 542 73.96 -54.50 -48.10
N GLY S 543 73.54 -54.11 -46.89
CA GLY S 543 73.97 -52.86 -46.25
C GLY S 543 75.46 -52.61 -46.20
N LYS S 544 76.25 -53.64 -45.88
CA LYS S 544 77.72 -53.55 -45.87
C LYS S 544 78.35 -53.31 -47.24
N ARG S 545 77.76 -53.90 -48.28
CA ARG S 545 78.21 -53.67 -49.66
C ARG S 545 77.85 -52.26 -50.17
N VAL S 546 76.66 -51.79 -49.81
CA VAL S 546 76.23 -50.42 -50.12
C VAL S 546 77.09 -49.37 -49.39
N ALA S 547 77.42 -49.65 -48.13
CA ALA S 547 78.30 -48.76 -47.34
C ALA S 547 79.66 -48.57 -47.99
N ALA S 548 80.34 -49.68 -48.27
CA ALA S 548 81.66 -49.68 -48.90
C ALA S 548 81.63 -49.04 -50.30
N THR S 549 80.56 -49.27 -51.05
CA THR S 549 80.39 -48.68 -52.39
C THR S 549 80.22 -47.15 -52.30
N ASN S 550 79.38 -46.67 -51.37
CA ASN S 550 79.17 -45.21 -51.19
C ASN S 550 80.40 -44.45 -50.69
N SER S 551 81.22 -45.11 -49.86
CA SER S 551 82.39 -44.48 -49.25
C SER S 551 83.67 -44.62 -50.06
N ARG S 552 83.65 -45.36 -51.19
CA ARG S 552 84.88 -45.59 -51.94
C ARG S 552 85.49 -44.24 -52.31
N LYS S 553 86.78 -44.11 -52.05
CA LYS S 553 87.43 -42.79 -52.05
C LYS S 553 87.65 -42.19 -53.45
N PRO S 554 87.87 -40.87 -53.54
CA PRO S 554 88.08 -40.23 -54.85
C PRO S 554 89.41 -40.59 -55.52
N GLN S 555 89.52 -40.25 -56.81
CA GLN S 555 90.77 -40.35 -57.56
C GLN S 555 91.71 -39.21 -57.18
N MET T 1 93.45 -35.43 -38.42
CA MET T 1 92.25 -35.61 -39.30
C MET T 1 91.32 -34.39 -39.18
N TYR T 2 91.44 -33.47 -40.13
CA TYR T 2 90.46 -32.39 -40.30
C TYR T 2 89.81 -32.57 -41.67
N THR T 3 88.49 -32.63 -41.70
CA THR T 3 87.73 -32.99 -42.90
C THR T 3 86.88 -31.86 -43.45
N VAL T 4 86.41 -32.05 -44.69
CA VAL T 4 85.52 -31.09 -45.35
C VAL T 4 84.29 -30.80 -44.50
N GLY T 5 83.69 -31.86 -43.96
CA GLY T 5 82.54 -31.74 -43.05
C GLY T 5 82.84 -30.92 -41.80
N MET T 6 84.05 -31.07 -41.26
CA MET T 6 84.48 -30.26 -40.13
C MET T 6 84.67 -28.78 -40.49
N TYR T 7 85.21 -28.51 -41.68
CA TYR T 7 85.33 -27.13 -42.17
C TYR T 7 83.97 -26.48 -42.21
N LEU T 8 82.99 -27.17 -42.79
CA LEU T 8 81.61 -26.69 -42.86
C LEU T 8 81.02 -26.42 -41.48
N ALA T 9 81.20 -27.39 -40.58
CA ALA T 9 80.72 -27.29 -39.20
C ALA T 9 81.33 -26.10 -38.47
N GLU T 10 82.62 -25.89 -38.65
CA GLU T 10 83.32 -24.80 -37.97
C GLU T 10 82.84 -23.45 -38.50
N ARG T 11 82.72 -23.32 -39.83
CA ARG T 11 82.10 -22.14 -40.44
C ARG T 11 80.68 -21.88 -39.94
N LEU T 12 79.88 -22.93 -39.85
CA LEU T 12 78.52 -22.78 -39.36
C LEU T 12 78.50 -22.26 -37.91
N ALA T 13 79.39 -22.80 -37.07
CA ALA T 13 79.55 -22.27 -35.69
C ALA T 13 79.99 -20.80 -35.67
N GLN T 14 80.89 -20.41 -36.58
CA GLN T 14 81.31 -18.99 -36.70
C GLN T 14 80.19 -18.02 -37.13
N ILE T 15 79.16 -18.51 -37.82
CA ILE T 15 77.96 -17.71 -38.11
C ILE T 15 77.17 -17.40 -36.81
N GLY T 16 77.36 -18.19 -35.76
CA GLY T 16 76.58 -18.07 -34.52
C GLY T 16 75.51 -19.13 -34.34
N LEU T 17 75.60 -20.23 -35.10
CA LEU T 17 74.65 -21.33 -35.01
C LEU T 17 75.02 -22.25 -33.84
N LYS T 18 74.06 -22.53 -32.97
CA LYS T 18 74.22 -23.55 -31.92
C LYS T 18 73.51 -24.85 -32.29
N HIS T 19 72.77 -24.85 -33.39
CA HIS T 19 72.07 -26.04 -33.87
C HIS T 19 72.06 -26.09 -35.38
N HIS T 20 71.97 -27.30 -35.92
CA HIS T 20 71.52 -27.51 -37.29
C HIS T 20 70.53 -28.67 -37.31
N PHE T 21 69.71 -28.70 -38.36
CA PHE T 21 68.57 -29.61 -38.49
C PHE T 21 68.88 -30.61 -39.62
N ALA T 22 68.44 -31.85 -39.46
CA ALA T 22 68.90 -32.93 -40.33
C ALA T 22 67.90 -34.08 -40.44
N VAL T 23 67.86 -34.70 -41.62
CA VAL T 23 67.24 -36.01 -41.82
C VAL T 23 68.30 -36.88 -42.46
N ALA T 24 68.56 -38.03 -41.86
CA ALA T 24 69.61 -38.94 -42.33
C ALA T 24 69.24 -39.60 -43.63
N GLY T 25 70.26 -39.89 -44.43
CA GLY T 25 70.16 -40.76 -45.60
C GLY T 25 71.55 -41.13 -46.01
N ASP T 26 71.71 -42.23 -46.76
CA ASP T 26 73.06 -42.76 -47.01
C ASP T 26 74.03 -41.79 -47.70
N TYR T 27 73.50 -40.84 -48.48
CA TYR T 27 74.34 -39.83 -49.12
C TYR T 27 74.90 -38.74 -48.17
N ASN T 28 74.32 -38.61 -46.96
CA ASN T 28 74.77 -37.63 -45.98
C ASN T 28 75.24 -38.17 -44.61
N LEU T 29 75.39 -39.48 -44.47
CA LEU T 29 75.71 -40.07 -43.16
C LEU T 29 77.12 -39.71 -42.68
N VAL T 30 78.11 -39.84 -43.56
CA VAL T 30 79.47 -39.46 -43.21
C VAL T 30 79.54 -37.97 -42.92
N LEU T 31 78.75 -37.17 -43.64
CA LEU T 31 78.69 -35.74 -43.42
C LEU T 31 78.12 -35.42 -42.04
N LEU T 32 77.03 -36.08 -41.67
CA LEU T 32 76.42 -35.87 -40.34
C LEU T 32 77.38 -36.24 -39.20
N ASP T 33 78.17 -37.30 -39.38
CA ASP T 33 79.23 -37.67 -38.43
C ASP T 33 80.25 -36.55 -38.22
N GLN T 34 80.66 -35.89 -39.31
CA GLN T 34 81.62 -34.79 -39.22
C GLN T 34 81.04 -33.59 -38.49
N LEU T 35 79.77 -33.27 -38.74
CA LEU T 35 79.08 -32.21 -38.01
C LEU T 35 78.94 -32.55 -36.50
N LEU T 36 78.72 -33.82 -36.18
CA LEU T 36 78.60 -34.26 -34.78
C LEU T 36 79.87 -34.09 -33.95
N LEU T 37 81.04 -34.15 -34.60
CA LEU T 37 82.32 -33.91 -33.92
C LEU T 37 82.53 -32.44 -33.48
N ASN T 38 81.78 -31.50 -34.05
CA ASN T 38 81.85 -30.09 -33.64
C ASN T 38 81.12 -29.86 -32.33
N LYS T 39 81.85 -29.41 -31.33
CA LYS T 39 81.32 -29.29 -29.95
C LYS T 39 80.36 -28.12 -29.74
N ASP T 40 80.47 -27.08 -30.58
CA ASP T 40 79.62 -25.89 -30.44
C ASP T 40 78.18 -26.07 -30.92
N MET T 41 77.89 -27.11 -31.70
CA MET T 41 76.54 -27.31 -32.25
C MET T 41 75.93 -28.63 -31.79
N GLU T 42 74.60 -28.62 -31.59
N GLU T 42 74.61 -28.64 -31.63
CA GLU T 42 73.79 -29.83 -31.43
CA GLU T 42 73.87 -29.88 -31.44
C GLU T 42 73.16 -30.18 -32.79
C GLU T 42 73.08 -30.19 -32.72
N GLN T 43 73.08 -31.46 -33.10
CA GLN T 43 72.43 -31.94 -34.33
C GLN T 43 70.99 -32.32 -33.98
N VAL T 44 70.03 -31.62 -34.56
CA VAL T 44 68.60 -31.80 -34.26
C VAL T 44 67.94 -32.54 -35.43
N TYR T 45 67.13 -33.57 -35.15
CA TYR T 45 66.54 -34.42 -36.21
C TYR T 45 65.06 -34.11 -36.42
N CYS T 46 64.63 -34.17 -37.69
CA CYS T 46 63.25 -33.86 -38.07
C CYS T 46 62.57 -35.07 -38.73
N CYS T 47 61.25 -35.10 -38.70
CA CYS T 47 60.45 -36.20 -39.26
C CYS T 47 60.59 -36.34 -40.76
N ASN T 48 60.45 -35.21 -41.46
CA ASN T 48 60.62 -35.14 -42.91
C ASN T 48 61.32 -33.85 -43.34
N GLU T 49 61.72 -33.78 -44.60
CA GLU T 49 62.61 -32.73 -45.08
C GLU T 49 61.94 -31.38 -45.31
N LEU T 50 60.63 -31.39 -45.57
CA LEU T 50 59.87 -30.16 -45.63
C LEU T 50 59.89 -29.45 -44.27
N ASN T 51 59.55 -30.19 -43.21
CA ASN T 51 59.60 -29.67 -41.84
C ASN T 51 61.02 -29.35 -41.39
N CYS T 52 61.99 -30.10 -41.88
CA CYS T 52 63.38 -29.83 -41.61
C CYS T 52 63.79 -28.45 -42.10
N GLY T 53 63.39 -28.14 -43.33
CA GLY T 53 63.63 -26.84 -43.94
C GLY T 53 62.87 -25.72 -43.24
N PHE T 54 61.60 -25.95 -42.91
CA PHE T 54 60.85 -24.92 -42.15
C PHE T 54 61.35 -24.76 -40.72
N SER T 55 61.91 -25.81 -40.11
CA SER T 55 62.56 -25.71 -38.81
C SER T 55 63.77 -24.80 -38.89
N ALA T 56 64.57 -24.93 -39.96
CA ALA T 56 65.71 -24.05 -40.19
C ALA T 56 65.27 -22.60 -40.41
N GLU T 57 64.22 -22.43 -41.21
CA GLU T 57 63.65 -21.12 -41.48
C GLU T 57 63.29 -20.42 -40.16
N GLY T 58 62.63 -21.14 -39.26
CA GLY T 58 62.27 -20.58 -37.93
C GLY T 58 63.47 -20.26 -37.06
N TYR T 59 64.44 -21.17 -37.03
CA TYR T 59 65.69 -20.94 -36.35
C TYR T 59 66.42 -19.68 -36.86
N ALA T 60 66.37 -19.43 -38.17
CA ALA T 60 66.95 -18.21 -38.75
C ALA T 60 66.24 -16.94 -38.30
N ARG T 61 64.94 -17.03 -38.01
CA ARG T 61 64.21 -15.90 -37.43
C ARG T 61 64.66 -15.56 -36.00
N ALA T 62 65.19 -16.56 -35.27
CA ALA T 62 65.78 -16.33 -33.95
C ALA T 62 67.25 -15.86 -34.01
N ARG T 63 68.08 -16.54 -34.80
CA ARG T 63 69.54 -16.39 -34.79
C ARG T 63 70.14 -15.66 -36.00
N GLY T 64 69.32 -15.27 -36.98
CA GLY T 64 69.81 -14.64 -38.21
C GLY T 64 70.37 -15.56 -39.30
N ALA T 65 70.50 -16.85 -39.01
CA ALA T 65 70.87 -17.85 -40.01
C ALA T 65 70.49 -19.24 -39.51
N ALA T 66 70.59 -20.24 -40.39
CA ALA T 66 70.33 -21.64 -40.03
C ALA T 66 70.85 -22.56 -41.11
N ALA T 67 70.92 -23.85 -40.78
CA ALA T 67 71.38 -24.88 -41.71
C ALA T 67 70.52 -26.14 -41.59
N ALA T 68 70.23 -26.75 -42.74
CA ALA T 68 69.45 -27.98 -42.83
C ALA T 68 70.20 -28.97 -43.69
N ILE T 69 70.37 -30.20 -43.21
CA ILE T 69 71.13 -31.21 -43.94
C ILE T 69 70.17 -32.31 -44.38
N VAL T 70 70.15 -32.61 -45.68
CA VAL T 70 69.24 -33.59 -46.28
C VAL T 70 69.98 -34.54 -47.23
N THR T 71 69.28 -35.58 -47.68
CA THR T 71 69.85 -36.52 -48.64
C THR T 71 69.45 -36.13 -50.06
N PHE T 72 70.14 -36.71 -51.03
CA PHE T 72 70.00 -36.37 -52.45
C PHE T 72 68.59 -36.67 -52.96
N SER T 73 67.99 -35.67 -53.63
CA SER T 73 66.72 -35.78 -54.36
C SER T 73 65.48 -35.98 -53.52
N VAL T 74 65.35 -37.15 -52.89
CA VAL T 74 64.17 -37.48 -52.08
C VAL T 74 64.06 -36.58 -50.87
N GLY T 75 65.18 -36.19 -50.30
CA GLY T 75 65.19 -35.16 -49.24
C GLY T 75 65.14 -33.73 -49.77
N ALA T 76 66.05 -33.44 -50.68
CA ALA T 76 66.29 -32.08 -51.13
C ALA T 76 65.10 -31.42 -51.80
N ILE T 77 64.36 -32.15 -52.63
CA ILE T 77 63.30 -31.51 -53.42
C ILE T 77 62.20 -30.95 -52.52
N SER T 78 61.78 -31.70 -51.50
CA SER T 78 60.83 -31.19 -50.49
C SER T 78 61.35 -29.96 -49.77
N ALA T 79 62.62 -30.02 -49.37
CA ALA T 79 63.28 -28.91 -48.69
C ALA T 79 63.38 -27.64 -49.54
N MET T 80 63.38 -27.79 -50.87
CA MET T 80 63.32 -26.64 -51.79
C MET T 80 62.07 -25.76 -51.64
N ASN T 81 60.95 -26.36 -51.23
CA ASN T 81 59.76 -25.61 -50.87
C ASN T 81 60.03 -24.67 -49.69
N ALA T 82 60.69 -25.20 -48.66
CA ALA T 82 61.10 -24.38 -47.51
C ALA T 82 62.16 -23.34 -47.86
N ILE T 83 63.11 -23.71 -48.71
CA ILE T 83 64.13 -22.79 -49.21
C ILE T 83 63.50 -21.67 -50.07
N GLY T 84 62.50 -22.00 -50.89
CA GLY T 84 61.71 -20.98 -51.57
C GLY T 84 61.05 -20.04 -50.57
N GLY T 85 60.53 -20.59 -49.48
CA GLY T 85 60.00 -19.80 -48.38
C GLY T 85 61.02 -18.89 -47.73
N ALA T 86 62.21 -19.41 -47.47
CA ALA T 86 63.33 -18.62 -46.93
C ALA T 86 63.73 -17.46 -47.84
N TYR T 87 63.73 -17.70 -49.15
CA TYR T 87 63.99 -16.66 -50.14
C TYR T 87 62.87 -15.62 -50.12
N ALA T 88 61.62 -16.07 -50.10
CA ALA T 88 60.46 -15.17 -50.02
C ALA T 88 60.45 -14.28 -48.75
N GLU T 89 60.95 -14.81 -47.65
CA GLU T 89 60.92 -14.13 -46.34
C GLU T 89 62.30 -13.58 -45.91
N ASN T 90 63.27 -13.59 -46.84
CA ASN T 90 64.57 -12.93 -46.68
C ASN T 90 65.42 -13.48 -45.54
N LEU T 91 65.54 -14.80 -45.47
CA LEU T 91 66.23 -15.51 -44.40
C LEU T 91 67.40 -16.33 -44.95
N PRO T 92 68.62 -16.14 -44.38
CA PRO T 92 69.77 -16.96 -44.81
C PRO T 92 69.75 -18.39 -44.27
N VAL T 93 68.99 -19.25 -44.94
CA VAL T 93 69.01 -20.68 -44.64
C VAL T 93 69.96 -21.35 -45.63
N ILE T 94 70.90 -22.13 -45.11
CA ILE T 94 71.84 -22.90 -45.94
C ILE T 94 71.28 -24.32 -46.04
N LEU T 95 70.86 -24.73 -47.22
CA LEU T 95 70.44 -26.11 -47.45
C LEU T 95 71.65 -26.87 -47.89
N ILE T 96 71.98 -27.95 -47.19
CA ILE T 96 73.13 -28.77 -47.54
C ILE T 96 72.66 -30.19 -47.85
N SER T 97 72.91 -30.65 -49.08
CA SER T 97 72.51 -31.99 -49.49
C SER T 97 73.72 -32.87 -49.69
N GLY T 98 73.64 -34.11 -49.20
CA GLY T 98 74.53 -35.16 -49.64
C GLY T 98 74.28 -35.42 -51.13
N SER T 99 75.33 -35.84 -51.84
CA SER T 99 75.23 -36.12 -53.27
C SER T 99 76.08 -37.34 -53.63
N PRO T 100 75.97 -37.82 -54.90
CA PRO T 100 76.68 -39.04 -55.30
C PRO T 100 78.19 -39.07 -55.13
N ASN T 101 78.71 -40.28 -55.03
CA ASN T 101 80.12 -40.56 -54.99
C ASN T 101 80.80 -39.97 -56.25
N THR T 102 81.99 -39.41 -56.08
CA THR T 102 82.69 -38.75 -57.17
C THR T 102 83.02 -39.70 -58.33
N ASN T 103 83.20 -40.98 -58.03
CA ASN T 103 83.55 -41.99 -59.04
C ASN T 103 82.39 -42.33 -60.01
N ASP T 104 81.16 -41.93 -59.68
CA ASP T 104 80.02 -42.13 -60.58
C ASP T 104 79.88 -41.07 -61.67
N TYR T 105 80.48 -39.90 -61.48
CA TYR T 105 80.42 -38.85 -62.50
C TYR T 105 81.14 -39.34 -63.77
N GLY T 106 80.55 -39.08 -64.93
CA GLY T 106 81.15 -39.48 -66.22
C GLY T 106 81.23 -40.96 -66.54
N THR T 107 80.37 -41.77 -65.93
CA THR T 107 80.36 -43.23 -66.15
C THR T 107 79.12 -43.79 -66.85
N GLY T 108 78.00 -43.09 -66.77
CA GLY T 108 76.71 -43.64 -67.16
C GLY T 108 75.91 -44.37 -66.08
N HIS T 109 76.46 -44.50 -64.87
CA HIS T 109 75.81 -45.23 -63.77
C HIS T 109 74.44 -44.63 -63.43
N ILE T 110 73.47 -45.51 -63.18
CA ILE T 110 72.16 -45.13 -62.66
C ILE T 110 72.21 -45.31 -61.15
N LEU T 111 71.78 -44.29 -60.42
CA LEU T 111 71.91 -44.26 -58.95
C LEU T 111 70.58 -44.17 -58.26
N HIS T 112 70.51 -44.73 -57.05
CA HIS T 112 69.32 -44.65 -56.22
C HIS T 112 69.04 -43.22 -55.81
N HIS T 113 67.76 -42.95 -55.54
CA HIS T 113 67.25 -41.59 -55.30
C HIS T 113 67.46 -40.67 -56.49
N THR T 114 67.48 -41.19 -57.70
CA THR T 114 67.48 -40.33 -58.87
C THR T 114 66.31 -40.69 -59.75
N ILE T 115 66.03 -39.83 -60.72
CA ILE T 115 64.95 -40.10 -61.68
C ILE T 115 65.31 -41.22 -62.68
N GLY T 116 66.55 -41.72 -62.64
CA GLY T 116 66.94 -42.90 -63.38
C GLY T 116 67.72 -42.62 -64.66
N THR T 117 68.17 -41.38 -64.85
CA THR T 117 69.03 -41.01 -65.98
C THR T 117 70.47 -40.85 -65.49
N THR T 118 71.37 -40.53 -66.43
CA THR T 118 72.76 -40.27 -66.12
C THR T 118 73.04 -38.82 -65.68
N ASP T 119 72.00 -37.99 -65.67
CA ASP T 119 72.07 -36.64 -65.14
C ASP T 119 72.00 -36.69 -63.60
N TYR T 120 73.07 -36.27 -62.93
CA TYR T 120 73.03 -36.02 -61.49
C TYR T 120 73.00 -34.52 -61.16
N ASN T 121 72.96 -33.67 -62.18
CA ASN T 121 73.05 -32.24 -61.99
C ASN T 121 71.70 -31.57 -61.84
N TYR T 122 70.60 -32.30 -62.09
CA TYR T 122 69.27 -31.72 -62.13
C TYR T 122 68.85 -31.02 -60.83
N GLN T 123 69.27 -31.55 -59.69
CA GLN T 123 68.92 -30.98 -58.40
C GLN T 123 69.58 -29.61 -58.20
N LEU T 124 70.86 -29.51 -58.53
CA LEU T 124 71.55 -28.22 -58.54
C LEU T 124 70.83 -27.24 -59.47
N GLU T 125 70.48 -27.70 -60.67
CA GLU T 125 69.75 -26.83 -61.61
C GLU T 125 68.39 -26.35 -61.10
N MET T 126 67.66 -27.21 -60.36
CA MET T 126 66.36 -26.82 -59.80
C MET T 126 66.52 -25.78 -58.69
N VAL T 127 67.46 -26.04 -57.77
CA VAL T 127 67.60 -25.25 -56.55
C VAL T 127 68.16 -23.84 -56.82
N LYS T 128 68.91 -23.67 -57.91
CA LYS T 128 69.32 -22.34 -58.40
C LYS T 128 68.18 -21.32 -58.52
N HIS T 129 66.97 -21.80 -58.83
CA HIS T 129 65.82 -20.92 -59.01
C HIS T 129 65.26 -20.35 -57.70
N VAL T 130 65.64 -20.89 -56.55
CA VAL T 130 65.12 -20.45 -55.25
C VAL T 130 66.25 -20.12 -54.25
N THR T 131 67.45 -19.83 -54.75
CA THR T 131 68.62 -19.51 -53.94
C THR T 131 69.45 -18.37 -54.52
N CYS T 132 70.21 -17.71 -53.66
CA CYS T 132 71.11 -16.63 -54.11
C CYS T 132 72.48 -17.16 -54.51
N ALA T 133 72.79 -18.40 -54.11
CA ALA T 133 74.04 -19.05 -54.46
C ALA T 133 73.89 -20.55 -54.29
N ALA T 134 74.56 -21.32 -55.13
CA ALA T 134 74.39 -22.75 -55.17
C ALA T 134 75.64 -23.40 -55.72
N GLU T 135 76.28 -24.28 -54.96
CA GLU T 135 77.55 -24.85 -55.34
C GLU T 135 77.60 -26.36 -55.06
N SER T 136 78.37 -27.05 -55.88
CA SER T 136 78.60 -28.48 -55.79
C SER T 136 80.06 -28.74 -55.41
N ILE T 137 80.30 -29.62 -54.45
CA ILE T 137 81.67 -29.92 -54.00
C ILE T 137 81.98 -31.36 -54.35
N VAL T 138 82.97 -31.55 -55.22
CA VAL T 138 83.44 -32.87 -55.61
C VAL T 138 84.91 -33.08 -55.25
N SER T 139 85.52 -32.15 -54.52
CA SER T 139 86.90 -32.34 -54.04
C SER T 139 87.15 -31.56 -52.77
N ALA T 140 88.08 -32.07 -51.96
CA ALA T 140 88.53 -31.37 -50.76
C ALA T 140 89.18 -30.03 -51.07
N GLU T 141 89.92 -29.96 -52.19
CA GLU T 141 90.67 -28.75 -52.55
C GLU T 141 89.75 -27.54 -52.84
N GLU T 142 88.65 -27.79 -53.56
CA GLU T 142 87.68 -26.74 -53.85
C GLU T 142 86.67 -26.47 -52.73
N ALA T 143 86.60 -27.34 -51.71
CA ALA T 143 85.56 -27.24 -50.68
C ALA T 143 85.55 -25.93 -49.88
N PRO T 144 86.71 -25.46 -49.40
CA PRO T 144 86.74 -24.20 -48.64
C PRO T 144 86.14 -23.00 -49.38
N ALA T 145 86.53 -22.78 -50.63
CA ALA T 145 86.02 -21.63 -51.41
C ALA T 145 84.50 -21.70 -51.62
N LYS T 146 84.00 -22.90 -51.89
CA LYS T 146 82.57 -23.09 -52.14
C LYS T 146 81.75 -22.99 -50.85
N ILE T 147 82.23 -23.58 -49.76
CA ILE T 147 81.56 -23.46 -48.48
C ILE T 147 81.41 -21.97 -48.12
N ASP T 148 82.52 -21.24 -48.13
CA ASP T 148 82.52 -19.85 -47.69
C ASP T 148 81.75 -18.93 -48.61
N HIS T 149 81.82 -19.17 -49.91
CA HIS T 149 81.07 -18.37 -50.88
C HIS T 149 79.55 -18.46 -50.64
N VAL T 150 79.03 -19.66 -50.40
CA VAL T 150 77.58 -19.79 -50.21
C VAL T 150 77.15 -19.16 -48.87
N ILE T 151 77.95 -19.35 -47.82
CA ILE T 151 77.65 -18.79 -46.50
C ILE T 151 77.73 -17.25 -46.53
N ARG T 152 78.84 -16.69 -47.02
CA ARG T 152 78.99 -15.23 -47.10
C ARG T 152 77.89 -14.58 -47.91
N THR T 153 77.58 -15.19 -49.07
CA THR T 153 76.56 -14.65 -49.96
C THR T 153 75.17 -14.67 -49.32
N ALA T 154 74.81 -15.79 -48.70
CA ALA T 154 73.52 -15.88 -48.00
C ALA T 154 73.40 -14.82 -46.90
N LEU T 155 74.46 -14.68 -46.09
CA LEU T 155 74.45 -13.69 -45.01
C LEU T 155 74.30 -12.26 -45.54
N ARG T 156 75.04 -11.91 -46.58
CA ARG T 156 75.01 -10.55 -47.09
C ARG T 156 73.70 -10.25 -47.80
N GLU T 157 73.24 -11.17 -48.65
CA GLU T 157 72.01 -10.94 -49.39
C GLU T 157 70.75 -11.17 -48.57
N ARG T 158 70.87 -11.82 -47.41
CA ARG T 158 69.69 -12.25 -46.61
C ARG T 158 68.74 -13.10 -47.47
N LYS T 159 69.31 -14.09 -48.13
CA LYS T 159 68.59 -15.08 -48.92
C LYS T 159 69.23 -16.43 -48.65
N PRO T 160 68.51 -17.51 -48.94
CA PRO T 160 69.07 -18.85 -48.73
C PRO T 160 70.03 -19.27 -49.84
N ALA T 161 70.87 -20.25 -49.55
CA ALA T 161 71.85 -20.78 -50.47
C ALA T 161 71.91 -22.29 -50.34
N TYR T 162 72.60 -22.92 -51.30
CA TYR T 162 72.62 -24.37 -51.42
C TYR T 162 74.06 -24.88 -51.53
N LEU T 163 74.31 -26.02 -50.90
CA LEU T 163 75.55 -26.75 -51.06
C LEU T 163 75.24 -28.21 -51.27
N GLU T 164 75.92 -28.86 -52.20
CA GLU T 164 75.95 -30.32 -52.19
C GLU T 164 77.38 -30.79 -52.05
N ILE T 165 77.54 -31.85 -51.25
CA ILE T 165 78.84 -32.42 -50.96
C ILE T 165 78.78 -33.91 -51.27
N ALA T 166 79.66 -34.34 -52.17
CA ALA T 166 79.74 -35.74 -52.54
C ALA T 166 79.97 -36.59 -51.29
N CYS T 167 79.32 -37.75 -51.21
CA CYS T 167 79.31 -38.57 -50.00
C CYS T 167 80.68 -39.14 -49.61
N ASN T 168 81.55 -39.35 -50.60
CA ASN T 168 82.94 -39.76 -50.37
C ASN T 168 83.95 -38.60 -50.23
N VAL T 169 83.48 -37.35 -50.22
CA VAL T 169 84.31 -36.16 -49.96
C VAL T 169 84.06 -35.53 -48.57
N ALA T 170 82.91 -35.76 -47.96
CA ALA T 170 82.58 -35.17 -46.64
C ALA T 170 83.57 -35.53 -45.54
N GLY T 171 84.10 -36.76 -45.58
CA GLY T 171 85.13 -37.22 -44.64
C GLY T 171 86.59 -37.15 -45.16
N ALA T 172 86.81 -36.41 -46.24
CA ALA T 172 88.13 -36.30 -46.85
C ALA T 172 88.93 -35.18 -46.18
N GLU T 173 90.24 -35.35 -46.13
CA GLU T 173 91.16 -34.39 -45.52
C GLU T 173 91.05 -33.03 -46.20
N CYS T 174 90.90 -31.98 -45.40
CA CYS T 174 90.70 -30.62 -45.88
C CYS T 174 91.62 -29.70 -45.09
N VAL T 175 91.97 -28.55 -45.66
CA VAL T 175 92.63 -27.48 -44.89
C VAL T 175 91.69 -26.92 -43.80
N ARG T 176 92.28 -26.30 -42.78
CA ARG T 176 91.54 -25.70 -41.68
C ARG T 176 91.16 -24.24 -41.99
N PRO T 177 89.99 -23.78 -41.52
CA PRO T 177 89.59 -22.39 -41.71
C PRO T 177 90.34 -21.42 -40.76
N GLY T 178 90.69 -20.25 -41.27
CA GLY T 178 91.32 -19.22 -40.45
C GLY T 178 90.31 -18.47 -39.59
N PRO T 179 90.79 -17.70 -38.61
CA PRO T 179 89.90 -16.97 -37.69
C PRO T 179 89.27 -15.75 -38.35
N ILE T 180 88.11 -15.34 -37.84
CA ILE T 180 87.35 -14.23 -38.43
C ILE T 180 86.74 -13.35 -37.35
N ASN T 181 86.40 -12.14 -37.74
CA ASN T 181 85.60 -11.24 -36.90
C ASN T 181 84.13 -11.59 -37.10
N SER T 182 83.72 -11.64 -38.36
CA SER T 182 82.35 -12.00 -38.74
C SER T 182 82.36 -12.55 -40.17
N LEU T 183 81.39 -13.42 -40.48
CA LEU T 183 81.16 -13.83 -41.87
C LEU T 183 80.17 -12.90 -42.58
N LEU T 184 79.51 -12.01 -41.85
CA LEU T 184 78.73 -10.94 -42.46
C LEU T 184 79.67 -9.76 -42.76
N ARG T 185 79.85 -9.44 -44.05
CA ARG T 185 80.61 -8.25 -44.47
C ARG T 185 79.75 -7.53 -45.48
N GLU T 186 79.44 -6.26 -45.19
CA GLU T 186 78.59 -5.45 -46.05
C GLU T 186 79.41 -4.83 -47.18
N LEU T 187 78.72 -4.37 -48.22
CA LEU T 187 79.34 -3.53 -49.25
C LEU T 187 79.69 -2.16 -48.65
N GLU T 188 80.83 -1.60 -49.04
CA GLU T 188 81.19 -0.23 -48.64
C GLU T 188 80.17 0.76 -49.20
N VAL T 189 79.83 1.73 -48.39
CA VAL T 189 78.77 2.70 -48.70
C VAL T 189 79.35 3.90 -49.44
N ASP T 190 78.60 4.40 -50.42
CA ASP T 190 78.99 5.58 -51.18
C ASP T 190 78.53 6.87 -50.45
N GLN T 191 79.48 7.63 -49.91
CA GLN T 191 79.17 8.84 -49.12
C GLN T 191 78.57 9.96 -49.95
N THR T 192 79.08 10.16 -51.17
CA THR T 192 78.48 11.06 -52.13
C THR T 192 76.97 10.79 -52.29
N SER T 193 76.58 9.52 -52.40
CA SER T 193 75.17 9.16 -52.57
C SER T 193 74.37 9.41 -51.29
N VAL T 194 74.90 9.01 -50.15
CA VAL T 194 74.23 9.20 -48.84
C VAL T 194 73.91 10.68 -48.62
N THR T 195 74.92 11.52 -48.86
CA THR T 195 74.81 12.97 -48.64
C THR T 195 73.82 13.62 -49.59
N ALA T 196 73.92 13.28 -50.87
CA ALA T 196 72.98 13.77 -51.90
C ALA T 196 71.54 13.33 -51.63
N ALA T 197 71.37 12.09 -51.19
CA ALA T 197 70.03 11.57 -50.86
C ALA T 197 69.42 12.29 -49.64
N VAL T 198 70.23 12.49 -48.61
CA VAL T 198 69.78 13.18 -47.38
C VAL T 198 69.35 14.62 -47.70
N ASP T 199 70.24 15.36 -48.36
CA ASP T 199 69.97 16.75 -48.73
C ASP T 199 68.71 16.90 -49.58
N ALA T 200 68.53 16.00 -50.56
CA ALA T 200 67.30 16.01 -51.37
C ALA T 200 66.05 15.70 -50.52
N ALA T 201 66.18 14.77 -49.56
CA ALA T 201 65.06 14.41 -48.66
C ALA T 201 64.64 15.56 -47.73
N VAL T 202 65.64 16.27 -47.17
CA VAL T 202 65.36 17.44 -46.32
C VAL T 202 64.58 18.49 -47.12
N GLU T 203 65.04 18.78 -48.35
CA GLU T 203 64.35 19.72 -49.25
C GLU T 203 62.96 19.23 -49.64
N TRP T 204 62.84 17.95 -49.93
CA TRP T 204 61.55 17.35 -50.32
C TRP T 204 60.53 17.46 -49.20
N LEU T 205 60.98 17.33 -47.95
CA LEU T 205 60.12 17.49 -46.77
C LEU T 205 59.76 18.95 -46.40
N GLN T 206 60.36 19.94 -47.07
CA GLN T 206 60.19 21.35 -46.70
C GLN T 206 58.73 21.83 -46.79
N ASP T 207 58.04 21.50 -47.88
CA ASP T 207 56.62 21.89 -48.05
C ASP T 207 55.61 20.75 -47.81
N ARG T 208 55.96 19.79 -46.95
CA ARG T 208 55.12 18.63 -46.64
C ARG T 208 54.96 18.52 -45.13
N GLN T 209 53.78 18.88 -44.63
CA GLN T 209 53.54 19.03 -43.19
C GLN T 209 53.01 17.76 -42.52
N ASN T 210 52.08 17.07 -43.17
CA ASN T 210 51.58 15.77 -42.70
C ASN T 210 52.45 14.62 -43.25
N VAL T 211 53.32 14.10 -42.36
CA VAL T 211 54.30 13.07 -42.71
C VAL T 211 54.00 11.80 -41.91
N VAL T 212 54.11 10.64 -42.55
CA VAL T 212 53.83 9.36 -41.92
C VAL T 212 54.90 8.37 -42.35
N MET T 213 55.48 7.67 -41.38
CA MET T 213 56.35 6.53 -41.68
C MET T 213 55.51 5.27 -41.82
N LEU T 214 55.86 4.44 -42.80
CA LEU T 214 55.18 3.17 -43.04
C LEU T 214 56.22 2.07 -43.07
N VAL T 215 56.27 1.28 -42.01
CA VAL T 215 57.29 0.25 -41.85
C VAL T 215 56.90 -1.01 -42.61
N GLY T 216 57.85 -1.55 -43.36
CA GLY T 216 57.62 -2.69 -44.24
C GLY T 216 58.34 -3.95 -43.79
N SER T 217 57.98 -5.04 -44.47
CA SER T 217 58.41 -6.40 -44.13
C SER T 217 59.89 -6.72 -44.34
N LYS T 218 60.60 -5.87 -45.09
CA LYS T 218 62.04 -6.07 -45.27
C LYS T 218 62.90 -5.29 -44.27
N LEU T 219 62.29 -4.64 -43.27
CA LEU T 219 63.05 -3.84 -42.30
C LEU T 219 64.06 -4.68 -41.52
N ARG T 220 63.69 -5.89 -41.11
CA ARG T 220 64.61 -6.78 -40.38
C ARG T 220 65.75 -7.28 -41.27
N ALA T 221 65.44 -7.64 -42.51
CA ALA T 221 66.46 -7.96 -43.53
C ALA T 221 67.48 -6.83 -43.75
N ALA T 222 67.00 -5.58 -43.66
CA ALA T 222 67.86 -4.40 -43.76
C ALA T 222 68.68 -4.13 -42.49
N ALA T 223 68.45 -4.89 -41.41
CA ALA T 223 69.11 -4.68 -40.10
C ALA T 223 68.99 -3.21 -39.63
N ALA T 224 67.80 -2.65 -39.82
CA ALA T 224 67.56 -1.21 -39.73
C ALA T 224 66.49 -0.85 -38.70
N GLU T 225 66.18 -1.77 -37.77
CA GLU T 225 65.15 -1.52 -36.74
C GLU T 225 65.49 -0.35 -35.81
N LYS T 226 66.73 -0.29 -35.33
CA LYS T 226 67.19 0.80 -34.47
C LYS T 226 67.15 2.16 -35.18
N GLN T 227 67.63 2.19 -36.42
CA GLN T 227 67.70 3.42 -37.17
C GLN T 227 66.31 3.94 -37.56
N ALA T 228 65.34 3.03 -37.66
CA ALA T 228 63.95 3.42 -37.91
C ALA T 228 63.37 4.17 -36.71
N VAL T 229 63.62 3.65 -35.51
CA VAL T 229 63.24 4.29 -34.24
C VAL T 229 63.90 5.68 -34.15
N ALA T 230 65.22 5.76 -34.42
CA ALA T 230 65.93 7.05 -34.42
C ALA T 230 65.35 8.03 -35.44
N LEU T 231 64.98 7.55 -36.63
CA LEU T 231 64.36 8.41 -37.64
C LEU T 231 62.99 8.89 -37.19
N ALA T 232 62.22 8.01 -36.56
CA ALA T 232 60.89 8.37 -36.03
C ALA T 232 60.98 9.43 -34.93
N ASP T 233 61.94 9.26 -34.02
CA ASP T 233 62.16 10.21 -32.92
C ASP T 233 62.61 11.58 -33.44
N ARG T 234 63.40 11.61 -34.52
CA ARG T 234 63.77 12.87 -35.16
C ARG T 234 62.57 13.57 -35.80
N LEU T 235 61.84 12.86 -36.64
CA LEU T 235 60.67 13.42 -37.33
C LEU T 235 59.52 13.72 -36.39
N GLY T 236 59.35 12.88 -35.38
CA GLY T 236 58.23 12.98 -34.45
C GLY T 236 56.87 12.78 -35.11
N CYS T 237 56.85 12.08 -36.24
CA CYS T 237 55.64 11.93 -37.05
C CYS T 237 54.95 10.61 -36.68
N ALA T 238 53.73 10.44 -37.19
CA ALA T 238 53.00 9.18 -37.00
C ALA T 238 53.73 8.01 -37.69
N VAL T 239 53.75 6.86 -37.01
CA VAL T 239 54.37 5.64 -37.54
C VAL T 239 53.29 4.56 -37.67
N THR T 240 53.23 3.92 -38.83
CA THR T 240 52.35 2.80 -39.08
C THR T 240 53.17 1.59 -39.57
N ILE T 241 52.61 0.40 -39.44
CA ILE T 241 53.20 -0.81 -39.99
C ILE T 241 52.31 -1.37 -41.09
N MET T 242 52.94 -1.99 -42.09
CA MET T 242 52.25 -2.90 -42.99
C MET T 242 52.08 -4.22 -42.25
N ALA T 243 51.09 -5.03 -42.66
CA ALA T 243 50.71 -6.25 -41.92
C ALA T 243 51.90 -7.17 -41.64
N ALA T 244 52.73 -7.39 -42.65
CA ALA T 244 53.84 -8.34 -42.54
C ALA T 244 55.03 -7.83 -41.71
N ALA T 245 54.99 -6.55 -41.32
CA ALA T 245 56.06 -5.93 -40.56
C ALA T 245 55.79 -5.89 -39.05
N LYS T 246 54.83 -6.66 -38.57
CA LYS T 246 54.51 -6.63 -37.15
C LYS T 246 55.71 -7.01 -36.28
N GLY T 247 55.93 -6.23 -35.23
CA GLY T 247 57.06 -6.44 -34.34
C GLY T 247 58.39 -5.83 -34.79
N PHE T 248 58.43 -5.26 -36.00
CA PHE T 248 59.63 -4.59 -36.49
C PHE T 248 59.71 -3.12 -36.07
N PHE T 249 58.62 -2.56 -35.58
CA PHE T 249 58.61 -1.25 -34.92
C PHE T 249 57.81 -1.34 -33.61
N PRO T 250 58.33 -0.77 -32.50
CA PRO T 250 57.65 -0.93 -31.20
C PRO T 250 56.28 -0.24 -31.15
N GLU T 251 55.24 -0.98 -30.82
CA GLU T 251 53.85 -0.47 -30.87
C GLU T 251 53.44 0.40 -29.67
N ASP T 252 54.21 0.32 -28.58
CA ASP T 252 54.07 1.24 -27.43
C ASP T 252 54.94 2.51 -27.54
N HIS T 253 55.58 2.72 -28.69
CA HIS T 253 56.19 4.01 -29.03
C HIS T 253 55.05 5.06 -29.03
N PRO T 254 55.30 6.24 -28.43
CA PRO T 254 54.19 7.23 -28.30
C PRO T 254 53.55 7.68 -29.62
N ASN T 255 54.33 7.70 -30.69
CA ASN T 255 53.86 8.08 -32.02
C ASN T 255 53.31 6.95 -32.93
N PHE T 256 53.24 5.71 -32.44
CA PHE T 256 52.67 4.59 -33.21
C PHE T 256 51.16 4.79 -33.41
N ARG T 257 50.69 4.72 -34.64
CA ARG T 257 49.27 4.88 -34.95
C ARG T 257 48.65 3.71 -35.72
N GLY T 258 49.24 2.51 -35.60
CA GLY T 258 48.56 1.28 -36.02
C GLY T 258 48.99 0.67 -37.35
N LEU T 259 48.07 -0.09 -37.93
CA LEU T 259 48.32 -0.94 -39.10
C LEU T 259 47.69 -0.34 -40.34
N TYR T 260 48.48 -0.11 -41.38
CA TYR T 260 47.95 0.24 -42.70
C TYR T 260 47.87 -1.03 -43.55
N TRP T 261 46.65 -1.38 -43.93
CA TRP T 261 46.38 -2.53 -44.79
C TRP T 261 45.11 -2.29 -45.59
N GLY T 262 45.11 -1.18 -46.33
CA GLY T 262 43.95 -0.78 -47.15
C GLY T 262 42.68 -0.57 -46.33
N GLU T 263 41.60 -1.22 -46.76
CA GLU T 263 40.31 -1.15 -46.08
C GLU T 263 40.23 -2.00 -44.80
N VAL T 264 41.24 -2.83 -44.53
CA VAL T 264 41.33 -3.59 -43.27
C VAL T 264 42.43 -3.05 -42.33
N SER T 265 42.67 -1.75 -42.42
CA SER T 265 43.57 -1.02 -41.50
C SER T 265 42.95 -0.85 -40.11
N SER T 266 43.78 -0.63 -39.09
CA SER T 266 43.34 -0.15 -37.76
C SER T 266 42.55 1.15 -37.91
N GLU T 267 41.74 1.51 -36.90
CA GLU T 267 40.92 2.72 -36.98
C GLU T 267 41.79 3.94 -37.23
N GLY T 268 41.41 4.74 -38.23
CA GLY T 268 42.14 5.96 -38.58
C GLY T 268 43.31 5.80 -39.51
N ALA T 269 43.93 4.60 -39.57
CA ALA T 269 45.24 4.43 -40.21
C ALA T 269 45.17 4.55 -41.73
N GLN T 270 44.06 4.13 -42.33
CA GLN T 270 43.88 4.27 -43.77
C GLN T 270 43.86 5.75 -44.19
N GLU T 271 42.98 6.52 -43.56
CA GLU T 271 42.90 7.99 -43.81
C GLU T 271 44.23 8.70 -43.52
N LEU T 272 44.91 8.30 -42.45
CA LEU T 272 46.19 8.91 -42.07
C LEU T 272 47.21 8.77 -43.19
N VAL T 273 47.40 7.55 -43.69
CA VAL T 273 48.40 7.25 -44.71
C VAL T 273 47.99 7.82 -46.08
N GLU T 274 46.73 7.61 -46.47
CA GLU T 274 46.29 7.96 -47.83
C GLU T 274 46.12 9.47 -48.09
N ASN T 275 45.94 10.27 -47.03
CA ASN T 275 45.90 11.75 -47.14
C ASN T 275 47.23 12.45 -46.77
N ALA T 276 48.29 11.70 -46.50
CA ALA T 276 49.56 12.30 -46.06
C ALA T 276 50.24 13.07 -47.20
N ASP T 277 50.99 14.10 -46.84
CA ASP T 277 51.78 14.87 -47.82
C ASP T 277 53.08 14.13 -48.14
N ALA T 278 53.57 13.35 -47.19
CA ALA T 278 54.77 12.55 -47.33
C ALA T 278 54.57 11.21 -46.65
N ILE T 279 54.79 10.13 -47.41
CA ILE T 279 54.77 8.78 -46.87
C ILE T 279 56.16 8.20 -47.02
N LEU T 280 56.79 7.87 -45.89
CA LEU T 280 58.14 7.34 -45.88
C LEU T 280 58.03 5.83 -45.67
N CYS T 281 58.16 5.06 -46.76
CA CYS T 281 58.06 3.60 -46.72
C CYS T 281 59.40 3.00 -46.40
N LEU T 282 59.50 2.30 -45.28
CA LEU T 282 60.77 1.68 -44.91
C LEU T 282 60.75 0.19 -45.29
N ALA T 283 61.48 -0.14 -46.35
CA ALA T 283 61.64 -1.52 -46.83
C ALA T 283 60.32 -2.29 -47.08
N PRO T 284 59.41 -1.72 -47.89
CA PRO T 284 58.13 -2.38 -48.15
C PRO T 284 58.22 -3.53 -49.14
N VAL T 285 57.23 -4.42 -49.08
CA VAL T 285 56.93 -5.40 -50.13
C VAL T 285 55.46 -5.19 -50.52
N PHE T 286 55.21 -4.56 -51.66
CA PHE T 286 53.85 -4.27 -52.11
C PHE T 286 53.34 -5.37 -53.04
N ASN T 287 53.00 -6.52 -52.47
CA ASN T 287 52.42 -7.63 -53.24
C ASN T 287 50.88 -7.55 -53.28
N ASP T 288 50.26 -8.50 -54.00
CA ASP T 288 48.80 -8.49 -54.20
C ASP T 288 48.01 -8.61 -52.91
N TYR T 289 48.52 -9.40 -51.97
CA TYR T 289 47.90 -9.58 -50.64
C TYR T 289 48.04 -8.33 -49.75
N ALA T 290 49.24 -7.73 -49.71
CA ALA T 290 49.53 -6.51 -48.92
C ALA T 290 48.79 -5.27 -49.42
N THR T 291 48.55 -5.21 -50.72
CA THR T 291 47.83 -4.10 -51.36
C THR T 291 46.33 -4.34 -51.51
N VAL T 292 45.84 -5.46 -50.99
CA VAL T 292 44.42 -5.85 -51.06
C VAL T 292 43.95 -5.87 -52.52
N GLY T 293 44.64 -6.66 -53.34
CA GLY T 293 44.30 -6.80 -54.75
C GLY T 293 44.55 -5.55 -55.56
N TRP T 294 45.72 -4.94 -55.33
CA TRP T 294 46.14 -3.70 -56.03
C TRP T 294 45.24 -2.45 -55.80
N ASN T 295 44.40 -2.48 -54.75
CA ASN T 295 43.48 -1.37 -54.40
C ASN T 295 44.10 -0.30 -53.48
N SER T 296 45.08 -0.70 -52.67
CA SER T 296 45.69 0.15 -51.66
C SER T 296 47.21 0.09 -51.76
N TRP T 297 47.74 0.90 -52.67
CA TRP T 297 49.16 0.89 -53.02
C TRP T 297 49.68 2.34 -53.09
N PRO T 298 50.37 2.81 -52.02
CA PRO T 298 50.95 4.15 -52.05
C PRO T 298 52.04 4.30 -53.10
N LYS T 299 51.83 5.22 -54.03
CA LYS T 299 52.81 5.56 -55.06
C LYS T 299 52.57 6.97 -55.59
N GLY T 300 53.57 7.52 -56.29
CA GLY T 300 53.50 8.87 -56.83
C GLY T 300 54.32 9.87 -56.04
N ASP T 301 54.00 11.15 -56.21
CA ASP T 301 54.86 12.24 -55.76
C ASP T 301 54.99 12.38 -54.24
N ASN T 302 54.03 11.86 -53.49
CA ASN T 302 54.05 11.92 -52.02
C ASN T 302 54.76 10.75 -51.32
N VAL T 303 55.36 9.85 -52.10
CA VAL T 303 55.92 8.62 -51.54
C VAL T 303 57.43 8.60 -51.69
N MET T 304 58.11 8.23 -50.61
CA MET T 304 59.52 7.89 -50.61
C MET T 304 59.59 6.40 -50.33
N VAL T 305 60.24 5.65 -51.22
CA VAL T 305 60.44 4.22 -51.02
C VAL T 305 61.90 4.01 -50.68
N MET T 306 62.15 3.63 -49.43
CA MET T 306 63.47 3.32 -48.95
C MET T 306 63.61 1.80 -48.97
N ASP T 307 64.31 1.28 -49.97
CA ASP T 307 64.57 -0.16 -50.04
C ASP T 307 65.84 -0.44 -49.24
N THR T 308 66.28 -1.70 -49.20
CA THR T 308 67.43 -2.06 -48.37
C THR T 308 68.74 -1.45 -48.87
N ASP T 309 68.81 -1.11 -50.16
CA ASP T 309 70.04 -0.59 -50.78
C ASP T 309 69.78 0.59 -51.76
N ARG T 310 68.70 1.32 -51.53
CA ARG T 310 68.23 2.31 -52.47
C ARG T 310 67.17 3.19 -51.82
N VAL T 311 67.16 4.47 -52.19
CA VAL T 311 66.07 5.38 -51.84
C VAL T 311 65.60 6.09 -53.08
N THR T 312 64.28 6.17 -53.23
CA THR T 312 63.66 6.71 -54.43
C THR T 312 62.53 7.65 -54.04
N PHE T 313 62.57 8.86 -54.58
CA PHE T 313 61.56 9.89 -54.34
C PHE T 313 61.85 11.11 -55.21
N ALA T 314 60.83 11.93 -55.46
CA ALA T 314 60.99 13.20 -56.19
C ALA T 314 61.67 13.03 -57.55
N GLY T 315 61.35 11.95 -58.25
CA GLY T 315 61.93 11.63 -59.56
C GLY T 315 63.42 11.33 -59.59
N GLN T 316 63.98 10.90 -58.46
CA GLN T 316 65.39 10.54 -58.33
C GLN T 316 65.54 9.23 -57.58
N SER T 317 66.61 8.50 -57.86
CA SER T 317 66.91 7.26 -57.16
C SER T 317 68.37 7.22 -56.79
N PHE T 318 68.66 7.05 -55.50
CA PHE T 318 70.01 7.09 -54.95
C PHE T 318 70.36 5.69 -54.48
N GLU T 319 71.47 5.13 -54.99
CA GLU T 319 71.91 3.78 -54.61
C GLU T 319 73.34 3.82 -54.09
N GLY T 320 73.95 2.66 -53.84
CA GLY T 320 75.24 2.58 -53.17
C GLY T 320 75.19 2.91 -51.68
N LEU T 321 74.01 2.77 -51.09
CA LEU T 321 73.79 3.06 -49.67
C LEU T 321 72.98 1.91 -49.12
N SER T 322 72.74 1.96 -47.82
CA SER T 322 71.86 0.99 -47.17
C SER T 322 70.78 1.74 -46.43
N LEU T 323 69.66 1.07 -46.17
CA LEU T 323 68.58 1.66 -45.37
C LEU T 323 69.12 2.12 -44.01
N SER T 324 69.98 1.30 -43.42
CA SER T 324 70.59 1.56 -42.12
C SER T 324 71.34 2.89 -42.10
N THR T 325 72.26 3.08 -43.04
CA THR T 325 73.06 4.31 -43.13
C THR T 325 72.27 5.54 -43.60
N PHE T 326 71.32 5.36 -44.53
CA PHE T 326 70.50 6.48 -44.98
C PHE T 326 69.55 6.96 -43.88
N ALA T 327 68.91 6.02 -43.18
CA ALA T 327 67.99 6.35 -42.10
C ALA T 327 68.74 7.06 -40.97
N ALA T 328 69.90 6.53 -40.59
CA ALA T 328 70.73 7.11 -39.53
C ALA T 328 71.23 8.50 -39.86
N ALA T 329 71.63 8.71 -41.13
CA ALA T 329 72.04 10.05 -41.61
C ALA T 329 70.85 11.00 -41.71
N LEU T 330 69.71 10.52 -42.20
CA LEU T 330 68.52 11.37 -42.27
C LEU T 330 68.00 11.77 -40.86
N ALA T 331 68.25 10.91 -39.87
CA ALA T 331 67.80 11.15 -38.49
C ALA T 331 68.60 12.25 -37.75
N GLU T 332 69.73 12.69 -38.32
CA GLU T 332 70.46 13.85 -37.77
C GLU T 332 70.26 15.14 -38.57
N LYS T 333 69.43 15.11 -39.62
CA LYS T 333 69.17 16.27 -40.48
C LYS T 333 67.69 16.59 -40.73
N ALA T 334 66.78 15.65 -40.47
CA ALA T 334 65.41 15.81 -40.92
C ALA T 334 64.68 16.90 -40.14
N PRO T 335 63.71 17.56 -40.78
CA PRO T 335 62.87 18.50 -40.04
C PRO T 335 61.89 17.79 -39.10
N SER T 336 61.37 18.53 -38.13
CA SER T 336 60.37 18.01 -37.22
C SER T 336 59.01 18.14 -37.89
N ARG T 337 58.23 17.05 -37.86
CA ARG T 337 56.94 16.99 -38.53
C ARG T 337 55.94 16.23 -37.65
N PRO T 338 55.52 16.83 -36.52
CA PRO T 338 54.65 16.16 -35.56
C PRO T 338 53.13 16.25 -35.79
N ALA T 339 52.67 16.94 -36.83
CA ALA T 339 51.23 17.19 -37.04
C ALA T 339 50.35 15.94 -37.02
N THR T 340 50.83 14.85 -37.63
CA THR T 340 50.06 13.62 -37.74
C THR T 340 49.89 12.86 -36.41
N THR T 341 50.66 13.22 -35.38
CA THR T 341 50.48 12.66 -34.04
C THR T 341 49.41 13.36 -33.18
N GLN T 342 48.95 14.55 -33.61
CA GLN T 342 48.12 15.38 -32.74
C GLN T 342 46.67 14.89 -32.60
N GLY T 343 46.24 14.70 -31.35
CA GLY T 343 44.85 14.33 -31.02
C GLY T 343 44.47 12.88 -31.30
N THR T 344 45.47 12.02 -31.56
CA THR T 344 45.26 10.60 -31.86
C THR T 344 46.17 9.75 -30.98
N GLN T 345 45.93 8.44 -30.99
CA GLN T 345 46.64 7.51 -30.12
C GLN T 345 46.77 6.14 -30.78
N ALA T 346 47.67 5.32 -30.26
CA ALA T 346 47.80 3.93 -30.71
C ALA T 346 46.46 3.21 -30.58
N PRO T 347 46.12 2.33 -31.54
CA PRO T 347 44.83 1.64 -31.44
C PRO T 347 44.84 0.60 -30.32
N VAL T 348 43.66 0.37 -29.74
CA VAL T 348 43.45 -0.63 -28.69
C VAL T 348 42.77 -1.87 -29.27
N LEU T 349 42.81 -2.96 -28.50
CA LEU T 349 42.18 -4.23 -28.89
C LEU T 349 40.67 -4.10 -29.11
N GLY T 350 39.97 -3.47 -28.17
CA GLY T 350 38.54 -3.16 -28.30
C GLY T 350 37.58 -4.33 -28.13
N ILE T 351 38.00 -5.35 -27.38
CA ILE T 351 37.22 -6.58 -27.15
C ILE T 351 36.97 -6.73 -25.66
N GLU T 352 35.72 -6.59 -25.25
CA GLU T 352 35.37 -6.79 -23.85
C GLU T 352 35.32 -8.28 -23.53
N ALA T 353 35.72 -8.64 -22.31
CA ALA T 353 35.66 -10.03 -21.85
C ALA T 353 34.25 -10.61 -21.97
N ALA T 354 34.16 -11.85 -22.43
CA ALA T 354 32.88 -12.51 -22.62
C ALA T 354 32.46 -13.15 -21.30
N GLU T 355 31.22 -13.63 -21.26
N GLU T 355 31.22 -13.62 -21.23
CA GLU T 355 30.73 -14.44 -20.15
CA GLU T 355 30.73 -14.42 -20.11
C GLU T 355 31.52 -15.76 -20.16
C GLU T 355 31.49 -15.75 -20.13
N PRO T 356 32.17 -16.11 -19.02
CA PRO T 356 33.14 -17.22 -19.02
C PRO T 356 32.65 -18.63 -19.44
N ASN T 357 31.36 -18.90 -19.30
CA ASN T 357 30.76 -20.20 -19.67
C ASN T 357 30.05 -20.21 -21.02
N ALA T 358 29.97 -19.07 -21.71
CA ALA T 358 29.43 -19.01 -23.07
C ALA T 358 30.33 -19.77 -24.06
N PRO T 359 29.77 -20.22 -25.21
CA PRO T 359 30.62 -20.85 -26.23
C PRO T 359 31.75 -19.92 -26.70
N LEU T 360 32.95 -20.47 -26.85
CA LEU T 360 34.14 -19.68 -27.12
C LEU T 360 34.06 -18.96 -28.46
N THR T 361 34.20 -17.64 -28.45
CA THR T 361 34.20 -16.83 -29.67
C THR T 361 35.63 -16.59 -30.19
N ASN T 362 35.70 -16.11 -31.43
CA ASN T 362 36.97 -15.72 -32.03
C ASN T 362 37.56 -14.52 -31.27
N ASP T 363 36.70 -13.56 -30.93
CA ASP T 363 37.07 -12.40 -30.11
C ASP T 363 37.65 -12.77 -28.73
N GLU T 364 36.97 -13.65 -28.01
CA GLU T 364 37.41 -14.07 -26.68
C GLU T 364 38.74 -14.82 -26.74
N MET T 365 38.91 -15.66 -27.77
CA MET T 365 40.17 -16.35 -27.98
C MET T 365 41.29 -15.34 -28.23
N THR T 366 41.02 -14.36 -29.09
CA THR T 366 41.99 -13.33 -29.43
C THR T 366 42.41 -12.54 -28.19
N ARG T 367 41.42 -12.12 -27.38
CA ARG T 367 41.66 -11.35 -26.16
C ARG T 367 42.59 -12.06 -25.17
N GLN T 368 42.35 -13.35 -24.97
CA GLN T 368 43.16 -14.12 -24.04
C GLN T 368 44.58 -14.38 -24.58
N ILE T 369 44.71 -14.62 -25.89
CA ILE T 369 46.02 -14.79 -26.49
C ILE T 369 46.79 -13.46 -26.39
N GLN T 370 46.11 -12.36 -26.68
CA GLN T 370 46.74 -11.04 -26.56
C GLN T 370 47.30 -10.78 -25.16
N SER T 371 46.55 -11.13 -24.12
CA SER T 371 47.01 -11.02 -22.72
C SER T 371 48.29 -11.79 -22.40
N LEU T 372 48.51 -12.89 -23.10
CA LEU T 372 49.72 -13.71 -22.95
C LEU T 372 51.04 -13.12 -23.47
N ILE T 373 50.96 -12.14 -24.37
CA ILE T 373 52.14 -11.63 -25.09
C ILE T 373 52.89 -10.62 -24.21
N THR T 374 54.10 -10.97 -23.79
CA THR T 374 54.97 -10.09 -23.04
C THR T 374 56.08 -9.54 -23.92
N SER T 375 56.88 -8.65 -23.36
CA SER T 375 58.03 -8.10 -24.04
C SER T 375 59.09 -9.12 -24.47
N ASP T 376 59.12 -10.31 -23.85
N ASP T 376 59.13 -10.31 -23.84
CA ASP T 376 60.00 -11.41 -24.27
CA ASP T 376 59.99 -11.41 -24.27
C ASP T 376 59.23 -12.60 -24.86
C ASP T 376 59.22 -12.61 -24.85
N THR T 377 58.13 -12.34 -25.57
CA THR T 377 57.32 -13.37 -26.22
C THR T 377 57.58 -13.36 -27.73
N THR T 378 57.61 -14.54 -28.33
CA THR T 378 57.54 -14.68 -29.79
C THR T 378 56.23 -15.39 -30.16
N LEU T 379 55.42 -14.71 -30.97
CA LEU T 379 54.16 -15.21 -31.48
C LEU T 379 54.35 -15.60 -32.97
N THR T 380 54.17 -16.88 -33.29
CA THR T 380 54.15 -17.34 -34.68
C THR T 380 52.68 -17.46 -35.13
N ALA T 381 52.34 -16.78 -36.22
CA ALA T 381 50.95 -16.72 -36.70
C ALA T 381 50.84 -17.27 -38.12
N GLU T 382 50.11 -18.38 -38.24
CA GLU T 382 49.97 -19.13 -39.47
C GLU T 382 49.05 -18.42 -40.48
N THR T 383 49.28 -18.68 -41.76
CA THR T 383 48.36 -18.30 -42.85
C THR T 383 46.98 -18.88 -42.59
N GLY T 384 45.96 -18.04 -42.69
CA GLY T 384 44.61 -18.34 -42.21
C GLY T 384 44.01 -17.13 -41.52
N ASP T 385 42.95 -17.35 -40.74
CA ASP T 385 42.32 -16.26 -39.97
C ASP T 385 43.27 -15.74 -38.86
N SER T 386 44.21 -16.58 -38.43
CA SER T 386 45.29 -16.14 -37.54
C SER T 386 46.07 -14.91 -38.01
N TRP T 387 46.29 -14.76 -39.32
CA TRP T 387 46.84 -13.50 -39.87
C TRP T 387 46.10 -12.28 -39.37
N PHE T 388 44.76 -12.38 -39.38
CA PHE T 388 43.87 -11.26 -39.08
C PHE T 388 43.67 -11.04 -37.59
N ASN T 389 43.74 -12.11 -36.79
CA ASN T 389 43.73 -11.99 -35.35
C ASN T 389 45.02 -11.38 -34.84
N ALA T 390 46.16 -11.94 -35.27
CA ALA T 390 47.48 -11.34 -34.98
C ALA T 390 47.53 -9.85 -35.35
N SER T 391 47.01 -9.53 -36.53
N SER T 391 47.01 -9.51 -36.52
CA SER T 391 47.02 -8.16 -37.06
CA SER T 391 47.09 -8.13 -37.04
C SER T 391 46.27 -7.12 -36.24
C SER T 391 46.21 -7.10 -36.30
N ARG T 392 45.25 -7.55 -35.48
CA ARG T 392 44.47 -6.63 -34.61
C ARG T 392 44.87 -6.69 -33.11
N MET T 393 45.99 -7.35 -32.79
CA MET T 393 46.49 -7.44 -31.42
C MET T 393 47.56 -6.38 -31.19
N PRO T 394 47.37 -5.47 -30.21
CA PRO T 394 48.53 -4.66 -29.80
C PRO T 394 49.55 -5.54 -29.07
N ILE T 395 50.84 -5.25 -29.29
CA ILE T 395 51.89 -6.01 -28.61
C ILE T 395 52.81 -5.04 -27.90
N PRO T 396 53.42 -5.46 -26.77
CA PRO T 396 54.36 -4.58 -26.09
C PRO T 396 55.71 -4.53 -26.82
N GLY T 397 56.53 -3.55 -26.46
CA GLY T 397 57.83 -3.36 -27.10
C GLY T 397 58.75 -4.50 -26.73
N GLY T 398 59.46 -5.03 -27.73
CA GLY T 398 60.29 -6.21 -27.55
C GLY T 398 59.64 -7.51 -28.00
N ALA T 399 58.30 -7.56 -28.02
CA ALA T 399 57.59 -8.73 -28.50
C ALA T 399 57.88 -8.94 -29.98
N ARG T 400 58.05 -10.21 -30.37
CA ARG T 400 58.25 -10.60 -31.76
C ARG T 400 56.98 -11.24 -32.30
N VAL T 401 56.62 -10.90 -33.55
CA VAL T 401 55.60 -11.60 -34.31
C VAL T 401 56.23 -12.16 -35.57
N GLU T 402 55.96 -13.43 -35.86
CA GLU T 402 56.51 -14.09 -37.03
C GLU T 402 55.37 -14.48 -37.95
N LEU T 403 55.38 -13.86 -39.14
CA LEU T 403 54.40 -14.08 -40.20
C LEU T 403 55.15 -14.54 -41.45
N GLU T 404 54.43 -15.24 -42.32
CA GLU T 404 54.98 -15.73 -43.57
C GLU T 404 54.06 -15.29 -44.69
N MET T 405 53.92 -13.98 -44.84
CA MET T 405 52.93 -13.40 -45.74
C MET T 405 53.33 -13.29 -47.23
N GLN T 406 54.58 -13.58 -47.56
CA GLN T 406 55.00 -13.61 -48.96
C GLN T 406 54.90 -15.03 -49.50
N TRP T 407 55.47 -16.01 -48.78
CA TRP T 407 55.39 -17.42 -49.22
C TRP T 407 54.02 -18.02 -48.94
N GLY T 408 53.57 -17.93 -47.70
CA GLY T 408 52.20 -18.32 -47.32
C GLY T 408 51.91 -19.80 -47.42
N HIS T 409 52.85 -20.63 -47.01
CA HIS T 409 52.71 -22.06 -47.04
C HIS T 409 51.99 -22.49 -45.77
N ILE T 410 50.75 -22.97 -45.87
CA ILE T 410 50.05 -23.45 -44.67
C ILE T 410 50.80 -24.64 -44.06
N GLY T 411 50.87 -24.65 -42.73
CA GLY T 411 51.65 -25.63 -42.01
C GLY T 411 53.06 -25.18 -41.67
N TRP T 412 53.55 -24.11 -42.32
CA TRP T 412 54.83 -23.47 -41.97
C TRP T 412 55.02 -23.24 -40.45
N SER T 413 53.95 -22.80 -39.79
CA SER T 413 54.00 -22.35 -38.38
C SER T 413 54.52 -23.41 -37.41
N VAL T 414 54.15 -24.66 -37.61
CA VAL T 414 54.49 -25.71 -36.65
C VAL T 414 56.01 -25.94 -36.62
N PRO T 415 56.63 -26.32 -37.76
CA PRO T 415 58.09 -26.44 -37.76
C PRO T 415 58.82 -25.10 -37.56
N SER T 416 58.27 -24.00 -38.06
CA SER T 416 58.88 -22.68 -37.86
C SER T 416 58.98 -22.32 -36.38
N ALA T 417 57.87 -22.44 -35.65
CA ALA T 417 57.85 -22.19 -34.22
C ALA T 417 58.80 -23.12 -33.46
N PHE T 418 58.89 -24.38 -33.88
CA PHE T 418 59.83 -25.35 -33.28
C PHE T 418 61.26 -24.84 -33.37
N GLY T 419 61.69 -24.51 -34.58
CA GLY T 419 63.07 -24.07 -34.82
C GLY T 419 63.41 -22.74 -34.16
N ASN T 420 62.45 -21.83 -34.19
CA ASN T 420 62.57 -20.55 -33.51
C ASN T 420 62.80 -20.76 -32.02
N ALA T 421 61.94 -21.57 -31.39
CA ALA T 421 62.07 -21.89 -29.97
C ALA T 421 63.37 -22.60 -29.62
N VAL T 422 63.84 -23.51 -30.49
CA VAL T 422 65.14 -24.11 -30.30
C VAL T 422 66.22 -22.99 -30.29
N GLY T 423 66.06 -21.99 -31.15
CA GLY T 423 67.04 -20.91 -31.31
C GLY T 423 66.97 -19.77 -30.31
N SER T 424 65.83 -19.61 -29.64
CA SER T 424 65.65 -18.56 -28.64
C SER T 424 64.90 -19.09 -27.40
N PRO T 425 65.51 -20.06 -26.69
CA PRO T 425 64.82 -20.75 -25.59
C PRO T 425 64.54 -19.90 -24.33
N GLU T 426 65.20 -18.76 -24.20
CA GLU T 426 64.90 -17.77 -23.16
C GLU T 426 63.54 -17.06 -23.28
N ARG T 427 62.89 -17.15 -24.43
CA ARG T 427 61.65 -16.40 -24.68
C ARG T 427 60.46 -17.28 -24.43
N ARG T 428 59.30 -16.65 -24.28
CA ARG T 428 58.02 -17.36 -24.28
C ARG T 428 57.54 -17.54 -25.73
N HIS T 429 57.26 -18.78 -26.13
CA HIS T 429 56.89 -19.07 -27.51
C HIS T 429 55.42 -19.50 -27.64
N ILE T 430 54.65 -18.64 -28.32
CA ILE T 430 53.24 -18.85 -28.58
C ILE T 430 53.07 -19.03 -30.09
N MET T 431 52.05 -19.80 -30.46
CA MET T 431 51.74 -20.12 -31.84
C MET T 431 50.24 -20.17 -32.06
N MET T 432 49.77 -19.54 -33.13
CA MET T 432 48.38 -19.65 -33.58
C MET T 432 48.37 -20.37 -34.93
N VAL T 433 47.64 -21.48 -35.00
CA VAL T 433 47.60 -22.33 -36.19
C VAL T 433 46.21 -22.89 -36.39
N GLY T 434 45.69 -22.74 -37.60
CA GLY T 434 44.42 -23.34 -37.96
C GLY T 434 44.48 -24.86 -38.12
N ASP T 435 43.30 -25.49 -38.10
CA ASP T 435 43.15 -26.94 -38.24
C ASP T 435 43.66 -27.46 -39.59
N GLY T 436 43.33 -26.76 -40.67
CA GLY T 436 43.83 -27.09 -42.00
C GLY T 436 45.34 -27.11 -42.06
N SER T 437 45.94 -26.00 -41.62
CA SER T 437 47.39 -25.86 -41.62
C SER T 437 48.07 -26.93 -40.78
N PHE T 438 47.52 -27.18 -39.61
CA PHE T 438 48.09 -28.16 -38.70
C PHE T 438 48.28 -29.55 -39.32
N GLN T 439 47.33 -29.96 -40.16
CA GLN T 439 47.38 -31.29 -40.79
C GLN T 439 48.54 -31.51 -41.77
N LEU T 440 49.03 -30.43 -42.40
CA LEU T 440 50.18 -30.54 -43.32
C LEU T 440 51.44 -30.96 -42.61
N THR T 441 51.66 -30.45 -41.40
CA THR T 441 52.95 -30.62 -40.71
C THR T 441 52.86 -31.08 -39.24
N ALA T 442 51.75 -31.72 -38.84
CA ALA T 442 51.48 -32.04 -37.42
C ALA T 442 52.59 -32.84 -36.71
N GLN T 443 53.23 -33.74 -37.43
CA GLN T 443 54.28 -34.61 -36.87
C GLN T 443 55.45 -33.88 -36.20
N GLU T 444 55.69 -32.62 -36.53
CA GLU T 444 56.79 -31.87 -35.90
C GLU T 444 56.51 -31.47 -34.44
N VAL T 445 55.25 -31.55 -34.02
CA VAL T 445 54.90 -31.47 -32.60
C VAL T 445 55.59 -32.59 -31.80
N ALA T 446 55.74 -33.77 -32.41
CA ALA T 446 56.50 -34.83 -31.78
C ALA T 446 57.97 -34.48 -31.52
N GLN T 447 58.56 -33.65 -32.39
CA GLN T 447 59.94 -33.19 -32.21
C GLN T 447 60.04 -32.13 -31.11
N MET T 448 59.05 -31.25 -31.00
CA MET T 448 58.95 -30.40 -29.82
C MET T 448 58.95 -31.24 -28.53
N ILE T 449 58.18 -32.34 -28.55
CA ILE T 449 58.11 -33.23 -27.42
C ILE T 449 59.48 -33.90 -27.17
N ARG T 450 60.07 -34.49 -28.21
CA ARG T 450 61.40 -35.10 -28.11
C ARG T 450 62.47 -34.18 -27.50
N TYR T 451 62.52 -32.93 -27.99
CA TYR T 451 63.56 -31.97 -27.56
C TYR T 451 63.12 -31.05 -26.41
N GLU T 452 61.92 -31.30 -25.87
CA GLU T 452 61.37 -30.62 -24.70
C GLU T 452 61.28 -29.12 -24.93
N ILE T 453 60.62 -28.76 -26.02
CA ILE T 453 60.49 -27.38 -26.43
C ILE T 453 59.10 -26.92 -26.01
N PRO T 454 59.01 -25.96 -25.06
CA PRO T 454 57.70 -25.59 -24.50
C PRO T 454 56.89 -24.56 -25.31
N VAL T 455 56.59 -24.86 -26.57
CA VAL T 455 55.73 -23.98 -27.36
C VAL T 455 54.27 -24.14 -26.93
N ILE T 456 53.56 -23.03 -26.77
CA ILE T 456 52.13 -23.04 -26.49
C ILE T 456 51.36 -22.86 -27.79
N ILE T 457 50.66 -23.92 -28.21
CA ILE T 457 50.01 -23.95 -29.53
C ILE T 457 48.50 -23.74 -29.40
N PHE T 458 47.99 -22.64 -29.95
CA PHE T 458 46.55 -22.42 -30.07
C PHE T 458 46.09 -22.94 -31.42
N LEU T 459 45.45 -24.11 -31.40
CA LEU T 459 44.93 -24.75 -32.61
C LEU T 459 43.48 -24.30 -32.77
N ILE T 460 43.20 -23.54 -33.82
CA ILE T 460 41.85 -23.02 -34.05
C ILE T 460 41.07 -24.05 -34.86
N ASN T 461 40.28 -24.87 -34.18
CA ASN T 461 39.46 -25.85 -34.88
C ASN T 461 38.13 -25.26 -35.35
N ASN T 462 38.11 -24.74 -36.56
CA ASN T 462 36.88 -24.20 -37.17
C ASN T 462 36.31 -25.06 -38.30
N ARG T 463 36.72 -26.33 -38.33
CA ARG T 463 36.17 -27.32 -39.25
C ARG T 463 36.31 -26.89 -40.71
N GLY T 464 37.54 -26.58 -41.11
CA GLY T 464 37.85 -26.31 -42.51
C GLY T 464 38.79 -25.16 -42.79
N TYR T 465 38.92 -24.89 -44.08
CA TYR T 465 39.79 -23.85 -44.62
C TYR T 465 39.00 -22.54 -44.72
N VAL T 466 38.84 -21.81 -43.62
CA VAL T 466 37.91 -20.66 -43.54
C VAL T 466 38.30 -19.43 -44.38
N ILE T 467 39.58 -19.09 -44.41
CA ILE T 467 40.07 -18.05 -45.34
C ILE T 467 39.76 -18.39 -46.81
N GLU T 468 39.87 -19.66 -47.18
CA GLU T 468 39.53 -20.11 -48.53
C GLU T 468 38.02 -20.10 -48.78
N ILE T 469 37.21 -20.35 -47.76
CA ILE T 469 35.76 -20.18 -47.88
C ILE T 469 35.40 -18.72 -48.23
N ALA T 470 36.08 -17.77 -47.57
CA ALA T 470 35.87 -16.33 -47.82
C ALA T 470 36.38 -15.82 -49.18
N ILE T 471 37.26 -16.58 -49.85
CA ILE T 471 37.68 -16.26 -51.23
C ILE T 471 36.67 -16.90 -52.21
N HIS T 472 36.49 -18.22 -52.12
CA HIS T 472 35.66 -18.98 -53.06
C HIS T 472 35.27 -20.33 -52.44
N ASP T 473 34.00 -20.52 -52.09
CA ASP T 473 33.61 -21.74 -51.38
C ASP T 473 33.39 -22.94 -52.29
N GLY T 474 33.69 -24.13 -51.76
CA GLY T 474 33.44 -25.39 -52.45
C GLY T 474 33.86 -26.56 -51.57
N PRO T 475 33.53 -27.80 -51.98
CA PRO T 475 33.82 -29.00 -51.16
C PRO T 475 35.30 -29.21 -50.79
N TYR T 476 36.20 -28.64 -51.59
CA TYR T 476 37.66 -28.65 -51.32
C TYR T 476 38.09 -27.98 -50.00
N ASN T 477 37.24 -27.13 -49.42
CA ASN T 477 37.54 -26.47 -48.14
C ASN T 477 37.16 -27.22 -46.87
N TYR T 478 36.64 -28.44 -46.99
CA TYR T 478 36.14 -29.20 -45.82
C TYR T 478 36.99 -30.44 -45.62
N ILE T 479 37.56 -30.52 -44.43
CA ILE T 479 38.57 -31.51 -44.11
C ILE T 479 38.07 -32.47 -43.05
N LYS T 480 38.74 -33.61 -42.94
CA LYS T 480 38.47 -34.58 -41.89
C LYS T 480 38.87 -33.95 -40.56
N ASN T 481 37.96 -34.01 -39.59
CA ASN T 481 38.24 -33.50 -38.26
C ASN T 481 39.08 -34.51 -37.50
N TRP T 482 40.09 -34.05 -36.76
CA TRP T 482 40.90 -34.91 -35.88
C TRP T 482 40.60 -34.56 -34.43
N ASN T 483 40.99 -35.44 -33.52
CA ASN T 483 41.03 -35.11 -32.09
C ASN T 483 42.43 -34.57 -31.82
N TYR T 484 42.60 -33.29 -32.11
CA TYR T 484 43.90 -32.64 -32.11
C TYR T 484 44.56 -32.71 -30.73
N ALA T 485 43.77 -32.43 -29.68
CA ALA T 485 44.24 -32.55 -28.30
C ALA T 485 44.82 -33.93 -28.00
N GLY T 486 44.11 -34.97 -28.44
CA GLY T 486 44.53 -36.36 -28.24
C GLY T 486 45.82 -36.77 -28.93
N LEU T 487 46.16 -36.08 -30.01
CA LEU T 487 47.41 -36.35 -30.74
C LEU T 487 48.67 -36.23 -29.86
N ILE T 488 48.62 -35.34 -28.86
CA ILE T 488 49.75 -35.14 -27.97
C ILE T 488 50.08 -36.42 -27.19
N ASP T 489 49.05 -37.09 -26.64
CA ASP T 489 49.26 -38.39 -25.98
C ASP T 489 49.89 -39.42 -26.89
N VAL T 490 49.47 -39.44 -28.16
CA VAL T 490 50.02 -40.36 -29.16
C VAL T 490 51.53 -40.09 -29.37
N PHE T 491 51.89 -38.80 -29.51
CA PHE T 491 53.30 -38.44 -29.68
C PHE T 491 54.13 -38.59 -28.40
N ASN T 492 53.51 -38.39 -27.24
CA ASN T 492 54.19 -38.64 -25.95
C ASN T 492 54.61 -40.08 -25.80
N ASP T 493 53.65 -40.99 -25.99
CA ASP T 493 53.83 -42.41 -25.67
C ASP T 493 54.20 -42.56 -24.17
N GLU T 494 55.24 -43.31 -23.81
CA GLU T 494 55.63 -43.50 -22.40
C GLU T 494 56.42 -42.31 -21.81
N ASP T 495 56.85 -41.42 -22.70
CA ASP T 495 58.14 -40.77 -22.63
C ASP T 495 58.10 -39.23 -22.52
N GLY T 496 57.22 -38.59 -23.29
CA GLY T 496 57.20 -37.14 -23.44
C GLY T 496 56.38 -36.39 -22.42
N HIS T 497 56.57 -35.06 -22.40
CA HIS T 497 55.92 -34.16 -21.46
C HIS T 497 55.04 -33.14 -22.17
N GLY T 498 54.53 -33.49 -23.34
CA GLY T 498 53.57 -32.66 -24.05
C GLY T 498 52.22 -32.74 -23.35
N LEU T 499 51.38 -31.72 -23.54
CA LEU T 499 50.07 -31.65 -22.92
C LEU T 499 49.02 -31.26 -23.95
N GLY T 500 47.94 -32.03 -24.07
CA GLY T 500 46.83 -31.69 -24.96
C GLY T 500 45.57 -31.35 -24.20
N LEU T 501 44.97 -30.22 -24.50
CA LEU T 501 43.80 -29.71 -23.77
C LEU T 501 42.79 -29.20 -24.76
N LYS T 502 41.52 -29.24 -24.38
CA LYS T 502 40.42 -28.70 -25.19
C LYS T 502 39.88 -27.47 -24.50
N ALA T 503 39.31 -26.55 -25.29
CA ALA T 503 38.67 -25.36 -24.77
C ALA T 503 37.49 -24.98 -25.66
N SER T 504 36.28 -25.04 -25.09
CA SER T 504 35.08 -24.58 -25.78
C SER T 504 34.40 -23.39 -25.09
N THR T 505 35.03 -22.84 -24.05
CA THR T 505 34.55 -21.61 -23.38
C THR T 505 35.71 -20.74 -22.90
N GLY T 506 35.39 -19.49 -22.55
CA GLY T 506 36.35 -18.57 -21.93
C GLY T 506 37.06 -19.14 -20.71
N ALA T 507 36.29 -19.76 -19.83
CA ALA T 507 36.82 -20.32 -18.57
C ALA T 507 37.76 -21.48 -18.84
N GLU T 508 37.34 -22.40 -19.70
CA GLU T 508 38.20 -23.52 -20.12
C GLU T 508 39.51 -23.04 -20.78
N LEU T 509 39.41 -22.06 -21.67
CA LEU T 509 40.61 -21.46 -22.31
C LEU T 509 41.55 -20.83 -21.26
N GLU T 510 40.97 -20.14 -20.27
CA GLU T 510 41.72 -19.56 -19.15
C GLU T 510 42.45 -20.61 -18.31
N GLY T 511 41.75 -21.70 -17.99
CA GLY T 511 42.34 -22.82 -17.28
C GLY T 511 43.43 -23.51 -18.07
N ALA T 512 43.20 -23.68 -19.38
CA ALA T 512 44.19 -24.31 -20.27
C ALA T 512 45.50 -23.49 -20.38
N ILE T 513 45.36 -22.18 -20.53
CA ILE T 513 46.52 -21.27 -20.57
C ILE T 513 47.38 -21.36 -19.28
N LYS T 514 46.74 -21.36 -18.11
CA LYS T 514 47.43 -21.56 -16.83
C LYS T 514 48.26 -22.82 -16.82
N LYS T 515 47.67 -23.92 -17.29
CA LYS T 515 48.40 -25.19 -17.38
C LYS T 515 49.52 -25.16 -18.43
N ALA T 516 49.28 -24.49 -19.55
CA ALA T 516 50.30 -24.31 -20.60
C ALA T 516 51.56 -23.60 -20.07
N LEU T 517 51.36 -22.48 -19.37
CA LEU T 517 52.46 -21.73 -18.73
C LEU T 517 53.33 -22.57 -17.78
N ASP T 518 52.73 -23.53 -17.08
CA ASP T 518 53.47 -24.41 -16.17
C ASP T 518 54.09 -25.65 -16.81
N ASN T 519 53.75 -25.96 -18.05
CA ASN T 519 54.38 -27.08 -18.76
C ASN T 519 55.64 -26.62 -19.48
N ARG T 520 56.77 -26.75 -18.83
CA ARG T 520 58.05 -26.26 -19.33
C ARG T 520 58.92 -27.35 -19.94
N ARG T 521 58.43 -28.59 -19.96
CA ARG T 521 59.17 -29.71 -20.52
C ARG T 521 58.62 -30.19 -21.86
N GLY T 522 57.63 -29.49 -22.40
CA GLY T 522 57.06 -29.87 -23.68
C GLY T 522 55.98 -28.95 -24.15
N PRO T 523 55.55 -29.12 -25.41
CA PRO T 523 54.55 -28.24 -25.97
C PRO T 523 53.19 -28.45 -25.32
N THR T 524 52.34 -27.43 -25.38
CA THR T 524 50.97 -27.55 -24.94
C THR T 524 50.05 -27.13 -26.07
N LEU T 525 49.29 -28.10 -26.59
CA LEU T 525 48.33 -27.83 -27.66
C LEU T 525 46.97 -27.60 -27.04
N ILE T 526 46.43 -26.41 -27.25
CA ILE T 526 45.12 -26.04 -26.79
C ILE T 526 44.22 -25.98 -28.02
N GLU T 527 43.32 -26.96 -28.12
CA GLU T 527 42.39 -27.06 -29.25
C GLU T 527 41.17 -26.21 -28.94
N CYS T 528 41.07 -25.06 -29.59
CA CYS T 528 39.96 -24.12 -29.41
C CYS T 528 38.83 -24.41 -30.37
N ASN T 529 37.65 -24.68 -29.83
CA ASN T 529 36.43 -24.88 -30.61
C ASN T 529 35.85 -23.52 -30.99
N ILE T 530 36.05 -23.14 -32.24
CA ILE T 530 35.57 -21.87 -32.80
C ILE T 530 34.66 -22.22 -33.97
N ALA T 531 33.51 -21.57 -34.04
CA ALA T 531 32.55 -21.85 -35.11
C ALA T 531 33.11 -21.44 -36.47
N GLN T 532 32.74 -22.21 -37.49
CA GLN T 532 33.16 -21.98 -38.88
C GLN T 532 32.79 -20.59 -39.42
N ASP T 533 31.61 -20.09 -39.03
CA ASP T 533 31.13 -18.75 -39.45
C ASP T 533 31.63 -17.58 -38.56
N ASP T 534 32.41 -17.89 -37.53
CA ASP T 534 32.89 -16.92 -36.56
C ASP T 534 34.36 -16.58 -36.87
N CYS T 535 34.54 -15.82 -37.93
CA CYS T 535 35.83 -15.34 -38.37
C CYS T 535 35.78 -13.82 -38.40
N THR T 536 36.96 -13.20 -38.47
CA THR T 536 37.08 -11.73 -38.44
C THR T 536 36.33 -11.09 -39.61
N GLU T 537 35.78 -9.90 -39.38
CA GLU T 537 35.18 -9.08 -40.45
C GLU T 537 36.21 -8.64 -41.50
N THR T 538 37.45 -8.46 -41.05
CA THR T 538 38.55 -8.06 -41.92
C THR T 538 38.89 -9.17 -42.94
N LEU T 539 38.86 -10.44 -42.50
CA LEU T 539 39.04 -11.57 -43.41
C LEU T 539 38.04 -11.57 -44.57
N ILE T 540 36.77 -11.29 -44.28
CA ILE T 540 35.69 -11.31 -45.28
C ILE T 540 35.83 -10.17 -46.31
N ALA T 541 36.15 -8.97 -45.84
CA ALA T 541 36.38 -7.82 -46.74
C ALA T 541 37.62 -8.00 -47.63
N TRP T 542 38.72 -8.43 -47.02
CA TRP T 542 39.97 -8.72 -47.73
C TRP T 542 39.81 -9.86 -48.75
N GLY T 543 39.09 -10.90 -48.36
CA GLY T 543 38.86 -12.07 -49.20
C GLY T 543 38.05 -11.79 -50.46
N LYS T 544 37.08 -10.90 -50.36
CA LYS T 544 36.29 -10.49 -51.53
C LYS T 544 37.15 -9.76 -52.55
N ARG T 545 38.02 -8.87 -52.06
CA ARG T 545 38.90 -8.10 -52.94
C ARG T 545 39.91 -9.00 -53.65
N VAL T 546 40.52 -9.91 -52.90
CA VAL T 546 41.44 -10.91 -53.45
C VAL T 546 40.78 -11.82 -54.49
N ALA T 547 39.56 -12.28 -54.22
CA ALA T 547 38.82 -13.11 -55.19
C ALA T 547 38.58 -12.38 -56.51
N ALA T 548 38.10 -11.12 -56.42
CA ALA T 548 37.85 -10.28 -57.58
C ALA T 548 39.12 -10.02 -58.43
N THR T 549 40.24 -9.78 -57.75
CA THR T 549 41.52 -9.50 -58.41
C THR T 549 42.10 -10.77 -59.08
N ASN T 550 42.09 -11.89 -58.37
CA ASN T 550 42.55 -13.17 -58.94
C ASN T 550 41.74 -13.63 -60.17
N SER T 551 40.44 -13.38 -60.17
CA SER T 551 39.55 -13.84 -61.24
C SER T 551 39.37 -12.85 -62.39
N ARG T 552 40.00 -11.67 -62.35
CA ARG T 552 39.77 -10.66 -63.40
C ARG T 552 40.20 -11.22 -64.76
N LYS T 553 39.40 -10.97 -65.77
CA LYS T 553 39.44 -11.76 -67.00
C LYS T 553 40.64 -11.39 -67.92
N PRO T 554 41.02 -12.28 -68.86
CA PRO T 554 42.12 -11.96 -69.77
C PRO T 554 41.79 -10.84 -70.75
N GLN T 555 42.79 -10.40 -71.51
CA GLN T 555 42.63 -9.47 -72.63
C GLN T 555 42.64 -10.22 -73.96
N MET U 1 -52.38 41.82 -97.75
CA MET U 1 -51.11 42.09 -97.01
C MET U 1 -50.38 40.77 -96.73
N TYR U 2 -49.25 40.56 -97.41
CA TYR U 2 -48.33 39.45 -97.09
C TYR U 2 -46.97 40.04 -96.69
N THR U 3 -46.47 39.64 -95.52
CA THR U 3 -45.32 40.31 -94.91
C THR U 3 -44.06 39.48 -94.78
N VAL U 4 -42.97 40.17 -94.45
CA VAL U 4 -41.66 39.57 -94.23
C VAL U 4 -41.75 38.47 -93.17
N GLY U 5 -42.41 38.78 -92.06
CA GLY U 5 -42.67 37.79 -91.03
C GLY U 5 -43.47 36.58 -91.50
N MET U 6 -44.48 36.82 -92.34
CA MET U 6 -45.26 35.71 -92.90
C MET U 6 -44.41 34.84 -93.82
N TYR U 7 -43.54 35.46 -94.62
CA TYR U 7 -42.57 34.70 -95.44
C TYR U 7 -41.76 33.76 -94.56
N LEU U 8 -41.20 34.28 -93.47
CA LEU U 8 -40.42 33.44 -92.55
C LEU U 8 -41.25 32.28 -92.01
N ALA U 9 -42.45 32.62 -91.52
CA ALA U 9 -43.37 31.63 -90.95
C ALA U 9 -43.66 30.50 -91.93
N GLU U 10 -43.99 30.85 -93.16
CA GLU U 10 -44.27 29.85 -94.20
C GLU U 10 -43.08 28.94 -94.45
N ARG U 11 -41.89 29.52 -94.55
CA ARG U 11 -40.66 28.73 -94.75
C ARG U 11 -40.38 27.81 -93.57
N LEU U 12 -40.65 28.29 -92.36
CA LEU U 12 -40.51 27.48 -91.16
C LEU U 12 -41.50 26.31 -91.17
N ALA U 13 -42.75 26.60 -91.55
CA ALA U 13 -43.78 25.54 -91.75
C ALA U 13 -43.32 24.50 -92.78
N GLN U 14 -42.75 24.98 -93.89
CA GLN U 14 -42.22 24.09 -94.96
C GLN U 14 -41.05 23.21 -94.58
N ILE U 15 -40.30 23.54 -93.52
CA ILE U 15 -39.22 22.67 -92.99
C ILE U 15 -39.81 21.46 -92.25
N GLY U 16 -41.03 21.61 -91.73
CA GLY U 16 -41.66 20.63 -90.85
C GLY U 16 -41.78 21.06 -89.39
N LEU U 17 -41.81 22.37 -89.14
CA LEU U 17 -42.02 22.90 -87.79
C LEU U 17 -43.52 23.04 -87.51
N LYS U 18 -43.98 22.37 -86.45
CA LYS U 18 -45.32 22.61 -85.91
C LYS U 18 -45.30 23.64 -84.78
N HIS U 19 -44.11 23.91 -84.24
CA HIS U 19 -43.93 24.86 -83.14
C HIS U 19 -42.67 25.71 -83.35
N HIS U 20 -42.67 26.89 -82.75
CA HIS U 20 -41.45 27.67 -82.54
C HIS U 20 -41.49 28.36 -81.18
N PHE U 21 -40.32 28.58 -80.62
CA PHE U 21 -40.15 29.02 -79.24
C PHE U 21 -39.80 30.51 -79.20
N ALA U 22 -40.39 31.25 -78.26
CA ALA U 22 -40.26 32.71 -78.24
C ALA U 22 -40.15 33.30 -76.83
N VAL U 23 -39.38 34.39 -76.73
CA VAL U 23 -39.44 35.29 -75.58
C VAL U 23 -39.64 36.69 -76.15
N ALA U 24 -40.77 37.32 -75.83
CA ALA U 24 -41.11 38.61 -76.43
C ALA U 24 -40.27 39.76 -75.88
N GLY U 25 -40.22 40.84 -76.65
CA GLY U 25 -39.46 42.05 -76.35
C GLY U 25 -39.76 43.04 -77.46
N ASP U 26 -39.68 44.33 -77.20
CA ASP U 26 -40.24 45.31 -78.15
C ASP U 26 -39.68 45.28 -79.59
N TYR U 27 -38.44 44.80 -79.77
CA TYR U 27 -37.85 44.61 -81.11
C TYR U 27 -38.44 43.45 -81.95
N ASN U 28 -39.11 42.50 -81.30
CA ASN U 28 -39.69 41.34 -81.99
C ASN U 28 -41.23 41.21 -81.93
N LEU U 29 -41.92 42.17 -81.33
CA LEU U 29 -43.37 42.03 -81.08
C LEU U 29 -44.16 41.93 -82.36
N VAL U 30 -43.89 42.81 -83.31
CA VAL U 30 -44.59 42.80 -84.59
C VAL U 30 -44.27 41.49 -85.34
N LEU U 31 -43.01 41.04 -85.27
CA LEU U 31 -42.59 39.76 -85.88
C LEU U 31 -43.32 38.56 -85.29
N LEU U 32 -43.54 38.58 -83.97
CA LEU U 32 -44.26 37.49 -83.30
C LEU U 32 -45.75 37.44 -83.73
N ASP U 33 -46.35 38.61 -83.97
CA ASP U 33 -47.70 38.68 -84.56
C ASP U 33 -47.77 38.02 -85.93
N GLN U 34 -46.83 38.38 -86.81
CA GLN U 34 -46.78 37.81 -88.16
C GLN U 34 -46.65 36.28 -88.11
N LEU U 35 -45.83 35.77 -87.20
CA LEU U 35 -45.73 34.33 -86.95
C LEU U 35 -47.04 33.69 -86.42
N LEU U 36 -47.79 34.43 -85.59
CA LEU U 36 -49.07 33.94 -85.06
C LEU U 36 -50.17 33.82 -86.12
N LEU U 37 -50.10 34.64 -87.17
CA LEU U 37 -51.04 34.55 -88.29
C LEU U 37 -50.91 33.27 -89.11
N ASN U 38 -49.78 32.56 -89.00
CA ASN U 38 -49.59 31.29 -89.67
C ASN U 38 -50.43 30.19 -89.03
N LYS U 39 -51.11 29.41 -89.88
CA LYS U 39 -52.06 28.40 -89.43
C LYS U 39 -51.33 27.13 -88.94
N ASP U 40 -50.18 26.82 -89.54
CA ASP U 40 -49.47 25.55 -89.33
C ASP U 40 -48.57 25.46 -88.09
N MET U 41 -48.47 26.53 -87.30
CA MET U 41 -47.57 26.56 -86.13
C MET U 41 -48.20 27.17 -84.88
N GLU U 42 -47.87 26.61 -83.71
N GLU U 42 -47.83 26.63 -83.72
CA GLU U 42 -48.16 27.22 -82.41
CA GLU U 42 -48.19 27.24 -82.44
C GLU U 42 -46.92 27.99 -81.95
C GLU U 42 -46.95 27.90 -81.81
N GLN U 43 -47.14 29.13 -81.30
CA GLN U 43 -46.06 29.94 -80.74
C GLN U 43 -45.93 29.63 -79.25
N VAL U 44 -44.86 28.92 -78.89
CA VAL U 44 -44.61 28.48 -77.51
C VAL U 44 -43.69 29.46 -76.77
N TYR U 45 -44.03 29.79 -75.52
CA TYR U 45 -43.30 30.81 -74.78
C TYR U 45 -42.44 30.21 -73.67
N CYS U 46 -41.33 30.90 -73.38
CA CYS U 46 -40.33 30.40 -72.44
C CYS U 46 -40.00 31.44 -71.36
N CYS U 47 -39.40 30.96 -70.27
CA CYS U 47 -39.07 31.82 -69.13
C CYS U 47 -37.91 32.75 -69.44
N ASN U 48 -36.77 32.18 -69.83
CA ASN U 48 -35.61 32.96 -70.27
C ASN U 48 -35.03 32.46 -71.59
N GLU U 49 -34.20 33.28 -72.23
CA GLU U 49 -33.74 33.01 -73.59
C GLU U 49 -32.72 31.88 -73.71
N LEU U 50 -31.95 31.64 -72.64
CA LEU U 50 -31.08 30.46 -72.59
C LEU U 50 -31.90 29.18 -72.68
N ASN U 51 -32.99 29.13 -71.92
CA ASN U 51 -33.91 28.00 -71.92
C ASN U 51 -34.66 27.88 -73.24
N CYS U 52 -35.11 29.00 -73.77
CA CYS U 52 -35.77 29.09 -75.07
C CYS U 52 -34.93 28.50 -76.21
N GLY U 53 -33.63 28.80 -76.21
CA GLY U 53 -32.67 28.26 -77.15
C GLY U 53 -32.51 26.77 -77.00
N PHE U 54 -32.29 26.30 -75.77
CA PHE U 54 -32.18 24.86 -75.51
C PHE U 54 -33.49 24.07 -75.75
N SER U 55 -34.63 24.74 -75.65
CA SER U 55 -35.91 24.11 -75.96
C SER U 55 -36.05 23.88 -77.45
N ALA U 56 -35.71 24.90 -78.26
CA ALA U 56 -35.58 24.72 -79.69
C ALA U 56 -34.57 23.62 -80.04
N GLU U 57 -33.44 23.59 -79.34
CA GLU U 57 -32.44 22.55 -79.53
C GLU U 57 -33.04 21.14 -79.34
N GLY U 58 -33.89 20.99 -78.32
CA GLY U 58 -34.58 19.73 -78.08
C GLY U 58 -35.62 19.41 -79.12
N TYR U 59 -36.33 20.43 -79.57
CA TYR U 59 -37.29 20.30 -80.66
C TYR U 59 -36.66 19.87 -81.98
N ALA U 60 -35.39 20.25 -82.19
CA ALA U 60 -34.63 19.87 -83.38
C ALA U 60 -34.18 18.42 -83.31
N ARG U 61 -33.94 17.93 -82.09
CA ARG U 61 -33.69 16.50 -81.88
C ARG U 61 -34.90 15.61 -82.21
N ALA U 62 -36.11 16.14 -82.07
CA ALA U 62 -37.34 15.41 -82.36
C ALA U 62 -37.76 15.52 -83.83
N ARG U 63 -37.58 16.70 -84.41
CA ARG U 63 -38.10 17.01 -85.74
C ARG U 63 -37.08 17.42 -86.80
N GLY U 64 -35.79 17.44 -86.46
CA GLY U 64 -34.75 17.79 -87.42
C GLY U 64 -34.39 19.26 -87.53
N ALA U 65 -35.32 20.15 -87.16
CA ALA U 65 -35.07 21.60 -87.18
C ALA U 65 -35.93 22.34 -86.16
N ALA U 66 -35.49 23.52 -85.76
CA ALA U 66 -36.24 24.36 -84.82
C ALA U 66 -35.97 25.84 -85.00
N ALA U 67 -36.85 26.66 -84.42
CA ALA U 67 -36.76 28.09 -84.48
C ALA U 67 -36.94 28.69 -83.08
N ALA U 68 -36.04 29.62 -82.71
CA ALA U 68 -36.16 30.43 -81.49
C ALA U 68 -36.20 31.88 -81.90
N ILE U 69 -37.15 32.65 -81.35
CA ILE U 69 -37.24 34.09 -81.60
C ILE U 69 -36.94 34.83 -80.28
N VAL U 70 -36.05 35.83 -80.34
CA VAL U 70 -35.61 36.58 -79.16
C VAL U 70 -35.50 38.05 -79.47
N THR U 71 -35.27 38.85 -78.44
CA THR U 71 -35.09 40.30 -78.62
C THR U 71 -33.59 40.65 -78.67
N PHE U 72 -33.30 41.80 -79.25
CA PHE U 72 -31.93 42.27 -79.50
C PHE U 72 -31.08 42.35 -78.21
N SER U 73 -29.94 41.65 -78.22
CA SER U 73 -28.88 41.69 -77.19
C SER U 73 -29.21 41.02 -75.87
N VAL U 74 -30.14 41.59 -75.12
CA VAL U 74 -30.47 41.04 -73.80
C VAL U 74 -31.01 39.62 -73.94
N GLY U 75 -31.80 39.40 -74.99
CA GLY U 75 -32.25 38.05 -75.35
C GLY U 75 -31.20 37.23 -76.07
N ALA U 76 -30.70 37.79 -77.17
CA ALA U 76 -29.93 37.02 -78.13
C ALA U 76 -28.63 36.51 -77.57
N ILE U 77 -27.95 37.29 -76.71
CA ILE U 77 -26.65 36.85 -76.19
C ILE U 77 -26.77 35.60 -75.33
N SER U 78 -27.82 35.51 -74.51
CA SER U 78 -28.05 34.28 -73.74
C SER U 78 -28.36 33.09 -74.67
N ALA U 79 -29.16 33.34 -75.70
CA ALA U 79 -29.49 32.32 -76.70
C ALA U 79 -28.26 31.79 -77.45
N MET U 80 -27.24 32.63 -77.64
CA MET U 80 -25.96 32.22 -78.28
C MET U 80 -25.27 31.07 -77.61
N ASN U 81 -25.46 30.94 -76.29
CA ASN U 81 -24.96 29.79 -75.56
C ASN U 81 -25.59 28.50 -76.07
N ALA U 82 -26.93 28.49 -76.17
CA ALA U 82 -27.66 27.35 -76.71
C ALA U 82 -27.32 27.10 -78.17
N ILE U 83 -27.17 28.19 -78.94
CA ILE U 83 -26.78 28.09 -80.36
C ILE U 83 -25.39 27.49 -80.53
N GLY U 84 -24.44 27.88 -79.69
CA GLY U 84 -23.16 27.19 -79.58
C GLY U 84 -23.33 25.72 -79.32
N GLY U 85 -24.29 25.38 -78.46
CA GLY U 85 -24.65 24.00 -78.19
C GLY U 85 -25.22 23.27 -79.40
N ALA U 86 -26.12 23.93 -80.13
CA ALA U 86 -26.66 23.40 -81.39
C ALA U 86 -25.55 23.12 -82.40
N TYR U 87 -24.59 24.04 -82.55
CA TYR U 87 -23.42 23.83 -83.41
C TYR U 87 -22.63 22.60 -82.96
N ALA U 88 -22.35 22.52 -81.67
CA ALA U 88 -21.60 21.41 -81.10
C ALA U 88 -22.26 20.05 -81.29
N GLU U 89 -23.59 20.03 -81.30
CA GLU U 89 -24.41 18.82 -81.40
C GLU U 89 -25.05 18.59 -82.79
N ASN U 90 -24.74 19.48 -83.74
CA ASN U 90 -25.12 19.33 -85.15
C ASN U 90 -26.62 19.41 -85.42
N LEU U 91 -27.25 20.42 -84.85
CA LEU U 91 -28.69 20.60 -84.96
C LEU U 91 -29.01 21.93 -85.67
N PRO U 92 -29.84 21.89 -86.73
CA PRO U 92 -30.28 23.12 -87.40
C PRO U 92 -31.30 23.95 -86.62
N VAL U 93 -30.84 24.66 -85.60
CA VAL U 93 -31.68 25.62 -84.90
C VAL U 93 -31.54 26.98 -85.57
N ILE U 94 -32.64 27.63 -85.92
CA ILE U 94 -32.59 28.98 -86.44
C ILE U 94 -32.86 29.95 -85.28
N LEU U 95 -31.87 30.75 -84.91
CA LEU U 95 -32.08 31.84 -83.97
C LEU U 95 -32.49 33.07 -84.74
N ILE U 96 -33.68 33.57 -84.48
CA ILE U 96 -34.14 34.81 -85.10
C ILE U 96 -34.24 35.87 -84.02
N SER U 97 -33.61 37.03 -84.24
CA SER U 97 -33.65 38.15 -83.30
C SER U 97 -34.36 39.34 -83.91
N GLY U 98 -35.20 40.00 -83.13
CA GLY U 98 -35.61 41.36 -83.45
C GLY U 98 -34.37 42.26 -83.40
N SER U 99 -34.39 43.31 -84.21
CA SER U 99 -33.25 44.22 -84.27
C SER U 99 -33.76 45.64 -84.50
N PRO U 100 -32.89 46.66 -84.37
CA PRO U 100 -33.34 48.06 -84.37
C PRO U 100 -34.03 48.53 -85.64
N ASN U 101 -34.80 49.60 -85.50
CA ASN U 101 -35.44 50.28 -86.63
C ASN U 101 -34.39 50.68 -87.67
N THR U 102 -34.79 50.58 -88.94
CA THR U 102 -33.89 50.85 -90.06
C THR U 102 -33.45 52.32 -90.11
N ASN U 103 -34.33 53.24 -89.67
CA ASN U 103 -34.00 54.67 -89.67
C ASN U 103 -32.94 55.09 -88.65
N ASP U 104 -32.62 54.22 -87.68
CA ASP U 104 -31.52 54.48 -86.73
C ASP U 104 -30.13 54.18 -87.30
N TYR U 105 -30.05 53.47 -88.42
CA TYR U 105 -28.76 53.14 -89.02
C TYR U 105 -28.12 54.37 -89.65
N GLY U 106 -26.87 54.65 -89.26
CA GLY U 106 -26.15 55.83 -89.75
C GLY U 106 -26.61 57.17 -89.22
N THR U 107 -27.07 57.19 -87.96
CA THR U 107 -27.49 58.42 -87.27
C THR U 107 -26.63 58.77 -86.04
N GLY U 108 -25.99 57.77 -85.43
CA GLY U 108 -25.30 57.95 -84.15
C GLY U 108 -26.22 57.82 -82.94
N HIS U 109 -27.46 57.39 -83.16
CA HIS U 109 -28.43 57.21 -82.07
C HIS U 109 -28.02 56.10 -81.10
N ILE U 110 -28.28 56.31 -79.82
CA ILE U 110 -28.04 55.31 -78.78
C ILE U 110 -29.37 54.63 -78.51
N LEU U 111 -29.37 53.30 -78.45
CA LEU U 111 -30.62 52.53 -78.33
C LEU U 111 -30.60 51.64 -77.12
N HIS U 112 -31.79 51.38 -76.59
CA HIS U 112 -31.98 50.49 -75.45
C HIS U 112 -31.69 49.04 -75.85
N HIS U 113 -31.32 48.24 -74.87
CA HIS U 113 -30.77 46.88 -75.06
C HIS U 113 -29.50 46.88 -75.90
N THR U 114 -28.67 47.91 -75.77
CA THR U 114 -27.35 47.91 -76.39
C THR U 114 -26.30 48.36 -75.39
N ILE U 115 -25.05 48.13 -75.75
CA ILE U 115 -23.92 48.51 -74.90
C ILE U 115 -23.71 50.02 -74.82
N GLY U 116 -24.39 50.80 -75.67
CA GLY U 116 -24.39 52.25 -75.58
C GLY U 116 -23.47 52.98 -76.56
N THR U 117 -22.84 52.23 -77.47
CA THR U 117 -22.11 52.83 -78.60
C THR U 117 -23.07 52.94 -79.79
N THR U 118 -22.56 53.44 -80.92
CA THR U 118 -23.35 53.56 -82.16
C THR U 118 -23.27 52.30 -83.05
N ASP U 119 -22.59 51.27 -82.57
CA ASP U 119 -22.42 50.02 -83.28
C ASP U 119 -23.62 49.14 -82.93
N TYR U 120 -24.49 48.89 -83.90
CA TYR U 120 -25.57 47.93 -83.75
C TYR U 120 -25.20 46.57 -84.34
N ASN U 121 -24.00 46.48 -84.91
CA ASN U 121 -23.60 45.31 -85.65
C ASN U 121 -22.91 44.25 -84.80
N TYR U 122 -22.64 44.58 -83.54
CA TYR U 122 -21.87 43.70 -82.65
C TYR U 122 -22.50 42.35 -82.36
N GLN U 123 -23.83 42.28 -82.33
CA GLN U 123 -24.51 41.02 -82.09
C GLN U 123 -24.29 40.04 -83.25
N LEU U 124 -24.48 40.52 -84.46
CA LEU U 124 -24.18 39.75 -85.66
C LEU U 124 -22.70 39.28 -85.70
N GLU U 125 -21.77 40.14 -85.25
CA GLU U 125 -20.36 39.78 -85.28
C GLU U 125 -20.01 38.71 -84.25
N MET U 126 -20.64 38.76 -83.08
CA MET U 126 -20.50 37.71 -82.08
C MET U 126 -21.05 36.36 -82.53
N VAL U 127 -22.27 36.37 -83.08
CA VAL U 127 -22.99 35.13 -83.42
C VAL U 127 -22.42 34.39 -84.63
N LYS U 128 -21.69 35.09 -85.51
CA LYS U 128 -20.91 34.43 -86.57
C LYS U 128 -19.97 33.31 -86.08
N HIS U 129 -19.47 33.45 -84.86
CA HIS U 129 -18.54 32.47 -84.30
C HIS U 129 -19.19 31.16 -83.85
N VAL U 130 -20.52 31.11 -83.79
CA VAL U 130 -21.22 29.89 -83.38
C VAL U 130 -22.34 29.49 -84.35
N THR U 131 -22.28 29.97 -85.60
CA THR U 131 -23.26 29.62 -86.62
C THR U 131 -22.59 29.28 -87.95
N CYS U 132 -23.34 28.62 -88.83
CA CYS U 132 -22.92 28.32 -90.20
C CYS U 132 -23.39 29.40 -91.19
N ALA U 133 -24.37 30.19 -90.78
CA ALA U 133 -24.86 31.33 -91.55
C ALA U 133 -25.47 32.36 -90.60
N ALA U 134 -25.47 33.61 -91.03
CA ALA U 134 -25.88 34.73 -90.19
C ALA U 134 -26.15 35.91 -91.08
N GLU U 135 -27.39 36.37 -91.12
CA GLU U 135 -27.76 37.46 -92.01
C GLU U 135 -28.63 38.47 -91.27
N SER U 136 -28.63 39.68 -91.79
CA SER U 136 -29.33 40.79 -91.17
C SER U 136 -30.27 41.35 -92.23
N ILE U 137 -31.54 41.50 -91.87
CA ILE U 137 -32.56 41.97 -92.81
C ILE U 137 -32.98 43.37 -92.45
N VAL U 138 -32.69 44.32 -93.34
CA VAL U 138 -33.13 45.72 -93.20
C VAL U 138 -34.09 46.22 -94.31
N SER U 139 -34.50 45.34 -95.21
CA SER U 139 -35.53 45.68 -96.21
C SER U 139 -36.34 44.47 -96.60
N ALA U 140 -37.57 44.72 -97.01
CA ALA U 140 -38.47 43.69 -97.51
C ALA U 140 -37.92 43.00 -98.76
N GLU U 141 -37.29 43.80 -99.63
CA GLU U 141 -36.76 43.31 -100.90
C GLU U 141 -35.64 42.24 -100.74
N GLU U 142 -34.78 42.39 -99.74
CA GLU U 142 -33.66 41.45 -99.51
C GLU U 142 -34.02 40.24 -98.64
N ALA U 143 -35.15 40.31 -97.96
CA ALA U 143 -35.51 39.32 -96.93
C ALA U 143 -35.72 37.89 -97.45
N PRO U 144 -36.33 37.71 -98.64
CA PRO U 144 -36.49 36.35 -99.16
C PRO U 144 -35.18 35.60 -99.33
N ALA U 145 -34.20 36.25 -99.94
CA ALA U 145 -32.88 35.65 -100.15
C ALA U 145 -32.22 35.27 -98.83
N LYS U 146 -32.29 36.17 -97.85
CA LYS U 146 -31.60 35.95 -96.58
C LYS U 146 -32.29 34.92 -95.69
N ILE U 147 -33.63 34.95 -95.65
CA ILE U 147 -34.39 33.92 -94.94
C ILE U 147 -34.06 32.53 -95.49
N ASP U 148 -34.14 32.37 -96.81
CA ASP U 148 -33.92 31.07 -97.43
C ASP U 148 -32.47 30.61 -97.33
N HIS U 149 -31.53 31.55 -97.48
CA HIS U 149 -30.10 31.20 -97.34
C HIS U 149 -29.77 30.64 -95.94
N VAL U 150 -30.24 31.27 -94.87
CA VAL U 150 -29.97 30.76 -93.51
C VAL U 150 -30.62 29.39 -93.26
N ILE U 151 -31.87 29.22 -93.69
CA ILE U 151 -32.61 27.97 -93.48
C ILE U 151 -31.94 26.84 -94.28
N ARG U 152 -31.76 27.05 -95.58
CA ARG U 152 -31.13 26.04 -96.47
C ARG U 152 -29.75 25.62 -95.97
N THR U 153 -28.93 26.62 -95.59
CA THR U 153 -27.57 26.35 -95.10
C THR U 153 -27.57 25.58 -93.81
N ALA U 154 -28.46 25.94 -92.88
CA ALA U 154 -28.61 25.21 -91.61
C ALA U 154 -28.97 23.73 -91.84
N LEU U 155 -29.99 23.49 -92.66
CA LEU U 155 -30.47 22.12 -92.93
C LEU U 155 -29.39 21.28 -93.55
N ARG U 156 -28.75 21.81 -94.60
CA ARG U 156 -27.69 21.06 -95.30
C ARG U 156 -26.46 20.79 -94.44
N GLU U 157 -25.97 21.80 -93.74
CA GLU U 157 -24.77 21.62 -92.91
C GLU U 157 -25.04 20.94 -91.57
N ARG U 158 -26.30 20.88 -91.15
CA ARG U 158 -26.69 20.38 -89.83
C ARG U 158 -26.03 21.25 -88.75
N LYS U 159 -26.25 22.56 -88.87
CA LYS U 159 -25.69 23.55 -87.95
C LYS U 159 -26.70 24.66 -87.76
N PRO U 160 -26.60 25.40 -86.64
CA PRO U 160 -27.52 26.52 -86.46
C PRO U 160 -27.16 27.73 -87.30
N ALA U 161 -28.15 28.59 -87.47
CA ALA U 161 -28.03 29.80 -88.25
C ALA U 161 -28.74 30.94 -87.54
N TYR U 162 -28.48 32.16 -88.00
CA TYR U 162 -28.97 33.35 -87.32
C TYR U 162 -29.60 34.29 -88.33
N LEU U 163 -30.72 34.89 -87.93
CA LEU U 163 -31.33 36.01 -88.63
C LEU U 163 -31.60 37.11 -87.64
N GLU U 164 -31.37 38.35 -88.05
CA GLU U 164 -32.01 39.48 -87.38
C GLU U 164 -32.88 40.19 -88.37
N ILE U 165 -34.06 40.61 -87.93
CA ILE U 165 -34.98 41.36 -88.76
C ILE U 165 -35.28 42.67 -88.05
N ALA U 166 -35.10 43.78 -88.75
CA ALA U 166 -35.43 45.10 -88.21
C ALA U 166 -36.89 45.13 -87.80
N CYS U 167 -37.18 45.73 -86.64
CA CYS U 167 -38.53 45.71 -86.07
C CYS U 167 -39.60 46.41 -86.95
N ASN U 168 -39.19 47.38 -87.75
CA ASN U 168 -40.09 48.05 -88.71
C ASN U 168 -40.10 47.44 -90.12
N VAL U 169 -39.44 46.29 -90.28
CA VAL U 169 -39.44 45.54 -91.54
C VAL U 169 -40.24 44.23 -91.40
N ALA U 170 -40.24 43.61 -90.22
CA ALA U 170 -41.00 42.38 -89.98
C ALA U 170 -42.46 42.41 -90.48
N GLY U 171 -43.09 43.59 -90.47
CA GLY U 171 -44.43 43.79 -91.01
C GLY U 171 -44.52 44.55 -92.32
N ALA U 172 -43.42 44.61 -93.07
CA ALA U 172 -43.38 45.27 -94.37
C ALA U 172 -43.93 44.30 -95.43
N GLU U 173 -44.51 44.84 -96.49
CA GLU U 173 -45.02 44.03 -97.62
C GLU U 173 -43.86 43.29 -98.30
N CYS U 174 -44.02 41.97 -98.43
CA CYS U 174 -43.01 41.09 -98.99
C CYS U 174 -43.64 40.27 -100.12
N VAL U 175 -42.82 39.86 -101.08
CA VAL U 175 -43.25 38.87 -102.08
C VAL U 175 -43.53 37.54 -101.40
N ARG U 176 -44.36 36.70 -102.02
CA ARG U 176 -44.70 35.38 -101.47
C ARG U 176 -43.67 34.34 -101.86
N PRO U 177 -43.44 33.33 -101.00
CA PRO U 177 -42.52 32.25 -101.32
C PRO U 177 -43.17 31.23 -102.25
N GLY U 178 -42.40 30.71 -103.20
CA GLY U 178 -42.91 29.73 -104.15
C GLY U 178 -43.05 28.35 -103.55
N PRO U 179 -43.74 27.43 -104.26
CA PRO U 179 -43.89 26.06 -103.76
C PRO U 179 -42.61 25.23 -103.87
N ILE U 180 -42.41 24.33 -102.93
CA ILE U 180 -41.20 23.53 -102.83
C ILE U 180 -41.55 22.09 -102.51
N ASN U 181 -40.60 21.20 -102.77
CA ASN U 181 -40.72 19.79 -102.46
C ASN U 181 -40.14 19.58 -101.06
N SER U 182 -38.87 19.98 -100.90
CA SER U 182 -38.16 19.94 -99.63
C SER U 182 -37.21 21.14 -99.58
N LEU U 183 -36.94 21.64 -98.39
CA LEU U 183 -35.99 22.76 -98.25
C LEU U 183 -34.56 22.27 -98.02
N LEU U 184 -34.40 21.00 -97.65
CA LEU U 184 -33.10 20.32 -97.63
C LEU U 184 -32.74 19.84 -99.04
N ARG U 185 -31.73 20.47 -99.66
CA ARG U 185 -31.15 19.97 -100.93
C ARG U 185 -29.67 19.68 -100.72
N GLU U 186 -29.28 18.43 -100.98
CA GLU U 186 -27.91 17.98 -100.79
C GLU U 186 -27.00 18.37 -101.97
N LEU U 187 -25.70 18.24 -101.74
CA LEU U 187 -24.71 18.35 -102.80
C LEU U 187 -24.79 17.08 -103.67
N GLU U 188 -24.76 17.26 -104.99
CA GLU U 188 -24.65 16.14 -105.94
C GLU U 188 -23.36 15.36 -105.66
N VAL U 189 -23.43 14.04 -105.79
CA VAL U 189 -22.34 13.13 -105.42
C VAL U 189 -21.43 12.83 -106.62
N ASP U 190 -20.12 12.70 -106.35
CA ASP U 190 -19.12 12.37 -107.37
C ASP U 190 -19.02 10.85 -107.54
N GLN U 191 -19.70 10.34 -108.58
CA GLN U 191 -19.76 8.89 -108.84
C GLN U 191 -18.40 8.21 -109.07
N THR U 192 -17.43 8.93 -109.65
CA THR U 192 -16.04 8.45 -109.74
C THR U 192 -15.45 8.19 -108.35
N SER U 193 -15.72 9.09 -107.40
CA SER U 193 -15.19 8.99 -106.04
C SER U 193 -15.84 7.86 -105.23
N VAL U 194 -17.15 7.71 -105.36
CA VAL U 194 -17.91 6.66 -104.65
C VAL U 194 -17.40 5.30 -105.07
N THR U 195 -17.42 5.05 -106.38
CA THR U 195 -16.92 3.82 -107.01
C THR U 195 -15.48 3.50 -106.59
N ALA U 196 -14.59 4.48 -106.64
CA ALA U 196 -13.19 4.27 -106.25
C ALA U 196 -13.03 3.95 -104.75
N ALA U 197 -13.87 4.58 -103.93
CA ALA U 197 -13.82 4.37 -102.48
C ALA U 197 -14.35 2.99 -102.13
N VAL U 198 -15.50 2.64 -102.71
CA VAL U 198 -16.12 1.32 -102.52
C VAL U 198 -15.18 0.18 -102.94
N ASP U 199 -14.53 0.32 -104.09
CA ASP U 199 -13.61 -0.72 -104.59
C ASP U 199 -12.34 -0.83 -103.75
N ALA U 200 -11.79 0.32 -103.34
CA ALA U 200 -10.62 0.32 -102.46
C ALA U 200 -10.96 -0.20 -101.06
N ALA U 201 -12.21 0.00 -100.64
CA ALA U 201 -12.69 -0.47 -99.34
C ALA U 201 -12.88 -1.97 -99.34
N VAL U 202 -13.51 -2.50 -100.39
CA VAL U 202 -13.70 -3.96 -100.55
C VAL U 202 -12.34 -4.67 -100.52
N GLU U 203 -11.34 -4.15 -101.23
CA GLU U 203 -9.96 -4.69 -101.20
C GLU U 203 -9.37 -4.72 -99.79
N TRP U 204 -9.53 -3.60 -99.08
CA TRP U 204 -9.03 -3.43 -97.71
C TRP U 204 -9.67 -4.45 -96.74
N LEU U 205 -10.97 -4.66 -96.89
CA LEU U 205 -11.72 -5.62 -96.08
C LEU U 205 -11.44 -7.10 -96.40
N GLN U 206 -10.98 -7.41 -97.62
CA GLN U 206 -10.67 -8.80 -98.02
C GLN U 206 -9.47 -9.37 -97.24
N ASP U 207 -8.45 -8.55 -97.05
CA ASP U 207 -7.24 -8.93 -96.31
C ASP U 207 -7.48 -9.10 -94.79
N ARG U 208 -8.53 -8.46 -94.26
CA ARG U 208 -8.75 -8.36 -92.81
C ARG U 208 -9.97 -9.15 -92.33
N GLN U 209 -9.78 -9.99 -91.30
CA GLN U 209 -10.80 -10.94 -90.84
C GLN U 209 -11.67 -10.44 -89.67
N ASN U 210 -11.02 -9.92 -88.62
CA ASN U 210 -11.73 -9.39 -87.43
C ASN U 210 -12.13 -7.92 -87.60
N VAL U 211 -13.42 -7.68 -87.85
CA VAL U 211 -13.94 -6.35 -88.23
C VAL U 211 -15.04 -5.88 -87.27
N VAL U 212 -14.97 -4.61 -86.85
CA VAL U 212 -15.95 -4.01 -85.92
C VAL U 212 -16.44 -2.64 -86.42
N MET U 213 -17.75 -2.48 -86.60
CA MET U 213 -18.35 -1.16 -86.84
C MET U 213 -18.43 -0.37 -85.52
N LEU U 214 -17.70 0.74 -85.45
CA LEU U 214 -17.77 1.67 -84.30
C LEU U 214 -18.63 2.89 -84.66
N VAL U 215 -19.88 2.89 -84.21
CA VAL U 215 -20.80 3.99 -84.52
C VAL U 215 -20.42 5.24 -83.69
N GLY U 216 -20.69 6.42 -84.25
CA GLY U 216 -20.28 7.72 -83.69
C GLY U 216 -21.40 8.74 -83.64
N SER U 217 -21.12 9.86 -82.96
CA SER U 217 -22.15 10.86 -82.63
C SER U 217 -22.67 11.70 -83.79
N LYS U 218 -21.95 11.71 -84.92
CA LYS U 218 -22.44 12.41 -86.12
C LYS U 218 -23.29 11.53 -87.07
N LEU U 219 -23.61 10.30 -86.65
CA LEU U 219 -24.39 9.39 -87.50
C LEU U 219 -25.78 9.91 -87.82
N ARG U 220 -26.44 10.58 -86.86
CA ARG U 220 -27.75 11.22 -87.15
C ARG U 220 -27.61 12.47 -88.04
N ALA U 221 -26.51 13.21 -87.88
CA ALA U 221 -26.21 14.37 -88.73
C ALA U 221 -26.02 13.97 -90.20
N ALA U 222 -25.32 12.86 -90.39
CA ALA U 222 -25.18 12.21 -91.71
C ALA U 222 -26.49 11.64 -92.31
N ALA U 223 -27.53 11.47 -91.50
CA ALA U 223 -28.80 10.83 -91.90
C ALA U 223 -28.54 9.42 -92.46
N ALA U 224 -27.61 8.72 -91.81
CA ALA U 224 -27.06 7.48 -92.29
C ALA U 224 -27.33 6.34 -91.30
N GLU U 225 -28.51 6.37 -90.67
CA GLU U 225 -28.88 5.36 -89.65
C GLU U 225 -29.31 4.06 -90.33
N LYS U 226 -30.30 4.16 -91.21
CA LYS U 226 -30.77 3.00 -92.01
C LYS U 226 -29.67 2.39 -92.87
N GLN U 227 -28.75 3.22 -93.35
CA GLN U 227 -27.62 2.77 -94.19
C GLN U 227 -26.52 2.12 -93.37
N ALA U 228 -26.38 2.48 -92.10
CA ALA U 228 -25.47 1.78 -91.19
C ALA U 228 -26.01 0.40 -90.76
N VAL U 229 -27.35 0.26 -90.76
CA VAL U 229 -28.02 -1.03 -90.46
C VAL U 229 -27.78 -1.99 -91.63
N ALA U 230 -28.16 -1.57 -92.83
CA ALA U 230 -27.92 -2.35 -94.05
C ALA U 230 -26.44 -2.78 -94.17
N LEU U 231 -25.52 -1.87 -93.86
CA LEU U 231 -24.08 -2.19 -93.88
C LEU U 231 -23.71 -3.21 -92.80
N ALA U 232 -24.41 -3.18 -91.67
CA ALA U 232 -24.24 -4.20 -90.63
C ALA U 232 -24.76 -5.56 -91.10
N ASP U 233 -25.94 -5.57 -91.71
CA ASP U 233 -26.58 -6.80 -92.22
C ASP U 233 -25.84 -7.43 -93.42
N ARG U 234 -25.06 -6.64 -94.15
CA ARG U 234 -24.16 -7.16 -95.19
C ARG U 234 -22.88 -7.74 -94.57
N LEU U 235 -22.15 -6.91 -93.81
CA LEU U 235 -20.91 -7.34 -93.16
C LEU U 235 -21.09 -8.46 -92.13
N GLY U 236 -22.26 -8.49 -91.48
CA GLY U 236 -22.54 -9.45 -90.41
C GLY U 236 -21.57 -9.44 -89.25
N CYS U 237 -20.92 -8.29 -89.00
CA CYS U 237 -19.85 -8.17 -88.01
C CYS U 237 -20.34 -7.56 -86.69
N ALA U 238 -19.43 -7.44 -85.71
CA ALA U 238 -19.73 -6.80 -84.43
C ALA U 238 -19.97 -5.29 -84.59
N VAL U 239 -20.99 -4.77 -83.90
CA VAL U 239 -21.33 -3.34 -83.95
C VAL U 239 -21.25 -2.76 -82.54
N THR U 240 -20.29 -1.87 -82.31
CA THR U 240 -20.18 -1.11 -81.06
C THR U 240 -20.60 0.35 -81.26
N ILE U 241 -20.91 1.02 -80.15
CA ILE U 241 -21.19 2.48 -80.14
C ILE U 241 -20.15 3.21 -79.29
N MET U 242 -19.93 4.49 -79.61
CA MET U 242 -19.21 5.41 -78.73
C MET U 242 -20.24 6.03 -77.80
N ALA U 243 -19.79 6.53 -76.66
CA ALA U 243 -20.69 7.09 -75.63
C ALA U 243 -21.79 7.98 -76.19
N ALA U 244 -21.40 8.96 -76.99
CA ALA U 244 -22.36 9.97 -77.51
C ALA U 244 -23.31 9.44 -78.58
N ALA U 245 -23.04 8.25 -79.12
CA ALA U 245 -23.85 7.67 -80.21
C ALA U 245 -25.04 6.81 -79.77
N LYS U 246 -25.39 6.82 -78.48
CA LYS U 246 -26.41 5.90 -77.96
C LYS U 246 -27.77 6.13 -78.63
N GLY U 247 -28.36 5.04 -79.11
CA GLY U 247 -29.68 5.08 -79.75
C GLY U 247 -29.69 5.41 -81.24
N PHE U 248 -28.52 5.62 -81.85
CA PHE U 248 -28.42 5.83 -83.29
C PHE U 248 -28.33 4.48 -84.01
N PHE U 249 -27.62 3.53 -83.43
CA PHE U 249 -27.71 2.12 -83.82
C PHE U 249 -28.57 1.33 -82.82
N PRO U 250 -29.57 0.55 -83.31
CA PRO U 250 -30.45 -0.19 -82.38
C PRO U 250 -29.72 -1.32 -81.66
N GLU U 251 -29.93 -1.40 -80.34
CA GLU U 251 -29.19 -2.33 -79.47
C GLU U 251 -29.78 -3.75 -79.41
N ASP U 252 -30.96 -3.94 -80.00
CA ASP U 252 -31.56 -5.28 -80.20
C ASP U 252 -30.71 -6.15 -81.14
N HIS U 253 -30.46 -5.61 -82.33
CA HIS U 253 -29.70 -6.27 -83.41
C HIS U 253 -28.71 -7.32 -82.87
N PRO U 254 -28.85 -8.59 -83.29
CA PRO U 254 -28.12 -9.71 -82.66
C PRO U 254 -26.58 -9.60 -82.65
N ASN U 255 -26.03 -8.84 -83.59
CA ASN U 255 -24.57 -8.64 -83.67
C ASN U 255 -24.05 -7.47 -82.82
N PHE U 256 -24.95 -6.73 -82.16
CA PHE U 256 -24.57 -5.62 -81.27
C PHE U 256 -23.78 -6.10 -80.05
N ARG U 257 -22.53 -5.65 -79.93
CA ARG U 257 -21.65 -6.01 -78.80
C ARG U 257 -21.31 -4.80 -77.90
N GLY U 258 -22.31 -3.96 -77.65
CA GLY U 258 -22.25 -2.97 -76.57
C GLY U 258 -21.64 -1.62 -76.91
N LEU U 259 -20.75 -1.14 -76.04
CA LEU U 259 -20.28 0.25 -76.05
C LEU U 259 -18.77 0.33 -75.84
N TYR U 260 -18.09 1.06 -76.72
CA TYR U 260 -16.68 1.36 -76.57
C TYR U 260 -16.48 2.78 -76.02
N TRP U 261 -15.75 2.88 -74.91
CA TRP U 261 -15.40 4.17 -74.31
C TRP U 261 -14.11 4.05 -73.50
N GLY U 262 -13.10 3.48 -74.13
CA GLY U 262 -11.80 3.28 -73.49
C GLY U 262 -11.83 2.33 -72.32
N GLU U 263 -11.13 2.69 -71.24
CA GLU U 263 -11.05 1.85 -70.04
C GLU U 263 -12.36 1.74 -69.23
N VAL U 264 -13.42 2.43 -69.67
CA VAL U 264 -14.75 2.33 -69.06
C VAL U 264 -15.81 1.80 -70.04
N SER U 265 -15.39 0.89 -70.92
CA SER U 265 -16.29 0.25 -71.90
C SER U 265 -17.15 -0.82 -71.24
N SER U 266 -18.13 -1.34 -72.00
CA SER U 266 -18.79 -2.59 -71.65
C SER U 266 -17.75 -3.73 -71.61
N GLU U 267 -18.01 -4.77 -70.83
CA GLU U 267 -17.04 -5.85 -70.64
C GLU U 267 -16.85 -6.60 -71.96
N GLY U 268 -15.59 -6.85 -72.31
CA GLY U 268 -15.25 -7.41 -73.62
C GLY U 268 -15.04 -6.34 -74.68
N ALA U 269 -16.01 -5.43 -74.81
CA ALA U 269 -16.05 -4.41 -75.87
C ALA U 269 -14.80 -3.53 -76.06
N GLN U 270 -13.95 -3.36 -75.04
CA GLN U 270 -12.68 -2.64 -75.22
C GLN U 270 -11.69 -3.47 -76.04
N GLU U 271 -11.40 -4.68 -75.55
CA GLU U 271 -10.44 -5.59 -76.19
C GLU U 271 -10.90 -5.96 -77.61
N LEU U 272 -12.21 -6.13 -77.76
CA LEU U 272 -12.87 -6.33 -79.06
C LEU U 272 -12.38 -5.33 -80.12
N VAL U 273 -12.39 -4.05 -79.75
CA VAL U 273 -12.04 -2.94 -80.65
C VAL U 273 -10.52 -2.75 -80.80
N GLU U 274 -9.80 -2.82 -79.69
CA GLU U 274 -8.33 -2.56 -79.71
C GLU U 274 -7.52 -3.68 -80.36
N ASN U 275 -8.07 -4.91 -80.39
CA ASN U 275 -7.49 -6.05 -81.09
C ASN U 275 -8.37 -6.52 -82.24
N ALA U 276 -8.71 -5.58 -83.12
CA ALA U 276 -9.43 -5.85 -84.37
C ALA U 276 -8.52 -5.52 -85.54
N ASP U 277 -8.76 -6.20 -86.66
CA ASP U 277 -7.98 -5.96 -87.89
C ASP U 277 -8.46 -4.68 -88.57
N ALA U 278 -9.79 -4.52 -88.66
CA ALA U 278 -10.45 -3.36 -89.27
C ALA U 278 -11.48 -2.76 -88.31
N ILE U 279 -11.40 -1.44 -88.13
CA ILE U 279 -12.36 -0.68 -87.32
C ILE U 279 -13.04 0.32 -88.25
N LEU U 280 -14.35 0.21 -88.39
CA LEU U 280 -15.13 1.08 -89.28
C LEU U 280 -15.85 2.16 -88.48
N CYS U 281 -15.19 3.30 -88.28
CA CYS U 281 -15.76 4.41 -87.51
C CYS U 281 -16.78 5.16 -88.35
N LEU U 282 -18.06 5.02 -87.99
CA LEU U 282 -19.14 5.73 -88.69
C LEU U 282 -19.43 7.06 -88.00
N ALA U 283 -18.83 8.13 -88.54
CA ALA U 283 -19.12 9.52 -88.15
C ALA U 283 -18.77 9.84 -86.68
N PRO U 284 -17.53 9.54 -86.27
CA PRO U 284 -17.11 9.77 -84.89
C PRO U 284 -16.77 11.23 -84.57
N VAL U 285 -16.66 11.50 -83.26
CA VAL U 285 -16.05 12.71 -82.73
C VAL U 285 -15.14 12.26 -81.59
N PHE U 286 -13.84 12.42 -81.78
CA PHE U 286 -12.85 11.99 -80.80
C PHE U 286 -12.36 13.19 -80.01
N ASN U 287 -13.26 13.80 -79.24
CA ASN U 287 -12.88 14.86 -78.31
C ASN U 287 -12.16 14.28 -77.09
N ASP U 288 -11.64 15.13 -76.21
CA ASP U 288 -10.90 14.67 -75.01
C ASP U 288 -11.73 13.85 -74.01
N TYR U 289 -13.04 14.08 -73.98
CA TYR U 289 -13.97 13.33 -73.11
C TYR U 289 -14.33 11.95 -73.66
N ALA U 290 -14.49 11.84 -74.99
CA ALA U 290 -14.77 10.56 -75.63
C ALA U 290 -13.54 9.64 -75.69
N THR U 291 -12.35 10.23 -75.77
CA THR U 291 -11.09 9.45 -75.77
C THR U 291 -10.57 9.13 -74.37
N VAL U 292 -11.25 9.62 -73.32
CA VAL U 292 -10.81 9.48 -71.93
C VAL U 292 -9.40 10.08 -71.77
N GLY U 293 -9.26 11.34 -72.18
CA GLY U 293 -8.01 12.10 -72.03
C GLY U 293 -6.89 11.65 -72.96
N TRP U 294 -7.22 11.38 -74.21
CA TRP U 294 -6.25 10.98 -75.25
C TRP U 294 -5.54 9.63 -75.02
N ASN U 295 -6.17 8.73 -74.27
CA ASN U 295 -5.63 7.37 -74.02
C ASN U 295 -6.21 6.35 -74.98
N SER U 296 -7.53 6.40 -75.18
CA SER U 296 -8.26 5.46 -76.02
C SER U 296 -8.76 6.13 -77.30
N TRP U 297 -7.81 6.49 -78.16
CA TRP U 297 -8.08 7.11 -79.46
C TRP U 297 -7.63 6.14 -80.56
N PRO U 298 -8.58 5.42 -81.20
CA PRO U 298 -8.17 4.53 -82.30
C PRO U 298 -7.62 5.29 -83.53
N LYS U 299 -6.31 5.20 -83.74
CA LYS U 299 -5.61 5.84 -84.86
C LYS U 299 -4.85 4.76 -85.68
N GLY U 300 -3.87 5.17 -86.47
CA GLY U 300 -2.95 4.23 -87.13
C GLY U 300 -3.46 3.71 -88.46
N ASP U 301 -2.95 2.55 -88.86
CA ASP U 301 -3.26 1.94 -90.18
C ASP U 301 -4.41 0.91 -90.12
N ASN U 302 -5.08 0.81 -88.97
CA ASN U 302 -6.09 -0.22 -88.71
C ASN U 302 -7.52 0.30 -88.88
N VAL U 303 -7.68 1.60 -89.12
CA VAL U 303 -8.97 2.30 -88.96
C VAL U 303 -9.47 2.86 -90.30
N MET U 304 -10.78 2.77 -90.51
CA MET U 304 -11.47 3.46 -91.60
C MET U 304 -12.37 4.52 -90.98
N VAL U 305 -11.98 5.79 -91.10
CA VAL U 305 -12.77 6.90 -90.56
C VAL U 305 -13.75 7.37 -91.64
N MET U 306 -15.04 7.14 -91.41
CA MET U 306 -16.09 7.56 -92.34
C MET U 306 -16.85 8.79 -91.83
N ASP U 307 -16.34 9.99 -92.13
CA ASP U 307 -17.02 11.25 -91.75
C ASP U 307 -18.30 11.46 -92.59
N THR U 308 -19.02 12.56 -92.36
CA THR U 308 -20.29 12.80 -93.08
C THR U 308 -20.10 12.99 -94.60
N ASP U 309 -18.90 13.40 -95.03
CA ASP U 309 -18.63 13.71 -96.44
C ASP U 309 -17.28 13.16 -96.94
N ARG U 310 -16.75 12.15 -96.27
CA ARG U 310 -15.38 11.71 -96.50
C ARG U 310 -15.13 10.33 -95.91
N VAL U 311 -14.37 9.51 -96.63
CA VAL U 311 -13.86 8.23 -96.14
C VAL U 311 -12.36 8.27 -96.26
N THR U 312 -11.67 7.91 -95.18
CA THR U 312 -10.22 7.96 -95.11
C THR U 312 -9.68 6.65 -94.54
N PHE U 313 -8.76 6.01 -95.26
CA PHE U 313 -8.12 4.75 -94.86
C PHE U 313 -6.98 4.37 -95.80
N ALA U 314 -6.04 3.57 -95.28
CA ALA U 314 -4.96 3.00 -96.08
C ALA U 314 -4.11 4.05 -96.83
N GLY U 315 -3.84 5.18 -96.17
CA GLY U 315 -3.10 6.30 -96.78
C GLY U 315 -3.82 6.98 -97.95
N GLN U 316 -5.15 6.96 -97.93
CA GLN U 316 -5.97 7.56 -98.99
C GLN U 316 -7.23 8.23 -98.41
N SER U 317 -7.73 9.25 -99.08
CA SER U 317 -8.93 9.97 -98.64
C SER U 317 -9.85 10.35 -99.81
N PHE U 318 -11.11 9.88 -99.74
CA PHE U 318 -12.08 10.05 -100.81
C PHE U 318 -13.18 11.01 -100.36
N GLU U 319 -13.45 12.05 -101.17
CA GLU U 319 -14.48 13.04 -100.86
C GLU U 319 -15.45 13.20 -102.03
N GLY U 320 -16.40 14.13 -101.91
CA GLY U 320 -17.43 14.34 -102.93
C GLY U 320 -18.53 13.31 -102.81
N LEU U 321 -18.68 12.76 -101.62
CA LEU U 321 -19.64 11.70 -101.32
C LEU U 321 -20.34 12.03 -100.01
N SER U 322 -21.34 11.23 -99.66
CA SER U 322 -21.92 11.26 -98.33
C SER U 322 -21.78 9.88 -97.68
N LEU U 323 -21.84 9.85 -96.34
CA LEU U 323 -21.84 8.59 -95.60
C LEU U 323 -23.09 7.76 -95.89
N SER U 324 -24.19 8.44 -96.18
CA SER U 324 -25.41 7.78 -96.67
C SER U 324 -25.21 7.06 -98.03
N THR U 325 -24.51 7.72 -98.96
CA THR U 325 -24.23 7.15 -100.29
C THR U 325 -23.13 6.06 -100.27
N PHE U 326 -22.05 6.31 -99.53
CA PHE U 326 -20.94 5.36 -99.41
C PHE U 326 -21.31 4.08 -98.70
N ALA U 327 -22.04 4.21 -97.58
CA ALA U 327 -22.49 3.05 -96.81
C ALA U 327 -23.45 2.15 -97.60
N ALA U 328 -24.45 2.76 -98.24
CA ALA U 328 -25.43 2.03 -99.07
C ALA U 328 -24.78 1.29 -100.25
N ALA U 329 -23.81 1.92 -100.91
CA ALA U 329 -23.07 1.29 -102.01
C ALA U 329 -22.12 0.19 -101.51
N LEU U 330 -21.46 0.42 -100.36
CA LEU U 330 -20.62 -0.62 -99.74
C LEU U 330 -21.45 -1.79 -99.17
N ALA U 331 -22.70 -1.52 -98.79
CA ALA U 331 -23.63 -2.58 -98.33
C ALA U 331 -24.06 -3.55 -99.44
N GLU U 332 -23.87 -3.15 -100.70
CA GLU U 332 -24.12 -4.03 -101.86
C GLU U 332 -22.96 -4.99 -102.11
N LYS U 333 -21.73 -4.50 -101.92
CA LYS U 333 -20.51 -5.15 -102.43
C LYS U 333 -19.52 -5.68 -101.38
N ALA U 334 -19.77 -5.44 -100.09
CA ALA U 334 -18.79 -5.79 -99.05
C ALA U 334 -18.77 -7.29 -98.75
N PRO U 335 -17.60 -7.83 -98.33
CA PRO U 335 -17.54 -9.23 -97.94
C PRO U 335 -18.19 -9.51 -96.57
N SER U 336 -18.73 -10.71 -96.38
CA SER U 336 -19.25 -11.15 -95.08
C SER U 336 -18.09 -11.41 -94.12
N ARG U 337 -18.15 -10.79 -92.94
CA ARG U 337 -17.14 -10.99 -91.88
C ARG U 337 -17.84 -11.16 -90.53
N PRO U 338 -18.20 -12.40 -90.16
CA PRO U 338 -18.79 -12.65 -88.84
C PRO U 338 -17.81 -13.13 -87.74
N ALA U 339 -16.49 -13.02 -87.99
CA ALA U 339 -15.47 -13.55 -87.07
C ALA U 339 -15.46 -12.94 -85.65
N THR U 340 -15.94 -11.70 -85.50
CA THR U 340 -15.98 -11.01 -84.19
C THR U 340 -17.27 -11.28 -83.38
N THR U 341 -18.30 -11.83 -84.00
CA THR U 341 -19.58 -12.09 -83.33
C THR U 341 -19.70 -13.55 -82.83
N GLN U 342 -18.64 -14.05 -82.18
CA GLN U 342 -18.57 -15.43 -81.69
C GLN U 342 -17.65 -15.53 -80.46
N GLY U 343 -18.11 -16.26 -79.43
CA GLY U 343 -17.50 -16.22 -78.10
C GLY U 343 -17.82 -14.95 -77.33
N THR U 344 -18.83 -14.20 -77.79
CA THR U 344 -19.25 -12.92 -77.18
C THR U 344 -20.78 -12.80 -77.27
N GLN U 345 -21.33 -11.88 -76.48
CA GLN U 345 -22.78 -11.65 -76.44
C GLN U 345 -23.06 -10.18 -76.12
N ALA U 346 -24.23 -9.70 -76.55
CA ALA U 346 -24.69 -8.34 -76.21
C ALA U 346 -24.75 -8.18 -74.68
N PRO U 347 -24.30 -7.02 -74.15
CA PRO U 347 -24.22 -6.86 -72.70
C PRO U 347 -25.58 -6.64 -72.04
N VAL U 348 -25.65 -6.95 -70.74
CA VAL U 348 -26.87 -6.76 -69.94
C VAL U 348 -26.57 -5.84 -68.74
N LEU U 349 -27.64 -5.34 -68.13
CA LEU U 349 -27.58 -4.42 -66.99
C LEU U 349 -26.68 -4.94 -65.87
N GLY U 350 -26.90 -6.19 -65.45
CA GLY U 350 -26.08 -6.84 -64.42
C GLY U 350 -26.30 -6.28 -63.03
N ILE U 351 -27.56 -5.98 -62.70
CA ILE U 351 -27.94 -5.39 -61.42
C ILE U 351 -29.24 -6.05 -60.92
N GLU U 352 -29.08 -7.08 -60.07
CA GLU U 352 -30.22 -7.70 -59.39
C GLU U 352 -30.68 -6.80 -58.25
N ALA U 353 -32.00 -6.59 -58.18
CA ALA U 353 -32.59 -5.63 -57.24
C ALA U 353 -32.26 -5.92 -55.78
N ALA U 354 -32.09 -4.86 -54.98
CA ALA U 354 -31.87 -4.97 -53.54
C ALA U 354 -33.22 -4.99 -52.82
N GLU U 355 -33.20 -5.18 -51.50
N GLU U 355 -33.17 -5.14 -51.49
CA GLU U 355 -34.42 -5.30 -50.71
CA GLU U 355 -34.36 -5.16 -50.63
C GLU U 355 -35.20 -3.96 -50.70
C GLU U 355 -35.18 -3.89 -50.80
N PRO U 356 -36.51 -4.02 -51.04
CA PRO U 356 -37.33 -2.84 -51.40
C PRO U 356 -37.44 -1.65 -50.41
N ASN U 357 -37.21 -1.86 -49.12
CA ASN U 357 -37.31 -0.78 -48.11
C ASN U 357 -35.96 -0.24 -47.59
N ALA U 358 -34.85 -0.77 -48.11
CA ALA U 358 -33.51 -0.26 -47.77
C ALA U 358 -33.25 1.14 -48.35
N PRO U 359 -32.17 1.83 -47.90
CA PRO U 359 -31.77 3.08 -48.56
C PRO U 359 -31.44 2.89 -50.06
N LEU U 360 -32.03 3.75 -50.89
CA LEU U 360 -31.91 3.68 -52.36
C LEU U 360 -30.47 3.88 -52.85
N THR U 361 -29.91 2.87 -53.51
CA THR U 361 -28.58 2.96 -54.12
C THR U 361 -28.68 3.49 -55.56
N ASN U 362 -27.52 3.75 -56.16
CA ASN U 362 -27.45 4.19 -57.56
C ASN U 362 -27.71 3.04 -58.51
N ASP U 363 -27.06 1.90 -58.26
CA ASP U 363 -27.35 0.63 -58.98
C ASP U 363 -28.86 0.36 -59.05
N GLU U 364 -29.52 0.43 -57.90
CA GLU U 364 -30.98 0.18 -57.82
C GLU U 364 -31.81 1.18 -58.61
N MET U 365 -31.40 2.45 -58.60
CA MET U 365 -32.16 3.50 -59.30
C MET U 365 -32.09 3.35 -60.82
N THR U 366 -30.91 2.97 -61.32
CA THR U 366 -30.68 2.66 -62.73
C THR U 366 -31.65 1.59 -63.24
N ARG U 367 -31.75 0.48 -62.49
CA ARG U 367 -32.63 -0.67 -62.83
C ARG U 367 -34.05 -0.22 -63.15
N GLN U 368 -34.66 0.51 -62.23
CA GLN U 368 -36.04 0.93 -62.38
C GLN U 368 -36.27 1.94 -63.50
N ILE U 369 -35.24 2.74 -63.83
CA ILE U 369 -35.31 3.69 -64.96
C ILE U 369 -35.46 2.89 -66.27
N GLN U 370 -34.53 1.95 -66.48
CA GLN U 370 -34.50 1.07 -67.68
C GLN U 370 -35.87 0.56 -68.11
N SER U 371 -36.60 -0.05 -67.16
CA SER U 371 -37.86 -0.73 -67.44
C SER U 371 -39.03 0.17 -67.90
N LEU U 372 -38.90 1.50 -67.73
CA LEU U 372 -39.83 2.45 -68.36
C LEU U 372 -39.59 2.65 -69.86
N ILE U 373 -38.41 2.27 -70.36
CA ILE U 373 -37.97 2.60 -71.73
C ILE U 373 -38.59 1.66 -72.78
N THR U 374 -39.71 2.08 -73.36
CA THR U 374 -40.33 1.38 -74.47
C THR U 374 -39.65 1.76 -75.80
N SER U 375 -40.05 1.10 -76.88
CA SER U 375 -39.57 1.41 -78.21
C SER U 375 -40.06 2.78 -78.72
N ASP U 376 -41.08 3.35 -78.07
CA ASP U 376 -41.48 4.75 -78.32
C ASP U 376 -41.10 5.67 -77.14
N THR U 377 -39.94 5.43 -76.54
CA THR U 377 -39.42 6.23 -75.42
C THR U 377 -38.18 7.05 -75.82
N THR U 378 -38.20 8.32 -75.41
CA THR U 378 -37.03 9.20 -75.49
C THR U 378 -36.46 9.44 -74.09
N LEU U 379 -35.22 9.02 -73.88
CA LEU U 379 -34.47 9.32 -72.66
C LEU U 379 -33.61 10.56 -72.95
N THR U 380 -33.60 11.53 -72.04
CA THR U 380 -32.67 12.68 -72.10
C THR U 380 -31.79 12.62 -70.86
N ALA U 381 -30.50 12.32 -71.03
CA ALA U 381 -29.56 12.20 -69.91
C ALA U 381 -28.59 13.39 -69.83
N GLU U 382 -28.38 13.90 -68.63
CA GLU U 382 -27.67 15.16 -68.36
C GLU U 382 -26.19 14.92 -68.08
N THR U 383 -25.37 15.94 -68.31
CA THR U 383 -23.96 15.95 -67.88
C THR U 383 -23.91 15.80 -66.36
N GLY U 384 -23.14 14.81 -65.89
CA GLY U 384 -23.09 14.44 -64.48
C GLY U 384 -22.86 12.95 -64.33
N ASP U 385 -23.45 12.37 -63.28
CA ASP U 385 -23.48 10.91 -63.12
C ASP U 385 -24.49 10.30 -64.11
N SER U 386 -25.52 11.07 -64.47
CA SER U 386 -26.54 10.62 -65.44
C SER U 386 -25.98 10.18 -66.81
N TRP U 387 -24.80 10.70 -67.18
CA TRP U 387 -24.04 10.19 -68.34
C TRP U 387 -23.70 8.71 -68.18
N PHE U 388 -23.07 8.38 -67.06
CA PHE U 388 -22.53 7.04 -66.82
C PHE U 388 -23.60 5.99 -66.52
N ASN U 389 -24.74 6.43 -65.98
CA ASN U 389 -25.91 5.57 -65.80
C ASN U 389 -26.53 5.24 -67.14
N ALA U 390 -26.80 6.27 -67.94
CA ALA U 390 -27.26 6.09 -69.32
C ALA U 390 -26.32 5.24 -70.17
N SER U 391 -25.01 5.35 -69.91
N SER U 391 -25.01 5.35 -69.93
CA SER U 391 -23.99 4.59 -70.64
CA SER U 391 -24.01 4.58 -70.66
C SER U 391 -23.91 3.09 -70.32
C SER U 391 -23.86 3.10 -70.27
N ARG U 392 -24.76 2.58 -69.42
CA ARG U 392 -24.83 1.14 -69.10
C ARG U 392 -26.27 0.60 -69.13
N MET U 393 -27.17 1.29 -69.85
CA MET U 393 -28.57 0.89 -69.98
C MET U 393 -28.86 0.34 -71.38
N PRO U 394 -28.86 -1.00 -71.54
CA PRO U 394 -29.42 -1.58 -72.76
C PRO U 394 -30.87 -1.12 -72.99
N ILE U 395 -31.20 -0.76 -74.24
CA ILE U 395 -32.55 -0.27 -74.59
C ILE U 395 -33.14 -1.03 -75.79
N PRO U 396 -34.47 -0.94 -75.98
CA PRO U 396 -35.08 -1.49 -77.19
C PRO U 396 -34.73 -0.71 -78.48
N GLY U 397 -35.09 -1.30 -79.63
CA GLY U 397 -34.89 -0.66 -80.92
C GLY U 397 -36.01 0.34 -81.15
N GLY U 398 -35.65 1.49 -81.69
CA GLY U 398 -36.59 2.61 -81.86
C GLY U 398 -36.63 3.61 -80.71
N ALA U 399 -35.96 3.29 -79.59
CA ALA U 399 -35.89 4.18 -78.42
C ALA U 399 -34.69 5.12 -78.57
N ARG U 400 -34.93 6.42 -78.38
CA ARG U 400 -33.90 7.46 -78.54
C ARG U 400 -33.32 7.89 -77.20
N VAL U 401 -32.00 8.05 -77.15
CA VAL U 401 -31.27 8.58 -76.01
C VAL U 401 -30.58 9.88 -76.41
N GLU U 402 -31.08 11.01 -75.88
CA GLU U 402 -30.47 12.32 -76.12
C GLU U 402 -29.37 12.64 -75.12
N LEU U 403 -28.18 12.91 -75.64
CA LEU U 403 -26.99 13.29 -74.87
C LEU U 403 -26.35 14.54 -75.47
N GLU U 404 -25.53 15.22 -74.67
CA GLU U 404 -24.88 16.47 -75.06
C GLU U 404 -23.43 16.44 -74.61
N MET U 405 -22.68 15.46 -75.13
CA MET U 405 -21.30 15.20 -74.65
C MET U 405 -20.22 16.10 -75.23
N GLN U 406 -20.53 16.85 -76.28
CA GLN U 406 -19.59 17.82 -76.86
C GLN U 406 -19.70 19.18 -76.15
N TRP U 407 -20.90 19.72 -76.04
CA TRP U 407 -21.13 21.03 -75.39
C TRP U 407 -21.09 20.90 -73.87
N GLY U 408 -21.91 20.01 -73.33
CA GLY U 408 -21.88 19.65 -71.90
C GLY U 408 -22.30 20.72 -70.91
N HIS U 409 -23.26 21.54 -71.32
CA HIS U 409 -23.80 22.63 -70.50
C HIS U 409 -24.77 22.06 -69.48
N ILE U 410 -24.36 21.97 -68.21
CA ILE U 410 -25.27 21.46 -67.17
C ILE U 410 -26.53 22.31 -67.13
N GLY U 411 -27.67 21.64 -66.98
CA GLY U 411 -28.98 22.28 -67.07
C GLY U 411 -29.63 22.22 -68.43
N TRP U 412 -28.90 21.82 -69.47
CA TRP U 412 -29.47 21.64 -70.82
C TRP U 412 -30.68 20.68 -70.84
N SER U 413 -30.59 19.61 -70.06
CA SER U 413 -31.57 18.50 -70.09
C SER U 413 -33.01 18.90 -69.85
N VAL U 414 -33.25 19.90 -68.99
CA VAL U 414 -34.61 20.31 -68.65
C VAL U 414 -35.30 21.04 -69.80
N PRO U 415 -34.70 22.13 -70.33
CA PRO U 415 -35.35 22.75 -71.49
C PRO U 415 -35.28 21.88 -72.75
N SER U 416 -34.22 21.09 -72.90
CA SER U 416 -34.09 20.16 -74.04
C SER U 416 -35.17 19.06 -74.04
N ALA U 417 -35.44 18.48 -72.87
CA ALA U 417 -36.53 17.51 -72.74
C ALA U 417 -37.87 18.18 -73.00
N PHE U 418 -38.04 19.42 -72.55
CA PHE U 418 -39.30 20.15 -72.81
C PHE U 418 -39.60 20.29 -74.31
N GLY U 419 -38.62 20.74 -75.10
CA GLY U 419 -38.87 21.04 -76.50
C GLY U 419 -39.00 19.79 -77.35
N ASN U 420 -38.21 18.79 -77.01
CA ASN U 420 -38.31 17.47 -77.59
C ASN U 420 -39.74 16.89 -77.46
N ALA U 421 -40.30 16.95 -76.25
CA ALA U 421 -41.64 16.44 -75.99
C ALA U 421 -42.74 17.25 -76.66
N VAL U 422 -42.56 18.56 -76.81
CA VAL U 422 -43.48 19.36 -77.64
C VAL U 422 -43.40 18.93 -79.10
N GLY U 423 -42.20 18.51 -79.55
CA GLY U 423 -41.97 18.07 -80.92
C GLY U 423 -42.30 16.62 -81.24
N SER U 424 -42.21 15.73 -80.24
CA SER U 424 -42.62 14.33 -80.37
C SER U 424 -43.60 13.89 -79.26
N PRO U 425 -44.82 14.47 -79.23
CA PRO U 425 -45.78 14.25 -78.14
C PRO U 425 -46.38 12.84 -78.01
N GLU U 426 -46.37 12.05 -79.08
N GLU U 426 -46.34 12.07 -79.10
CA GLU U 426 -46.88 10.68 -79.02
CA GLU U 426 -46.79 10.67 -79.13
C GLU U 426 -45.83 9.66 -78.51
C GLU U 426 -45.88 9.70 -78.39
N ARG U 427 -44.66 10.14 -78.07
CA ARG U 427 -43.66 9.28 -77.40
C ARG U 427 -43.72 9.39 -75.87
N ARG U 428 -42.96 8.54 -75.18
CA ARG U 428 -42.79 8.61 -73.73
C ARG U 428 -41.47 9.31 -73.40
N HIS U 429 -41.54 10.41 -72.66
CA HIS U 429 -40.36 11.22 -72.34
C HIS U 429 -39.89 11.09 -70.88
N ILE U 430 -38.72 10.51 -70.71
CA ILE U 430 -38.00 10.37 -69.44
C ILE U 430 -36.77 11.26 -69.47
N MET U 431 -36.36 11.80 -68.32
CA MET U 431 -35.07 12.46 -68.21
C MET U 431 -34.40 12.29 -66.85
N MET U 432 -33.07 12.21 -66.88
CA MET U 432 -32.24 12.07 -65.71
C MET U 432 -31.37 13.31 -65.58
N VAL U 433 -31.59 14.07 -64.50
CA VAL U 433 -30.89 15.33 -64.29
C VAL U 433 -30.40 15.41 -62.85
N GLY U 434 -29.17 15.87 -62.66
CA GLY U 434 -28.62 16.06 -61.31
C GLY U 434 -29.22 17.26 -60.60
N ASP U 435 -28.96 17.36 -59.29
CA ASP U 435 -29.44 18.52 -58.49
C ASP U 435 -28.79 19.82 -58.95
N GLY U 436 -27.48 19.78 -59.17
CA GLY U 436 -26.72 20.92 -59.66
C GLY U 436 -27.20 21.42 -61.00
N SER U 437 -27.36 20.49 -61.93
CA SER U 437 -27.85 20.81 -63.28
C SER U 437 -29.23 21.43 -63.24
N PHE U 438 -30.11 20.86 -62.44
CA PHE U 438 -31.50 21.30 -62.34
C PHE U 438 -31.64 22.76 -61.93
N GLN U 439 -30.76 23.21 -61.03
CA GLN U 439 -30.80 24.60 -60.52
C GLN U 439 -30.54 25.68 -61.57
N LEU U 440 -29.76 25.39 -62.62
CA LEU U 440 -29.51 26.37 -63.69
C LEU U 440 -30.78 26.70 -64.51
N THR U 441 -31.66 25.71 -64.67
CA THR U 441 -32.79 25.82 -65.62
C THR U 441 -34.17 25.39 -65.06
N ALA U 442 -34.25 25.18 -63.74
CA ALA U 442 -35.45 24.63 -63.08
C ALA U 442 -36.78 25.21 -63.53
N GLN U 443 -36.80 26.50 -63.83
CA GLN U 443 -38.04 27.19 -64.17
C GLN U 443 -38.73 26.75 -65.46
N GLU U 444 -38.05 25.99 -66.33
CA GLU U 444 -38.72 25.49 -67.55
C GLU U 444 -39.64 24.31 -67.25
N VAL U 445 -39.51 23.69 -66.08
CA VAL U 445 -40.53 22.75 -65.57
C VAL U 445 -41.89 23.43 -65.46
N ALA U 446 -41.90 24.74 -65.17
CA ALA U 446 -43.13 25.53 -65.21
C ALA U 446 -43.76 25.65 -66.60
N GLN U 447 -42.94 25.62 -67.65
CA GLN U 447 -43.44 25.57 -69.02
C GLN U 447 -43.98 24.19 -69.38
N MET U 448 -43.34 23.13 -68.89
CA MET U 448 -43.86 21.77 -69.03
C MET U 448 -45.27 21.69 -68.45
N ILE U 449 -45.45 22.25 -67.25
CA ILE U 449 -46.76 22.34 -66.62
C ILE U 449 -47.71 23.20 -67.46
N ARG U 450 -47.26 24.38 -67.89
CA ARG U 450 -48.11 25.27 -68.66
C ARG U 450 -48.71 24.61 -69.92
N TYR U 451 -47.91 23.80 -70.61
CA TYR U 451 -48.30 23.24 -71.91
C TYR U 451 -48.70 21.74 -71.83
N GLU U 452 -48.91 21.24 -70.61
CA GLU U 452 -49.36 19.86 -70.34
C GLU U 452 -48.46 18.85 -71.01
N ILE U 453 -47.17 18.94 -70.70
CA ILE U 453 -46.14 18.09 -71.31
C ILE U 453 -45.72 17.04 -70.30
N PRO U 454 -46.14 15.78 -70.50
CA PRO U 454 -46.01 14.76 -69.46
C PRO U 454 -44.61 14.13 -69.28
N VAL U 455 -43.60 14.97 -69.03
CA VAL U 455 -42.22 14.46 -68.86
C VAL U 455 -42.04 13.87 -67.46
N ILE U 456 -41.21 12.83 -67.38
CA ILE U 456 -40.94 12.14 -66.13
C ILE U 456 -39.48 12.45 -65.78
N ILE U 457 -39.29 13.31 -64.77
CA ILE U 457 -37.97 13.82 -64.42
C ILE U 457 -37.44 13.10 -63.20
N PHE U 458 -36.32 12.38 -63.36
CA PHE U 458 -35.63 11.75 -62.23
C PHE U 458 -34.51 12.63 -61.71
N LEU U 459 -34.86 13.53 -60.77
CA LEU U 459 -33.89 14.41 -60.11
C LEU U 459 -33.04 13.59 -59.15
N ILE U 460 -31.74 13.46 -59.43
CA ILE U 460 -30.81 12.76 -58.54
C ILE U 460 -30.27 13.78 -57.52
N ASN U 461 -30.76 13.72 -56.29
CA ASN U 461 -30.28 14.60 -55.22
C ASN U 461 -29.15 13.96 -54.45
N ASN U 462 -27.93 14.21 -54.92
CA ASN U 462 -26.72 13.71 -54.25
C ASN U 462 -25.93 14.78 -53.49
N ARG U 463 -26.54 15.95 -53.28
CA ARG U 463 -25.96 17.03 -52.47
C ARG U 463 -24.63 17.54 -53.03
N GLY U 464 -24.69 18.02 -54.28
CA GLY U 464 -23.52 18.62 -54.94
C GLY U 464 -23.23 18.19 -56.37
N TYR U 465 -22.02 18.53 -56.81
CA TYR U 465 -21.51 18.26 -58.15
C TYR U 465 -20.56 17.04 -58.06
N VAL U 466 -21.10 15.82 -58.19
CA VAL U 466 -20.29 14.62 -57.88
C VAL U 466 -19.21 14.32 -58.93
N ILE U 467 -19.59 14.40 -60.20
CA ILE U 467 -18.63 14.38 -61.33
C ILE U 467 -17.45 15.36 -61.16
N GLU U 468 -17.71 16.53 -60.57
CA GLU U 468 -16.66 17.51 -60.27
C GLU U 468 -15.80 17.09 -59.09
N ILE U 469 -16.42 16.42 -58.10
CA ILE U 469 -15.69 15.88 -56.94
C ILE U 469 -14.66 14.82 -57.34
N ALA U 470 -15.00 13.97 -58.32
CA ALA U 470 -14.05 13.00 -58.88
C ALA U 470 -12.89 13.66 -59.64
N ILE U 471 -13.16 14.79 -60.30
CA ILE U 471 -12.12 15.55 -61.02
C ILE U 471 -11.20 16.27 -60.01
N HIS U 472 -11.74 17.27 -59.30
CA HIS U 472 -10.99 18.02 -58.29
C HIS U 472 -11.95 18.61 -57.25
N ASP U 473 -11.72 18.28 -55.97
CA ASP U 473 -12.67 18.59 -54.90
C ASP U 473 -12.35 19.93 -54.24
N GLY U 474 -13.41 20.63 -53.82
CA GLY U 474 -13.29 21.91 -53.11
C GLY U 474 -14.68 22.44 -52.76
N PRO U 475 -14.75 23.54 -51.98
CA PRO U 475 -16.05 24.08 -51.53
C PRO U 475 -17.03 24.47 -52.66
N TYR U 476 -16.47 24.84 -53.81
CA TYR U 476 -17.23 25.12 -55.05
C TYR U 476 -18.16 23.99 -55.56
N ASN U 477 -17.92 22.75 -55.14
CA ASN U 477 -18.76 21.59 -55.51
C ASN U 477 -20.02 21.34 -54.67
N TYR U 478 -20.26 22.13 -53.62
CA TYR U 478 -21.41 21.91 -52.70
C TYR U 478 -22.39 23.06 -52.78
N ILE U 479 -23.65 22.73 -53.04
CA ILE U 479 -24.67 23.72 -53.34
C ILE U 479 -25.70 23.77 -52.22
N LYS U 480 -26.56 24.77 -52.30
CA LYS U 480 -27.72 24.86 -51.43
C LYS U 480 -28.71 23.78 -51.85
N ASN U 481 -29.15 22.97 -50.89
CA ASN U 481 -30.21 21.99 -51.15
C ASN U 481 -31.56 22.66 -51.18
N TRP U 482 -32.43 22.19 -52.07
CA TRP U 482 -33.82 22.64 -52.16
C TRP U 482 -34.75 21.46 -51.85
N ASN U 483 -36.02 21.79 -51.69
CA ASN U 483 -37.11 20.80 -51.68
C ASN U 483 -37.58 20.62 -53.12
N TYR U 484 -36.85 19.80 -53.88
CA TYR U 484 -37.06 19.71 -55.33
C TYR U 484 -38.46 19.20 -55.62
N ALA U 485 -38.84 18.13 -54.93
CA ALA U 485 -40.22 17.58 -54.99
C ALA U 485 -41.28 18.64 -54.73
N GLY U 486 -41.05 19.47 -53.72
CA GLY U 486 -41.94 20.58 -53.38
C GLY U 486 -42.07 21.66 -54.45
N LEU U 487 -41.05 21.82 -55.27
CA LEU U 487 -41.05 22.88 -56.31
C LEU U 487 -42.23 22.81 -57.30
N ILE U 488 -42.79 21.62 -57.52
CA ILE U 488 -43.83 21.43 -58.52
C ILE U 488 -45.14 22.14 -58.14
N ASP U 489 -45.52 22.03 -56.87
CA ASP U 489 -46.72 22.73 -56.36
C ASP U 489 -46.63 24.25 -56.50
N VAL U 490 -45.42 24.78 -56.38
CA VAL U 490 -45.17 26.22 -56.58
C VAL U 490 -45.44 26.61 -58.02
N PHE U 491 -44.90 25.84 -58.96
CA PHE U 491 -45.17 26.07 -60.39
C PHE U 491 -46.63 25.76 -60.77
N ASN U 492 -47.21 24.71 -60.19
CA ASN U 492 -48.66 24.43 -60.39
C ASN U 492 -49.56 25.58 -60.03
N ASP U 493 -49.42 26.05 -58.79
CA ASP U 493 -50.34 27.04 -58.21
C ASP U 493 -51.81 26.51 -58.32
N GLU U 494 -52.67 27.13 -59.14
CA GLU U 494 -54.06 26.67 -59.33
C GLU U 494 -54.17 25.72 -60.55
N ASP U 495 -53.70 26.20 -61.71
CA ASP U 495 -53.93 25.54 -63.02
C ASP U 495 -53.22 24.19 -63.22
N GLY U 496 -52.02 24.05 -62.68
CA GLY U 496 -51.12 22.96 -63.08
C GLY U 496 -51.54 21.57 -62.68
N HIS U 497 -50.95 20.58 -63.35
CA HIS U 497 -51.14 19.15 -63.04
C HIS U 497 -49.81 18.43 -62.98
N GLY U 498 -48.75 19.14 -62.59
CA GLY U 498 -47.45 18.52 -62.35
C GLY U 498 -47.47 17.80 -61.02
N LEU U 499 -46.54 16.88 -60.81
CA LEU U 499 -46.57 16.04 -59.63
C LEU U 499 -45.17 15.86 -59.06
N GLY U 500 -44.98 16.22 -57.79
CA GLY U 500 -43.67 16.14 -57.12
C GLY U 500 -43.61 15.10 -56.03
N LEU U 501 -42.62 14.21 -56.11
CA LEU U 501 -42.51 13.05 -55.22
C LEU U 501 -41.09 12.87 -54.72
N LYS U 502 -40.94 12.45 -53.48
CA LYS U 502 -39.65 11.98 -52.97
C LYS U 502 -39.57 10.47 -53.19
N ALA U 503 -38.36 9.94 -53.10
CA ALA U 503 -38.15 8.51 -53.11
C ALA U 503 -36.76 8.22 -52.55
N SER U 504 -36.71 7.69 -51.33
CA SER U 504 -35.45 7.36 -50.65
C SER U 504 -35.21 5.85 -50.51
N THR U 505 -36.12 5.04 -51.08
CA THR U 505 -36.05 3.57 -51.02
C THR U 505 -36.51 2.97 -52.36
N GLY U 506 -36.06 1.74 -52.64
CA GLY U 506 -36.49 0.99 -53.83
C GLY U 506 -38.00 0.93 -54.04
N ALA U 507 -38.76 0.73 -52.96
CA ALA U 507 -40.23 0.65 -52.99
C ALA U 507 -40.89 1.99 -53.21
N GLU U 508 -40.39 3.04 -52.56
CA GLU U 508 -40.90 4.41 -52.78
C GLU U 508 -40.76 4.85 -54.24
N LEU U 509 -39.62 4.52 -54.86
CA LEU U 509 -39.39 4.79 -56.30
C LEU U 509 -40.41 4.04 -57.17
N GLU U 510 -40.65 2.78 -56.82
CA GLU U 510 -41.59 1.89 -57.52
C GLU U 510 -43.00 2.49 -57.55
N GLY U 511 -43.48 2.91 -56.38
CA GLY U 511 -44.79 3.56 -56.27
C GLY U 511 -44.84 4.94 -56.88
N ALA U 512 -43.72 5.66 -56.86
CA ALA U 512 -43.61 6.98 -57.50
C ALA U 512 -43.67 6.89 -59.03
N ILE U 513 -42.87 5.97 -59.60
CA ILE U 513 -42.92 5.65 -61.03
C ILE U 513 -44.37 5.43 -61.52
N LYS U 514 -45.12 4.63 -60.79
CA LYS U 514 -46.51 4.33 -61.12
C LYS U 514 -47.38 5.58 -61.25
N LYS U 515 -47.29 6.48 -60.27
CA LYS U 515 -48.06 7.74 -60.32
C LYS U 515 -47.63 8.66 -61.47
N ALA U 516 -46.36 8.55 -61.90
CA ALA U 516 -45.84 9.29 -63.06
C ALA U 516 -46.53 8.86 -64.35
N LEU U 517 -46.60 7.54 -64.58
CA LEU U 517 -47.32 6.97 -65.74
C LEU U 517 -48.80 7.40 -65.81
N ASP U 518 -49.49 7.46 -64.66
CA ASP U 518 -50.88 7.96 -64.61
C ASP U 518 -50.98 9.46 -64.92
N ASN U 519 -49.93 10.22 -64.59
CA ASN U 519 -49.90 11.64 -64.88
C ASN U 519 -49.58 11.86 -66.36
N ARG U 520 -50.58 12.32 -67.11
CA ARG U 520 -50.47 12.60 -68.53
C ARG U 520 -50.96 14.02 -68.86
N ARG U 521 -51.14 14.87 -67.85
CA ARG U 521 -51.56 16.26 -68.05
C ARG U 521 -50.51 17.27 -67.52
N GLY U 522 -49.31 16.75 -67.19
CA GLY U 522 -48.21 17.57 -66.71
C GLY U 522 -47.03 16.70 -66.31
N PRO U 523 -45.86 17.32 -66.05
CA PRO U 523 -44.65 16.58 -65.73
C PRO U 523 -44.66 15.98 -64.34
N THR U 524 -43.74 15.06 -64.09
CA THR U 524 -43.66 14.41 -62.79
C THR U 524 -42.20 14.34 -62.35
N LEU U 525 -41.87 15.12 -61.33
CA LEU U 525 -40.51 15.15 -60.78
C LEU U 525 -40.39 14.19 -59.61
N ILE U 526 -39.43 13.27 -59.71
CA ILE U 526 -39.20 12.26 -58.69
C ILE U 526 -37.80 12.47 -58.13
N GLU U 527 -37.72 13.11 -56.97
CA GLU U 527 -36.45 13.40 -56.29
C GLU U 527 -35.89 12.14 -55.67
N CYS U 528 -34.79 11.64 -56.22
CA CYS U 528 -34.14 10.44 -55.73
C CYS U 528 -33.02 10.81 -54.76
N ASN U 529 -33.26 10.56 -53.48
CA ASN U 529 -32.25 10.70 -52.45
C ASN U 529 -31.19 9.61 -52.66
N ILE U 530 -30.06 9.99 -53.27
CA ILE U 530 -28.91 9.12 -53.48
C ILE U 530 -27.76 9.69 -52.67
N ALA U 531 -26.87 8.82 -52.20
CA ALA U 531 -25.70 9.26 -51.43
C ALA U 531 -24.65 9.87 -52.35
N GLN U 532 -23.93 10.86 -51.81
CA GLN U 532 -22.81 11.52 -52.49
C GLN U 532 -21.64 10.56 -52.74
N ASP U 533 -21.45 9.63 -51.82
CA ASP U 533 -20.41 8.60 -51.92
C ASP U 533 -20.74 7.52 -52.97
N ASP U 534 -22.03 7.25 -53.16
CA ASP U 534 -22.51 6.18 -54.05
C ASP U 534 -22.73 6.69 -55.49
N CYS U 535 -21.62 6.90 -56.21
CA CYS U 535 -21.65 7.19 -57.65
C CYS U 535 -21.16 5.97 -58.40
N THR U 536 -21.28 5.99 -59.74
CA THR U 536 -20.84 4.87 -60.57
C THR U 536 -19.33 4.65 -60.47
N GLU U 537 -18.90 3.40 -60.66
CA GLU U 537 -17.48 3.06 -60.65
C GLU U 537 -16.77 3.59 -61.91
N THR U 538 -17.49 3.63 -63.03
CA THR U 538 -16.98 4.16 -64.29
C THR U 538 -16.64 5.66 -64.20
N LEU U 539 -17.44 6.43 -63.48
CA LEU U 539 -17.21 7.87 -63.28
C LEU U 539 -15.91 8.23 -62.55
N ILE U 540 -15.51 7.41 -61.58
CA ILE U 540 -14.32 7.69 -60.76
C ILE U 540 -13.02 7.53 -61.55
N ALA U 541 -12.93 6.45 -62.33
CA ALA U 541 -11.73 6.15 -63.14
C ALA U 541 -11.55 7.16 -64.29
N TRP U 542 -12.66 7.49 -64.96
CA TRP U 542 -12.71 8.53 -65.99
C TRP U 542 -12.29 9.91 -65.48
N GLY U 543 -12.75 10.25 -64.29
CA GLY U 543 -12.43 11.53 -63.66
C GLY U 543 -10.95 11.77 -63.41
N LYS U 544 -10.23 10.71 -63.02
CA LYS U 544 -8.79 10.82 -62.75
C LYS U 544 -7.94 10.97 -64.01
N ARG U 545 -8.42 10.45 -65.15
CA ARG U 545 -7.76 10.65 -66.44
C ARG U 545 -7.98 12.08 -66.96
N VAL U 546 -9.22 12.54 -66.85
CA VAL U 546 -9.58 13.91 -67.26
C VAL U 546 -8.83 14.96 -66.44
N ALA U 547 -8.71 14.75 -65.13
CA ALA U 547 -7.93 15.64 -64.25
C ALA U 547 -6.43 15.61 -64.57
N ALA U 548 -5.90 14.42 -64.88
CA ALA U 548 -4.50 14.23 -65.23
C ALA U 548 -4.13 14.83 -66.60
N THR U 549 -5.04 14.70 -67.57
CA THR U 549 -4.85 15.28 -68.91
C THR U 549 -4.94 16.80 -68.89
N ASN U 550 -6.00 17.34 -68.28
CA ASN U 550 -6.23 18.79 -68.21
C ASN U 550 -5.28 19.57 -67.30
N SER U 551 -4.62 18.89 -66.34
CA SER U 551 -3.62 19.56 -65.47
C SER U 551 -2.15 19.40 -65.92
N ARG U 552 -1.91 18.71 -67.05
CA ARG U 552 -0.55 18.45 -67.53
C ARG U 552 0.21 19.78 -67.77
N LYS U 553 1.50 19.77 -67.49
CA LYS U 553 2.27 21.01 -67.33
C LYS U 553 2.57 21.68 -68.69
N PRO U 554 2.85 23.00 -68.69
CA PRO U 554 3.27 23.66 -69.94
C PRO U 554 4.63 23.21 -70.48
N GLN U 555 4.98 23.72 -71.67
CA GLN U 555 6.29 23.46 -72.28
C GLN U 555 7.36 24.33 -71.65
N MET V 1 5.52 28.61 -52.94
CA MET V 1 4.83 28.55 -54.27
C MET V 1 3.78 29.68 -54.39
N TYR V 2 4.20 30.80 -54.97
CA TYR V 2 3.28 31.87 -55.36
C TYR V 2 2.91 31.67 -56.83
N THR V 3 1.61 31.68 -57.13
CA THR V 3 1.10 31.27 -58.45
C THR V 3 0.41 32.41 -59.21
N VAL V 4 0.13 32.14 -60.48
CA VAL V 4 -0.64 33.05 -61.36
C VAL V 4 -1.99 33.43 -60.73
N GLY V 5 -2.72 32.42 -60.24
CA GLY V 5 -4.00 32.64 -59.59
C GLY V 5 -3.92 33.56 -58.38
N MET V 6 -2.89 33.37 -57.57
CA MET V 6 -2.68 34.21 -56.38
C MET V 6 -2.36 35.65 -56.78
N TYR V 7 -1.61 35.82 -57.88
CA TYR V 7 -1.37 37.16 -58.44
C TYR V 7 -2.69 37.84 -58.73
N LEU V 8 -3.58 37.14 -59.45
CA LEU V 8 -4.91 37.68 -59.74
C LEU V 8 -5.64 37.99 -58.45
N ALA V 9 -5.63 37.05 -57.51
CA ALA V 9 -6.32 37.22 -56.23
C ALA V 9 -5.87 38.49 -55.50
N GLU V 10 -4.55 38.64 -55.36
CA GLU V 10 -3.95 39.78 -54.65
C GLU V 10 -4.29 41.11 -55.32
N ARG V 11 -4.33 41.13 -56.65
CA ARG V 11 -4.72 42.34 -57.38
C ARG V 11 -6.19 42.68 -57.17
N LEU V 12 -7.06 41.67 -57.12
CA LEU V 12 -8.48 41.89 -56.87
C LEU V 12 -8.72 42.41 -55.44
N ALA V 13 -8.01 41.85 -54.46
CA ALA V 13 -8.02 42.39 -53.09
C ALA V 13 -7.64 43.88 -53.04
N GLN V 14 -6.61 44.28 -53.81
CA GLN V 14 -6.16 45.69 -53.89
C GLN V 14 -7.16 46.70 -54.50
N ILE V 15 -8.10 46.21 -55.30
CA ILE V 15 -9.18 47.06 -55.83
C ILE V 15 -10.19 47.43 -54.73
N GLY V 16 -10.21 46.64 -53.65
CA GLY V 16 -11.24 46.75 -52.61
C GLY V 16 -12.31 45.66 -52.69
N LEU V 17 -12.04 44.60 -53.46
CA LEU V 17 -12.96 43.44 -53.51
C LEU V 17 -12.80 42.60 -52.26
N LYS V 18 -13.90 42.48 -51.51
CA LYS V 18 -14.00 41.57 -50.37
C LYS V 18 -14.59 40.21 -50.77
N HIS V 19 -15.21 40.16 -51.96
CA HIS V 19 -15.79 38.93 -52.50
C HIS V 19 -15.56 38.82 -54.02
N HIS V 20 -15.58 37.60 -54.52
CA HIS V 20 -15.76 37.34 -55.97
C HIS V 20 -16.76 36.20 -56.18
N PHE V 21 -17.38 36.18 -57.36
CA PHE V 21 -18.46 35.26 -57.67
C PHE V 21 -17.99 34.20 -58.66
N ALA V 22 -18.50 32.97 -58.51
CA ALA V 22 -17.95 31.83 -59.24
C ALA V 22 -18.99 30.75 -59.52
N VAL V 23 -18.79 30.06 -60.64
CA VAL V 23 -19.41 28.77 -60.92
C VAL V 23 -18.29 27.85 -61.36
N ALA V 24 -18.18 26.70 -60.72
CA ALA V 24 -17.09 25.77 -60.98
C ALA V 24 -17.26 25.05 -62.31
N GLY V 25 -16.14 24.74 -62.95
CA GLY V 25 -16.06 23.85 -64.11
C GLY V 25 -14.62 23.37 -64.23
N ASP V 26 -14.38 22.22 -64.84
CA ASP V 26 -13.02 21.63 -64.78
C ASP V 26 -11.91 22.56 -65.30
N TYR V 27 -12.25 23.43 -66.27
CA TYR V 27 -11.30 24.43 -66.78
C TYR V 27 -10.88 25.51 -65.76
N ASN V 28 -11.66 25.73 -64.69
CA ASN V 28 -11.31 26.75 -63.68
C ASN V 28 -11.07 26.27 -62.22
N LEU V 29 -11.08 24.95 -61.97
CA LEU V 29 -11.00 24.45 -60.58
C LEU V 29 -9.66 24.73 -59.91
N VAL V 30 -8.57 24.61 -60.67
CA VAL V 30 -7.24 24.94 -60.14
C VAL V 30 -7.12 26.44 -59.90
N LEU V 31 -7.78 27.25 -60.75
CA LEU V 31 -7.82 28.69 -60.54
C LEU V 31 -8.61 29.07 -59.29
N LEU V 32 -9.75 28.41 -59.10
CA LEU V 32 -10.59 28.69 -57.93
C LEU V 32 -9.84 28.38 -56.63
N ASP V 33 -9.12 27.25 -56.59
CA ASP V 33 -8.22 26.92 -55.46
C ASP V 33 -7.27 28.07 -55.10
N GLN V 34 -6.60 28.64 -56.10
CA GLN V 34 -5.61 29.70 -55.85
C GLN V 34 -6.26 30.96 -55.30
N LEU V 35 -7.47 31.26 -55.75
CA LEU V 35 -8.27 32.37 -55.22
C LEU V 35 -8.75 32.14 -53.78
N LEU V 36 -9.04 30.89 -53.42
CA LEU V 36 -9.41 30.51 -52.03
C LEU V 36 -8.25 30.67 -51.04
N LEU V 37 -7.01 30.55 -51.49
CA LEU V 37 -5.82 30.78 -50.66
C LEU V 37 -5.60 32.25 -50.27
N ASN V 38 -6.27 33.18 -50.95
CA ASN V 38 -6.22 34.60 -50.58
C ASN V 38 -7.06 34.89 -49.35
N LYS V 39 -6.47 35.58 -48.38
CA LYS V 39 -7.05 35.76 -47.06
C LYS V 39 -8.20 36.77 -47.09
N ASP V 40 -8.05 37.79 -47.94
CA ASP V 40 -8.90 38.98 -47.87
C ASP V 40 -10.24 38.86 -48.63
N MET V 41 -10.47 37.75 -49.32
CA MET V 41 -11.71 37.55 -50.10
C MET V 41 -12.46 36.25 -49.74
N GLU V 42 -13.79 36.30 -49.89
N GLU V 42 -13.78 36.27 -49.95
CA GLU V 42 -14.65 35.10 -49.83
CA GLU V 42 -14.61 35.08 -49.82
C GLU V 42 -15.08 34.73 -51.26
C GLU V 42 -15.20 34.73 -51.19
N GLN V 43 -15.17 33.44 -51.55
CA GLN V 43 -15.66 32.96 -52.84
C GLN V 43 -17.16 32.61 -52.77
N VAL V 44 -17.99 33.45 -53.38
CA VAL V 44 -19.44 33.25 -53.39
C VAL V 44 -19.86 32.42 -54.62
N TYR V 45 -20.64 31.35 -54.39
CA TYR V 45 -21.07 30.48 -55.50
C TYR V 45 -22.45 30.88 -56.00
N CYS V 46 -22.70 30.59 -57.26
CA CYS V 46 -23.94 30.98 -57.95
C CYS V 46 -24.56 29.78 -58.65
N CYS V 47 -25.86 29.88 -58.92
CA CYS V 47 -26.61 28.79 -59.55
C CYS V 47 -26.22 28.63 -61.02
N ASN V 48 -26.28 29.73 -61.77
CA ASN V 48 -25.86 29.76 -63.17
C ASN V 48 -25.01 30.98 -63.50
N GLU V 49 -24.37 30.94 -64.67
CA GLU V 49 -23.36 31.94 -65.00
C GLU V 49 -23.92 33.29 -65.42
N LEU V 50 -25.17 33.33 -65.90
CA LEU V 50 -25.84 34.61 -66.16
C LEU V 50 -26.09 35.36 -64.84
N ASN V 51 -26.61 34.65 -63.84
CA ASN V 51 -26.85 35.23 -62.51
C ASN V 51 -25.52 35.58 -61.82
N CYS V 52 -24.50 34.76 -62.05
CA CYS V 52 -23.17 34.99 -61.52
C CYS V 52 -22.56 36.31 -62.02
N GLY V 53 -22.76 36.60 -63.31
CA GLY V 53 -22.32 37.86 -63.91
C GLY V 53 -23.11 39.05 -63.38
N PHE V 54 -24.42 38.89 -63.30
CA PHE V 54 -25.28 39.96 -62.77
C PHE V 54 -25.11 40.16 -61.25
N SER V 55 -24.71 39.11 -60.53
CA SER V 55 -24.32 39.25 -59.13
C SER V 55 -23.10 40.16 -59.01
N ALA V 56 -22.07 39.87 -59.79
CA ALA V 56 -20.87 40.72 -59.86
C ALA V 56 -21.23 42.15 -60.25
N GLU V 57 -22.14 42.29 -61.20
CA GLU V 57 -22.61 43.60 -61.63
C GLU V 57 -23.18 44.41 -60.46
N GLY V 58 -23.99 43.77 -59.62
CA GLY V 58 -24.56 44.41 -58.43
C GLY V 58 -23.52 44.76 -57.38
N TYR V 59 -22.59 43.84 -57.17
CA TYR V 59 -21.45 44.03 -56.27
C TYR V 59 -20.61 45.24 -56.65
N ALA V 60 -20.44 45.47 -57.96
CA ALA V 60 -19.76 46.64 -58.48
C ALA V 60 -20.50 47.95 -58.22
N ARG V 61 -21.83 47.90 -58.16
CA ARG V 61 -22.64 49.07 -57.75
C ARG V 61 -22.44 49.44 -56.27
N ALA V 62 -22.03 48.46 -55.45
CA ALA V 62 -21.72 48.66 -54.05
C ALA V 62 -20.26 49.08 -53.82
N ARG V 63 -19.33 48.28 -54.36
CA ARG V 63 -17.89 48.40 -54.10
C ARG V 63 -17.07 49.13 -55.19
N GLY V 64 -17.69 49.51 -56.30
CA GLY V 64 -16.96 50.16 -57.41
C GLY V 64 -16.41 49.21 -58.47
N ALA V 65 -16.15 47.95 -58.13
CA ALA V 65 -15.75 46.93 -59.10
C ALA V 65 -16.14 45.53 -58.62
N ALA V 66 -15.93 44.52 -59.47
CA ALA V 66 -16.25 43.13 -59.12
C ALA V 66 -15.57 42.14 -60.04
N ALA V 67 -15.61 40.87 -59.64
CA ALA V 67 -15.05 39.77 -60.41
C ALA V 67 -15.99 38.56 -60.43
N ALA V 68 -16.10 37.94 -61.61
CA ALA V 68 -16.87 36.73 -61.82
C ALA V 68 -15.99 35.68 -62.50
N ILE V 69 -15.96 34.46 -61.99
CA ILE V 69 -15.13 33.38 -62.52
C ILE V 69 -16.05 32.28 -63.07
N VAL V 70 -15.83 31.89 -64.33
CA VAL V 70 -16.68 30.91 -65.03
C VAL V 70 -15.82 29.92 -65.82
N THR V 71 -16.46 28.89 -66.38
CA THR V 71 -15.77 27.93 -67.23
C THR V 71 -15.89 28.29 -68.73
N PHE V 72 -15.07 27.63 -69.53
CA PHE V 72 -14.93 27.93 -70.97
C PHE V 72 -16.22 27.63 -71.75
N SER V 73 -16.71 28.64 -72.49
CA SER V 73 -17.86 28.58 -73.40
C SER V 73 -19.22 28.43 -72.73
N VAL V 74 -19.43 27.28 -72.08
CA VAL V 74 -20.73 27.00 -71.45
C VAL V 74 -21.03 27.99 -70.33
N GLY V 75 -20.01 28.36 -69.56
CA GLY V 75 -20.13 29.44 -68.59
C GLY V 75 -20.12 30.80 -69.26
N ALA V 76 -19.00 31.08 -69.94
CA ALA V 76 -18.67 32.44 -70.37
C ALA V 76 -19.69 33.10 -71.28
N ILE V 77 -20.31 32.36 -72.19
CA ILE V 77 -21.24 32.99 -73.15
C ILE V 77 -22.49 33.56 -72.48
N SER V 78 -23.03 32.85 -71.50
CA SER V 78 -24.15 33.39 -70.69
C SER V 78 -23.70 34.66 -69.98
N ALA V 79 -22.55 34.57 -69.30
CA ALA V 79 -21.96 35.70 -68.60
C ALA V 79 -21.74 36.94 -69.48
N MET V 80 -21.42 36.74 -70.77
CA MET V 80 -21.27 37.85 -71.74
C MET V 80 -22.51 38.74 -71.84
N ASN V 81 -23.68 38.18 -71.56
CA ASN V 81 -24.89 38.98 -71.45
C ASN V 81 -24.77 39.99 -70.30
N ALA V 82 -24.39 39.50 -69.13
CA ALA V 82 -24.17 40.33 -67.94
C ALA V 82 -23.01 41.31 -68.15
N ILE V 83 -21.96 40.85 -68.81
CA ILE V 83 -20.83 41.70 -69.15
C ILE V 83 -21.26 42.82 -70.11
N GLY V 84 -22.09 42.48 -71.09
CA GLY V 84 -22.73 43.48 -71.96
C GLY V 84 -23.50 44.49 -71.14
N GLY V 85 -24.23 44.00 -70.14
CA GLY V 85 -24.92 44.86 -69.19
C GLY V 85 -24.01 45.76 -68.37
N ALA V 86 -22.90 45.22 -67.89
CA ALA V 86 -21.90 46.02 -67.18
C ALA V 86 -21.34 47.13 -68.07
N TYR V 87 -21.09 46.82 -69.35
CA TYR V 87 -20.66 47.83 -70.31
C TYR V 87 -21.68 48.93 -70.49
N ALA V 88 -22.94 48.54 -70.63
CA ALA V 88 -24.06 49.49 -70.80
C ALA V 88 -24.28 50.41 -69.58
N GLU V 89 -24.05 49.85 -68.39
CA GLU V 89 -24.26 50.57 -67.12
C GLU V 89 -22.97 51.12 -66.50
N ASN V 90 -21.84 50.97 -67.20
CA ASN V 90 -20.58 51.63 -66.87
C ASN V 90 -19.92 51.14 -65.58
N LEU V 91 -19.88 49.83 -65.40
CA LEU V 91 -19.40 49.20 -64.18
C LEU V 91 -18.22 48.31 -64.54
N PRO V 92 -17.08 48.46 -63.81
CA PRO V 92 -15.92 47.61 -64.10
C PRO V 92 -16.02 46.23 -63.45
N VAL V 93 -16.66 45.32 -64.17
CA VAL V 93 -16.74 43.93 -63.79
C VAL V 93 -15.66 43.18 -64.57
N ILE V 94 -14.89 42.36 -63.88
CA ILE V 94 -13.88 41.53 -64.52
C ILE V 94 -14.43 40.10 -64.66
N LEU V 95 -14.56 39.62 -65.91
CA LEU V 95 -14.92 38.23 -66.19
C LEU V 95 -13.65 37.43 -66.40
N ILE V 96 -13.41 36.44 -65.56
CA ILE V 96 -12.27 35.55 -65.73
C ILE V 96 -12.79 34.16 -66.10
N SER V 97 -12.39 33.63 -67.25
CA SER V 97 -12.78 32.29 -67.67
C SER V 97 -11.60 31.34 -67.61
N GLY V 98 -11.87 30.10 -67.23
CA GLY V 98 -10.91 29.02 -67.46
C GLY V 98 -10.85 28.76 -68.95
N SER V 99 -9.68 28.44 -69.47
CA SER V 99 -9.52 28.14 -70.89
C SER V 99 -8.65 26.90 -71.07
N PRO V 100 -8.57 26.36 -72.28
CA PRO V 100 -7.94 25.05 -72.41
C PRO V 100 -6.45 24.94 -72.06
N ASN V 101 -6.01 23.71 -71.88
CA ASN V 101 -4.61 23.38 -71.60
C ASN V 101 -3.71 23.92 -72.71
N THR V 102 -2.57 24.49 -72.35
CA THR V 102 -1.65 25.12 -73.32
C THR V 102 -1.14 24.16 -74.41
N ASN V 103 -0.99 22.88 -74.06
CA ASN V 103 -0.50 21.87 -75.01
C ASN V 103 -1.50 21.48 -76.10
N ASP V 104 -2.78 21.85 -75.92
CA ASP V 104 -3.79 21.64 -76.97
C ASP V 104 -3.74 22.66 -78.12
N TYR V 105 -3.07 23.80 -77.90
CA TYR V 105 -2.94 24.82 -78.94
C TYR V 105 -2.01 24.31 -80.07
N GLY V 106 -2.46 24.44 -81.32
CA GLY V 106 -1.68 24.00 -82.48
C GLY V 106 -1.57 22.49 -82.70
N THR V 107 -2.58 21.74 -82.24
CA THR V 107 -2.61 20.29 -82.33
C THR V 107 -3.69 19.74 -83.24
N GLY V 108 -4.79 20.46 -83.38
CA GLY V 108 -5.99 19.96 -84.02
C GLY V 108 -6.97 19.25 -83.09
N HIS V 109 -6.68 19.19 -81.80
CA HIS V 109 -7.56 18.50 -80.83
C HIS V 109 -8.95 19.16 -80.71
N ILE V 110 -9.99 18.33 -80.67
CA ILE V 110 -11.37 18.75 -80.40
C ILE V 110 -11.57 18.65 -78.89
N LEU V 111 -12.09 19.71 -78.26
CA LEU V 111 -12.19 19.81 -76.80
C LEU V 111 -13.62 19.97 -76.29
N HIS V 112 -13.90 19.39 -75.12
CA HIS V 112 -15.22 19.52 -74.49
C HIS V 112 -15.54 20.99 -74.15
N HIS V 113 -16.83 21.32 -74.17
CA HIS V 113 -17.32 22.71 -74.06
C HIS V 113 -16.80 23.61 -75.19
N THR V 114 -16.66 23.06 -76.40
CA THR V 114 -16.40 23.89 -77.57
C THR V 114 -17.38 23.51 -78.65
N ILE V 115 -17.42 24.34 -79.69
CA ILE V 115 -18.30 24.07 -80.83
C ILE V 115 -17.84 22.90 -81.74
N GLY V 116 -16.66 22.34 -81.47
CA GLY V 116 -16.20 21.12 -82.15
C GLY V 116 -15.14 21.36 -83.23
N THR V 117 -14.66 22.60 -83.34
CA THR V 117 -13.62 22.97 -84.28
C THR V 117 -12.26 23.11 -83.57
N THR V 118 -11.23 23.40 -84.34
CA THR V 118 -9.89 23.65 -83.79
C THR V 118 -9.70 25.09 -83.31
N ASP V 119 -10.70 25.95 -83.56
CA ASP V 119 -10.71 27.33 -83.06
C ASP V 119 -11.02 27.34 -81.56
N TYR V 120 -10.02 27.67 -80.74
CA TYR V 120 -10.25 27.94 -79.32
C TYR V 120 -10.35 29.45 -79.03
N ASN V 121 -10.23 30.29 -80.07
CA ASN V 121 -10.16 31.74 -79.93
C ASN V 121 -11.50 32.45 -80.07
N TYR V 122 -12.56 31.73 -80.47
CA TYR V 122 -13.86 32.35 -80.70
C TYR V 122 -14.45 33.04 -79.48
N GLN V 123 -14.22 32.51 -78.27
CA GLN V 123 -14.75 33.12 -77.06
C GLN V 123 -14.19 34.53 -76.88
N LEU V 124 -12.87 34.62 -76.91
CA LEU V 124 -12.16 35.89 -76.86
C LEU V 124 -12.60 36.86 -77.96
N GLU V 125 -12.77 36.37 -79.18
CA GLU V 125 -13.24 37.22 -80.27
C GLU V 125 -14.66 37.73 -80.02
N MET V 126 -15.51 36.91 -79.42
CA MET V 126 -16.89 37.34 -79.09
C MET V 126 -16.90 38.39 -77.98
N VAL V 127 -16.17 38.11 -76.91
CA VAL V 127 -16.22 38.96 -75.71
C VAL V 127 -15.61 40.33 -75.94
N LYS V 128 -14.69 40.45 -76.91
CA LYS V 128 -14.15 41.76 -77.33
C LYS V 128 -15.19 42.81 -77.69
N HIS V 129 -16.34 42.39 -78.22
CA HIS V 129 -17.40 43.34 -78.61
C HIS V 129 -18.17 43.96 -77.43
N VAL V 130 -18.01 43.41 -76.24
CA VAL V 130 -18.71 43.88 -75.03
C VAL V 130 -17.75 44.21 -73.87
N THR V 131 -16.49 44.46 -74.19
CA THR V 131 -15.48 44.79 -73.18
C THR V 131 -14.54 45.89 -73.66
N CYS V 132 -13.87 46.54 -72.71
CA CYS V 132 -12.83 47.55 -72.98
C CYS V 132 -11.44 46.95 -73.10
N ALA V 133 -11.25 45.76 -72.53
CA ALA V 133 -10.00 45.05 -72.63
C ALA V 133 -10.26 43.57 -72.48
N ALA V 134 -9.46 42.78 -73.18
CA ALA V 134 -9.68 41.34 -73.24
C ALA V 134 -8.38 40.66 -73.56
N GLU V 135 -7.92 39.79 -72.68
CA GLU V 135 -6.64 39.13 -72.85
C GLU V 135 -6.72 37.67 -72.50
N SER V 136 -5.77 36.91 -73.05
CA SER V 136 -5.67 35.48 -72.90
C SER V 136 -4.28 35.19 -72.33
N ILE V 137 -4.22 34.32 -71.33
CA ILE V 137 -2.98 34.03 -70.63
C ILE V 137 -2.60 32.56 -70.85
N VAL V 138 -1.49 32.34 -71.55
CA VAL V 138 -0.97 30.99 -71.76
C VAL V 138 0.43 30.79 -71.14
N SER V 139 0.95 31.78 -70.40
CA SER V 139 2.20 31.61 -69.66
C SER V 139 2.24 32.44 -68.39
N ALA V 140 2.94 31.91 -67.38
CA ALA V 140 3.25 32.63 -66.15
C ALA V 140 3.99 33.95 -66.40
N GLU V 141 4.90 33.93 -67.36
CA GLU V 141 5.70 35.11 -67.72
C GLU V 141 4.82 36.31 -68.11
N GLU V 142 3.83 36.06 -68.97
CA GLU V 142 2.94 37.13 -69.47
C GLU V 142 1.76 37.49 -68.53
N ALA V 143 1.44 36.63 -67.57
CA ALA V 143 0.25 36.81 -66.72
C ALA V 143 0.17 38.17 -66.01
N PRO V 144 1.26 38.58 -65.30
CA PRO V 144 1.22 39.88 -64.61
C PRO V 144 0.79 41.07 -65.48
N ALA V 145 1.40 41.20 -66.66
CA ALA V 145 1.11 42.32 -67.57
C ALA V 145 -0.35 42.36 -68.02
N LYS V 146 -0.89 41.18 -68.33
CA LYS V 146 -2.26 41.07 -68.82
C LYS V 146 -3.29 41.23 -67.72
N ILE V 147 -3.04 40.63 -66.55
CA ILE V 147 -3.92 40.82 -65.39
C ILE V 147 -4.06 42.30 -65.05
N ASP V 148 -2.92 42.97 -64.91
CA ASP V 148 -2.93 44.38 -64.57
C ASP V 148 -3.48 45.26 -65.68
N HIS V 149 -3.26 44.87 -66.93
CA HIS V 149 -3.81 45.64 -68.05
C HIS V 149 -5.34 45.63 -68.06
N VAL V 150 -5.95 44.45 -67.84
CA VAL V 150 -7.41 44.37 -67.86
C VAL V 150 -8.06 45.12 -66.67
N ILE V 151 -7.45 44.99 -65.49
CA ILE V 151 -8.01 45.63 -64.29
C ILE V 151 -7.89 47.15 -64.39
N ARG V 152 -6.68 47.63 -64.69
CA ARG V 152 -6.41 49.07 -64.83
C ARG V 152 -7.36 49.75 -65.80
N THR V 153 -7.43 49.20 -67.00
CA THR V 153 -8.31 49.71 -68.07
C THR V 153 -9.76 49.74 -67.62
N ALA V 154 -10.24 48.65 -67.04
CA ALA V 154 -11.62 48.58 -66.55
C ALA V 154 -11.93 49.69 -65.55
N LEU V 155 -11.06 49.84 -64.54
CA LEU V 155 -11.25 50.87 -63.51
C LEU V 155 -11.29 52.29 -64.09
N ARG V 156 -10.38 52.61 -65.02
CA ARG V 156 -10.30 53.96 -65.59
C ARG V 156 -11.43 54.26 -66.56
N GLU V 157 -11.67 53.34 -67.49
CA GLU V 157 -12.75 53.52 -68.47
C GLU V 157 -14.16 53.27 -67.91
N ARG V 158 -14.25 52.65 -66.72
CA ARG V 158 -15.54 52.32 -66.10
C ARG V 158 -16.34 51.42 -67.04
N LYS V 159 -15.69 50.33 -67.46
CA LYS V 159 -16.25 49.37 -68.37
C LYS V 159 -15.71 48.02 -67.96
N PRO V 160 -16.43 46.92 -68.30
CA PRO V 160 -15.94 45.60 -67.96
C PRO V 160 -14.77 45.11 -68.85
N ALA V 161 -14.06 44.12 -68.34
CA ALA V 161 -12.93 43.52 -69.06
C ALA V 161 -12.94 42.01 -68.88
N TYR V 162 -12.12 41.33 -69.66
CA TYR V 162 -12.14 39.89 -69.74
C TYR V 162 -10.73 39.33 -69.64
N LEU V 163 -10.59 38.23 -68.92
CA LEU V 163 -9.36 37.46 -68.85
C LEU V 163 -9.68 36.02 -69.07
N GLU V 164 -8.89 35.31 -69.87
CA GLU V 164 -8.91 33.86 -69.83
C GLU V 164 -7.55 33.35 -69.38
N ILE V 165 -7.56 32.26 -68.62
CA ILE V 165 -6.35 31.68 -68.07
C ILE V 165 -6.40 30.19 -68.35
N ALA V 166 -5.40 29.69 -69.08
CA ALA V 166 -5.25 28.27 -69.32
C ALA V 166 -5.29 27.54 -67.99
N CYS V 167 -6.05 26.44 -67.95
CA CYS V 167 -6.28 25.64 -66.72
C CYS V 167 -5.02 25.01 -66.10
N ASN V 168 -3.97 24.88 -66.88
CA ASN V 168 -2.66 24.41 -66.42
C ASN V 168 -1.64 25.53 -66.15
N VAL V 169 -2.07 26.79 -66.29
CA VAL V 169 -1.26 27.96 -66.00
C VAL V 169 -1.69 28.64 -64.68
N ALA V 170 -2.95 28.48 -64.28
CA ALA V 170 -3.47 29.12 -63.06
C ALA V 170 -2.62 28.84 -61.79
N GLY V 171 -2.15 27.61 -61.64
CA GLY V 171 -1.31 27.20 -60.50
C GLY V 171 0.15 27.00 -60.82
N ALA V 172 0.72 27.89 -61.63
CA ALA V 172 2.14 27.83 -62.04
C ALA V 172 2.90 28.99 -61.40
N GLU V 173 4.15 28.73 -61.01
CA GLU V 173 4.99 29.72 -60.32
C GLU V 173 4.99 31.05 -61.10
N CYS V 174 4.72 32.12 -60.37
CA CYS V 174 4.58 33.45 -60.93
C CYS V 174 5.31 34.43 -60.02
N VAL V 175 5.73 35.57 -60.60
CA VAL V 175 6.34 36.64 -59.81
C VAL V 175 5.28 37.32 -58.96
N ARG V 176 5.69 37.97 -57.87
CA ARG V 176 4.76 38.63 -56.96
C ARG V 176 4.47 40.06 -57.42
N PRO V 177 3.29 40.59 -57.09
CA PRO V 177 3.01 42.01 -57.37
C PRO V 177 3.63 42.93 -56.33
N GLY V 178 4.05 44.11 -56.77
CA GLY V 178 4.55 45.14 -55.86
C GLY V 178 3.39 45.87 -55.21
N PRO V 179 3.67 46.61 -54.11
CA PRO V 179 2.64 47.37 -53.40
C PRO V 179 2.17 48.60 -54.17
N ILE V 180 0.98 49.10 -53.83
CA ILE V 180 0.37 50.23 -54.55
C ILE V 180 -0.48 51.13 -53.66
N ASN V 181 -0.76 52.33 -54.16
CA ASN V 181 -1.67 53.30 -53.57
C ASN V 181 -3.10 53.02 -54.05
N SER V 182 -3.24 52.88 -55.36
CA SER V 182 -4.53 52.53 -55.99
C SER V 182 -4.32 52.00 -57.41
N LEU V 183 -5.08 50.97 -57.80
CA LEU V 183 -5.08 50.51 -59.20
C LEU V 183 -5.80 51.48 -60.14
N LEU V 184 -6.60 52.40 -59.61
CA LEU V 184 -7.17 53.50 -60.41
C LEU V 184 -6.15 54.64 -60.56
N ARG V 185 -5.78 54.96 -61.82
CA ARG V 185 -4.99 56.15 -62.17
C ARG V 185 -5.67 56.88 -63.31
N GLU V 186 -6.04 58.14 -63.10
CA GLU V 186 -6.71 58.94 -64.12
C GLU V 186 -5.68 59.46 -65.11
N LEU V 187 -6.14 59.89 -66.28
CA LEU V 187 -5.31 60.63 -67.22
C LEU V 187 -5.00 62.00 -66.61
N GLU V 188 -3.78 62.49 -66.81
CA GLU V 188 -3.42 63.84 -66.37
C GLU V 188 -4.25 64.85 -67.14
N VAL V 189 -4.77 65.84 -66.43
CA VAL V 189 -5.65 66.85 -67.01
C VAL V 189 -4.81 67.88 -67.77
N ASP V 190 -5.42 68.45 -68.80
CA ASP V 190 -4.84 69.54 -69.57
C ASP V 190 -5.34 70.88 -68.99
N GLN V 191 -4.44 71.63 -68.36
CA GLN V 191 -4.81 72.85 -67.63
C GLN V 191 -5.34 73.97 -68.53
N THR V 192 -4.72 74.14 -69.70
CA THR V 192 -5.14 75.15 -70.67
C THR V 192 -6.60 74.95 -71.10
N SER V 193 -6.99 73.69 -71.30
CA SER V 193 -8.35 73.36 -71.72
C SER V 193 -9.39 73.73 -70.66
N VAL V 194 -9.11 73.35 -69.41
CA VAL V 194 -10.04 73.62 -68.29
C VAL V 194 -10.28 75.13 -68.15
N THR V 195 -9.18 75.88 -68.03
CA THR V 195 -9.22 77.34 -67.91
C THR V 195 -10.04 77.95 -69.04
N ALA V 196 -9.68 77.62 -70.28
CA ALA V 196 -10.38 78.15 -71.47
C ALA V 196 -11.85 77.78 -71.52
N ALA V 197 -12.16 76.57 -71.06
CA ALA V 197 -13.54 76.11 -70.95
C ALA V 197 -14.33 76.88 -69.90
N VAL V 198 -13.71 77.04 -68.72
CA VAL V 198 -14.33 77.78 -67.59
C VAL V 198 -14.62 79.25 -67.94
N ASP V 199 -13.64 79.94 -68.54
CA ASP V 199 -13.80 81.33 -68.96
C ASP V 199 -14.87 81.49 -70.05
N ALA V 200 -14.85 80.61 -71.04
CA ALA V 200 -15.89 80.58 -72.08
C ALA V 200 -17.27 80.21 -71.51
N ALA V 201 -17.28 79.35 -70.49
CA ALA V 201 -18.52 78.98 -69.79
C ALA V 201 -19.14 80.14 -68.98
N VAL V 202 -18.30 80.95 -68.35
CA VAL V 202 -18.76 82.15 -67.61
C VAL V 202 -19.40 83.18 -68.56
N GLU V 203 -18.71 83.51 -69.65
CA GLU V 203 -19.21 84.46 -70.65
C GLU V 203 -20.49 83.96 -71.35
N TRP V 204 -20.58 82.64 -71.54
CA TRP V 204 -21.80 81.99 -72.05
C TRP V 204 -22.98 82.23 -71.09
N LEU V 205 -22.73 82.10 -69.79
CA LEU V 205 -23.77 82.29 -68.76
C LEU V 205 -24.26 83.75 -68.57
N GLN V 206 -23.41 84.73 -68.90
CA GLN V 206 -23.69 86.17 -68.64
C GLN V 206 -25.14 86.60 -68.91
N ASP V 207 -25.58 86.50 -70.16
CA ASP V 207 -26.93 86.93 -70.57
C ASP V 207 -28.00 85.84 -70.46
N ARG V 208 -27.72 84.78 -69.70
CA ARG V 208 -28.65 83.66 -69.52
C ARG V 208 -29.19 83.64 -68.08
N GLN V 209 -30.47 83.98 -67.94
CA GLN V 209 -31.10 84.11 -66.62
C GLN V 209 -31.48 82.75 -66.03
N ASN V 210 -32.39 82.06 -66.71
CA ASN V 210 -32.96 80.81 -66.20
C ASN V 210 -32.07 79.58 -66.49
N VAL V 211 -31.19 79.30 -65.54
CA VAL V 211 -30.24 78.19 -65.62
C VAL V 211 -30.82 76.97 -64.89
N VAL V 212 -30.63 75.78 -65.48
CA VAL V 212 -31.06 74.50 -64.89
C VAL V 212 -29.95 73.45 -65.07
N MET V 213 -29.74 72.64 -64.03
CA MET V 213 -28.85 71.47 -64.13
C MET V 213 -29.69 70.23 -64.41
N LEU V 214 -29.23 69.41 -65.36
CA LEU V 214 -29.84 68.11 -65.66
C LEU V 214 -28.82 67.03 -65.36
N VAL V 215 -29.04 66.28 -64.29
CA VAL V 215 -28.10 65.23 -63.86
C VAL V 215 -28.37 63.98 -64.69
N GLY V 216 -27.31 63.45 -65.30
CA GLY V 216 -27.39 62.30 -66.20
C GLY V 216 -26.89 61.02 -65.55
N SER V 217 -27.15 59.91 -66.23
CA SER V 217 -26.91 58.57 -65.67
C SER V 217 -25.44 58.14 -65.65
N LYS V 218 -24.54 58.91 -66.27
CA LYS V 218 -23.10 58.67 -66.18
C LYS V 218 -22.37 59.48 -65.07
N LEU V 219 -23.11 60.15 -64.19
CA LEU V 219 -22.50 60.96 -63.13
C LEU V 219 -21.61 60.16 -62.17
N ARG V 220 -22.07 58.99 -61.75
CA ARG V 220 -21.29 58.11 -60.85
C ARG V 220 -20.07 57.51 -61.56
N ALA V 221 -20.20 57.20 -62.85
CA ALA V 221 -19.07 56.76 -63.68
C ALA V 221 -17.97 57.82 -63.73
N ALA V 222 -18.38 59.08 -63.88
CA ALA V 222 -17.47 60.23 -63.82
C ALA V 222 -16.84 60.53 -62.43
N ALA V 223 -17.37 59.89 -61.38
CA ALA V 223 -16.95 60.10 -59.98
C ALA V 223 -17.09 61.56 -59.55
N ALA V 224 -18.20 62.16 -59.98
CA ALA V 224 -18.44 63.61 -59.88
C ALA V 224 -19.74 63.96 -59.16
N GLU V 225 -20.15 63.11 -58.22
CA GLU V 225 -21.35 63.35 -57.42
C GLU V 225 -21.17 64.56 -56.49
N LYS V 226 -19.99 64.64 -55.84
CA LYS V 226 -19.69 65.70 -54.87
C LYS V 226 -19.49 67.05 -55.57
N GLN V 227 -18.79 67.03 -56.70
CA GLN V 227 -18.53 68.23 -57.51
C GLN V 227 -19.78 68.76 -58.22
N ALA V 228 -20.79 67.90 -58.41
CA ALA V 228 -22.10 68.31 -58.92
C ALA V 228 -22.90 69.09 -57.88
N VAL V 229 -22.73 68.73 -56.60
CA VAL V 229 -23.38 69.45 -55.49
C VAL V 229 -22.73 70.82 -55.28
N ALA V 230 -21.39 70.86 -55.26
CA ALA V 230 -20.64 72.11 -55.16
C ALA V 230 -21.07 73.12 -56.24
N LEU V 231 -21.21 72.63 -57.47
CA LEU V 231 -21.63 73.46 -58.60
C LEU V 231 -23.08 73.94 -58.48
N ALA V 232 -23.96 73.12 -57.91
CA ALA V 232 -25.37 73.51 -57.69
C ALA V 232 -25.53 74.53 -56.56
N ASP V 233 -24.69 74.44 -55.53
CA ASP V 233 -24.67 75.39 -54.42
C ASP V 233 -24.22 76.77 -54.87
N ARG V 234 -23.15 76.79 -55.66
CA ARG V 234 -22.57 78.03 -56.19
C ARG V 234 -23.45 78.70 -57.25
N LEU V 235 -24.10 77.90 -58.10
CA LEU V 235 -25.04 78.43 -59.10
C LEU V 235 -26.35 78.85 -58.47
N GLY V 236 -26.79 78.11 -57.46
CA GLY V 236 -28.10 78.33 -56.83
C GLY V 236 -29.31 78.01 -57.70
N CYS V 237 -29.08 77.36 -58.85
CA CYS V 237 -30.14 77.10 -59.82
C CYS V 237 -30.90 75.83 -59.47
N ALA V 238 -32.02 75.63 -60.16
CA ALA V 238 -32.80 74.40 -60.04
C ALA V 238 -32.00 73.20 -60.55
N VAL V 239 -32.22 72.03 -59.93
CA VAL V 239 -31.51 70.80 -60.30
C VAL V 239 -32.51 69.68 -60.57
N THR V 240 -32.46 69.13 -61.77
CA THR V 240 -33.31 68.00 -62.18
C THR V 240 -32.47 66.76 -62.46
N ILE V 241 -33.13 65.60 -62.41
CA ILE V 241 -32.52 64.32 -62.78
C ILE V 241 -33.20 63.76 -64.04
N MET V 242 -32.44 63.00 -64.82
CA MET V 242 -33.02 62.06 -65.80
C MET V 242 -33.33 60.79 -65.04
N ALA V 243 -34.28 60.01 -65.55
CA ALA V 243 -34.79 58.81 -64.86
C ALA V 243 -33.71 57.81 -64.40
N ALA V 244 -32.71 57.58 -65.24
CA ALA V 244 -31.63 56.65 -64.92
C ALA V 244 -30.60 57.20 -63.91
N ALA V 245 -30.67 58.51 -63.62
CA ALA V 245 -29.73 59.15 -62.69
C ALA V 245 -30.19 59.20 -61.22
N LYS V 246 -31.20 58.41 -60.86
CA LYS V 246 -31.80 58.51 -59.53
C LYS V 246 -30.84 58.10 -58.41
N GLY V 247 -30.78 58.92 -57.37
CA GLY V 247 -29.83 58.73 -56.26
C GLY V 247 -28.42 59.28 -56.46
N PHE V 248 -28.12 59.80 -57.66
CA PHE V 248 -26.83 60.41 -57.96
C PHE V 248 -26.78 61.89 -57.60
N PHE V 249 -27.95 62.51 -57.40
CA PHE V 249 -28.06 63.84 -56.80
C PHE V 249 -29.08 63.80 -55.65
N PRO V 250 -28.73 64.39 -54.47
CA PRO V 250 -29.65 64.31 -53.33
C PRO V 250 -30.96 65.07 -53.59
N GLU V 251 -32.07 64.45 -53.22
CA GLU V 251 -33.41 65.02 -53.43
C GLU V 251 -33.86 65.88 -52.23
N ASP V 252 -33.18 65.71 -51.08
CA ASP V 252 -33.24 66.65 -49.95
C ASP V 252 -33.04 68.11 -50.34
N HIS V 253 -32.02 68.35 -51.16
CA HIS V 253 -31.60 69.69 -51.59
C HIS V 253 -32.77 70.68 -51.79
N PRO V 254 -32.64 71.91 -51.26
CA PRO V 254 -33.74 72.89 -51.42
C PRO V 254 -33.99 73.30 -52.88
N ASN V 255 -32.95 73.24 -53.71
CA ASN V 255 -33.05 73.58 -55.14
C ASN V 255 -33.44 72.41 -56.08
N PHE V 256 -33.59 71.19 -55.54
CA PHE V 256 -34.00 70.04 -56.34
C PHE V 256 -35.46 70.17 -56.80
N ARG V 257 -35.69 70.10 -58.11
CA ARG V 257 -37.04 70.26 -58.69
C ARG V 257 -37.54 69.05 -59.49
N GLY V 258 -36.91 67.88 -59.31
CA GLY V 258 -37.49 66.60 -59.70
C GLY V 258 -36.94 65.92 -60.96
N LEU V 259 -37.76 65.01 -61.49
CA LEU V 259 -37.43 64.20 -62.65
C LEU V 259 -37.77 64.91 -63.95
N TYR V 260 -36.81 65.02 -64.86
CA TYR V 260 -37.10 65.36 -66.26
C TYR V 260 -37.10 64.09 -67.11
N TRP V 261 -38.23 63.80 -67.74
CA TRP V 261 -38.37 62.63 -68.61
C TRP V 261 -39.51 62.89 -69.60
N GLY V 262 -39.38 63.99 -70.33
CA GLY V 262 -40.36 64.38 -71.35
C GLY V 262 -41.76 64.62 -70.84
N GLU V 263 -42.74 63.95 -71.45
CA GLU V 263 -44.15 64.07 -71.08
C GLU V 263 -44.55 63.27 -69.81
N VAL V 264 -43.61 62.49 -69.25
CA VAL V 264 -43.83 61.76 -68.00
C VAL V 264 -42.87 62.26 -66.91
N SER V 265 -42.58 63.56 -66.95
CA SER V 265 -41.76 64.23 -65.93
C SER V 265 -42.54 64.45 -64.64
N SER V 266 -41.83 64.91 -63.61
CA SER V 266 -42.46 65.41 -62.38
C SER V 266 -43.23 66.69 -62.66
N GLU V 267 -44.01 67.13 -61.66
CA GLU V 267 -44.91 68.26 -61.83
C GLU V 267 -44.12 69.56 -62.08
N GLY V 268 -44.27 70.12 -63.28
CA GLY V 268 -43.61 71.37 -63.66
C GLY V 268 -42.20 71.26 -64.20
N ALA V 269 -41.59 70.07 -64.12
CA ALA V 269 -40.19 69.89 -64.53
C ALA V 269 -39.97 69.96 -66.04
N GLN V 270 -41.01 69.63 -66.82
CA GLN V 270 -40.92 69.71 -68.29
C GLN V 270 -40.83 71.16 -68.75
N GLU V 271 -41.75 71.98 -68.27
CA GLU V 271 -41.77 73.44 -68.52
C GLU V 271 -40.45 74.10 -68.12
N LEU V 272 -39.94 73.71 -66.94
CA LEU V 272 -38.71 74.26 -66.37
C LEU V 272 -37.52 74.08 -67.32
N VAL V 273 -37.31 72.84 -67.78
CA VAL V 273 -36.16 72.48 -68.62
C VAL V 273 -36.26 73.06 -70.05
N GLU V 274 -37.43 72.98 -70.65
CA GLU V 274 -37.60 73.34 -72.08
C GLU V 274 -37.71 74.85 -72.35
N ASN V 275 -38.14 75.64 -71.36
CA ASN V 275 -38.15 77.11 -71.47
C ASN V 275 -36.95 77.77 -70.75
N ALA V 276 -35.80 77.11 -70.72
CA ALA V 276 -34.62 77.58 -69.99
C ALA V 276 -33.60 78.24 -70.91
N ASP V 277 -32.93 79.28 -70.40
CA ASP V 277 -31.92 80.00 -71.17
C ASP V 277 -30.58 79.25 -71.20
N ALA V 278 -30.34 78.41 -70.19
CA ALA V 278 -29.18 77.51 -70.17
C ALA V 278 -29.57 76.18 -69.55
N ILE V 279 -29.08 75.09 -70.13
CA ILE V 279 -29.29 73.73 -69.60
C ILE V 279 -27.93 73.03 -69.49
N LEU V 280 -27.53 72.74 -68.26
CA LEU V 280 -26.23 72.14 -67.96
C LEU V 280 -26.38 70.64 -67.73
N CYS V 281 -26.12 69.85 -68.77
CA CYS V 281 -26.30 68.39 -68.72
C CYS V 281 -25.04 67.73 -68.22
N LEU V 282 -25.11 67.14 -67.02
CA LEU V 282 -23.96 66.47 -66.42
C LEU V 282 -23.98 64.97 -66.71
N ALA V 283 -23.19 64.54 -67.69
CA ALA V 283 -23.03 63.12 -68.06
C ALA V 283 -24.35 62.42 -68.46
N PRO V 284 -25.06 63.00 -69.45
CA PRO V 284 -26.34 62.44 -69.86
C PRO V 284 -26.19 61.26 -70.84
N VAL V 285 -27.15 60.33 -70.79
CA VAL V 285 -27.31 59.29 -71.80
C VAL V 285 -28.66 59.51 -72.44
N PHE V 286 -28.66 60.16 -73.61
CA PHE V 286 -29.87 60.45 -74.36
C PHE V 286 -30.19 59.31 -75.33
N ASN V 287 -30.76 58.22 -74.82
CA ASN V 287 -31.17 57.09 -75.68
C ASN V 287 -32.67 57.16 -75.97
N ASP V 288 -33.16 56.26 -76.84
CA ASP V 288 -34.57 56.26 -77.26
C ASP V 288 -35.59 56.18 -76.11
N TYR V 289 -35.24 55.48 -75.04
CA TYR V 289 -36.09 55.35 -73.83
C TYR V 289 -36.09 56.63 -72.98
N ALA V 290 -34.92 57.25 -72.82
CA ALA V 290 -34.77 58.50 -72.05
C ALA V 290 -35.34 59.71 -72.78
N THR V 291 -35.29 59.72 -74.11
CA THR V 291 -35.88 60.79 -74.92
C THR V 291 -37.38 60.59 -75.19
N VAL V 292 -37.94 59.46 -74.76
CA VAL V 292 -39.34 59.10 -75.02
C VAL V 292 -39.60 59.08 -76.54
N GLY V 293 -38.84 58.24 -77.24
CA GLY V 293 -38.92 58.12 -78.69
C GLY V 293 -38.45 59.35 -79.45
N TRP V 294 -37.30 59.90 -79.06
CA TRP V 294 -36.71 61.10 -79.68
C TRP V 294 -37.61 62.38 -79.65
N ASN V 295 -38.57 62.45 -78.73
CA ASN V 295 -39.47 63.62 -78.60
C ASN V 295 -38.93 64.68 -77.66
N SER V 296 -38.32 64.24 -76.54
CA SER V 296 -37.81 65.11 -75.49
C SER V 296 -36.29 64.99 -75.39
N TRP V 297 -35.62 65.62 -76.35
CA TRP V 297 -34.16 65.66 -76.42
C TRP V 297 -33.74 67.14 -76.43
N PRO V 298 -33.20 67.64 -75.30
CA PRO V 298 -32.72 69.03 -75.27
C PRO V 298 -31.38 69.18 -75.99
N LYS V 299 -31.31 70.11 -76.94
CA LYS V 299 -30.08 70.37 -77.69
C LYS V 299 -30.07 71.75 -78.36
N GLY V 300 -28.91 72.12 -78.89
CA GLY V 300 -28.75 73.34 -79.67
C GLY V 300 -28.19 74.50 -78.87
N ASP V 301 -28.74 75.69 -79.09
CA ASP V 301 -28.20 76.96 -78.57
C ASP V 301 -28.13 77.01 -77.03
N ASN V 302 -29.21 76.58 -76.37
CA ASN V 302 -29.38 76.73 -74.92
C ASN V 302 -28.82 75.57 -74.07
N VAL V 303 -27.88 74.79 -74.62
CA VAL V 303 -27.46 73.53 -73.99
C VAL V 303 -25.94 73.42 -73.87
N MET V 304 -25.51 72.98 -72.69
CA MET V 304 -24.14 72.56 -72.43
C MET V 304 -24.19 71.08 -72.07
N VAL V 305 -23.32 70.30 -72.69
CA VAL V 305 -23.25 68.86 -72.45
C VAL V 305 -21.88 68.59 -71.82
N MET V 306 -21.89 68.13 -70.57
CA MET V 306 -20.67 67.87 -69.82
C MET V 306 -20.48 66.35 -69.71
N ASP V 307 -19.84 65.77 -70.72
CA ASP V 307 -19.57 64.32 -70.75
C ASP V 307 -18.37 64.03 -69.83
N THR V 308 -18.07 62.76 -69.59
CA THR V 308 -17.07 62.41 -68.56
C THR V 308 -15.65 62.93 -68.86
N ASP V 309 -15.38 63.30 -70.12
CA ASP V 309 -14.09 63.85 -70.52
C ASP V 309 -14.20 65.02 -71.52
N ARG V 310 -15.35 65.70 -71.51
CA ARG V 310 -15.63 66.71 -72.52
C ARG V 310 -16.72 67.67 -72.06
N VAL V 311 -16.62 68.92 -72.52
CA VAL V 311 -17.68 69.91 -72.36
C VAL V 311 -17.95 70.54 -73.70
N THR V 312 -19.21 70.67 -74.08
CA THR V 312 -19.59 71.14 -75.41
C THR V 312 -20.77 72.11 -75.34
N PHE V 313 -20.56 73.34 -75.83
CA PHE V 313 -21.56 74.42 -75.78
C PHE V 313 -21.05 75.62 -76.60
N ALA V 314 -21.97 76.45 -77.10
CA ALA V 314 -21.61 77.69 -77.81
C ALA V 314 -20.68 77.43 -79.00
N GLY V 315 -20.97 76.37 -79.76
CA GLY V 315 -20.16 75.97 -80.92
C GLY V 315 -18.72 75.57 -80.65
N GLN V 316 -18.42 75.16 -79.41
CA GLN V 316 -17.05 74.78 -79.01
C GLN V 316 -17.04 73.50 -78.20
N SER V 317 -15.92 72.77 -78.24
CA SER V 317 -15.78 71.52 -77.51
C SER V 317 -14.39 71.39 -76.91
N PHE V 318 -14.34 71.24 -75.58
CA PHE V 318 -13.12 71.23 -74.81
C PHE V 318 -12.92 69.84 -74.23
N GLU V 319 -11.79 69.21 -74.54
CA GLU V 319 -11.44 67.88 -74.01
C GLU V 319 -10.09 67.98 -73.30
N GLY V 320 -9.57 66.85 -72.85
CA GLY V 320 -8.37 66.83 -72.01
C GLY V 320 -8.68 67.27 -70.59
N LEU V 321 -9.91 66.99 -70.16
CA LEU V 321 -10.35 67.30 -68.81
C LEU V 321 -11.25 66.16 -68.34
N SER V 322 -11.79 66.29 -67.14
CA SER V 322 -12.84 65.39 -66.66
C SER V 322 -14.00 66.21 -66.13
N LEU V 323 -15.17 65.59 -66.02
CA LEU V 323 -16.36 66.24 -65.46
C LEU V 323 -16.10 66.70 -64.03
N SER V 324 -15.40 65.85 -63.27
CA SER V 324 -14.97 66.17 -61.91
C SER V 324 -14.24 67.52 -61.85
N THR V 325 -13.10 67.61 -62.53
CA THR V 325 -12.23 68.79 -62.48
C THR V 325 -12.89 70.04 -63.10
N PHE V 326 -13.71 69.87 -64.14
CA PHE V 326 -14.38 71.01 -64.78
C PHE V 326 -15.48 71.62 -63.90
N ALA V 327 -16.33 70.79 -63.33
CA ALA V 327 -17.43 71.27 -62.46
C ALA V 327 -16.90 71.92 -61.17
N ALA V 328 -15.79 71.40 -60.64
CA ALA V 328 -15.13 71.98 -59.47
C ALA V 328 -14.52 73.35 -59.79
N ALA V 329 -13.74 73.41 -60.87
CA ALA V 329 -13.12 74.67 -61.32
C ALA V 329 -14.14 75.68 -61.84
N LEU V 330 -15.26 75.20 -62.40
CA LEU V 330 -16.37 76.07 -62.78
C LEU V 330 -17.12 76.59 -61.55
N ALA V 331 -17.24 75.76 -60.52
CA ALA V 331 -17.93 76.16 -59.28
C ALA V 331 -17.20 77.28 -58.55
N GLU V 332 -15.86 77.26 -58.61
CA GLU V 332 -15.01 78.29 -58.01
C GLU V 332 -15.33 79.69 -58.55
N LYS V 333 -15.58 79.79 -59.87
CA LYS V 333 -15.80 81.07 -60.55
C LYS V 333 -17.17 81.18 -61.24
N ALA V 334 -18.16 80.42 -60.78
CA ALA V 334 -19.49 80.44 -61.40
C ALA V 334 -20.34 81.55 -60.78
N PRO V 335 -21.09 82.29 -61.60
CA PRO V 335 -21.94 83.33 -61.05
C PRO V 335 -23.26 82.75 -60.54
N SER V 336 -23.84 83.40 -59.54
CA SER V 336 -25.13 83.00 -58.96
C SER V 336 -26.28 83.25 -59.95
N ARG V 337 -27.14 82.25 -60.11
CA ARG V 337 -28.34 82.32 -60.94
C ARG V 337 -29.44 81.57 -60.19
N PRO V 338 -30.15 82.27 -59.27
CA PRO V 338 -31.22 81.60 -58.52
C PRO V 338 -32.63 81.72 -59.13
N ALA V 339 -32.77 82.31 -60.31
CA ALA V 339 -34.08 82.62 -60.89
C ALA V 339 -35.02 81.41 -61.01
N THR V 340 -34.47 80.25 -61.38
CA THR V 340 -35.26 79.03 -61.59
C THR V 340 -35.82 78.38 -60.32
N THR V 341 -35.18 78.62 -59.17
CA THR V 341 -35.67 78.10 -57.87
C THR V 341 -36.81 78.89 -57.23
N GLN V 342 -37.07 80.11 -57.71
CA GLN V 342 -38.06 81.02 -57.10
C GLN V 342 -39.50 80.63 -57.42
N GLY V 343 -40.26 80.26 -56.39
CA GLY V 343 -41.69 79.97 -56.51
C GLY V 343 -42.04 78.63 -57.13
N THR V 344 -41.17 77.64 -56.94
CA THR V 344 -41.42 76.25 -57.33
C THR V 344 -41.05 75.33 -56.17
N GLN V 345 -41.90 74.32 -55.93
CA GLN V 345 -41.74 73.39 -54.81
C GLN V 345 -41.10 72.08 -55.28
N ALA V 346 -40.23 71.49 -54.45
CA ALA V 346 -39.65 70.17 -54.72
C ALA V 346 -40.76 69.13 -54.68
N PRO V 347 -40.82 68.24 -55.70
CA PRO V 347 -42.00 67.41 -55.93
C PRO V 347 -42.26 66.38 -54.82
N VAL V 348 -43.52 66.02 -54.65
CA VAL V 348 -43.94 65.11 -53.57
C VAL V 348 -44.82 63.97 -54.08
N LEU V 349 -44.86 62.90 -53.30
CA LEU V 349 -45.69 61.74 -53.57
C LEU V 349 -47.15 62.12 -53.31
N GLY V 350 -47.86 62.54 -54.36
CA GLY V 350 -49.28 62.92 -54.24
C GLY V 350 -50.21 61.73 -54.13
N ILE V 351 -50.07 60.98 -53.03
CA ILE V 351 -50.76 59.71 -52.83
C ILE V 351 -51.30 59.62 -51.39
N GLU V 352 -52.61 59.81 -51.24
CA GLU V 352 -53.30 59.59 -49.97
C GLU V 352 -53.47 58.08 -49.73
N ALA V 353 -53.37 57.67 -48.47
CA ALA V 353 -53.49 56.26 -48.09
C ALA V 353 -54.90 55.75 -48.31
N ALA V 354 -55.02 54.58 -48.95
CA ALA V 354 -56.30 53.90 -49.13
C ALA V 354 -56.69 53.19 -47.83
N GLU V 355 -57.93 52.71 -47.77
N GLU V 355 -57.94 52.74 -47.74
CA GLU V 355 -58.44 51.98 -46.62
CA GLU V 355 -58.43 52.03 -46.54
C GLU V 355 -57.70 50.64 -46.47
C GLU V 355 -57.78 50.65 -46.45
N PRO V 356 -57.48 50.18 -45.22
CA PRO V 356 -56.63 49.00 -44.99
C PRO V 356 -57.14 47.62 -45.46
N ASN V 357 -58.44 47.49 -45.76
CA ASN V 357 -59.02 46.21 -46.21
C ASN V 357 -59.37 46.12 -47.71
N ALA V 358 -59.31 47.24 -48.43
CA ALA V 358 -59.61 47.27 -49.86
C ALA V 358 -58.56 46.49 -50.67
N PRO V 359 -58.91 46.06 -51.92
CA PRO V 359 -57.92 45.39 -52.78
C PRO V 359 -56.69 46.28 -53.03
N LEU V 360 -55.50 45.72 -52.84
CA LEU V 360 -54.24 46.48 -52.89
C LEU V 360 -54.06 47.09 -54.27
N THR V 361 -53.80 48.40 -54.30
CA THR V 361 -53.58 49.13 -55.54
C THR V 361 -52.09 49.39 -55.77
N ASN V 362 -51.79 49.85 -56.99
CA ASN V 362 -50.43 50.23 -57.37
C ASN V 362 -49.94 51.41 -56.52
N ASP V 363 -50.77 52.46 -56.45
CA ASP V 363 -50.50 53.64 -55.61
C ASP V 363 -50.20 53.31 -54.14
N GLU V 364 -50.96 52.39 -53.56
CA GLU V 364 -50.82 52.03 -52.14
C GLU V 364 -49.51 51.27 -51.87
N MET V 365 -49.17 50.35 -52.77
CA MET V 365 -47.91 49.62 -52.67
C MET V 365 -46.72 50.58 -52.78
N THR V 366 -46.78 51.47 -53.76
CA THR V 366 -45.77 52.53 -53.95
C THR V 366 -45.53 53.37 -52.69
N ARG V 367 -46.63 53.74 -52.02
CA ARG V 367 -46.59 54.56 -50.79
C ARG V 367 -45.83 53.86 -49.66
N GLN V 368 -46.17 52.60 -49.38
CA GLN V 368 -45.54 51.85 -48.28
C GLN V 368 -44.08 51.52 -48.53
N ILE V 369 -43.73 51.22 -49.79
CA ILE V 369 -42.33 50.98 -50.17
C ILE V 369 -41.52 52.27 -50.00
N GLN V 370 -42.08 53.40 -50.46
CA GLN V 370 -41.42 54.71 -50.34
C GLN V 370 -41.11 55.11 -48.89
N SER V 371 -41.98 54.73 -47.96
CA SER V 371 -41.77 55.00 -46.53
C SER V 371 -40.68 54.14 -45.89
N LEU V 372 -40.32 53.01 -46.51
CA LEU V 372 -39.20 52.18 -46.03
C LEU V 372 -37.81 52.72 -46.37
N ILE V 373 -37.74 53.66 -47.31
CA ILE V 373 -36.45 54.12 -47.81
C ILE V 373 -35.83 55.15 -46.87
N THR V 374 -34.72 54.76 -46.24
CA THR V 374 -33.91 55.63 -45.38
C THR V 374 -32.64 56.09 -46.11
N SER V 375 -31.83 56.88 -45.42
CA SER V 375 -30.52 57.33 -45.92
C SER V 375 -29.47 56.22 -46.07
N ASP V 376 -29.64 55.10 -45.36
N ASP V 376 -29.66 55.11 -45.36
CA ASP V 376 -28.76 53.94 -45.50
CA ASP V 376 -28.80 53.93 -45.47
C ASP V 376 -29.50 52.77 -46.18
C ASP V 376 -29.52 52.77 -46.18
N THR V 377 -30.28 53.08 -47.22
CA THR V 377 -31.05 52.10 -47.98
C THR V 377 -30.59 52.04 -49.45
N THR V 378 -30.47 50.85 -49.99
CA THR V 378 -30.32 50.65 -51.44
C THR V 378 -31.60 50.01 -52.00
N LEU V 379 -32.17 50.66 -53.02
CA LEU V 379 -33.38 50.19 -53.70
C LEU V 379 -33.04 49.74 -55.14
N THR V 380 -33.09 48.43 -55.40
CA THR V 380 -32.92 47.90 -56.78
C THR V 380 -34.29 47.85 -57.47
N ALA V 381 -34.47 48.63 -58.54
CA ALA V 381 -35.74 48.72 -59.27
C ALA V 381 -35.69 48.06 -60.67
N GLU V 382 -36.43 46.97 -60.83
CA GLU V 382 -36.41 46.15 -62.07
C GLU V 382 -37.08 46.81 -63.27
N THR V 383 -36.64 46.44 -64.48
CA THR V 383 -37.33 46.82 -65.73
C THR V 383 -38.77 46.30 -65.70
N GLY V 384 -39.72 47.20 -65.96
CA GLY V 384 -41.15 46.93 -65.76
C GLY V 384 -41.88 48.19 -65.33
N ASP V 385 -43.04 48.03 -64.71
CA ASP V 385 -43.77 49.16 -64.14
C ASP V 385 -43.03 49.72 -62.92
N SER V 386 -42.19 48.88 -62.28
CA SER V 386 -41.27 49.30 -61.23
C SER V 386 -40.40 50.50 -61.58
N TRP V 387 -39.97 50.61 -62.84
CA TRP V 387 -39.29 51.82 -63.35
C TRP V 387 -40.10 53.08 -63.07
N PHE V 388 -41.38 53.01 -63.37
CA PHE V 388 -42.29 54.15 -63.29
C PHE V 388 -42.81 54.42 -61.88
N ASN V 389 -42.80 53.40 -61.02
CA ASN V 389 -43.09 53.58 -59.60
C ASN V 389 -41.91 54.21 -58.87
N ALA V 390 -40.74 53.57 -58.96
CA ALA V 390 -39.51 54.10 -58.38
C ALA V 390 -39.16 55.52 -58.87
N SER V 391 -39.47 55.81 -60.13
N SER V 391 -39.49 55.85 -60.12
CA SER V 391 -39.32 57.15 -60.75
CA SER V 391 -39.21 57.19 -60.67
C SER V 391 -40.02 58.29 -60.00
C SER V 391 -40.04 58.33 -60.04
N ARG V 392 -41.23 58.01 -59.52
CA ARG V 392 -42.09 59.01 -58.87
C ARG V 392 -42.03 59.00 -57.32
N MET V 393 -41.13 58.20 -56.74
CA MET V 393 -40.89 58.18 -55.28
C MET V 393 -39.79 59.18 -54.92
N PRO V 394 -40.10 60.18 -54.06
CA PRO V 394 -39.01 60.94 -53.45
C PRO V 394 -38.21 60.07 -52.49
N ILE V 395 -36.92 60.34 -52.37
CA ILE V 395 -36.02 59.58 -51.51
C ILE V 395 -35.16 60.50 -50.62
N PRO V 396 -34.76 60.03 -49.42
CA PRO V 396 -33.80 60.79 -48.60
C PRO V 396 -32.40 60.88 -49.20
N GLY V 397 -31.64 61.87 -48.75
CA GLY V 397 -30.25 62.03 -49.13
C GLY V 397 -29.45 60.91 -48.49
N GLY V 398 -28.53 60.34 -49.27
CA GLY V 398 -27.81 59.13 -48.89
C GLY V 398 -28.38 57.85 -49.48
N ALA V 399 -29.67 57.86 -49.83
CA ALA V 399 -30.35 56.69 -50.39
C ALA V 399 -29.87 56.41 -51.81
N ARG V 400 -29.58 55.14 -52.09
CA ARG V 400 -29.10 54.68 -53.38
C ARG V 400 -30.22 53.93 -54.10
N VAL V 401 -30.49 54.32 -55.36
CA VAL V 401 -31.43 53.61 -56.23
C VAL V 401 -30.64 53.05 -57.42
N GLU V 402 -30.83 51.76 -57.71
CA GLU V 402 -30.14 51.10 -58.81
C GLU V 402 -31.12 50.72 -59.90
N LEU V 403 -30.92 51.33 -61.07
CA LEU V 403 -31.69 51.06 -62.27
C LEU V 403 -30.76 50.60 -63.38
N GLU V 404 -31.33 49.86 -64.34
CA GLU V 404 -30.61 49.29 -65.47
C GLU V 404 -31.34 49.67 -66.75
N MET V 405 -31.46 50.98 -66.97
CA MET V 405 -32.25 51.53 -68.08
C MET V 405 -31.61 51.47 -69.45
N GLN V 406 -30.28 51.37 -69.54
CA GLN V 406 -29.61 51.23 -70.85
C GLN V 406 -29.68 49.78 -71.36
N TRP V 407 -29.27 48.82 -70.53
CA TRP V 407 -29.31 47.40 -70.92
C TRP V 407 -30.73 46.86 -70.89
N GLY V 408 -31.41 47.01 -69.75
CA GLY V 408 -32.83 46.69 -69.63
C GLY V 408 -33.15 45.21 -69.69
N HIS V 409 -32.34 44.39 -69.04
CA HIS V 409 -32.51 42.94 -69.06
C HIS V 409 -33.43 42.55 -67.91
N ILE V 410 -34.61 42.02 -68.21
CA ILE V 410 -35.52 41.58 -67.14
C ILE V 410 -34.90 40.41 -66.41
N GLY V 411 -35.06 40.41 -65.09
CA GLY V 411 -34.41 39.43 -64.22
C GLY V 411 -33.12 39.90 -63.60
N TRP V 412 -32.45 40.88 -64.21
CA TRP V 412 -31.24 41.54 -63.64
C TRP V 412 -31.35 41.81 -62.14
N SER V 413 -32.50 42.36 -61.71
CA SER V 413 -32.71 42.81 -60.31
C SER V 413 -32.38 41.80 -59.22
N VAL V 414 -32.71 40.53 -59.45
CA VAL V 414 -32.55 39.51 -58.41
C VAL V 414 -31.08 39.25 -58.07
N PRO V 415 -30.26 38.83 -59.06
CA PRO V 415 -28.85 38.63 -58.73
C PRO V 415 -28.11 39.93 -58.47
N SER V 416 -28.57 41.04 -59.07
CA SER V 416 -27.99 42.36 -58.81
C SER V 416 -28.22 42.80 -57.36
N ALA V 417 -29.44 42.61 -56.85
CA ALA V 417 -29.71 42.92 -55.44
C ALA V 417 -28.88 42.03 -54.53
N PHE V 418 -28.75 40.75 -54.89
CA PHE V 418 -27.94 39.81 -54.12
C PHE V 418 -26.50 40.29 -54.00
N GLY V 419 -25.86 40.53 -55.15
CA GLY V 419 -24.46 40.99 -55.18
C GLY V 419 -24.21 42.33 -54.51
N ASN V 420 -25.13 43.26 -54.68
CA ASN V 420 -25.09 44.59 -54.07
C ASN V 420 -25.14 44.49 -52.54
N ALA V 421 -26.10 43.70 -52.04
CA ALA V 421 -26.25 43.44 -50.62
C ALA V 421 -25.06 42.70 -50.01
N VAL V 422 -24.44 41.79 -50.76
CA VAL V 422 -23.21 41.13 -50.30
C VAL V 422 -22.05 42.13 -50.18
N GLY V 423 -22.00 43.11 -51.08
CA GLY V 423 -20.99 44.16 -51.08
C GLY V 423 -21.21 45.29 -50.10
N SER V 424 -22.48 45.64 -49.84
CA SER V 424 -22.83 46.68 -48.86
C SER V 424 -23.81 46.15 -47.79
N PRO V 425 -23.34 45.21 -46.93
CA PRO V 425 -24.24 44.58 -45.95
C PRO V 425 -24.68 45.48 -44.79
N GLU V 426 -23.98 46.58 -44.56
CA GLU V 426 -24.39 47.58 -43.56
C GLU V 426 -25.70 48.27 -43.89
N ARG V 427 -26.06 48.35 -45.17
CA ARG V 427 -27.27 49.07 -45.59
C ARG V 427 -28.53 48.21 -45.51
N ARG V 428 -29.68 48.85 -45.68
CA ARG V 428 -30.95 48.17 -45.87
C ARG V 428 -31.17 47.98 -47.38
N HIS V 429 -31.54 46.77 -47.79
CA HIS V 429 -31.66 46.42 -49.21
C HIS V 429 -33.07 46.03 -49.59
N ILE V 430 -33.66 46.86 -50.45
CA ILE V 430 -35.00 46.70 -50.96
C ILE V 430 -34.88 46.37 -52.44
N MET V 431 -35.90 45.70 -52.97
CA MET V 431 -35.93 45.25 -54.35
C MET V 431 -37.35 45.22 -54.88
N MET V 432 -37.62 45.94 -55.97
CA MET V 432 -38.90 45.87 -56.68
C MET V 432 -38.70 45.08 -57.98
N VAL V 433 -39.32 43.90 -58.06
CA VAL V 433 -39.20 43.01 -59.21
C VAL V 433 -40.61 42.59 -59.68
N GLY V 434 -40.84 42.63 -60.99
CA GLY V 434 -42.06 42.09 -61.58
C GLY V 434 -42.07 40.57 -61.62
N ASP V 435 -43.26 40.01 -61.82
CA ASP V 435 -43.45 38.55 -61.86
C ASP V 435 -42.74 37.87 -63.05
N GLY V 436 -42.78 38.52 -64.22
CA GLY V 436 -42.10 38.02 -65.42
C GLY V 436 -40.58 38.03 -65.29
N SER V 437 -40.05 39.19 -64.91
CA SER V 437 -38.63 39.35 -64.62
C SER V 437 -38.14 38.30 -63.65
N PHE V 438 -38.89 38.15 -62.56
CA PHE V 438 -38.54 37.21 -61.50
C PHE V 438 -38.32 35.77 -61.99
N GLN V 439 -39.13 35.32 -62.94
CA GLN V 439 -39.03 33.95 -63.48
C GLN V 439 -37.70 33.63 -64.20
N LEU V 440 -37.07 34.62 -64.82
CA LEU V 440 -35.76 34.42 -65.50
C LEU V 440 -34.62 34.06 -64.55
N THR V 441 -34.63 34.66 -63.36
CA THR V 441 -33.49 34.58 -62.41
C THR V 441 -33.88 34.18 -60.97
N ALA V 442 -35.09 33.64 -60.80
CA ALA V 442 -35.65 33.27 -59.48
C ALA V 442 -34.72 32.49 -58.56
N GLN V 443 -33.96 31.56 -59.12
CA GLN V 443 -33.13 30.66 -58.32
C GLN V 443 -32.00 31.31 -57.50
N GLU V 444 -31.64 32.56 -57.80
CA GLU V 444 -30.62 33.26 -57.00
C GLU V 444 -31.13 33.72 -55.60
N VAL V 445 -32.46 33.76 -55.41
CA VAL V 445 -33.05 33.91 -54.07
C VAL V 445 -32.55 32.79 -53.15
N ALA V 446 -32.27 31.61 -53.71
CA ALA V 446 -31.67 30.51 -52.95
C ALA V 446 -30.24 30.80 -52.45
N GLN V 447 -29.47 31.56 -53.23
CA GLN V 447 -28.13 31.99 -52.81
C GLN V 447 -28.23 33.06 -51.71
N MET V 448 -29.20 33.96 -51.82
CA MET V 448 -29.53 34.88 -50.72
C MET V 448 -29.81 34.14 -49.42
N ILE V 449 -30.56 33.04 -49.52
CA ILE V 449 -30.86 32.19 -48.36
C ILE V 449 -29.60 31.49 -47.88
N ARG V 450 -28.81 30.96 -48.82
CA ARG V 450 -27.55 30.29 -48.49
C ARG V 450 -26.61 31.19 -47.69
N TYR V 451 -26.46 32.43 -48.15
CA TYR V 451 -25.49 33.37 -47.57
C TYR V 451 -26.07 34.35 -46.53
N GLU V 452 -27.37 34.18 -46.23
CA GLU V 452 -28.07 34.92 -45.17
C GLU V 452 -28.08 36.42 -45.45
N ILE V 453 -28.57 36.78 -46.63
CA ILE V 453 -28.59 38.15 -47.13
C ILE V 453 -30.02 38.67 -47.01
N PRO V 454 -30.25 39.67 -46.13
CA PRO V 454 -31.61 40.11 -45.82
C PRO V 454 -32.24 41.10 -46.81
N VAL V 455 -32.44 40.69 -48.06
CA VAL V 455 -33.08 41.54 -49.06
C VAL V 455 -34.61 41.50 -48.86
N ILE V 456 -35.28 42.64 -49.04
CA ILE V 456 -36.74 42.68 -48.97
C ILE V 456 -37.26 42.81 -50.40
N ILE V 457 -37.89 41.74 -50.89
CA ILE V 457 -38.30 41.65 -52.30
C ILE V 457 -39.79 41.93 -52.46
N PHE V 458 -40.12 43.05 -53.09
CA PHE V 458 -41.50 43.36 -53.46
C PHE V 458 -41.79 42.81 -54.86
N LEU V 459 -42.24 41.55 -54.90
CA LEU V 459 -42.67 40.90 -56.14
C LEU V 459 -44.06 41.41 -56.50
N ILE V 460 -44.15 42.18 -57.59
CA ILE V 460 -45.44 42.67 -58.11
C ILE V 460 -46.06 41.60 -59.02
N ASN V 461 -47.06 40.87 -58.51
CA ASN V 461 -47.76 39.87 -59.29
C ASN V 461 -48.97 40.45 -60.01
N ASN V 462 -48.72 41.10 -61.14
CA ASN V 462 -49.79 41.60 -62.04
C ASN V 462 -50.11 40.68 -63.23
N ARG V 463 -49.67 39.42 -63.15
CA ARG V 463 -50.00 38.37 -64.11
C ARG V 463 -49.61 38.72 -65.56
N GLY V 464 -48.30 38.84 -65.80
CA GLY V 464 -47.75 39.03 -67.13
C GLY V 464 -46.85 40.24 -67.31
N TYR V 465 -46.59 40.56 -68.58
CA TYR V 465 -45.69 41.63 -69.00
C TYR V 465 -46.47 42.93 -69.28
N VAL V 466 -46.73 43.72 -68.24
CA VAL V 466 -47.62 44.89 -68.37
C VAL V 466 -47.02 46.07 -69.16
N ILE V 467 -45.74 46.34 -68.94
CA ILE V 467 -45.02 47.33 -69.77
C ILE V 467 -45.06 46.98 -71.28
N GLU V 468 -44.97 45.69 -71.60
CA GLU V 468 -45.09 45.22 -72.99
C GLU V 468 -46.52 45.36 -73.53
N ILE V 469 -47.52 45.11 -72.67
CA ILE V 469 -48.95 45.30 -73.02
C ILE V 469 -49.27 46.77 -73.37
N ALA V 470 -48.60 47.72 -72.73
CA ALA V 470 -48.75 49.14 -73.07
C ALA V 470 -48.10 49.52 -74.40
N ILE V 471 -46.98 48.88 -74.73
CA ILE V 471 -46.30 49.10 -76.02
C ILE V 471 -47.11 48.42 -77.15
N HIS V 472 -47.34 47.11 -77.02
CA HIS V 472 -48.08 46.32 -78.04
C HIS V 472 -48.58 44.99 -77.46
N ASP V 473 -49.90 44.80 -77.40
CA ASP V 473 -50.51 43.64 -76.74
C ASP V 473 -50.63 42.40 -77.64
N GLY V 474 -50.47 41.23 -77.02
CA GLY V 474 -50.67 39.93 -77.68
C GLY V 474 -50.40 38.80 -76.71
N PRO V 475 -50.66 37.53 -77.11
CA PRO V 475 -50.57 36.37 -76.21
C PRO V 475 -49.19 36.11 -75.59
N TYR V 476 -48.14 36.59 -76.26
CA TYR V 476 -46.75 36.55 -75.75
C TYR V 476 -46.54 37.27 -74.40
N ASN V 477 -47.40 38.25 -74.10
CA ASN V 477 -47.33 38.99 -72.83
C ASN V 477 -47.91 38.30 -71.59
N TYR V 478 -48.61 37.16 -71.76
CA TYR V 478 -49.28 36.48 -70.64
C TYR V 478 -48.56 35.21 -70.32
N ILE V 479 -48.18 35.08 -69.05
CA ILE V 479 -47.29 34.02 -68.60
C ILE V 479 -48.00 33.13 -67.60
N LYS V 480 -47.40 31.99 -67.33
CA LYS V 480 -47.85 31.10 -66.28
C LYS V 480 -47.66 31.79 -64.93
N ASN V 481 -48.64 31.66 -64.05
CA ASN V 481 -48.52 32.15 -62.69
C ASN V 481 -47.88 31.10 -61.81
N TRP V 482 -47.02 31.53 -60.88
CA TRP V 482 -46.50 30.67 -59.81
C TRP V 482 -47.06 31.13 -58.44
N ASN V 483 -46.92 30.26 -57.44
CA ASN V 483 -47.04 30.66 -56.04
C ASN V 483 -45.68 31.20 -55.59
N TYR V 484 -45.44 32.48 -55.87
CA TYR V 484 -44.11 33.09 -55.65
C TYR V 484 -43.67 33.06 -54.18
N ALA V 485 -44.62 33.29 -53.26
CA ALA V 485 -44.36 33.18 -51.82
C ALA V 485 -43.90 31.79 -51.41
N GLY V 486 -44.55 30.76 -51.94
CA GLY V 486 -44.24 29.36 -51.61
C GLY V 486 -42.88 28.87 -52.10
N LEU V 487 -42.31 29.57 -53.08
CA LEU V 487 -40.94 29.28 -53.55
C LEU V 487 -39.86 29.37 -52.45
N ILE V 488 -40.07 30.29 -51.51
CA ILE V 488 -39.12 30.55 -50.42
C ILE V 488 -38.92 29.30 -49.56
N ASP V 489 -40.01 28.63 -49.19
CA ASP V 489 -39.90 27.38 -48.40
C ASP V 489 -39.21 26.25 -49.14
N VAL V 490 -39.35 26.23 -50.46
CA VAL V 490 -38.62 25.28 -51.31
C VAL V 490 -37.10 25.54 -51.22
N PHE V 491 -36.69 26.80 -51.37
CA PHE V 491 -35.26 27.13 -51.26
C PHE V 491 -34.73 27.01 -49.83
N ASN V 492 -35.59 27.28 -48.83
CA ASN V 492 -35.21 27.06 -47.44
C ASN V 492 -34.91 25.61 -47.17
N ASP V 493 -35.85 24.73 -47.54
CA ASP V 493 -35.84 23.32 -47.17
C ASP V 493 -35.70 23.21 -45.63
N GLU V 494 -34.65 22.61 -45.10
CA GLU V 494 -34.42 22.53 -43.65
C GLU V 494 -33.65 23.75 -43.13
N ASP V 495 -32.54 24.10 -43.78
CA ASP V 495 -31.58 25.14 -43.32
C ASP V 495 -32.13 26.57 -43.24
N GLY V 496 -32.56 27.06 -44.41
CA GLY V 496 -32.71 28.49 -44.65
C GLY V 496 -33.71 29.27 -43.81
N HIS V 497 -33.46 30.57 -43.70
CA HIS V 497 -34.28 31.48 -42.91
C HIS V 497 -34.90 32.58 -43.76
N GLY V 498 -35.21 32.25 -45.02
CA GLY V 498 -35.98 33.15 -45.87
C GLY V 498 -37.44 33.16 -45.47
N LEU V 499 -38.20 34.13 -45.96
CA LEU V 499 -39.60 34.27 -45.57
C LEU V 499 -40.46 34.69 -46.75
N GLY V 500 -41.50 33.91 -47.04
CA GLY V 500 -42.41 34.18 -48.15
C GLY V 500 -43.78 34.56 -47.64
N LEU V 501 -44.35 35.63 -48.18
CA LEU V 501 -45.61 36.20 -47.70
C LEU V 501 -46.44 36.76 -48.85
N LYS V 502 -47.78 36.67 -48.72
CA LYS V 502 -48.71 37.28 -49.68
C LYS V 502 -49.25 38.60 -49.13
N ALA V 503 -49.81 39.43 -50.02
CA ALA V 503 -50.35 40.72 -49.63
C ALA V 503 -51.32 41.26 -50.68
N SER V 504 -52.62 41.13 -50.41
CA SER V 504 -53.69 41.63 -51.30
C SER V 504 -54.38 42.90 -50.78
N THR V 505 -53.94 43.43 -49.63
CA THR V 505 -54.50 44.66 -49.04
C THR V 505 -53.41 45.54 -48.44
N GLY V 506 -53.76 46.81 -48.18
CA GLY V 506 -52.90 47.73 -47.44
C GLY V 506 -52.45 47.22 -46.08
N ALA V 507 -53.37 46.58 -45.34
CA ALA V 507 -53.10 46.05 -44.00
C ALA V 507 -52.14 44.85 -44.01
N GLU V 508 -52.37 43.91 -44.92
CA GLU V 508 -51.50 42.73 -45.06
C GLU V 508 -50.08 43.08 -45.49
N LEU V 509 -49.94 44.06 -46.40
CA LEU V 509 -48.62 44.54 -46.83
C LEU V 509 -47.85 45.15 -45.67
N GLU V 510 -48.53 46.02 -44.91
CA GLU V 510 -47.99 46.62 -43.67
C GLU V 510 -47.59 45.54 -42.64
N GLY V 511 -48.40 44.49 -42.52
CA GLY V 511 -48.08 43.34 -41.68
C GLY V 511 -46.86 42.58 -42.17
N ALA V 512 -46.79 42.35 -43.48
CA ALA V 512 -45.64 41.66 -44.10
C ALA V 512 -44.35 42.47 -44.02
N ILE V 513 -44.44 43.77 -44.34
CA ILE V 513 -43.31 44.70 -44.24
C ILE V 513 -42.72 44.70 -42.83
N LYS V 514 -43.58 44.76 -41.82
CA LYS V 514 -43.16 44.68 -40.42
C LYS V 514 -42.31 43.42 -40.16
N LYS V 515 -42.79 42.25 -40.59
CA LYS V 515 -42.03 41.00 -40.37
C LYS V 515 -40.80 40.86 -41.28
N ALA V 516 -40.80 41.58 -42.41
CA ALA V 516 -39.62 41.63 -43.30
C ALA V 516 -38.42 42.30 -42.62
N LEU V 517 -38.66 43.43 -41.95
CA LEU V 517 -37.64 44.13 -41.14
C LEU V 517 -37.08 43.27 -40.00
N ASP V 518 -37.95 42.48 -39.37
CA ASP V 518 -37.53 41.54 -38.30
C ASP V 518 -36.69 40.35 -38.80
N ASN V 519 -36.85 39.97 -40.07
CA ASN V 519 -36.05 38.89 -40.65
C ASN V 519 -34.65 39.38 -41.01
N ARG V 520 -33.67 38.96 -40.21
CA ARG V 520 -32.28 39.36 -40.36
C ARG V 520 -31.36 38.28 -40.93
N ARG V 521 -31.77 37.01 -40.87
CA ARG V 521 -30.94 35.88 -41.33
C ARG V 521 -31.25 35.40 -42.78
N GLY V 522 -32.13 36.09 -43.50
CA GLY V 522 -32.46 35.70 -44.87
C GLY V 522 -33.41 36.67 -45.53
N PRO V 523 -33.70 36.46 -46.84
CA PRO V 523 -34.52 37.39 -47.60
C PRO V 523 -36.01 37.29 -47.26
N THR V 524 -36.77 38.31 -47.62
CA THR V 524 -38.20 38.30 -47.40
C THR V 524 -38.92 38.70 -48.67
N LEU V 525 -39.58 37.73 -49.28
CA LEU V 525 -40.34 37.93 -50.50
C LEU V 525 -41.79 38.20 -50.14
N ILE V 526 -42.26 39.39 -50.52
CA ILE V 526 -43.64 39.80 -50.32
C ILE V 526 -44.27 39.83 -51.70
N GLU V 527 -45.21 38.91 -51.93
CA GLU V 527 -45.92 38.80 -53.21
C GLU V 527 -47.14 39.72 -53.19
N CYS V 528 -47.06 40.84 -53.90
CA CYS V 528 -48.13 41.84 -53.93
C CYS V 528 -49.12 41.60 -55.08
N ASN V 529 -50.35 41.20 -54.74
CA ASN V 529 -51.42 41.01 -55.72
C ASN V 529 -51.92 42.36 -56.26
N ILE V 530 -51.38 42.77 -57.41
CA ILE V 530 -51.83 43.97 -58.12
C ILE V 530 -52.62 43.51 -59.36
N ALA V 531 -53.55 44.37 -59.81
CA ALA V 531 -54.36 44.09 -61.00
C ALA V 531 -53.62 44.50 -62.27
N GLN V 532 -53.98 43.83 -63.38
CA GLN V 532 -53.37 44.06 -64.69
C GLN V 532 -53.65 45.46 -65.24
N ASP V 533 -54.91 45.90 -65.16
CA ASP V 533 -55.33 47.25 -65.57
C ASP V 533 -54.67 48.38 -64.74
N ASP V 534 -54.42 48.12 -63.45
CA ASP V 534 -53.90 49.14 -62.53
C ASP V 534 -52.38 49.29 -62.62
N CYS V 535 -51.95 50.03 -63.63
CA CYS V 535 -50.55 50.46 -63.79
C CYS V 535 -50.55 51.98 -63.86
N THR V 536 -49.36 52.58 -63.81
CA THR V 536 -49.25 54.04 -63.75
C THR V 536 -49.77 54.71 -65.02
N GLU V 537 -50.18 55.97 -64.88
CA GLU V 537 -50.57 56.79 -66.03
C GLU V 537 -49.34 57.18 -66.86
N THR V 538 -48.16 57.19 -66.21
CA THR V 538 -46.88 57.45 -66.86
C THR V 538 -46.44 56.32 -67.83
N LEU V 539 -46.63 55.07 -67.42
CA LEU V 539 -46.29 53.91 -68.26
C LEU V 539 -47.02 53.93 -69.61
N ILE V 540 -48.33 54.15 -69.57
CA ILE V 540 -49.18 54.15 -70.77
C ILE V 540 -48.79 55.28 -71.73
N ALA V 541 -48.51 56.47 -71.20
CA ALA V 541 -48.13 57.63 -72.04
C ALA V 541 -46.77 57.44 -72.71
N TRP V 542 -45.80 56.95 -71.94
CA TRP V 542 -44.47 56.58 -72.42
C TRP V 542 -44.50 55.41 -73.43
N GLY V 543 -45.29 54.38 -73.13
CA GLY V 543 -45.43 53.20 -73.99
C GLY V 543 -45.93 53.47 -75.40
N LYS V 544 -46.83 54.44 -75.55
CA LYS V 544 -47.37 54.82 -76.87
C LYS V 544 -46.36 55.57 -77.75
N ARG V 545 -45.48 56.36 -77.12
CA ARG V 545 -44.41 57.05 -77.84
C ARG V 545 -43.34 56.08 -78.34
N VAL V 546 -43.03 55.07 -77.54
CA VAL V 546 -42.02 54.05 -77.89
C VAL V 546 -42.52 53.14 -79.00
N ALA V 547 -43.74 52.63 -78.86
CA ALA V 547 -44.38 51.81 -79.92
C ALA V 547 -44.41 52.51 -81.28
N ALA V 548 -44.73 53.80 -81.28
CA ALA V 548 -44.79 54.61 -82.50
C ALA V 548 -43.41 54.84 -83.12
N THR V 549 -42.40 55.01 -82.28
CA THR V 549 -41.01 55.24 -82.74
C THR V 549 -40.38 53.94 -83.27
N ASN V 550 -40.60 52.82 -82.58
CA ASN V 550 -40.11 51.50 -83.01
C ASN V 550 -40.69 51.04 -84.35
N SER V 551 -41.98 51.28 -84.59
CA SER V 551 -42.65 50.86 -85.82
C SER V 551 -42.62 51.90 -86.96
N ARG V 552 -41.94 53.03 -86.77
CA ARG V 552 -41.91 54.09 -87.79
C ARG V 552 -41.31 53.51 -89.08
N LYS V 553 -42.04 53.69 -90.19
CA LYS V 553 -41.83 52.89 -91.38
C LYS V 553 -40.53 53.28 -92.13
N PRO V 554 -39.96 52.34 -92.94
CA PRO V 554 -38.65 52.61 -93.56
C PRO V 554 -38.69 53.65 -94.68
N GLN V 555 -37.55 53.83 -95.35
CA GLN V 555 -37.46 54.64 -96.58
C GLN V 555 -37.23 53.71 -97.78
N MET W 1 -18.83 78.52 -92.23
CA MET W 1 -19.02 77.05 -92.03
C MET W 1 -17.70 76.39 -91.61
N TYR W 2 -17.65 75.96 -90.35
CA TYR W 2 -16.56 75.13 -89.85
C TYR W 2 -17.06 73.69 -89.91
N THR W 3 -16.22 72.78 -90.43
CA THR W 3 -16.65 71.42 -90.78
C THR W 3 -15.91 70.32 -90.01
N VAL W 4 -16.49 69.12 -90.03
CA VAL W 4 -15.90 67.91 -89.44
C VAL W 4 -14.47 67.68 -89.97
N GLY W 5 -14.28 67.87 -91.26
CA GLY W 5 -12.96 67.75 -91.87
C GLY W 5 -11.95 68.77 -91.35
N MET W 6 -12.40 70.01 -91.16
CA MET W 6 -11.54 71.07 -90.60
C MET W 6 -11.17 70.76 -89.14
N TYR W 7 -12.15 70.31 -88.35
CA TYR W 7 -11.88 69.84 -87.00
C TYR W 7 -10.75 68.84 -86.98
N LEU W 8 -10.81 67.85 -87.87
CA LEU W 8 -9.77 66.83 -87.98
C LEU W 8 -8.42 67.43 -88.38
N ALA W 9 -8.45 68.34 -89.33
CA ALA W 9 -7.23 69.05 -89.78
C ALA W 9 -6.60 69.81 -88.63
N GLU W 10 -7.43 70.56 -87.90
CA GLU W 10 -6.96 71.34 -86.74
C GLU W 10 -6.29 70.45 -85.69
N ARG W 11 -6.92 69.32 -85.36
CA ARG W 11 -6.33 68.38 -84.38
C ARG W 11 -5.05 67.74 -84.84
N LEU W 12 -4.95 67.41 -86.13
CA LEU W 12 -3.69 66.88 -86.68
C LEU W 12 -2.57 67.94 -86.60
N ALA W 13 -2.88 69.18 -86.92
CA ALA W 13 -1.94 70.31 -86.76
C ALA W 13 -1.53 70.55 -85.30
N GLN W 14 -2.47 70.42 -84.36
CA GLN W 14 -2.18 70.49 -82.91
C GLN W 14 -1.27 69.38 -82.35
N ILE W 15 -1.18 68.24 -83.04
CA ILE W 15 -0.22 67.16 -82.69
C ILE W 15 1.22 67.55 -83.08
N GLY W 16 1.35 68.44 -84.07
CA GLY W 16 2.64 68.82 -84.64
C GLY W 16 2.88 68.22 -86.01
N LEU W 17 1.83 68.19 -86.83
CA LEU W 17 1.93 67.71 -88.21
C LEU W 17 1.96 68.91 -89.14
N LYS W 18 2.97 68.94 -90.01
CA LYS W 18 3.07 69.87 -91.12
C LYS W 18 2.67 69.21 -92.45
N HIS W 19 2.48 67.88 -92.45
CA HIS W 19 2.04 67.14 -93.63
C HIS W 19 1.07 66.01 -93.26
N HIS W 20 0.22 65.64 -94.23
CA HIS W 20 -0.49 64.37 -94.23
C HIS W 20 -0.49 63.80 -95.64
N PHE W 21 -0.63 62.48 -95.73
CA PHE W 21 -0.45 61.73 -96.96
C PHE W 21 -1.80 61.21 -97.46
N ALA W 22 -2.00 61.22 -98.78
CA ALA W 22 -3.31 60.88 -99.34
C ALA W 22 -3.25 60.17 -100.70
N VAL W 23 -4.25 59.33 -100.93
CA VAL W 23 -4.59 58.86 -102.28
C VAL W 23 -6.08 59.11 -102.44
N ALA W 24 -6.44 59.89 -103.45
CA ALA W 24 -7.83 60.30 -103.64
C ALA W 24 -8.72 59.14 -104.09
N GLY W 25 -9.98 59.23 -103.70
CA GLY W 25 -11.06 58.39 -104.21
C GLY W 25 -12.35 59.11 -103.89
N ASP W 26 -13.43 58.81 -104.60
CA ASP W 26 -14.66 59.62 -104.48
C ASP W 26 -15.26 59.64 -103.07
N TYR W 27 -14.99 58.61 -102.27
CA TYR W 27 -15.40 58.60 -100.86
C TYR W 27 -14.62 59.56 -99.95
N ASN W 28 -13.44 60.03 -100.37
CA ASN W 28 -12.63 60.99 -99.56
C ASN W 28 -12.33 62.35 -100.20
N LEU W 29 -12.95 62.70 -101.33
CA LEU W 29 -12.64 63.96 -102.03
C LEU W 29 -13.07 65.20 -101.24
N VAL W 30 -14.29 65.17 -100.70
CA VAL W 30 -14.77 66.30 -99.89
C VAL W 30 -13.96 66.43 -98.59
N LEU W 31 -13.46 65.30 -98.07
CA LEU W 31 -12.60 65.30 -96.88
C LEU W 31 -11.26 65.93 -97.19
N LEU W 32 -10.66 65.54 -98.30
CA LEU W 32 -9.39 66.09 -98.73
C LEU W 32 -9.47 67.59 -98.98
N ASP W 33 -10.62 68.08 -99.46
CA ASP W 33 -10.87 69.51 -99.59
C ASP W 33 -10.79 70.25 -98.25
N GLN W 34 -11.41 69.70 -97.20
CA GLN W 34 -11.43 70.35 -95.89
C GLN W 34 -10.03 70.37 -95.27
N LEU W 35 -9.29 69.29 -95.47
CA LEU W 35 -7.89 69.23 -95.04
C LEU W 35 -6.96 70.23 -95.79
N LEU W 36 -7.26 70.52 -97.06
CA LEU W 36 -6.52 71.53 -97.85
C LEU W 36 -6.74 72.96 -97.37
N LEU W 37 -7.93 73.23 -96.80
CA LEU W 37 -8.23 74.55 -96.24
C LEU W 37 -7.39 74.92 -95.00
N ASN W 38 -6.72 73.94 -94.41
CA ASN W 38 -5.84 74.17 -93.26
C ASN W 38 -4.54 74.87 -93.62
N LYS W 39 -4.17 75.88 -92.84
CA LYS W 39 -2.98 76.70 -93.06
C LYS W 39 -1.70 75.90 -92.81
N ASP W 40 -1.73 75.09 -91.75
CA ASP W 40 -0.52 74.50 -91.17
C ASP W 40 0.01 73.25 -91.87
N MET W 41 -0.77 72.66 -92.77
CA MET W 41 -0.41 71.37 -93.37
C MET W 41 -0.38 71.40 -94.90
N GLU W 42 0.51 70.58 -95.47
N GLU W 42 0.49 70.58 -95.49
CA GLU W 42 0.56 70.31 -96.93
CA GLU W 42 0.47 70.35 -96.93
C GLU W 42 0.08 68.87 -97.20
C GLU W 42 0.12 68.89 -97.26
N GLN W 43 -0.81 68.72 -98.19
CA GLN W 43 -1.35 67.42 -98.57
C GLN W 43 -0.42 66.73 -99.59
N VAL W 44 0.31 65.71 -99.14
CA VAL W 44 1.27 64.99 -99.99
C VAL W 44 0.62 63.75 -100.62
N TYR W 45 0.74 63.60 -101.93
CA TYR W 45 0.08 62.50 -102.64
C TYR W 45 1.04 61.34 -102.88
N CYS W 46 0.47 60.15 -102.99
CA CYS W 46 1.22 58.91 -103.12
C CYS W 46 0.70 58.07 -104.29
N CYS W 47 1.52 57.13 -104.75
CA CYS W 47 1.20 56.30 -105.91
C CYS W 47 0.11 55.28 -105.57
N ASN W 48 0.34 54.52 -104.51
CA ASN W 48 -0.64 53.55 -104.00
C ASN W 48 -0.77 53.64 -102.49
N GLU W 49 -1.76 52.95 -101.94
CA GLU W 49 -2.13 53.12 -100.53
C GLU W 49 -1.25 52.37 -99.56
N LEU W 50 -0.58 51.32 -100.03
CA LEU W 50 0.46 50.65 -99.23
C LEU W 50 1.61 51.62 -98.97
N ASN W 51 2.07 52.28 -100.03
CA ASN W 51 3.15 53.27 -99.94
C ASN W 51 2.73 54.53 -99.20
N CYS W 52 1.47 54.92 -99.34
CA CYS W 52 0.92 56.06 -98.60
C CYS W 52 0.92 55.82 -97.10
N GLY W 53 0.62 54.58 -96.70
CA GLY W 53 0.65 54.19 -95.29
C GLY W 53 2.06 54.12 -94.75
N PHE W 54 2.97 53.53 -95.52
CA PHE W 54 4.40 53.48 -95.15
C PHE W 54 5.07 54.85 -95.21
N SER W 55 4.53 55.79 -95.99
CA SER W 55 5.01 57.18 -96.00
C SER W 55 4.65 57.86 -94.70
N ALA W 56 3.38 57.74 -94.30
CA ALA W 56 2.93 58.19 -92.98
C ALA W 56 3.74 57.55 -91.85
N GLU W 57 4.07 56.28 -91.98
CA GLU W 57 4.85 55.56 -90.98
C GLU W 57 6.27 56.16 -90.82
N GLY W 58 6.94 56.42 -91.95
CA GLY W 58 8.23 57.09 -91.94
C GLY W 58 8.16 58.50 -91.37
N TYR W 59 7.12 59.23 -91.73
CA TYR W 59 6.87 60.58 -91.19
C TYR W 59 6.71 60.60 -89.66
N ALA W 60 6.09 59.56 -89.10
CA ALA W 60 5.93 59.43 -87.65
C ALA W 60 7.26 59.18 -86.93
N ARG W 61 8.18 58.45 -87.57
CA ARG W 61 9.55 58.31 -87.05
C ARG W 61 10.28 59.66 -86.99
N ALA W 62 9.95 60.57 -87.90
CA ALA W 62 10.46 61.94 -87.86
C ALA W 62 9.82 62.77 -86.75
N ARG W 63 8.50 62.85 -86.75
CA ARG W 63 7.75 63.82 -85.95
C ARG W 63 6.87 63.27 -84.81
N GLY W 64 6.90 61.95 -84.57
CA GLY W 64 6.12 61.34 -83.49
C GLY W 64 4.70 60.86 -83.82
N ALA W 65 4.06 61.48 -84.83
CA ALA W 65 2.74 61.07 -85.33
C ALA W 65 2.61 61.33 -86.83
N ALA W 66 1.52 60.85 -87.44
CA ALA W 66 1.26 60.99 -88.89
C ALA W 66 -0.18 60.64 -89.26
N ALA W 67 -0.63 61.12 -90.41
CA ALA W 67 -1.95 60.83 -90.94
C ALA W 67 -1.87 60.38 -92.40
N ALA W 68 -2.53 59.26 -92.73
CA ALA W 68 -2.72 58.80 -94.12
C ALA W 68 -4.21 58.73 -94.45
N ILE W 69 -4.62 59.34 -95.56
CA ILE W 69 -6.04 59.40 -95.95
C ILE W 69 -6.25 58.54 -97.21
N VAL W 70 -7.19 57.60 -97.14
CA VAL W 70 -7.46 56.65 -98.24
C VAL W 70 -8.96 56.53 -98.53
N THR W 71 -9.31 55.87 -99.63
CA THR W 71 -10.72 55.62 -99.97
C THR W 71 -11.19 54.28 -99.42
N PHE W 72 -12.50 54.10 -99.40
CA PHE W 72 -13.12 52.90 -98.82
C PHE W 72 -12.69 51.60 -99.54
N SER W 73 -12.22 50.64 -98.74
CA SER W 73 -11.86 49.27 -99.17
C SER W 73 -10.67 49.12 -100.08
N VAL W 74 -10.80 49.56 -101.33
CA VAL W 74 -9.71 49.42 -102.31
C VAL W 74 -8.45 50.14 -101.87
N GLY W 75 -8.61 51.26 -101.17
CA GLY W 75 -7.51 51.95 -100.53
C GLY W 75 -7.14 51.35 -99.18
N ALA W 76 -8.14 51.25 -98.31
CA ALA W 76 -7.89 50.97 -96.89
C ALA W 76 -7.29 49.61 -96.58
N ILE W 77 -7.64 48.57 -97.33
CA ILE W 77 -7.13 47.23 -97.03
C ILE W 77 -5.62 47.10 -97.28
N SER W 78 -5.12 47.65 -98.38
CA SER W 78 -3.66 47.72 -98.61
C SER W 78 -2.96 48.51 -97.50
N ALA W 79 -3.53 49.66 -97.16
CA ALA W 79 -3.05 50.51 -96.07
C ALA W 79 -3.06 49.83 -94.69
N MET W 80 -3.96 48.86 -94.45
CA MET W 80 -3.95 48.09 -93.19
C MET W 80 -2.65 47.32 -92.96
N ASN W 81 -1.99 46.93 -94.06
CA ASN W 81 -0.66 46.32 -93.99
C ASN W 81 0.35 47.28 -93.33
N ALA W 82 0.36 48.52 -93.80
CA ALA W 82 1.22 49.56 -93.25
C ALA W 82 0.83 49.94 -91.82
N ILE W 83 -0.47 49.90 -91.53
CA ILE W 83 -0.97 50.09 -90.16
C ILE W 83 -0.54 48.95 -89.24
N GLY W 84 -0.60 47.72 -89.72
CA GLY W 84 -0.07 46.55 -89.01
C GLY W 84 1.40 46.76 -88.67
N GLY W 85 2.16 47.28 -89.63
CA GLY W 85 3.56 47.67 -89.41
C GLY W 85 3.74 48.77 -88.40
N ALA W 86 2.91 49.80 -88.47
CA ALA W 86 2.91 50.88 -87.48
C ALA W 86 2.58 50.38 -86.07
N TYR W 87 1.74 49.34 -85.96
CA TYR W 87 1.45 48.71 -84.67
C TYR W 87 2.69 47.96 -84.18
N ALA W 88 3.31 47.19 -85.06
CA ALA W 88 4.53 46.42 -84.77
C ALA W 88 5.77 47.26 -84.38
N GLU W 89 5.84 48.49 -84.88
CA GLU W 89 6.99 49.38 -84.65
C GLU W 89 6.64 50.57 -83.74
N ASN W 90 5.44 50.53 -83.15
CA ASN W 90 5.03 51.42 -82.06
C ASN W 90 4.98 52.88 -82.45
N LEU W 91 4.24 53.16 -83.54
CA LEU W 91 4.17 54.48 -84.14
C LEU W 91 2.71 54.97 -84.24
N PRO W 92 2.40 56.17 -83.68
CA PRO W 92 1.08 56.80 -83.80
C PRO W 92 0.65 57.26 -85.20
N VAL W 93 0.45 56.32 -86.13
CA VAL W 93 -0.13 56.65 -87.43
C VAL W 93 -1.66 56.65 -87.33
N ILE W 94 -2.30 57.69 -87.85
CA ILE W 94 -3.77 57.74 -87.97
C ILE W 94 -4.20 57.44 -89.42
N LEU W 95 -4.81 56.28 -89.64
CA LEU W 95 -5.40 55.96 -90.94
C LEU W 95 -6.83 56.47 -90.98
N ILE W 96 -7.11 57.47 -91.81
CA ILE W 96 -8.49 57.95 -92.02
C ILE W 96 -8.98 57.47 -93.38
N SER W 97 -10.13 56.80 -93.39
CA SER W 97 -10.74 56.33 -94.63
C SER W 97 -12.02 57.09 -94.88
N GLY W 98 -12.25 57.46 -96.15
CA GLY W 98 -13.57 57.89 -96.58
C GLY W 98 -14.48 56.67 -96.51
N SER W 99 -15.77 56.88 -96.31
CA SER W 99 -16.71 55.76 -96.19
C SER W 99 -18.08 56.13 -96.77
N PRO W 100 -19.02 55.15 -96.83
CA PRO W 100 -20.26 55.43 -97.56
C PRO W 100 -21.12 56.54 -96.98
N ASN W 101 -21.92 57.13 -97.86
CA ASN W 101 -22.96 58.08 -97.53
C ASN W 101 -23.86 57.56 -96.41
N THR W 102 -24.19 58.43 -95.45
CA THR W 102 -25.03 58.06 -94.30
C THR W 102 -26.37 57.47 -94.69
N ASN W 103 -26.96 57.95 -95.78
CA ASN W 103 -28.29 57.50 -96.24
C ASN W 103 -28.34 56.08 -96.79
N ASP W 104 -27.20 55.48 -97.11
CA ASP W 104 -27.14 54.08 -97.57
C ASP W 104 -27.22 53.06 -96.45
N TYR W 105 -26.99 53.48 -95.20
CA TYR W 105 -27.07 52.57 -94.07
C TYR W 105 -28.53 52.16 -93.82
N GLY W 106 -28.76 50.87 -93.57
CA GLY W 106 -30.11 50.32 -93.34
C GLY W 106 -31.04 50.33 -94.54
N THR W 107 -30.50 50.25 -95.75
CA THR W 107 -31.28 50.26 -96.99
C THR W 107 -31.19 48.99 -97.83
N GLY W 108 -30.11 48.24 -97.71
CA GLY W 108 -29.80 47.11 -98.58
C GLY W 108 -29.03 47.45 -99.84
N HIS W 109 -28.56 48.68 -99.99
CA HIS W 109 -27.91 49.13 -101.21
C HIS W 109 -26.53 48.49 -101.40
N ILE W 110 -26.22 48.13 -102.65
CA ILE W 110 -24.92 47.57 -103.01
C ILE W 110 -24.06 48.74 -103.49
N LEU W 111 -22.87 48.90 -102.91
CA LEU W 111 -22.03 50.06 -103.19
C LEU W 111 -20.69 49.67 -103.80
N HIS W 112 -20.21 50.53 -104.68
CA HIS W 112 -18.91 50.38 -105.33
C HIS W 112 -17.77 50.39 -104.31
N HIS W 113 -16.67 49.73 -104.65
CA HIS W 113 -15.58 49.43 -103.73
C HIS W 113 -16.01 48.61 -102.53
N THR W 114 -17.03 47.79 -102.66
CA THR W 114 -17.34 46.85 -101.59
C THR W 114 -17.34 45.46 -102.17
N ILE W 115 -17.32 44.47 -101.29
CA ILE W 115 -17.41 43.07 -101.71
C ILE W 115 -18.80 42.68 -102.28
N GLY W 116 -19.75 43.62 -102.30
CA GLY W 116 -21.03 43.44 -102.96
C GLY W 116 -22.14 42.89 -102.08
N THR W 117 -21.98 43.00 -100.76
CA THR W 117 -23.02 42.64 -99.78
C THR W 117 -23.61 43.92 -99.17
N THR W 118 -24.54 43.77 -98.24
CA THR W 118 -25.12 44.91 -97.52
C THR W 118 -24.35 45.29 -96.24
N ASP W 119 -23.33 44.49 -95.92
CA ASP W 119 -22.41 44.79 -94.83
C ASP W 119 -21.42 45.87 -95.27
N TYR W 120 -21.51 47.05 -94.66
CA TYR W 120 -20.49 48.09 -94.84
C TYR W 120 -19.52 48.12 -93.66
N ASN W 121 -19.75 47.29 -92.64
CA ASN W 121 -18.97 47.34 -91.41
C ASN W 121 -17.70 46.49 -91.45
N TYR W 122 -17.52 45.68 -92.50
CA TYR W 122 -16.40 44.74 -92.56
C TYR W 122 -15.01 45.38 -92.46
N GLN W 123 -14.85 46.58 -93.04
CA GLN W 123 -13.55 47.26 -93.01
C GLN W 123 -13.14 47.61 -91.59
N LEU W 124 -14.08 48.20 -90.85
CA LEU W 124 -13.90 48.52 -89.44
C LEU W 124 -13.59 47.27 -88.59
N GLU W 125 -14.26 46.16 -88.88
CA GLU W 125 -13.99 44.91 -88.16
C GLU W 125 -12.60 44.34 -88.48
N MET W 126 -12.15 44.51 -89.72
CA MET W 126 -10.79 44.09 -90.10
C MET W 126 -9.70 44.93 -89.39
N VAL W 127 -9.89 46.25 -89.38
CA VAL W 127 -8.86 47.18 -88.93
C VAL W 127 -8.69 47.22 -87.40
N LYS W 128 -9.71 46.79 -86.66
CA LYS W 128 -9.62 46.62 -85.20
C LYS W 128 -8.52 45.66 -84.75
N HIS W 129 -8.20 44.66 -85.58
CA HIS W 129 -7.14 43.70 -85.21
C HIS W 129 -5.71 44.27 -85.31
N VAL W 130 -5.54 45.44 -85.94
CA VAL W 130 -4.22 46.06 -86.13
C VAL W 130 -4.21 47.53 -85.66
N THR W 131 -5.12 47.90 -84.78
CA THR W 131 -5.15 49.23 -84.21
C THR W 131 -5.46 49.19 -82.72
N CYS W 132 -5.16 50.30 -82.04
CA CYS W 132 -5.45 50.46 -80.61
C CYS W 132 -6.82 51.14 -80.40
N ALA W 133 -7.33 51.77 -81.45
CA ALA W 133 -8.66 52.36 -81.42
C ALA W 133 -9.14 52.49 -82.85
N ALA W 134 -10.45 52.47 -83.03
CA ALA W 134 -11.05 52.55 -84.35
C ALA W 134 -12.50 52.97 -84.20
N GLU W 135 -12.85 54.07 -84.86
CA GLU W 135 -14.20 54.60 -84.76
C GLU W 135 -14.68 54.94 -86.14
N SER W 136 -16.00 55.08 -86.22
CA SER W 136 -16.71 55.37 -87.46
C SER W 136 -17.55 56.62 -87.21
N ILE W 137 -17.48 57.60 -88.09
CA ILE W 137 -18.21 58.85 -87.93
C ILE W 137 -19.33 58.94 -88.97
N VAL W 138 -20.58 58.87 -88.49
CA VAL W 138 -21.77 59.06 -89.33
C VAL W 138 -22.59 60.33 -89.01
N SER W 139 -22.14 61.12 -88.02
CA SER W 139 -22.81 62.41 -87.71
C SER W 139 -21.81 63.48 -87.26
N ALA W 140 -22.22 64.73 -87.49
CA ALA W 140 -21.49 65.91 -87.01
C ALA W 140 -21.32 65.89 -85.50
N GLU W 141 -22.43 65.68 -84.80
CA GLU W 141 -22.45 65.69 -83.33
C GLU W 141 -21.47 64.70 -82.68
N GLU W 142 -21.28 63.52 -83.27
CA GLU W 142 -20.39 62.49 -82.68
C GLU W 142 -18.93 62.64 -83.09
N ALA W 143 -18.65 63.44 -84.12
CA ALA W 143 -17.31 63.51 -84.72
C ALA W 143 -16.18 64.02 -83.79
N PRO W 144 -16.45 65.08 -82.99
CA PRO W 144 -15.41 65.57 -82.07
C PRO W 144 -14.92 64.52 -81.08
N ALA W 145 -15.83 63.80 -80.42
CA ALA W 145 -15.44 62.77 -79.44
C ALA W 145 -14.65 61.65 -80.10
N LYS W 146 -15.06 61.26 -81.30
CA LYS W 146 -14.42 60.14 -81.99
C LYS W 146 -13.09 60.51 -82.61
N ILE W 147 -12.99 61.69 -83.22
CA ILE W 147 -11.70 62.19 -83.69
C ILE W 147 -10.71 62.28 -82.51
N ASP W 148 -11.10 62.93 -81.43
CA ASP W 148 -10.16 63.13 -80.32
C ASP W 148 -9.81 61.82 -79.62
N HIS W 149 -10.78 60.90 -79.50
CA HIS W 149 -10.52 59.57 -78.91
C HIS W 149 -9.45 58.78 -79.65
N VAL W 150 -9.52 58.75 -80.98
CA VAL W 150 -8.52 57.97 -81.75
C VAL W 150 -7.11 58.58 -81.65
N ILE W 151 -7.02 59.90 -81.76
CA ILE W 151 -5.74 60.62 -81.71
C ILE W 151 -5.11 60.44 -80.32
N ARG W 152 -5.88 60.75 -79.28
CA ARG W 152 -5.38 60.65 -77.90
C ARG W 152 -4.85 59.26 -77.57
N THR W 153 -5.63 58.24 -77.91
CA THR W 153 -5.27 56.85 -77.64
C THR W 153 -4.04 56.45 -78.43
N ALA W 154 -4.01 56.87 -79.70
CA ALA W 154 -2.84 56.61 -80.54
C ALA W 154 -1.55 57.21 -79.95
N LEU W 155 -1.62 58.47 -79.53
CA LEU W 155 -0.47 59.15 -78.93
C LEU W 155 -0.02 58.50 -77.63
N ARG W 156 -0.96 58.29 -76.70
CA ARG W 156 -0.63 57.70 -75.39
C ARG W 156 -0.09 56.28 -75.50
N GLU W 157 -0.75 55.44 -76.31
CA GLU W 157 -0.35 54.04 -76.44
C GLU W 157 0.81 53.81 -77.41
N ARG W 158 1.16 54.83 -78.20
CA ARG W 158 2.17 54.69 -79.27
C ARG W 158 1.79 53.53 -80.19
N LYS W 159 0.56 53.62 -80.70
CA LYS W 159 0.01 52.63 -81.63
C LYS W 159 -0.83 53.37 -82.66
N PRO W 160 -1.01 52.78 -83.84
CA PRO W 160 -1.87 53.41 -84.83
C PRO W 160 -3.36 53.26 -84.50
N ALA W 161 -4.16 54.15 -85.08
CA ALA W 161 -5.60 54.17 -84.88
C ALA W 161 -6.30 54.43 -86.20
N TYR W 162 -7.61 54.28 -86.21
CA TYR W 162 -8.39 54.31 -87.45
C TYR W 162 -9.61 55.18 -87.32
N LEU W 163 -9.89 55.95 -88.35
CA LEU W 163 -11.12 56.69 -88.48
C LEU W 163 -11.74 56.40 -89.83
N GLU W 164 -13.06 56.27 -89.87
CA GLU W 164 -13.78 56.42 -91.13
C GLU W 164 -14.78 57.53 -90.98
N ILE W 165 -14.86 58.38 -92.00
CA ILE W 165 -15.80 59.48 -92.03
C ILE W 165 -16.68 59.28 -93.26
N ALA W 166 -17.98 59.21 -93.05
CA ALA W 166 -18.96 59.16 -94.14
C ALA W 166 -18.69 60.30 -95.10
N CYS W 167 -18.80 60.03 -96.39
CA CYS W 167 -18.43 61.02 -97.42
C CYS W 167 -19.28 62.30 -97.41
N ASN W 168 -20.53 62.19 -96.95
CA ASN W 168 -21.44 63.35 -96.87
C ASN W 168 -21.47 64.01 -95.47
N VAL W 169 -20.59 63.57 -94.58
CA VAL W 169 -20.42 64.15 -93.24
C VAL W 169 -19.12 64.95 -93.13
N ALA W 170 -18.09 64.56 -93.89
CA ALA W 170 -16.80 65.27 -93.93
C ALA W 170 -16.89 66.79 -94.13
N GLY W 171 -17.85 67.23 -94.95
CA GLY W 171 -18.08 68.65 -95.22
C GLY W 171 -19.22 69.28 -94.44
N ALA W 172 -19.71 68.61 -93.40
CA ALA W 172 -20.89 69.08 -92.66
C ALA W 172 -20.49 69.94 -91.44
N GLU W 173 -21.39 70.86 -91.08
CA GLU W 173 -21.26 71.75 -89.90
C GLU W 173 -20.83 70.99 -88.63
N CYS W 174 -19.69 71.39 -88.06
CA CYS W 174 -19.14 70.80 -86.84
C CYS W 174 -18.78 71.90 -85.82
N VAL W 175 -18.86 71.57 -84.53
CA VAL W 175 -18.42 72.49 -83.46
C VAL W 175 -16.91 72.60 -83.50
N ARG W 176 -16.37 73.73 -83.07
CA ARG W 176 -14.93 74.02 -83.14
C ARG W 176 -14.15 73.40 -81.99
N PRO W 177 -12.89 72.98 -82.22
CA PRO W 177 -12.08 72.42 -81.15
C PRO W 177 -11.52 73.48 -80.22
N GLY W 178 -11.66 73.26 -78.90
CA GLY W 178 -11.11 74.17 -77.91
C GLY W 178 -9.59 74.15 -77.88
N PRO W 179 -8.96 75.21 -77.33
CA PRO W 179 -7.50 75.28 -77.29
C PRO W 179 -6.90 74.29 -76.29
N ILE W 180 -5.68 73.82 -76.57
CA ILE W 180 -5.00 72.83 -75.74
C ILE W 180 -3.51 73.12 -75.59
N ASN W 181 -2.90 72.52 -74.57
CA ASN W 181 -1.45 72.52 -74.38
C ASN W 181 -0.83 71.45 -75.29
N SER W 182 -1.32 70.22 -75.13
CA SER W 182 -0.79 69.05 -75.85
C SER W 182 -1.87 67.96 -75.92
N LEU W 183 -2.01 67.29 -77.06
CA LEU W 183 -2.92 66.15 -77.20
C LEU W 183 -2.41 64.89 -76.51
N LEU W 184 -1.11 64.83 -76.19
CA LEU W 184 -0.53 63.73 -75.39
C LEU W 184 -0.66 63.99 -73.88
N ARG W 185 -1.55 63.25 -73.21
CA ARG W 185 -1.61 63.20 -71.75
C ARG W 185 -1.29 61.80 -71.29
N GLU W 186 -0.44 61.67 -70.28
CA GLU W 186 -0.02 60.37 -69.76
C GLU W 186 -0.89 59.92 -68.58
N LEU W 187 -0.74 58.66 -68.19
CA LEU W 187 -1.35 58.14 -66.96
C LEU W 187 -0.56 58.67 -65.77
N GLU W 188 -1.27 59.20 -64.77
CA GLU W 188 -0.64 59.62 -63.51
C GLU W 188 0.10 58.44 -62.89
N VAL W 189 1.28 58.73 -62.36
CA VAL W 189 2.16 57.70 -61.82
C VAL W 189 1.85 57.49 -60.34
N ASP W 190 1.95 56.24 -59.90
CA ASP W 190 1.83 55.86 -58.49
C ASP W 190 3.21 55.93 -57.83
N GLN W 191 3.38 56.86 -56.88
CA GLN W 191 4.66 57.06 -56.21
C GLN W 191 5.03 55.94 -55.22
N THR W 192 4.04 55.34 -54.58
CA THR W 192 4.24 54.14 -53.74
C THR W 192 4.96 53.05 -54.53
N SER W 193 4.59 52.90 -55.81
CA SER W 193 5.18 51.89 -56.70
C SER W 193 6.59 52.29 -57.16
N VAL W 194 6.74 53.54 -57.59
CA VAL W 194 8.04 54.11 -58.01
C VAL W 194 9.06 53.92 -56.88
N THR W 195 8.73 54.49 -55.72
CA THR W 195 9.58 54.46 -54.52
C THR W 195 9.99 53.04 -54.13
N ALA W 196 9.01 52.14 -54.07
CA ALA W 196 9.25 50.74 -53.69
C ALA W 196 10.07 49.97 -54.72
N ALA W 197 9.91 50.33 -56.00
CA ALA W 197 10.67 49.72 -57.09
C ALA W 197 12.15 50.14 -57.05
N VAL W 198 12.38 51.45 -56.91
CA VAL W 198 13.74 52.02 -56.83
C VAL W 198 14.53 51.40 -55.68
N ASP W 199 13.91 51.38 -54.49
CA ASP W 199 14.54 50.84 -53.27
C ASP W 199 14.84 49.34 -53.39
N ALA W 200 13.89 48.58 -53.93
CA ALA W 200 14.10 47.15 -54.17
C ALA W 200 15.18 46.91 -55.23
N ALA W 201 15.31 47.83 -56.19
CA ALA W 201 16.38 47.79 -57.19
C ALA W 201 17.75 48.12 -56.59
N VAL W 202 17.81 49.17 -55.77
CA VAL W 202 19.04 49.54 -55.02
C VAL W 202 19.59 48.33 -54.24
N GLU W 203 18.70 47.61 -53.55
CA GLU W 203 19.08 46.41 -52.77
C GLU W 203 19.43 45.21 -53.67
N TRP W 204 18.74 45.06 -54.79
CA TRP W 204 19.06 44.01 -55.77
C TRP W 204 20.48 44.18 -56.33
N LEU W 205 20.91 45.43 -56.49
CA LEU W 205 22.26 45.75 -57.03
C LEU W 205 23.43 45.71 -56.01
N GLN W 206 23.13 45.59 -54.71
CA GLN W 206 24.18 45.54 -53.65
C GLN W 206 25.20 44.42 -53.83
N ASP W 207 24.73 43.23 -54.20
CA ASP W 207 25.57 42.04 -54.32
C ASP W 207 25.92 41.73 -55.80
N ARG W 208 26.02 42.78 -56.63
CA ARG W 208 26.18 42.65 -58.08
C ARG W 208 27.14 43.72 -58.63
N GLN W 209 28.32 43.27 -59.07
CA GLN W 209 29.41 44.18 -59.48
C GLN W 209 29.31 44.54 -60.95
N ASN W 210 29.22 43.51 -61.81
CA ASN W 210 29.17 43.68 -63.27
C ASN W 210 27.74 44.00 -63.78
N VAL W 211 27.48 45.30 -63.94
CA VAL W 211 26.18 45.82 -64.38
C VAL W 211 26.25 46.22 -65.87
N VAL W 212 25.22 45.84 -66.63
CA VAL W 212 25.13 46.14 -68.07
C VAL W 212 23.72 46.62 -68.42
N MET W 213 23.62 47.86 -68.89
CA MET W 213 22.39 48.33 -69.52
C MET W 213 22.27 47.73 -70.93
N LEU W 214 21.06 47.29 -71.29
CA LEU W 214 20.76 46.74 -72.62
C LEU W 214 19.54 47.47 -73.18
N VAL W 215 19.77 48.40 -74.11
CA VAL W 215 18.73 49.29 -74.64
C VAL W 215 17.93 48.52 -75.68
N GLY W 216 16.60 48.63 -75.60
CA GLY W 216 15.68 47.86 -76.44
C GLY W 216 14.86 48.73 -77.35
N SER W 217 14.22 48.10 -78.34
CA SER W 217 13.52 48.80 -79.41
C SER W 217 12.30 49.64 -79.00
N LYS W 218 11.75 49.44 -77.80
CA LYS W 218 10.60 50.26 -77.34
C LYS W 218 11.00 51.53 -76.57
N LEU W 219 12.30 51.83 -76.46
CA LEU W 219 12.77 52.99 -75.68
C LEU W 219 12.25 54.33 -76.21
N ARG W 220 12.14 54.48 -77.53
CA ARG W 220 11.56 55.69 -78.13
C ARG W 220 10.05 55.80 -77.87
N ALA W 221 9.34 54.68 -77.93
CA ALA W 221 7.93 54.63 -77.55
C ALA W 221 7.71 55.01 -76.08
N ALA W 222 8.66 54.62 -75.22
CA ALA W 222 8.68 55.03 -73.81
C ALA W 222 8.94 56.53 -73.56
N ALA W 223 9.56 57.21 -74.53
CA ALA W 223 9.99 58.62 -74.42
C ALA W 223 11.04 58.80 -73.31
N ALA W 224 11.95 57.83 -73.24
CA ALA W 224 12.91 57.73 -72.14
C ALA W 224 14.36 57.63 -72.63
N GLU W 225 14.68 58.39 -73.68
CA GLU W 225 16.05 58.39 -74.24
C GLU W 225 16.99 59.23 -73.37
N LYS W 226 16.53 60.41 -72.96
CA LYS W 226 17.29 61.29 -72.05
C LYS W 226 17.35 60.76 -70.60
N GLN W 227 16.30 60.05 -70.17
CA GLN W 227 16.29 59.40 -68.86
C GLN W 227 17.16 58.13 -68.85
N ALA W 228 17.35 57.51 -70.01
CA ALA W 228 18.32 56.42 -70.16
C ALA W 228 19.76 56.92 -70.07
N VAL W 229 20.01 58.14 -70.57
CA VAL W 229 21.34 58.77 -70.49
C VAL W 229 21.70 59.06 -69.03
N ALA W 230 20.81 59.77 -68.33
CA ALA W 230 20.99 60.07 -66.90
C ALA W 230 21.26 58.82 -66.05
N LEU W 231 20.58 57.72 -66.38
CA LEU W 231 20.80 56.42 -65.71
C LEU W 231 22.16 55.81 -66.04
N ALA W 232 22.59 55.91 -67.30
CA ALA W 232 23.84 55.29 -67.77
C ALA W 232 25.12 55.88 -67.13
N ASP W 233 25.12 57.19 -66.92
CA ASP W 233 26.28 57.88 -66.33
C ASP W 233 26.23 58.02 -64.80
N ARG W 234 25.04 57.92 -64.20
CA ARG W 234 24.90 57.67 -62.75
C ARG W 234 25.50 56.30 -62.39
N LEU W 235 25.02 55.26 -63.04
CA LEU W 235 25.58 53.92 -62.87
C LEU W 235 27.05 53.85 -63.28
N GLY W 236 27.39 54.58 -64.34
CA GLY W 236 28.72 54.49 -64.95
C GLY W 236 29.00 53.13 -65.57
N CYS W 237 27.95 52.39 -65.90
CA CYS W 237 28.05 51.00 -66.35
C CYS W 237 28.19 50.92 -67.87
N ALA W 238 28.60 49.75 -68.34
CA ALA W 238 28.68 49.46 -69.79
C ALA W 238 27.27 49.39 -70.38
N VAL W 239 27.06 50.09 -71.50
CA VAL W 239 25.77 50.17 -72.18
C VAL W 239 25.88 49.42 -73.50
N THR W 240 25.00 48.43 -73.72
CA THR W 240 24.84 47.74 -75.00
C THR W 240 23.49 48.11 -75.66
N ILE W 241 23.34 47.76 -76.94
CA ILE W 241 22.05 47.90 -77.64
C ILE W 241 21.64 46.58 -78.28
N MET W 242 20.32 46.43 -78.45
CA MET W 242 19.76 45.38 -79.28
C MET W 242 19.77 45.88 -80.73
N ALA W 243 19.77 44.94 -81.67
CA ALA W 243 19.78 45.27 -83.11
C ALA W 243 18.77 46.35 -83.51
N ALA W 244 17.51 46.16 -83.08
CA ALA W 244 16.42 47.06 -83.43
C ALA W 244 16.46 48.40 -82.69
N ALA W 245 17.30 48.50 -81.66
CA ALA W 245 17.41 49.70 -80.82
C ALA W 245 18.42 50.76 -81.30
N LYS W 246 19.05 50.53 -82.46
CA LYS W 246 20.18 51.34 -82.90
C LYS W 246 19.80 52.82 -83.04
N GLY W 247 20.60 53.68 -82.43
CA GLY W 247 20.40 55.13 -82.49
C GLY W 247 19.44 55.71 -81.45
N PHE W 248 18.94 54.87 -80.54
CA PHE W 248 18.16 55.34 -79.39
C PHE W 248 19.07 55.74 -78.22
N PHE W 249 20.21 55.06 -78.09
CA PHE W 249 21.30 55.45 -77.18
C PHE W 249 22.55 55.89 -77.97
N PRO W 250 23.09 57.11 -77.70
CA PRO W 250 24.31 57.56 -78.39
C PRO W 250 25.52 56.61 -78.26
N GLU W 251 26.15 56.31 -79.40
CA GLU W 251 27.36 55.46 -79.44
C GLU W 251 28.67 56.26 -79.23
N ASP W 252 28.55 57.59 -79.14
CA ASP W 252 29.65 58.47 -78.69
C ASP W 252 29.97 58.30 -77.20
N HIS W 253 28.92 58.17 -76.39
CA HIS W 253 29.02 58.00 -74.91
C HIS W 253 30.20 57.09 -74.49
N PRO W 254 31.08 57.59 -73.59
CA PRO W 254 32.28 56.85 -73.14
C PRO W 254 32.06 55.39 -72.72
N ASN W 255 30.91 55.12 -72.11
CA ASN W 255 30.56 53.78 -71.63
C ASN W 255 29.87 52.85 -72.64
N PHE W 256 29.55 53.33 -73.84
CA PHE W 256 28.92 52.47 -74.86
C PHE W 256 29.88 51.36 -75.32
N ARG W 257 29.46 50.10 -75.17
CA ARG W 257 30.30 48.92 -75.50
C ARG W 257 29.70 48.00 -76.58
N GLY W 258 28.81 48.54 -77.42
CA GLY W 258 28.41 47.86 -78.67
C GLY W 258 27.03 47.21 -78.73
N LEU W 259 26.96 46.08 -79.44
CA LEU W 259 25.70 45.50 -79.91
C LEU W 259 25.54 44.04 -79.50
N TYR W 260 24.52 43.76 -78.67
CA TYR W 260 24.16 42.39 -78.30
C TYR W 260 23.13 41.83 -79.28
N TRP W 261 23.45 40.68 -79.87
CA TRP W 261 22.56 39.95 -80.77
C TRP W 261 22.97 38.46 -80.82
N GLY W 262 23.23 37.89 -79.65
CA GLY W 262 23.68 36.50 -79.54
C GLY W 262 24.98 36.20 -80.27
N GLU W 263 24.97 35.15 -81.09
CA GLU W 263 26.15 34.72 -81.83
C GLU W 263 26.60 35.68 -82.95
N VAL W 264 25.82 36.72 -83.24
CA VAL W 264 26.18 37.74 -84.24
C VAL W 264 26.33 39.14 -83.60
N SER W 265 26.91 39.16 -82.40
CA SER W 265 27.16 40.41 -81.66
C SER W 265 28.46 41.08 -82.12
N SER W 266 28.72 42.28 -81.57
CA SER W 266 30.06 42.88 -81.62
C SER W 266 31.06 42.01 -80.85
N GLU W 267 32.34 42.12 -81.18
CA GLU W 267 33.38 41.16 -80.74
C GLU W 267 33.27 40.72 -79.26
N GLY W 268 33.27 41.70 -78.36
CA GLY W 268 33.21 41.44 -76.92
C GLY W 268 31.79 41.30 -76.38
N ALA W 269 30.87 42.09 -76.92
CA ALA W 269 29.52 42.31 -76.37
C ALA W 269 28.68 41.08 -75.96
N GLN W 270 28.90 39.91 -76.60
CA GLN W 270 28.16 38.69 -76.25
C GLN W 270 28.52 38.17 -74.86
N GLU W 271 29.79 37.86 -74.64
CA GLU W 271 30.29 37.38 -73.34
C GLU W 271 30.16 38.42 -72.22
N LEU W 272 30.16 39.70 -72.60
CA LEU W 272 29.90 40.82 -71.66
C LEU W 272 28.52 40.68 -71.00
N VAL W 273 27.50 40.37 -71.81
CA VAL W 273 26.10 40.29 -71.34
C VAL W 273 25.76 38.93 -70.73
N GLU W 274 26.18 37.84 -71.37
CA GLU W 274 25.83 36.49 -70.92
C GLU W 274 26.54 36.02 -69.63
N ASN W 275 27.54 36.78 -69.16
CA ASN W 275 28.23 36.51 -67.89
C ASN W 275 28.23 37.68 -66.90
N ALA W 276 27.39 38.70 -67.15
CA ALA W 276 27.24 39.83 -66.21
C ALA W 276 26.39 39.41 -64.99
N ASP W 277 26.41 40.27 -63.97
CA ASP W 277 25.69 40.01 -62.71
C ASP W 277 24.28 40.61 -62.75
N ALA W 278 24.16 41.84 -63.24
CA ALA W 278 22.86 42.50 -63.46
C ALA W 278 22.75 42.96 -64.90
N ILE W 279 21.59 42.73 -65.52
CA ILE W 279 21.30 43.15 -66.89
C ILE W 279 20.03 44.00 -66.88
N LEU W 280 20.18 45.31 -67.10
CA LEU W 280 19.03 46.23 -67.12
C LEU W 280 18.48 46.40 -68.55
N CYS W 281 17.55 45.52 -68.93
CA CYS W 281 16.89 45.61 -70.24
C CYS W 281 15.92 46.77 -70.26
N LEU W 282 16.27 47.85 -70.97
CA LEU W 282 15.37 48.99 -71.14
C LEU W 282 14.46 48.78 -72.36
N ALA W 283 13.24 48.32 -72.09
CA ALA W 283 12.17 48.21 -73.09
C ALA W 283 12.50 47.26 -74.26
N PRO W 284 12.86 46.01 -73.94
CA PRO W 284 13.18 45.06 -75.00
C PRO W 284 11.94 44.50 -75.72
N VAL W 285 12.18 43.91 -76.88
CA VAL W 285 11.22 43.06 -77.60
C VAL W 285 11.99 41.82 -78.05
N PHE W 286 11.84 40.72 -77.31
CA PHE W 286 12.55 39.48 -77.60
C PHE W 286 11.76 38.55 -78.51
N ASN W 287 11.72 38.89 -79.80
CA ASN W 287 11.07 38.01 -80.80
C ASN W 287 12.05 36.96 -81.33
N ASP W 288 11.59 36.09 -82.23
CA ASP W 288 12.44 35.00 -82.77
C ASP W 288 13.58 35.46 -83.71
N TYR W 289 13.56 36.72 -84.14
CA TYR W 289 14.66 37.33 -84.91
C TYR W 289 15.70 38.00 -84.00
N ALA W 290 15.24 38.74 -82.99
CA ALA W 290 16.14 39.38 -82.01
C ALA W 290 16.89 38.37 -81.12
N THR W 291 16.27 37.23 -80.85
CA THR W 291 16.89 36.18 -80.02
C THR W 291 17.71 35.18 -80.83
N VAL W 292 17.70 35.29 -82.15
CA VAL W 292 18.38 34.36 -83.07
C VAL W 292 17.77 32.96 -82.89
N GLY W 293 16.46 32.88 -83.06
CA GLY W 293 15.72 31.61 -82.99
C GLY W 293 15.64 31.01 -81.59
N TRP W 294 15.35 31.88 -80.61
CA TRP W 294 15.25 31.48 -79.19
C TRP W 294 16.56 30.93 -78.55
N ASN W 295 17.71 31.15 -79.21
CA ASN W 295 18.99 30.62 -78.73
C ASN W 295 19.76 31.61 -77.84
N SER W 296 19.31 32.87 -77.79
CA SER W 296 19.98 33.89 -77.02
C SER W 296 18.96 34.90 -76.45
N TRP W 297 18.33 34.47 -75.36
CA TRP W 297 17.26 35.19 -74.67
C TRP W 297 17.66 35.43 -73.20
N PRO W 298 18.06 36.68 -72.85
CA PRO W 298 18.37 37.00 -71.44
C PRO W 298 17.16 36.87 -70.51
N LYS W 299 17.27 35.98 -69.53
CA LYS W 299 16.23 35.81 -68.51
C LYS W 299 16.79 35.18 -67.22
N GLY W 300 15.96 35.18 -66.17
CA GLY W 300 16.29 34.53 -64.90
C GLY W 300 16.64 35.51 -63.80
N ASP W 301 17.32 34.99 -62.78
CA ASP W 301 17.65 35.74 -61.57
C ASP W 301 18.54 36.98 -61.83
N ASN W 302 19.41 36.90 -62.83
CA ASN W 302 20.36 37.97 -63.15
C ASN W 302 19.86 39.02 -64.17
N VAL W 303 18.53 39.26 -64.20
CA VAL W 303 17.91 40.11 -65.24
C VAL W 303 16.80 41.03 -64.69
N MET W 304 16.88 42.31 -65.05
CA MET W 304 15.80 43.26 -64.86
C MET W 304 15.19 43.57 -66.23
N VAL W 305 13.87 43.60 -66.31
CA VAL W 305 13.14 44.00 -67.51
C VAL W 305 12.36 45.26 -67.17
N MET W 306 12.71 46.37 -67.83
CA MET W 306 12.00 47.63 -67.65
C MET W 306 11.15 47.86 -68.91
N ASP W 307 9.87 47.50 -68.83
CA ASP W 307 8.93 47.73 -69.96
C ASP W 307 8.45 49.19 -69.93
N THR W 308 7.64 49.57 -70.91
CA THR W 308 7.14 50.95 -70.99
C THR W 308 6.29 51.41 -69.78
N ASP W 309 5.73 50.46 -69.02
CA ASP W 309 4.91 50.79 -67.83
C ASP W 309 5.05 49.75 -66.69
N ARG W 310 6.23 49.15 -66.55
CA ARG W 310 6.44 48.01 -65.65
C ARG W 310 7.93 47.71 -65.44
N VAL W 311 8.28 47.26 -64.23
CA VAL W 311 9.64 46.76 -63.94
C VAL W 311 9.52 45.39 -63.26
N THR W 312 10.31 44.42 -63.73
CA THR W 312 10.20 43.02 -63.27
C THR W 312 11.57 42.41 -62.97
N PHE W 313 11.82 42.09 -61.70
CA PHE W 313 13.09 41.48 -61.26
C PHE W 313 13.00 40.93 -59.84
N ALA W 314 13.81 39.92 -59.54
CA ALA W 314 13.93 39.36 -58.18
C ALA W 314 12.60 38.82 -57.62
N GLY W 315 11.90 38.06 -58.46
CA GLY W 315 10.59 37.50 -58.13
C GLY W 315 9.50 38.51 -57.81
N GLN W 316 9.59 39.72 -58.36
CA GLN W 316 8.65 40.80 -58.10
C GLN W 316 8.33 41.58 -59.38
N SER W 317 7.31 42.44 -59.32
CA SER W 317 6.86 43.19 -60.50
C SER W 317 6.03 44.42 -60.11
N PHE W 318 6.50 45.59 -60.53
CA PHE W 318 5.93 46.88 -60.11
C PHE W 318 5.39 47.57 -61.35
N GLU W 319 4.15 48.07 -61.26
CA GLU W 319 3.48 48.75 -62.38
C GLU W 319 2.91 50.08 -61.89
N GLY W 320 2.09 50.75 -62.71
CA GLY W 320 1.55 52.08 -62.36
C GLY W 320 2.57 53.19 -62.53
N LEU W 321 3.68 52.88 -63.21
CA LEU W 321 4.79 53.80 -63.40
C LEU W 321 5.05 53.90 -64.91
N SER W 322 6.10 54.63 -65.29
CA SER W 322 6.67 54.61 -66.64
C SER W 322 8.17 54.35 -66.58
N LEU W 323 8.72 53.87 -67.69
CA LEU W 323 10.18 53.73 -67.84
C LEU W 323 10.85 55.09 -67.68
N SER W 324 10.20 56.13 -68.21
CA SER W 324 10.60 57.52 -68.02
C SER W 324 10.79 57.89 -66.52
N THR W 325 9.73 57.71 -65.73
CA THR W 325 9.75 58.06 -64.29
C THR W 325 10.68 57.15 -63.45
N PHE W 326 10.65 55.85 -63.71
CA PHE W 326 11.49 54.90 -62.98
C PHE W 326 12.98 55.11 -63.17
N ALA W 327 13.39 55.33 -64.42
CA ALA W 327 14.80 55.57 -64.74
C ALA W 327 15.30 56.91 -64.18
N ALA W 328 14.47 57.95 -64.29
CA ALA W 328 14.77 59.26 -63.70
C ALA W 328 14.98 59.17 -62.19
N ALA W 329 14.09 58.44 -61.52
CA ALA W 329 14.17 58.25 -60.07
C ALA W 329 15.26 57.26 -59.63
N LEU W 330 15.55 56.25 -60.46
CA LEU W 330 16.69 55.35 -60.21
C LEU W 330 18.03 56.04 -60.49
N ALA W 331 18.05 57.00 -61.41
CA ALA W 331 19.23 57.84 -61.65
C ALA W 331 19.56 58.77 -60.46
N GLU W 332 18.54 59.11 -59.70
CA GLU W 332 18.66 59.91 -58.47
C GLU W 332 19.38 59.18 -57.33
N LYS W 333 19.23 57.85 -57.24
CA LYS W 333 19.66 57.06 -56.06
C LYS W 333 20.50 55.79 -56.34
N ALA W 334 20.85 55.51 -57.59
CA ALA W 334 21.53 54.23 -57.91
C ALA W 334 22.99 54.21 -57.45
N PRO W 335 23.56 52.99 -57.25
CA PRO W 335 24.97 52.90 -56.91
C PRO W 335 25.87 53.17 -58.11
N SER W 336 27.16 53.38 -57.84
CA SER W 336 28.19 53.51 -58.86
C SER W 336 28.72 52.11 -59.17
N ARG W 337 28.59 51.67 -60.42
CA ARG W 337 29.06 50.34 -60.84
C ARG W 337 29.74 50.42 -62.21
N PRO W 338 31.06 50.76 -62.24
CA PRO W 338 31.80 50.89 -63.48
C PRO W 338 32.76 49.73 -63.81
N ALA W 339 32.55 48.55 -63.22
CA ALA W 339 33.43 47.39 -63.45
C ALA W 339 33.47 46.95 -64.91
N THR W 340 32.31 46.94 -65.57
CA THR W 340 32.18 46.50 -66.96
C THR W 340 32.83 47.42 -68.01
N THR W 341 32.91 48.73 -67.72
CA THR W 341 33.46 49.70 -68.69
C THR W 341 34.98 49.58 -68.88
N GLN W 342 35.71 49.48 -67.77
CA GLN W 342 37.18 49.43 -67.78
C GLN W 342 37.71 48.09 -68.32
N GLY W 343 38.79 48.17 -69.10
CA GLY W 343 39.36 47.01 -69.80
C GLY W 343 38.99 47.06 -71.27
N THR W 344 37.73 46.74 -71.56
CA THR W 344 37.22 46.69 -72.94
C THR W 344 37.04 48.10 -73.55
N GLN W 345 36.86 48.13 -74.88
CA GLN W 345 36.80 49.38 -75.66
C GLN W 345 35.54 49.36 -76.56
N ALA W 346 35.03 50.56 -76.86
CA ALA W 346 33.87 50.73 -77.76
C ALA W 346 34.21 50.27 -79.20
N PRO W 347 33.27 49.58 -79.87
CA PRO W 347 33.61 48.91 -81.13
C PRO W 347 33.86 49.88 -82.30
N VAL W 348 34.65 49.42 -83.26
CA VAL W 348 35.01 50.20 -84.45
C VAL W 348 34.72 49.40 -85.72
N LEU W 349 34.61 50.11 -86.84
CA LEU W 349 34.41 49.49 -88.15
C LEU W 349 35.70 48.76 -88.54
N GLY W 350 35.63 47.42 -88.63
CA GLY W 350 36.80 46.59 -88.92
C GLY W 350 37.05 46.36 -90.39
N ILE W 351 37.04 47.45 -91.17
CA ILE W 351 37.18 47.44 -92.63
C ILE W 351 38.09 48.60 -93.03
N GLU W 352 39.23 48.27 -93.63
CA GLU W 352 40.14 49.28 -94.19
C GLU W 352 40.07 49.23 -95.72
N ALA W 353 40.12 50.40 -96.35
CA ALA W 353 39.77 50.60 -97.78
C ALA W 353 40.45 49.62 -98.75
N ALA W 354 39.69 49.13 -99.72
CA ALA W 354 40.20 48.25 -100.79
C ALA W 354 40.77 49.09 -101.93
N GLU W 355 41.32 48.40 -102.94
N GLU W 355 41.33 48.41 -102.94
CA GLU W 355 41.87 49.06 -104.13
CA GLU W 355 41.91 49.09 -104.11
C GLU W 355 40.75 49.71 -104.95
C GLU W 355 40.80 49.70 -104.97
N PRO W 356 40.84 51.03 -105.21
CA PRO W 356 39.79 51.75 -105.99
C PRO W 356 39.31 51.18 -107.34
N ASN W 357 40.13 50.37 -108.03
CA ASN W 357 39.72 49.70 -109.27
C ASN W 357 39.30 48.22 -109.13
N ALA W 358 39.19 47.73 -107.89
CA ALA W 358 38.70 46.37 -107.65
C ALA W 358 37.18 46.28 -107.88
N PRO W 359 36.65 45.07 -108.15
CA PRO W 359 35.19 44.89 -108.14
C PRO W 359 34.63 45.22 -106.75
N LEU W 360 33.53 45.96 -106.71
CA LEU W 360 32.98 46.46 -105.43
C LEU W 360 32.56 45.31 -104.51
N THR W 361 32.88 45.46 -103.23
CA THR W 361 32.57 44.46 -102.22
C THR W 361 31.61 45.03 -101.20
N ASN W 362 30.89 44.12 -100.54
CA ASN W 362 29.98 44.46 -99.43
C ASN W 362 30.69 45.35 -98.41
N ASP W 363 31.91 44.92 -98.02
CA ASP W 363 32.76 45.65 -97.07
C ASP W 363 33.07 47.09 -97.52
N GLU W 364 33.46 47.24 -98.79
CA GLU W 364 33.83 48.55 -99.33
C GLU W 364 32.66 49.54 -99.31
N MET W 365 31.48 49.08 -99.72
CA MET W 365 30.25 49.89 -99.72
C MET W 365 29.84 50.29 -98.31
N THR W 366 29.87 49.32 -97.39
CA THR W 366 29.63 49.58 -95.97
C THR W 366 30.47 50.76 -95.46
N ARG W 367 31.77 50.73 -95.76
CA ARG W 367 32.73 51.75 -95.29
C ARG W 367 32.39 53.17 -95.79
N GLN W 368 32.04 53.27 -97.07
CA GLN W 368 31.75 54.58 -97.68
C GLN W 368 30.39 55.15 -97.24
N ILE W 369 29.42 54.25 -97.02
CA ILE W 369 28.14 54.65 -96.42
C ILE W 369 28.38 55.10 -94.98
N GLN W 370 29.13 54.30 -94.21
CA GLN W 370 29.47 54.63 -92.82
C GLN W 370 30.05 56.04 -92.68
N SER W 371 31.00 56.38 -93.55
CA SER W 371 31.65 57.70 -93.56
C SER W 371 30.71 58.87 -93.83
N LEU W 372 29.57 58.61 -94.48
CA LEU W 372 28.54 59.64 -94.77
C LEU W 372 27.67 60.04 -93.58
N ILE W 373 27.64 59.23 -92.51
CA ILE W 373 26.70 59.44 -91.41
C ILE W 373 27.20 60.51 -90.42
N THR W 374 26.62 61.70 -90.51
CA THR W 374 26.89 62.81 -89.59
C THR W 374 25.93 62.75 -88.40
N SER W 375 26.06 63.70 -87.48
CA SER W 375 25.10 63.88 -86.38
C SER W 375 23.73 64.42 -86.85
N ASP W 376 23.68 64.92 -88.10
CA ASP W 376 22.43 65.38 -88.73
C ASP W 376 21.86 64.36 -89.74
N THR W 377 22.22 63.08 -89.60
CA THR W 377 21.90 62.05 -90.58
C THR W 377 20.84 61.05 -90.08
N THR W 378 19.87 60.73 -90.96
CA THR W 378 18.89 59.67 -90.74
C THR W 378 19.14 58.58 -91.78
N LEU W 379 19.40 57.36 -91.31
CA LEU W 379 19.77 56.21 -92.15
C LEU W 379 18.68 55.11 -92.08
N THR W 380 17.82 55.05 -93.09
CA THR W 380 16.77 54.01 -93.19
C THR W 380 17.38 52.74 -93.79
N ALA W 381 17.22 51.60 -93.13
CA ALA W 381 17.84 50.33 -93.56
C ALA W 381 16.84 49.18 -93.71
N GLU W 382 16.78 48.61 -94.91
CA GLU W 382 15.75 47.63 -95.29
C GLU W 382 16.06 46.21 -94.80
N THR W 383 14.99 45.41 -94.66
CA THR W 383 15.08 43.97 -94.38
C THR W 383 15.88 43.26 -95.47
N GLY W 384 16.72 42.33 -95.03
CA GLY W 384 17.69 41.65 -95.89
C GLY W 384 19.09 41.95 -95.37
N ASP W 385 20.06 42.00 -96.28
CA ASP W 385 21.45 42.20 -95.90
C ASP W 385 21.71 43.58 -95.29
N SER W 386 20.91 44.59 -95.66
CA SER W 386 21.07 45.95 -95.10
C SER W 386 20.83 46.07 -93.58
N TRP W 387 20.17 45.08 -92.97
CA TRP W 387 20.11 44.95 -91.51
C TRP W 387 21.50 44.75 -90.90
N PHE W 388 22.26 43.84 -91.50
CA PHE W 388 23.54 43.40 -90.94
C PHE W 388 24.69 44.37 -91.23
N ASN W 389 24.67 44.98 -92.42
CA ASN W 389 25.62 46.05 -92.75
C ASN W 389 25.38 47.27 -91.87
N ALA W 390 24.12 47.61 -91.63
CA ALA W 390 23.77 48.70 -90.69
C ALA W 390 24.16 48.40 -89.23
N SER W 391 24.03 47.14 -88.83
N SER W 391 24.04 47.14 -88.82
CA SER W 391 24.42 46.65 -87.50
CA SER W 391 24.41 46.72 -87.45
C SER W 391 25.90 46.86 -87.17
C SER W 391 25.91 46.85 -87.16
N ARG W 392 26.76 46.74 -88.18
CA ARG W 392 28.22 46.95 -88.05
C ARG W 392 28.61 48.40 -87.75
N MET W 393 27.86 49.35 -88.31
CA MET W 393 28.31 50.74 -88.41
C MET W 393 28.29 51.53 -87.09
N PRO W 394 29.45 52.07 -86.67
CA PRO W 394 29.42 53.11 -85.64
C PRO W 394 28.81 54.40 -86.18
N ILE W 395 28.16 55.18 -85.31
CA ILE W 395 27.51 56.42 -85.71
C ILE W 395 27.65 57.47 -84.60
N PRO W 396 27.60 58.77 -84.96
CA PRO W 396 27.65 59.84 -83.95
C PRO W 396 26.36 60.02 -83.14
N GLY W 397 26.43 60.89 -82.14
CA GLY W 397 25.30 61.23 -81.28
C GLY W 397 24.43 62.25 -81.97
N GLY W 398 23.16 61.94 -82.13
CA GLY W 398 22.24 62.69 -82.98
C GLY W 398 21.87 61.92 -84.24
N ALA W 399 22.72 60.97 -84.65
CA ALA W 399 22.44 60.11 -85.80
C ALA W 399 21.29 59.15 -85.52
N ARG W 400 20.27 59.20 -86.38
CA ARG W 400 19.03 58.43 -86.22
C ARG W 400 18.99 57.29 -87.23
N VAL W 401 18.90 56.06 -86.73
CA VAL W 401 18.74 54.88 -87.57
C VAL W 401 17.29 54.39 -87.47
N GLU W 402 16.76 53.89 -88.58
CA GLU W 402 15.37 53.46 -88.66
C GLU W 402 15.32 52.05 -89.22
N LEU W 403 14.93 51.11 -88.36
CA LEU W 403 14.76 49.71 -88.75
C LEU W 403 13.30 49.30 -88.53
N GLU W 404 12.96 48.15 -89.12
CA GLU W 404 11.61 47.58 -89.06
C GLU W 404 11.75 46.07 -88.85
N MET W 405 12.35 45.70 -87.73
CA MET W 405 12.70 44.30 -87.45
C MET W 405 11.55 43.41 -86.93
N GLN W 406 10.46 44.02 -86.46
CA GLN W 406 9.29 43.25 -86.00
C GLN W 406 8.37 42.85 -87.17
N TRP W 407 7.90 43.85 -87.93
CA TRP W 407 7.08 43.62 -89.12
C TRP W 407 7.91 42.98 -90.23
N GLY W 408 9.00 43.65 -90.63
CA GLY W 408 9.90 43.13 -91.65
C GLY W 408 9.27 43.00 -93.02
N HIS W 409 8.63 44.07 -93.47
CA HIS W 409 7.96 44.11 -94.78
C HIS W 409 8.92 44.70 -95.82
N ILE W 410 9.47 43.85 -96.68
CA ILE W 410 10.38 44.32 -97.75
C ILE W 410 9.64 45.32 -98.62
N GLY W 411 10.32 46.42 -98.94
CA GLY W 411 9.72 47.54 -99.65
C GLY W 411 9.32 48.69 -98.74
N TRP W 412 9.28 48.46 -97.43
CA TRP W 412 9.02 49.51 -96.44
C TRP W 412 9.95 50.73 -96.60
N SER W 413 11.23 50.47 -96.84
CA SER W 413 12.28 51.51 -96.79
C SER W 413 12.07 52.69 -97.73
N VAL W 414 11.62 52.42 -98.95
CA VAL W 414 11.48 53.50 -99.96
C VAL W 414 10.41 54.52 -99.54
N PRO W 415 9.15 54.11 -99.33
CA PRO W 415 8.16 55.09 -98.86
C PRO W 415 8.41 55.58 -97.42
N SER W 416 9.01 54.75 -96.56
CA SER W 416 9.38 55.20 -95.20
C SER W 416 10.41 56.33 -95.26
N ALA W 417 11.53 56.11 -95.95
CA ALA W 417 12.54 57.16 -96.14
C ALA W 417 11.93 58.44 -96.74
N PHE W 418 11.02 58.28 -97.69
CA PHE W 418 10.36 59.41 -98.32
C PHE W 418 9.62 60.26 -97.30
N GLY W 419 8.75 59.61 -96.54
CA GLY W 419 7.92 60.32 -95.56
C GLY W 419 8.71 60.85 -94.39
N ASN W 420 9.74 60.10 -94.00
CA ASN W 420 10.71 60.56 -92.98
C ASN W 420 11.35 61.87 -93.44
N ALA W 421 11.93 61.88 -94.64
CA ALA W 421 12.58 63.09 -95.20
C ALA W 421 11.65 64.30 -95.40
N VAL W 422 10.36 64.05 -95.63
CA VAL W 422 9.37 65.14 -95.69
C VAL W 422 9.18 65.79 -94.30
N GLY W 423 9.30 64.98 -93.25
CA GLY W 423 9.10 65.44 -91.86
C GLY W 423 10.32 66.05 -91.19
N SER W 424 11.51 65.59 -91.57
CA SER W 424 12.78 66.17 -91.11
C SER W 424 13.66 66.60 -92.30
N PRO W 425 13.26 67.68 -93.01
CA PRO W 425 14.01 68.17 -94.18
C PRO W 425 15.34 68.86 -93.82
N GLU W 426 15.40 69.49 -92.64
CA GLU W 426 16.65 70.02 -92.07
C GLU W 426 17.78 68.99 -91.82
N ARG W 427 17.50 67.69 -91.92
CA ARG W 427 18.51 66.63 -91.82
C ARG W 427 18.94 66.13 -93.20
N ARG W 428 19.98 65.30 -93.21
CA ARG W 428 20.41 64.58 -94.41
C ARG W 428 19.87 63.16 -94.31
N HIS W 429 19.34 62.64 -95.42
CA HIS W 429 18.67 61.32 -95.44
C HIS W 429 19.34 60.31 -96.36
N ILE W 430 19.88 59.25 -95.77
CA ILE W 430 20.52 58.15 -96.47
C ILE W 430 19.53 56.99 -96.44
N MET W 431 19.72 56.00 -97.32
CA MET W 431 18.85 54.84 -97.38
C MET W 431 19.58 53.65 -98.00
N MET W 432 19.54 52.50 -97.34
CA MET W 432 20.00 51.24 -97.94
C MET W 432 18.81 50.32 -98.24
N VAL W 433 18.74 49.80 -99.48
CA VAL W 433 17.66 48.94 -99.93
C VAL W 433 18.15 47.90 -100.93
N GLY W 434 17.79 46.64 -100.73
CA GLY W 434 18.14 45.58 -101.66
C GLY W 434 17.30 45.63 -102.94
N ASP W 435 17.74 44.87 -103.95
CA ASP W 435 17.04 44.85 -105.25
C ASP W 435 15.62 44.28 -105.13
N GLY W 436 15.49 43.19 -104.39
CA GLY W 436 14.22 42.51 -104.18
C GLY W 436 13.16 43.39 -103.54
N SER W 437 13.56 44.08 -102.48
CA SER W 437 12.69 45.02 -101.76
C SER W 437 12.24 46.19 -102.61
N PHE W 438 13.17 46.73 -103.38
CA PHE W 438 12.93 47.93 -104.18
C PHE W 438 11.79 47.74 -105.19
N GLN W 439 11.70 46.54 -105.76
CA GLN W 439 10.66 46.21 -106.76
C GLN W 439 9.22 46.25 -106.22
N LEU W 440 9.03 46.00 -104.92
CA LEU W 440 7.69 46.11 -104.30
C LEU W 440 7.16 47.53 -104.29
N THR W 441 8.04 48.50 -104.08
CA THR W 441 7.64 49.89 -103.79
C THR W 441 8.37 50.98 -104.60
N ALA W 442 9.11 50.56 -105.64
CA ALA W 442 9.95 51.43 -106.48
C ALA W 442 9.32 52.77 -106.87
N GLN W 443 8.03 52.73 -107.24
CA GLN W 443 7.31 53.90 -107.76
C GLN W 443 7.23 55.11 -106.82
N GLU W 444 7.49 54.92 -105.52
CA GLU W 444 7.53 56.06 -104.60
C GLU W 444 8.80 56.92 -104.74
N VAL W 445 9.83 56.40 -105.39
CA VAL W 445 10.97 57.23 -105.83
C VAL W 445 10.49 58.41 -106.69
N ALA W 446 9.47 58.17 -107.51
CA ALA W 446 8.87 59.24 -108.33
C ALA W 446 8.25 60.35 -107.50
N GLN W 447 7.80 60.01 -106.30
CA GLN W 447 7.26 60.99 -105.35
C GLN W 447 8.39 61.76 -104.64
N MET W 448 9.51 61.09 -104.37
CA MET W 448 10.73 61.81 -103.92
C MET W 448 11.12 62.87 -104.97
N ILE W 449 11.05 62.49 -106.25
CA ILE W 449 11.32 63.41 -107.36
C ILE W 449 10.30 64.55 -107.47
N ARG W 450 9.01 64.25 -107.32
CA ARG W 450 7.96 65.27 -107.43
C ARG W 450 8.10 66.39 -106.39
N TYR W 451 8.36 66.02 -105.14
CA TYR W 451 8.41 66.99 -104.02
C TYR W 451 9.83 67.48 -103.70
N GLU W 452 10.81 67.07 -104.52
CA GLU W 452 12.20 67.51 -104.43
C GLU W 452 12.82 67.13 -103.09
N ILE W 453 12.91 65.82 -102.85
CA ILE W 453 13.31 65.30 -101.56
C ILE W 453 14.67 64.63 -101.71
N PRO W 454 15.73 65.23 -101.12
CA PRO W 454 17.10 64.81 -101.41
C PRO W 454 17.55 63.56 -100.65
N VAL W 455 16.98 62.41 -101.01
CA VAL W 455 17.33 61.15 -100.37
C VAL W 455 18.42 60.47 -101.18
N ILE W 456 19.49 60.05 -100.51
CA ILE W 456 20.56 59.30 -101.16
C ILE W 456 20.23 57.81 -100.95
N ILE W 457 19.97 57.09 -102.05
CA ILE W 457 19.54 55.70 -102.01
C ILE W 457 20.61 54.77 -102.54
N PHE W 458 21.07 53.87 -101.69
CA PHE W 458 22.01 52.82 -102.07
C PHE W 458 21.21 51.57 -102.38
N LEU W 459 21.15 51.21 -103.66
CA LEU W 459 20.45 50.01 -104.11
C LEU W 459 21.47 48.88 -104.19
N ILE W 460 21.28 47.82 -103.39
CA ILE W 460 22.20 46.69 -103.43
C ILE W 460 21.65 45.68 -104.43
N ASN W 461 22.16 45.72 -105.65
CA ASN W 461 21.80 44.75 -106.69
C ASN W 461 22.68 43.51 -106.62
N ASN W 462 22.26 42.54 -105.81
CA ASN W 462 22.91 41.21 -105.74
C ASN W 462 22.12 40.10 -106.47
N ARG W 463 21.18 40.50 -107.33
CA ARG W 463 20.48 39.58 -108.23
C ARG W 463 19.72 38.47 -107.50
N GLY W 464 18.87 38.88 -106.56
CA GLY W 464 18.01 37.94 -105.82
C GLY W 464 17.76 38.30 -104.36
N TYR W 465 16.94 37.46 -103.73
CA TYR W 465 16.66 37.53 -102.29
C TYR W 465 17.77 36.80 -101.52
N VAL W 466 18.88 37.49 -101.22
CA VAL W 466 20.08 36.84 -100.64
C VAL W 466 19.81 36.24 -99.26
N ILE W 467 19.27 37.04 -98.35
CA ILE W 467 18.81 36.57 -97.02
C ILE W 467 17.99 35.28 -97.08
N GLU W 468 17.16 35.11 -98.11
CA GLU W 468 16.35 33.92 -98.30
C GLU W 468 17.15 32.71 -98.80
N ILE W 469 18.25 32.96 -99.52
CA ILE W 469 19.17 31.88 -99.94
C ILE W 469 19.94 31.31 -98.74
N ALA W 470 20.28 32.18 -97.79
CA ALA W 470 20.91 31.78 -96.52
C ALA W 470 19.97 30.94 -95.66
N ILE W 471 18.67 31.30 -95.65
CA ILE W 471 17.63 30.51 -94.96
C ILE W 471 17.41 29.17 -95.68
N HIS W 472 16.88 29.21 -96.90
CA HIS W 472 16.48 28.01 -97.64
C HIS W 472 16.32 28.31 -99.14
N ASP W 473 17.12 27.66 -99.99
CA ASP W 473 17.21 28.04 -101.40
C ASP W 473 16.24 27.31 -102.32
N GLY W 474 15.77 28.04 -103.33
CA GLY W 474 14.91 27.53 -104.39
C GLY W 474 14.67 28.61 -105.45
N PRO W 475 14.00 28.24 -106.57
CA PRO W 475 13.77 29.15 -107.71
C PRO W 475 13.12 30.50 -107.36
N TYR W 476 12.26 30.48 -106.34
CA TYR W 476 11.58 31.67 -105.80
C TYR W 476 12.46 32.82 -105.27
N ASN W 477 13.76 32.59 -105.08
CA ASN W 477 14.68 33.66 -104.61
C ASN W 477 15.33 34.53 -105.71
N TYR W 478 15.14 34.17 -106.97
CA TYR W 478 15.83 34.80 -108.10
C TYR W 478 14.86 35.63 -108.93
N ILE W 479 15.07 36.94 -108.94
CA ILE W 479 14.13 37.91 -109.52
C ILE W 479 14.62 38.46 -110.85
N LYS W 480 13.68 39.03 -111.61
CA LYS W 480 14.00 39.74 -112.84
C LYS W 480 14.88 40.96 -112.50
N ASN W 481 16.03 41.04 -113.16
CA ASN W 481 16.94 42.17 -113.00
C ASN W 481 16.41 43.39 -113.76
N TRP W 482 16.46 44.55 -113.14
CA TRP W 482 16.15 45.82 -113.80
C TRP W 482 17.43 46.64 -113.93
N ASN W 483 17.34 47.66 -114.79
CA ASN W 483 18.33 48.72 -114.85
C ASN W 483 17.90 49.80 -113.85
N TYR W 484 18.21 49.54 -112.57
CA TYR W 484 17.70 50.35 -111.44
C TYR W 484 18.12 51.82 -111.56
N ALA W 485 19.34 52.08 -112.05
CA ALA W 485 19.83 53.44 -112.28
C ALA W 485 19.03 54.20 -113.35
N GLY W 486 18.76 53.53 -114.47
CA GLY W 486 17.94 54.09 -115.56
C GLY W 486 16.51 54.49 -115.20
N LEU W 487 15.94 53.84 -114.18
CA LEU W 487 14.57 54.11 -113.71
C LEU W 487 14.33 55.57 -113.32
N ILE W 488 15.38 56.24 -112.83
CA ILE W 488 15.29 57.63 -112.42
C ILE W 488 14.95 58.57 -113.58
N ASP W 489 15.58 58.34 -114.75
CA ASP W 489 15.28 59.12 -115.98
C ASP W 489 13.82 59.00 -116.38
N VAL W 490 13.28 57.79 -116.25
CA VAL W 490 11.86 57.51 -116.53
C VAL W 490 10.96 58.33 -115.62
N PHE W 491 11.25 58.34 -114.32
CA PHE W 491 10.44 59.08 -113.34
C PHE W 491 10.63 60.59 -113.45
N ASN W 492 11.84 61.04 -113.80
CA ASN W 492 12.09 62.46 -114.08
C ASN W 492 11.22 62.97 -115.22
N ASP W 493 11.30 62.28 -116.35
CA ASP W 493 10.76 62.75 -117.64
C ASP W 493 11.34 64.16 -117.93
N GLU W 494 10.50 65.20 -118.05
CA GLU W 494 10.98 66.57 -118.36
C GLU W 494 11.07 67.49 -117.12
N ASP W 495 10.49 67.06 -116.00
CA ASP W 495 10.35 67.91 -114.79
C ASP W 495 11.45 67.71 -113.75
N GLY W 496 11.85 66.46 -113.53
CA GLY W 496 12.57 66.07 -112.31
C GLY W 496 14.08 66.23 -112.30
N HIS W 497 14.62 66.33 -111.08
CA HIS W 497 16.05 66.51 -110.85
C HIS W 497 16.65 65.35 -110.07
N GLY W 498 16.11 64.15 -110.28
CA GLY W 498 16.67 62.93 -109.70
C GLY W 498 17.92 62.52 -110.45
N LEU W 499 18.73 61.68 -109.82
CA LEU W 499 20.00 61.25 -110.39
C LEU W 499 20.18 59.76 -110.24
N GLY W 500 20.38 59.06 -111.36
CA GLY W 500 20.57 57.62 -111.37
C GLY W 500 21.96 57.28 -111.85
N LEU W 501 22.73 56.61 -110.99
CA LEU W 501 24.15 56.35 -111.20
C LEU W 501 24.48 54.88 -110.90
N LYS W 502 25.41 54.31 -111.65
CA LYS W 502 25.90 52.95 -111.41
C LYS W 502 27.24 53.00 -110.69
N ALA W 503 27.58 51.91 -110.01
CA ALA W 503 28.84 51.81 -109.27
C ALA W 503 29.22 50.35 -109.05
N SER W 504 30.18 49.87 -109.83
CA SER W 504 30.76 48.53 -109.67
C SER W 504 32.20 48.57 -109.09
N THR W 505 32.69 49.75 -108.69
CA THR W 505 34.00 49.90 -108.02
C THR W 505 33.97 50.96 -106.91
N GLY W 506 35.03 50.97 -106.10
CA GLY W 506 35.21 51.94 -105.02
C GLY W 506 35.25 53.39 -105.50
N ALA W 507 36.04 53.66 -106.53
CA ALA W 507 36.19 55.00 -107.10
C ALA W 507 34.88 55.52 -107.71
N GLU W 508 34.23 54.68 -108.49
CA GLU W 508 32.89 54.99 -109.05
C GLU W 508 31.89 55.35 -107.93
N LEU W 509 31.87 54.55 -106.87
CA LEU W 509 31.01 54.82 -105.69
C LEU W 509 31.35 56.15 -105.00
N GLU W 510 32.64 56.45 -104.89
CA GLU W 510 33.12 57.71 -104.31
C GLU W 510 32.70 58.92 -105.16
N GLY W 511 32.81 58.77 -106.48
CA GLY W 511 32.32 59.78 -107.43
C GLY W 511 30.81 59.95 -107.41
N ALA W 512 30.09 58.82 -107.33
CA ALA W 512 28.64 58.83 -107.16
C ALA W 512 28.19 59.58 -105.89
N ILE W 513 28.82 59.26 -104.76
CA ILE W 513 28.52 59.88 -103.46
C ILE W 513 28.71 61.40 -103.47
N LYS W 514 29.80 61.86 -104.09
CA LYS W 514 30.12 63.29 -104.21
C LYS W 514 29.05 64.04 -105.00
N LYS W 515 28.67 63.50 -106.16
CA LYS W 515 27.59 64.07 -107.00
C LYS W 515 26.20 63.95 -106.33
N ALA W 516 25.97 62.84 -105.64
CA ALA W 516 24.76 62.65 -104.81
C ALA W 516 24.63 63.73 -103.73
N LEU W 517 25.75 64.10 -103.12
CA LEU W 517 25.79 65.15 -102.08
C LEU W 517 25.38 66.53 -102.59
N ASP W 518 25.91 66.95 -103.74
CA ASP W 518 25.56 68.28 -104.30
C ASP W 518 24.16 68.33 -104.93
N ASN W 519 23.59 67.17 -105.27
CA ASN W 519 22.19 67.08 -105.71
C ASN W 519 21.25 67.40 -104.53
N ARG W 520 20.62 68.58 -104.60
CA ARG W 520 19.74 69.08 -103.53
C ARG W 520 18.25 69.01 -103.87
N ARG W 521 17.90 69.02 -105.16
CA ARG W 521 16.50 69.13 -105.59
C ARG W 521 15.82 67.78 -105.95
N GLY W 522 16.48 66.66 -105.66
CA GLY W 522 15.88 65.34 -105.90
C GLY W 522 16.72 64.20 -105.35
N PRO W 523 16.19 62.97 -105.37
CA PRO W 523 16.91 61.83 -104.81
C PRO W 523 18.04 61.37 -105.71
N THR W 524 18.92 60.55 -105.15
CA THR W 524 19.99 59.93 -105.92
C THR W 524 20.00 58.44 -105.69
N LEU W 525 19.75 57.66 -106.73
CA LEU W 525 19.85 56.22 -106.64
C LEU W 525 21.23 55.80 -107.15
N ILE W 526 21.96 55.07 -106.30
CA ILE W 526 23.28 54.54 -106.63
C ILE W 526 23.18 53.02 -106.67
N GLU W 527 23.06 52.47 -107.88
CA GLU W 527 23.00 51.01 -108.07
C GLU W 527 24.38 50.42 -107.84
N CYS W 528 24.50 49.60 -106.79
CA CYS W 528 25.76 48.96 -106.43
C CYS W 528 25.73 47.50 -106.86
N ASN W 529 26.61 47.13 -107.78
CA ASN W 529 26.79 45.74 -108.17
C ASN W 529 27.58 45.02 -107.07
N ILE W 530 26.92 44.10 -106.38
CA ILE W 530 27.56 43.23 -105.40
C ILE W 530 27.33 41.80 -105.84
N ALA W 531 28.31 40.92 -105.63
CA ALA W 531 28.18 39.50 -105.97
C ALA W 531 27.18 38.82 -105.05
N GLN W 532 26.58 37.73 -105.53
CA GLN W 532 25.53 37.02 -104.80
C GLN W 532 26.08 36.34 -103.54
N ASP W 533 27.27 35.76 -103.65
CA ASP W 533 27.97 35.12 -102.51
C ASP W 533 28.59 36.10 -101.51
N ASP W 534 28.87 37.33 -101.96
CA ASP W 534 29.47 38.37 -101.09
C ASP W 534 28.43 39.02 -100.18
N CYS W 535 28.00 38.27 -99.18
CA CYS W 535 27.10 38.75 -98.13
C CYS W 535 27.81 38.64 -96.80
N THR W 536 27.27 39.27 -95.76
CA THR W 536 27.91 39.29 -94.44
C THR W 536 27.98 37.88 -93.86
N GLU W 537 29.04 37.60 -93.10
CA GLU W 537 29.20 36.29 -92.46
C GLU W 537 28.20 36.12 -91.30
N THR W 538 27.80 37.23 -90.68
CA THR W 538 26.75 37.25 -89.65
C THR W 538 25.40 36.77 -90.21
N LEU W 539 25.04 37.23 -91.42
CA LEU W 539 23.82 36.80 -92.09
C LEU W 539 23.72 35.29 -92.27
N ILE W 540 24.78 34.67 -92.78
CA ILE W 540 24.76 33.22 -93.10
C ILE W 540 24.60 32.35 -91.83
N ALA W 541 25.15 32.84 -90.70
CA ALA W 541 25.04 32.14 -89.41
C ALA W 541 23.68 32.38 -88.75
N TRP W 542 23.27 33.64 -88.73
CA TRP W 542 21.94 34.06 -88.25
C TRP W 542 20.81 33.36 -89.00
N GLY W 543 20.98 33.18 -90.32
CA GLY W 543 20.01 32.49 -91.17
C GLY W 543 19.95 31.00 -90.96
N LYS W 544 21.09 30.40 -90.64
CA LYS W 544 21.16 28.95 -90.31
C LYS W 544 20.28 28.58 -89.11
N ARG W 545 20.31 29.43 -88.08
CA ARG W 545 19.52 29.21 -86.85
C ARG W 545 18.03 29.41 -87.09
N VAL W 546 17.67 30.53 -87.72
CA VAL W 546 16.29 30.88 -88.05
C VAL W 546 15.60 29.82 -88.93
N ALA W 547 16.35 29.21 -89.85
CA ALA W 547 15.83 28.11 -90.69
C ALA W 547 15.50 26.85 -89.89
N ALA W 548 16.32 26.55 -88.88
CA ALA W 548 16.14 25.36 -88.03
C ALA W 548 15.03 25.53 -86.99
N THR W 549 14.92 26.74 -86.43
CA THR W 549 13.84 27.12 -85.52
C THR W 549 12.47 27.02 -86.18
N ASN W 550 12.30 27.69 -87.33
CA ASN W 550 11.02 27.70 -88.06
C ASN W 550 10.61 26.33 -88.62
N SER W 551 11.57 25.47 -88.95
CA SER W 551 11.26 24.15 -89.52
C SER W 551 11.18 23.01 -88.48
N ARG W 552 11.40 23.32 -87.19
CA ARG W 552 11.36 22.29 -86.14
C ARG W 552 10.00 21.59 -86.15
N LYS W 553 10.03 20.26 -86.07
CA LYS W 553 8.84 19.46 -86.38
C LYS W 553 7.75 19.52 -85.28
N PRO W 554 6.50 19.12 -85.59
CA PRO W 554 5.40 19.26 -84.62
C PRO W 554 5.38 18.12 -83.59
N GLN W 555 4.41 18.18 -82.68
CA GLN W 555 4.16 17.11 -81.70
C GLN W 555 2.92 16.33 -82.11
N MET X 1 7.05 9.52 -99.36
CA MET X 1 7.20 11.00 -99.13
C MET X 1 6.08 11.76 -99.87
N TYR X 2 4.86 11.65 -99.33
CA TYR X 2 3.73 12.46 -99.80
C TYR X 2 3.32 13.45 -98.72
N THR X 3 3.45 14.75 -99.01
CA THR X 3 3.30 15.80 -98.00
C THR X 3 1.98 16.57 -98.09
N VAL X 4 1.74 17.43 -97.11
CA VAL X 4 0.55 18.29 -97.08
C VAL X 4 0.52 19.23 -98.29
N GLY X 5 1.66 19.87 -98.56
CA GLY X 5 1.81 20.72 -99.73
C GLY X 5 1.53 20.01 -101.04
N MET X 6 1.87 18.73 -101.12
CA MET X 6 1.58 17.92 -102.30
C MET X 6 0.09 17.62 -102.43
N TYR X 7 -0.59 17.36 -101.31
CA TYR X 7 -2.05 17.20 -101.31
C TYR X 7 -2.71 18.46 -101.90
N LEU X 8 -2.27 19.62 -101.45
CA LEU X 8 -2.78 20.90 -101.95
C LEU X 8 -2.52 21.01 -103.45
N ALA X 9 -1.27 20.75 -103.82
CA ALA X 9 -0.83 20.79 -105.22
C ALA X 9 -1.69 19.93 -106.12
N GLU X 10 -1.98 18.69 -105.70
CA GLU X 10 -2.75 17.76 -106.52
C GLU X 10 -4.20 18.19 -106.70
N ARG X 11 -4.84 18.63 -105.61
CA ARG X 11 -6.19 19.21 -105.68
C ARG X 11 -6.26 20.43 -106.57
N LEU X 12 -5.26 21.30 -106.46
CA LEU X 12 -5.17 22.48 -107.32
C LEU X 12 -5.07 22.09 -108.79
N ALA X 13 -4.28 21.06 -109.11
CA ALA X 13 -4.22 20.54 -110.48
C ALA X 13 -5.57 19.98 -110.94
N GLN X 14 -6.27 19.29 -110.04
CA GLN X 14 -7.60 18.72 -110.35
C GLN X 14 -8.68 19.76 -110.62
N ILE X 15 -8.52 20.98 -110.09
CA ILE X 15 -9.44 22.09 -110.40
C ILE X 15 -9.36 22.45 -111.89
N GLY X 16 -8.16 22.36 -112.46
CA GLY X 16 -7.86 22.84 -113.81
C GLY X 16 -6.71 23.83 -113.86
N LEU X 17 -6.08 24.12 -112.72
CA LEU X 17 -4.94 25.04 -112.66
C LEU X 17 -3.70 24.43 -113.30
N LYS X 18 -3.09 25.15 -114.23
CA LYS X 18 -1.77 24.82 -114.76
C LYS X 18 -0.70 25.76 -114.23
N HIS X 19 -1.10 26.79 -113.48
CA HIS X 19 -0.17 27.67 -112.79
C HIS X 19 -0.74 28.07 -111.43
N HIS X 20 0.14 28.51 -110.52
CA HIS X 20 -0.25 29.30 -109.36
C HIS X 20 0.80 30.39 -109.19
N PHE X 21 0.48 31.40 -108.40
CA PHE X 21 1.31 32.58 -108.24
C PHE X 21 1.86 32.63 -106.82
N ALA X 22 3.06 33.19 -106.64
CA ALA X 22 3.71 33.19 -105.33
C ALA X 22 4.69 34.34 -105.12
N VAL X 23 4.81 34.77 -103.86
CA VAL X 23 5.90 35.63 -103.39
C VAL X 23 6.48 34.94 -102.17
N ALA X 24 7.80 34.76 -102.17
CA ALA X 24 8.46 33.89 -101.19
C ALA X 24 8.57 34.56 -99.84
N GLY X 25 8.55 33.74 -98.78
CA GLY X 25 8.82 34.20 -97.41
C GLY X 25 9.11 33.01 -96.52
N ASP X 26 9.89 33.19 -95.46
CA ASP X 26 10.30 32.04 -94.61
C ASP X 26 9.13 31.15 -94.15
N TYR X 27 7.97 31.75 -93.88
CA TYR X 27 6.77 30.99 -93.51
C TYR X 27 6.17 30.10 -94.62
N ASN X 28 6.48 30.38 -95.90
CA ASN X 28 5.96 29.56 -97.01
C ASN X 28 6.99 28.80 -97.87
N LEU X 29 8.29 28.93 -97.58
CA LEU X 29 9.33 28.33 -98.46
C LEU X 29 9.18 26.83 -98.64
N VAL X 30 8.96 26.11 -97.53
CA VAL X 30 8.78 24.65 -97.60
C VAL X 30 7.51 24.29 -98.39
N LEU X 31 6.46 25.09 -98.21
CA LEU X 31 5.21 24.93 -98.99
C LEU X 31 5.44 25.09 -100.49
N LEU X 32 6.20 26.11 -100.88
CA LEU X 32 6.50 26.33 -102.29
C LEU X 32 7.28 25.14 -102.88
N ASP X 33 8.25 24.59 -102.13
CA ASP X 33 8.95 23.36 -102.53
C ASP X 33 8.03 22.20 -102.86
N GLN X 34 7.03 21.96 -102.02
CA GLN X 34 6.08 20.86 -102.23
C GLN X 34 5.23 21.11 -103.47
N LEU X 35 4.85 22.37 -103.70
CA LEU X 35 4.11 22.76 -104.90
C LEU X 35 4.95 22.59 -106.20
N LEU X 36 6.25 22.86 -106.12
CA LEU X 36 7.16 22.67 -107.27
C LEU X 36 7.29 21.22 -107.70
N LEU X 37 7.13 20.29 -106.77
CA LEU X 37 7.16 18.85 -107.08
C LEU X 37 5.97 18.35 -107.94
N ASN X 38 4.91 19.16 -108.06
CA ASN X 38 3.76 18.79 -108.88
C ASN X 38 4.05 18.96 -110.38
N LYS X 39 3.95 17.86 -111.13
CA LYS X 39 4.16 17.84 -112.58
C LYS X 39 3.28 18.84 -113.35
N ASP X 40 2.01 18.93 -112.98
CA ASP X 40 1.00 19.63 -113.78
C ASP X 40 1.01 21.16 -113.70
N MET X 41 1.80 21.77 -112.81
CA MET X 41 1.77 23.22 -112.62
C MET X 41 3.13 23.87 -112.64
N GLU X 42 3.19 25.09 -113.18
CA GLU X 42 4.35 25.95 -113.04
C GLU X 42 4.09 26.91 -111.88
N GLN X 43 5.16 27.34 -111.22
CA GLN X 43 5.09 28.29 -110.13
C GLN X 43 5.60 29.64 -110.64
N VAL X 44 4.69 30.63 -110.70
CA VAL X 44 4.96 31.97 -111.23
C VAL X 44 5.21 32.94 -110.08
N TYR X 45 6.20 33.81 -110.22
CA TYR X 45 6.60 34.74 -109.14
C TYR X 45 6.25 36.18 -109.48
N CYS X 46 5.90 36.93 -108.43
CA CYS X 46 5.38 38.28 -108.55
C CYS X 46 6.23 39.22 -107.73
N CYS X 47 6.14 40.51 -108.07
CA CYS X 47 6.91 41.56 -107.42
C CYS X 47 6.44 41.81 -105.99
N ASN X 48 5.12 41.94 -105.82
CA ASN X 48 4.51 42.13 -104.52
C ASN X 48 3.19 41.37 -104.40
N GLU X 49 2.63 41.33 -103.19
CA GLU X 49 1.52 40.43 -102.90
C GLU X 49 0.17 40.96 -103.35
N LEU X 50 0.02 42.28 -103.44
CA LEU X 50 -1.13 42.88 -104.07
C LEU X 50 -1.23 42.44 -105.53
N ASN X 51 -0.12 42.56 -106.25
CA ASN X 51 -0.06 42.16 -107.66
C ASN X 51 -0.22 40.66 -107.86
N CYS X 52 0.38 39.89 -106.96
CA CYS X 52 0.19 38.44 -106.90
C CYS X 52 -1.29 38.05 -106.82
N GLY X 53 -2.02 38.72 -105.94
CA GLY X 53 -3.44 38.44 -105.75
C GLY X 53 -4.26 38.79 -106.99
N PHE X 54 -4.01 39.96 -107.56
CA PHE X 54 -4.69 40.36 -108.81
C PHE X 54 -4.26 39.53 -110.04
N SER X 55 -3.05 38.98 -110.02
CA SER X 55 -2.64 38.04 -111.08
C SER X 55 -3.46 36.77 -111.03
N ALA X 56 -3.62 36.19 -109.84
CA ALA X 56 -4.49 35.03 -109.63
C ALA X 56 -5.93 35.35 -110.04
N GLU X 57 -6.36 36.56 -109.75
CA GLU X 57 -7.70 37.01 -110.12
C GLU X 57 -7.90 36.98 -111.64
N GLY X 58 -6.92 37.49 -112.38
CA GLY X 58 -6.93 37.46 -113.84
C GLY X 58 -6.88 36.05 -114.40
N TYR X 59 -6.04 35.21 -113.80
CA TYR X 59 -5.95 33.80 -114.14
C TYR X 59 -7.29 33.08 -113.96
N ALA X 60 -8.04 33.46 -112.91
CA ALA X 60 -9.37 32.88 -112.66
C ALA X 60 -10.41 33.30 -113.70
N ARG X 61 -10.27 34.50 -114.26
CA ARG X 61 -11.12 34.92 -115.38
C ARG X 61 -10.85 34.08 -116.63
N ALA X 62 -9.62 33.60 -116.81
CA ALA X 62 -9.27 32.71 -117.93
C ALA X 62 -9.73 31.27 -117.71
N ARG X 63 -9.43 30.75 -116.52
CA ARG X 63 -9.53 29.32 -116.20
C ARG X 63 -10.68 28.89 -115.26
N GLY X 64 -11.35 29.85 -114.62
CA GLY X 64 -12.39 29.55 -113.62
C GLY X 64 -11.92 29.47 -112.17
N ALA X 65 -10.63 29.38 -111.94
CA ALA X 65 -10.08 29.35 -110.57
C ALA X 65 -8.62 29.70 -110.59
N ALA X 66 -8.05 29.93 -109.42
CA ALA X 66 -6.64 30.28 -109.28
C ALA X 66 -6.16 30.15 -107.85
N ALA X 67 -4.84 30.22 -107.68
CA ALA X 67 -4.22 30.12 -106.39
C ALA X 67 -3.06 31.12 -106.28
N ALA X 68 -3.01 31.82 -105.15
CA ALA X 68 -1.92 32.74 -104.80
C ALA X 68 -1.34 32.30 -103.46
N ILE X 69 -0.01 32.20 -103.36
CA ILE X 69 0.66 31.73 -102.12
C ILE X 69 1.50 32.89 -101.59
N VAL X 70 1.30 33.26 -100.33
CA VAL X 70 1.98 34.41 -99.72
C VAL X 70 2.54 34.06 -98.33
N THR X 71 3.26 35.00 -97.75
CA THR X 71 3.81 34.85 -96.39
C THR X 71 2.90 35.54 -95.37
N PHE X 72 3.09 35.19 -94.10
CA PHE X 72 2.21 35.62 -93.01
C PHE X 72 2.22 37.14 -92.78
N SER X 73 1.04 37.75 -92.75
CA SER X 73 0.81 39.18 -92.43
C SER X 73 1.34 40.19 -93.44
N VAL X 74 2.66 40.26 -93.60
CA VAL X 74 3.27 41.25 -94.50
C VAL X 74 2.88 40.99 -95.95
N GLY X 75 2.78 39.71 -96.30
CA GLY X 75 2.25 39.32 -97.61
C GLY X 75 0.73 39.33 -97.64
N ALA X 76 0.15 38.54 -96.73
CA ALA X 76 -1.29 38.22 -96.76
C ALA X 76 -2.23 39.42 -96.67
N ILE X 77 -1.88 40.42 -95.88
CA ILE X 77 -2.76 41.59 -95.69
C ILE X 77 -2.92 42.38 -97.01
N SER X 78 -1.85 42.53 -97.78
CA SER X 78 -1.95 43.17 -99.11
C SER X 78 -2.80 42.33 -100.06
N ALA X 79 -2.58 41.01 -100.04
CA ALA X 79 -3.37 40.07 -100.84
C ALA X 79 -4.88 40.06 -100.50
N MET X 80 -5.22 40.41 -99.25
CA MET X 80 -6.63 40.58 -98.83
C MET X 80 -7.40 41.57 -99.68
N ASN X 81 -6.72 42.61 -100.16
CA ASN X 81 -7.33 43.59 -101.06
C ASN X 81 -7.73 42.93 -102.37
N ALA X 82 -6.82 42.17 -102.97
CA ALA X 82 -7.13 41.37 -104.17
C ALA X 82 -8.16 40.24 -103.93
N ILE X 83 -8.17 39.66 -102.74
CA ILE X 83 -9.19 38.67 -102.35
C ILE X 83 -10.58 39.32 -102.21
N GLY X 84 -10.64 40.45 -101.53
CA GLY X 84 -11.84 41.27 -101.52
C GLY X 84 -12.33 41.56 -102.92
N GLY X 85 -11.40 41.82 -103.84
CA GLY X 85 -11.70 42.00 -105.24
C GLY X 85 -12.28 40.77 -105.92
N ALA X 86 -11.72 39.61 -105.63
CA ALA X 86 -12.25 38.34 -106.13
C ALA X 86 -13.67 38.06 -105.61
N TYR X 87 -13.97 38.41 -104.36
CA TYR X 87 -15.33 38.30 -103.81
C TYR X 87 -16.29 39.23 -104.56
N ALA X 88 -15.87 40.47 -104.73
CA ALA X 88 -16.65 41.47 -105.46
C ALA X 88 -16.98 41.07 -106.91
N GLU X 89 -16.04 40.40 -107.58
CA GLU X 89 -16.18 40.00 -108.98
C GLU X 89 -16.51 38.51 -109.15
N ASN X 90 -16.81 37.83 -108.05
CA ASN X 90 -17.35 36.48 -108.08
C ASN X 90 -16.40 35.47 -108.72
N LEU X 91 -15.14 35.50 -108.26
CA LEU X 91 -14.09 34.63 -108.79
C LEU X 91 -13.49 33.73 -107.70
N PRO X 92 -13.44 32.41 -107.92
CA PRO X 92 -12.83 31.51 -106.93
C PRO X 92 -11.29 31.51 -106.92
N VAL X 93 -10.73 32.48 -106.21
CA VAL X 93 -9.29 32.56 -105.99
C VAL X 93 -9.01 32.02 -104.59
N ILE X 94 -8.05 31.10 -104.48
CA ILE X 94 -7.63 30.52 -103.20
C ILE X 94 -6.34 31.20 -102.73
N LEU X 95 -6.42 31.98 -101.65
CA LEU X 95 -5.24 32.57 -101.04
C LEU X 95 -4.70 31.59 -100.02
N ILE X 96 -3.49 31.11 -100.24
CA ILE X 96 -2.81 30.24 -99.29
C ILE X 96 -1.71 31.06 -98.63
N SER X 97 -1.67 31.07 -97.30
CA SER X 97 -0.64 31.77 -96.56
C SER X 97 0.16 30.82 -95.70
N GLY X 98 1.45 31.10 -95.57
CA GLY X 98 2.28 30.43 -94.59
C GLY X 98 1.91 31.01 -93.25
N SER X 99 1.97 30.19 -92.20
CA SER X 99 1.69 30.64 -90.84
C SER X 99 2.74 30.08 -89.86
N PRO X 100 2.74 30.57 -88.59
CA PRO X 100 3.74 30.16 -87.63
C PRO X 100 3.86 28.67 -87.35
N ASN X 101 5.05 28.29 -86.89
CA ASN X 101 5.35 26.95 -86.43
C ASN X 101 4.35 26.52 -85.36
N THR X 102 3.96 25.25 -85.38
CA THR X 102 2.94 24.74 -84.46
C THR X 102 3.34 24.88 -82.99
N ASN X 103 4.64 24.70 -82.71
CA ASN X 103 5.18 24.73 -81.34
C ASN X 103 5.20 26.12 -80.68
N ASP X 104 4.94 27.19 -81.45
CA ASP X 104 4.82 28.54 -80.90
C ASP X 104 3.41 28.86 -80.40
N TYR X 105 2.41 28.07 -80.79
CA TYR X 105 1.03 28.26 -80.32
C TYR X 105 0.93 27.94 -78.83
N GLY X 106 0.33 28.84 -78.06
CA GLY X 106 0.14 28.64 -76.62
C GLY X 106 1.39 28.73 -75.76
N THR X 107 2.34 29.55 -76.19
CA THR X 107 3.62 29.76 -75.49
C THR X 107 3.84 31.21 -75.00
N GLY X 108 3.20 32.19 -75.65
CA GLY X 108 3.47 33.61 -75.40
C GLY X 108 4.54 34.24 -76.29
N HIS X 109 5.11 33.46 -77.23
CA HIS X 109 6.21 33.94 -78.08
C HIS X 109 5.80 35.09 -78.99
N ILE X 110 6.69 36.05 -79.17
CA ILE X 110 6.53 37.16 -80.10
C ILE X 110 7.26 36.75 -81.38
N LEU X 111 6.58 36.80 -82.53
CA LEU X 111 7.15 36.33 -83.80
C LEU X 111 7.26 37.47 -84.81
N HIS X 112 8.26 37.33 -85.71
CA HIS X 112 8.46 38.27 -86.82
C HIS X 112 7.28 38.22 -87.80
N HIS X 113 7.07 39.33 -88.51
CA HIS X 113 5.90 39.54 -89.39
C HIS X 113 4.60 39.45 -88.60
N THR X 114 4.58 40.00 -87.39
CA THR X 114 3.34 40.12 -86.63
C THR X 114 3.30 41.45 -85.93
N ILE X 115 2.14 41.77 -85.37
CA ILE X 115 1.93 43.06 -84.72
C ILE X 115 2.60 43.17 -83.32
N GLY X 116 3.16 42.07 -82.81
CA GLY X 116 3.90 42.09 -81.54
C GLY X 116 3.16 41.59 -80.31
N THR X 117 1.99 40.96 -80.51
CA THR X 117 1.19 40.35 -79.43
C THR X 117 1.25 38.82 -79.54
N THR X 118 0.63 38.13 -78.59
CA THR X 118 0.56 36.65 -78.57
C THR X 118 -0.55 36.07 -79.46
N ASP X 119 -1.42 36.94 -79.94
CA ASP X 119 -2.46 36.60 -80.91
C ASP X 119 -1.84 36.37 -82.28
N TYR X 120 -1.81 35.10 -82.72
CA TYR X 120 -1.46 34.77 -84.11
C TYR X 120 -2.72 34.58 -84.97
N ASN X 121 -3.90 34.73 -84.37
CA ASN X 121 -5.18 34.39 -85.01
C ASN X 121 -5.77 35.56 -85.81
N TYR X 122 -5.22 36.76 -85.66
CA TYR X 122 -5.79 37.98 -86.25
C TYR X 122 -5.88 37.97 -87.77
N GLN X 123 -4.93 37.33 -88.45
CA GLN X 123 -4.98 37.23 -89.89
C GLN X 123 -6.19 36.45 -90.38
N LEU X 124 -6.44 35.30 -89.75
CA LEU X 124 -7.65 34.53 -90.04
C LEU X 124 -8.92 35.34 -89.81
N GLU X 125 -8.98 36.06 -88.68
CA GLU X 125 -10.18 36.82 -88.35
C GLU X 125 -10.41 37.98 -89.32
N MET X 126 -9.34 38.58 -89.81
CA MET X 126 -9.46 39.63 -90.83
C MET X 126 -10.01 39.11 -92.15
N VAL X 127 -9.44 37.99 -92.62
CA VAL X 127 -9.74 37.49 -93.95
C VAL X 127 -11.12 36.83 -94.05
N LYS X 128 -11.69 36.41 -92.91
CA LYS X 128 -13.07 35.89 -92.88
C LYS X 128 -14.05 36.86 -93.47
N HIS X 129 -13.78 38.16 -93.31
CA HIS X 129 -14.65 39.20 -93.85
C HIS X 129 -14.70 39.32 -95.38
N VAL X 130 -13.70 38.78 -96.08
CA VAL X 130 -13.65 38.89 -97.55
C VAL X 130 -13.53 37.53 -98.25
N THR X 131 -13.95 36.46 -97.57
CA THR X 131 -13.91 35.09 -98.12
C THR X 131 -15.20 34.33 -97.81
N CYS X 132 -15.49 33.30 -98.61
CA CYS X 132 -16.63 32.39 -98.36
C CYS X 132 -16.26 31.21 -97.46
N ALA X 133 -14.96 30.98 -97.28
CA ALA X 133 -14.45 29.93 -96.40
C ALA X 133 -13.02 30.26 -96.05
N ALA X 134 -12.59 29.83 -94.87
CA ALA X 134 -11.34 30.26 -94.29
C ALA X 134 -10.92 29.28 -93.22
N GLU X 135 -9.82 28.56 -93.43
CA GLU X 135 -9.40 27.50 -92.53
C GLU X 135 -7.92 27.64 -92.24
N SER X 136 -7.49 26.98 -91.16
CA SER X 136 -6.13 27.09 -90.64
C SER X 136 -5.64 25.70 -90.27
N ILE X 137 -4.56 25.27 -90.92
CA ILE X 137 -4.05 23.90 -90.82
C ILE X 137 -2.83 23.88 -89.91
N VAL X 138 -2.92 23.12 -88.81
CA VAL X 138 -1.79 22.92 -87.88
C VAL X 138 -1.42 21.45 -87.67
N SER X 139 -2.03 20.55 -88.44
CA SER X 139 -1.66 19.14 -88.39
C SER X 139 -1.97 18.47 -89.74
N ALA X 140 -1.18 17.43 -90.03
CA ALA X 140 -1.36 16.58 -91.21
C ALA X 140 -2.73 15.92 -91.28
N GLU X 141 -3.22 15.46 -90.13
CA GLU X 141 -4.47 14.71 -90.03
C GLU X 141 -5.70 15.52 -90.45
N GLU X 142 -5.69 16.83 -90.18
CA GLU X 142 -6.82 17.71 -90.52
C GLU X 142 -6.75 18.36 -91.92
N ALA X 143 -5.56 18.41 -92.50
CA ALA X 143 -5.31 19.13 -93.76
C ALA X 143 -6.22 18.74 -94.94
N PRO X 144 -6.43 17.44 -95.19
CA PRO X 144 -7.32 17.04 -96.29
C PRO X 144 -8.73 17.62 -96.24
N ALA X 145 -9.37 17.56 -95.08
CA ALA X 145 -10.74 18.04 -94.91
C ALA X 145 -10.82 19.56 -95.12
N LYS X 146 -9.83 20.27 -94.58
CA LYS X 146 -9.78 21.73 -94.72
C LYS X 146 -9.41 22.21 -96.13
N ILE X 147 -8.43 21.56 -96.77
CA ILE X 147 -8.06 21.92 -98.16
C ILE X 147 -9.26 21.75 -99.09
N ASP X 148 -9.92 20.60 -99.00
CA ASP X 148 -11.05 20.31 -99.88
C ASP X 148 -12.26 21.19 -99.57
N HIS X 149 -12.47 21.51 -98.30
CA HIS X 149 -13.58 22.40 -97.91
C HIS X 149 -13.44 23.79 -98.57
N VAL X 150 -12.26 24.41 -98.45
CA VAL X 150 -12.10 25.76 -99.02
C VAL X 150 -12.20 25.75 -100.55
N ILE X 151 -11.65 24.71 -101.19
CA ILE X 151 -11.68 24.61 -102.65
C ILE X 151 -13.09 24.37 -103.15
N ARG X 152 -13.77 23.37 -102.62
CA ARG X 152 -15.17 23.05 -102.99
C ARG X 152 -16.10 24.24 -102.78
N THR X 153 -15.99 24.88 -101.62
CA THR X 153 -16.82 26.03 -101.30
C THR X 153 -16.55 27.19 -102.26
N ALA X 154 -15.28 27.46 -102.54
CA ALA X 154 -14.91 28.52 -103.50
C ALA X 154 -15.52 28.28 -104.88
N LEU X 155 -15.40 27.06 -105.38
CA LEU X 155 -15.91 26.73 -106.70
C LEU X 155 -17.44 26.79 -106.79
N ARG X 156 -18.14 26.26 -105.78
CA ARG X 156 -19.61 26.31 -105.77
C ARG X 156 -20.18 27.73 -105.62
N GLU X 157 -19.65 28.47 -104.65
CA GLU X 157 -20.15 29.83 -104.40
C GLU X 157 -19.61 30.87 -105.39
N ARG X 158 -18.60 30.48 -106.18
CA ARG X 158 -17.86 31.42 -107.04
C ARG X 158 -17.40 32.63 -106.20
N LYS X 159 -16.64 32.33 -105.15
CA LYS X 159 -16.11 33.33 -104.24
C LYS X 159 -14.72 32.88 -103.82
N PRO X 160 -13.87 33.83 -103.39
CA PRO X 160 -12.55 33.44 -102.93
C PRO X 160 -12.57 32.78 -101.55
N ALA X 161 -11.50 32.06 -101.24
CA ALA X 161 -11.38 31.32 -99.99
C ALA X 161 -9.93 31.38 -99.52
N TYR X 162 -9.72 31.04 -98.24
CA TYR X 162 -8.44 31.21 -97.57
C TYR X 162 -7.98 29.94 -96.86
N LEU X 163 -6.68 29.66 -96.94
CA LEU X 163 -6.01 28.61 -96.19
C LEU X 163 -4.76 29.19 -95.58
N GLU X 164 -4.45 28.81 -94.34
CA GLU X 164 -3.11 28.99 -93.80
C GLU X 164 -2.58 27.64 -93.36
N ILE X 165 -1.30 27.41 -93.62
CA ILE X 165 -0.65 26.14 -93.31
C ILE X 165 0.61 26.47 -92.52
N ALA X 166 0.74 25.86 -91.35
CA ALA X 166 1.92 26.09 -90.51
C ALA X 166 3.19 25.68 -91.24
N CYS X 167 4.24 26.49 -91.14
CA CYS X 167 5.47 26.29 -91.93
C CYS X 167 6.13 24.93 -91.75
N ASN X 168 5.99 24.34 -90.56
CA ASN X 168 6.49 22.98 -90.28
C ASN X 168 5.50 21.84 -90.54
N VAL X 169 4.35 22.14 -91.15
CA VAL X 169 3.36 21.12 -91.51
C VAL X 169 3.20 20.96 -93.04
N ALA X 170 3.54 21.98 -93.83
CA ALA X 170 3.50 21.89 -95.29
C ALA X 170 4.23 20.65 -95.82
N GLY X 171 5.41 20.38 -95.25
CA GLY X 171 6.22 19.20 -95.61
C GLY X 171 6.06 17.95 -94.76
N ALA X 172 4.98 17.85 -93.98
CA ALA X 172 4.72 16.68 -93.13
C ALA X 172 3.91 15.63 -93.89
N GLU X 173 4.04 14.36 -93.47
CA GLU X 173 3.42 13.22 -94.15
C GLU X 173 1.89 13.26 -94.11
N CYS X 174 1.25 12.93 -95.23
CA CYS X 174 -0.19 13.14 -95.40
C CYS X 174 -0.78 12.05 -96.30
N VAL X 175 -2.02 11.66 -96.04
CA VAL X 175 -2.75 10.74 -96.92
C VAL X 175 -2.91 11.33 -98.33
N ARG X 176 -3.14 10.45 -99.31
CA ARG X 176 -3.29 10.86 -100.72
C ARG X 176 -4.75 11.19 -101.08
N PRO X 177 -4.96 12.20 -101.94
CA PRO X 177 -6.31 12.48 -102.42
C PRO X 177 -6.77 11.43 -103.43
N GLY X 178 -8.04 11.03 -103.34
CA GLY X 178 -8.61 10.07 -104.26
C GLY X 178 -9.00 10.70 -105.59
N PRO X 179 -9.32 9.87 -106.59
CA PRO X 179 -9.69 10.39 -107.91
C PRO X 179 -11.09 11.03 -107.95
N ILE X 180 -11.25 12.04 -108.81
CA ILE X 180 -12.48 12.82 -108.91
C ILE X 180 -12.83 13.09 -110.36
N ASN X 181 -14.12 13.31 -110.63
CA ASN X 181 -14.59 13.78 -111.93
C ASN X 181 -14.43 15.31 -112.03
N SER X 182 -15.00 16.01 -111.05
CA SER X 182 -14.88 17.46 -110.93
C SER X 182 -15.03 17.87 -109.46
N LEU X 183 -14.32 18.92 -109.05
CA LEU X 183 -14.48 19.48 -107.69
C LEU X 183 -15.61 20.50 -107.58
N LEU X 184 -16.27 20.83 -108.69
CA LEU X 184 -17.51 21.59 -108.67
C LEU X 184 -18.71 20.64 -108.59
N ARG X 185 -19.35 20.60 -107.42
CA ARG X 185 -20.61 19.88 -107.24
C ARG X 185 -21.66 20.90 -106.90
N GLU X 186 -22.74 20.93 -107.67
CA GLU X 186 -23.79 21.88 -107.47
C GLU X 186 -24.79 21.28 -106.50
N LEU X 187 -25.71 22.11 -106.00
CA LEU X 187 -26.80 21.65 -105.17
C LEU X 187 -27.85 21.02 -106.07
N GLU X 188 -28.52 19.98 -105.57
CA GLU X 188 -29.67 19.39 -106.25
C GLU X 188 -30.77 20.44 -106.47
N VAL X 189 -31.38 20.39 -107.64
CA VAL X 189 -32.40 21.33 -108.06
C VAL X 189 -33.79 20.80 -107.68
N ASP X 190 -34.66 21.69 -107.25
CA ASP X 190 -36.02 21.34 -106.86
C ASP X 190 -36.93 21.49 -108.09
N GLN X 191 -37.37 20.35 -108.65
CA GLN X 191 -38.20 20.33 -109.86
C GLN X 191 -39.59 20.93 -109.66
N THR X 192 -40.15 20.81 -108.46
CA THR X 192 -41.43 21.47 -108.15
C THR X 192 -41.29 22.99 -108.27
N SER X 193 -40.16 23.53 -107.82
CA SER X 193 -39.92 24.98 -107.90
C SER X 193 -39.73 25.44 -109.34
N VAL X 194 -38.94 24.70 -110.11
CA VAL X 194 -38.66 25.06 -111.52
C VAL X 194 -39.96 25.17 -112.32
N THR X 195 -40.79 24.14 -112.23
CA THR X 195 -42.05 24.09 -112.99
C THR X 195 -42.99 25.21 -112.57
N ALA X 196 -43.14 25.42 -111.27
CA ALA X 196 -43.98 26.51 -110.78
C ALA X 196 -43.46 27.86 -111.29
N ALA X 197 -42.14 28.02 -111.26
CA ALA X 197 -41.50 29.26 -111.73
C ALA X 197 -41.72 29.48 -113.23
N VAL X 198 -41.52 28.43 -114.03
CA VAL X 198 -41.72 28.53 -115.49
C VAL X 198 -43.18 28.81 -115.86
N ASP X 199 -44.12 28.06 -115.26
CA ASP X 199 -45.56 28.26 -115.54
C ASP X 199 -46.02 29.67 -115.15
N ALA X 200 -45.54 30.17 -114.01
CA ALA X 200 -45.84 31.53 -113.58
C ALA X 200 -45.25 32.56 -114.55
N ALA X 201 -44.00 32.33 -114.96
CA ALA X 201 -43.30 33.21 -115.89
C ALA X 201 -43.98 33.26 -117.26
N VAL X 202 -44.41 32.10 -117.73
CA VAL X 202 -45.18 32.04 -118.98
C VAL X 202 -46.48 32.85 -118.84
N GLU X 203 -47.22 32.62 -117.76
CA GLU X 203 -48.46 33.38 -117.48
C GLU X 203 -48.23 34.89 -117.41
N TRP X 204 -47.12 35.29 -116.81
CA TRP X 204 -46.71 36.70 -116.70
C TRP X 204 -46.39 37.29 -118.08
N LEU X 205 -45.72 36.52 -118.93
CA LEU X 205 -45.36 36.95 -120.29
C LEU X 205 -46.53 36.99 -121.28
N GLN X 206 -47.62 36.28 -120.98
CA GLN X 206 -48.79 36.22 -121.87
C GLN X 206 -49.43 37.60 -122.09
N ASP X 207 -49.45 38.43 -121.05
CA ASP X 207 -50.07 39.76 -121.14
C ASP X 207 -49.13 40.87 -121.65
N ARG X 208 -47.86 40.55 -121.92
CA ARG X 208 -46.83 41.56 -122.13
C ARG X 208 -46.18 41.39 -123.51
N GLN X 209 -46.42 42.35 -124.39
CA GLN X 209 -45.94 42.30 -125.78
C GLN X 209 -44.48 42.75 -125.98
N ASN X 210 -44.11 43.89 -125.42
CA ASN X 210 -42.74 44.41 -125.55
C ASN X 210 -41.83 43.85 -124.46
N VAL X 211 -41.03 42.85 -124.84
CA VAL X 211 -40.15 42.12 -123.93
C VAL X 211 -38.68 42.43 -124.27
N VAL X 212 -37.85 42.61 -123.24
CA VAL X 212 -36.43 42.93 -123.38
C VAL X 212 -35.62 42.14 -122.35
N MET X 213 -34.59 41.44 -122.81
CA MET X 213 -33.64 40.83 -121.88
C MET X 213 -32.55 41.84 -121.54
N LEU X 214 -32.15 41.88 -120.28
CA LEU X 214 -31.08 42.74 -119.79
C LEU X 214 -30.08 41.83 -119.09
N VAL X 215 -28.93 41.63 -119.71
CA VAL X 215 -27.93 40.71 -119.18
C VAL X 215 -27.04 41.41 -118.15
N GLY X 216 -26.83 40.75 -117.02
CA GLY X 216 -26.07 41.28 -115.90
C GLY X 216 -24.73 40.59 -115.68
N SER X 217 -23.96 41.16 -114.76
CA SER X 217 -22.54 40.82 -114.59
C SER X 217 -22.29 39.56 -113.76
N LYS X 218 -23.34 38.93 -113.24
CA LYS X 218 -23.20 37.66 -112.55
C LYS X 218 -23.45 36.44 -113.46
N LEU X 219 -23.70 36.68 -114.76
CA LEU X 219 -24.06 35.60 -115.68
C LEU X 219 -22.99 34.53 -115.83
N ARG X 220 -21.73 34.94 -115.92
CA ARG X 220 -20.61 33.99 -115.96
C ARG X 220 -20.49 33.21 -114.64
N ALA X 221 -20.68 33.88 -113.51
CA ALA X 221 -20.73 33.20 -112.19
C ALA X 221 -21.80 32.11 -112.13
N ALA X 222 -22.96 32.41 -112.70
CA ALA X 222 -24.06 31.43 -112.84
C ALA X 222 -23.76 30.33 -113.85
N ALA X 223 -22.75 30.51 -114.70
CA ALA X 223 -22.37 29.56 -115.76
C ALA X 223 -23.58 29.32 -116.68
N ALA X 224 -24.20 30.43 -117.08
CA ALA X 224 -25.48 30.45 -117.77
C ALA X 224 -25.45 31.17 -119.15
N GLU X 225 -24.27 31.33 -119.74
CA GLU X 225 -24.14 32.04 -121.04
C GLU X 225 -24.87 31.35 -122.22
N LYS X 226 -24.80 30.02 -122.31
CA LYS X 226 -25.56 29.27 -123.33
C LYS X 226 -27.07 29.38 -123.15
N GLN X 227 -27.52 29.27 -121.90
CA GLN X 227 -28.95 29.24 -121.59
C GLN X 227 -29.58 30.61 -121.78
N ALA X 228 -28.78 31.67 -121.66
CA ALA X 228 -29.23 33.02 -122.00
C ALA X 228 -29.48 33.18 -123.50
N VAL X 229 -28.62 32.57 -124.32
CA VAL X 229 -28.77 32.58 -125.79
C VAL X 229 -30.00 31.76 -126.22
N ALA X 230 -30.14 30.56 -125.65
CA ALA X 230 -31.31 29.71 -125.89
C ALA X 230 -32.61 30.42 -125.52
N LEU X 231 -32.64 31.06 -124.35
CA LEU X 231 -33.80 31.84 -123.94
C LEU X 231 -34.11 32.99 -124.90
N ALA X 232 -33.06 33.69 -125.32
CA ALA X 232 -33.20 34.79 -126.27
C ALA X 232 -33.74 34.32 -127.63
N ASP X 233 -33.27 33.14 -128.08
CA ASP X 233 -33.72 32.56 -129.35
C ASP X 233 -35.19 32.12 -129.32
N ARG X 234 -35.65 31.63 -128.17
CA ARG X 234 -37.06 31.30 -127.96
C ARG X 234 -37.93 32.57 -127.96
N LEU X 235 -37.54 33.58 -127.19
CA LEU X 235 -38.31 34.83 -127.12
C LEU X 235 -38.30 35.63 -128.44
N GLY X 236 -37.19 35.60 -129.16
CA GLY X 236 -36.99 36.45 -130.33
C GLY X 236 -36.97 37.94 -130.00
N CYS X 237 -36.75 38.28 -128.73
CA CYS X 237 -36.88 39.65 -128.24
C CYS X 237 -35.53 40.39 -128.26
N ALA X 238 -35.60 41.70 -128.03
CA ALA X 238 -34.38 42.51 -127.91
C ALA X 238 -33.57 42.09 -126.68
N VAL X 239 -32.26 42.06 -126.85
CA VAL X 239 -31.33 41.75 -125.77
C VAL X 239 -30.42 42.97 -125.57
N THR X 240 -30.23 43.33 -124.31
CA THR X 240 -29.30 44.39 -123.91
C THR X 240 -28.37 43.87 -122.81
N ILE X 241 -27.25 44.58 -122.63
CA ILE X 241 -26.29 44.28 -121.56
C ILE X 241 -26.20 45.46 -120.62
N MET X 242 -25.88 45.17 -119.37
CA MET X 242 -25.41 46.16 -118.43
C MET X 242 -23.91 46.31 -118.66
N ALA X 243 -23.37 47.47 -118.31
CA ALA X 243 -21.94 47.79 -118.54
C ALA X 243 -20.98 46.68 -118.11
N ALA X 244 -21.16 46.21 -116.89
CA ALA X 244 -20.28 45.18 -116.32
C ALA X 244 -20.42 43.78 -116.96
N ALA X 245 -21.46 43.56 -117.76
CA ALA X 245 -21.71 42.25 -118.40
C ALA X 245 -21.12 42.09 -119.81
N LYS X 246 -20.25 43.00 -120.23
CA LYS X 246 -19.76 42.99 -121.62
C LYS X 246 -19.01 41.73 -121.97
N GLY X 247 -19.41 41.13 -123.08
CA GLY X 247 -18.85 39.85 -123.51
C GLY X 247 -19.58 38.62 -123.00
N PHE X 248 -20.53 38.79 -122.06
CA PHE X 248 -21.30 37.65 -121.55
C PHE X 248 -22.47 37.28 -122.46
N PHE X 249 -22.79 38.12 -123.44
CA PHE X 249 -23.77 37.80 -124.49
C PHE X 249 -23.20 38.27 -125.83
N PRO X 250 -23.30 37.43 -126.88
CA PRO X 250 -22.68 37.82 -128.16
C PRO X 250 -23.34 39.04 -128.81
N GLU X 251 -22.54 40.08 -129.06
CA GLU X 251 -23.05 41.33 -129.68
C GLU X 251 -23.30 41.13 -131.19
N ASP X 252 -22.62 40.11 -131.75
CA ASP X 252 -22.98 39.39 -132.98
C ASP X 252 -24.47 39.07 -133.23
N HIS X 253 -25.19 38.68 -132.17
CA HIS X 253 -26.58 38.20 -132.25
C HIS X 253 -27.47 39.21 -132.95
N PRO X 254 -28.30 38.76 -133.92
CA PRO X 254 -29.11 39.72 -134.69
C PRO X 254 -30.14 40.53 -133.90
N ASN X 255 -30.53 40.04 -132.72
CA ASN X 255 -31.43 40.74 -131.80
C ASN X 255 -30.76 41.57 -130.68
N PHE X 256 -29.43 41.67 -130.69
CA PHE X 256 -28.71 42.53 -129.73
C PHE X 256 -29.03 43.99 -130.02
N ARG X 257 -29.34 44.77 -128.98
CA ARG X 257 -29.68 46.18 -129.16
C ARG X 257 -28.91 47.13 -128.23
N GLY X 258 -27.77 46.68 -127.75
CA GLY X 258 -26.79 47.58 -127.13
C GLY X 258 -26.67 47.51 -125.62
N LEU X 259 -26.21 48.61 -125.06
CA LEU X 259 -25.81 48.72 -123.67
C LEU X 259 -26.83 49.57 -122.95
N TYR X 260 -27.50 49.02 -121.93
CA TYR X 260 -28.36 49.80 -121.05
C TYR X 260 -27.54 50.24 -119.84
N TRP X 261 -27.40 51.55 -119.68
CA TRP X 261 -26.65 52.13 -118.55
C TRP X 261 -27.23 53.52 -118.30
N GLY X 262 -28.53 53.56 -118.09
CA GLY X 262 -29.28 54.81 -117.90
C GLY X 262 -29.10 55.82 -119.03
N GLU X 263 -28.78 57.07 -118.65
CA GLU X 263 -28.56 58.14 -119.63
C GLU X 263 -27.27 57.96 -120.43
N VAL X 264 -26.40 57.02 -120.03
CA VAL X 264 -25.19 56.71 -120.79
C VAL X 264 -25.27 55.37 -121.54
N SER X 265 -26.49 55.00 -121.92
CA SER X 265 -26.76 53.82 -122.75
C SER X 265 -26.34 54.04 -124.19
N SER X 266 -26.30 52.97 -124.97
CA SER X 266 -26.24 53.05 -126.44
C SER X 266 -27.44 53.80 -127.00
N GLU X 267 -27.29 54.28 -128.23
CA GLU X 267 -28.38 54.90 -128.97
C GLU X 267 -29.58 53.93 -128.99
N GLY X 268 -30.71 54.37 -128.44
CA GLY X 268 -31.95 53.59 -128.45
C GLY X 268 -32.19 52.66 -127.27
N ALA X 269 -31.13 52.25 -126.59
CA ALA X 269 -31.24 51.22 -125.54
C ALA X 269 -31.93 51.69 -124.27
N GLN X 270 -31.88 53.00 -123.97
CA GLN X 270 -32.52 53.51 -122.76
C GLN X 270 -34.03 53.45 -122.85
N GLU X 271 -34.57 54.00 -123.92
CA GLU X 271 -36.02 54.05 -124.12
C GLU X 271 -36.59 52.65 -124.31
N LEU X 272 -35.86 51.79 -125.01
CA LEU X 272 -36.24 50.38 -125.21
C LEU X 272 -36.50 49.64 -123.89
N VAL X 273 -35.55 49.74 -122.95
CA VAL X 273 -35.65 49.05 -121.65
C VAL X 273 -36.68 49.69 -120.72
N GLU X 274 -36.68 51.02 -120.63
CA GLU X 274 -37.54 51.71 -119.66
C GLU X 274 -39.03 51.78 -120.07
N ASN X 275 -39.33 51.62 -121.36
CA ASN X 275 -40.72 51.56 -121.85
C ASN X 275 -41.27 50.15 -122.07
N ALA X 276 -40.48 49.13 -121.77
CA ALA X 276 -40.87 47.74 -121.99
C ALA X 276 -41.97 47.28 -121.03
N ASP X 277 -42.74 46.29 -121.47
CA ASP X 277 -43.78 45.67 -120.65
C ASP X 277 -43.20 44.58 -119.74
N ALA X 278 -42.12 43.94 -120.20
CA ALA X 278 -41.42 42.94 -119.41
C ALA X 278 -39.93 43.14 -119.60
N ILE X 279 -39.19 43.19 -118.48
CA ILE X 279 -37.73 43.28 -118.52
C ILE X 279 -37.21 42.08 -117.75
N LEU X 280 -36.46 41.20 -118.44
CA LEU X 280 -35.92 39.99 -117.84
C LEU X 280 -34.46 40.24 -117.47
N CYS X 281 -34.19 40.37 -116.18
CA CYS X 281 -32.84 40.66 -115.70
C CYS X 281 -32.12 39.39 -115.36
N LEU X 282 -31.10 39.06 -116.15
CA LEU X 282 -30.31 37.84 -115.95
C LEU X 282 -29.06 38.13 -115.09
N ALA X 283 -29.19 37.86 -113.80
CA ALA X 283 -28.13 38.00 -112.81
C ALA X 283 -27.52 39.41 -112.77
N PRO X 284 -28.33 40.43 -112.44
CA PRO X 284 -27.84 41.80 -112.36
C PRO X 284 -27.17 42.10 -111.02
N VAL X 285 -26.25 43.06 -111.03
CA VAL X 285 -25.72 43.68 -109.82
C VAL X 285 -26.06 45.16 -110.00
N PHE X 286 -27.07 45.61 -109.27
CA PHE X 286 -27.54 46.98 -109.36
C PHE X 286 -26.86 47.83 -108.27
N ASN X 287 -25.59 48.17 -108.49
CA ASN X 287 -24.86 49.03 -107.53
C ASN X 287 -25.07 50.49 -107.89
N ASP X 288 -24.55 51.40 -107.07
CA ASP X 288 -24.68 52.84 -107.34
C ASP X 288 -24.05 53.31 -108.66
N TYR X 289 -22.99 52.64 -109.11
CA TYR X 289 -22.33 52.96 -110.38
C TYR X 289 -23.09 52.41 -111.59
N ALA X 290 -23.56 51.17 -111.50
CA ALA X 290 -24.33 50.55 -112.58
C ALA X 290 -25.72 51.21 -112.79
N THR X 291 -26.28 51.80 -111.73
CA THR X 291 -27.55 52.52 -111.80
C THR X 291 -27.39 54.04 -112.00
N VAL X 292 -26.16 54.51 -112.23
CA VAL X 292 -25.87 55.93 -112.45
C VAL X 292 -26.40 56.77 -111.27
N GLY X 293 -26.05 56.35 -110.06
CA GLY X 293 -26.42 57.02 -108.82
C GLY X 293 -27.87 56.84 -108.41
N TRP X 294 -28.37 55.60 -108.51
CA TRP X 294 -29.75 55.24 -108.19
C TRP X 294 -30.82 55.88 -109.11
N ASN X 295 -30.42 56.36 -110.28
CA ASN X 295 -31.33 57.03 -111.22
C ASN X 295 -31.99 56.09 -112.22
N SER X 296 -31.28 55.03 -112.60
CA SER X 296 -31.73 54.09 -113.63
C SER X 296 -31.64 52.67 -113.09
N TRP X 297 -32.64 52.32 -112.27
CA TRP X 297 -32.73 51.03 -111.59
C TRP X 297 -34.09 50.41 -111.94
N PRO X 298 -34.11 49.46 -112.91
CA PRO X 298 -35.34 48.74 -113.26
C PRO X 298 -35.89 47.89 -112.12
N LYS X 299 -37.12 48.20 -111.71
CA LYS X 299 -37.82 47.45 -110.67
C LYS X 299 -39.33 47.66 -110.79
N GLY X 300 -40.08 46.85 -110.05
CA GLY X 300 -41.54 46.96 -110.03
C GLY X 300 -42.26 45.93 -110.89
N ASP X 301 -43.52 46.24 -111.21
CA ASP X 301 -44.46 45.36 -111.95
C ASP X 301 -43.85 44.65 -113.19
N ASN X 302 -43.14 45.42 -114.03
CA ASN X 302 -42.64 44.95 -115.33
C ASN X 302 -41.27 44.25 -115.31
N VAL X 303 -40.79 43.83 -114.14
CA VAL X 303 -39.41 43.35 -113.99
C VAL X 303 -39.37 41.95 -113.40
N MET X 304 -38.54 41.10 -114.02
CA MET X 304 -38.23 39.78 -113.51
C MET X 304 -36.74 39.75 -113.20
N VAL X 305 -36.39 39.42 -111.96
CA VAL X 305 -34.99 39.32 -111.54
C VAL X 305 -34.64 37.85 -111.39
N MET X 306 -33.78 37.38 -112.28
CA MET X 306 -33.25 36.04 -112.22
C MET X 306 -31.87 36.15 -111.60
N ASP X 307 -31.74 35.77 -110.32
CA ASP X 307 -30.44 35.73 -109.64
C ASP X 307 -29.83 34.36 -109.91
N THR X 308 -28.63 34.09 -109.38
CA THR X 308 -27.96 32.81 -109.62
C THR X 308 -28.71 31.60 -109.05
N ASP X 309 -29.56 31.81 -108.04
CA ASP X 309 -30.29 30.74 -107.35
C ASP X 309 -31.77 31.05 -107.06
N ARG X 310 -32.36 32.00 -107.80
CA ARG X 310 -33.67 32.54 -107.45
C ARG X 310 -34.27 33.30 -108.62
N VAL X 311 -35.59 33.30 -108.71
CA VAL X 311 -36.32 34.14 -109.65
C VAL X 311 -37.43 34.85 -108.91
N THR X 312 -37.61 36.13 -109.21
CA THR X 312 -38.54 36.97 -108.46
C THR X 312 -39.30 37.85 -109.44
N PHE X 313 -40.63 37.78 -109.40
CA PHE X 313 -41.50 38.54 -110.29
C PHE X 313 -42.96 38.37 -109.88
N ALA X 314 -43.79 39.36 -110.22
CA ALA X 314 -45.25 39.29 -110.01
C ALA X 314 -45.65 38.92 -108.56
N GLY X 315 -44.95 39.53 -107.60
CA GLY X 315 -45.17 39.27 -106.17
C GLY X 315 -44.85 37.87 -105.66
N GLN X 316 -44.01 37.13 -106.38
CA GLN X 316 -43.62 35.77 -106.00
C GLN X 316 -42.11 35.57 -106.13
N SER X 317 -41.55 34.69 -105.32
CA SER X 317 -40.13 34.33 -105.40
C SER X 317 -39.92 32.83 -105.37
N PHE X 318 -39.17 32.30 -106.34
CA PHE X 318 -38.93 30.86 -106.50
C PHE X 318 -37.46 30.56 -106.30
N GLU X 319 -37.12 29.62 -105.41
CA GLU X 319 -35.73 29.27 -105.13
C GLU X 319 -35.52 27.76 -105.19
N GLY X 320 -34.32 27.30 -104.83
CA GLY X 320 -33.97 25.89 -104.98
C GLY X 320 -33.71 25.52 -106.42
N LEU X 321 -33.39 26.52 -107.24
CA LEU X 321 -33.08 26.33 -108.65
C LEU X 321 -31.78 27.09 -108.93
N SER X 322 -31.34 27.06 -110.17
CA SER X 322 -30.24 27.90 -110.63
C SER X 322 -30.72 28.72 -111.81
N LEU X 323 -29.95 29.74 -112.16
CA LEU X 323 -30.22 30.52 -113.36
C LEU X 323 -30.12 29.64 -114.61
N SER X 324 -29.13 28.75 -114.62
CA SER X 324 -28.92 27.84 -115.73
C SER X 324 -30.17 26.97 -116.01
N THR X 325 -30.61 26.22 -115.01
N THR X 325 -30.61 26.22 -115.00
CA THR X 325 -31.78 25.33 -115.15
CA THR X 325 -31.77 25.33 -115.14
C THR X 325 -33.09 26.09 -115.39
C THR X 325 -33.09 26.07 -115.37
N PHE X 326 -33.27 27.23 -114.74
CA PHE X 326 -34.49 28.02 -114.92
C PHE X 326 -34.59 28.57 -116.35
N ALA X 327 -33.52 29.22 -116.81
CA ALA X 327 -33.46 29.76 -118.16
C ALA X 327 -33.60 28.68 -119.24
N ALA X 328 -33.00 27.52 -119.00
CA ALA X 328 -33.12 26.37 -119.90
C ALA X 328 -34.58 25.93 -120.00
N ALA X 329 -35.20 25.69 -118.86
CA ALA X 329 -36.61 25.31 -118.82
C ALA X 329 -37.52 26.40 -119.40
N LEU X 330 -37.28 27.67 -119.05
CA LEU X 330 -38.08 28.76 -119.62
C LEU X 330 -37.94 28.90 -121.15
N ALA X 331 -36.76 28.56 -121.68
CA ALA X 331 -36.51 28.57 -123.13
C ALA X 331 -37.31 27.49 -123.90
N GLU X 332 -37.82 26.49 -123.19
CA GLU X 332 -38.72 25.48 -123.76
C GLU X 332 -40.11 26.04 -124.05
N LYS X 333 -40.57 27.01 -123.24
CA LYS X 333 -41.99 27.38 -123.18
C LYS X 333 -42.32 28.85 -123.37
N ALA X 334 -41.36 29.75 -123.23
CA ALA X 334 -41.68 31.17 -123.32
C ALA X 334 -42.32 31.48 -124.67
N PRO X 335 -43.34 32.34 -124.71
CA PRO X 335 -43.93 32.68 -126.00
C PRO X 335 -43.01 33.56 -126.86
N SER X 336 -43.21 33.51 -128.17
CA SER X 336 -42.51 34.40 -129.09
C SER X 336 -42.96 35.84 -128.84
N ARG X 337 -41.99 36.72 -128.58
CA ARG X 337 -42.27 38.13 -128.32
C ARG X 337 -41.24 38.96 -129.08
N PRO X 338 -41.42 39.11 -130.41
CA PRO X 338 -40.43 39.75 -131.26
C PRO X 338 -40.57 41.26 -131.47
N ALA X 339 -41.60 41.89 -130.91
CA ALA X 339 -41.89 43.31 -131.22
C ALA X 339 -40.69 44.25 -131.03
N THR X 340 -39.96 44.05 -129.95
CA THR X 340 -38.80 44.90 -129.61
C THR X 340 -37.60 44.83 -130.58
N THR X 341 -37.58 43.83 -131.46
CA THR X 341 -36.57 43.74 -132.54
C THR X 341 -36.97 44.45 -133.84
N GLN X 342 -38.22 44.88 -133.97
CA GLN X 342 -38.73 45.47 -135.23
C GLN X 342 -38.42 46.98 -135.31
N GLY X 343 -37.69 47.38 -136.35
CA GLY X 343 -37.35 48.80 -136.57
C GLY X 343 -36.02 49.23 -136.01
N THR X 344 -35.74 48.81 -134.77
CA THR X 344 -34.46 49.07 -134.09
C THR X 344 -33.32 48.23 -134.69
N GLN X 345 -32.09 48.56 -134.32
CA GLN X 345 -30.89 47.88 -134.84
C GLN X 345 -29.76 47.87 -133.81
N ALA X 346 -28.85 46.91 -133.92
CA ALA X 346 -27.66 46.84 -133.05
C ALA X 346 -26.76 48.07 -133.23
N PRO X 347 -26.19 48.60 -132.12
CA PRO X 347 -25.42 49.84 -132.22
C PRO X 347 -24.05 49.61 -132.87
N VAL X 348 -23.55 50.64 -133.56
CA VAL X 348 -22.24 50.59 -134.24
C VAL X 348 -21.29 51.62 -133.63
N LEU X 349 -20.00 51.43 -133.88
CA LEU X 349 -18.99 52.41 -133.51
C LEU X 349 -19.08 53.52 -134.54
N GLY X 350 -19.64 54.66 -134.15
CA GLY X 350 -19.77 55.82 -135.04
C GLY X 350 -18.54 56.69 -135.02
N ILE X 351 -17.41 56.14 -135.48
CA ILE X 351 -16.12 56.83 -135.46
C ILE X 351 -15.45 56.73 -136.84
N GLU X 352 -15.43 57.85 -137.56
CA GLU X 352 -14.70 57.96 -138.83
C GLU X 352 -13.21 58.07 -138.54
N ALA X 353 -12.39 57.47 -139.40
CA ALA X 353 -10.94 57.49 -139.25
C ALA X 353 -10.40 58.91 -139.38
N ALA X 354 -9.49 59.28 -138.48
CA ALA X 354 -8.94 60.64 -138.43
C ALA X 354 -7.88 60.85 -139.51
N GLU X 355 -7.47 62.11 -139.67
N GLU X 355 -7.46 62.11 -139.68
CA GLU X 355 -6.33 62.47 -140.49
CA GLU X 355 -6.34 62.44 -140.56
C GLU X 355 -5.07 61.86 -139.85
C GLU X 355 -5.06 61.90 -139.90
N PRO X 356 -4.32 61.02 -140.60
CA PRO X 356 -3.22 60.26 -139.95
C PRO X 356 -2.15 61.04 -139.18
N ASN X 357 -1.88 62.30 -139.55
CA ASN X 357 -0.85 63.12 -138.88
C ASN X 357 -1.38 64.10 -137.82
N ALA X 358 -2.70 64.25 -137.71
CA ALA X 358 -3.31 65.07 -136.66
C ALA X 358 -3.03 64.50 -135.25
N PRO X 359 -3.01 65.37 -134.22
CA PRO X 359 -2.79 64.87 -132.85
C PRO X 359 -3.86 63.85 -132.39
N LEU X 360 -3.41 62.78 -131.76
CA LEU X 360 -4.24 61.61 -131.46
C LEU X 360 -5.43 61.97 -130.56
N THR X 361 -6.63 61.62 -130.99
CA THR X 361 -7.85 61.86 -130.22
C THR X 361 -8.27 60.58 -129.49
N ASN X 362 -9.14 60.77 -128.50
CA ASN X 362 -9.69 59.65 -127.73
C ASN X 362 -10.47 58.72 -128.65
N ASP X 363 -11.20 59.31 -129.60
CA ASP X 363 -11.96 58.58 -130.61
C ASP X 363 -11.09 57.73 -131.54
N GLU X 364 -10.00 58.32 -132.03
CA GLU X 364 -9.09 57.65 -132.97
C GLU X 364 -8.34 56.47 -132.32
N MET X 365 -7.90 56.66 -131.06
CA MET X 365 -7.36 55.57 -130.27
C MET X 365 -8.39 54.45 -130.15
N THR X 366 -9.60 54.81 -129.74
CA THR X 366 -10.72 53.86 -129.56
C THR X 366 -11.02 53.09 -130.86
N ARG X 367 -11.03 53.81 -132.00
CA ARG X 367 -11.25 53.20 -133.30
C ARG X 367 -10.22 52.10 -133.60
N GLN X 368 -8.94 52.40 -133.38
CA GLN X 368 -7.88 51.46 -133.69
C GLN X 368 -7.80 50.26 -132.72
N ILE X 369 -8.09 50.49 -131.44
CA ILE X 369 -8.15 49.39 -130.46
C ILE X 369 -9.31 48.45 -130.81
N GLN X 370 -10.46 49.03 -131.13
CA GLN X 370 -11.64 48.26 -131.57
C GLN X 370 -11.32 47.27 -132.72
N SER X 371 -10.51 47.70 -133.68
CA SER X 371 -10.09 46.86 -134.81
C SER X 371 -9.24 45.66 -134.44
N LEU X 372 -8.49 45.75 -133.33
CA LEU X 372 -7.67 44.63 -132.85
C LEU X 372 -8.45 43.51 -132.18
N ILE X 373 -9.74 43.71 -131.89
CA ILE X 373 -10.53 42.74 -131.13
C ILE X 373 -11.14 41.70 -132.09
N THR X 374 -10.57 40.49 -132.08
CA THR X 374 -11.11 39.35 -132.78
C THR X 374 -11.95 38.48 -131.87
N SER X 375 -12.56 37.44 -132.44
CA SER X 375 -13.23 36.41 -131.66
C SER X 375 -12.31 35.67 -130.67
N ASP X 376 -10.99 35.67 -130.88
CA ASP X 376 -10.01 35.05 -129.97
C ASP X 376 -9.18 36.09 -129.19
N THR X 377 -9.78 37.25 -128.93
CA THR X 377 -9.13 38.34 -128.20
C THR X 377 -9.78 38.48 -126.82
N THR X 378 -8.95 38.83 -125.84
CA THR X 378 -9.42 39.22 -124.51
C THR X 378 -8.96 40.64 -124.23
N LEU X 379 -9.89 41.52 -123.92
CA LEU X 379 -9.62 42.93 -123.60
C LEU X 379 -9.79 43.12 -122.09
N THR X 380 -8.79 43.68 -121.42
CA THR X 380 -8.88 44.01 -120.01
C THR X 380 -8.92 45.53 -119.94
N ALA X 381 -10.01 46.10 -119.43
CA ALA X 381 -10.18 47.57 -119.40
C ALA X 381 -10.22 48.08 -117.96
N GLU X 382 -9.32 49.01 -117.66
CA GLU X 382 -9.10 49.51 -116.31
C GLU X 382 -10.17 50.51 -115.89
N THR X 383 -10.41 50.61 -114.58
CA THR X 383 -11.24 51.69 -114.00
C THR X 383 -10.67 53.06 -114.40
N GLY X 384 -11.52 53.90 -114.96
CA GLY X 384 -11.09 55.13 -115.61
C GLY X 384 -11.93 55.36 -116.83
N ASP X 385 -11.45 56.19 -117.73
CA ASP X 385 -12.18 56.48 -118.97
C ASP X 385 -12.16 55.25 -119.92
N SER X 386 -11.23 54.32 -119.68
CA SER X 386 -11.21 53.02 -120.34
C SER X 386 -12.50 52.19 -120.14
N TRP X 387 -13.22 52.41 -119.04
CA TRP X 387 -14.59 51.86 -118.86
C TRP X 387 -15.53 52.32 -119.95
N PHE X 388 -15.46 53.61 -120.28
CA PHE X 388 -16.38 54.24 -121.21
C PHE X 388 -15.97 54.02 -122.65
N ASN X 389 -14.66 53.93 -122.91
CA ASN X 389 -14.16 53.53 -124.22
C ASN X 389 -14.53 52.08 -124.55
N ALA X 390 -14.22 51.16 -123.63
CA ALA X 390 -14.62 49.77 -123.78
C ALA X 390 -16.12 49.60 -123.96
N SER X 391 -16.89 50.33 -123.15
N SER X 391 -16.91 50.35 -123.19
CA SER X 391 -18.36 50.36 -123.23
CA SER X 391 -18.36 50.24 -123.24
C SER X 391 -18.92 50.59 -124.63
C SER X 391 -19.01 50.70 -124.56
N ARG X 392 -18.33 51.55 -125.34
CA ARG X 392 -18.83 51.95 -126.68
C ARG X 392 -18.19 51.18 -127.87
N MET X 393 -17.43 50.12 -127.60
CA MET X 393 -16.83 49.28 -128.65
C MET X 393 -17.68 48.04 -128.94
N PRO X 394 -18.24 47.93 -130.16
CA PRO X 394 -18.80 46.64 -130.57
C PRO X 394 -17.72 45.58 -130.69
N ILE X 395 -18.00 44.38 -130.21
CA ILE X 395 -17.04 43.28 -130.24
C ILE X 395 -17.66 42.10 -130.99
N PRO X 396 -16.81 41.30 -131.67
CA PRO X 396 -17.33 40.06 -132.28
C PRO X 396 -17.61 38.98 -131.23
N GLY X 397 -18.47 38.04 -131.61
CA GLY X 397 -18.85 36.94 -130.73
C GLY X 397 -17.64 36.07 -130.45
N GLY X 398 -17.52 35.64 -129.20
CA GLY X 398 -16.31 34.96 -128.71
C GLY X 398 -15.32 35.89 -128.02
N ALA X 399 -15.37 37.19 -128.31
CA ALA X 399 -14.44 38.14 -127.70
C ALA X 399 -14.77 38.30 -126.22
N ARG X 400 -13.73 38.39 -125.39
CA ARG X 400 -13.85 38.51 -123.95
C ARG X 400 -13.42 39.90 -123.51
N VAL X 401 -14.20 40.51 -122.63
CA VAL X 401 -13.88 41.81 -122.07
C VAL X 401 -13.92 41.65 -120.55
N GLU X 402 -12.85 42.06 -119.89
CA GLU X 402 -12.73 41.95 -118.45
C GLU X 402 -12.79 43.32 -117.83
N LEU X 403 -13.82 43.50 -116.99
CA LEU X 403 -14.05 44.72 -116.24
C LEU X 403 -14.15 44.36 -114.77
N GLU X 404 -13.75 45.30 -113.92
CA GLU X 404 -13.77 45.14 -112.47
C GLU X 404 -14.60 46.29 -111.89
N MET X 405 -15.88 46.36 -112.26
CA MET X 405 -16.75 47.49 -111.91
C MET X 405 -17.42 47.46 -110.52
N GLN X 406 -17.30 46.35 -109.80
CA GLN X 406 -17.79 46.29 -108.43
C GLN X 406 -16.68 46.72 -107.45
N TRP X 407 -15.49 46.13 -107.57
CA TRP X 407 -14.34 46.50 -106.73
C TRP X 407 -13.75 47.82 -107.21
N GLY X 408 -13.31 47.87 -108.46
CA GLY X 408 -12.82 49.11 -109.07
C GLY X 408 -11.53 49.63 -108.47
N HIS X 409 -10.61 48.73 -108.20
CA HIS X 409 -9.30 49.07 -107.66
C HIS X 409 -8.45 49.50 -108.84
N ILE X 410 -8.00 50.76 -108.86
CA ILE X 410 -7.13 51.19 -109.96
C ILE X 410 -5.80 50.46 -109.88
N GLY X 411 -5.31 50.02 -111.02
CA GLY X 411 -4.08 49.25 -111.08
C GLY X 411 -4.31 47.77 -111.24
N TRP X 412 -5.51 47.29 -110.87
CA TRP X 412 -5.94 45.90 -111.11
C TRP X 412 -5.54 45.32 -112.50
N SER X 413 -5.73 46.13 -113.55
CA SER X 413 -5.59 45.70 -114.93
C SER X 413 -4.23 45.11 -115.30
N VAL X 414 -3.16 45.67 -114.74
CA VAL X 414 -1.81 45.24 -115.12
C VAL X 414 -1.56 43.80 -114.64
N PRO X 415 -1.70 43.53 -113.32
CA PRO X 415 -1.53 42.14 -112.91
C PRO X 415 -2.67 41.21 -113.40
N SER X 416 -3.88 41.73 -113.55
CA SER X 416 -4.99 40.90 -114.03
C SER X 416 -4.79 40.46 -115.49
N ALA X 417 -4.40 41.40 -116.36
CA ALA X 417 -4.00 41.06 -117.74
C ALA X 417 -2.89 40.01 -117.75
N PHE X 418 -1.87 40.23 -116.92
CA PHE X 418 -0.74 39.29 -116.80
C PHE X 418 -1.25 37.88 -116.50
N GLY X 419 -2.03 37.76 -115.43
CA GLY X 419 -2.60 36.49 -115.01
C GLY X 419 -3.49 35.87 -116.05
N ASN X 420 -4.32 36.70 -116.68
CA ASN X 420 -5.25 36.24 -117.69
C ASN X 420 -4.50 35.68 -118.91
N ALA X 421 -3.46 36.38 -119.34
CA ALA X 421 -2.61 35.94 -120.44
C ALA X 421 -1.89 34.65 -120.11
N VAL X 422 -1.39 34.50 -118.88
CA VAL X 422 -0.75 33.24 -118.47
C VAL X 422 -1.73 32.06 -118.61
N GLY X 423 -3.01 32.29 -118.30
CA GLY X 423 -4.03 31.25 -118.32
C GLY X 423 -4.78 31.04 -119.62
N SER X 424 -4.68 31.98 -120.55
CA SER X 424 -5.27 31.85 -121.88
C SER X 424 -4.29 32.35 -122.96
N PRO X 425 -3.09 31.73 -123.02
CA PRO X 425 -2.04 32.16 -123.97
C PRO X 425 -2.38 31.97 -125.46
N GLU X 426 -3.31 31.09 -125.77
CA GLU X 426 -3.85 30.93 -127.14
C GLU X 426 -4.56 32.16 -127.72
N ARG X 427 -4.94 33.11 -126.87
CA ARG X 427 -5.72 34.28 -127.27
C ARG X 427 -4.81 35.49 -127.49
N ARG X 428 -5.32 36.48 -128.22
CA ARG X 428 -4.68 37.79 -128.28
C ARG X 428 -5.07 38.56 -127.01
N HIS X 429 -4.10 39.14 -126.33
CA HIS X 429 -4.35 39.89 -125.09
C HIS X 429 -4.05 41.38 -125.23
N ILE X 430 -5.10 42.17 -125.04
CA ILE X 430 -5.08 43.61 -125.17
C ILE X 430 -5.49 44.18 -123.83
N MET X 431 -4.93 45.33 -123.50
CA MET X 431 -5.15 45.96 -122.22
C MET X 431 -5.23 47.48 -122.39
N MET X 432 -6.24 48.09 -121.77
CA MET X 432 -6.37 49.55 -121.70
C MET X 432 -6.25 49.98 -120.26
N VAL X 433 -5.23 50.80 -119.97
CA VAL X 433 -4.92 51.25 -118.61
C VAL X 433 -4.55 52.71 -118.62
N GLY X 434 -5.10 53.47 -117.67
CA GLY X 434 -4.73 54.88 -117.51
C GLY X 434 -3.39 55.05 -116.84
N ASP X 435 -2.83 56.25 -116.95
CA ASP X 435 -1.53 56.60 -116.34
C ASP X 435 -1.55 56.50 -114.81
N GLY X 436 -2.61 57.02 -114.20
CA GLY X 436 -2.77 56.97 -112.75
C GLY X 436 -2.80 55.54 -112.25
N SER X 437 -3.65 54.74 -112.90
CA SER X 437 -3.80 53.32 -112.59
C SER X 437 -2.50 52.56 -112.78
N PHE X 438 -1.81 52.87 -113.87
CA PHE X 438 -0.56 52.19 -114.19
C PHE X 438 0.49 52.34 -113.08
N GLN X 439 0.51 53.50 -112.42
CA GLN X 439 1.52 53.77 -111.39
C GLN X 439 1.39 52.94 -110.10
N LEU X 440 0.20 52.39 -109.82
CA LEU X 440 0.01 51.54 -108.62
C LEU X 440 0.67 50.17 -108.75
N THR X 441 0.71 49.64 -109.97
CA THR X 441 1.10 48.25 -110.21
C THR X 441 2.07 48.08 -111.40
N ALA X 442 2.72 49.16 -111.84
CA ALA X 442 3.60 49.16 -113.03
C ALA X 442 4.66 48.04 -113.04
N GLN X 443 5.21 47.72 -111.88
CA GLN X 443 6.27 46.72 -111.80
C GLN X 443 5.90 45.33 -112.32
N GLU X 444 4.62 45.00 -112.39
CA GLU X 444 4.22 43.69 -112.92
C GLU X 444 4.38 43.57 -114.43
N VAL X 445 4.61 44.68 -115.15
CA VAL X 445 5.06 44.59 -116.56
C VAL X 445 6.42 43.89 -116.66
N ALA X 446 7.27 44.04 -115.64
CA ALA X 446 8.52 43.27 -115.55
C ALA X 446 8.32 41.76 -115.51
N GLN X 447 7.21 41.31 -114.92
CA GLN X 447 6.85 39.90 -114.91
C GLN X 447 6.31 39.43 -116.25
N MET X 448 5.60 40.28 -116.97
CA MET X 448 5.20 39.96 -118.34
C MET X 448 6.44 39.74 -119.21
N ILE X 449 7.44 40.59 -119.01
CA ILE X 449 8.72 40.50 -119.71
C ILE X 449 9.46 39.22 -119.31
N ARG X 450 9.55 38.96 -118.01
CA ARG X 450 10.21 37.75 -117.51
C ARG X 450 9.67 36.48 -118.13
N TYR X 451 8.35 36.34 -118.10
CA TYR X 451 7.67 35.11 -118.59
C TYR X 451 7.28 35.16 -120.08
N GLU X 452 7.68 36.22 -120.78
CA GLU X 452 7.48 36.39 -122.24
C GLU X 452 6.00 36.34 -122.59
N ILE X 453 5.27 37.28 -122.00
CA ILE X 453 3.81 37.35 -122.10
C ILE X 453 3.46 38.50 -123.05
N PRO X 454 3.00 38.19 -124.28
CA PRO X 454 2.79 39.25 -125.26
C PRO X 454 1.46 40.01 -125.13
N VAL X 455 1.29 40.72 -124.03
CA VAL X 455 0.14 41.61 -123.83
C VAL X 455 0.43 42.93 -124.53
N ILE X 456 -0.53 43.41 -125.30
CA ILE X 456 -0.45 44.73 -125.92
C ILE X 456 -1.13 45.71 -124.96
N ILE X 457 -0.32 46.58 -124.36
CA ILE X 457 -0.77 47.53 -123.34
C ILE X 457 -0.92 48.91 -123.94
N PHE X 458 -2.16 49.38 -124.07
CA PHE X 458 -2.44 50.76 -124.46
C PHE X 458 -2.53 51.60 -123.20
N LEU X 459 -1.46 52.36 -122.94
CA LEU X 459 -1.36 53.26 -121.79
C LEU X 459 -1.88 54.63 -122.22
N ILE X 460 -2.96 55.09 -121.61
CA ILE X 460 -3.55 56.39 -121.95
C ILE X 460 -2.93 57.43 -121.04
N ASN X 461 -1.97 58.18 -121.56
CA ASN X 461 -1.36 59.27 -120.81
C ASN X 461 -2.15 60.55 -121.05
N ASN X 462 -3.06 60.84 -120.14
CA ASN X 462 -3.81 62.10 -120.12
C ASN X 462 -3.44 63.01 -118.96
N ARG X 463 -2.32 62.69 -118.29
CA ARG X 463 -1.74 63.55 -117.25
C ARG X 463 -2.69 63.75 -116.06
N GLY X 464 -3.22 62.65 -115.53
CA GLY X 464 -4.01 62.69 -114.29
C GLY X 464 -5.15 61.71 -114.18
N TYR X 465 -5.90 61.88 -113.08
CA TYR X 465 -7.08 61.07 -112.76
C TYR X 465 -8.31 61.71 -113.39
N VAL X 466 -8.53 61.49 -114.69
CA VAL X 466 -9.58 62.23 -115.43
C VAL X 466 -11.02 61.91 -115.01
N ILE X 467 -11.29 60.65 -114.72
CA ILE X 467 -12.59 60.25 -114.14
C ILE X 467 -12.84 60.97 -112.80
N GLU X 468 -11.81 61.06 -111.95
CA GLU X 468 -11.91 61.76 -110.66
C GLU X 468 -12.10 63.27 -110.83
N ILE X 469 -11.51 63.85 -111.89
CA ILE X 469 -11.78 65.25 -112.27
C ILE X 469 -13.26 65.46 -112.67
N ALA X 470 -13.82 64.51 -113.41
CA ALA X 470 -15.24 64.57 -113.83
C ALA X 470 -16.24 64.44 -112.67
N ILE X 471 -15.81 63.83 -111.55
CA ILE X 471 -16.61 63.75 -110.33
C ILE X 471 -16.42 65.04 -109.50
N HIS X 472 -15.17 65.30 -109.09
CA HIS X 472 -14.85 66.46 -108.25
C HIS X 472 -13.37 66.86 -108.39
N ASP X 473 -13.12 68.05 -108.95
CA ASP X 473 -11.76 68.49 -109.27
C ASP X 473 -11.02 69.01 -108.02
N GLY X 474 -9.72 68.75 -107.98
CA GLY X 474 -8.85 69.21 -106.91
C GLY X 474 -7.42 68.79 -107.19
N PRO X 475 -6.45 69.35 -106.43
CA PRO X 475 -5.02 69.10 -106.70
C PRO X 475 -4.60 67.62 -106.58
N TYR X 476 -5.31 66.87 -105.74
CA TYR X 476 -5.18 65.39 -105.64
C TYR X 476 -5.32 64.56 -106.94
N ASN X 477 -5.94 65.13 -107.97
CA ASN X 477 -6.07 64.44 -109.27
C ASN X 477 -4.89 64.57 -110.24
N TYR X 478 -3.83 65.29 -109.88
CA TYR X 478 -2.72 65.58 -110.79
C TYR X 478 -1.46 64.91 -110.32
N ILE X 479 -0.85 64.14 -111.20
CA ILE X 479 0.24 63.22 -110.84
C ILE X 479 1.54 63.59 -111.54
N LYS X 480 2.63 63.03 -111.01
CA LYS X 480 3.93 63.12 -111.65
C LYS X 480 3.91 62.28 -112.93
N ASN X 481 4.22 62.93 -114.06
CA ASN X 481 4.34 62.25 -115.34
C ASN X 481 5.61 61.41 -115.38
N TRP X 482 5.52 60.23 -115.98
CA TRP X 482 6.65 59.34 -116.21
C TRP X 482 6.86 59.23 -117.72
N ASN X 483 8.06 58.81 -118.11
CA ASN X 483 8.30 58.32 -119.48
C ASN X 483 7.90 56.84 -119.49
N TYR X 484 6.63 56.59 -119.77
CA TYR X 484 6.04 55.25 -119.64
C TYR X 484 6.63 54.27 -120.63
N ALA X 485 6.85 54.74 -121.87
CA ALA X 485 7.47 53.91 -122.91
C ALA X 485 8.89 53.51 -122.51
N GLY X 486 9.64 54.47 -121.98
CA GLY X 486 11.02 54.24 -121.48
C GLY X 486 11.13 53.22 -120.37
N LEU X 487 10.06 53.04 -119.60
CA LEU X 487 10.03 52.04 -118.52
C LEU X 487 10.32 50.61 -119.00
N ILE X 488 9.95 50.29 -120.24
CA ILE X 488 10.09 48.94 -120.76
C ILE X 488 11.56 48.52 -120.88
N ASP X 489 12.40 49.40 -121.44
CA ASP X 489 13.83 49.06 -121.55
C ASP X 489 14.55 49.02 -120.19
N VAL X 490 14.02 49.74 -119.20
CA VAL X 490 14.47 49.58 -117.81
C VAL X 490 14.18 48.16 -117.30
N PHE X 491 12.95 47.69 -117.45
CA PHE X 491 12.60 46.33 -117.02
C PHE X 491 13.20 45.25 -117.91
N ASN X 492 13.46 45.56 -119.19
CA ASN X 492 14.19 44.64 -120.08
C ASN X 492 15.60 44.42 -119.56
N ASP X 493 16.32 45.52 -119.32
CA ASP X 493 17.73 45.50 -118.95
C ASP X 493 18.55 44.71 -120.02
N GLU X 494 19.04 43.52 -119.68
CA GLU X 494 19.99 42.78 -120.52
C GLU X 494 19.42 41.50 -121.18
N ASP X 495 18.20 41.10 -120.81
CA ASP X 495 17.61 39.83 -121.30
C ASP X 495 16.14 39.88 -121.77
N GLY X 496 15.47 41.02 -121.65
CA GLY X 496 14.04 41.12 -121.91
C GLY X 496 13.72 41.56 -123.32
N HIS X 497 12.58 41.12 -123.84
CA HIS X 497 12.14 41.45 -125.21
C HIS X 497 10.80 42.20 -125.24
N GLY X 498 10.57 43.06 -124.25
CA GLY X 498 9.43 43.98 -124.26
C GLY X 498 9.71 45.19 -125.14
N LEU X 499 8.65 45.81 -125.66
CA LEU X 499 8.77 47.02 -126.48
C LEU X 499 8.00 48.20 -125.86
N GLY X 500 8.68 49.33 -125.73
CA GLY X 500 8.06 50.58 -125.32
C GLY X 500 8.00 51.57 -126.47
N LEU X 501 6.79 51.95 -126.86
CA LEU X 501 6.56 52.83 -128.00
C LEU X 501 5.66 53.99 -127.59
N LYS X 502 5.83 55.12 -128.27
CA LYS X 502 5.01 56.31 -128.06
C LYS X 502 4.11 56.51 -129.26
N ALA X 503 2.92 57.04 -129.03
CA ALA X 503 2.00 57.40 -130.11
C ALA X 503 1.34 58.72 -129.76
N SER X 504 1.55 59.73 -130.60
CA SER X 504 0.86 61.03 -130.49
C SER X 504 0.02 61.36 -131.74
N THR X 505 -0.05 60.42 -132.70
CA THR X 505 -0.87 60.56 -133.89
C THR X 505 -1.45 59.20 -134.30
N GLY X 506 -2.49 59.26 -135.14
CA GLY X 506 -3.12 58.08 -135.73
C GLY X 506 -2.15 57.20 -136.50
N ALA X 507 -1.25 57.83 -137.27
CA ALA X 507 -0.21 57.12 -138.02
C ALA X 507 0.78 56.41 -137.09
N GLU X 508 1.26 57.12 -136.06
CA GLU X 508 2.18 56.53 -135.08
C GLU X 508 1.53 55.36 -134.31
N LEU X 509 0.26 55.52 -133.92
CA LEU X 509 -0.49 54.43 -133.29
C LEU X 509 -0.62 53.21 -134.21
N GLU X 510 -0.93 53.45 -135.49
CA GLU X 510 -1.03 52.39 -136.49
C GLU X 510 0.29 51.65 -136.70
N GLY X 511 1.39 52.40 -136.69
CA GLY X 511 2.73 51.83 -136.70
C GLY X 511 3.08 51.08 -135.42
N ALA X 512 2.72 51.63 -134.26
CA ALA X 512 3.00 50.99 -132.98
C ALA X 512 2.30 49.64 -132.82
N ILE X 513 1.01 49.62 -133.19
CA ILE X 513 0.19 48.41 -133.22
C ILE X 513 0.80 47.28 -134.07
N LYS X 514 1.27 47.64 -135.26
CA LYS X 514 1.93 46.67 -136.15
C LYS X 514 3.15 46.02 -135.51
N LYS X 515 3.98 46.81 -134.82
CA LYS X 515 5.13 46.24 -134.10
C LYS X 515 4.73 45.41 -132.88
N ALA X 516 3.71 45.87 -132.15
CA ALA X 516 3.16 45.10 -131.02
C ALA X 516 2.73 43.69 -131.45
N LEU X 517 2.00 43.60 -132.56
CA LEU X 517 1.54 42.32 -133.10
C LEU X 517 2.68 41.36 -133.51
N ASP X 518 3.79 41.90 -134.01
CA ASP X 518 4.96 41.08 -134.39
C ASP X 518 5.89 40.77 -133.19
N ASN X 519 5.67 41.36 -132.02
CA ASN X 519 6.48 41.08 -130.82
C ASN X 519 5.89 39.94 -129.98
N ARG X 520 6.33 38.72 -130.26
CA ARG X 520 5.83 37.52 -129.60
C ARG X 520 6.51 37.22 -128.25
N ARG X 521 7.70 37.76 -128.01
CA ARG X 521 8.52 37.41 -126.85
C ARG X 521 8.34 38.33 -125.63
N GLY X 522 7.43 39.29 -125.70
CA GLY X 522 7.21 40.16 -124.56
C GLY X 522 6.09 41.16 -124.76
N PRO X 523 5.72 41.89 -123.70
CA PRO X 523 4.65 42.88 -123.80
C PRO X 523 5.06 44.09 -124.61
N THR X 524 4.08 44.75 -125.20
CA THR X 524 4.31 45.99 -125.90
C THR X 524 3.46 47.06 -125.27
N LEU X 525 4.11 48.05 -124.68
CA LEU X 525 3.45 49.18 -124.09
C LEU X 525 3.46 50.32 -125.08
N ILE X 526 2.28 50.83 -125.39
CA ILE X 526 2.09 51.89 -126.37
C ILE X 526 1.56 53.12 -125.63
N GLU X 527 2.44 54.05 -125.33
CA GLU X 527 2.06 55.28 -124.63
C GLU X 527 1.28 56.18 -125.59
N CYS X 528 -0.01 56.33 -125.35
CA CYS X 528 -0.89 57.17 -126.16
C CYS X 528 -1.04 58.52 -125.50
N ASN X 529 -0.59 59.56 -126.18
CA ASN X 529 -0.74 60.93 -125.70
C ASN X 529 -2.15 61.42 -126.01
N ILE X 530 -2.99 61.49 -124.98
CA ILE X 530 -4.36 61.97 -125.11
C ILE X 530 -4.52 63.20 -124.22
N ALA X 531 -5.19 64.22 -124.73
CA ALA X 531 -5.37 65.47 -123.99
C ALA X 531 -6.25 65.23 -122.76
N GLN X 532 -5.94 65.95 -121.69
CA GLN X 532 -6.66 65.84 -120.41
C GLN X 532 -8.17 66.11 -120.51
N ASP X 533 -8.55 67.12 -121.30
CA ASP X 533 -9.96 67.45 -121.52
C ASP X 533 -10.62 66.75 -122.73
N ASP X 534 -9.94 65.74 -123.29
CA ASP X 534 -10.49 64.93 -124.39
C ASP X 534 -10.85 63.54 -123.86
N CYS X 535 -11.89 63.49 -123.03
CA CYS X 535 -12.48 62.24 -122.56
C CYS X 535 -13.84 62.08 -123.20
N THR X 536 -14.47 60.94 -122.96
CA THR X 536 -15.81 60.66 -123.53
C THR X 536 -16.84 61.54 -122.86
N GLU X 537 -17.89 61.86 -123.62
CA GLU X 537 -19.01 62.68 -123.13
C GLU X 537 -19.86 61.89 -122.11
N THR X 538 -19.88 60.56 -122.25
CA THR X 538 -20.59 59.69 -121.32
C THR X 538 -19.99 59.76 -119.91
N LEU X 539 -18.66 59.78 -119.82
CA LEU X 539 -17.95 59.94 -118.53
C LEU X 539 -18.38 61.21 -117.77
N ILE X 540 -18.44 62.34 -118.47
CA ILE X 540 -18.80 63.63 -117.88
C ILE X 540 -20.24 63.60 -117.35
N ALA X 541 -21.17 63.09 -118.16
CA ALA X 541 -22.58 62.93 -117.73
C ALA X 541 -22.73 61.96 -116.55
N TRP X 542 -22.00 60.85 -116.61
CA TRP X 542 -22.04 59.83 -115.55
C TRP X 542 -21.48 60.37 -114.23
N GLY X 543 -20.27 60.95 -114.31
CA GLY X 543 -19.58 61.49 -113.14
C GLY X 543 -20.32 62.58 -112.38
N LYS X 544 -21.09 63.39 -113.10
CA LYS X 544 -21.96 64.42 -112.50
C LYS X 544 -23.01 63.78 -111.57
N ARG X 545 -23.66 62.71 -112.02
CA ARG X 545 -24.69 61.98 -111.23
C ARG X 545 -24.08 61.27 -110.01
N VAL X 546 -22.93 60.64 -110.20
CA VAL X 546 -22.17 60.02 -109.12
C VAL X 546 -21.86 61.05 -108.01
N ALA X 547 -21.40 62.23 -108.41
CA ALA X 547 -21.06 63.31 -107.48
C ALA X 547 -22.24 63.83 -106.66
N ALA X 548 -23.38 64.06 -107.33
CA ALA X 548 -24.60 64.51 -106.67
C ALA X 548 -25.13 63.45 -105.70
N THR X 549 -25.13 62.18 -106.14
CA THR X 549 -25.58 61.06 -105.31
C THR X 549 -24.68 60.80 -104.09
N ASN X 550 -23.36 60.81 -104.28
CA ASN X 550 -22.39 60.58 -103.18
C ASN X 550 -22.41 61.64 -102.07
N SER X 551 -22.61 62.88 -102.45
CA SER X 551 -22.62 64.01 -101.52
C SER X 551 -24.01 64.45 -101.06
N ARG X 552 -25.07 63.69 -101.35
CA ARG X 552 -26.42 64.07 -100.90
C ARG X 552 -26.43 64.10 -99.37
N LYS X 553 -27.09 65.11 -98.79
CA LYS X 553 -26.88 65.45 -97.38
C LYS X 553 -27.51 64.44 -96.41
N PRO X 554 -27.03 64.38 -95.14
CA PRO X 554 -27.67 63.49 -94.16
C PRO X 554 -29.05 63.94 -93.71
N GLN X 555 -29.79 63.02 -93.11
CA GLN X 555 -31.07 63.32 -92.45
C GLN X 555 -30.80 63.96 -91.08
#